data_4M83
#
_entry.id   4M83
#
_cell.length_a   72.718
_cell.length_b   65.778
_cell.length_c   91.940
_cell.angle_alpha   90.00
_cell.angle_beta   100.42
_cell.angle_gamma   90.00
#
_symmetry.space_group_name_H-M   'P 1 21 1'
#
loop_
_entity.id
_entity.type
_entity.pdbx_description
1 polymer 'Oleandomycin glycosyltransferase'
2 non-polymer 'ERYTHROMYCIN A'
3 non-polymer "URIDINE-5'-DIPHOSPHATE"
4 non-polymer 'MAGNESIUM ION'
5 water water
#
_entity_poly.entity_id   1
_entity_poly.type   'polypeptide(L)'
_entity_poly.pdbx_seq_one_letter_code
;MTTQTTPAHIAMFSIAAHGHVNPSLEVIRELVARGHRVTYAIPPVFADKVAATGARPVLYHSTLPGPDADPEAWGSTLLD
NVEPFLNDAIQALPQLADAYADDIPDLVLHDITSYPARVLARRWGVPAVSLSPNLVAWKGYEEEVAEPMWREPRQTERGR
AYYARFEAWLKENGITEHPDTFASHPPRSLVLIPKALQPHADRVDEDVYTFVGACQGDRAEEGGWQRPAGAEKVVLVSLG
SAFTKQPAFYRECVRAFGNLPGWHLVLQIGRKVTPAELGELPDNVEVHDWVPQLAILRQADLFVTHAGAGGSQEGLATAT
PMIAVPQAVDQFGNADMLQGLGVARKLATEEATADLLRETALALVDDPEVARRLRRIQAEMAQEGGTRRAADLIEAELPA
RHERQEPVGDRPNGG
;
_entity_poly.pdbx_strand_id   A,B
#
loop_
_chem_comp.id
_chem_comp.type
_chem_comp.name
_chem_comp.formula
ERY non-polymer 'ERYTHROMYCIN A' 'C37 H67 N O13'
MG non-polymer 'MAGNESIUM ION' 'Mg 2'
UDP RNA linking URIDINE-5'-DIPHOSPHATE 'C9 H14 N2 O12 P2'
#
# COMPACT_ATOMS: atom_id res chain seq x y z
N ALA A 8 -18.17 12.48 -8.70
CA ALA A 8 -18.98 11.29 -8.46
C ALA A 8 -18.80 10.70 -7.06
N HIS A 9 -18.18 9.52 -6.96
CA HIS A 9 -17.88 8.93 -5.67
C HIS A 9 -16.47 9.38 -5.29
N ILE A 10 -16.38 10.24 -4.28
CA ILE A 10 -15.07 10.72 -3.81
C ILE A 10 -14.73 10.04 -2.49
N ALA A 11 -13.63 9.32 -2.43
CA ALA A 11 -13.22 8.63 -1.22
C ALA A 11 -11.98 9.26 -0.60
N MET A 12 -12.16 9.89 0.56
CA MET A 12 -11.08 10.51 1.32
C MET A 12 -10.45 9.45 2.23
N PHE A 13 -9.14 9.54 2.48
CA PHE A 13 -8.45 8.61 3.37
C PHE A 13 -7.60 9.39 4.34
N SER A 14 -7.64 9.00 5.62
CA SER A 14 -6.67 9.52 6.58
C SER A 14 -6.44 8.58 7.78
N ILE A 15 -5.72 9.09 8.78
CA ILE A 15 -5.42 8.36 10.00
C ILE A 15 -6.07 9.07 11.18
N ALA A 16 -6.09 8.43 12.34
CA ALA A 16 -6.74 9.02 13.51
C ALA A 16 -5.81 9.98 14.25
N ALA A 17 -5.51 11.11 13.61
CA ALA A 17 -4.70 12.15 14.24
C ALA A 17 -5.32 13.49 13.88
N HIS A 18 -5.55 14.34 14.87
CA HIS A 18 -6.19 15.62 14.62
C HIS A 18 -5.50 16.42 13.53
N GLY A 19 -4.17 16.45 13.56
CA GLY A 19 -3.42 17.23 12.62
C GLY A 19 -3.47 16.73 11.18
N HIS A 20 -4.03 15.54 10.99
CA HIS A 20 -4.19 14.98 9.64
C HIS A 20 -5.65 14.81 9.22
N VAL A 21 -6.57 15.33 10.04
CA VAL A 21 -7.99 15.25 9.70
C VAL A 21 -8.63 16.64 9.74
N ASN A 22 -8.42 17.34 10.85
CA ASN A 22 -8.99 18.67 11.01
C ASN A 22 -8.68 19.68 9.89
N PRO A 23 -7.43 19.67 9.36
CA PRO A 23 -7.14 20.62 8.29
C PRO A 23 -8.07 20.54 7.09
N SER A 24 -8.57 19.34 6.74
CA SER A 24 -9.35 19.21 5.52
C SER A 24 -10.84 18.96 5.71
N LEU A 25 -11.35 19.06 6.94
CA LEU A 25 -12.77 18.81 7.15
C LEU A 25 -13.69 19.66 6.25
N GLU A 26 -13.50 20.97 6.23
CA GLU A 26 -14.42 21.82 5.46
C GLU A 26 -14.40 21.55 3.94
N VAL A 27 -13.28 21.08 3.40
CA VAL A 27 -13.23 20.80 1.96
C VAL A 27 -14.07 19.56 1.63
N ILE A 28 -14.02 18.58 2.51
CA ILE A 28 -14.86 17.39 2.39
C ILE A 28 -16.32 17.86 2.36
N ARG A 29 -16.70 18.59 3.40
CA ARG A 29 -18.02 19.23 3.53
C ARG A 29 -18.48 19.92 2.26
N GLU A 30 -17.56 20.62 1.62
CA GLU A 30 -17.92 21.41 0.44
C GLU A 30 -18.25 20.51 -0.74
N LEU A 31 -17.39 19.53 -1.00
CA LEU A 31 -17.63 18.57 -2.08
C LEU A 31 -18.96 17.83 -1.87
N VAL A 32 -19.29 17.58 -0.60
CA VAL A 32 -20.58 17.01 -0.26
C VAL A 32 -21.68 18.01 -0.57
N ALA A 33 -21.47 19.25 -0.15
CA ALA A 33 -22.46 20.30 -0.36
C ALA A 33 -22.71 20.50 -1.85
N ARG A 34 -21.68 20.24 -2.66
CA ARG A 34 -21.80 20.31 -4.10
C ARG A 34 -22.86 19.31 -4.55
N GLY A 35 -22.69 18.07 -4.11
CA GLY A 35 -23.63 17.00 -4.44
C GLY A 35 -22.91 15.70 -4.77
N HIS A 36 -21.62 15.63 -4.47
CA HIS A 36 -20.88 14.41 -4.72
C HIS A 36 -21.16 13.46 -3.59
N ARG A 37 -21.00 12.17 -3.86
CA ARG A 37 -21.07 11.16 -2.82
C ARG A 37 -19.69 11.01 -2.25
N VAL A 38 -19.52 11.34 -0.97
CA VAL A 38 -18.19 11.35 -0.37
C VAL A 38 -18.09 10.36 0.78
N THR A 39 -17.11 9.47 0.70
CA THR A 39 -16.84 8.55 1.81
C THR A 39 -15.45 8.81 2.33
N TYR A 40 -15.20 8.36 3.56
CA TYR A 40 -14.01 8.73 4.31
C TYR A 40 -13.50 7.54 5.12
N ALA A 41 -12.36 6.99 4.71
CA ALA A 41 -11.74 5.90 5.43
C ALA A 41 -10.99 6.40 6.65
N ILE A 42 -11.31 5.84 7.81
CA ILE A 42 -10.81 6.36 9.07
C ILE A 42 -10.94 5.28 10.15
N PRO A 43 -10.04 5.26 11.13
CA PRO A 43 -10.30 4.31 12.22
C PRO A 43 -11.54 4.73 13.03
N PRO A 44 -12.14 3.78 13.77
CA PRO A 44 -13.42 4.04 14.44
C PRO A 44 -13.44 5.26 15.37
N VAL A 45 -12.33 5.62 16.00
CA VAL A 45 -12.35 6.73 16.95
C VAL A 45 -12.82 8.04 16.29
N PHE A 46 -12.45 8.23 15.03
CA PHE A 46 -12.75 9.47 14.33
C PHE A 46 -13.95 9.32 13.38
N ALA A 47 -14.63 8.17 13.44
CA ALA A 47 -15.81 7.95 12.62
C ALA A 47 -16.83 9.10 12.75
N ASP A 48 -17.13 9.49 13.98
CA ASP A 48 -18.12 10.53 14.27
C ASP A 48 -17.60 11.91 13.87
N LYS A 49 -16.28 12.12 14.01
CA LYS A 49 -15.67 13.38 13.60
C LYS A 49 -15.85 13.64 12.11
N VAL A 50 -15.57 12.64 11.29
CA VAL A 50 -15.71 12.85 9.85
C VAL A 50 -17.18 12.79 9.42
N ALA A 51 -18.00 12.05 10.15
CA ALA A 51 -19.40 11.88 9.78
C ALA A 51 -20.15 13.21 9.85
N ALA A 52 -19.69 14.11 10.73
CA ALA A 52 -20.33 15.41 10.90
C ALA A 52 -20.42 16.21 9.60
N THR A 53 -19.70 15.75 8.59
CA THR A 53 -19.52 16.48 7.33
C THR A 53 -20.36 15.92 6.18
N GLY A 54 -21.27 15.01 6.50
CA GLY A 54 -22.07 14.33 5.48
C GLY A 54 -21.36 13.09 4.95
N ALA A 55 -20.04 13.16 4.89
CA ALA A 55 -19.20 12.05 4.43
C ALA A 55 -19.60 10.75 5.08
N ARG A 56 -19.58 9.66 4.32
CA ARG A 56 -19.84 8.34 4.91
C ARG A 56 -18.55 7.70 5.38
N PRO A 57 -18.45 7.42 6.69
CA PRO A 57 -17.25 6.79 7.21
C PRO A 57 -17.08 5.36 6.70
N VAL A 58 -15.83 4.94 6.55
CA VAL A 58 -15.49 3.56 6.17
C VAL A 58 -14.38 3.10 7.12
N LEU A 59 -14.72 2.22 8.06
CA LEU A 59 -13.87 1.93 9.23
C LEU A 59 -12.79 0.86 9.05
N TYR A 60 -11.52 1.29 9.00
CA TYR A 60 -10.43 0.34 9.06
C TYR A 60 -9.71 0.42 10.42
N HIS A 61 -8.99 -0.65 10.76
CA HIS A 61 -8.24 -0.67 12.01
C HIS A 61 -6.83 -0.11 11.79
N SER A 62 -6.39 0.76 12.68
CA SER A 62 -5.03 1.33 12.61
C SER A 62 -4.11 0.72 13.67
N THR A 63 -2.81 0.79 13.42
CA THR A 63 -1.80 0.35 14.39
C THR A 63 -0.96 1.53 14.90
N LEU A 64 -1.29 2.72 14.43
CA LEU A 64 -0.63 3.95 14.87
C LEU A 64 -1.17 4.37 16.23
N PRO A 65 -0.42 5.23 16.95
CA PRO A 65 -0.93 5.76 18.23
C PRO A 65 -2.30 6.45 18.05
N GLY A 66 -3.09 6.48 19.13
CA GLY A 66 -4.41 7.09 19.08
C GLY A 66 -4.34 8.60 19.04
N PRO A 67 -5.44 9.26 18.64
CA PRO A 67 -5.45 10.72 18.52
C PRO A 67 -5.13 11.40 19.85
N ASP A 68 -5.57 10.75 20.92
CA ASP A 68 -5.35 11.24 22.28
C ASP A 68 -3.94 10.95 22.79
N ALA A 69 -3.34 9.85 22.31
CA ALA A 69 -1.99 9.44 22.73
C ALA A 69 -0.94 10.56 22.73
N ASP A 70 0.09 10.39 23.57
CA ASP A 70 1.15 11.37 23.71
C ASP A 70 1.93 11.59 22.40
N PRO A 71 2.51 12.79 22.21
CA PRO A 71 3.30 13.08 21.00
C PRO A 71 4.55 12.20 20.88
N GLU A 72 5.13 11.85 22.02
CA GLU A 72 6.32 11.00 22.01
C GLU A 72 6.02 9.57 21.54
N ALA A 73 4.73 9.23 21.50
CA ALA A 73 4.32 7.90 21.06
C ALA A 73 4.64 7.68 19.59
N TRP A 74 4.91 8.76 18.88
CA TRP A 74 5.19 8.68 17.43
C TRP A 74 6.67 8.50 17.12
N GLY A 75 7.48 8.35 18.17
CA GLY A 75 8.90 8.13 17.98
C GLY A 75 9.75 9.39 17.97
N SER A 76 11.05 9.21 18.15
CA SER A 76 11.96 10.33 18.24
C SER A 76 13.30 10.02 17.57
N THR A 77 13.25 9.19 16.53
CA THR A 77 14.36 9.01 15.60
C THR A 77 13.75 8.95 14.20
N LEU A 78 14.56 9.19 13.17
CA LEU A 78 14.09 9.18 11.80
C LEU A 78 13.38 7.87 11.47
N LEU A 79 14.04 6.75 11.73
CA LEU A 79 13.42 5.46 11.44
C LEU A 79 12.23 5.15 12.34
N ASP A 80 12.25 5.59 13.60
CA ASP A 80 11.07 5.39 14.45
C ASP A 80 9.90 6.27 14.03
N ASN A 81 10.19 7.38 13.35
CA ASN A 81 9.13 8.23 12.82
C ASN A 81 8.47 7.61 11.60
N VAL A 82 9.27 7.10 10.67
CA VAL A 82 8.72 6.62 9.39
C VAL A 82 8.23 5.17 9.39
N GLU A 83 8.98 4.27 10.03
CA GLU A 83 8.60 2.86 10.06
C GLU A 83 7.13 2.57 10.37
N PRO A 84 6.56 3.26 11.38
CA PRO A 84 5.16 2.96 11.69
C PRO A 84 4.16 3.22 10.55
N PHE A 85 4.45 4.16 9.66
CA PHE A 85 3.50 4.44 8.59
C PHE A 85 3.47 3.33 7.55
N LEU A 86 4.63 2.70 7.34
CA LEU A 86 4.70 1.57 6.42
C LEU A 86 4.02 0.37 7.05
N ASN A 87 4.39 0.07 8.29
CA ASN A 87 3.77 -1.08 8.96
C ASN A 87 2.26 -0.96 9.07
N ASP A 88 1.77 0.25 9.33
CA ASP A 88 0.34 0.44 9.37
C ASP A 88 -0.29 0.24 7.99
N ALA A 89 0.37 0.77 6.97
CA ALA A 89 -0.13 0.65 5.59
C ALA A 89 -0.29 -0.80 5.20
N ILE A 90 0.68 -1.63 5.58
CA ILE A 90 0.67 -3.01 5.13
C ILE A 90 -0.56 -3.76 5.67
N GLN A 91 -0.95 -3.49 6.91
CA GLN A 91 -2.13 -4.15 7.47
C GLN A 91 -3.43 -3.41 7.13
N ALA A 92 -3.33 -2.12 6.81
CA ALA A 92 -4.52 -1.35 6.46
C ALA A 92 -5.01 -1.63 5.05
N LEU A 93 -4.06 -1.74 4.12
CA LEU A 93 -4.39 -1.89 2.70
C LEU A 93 -5.42 -2.99 2.39
N PRO A 94 -5.22 -4.21 2.90
CA PRO A 94 -6.22 -5.25 2.56
C PRO A 94 -7.59 -5.03 3.20
N GLN A 95 -7.68 -4.25 4.26
CA GLN A 95 -9.00 -3.91 4.79
C GLN A 95 -9.70 -2.97 3.83
N LEU A 96 -8.97 -1.99 3.32
CA LEU A 96 -9.58 -0.98 2.47
C LEU A 96 -9.85 -1.46 1.05
N ALA A 97 -8.96 -2.29 0.51
CA ALA A 97 -9.18 -2.88 -0.81
C ALA A 97 -10.49 -3.66 -0.79
N ASP A 98 -10.75 -4.34 0.31
CA ASP A 98 -11.99 -5.09 0.50
C ASP A 98 -13.18 -4.13 0.51
N ALA A 99 -13.04 -3.02 1.23
CA ALA A 99 -14.16 -2.13 1.48
C ALA A 99 -14.66 -1.45 0.23
N TYR A 100 -13.75 -1.22 -0.72
CA TYR A 100 -14.09 -0.45 -1.91
C TYR A 100 -14.35 -1.31 -3.15
N ALA A 101 -14.18 -2.63 -3.01
CA ALA A 101 -14.49 -3.54 -4.11
C ALA A 101 -15.98 -3.51 -4.45
N ASP A 102 -16.87 -3.54 -3.45
CA ASP A 102 -18.31 -3.45 -3.74
C ASP A 102 -18.81 -2.00 -3.82
N ASP A 103 -18.00 -1.11 -4.41
CA ASP A 103 -18.25 0.33 -4.57
C ASP A 103 -16.97 1.15 -4.87
N ILE A 104 -16.39 0.99 -6.06
CA ILE A 104 -15.13 1.65 -6.40
C ILE A 104 -15.25 3.17 -6.55
N PRO A 105 -14.53 3.94 -5.73
CA PRO A 105 -14.73 5.38 -5.83
C PRO A 105 -14.21 5.95 -7.13
N ASP A 106 -14.72 7.13 -7.50
CA ASP A 106 -14.27 7.79 -8.72
C ASP A 106 -12.95 8.55 -8.56
N LEU A 107 -12.77 9.19 -7.42
CA LEU A 107 -11.56 9.95 -7.15
C LEU A 107 -11.11 9.62 -5.75
N VAL A 108 -9.79 9.57 -5.55
CA VAL A 108 -9.21 9.30 -4.25
C VAL A 108 -8.60 10.59 -3.68
N LEU A 109 -9.02 10.95 -2.46
CA LEU A 109 -8.42 12.06 -1.74
C LEU A 109 -7.71 11.46 -0.55
N HIS A 110 -6.57 12.02 -0.16
CA HIS A 110 -5.89 11.44 0.99
C HIS A 110 -4.91 12.38 1.65
N ASP A 111 -4.85 12.29 2.96
CA ASP A 111 -3.81 12.97 3.71
C ASP A 111 -2.49 12.27 3.37
N ILE A 112 -1.39 13.01 3.47
CA ILE A 112 -0.07 12.50 3.16
C ILE A 112 0.33 11.20 3.88
N THR A 113 -0.30 10.92 5.02
CA THR A 113 0.13 9.76 5.82
C THR A 113 -0.42 8.43 5.33
N SER A 114 -1.43 8.48 4.45
CA SER A 114 -2.07 7.24 4.03
C SER A 114 -1.41 6.62 2.79
N TYR A 115 -0.50 5.69 3.00
CA TYR A 115 0.05 4.93 1.89
C TYR A 115 -0.98 4.06 1.15
N PRO A 116 -1.94 3.45 1.88
CA PRO A 116 -2.91 2.64 1.13
C PRO A 116 -3.70 3.42 0.08
N ALA A 117 -4.01 4.68 0.36
CA ALA A 117 -4.75 5.49 -0.59
C ALA A 117 -3.99 5.61 -1.91
N ARG A 118 -2.67 5.82 -1.81
CA ARG A 118 -1.83 5.91 -2.99
C ARG A 118 -1.92 4.59 -3.76
N VAL A 119 -1.73 3.48 -3.05
CA VAL A 119 -1.72 2.17 -3.70
C VAL A 119 -3.08 1.91 -4.36
N LEU A 120 -4.15 2.09 -3.61
CA LEU A 120 -5.50 1.83 -4.14
C LEU A 120 -5.86 2.72 -5.34
N ALA A 121 -5.50 4.00 -5.29
CA ALA A 121 -5.78 4.89 -6.40
C ALA A 121 -5.16 4.33 -7.70
N ARG A 122 -3.91 3.91 -7.62
CA ARG A 122 -3.26 3.29 -8.76
C ARG A 122 -3.95 2.00 -9.18
N ARG A 123 -4.41 1.23 -8.20
CA ARG A 123 -5.11 -0.02 -8.48
C ARG A 123 -6.39 0.25 -9.25
N TRP A 124 -7.01 1.40 -8.99
CA TRP A 124 -8.30 1.73 -9.55
C TRP A 124 -8.23 2.47 -10.88
N GLY A 125 -7.02 2.89 -11.25
CA GLY A 125 -6.80 3.69 -12.43
C GLY A 125 -7.44 5.05 -12.34
N VAL A 126 -7.53 5.58 -11.13
CA VAL A 126 -8.22 6.86 -10.91
C VAL A 126 -7.26 7.92 -10.35
N PRO A 127 -7.62 9.21 -10.52
CA PRO A 127 -6.77 10.28 -9.97
C PRO A 127 -6.70 10.20 -8.44
N ALA A 128 -5.53 10.54 -7.91
CA ALA A 128 -5.39 10.71 -6.47
C ALA A 128 -5.01 12.15 -6.22
N VAL A 129 -5.63 12.78 -5.23
CA VAL A 129 -5.20 14.11 -4.82
C VAL A 129 -4.73 14.07 -3.37
N SER A 130 -3.46 14.42 -3.17
CA SER A 130 -2.85 14.41 -1.85
C SER A 130 -3.15 15.74 -1.18
N LEU A 131 -3.55 15.71 0.09
CA LEU A 131 -3.82 16.92 0.86
C LEU A 131 -2.76 17.05 1.95
N SER A 132 -1.94 18.08 1.87
CA SER A 132 -0.83 18.24 2.83
C SER A 132 -1.09 19.36 3.82
N PRO A 133 -1.05 19.04 5.13
CA PRO A 133 -1.32 20.03 6.17
C PRO A 133 -0.02 20.71 6.62
N ASN A 134 1.05 20.51 5.85
CA ASN A 134 2.33 21.14 6.16
C ASN A 134 3.09 21.34 4.87
N LEU A 135 4.34 21.81 4.98
CA LEU A 135 5.15 22.10 3.82
C LEU A 135 5.34 20.86 2.95
N VAL A 136 5.67 21.08 1.68
CA VAL A 136 5.90 19.99 0.74
C VAL A 136 7.30 20.09 0.15
N ALA A 137 7.70 19.05 -0.59
CA ALA A 137 8.98 19.07 -1.27
C ALA A 137 9.04 20.15 -2.34
N TRP A 138 10.18 20.84 -2.43
CA TRP A 138 10.45 21.74 -3.54
C TRP A 138 11.34 21.02 -4.55
N LYS A 139 11.51 21.62 -5.72
CA LYS A 139 12.47 21.11 -6.69
C LYS A 139 13.87 21.33 -6.11
N GLY A 140 14.56 20.23 -5.80
CA GLY A 140 15.85 20.28 -5.10
C GLY A 140 15.86 19.43 -3.83
N TYR A 141 14.66 19.19 -3.29
CA TYR A 141 14.53 18.60 -1.97
C TYR A 141 15.25 17.26 -1.78
N GLU A 142 15.19 16.39 -2.81
CA GLU A 142 15.77 15.05 -2.67
C GLU A 142 17.28 15.21 -2.48
N GLU A 143 17.98 15.91 -3.36
CA GLU A 143 19.42 16.14 -3.18
C GLU A 143 19.77 17.06 -2.01
N GLU A 144 19.00 18.11 -1.85
CA GLU A 144 19.30 19.10 -0.82
C GLU A 144 19.01 18.60 0.58
N VAL A 145 17.93 17.85 0.76
CA VAL A 145 17.46 17.53 2.12
C VAL A 145 17.21 16.04 2.41
N ALA A 146 16.54 15.33 1.50
CA ALA A 146 16.25 13.90 1.75
C ALA A 146 17.53 13.06 1.82
N GLU A 147 18.49 13.34 0.94
CA GLU A 147 19.73 12.56 0.92
C GLU A 147 20.60 12.62 2.19
N PRO A 148 20.97 13.84 2.67
CA PRO A 148 21.85 13.88 3.84
C PRO A 148 21.11 13.45 5.11
N MET A 149 19.79 13.46 5.02
CA MET A 149 18.97 12.98 6.12
C MET A 149 19.08 11.47 6.21
N TRP A 150 19.05 10.83 5.05
CA TRP A 150 18.99 9.37 5.00
C TRP A 150 20.35 8.68 4.90
N ARG A 151 21.41 9.45 4.64
CA ARG A 151 22.71 8.83 4.37
C ARG A 151 23.14 7.87 5.48
N GLU A 152 23.23 8.37 6.71
CA GLU A 152 23.73 7.56 7.82
C GLU A 152 22.80 6.48 8.44
N PRO A 153 21.47 6.69 8.42
CA PRO A 153 20.50 5.64 8.79
C PRO A 153 20.22 4.58 7.71
N ARG A 154 20.02 5.00 6.45
CA ARG A 154 19.75 4.08 5.36
C ARG A 154 20.92 3.13 5.28
N GLN A 155 22.08 3.63 5.67
CA GLN A 155 23.34 2.90 5.66
C GLN A 155 23.39 1.77 6.69
N THR A 156 22.65 1.93 7.78
CA THR A 156 22.60 0.91 8.84
C THR A 156 21.84 -0.30 8.33
N GLU A 157 22.08 -1.46 8.93
CA GLU A 157 21.34 -2.67 8.55
C GLU A 157 19.84 -2.42 8.74
N ARG A 158 19.50 -1.68 9.78
CA ARG A 158 18.10 -1.34 10.05
C ARG A 158 17.48 -0.51 8.92
N GLY A 159 18.22 0.49 8.45
CA GLY A 159 17.74 1.36 7.39
C GLY A 159 17.66 0.69 6.04
N ARG A 160 18.69 -0.09 5.68
CA ARG A 160 18.68 -0.79 4.41
C ARG A 160 17.50 -1.76 4.34
N ALA A 161 17.21 -2.39 5.47
CA ALA A 161 16.14 -3.39 5.54
C ALA A 161 14.78 -2.71 5.45
N TYR A 162 14.65 -1.53 6.03
CA TYR A 162 13.41 -0.78 5.96
C TYR A 162 13.09 -0.44 4.51
N TYR A 163 14.07 0.08 3.80
CA TYR A 163 13.86 0.43 2.40
C TYR A 163 13.64 -0.78 1.49
N ALA A 164 14.35 -1.87 1.76
CA ALA A 164 14.15 -3.08 0.98
C ALA A 164 12.73 -3.61 1.18
N ARG A 165 12.23 -3.53 2.41
CA ARG A 165 10.87 -3.96 2.73
C ARG A 165 9.82 -3.06 2.06
N PHE A 166 10.07 -1.76 2.07
CA PHE A 166 9.17 -0.79 1.47
C PHE A 166 9.13 -1.08 -0.04
N GLU A 167 10.30 -1.24 -0.64
CA GLU A 167 10.36 -1.54 -2.07
C GLU A 167 9.62 -2.84 -2.42
N ALA A 168 9.83 -3.86 -1.61
CA ALA A 168 9.22 -5.17 -1.89
C ALA A 168 7.70 -5.08 -1.80
N TRP A 169 7.21 -4.29 -0.86
CA TRP A 169 5.77 -4.13 -0.70
C TRP A 169 5.18 -3.37 -1.90
N LEU A 170 5.86 -2.32 -2.34
CA LEU A 170 5.41 -1.62 -3.54
C LEU A 170 5.41 -2.55 -4.77
N LYS A 171 6.50 -3.28 -4.97
CA LYS A 171 6.64 -4.17 -6.14
C LYS A 171 5.53 -5.22 -6.23
N GLU A 172 5.15 -5.80 -5.10
CA GLU A 172 4.06 -6.77 -5.08
C GLU A 172 2.74 -6.11 -5.48
N ASN A 173 2.67 -4.80 -5.28
CA ASN A 173 1.51 -4.02 -5.70
C ASN A 173 1.63 -3.41 -7.08
N GLY A 174 2.62 -3.87 -7.86
CA GLY A 174 2.77 -3.43 -9.23
C GLY A 174 3.36 -2.04 -9.35
N ILE A 175 3.94 -1.56 -8.24
CA ILE A 175 4.49 -0.22 -8.18
C ILE A 175 6.01 -0.27 -8.23
N THR A 176 6.60 0.28 -9.28
CA THR A 176 8.05 0.18 -9.46
C THR A 176 8.74 1.43 -8.92
N GLU A 177 7.91 2.38 -8.48
CA GLU A 177 8.38 3.57 -7.77
C GLU A 177 9.38 3.24 -6.68
N HIS A 178 10.43 4.03 -6.58
CA HIS A 178 11.24 3.95 -5.38
C HIS A 178 10.39 4.52 -4.24
N PRO A 179 10.49 3.91 -3.05
CA PRO A 179 9.68 4.36 -1.92
C PRO A 179 9.71 5.87 -1.67
N ASP A 180 10.83 6.54 -1.86
CA ASP A 180 10.85 7.99 -1.60
C ASP A 180 10.03 8.79 -2.60
N THR A 181 9.96 8.33 -3.84
CA THR A 181 9.14 9.07 -4.78
C THR A 181 7.65 8.76 -4.52
N PHE A 182 7.35 7.50 -4.17
CA PHE A 182 6.00 7.08 -3.81
C PHE A 182 5.48 7.87 -2.61
N ALA A 183 6.34 8.00 -1.59
CA ALA A 183 5.95 8.64 -0.34
C ALA A 183 5.97 10.16 -0.38
N SER A 184 7.03 10.74 -0.95
CA SER A 184 7.28 12.18 -0.78
C SER A 184 6.91 13.02 -2.00
N HIS A 185 6.56 12.35 -3.09
CA HIS A 185 6.35 13.07 -4.34
C HIS A 185 5.05 12.70 -5.05
N PRO A 186 3.93 13.24 -4.56
CA PRO A 186 2.63 12.97 -5.15
C PRO A 186 2.55 13.59 -6.54
N PRO A 187 1.76 12.98 -7.43
CA PRO A 187 1.60 13.58 -8.75
C PRO A 187 0.71 14.84 -8.73
N ARG A 188 -0.15 14.94 -7.73
CA ARG A 188 -1.00 16.12 -7.55
C ARG A 188 -1.29 16.36 -6.07
N SER A 189 -1.07 17.59 -5.62
CA SER A 189 -1.22 17.90 -4.21
C SER A 189 -1.81 19.28 -3.98
N LEU A 190 -2.72 19.38 -3.00
CA LEU A 190 -3.17 20.68 -2.50
C LEU A 190 -2.57 20.87 -1.12
N VAL A 191 -2.02 22.06 -0.89
CA VAL A 191 -1.28 22.31 0.33
C VAL A 191 -2.04 23.28 1.23
N LEU A 192 -2.37 22.84 2.44
CA LEU A 192 -3.27 23.59 3.31
C LEU A 192 -2.52 24.50 4.29
N ILE A 193 -1.38 25.01 3.87
CA ILE A 193 -0.73 26.11 4.58
C ILE A 193 -0.51 27.25 3.60
N PRO A 194 -0.42 28.49 4.11
CA PRO A 194 -0.09 29.56 3.17
C PRO A 194 1.32 29.38 2.60
N LYS A 195 1.50 29.72 1.33
CA LYS A 195 2.80 29.55 0.69
C LYS A 195 3.87 30.40 1.37
N ALA A 196 3.44 31.41 2.12
CA ALA A 196 4.34 32.24 2.91
C ALA A 196 5.10 31.43 3.95
N LEU A 197 4.53 30.29 4.34
CA LEU A 197 5.16 29.42 5.35
C LEU A 197 5.78 28.17 4.73
N GLN A 198 6.03 28.20 3.42
CA GLN A 198 6.68 27.09 2.73
C GLN A 198 8.13 27.46 2.42
N PRO A 199 9.10 26.67 2.93
CA PRO A 199 10.50 26.96 2.61
C PRO A 199 10.76 26.81 1.11
N HIS A 200 11.62 27.66 0.56
CA HIS A 200 11.99 27.57 -0.86
C HIS A 200 10.77 27.62 -1.77
N ALA A 201 9.91 28.60 -1.50
CA ALA A 201 8.62 28.73 -2.17
C ALA A 201 8.63 28.82 -3.70
N ASP A 202 9.49 29.64 -4.32
CA ASP A 202 9.46 29.73 -5.79
C ASP A 202 9.78 28.38 -6.44
N ARG A 203 10.58 27.56 -5.77
CA ARG A 203 11.04 26.32 -6.38
C ARG A 203 10.12 25.12 -6.22
N VAL A 204 8.95 25.33 -5.61
CA VAL A 204 7.94 24.28 -5.56
C VAL A 204 7.23 24.21 -6.91
N ASP A 205 6.91 22.99 -7.34
CA ASP A 205 6.35 22.74 -8.66
C ASP A 205 4.85 23.02 -8.68
N GLU A 206 4.47 24.14 -9.28
CA GLU A 206 3.08 24.59 -9.33
C GLU A 206 2.13 23.66 -10.10
N ASP A 207 2.67 22.86 -11.02
CA ASP A 207 1.83 21.96 -11.80
C ASP A 207 1.47 20.71 -10.98
N VAL A 208 2.22 20.46 -9.92
CA VAL A 208 1.91 19.39 -8.98
C VAL A 208 1.21 19.95 -7.75
N TYR A 209 1.77 21.02 -7.19
CA TYR A 209 1.28 21.58 -5.94
C TYR A 209 0.55 22.89 -6.13
N THR A 210 -0.64 22.98 -5.54
CA THR A 210 -1.34 24.26 -5.44
C THR A 210 -1.57 24.56 -3.97
N PHE A 211 -1.14 25.74 -3.54
CA PHE A 211 -1.36 26.19 -2.18
C PHE A 211 -2.72 26.85 -2.07
N VAL A 212 -3.55 26.33 -1.15
CA VAL A 212 -4.86 26.91 -0.90
C VAL A 212 -4.97 27.47 0.51
N GLY A 213 -4.00 27.17 1.36
CA GLY A 213 -3.97 27.73 2.71
C GLY A 213 -4.99 27.12 3.66
N ALA A 214 -5.31 27.86 4.73
CA ALA A 214 -6.26 27.36 5.72
C ALA A 214 -7.65 27.17 5.14
N CYS A 215 -8.43 26.27 5.74
CA CYS A 215 -9.78 25.99 5.27
C CYS A 215 -10.72 25.88 6.47
N GLN A 216 -11.47 26.95 6.74
CA GLN A 216 -12.40 27.00 7.86
C GLN A 216 -13.18 28.32 8.09
N GLY A 217 -12.60 29.27 8.82
CA GLY A 217 -13.38 30.39 9.32
C GLY A 217 -12.85 31.82 9.33
N ASP A 218 -11.69 32.09 8.75
CA ASP A 218 -11.18 33.46 8.77
C ASP A 218 -11.98 34.43 7.88
N ARG A 219 -12.54 35.48 8.48
CA ARG A 219 -12.32 35.82 9.90
C ARG A 219 -13.60 36.32 10.61
N ALA A 220 -13.74 36.05 11.91
CA ALA A 220 -12.75 35.35 12.70
C ALA A 220 -13.39 34.45 13.75
N GLU A 221 -13.02 33.16 13.75
CA GLU A 221 -13.70 32.15 14.58
C GLU A 221 -13.23 31.99 16.05
N GLU A 222 -14.12 32.14 17.05
CA GLU A 222 -15.45 32.78 17.01
C GLU A 222 -15.96 32.93 18.47
N GLY A 223 -16.14 34.18 18.90
CA GLY A 223 -16.59 34.48 20.25
C GLY A 223 -16.61 35.98 20.30
N GLY A 224 -17.71 36.55 20.77
CA GLY A 224 -17.94 38.00 20.72
C GLY A 224 -16.96 38.94 21.42
N TRP A 225 -15.66 38.82 21.13
CA TRP A 225 -14.69 39.70 21.79
C TRP A 225 -14.81 41.19 21.43
N GLN A 226 -14.52 42.04 22.41
CA GLN A 226 -14.60 43.48 22.23
C GLN A 226 -13.34 44.17 22.75
N ARG A 227 -12.70 44.97 21.90
CA ARG A 227 -11.58 45.80 22.34
C ARG A 227 -12.11 46.79 23.36
N PRO A 228 -11.33 47.03 24.42
CA PRO A 228 -11.68 48.11 25.36
C PRO A 228 -11.73 49.45 24.67
N ALA A 229 -12.76 50.22 24.98
CA ALA A 229 -12.82 51.59 24.54
C ALA A 229 -11.62 52.27 25.19
N GLY A 230 -10.77 52.91 24.39
CA GLY A 230 -9.56 53.49 24.93
C GLY A 230 -8.30 52.86 24.37
N ALA A 231 -8.35 51.55 24.13
CA ALA A 231 -7.21 50.80 23.64
C ALA A 231 -6.68 51.28 22.29
N GLU A 232 -5.42 51.75 22.29
CA GLU A 232 -4.71 52.07 21.05
C GLU A 232 -4.07 50.83 20.45
N LYS A 233 -3.39 50.06 21.29
CA LYS A 233 -2.67 48.88 20.84
C LYS A 233 -3.04 47.65 21.69
N VAL A 234 -3.71 46.69 21.06
CA VAL A 234 -4.06 45.44 21.74
C VAL A 234 -3.02 44.37 21.41
N VAL A 235 -2.47 43.72 22.44
CA VAL A 235 -1.55 42.61 22.19
C VAL A 235 -2.13 41.32 22.75
N LEU A 236 -2.11 40.28 21.93
CA LEU A 236 -2.53 38.96 22.35
C LEU A 236 -1.32 38.06 22.55
N VAL A 237 -1.24 37.43 23.72
CA VAL A 237 -0.34 36.31 23.93
C VAL A 237 -1.23 35.07 24.04
N SER A 238 -1.05 34.07 23.16
CA SER A 238 -2.03 32.98 23.06
C SER A 238 -1.52 31.69 22.40
N LEU A 239 -0.61 30.98 23.08
CA LEU A 239 0.19 29.93 22.44
C LEU A 239 -0.54 28.63 22.08
N GLY A 240 -1.59 28.72 21.28
CA GLY A 240 -2.34 27.53 20.93
C GLY A 240 -2.86 26.84 22.17
N SER A 241 -3.38 25.63 22.02
CA SER A 241 -3.96 24.95 23.17
C SER A 241 -3.06 23.82 23.65
N ALA A 242 -1.78 23.84 23.26
CA ALA A 242 -0.87 22.76 23.61
C ALA A 242 0.34 23.19 24.47
N PHE A 243 1.27 23.94 23.88
CA PHE A 243 2.54 24.26 24.53
C PHE A 243 2.45 25.41 25.53
N THR A 244 1.45 25.34 26.42
CA THR A 244 0.98 26.49 27.20
C THR A 244 0.94 26.27 28.71
N LYS A 245 2.06 25.83 29.30
CA LYS A 245 2.12 25.70 30.75
C LYS A 245 3.47 26.24 31.27
N GLN A 246 3.71 27.52 31.03
CA GLN A 246 5.02 28.08 31.27
C GLN A 246 5.01 29.05 32.44
N PRO A 247 5.69 28.69 33.55
CA PRO A 247 5.77 29.68 34.62
C PRO A 247 6.47 30.92 34.12
N ALA A 248 7.76 30.81 33.84
CA ALA A 248 8.56 31.97 33.49
C ALA A 248 8.32 32.50 32.07
N PHE A 249 7.09 32.92 31.79
CA PHE A 249 6.82 33.65 30.55
C PHE A 249 5.63 34.61 30.56
N TYR A 250 4.45 34.13 30.94
CA TYR A 250 3.28 35.00 30.96
C TYR A 250 3.54 36.15 31.94
N ARG A 251 3.98 35.81 33.15
CA ARG A 251 4.39 36.82 34.13
C ARG A 251 5.43 37.78 33.53
N GLU A 252 6.24 37.29 32.59
CA GLU A 252 7.15 38.15 31.85
C GLU A 252 6.43 39.05 30.84
N CYS A 253 5.35 38.55 30.27
CA CYS A 253 4.56 39.36 29.36
C CYS A 253 3.80 40.45 30.11
N VAL A 254 3.35 40.13 31.33
CA VAL A 254 2.62 41.10 32.13
C VAL A 254 3.51 42.28 32.43
N ARG A 255 4.77 41.99 32.70
CA ARG A 255 5.72 43.00 33.09
C ARG A 255 6.08 43.91 31.91
N ALA A 256 6.08 43.35 30.71
CA ALA A 256 6.37 44.13 29.51
C ALA A 256 5.28 45.15 29.17
N PHE A 257 4.02 44.73 29.30
CA PHE A 257 2.91 45.54 28.82
C PHE A 257 2.02 46.09 29.94
N GLY A 258 2.16 45.52 31.14
CA GLY A 258 1.34 45.94 32.26
C GLY A 258 1.63 47.38 32.65
N ASN A 259 0.57 48.19 32.70
CA ASN A 259 0.64 49.62 33.00
C ASN A 259 1.34 50.43 31.92
N LEU A 260 1.55 49.83 30.76
CA LEU A 260 2.13 50.53 29.61
C LEU A 260 1.05 51.34 28.92
N PRO A 261 1.11 52.69 29.03
CA PRO A 261 0.04 53.57 28.51
C PRO A 261 -0.27 53.30 27.05
N GLY A 262 -1.55 53.15 26.72
CA GLY A 262 -1.97 52.91 25.36
C GLY A 262 -2.21 51.44 25.01
N TRP A 263 -1.61 50.54 25.79
CA TRP A 263 -1.63 49.12 25.46
C TRP A 263 -2.60 48.32 26.31
N HIS A 264 -3.26 47.34 25.70
CA HIS A 264 -4.08 46.41 26.42
C HIS A 264 -3.64 44.99 26.10
N LEU A 265 -3.32 44.24 27.14
CA LEU A 265 -2.81 42.88 27.00
C LEU A 265 -3.90 41.86 27.28
N VAL A 266 -4.22 41.05 26.25
CA VAL A 266 -5.05 39.86 26.43
C VAL A 266 -4.11 38.69 26.61
N LEU A 267 -4.10 38.15 27.83
CA LEU A 267 -3.16 37.13 28.19
C LEU A 267 -3.90 35.82 28.45
N GLN A 268 -3.27 34.71 28.14
CA GLN A 268 -3.92 33.46 28.46
C GLN A 268 -2.95 32.45 29.05
N ILE A 269 -3.56 31.41 29.63
CA ILE A 269 -2.88 30.36 30.37
C ILE A 269 -3.61 29.08 30.04
N GLY A 270 -4.44 28.56 30.96
CA GLY A 270 -5.37 27.50 30.61
C GLY A 270 -6.07 26.62 31.64
N ARG A 271 -6.27 27.08 32.87
CA ARG A 271 -6.95 26.26 33.90
C ARG A 271 -8.40 26.75 34.10
N LYS A 272 -8.97 26.55 35.29
CA LYS A 272 -10.37 26.91 35.58
C LYS A 272 -10.75 28.18 36.41
N VAL A 273 -10.07 28.57 37.51
CA VAL A 273 -8.78 28.10 38.04
C VAL A 273 -7.67 28.41 37.02
N THR A 274 -6.39 28.45 37.38
CA THR A 274 -5.87 29.12 38.55
C THR A 274 -5.06 30.24 37.87
N PRO A 275 -5.18 31.47 38.36
CA PRO A 275 -4.44 32.63 37.80
C PRO A 275 -3.29 32.95 38.72
N ALA A 276 -2.89 31.95 39.48
CA ALA A 276 -2.41 32.17 40.82
C ALA A 276 -1.19 31.36 41.13
N GLU A 277 -0.21 31.41 40.23
CA GLU A 277 1.14 31.10 40.62
C GLU A 277 1.61 32.42 41.19
N LEU A 278 0.85 33.48 40.85
CA LEU A 278 1.09 34.85 41.35
C LEU A 278 0.96 36.05 40.37
N GLY A 279 0.83 37.24 40.96
CA GLY A 279 0.89 38.49 40.24
C GLY A 279 -0.32 39.35 40.49
N GLU A 280 -0.21 40.31 41.43
CA GLU A 280 -1.27 41.28 41.75
C GLU A 280 -1.93 41.89 40.53
N LEU A 281 -1.16 41.96 39.43
CA LEU A 281 -1.65 42.35 38.10
C LEU A 281 -1.99 43.84 37.89
N PRO A 282 -1.47 44.42 36.79
CA PRO A 282 -1.91 45.74 36.32
C PRO A 282 -3.33 45.75 35.74
N ASP A 283 -3.91 46.94 35.60
CA ASP A 283 -5.32 47.08 35.22
C ASP A 283 -5.57 46.86 33.72
N ASN A 284 -4.52 47.00 32.92
CA ASN A 284 -4.67 46.87 31.47
C ASN A 284 -4.32 45.47 30.99
N VAL A 285 -4.52 44.47 31.86
CA VAL A 285 -4.21 43.09 31.50
C VAL A 285 -5.40 42.20 31.80
N GLU A 286 -5.83 41.42 30.81
CA GLU A 286 -6.91 40.47 31.03
C GLU A 286 -6.41 39.06 30.75
N VAL A 287 -6.74 38.16 31.66
CA VAL A 287 -6.21 36.81 31.68
C VAL A 287 -7.36 35.86 31.37
N HIS A 288 -7.05 34.74 30.72
CA HIS A 288 -8.08 33.79 30.35
C HIS A 288 -7.54 32.37 30.41
N ASP A 289 -8.46 31.41 30.33
CA ASP A 289 -8.07 30.01 30.17
C ASP A 289 -7.91 29.69 28.69
N TRP A 290 -8.67 30.40 27.86
CA TRP A 290 -8.78 30.12 26.45
C TRP A 290 -9.45 31.36 25.85
N VAL A 291 -9.30 31.58 24.54
CA VAL A 291 -9.92 32.73 23.87
C VAL A 291 -10.49 32.40 22.49
N PRO A 292 -11.48 33.17 22.03
CA PRO A 292 -11.75 33.10 20.59
C PRO A 292 -10.58 33.79 19.90
N GLN A 293 -9.50 33.03 19.65
CA GLN A 293 -8.23 33.61 19.23
C GLN A 293 -8.32 34.33 17.89
N LEU A 294 -8.87 33.65 16.89
CA LEU A 294 -9.03 34.26 15.59
C LEU A 294 -9.82 35.55 15.76
N ALA A 295 -10.84 35.50 16.60
CA ALA A 295 -11.68 36.68 16.86
C ALA A 295 -10.88 37.84 17.46
N ILE A 296 -10.04 37.54 18.45
CA ILE A 296 -9.19 38.56 19.07
C ILE A 296 -8.15 39.14 18.11
N LEU A 297 -7.43 38.27 17.39
CA LEU A 297 -6.45 38.71 16.39
C LEU A 297 -7.12 39.63 15.37
N ARG A 298 -8.42 39.44 15.16
CA ARG A 298 -9.17 40.24 14.22
C ARG A 298 -9.25 41.73 14.58
N GLN A 299 -8.88 42.10 15.80
CA GLN A 299 -8.80 43.50 16.13
C GLN A 299 -7.43 43.85 16.70
N ALA A 300 -6.67 42.82 17.09
CA ALA A 300 -5.37 42.99 17.74
C ALA A 300 -4.36 43.69 16.86
N ASP A 301 -3.37 44.31 17.50
CA ASP A 301 -2.32 45.01 16.76
C ASP A 301 -0.99 44.28 16.87
N LEU A 302 -0.91 43.32 17.77
CA LEU A 302 0.32 42.58 17.97
C LEU A 302 0.01 41.21 18.51
N PHE A 303 0.77 40.20 18.07
CA PHE A 303 0.53 38.82 18.48
C PHE A 303 1.84 38.20 18.95
N VAL A 304 1.93 37.88 20.24
CA VAL A 304 3.08 37.14 20.76
C VAL A 304 2.69 35.67 20.66
N THR A 305 3.37 34.93 19.79
CA THR A 305 2.97 33.57 19.42
C THR A 305 4.13 32.58 19.54
N HIS A 306 3.82 31.30 19.75
CA HIS A 306 4.82 30.26 19.72
C HIS A 306 5.18 29.85 18.29
N ALA A 307 4.45 30.40 17.32
CA ALA A 307 4.67 30.13 15.89
C ALA A 307 4.33 28.70 15.49
N GLY A 308 3.33 28.11 16.18
CA GLY A 308 2.72 26.90 15.67
C GLY A 308 2.06 27.18 14.32
N ALA A 309 1.71 26.11 13.60
CA ALA A 309 1.11 26.29 12.28
C ALA A 309 -0.15 27.15 12.27
N GLY A 310 -1.05 26.92 13.23
CA GLY A 310 -2.30 27.66 13.27
C GLY A 310 -2.08 29.12 13.58
N GLY A 311 -1.43 29.38 14.71
CA GLY A 311 -1.13 30.75 15.10
C GLY A 311 -0.41 31.52 14.03
N SER A 312 0.56 30.88 13.38
CA SER A 312 1.33 31.54 12.33
C SER A 312 0.41 31.87 11.17
N GLN A 313 -0.44 30.93 10.80
CA GLN A 313 -1.40 31.20 9.72
C GLN A 313 -2.36 32.32 10.13
N GLU A 314 -2.79 32.31 11.38
CA GLU A 314 -3.80 33.24 11.85
C GLU A 314 -3.26 34.66 11.95
N GLY A 315 -2.02 34.78 12.38
CA GLY A 315 -1.36 36.08 12.41
C GLY A 315 -1.28 36.69 11.02
N LEU A 316 -0.83 35.92 10.04
CA LEU A 316 -0.75 36.41 8.68
C LEU A 316 -2.15 36.71 8.13
N ALA A 317 -3.10 35.83 8.41
CA ALA A 317 -4.47 35.98 7.91
C ALA A 317 -5.11 37.28 8.36
N THR A 318 -4.69 37.77 9.53
CA THR A 318 -5.28 38.94 10.15
C THR A 318 -4.35 40.16 10.09
N ALA A 319 -3.27 40.04 9.33
CA ALA A 319 -2.27 41.10 9.18
C ALA A 319 -1.80 41.65 10.53
N THR A 320 -1.52 40.73 11.44
CA THR A 320 -1.08 41.12 12.78
C THR A 320 0.40 40.84 12.91
N PRO A 321 1.21 41.89 13.13
CA PRO A 321 2.65 41.66 13.32
C PRO A 321 2.87 40.74 14.52
N MET A 322 3.93 39.95 14.48
CA MET A 322 4.15 38.94 15.51
C MET A 322 5.51 39.01 16.19
N ILE A 323 5.52 38.67 17.47
CA ILE A 323 6.76 38.32 18.15
C ILE A 323 6.72 36.81 18.29
N ALA A 324 7.62 36.15 17.59
CA ALA A 324 7.65 34.70 17.55
C ALA A 324 8.67 34.23 18.57
N VAL A 325 8.19 33.51 19.58
CA VAL A 325 9.04 33.02 20.65
C VAL A 325 8.93 31.49 20.63
N PRO A 326 9.72 30.85 19.75
CA PRO A 326 9.64 29.40 19.55
C PRO A 326 10.02 28.60 20.78
N GLN A 327 9.39 27.45 20.95
CA GLN A 327 9.54 26.65 22.14
C GLN A 327 9.84 25.18 21.84
N ALA A 328 9.36 24.68 20.69
CA ALA A 328 9.42 23.25 20.39
C ALA A 328 9.11 22.87 18.93
N VAL A 329 9.49 21.63 18.57
CA VAL A 329 9.31 21.04 17.23
C VAL A 329 8.39 21.66 16.18
N ASP A 330 7.41 22.46 16.59
CA ASP A 330 6.47 23.05 15.63
C ASP A 330 6.85 24.44 15.14
N GLN A 331 8.06 24.92 15.47
CA GLN A 331 8.19 26.36 15.66
C GLN A 331 9.38 27.13 15.07
N PHE A 332 10.58 26.58 15.19
CA PHE A 332 11.83 27.24 14.78
C PHE A 332 11.77 27.82 13.36
N GLY A 333 11.63 26.94 12.38
CA GLY A 333 11.46 27.34 10.99
C GLY A 333 10.30 28.28 10.75
N ASN A 334 9.13 27.99 11.32
CA ASN A 334 7.99 28.89 11.19
C ASN A 334 8.36 30.27 11.70
N ALA A 335 9.02 30.33 12.84
CA ALA A 335 9.46 31.61 13.36
C ALA A 335 10.48 32.25 12.43
N ASP A 336 11.39 31.45 11.89
CA ASP A 336 12.38 31.99 10.94
C ASP A 336 11.71 32.49 9.67
N MET A 337 10.65 31.82 9.24
CA MET A 337 9.98 32.29 8.03
C MET A 337 9.18 33.57 8.26
N LEU A 338 8.50 33.65 9.40
CA LEU A 338 7.76 34.87 9.75
C LEU A 338 8.74 36.02 9.82
N GLN A 339 9.87 35.72 10.48
CA GLN A 339 11.03 36.58 10.51
C GLN A 339 11.38 37.09 9.12
N GLY A 340 11.68 36.15 8.22
CA GLY A 340 12.15 36.47 6.88
C GLY A 340 11.15 37.21 6.01
N LEU A 341 9.87 37.10 6.36
CA LEU A 341 8.82 37.84 5.64
C LEU A 341 8.86 39.31 6.03
N GLY A 342 9.64 39.62 7.07
CA GLY A 342 9.75 40.98 7.54
C GLY A 342 8.55 41.43 8.37
N VAL A 343 7.80 40.46 8.89
CA VAL A 343 6.57 40.79 9.60
C VAL A 343 6.60 40.36 11.05
N ALA A 344 7.77 39.96 11.52
CA ALA A 344 7.89 39.41 12.85
C ALA A 344 9.31 39.51 13.37
N ARG A 345 9.45 39.33 14.67
CA ARG A 345 10.74 39.23 15.33
C ARG A 345 10.78 37.90 16.06
N LYS A 346 11.86 37.14 15.86
CA LYS A 346 12.06 35.89 16.58
C LYS A 346 12.82 36.15 17.88
N LEU A 347 12.31 35.60 18.98
CA LEU A 347 12.97 35.71 20.28
C LEU A 347 13.15 34.33 20.89
N ALA A 348 14.32 34.09 21.49
CA ALA A 348 14.50 32.92 22.35
C ALA A 348 13.78 33.19 23.66
N THR A 349 13.09 32.18 24.20
CA THR A 349 12.34 32.33 25.45
C THR A 349 13.14 33.03 26.54
N GLU A 350 14.32 32.49 26.83
CA GLU A 350 15.16 33.02 27.89
N GLU A 351 15.80 35.49 26.27
CA GLU A 351 16.25 36.87 26.30
C GLU A 351 15.03 37.77 26.25
N ALA A 352 13.86 37.16 26.16
CA ALA A 352 12.62 37.93 26.10
C ALA A 352 12.41 38.67 27.40
N THR A 353 13.18 39.72 27.63
CA THR A 353 12.96 40.50 28.84
C THR A 353 11.80 41.45 28.63
N ALA A 354 11.31 42.02 29.73
CA ALA A 354 10.17 42.93 29.63
C ALA A 354 10.55 44.09 28.73
N ASP A 355 11.79 44.52 28.85
CA ASP A 355 12.28 45.65 28.08
C ASP A 355 12.45 45.28 26.61
N LEU A 356 12.96 44.09 26.35
CA LEU A 356 13.11 43.62 24.97
C LEU A 356 11.75 43.30 24.33
N LEU A 357 10.88 42.66 25.08
CA LEU A 357 9.52 42.41 24.59
C LEU A 357 8.85 43.73 24.29
N ARG A 358 8.91 44.68 25.23
CA ARG A 358 8.30 45.98 24.98
C ARG A 358 8.96 46.69 23.80
N GLU A 359 10.28 46.70 23.75
CA GLU A 359 10.97 47.39 22.69
C GLU A 359 10.60 46.78 21.34
N THR A 360 10.55 45.46 21.30
CA THR A 360 10.23 44.75 20.07
C THR A 360 8.80 45.07 19.64
N ALA A 361 7.89 45.02 20.61
CA ALA A 361 6.49 45.35 20.40
C ALA A 361 6.33 46.72 19.77
N LEU A 362 6.94 47.71 20.39
CA LEU A 362 6.89 49.06 19.90
C LEU A 362 7.46 49.13 18.49
N ALA A 363 8.58 48.44 18.26
CA ALA A 363 9.26 48.48 16.97
C ALA A 363 8.45 47.87 15.83
N LEU A 364 7.51 47.00 16.16
CA LEU A 364 6.71 46.30 15.16
C LEU A 364 5.38 47.02 14.87
N VAL A 365 4.71 47.48 15.91
CA VAL A 365 3.38 48.05 15.70
C VAL A 365 3.45 49.42 15.02
N ASP A 366 4.57 50.12 15.13
CA ASP A 366 4.66 51.37 14.37
C ASP A 366 5.67 51.25 13.23
N ASP A 367 5.26 50.52 12.21
CA ASP A 367 6.06 50.33 11.00
C ASP A 367 5.08 50.12 9.85
N PRO A 368 4.92 51.16 9.01
CA PRO A 368 3.99 51.09 7.88
C PRO A 368 4.45 50.06 6.85
N GLU A 369 5.73 49.71 6.93
CA GLU A 369 6.32 48.75 6.02
C GLU A 369 6.05 47.32 6.48
N VAL A 370 6.18 47.08 7.78
CA VAL A 370 5.77 45.78 8.33
C VAL A 370 4.31 45.57 7.96
N ALA A 371 3.50 46.60 8.18
CA ALA A 371 2.11 46.55 7.78
C ALA A 371 2.01 46.36 6.26
N ARG A 372 2.91 47.02 5.52
CA ARG A 372 2.95 46.89 4.06
C ARG A 372 3.22 45.44 3.62
N ARG A 373 3.98 44.71 4.40
CA ARG A 373 4.27 43.32 4.02
C ARG A 373 3.08 42.45 4.36
N LEU A 374 2.45 42.73 5.50
CA LEU A 374 1.32 41.93 5.95
C LEU A 374 0.13 42.07 5.03
N ARG A 375 -0.09 43.28 4.52
CA ARG A 375 -1.20 43.47 3.58
C ARG A 375 -0.95 42.71 2.28
N ARG A 376 0.28 42.70 1.79
CA ARG A 376 0.54 41.94 0.57
C ARG A 376 0.41 40.44 0.83
N ILE A 377 0.72 39.98 2.04
CA ILE A 377 0.49 38.58 2.38
C ILE A 377 -0.99 38.17 2.40
N GLN A 378 -1.86 38.96 3.04
CA GLN A 378 -3.30 38.67 3.03
C GLN A 378 -3.86 38.59 1.62
N ALA A 379 -3.40 39.49 0.76
CA ALA A 379 -3.86 39.53 -0.63
C ALA A 379 -3.46 38.23 -1.30
N GLU A 380 -2.26 37.75 -0.98
CA GLU A 380 -1.77 36.52 -1.56
C GLU A 380 -2.53 35.30 -0.99
N MET A 381 -2.82 35.33 0.30
CA MET A 381 -3.64 34.27 0.90
C MET A 381 -5.05 34.23 0.33
N ALA A 382 -5.63 35.42 0.10
CA ALA A 382 -6.97 35.47 -0.47
C ALA A 382 -7.02 34.77 -1.84
N GLN A 383 -5.92 34.82 -2.56
CA GLN A 383 -5.86 34.11 -3.85
C GLN A 383 -5.80 32.61 -3.64
N GLU A 384 -5.14 32.17 -2.57
CA GLU A 384 -5.15 30.77 -2.20
C GLU A 384 -6.59 30.33 -1.89
N GLY A 385 -7.43 31.31 -1.58
CA GLY A 385 -8.87 31.13 -1.53
C GLY A 385 -9.44 30.64 -0.22
N GLY A 386 -9.05 29.42 0.14
CA GLY A 386 -9.59 28.70 1.28
C GLY A 386 -10.29 27.43 0.82
N THR A 387 -11.40 27.13 1.47
CA THR A 387 -12.13 25.88 1.25
C THR A 387 -12.71 25.73 -0.15
N ARG A 388 -13.82 26.44 -0.40
CA ARG A 388 -14.45 26.48 -1.72
C ARG A 388 -13.42 26.46 -2.87
N ARG A 389 -12.26 27.07 -2.65
CA ARG A 389 -11.18 26.96 -3.62
C ARG A 389 -10.62 25.54 -3.71
N ALA A 390 -10.32 24.92 -2.57
CA ALA A 390 -9.81 23.56 -2.57
C ALA A 390 -10.80 22.62 -3.27
N ALA A 391 -12.09 22.88 -3.10
CA ALA A 391 -13.10 22.08 -3.79
C ALA A 391 -13.08 22.24 -5.31
N ASP A 392 -12.91 23.47 -5.79
CA ASP A 392 -12.77 23.72 -7.24
C ASP A 392 -11.69 22.84 -7.85
N LEU A 393 -10.51 22.82 -7.23
CA LEU A 393 -9.39 22.05 -7.74
C LEU A 393 -9.67 20.54 -7.66
N ILE A 394 -10.33 20.12 -6.59
CA ILE A 394 -10.68 18.70 -6.42
C ILE A 394 -11.78 18.31 -7.41
N GLU A 395 -12.65 19.27 -7.72
CA GLU A 395 -13.68 19.05 -8.74
C GLU A 395 -13.03 18.97 -10.10
N ALA A 396 -11.95 19.71 -10.29
CA ALA A 396 -11.25 19.72 -11.55
C ALA A 396 -10.53 18.39 -11.83
N GLU A 397 -10.11 17.70 -10.77
CA GLU A 397 -9.39 16.44 -10.93
C GLU A 397 -10.34 15.26 -11.01
N LEU A 398 -11.58 15.51 -10.62
CA LEU A 398 -12.60 14.48 -10.50
C LEU A 398 -13.11 14.16 -11.88
N PRO A 399 -12.53 13.13 -12.53
CA PRO A 399 -12.65 13.01 -14.00
C PRO A 399 -14.09 12.96 -14.53
N ALA A 400 -14.26 13.13 -15.84
CA ALA A 400 -15.59 13.32 -16.44
C ALA A 400 -16.67 12.33 -15.99
N THR B 6 16.79 -51.97 -1.42
CA THR B 6 15.45 -52.04 -2.02
C THR B 6 15.06 -50.65 -2.53
N PRO B 7 14.16 -50.58 -3.53
CA PRO B 7 13.77 -49.29 -4.10
C PRO B 7 13.05 -48.40 -3.09
N ALA B 8 13.33 -47.10 -3.16
CA ALA B 8 12.68 -46.15 -2.28
C ALA B 8 11.18 -46.20 -2.45
N HIS B 9 10.47 -46.17 -1.33
CA HIS B 9 9.03 -45.99 -1.30
C HIS B 9 8.74 -44.53 -0.98
N ILE B 10 8.33 -43.77 -1.99
CA ILE B 10 7.96 -42.37 -1.83
C ILE B 10 6.46 -42.32 -1.77
N ALA B 11 5.92 -41.69 -0.73
CA ALA B 11 4.48 -41.54 -0.60
C ALA B 11 4.09 -40.09 -0.80
N MET B 12 3.37 -39.82 -1.87
CA MET B 12 2.90 -38.48 -2.16
C MET B 12 1.47 -38.32 -1.61
N PHE B 13 1.16 -37.14 -1.09
CA PHE B 13 -0.19 -36.84 -0.57
C PHE B 13 -0.76 -35.56 -1.18
N SER B 14 -2.02 -35.60 -1.63
CA SER B 14 -2.73 -34.39 -2.02
C SER B 14 -4.25 -34.55 -1.94
N ILE B 15 -4.96 -33.55 -2.46
CA ILE B 15 -6.42 -33.53 -2.44
C ILE B 15 -6.92 -33.48 -3.88
N ALA B 16 -8.23 -33.54 -4.07
CA ALA B 16 -8.79 -33.51 -5.42
C ALA B 16 -9.07 -32.10 -5.91
N ALA B 17 -8.08 -31.52 -6.58
CA ALA B 17 -8.10 -30.13 -7.01
C ALA B 17 -6.99 -29.95 -8.03
N HIS B 18 -7.36 -29.48 -9.22
CA HIS B 18 -6.41 -29.35 -10.32
C HIS B 18 -5.24 -28.42 -9.97
N GLY B 19 -5.55 -27.31 -9.28
CA GLY B 19 -4.52 -26.36 -8.89
C GLY B 19 -3.54 -26.89 -7.87
N HIS B 20 -3.84 -28.05 -7.29
CA HIS B 20 -2.96 -28.65 -6.31
C HIS B 20 -2.49 -30.02 -6.74
N VAL B 21 -2.88 -30.41 -7.95
CA VAL B 21 -2.45 -31.67 -8.52
C VAL B 21 -1.65 -31.45 -9.81
N ASN B 22 -2.16 -30.63 -10.73
CA ASN B 22 -1.39 -30.30 -11.94
C ASN B 22 0.05 -29.81 -11.74
N PRO B 23 0.29 -28.96 -10.72
CA PRO B 23 1.65 -28.43 -10.48
C PRO B 23 2.76 -29.46 -10.29
N SER B 24 2.50 -30.57 -9.60
CA SER B 24 3.57 -31.54 -9.33
C SER B 24 3.39 -32.80 -10.15
N LEU B 25 2.44 -32.76 -11.08
CA LEU B 25 2.08 -33.87 -11.97
C LEU B 25 3.31 -34.63 -12.48
N GLU B 26 4.14 -33.94 -13.25
CA GLU B 26 5.22 -34.62 -13.94
C GLU B 26 6.45 -34.80 -13.06
N VAL B 27 6.52 -34.08 -11.95
CA VAL B 27 7.51 -34.44 -10.94
C VAL B 27 7.21 -35.86 -10.48
N ILE B 28 5.94 -36.21 -10.37
CA ILE B 28 5.59 -37.54 -9.90
C ILE B 28 5.92 -38.58 -10.96
N ARG B 29 5.53 -38.30 -12.20
CA ARG B 29 5.81 -39.16 -13.35
C ARG B 29 7.31 -39.44 -13.44
N GLU B 30 8.10 -38.38 -13.38
CA GLU B 30 9.55 -38.49 -13.43
C GLU B 30 10.13 -39.33 -12.29
N LEU B 31 9.54 -39.21 -11.10
CA LEU B 31 10.01 -40.01 -9.99
C LEU B 31 9.80 -41.50 -10.23
N VAL B 32 8.67 -41.85 -10.84
CA VAL B 32 8.40 -43.25 -11.16
C VAL B 32 9.26 -43.69 -12.35
N ALA B 33 9.63 -42.73 -13.21
CA ALA B 33 10.56 -43.00 -14.30
C ALA B 33 12.03 -42.98 -13.85
N ARG B 34 12.27 -43.12 -12.56
CA ARG B 34 13.62 -43.20 -12.02
C ARG B 34 13.80 -44.39 -11.09
N GLY B 35 12.72 -45.15 -10.90
CA GLY B 35 12.81 -46.43 -10.22
C GLY B 35 12.36 -46.46 -8.77
N HIS B 36 12.03 -45.31 -8.21
CA HIS B 36 11.46 -45.31 -6.85
C HIS B 36 10.08 -45.92 -6.93
N ARG B 37 9.64 -46.56 -5.86
CA ARG B 37 8.24 -46.98 -5.82
C ARG B 37 7.44 -45.84 -5.22
N VAL B 38 6.48 -45.36 -5.97
CA VAL B 38 5.71 -44.19 -5.55
C VAL B 38 4.27 -44.56 -5.27
N THR B 39 3.85 -44.31 -4.02
CA THR B 39 2.44 -44.37 -3.67
C THR B 39 1.93 -42.95 -3.57
N TYR B 40 0.63 -42.77 -3.77
CA TYR B 40 0.05 -41.44 -3.81
C TYR B 40 -1.29 -41.49 -3.10
N ALA B 41 -1.34 -40.97 -1.89
CA ALA B 41 -2.59 -40.92 -1.15
C ALA B 41 -3.48 -39.85 -1.74
N ILE B 42 -4.69 -40.25 -2.16
CA ILE B 42 -5.53 -39.39 -2.97
C ILE B 42 -7.01 -39.78 -2.85
N PRO B 43 -7.92 -38.79 -2.87
CA PRO B 43 -9.34 -39.18 -2.85
C PRO B 43 -9.69 -39.90 -4.16
N PRO B 44 -10.68 -40.81 -4.14
CA PRO B 44 -10.90 -41.78 -5.22
C PRO B 44 -11.22 -41.17 -6.57
N VAL B 45 -11.80 -39.97 -6.60
CA VAL B 45 -12.11 -39.37 -7.89
C VAL B 45 -10.84 -39.15 -8.71
N PHE B 46 -9.78 -38.71 -8.05
CA PHE B 46 -8.51 -38.44 -8.74
C PHE B 46 -7.59 -39.66 -8.84
N ALA B 47 -8.12 -40.86 -8.59
CA ALA B 47 -7.31 -42.07 -8.67
C ALA B 47 -6.73 -42.31 -10.07
N ASP B 48 -7.57 -42.28 -11.09
CA ASP B 48 -7.10 -42.48 -12.47
C ASP B 48 -6.08 -41.40 -12.84
N LYS B 49 -6.38 -40.19 -12.42
CA LYS B 49 -5.53 -39.04 -12.70
C LYS B 49 -4.10 -39.24 -12.22
N VAL B 50 -3.96 -39.61 -10.95
CA VAL B 50 -2.61 -39.79 -10.41
C VAL B 50 -1.95 -41.05 -10.95
N ALA B 51 -2.73 -42.13 -11.09
CA ALA B 51 -2.18 -43.44 -11.40
C ALA B 51 -1.54 -43.52 -12.78
N ALA B 52 -1.99 -42.63 -13.66
CA ALA B 52 -1.39 -42.47 -14.98
C ALA B 52 0.13 -42.45 -14.85
N THR B 53 0.63 -41.58 -13.97
CA THR B 53 2.07 -41.39 -13.82
C THR B 53 2.81 -42.66 -13.41
N GLY B 54 2.05 -43.72 -13.15
CA GLY B 54 2.63 -44.98 -12.71
C GLY B 54 2.64 -45.12 -11.20
N ALA B 55 2.38 -44.04 -10.48
CA ALA B 55 2.28 -44.11 -9.03
C ALA B 55 1.06 -44.95 -8.65
N ARG B 56 1.13 -45.65 -7.51
CA ARG B 56 -0.03 -46.41 -7.07
C ARG B 56 -0.89 -45.57 -6.15
N PRO B 57 -2.18 -45.45 -6.48
CA PRO B 57 -3.00 -44.64 -5.58
C PRO B 57 -3.24 -45.35 -4.27
N VAL B 58 -3.34 -44.58 -3.20
CA VAL B 58 -3.76 -45.07 -1.90
C VAL B 58 -4.96 -44.21 -1.52
N LEU B 59 -6.16 -44.72 -1.81
CA LEU B 59 -7.38 -43.92 -1.72
C LEU B 59 -7.79 -43.57 -0.29
N TYR B 60 -8.45 -42.41 -0.15
CA TYR B 60 -9.02 -42.03 1.13
C TYR B 60 -10.26 -41.15 0.98
N HIS B 61 -11.13 -41.17 1.98
CA HIS B 61 -12.34 -40.37 2.02
C HIS B 61 -12.04 -38.91 2.42
N SER B 62 -12.33 -37.98 1.50
CA SER B 62 -12.17 -36.56 1.74
C SER B 62 -13.53 -35.93 1.97
N THR B 63 -13.54 -34.77 2.62
CA THR B 63 -14.78 -34.02 2.85
C THR B 63 -14.68 -32.60 2.29
N LEU B 64 -13.58 -32.31 1.57
CA LEU B 64 -13.42 -31.01 0.92
C LEU B 64 -14.31 -30.90 -0.29
N PRO B 65 -14.58 -29.65 -0.75
CA PRO B 65 -15.26 -29.52 -2.03
C PRO B 65 -14.42 -30.23 -3.07
N GLY B 66 -15.07 -30.86 -4.05
CA GLY B 66 -14.34 -31.60 -5.07
C GLY B 66 -13.49 -30.70 -5.93
N PRO B 67 -13.00 -31.24 -7.06
CA PRO B 67 -12.23 -30.48 -8.06
C PRO B 67 -13.15 -29.67 -8.99
N ASP B 68 -14.39 -30.12 -9.10
CA ASP B 68 -15.36 -29.58 -10.06
C ASP B 68 -16.21 -28.43 -9.51
N ALA B 69 -15.83 -27.91 -8.35
CA ALA B 69 -16.74 -27.09 -7.53
C ALA B 69 -17.05 -25.68 -8.05
N ASP B 70 -17.87 -24.96 -7.29
CA ASP B 70 -18.09 -23.55 -7.53
C ASP B 70 -17.08 -22.83 -6.66
N PRO B 71 -16.83 -21.54 -6.90
CA PRO B 71 -16.04 -20.81 -5.91
C PRO B 71 -16.84 -20.62 -4.62
N GLU B 72 -18.14 -20.40 -4.77
CA GLU B 72 -19.05 -20.19 -3.66
C GLU B 72 -18.87 -21.22 -2.53
N ALA B 73 -18.58 -22.45 -2.92
CA ALA B 73 -18.34 -23.54 -1.97
C ALA B 73 -16.97 -23.39 -1.30
N TRP B 74 -15.99 -22.87 -2.04
CA TRP B 74 -14.72 -22.54 -1.39
C TRP B 74 -14.97 -21.23 -0.62
N GLY B 75 -14.39 -20.11 -1.04
CA GLY B 75 -14.76 -18.90 -0.30
C GLY B 75 -14.17 -17.54 -0.60
N SER B 76 -14.56 -16.59 0.23
CA SER B 76 -14.10 -15.20 0.14
C SER B 76 -13.57 -14.72 1.48
N THR B 77 -14.13 -15.27 2.57
CA THR B 77 -13.65 -14.96 3.93
C THR B 77 -12.63 -15.99 4.44
N LEU B 78 -11.77 -15.53 5.35
CA LEU B 78 -10.67 -16.32 5.88
C LEU B 78 -11.12 -17.65 6.48
N LEU B 79 -12.11 -17.61 7.35
CA LEU B 79 -12.56 -18.83 7.98
C LEU B 79 -13.25 -19.75 7.00
N ASP B 80 -13.92 -19.17 6.00
CA ASP B 80 -14.50 -20.01 4.95
C ASP B 80 -13.42 -20.62 4.07
N ASN B 81 -12.29 -19.95 3.96
CA ASN B 81 -11.15 -20.51 3.23
C ASN B 81 -10.51 -21.66 4.02
N VAL B 82 -10.04 -21.36 5.22
CA VAL B 82 -9.10 -22.28 5.88
C VAL B 82 -9.73 -23.41 6.69
N GLU B 83 -10.93 -23.22 7.23
CA GLU B 83 -11.52 -24.27 8.04
C GLU B 83 -11.79 -25.59 7.31
N PRO B 84 -12.32 -25.54 6.07
CA PRO B 84 -12.55 -26.83 5.41
C PRO B 84 -11.29 -27.68 5.35
N PHE B 85 -10.15 -27.06 5.10
CA PHE B 85 -8.92 -27.82 5.05
C PHE B 85 -8.63 -28.60 6.33
N LEU B 86 -8.89 -27.99 7.50
CA LEU B 86 -8.59 -28.64 8.79
C LEU B 86 -9.51 -29.80 9.11
N ASN B 87 -10.81 -29.56 9.00
CA ASN B 87 -11.77 -30.59 9.35
C ASN B 87 -11.51 -31.82 8.49
N ASP B 88 -10.98 -31.58 7.29
CA ASP B 88 -10.56 -32.68 6.44
C ASP B 88 -9.40 -33.47 7.04
N ALA B 89 -8.39 -32.77 7.55
CA ALA B 89 -7.25 -33.44 8.16
C ALA B 89 -7.69 -34.44 9.22
N ILE B 90 -8.59 -34.03 10.11
CA ILE B 90 -8.93 -34.90 11.22
C ILE B 90 -9.71 -36.15 10.81
N GLN B 91 -10.55 -36.08 9.78
CA GLN B 91 -11.24 -37.30 9.37
C GLN B 91 -10.44 -38.12 8.34
N ALA B 92 -9.33 -37.54 7.85
CA ALA B 92 -8.39 -38.24 6.97
C ALA B 92 -7.26 -38.97 7.72
N LEU B 93 -6.65 -38.30 8.68
CA LEU B 93 -5.50 -38.82 9.45
C LEU B 93 -5.53 -40.32 9.79
N PRO B 94 -6.64 -40.81 10.38
CA PRO B 94 -6.62 -42.26 10.63
C PRO B 94 -6.88 -43.12 9.38
N GLN B 95 -7.49 -42.55 8.33
CA GLN B 95 -7.67 -43.32 7.09
C GLN B 95 -6.35 -43.62 6.38
N LEU B 96 -5.32 -42.82 6.67
CA LEU B 96 -4.02 -42.97 6.04
C LEU B 96 -3.08 -43.77 6.95
N ALA B 97 -3.28 -43.61 8.25
CA ALA B 97 -2.66 -44.50 9.22
C ALA B 97 -3.08 -45.92 8.91
N ASP B 98 -4.38 -46.09 8.64
CA ASP B 98 -4.94 -47.40 8.32
C ASP B 98 -4.23 -48.02 7.14
N ALA B 99 -4.23 -47.30 6.03
CA ALA B 99 -3.66 -47.79 4.77
C ALA B 99 -2.19 -48.11 4.90
N TYR B 100 -1.39 -47.08 5.13
CA TYR B 100 0.06 -47.24 5.18
C TYR B 100 0.53 -48.05 6.39
N ALA B 101 -0.43 -48.65 7.13
CA ALA B 101 -0.12 -49.37 8.36
C ALA B 101 1.13 -50.26 8.30
N ASP B 102 1.22 -51.11 7.28
CA ASP B 102 2.30 -52.12 7.24
C ASP B 102 3.30 -51.90 6.12
N ASP B 103 3.41 -50.66 5.66
CA ASP B 103 4.30 -50.31 4.56
C ASP B 103 4.65 -48.84 4.68
N ILE B 104 5.31 -48.50 5.79
CA ILE B 104 5.71 -47.12 6.07
C ILE B 104 6.77 -46.68 5.07
N PRO B 105 6.57 -45.53 4.42
CA PRO B 105 7.47 -45.06 3.35
C PRO B 105 8.82 -44.51 3.86
N ASP B 106 9.82 -44.47 2.98
CA ASP B 106 11.11 -43.89 3.34
C ASP B 106 11.06 -42.36 3.32
N LEU B 107 10.12 -41.81 2.55
CA LEU B 107 9.98 -40.35 2.48
C LEU B 107 8.54 -39.98 2.11
N VAL B 108 8.08 -38.84 2.61
CA VAL B 108 6.74 -38.34 2.29
C VAL B 108 6.82 -37.04 1.49
N LEU B 109 6.01 -36.94 0.45
CA LEU B 109 5.92 -35.77 -0.40
C LEU B 109 4.47 -35.29 -0.37
N HIS B 110 4.24 -33.99 -0.27
CA HIS B 110 2.86 -33.53 -0.20
C HIS B 110 2.65 -32.10 -0.69
N ASP B 111 1.50 -31.87 -1.31
CA ASP B 111 1.03 -30.50 -1.58
C ASP B 111 0.75 -29.81 -0.24
N ILE B 112 0.82 -28.49 -0.24
CA ILE B 112 0.61 -27.70 0.98
C ILE B 112 -0.73 -27.97 1.66
N THR B 113 -1.72 -28.39 0.89
CA THR B 113 -3.08 -28.54 1.41
C THR B 113 -3.32 -29.79 2.26
N SER B 114 -2.41 -30.76 2.20
CA SER B 114 -2.59 -32.00 2.97
C SER B 114 -1.94 -32.00 4.36
N TYR B 115 -2.73 -31.69 5.39
CA TYR B 115 -2.24 -31.76 6.77
C TYR B 115 -1.85 -33.18 7.24
N PRO B 116 -2.58 -34.23 6.82
CA PRO B 116 -2.22 -35.56 7.33
C PRO B 116 -0.82 -36.03 6.92
N ALA B 117 -0.28 -35.48 5.84
CA ALA B 117 1.07 -35.86 5.41
C ALA B 117 2.12 -35.40 6.42
N ARG B 118 1.97 -34.17 6.92
CA ARG B 118 2.89 -33.60 7.90
C ARG B 118 2.89 -34.45 9.17
N VAL B 119 1.69 -34.81 9.62
CA VAL B 119 1.54 -35.52 10.89
C VAL B 119 2.13 -36.92 10.83
N LEU B 120 1.87 -37.62 9.73
CA LEU B 120 2.40 -38.97 9.57
C LEU B 120 3.93 -39.02 9.41
N ALA B 121 4.51 -38.08 8.65
CA ALA B 121 5.95 -38.07 8.49
C ALA B 121 6.62 -37.96 9.85
N ARG B 122 6.08 -37.09 10.70
CA ARG B 122 6.59 -36.93 12.07
C ARG B 122 6.45 -38.24 12.86
N ARG B 123 5.26 -38.84 12.79
CA ARG B 123 4.98 -40.10 13.48
C ARG B 123 5.91 -41.19 12.97
N TRP B 124 5.74 -41.56 11.71
CA TRP B 124 6.58 -42.56 11.04
C TRP B 124 8.07 -42.26 11.17
N GLY B 125 8.41 -40.99 11.37
CA GLY B 125 9.78 -40.60 11.65
C GLY B 125 10.60 -40.54 10.39
N VAL B 126 10.06 -39.88 9.38
CA VAL B 126 10.67 -39.87 8.06
C VAL B 126 10.81 -38.45 7.55
N PRO B 127 11.66 -38.25 6.52
CA PRO B 127 11.71 -36.94 5.88
C PRO B 127 10.38 -36.60 5.23
N ALA B 128 9.99 -35.33 5.31
CA ALA B 128 8.85 -34.81 4.57
C ALA B 128 9.30 -33.67 3.67
N VAL B 129 8.75 -33.62 2.45
CA VAL B 129 9.00 -32.51 1.54
C VAL B 129 7.67 -31.90 1.09
N SER B 130 7.50 -30.61 1.38
CA SER B 130 6.30 -29.90 0.97
C SER B 130 6.50 -29.34 -0.45
N LEU B 131 5.50 -29.51 -1.29
CA LEU B 131 5.54 -28.94 -2.64
C LEU B 131 4.52 -27.82 -2.74
N SER B 132 4.98 -26.60 -3.00
CA SER B 132 4.08 -25.45 -3.04
C SER B 132 3.85 -24.93 -4.45
N PRO B 133 2.59 -24.92 -4.90
CA PRO B 133 2.28 -24.46 -6.25
C PRO B 133 2.26 -22.93 -6.37
N ASN B 134 2.40 -22.24 -5.24
CA ASN B 134 2.33 -20.79 -5.22
C ASN B 134 3.34 -20.24 -4.25
N LEU B 135 3.27 -18.94 -3.97
CA LEU B 135 4.25 -18.29 -3.09
C LEU B 135 4.26 -18.92 -1.71
N VAL B 136 5.36 -18.73 -1.00
CA VAL B 136 5.52 -19.26 0.35
C VAL B 136 5.77 -18.13 1.33
N ALA B 137 5.82 -18.48 2.62
CA ALA B 137 6.03 -17.48 3.66
C ALA B 137 7.47 -17.02 3.67
N TRP B 138 7.66 -15.71 3.80
CA TRP B 138 8.98 -15.15 4.00
C TRP B 138 9.20 -14.91 5.49
N LYS B 139 10.45 -14.77 5.91
CA LYS B 139 10.71 -14.49 7.32
C LYS B 139 10.18 -13.11 7.64
N GLY B 140 9.10 -13.05 8.41
CA GLY B 140 8.36 -11.82 8.63
C GLY B 140 6.90 -12.00 8.27
N TYR B 141 6.56 -13.17 7.74
CA TYR B 141 5.21 -13.46 7.27
C TYR B 141 4.18 -13.50 8.39
N GLU B 142 4.57 -13.99 9.56
CA GLU B 142 3.65 -14.02 10.71
C GLU B 142 3.03 -12.65 10.85
N GLU B 143 3.87 -11.69 11.19
CA GLU B 143 3.42 -10.41 11.67
C GLU B 143 2.90 -9.51 10.56
N GLU B 144 3.38 -9.72 9.32
CA GLU B 144 2.99 -8.85 8.20
C GLU B 144 1.72 -9.28 7.48
N VAL B 145 1.49 -10.59 7.37
CA VAL B 145 0.37 -11.09 6.60
C VAL B 145 -0.63 -11.83 7.48
N ALA B 146 -0.15 -12.85 8.19
CA ALA B 146 -1.03 -13.77 8.90
C ALA B 146 -1.62 -13.17 10.17
N GLU B 147 -0.79 -12.47 10.93
CA GLU B 147 -1.28 -11.89 12.18
C GLU B 147 -2.32 -10.79 11.94
N PRO B 148 -2.11 -9.93 10.92
CA PRO B 148 -3.22 -9.02 10.62
C PRO B 148 -4.39 -9.70 9.91
N MET B 149 -4.15 -10.79 9.18
CA MET B 149 -5.22 -11.49 8.49
C MET B 149 -6.22 -12.08 9.49
N TRP B 150 -5.68 -12.55 10.61
CA TRP B 150 -6.47 -13.26 11.61
C TRP B 150 -7.03 -12.34 12.69
N ARG B 151 -6.69 -11.05 12.62
CA ARG B 151 -7.04 -10.12 13.70
C ARG B 151 -8.53 -10.08 14.04
N GLU B 152 -9.38 -9.80 13.06
CA GLU B 152 -10.81 -9.82 13.32
C GLU B 152 -11.36 -11.26 13.50
N PRO B 153 -10.95 -12.20 12.63
CA PRO B 153 -11.54 -13.54 12.79
C PRO B 153 -11.09 -14.32 14.02
N ARG B 154 -9.89 -14.07 14.53
CA ARG B 154 -9.42 -14.89 15.66
C ARG B 154 -10.14 -14.59 16.97
N GLN B 155 -10.93 -13.52 17.00
CA GLN B 155 -11.68 -13.19 18.22
C GLN B 155 -13.17 -13.45 18.08
N THR B 156 -13.54 -14.21 17.06
CA THR B 156 -14.89 -14.75 16.98
C THR B 156 -14.89 -16.08 17.71
N GLU B 157 -16.05 -16.56 18.16
CA GLU B 157 -16.05 -17.85 18.85
C GLU B 157 -15.77 -18.99 17.87
N ARG B 158 -16.16 -18.81 16.62
CA ARG B 158 -15.86 -19.79 15.56
C ARG B 158 -14.35 -19.90 15.36
N GLY B 159 -13.69 -18.77 15.22
CA GLY B 159 -12.25 -18.77 15.03
C GLY B 159 -11.52 -19.24 16.28
N ARG B 160 -12.04 -18.85 17.43
CA ARG B 160 -11.53 -19.34 18.71
C ARG B 160 -11.63 -20.85 18.78
N ALA B 161 -12.78 -21.38 18.37
CA ALA B 161 -12.99 -22.82 18.35
C ALA B 161 -12.16 -23.47 17.25
N TYR B 162 -11.99 -22.76 16.13
CA TYR B 162 -11.13 -23.22 15.04
C TYR B 162 -9.71 -23.52 15.55
N TYR B 163 -9.01 -22.49 16.02
CA TYR B 163 -7.68 -22.72 16.60
C TYR B 163 -7.71 -23.71 17.75
N ALA B 164 -8.87 -23.83 18.40
CA ALA B 164 -9.01 -24.73 19.53
C ALA B 164 -8.90 -26.19 19.09
N ARG B 165 -9.64 -26.55 18.05
CA ARG B 165 -9.61 -27.92 17.54
C ARG B 165 -8.20 -28.25 17.02
N PHE B 166 -7.59 -27.28 16.36
CA PHE B 166 -6.26 -27.49 15.78
C PHE B 166 -5.22 -27.85 16.84
N GLU B 167 -5.19 -27.09 17.93
CA GLU B 167 -4.21 -27.31 18.99
C GLU B 167 -4.24 -28.71 19.61
N ALA B 168 -5.44 -29.14 20.01
CA ALA B 168 -5.58 -30.43 20.69
C ALA B 168 -5.25 -31.59 19.76
N TRP B 169 -5.53 -31.41 18.47
CA TRP B 169 -5.26 -32.47 17.50
C TRP B 169 -3.76 -32.75 17.40
N LEU B 170 -2.97 -31.68 17.35
CA LEU B 170 -1.52 -31.84 17.28
C LEU B 170 -1.00 -32.55 18.54
N LYS B 171 -1.57 -32.23 19.70
CA LYS B 171 -1.08 -32.83 20.96
C LYS B 171 -1.38 -34.32 21.04
N GLU B 172 -2.51 -34.74 20.50
CA GLU B 172 -2.81 -36.16 20.41
C GLU B 172 -1.68 -36.82 19.63
N ASN B 173 -1.32 -36.24 18.48
CA ASN B 173 -0.33 -36.84 17.59
C ASN B 173 1.14 -36.59 17.95
N GLY B 174 1.41 -36.31 19.23
CA GLY B 174 2.75 -35.96 19.66
C GLY B 174 3.31 -34.85 18.78
N ILE B 175 2.56 -33.76 18.67
CA ILE B 175 2.99 -32.61 17.89
C ILE B 175 2.62 -31.37 18.68
N THR B 176 3.62 -30.62 19.11
CA THR B 176 3.36 -29.50 20.01
C THR B 176 3.33 -28.13 19.32
N GLU B 177 4.03 -28.01 18.19
CA GLU B 177 4.10 -26.76 17.42
C GLU B 177 2.76 -26.02 17.28
N HIS B 178 2.80 -24.69 17.20
CA HIS B 178 1.58 -23.93 17.01
C HIS B 178 1.00 -24.26 15.63
N PRO B 179 -0.33 -24.26 15.52
CA PRO B 179 -0.94 -24.52 14.21
C PRO B 179 -0.46 -23.59 13.10
N ASP B 180 -0.08 -22.37 13.43
CA ASP B 180 0.39 -21.44 12.39
C ASP B 180 1.74 -21.90 11.82
N THR B 181 2.61 -22.41 12.70
CA THR B 181 3.89 -22.98 12.31
C THR B 181 3.71 -24.26 11.50
N PHE B 182 2.82 -25.11 12.00
CA PHE B 182 2.56 -26.43 11.43
C PHE B 182 2.01 -26.29 10.03
N ALA B 183 1.07 -25.37 9.85
CA ALA B 183 0.43 -25.23 8.54
C ALA B 183 1.26 -24.43 7.54
N SER B 184 1.89 -23.36 7.99
CA SER B 184 2.47 -22.38 7.06
C SER B 184 3.99 -22.40 6.97
N HIS B 185 4.63 -23.22 7.78
CA HIS B 185 6.10 -23.17 7.92
C HIS B 185 6.77 -24.53 7.90
N PRO B 186 6.79 -25.18 6.72
CA PRO B 186 7.39 -26.51 6.56
C PRO B 186 8.89 -26.50 6.84
N PRO B 187 9.44 -27.65 7.21
CA PRO B 187 10.90 -27.74 7.43
C PRO B 187 11.66 -27.80 6.12
N ARG B 188 11.01 -28.25 5.05
CA ARG B 188 11.65 -28.39 3.74
C ARG B 188 10.59 -28.24 2.66
N SER B 189 10.85 -27.38 1.68
CA SER B 189 9.85 -27.09 0.66
C SER B 189 10.47 -26.83 -0.71
N LEU B 190 9.86 -27.40 -1.75
CA LEU B 190 10.17 -27.03 -3.12
C LEU B 190 9.06 -26.14 -3.63
N VAL B 191 9.41 -25.01 -4.21
CA VAL B 191 8.42 -24.02 -4.66
C VAL B 191 8.29 -24.05 -6.18
N LEU B 192 7.06 -24.23 -6.64
CA LEU B 192 6.80 -24.55 -8.04
C LEU B 192 6.44 -23.31 -8.85
N ILE B 193 6.98 -22.17 -8.42
CA ILE B 193 6.90 -20.93 -9.19
C ILE B 193 8.30 -20.35 -9.26
N PRO B 194 8.58 -19.54 -10.28
CA PRO B 194 9.89 -18.89 -10.30
C PRO B 194 10.01 -17.89 -9.15
N LYS B 195 11.22 -17.75 -8.60
CA LYS B 195 11.47 -16.85 -7.48
C LYS B 195 11.05 -15.42 -7.81
N ALA B 196 11.15 -15.04 -9.08
CA ALA B 196 10.76 -13.70 -9.52
C ALA B 196 9.30 -13.37 -9.18
N LEU B 197 8.45 -14.38 -9.14
CA LEU B 197 7.04 -14.18 -8.86
C LEU B 197 6.70 -14.33 -7.36
N GLN B 198 7.74 -14.51 -6.55
CA GLN B 198 7.56 -14.57 -5.09
C GLN B 198 7.74 -13.19 -4.47
N PRO B 199 6.71 -12.69 -3.79
CA PRO B 199 6.85 -11.42 -3.08
C PRO B 199 7.86 -11.54 -1.95
N HIS B 200 8.59 -10.47 -1.67
CA HIS B 200 9.57 -10.48 -0.57
C HIS B 200 10.55 -11.64 -0.69
N ALA B 201 10.97 -11.93 -1.92
CA ALA B 201 11.80 -13.11 -2.18
C ALA B 201 13.13 -13.14 -1.43
N ASP B 202 13.74 -11.98 -1.22
CA ASP B 202 15.04 -11.94 -0.57
C ASP B 202 14.97 -12.36 0.91
N ARG B 203 13.77 -12.37 1.48
CA ARG B 203 13.60 -12.78 2.86
C ARG B 203 13.05 -14.20 3.01
N VAL B 204 12.86 -14.90 1.89
CA VAL B 204 12.47 -16.30 1.99
C VAL B 204 13.68 -17.14 2.43
N ASP B 205 13.48 -17.96 3.46
CA ASP B 205 14.55 -18.76 4.05
C ASP B 205 15.08 -19.81 3.06
N GLU B 206 16.29 -19.58 2.55
CA GLU B 206 16.82 -20.40 1.45
C GLU B 206 17.17 -21.84 1.84
N ASP B 207 17.39 -22.12 3.12
CA ASP B 207 17.71 -23.49 3.56
C ASP B 207 16.45 -24.33 3.67
N VAL B 208 15.32 -23.68 3.88
CA VAL B 208 14.04 -24.37 3.92
C VAL B 208 13.48 -24.51 2.51
N TYR B 209 13.44 -23.40 1.79
CA TYR B 209 12.77 -23.34 0.48
C TYR B 209 13.74 -23.31 -0.69
N THR B 210 13.48 -24.15 -1.68
CA THR B 210 14.18 -24.07 -2.97
C THR B 210 13.18 -23.81 -4.08
N PHE B 211 13.44 -22.79 -4.88
CA PHE B 211 12.56 -22.45 -5.99
C PHE B 211 12.95 -23.23 -7.23
N VAL B 212 12.06 -24.09 -7.70
CA VAL B 212 12.37 -24.88 -8.89
C VAL B 212 11.50 -24.47 -10.06
N GLY B 213 10.46 -23.70 -9.78
CA GLY B 213 9.54 -23.23 -10.81
C GLY B 213 8.59 -24.30 -11.32
N ALA B 214 8.03 -24.04 -12.50
CA ALA B 214 7.06 -24.92 -13.11
C ALA B 214 7.67 -26.25 -13.58
N CYS B 215 7.04 -27.36 -13.13
CA CYS B 215 7.11 -28.70 -13.74
C CYS B 215 5.95 -28.83 -14.68
N GLN B 216 6.17 -28.54 -15.95
CA GLN B 216 5.16 -28.81 -16.95
C GLN B 216 5.40 -30.23 -17.49
N GLY B 217 5.01 -30.44 -18.73
CA GLY B 217 5.38 -31.66 -19.41
C GLY B 217 6.35 -31.34 -20.53
N ASP B 218 6.85 -32.36 -21.22
CA ASP B 218 7.52 -32.07 -22.49
C ASP B 218 6.53 -31.34 -23.37
N ARG B 219 6.89 -30.17 -23.86
CA ARG B 219 6.04 -29.48 -24.82
C ARG B 219 6.50 -29.71 -26.26
N ALA B 220 7.63 -30.42 -26.41
CA ALA B 220 8.16 -30.71 -27.74
C ALA B 220 7.30 -31.72 -28.48
N GLU B 221 6.12 -31.29 -28.88
CA GLU B 221 5.13 -32.15 -29.48
C GLU B 221 3.96 -31.27 -29.91
N GLU B 222 3.64 -30.27 -29.09
CA GLU B 222 2.60 -29.29 -29.43
C GLU B 222 2.73 -28.66 -30.83
N GLY B 223 3.74 -29.10 -31.59
CA GLY B 223 4.13 -28.45 -32.82
C GLY B 223 5.14 -27.35 -32.50
N GLY B 224 5.58 -26.63 -33.53
CA GLY B 224 6.50 -25.50 -33.37
C GLY B 224 5.99 -24.29 -34.12
N TRP B 225 6.84 -23.29 -34.33
CA TRP B 225 6.36 -22.02 -34.91
C TRP B 225 7.47 -21.16 -35.49
N GLN B 226 7.39 -20.85 -36.79
CA GLN B 226 8.34 -19.91 -37.37
C GLN B 226 7.68 -18.58 -37.70
N ARG B 227 8.20 -17.50 -37.12
CA ARG B 227 7.84 -16.16 -37.55
C ARG B 227 8.04 -16.05 -39.06
N PRO B 228 7.55 -14.96 -39.67
CA PRO B 228 8.01 -14.68 -41.02
C PRO B 228 9.08 -13.58 -41.02
N ALA B 229 10.25 -13.86 -41.62
CA ALA B 229 11.35 -12.90 -41.68
C ALA B 229 11.04 -11.61 -42.47
N GLY B 230 9.85 -11.05 -42.26
CA GLY B 230 9.48 -9.78 -42.85
C GLY B 230 8.79 -8.95 -41.79
N ALA B 231 9.24 -9.13 -40.55
CA ALA B 231 8.65 -8.46 -39.41
C ALA B 231 9.71 -7.92 -38.47
N GLU B 232 9.29 -7.25 -37.41
CA GLU B 232 10.20 -6.92 -36.34
C GLU B 232 9.60 -7.48 -35.08
N LYS B 233 8.32 -7.20 -34.92
CA LYS B 233 7.66 -7.37 -33.63
C LYS B 233 6.45 -8.29 -33.78
N VAL B 234 6.61 -9.50 -33.24
CA VAL B 234 5.57 -10.50 -33.19
C VAL B 234 4.91 -10.45 -31.83
N VAL B 235 3.63 -10.10 -31.79
CA VAL B 235 2.90 -10.07 -30.52
C VAL B 235 1.93 -11.23 -30.41
N LEU B 236 1.98 -11.94 -29.28
CA LEU B 236 1.04 -13.01 -29.02
C LEU B 236 0.01 -12.52 -28.03
N VAL B 237 -1.27 -12.67 -28.38
CA VAL B 237 -2.35 -12.37 -27.46
C VAL B 237 -2.98 -13.69 -27.04
N SER B 238 -2.88 -13.99 -25.75
CA SER B 238 -3.44 -15.25 -25.25
C SER B 238 -3.97 -15.02 -23.85
N LEU B 239 -5.28 -15.17 -23.67
CA LEU B 239 -5.85 -15.02 -22.35
C LEU B 239 -5.98 -16.39 -21.74
N GLY B 240 -5.12 -17.30 -22.15
CA GLY B 240 -5.15 -18.67 -21.63
C GLY B 240 -6.14 -19.51 -22.41
N SER B 241 -6.69 -20.52 -21.75
CA SER B 241 -7.70 -21.36 -22.40
C SER B 241 -9.05 -21.22 -21.69
N ALA B 242 -9.19 -20.16 -20.91
CA ALA B 242 -10.39 -19.94 -20.12
C ALA B 242 -11.13 -18.62 -20.39
N PHE B 243 -10.59 -17.53 -19.84
CA PHE B 243 -11.35 -16.30 -19.68
C PHE B 243 -11.24 -15.41 -20.89
N THR B 244 -11.87 -15.82 -21.98
CA THR B 244 -11.55 -15.26 -23.27
C THR B 244 -12.73 -14.71 -24.07
N LYS B 245 -13.92 -14.68 -23.50
CA LYS B 245 -15.04 -14.16 -24.28
C LYS B 245 -14.96 -12.63 -24.38
N GLN B 246 -13.87 -12.16 -25.00
CA GLN B 246 -13.57 -10.74 -25.09
C GLN B 246 -13.45 -10.30 -26.54
N PRO B 247 -14.56 -10.33 -27.30
CA PRO B 247 -14.40 -9.97 -28.70
C PRO B 247 -14.08 -8.49 -28.90
N ALA B 248 -14.69 -7.63 -28.09
CA ALA B 248 -14.36 -6.21 -28.17
C ALA B 248 -12.87 -6.01 -27.87
N PHE B 249 -12.38 -6.67 -26.82
CA PHE B 249 -10.95 -6.60 -26.49
C PHE B 249 -10.09 -7.18 -27.61
N TYR B 250 -10.53 -8.31 -28.17
CA TYR B 250 -9.82 -8.85 -29.34
C TYR B 250 -9.88 -7.89 -30.53
N ARG B 251 -11.05 -7.30 -30.77
CA ARG B 251 -11.13 -6.27 -31.80
C ARG B 251 -10.25 -5.11 -31.38
N GLU B 252 -10.20 -4.85 -30.09
CA GLU B 252 -9.29 -3.82 -29.60
C GLU B 252 -7.86 -4.29 -29.83
N CYS B 253 -7.63 -5.60 -29.72
CA CYS B 253 -6.32 -6.15 -30.04
C CYS B 253 -6.05 -6.13 -31.53
N VAL B 254 -7.05 -6.51 -32.33
CA VAL B 254 -6.91 -6.44 -33.78
C VAL B 254 -6.56 -5.03 -34.22
N ARG B 255 -7.27 -4.05 -33.68
CA ARG B 255 -7.02 -2.67 -34.11
C ARG B 255 -5.74 -2.08 -33.53
N ALA B 256 -5.37 -2.51 -32.34
CA ALA B 256 -4.10 -2.10 -31.75
C ALA B 256 -2.93 -2.39 -32.70
N PHE B 257 -2.91 -3.58 -33.27
CA PHE B 257 -1.76 -3.99 -34.08
C PHE B 257 -2.05 -4.16 -35.57
N GLY B 258 -3.30 -3.99 -35.96
CA GLY B 258 -3.68 -4.12 -37.35
C GLY B 258 -2.94 -3.12 -38.23
N ASN B 259 -2.22 -3.63 -39.23
CA ASN B 259 -1.60 -2.80 -40.26
C ASN B 259 -0.47 -1.92 -39.73
N LEU B 260 0.21 -2.39 -38.68
CA LEU B 260 1.35 -1.69 -38.12
C LEU B 260 2.62 -2.18 -38.83
N PRO B 261 3.27 -1.29 -39.62
CA PRO B 261 4.38 -1.63 -40.51
C PRO B 261 5.44 -2.56 -39.90
N GLY B 262 5.70 -3.70 -40.55
CA GLY B 262 6.67 -4.65 -40.05
C GLY B 262 6.07 -5.63 -39.07
N TRP B 263 5.53 -5.09 -37.98
CA TRP B 263 4.77 -5.84 -36.98
C TRP B 263 3.90 -6.97 -37.50
N HIS B 264 3.77 -8.01 -36.68
CA HIS B 264 2.84 -9.09 -36.94
C HIS B 264 2.17 -9.50 -35.64
N LEU B 265 0.85 -9.73 -35.69
CA LEU B 265 0.07 -10.14 -34.52
C LEU B 265 -0.42 -11.59 -34.61
N VAL B 266 -0.42 -12.29 -33.48
CA VAL B 266 -0.99 -13.63 -33.40
C VAL B 266 -2.07 -13.61 -32.32
N LEU B 267 -3.32 -13.86 -32.73
CA LEU B 267 -4.47 -13.81 -31.83
C LEU B 267 -4.95 -15.20 -31.43
N GLN B 268 -5.10 -15.41 -30.12
CA GLN B 268 -5.51 -16.70 -29.59
C GLN B 268 -6.85 -16.52 -28.91
N ILE B 269 -7.93 -16.80 -29.63
CA ILE B 269 -9.27 -16.41 -29.17
C ILE B 269 -10.13 -17.51 -28.54
N GLY B 270 -9.61 -18.73 -28.43
CA GLY B 270 -10.34 -19.79 -27.76
C GLY B 270 -11.48 -20.35 -28.59
N ARG B 271 -12.59 -20.73 -27.94
CA ARG B 271 -13.69 -21.37 -28.67
C ARG B 271 -15.04 -20.72 -28.51
N LYS B 272 -15.23 -20.00 -27.42
CA LYS B 272 -16.49 -19.32 -27.15
C LYS B 272 -16.55 -18.05 -28.00
N VAL B 273 -15.46 -17.79 -28.71
CA VAL B 273 -15.41 -16.71 -29.69
C VAL B 273 -15.07 -17.32 -31.04
N THR B 274 -15.91 -17.04 -32.05
CA THR B 274 -15.62 -17.46 -33.40
C THR B 274 -14.85 -16.34 -34.12
N PRO B 275 -13.90 -16.71 -35.01
CA PRO B 275 -13.06 -15.70 -35.65
C PRO B 275 -13.84 -14.59 -36.35
N ALA B 276 -14.95 -14.94 -37.00
CA ALA B 276 -15.67 -13.99 -37.84
C ALA B 276 -16.11 -12.73 -37.11
N GLU B 277 -16.10 -12.80 -35.79
CA GLU B 277 -16.33 -11.65 -34.96
C GLU B 277 -15.48 -10.46 -35.36
N LEU B 278 -14.19 -10.68 -35.59
CA LEU B 278 -13.22 -9.61 -35.81
C LEU B 278 -13.39 -8.90 -37.17
N GLY B 279 -14.00 -9.58 -38.14
CA GLY B 279 -14.38 -8.98 -39.42
C GLY B 279 -13.64 -9.50 -40.65
N GLU B 280 -12.83 -8.61 -41.23
CA GLU B 280 -11.81 -8.97 -42.19
C GLU B 280 -10.50 -8.65 -41.47
N LEU B 281 -9.57 -9.61 -41.46
CA LEU B 281 -8.31 -9.42 -40.75
C LEU B 281 -7.25 -8.88 -41.69
N PRO B 282 -6.42 -7.93 -41.21
CA PRO B 282 -5.35 -7.35 -42.02
C PRO B 282 -4.33 -8.42 -42.40
N ASP B 283 -3.44 -8.09 -43.33
CA ASP B 283 -2.41 -9.01 -43.76
C ASP B 283 -1.64 -9.54 -42.55
N ASN B 284 -1.27 -8.64 -41.66
CA ASN B 284 -0.35 -8.94 -40.55
C ASN B 284 -1.01 -9.50 -39.30
N VAL B 285 -2.20 -10.10 -39.43
CA VAL B 285 -2.89 -10.67 -38.27
C VAL B 285 -3.46 -12.07 -38.48
N GLU B 286 -2.78 -13.07 -37.95
CA GLU B 286 -3.29 -14.43 -37.98
C GLU B 286 -4.05 -14.72 -36.69
N VAL B 287 -5.24 -15.27 -36.84
CA VAL B 287 -6.05 -15.64 -35.69
C VAL B 287 -6.19 -17.15 -35.66
N HIS B 288 -6.02 -17.72 -34.47
CA HIS B 288 -6.14 -19.15 -34.23
C HIS B 288 -7.10 -19.35 -33.07
N ASP B 289 -7.59 -20.57 -32.91
CA ASP B 289 -8.33 -20.94 -31.70
C ASP B 289 -7.43 -21.49 -30.57
N TRP B 290 -6.55 -22.42 -30.91
CA TRP B 290 -5.58 -22.95 -29.95
C TRP B 290 -4.17 -22.98 -30.57
N VAL B 291 -3.20 -22.41 -29.85
CA VAL B 291 -1.89 -22.10 -30.44
C VAL B 291 -0.70 -22.68 -29.67
N PRO B 292 0.43 -22.92 -30.37
CA PRO B 292 1.63 -23.45 -29.70
C PRO B 292 2.29 -22.35 -28.89
N GLN B 293 1.78 -22.09 -27.69
CA GLN B 293 2.16 -20.88 -26.97
C GLN B 293 3.63 -20.80 -26.54
N LEU B 294 4.17 -21.90 -26.02
CA LEU B 294 5.58 -21.85 -25.62
C LEU B 294 6.45 -21.66 -26.86
N ALA B 295 6.08 -22.35 -27.94
CA ALA B 295 6.82 -22.28 -29.20
C ALA B 295 6.78 -20.87 -29.80
N ILE B 296 5.62 -20.23 -29.71
CA ILE B 296 5.48 -18.85 -30.18
C ILE B 296 6.19 -17.87 -29.25
N LEU B 297 6.13 -18.10 -27.94
CA LEU B 297 6.73 -17.17 -26.97
C LEU B 297 8.26 -17.14 -27.04
N ARG B 298 8.88 -18.28 -27.28
CA ARG B 298 10.33 -18.31 -27.36
C ARG B 298 10.76 -17.34 -28.44
N GLN B 299 9.94 -17.22 -29.48
CA GLN B 299 10.16 -16.18 -30.48
C GLN B 299 9.01 -15.19 -30.62
N ALA B 300 9.04 -14.18 -29.76
CA ALA B 300 8.15 -13.05 -29.88
C ALA B 300 8.84 -11.83 -29.29
N ASP B 301 8.26 -10.66 -29.48
CA ASP B 301 8.80 -9.44 -28.91
C ASP B 301 7.86 -8.93 -27.81
N LEU B 302 6.63 -9.43 -27.82
CA LEU B 302 5.61 -8.93 -26.89
C LEU B 302 4.52 -9.97 -26.63
N PHE B 303 4.04 -10.03 -25.39
CA PHE B 303 3.06 -11.03 -24.99
C PHE B 303 1.94 -10.33 -24.24
N VAL B 304 0.79 -10.17 -24.90
CA VAL B 304 -0.39 -9.65 -24.24
C VAL B 304 -1.07 -10.84 -23.57
N THR B 305 -0.93 -10.90 -22.24
CA THR B 305 -1.34 -12.05 -21.46
C THR B 305 -2.40 -11.67 -20.44
N HIS B 306 -3.28 -12.60 -20.11
CA HIS B 306 -4.20 -12.37 -19.03
C HIS B 306 -3.45 -12.56 -17.72
N ALA B 307 -2.20 -13.00 -17.81
CA ALA B 307 -1.32 -13.24 -16.67
C ALA B 307 -1.73 -14.42 -15.80
N GLY B 308 -2.14 -15.52 -16.43
CA GLY B 308 -2.34 -16.75 -15.70
C GLY B 308 -1.04 -17.23 -15.07
N ALA B 309 -1.15 -18.18 -14.16
CA ALA B 309 0.02 -18.75 -13.50
C ALA B 309 1.02 -19.32 -14.51
N GLY B 310 0.49 -20.09 -15.46
CA GLY B 310 1.31 -20.65 -16.53
C GLY B 310 1.88 -19.61 -17.48
N GLY B 311 1.03 -18.73 -17.97
CA GLY B 311 1.45 -17.69 -18.89
C GLY B 311 2.45 -16.71 -18.30
N SER B 312 2.28 -16.35 -17.04
CA SER B 312 3.21 -15.44 -16.37
C SER B 312 4.62 -15.98 -16.40
N GLN B 313 4.79 -17.25 -16.04
CA GLN B 313 6.14 -17.79 -15.99
C GLN B 313 6.70 -18.06 -17.39
N GLU B 314 5.82 -18.40 -18.34
CA GLU B 314 6.25 -18.62 -19.72
C GLU B 314 6.80 -17.34 -20.35
N GLY B 315 6.16 -16.21 -20.06
CA GLY B 315 6.62 -14.94 -20.55
C GLY B 315 7.98 -14.59 -19.97
N LEU B 316 8.13 -14.77 -18.66
CA LEU B 316 9.40 -14.53 -18.01
C LEU B 316 10.50 -15.46 -18.54
N ALA B 317 10.17 -16.73 -18.71
CA ALA B 317 11.15 -17.74 -19.04
C ALA B 317 11.64 -17.61 -20.48
N THR B 318 10.90 -16.83 -21.27
CA THR B 318 11.26 -16.56 -22.65
C THR B 318 11.71 -15.11 -22.83
N ALA B 319 11.89 -14.40 -21.72
CA ALA B 319 12.32 -13.00 -21.70
C ALA B 319 11.43 -12.12 -22.58
N THR B 320 10.12 -12.32 -22.46
CA THR B 320 9.18 -11.59 -23.30
C THR B 320 8.43 -10.53 -22.49
N PRO B 321 8.53 -9.25 -22.88
CA PRO B 321 7.80 -8.20 -22.17
C PRO B 321 6.32 -8.49 -22.22
N MET B 322 5.57 -8.08 -21.20
CA MET B 322 4.17 -8.44 -21.13
C MET B 322 3.24 -7.25 -20.94
N ILE B 323 2.10 -7.29 -21.60
CA ILE B 323 0.99 -6.42 -21.26
C ILE B 323 0.03 -7.33 -20.55
N ALA B 324 -0.11 -7.14 -19.24
CA ALA B 324 -0.97 -8.01 -18.46
C ALA B 324 -2.37 -7.42 -18.40
N VAL B 325 -3.32 -8.17 -18.94
CA VAL B 325 -4.72 -7.75 -19.03
C VAL B 325 -5.54 -8.75 -18.23
N PRO B 326 -5.44 -8.71 -16.91
CA PRO B 326 -6.09 -9.71 -16.05
C PRO B 326 -7.60 -9.72 -16.22
N GLN B 327 -8.18 -10.92 -16.17
CA GLN B 327 -9.59 -11.11 -16.44
C GLN B 327 -10.29 -11.48 -15.17
N ALA B 328 -9.78 -12.53 -14.54
CA ALA B 328 -10.45 -13.12 -13.41
C ALA B 328 -9.70 -12.92 -12.12
N VAL B 329 -10.29 -13.44 -11.07
CA VAL B 329 -9.98 -13.11 -9.69
C VAL B 329 -8.52 -13.31 -9.26
N ASP B 330 -7.81 -14.22 -9.92
CA ASP B 330 -6.48 -14.60 -9.48
C ASP B 330 -5.37 -13.96 -10.34
N GLN B 331 -5.77 -13.38 -11.47
CA GLN B 331 -4.80 -12.82 -12.41
C GLN B 331 -4.37 -11.40 -12.10
N PHE B 332 -5.14 -10.70 -11.26
CA PHE B 332 -4.79 -9.34 -10.91
C PHE B 332 -3.48 -9.38 -10.12
N GLY B 333 -3.42 -10.26 -9.14
CA GLY B 333 -2.22 -10.43 -8.32
C GLY B 333 -0.99 -10.71 -9.16
N ASN B 334 -1.11 -11.69 -10.04
CA ASN B 334 -0.01 -12.05 -10.92
C ASN B 334 0.42 -10.87 -11.80
N ALA B 335 -0.55 -10.11 -12.30
CA ALA B 335 -0.27 -8.92 -13.10
C ALA B 335 0.54 -7.90 -12.29
N ASP B 336 0.20 -7.74 -11.03
CA ASP B 336 0.96 -6.82 -10.18
C ASP B 336 2.41 -7.28 -9.96
N MET B 337 2.61 -8.59 -9.73
CA MET B 337 3.98 -9.11 -9.62
C MET B 337 4.78 -8.77 -10.88
N LEU B 338 4.19 -9.00 -12.05
CA LEU B 338 4.87 -8.74 -13.32
C LEU B 338 5.18 -7.26 -13.51
N GLN B 339 4.21 -6.40 -13.21
CA GLN B 339 4.45 -4.98 -13.37
C GLN B 339 5.48 -4.50 -12.36
N GLY B 340 5.42 -5.03 -11.15
CA GLY B 340 6.36 -4.66 -10.10
C GLY B 340 7.79 -5.01 -10.45
N LEU B 341 7.96 -6.06 -11.23
CA LEU B 341 9.28 -6.47 -11.70
C LEU B 341 9.86 -5.51 -12.73
N GLY B 342 9.02 -4.65 -13.29
CA GLY B 342 9.45 -3.72 -14.30
C GLY B 342 9.61 -4.39 -15.66
N VAL B 343 8.83 -5.45 -15.87
CA VAL B 343 8.90 -6.18 -17.14
C VAL B 343 7.54 -6.24 -17.84
N ALA B 344 6.58 -5.49 -17.33
CA ALA B 344 5.22 -5.57 -17.83
C ALA B 344 4.38 -4.34 -17.46
N ARG B 345 3.26 -4.16 -18.17
CA ARG B 345 2.25 -3.21 -17.76
C ARG B 345 0.94 -3.93 -17.53
N LYS B 346 0.30 -3.65 -16.41
CA LYS B 346 -1.01 -4.18 -16.14
C LYS B 346 -2.06 -3.21 -16.65
N LEU B 347 -3.13 -3.74 -17.23
CA LEU B 347 -4.23 -2.93 -17.74
C LEU B 347 -5.55 -3.63 -17.50
N ALA B 348 -6.53 -2.88 -17.01
CA ALA B 348 -7.91 -3.36 -17.02
C ALA B 348 -8.37 -3.57 -18.46
N THR B 349 -9.06 -4.68 -18.71
CA THR B 349 -9.53 -5.00 -20.05
C THR B 349 -10.46 -3.91 -20.52
N GLU B 350 -11.42 -3.59 -19.67
CA GLU B 350 -12.41 -2.55 -19.93
C GLU B 350 -11.74 -1.34 -20.55
N GLU B 351 -10.53 -1.01 -20.08
CA GLU B 351 -9.77 0.07 -20.70
C GLU B 351 -8.42 -0.34 -21.31
N ALA B 352 -8.38 -1.50 -21.94
CA ALA B 352 -7.26 -1.86 -22.81
C ALA B 352 -7.68 -1.64 -24.25
N THR B 353 -7.41 -0.43 -24.77
CA THR B 353 -7.94 0.05 -26.04
C THR B 353 -6.86 0.16 -27.11
N ALA B 354 -7.27 0.25 -28.38
CA ALA B 354 -6.33 0.16 -29.49
C ALA B 354 -5.06 1.00 -29.34
N ASP B 355 -5.19 2.24 -28.87
CA ASP B 355 -4.03 3.12 -28.74
C ASP B 355 -3.17 2.77 -27.51
N LEU B 356 -3.81 2.62 -26.36
CA LEU B 356 -3.09 2.34 -25.12
C LEU B 356 -2.36 1.00 -25.21
N LEU B 357 -2.98 0.00 -25.84
CA LEU B 357 -2.27 -1.25 -26.09
C LEU B 357 -1.08 -1.02 -27.04
N ARG B 358 -1.32 -0.33 -28.14
CA ARG B 358 -0.34 -0.09 -29.22
C ARG B 358 0.87 0.74 -28.80
N GLU B 359 0.58 1.92 -28.27
CA GLU B 359 1.57 2.79 -27.63
C GLU B 359 2.42 2.01 -26.62
N THR B 360 1.77 1.35 -25.68
CA THR B 360 2.45 0.52 -24.70
C THR B 360 3.37 -0.48 -25.38
N ALA B 361 2.98 -0.95 -26.56
CA ALA B 361 3.76 -1.95 -27.29
C ALA B 361 5.09 -1.42 -27.78
N LEU B 362 5.04 -0.41 -28.66
CA LEU B 362 6.22 0.23 -29.21
C LEU B 362 7.17 0.68 -28.10
N ALA B 363 6.58 1.14 -27.00
CA ALA B 363 7.33 1.74 -25.89
C ALA B 363 7.88 0.70 -24.92
N LEU B 364 7.33 -0.52 -24.97
CA LEU B 364 7.82 -1.59 -24.12
C LEU B 364 8.95 -2.34 -24.83
N VAL B 365 8.76 -2.59 -26.12
CA VAL B 365 9.72 -3.40 -26.86
C VAL B 365 11.02 -2.65 -27.13
N ASP B 366 11.04 -1.36 -26.86
CA ASP B 366 12.26 -0.61 -27.12
C ASP B 366 12.96 -0.16 -25.83
N ASP B 367 12.38 -0.55 -24.70
CA ASP B 367 12.93 -0.22 -23.40
C ASP B 367 14.09 -1.16 -23.04
N PRO B 368 15.31 -0.61 -22.94
CA PRO B 368 16.48 -1.46 -22.68
C PRO B 368 16.48 -2.04 -21.28
N GLU B 369 15.92 -1.32 -20.31
CA GLU B 369 15.90 -1.80 -18.94
C GLU B 369 14.93 -2.97 -18.76
N VAL B 370 13.77 -2.88 -19.41
CA VAL B 370 12.86 -4.01 -19.46
C VAL B 370 13.59 -5.24 -20.00
N ALA B 371 14.36 -5.04 -21.07
CA ALA B 371 15.12 -6.15 -21.66
C ALA B 371 16.17 -6.71 -20.72
N ARG B 372 16.96 -5.83 -20.12
CA ARG B 372 18.00 -6.26 -19.19
C ARG B 372 17.40 -7.00 -18.00
N ARG B 373 16.23 -6.57 -17.55
CA ARG B 373 15.56 -7.25 -16.44
C ARG B 373 15.04 -8.63 -16.85
N LEU B 374 14.43 -8.72 -18.02
CA LEU B 374 13.90 -9.97 -18.51
C LEU B 374 14.99 -11.01 -18.77
N ARG B 375 16.14 -10.56 -19.28
CA ARG B 375 17.24 -11.49 -19.50
C ARG B 375 17.76 -12.03 -18.18
N ARG B 376 17.87 -11.16 -17.20
CA ARG B 376 18.31 -11.54 -15.86
C ARG B 376 17.37 -12.57 -15.22
N ILE B 377 16.06 -12.38 -15.37
CA ILE B 377 15.08 -13.32 -14.86
C ILE B 377 15.12 -14.64 -15.62
N GLN B 378 15.22 -14.56 -16.95
CA GLN B 378 15.31 -15.74 -17.78
C GLN B 378 16.52 -16.57 -17.38
N ALA B 379 17.63 -15.89 -17.12
CA ALA B 379 18.84 -16.56 -16.67
C ALA B 379 18.70 -17.22 -15.29
N GLU B 380 17.93 -16.57 -14.41
CA GLU B 380 17.68 -17.10 -13.07
C GLU B 380 16.79 -18.34 -13.16
N MET B 381 15.75 -18.28 -14.00
CA MET B 381 14.84 -19.41 -14.17
C MET B 381 15.53 -20.58 -14.85
N ALA B 382 16.47 -20.28 -15.74
CA ALA B 382 17.20 -21.31 -16.45
C ALA B 382 18.12 -22.10 -15.52
N GLN B 383 18.21 -21.67 -14.26
CA GLN B 383 18.98 -22.40 -13.26
C GLN B 383 18.11 -22.99 -12.16
N GLU B 384 16.85 -22.58 -12.10
CA GLU B 384 15.95 -23.11 -11.07
C GLU B 384 15.83 -24.63 -11.18
N GLY B 385 15.73 -25.13 -12.41
CA GLY B 385 15.93 -26.55 -12.67
C GLY B 385 14.70 -27.34 -13.07
N GLY B 386 13.53 -26.82 -12.72
CA GLY B 386 12.27 -27.43 -13.13
C GLY B 386 12.07 -28.86 -12.65
N THR B 387 11.41 -29.65 -13.49
CA THR B 387 11.00 -31.01 -13.12
C THR B 387 12.17 -31.90 -12.68
N ARG B 388 13.26 -31.89 -13.45
CA ARG B 388 14.39 -32.76 -13.15
C ARG B 388 15.12 -32.37 -11.86
N ARG B 389 15.24 -31.07 -11.58
CA ARG B 389 15.92 -30.67 -10.36
C ARG B 389 15.03 -30.95 -9.15
N ALA B 390 13.72 -30.75 -9.33
CA ALA B 390 12.79 -31.05 -8.25
C ALA B 390 12.93 -32.52 -7.87
N ALA B 391 12.94 -33.39 -8.87
CA ALA B 391 13.11 -34.81 -8.61
C ALA B 391 14.47 -35.10 -8.00
N ASP B 392 15.51 -34.40 -8.46
CA ASP B 392 16.84 -34.51 -7.87
C ASP B 392 16.86 -34.12 -6.39
N LEU B 393 16.20 -33.01 -6.07
CA LEU B 393 16.25 -32.47 -4.71
C LEU B 393 15.44 -33.34 -3.76
N ILE B 394 14.41 -33.98 -4.29
CA ILE B 394 13.66 -34.94 -3.49
C ILE B 394 14.52 -36.17 -3.20
N GLU B 395 15.24 -36.64 -4.21
CA GLU B 395 16.13 -37.79 -4.00
C GLU B 395 17.22 -37.45 -2.98
N ALA B 396 17.67 -36.19 -2.98
CA ALA B 396 18.63 -35.73 -1.99
C ALA B 396 18.10 -35.91 -0.57
N GLU B 397 16.79 -36.00 -0.44
CA GLU B 397 16.14 -36.12 0.88
C GLU B 397 15.83 -37.56 1.31
N LEU B 398 16.07 -38.51 0.42
CA LEU B 398 15.93 -39.92 0.80
C LEU B 398 16.92 -40.21 1.92
N PRO B 399 16.56 -41.11 2.86
CA PRO B 399 17.42 -41.35 4.03
C PRO B 399 18.72 -42.03 3.63
C10 ERY C . 6.14 11.48 4.69
C11 ERY C . 7.03 12.69 4.56
C12 ERY C . 6.63 13.68 3.45
C13 ERY C . 7.42 14.97 3.67
O2 ERY C . 6.80 15.65 4.75
C2 ERY C . 6.83 16.51 7.04
C3 ERY C . 6.90 15.68 8.32
C4 ERY C . 5.74 14.72 8.30
C5 ERY C . 5.90 13.57 9.33
C6 ERY C . 6.35 12.30 8.60
C7 ERY C . 5.19 11.73 7.76
C8 ERY C . 5.58 10.41 7.04
C9 ERY C . 6.55 10.63 5.89
O11 ERY C . 7.65 10.10 5.91
C1 ERY C . 7.55 15.73 5.96
O1 ERY C . 8.76 15.60 5.95
O3 ERY C . 6.82 16.50 9.47
O7 ERY C . 4.66 13.34 9.98
C34 ERY C . 6.25 10.58 3.46
C33 ERY C . 4.34 9.74 6.52
C35 ERY C . 5.16 13.98 3.54
O12 ERY C . 8.37 12.25 4.34
O13 ERY C . 6.92 13.22 2.18
C36 ERY C . 7.35 15.91 2.49
C30 ERY C . 7.46 17.88 7.07
C32 ERY C . 6.83 11.25 9.57
O10 ERY C . 7.41 12.62 7.76
C22 ERY C . 4.64 13.57 11.41
C23 ERY C . 3.20 13.58 11.93
C24 ERY C . 3.18 13.62 13.45
C25 ERY C . 4.08 12.51 13.99
C26 ERY C . 5.48 12.65 13.41
O9 ERY C . 5.38 12.58 12.02
N1 ERY C . 1.81 13.54 13.95
C27 ERY C . 6.37 11.53 13.88
O8 ERY C . 2.54 14.72 11.47
C28 ERY C . 1.80 13.58 15.42
C14 ERY C . 8.08 16.79 10.08
C15 ERY C . 7.83 17.90 11.12
C16 ERY C . 7.20 17.35 12.41
C17 ERY C . 8.06 16.22 12.89
C18 ERY C . 8.05 15.13 11.84
O4 ERY C . 8.63 15.63 10.62
O5 ERY C . 5.86 16.90 12.14
O6 ERY C . 7.56 15.76 14.14
C20 ERY C . 4.89 17.94 11.92
C29 ERY C . 1.11 12.37 13.50
C21 ERY C . 8.89 13.97 12.29
C37 ERY C . 7.98 17.27 2.89
C31 ERY C . 4.45 15.53 8.56
C19 ERY C . 7.18 18.43 13.44
N1 UDP D . -6.63 28.39 19.96
C2 UDP D . -7.68 29.16 20.41
N3 UDP D . -7.68 29.62 21.72
C4 UDP D . -6.65 29.30 22.58
C5 UDP D . -5.61 28.51 22.11
C6 UDP D . -5.70 27.94 20.85
O2 UDP D . -8.60 29.46 19.65
O4 UDP D . -6.64 29.69 23.75
C1' UDP D . -6.61 27.88 18.57
C2' UDP D . -5.72 28.74 17.69
O2' UDP D . -6.46 29.77 17.07
C3' UDP D . -5.18 27.73 16.70
C4' UDP D . -5.15 26.43 17.48
O4' UDP D . -6.03 26.59 18.57
O3' UDP D . -6.06 27.61 15.61
C5' UDP D . -3.76 26.10 17.98
O5' UDP D . -2.98 25.59 16.92
PA UDP D . -1.42 25.96 16.79
O1A UDP D . -0.84 25.21 15.65
O2A UDP D . -1.27 27.43 16.68
O3A UDP D . -0.69 25.53 18.15
PB UDP D . -0.65 24.06 18.78
O1B UDP D . -1.58 24.05 19.93
O2B UDP D . 0.74 23.84 19.23
O3B UDP D . -1.05 23.04 17.79
C10 ERY E . -2.20 -23.07 4.04
C11 ERY E . -1.64 -21.67 3.86
C12 ERY E . -0.14 -21.65 3.49
C13 ERY E . 0.19 -20.27 2.92
O2 ERY E . -0.20 -20.23 1.55
C2 ERY E . -1.76 -19.51 -0.27
C3 ERY E . -3.29 -19.71 -0.37
C4 ERY E . -3.57 -21.17 -0.25
C5 ERY E . -5.04 -21.46 0.14
C6 ERY E . -5.10 -21.89 1.61
C7 ERY E . -4.53 -23.31 1.77
C8 ERY E . -4.62 -23.84 3.23
C9 ERY E . -3.73 -23.07 4.19
O11 ERY E . -4.24 -22.45 5.12
C1 ERY E . -1.39 -19.51 1.21
O1 ERY E . -1.82 -18.64 1.95
O3 ERY E . -3.82 -19.26 -1.63
O7 ERY E . -5.66 -22.47 -0.68
C34 ERY E . -1.68 -23.76 5.29
C33 ERY E . -4.24 -25.30 3.25
C35 ERY E . 0.18 -22.71 2.47
O12 ERY E . -1.81 -20.84 5.01
O13 ERY E . 0.62 -21.86 4.64
C36 ERY E . 1.67 -19.96 3.02
C30 ERY E . -1.19 -18.23 -0.81
C32 ERY E . -6.53 -21.81 2.07
O10 ERY E . -4.35 -20.99 2.37
C22 ERY E . -6.58 -21.95 -1.67
C23 ERY E . -6.96 -23.01 -2.72
C24 ERY E . -7.80 -22.32 -3.77
C25 ERY E . -9.01 -21.68 -3.11
C26 ERY E . -8.57 -20.79 -1.93
O9 ERY E . -7.74 -21.50 -1.07
N1 ERY E . -8.18 -23.27 -4.81
C27 ERY E . -9.79 -20.31 -1.19
O8 ERY E . -5.83 -23.56 -3.33
C28 ERY E . -8.76 -24.49 -4.21
C14 ERY E . -4.31 -17.92 -1.68
C15 ERY E . -4.57 -17.53 -3.14
C16 ERY E . -5.98 -17.77 -3.65
C17 ERY E . -6.98 -17.31 -2.65
C18 ERY E . -6.74 -17.98 -1.34
O4 ERY E . -5.41 -17.78 -0.84
O5 ERY E . -6.21 -19.17 -3.92
O6 ERY E . -8.25 -17.70 -3.14
C20 ERY E . -5.15 -19.85 -4.59
C29 ERY E . -9.19 -22.68 -5.65
C21 ERY E . -7.70 -17.42 -0.34
C37 ERY E . 1.99 -18.84 2.00
C31 ERY E . -3.19 -21.87 -1.57
C19 ERY E . -6.24 -16.95 -4.89
N1 UDP F . -1.90 -22.16 -24.00
C2 UDP F . -1.50 -22.75 -25.18
N3 UDP F . -2.10 -22.39 -26.36
C4 UDP F . -3.11 -21.46 -26.35
C5 UDP F . -3.54 -20.87 -25.16
C6 UDP F . -2.98 -21.30 -23.96
O2 UDP F . -0.59 -23.57 -25.17
O4 UDP F . -3.63 -21.17 -27.43
C1' UDP F . -1.25 -22.62 -22.75
C2' UDP F . -0.27 -21.64 -22.13
O2' UDP F . 1.03 -21.92 -22.57
C3' UDP F . -0.38 -22.00 -20.66
C4' UDP F . -1.80 -22.54 -20.50
O4' UDP F . -2.26 -22.86 -21.80
O3' UDP F . 0.51 -23.05 -20.39
C5' UDP F . -2.73 -21.53 -19.85
O5' UDP F . -2.54 -21.62 -18.46
PA UDP F . -2.57 -20.27 -17.58
O1A UDP F . -2.20 -20.60 -16.18
O2A UDP F . -1.68 -19.26 -18.19
O3A UDP F . -4.07 -19.68 -17.74
PB UDP F . -5.49 -20.43 -17.42
O1B UDP F . -6.46 -19.36 -17.07
O2B UDP F . -5.29 -21.37 -16.29
O3B UDP F . -5.92 -21.17 -18.62
MG MG G . 12.11 -14.10 -28.28
N ALA A 8 -20.08 11.13 -9.27
CA ALA A 8 -18.99 11.54 -8.39
C ALA A 8 -19.03 10.84 -7.02
N HIS A 9 -18.30 9.74 -6.89
CA HIS A 9 -18.03 9.15 -5.57
C HIS A 9 -16.61 9.51 -5.19
N ILE A 10 -16.45 10.19 -4.06
CA ILE A 10 -15.12 10.61 -3.61
C ILE A 10 -14.82 9.95 -2.28
N ALA A 11 -13.72 9.20 -2.21
CA ALA A 11 -13.34 8.55 -0.96
C ALA A 11 -12.13 9.25 -0.37
N MET A 12 -12.26 9.70 0.86
CA MET A 12 -11.16 10.35 1.57
C MET A 12 -10.50 9.32 2.49
N PHE A 13 -9.17 9.40 2.60
CA PHE A 13 -8.40 8.50 3.45
C PHE A 13 -7.55 9.33 4.38
N SER A 14 -7.65 9.07 5.68
CA SER A 14 -6.66 9.57 6.61
C SER A 14 -6.46 8.62 7.79
N ILE A 15 -5.76 9.12 8.81
CA ILE A 15 -5.46 8.37 10.02
C ILE A 15 -6.12 9.06 11.20
N ALA A 16 -6.12 8.42 12.37
CA ALA A 16 -6.76 9.01 13.54
C ALA A 16 -5.80 9.94 14.27
N ALA A 17 -5.44 11.04 13.60
CA ALA A 17 -4.58 12.04 14.20
C ALA A 17 -5.20 13.40 13.91
N HIS A 18 -5.33 14.23 14.93
CA HIS A 18 -6.02 15.50 14.77
C HIS A 18 -5.39 16.34 13.66
N GLY A 19 -4.07 16.36 13.61
CA GLY A 19 -3.36 17.18 12.65
C GLY A 19 -3.39 16.68 11.21
N HIS A 20 -4.06 15.55 10.98
CA HIS A 20 -4.20 14.99 9.64
C HIS A 20 -5.66 14.82 9.21
N VAL A 21 -6.58 15.26 10.06
CA VAL A 21 -8.00 15.20 9.74
C VAL A 21 -8.64 16.57 9.90
N ASN A 22 -8.44 17.18 11.05
CA ASN A 22 -8.94 18.52 11.30
C ASN A 22 -8.66 19.51 10.16
N PRO A 23 -7.43 19.51 9.58
CA PRO A 23 -7.16 20.48 8.53
C PRO A 23 -8.03 20.37 7.28
N SER A 24 -8.63 19.21 7.01
CA SER A 24 -9.49 19.09 5.83
C SER A 24 -10.96 18.84 6.14
N LEU A 25 -11.32 18.79 7.43
CA LEU A 25 -12.72 18.53 7.82
C LEU A 25 -13.69 19.46 7.11
N GLU A 26 -13.33 20.73 6.97
CA GLU A 26 -14.24 21.70 6.36
C GLU A 26 -14.26 21.61 4.84
N VAL A 27 -13.23 20.99 4.24
CA VAL A 27 -13.24 20.74 2.80
C VAL A 27 -14.19 19.57 2.54
N ILE A 28 -14.08 18.54 3.37
CA ILE A 28 -14.97 17.38 3.29
C ILE A 28 -16.40 17.86 3.39
N ARG A 29 -16.70 18.63 4.45
CA ARG A 29 -18.04 19.21 4.65
C ARG A 29 -18.56 19.87 3.39
N GLU A 30 -17.71 20.67 2.76
CA GLU A 30 -18.08 21.45 1.61
C GLU A 30 -18.38 20.55 0.42
N LEU A 31 -17.58 19.50 0.24
CA LEU A 31 -17.87 18.49 -0.77
C LEU A 31 -19.24 17.83 -0.56
N VAL A 32 -19.50 17.42 0.67
CA VAL A 32 -20.77 16.79 1.04
C VAL A 32 -21.94 17.75 0.86
N ALA A 33 -21.77 18.96 1.36
CA ALA A 33 -22.83 19.95 1.28
C ALA A 33 -23.14 20.29 -0.17
N ARG A 34 -22.13 20.15 -1.04
CA ARG A 34 -22.28 20.44 -2.46
C ARG A 34 -23.04 19.34 -3.18
N GLY A 35 -23.10 18.16 -2.57
CA GLY A 35 -23.88 17.07 -3.16
C GLY A 35 -23.05 15.88 -3.58
N HIS A 36 -21.82 15.82 -3.11
CA HIS A 36 -20.93 14.73 -3.48
C HIS A 36 -21.14 13.50 -2.62
N ARG A 37 -21.02 12.34 -3.25
CA ARG A 37 -21.03 11.07 -2.53
C ARG A 37 -19.66 10.92 -1.88
N VAL A 38 -19.56 11.32 -0.61
CA VAL A 38 -18.27 11.32 0.07
C VAL A 38 -18.19 10.23 1.14
N THR A 39 -17.23 9.33 0.98
CA THR A 39 -16.90 8.33 1.98
C THR A 39 -15.53 8.68 2.51
N TYR A 40 -15.24 8.27 3.74
CA TYR A 40 -14.03 8.71 4.43
C TYR A 40 -13.44 7.57 5.22
N ALA A 41 -12.44 6.91 4.64
CA ALA A 41 -11.71 5.84 5.32
C ALA A 41 -11.02 6.40 6.55
N ILE A 42 -11.39 5.90 7.72
CA ILE A 42 -10.94 6.49 8.97
C ILE A 42 -10.97 5.43 10.07
N PRO A 43 -10.05 5.51 11.02
CA PRO A 43 -10.09 4.61 12.17
C PRO A 43 -11.32 4.86 13.06
N PRO A 44 -11.69 3.89 13.92
CA PRO A 44 -12.94 3.94 14.68
C PRO A 44 -13.11 5.23 15.45
N VAL A 45 -12.06 5.63 16.16
CA VAL A 45 -12.17 6.72 17.13
C VAL A 45 -12.56 8.05 16.48
N PHE A 46 -12.37 8.16 15.17
CA PHE A 46 -12.66 9.41 14.46
C PHE A 46 -13.88 9.31 13.53
N ALA A 47 -14.71 8.28 13.71
CA ALA A 47 -15.93 8.17 12.92
C ALA A 47 -16.86 9.37 13.12
N ASP A 48 -17.30 9.61 14.36
CA ASP A 48 -18.20 10.71 14.70
C ASP A 48 -17.68 12.01 14.09
N LYS A 49 -16.38 12.23 14.32
CA LYS A 49 -15.62 13.29 13.71
C LYS A 49 -15.92 13.48 12.21
N VAL A 50 -15.50 12.54 11.37
CA VAL A 50 -15.68 12.73 9.93
C VAL A 50 -17.15 12.69 9.47
N ALA A 51 -17.99 11.96 10.20
CA ALA A 51 -19.40 11.86 9.82
C ALA A 51 -20.08 13.21 9.93
N ALA A 52 -19.59 14.03 10.86
CA ALA A 52 -20.14 15.37 11.08
C ALA A 52 -20.10 16.19 9.80
N THR A 53 -19.16 15.85 8.94
CA THR A 53 -19.07 16.51 7.63
C THR A 53 -20.18 16.02 6.73
N GLY A 54 -20.84 14.95 7.14
CA GLY A 54 -21.85 14.32 6.32
C GLY A 54 -21.27 13.09 5.65
N ALA A 55 -19.96 13.10 5.43
CA ALA A 55 -19.27 12.00 4.76
C ALA A 55 -19.52 10.67 5.44
N ARG A 56 -19.62 9.59 4.67
CA ARG A 56 -19.87 8.27 5.24
C ARG A 56 -18.59 7.61 5.72
N PRO A 57 -18.47 7.38 7.04
CA PRO A 57 -17.25 6.78 7.57
C PRO A 57 -17.12 5.30 7.23
N VAL A 58 -15.96 4.93 6.68
CA VAL A 58 -15.63 3.55 6.38
C VAL A 58 -14.48 3.15 7.29
N LEU A 59 -14.77 2.30 8.27
CA LEU A 59 -13.84 2.05 9.37
C LEU A 59 -12.72 1.05 9.06
N TYR A 60 -11.56 1.28 9.66
CA TYR A 60 -10.44 0.35 9.57
C TYR A 60 -9.57 0.43 10.83
N HIS A 61 -9.03 -0.70 11.23
CA HIS A 61 -8.19 -0.76 12.43
C HIS A 61 -6.82 -0.17 12.14
N SER A 62 -6.32 0.63 13.08
CA SER A 62 -5.02 1.29 12.95
C SER A 62 -4.03 0.76 13.96
N THR A 63 -2.76 0.71 13.57
CA THR A 63 -1.69 0.30 14.48
C THR A 63 -0.86 1.50 14.97
N LEU A 64 -1.27 2.70 14.55
CA LEU A 64 -0.56 3.92 14.93
C LEU A 64 -1.03 4.42 16.30
N PRO A 65 -0.26 5.33 16.93
CA PRO A 65 -0.66 5.90 18.23
C PRO A 65 -2.01 6.61 18.16
N GLY A 66 -2.71 6.67 19.29
CA GLY A 66 -3.99 7.35 19.36
C GLY A 66 -3.89 8.85 19.17
N PRO A 67 -5.00 9.47 18.75
CA PRO A 67 -5.11 10.92 18.52
C PRO A 67 -4.79 11.77 19.74
N ASP A 68 -4.80 11.15 20.91
CA ASP A 68 -4.59 11.88 22.15
C ASP A 68 -3.32 11.38 22.85
N ALA A 69 -2.61 10.47 22.21
CA ALA A 69 -1.28 10.08 22.67
C ALA A 69 -0.35 11.28 22.53
N ASP A 70 0.68 11.37 23.37
CA ASP A 70 1.71 12.39 23.18
C ASP A 70 2.45 12.03 21.90
N PRO A 71 3.07 13.02 21.22
CA PRO A 71 3.79 12.69 19.98
C PRO A 71 4.95 11.76 20.29
N GLU A 72 5.28 11.63 21.57
CA GLU A 72 6.32 10.73 22.03
C GLU A 72 6.05 9.35 21.49
N ALA A 73 4.76 8.99 21.47
CA ALA A 73 4.34 7.68 21.00
C ALA A 73 4.69 7.47 19.53
N TRP A 74 4.84 8.58 18.80
CA TRP A 74 5.12 8.53 17.37
C TRP A 74 6.61 8.36 17.07
N GLY A 75 7.42 8.24 18.13
CA GLY A 75 8.84 8.03 17.96
C GLY A 75 9.70 9.29 18.00
N SER A 76 11.00 9.10 18.17
CA SER A 76 11.92 10.21 18.36
C SER A 76 13.21 10.03 17.58
N THR A 77 13.17 9.18 16.55
CA THR A 77 14.29 9.07 15.61
C THR A 77 13.70 9.00 14.21
N LEU A 78 14.53 9.21 13.20
CA LEU A 78 14.06 9.20 11.82
C LEU A 78 13.36 7.89 11.49
N LEU A 79 14.03 6.77 11.75
CA LEU A 79 13.41 5.49 11.45
C LEU A 79 12.20 5.17 12.35
N ASP A 80 12.25 5.56 13.63
CA ASP A 80 11.08 5.34 14.47
C ASP A 80 9.89 6.22 14.06
N ASN A 81 10.17 7.33 13.37
CA ASN A 81 9.10 8.18 12.86
C ASN A 81 8.45 7.58 11.62
N VAL A 82 9.25 7.12 10.67
CA VAL A 82 8.69 6.70 9.38
C VAL A 82 8.20 5.26 9.32
N GLU A 83 8.92 4.35 9.99
CA GLU A 83 8.53 2.94 9.92
C GLU A 83 7.09 2.61 10.31
N PRO A 84 6.54 3.29 11.34
CA PRO A 84 5.15 2.96 11.67
C PRO A 84 4.15 3.21 10.53
N PHE A 85 4.45 4.16 9.65
CA PHE A 85 3.52 4.45 8.57
C PHE A 85 3.51 3.35 7.53
N LEU A 86 4.66 2.71 7.35
CA LEU A 86 4.72 1.56 6.45
C LEU A 86 4.07 0.35 7.11
N ASN A 87 4.33 0.17 8.41
CA ASN A 87 3.69 -0.94 9.13
C ASN A 87 2.17 -0.84 9.13
N ASP A 88 1.65 0.34 9.42
CA ASP A 88 0.19 0.54 9.39
C ASP A 88 -0.36 0.25 7.98
N ALA A 89 0.34 0.76 6.97
CA ALA A 89 -0.08 0.59 5.58
C ALA A 89 -0.21 -0.87 5.19
N ILE A 90 0.76 -1.68 5.60
CA ILE A 90 0.75 -3.10 5.27
C ILE A 90 -0.55 -3.77 5.73
N GLN A 91 -1.00 -3.44 6.94
CA GLN A 91 -2.18 -4.12 7.48
C GLN A 91 -3.48 -3.40 7.12
N ALA A 92 -3.38 -2.13 6.73
CA ALA A 92 -4.56 -1.35 6.37
C ALA A 92 -5.02 -1.61 4.95
N LEU A 93 -4.06 -1.77 4.05
CA LEU A 93 -4.35 -1.84 2.63
C LEU A 93 -5.35 -2.95 2.28
N PRO A 94 -5.13 -4.18 2.77
CA PRO A 94 -6.17 -5.17 2.46
C PRO A 94 -7.51 -4.88 3.14
N GLN A 95 -7.53 -4.41 4.39
CA GLN A 95 -8.81 -4.07 5.02
C GLN A 95 -9.53 -3.06 4.15
N LEU A 96 -8.79 -2.11 3.60
CA LEU A 96 -9.40 -1.09 2.77
C LEU A 96 -9.70 -1.60 1.36
N ALA A 97 -8.86 -2.50 0.87
CA ALA A 97 -9.18 -3.17 -0.38
C ALA A 97 -10.40 -4.04 -0.15
N ASP A 98 -10.30 -4.90 0.87
CA ASP A 98 -11.33 -5.92 1.16
C ASP A 98 -12.58 -5.38 1.85
N ALA A 99 -12.68 -4.05 1.93
CA ALA A 99 -13.89 -3.38 2.44
C ALA A 99 -14.33 -2.24 1.54
N TYR A 100 -13.70 -2.12 0.37
CA TYR A 100 -14.07 -1.12 -0.63
C TYR A 100 -14.38 -1.76 -2.00
N ALA A 101 -14.16 -3.06 -2.12
CA ALA A 101 -14.21 -3.72 -3.43
C ALA A 101 -15.59 -3.70 -4.09
N ASP A 102 -16.65 -3.65 -3.28
CA ASP A 102 -17.99 -3.71 -3.83
C ASP A 102 -18.52 -2.30 -4.13
N ASP A 103 -17.74 -1.28 -3.77
CA ASP A 103 -18.12 0.12 -4.04
C ASP A 103 -16.93 1.05 -4.29
N ILE A 104 -16.27 0.84 -5.43
CA ILE A 104 -15.07 1.57 -5.80
C ILE A 104 -15.33 3.04 -6.11
N PRO A 105 -14.68 3.95 -5.37
CA PRO A 105 -14.91 5.38 -5.54
C PRO A 105 -14.40 5.87 -6.89
N ASP A 106 -14.83 7.06 -7.32
CA ASP A 106 -14.37 7.66 -8.57
C ASP A 106 -13.05 8.40 -8.43
N LEU A 107 -12.82 8.98 -7.27
CA LEU A 107 -11.58 9.69 -7.00
C LEU A 107 -11.19 9.50 -5.55
N VAL A 108 -9.88 9.38 -5.31
CA VAL A 108 -9.32 9.21 -3.99
C VAL A 108 -8.59 10.48 -3.53
N LEU A 109 -9.06 11.07 -2.44
CA LEU A 109 -8.37 12.18 -1.80
C LEU A 109 -7.73 11.59 -0.56
N HIS A 110 -6.56 12.08 -0.18
CA HIS A 110 -5.92 11.49 0.99
C HIS A 110 -4.94 12.40 1.67
N ASP A 111 -4.87 12.27 2.99
CA ASP A 111 -3.82 12.93 3.73
C ASP A 111 -2.49 12.25 3.40
N ILE A 112 -1.40 12.99 3.51
CA ILE A 112 -0.07 12.49 3.20
C ILE A 112 0.32 11.20 3.91
N THR A 113 -0.28 10.92 5.06
CA THR A 113 0.14 9.75 5.85
C THR A 113 -0.41 8.44 5.33
N SER A 114 -1.38 8.49 4.43
CA SER A 114 -2.05 7.26 4.01
C SER A 114 -1.42 6.62 2.78
N TYR A 115 -0.49 5.71 2.98
CA TYR A 115 0.06 4.94 1.87
C TYR A 115 -0.99 4.05 1.17
N PRO A 116 -1.94 3.47 1.93
CA PRO A 116 -2.93 2.67 1.19
C PRO A 116 -3.70 3.45 0.13
N ALA A 117 -4.01 4.71 0.40
CA ALA A 117 -4.74 5.51 -0.57
C ALA A 117 -3.98 5.63 -1.88
N ARG A 118 -2.66 5.79 -1.78
CA ARG A 118 -1.82 5.89 -2.97
C ARG A 118 -1.89 4.58 -3.76
N VAL A 119 -1.73 3.47 -3.05
CA VAL A 119 -1.73 2.17 -3.72
C VAL A 119 -3.08 1.94 -4.39
N LEU A 120 -4.16 2.14 -3.64
CA LEU A 120 -5.50 1.89 -4.16
C LEU A 120 -5.86 2.75 -5.38
N ALA A 121 -5.55 4.04 -5.33
CA ALA A 121 -5.86 4.92 -6.46
C ALA A 121 -5.23 4.43 -7.76
N ARG A 122 -3.96 4.04 -7.70
CA ARG A 122 -3.24 3.52 -8.85
C ARG A 122 -3.84 2.18 -9.32
N ARG A 123 -4.13 1.29 -8.36
CA ARG A 123 -4.70 -0.01 -8.69
C ARG A 123 -6.11 0.09 -9.26
N TRP A 124 -7.01 0.70 -8.49
CA TRP A 124 -8.39 0.87 -8.92
C TRP A 124 -8.47 1.69 -10.20
N GLY A 125 -7.39 2.40 -10.50
CA GLY A 125 -7.30 3.23 -11.69
C GLY A 125 -8.13 4.50 -11.60
N VAL A 126 -7.90 5.30 -10.56
CA VAL A 126 -8.60 6.56 -10.39
C VAL A 126 -7.62 7.69 -10.08
N PRO A 127 -8.04 8.95 -10.24
CA PRO A 127 -7.12 10.05 -9.90
C PRO A 127 -6.86 10.09 -8.39
N ALA A 128 -5.67 10.53 -8.01
CA ALA A 128 -5.34 10.72 -6.60
C ALA A 128 -4.97 12.17 -6.39
N VAL A 129 -5.49 12.77 -5.34
CA VAL A 129 -5.05 14.10 -4.92
C VAL A 129 -4.66 14.08 -3.45
N SER A 130 -3.41 14.44 -3.19
CA SER A 130 -2.85 14.43 -1.84
C SER A 130 -3.17 15.77 -1.18
N LEU A 131 -3.53 15.74 0.09
CA LEU A 131 -3.82 16.96 0.86
C LEU A 131 -2.79 17.07 1.97
N SER A 132 -1.94 18.09 1.89
CA SER A 132 -0.83 18.21 2.85
C SER A 132 -1.08 19.32 3.86
N PRO A 133 -1.07 18.97 5.16
CA PRO A 133 -1.32 19.95 6.22
C PRO A 133 -0.04 20.66 6.63
N ASN A 134 1.01 20.51 5.85
CA ASN A 134 2.30 21.12 6.14
C ASN A 134 3.08 21.33 4.86
N LEU A 135 4.32 21.78 4.99
CA LEU A 135 5.13 22.08 3.81
C LEU A 135 5.36 20.83 2.97
N VAL A 136 5.66 21.05 1.69
CA VAL A 136 5.90 19.96 0.75
C VAL A 136 7.31 20.06 0.18
N ALA A 137 7.70 19.05 -0.60
CA ALA A 137 9.00 19.08 -1.27
C ALA A 137 9.06 20.15 -2.36
N TRP A 138 10.21 20.81 -2.48
CA TRP A 138 10.48 21.70 -3.59
C TRP A 138 11.37 20.96 -4.57
N LYS A 139 11.57 21.48 -5.78
CA LYS A 139 12.52 20.82 -6.68
C LYS A 139 13.94 21.06 -6.17
N GLY A 140 14.68 19.98 -5.98
CA GLY A 140 15.95 20.04 -5.29
C GLY A 140 15.91 19.30 -3.96
N TYR A 141 14.74 19.25 -3.32
CA TYR A 141 14.58 18.61 -2.02
C TYR A 141 15.22 17.22 -1.95
N GLU A 142 15.11 16.47 -3.04
CA GLU A 142 15.58 15.09 -3.08
C GLU A 142 17.06 15.00 -2.78
N GLU A 143 17.84 15.90 -3.37
CA GLU A 143 19.28 15.92 -3.14
C GLU A 143 19.66 16.91 -2.05
N GLU A 144 18.87 17.96 -1.87
CA GLU A 144 19.19 18.99 -0.89
C GLU A 144 18.93 18.56 0.56
N VAL A 145 17.82 17.87 0.83
CA VAL A 145 17.45 17.52 2.19
C VAL A 145 17.25 16.02 2.47
N ALA A 146 16.59 15.31 1.55
CA ALA A 146 16.33 13.88 1.75
C ALA A 146 17.62 13.06 1.81
N GLU A 147 18.53 13.32 0.87
CA GLU A 147 19.78 12.56 0.84
C GLU A 147 20.64 12.65 2.12
N PRO A 148 20.87 13.87 2.66
CA PRO A 148 21.71 13.92 3.87
C PRO A 148 21.04 13.29 5.09
N MET A 149 19.73 13.49 5.22
CA MET A 149 19.02 12.96 6.36
C MET A 149 19.09 11.44 6.40
N TRP A 150 19.01 10.82 5.23
CA TRP A 150 18.90 9.37 5.14
C TRP A 150 20.22 8.62 5.01
N ARG A 151 21.26 9.31 4.54
CA ARG A 151 22.49 8.64 4.10
C ARG A 151 23.07 7.66 5.11
N GLU A 152 23.26 8.12 6.34
CA GLU A 152 23.75 7.23 7.39
C GLU A 152 22.74 6.18 7.90
N PRO A 153 21.49 6.58 8.19
CA PRO A 153 20.50 5.56 8.58
C PRO A 153 20.23 4.50 7.51
N ARG A 154 20.00 4.92 6.27
CA ARG A 154 19.61 3.99 5.20
C ARG A 154 20.73 2.97 4.92
N GLN A 155 21.94 3.24 5.41
CA GLN A 155 23.05 2.30 5.26
C GLN A 155 23.21 1.34 6.44
N THR A 156 22.60 1.67 7.58
CA THR A 156 22.52 0.74 8.71
C THR A 156 21.81 -0.50 8.23
N GLU A 157 21.87 -1.58 8.99
CA GLU A 157 21.10 -2.77 8.62
C GLU A 157 19.59 -2.50 8.80
N ARG A 158 19.18 -1.79 9.85
CA ARG A 158 17.77 -1.48 10.02
C ARG A 158 17.27 -0.58 8.87
N GLY A 159 18.08 0.41 8.49
CA GLY A 159 17.76 1.31 7.40
C GLY A 159 17.75 0.64 6.04
N ARG A 160 18.85 -0.03 5.70
CA ARG A 160 18.94 -0.82 4.47
C ARG A 160 17.74 -1.75 4.33
N ALA A 161 17.31 -2.31 5.46
CA ALA A 161 16.25 -3.30 5.48
C ALA A 161 14.86 -2.66 5.38
N TYR A 162 14.66 -1.55 6.09
CA TYR A 162 13.39 -0.84 6.02
C TYR A 162 13.04 -0.48 4.57
N TYR A 163 14.04 0.04 3.85
CA TYR A 163 13.83 0.40 2.45
C TYR A 163 13.63 -0.80 1.52
N ALA A 164 14.31 -1.90 1.83
CA ALA A 164 14.11 -3.11 1.05
C ALA A 164 12.69 -3.64 1.23
N ARG A 165 12.19 -3.59 2.47
CA ARG A 165 10.84 -4.05 2.78
C ARG A 165 9.79 -3.15 2.10
N PHE A 166 10.07 -1.84 2.09
CA PHE A 166 9.16 -0.87 1.52
C PHE A 166 9.11 -1.10 0.00
N GLU A 167 10.28 -1.23 -0.62
CA GLU A 167 10.36 -1.49 -2.05
C GLU A 167 9.67 -2.80 -2.45
N ALA A 168 9.82 -3.82 -1.62
CA ALA A 168 9.22 -5.13 -1.92
C ALA A 168 7.70 -5.08 -1.81
N TRP A 169 7.21 -4.27 -0.87
CA TRP A 169 5.76 -4.13 -0.70
C TRP A 169 5.15 -3.37 -1.89
N LEU A 170 5.85 -2.33 -2.35
CA LEU A 170 5.40 -1.61 -3.53
C LEU A 170 5.41 -2.54 -4.75
N LYS A 171 6.49 -3.29 -4.91
CA LYS A 171 6.64 -4.17 -6.07
C LYS A 171 5.56 -5.26 -6.10
N GLU A 172 5.19 -5.77 -4.94
CA GLU A 172 4.13 -6.79 -4.91
C GLU A 172 2.79 -6.15 -5.31
N ASN A 173 2.72 -4.83 -5.20
CA ASN A 173 1.54 -4.09 -5.62
C ASN A 173 1.62 -3.45 -7.00
N GLY A 174 2.64 -3.84 -7.77
CA GLY A 174 2.76 -3.38 -9.15
C GLY A 174 3.40 -2.02 -9.30
N ILE A 175 4.02 -1.54 -8.23
CA ILE A 175 4.62 -0.20 -8.24
C ILE A 175 6.15 -0.31 -8.24
N THR A 176 6.80 0.30 -9.23
CA THR A 176 8.25 0.12 -9.41
C THR A 176 9.12 1.26 -8.91
N GLU A 177 8.55 2.46 -8.84
CA GLU A 177 9.34 3.62 -8.42
C GLU A 177 9.76 3.49 -6.96
N HIS A 178 10.80 4.23 -6.59
CA HIS A 178 11.38 4.07 -5.27
C HIS A 178 10.40 4.52 -4.22
N PRO A 179 10.47 3.92 -3.04
CA PRO A 179 9.64 4.37 -1.91
C PRO A 179 9.70 5.89 -1.68
N ASP A 180 10.85 6.54 -1.89
CA ASP A 180 10.94 7.99 -1.69
C ASP A 180 10.01 8.75 -2.63
N THR A 181 9.93 8.28 -3.87
CA THR A 181 9.07 8.92 -4.87
C THR A 181 7.61 8.71 -4.46
N PHE A 182 7.29 7.46 -4.16
CA PHE A 182 5.94 7.04 -3.78
C PHE A 182 5.44 7.84 -2.59
N ALA A 183 6.32 8.01 -1.60
CA ALA A 183 5.93 8.64 -0.34
C ALA A 183 5.95 10.17 -0.38
N SER A 184 7.01 10.75 -0.93
CA SER A 184 7.23 12.19 -0.77
C SER A 184 6.92 13.04 -2.00
N HIS A 185 6.59 12.39 -3.11
CA HIS A 185 6.38 13.11 -4.36
C HIS A 185 5.09 12.74 -5.07
N PRO A 186 3.97 13.26 -4.56
CA PRO A 186 2.66 12.97 -5.17
C PRO A 186 2.57 13.60 -6.55
N PRO A 187 1.79 12.99 -7.44
CA PRO A 187 1.61 13.58 -8.77
C PRO A 187 0.74 14.84 -8.73
N ARG A 188 -0.12 14.95 -7.72
CA ARG A 188 -0.97 16.12 -7.56
C ARG A 188 -1.28 16.36 -6.08
N SER A 189 -1.10 17.58 -5.62
CA SER A 189 -1.24 17.89 -4.21
C SER A 189 -1.82 19.27 -4.00
N LEU A 190 -2.72 19.39 -3.02
CA LEU A 190 -3.17 20.68 -2.53
C LEU A 190 -2.57 20.88 -1.14
N VAL A 191 -2.03 22.06 -0.89
CA VAL A 191 -1.30 22.30 0.34
C VAL A 191 -2.08 23.25 1.24
N LEU A 192 -2.40 22.78 2.44
CA LEU A 192 -3.28 23.52 3.35
C LEU A 192 -2.52 24.44 4.31
N ILE A 193 -1.44 25.02 3.84
CA ILE A 193 -0.78 26.09 4.57
C ILE A 193 -0.56 27.24 3.62
N PRO A 194 -0.38 28.46 4.14
CA PRO A 194 -0.05 29.52 3.17
C PRO A 194 1.35 29.35 2.60
N LYS A 195 1.53 29.75 1.35
CA LYS A 195 2.81 29.60 0.67
C LYS A 195 3.90 30.40 1.38
N ALA A 196 3.49 31.43 2.12
CA ALA A 196 4.41 32.25 2.89
C ALA A 196 5.14 31.43 3.95
N LEU A 197 4.56 30.30 4.34
CA LEU A 197 5.16 29.42 5.35
C LEU A 197 5.75 28.16 4.73
N GLN A 198 6.02 28.19 3.44
CA GLN A 198 6.68 27.09 2.74
C GLN A 198 8.13 27.46 2.45
N PRO A 199 9.08 26.66 2.95
CA PRO A 199 10.48 26.93 2.62
C PRO A 199 10.72 26.80 1.12
N HIS A 200 11.60 27.62 0.54
CA HIS A 200 11.93 27.51 -0.88
C HIS A 200 10.70 27.52 -1.76
N ALA A 201 9.73 28.36 -1.41
CA ALA A 201 8.45 28.36 -2.12
C ALA A 201 8.62 28.59 -3.62
N ASP A 202 9.61 29.41 -4.00
CA ASP A 202 9.77 29.76 -5.41
C ASP A 202 10.14 28.56 -6.28
N ARG A 203 10.70 27.51 -5.70
CA ARG A 203 10.96 26.32 -6.50
C ARG A 203 10.10 25.11 -6.21
N VAL A 204 8.95 25.34 -5.59
CA VAL A 204 7.95 24.28 -5.53
C VAL A 204 7.23 24.26 -6.86
N ASP A 205 6.98 23.06 -7.34
CA ASP A 205 6.43 22.85 -8.68
C ASP A 205 4.90 23.03 -8.71
N GLU A 206 4.45 24.14 -9.29
CA GLU A 206 3.01 24.43 -9.37
C GLU A 206 2.27 23.45 -10.30
N ASP A 207 3.01 22.79 -11.20
CA ASP A 207 2.40 21.73 -12.01
C ASP A 207 1.84 20.63 -11.10
N VAL A 208 2.47 20.40 -9.95
CA VAL A 208 2.03 19.39 -9.00
C VAL A 208 1.27 19.97 -7.80
N TYR A 209 1.82 21.01 -7.20
CA TYR A 209 1.29 21.55 -5.96
C TYR A 209 0.56 22.86 -6.14
N THR A 210 -0.62 22.96 -5.55
CA THR A 210 -1.31 24.24 -5.45
C THR A 210 -1.55 24.56 -3.98
N PHE A 211 -1.13 25.75 -3.56
CA PHE A 211 -1.36 26.20 -2.19
C PHE A 211 -2.71 26.85 -2.05
N VAL A 212 -3.52 26.35 -1.13
CA VAL A 212 -4.83 26.92 -0.86
C VAL A 212 -4.94 27.50 0.55
N GLY A 213 -3.83 27.51 1.30
CA GLY A 213 -3.85 28.03 2.65
C GLY A 213 -4.77 27.19 3.53
N ALA A 214 -5.09 27.69 4.71
CA ALA A 214 -5.96 26.95 5.63
C ALA A 214 -7.40 26.95 5.14
N CYS A 215 -8.14 25.93 5.55
CA CYS A 215 -9.53 25.80 5.15
C CYS A 215 -10.40 25.78 6.40
N GLN A 216 -10.16 24.78 7.25
CA GLN A 216 -10.78 24.68 8.58
C GLN A 216 -11.37 25.90 9.27
N GLY A 217 -10.52 26.63 10.01
CA GLY A 217 -10.95 27.66 10.95
C GLY A 217 -11.33 29.02 10.39
N ASP A 218 -10.54 29.51 9.44
CA ASP A 218 -10.92 30.65 8.61
C ASP A 218 -12.16 30.25 7.80
N ARG A 219 -13.01 31.22 7.41
CA ARG A 219 -12.98 32.60 7.88
C ARG A 219 -14.38 33.28 7.83
N ALA A 220 -15.25 33.04 8.82
CA ALA A 220 -14.94 32.33 10.06
C ALA A 220 -16.16 31.90 10.89
N GLU A 221 -15.95 31.86 12.21
CA GLU A 221 -16.74 31.07 13.16
C GLU A 221 -15.78 30.77 14.30
N GLU A 222 -15.80 31.43 15.46
CA GLU A 222 -16.82 32.34 15.98
C GLU A 222 -16.23 33.57 16.69
N GLY A 223 -17.10 34.30 17.38
CA GLY A 223 -16.68 35.46 18.14
C GLY A 223 -16.83 35.36 19.64
N GLY A 224 -16.18 36.29 20.35
CA GLY A 224 -16.28 36.37 21.79
C GLY A 224 -15.22 37.26 22.42
N TRP A 225 -14.99 38.43 21.83
CA TRP A 225 -14.03 39.39 22.40
C TRP A 225 -14.08 40.78 21.76
N GLN A 226 -14.04 41.81 22.61
CA GLN A 226 -14.03 43.20 22.16
C GLN A 226 -12.95 44.00 22.87
N ARG A 227 -12.25 44.87 22.14
CA ARG A 227 -11.23 45.68 22.79
C ARG A 227 -11.88 46.75 23.66
N PRO A 228 -11.23 47.06 24.79
CA PRO A 228 -11.58 48.17 25.66
C PRO A 228 -11.72 49.45 24.86
N ALA A 229 -12.68 50.28 25.26
CA ALA A 229 -12.83 51.58 24.67
C ALA A 229 -11.53 52.36 24.84
N GLY A 230 -11.06 52.98 23.76
CA GLY A 230 -9.91 53.85 23.84
C GLY A 230 -8.56 53.17 23.88
N ALA A 231 -8.53 51.84 23.90
CA ALA A 231 -7.27 51.13 23.76
C ALA A 231 -6.73 51.33 22.35
N GLU A 232 -5.51 51.83 22.26
CA GLU A 232 -4.88 52.09 20.96
C GLU A 232 -4.17 50.87 20.38
N LYS A 233 -3.48 50.13 21.24
CA LYS A 233 -2.83 48.89 20.83
C LYS A 233 -3.35 47.73 21.67
N VAL A 234 -3.74 46.64 21.01
CA VAL A 234 -4.11 45.42 21.70
C VAL A 234 -3.09 44.34 21.37
N VAL A 235 -2.55 43.68 22.39
CA VAL A 235 -1.63 42.58 22.16
C VAL A 235 -2.19 41.30 22.77
N LEU A 236 -2.21 40.24 21.97
CA LEU A 236 -2.58 38.91 22.43
C LEU A 236 -1.31 38.08 22.62
N VAL A 237 -1.18 37.40 23.75
CA VAL A 237 -0.08 36.44 23.93
C VAL A 237 -0.66 35.04 23.97
N SER A 238 -0.22 34.18 23.05
CA SER A 238 -0.73 32.81 22.98
C SER A 238 0.38 31.84 22.54
N LEU A 239 0.44 30.68 23.17
CA LEU A 239 1.49 29.73 22.82
C LEU A 239 0.98 28.40 22.26
N GLY A 240 -0.33 28.26 22.08
CA GLY A 240 -0.84 27.10 21.39
C GLY A 240 -2.01 26.35 22.04
N SER A 241 -2.43 25.28 21.35
CA SER A 241 -3.61 24.49 21.71
C SER A 241 -3.43 23.74 23.02
N ALA A 242 -2.19 23.56 23.42
CA ALA A 242 -1.84 22.48 24.32
C ALA A 242 -0.74 22.83 25.30
N PHE A 243 -0.11 23.98 25.11
CA PHE A 243 1.20 24.22 25.69
C PHE A 243 1.31 25.29 26.76
N THR A 244 0.46 26.32 26.67
CA THR A 244 0.58 27.51 27.51
C THR A 244 0.86 27.21 28.99
N LYS A 245 1.91 27.79 29.56
CA LYS A 245 2.41 27.30 30.86
C LYS A 245 3.59 28.10 31.49
N GLN A 246 4.23 28.96 30.70
CA GLN A 246 5.56 29.55 30.97
C GLN A 246 5.68 30.67 32.03
N PRO A 247 5.81 30.33 33.33
CA PRO A 247 5.70 31.39 34.34
C PRO A 247 6.67 32.56 34.13
N ALA A 248 7.97 32.26 34.03
CA ALA A 248 9.00 33.27 33.75
C ALA A 248 8.71 34.10 32.51
N PHE A 249 8.27 33.44 31.44
CA PHE A 249 7.93 34.17 30.22
C PHE A 249 6.57 34.87 30.41
N TYR A 250 5.65 34.19 31.10
CA TYR A 250 4.32 34.76 31.37
C TYR A 250 4.38 35.96 32.27
N ARG A 251 5.18 35.86 33.33
CA ARG A 251 5.46 36.99 34.18
C ARG A 251 6.03 38.16 33.35
N GLU A 252 6.98 37.87 32.47
CA GLU A 252 7.64 38.94 31.71
C GLU A 252 6.65 39.61 30.78
N CYS A 253 5.64 38.88 30.33
CA CYS A 253 4.64 39.44 29.44
C CYS A 253 3.75 40.48 30.14
N VAL A 254 3.26 40.16 31.33
CA VAL A 254 2.50 41.14 32.09
C VAL A 254 3.40 42.33 32.40
N ARG A 255 4.65 42.03 32.71
CA ARG A 255 5.59 43.05 33.10
C ARG A 255 6.00 43.92 31.91
N ALA A 256 6.00 43.34 30.72
CA ALA A 256 6.26 44.12 29.52
C ALA A 256 5.15 45.11 29.23
N PHE A 257 3.91 44.65 29.26
CA PHE A 257 2.81 45.49 28.77
C PHE A 257 2.00 46.20 29.85
N GLY A 258 2.25 45.86 31.12
CA GLY A 258 1.49 46.47 32.21
C GLY A 258 1.77 47.95 32.35
N ASN A 259 0.71 48.76 32.46
CA ASN A 259 0.84 50.22 32.63
C ASN A 259 1.48 51.01 31.47
N LEU A 260 1.84 50.32 30.39
CA LEU A 260 2.37 50.98 29.19
C LEU A 260 1.20 51.70 28.52
N PRO A 261 1.27 53.04 28.45
CA PRO A 261 0.17 53.87 27.92
C PRO A 261 -0.37 53.44 26.54
N GLY A 262 -1.67 53.21 26.47
CA GLY A 262 -2.29 52.91 25.19
C GLY A 262 -2.39 51.42 24.87
N TRP A 263 -1.71 50.60 25.65
CA TRP A 263 -1.68 49.14 25.39
C TRP A 263 -2.61 48.35 26.30
N HIS A 264 -3.20 47.32 25.74
CA HIS A 264 -4.02 46.39 26.51
C HIS A 264 -3.58 44.98 26.15
N LEU A 265 -3.32 44.17 27.19
CA LEU A 265 -2.81 42.82 27.02
C LEU A 265 -3.88 41.77 27.29
N VAL A 266 -4.15 40.94 26.29
CA VAL A 266 -4.95 39.73 26.46
C VAL A 266 -3.97 38.59 26.69
N LEU A 267 -3.85 38.17 27.93
CA LEU A 267 -2.89 37.14 28.28
C LEU A 267 -3.58 35.79 28.36
N GLN A 268 -3.08 34.84 27.56
CA GLN A 268 -3.73 33.57 27.40
C GLN A 268 -2.81 32.42 27.87
N ILE A 269 -3.26 31.66 28.87
CA ILE A 269 -2.38 30.70 29.54
C ILE A 269 -2.99 29.33 29.87
N GLY A 270 -3.71 28.70 28.94
CA GLY A 270 -4.39 27.42 29.22
C GLY A 270 -3.70 26.38 30.13
N ARG A 271 -4.48 25.65 30.94
CA ARG A 271 -3.94 24.66 31.91
C ARG A 271 -4.93 24.03 32.91
N LYS A 272 -4.68 24.26 34.21
CA LYS A 272 -5.46 23.57 35.25
C LYS A 272 -6.13 24.37 36.43
N VAL A 273 -5.45 25.24 37.20
CA VAL A 273 -4.02 25.22 37.60
C VAL A 273 -2.94 25.49 36.51
N THR A 274 -2.30 26.67 36.55
CA THR A 274 -2.46 27.67 37.60
C THR A 274 -2.38 29.10 37.07
N PRO A 275 -3.51 29.81 37.08
CA PRO A 275 -3.59 31.27 36.87
C PRO A 275 -2.93 32.06 37.99
N ALA A 276 -1.90 31.50 38.61
CA ALA A 276 -1.26 32.10 39.78
C ALA A 276 0.24 32.27 39.63
N GLU A 277 0.69 32.51 38.41
CA GLU A 277 2.10 32.72 38.16
C GLU A 277 2.44 34.16 38.58
N LEU A 278 1.77 35.13 37.97
CA LEU A 278 1.98 36.54 38.31
C LEU A 278 0.92 36.98 39.33
N GLY A 279 -0.20 37.50 38.84
CA GLY A 279 -1.36 37.69 39.69
C GLY A 279 -1.67 39.08 40.17
N GLU A 280 -0.68 39.72 40.78
CA GLU A 280 -0.78 41.16 41.01
C GLU A 280 -0.86 41.70 39.59
N LEU A 281 -2.09 41.95 39.12
CA LEU A 281 -2.31 42.39 37.74
C LEU A 281 -2.50 43.91 37.57
N PRO A 282 -1.74 44.49 36.63
CA PRO A 282 -2.09 45.86 36.24
C PRO A 282 -3.48 45.83 35.62
N ASP A 283 -4.14 46.98 35.52
CA ASP A 283 -5.52 46.94 35.09
C ASP A 283 -5.73 46.92 33.58
N ASN A 284 -4.63 47.00 32.83
CA ASN A 284 -4.71 46.86 31.38
C ASN A 284 -4.37 45.45 30.91
N VAL A 285 -4.67 44.47 31.75
CA VAL A 285 -4.38 43.07 31.42
C VAL A 285 -5.62 42.17 31.59
N GLU A 286 -5.67 41.08 30.84
CA GLU A 286 -6.61 40.01 31.09
C GLU A 286 -5.79 38.72 31.19
N VAL A 287 -6.07 37.87 32.16
CA VAL A 287 -5.39 36.57 32.20
C VAL A 287 -6.35 35.37 32.07
N HIS A 288 -6.28 34.70 30.92
CA HIS A 288 -7.21 33.63 30.54
C HIS A 288 -6.52 32.29 30.34
N ASP A 289 -7.23 31.20 30.63
CA ASP A 289 -6.80 29.90 30.11
C ASP A 289 -7.10 29.78 28.61
N TRP A 290 -8.37 29.82 28.21
CA TRP A 290 -8.75 29.74 26.78
C TRP A 290 -9.32 31.05 26.25
N VAL A 291 -9.02 31.38 25.00
CA VAL A 291 -9.58 32.55 24.35
C VAL A 291 -10.04 32.23 22.92
N PRO A 292 -10.99 33.04 22.40
CA PRO A 292 -11.38 32.94 20.99
C PRO A 292 -10.37 33.68 20.11
N GLN A 293 -9.34 32.95 19.68
CA GLN A 293 -8.12 33.56 19.16
C GLN A 293 -8.30 34.36 17.86
N LEU A 294 -8.96 33.77 16.88
CA LEU A 294 -9.15 34.44 15.60
C LEU A 294 -9.97 35.70 15.81
N ALA A 295 -10.93 35.64 16.73
CA ALA A 295 -11.74 36.80 17.07
C ALA A 295 -10.88 37.92 17.63
N ILE A 296 -9.98 37.57 18.56
CA ILE A 296 -9.10 38.57 19.17
C ILE A 296 -8.07 39.12 18.18
N LEU A 297 -7.47 38.23 17.39
CA LEU A 297 -6.52 38.68 16.37
C LEU A 297 -7.16 39.65 15.39
N ARG A 298 -8.47 39.53 15.18
CA ARG A 298 -9.18 40.46 14.33
C ARG A 298 -9.34 41.86 14.94
N GLN A 299 -9.11 41.97 16.24
CA GLN A 299 -9.16 43.28 16.92
C GLN A 299 -7.81 43.60 17.57
N ALA A 300 -6.75 42.92 17.12
CA ALA A 300 -5.43 43.04 17.74
C ALA A 300 -4.42 43.80 16.87
N ASP A 301 -3.35 44.26 17.49
CA ASP A 301 -2.28 44.97 16.79
C ASP A 301 -0.95 44.26 16.88
N LEU A 302 -0.87 43.31 17.80
CA LEU A 302 0.36 42.54 17.98
C LEU A 302 0.01 41.17 18.48
N PHE A 303 0.74 40.17 18.02
CA PHE A 303 0.51 38.79 18.45
C PHE A 303 1.83 38.19 18.93
N VAL A 304 1.91 37.85 20.22
CA VAL A 304 3.06 37.13 20.74
C VAL A 304 2.70 35.65 20.67
N THR A 305 3.38 34.93 19.78
CA THR A 305 2.98 33.56 19.40
C THR A 305 4.14 32.59 19.54
N HIS A 306 3.85 31.31 19.76
CA HIS A 306 4.91 30.29 19.73
C HIS A 306 5.17 29.82 18.29
N ALA A 307 4.40 30.35 17.35
CA ALA A 307 4.57 30.10 15.92
C ALA A 307 4.22 28.67 15.49
N GLY A 308 3.22 28.08 16.15
CA GLY A 308 2.59 26.88 15.61
C GLY A 308 1.90 27.20 14.29
N ALA A 309 1.48 26.17 13.57
CA ALA A 309 0.89 26.37 12.24
C ALA A 309 -0.37 27.24 12.24
N GLY A 310 -1.25 27.02 13.20
CA GLY A 310 -2.50 27.77 13.28
C GLY A 310 -2.23 29.22 13.66
N GLY A 311 -1.45 29.41 14.71
CA GLY A 311 -1.09 30.75 15.15
C GLY A 311 -0.38 31.53 14.06
N SER A 312 0.59 30.91 13.42
CA SER A 312 1.35 31.57 12.38
C SER A 312 0.40 31.97 11.25
N GLN A 313 -0.40 31.01 10.80
CA GLN A 313 -1.30 31.29 9.68
C GLN A 313 -2.37 32.34 10.02
N GLU A 314 -2.89 32.31 11.25
CA GLU A 314 -3.93 33.26 11.67
C GLU A 314 -3.37 34.68 11.84
N GLY A 315 -2.13 34.77 12.31
CA GLY A 315 -1.45 36.04 12.42
C GLY A 315 -1.33 36.67 11.04
N LEU A 316 -0.91 35.89 10.06
CA LEU A 316 -0.80 36.39 8.70
C LEU A 316 -2.17 36.76 8.13
N ALA A 317 -3.14 35.86 8.31
CA ALA A 317 -4.48 36.05 7.77
C ALA A 317 -5.13 37.34 8.26
N THR A 318 -4.75 37.75 9.47
CA THR A 318 -5.32 38.93 10.11
C THR A 318 -4.36 40.13 10.07
N ALA A 319 -3.28 39.99 9.29
CA ALA A 319 -2.27 41.05 9.17
C ALA A 319 -1.82 41.59 10.53
N THR A 320 -1.53 40.69 11.45
CA THR A 320 -1.15 41.09 12.79
C THR A 320 0.33 40.83 12.98
N PRO A 321 1.14 41.89 13.17
CA PRO A 321 2.58 41.65 13.33
C PRO A 321 2.86 40.75 14.54
N MET A 322 3.94 39.99 14.48
CA MET A 322 4.16 38.95 15.48
C MET A 322 5.51 39.01 16.18
N ILE A 323 5.50 38.65 17.46
CA ILE A 323 6.72 38.29 18.16
C ILE A 323 6.67 36.79 18.30
N ALA A 324 7.58 36.11 17.63
CA ALA A 324 7.59 34.65 17.57
C ALA A 324 8.56 34.11 18.61
N VAL A 325 8.05 33.30 19.53
CA VAL A 325 8.85 32.76 20.62
C VAL A 325 8.67 31.25 20.65
N PRO A 326 9.35 30.54 19.74
CA PRO A 326 9.11 29.10 19.59
C PRO A 326 9.54 28.29 20.81
N GLN A 327 8.75 27.28 21.15
CA GLN A 327 8.97 26.53 22.38
C GLN A 327 9.55 25.14 22.11
N ALA A 328 9.44 24.71 20.86
CA ALA A 328 9.94 23.40 20.45
C ALA A 328 10.60 23.49 19.08
N VAL A 329 11.54 22.59 18.81
CA VAL A 329 12.27 22.58 17.55
C VAL A 329 11.33 22.66 16.34
N ASP A 330 10.14 22.09 16.50
CA ASP A 330 9.12 22.03 15.47
C ASP A 330 8.74 23.43 14.92
N GLN A 331 8.63 24.41 15.82
CA GLN A 331 8.16 25.75 15.51
C GLN A 331 9.27 26.69 15.07
N PHE A 332 10.51 26.25 15.21
CA PHE A 332 11.68 27.05 14.85
C PHE A 332 11.57 27.54 13.41
N GLY A 333 11.21 26.63 12.50
CA GLY A 333 11.08 26.95 11.09
C GLY A 333 10.09 28.06 10.81
N ASN A 334 8.88 27.95 11.36
CA ASN A 334 7.87 28.99 11.15
C ASN A 334 8.32 30.34 11.68
N ALA A 335 8.99 30.33 12.82
CA ALA A 335 9.44 31.60 13.41
C ALA A 335 10.47 32.27 12.49
N ASP A 336 11.38 31.46 11.94
CA ASP A 336 12.37 32.00 11.01
C ASP A 336 11.70 32.57 9.76
N MET A 337 10.71 31.85 9.25
CA MET A 337 10.05 32.32 8.04
C MET A 337 9.24 33.59 8.30
N LEU A 338 8.59 33.64 9.45
CA LEU A 338 7.86 34.85 9.82
C LEU A 338 8.79 36.06 9.86
N GLN A 339 9.95 35.92 10.51
CA GLN A 339 10.92 37.02 10.52
C GLN A 339 11.39 37.30 9.09
N GLY A 340 11.54 36.25 8.30
CA GLY A 340 12.05 36.38 6.95
C GLY A 340 11.10 37.07 6.00
N LEU A 341 9.84 37.14 6.40
CA LEU A 341 8.82 37.86 5.63
C LEU A 341 8.82 39.33 6.00
N GLY A 342 9.57 39.67 7.04
CA GLY A 342 9.66 41.04 7.51
C GLY A 342 8.44 41.48 8.32
N VAL A 343 7.76 40.51 8.93
CA VAL A 343 6.52 40.84 9.62
C VAL A 343 6.55 40.38 11.06
N ALA A 344 7.72 39.96 11.51
CA ALA A 344 7.83 39.40 12.85
C ALA A 344 9.25 39.50 13.34
N ARG A 345 9.41 39.30 14.64
CA ARG A 345 10.73 39.23 15.24
C ARG A 345 10.80 37.94 16.02
N LYS A 346 11.88 37.18 15.82
CA LYS A 346 12.11 35.96 16.59
C LYS A 346 12.90 36.29 17.84
N LEU A 347 12.32 35.98 18.99
CA LEU A 347 13.01 36.15 20.26
C LEU A 347 13.25 34.78 20.88
N ALA A 348 14.37 34.63 21.59
CA ALA A 348 14.53 33.44 22.44
C ALA A 348 13.79 33.63 23.76
N THR A 349 13.07 32.63 24.23
CA THR A 349 12.53 32.69 25.58
C THR A 349 13.72 32.75 26.51
N GLU A 350 14.61 31.79 26.37
CA GLU A 350 15.76 31.66 27.26
N GLU A 351 15.58 34.90 26.79
CA GLU A 351 15.97 36.24 26.38
C GLU A 351 14.83 37.27 26.45
N ALA A 352 13.59 36.80 26.35
CA ALA A 352 12.45 37.72 26.28
C ALA A 352 12.19 38.49 27.59
N THR A 353 12.96 39.55 27.82
CA THR A 353 12.75 40.40 28.98
C THR A 353 11.64 41.40 28.74
N ALA A 354 11.26 42.13 29.78
CA ALA A 354 10.16 43.07 29.67
C ALA A 354 10.55 44.16 28.70
N ASP A 355 11.80 44.61 28.82
CA ASP A 355 12.30 45.72 28.01
C ASP A 355 12.46 45.30 26.56
N LEU A 356 12.92 44.07 26.33
CA LEU A 356 13.11 43.59 24.96
C LEU A 356 11.75 43.28 24.32
N LEU A 357 10.86 42.63 25.07
CA LEU A 357 9.50 42.40 24.58
C LEU A 357 8.84 43.74 24.30
N ARG A 358 8.97 44.68 25.24
CA ARG A 358 8.42 46.03 25.05
C ARG A 358 8.99 46.70 23.82
N GLU A 359 10.32 46.73 23.73
CA GLU A 359 10.95 47.44 22.64
C GLU A 359 10.58 46.82 21.31
N THR A 360 10.55 45.50 21.28
CA THR A 360 10.23 44.79 20.05
C THR A 360 8.80 45.08 19.63
N ALA A 361 7.90 45.03 20.61
CA ALA A 361 6.50 45.36 20.40
C ALA A 361 6.33 46.74 19.78
N LEU A 362 6.96 47.74 20.37
CA LEU A 362 6.90 49.10 19.86
C LEU A 362 7.31 49.14 18.40
N ALA A 363 8.52 48.68 18.12
CA ALA A 363 9.09 48.76 16.78
C ALA A 363 8.33 47.94 15.72
N LEU A 364 7.48 47.01 16.14
CA LEU A 364 6.67 46.27 15.19
C LEU A 364 5.35 46.97 14.89
N VAL A 365 4.67 47.45 15.92
CA VAL A 365 3.43 48.19 15.66
C VAL A 365 3.80 49.54 15.05
N ASP A 366 5.00 50.02 15.36
CA ASP A 366 5.54 51.25 14.77
C ASP A 366 6.41 50.86 13.58
N ASP A 367 5.76 50.44 12.50
CA ASP A 367 6.44 50.13 11.25
C ASP A 367 5.45 50.00 10.09
N PRO A 368 5.41 51.02 9.21
CA PRO A 368 4.55 51.01 8.01
C PRO A 368 4.94 49.94 7.01
N GLU A 369 6.22 49.57 6.99
CA GLU A 369 6.68 48.54 6.06
C GLU A 369 6.15 47.19 6.49
N VAL A 370 6.18 46.95 7.80
CA VAL A 370 5.60 45.73 8.36
C VAL A 370 4.13 45.61 7.95
N ALA A 371 3.37 46.69 8.12
CA ALA A 371 1.95 46.67 7.75
C ALA A 371 1.79 46.46 6.24
N ARG A 372 2.67 47.07 5.45
CA ARG A 372 2.62 46.89 4.00
C ARG A 372 2.87 45.42 3.64
N ARG A 373 3.92 44.85 4.20
CA ARG A 373 4.28 43.47 3.88
C ARG A 373 3.22 42.49 4.36
N LEU A 374 2.59 42.78 5.51
CA LEU A 374 1.45 42.00 5.98
C LEU A 374 0.24 42.13 5.07
N ARG A 375 0.01 43.33 4.55
CA ARG A 375 -1.13 43.54 3.65
C ARG A 375 -0.91 42.73 2.38
N ARG A 376 0.30 42.72 1.86
CA ARG A 376 0.56 41.99 0.64
C ARG A 376 0.38 40.49 0.85
N ILE A 377 0.92 39.96 1.94
CA ILE A 377 0.73 38.54 2.24
C ILE A 377 -0.75 38.19 2.40
N GLN A 378 -1.49 39.06 3.07
CA GLN A 378 -2.93 38.91 3.17
C GLN A 378 -3.62 38.82 1.79
N ALA A 379 -3.17 39.64 0.85
CA ALA A 379 -3.76 39.62 -0.49
C ALA A 379 -3.36 38.35 -1.22
N GLU A 380 -2.15 37.86 -0.92
CA GLU A 380 -1.67 36.63 -1.52
C GLU A 380 -2.42 35.42 -0.97
N MET A 381 -2.71 35.43 0.33
CA MET A 381 -3.53 34.38 0.91
C MET A 381 -4.93 34.36 0.33
N ALA A 382 -5.45 35.54 -0.03
CA ALA A 382 -6.75 35.60 -0.69
C ALA A 382 -6.76 34.84 -2.00
N GLN A 383 -5.66 34.92 -2.74
CA GLN A 383 -5.56 34.20 -4.02
C GLN A 383 -5.48 32.68 -3.82
N GLU A 384 -4.89 32.27 -2.70
CA GLU A 384 -4.87 30.85 -2.35
C GLU A 384 -6.30 30.32 -2.20
N GLY A 385 -7.19 31.14 -1.65
CA GLY A 385 -8.62 30.88 -1.70
C GLY A 385 -9.26 29.96 -0.67
N GLY A 386 -8.47 29.10 -0.04
CA GLY A 386 -9.01 28.19 0.95
C GLY A 386 -9.91 27.12 0.36
N THR A 387 -10.97 26.80 1.10
CA THR A 387 -11.81 25.65 0.83
C THR A 387 -12.41 25.59 -0.57
N ARG A 388 -13.01 26.70 -1.00
CA ARG A 388 -13.78 26.61 -2.22
C ARG A 388 -12.88 26.56 -3.45
N ARG A 389 -11.66 27.06 -3.32
CA ARG A 389 -10.66 26.82 -4.34
C ARG A 389 -10.21 25.37 -4.27
N ALA A 390 -10.05 24.87 -3.04
CA ALA A 390 -9.69 23.48 -2.83
C ALA A 390 -10.81 22.59 -3.33
N ALA A 391 -12.06 23.00 -3.11
CA ALA A 391 -13.16 22.26 -3.70
C ALA A 391 -13.10 22.35 -5.22
N ASP A 392 -12.79 23.53 -5.75
CA ASP A 392 -12.62 23.71 -7.19
C ASP A 392 -11.58 22.79 -7.82
N LEU A 393 -10.36 22.83 -7.29
CA LEU A 393 -9.22 22.15 -7.90
C LEU A 393 -9.33 20.62 -7.86
N ILE A 394 -10.04 20.11 -6.85
CA ILE A 394 -10.35 18.68 -6.79
C ILE A 394 -11.35 18.39 -7.90
N GLU A 395 -12.39 19.21 -7.99
CA GLU A 395 -13.37 19.05 -9.07
C GLU A 395 -12.69 19.22 -10.42
N ALA A 396 -11.66 20.06 -10.49
CA ALA A 396 -10.81 20.13 -11.67
C ALA A 396 -10.19 18.75 -12.00
N GLU A 397 -10.02 17.91 -10.99
CA GLU A 397 -9.39 16.59 -11.16
C GLU A 397 -10.40 15.44 -11.30
N LEU A 398 -11.66 15.69 -10.94
CA LEU A 398 -12.74 14.75 -11.21
C LEU A 398 -12.97 14.76 -12.73
N PRO A 399 -12.55 13.69 -13.42
CA PRO A 399 -12.52 13.72 -14.88
C PRO A 399 -13.81 13.24 -15.56
N ALA A 400 -14.35 14.07 -16.45
CA ALA A 400 -15.37 13.68 -17.45
C ALA A 400 -16.48 12.75 -16.98
N THR B 6 15.45 -52.97 -5.17
CA THR B 6 14.27 -52.48 -4.44
C THR B 6 14.30 -50.96 -4.33
N PRO B 7 13.36 -50.31 -5.01
CA PRO B 7 13.19 -48.85 -5.03
C PRO B 7 12.76 -48.30 -3.68
N ALA B 8 13.40 -47.24 -3.20
CA ALA B 8 12.92 -46.48 -2.04
C ALA B 8 11.41 -46.27 -2.17
N HIS B 9 10.69 -46.27 -1.04
CA HIS B 9 9.25 -46.01 -1.08
C HIS B 9 8.96 -44.55 -0.77
N ILE B 10 8.45 -43.84 -1.76
CA ILE B 10 8.10 -42.42 -1.62
C ILE B 10 6.58 -42.28 -1.66
N ALA B 11 6.01 -41.70 -0.62
CA ALA B 11 4.56 -41.54 -0.54
C ALA B 11 4.17 -40.09 -0.71
N MET B 12 3.42 -39.81 -1.77
CA MET B 12 2.94 -38.47 -2.06
C MET B 12 1.51 -38.32 -1.55
N PHE B 13 1.18 -37.15 -1.02
CA PHE B 13 -0.17 -36.88 -0.51
C PHE B 13 -0.73 -35.60 -1.11
N SER B 14 -1.97 -35.65 -1.57
CA SER B 14 -2.68 -34.42 -1.93
C SER B 14 -4.18 -34.56 -1.73
N ILE B 15 -4.93 -33.69 -2.40
CA ILE B 15 -6.38 -33.65 -2.29
C ILE B 15 -6.96 -33.73 -3.69
N ALA B 16 -8.27 -33.74 -3.82
CA ALA B 16 -8.90 -33.74 -5.14
C ALA B 16 -9.13 -32.33 -5.64
N ALA B 17 -8.02 -31.63 -5.90
CA ALA B 17 -8.06 -30.31 -6.51
C ALA B 17 -7.04 -30.23 -7.62
N HIS B 18 -7.45 -29.79 -8.80
CA HIS B 18 -6.53 -29.71 -9.94
C HIS B 18 -5.30 -28.86 -9.61
N GLY B 19 -5.54 -27.71 -8.99
CA GLY B 19 -4.48 -26.75 -8.71
C GLY B 19 -3.51 -27.21 -7.65
N HIS B 20 -3.84 -28.30 -6.99
CA HIS B 20 -2.92 -28.90 -6.04
C HIS B 20 -2.42 -30.25 -6.52
N VAL B 21 -2.68 -30.51 -7.80
CA VAL B 21 -2.23 -31.75 -8.41
C VAL B 21 -1.48 -31.47 -9.72
N ASN B 22 -2.05 -30.65 -10.58
CA ASN B 22 -1.40 -30.35 -11.86
C ASN B 22 -0.05 -29.60 -11.85
N PRO B 23 0.23 -28.81 -10.79
CA PRO B 23 1.58 -28.26 -10.71
C PRO B 23 2.70 -29.29 -10.54
N SER B 24 2.42 -30.39 -9.87
CA SER B 24 3.47 -31.35 -9.52
C SER B 24 3.35 -32.66 -10.30
N LEU B 25 2.43 -32.68 -11.26
CA LEU B 25 2.13 -33.91 -12.00
C LEU B 25 3.38 -34.60 -12.53
N GLU B 26 4.19 -33.82 -13.23
CA GLU B 26 5.36 -34.36 -13.91
C GLU B 26 6.47 -34.80 -12.97
N VAL B 27 6.59 -34.13 -11.82
CA VAL B 27 7.60 -34.50 -10.84
C VAL B 27 7.32 -35.90 -10.32
N ILE B 28 6.04 -36.23 -10.17
CA ILE B 28 5.68 -37.59 -9.77
C ILE B 28 5.98 -38.55 -10.93
N ARG B 29 5.62 -38.15 -12.14
CA ARG B 29 5.91 -38.94 -13.34
C ARG B 29 7.39 -39.22 -13.48
N GLU B 30 8.20 -38.17 -13.34
CA GLU B 30 9.64 -38.30 -13.39
C GLU B 30 10.14 -39.24 -12.28
N LEU B 31 9.54 -39.14 -11.10
CA LEU B 31 9.97 -39.97 -9.97
C LEU B 31 9.76 -41.46 -10.19
N VAL B 32 8.62 -41.83 -10.77
CA VAL B 32 8.37 -43.21 -11.12
C VAL B 32 9.40 -43.68 -12.13
N ALA B 33 9.55 -42.93 -13.22
CA ALA B 33 10.50 -43.26 -14.28
C ALA B 33 11.92 -43.55 -13.77
N ARG B 34 12.33 -42.86 -12.72
CA ARG B 34 13.65 -43.07 -12.11
C ARG B 34 13.73 -44.31 -11.24
N GLY B 35 12.62 -45.02 -11.15
CA GLY B 35 12.61 -46.31 -10.51
C GLY B 35 12.30 -46.39 -9.04
N HIS B 36 12.00 -45.26 -8.39
CA HIS B 36 11.56 -45.31 -6.98
C HIS B 36 10.18 -45.96 -6.91
N ARG B 37 9.78 -46.49 -5.74
CA ARG B 37 8.43 -47.01 -5.59
C ARG B 37 7.56 -45.93 -4.96
N VAL B 38 6.61 -45.42 -5.75
CA VAL B 38 5.84 -44.26 -5.34
C VAL B 38 4.35 -44.54 -5.15
N THR B 39 3.84 -44.29 -3.95
CA THR B 39 2.41 -44.35 -3.70
C THR B 39 1.87 -42.92 -3.67
N TYR B 40 0.55 -42.77 -3.81
CA TYR B 40 -0.06 -41.44 -3.87
C TYR B 40 -1.38 -41.47 -3.12
N ALA B 41 -1.36 -41.02 -1.86
CA ALA B 41 -2.58 -40.91 -1.07
C ALA B 41 -3.45 -39.81 -1.65
N ILE B 42 -4.64 -40.17 -2.12
CA ILE B 42 -5.49 -39.28 -2.91
C ILE B 42 -6.95 -39.66 -2.69
N PRO B 43 -7.89 -38.71 -2.84
CA PRO B 43 -9.30 -39.12 -2.80
C PRO B 43 -9.63 -40.01 -4.00
N PRO B 44 -10.82 -40.64 -4.00
CA PRO B 44 -11.13 -41.68 -4.99
C PRO B 44 -11.29 -41.12 -6.38
N VAL B 45 -11.84 -39.91 -6.47
CA VAL B 45 -12.20 -39.35 -7.75
C VAL B 45 -10.97 -39.09 -8.62
N PHE B 46 -9.83 -38.80 -7.99
CA PHE B 46 -8.59 -38.55 -8.72
C PHE B 46 -7.74 -39.81 -8.90
N ALA B 47 -8.39 -40.97 -8.83
CA ALA B 47 -7.76 -42.25 -9.15
C ALA B 47 -7.04 -42.17 -10.49
N ASP B 48 -7.80 -41.97 -11.57
CA ASP B 48 -7.24 -41.98 -12.92
C ASP B 48 -6.10 -40.98 -13.06
N LYS B 49 -6.30 -39.80 -12.50
CA LYS B 49 -5.36 -38.71 -12.67
C LYS B 49 -3.97 -39.04 -12.13
N VAL B 50 -3.92 -39.61 -10.94
CA VAL B 50 -2.61 -39.93 -10.36
C VAL B 50 -2.01 -41.24 -10.89
N ALA B 51 -2.86 -42.24 -11.17
CA ALA B 51 -2.38 -43.56 -11.58
C ALA B 51 -1.58 -43.50 -12.88
N ALA B 52 -1.91 -42.50 -13.69
CA ALA B 52 -1.26 -42.29 -14.98
C ALA B 52 0.26 -42.09 -14.88
N THR B 53 0.73 -41.62 -13.73
CA THR B 53 2.18 -41.46 -13.53
C THR B 53 2.86 -42.80 -13.26
N GLY B 54 2.08 -43.84 -13.06
CA GLY B 54 2.61 -45.13 -12.65
C GLY B 54 2.67 -45.27 -11.13
N ALA B 55 2.44 -44.15 -10.43
CA ALA B 55 2.29 -44.20 -8.98
C ALA B 55 1.01 -44.94 -8.68
N ARG B 56 0.98 -45.67 -7.56
CA ARG B 56 -0.22 -46.37 -7.17
C ARG B 56 -1.06 -45.48 -6.26
N PRO B 57 -2.31 -45.21 -6.64
CA PRO B 57 -3.16 -44.31 -5.86
C PRO B 57 -3.68 -44.97 -4.59
N VAL B 58 -3.90 -44.16 -3.56
CA VAL B 58 -4.32 -44.64 -2.26
C VAL B 58 -5.51 -43.82 -1.80
N LEU B 59 -6.70 -44.39 -1.96
CA LEU B 59 -7.97 -43.66 -1.84
C LEU B 59 -8.46 -43.38 -0.43
N TYR B 60 -8.39 -42.12 0.00
CA TYR B 60 -9.10 -41.77 1.23
C TYR B 60 -10.36 -40.97 0.91
N HIS B 61 -11.30 -40.95 1.85
CA HIS B 61 -12.46 -40.10 1.76
C HIS B 61 -12.12 -38.64 2.08
N SER B 62 -12.50 -37.73 1.18
CA SER B 62 -12.30 -36.30 1.38
C SER B 62 -13.63 -35.63 1.69
N THR B 63 -13.60 -34.71 2.64
CA THR B 63 -14.78 -33.91 2.96
C THR B 63 -14.73 -32.55 2.27
N LEU B 64 -13.60 -32.28 1.59
CA LEU B 64 -13.47 -31.07 0.77
C LEU B 64 -14.34 -31.14 -0.49
N PRO B 65 -14.49 -29.99 -1.21
CA PRO B 65 -15.15 -29.92 -2.51
C PRO B 65 -14.26 -30.29 -3.71
N GLY B 66 -14.43 -29.59 -4.86
CA GLY B 66 -13.80 -29.98 -6.11
C GLY B 66 -13.40 -28.91 -7.14
N PRO B 67 -13.19 -29.33 -8.41
CA PRO B 67 -12.62 -28.51 -9.48
C PRO B 67 -13.65 -28.02 -10.50
N ASP B 68 -14.76 -28.73 -10.53
CA ASP B 68 -15.82 -28.61 -11.52
C ASP B 68 -16.93 -27.90 -10.77
N ALA B 69 -16.60 -26.79 -10.12
CA ALA B 69 -17.46 -26.26 -9.06
C ALA B 69 -17.51 -24.74 -8.86
N ASP B 70 -16.48 -24.01 -9.27
CA ASP B 70 -16.43 -22.57 -8.98
C ASP B 70 -16.29 -22.28 -7.48
N PRO B 71 -15.37 -21.36 -7.12
CA PRO B 71 -15.22 -20.96 -5.71
C PRO B 71 -16.52 -20.48 -5.07
N GLU B 72 -17.27 -21.40 -4.46
CA GLU B 72 -18.33 -20.98 -3.56
C GLU B 72 -18.34 -22.02 -2.47
N ALA B 73 -17.78 -23.18 -2.81
CA ALA B 73 -17.74 -24.34 -1.94
C ALA B 73 -16.58 -24.27 -0.94
N TRP B 74 -15.46 -23.68 -1.38
CA TRP B 74 -14.22 -23.72 -0.63
C TRP B 74 -14.08 -22.60 0.38
N GLY B 75 -14.96 -21.62 0.28
CA GLY B 75 -14.83 -20.45 1.11
C GLY B 75 -15.22 -19.15 0.43
N SER B 76 -14.77 -18.04 1.04
CA SER B 76 -15.24 -16.68 0.74
C SER B 76 -14.76 -15.65 1.78
N THR B 77 -14.30 -16.13 2.94
CA THR B 77 -13.69 -15.29 3.96
C THR B 77 -12.42 -16.01 4.39
N LEU B 78 -11.68 -15.48 5.35
CA LEU B 78 -10.52 -16.23 5.83
C LEU B 78 -10.98 -17.55 6.45
N LEU B 79 -11.98 -17.49 7.32
CA LEU B 79 -12.46 -18.70 7.98
C LEU B 79 -13.16 -19.68 7.04
N ASP B 80 -13.94 -19.17 6.10
CA ASP B 80 -14.60 -20.06 5.13
C ASP B 80 -13.53 -20.76 4.28
N ASN B 81 -12.39 -20.10 4.13
CA ASN B 81 -11.29 -20.64 3.29
C ASN B 81 -10.43 -21.68 4.01
N VAL B 82 -10.06 -21.42 5.26
CA VAL B 82 -9.11 -22.33 5.94
C VAL B 82 -9.75 -23.50 6.67
N GLU B 83 -10.96 -23.32 7.18
CA GLU B 83 -11.56 -24.37 7.98
C GLU B 83 -11.77 -25.71 7.24
N PRO B 84 -12.23 -25.69 5.97
CA PRO B 84 -12.39 -26.99 5.30
C PRO B 84 -11.14 -27.88 5.33
N PHE B 85 -9.95 -27.30 5.39
CA PHE B 85 -8.74 -28.10 5.38
C PHE B 85 -8.44 -28.84 6.68
N LEU B 86 -8.76 -28.22 7.82
CA LEU B 86 -8.49 -28.85 9.12
C LEU B 86 -9.43 -30.01 9.41
N ASN B 87 -10.72 -29.80 9.20
CA ASN B 87 -11.68 -30.83 9.56
C ASN B 87 -11.52 -32.05 8.67
N ASP B 88 -11.10 -31.81 7.44
CA ASP B 88 -10.78 -32.91 6.52
C ASP B 88 -9.61 -33.73 7.05
N ALA B 89 -8.57 -33.04 7.49
CA ALA B 89 -7.39 -33.71 8.02
C ALA B 89 -7.73 -34.63 9.19
N ILE B 90 -8.49 -34.13 10.16
CA ILE B 90 -8.86 -34.94 11.31
C ILE B 90 -9.58 -36.21 10.85
N GLN B 91 -10.41 -36.05 9.83
CA GLN B 91 -11.16 -37.14 9.23
C GLN B 91 -10.23 -38.07 8.43
N ALA B 92 -9.33 -37.46 7.66
CA ALA B 92 -8.46 -38.19 6.72
C ALA B 92 -7.37 -38.98 7.42
N LEU B 93 -6.75 -38.36 8.42
CA LEU B 93 -5.60 -38.93 9.13
C LEU B 93 -5.70 -40.42 9.51
N PRO B 94 -6.80 -40.84 10.17
CA PRO B 94 -6.87 -42.27 10.52
C PRO B 94 -7.00 -43.21 9.32
N GLN B 95 -7.66 -42.78 8.25
CA GLN B 95 -7.74 -43.62 7.05
C GLN B 95 -6.34 -43.89 6.49
N LEU B 96 -5.54 -42.84 6.45
CA LEU B 96 -4.19 -42.90 5.90
C LEU B 96 -3.22 -43.63 6.81
N ALA B 97 -3.30 -43.35 8.11
CA ALA B 97 -2.44 -44.04 9.06
C ALA B 97 -2.60 -45.56 8.91
N ASP B 98 -3.85 -46.00 8.73
CA ASP B 98 -4.15 -47.43 8.58
C ASP B 98 -3.55 -47.99 7.29
N ALA B 99 -3.72 -47.24 6.21
CA ALA B 99 -3.33 -47.71 4.88
C ALA B 99 -1.83 -48.02 4.79
N TYR B 100 -1.03 -47.19 5.47
CA TYR B 100 0.42 -47.31 5.36
C TYR B 100 1.08 -48.06 6.52
N ALA B 101 0.31 -48.38 7.55
CA ALA B 101 0.87 -48.85 8.82
C ALA B 101 1.84 -50.04 8.69
N ASP B 102 1.65 -50.83 7.63
CA ASP B 102 2.46 -52.03 7.42
C ASP B 102 3.47 -51.87 6.29
N ASP B 103 3.69 -50.63 5.88
CA ASP B 103 4.61 -50.32 4.80
C ASP B 103 4.98 -48.84 4.85
N ILE B 104 5.46 -48.41 6.02
CA ILE B 104 5.93 -47.04 6.21
C ILE B 104 6.86 -46.66 5.08
N PRO B 105 6.58 -45.53 4.42
CA PRO B 105 7.39 -45.09 3.28
C PRO B 105 8.74 -44.59 3.79
N ASP B 106 9.72 -44.42 2.91
CA ASP B 106 11.00 -43.88 3.36
C ASP B 106 11.04 -42.37 3.31
N LEU B 107 10.15 -41.78 2.53
CA LEU B 107 10.05 -40.32 2.48
C LEU B 107 8.62 -39.94 2.18
N VAL B 108 8.19 -38.80 2.73
CA VAL B 108 6.86 -38.29 2.46
C VAL B 108 6.93 -37.00 1.65
N LEU B 109 6.13 -36.96 0.58
CA LEU B 109 6.04 -35.80 -0.30
C LEU B 109 4.59 -35.34 -0.25
N HIS B 110 4.36 -34.03 -0.21
CA HIS B 110 2.97 -33.58 -0.14
C HIS B 110 2.75 -32.16 -0.61
N ASP B 111 1.59 -31.93 -1.23
CA ASP B 111 1.14 -30.58 -1.50
C ASP B 111 0.79 -29.87 -0.18
N ILE B 112 0.79 -28.53 -0.20
CA ILE B 112 0.61 -27.71 0.99
C ILE B 112 -0.77 -27.84 1.66
N THR B 113 -1.68 -28.60 1.08
CA THR B 113 -3.01 -28.72 1.69
C THR B 113 -3.17 -29.94 2.58
N SER B 114 -2.24 -30.89 2.47
CA SER B 114 -2.35 -32.13 3.26
C SER B 114 -1.74 -32.04 4.65
N TYR B 115 -2.55 -31.69 5.65
CA TYR B 115 -2.10 -31.82 7.03
C TYR B 115 -1.76 -33.28 7.42
N PRO B 116 -2.55 -34.26 6.95
CA PRO B 116 -2.22 -35.63 7.37
C PRO B 116 -0.82 -36.07 6.94
N ALA B 117 -0.38 -35.62 5.77
CA ALA B 117 0.97 -35.93 5.31
C ALA B 117 2.02 -35.42 6.30
N ARG B 118 1.82 -34.21 6.80
CA ARG B 118 2.69 -33.62 7.79
C ARG B 118 2.72 -34.45 9.07
N VAL B 119 1.55 -34.88 9.52
CA VAL B 119 1.42 -35.58 10.79
C VAL B 119 2.03 -36.98 10.72
N LEU B 120 1.70 -37.69 9.65
CA LEU B 120 2.22 -39.03 9.46
C LEU B 120 3.73 -39.06 9.25
N ALA B 121 4.25 -38.13 8.44
CA ALA B 121 5.68 -38.06 8.23
C ALA B 121 6.44 -37.81 9.55
N ARG B 122 5.83 -37.08 10.48
CA ARG B 122 6.43 -36.79 11.78
C ARG B 122 6.30 -37.99 12.72
N ARG B 123 5.22 -38.75 12.50
CA ARG B 123 4.91 -39.90 13.36
C ARG B 123 5.86 -41.04 13.08
N TRP B 124 5.98 -41.35 11.79
CA TRP B 124 6.84 -42.42 11.29
C TRP B 124 8.32 -42.07 11.41
N GLY B 125 8.61 -40.79 11.59
CA GLY B 125 9.99 -40.34 11.77
C GLY B 125 10.79 -40.39 10.48
N VAL B 126 10.16 -39.95 9.39
CA VAL B 126 10.81 -39.95 8.07
C VAL B 126 10.80 -38.54 7.47
N PRO B 127 11.59 -38.33 6.41
CA PRO B 127 11.60 -37.00 5.77
C PRO B 127 10.27 -36.61 5.14
N ALA B 128 9.92 -35.33 5.28
CA ALA B 128 8.79 -34.76 4.58
C ALA B 128 9.26 -33.62 3.68
N VAL B 129 8.76 -33.58 2.44
CA VAL B 129 9.03 -32.46 1.55
C VAL B 129 7.72 -31.88 1.05
N SER B 130 7.51 -30.59 1.35
CA SER B 130 6.30 -29.90 0.96
C SER B 130 6.48 -29.35 -0.45
N LEU B 131 5.47 -29.53 -1.30
CA LEU B 131 5.51 -28.95 -2.64
C LEU B 131 4.50 -27.83 -2.71
N SER B 132 4.96 -26.61 -2.98
CA SER B 132 4.07 -25.46 -3.03
C SER B 132 3.85 -24.97 -4.44
N PRO B 133 2.59 -24.91 -4.88
CA PRO B 133 2.29 -24.47 -6.25
C PRO B 133 2.29 -22.96 -6.36
N ASN B 134 2.43 -22.28 -5.24
CA ASN B 134 2.31 -20.83 -5.20
C ASN B 134 3.33 -20.28 -4.21
N LEU B 135 3.25 -18.98 -3.95
CA LEU B 135 4.23 -18.32 -3.09
C LEU B 135 4.24 -18.91 -1.70
N VAL B 136 5.36 -18.73 -1.00
CA VAL B 136 5.52 -19.25 0.34
C VAL B 136 5.76 -18.12 1.33
N ALA B 137 5.79 -18.47 2.61
CA ALA B 137 6.03 -17.48 3.65
C ALA B 137 7.49 -17.04 3.66
N TRP B 138 7.69 -15.73 3.83
CA TRP B 138 9.01 -15.19 4.03
C TRP B 138 9.23 -14.98 5.52
N LYS B 139 10.47 -14.71 5.93
CA LYS B 139 10.71 -14.40 7.32
C LYS B 139 10.08 -13.04 7.59
N GLY B 140 9.12 -13.00 8.51
CA GLY B 140 8.34 -11.81 8.72
C GLY B 140 6.88 -11.97 8.31
N TYR B 141 6.59 -13.06 7.60
CA TYR B 141 5.23 -13.36 7.15
C TYR B 141 4.29 -13.47 8.34
N GLU B 142 4.80 -13.97 9.45
CA GLU B 142 3.99 -14.12 10.65
C GLU B 142 3.39 -12.80 11.10
N GLU B 143 4.18 -11.75 11.09
CA GLU B 143 3.70 -10.47 11.62
C GLU B 143 3.06 -9.60 10.55
N GLU B 144 3.52 -9.74 9.31
CA GLU B 144 3.10 -8.84 8.22
C GLU B 144 1.82 -9.28 7.53
N VAL B 145 1.60 -10.58 7.46
CA VAL B 145 0.46 -11.13 6.73
C VAL B 145 -0.46 -11.90 7.67
N ALA B 146 0.08 -12.92 8.32
CA ALA B 146 -0.71 -13.84 9.14
C ALA B 146 -1.54 -13.14 10.22
N GLU B 147 -0.85 -12.48 11.15
CA GLU B 147 -1.52 -11.82 12.26
C GLU B 147 -2.57 -10.77 11.82
N PRO B 148 -2.27 -9.96 10.79
CA PRO B 148 -3.34 -9.09 10.28
C PRO B 148 -4.59 -9.82 9.80
N MET B 149 -4.45 -10.87 8.98
CA MET B 149 -5.65 -11.56 8.57
C MET B 149 -6.40 -12.22 9.74
N TRP B 150 -5.67 -12.74 10.72
CA TRP B 150 -6.32 -13.41 11.85
C TRP B 150 -6.77 -12.48 12.99
N ARG B 151 -6.38 -11.20 12.92
CA ARG B 151 -6.65 -10.27 14.04
C ARG B 151 -8.11 -10.26 14.51
N GLU B 152 -9.06 -10.16 13.60
CA GLU B 152 -10.47 -10.20 14.01
C GLU B 152 -11.18 -11.57 13.88
N PRO B 153 -10.79 -12.43 12.91
CA PRO B 153 -11.48 -13.72 12.97
C PRO B 153 -11.08 -14.54 14.19
N ARG B 154 -9.88 -14.31 14.72
CA ARG B 154 -9.50 -14.92 15.98
C ARG B 154 -10.10 -14.14 17.16
N GLN B 155 -11.04 -13.24 16.87
CA GLN B 155 -11.85 -12.60 17.92
C GLN B 155 -13.26 -13.20 17.96
N THR B 156 -13.68 -13.79 16.84
CA THR B 156 -15.02 -14.40 16.75
C THR B 156 -15.06 -15.76 17.45
N GLU B 157 -16.27 -16.27 17.71
CA GLU B 157 -16.37 -17.62 18.26
C GLU B 157 -15.90 -18.68 17.27
N ARG B 158 -16.25 -18.45 16.01
CA ARG B 158 -16.01 -19.43 14.95
C ARG B 158 -14.51 -19.62 14.72
N GLY B 159 -13.76 -18.53 14.88
CA GLY B 159 -12.32 -18.60 14.71
C GLY B 159 -11.68 -19.09 15.98
N ARG B 160 -12.24 -18.65 17.11
CA ARG B 160 -11.79 -19.10 18.41
C ARG B 160 -11.90 -20.60 18.54
N ALA B 161 -12.96 -21.17 17.98
CA ALA B 161 -13.22 -22.59 18.03
C ALA B 161 -12.26 -23.33 17.11
N TYR B 162 -12.08 -22.74 15.93
CA TYR B 162 -11.18 -23.29 14.91
C TYR B 162 -9.78 -23.57 15.48
N TYR B 163 -9.15 -22.59 16.13
CA TYR B 163 -7.80 -22.81 16.69
C TYR B 163 -7.69 -23.80 17.83
N ALA B 164 -8.63 -23.73 18.77
CA ALA B 164 -8.62 -24.65 19.90
C ALA B 164 -8.62 -26.08 19.36
N ARG B 165 -9.40 -26.29 18.30
CA ARG B 165 -9.47 -27.62 17.70
C ARG B 165 -8.10 -28.05 17.17
N PHE B 166 -7.38 -27.09 16.59
CA PHE B 166 -6.11 -27.36 15.91
C PHE B 166 -5.01 -27.71 16.92
N GLU B 167 -4.86 -26.87 17.96
CA GLU B 167 -3.89 -27.13 19.03
C GLU B 167 -4.09 -28.47 19.71
N ALA B 168 -5.34 -28.79 20.01
CA ALA B 168 -5.64 -30.04 20.68
C ALA B 168 -5.25 -31.18 19.75
N TRP B 169 -5.49 -30.98 18.46
CA TRP B 169 -5.26 -32.03 17.49
C TRP B 169 -3.78 -32.35 17.38
N LEU B 170 -2.95 -31.32 17.32
CA LEU B 170 -1.50 -31.57 17.27
C LEU B 170 -1.07 -32.36 18.52
N LYS B 171 -1.79 -32.15 19.62
CA LYS B 171 -1.57 -32.97 20.82
C LYS B 171 -2.19 -34.37 20.67
N GLU B 172 -3.20 -34.48 19.82
CA GLU B 172 -3.88 -35.77 19.59
C GLU B 172 -2.96 -36.71 18.81
N ASN B 173 -1.80 -36.19 18.40
CA ASN B 173 -0.81 -36.93 17.62
C ASN B 173 0.61 -36.82 18.20
N GLY B 174 0.89 -35.68 18.83
CA GLY B 174 2.14 -35.45 19.52
C GLY B 174 2.64 -34.04 19.32
N ILE B 175 2.27 -33.46 18.18
CA ILE B 175 2.90 -32.25 17.63
C ILE B 175 2.80 -30.96 18.45
N THR B 176 3.94 -30.27 18.58
CA THR B 176 4.01 -29.00 19.31
C THR B 176 3.58 -27.86 18.41
N GLU B 177 4.43 -26.85 18.27
CA GLU B 177 4.24 -25.71 17.34
C GLU B 177 2.82 -25.15 17.12
N HIS B 178 2.67 -23.84 17.23
CA HIS B 178 1.38 -23.24 16.97
C HIS B 178 0.88 -23.76 15.63
N PRO B 179 -0.43 -24.01 15.52
CA PRO B 179 -1.01 -24.57 14.28
C PRO B 179 -0.55 -23.82 13.05
N ASP B 180 -0.20 -22.55 13.18
CA ASP B 180 0.26 -21.79 12.03
C ASP B 180 1.68 -22.21 11.59
N THR B 181 2.52 -22.61 12.54
CA THR B 181 3.86 -23.11 12.21
C THR B 181 3.72 -24.41 11.44
N PHE B 182 2.93 -25.30 12.01
CA PHE B 182 2.59 -26.58 11.40
C PHE B 182 2.00 -26.36 10.01
N ALA B 183 1.11 -25.37 9.90
CA ALA B 183 0.42 -25.13 8.62
C ALA B 183 1.27 -24.39 7.59
N SER B 184 1.95 -23.33 8.01
CA SER B 184 2.50 -22.39 7.06
C SER B 184 4.02 -22.41 6.98
N HIS B 185 4.65 -23.25 7.79
CA HIS B 185 6.11 -23.21 7.93
C HIS B 185 6.76 -24.59 7.92
N PRO B 186 6.81 -25.19 6.72
CA PRO B 186 7.38 -26.53 6.55
C PRO B 186 8.87 -26.51 6.84
N PRO B 187 9.43 -27.65 7.25
CA PRO B 187 10.88 -27.74 7.44
C PRO B 187 11.64 -27.86 6.12
N ARG B 188 10.98 -28.28 5.05
CA ARG B 188 11.61 -28.40 3.74
C ARG B 188 10.57 -28.26 2.64
N SER B 189 10.83 -27.40 1.68
CA SER B 189 9.82 -27.10 0.67
C SER B 189 10.43 -26.81 -0.69
N LEU B 190 9.83 -27.37 -1.73
CA LEU B 190 10.15 -26.99 -3.10
C LEU B 190 9.02 -26.13 -3.62
N VAL B 191 9.37 -24.98 -4.18
CA VAL B 191 8.38 -24.01 -4.65
C VAL B 191 8.31 -24.06 -6.18
N LEU B 192 7.11 -24.33 -6.69
CA LEU B 192 6.92 -24.59 -8.12
C LEU B 192 6.52 -23.32 -8.88
N ILE B 193 6.98 -22.18 -8.38
CA ILE B 193 6.89 -20.92 -9.12
C ILE B 193 8.28 -20.33 -9.21
N PRO B 194 8.55 -19.55 -10.26
CA PRO B 194 9.87 -18.92 -10.30
C PRO B 194 10.02 -17.91 -9.17
N LYS B 195 11.23 -17.77 -8.63
CA LYS B 195 11.47 -16.86 -7.52
C LYS B 195 11.03 -15.43 -7.84
N ALA B 196 11.14 -15.05 -9.10
CA ALA B 196 10.74 -13.70 -9.52
C ALA B 196 9.28 -13.37 -9.19
N LEU B 197 8.42 -14.39 -9.17
CA LEU B 197 7.01 -14.17 -8.86
C LEU B 197 6.69 -14.31 -7.36
N GLN B 198 7.73 -14.50 -6.56
CA GLN B 198 7.56 -14.58 -5.10
C GLN B 198 7.72 -13.22 -4.46
N PRO B 199 6.67 -12.73 -3.79
CA PRO B 199 6.78 -11.46 -3.06
C PRO B 199 7.82 -11.58 -1.96
N HIS B 200 8.54 -10.49 -1.68
CA HIS B 200 9.54 -10.49 -0.61
C HIS B 200 10.52 -11.66 -0.72
N ALA B 201 10.88 -11.99 -1.96
CA ALA B 201 11.71 -13.16 -2.23
C ALA B 201 13.05 -13.13 -1.50
N ASP B 202 13.59 -11.93 -1.31
CA ASP B 202 14.86 -11.80 -0.63
C ASP B 202 14.80 -12.16 0.84
N ARG B 203 13.60 -12.27 1.40
CA ARG B 203 13.45 -12.68 2.79
C ARG B 203 12.98 -14.13 2.98
N VAL B 204 12.82 -14.86 1.88
CA VAL B 204 12.47 -16.28 2.00
C VAL B 204 13.69 -17.07 2.47
N ASP B 205 13.51 -17.93 3.47
CA ASP B 205 14.60 -18.74 4.04
C ASP B 205 15.09 -19.81 3.04
N GLU B 206 16.23 -19.52 2.40
CA GLU B 206 16.74 -20.33 1.30
C GLU B 206 16.99 -21.79 1.72
N ASP B 207 17.30 -21.99 3.00
CA ASP B 207 17.66 -23.32 3.47
C ASP B 207 16.48 -24.08 4.08
N VAL B 208 15.28 -23.58 3.82
CA VAL B 208 14.05 -24.37 3.93
C VAL B 208 13.44 -24.53 2.53
N TYR B 209 13.43 -23.43 1.79
CA TYR B 209 12.75 -23.36 0.49
C TYR B 209 13.72 -23.32 -0.68
N THR B 210 13.49 -24.18 -1.67
CA THR B 210 14.18 -24.09 -2.95
C THR B 210 13.17 -23.82 -4.05
N PHE B 211 13.43 -22.79 -4.86
CA PHE B 211 12.55 -22.46 -5.97
C PHE B 211 12.96 -23.22 -7.23
N VAL B 212 12.10 -24.11 -7.70
CA VAL B 212 12.45 -24.85 -8.92
C VAL B 212 11.68 -24.31 -10.11
N GLY B 213 10.91 -23.26 -9.91
CA GLY B 213 10.08 -22.72 -10.97
C GLY B 213 8.99 -23.70 -11.34
N ALA B 214 8.23 -23.37 -12.38
CA ALA B 214 7.12 -24.24 -12.82
C ALA B 214 7.63 -25.61 -13.31
N CYS B 215 6.87 -26.67 -13.02
CA CYS B 215 7.25 -28.01 -13.47
C CYS B 215 6.28 -28.54 -14.53
N GLN B 216 6.75 -28.49 -15.79
CA GLN B 216 5.91 -28.75 -16.95
C GLN B 216 6.30 -30.03 -17.67
N GLY B 217 7.58 -30.21 -17.96
CA GLY B 217 8.00 -31.33 -18.77
C GLY B 217 7.72 -31.17 -20.24
N ASP B 218 7.53 -32.30 -20.93
CA ASP B 218 7.66 -32.43 -22.38
C ASP B 218 6.80 -31.50 -23.24
N ARG B 219 7.40 -30.40 -23.66
CA ARG B 219 6.68 -29.46 -24.50
C ARG B 219 6.75 -29.83 -25.97
N ALA B 220 7.77 -30.61 -26.34
CA ALA B 220 7.95 -31.01 -27.74
C ALA B 220 6.72 -31.65 -28.36
N GLU B 221 6.03 -32.48 -27.58
CA GLU B 221 4.80 -33.15 -28.02
C GLU B 221 3.81 -32.16 -28.60
N GLU B 222 3.96 -30.89 -28.20
CA GLU B 222 3.13 -29.80 -28.70
C GLU B 222 3.69 -29.13 -29.95
N GLY B 223 4.88 -29.55 -30.39
CA GLY B 223 5.46 -28.98 -31.60
C GLY B 223 5.65 -27.48 -31.57
N GLY B 224 5.95 -26.90 -32.73
CA GLY B 224 6.26 -25.47 -32.82
C GLY B 224 5.48 -24.67 -33.85
N TRP B 225 5.94 -23.44 -34.12
CA TRP B 225 5.27 -22.45 -35.00
C TRP B 225 6.37 -21.56 -35.55
N GLN B 226 6.11 -20.82 -36.63
CA GLN B 226 7.18 -20.03 -37.27
C GLN B 226 6.93 -18.52 -37.44
N ARG B 227 8.03 -17.78 -37.50
CA ARG B 227 8.08 -16.33 -37.66
C ARG B 227 8.32 -16.02 -39.15
N PRO B 228 7.88 -14.83 -39.65
CA PRO B 228 7.97 -14.36 -41.06
C PRO B 228 9.17 -13.51 -41.61
N ALA B 229 8.86 -12.49 -42.42
CA ALA B 229 9.84 -11.83 -43.29
C ALA B 229 9.77 -10.28 -43.41
N GLY B 230 8.58 -9.72 -43.52
CA GLY B 230 8.47 -8.27 -43.52
C GLY B 230 8.40 -7.80 -42.07
N ALA B 231 7.98 -8.71 -41.21
CA ALA B 231 7.71 -8.43 -39.80
C ALA B 231 8.96 -8.23 -38.95
N GLU B 232 9.10 -7.05 -38.36
CA GLU B 232 10.17 -6.80 -37.41
C GLU B 232 9.88 -7.40 -36.04
N LYS B 233 8.64 -7.24 -35.56
CA LYS B 233 8.28 -7.64 -34.20
C LYS B 233 6.97 -8.43 -34.14
N VAL B 234 6.91 -9.38 -33.22
CA VAL B 234 5.76 -10.26 -33.11
C VAL B 234 5.09 -10.17 -31.75
N VAL B 235 3.77 -9.99 -31.75
CA VAL B 235 2.99 -10.00 -30.51
C VAL B 235 2.05 -11.21 -30.47
N LEU B 236 2.05 -11.94 -29.37
CA LEU B 236 1.05 -12.96 -29.14
C LEU B 236 0.05 -12.42 -28.15
N VAL B 237 -1.24 -12.55 -28.47
CA VAL B 237 -2.31 -12.29 -27.52
C VAL B 237 -2.92 -13.62 -27.15
N SER B 238 -2.82 -13.96 -25.87
CA SER B 238 -3.46 -15.16 -25.36
C SER B 238 -3.95 -14.86 -23.97
N LEU B 239 -5.25 -15.01 -23.77
CA LEU B 239 -5.79 -14.88 -22.44
C LEU B 239 -5.88 -16.27 -21.80
N GLY B 240 -4.96 -17.16 -22.17
CA GLY B 240 -4.89 -18.50 -21.57
C GLY B 240 -5.95 -19.49 -22.07
N SER B 241 -6.33 -20.45 -21.21
CA SER B 241 -7.55 -21.24 -21.45
C SER B 241 -8.79 -20.35 -21.33
N ALA B 242 -9.75 -20.76 -20.50
CA ALA B 242 -11.16 -20.34 -20.67
C ALA B 242 -11.62 -18.96 -20.21
N PHE B 243 -10.70 -18.09 -19.79
CA PHE B 243 -11.13 -16.72 -19.51
C PHE B 243 -10.89 -15.93 -20.79
N THR B 244 -11.31 -16.53 -21.89
CA THR B 244 -10.96 -16.07 -23.21
C THR B 244 -12.15 -15.64 -24.05
N LYS B 245 -13.34 -15.55 -23.45
CA LYS B 245 -14.45 -14.98 -24.18
C LYS B 245 -14.43 -13.46 -24.02
N GLN B 246 -13.61 -12.82 -24.83
CA GLN B 246 -13.45 -11.38 -24.78
C GLN B 246 -13.41 -10.79 -26.19
N PRO B 247 -14.48 -11.00 -26.97
CA PRO B 247 -14.41 -10.60 -28.39
C PRO B 247 -14.24 -9.10 -28.52
N ALA B 248 -14.78 -8.34 -27.58
CA ALA B 248 -14.52 -6.91 -27.54
C ALA B 248 -13.01 -6.72 -27.44
N PHE B 249 -12.45 -7.13 -26.31
CA PHE B 249 -11.01 -7.08 -26.10
C PHE B 249 -10.16 -7.59 -27.26
N TYR B 250 -10.62 -8.62 -27.98
CA TYR B 250 -9.84 -9.10 -29.13
C TYR B 250 -9.93 -8.16 -30.36
N ARG B 251 -11.12 -7.64 -30.62
CA ARG B 251 -11.27 -6.64 -31.67
C ARG B 251 -10.39 -5.46 -31.32
N GLU B 252 -10.18 -5.26 -30.03
CA GLU B 252 -9.27 -4.22 -29.57
C GLU B 252 -7.82 -4.41 -30.00
N CYS B 253 -7.32 -5.65 -30.05
CA CYS B 253 -5.94 -5.92 -30.42
C CYS B 253 -5.79 -5.85 -31.92
N VAL B 254 -6.84 -6.32 -32.59
CA VAL B 254 -6.99 -6.17 -34.03
C VAL B 254 -6.81 -4.71 -34.39
N ARG B 255 -7.42 -3.83 -33.60
CA ARG B 255 -7.23 -2.40 -33.82
C ARG B 255 -5.85 -1.99 -33.31
N ALA B 256 -5.33 -2.73 -32.34
CA ALA B 256 -4.10 -2.36 -31.64
C ALA B 256 -2.81 -2.82 -32.30
N PHE B 257 -2.91 -3.51 -33.41
CA PHE B 257 -1.71 -3.96 -34.12
C PHE B 257 -1.94 -3.99 -35.61
N GLY B 258 -3.18 -4.26 -35.99
CA GLY B 258 -3.64 -4.24 -37.38
C GLY B 258 -2.89 -3.26 -38.25
N ASN B 259 -2.03 -3.82 -39.10
CA ASN B 259 -1.24 -3.10 -40.10
C ASN B 259 0.06 -2.48 -39.60
N LEU B 260 0.33 -2.53 -38.30
CA LEU B 260 1.53 -1.87 -37.76
C LEU B 260 2.84 -2.34 -38.39
N PRO B 261 3.62 -1.37 -38.94
CA PRO B 261 4.90 -1.66 -39.58
C PRO B 261 5.83 -2.48 -38.68
N GLY B 262 6.49 -3.46 -39.31
CA GLY B 262 7.35 -4.39 -38.62
C GLY B 262 6.67 -5.15 -37.51
N TRP B 263 5.37 -5.40 -37.65
CA TRP B 263 4.64 -6.09 -36.60
C TRP B 263 3.61 -7.06 -37.13
N HIS B 264 3.54 -8.21 -36.47
CA HIS B 264 2.61 -9.27 -36.81
C HIS B 264 1.93 -9.73 -35.51
N LEU B 265 0.62 -9.92 -35.58
CA LEU B 265 -0.17 -10.30 -34.41
C LEU B 265 -0.64 -11.75 -34.43
N VAL B 266 -0.18 -12.54 -33.47
CA VAL B 266 -0.77 -13.85 -33.32
C VAL B 266 -1.83 -13.69 -32.25
N LEU B 267 -3.08 -13.92 -32.63
CA LEU B 267 -4.19 -13.69 -31.72
C LEU B 267 -4.97 -14.97 -31.55
N GLN B 268 -4.76 -15.64 -30.42
CA GLN B 268 -5.57 -16.80 -30.07
C GLN B 268 -6.81 -16.28 -29.38
N ILE B 269 -7.97 -16.79 -29.77
CA ILE B 269 -9.23 -16.28 -29.22
C ILE B 269 -10.07 -17.35 -28.55
N GLY B 270 -9.58 -18.59 -28.53
CA GLY B 270 -10.36 -19.68 -27.97
C GLY B 270 -11.59 -19.98 -28.82
N ARG B 271 -12.32 -21.03 -28.45
CA ARG B 271 -13.49 -21.49 -29.19
C ARG B 271 -14.69 -20.55 -29.08
N LYS B 272 -14.76 -19.83 -27.97
CA LYS B 272 -15.96 -19.04 -27.67
C LYS B 272 -16.18 -17.94 -28.70
N VAL B 273 -15.15 -17.13 -28.94
CA VAL B 273 -15.23 -16.06 -29.91
C VAL B 273 -15.05 -16.62 -31.31
N THR B 274 -15.82 -16.12 -32.26
CA THR B 274 -15.64 -16.51 -33.66
C THR B 274 -14.87 -15.45 -34.43
N PRO B 275 -13.90 -15.87 -35.25
CA PRO B 275 -13.08 -14.93 -36.01
C PRO B 275 -13.92 -13.97 -36.86
N ALA B 276 -15.11 -14.38 -37.23
CA ALA B 276 -16.03 -13.50 -37.92
C ALA B 276 -16.38 -12.33 -37.02
N GLU B 277 -16.59 -12.59 -35.73
CA GLU B 277 -16.84 -11.53 -34.76
C GLU B 277 -15.68 -10.55 -34.78
N LEU B 278 -14.48 -11.10 -34.67
CA LEU B 278 -13.25 -10.32 -34.73
C LEU B 278 -13.32 -9.26 -35.82
N GLY B 279 -13.27 -9.68 -37.09
CA GLY B 279 -13.54 -8.76 -38.18
C GLY B 279 -12.77 -9.11 -39.43
N GLU B 280 -12.80 -8.23 -40.42
CA GLU B 280 -12.06 -8.45 -41.66
C GLU B 280 -10.56 -8.41 -41.37
N LEU B 281 -9.96 -9.59 -41.21
CA LEU B 281 -8.56 -9.66 -40.82
C LEU B 281 -7.68 -9.81 -42.04
N PRO B 282 -6.89 -8.77 -42.32
CA PRO B 282 -6.11 -8.65 -43.56
C PRO B 282 -5.07 -9.75 -43.66
N ASP B 283 -3.88 -9.50 -43.13
CA ASP B 283 -2.79 -10.47 -43.22
C ASP B 283 -2.07 -10.79 -41.89
N ASN B 284 -2.32 -10.01 -40.84
CA ASN B 284 -1.45 -10.08 -39.66
C ASN B 284 -2.16 -10.45 -38.38
N VAL B 285 -3.45 -10.14 -38.29
CA VAL B 285 -4.22 -10.70 -37.19
C VAL B 285 -4.54 -12.10 -37.62
N GLU B 286 -3.47 -12.90 -37.71
CA GLU B 286 -3.56 -14.33 -37.89
C GLU B 286 -4.23 -14.78 -36.61
N VAL B 287 -5.49 -15.15 -36.72
CA VAL B 287 -6.22 -15.60 -35.56
C VAL B 287 -6.31 -17.12 -35.55
N HIS B 288 -6.18 -17.67 -34.35
CA HIS B 288 -6.47 -19.07 -34.07
C HIS B 288 -7.37 -19.18 -32.85
N ASP B 289 -7.88 -20.38 -32.58
CA ASP B 289 -8.56 -20.64 -31.32
C ASP B 289 -7.60 -21.22 -30.27
N TRP B 290 -6.43 -21.66 -30.73
CA TRP B 290 -5.47 -22.33 -29.88
C TRP B 290 -4.10 -22.25 -30.56
N VAL B 291 -3.03 -22.04 -29.79
CA VAL B 291 -1.71 -21.88 -30.39
C VAL B 291 -0.62 -22.64 -29.62
N PRO B 292 0.50 -22.98 -30.30
CA PRO B 292 1.58 -23.61 -29.54
C PRO B 292 2.29 -22.54 -28.68
N GLN B 293 1.75 -22.29 -27.50
CA GLN B 293 2.08 -21.08 -26.75
C GLN B 293 3.57 -20.90 -26.44
N LEU B 294 4.21 -21.94 -25.90
CA LEU B 294 5.61 -21.78 -25.53
C LEU B 294 6.49 -21.60 -26.75
N ALA B 295 6.18 -22.36 -27.81
CA ALA B 295 6.96 -22.30 -29.04
C ALA B 295 6.83 -20.95 -29.74
N ILE B 296 5.64 -20.34 -29.61
CA ILE B 296 5.42 -19.00 -30.16
C ILE B 296 6.12 -17.93 -29.33
N LEU B 297 6.11 -18.08 -28.00
CA LEU B 297 6.77 -17.11 -27.12
C LEU B 297 8.28 -17.08 -27.31
N ARG B 298 8.83 -18.14 -27.89
CA ARG B 298 10.26 -18.19 -28.16
C ARG B 298 10.60 -17.49 -29.46
N GLN B 299 9.60 -16.84 -30.06
CA GLN B 299 9.80 -16.04 -31.26
C GLN B 299 8.95 -14.77 -31.19
N ALA B 300 8.75 -14.26 -29.97
CA ALA B 300 7.87 -13.13 -29.79
C ALA B 300 8.62 -11.90 -29.29
N ASP B 301 8.03 -10.74 -29.48
CA ASP B 301 8.60 -9.50 -28.98
C ASP B 301 7.72 -8.95 -27.85
N LEU B 302 6.46 -9.40 -27.83
CA LEU B 302 5.49 -8.97 -26.81
C LEU B 302 4.43 -10.06 -26.57
N PHE B 303 3.96 -10.16 -25.33
CA PHE B 303 2.99 -11.19 -24.94
C PHE B 303 1.86 -10.51 -24.17
N VAL B 304 0.63 -10.61 -24.67
CA VAL B 304 -0.54 -10.11 -23.93
C VAL B 304 -1.19 -11.30 -23.24
N THR B 305 -1.19 -11.26 -21.91
CA THR B 305 -1.49 -12.43 -21.08
C THR B 305 -2.46 -12.11 -19.94
N HIS B 306 -3.24 -13.11 -19.53
CA HIS B 306 -4.15 -12.91 -18.39
C HIS B 306 -3.45 -13.14 -17.06
N ALA B 307 -2.18 -13.56 -17.16
CA ALA B 307 -1.33 -13.74 -15.99
C ALA B 307 -1.77 -14.85 -15.03
N GLY B 308 -2.22 -15.98 -15.58
CA GLY B 308 -2.34 -17.18 -14.78
C GLY B 308 -0.94 -17.64 -14.41
N ALA B 309 -0.82 -18.59 -13.49
CA ALA B 309 0.49 -19.10 -13.08
C ALA B 309 1.31 -19.56 -14.29
N GLY B 310 0.63 -20.23 -15.20
CA GLY B 310 1.26 -20.73 -16.42
C GLY B 310 1.85 -19.67 -17.34
N GLY B 311 0.99 -18.80 -17.86
CA GLY B 311 1.41 -17.80 -18.83
C GLY B 311 2.42 -16.79 -18.30
N SER B 312 2.26 -16.41 -17.03
CA SER B 312 3.17 -15.44 -16.43
C SER B 312 4.60 -15.98 -16.43
N GLN B 313 4.77 -17.21 -16.00
CA GLN B 313 6.12 -17.73 -15.93
C GLN B 313 6.66 -18.05 -17.32
N GLU B 314 5.77 -18.41 -18.25
CA GLU B 314 6.18 -18.64 -19.64
C GLU B 314 6.73 -17.37 -20.27
N GLY B 315 6.08 -16.24 -20.02
CA GLY B 315 6.54 -14.97 -20.53
C GLY B 315 7.90 -14.62 -19.93
N LEU B 316 8.03 -14.86 -18.64
CA LEU B 316 9.30 -14.64 -17.96
C LEU B 316 10.41 -15.53 -18.51
N ALA B 317 10.09 -16.80 -18.72
CA ALA B 317 11.11 -17.79 -19.08
C ALA B 317 11.65 -17.57 -20.49
N THR B 318 10.88 -16.85 -21.29
CA THR B 318 11.27 -16.56 -22.67
C THR B 318 11.70 -15.10 -22.83
N ALA B 319 11.86 -14.40 -21.71
CA ALA B 319 12.30 -13.00 -21.71
C ALA B 319 11.43 -12.12 -22.60
N THR B 320 10.11 -12.30 -22.50
CA THR B 320 9.18 -11.57 -23.33
C THR B 320 8.42 -10.52 -22.53
N PRO B 321 8.54 -9.24 -22.93
CA PRO B 321 7.80 -8.17 -22.23
C PRO B 321 6.32 -8.45 -22.29
N MET B 322 5.57 -8.05 -21.26
CA MET B 322 4.16 -8.42 -21.17
C MET B 322 3.20 -7.26 -20.96
N ILE B 323 2.01 -7.39 -21.53
CA ILE B 323 0.87 -6.59 -21.11
C ILE B 323 -0.05 -7.56 -20.41
N ALA B 324 -0.26 -7.33 -19.12
CA ALA B 324 -1.13 -8.20 -18.33
C ALA B 324 -2.52 -7.59 -18.25
N VAL B 325 -3.48 -8.30 -18.83
CA VAL B 325 -4.87 -7.85 -18.86
C VAL B 325 -5.66 -8.94 -18.17
N PRO B 326 -5.62 -8.96 -16.82
CA PRO B 326 -6.15 -10.05 -16.01
C PRO B 326 -7.67 -10.08 -15.88
N GLN B 327 -8.22 -11.28 -15.67
CA GLN B 327 -9.62 -11.44 -15.26
C GLN B 327 -9.76 -11.98 -13.84
N ALA B 328 -9.41 -13.25 -13.62
CA ALA B 328 -9.78 -13.89 -12.36
C ALA B 328 -8.64 -14.28 -11.42
N VAL B 329 -9.00 -15.05 -10.39
CA VAL B 329 -8.11 -15.72 -9.42
C VAL B 329 -6.72 -15.16 -9.04
N ASP B 330 -5.75 -16.07 -8.91
CA ASP B 330 -4.39 -15.76 -8.49
C ASP B 330 -3.68 -14.84 -9.47
N GLN B 331 -4.26 -14.74 -10.66
CA GLN B 331 -3.75 -13.86 -11.70
C GLN B 331 -3.56 -12.43 -11.18
N PHE B 332 -4.15 -12.14 -10.04
CA PHE B 332 -4.08 -10.80 -9.45
C PHE B 332 -2.73 -10.52 -8.81
N GLY B 333 -2.21 -11.48 -8.04
CA GLY B 333 -0.84 -11.38 -7.55
C GLY B 333 0.10 -11.31 -8.73
N ASN B 334 0.12 -12.36 -9.54
CA ASN B 334 0.96 -12.45 -10.75
C ASN B 334 1.06 -11.15 -11.56
N ALA B 335 -0.08 -10.59 -11.93
CA ALA B 335 -0.12 -9.40 -12.77
C ALA B 335 0.54 -8.20 -12.11
N ASP B 336 0.21 -7.94 -10.85
CA ASP B 336 0.89 -6.87 -10.12
C ASP B 336 2.35 -7.27 -9.91
N MET B 337 2.61 -8.56 -9.71
CA MET B 337 3.99 -9.04 -9.60
C MET B 337 4.78 -8.69 -10.86
N LEU B 338 4.19 -8.96 -12.02
CA LEU B 338 4.88 -8.73 -13.28
C LEU B 338 5.19 -7.25 -13.49
N GLN B 339 4.22 -6.40 -13.20
CA GLN B 339 4.45 -4.96 -13.36
C GLN B 339 5.46 -4.48 -12.34
N GLY B 340 5.41 -5.03 -11.13
CA GLY B 340 6.36 -4.68 -10.09
C GLY B 340 7.79 -5.06 -10.41
N LEU B 341 7.95 -6.09 -11.22
CA LEU B 341 9.28 -6.54 -11.62
C LEU B 341 9.90 -5.59 -12.63
N GLY B 342 9.07 -4.73 -13.22
CA GLY B 342 9.52 -3.79 -14.22
C GLY B 342 9.60 -4.39 -15.61
N VAL B 343 8.82 -5.44 -15.85
CA VAL B 343 8.87 -6.14 -17.14
C VAL B 343 7.49 -6.30 -17.80
N ALA B 344 6.53 -5.50 -17.35
CA ALA B 344 5.16 -5.62 -17.83
C ALA B 344 4.33 -4.41 -17.44
N ARG B 345 3.17 -4.26 -18.09
CA ARG B 345 2.19 -3.28 -17.64
C ARG B 345 0.84 -3.97 -17.52
N LYS B 346 0.11 -3.59 -16.48
CA LYS B 346 -1.28 -4.01 -16.31
C LYS B 346 -2.21 -3.07 -17.05
N LEU B 347 -3.21 -3.66 -17.70
CA LEU B 347 -4.42 -2.94 -18.13
C LEU B 347 -5.63 -3.71 -17.59
N ALA B 348 -6.75 -3.02 -17.41
CA ALA B 348 -8.00 -3.66 -17.01
C ALA B 348 -8.71 -4.22 -18.24
N THR B 349 -9.52 -5.26 -18.06
CA THR B 349 -10.21 -5.90 -19.18
C THR B 349 -11.01 -4.89 -20.02
N GLU B 350 -11.52 -3.84 -19.41
CA GLU B 350 -12.24 -2.84 -20.18
C GLU B 350 -11.32 -1.73 -20.67
N GLU B 351 -10.07 -1.75 -20.21
CA GLU B 351 -9.15 -0.61 -20.32
C GLU B 351 -8.20 -0.68 -21.54
N ALA B 352 -8.25 -1.80 -22.25
CA ALA B 352 -7.26 -2.09 -23.29
C ALA B 352 -7.65 -1.49 -24.64
N THR B 353 -7.89 -0.19 -24.65
CA THR B 353 -8.31 0.48 -25.88
C THR B 353 -7.18 0.49 -26.92
N ALA B 354 -7.53 0.56 -28.20
CA ALA B 354 -6.56 0.37 -29.27
C ALA B 354 -5.30 1.21 -29.13
N ASP B 355 -5.48 2.53 -29.22
CA ASP B 355 -4.38 3.48 -29.08
C ASP B 355 -3.45 3.13 -27.91
N LEU B 356 -4.03 2.80 -26.76
CA LEU B 356 -3.24 2.51 -25.55
C LEU B 356 -2.40 1.24 -25.69
N LEU B 357 -2.89 0.25 -26.42
CA LEU B 357 -2.10 -0.96 -26.61
C LEU B 357 -0.86 -0.71 -27.50
N ARG B 358 -0.97 0.19 -28.46
CA ARG B 358 0.16 0.60 -29.29
C ARG B 358 1.20 1.32 -28.42
N GLU B 359 0.81 2.46 -27.87
CA GLU B 359 1.63 3.20 -26.91
C GLU B 359 1.91 2.43 -25.60
N THR B 360 2.24 1.16 -25.74
CA THR B 360 2.62 0.35 -24.59
C THR B 360 3.40 -0.82 -25.17
N ALA B 361 2.90 -1.36 -26.29
CA ALA B 361 3.68 -2.31 -27.07
C ALA B 361 5.00 -1.69 -27.51
N LEU B 362 4.91 -0.52 -28.16
CA LEU B 362 6.09 0.22 -28.61
C LEU B 362 7.01 0.56 -27.44
N ALA B 363 6.45 1.06 -26.34
CA ALA B 363 7.28 1.44 -25.20
C ALA B 363 8.00 0.25 -24.57
N LEU B 364 7.35 -0.90 -24.54
CA LEU B 364 7.94 -2.07 -23.90
C LEU B 364 9.04 -2.71 -24.75
N VAL B 365 8.79 -2.85 -26.06
CA VAL B 365 9.75 -3.56 -26.91
C VAL B 365 11.04 -2.79 -27.12
N ASP B 366 11.04 -1.50 -26.81
CA ASP B 366 12.21 -0.67 -27.06
C ASP B 366 12.99 -0.40 -25.79
N ASP B 367 12.33 -0.62 -24.67
CA ASP B 367 12.91 -0.29 -23.36
C ASP B 367 14.07 -1.22 -23.01
N PRO B 368 15.29 -0.66 -22.92
CA PRO B 368 16.45 -1.50 -22.66
C PRO B 368 16.46 -2.11 -21.26
N GLU B 369 15.92 -1.40 -20.26
CA GLU B 369 15.91 -1.93 -18.90
C GLU B 369 14.93 -3.10 -18.73
N VAL B 370 13.76 -2.98 -19.36
CA VAL B 370 12.83 -4.10 -19.42
C VAL B 370 13.54 -5.32 -19.97
N ALA B 371 14.30 -5.10 -21.05
CA ALA B 371 15.05 -6.19 -21.66
C ALA B 371 16.12 -6.75 -20.73
N ARG B 372 16.85 -5.86 -20.07
CA ARG B 372 17.87 -6.33 -19.12
C ARG B 372 17.27 -7.21 -18.02
N ARG B 373 16.20 -6.75 -17.39
CA ARG B 373 15.60 -7.51 -16.28
C ARG B 373 15.01 -8.84 -16.75
N LEU B 374 14.35 -8.83 -17.90
CA LEU B 374 13.82 -10.07 -18.46
C LEU B 374 14.94 -11.05 -18.74
N ARG B 375 16.05 -10.56 -19.28
CA ARG B 375 17.18 -11.45 -19.55
C ARG B 375 17.76 -11.99 -18.24
N ARG B 376 17.81 -11.15 -17.21
CA ARG B 376 18.24 -11.64 -15.89
C ARG B 376 17.29 -12.72 -15.34
N ILE B 377 15.99 -12.43 -15.37
CA ILE B 377 15.00 -13.37 -14.86
C ILE B 377 15.05 -14.69 -15.62
N GLN B 378 15.19 -14.58 -16.93
CA GLN B 378 15.26 -15.74 -17.81
C GLN B 378 16.41 -16.66 -17.41
N ALA B 379 17.56 -16.08 -17.13
CA ALA B 379 18.72 -16.87 -16.68
C ALA B 379 18.45 -17.60 -15.37
N GLU B 380 17.82 -16.89 -14.42
CA GLU B 380 17.46 -17.47 -13.13
C GLU B 380 16.56 -18.71 -13.33
N MET B 381 15.48 -18.53 -14.07
CA MET B 381 14.55 -19.62 -14.35
C MET B 381 15.20 -20.76 -15.12
N ALA B 382 16.33 -20.49 -15.75
CA ALA B 382 17.13 -21.55 -16.33
C ALA B 382 17.91 -22.30 -15.25
N GLN B 383 18.28 -21.61 -14.18
CA GLN B 383 19.04 -22.26 -13.10
C GLN B 383 18.16 -22.86 -12.02
N GLU B 384 16.88 -22.47 -11.99
CA GLU B 384 15.93 -23.05 -11.04
C GLU B 384 15.69 -24.54 -11.33
N GLY B 385 15.40 -24.86 -12.59
CA GLY B 385 15.49 -26.24 -13.05
C GLY B 385 14.22 -27.02 -13.33
N GLY B 386 13.09 -26.59 -12.80
CA GLY B 386 11.85 -27.28 -13.06
C GLY B 386 11.84 -28.75 -12.64
N THR B 387 11.12 -29.57 -13.41
CA THR B 387 10.78 -30.93 -13.02
C THR B 387 12.00 -31.85 -12.74
N ARG B 388 13.02 -31.79 -13.59
CA ARG B 388 14.22 -32.61 -13.38
C ARG B 388 14.91 -32.28 -12.06
N ARG B 389 15.06 -30.99 -11.77
CA ARG B 389 15.75 -30.59 -10.55
C ARG B 389 14.92 -30.90 -9.31
N ALA B 390 13.60 -30.76 -9.41
CA ALA B 390 12.73 -31.10 -8.29
C ALA B 390 12.96 -32.54 -7.87
N ALA B 391 13.03 -33.44 -8.85
CA ALA B 391 13.29 -34.84 -8.55
C ALA B 391 14.67 -35.06 -7.90
N ASP B 392 15.70 -34.38 -8.40
CA ASP B 392 17.02 -34.45 -7.77
C ASP B 392 16.95 -34.09 -6.29
N LEU B 393 16.26 -33.01 -5.99
CA LEU B 393 16.26 -32.47 -4.64
C LEU B 393 15.44 -33.38 -3.73
N ILE B 394 14.38 -33.97 -4.27
CA ILE B 394 13.62 -34.96 -3.53
C ILE B 394 14.50 -36.18 -3.22
N GLU B 395 15.36 -36.56 -4.15
CA GLU B 395 16.24 -37.69 -3.89
C GLU B 395 17.33 -37.34 -2.87
N ALA B 396 17.72 -36.07 -2.82
CA ALA B 396 18.76 -35.64 -1.90
C ALA B 396 18.30 -35.71 -0.44
N GLU B 397 17.00 -35.90 -0.24
CA GLU B 397 16.45 -36.02 1.12
C GLU B 397 16.15 -37.47 1.50
N LEU B 398 16.20 -38.39 0.53
CA LEU B 398 15.95 -39.81 0.80
C LEU B 398 16.94 -40.38 1.79
N PRO B 399 16.44 -40.89 2.95
CA PRO B 399 17.21 -41.43 4.08
C PRO B 399 18.57 -42.05 3.75
C10 ERY C . 5.94 11.41 4.77
C11 ERY C . 6.92 12.53 4.55
C12 ERY C . 6.47 13.57 3.51
C13 ERY C . 7.26 14.85 3.72
O2 ERY C . 6.65 15.54 4.81
C2 ERY C . 6.74 16.57 7.05
C3 ERY C . 6.88 15.62 8.25
C4 ERY C . 5.67 14.74 8.32
C5 ERY C . 5.83 13.56 9.34
C6 ERY C . 6.23 12.28 8.61
C7 ERY C . 5.01 11.73 7.85
C8 ERY C . 5.33 10.40 7.13
C9 ERY C . 6.31 10.59 6.00
O11 ERY C . 7.40 10.05 6.05
C1 ERY C . 7.50 15.94 5.88
O1 ERY C . 8.63 15.53 6.01
O3 ERY C . 7.12 16.33 9.48
O7 ERY C . 4.59 13.33 10.00
C34 ERY C . 5.93 10.45 3.59
C33 ERY C . 4.07 9.79 6.57
C35 ERY C . 4.99 13.85 3.67
O12 ERY C . 8.17 11.99 4.18
O13 ERY C . 6.70 13.11 2.22
C36 ERY C . 7.21 15.78 2.52
C30 ERY C . 7.28 17.97 7.20
C32 ERY C . 6.74 11.25 9.58
O10 ERY C . 7.24 12.58 7.70
C22 ERY C . 4.61 13.57 11.41
C23 ERY C . 3.18 13.54 11.98
C24 ERY C . 3.25 13.70 13.49
C25 ERY C . 4.17 12.64 14.07
C26 ERY C . 5.55 12.73 13.40
O9 ERY C . 5.39 12.62 12.02
N1 ERY C . 1.89 13.70 14.05
C27 ERY C . 6.44 11.60 13.86
O8 ERY C . 2.44 14.59 11.45
C28 ERY C . 1.94 13.82 15.52
C14 ERY C . 8.52 16.38 9.80
C15 ERY C . 8.84 17.66 10.58
C16 ERY C . 8.35 17.64 12.03
C17 ERY C . 8.69 16.35 12.71
C18 ERY C . 8.35 15.16 11.86
O4 ERY C . 8.90 15.28 10.55
O5 ERY C . 6.91 17.80 12.05
O6 ERY C . 7.95 16.27 13.93
C20 ERY C . 6.42 18.90 11.29
C29 ERY C . 1.13 12.54 13.68
C21 ERY C . 9.00 13.96 12.47
C37 ERY C . 8.14 16.99 2.76
C31 ERY C . 4.44 15.61 8.66
C19 ERY C . 8.99 18.77 12.77
N1 UDP D . -6.40 28.46 20.12
C2 UDP D . -7.54 29.19 20.44
N3 UDP D . -7.75 29.58 21.75
C4 UDP D . -6.84 29.25 22.74
C5 UDP D . -5.71 28.54 22.41
C6 UDP D . -5.51 28.12 21.09
O2 UDP D . -8.36 29.48 19.57
O4 UDP D . -7.03 29.61 23.91
C1' UDP D . -6.16 28.01 18.73
C2' UDP D . -5.16 28.87 18.02
O2' UDP D . -5.93 29.78 17.28
C3' UDP D . -4.50 27.92 17.06
C4' UDP D . -4.65 26.56 17.70
O4' UDP D . -5.66 26.68 18.68
O3' UDP D . -5.29 28.04 15.91
C5' UDP D . -3.36 26.11 18.38
O5' UDP D . -2.61 25.25 17.54
PA UDP D . -1.19 25.75 16.95
O1A UDP D . -0.94 25.11 15.63
O2A UDP D . -1.23 27.22 16.82
O3A UDP D . -0.02 25.38 17.99
PB UDP D . 0.13 24.04 18.87
O1B UDP D . -1.17 23.77 19.49
O2B UDP D . 1.13 24.24 19.95
O3B UDP D . 0.55 22.87 18.07
C10 ERY E . -2.27 -22.71 4.07
C11 ERY E . -1.71 -21.36 3.62
C12 ERY E . -0.20 -21.35 3.34
C13 ERY E . 0.20 -20.01 2.73
O2 ERY E . -0.17 -19.98 1.35
C2 ERY E . -1.80 -19.49 -0.50
C3 ERY E . -3.33 -19.67 -0.55
C4 ERY E . -3.65 -21.13 -0.34
C5 ERY E . -5.12 -21.37 0.03
C6 ERY E . -5.20 -21.63 1.54
C7 ERY E . -4.63 -23.03 1.83
C8 ERY E . -4.71 -23.44 3.33
C9 ERY E . -3.78 -22.62 4.21
O11 ERY E . -4.26 -21.88 5.07
C1 ERY E . -1.40 -19.33 0.96
O1 ERY E . -1.92 -18.50 1.69
O3 ERY E . -3.91 -19.20 -1.77
O7 ERY E . -5.65 -22.52 -0.67
C34 ERY E . -1.78 -23.16 5.45
C33 ERY E . -4.30 -24.88 3.45
C35 ERY E . 0.17 -22.46 2.39
O12 ERY E . -2.03 -20.34 4.57
O13 ERY E . 0.53 -21.51 4.51
C36 ERY E . 1.71 -19.90 2.75
C30 ERY E . -1.23 -18.30 -1.22
C32 ERY E . -6.60 -21.51 2.05
O10 ERY E . -4.43 -20.65 2.19
C22 ERY E . -6.76 -22.27 -1.54
C23 ERY E . -6.97 -23.52 -2.44
C24 ERY E . -8.28 -23.43 -3.19
C25 ERY E . -9.40 -23.18 -2.21
C26 ERY E . -9.11 -21.94 -1.36
O9 ERY E . -7.86 -22.05 -0.74
N1 ERY E . -8.53 -24.66 -3.93
C27 ERY E . -10.15 -21.86 -0.28
O8 ERY E . -5.92 -23.66 -3.36
C28 ERY E . -8.35 -25.85 -3.08
C14 ERY E . -4.42 -17.85 -1.71
C15 ERY E . -4.63 -17.29 -3.13
C16 ERY E . -5.95 -17.77 -3.75
C17 ERY E . -7.07 -17.51 -2.79
C18 ERY E . -6.81 -18.20 -1.49
O4 ERY E . -5.55 -17.80 -0.93
O5 ERY E . -5.84 -19.17 -4.04
O6 ERY E . -8.26 -18.04 -3.37
C20 ERY E . -4.74 -19.47 -4.91
C29 ERY E . -9.87 -24.68 -4.45
C21 ERY E . -7.85 -17.78 -0.51
C37 ERY E . 2.21 -18.83 3.74
C31 ERY E . -3.28 -21.96 -1.60
C19 ERY E . -6.21 -17.02 -5.02
N1 UDP F . -2.02 -22.50 -23.70
C2 UDP F . -1.62 -22.95 -24.94
N3 UDP F . -2.17 -22.38 -26.08
C4 UDP F . -3.11 -21.37 -25.98
C5 UDP F . -3.51 -20.93 -24.72
C6 UDP F . -3.06 -21.61 -23.59
O2 UDP F . -0.78 -23.85 -25.03
O4 UDP F . -3.61 -20.87 -26.99
C1' UDP F . -1.43 -23.12 -22.49
C2' UDP F . -0.29 -22.31 -21.90
O2' UDP F . 0.96 -22.84 -22.25
C3' UDP F . -0.49 -22.43 -20.40
C4' UDP F . -1.91 -22.94 -20.22
O4' UDP F . -2.43 -23.23 -21.51
O3' UDP F . 0.42 -23.36 -19.85
C5' UDP F . -2.78 -21.89 -19.54
O5' UDP F . -2.34 -21.78 -18.21
PA UDP F . -2.49 -20.38 -17.43
O1A UDP F . -2.12 -20.60 -16.01
O2A UDP F . -1.70 -19.31 -18.09
O3A UDP F . -4.03 -19.95 -17.66
PB UDP F . -5.36 -20.77 -17.22
O1B UDP F . -6.35 -19.73 -16.82
O2B UDP F . -5.04 -21.70 -16.12
O3B UDP F . -5.85 -21.54 -18.39
MG MG G . 11.28 -14.73 -27.52
N ALA A 8 -18.59 12.03 -8.18
CA ALA A 8 -19.27 12.05 -6.88
C ALA A 8 -19.17 10.72 -6.10
N HIS A 9 -18.26 9.86 -6.56
CA HIS A 9 -17.62 9.01 -5.57
C HIS A 9 -16.20 9.47 -5.48
N ILE A 10 -16.02 10.53 -4.71
CA ILE A 10 -14.71 10.97 -4.31
C ILE A 10 -14.45 10.24 -3.00
N ALA A 11 -13.35 9.52 -2.93
CA ALA A 11 -12.99 8.78 -1.72
C ALA A 11 -11.84 9.51 -1.00
N MET A 12 -12.04 9.85 0.26
CA MET A 12 -11.00 10.49 1.09
C MET A 12 -10.41 9.47 2.07
N PHE A 13 -9.11 9.58 2.36
CA PHE A 13 -8.42 8.64 3.24
C PHE A 13 -7.57 9.39 4.25
N SER A 14 -7.67 9.04 5.52
CA SER A 14 -6.71 9.53 6.51
C SER A 14 -6.51 8.59 7.69
N ILE A 15 -5.71 9.04 8.66
CA ILE A 15 -5.47 8.32 9.89
C ILE A 15 -6.15 9.08 11.01
N ALA A 16 -6.22 8.49 12.20
CA ALA A 16 -6.87 9.15 13.32
C ALA A 16 -5.91 10.05 14.09
N ALA A 17 -5.46 11.12 13.45
CA ALA A 17 -4.66 12.13 14.14
C ALA A 17 -5.28 13.47 13.83
N HIS A 18 -5.47 14.29 14.87
CA HIS A 18 -6.14 15.57 14.69
C HIS A 18 -5.50 16.39 13.58
N GLY A 19 -4.18 16.50 13.58
CA GLY A 19 -3.49 17.31 12.60
C GLY A 19 -3.49 16.75 11.18
N HIS A 20 -4.04 15.56 11.01
CA HIS A 20 -4.20 14.98 9.68
C HIS A 20 -5.66 14.81 9.28
N VAL A 21 -6.58 15.21 10.16
CA VAL A 21 -8.01 15.16 9.87
C VAL A 21 -8.63 16.55 9.98
N ASN A 22 -8.45 17.17 11.14
CA ASN A 22 -8.95 18.51 11.37
C ASN A 22 -8.66 19.50 10.23
N PRO A 23 -7.45 19.46 9.64
CA PRO A 23 -7.19 20.47 8.60
C PRO A 23 -8.08 20.37 7.38
N SER A 24 -8.56 19.18 7.01
CA SER A 24 -9.42 19.10 5.82
C SER A 24 -10.90 18.86 6.12
N LEU A 25 -11.28 18.99 7.39
CA LEU A 25 -12.67 18.73 7.80
C LEU A 25 -13.74 19.49 7.00
N GLU A 26 -13.56 20.80 6.84
CA GLU A 26 -14.58 21.58 6.10
C GLU A 26 -14.55 21.39 4.58
N VAL A 27 -13.40 21.02 4.03
CA VAL A 27 -13.31 20.84 2.58
C VAL A 27 -14.16 19.66 2.13
N ILE A 28 -14.14 18.60 2.94
CA ILE A 28 -14.92 17.41 2.62
C ILE A 28 -16.38 17.82 2.53
N ARG A 29 -16.80 18.64 3.50
CA ARG A 29 -18.18 19.12 3.60
C ARG A 29 -18.65 19.87 2.37
N GLU A 30 -17.83 20.79 1.88
CA GLU A 30 -18.16 21.57 0.69
C GLU A 30 -18.36 20.67 -0.53
N LEU A 31 -17.49 19.69 -0.71
CA LEU A 31 -17.65 18.72 -1.79
C LEU A 31 -19.06 18.13 -1.73
N VAL A 32 -19.42 17.61 -0.56
CA VAL A 32 -20.77 17.11 -0.33
C VAL A 32 -21.80 18.16 -0.69
N ALA A 33 -21.49 19.41 -0.32
CA ALA A 33 -22.43 20.50 -0.46
C ALA A 33 -22.74 20.74 -1.92
N ARG A 34 -21.81 20.34 -2.78
CA ARG A 34 -22.02 20.43 -4.21
C ARG A 34 -22.91 19.28 -4.68
N GLY A 35 -22.73 18.11 -4.09
CA GLY A 35 -23.65 17.02 -4.32
C GLY A 35 -22.98 15.68 -4.41
N HIS A 36 -21.89 15.50 -3.67
CA HIS A 36 -21.10 14.28 -3.78
C HIS A 36 -21.46 13.23 -2.75
N ARG A 37 -21.24 11.95 -3.09
CA ARG A 37 -21.41 10.87 -2.15
C ARG A 37 -20.05 10.54 -1.56
N VAL A 38 -19.34 11.61 -1.19
CA VAL A 38 -17.99 11.51 -0.65
C VAL A 38 -17.92 10.42 0.42
N THR A 39 -16.89 9.60 0.34
CA THR A 39 -16.66 8.61 1.40
C THR A 39 -15.30 8.88 2.01
N TYR A 40 -15.06 8.33 3.20
CA TYR A 40 -13.89 8.73 3.98
C TYR A 40 -13.45 7.60 4.92
N ALA A 41 -12.30 7.01 4.60
CA ALA A 41 -11.73 5.92 5.40
C ALA A 41 -11.03 6.45 6.65
N ILE A 42 -11.41 5.93 7.80
CA ILE A 42 -10.96 6.51 9.06
C ILE A 42 -11.04 5.47 10.18
N PRO A 43 -10.08 5.47 11.11
CA PRO A 43 -10.19 4.54 12.24
C PRO A 43 -11.39 4.90 13.13
N PRO A 44 -11.97 3.91 13.81
CA PRO A 44 -13.30 4.08 14.41
C PRO A 44 -13.38 5.22 15.41
N VAL A 45 -12.28 5.52 16.08
CA VAL A 45 -12.26 6.59 17.07
C VAL A 45 -12.64 7.94 16.43
N PHE A 46 -12.33 8.11 15.16
CA PHE A 46 -12.64 9.35 14.46
C PHE A 46 -13.86 9.25 13.52
N ALA A 47 -14.70 8.23 13.69
CA ALA A 47 -15.92 8.11 12.89
C ALA A 47 -16.85 9.31 13.06
N ASP A 48 -17.19 9.66 14.30
CA ASP A 48 -18.08 10.78 14.59
C ASP A 48 -17.58 12.09 13.95
N LYS A 49 -16.26 12.22 13.90
CA LYS A 49 -15.60 13.42 13.38
C LYS A 49 -15.84 13.65 11.88
N VAL A 50 -15.49 12.68 11.05
CA VAL A 50 -15.59 12.90 9.62
C VAL A 50 -17.06 12.90 9.14
N ALA A 51 -17.90 12.19 9.87
CA ALA A 51 -19.31 12.05 9.53
C ALA A 51 -20.03 13.39 9.51
N ALA A 52 -19.57 14.32 10.35
CA ALA A 52 -20.26 15.59 10.53
C ALA A 52 -20.27 16.44 9.25
N THR A 53 -19.46 16.02 8.28
CA THR A 53 -19.34 16.73 7.01
C THR A 53 -20.32 16.19 5.99
N GLY A 54 -21.05 15.14 6.37
CA GLY A 54 -21.97 14.47 5.46
C GLY A 54 -21.26 13.40 4.65
N ALA A 55 -19.94 13.31 4.83
CA ALA A 55 -19.17 12.25 4.19
C ALA A 55 -19.56 10.93 4.80
N ARG A 56 -19.46 9.87 4.00
CA ARG A 56 -19.75 8.53 4.46
C ARG A 56 -18.48 7.86 4.98
N PRO A 57 -18.40 7.64 6.31
CA PRO A 57 -17.21 7.02 6.92
C PRO A 57 -17.09 5.52 6.60
N VAL A 58 -15.85 5.09 6.40
CA VAL A 58 -15.53 3.70 6.08
C VAL A 58 -14.45 3.23 7.05
N LEU A 59 -14.78 2.30 7.95
CA LEU A 59 -13.94 2.04 9.11
C LEU A 59 -12.77 1.07 8.92
N TYR A 60 -11.72 1.24 9.72
CA TYR A 60 -10.58 0.33 9.72
C TYR A 60 -9.75 0.38 11.01
N HIS A 61 -9.02 -0.70 11.26
CA HIS A 61 -8.18 -0.79 12.45
C HIS A 61 -6.80 -0.18 12.17
N SER A 62 -6.39 0.74 13.04
CA SER A 62 -5.09 1.41 12.93
C SER A 62 -4.10 0.91 13.95
N THR A 63 -2.85 0.78 13.53
CA THR A 63 -1.77 0.37 14.42
C THR A 63 -0.94 1.57 14.88
N LEU A 64 -1.32 2.76 14.42
CA LEU A 64 -0.65 4.00 14.81
C LEU A 64 -1.09 4.42 16.21
N PRO A 65 -0.31 5.32 16.86
CA PRO A 65 -0.74 5.83 18.16
C PRO A 65 -2.08 6.55 18.02
N GLY A 66 -2.85 6.59 19.10
CA GLY A 66 -4.14 7.24 19.07
C GLY A 66 -4.03 8.76 18.94
N PRO A 67 -5.14 9.40 18.58
CA PRO A 67 -5.24 10.86 18.43
C PRO A 67 -4.81 11.66 19.66
N ASP A 68 -4.82 11.03 20.82
CA ASP A 68 -4.58 11.74 22.08
C ASP A 68 -3.28 11.26 22.76
N ALA A 69 -2.42 10.61 21.97
CA ALA A 69 -1.11 10.17 22.46
C ALA A 69 -0.17 11.36 22.66
N ASP A 70 0.97 11.13 23.30
CA ASP A 70 1.84 12.24 23.67
C ASP A 70 3.09 12.35 22.76
N PRO A 71 3.30 13.53 22.14
CA PRO A 71 4.16 13.83 20.98
C PRO A 71 5.30 12.84 20.68
N GLU A 72 5.96 12.35 21.73
CA GLU A 72 7.06 11.41 21.60
C GLU A 72 6.57 9.99 21.35
N ALA A 73 5.25 9.80 21.42
CA ALA A 73 4.67 8.50 21.17
C ALA A 73 4.92 8.08 19.73
N TRP A 74 5.09 9.08 18.86
CA TRP A 74 5.30 8.82 17.44
C TRP A 74 6.78 8.64 17.09
N GLY A 75 7.63 8.55 18.10
CA GLY A 75 9.05 8.33 17.88
C GLY A 75 9.92 9.58 17.88
N SER A 76 11.22 9.38 18.12
CA SER A 76 12.14 10.49 18.25
C SER A 76 13.39 10.33 17.38
N THR A 77 13.39 9.31 16.53
CA THR A 77 14.45 9.12 15.54
C THR A 77 13.80 9.01 14.16
N LEU A 78 14.60 9.19 13.11
CA LEU A 78 14.08 9.12 11.74
C LEU A 78 13.32 7.82 11.45
N LEU A 79 13.95 6.68 11.77
CA LEU A 79 13.29 5.40 11.52
C LEU A 79 12.08 5.15 12.40
N ASP A 80 12.15 5.51 13.68
CA ASP A 80 10.98 5.33 14.53
C ASP A 80 9.82 6.23 14.07
N ASN A 81 10.14 7.32 13.39
CA ASN A 81 9.10 8.18 12.84
C ASN A 81 8.44 7.58 11.60
N VAL A 82 9.25 7.09 10.67
CA VAL A 82 8.71 6.66 9.37
C VAL A 82 8.27 5.20 9.31
N GLU A 83 8.95 4.32 10.02
CA GLU A 83 8.57 2.90 10.02
C GLU A 83 7.09 2.63 10.35
N PRO A 84 6.53 3.30 11.37
CA PRO A 84 5.14 2.98 11.70
C PRO A 84 4.15 3.22 10.55
N PHE A 85 4.44 4.18 9.67
CA PHE A 85 3.51 4.46 8.58
C PHE A 85 3.49 3.34 7.54
N LEU A 86 4.65 2.75 7.30
CA LEU A 86 4.73 1.62 6.38
C LEU A 86 4.10 0.40 7.03
N ASN A 87 4.47 0.13 8.27
CA ASN A 87 3.92 -1.06 8.92
C ASN A 87 2.40 -0.95 9.12
N ASP A 88 1.90 0.27 9.38
CA ASP A 88 0.46 0.47 9.43
C ASP A 88 -0.20 0.20 8.08
N ALA A 89 0.39 0.74 7.02
CA ALA A 89 -0.16 0.61 5.68
C ALA A 89 -0.28 -0.84 5.25
N ILE A 90 0.71 -1.64 5.63
CA ILE A 90 0.74 -3.02 5.21
C ILE A 90 -0.48 -3.79 5.74
N GLN A 91 -0.87 -3.51 6.99
CA GLN A 91 -2.00 -4.21 7.58
C GLN A 91 -3.33 -3.53 7.23
N ALA A 92 -3.26 -2.23 6.95
CA ALA A 92 -4.46 -1.47 6.61
C ALA A 92 -4.96 -1.71 5.19
N LEU A 93 -4.02 -1.82 4.25
CA LEU A 93 -4.36 -1.88 2.82
C LEU A 93 -5.39 -2.96 2.44
N PRO A 94 -5.16 -4.23 2.83
CA PRO A 94 -6.18 -5.22 2.47
C PRO A 94 -7.56 -4.96 3.10
N GLN A 95 -7.61 -4.33 4.26
CA GLN A 95 -8.91 -3.97 4.85
C GLN A 95 -9.66 -3.01 3.96
N LEU A 96 -8.95 -1.98 3.49
CA LEU A 96 -9.61 -0.95 2.71
C LEU A 96 -9.89 -1.38 1.27
N ALA A 97 -9.01 -2.24 0.74
CA ALA A 97 -9.25 -2.83 -0.58
C ALA A 97 -10.53 -3.63 -0.51
N ASP A 98 -10.68 -4.35 0.60
CA ASP A 98 -11.91 -5.08 0.88
C ASP A 98 -13.13 -4.19 0.81
N ALA A 99 -12.97 -2.97 1.33
CA ALA A 99 -14.09 -2.05 1.46
C ALA A 99 -14.58 -1.54 0.11
N TYR A 100 -13.65 -1.17 -0.77
CA TYR A 100 -14.02 -0.45 -1.99
C TYR A 100 -14.15 -1.33 -3.23
N ALA A 101 -13.98 -2.65 -3.06
CA ALA A 101 -13.98 -3.59 -4.18
C ALA A 101 -15.24 -3.52 -5.04
N ASP A 102 -16.37 -3.23 -4.42
CA ASP A 102 -17.64 -3.23 -5.14
C ASP A 102 -18.14 -1.82 -5.45
N ASP A 103 -17.31 -0.83 -5.17
CA ASP A 103 -17.71 0.56 -5.33
C ASP A 103 -16.49 1.45 -5.55
N ILE A 104 -15.77 1.20 -6.63
CA ILE A 104 -14.58 2.01 -6.94
C ILE A 104 -14.94 3.48 -7.15
N PRO A 105 -14.24 4.37 -6.44
CA PRO A 105 -14.46 5.82 -6.54
C PRO A 105 -13.93 6.38 -7.86
N ASP A 106 -14.38 7.57 -8.22
CA ASP A 106 -13.94 8.28 -9.42
C ASP A 106 -12.57 8.90 -9.25
N LEU A 107 -12.16 9.02 -7.99
CA LEU A 107 -11.01 9.83 -7.63
C LEU A 107 -10.71 9.62 -6.15
N VAL A 108 -9.43 9.51 -5.82
CA VAL A 108 -9.00 9.33 -4.44
C VAL A 108 -8.45 10.64 -3.85
N LEU A 109 -8.86 10.97 -2.63
CA LEU A 109 -8.32 12.13 -1.90
C LEU A 109 -7.65 11.55 -0.68
N HIS A 110 -6.51 12.10 -0.26
CA HIS A 110 -5.88 11.51 0.91
C HIS A 110 -4.90 12.42 1.62
N ASP A 111 -4.85 12.30 2.93
CA ASP A 111 -3.82 12.95 3.70
C ASP A 111 -2.49 12.26 3.37
N ILE A 112 -1.40 12.99 3.51
CA ILE A 112 -0.07 12.50 3.20
C ILE A 112 0.32 11.20 3.91
N THR A 113 -0.28 10.92 5.06
CA THR A 113 0.14 9.77 5.86
C THR A 113 -0.41 8.45 5.34
N SER A 114 -1.40 8.51 4.44
CA SER A 114 -2.06 7.27 4.02
C SER A 114 -1.41 6.63 2.79
N TYR A 115 -0.51 5.68 3.01
CA TYR A 115 0.05 4.92 1.89
C TYR A 115 -1.00 4.05 1.16
N PRO A 116 -1.95 3.43 1.91
CA PRO A 116 -2.93 2.63 1.16
C PRO A 116 -3.71 3.43 0.11
N ALA A 117 -4.02 4.70 0.39
CA ALA A 117 -4.74 5.51 -0.59
C ALA A 117 -3.99 5.61 -1.91
N ARG A 118 -2.67 5.80 -1.82
CA ARG A 118 -1.82 5.87 -3.00
C ARG A 118 -1.91 4.54 -3.74
N VAL A 119 -1.76 3.45 -3.00
CA VAL A 119 -1.76 2.12 -3.62
C VAL A 119 -3.12 1.86 -4.27
N LEU A 120 -4.20 2.12 -3.53
CA LEU A 120 -5.54 1.85 -4.07
C LEU A 120 -5.89 2.72 -5.27
N ALA A 121 -5.46 3.98 -5.25
CA ALA A 121 -5.65 4.82 -6.42
C ALA A 121 -4.99 4.17 -7.64
N ARG A 122 -3.79 3.64 -7.43
CA ARG A 122 -3.05 2.87 -8.44
C ARG A 122 -3.43 1.39 -8.44
N ARG A 123 -4.71 1.12 -8.45
CA ARG A 123 -5.17 -0.23 -8.70
C ARG A 123 -6.45 -0.02 -9.43
N TRP A 124 -7.19 0.96 -8.94
CA TRP A 124 -8.51 1.30 -9.43
C TRP A 124 -8.46 2.09 -10.73
N GLY A 125 -7.29 2.68 -11.01
CA GLY A 125 -7.06 3.41 -12.24
C GLY A 125 -7.46 4.87 -12.20
N VAL A 126 -7.68 5.39 -10.99
CA VAL A 126 -8.19 6.76 -10.83
C VAL A 126 -7.16 7.72 -10.25
N PRO A 127 -7.20 8.99 -10.67
CA PRO A 127 -6.34 10.04 -10.13
C PRO A 127 -6.40 10.14 -8.61
N ALA A 128 -5.29 10.56 -8.02
CA ALA A 128 -5.21 10.81 -6.59
C ALA A 128 -5.03 12.29 -6.40
N VAL A 129 -5.52 12.81 -5.28
CA VAL A 129 -5.18 14.16 -4.87
C VAL A 129 -4.71 14.09 -3.42
N SER A 130 -3.45 14.47 -3.20
CA SER A 130 -2.86 14.44 -1.87
C SER A 130 -3.16 15.78 -1.20
N LEU A 131 -3.53 15.74 0.08
CA LEU A 131 -3.84 16.94 0.85
C LEU A 131 -2.80 17.07 1.97
N SER A 132 -1.95 18.07 1.89
CA SER A 132 -0.83 18.22 2.84
C SER A 132 -1.10 19.32 3.84
N PRO A 133 -1.07 18.98 5.13
CA PRO A 133 -1.34 19.97 6.18
C PRO A 133 -0.06 20.67 6.63
N ASN A 134 1.00 20.50 5.87
CA ASN A 134 2.29 21.11 6.18
C ASN A 134 3.06 21.34 4.89
N LEU A 135 4.30 21.81 5.04
CA LEU A 135 5.14 22.09 3.86
C LEU A 135 5.35 20.85 2.99
N VAL A 136 5.65 21.09 1.72
CA VAL A 136 5.89 20.01 0.77
C VAL A 136 7.30 20.08 0.19
N ALA A 137 7.68 19.04 -0.54
CA ALA A 137 8.97 19.03 -1.23
C ALA A 137 9.04 20.09 -2.32
N TRP A 138 10.20 20.77 -2.40
CA TRP A 138 10.49 21.66 -3.51
C TRP A 138 11.42 20.94 -4.47
N LYS A 139 11.60 21.50 -5.66
CA LYS A 139 12.58 20.97 -6.61
C LYS A 139 13.97 21.14 -6.00
N GLY A 140 14.59 20.01 -5.63
CA GLY A 140 15.88 20.05 -4.95
C GLY A 140 15.86 19.32 -3.63
N TYR A 141 14.69 19.25 -2.99
CA TYR A 141 14.49 18.48 -1.76
C TYR A 141 15.20 17.13 -1.83
N GLU A 142 15.10 16.50 -2.99
CA GLU A 142 15.71 15.20 -3.22
C GLU A 142 17.21 15.26 -2.95
N GLU A 143 17.90 16.13 -3.67
CA GLU A 143 19.35 16.34 -3.52
C GLU A 143 19.65 17.03 -2.20
N GLU A 144 18.91 18.09 -1.94
CA GLU A 144 19.28 19.05 -0.90
C GLU A 144 19.02 18.58 0.52
N VAL A 145 17.96 17.79 0.72
CA VAL A 145 17.52 17.48 2.09
C VAL A 145 17.28 15.99 2.36
N ALA A 146 16.55 15.30 1.48
CA ALA A 146 16.22 13.89 1.70
C ALA A 146 17.45 12.99 1.68
N GLU A 147 18.26 13.13 0.62
CA GLU A 147 19.46 12.30 0.52
C GLU A 147 20.42 12.49 1.71
N PRO A 148 20.78 13.74 2.05
CA PRO A 148 21.68 13.90 3.19
C PRO A 148 21.08 13.42 4.51
N MET A 149 19.76 13.48 4.62
CA MET A 149 19.05 13.05 5.81
C MET A 149 19.11 11.54 5.94
N TRP A 150 19.07 10.86 4.80
CA TRP A 150 18.97 9.41 4.81
C TRP A 150 20.30 8.66 4.85
N ARG A 151 21.41 9.36 4.72
CA ARG A 151 22.72 8.69 4.72
C ARG A 151 22.94 7.77 5.94
N GLU A 152 22.69 8.25 7.16
CA GLU A 152 23.03 7.48 8.37
C GLU A 152 22.02 6.43 8.88
N PRO A 153 20.73 6.65 8.65
CA PRO A 153 19.92 5.43 8.81
C PRO A 153 20.03 4.43 7.64
N ARG A 154 20.34 4.90 6.43
CA ARG A 154 20.35 4.08 5.21
C ARG A 154 21.29 2.91 5.21
N GLN A 155 22.56 3.22 5.51
CA GLN A 155 23.66 2.26 5.41
C GLN A 155 23.53 1.18 6.48
N THR A 156 22.78 1.49 7.54
CA THR A 156 22.57 0.55 8.65
C THR A 156 21.62 -0.58 8.27
N GLU A 157 21.81 -1.76 8.86
CA GLU A 157 20.98 -2.91 8.53
C GLU A 157 19.49 -2.66 8.76
N ARG A 158 19.14 -1.89 9.79
CA ARG A 158 17.74 -1.58 10.04
C ARG A 158 17.17 -0.67 8.95
N GLY A 159 17.95 0.32 8.53
CA GLY A 159 17.53 1.25 7.51
C GLY A 159 17.55 0.61 6.13
N ARG A 160 18.53 -0.24 5.87
CA ARG A 160 18.54 -1.01 4.64
C ARG A 160 17.32 -1.93 4.57
N ALA A 161 17.04 -2.61 5.68
CA ALA A 161 15.91 -3.53 5.76
C ALA A 161 14.60 -2.79 5.55
N TYR A 162 14.49 -1.60 6.14
CA TYR A 162 13.28 -0.79 5.99
C TYR A 162 13.04 -0.44 4.51
N TYR A 163 14.06 0.10 3.85
CA TYR A 163 13.91 0.44 2.43
C TYR A 163 13.72 -0.78 1.52
N ALA A 164 14.36 -1.88 1.89
CA ALA A 164 14.18 -3.11 1.14
C ALA A 164 12.74 -3.59 1.26
N ARG A 165 12.22 -3.58 2.49
CA ARG A 165 10.86 -4.03 2.78
C ARG A 165 9.83 -3.12 2.09
N PHE A 166 10.09 -1.81 2.13
CA PHE A 166 9.20 -0.84 1.51
C PHE A 166 9.14 -1.11 0.00
N GLU A 167 10.30 -1.24 -0.63
CA GLU A 167 10.33 -1.49 -2.08
C GLU A 167 9.65 -2.79 -2.46
N ALA A 168 9.85 -3.82 -1.65
CA ALA A 168 9.24 -5.13 -1.94
C ALA A 168 7.74 -5.05 -1.84
N TRP A 169 7.25 -4.30 -0.85
CA TRP A 169 5.80 -4.11 -0.69
C TRP A 169 5.21 -3.37 -1.89
N LEU A 170 5.89 -2.33 -2.34
CA LEU A 170 5.42 -1.60 -3.52
C LEU A 170 5.41 -2.52 -4.75
N LYS A 171 6.48 -3.28 -4.93
CA LYS A 171 6.58 -4.19 -6.07
C LYS A 171 5.52 -5.29 -6.00
N GLU A 172 5.25 -5.75 -4.77
CA GLU A 172 4.17 -6.69 -4.47
C GLU A 172 2.88 -6.15 -5.10
N ASN A 173 2.76 -4.82 -5.11
CA ASN A 173 1.58 -4.13 -5.61
C ASN A 173 1.70 -3.49 -7.00
N GLY A 174 2.70 -3.90 -7.77
CA GLY A 174 2.82 -3.43 -9.15
C GLY A 174 3.43 -2.04 -9.29
N ILE A 175 4.00 -1.54 -8.21
CA ILE A 175 4.54 -0.19 -8.19
C ILE A 175 6.07 -0.25 -8.22
N THR A 176 6.68 0.31 -9.27
CA THR A 176 8.13 0.24 -9.43
C THR A 176 8.82 1.52 -8.99
N GLU A 177 8.03 2.52 -8.63
CA GLU A 177 8.64 3.76 -8.18
C GLU A 177 9.40 3.51 -6.87
N HIS A 178 10.49 4.24 -6.67
CA HIS A 178 11.24 4.13 -5.44
C HIS A 178 10.35 4.59 -4.29
N PRO A 179 10.48 3.95 -3.13
CA PRO A 179 9.65 4.32 -1.97
C PRO A 179 9.63 5.82 -1.71
N ASP A 180 10.75 6.48 -1.98
CA ASP A 180 10.85 7.92 -1.78
C ASP A 180 9.94 8.74 -2.68
N THR A 181 9.85 8.29 -3.93
CA THR A 181 9.00 8.97 -4.90
C THR A 181 7.55 8.72 -4.48
N PHE A 182 7.26 7.47 -4.15
CA PHE A 182 5.94 7.04 -3.72
C PHE A 182 5.46 7.86 -2.54
N ALA A 183 6.33 8.01 -1.55
CA ALA A 183 5.94 8.64 -0.29
C ALA A 183 5.96 10.17 -0.34
N SER A 184 7.00 10.74 -0.94
CA SER A 184 7.26 12.18 -0.78
C SER A 184 6.93 13.02 -1.99
N HIS A 185 6.54 12.38 -3.09
CA HIS A 185 6.33 13.10 -4.33
C HIS A 185 5.03 12.73 -5.04
N PRO A 186 3.91 13.29 -4.55
CA PRO A 186 2.60 13.00 -5.15
C PRO A 186 2.52 13.58 -6.55
N PRO A 187 1.73 12.96 -7.42
CA PRO A 187 1.54 13.54 -8.76
C PRO A 187 0.70 14.81 -8.72
N ARG A 188 -0.14 14.93 -7.69
CA ARG A 188 -1.02 16.10 -7.55
C ARG A 188 -1.30 16.33 -6.05
N SER A 189 -1.14 17.58 -5.62
CA SER A 189 -1.27 17.89 -4.19
C SER A 189 -1.85 19.29 -3.99
N LEU A 190 -2.75 19.40 -3.01
CA LEU A 190 -3.19 20.70 -2.52
C LEU A 190 -2.59 20.91 -1.14
N VAL A 191 -2.01 22.08 -0.91
CA VAL A 191 -1.30 22.34 0.32
C VAL A 191 -2.08 23.32 1.19
N LEU A 192 -2.35 22.89 2.42
CA LEU A 192 -3.30 23.58 3.30
C LEU A 192 -2.59 24.58 4.21
N ILE A 193 -1.42 25.03 3.82
CA ILE A 193 -0.73 26.09 4.54
C ILE A 193 -0.47 27.23 3.58
N PRO A 194 -0.32 28.46 4.11
CA PRO A 194 -0.01 29.52 3.15
C PRO A 194 1.39 29.34 2.56
N LYS A 195 1.56 29.70 1.30
CA LYS A 195 2.87 29.54 0.67
C LYS A 195 3.93 30.39 1.36
N ALA A 196 3.48 31.41 2.09
CA ALA A 196 4.37 32.25 2.89
C ALA A 196 5.09 31.44 3.96
N LEU A 197 4.54 30.30 4.34
CA LEU A 197 5.17 29.44 5.35
C LEU A 197 5.77 28.17 4.74
N GLN A 198 6.03 28.22 3.44
CA GLN A 198 6.68 27.11 2.74
C GLN A 198 8.13 27.45 2.46
N PRO A 199 9.08 26.65 2.98
CA PRO A 199 10.49 26.89 2.64
C PRO A 199 10.73 26.79 1.14
N HIS A 200 11.60 27.64 0.60
CA HIS A 200 11.96 27.58 -0.82
C HIS A 200 10.75 27.53 -1.74
N ALA A 201 9.74 28.34 -1.42
CA ALA A 201 8.47 28.34 -2.14
C ALA A 201 8.65 28.62 -3.64
N ASP A 202 9.68 29.39 -3.99
CA ASP A 202 9.90 29.76 -5.38
C ASP A 202 10.43 28.59 -6.20
N ARG A 203 10.67 27.46 -5.54
CA ARG A 203 11.11 26.27 -6.26
C ARG A 203 10.14 25.09 -6.19
N VAL A 204 8.97 25.31 -5.62
CA VAL A 204 7.94 24.28 -5.59
C VAL A 204 7.26 24.22 -6.96
N ASP A 205 6.75 23.04 -7.32
CA ASP A 205 6.21 22.77 -8.66
C ASP A 205 4.72 23.11 -8.73
N GLU A 206 4.38 24.21 -9.39
CA GLU A 206 2.98 24.67 -9.50
C GLU A 206 2.03 23.67 -10.17
N ASP A 207 2.54 22.87 -11.09
CA ASP A 207 1.68 21.92 -11.79
C ASP A 207 1.32 20.74 -10.87
N VAL A 208 2.21 20.43 -9.94
CA VAL A 208 1.96 19.38 -8.96
C VAL A 208 1.21 19.95 -7.74
N TYR A 209 1.75 21.02 -7.19
CA TYR A 209 1.24 21.56 -5.94
C TYR A 209 0.44 22.84 -6.12
N THR A 210 -0.71 22.91 -5.46
CA THR A 210 -1.46 24.16 -5.37
C THR A 210 -1.65 24.53 -3.91
N PHE A 211 -1.19 25.71 -3.52
CA PHE A 211 -1.41 26.18 -2.16
C PHE A 211 -2.79 26.79 -2.01
N VAL A 212 -3.56 26.23 -1.07
CA VAL A 212 -4.90 26.71 -0.77
C VAL A 212 -4.96 27.26 0.65
N GLY A 213 -3.86 27.16 1.39
CA GLY A 213 -3.77 27.73 2.72
C GLY A 213 -4.83 27.28 3.70
N ALA A 214 -5.04 28.13 4.70
CA ALA A 214 -6.02 27.90 5.76
C ALA A 214 -7.44 27.87 5.20
N CYS A 215 -8.23 26.92 5.68
CA CYS A 215 -9.53 26.63 5.08
C CYS A 215 -10.67 27.04 6.00
N GLN A 216 -10.58 26.60 7.24
CA GLN A 216 -11.62 26.84 8.23
C GLN A 216 -11.52 28.24 8.81
N GLY A 217 -10.56 29.03 8.30
CA GLY A 217 -10.42 30.43 8.65
C GLY A 217 -11.62 31.26 8.20
N ASP A 218 -11.36 32.37 7.51
CA ASP A 218 -12.37 33.36 7.11
C ASP A 218 -13.78 32.83 6.72
N ARG A 219 -14.80 33.01 7.58
CA ARG A 219 -14.72 33.78 8.84
C ARG A 219 -16.00 33.54 9.64
N ALA A 220 -16.00 33.71 10.97
CA ALA A 220 -14.84 34.00 11.82
C ALA A 220 -15.22 33.54 13.22
N GLU A 221 -16.14 32.59 13.30
CA GLU A 221 -16.87 32.36 14.55
C GLU A 221 -16.38 31.13 15.28
N GLU A 222 -16.51 31.11 16.62
CA GLU A 222 -17.44 31.95 17.38
C GLU A 222 -17.14 32.32 18.85
N GLY A 223 -17.59 33.53 19.22
CA GLY A 223 -17.42 34.10 20.55
C GLY A 223 -17.40 35.63 20.51
N GLY A 224 -16.40 36.19 19.82
CA GLY A 224 -16.33 37.63 19.58
C GLY A 224 -15.57 38.43 20.62
N TRP A 225 -15.20 39.66 20.26
CA TRP A 225 -14.38 40.54 21.12
C TRP A 225 -14.26 41.99 20.58
N GLN A 226 -14.70 42.96 21.37
CA GLN A 226 -14.43 44.36 21.06
C GLN A 226 -13.26 44.81 21.90
N ARG A 227 -12.36 45.60 21.32
CA ARG A 227 -11.24 46.10 22.10
C ARG A 227 -11.82 46.94 23.20
N PRO A 228 -11.18 46.90 24.39
CA PRO A 228 -11.52 47.86 25.43
C PRO A 228 -11.56 49.22 24.79
N ALA A 229 -12.64 49.96 25.01
CA ALA A 229 -12.85 51.21 24.29
C ALA A 229 -11.68 52.16 24.53
N GLY A 230 -11.17 52.73 23.45
CA GLY A 230 -10.07 53.67 23.55
C GLY A 230 -8.70 53.02 23.45
N ALA A 231 -8.61 51.73 23.80
CA ALA A 231 -7.35 51.00 23.66
C ALA A 231 -6.75 51.27 22.29
N GLU A 232 -5.56 51.85 22.28
CA GLU A 232 -4.86 52.19 21.04
C GLU A 232 -4.27 50.95 20.41
N LYS A 233 -3.60 50.14 21.22
CA LYS A 233 -3.02 48.90 20.75
C LYS A 233 -3.44 47.72 21.62
N VAL A 234 -3.77 46.60 20.98
CA VAL A 234 -4.09 45.38 21.71
C VAL A 234 -3.06 44.31 21.37
N VAL A 235 -2.53 43.66 22.41
CA VAL A 235 -1.60 42.55 22.18
C VAL A 235 -2.18 41.27 22.77
N LEU A 236 -2.19 40.21 21.97
CA LEU A 236 -2.58 38.88 22.42
C LEU A 236 -1.32 38.05 22.63
N VAL A 237 -1.20 37.41 23.80
CA VAL A 237 -0.16 36.44 24.03
C VAL A 237 -0.79 35.07 24.15
N SER A 238 -0.36 34.14 23.29
CA SER A 238 -0.89 32.79 23.28
C SER A 238 0.14 31.88 22.63
N LEU A 239 0.73 30.97 23.41
CA LEU A 239 1.74 30.08 22.87
C LEU A 239 1.13 28.85 22.21
N GLY A 240 -0.08 28.98 21.71
CA GLY A 240 -0.86 27.81 21.30
C GLY A 240 -1.45 27.23 22.58
N SER A 241 -2.12 26.09 22.49
CA SER A 241 -2.67 25.45 23.67
C SER A 241 -1.72 24.36 24.17
N ALA A 242 -1.70 23.23 23.45
CA ALA A 242 -1.00 22.00 23.84
C ALA A 242 0.16 22.06 24.87
N PHE A 243 1.13 22.95 24.66
CA PHE A 243 2.37 22.93 25.47
C PHE A 243 2.32 23.84 26.71
N THR A 244 3.05 24.97 26.66
CA THR A 244 2.78 26.23 27.41
C THR A 244 3.45 26.65 28.73
N LYS A 245 4.38 25.88 29.30
CA LYS A 245 4.91 26.18 30.66
C LYS A 245 5.36 27.64 30.95
N GLN A 246 6.66 27.89 30.81
CA GLN A 246 7.37 29.13 31.22
C GLN A 246 6.61 30.13 32.09
N PRO A 247 6.68 29.94 33.41
CA PRO A 247 5.91 30.78 34.36
C PRO A 247 6.49 32.18 34.41
N ALA A 248 7.78 32.29 34.14
CA ALA A 248 8.45 33.56 34.17
C ALA A 248 8.24 34.28 32.84
N PHE A 249 7.81 33.53 31.81
CA PHE A 249 7.43 34.13 30.52
C PHE A 249 6.13 34.91 30.59
N TYR A 250 5.06 34.29 31.07
CA TYR A 250 3.79 34.99 31.23
C TYR A 250 4.05 36.23 32.09
N ARG A 251 4.84 36.05 33.14
CA ARG A 251 5.23 37.15 34.01
C ARG A 251 6.03 38.24 33.30
N GLU A 252 6.91 37.87 32.40
CA GLU A 252 7.66 38.90 31.70
C GLU A 252 6.77 39.65 30.70
N CYS A 253 5.77 38.96 30.17
CA CYS A 253 4.79 39.62 29.31
C CYS A 253 4.02 40.66 30.11
N VAL A 254 3.65 40.31 31.34
CA VAL A 254 2.94 41.25 32.20
C VAL A 254 3.78 42.49 32.52
N ARG A 255 5.07 42.32 32.75
CA ARG A 255 5.95 43.46 33.02
C ARG A 255 6.19 44.32 31.77
N ALA A 256 6.23 43.67 30.62
CA ALA A 256 6.42 44.38 29.36
C ALA A 256 5.28 45.34 29.03
N PHE A 257 4.06 44.85 29.19
CA PHE A 257 2.88 45.57 28.73
C PHE A 257 2.04 46.15 29.87
N GLY A 258 2.23 45.62 31.07
CA GLY A 258 1.48 46.06 32.23
C GLY A 258 1.70 47.52 32.55
N ASN A 259 0.60 48.26 32.68
CA ASN A 259 0.63 49.71 32.93
C ASN A 259 1.39 50.51 31.87
N LEU A 260 1.49 49.96 30.65
CA LEU A 260 2.13 50.66 29.54
C LEU A 260 1.08 51.49 28.82
N PRO A 261 1.26 52.82 28.76
CA PRO A 261 0.25 53.71 28.15
C PRO A 261 -0.18 53.24 26.77
N GLY A 262 -1.48 53.24 26.52
CA GLY A 262 -2.02 52.93 25.20
C GLY A 262 -2.24 51.46 24.92
N TRP A 263 -1.63 50.60 25.71
CA TRP A 263 -1.64 49.15 25.43
C TRP A 263 -2.60 48.38 26.30
N HIS A 264 -3.22 47.36 25.72
CA HIS A 264 -4.02 46.43 26.48
C HIS A 264 -3.59 45.01 26.13
N LEU A 265 -3.31 44.22 27.16
CA LEU A 265 -2.81 42.86 27.00
C LEU A 265 -3.87 41.81 27.27
N VAL A 266 -4.11 40.96 26.27
CA VAL A 266 -4.89 39.74 26.47
C VAL A 266 -3.90 38.59 26.59
N LEU A 267 -3.84 38.00 27.77
CA LEU A 267 -2.86 36.99 28.08
C LEU A 267 -3.52 35.64 28.15
N GLN A 268 -3.43 34.88 27.06
CA GLN A 268 -4.01 33.54 27.03
C GLN A 268 -3.01 32.56 27.64
N ILE A 269 -3.15 32.38 28.95
CA ILE A 269 -2.27 31.53 29.72
C ILE A 269 -2.73 30.11 29.50
N GLY A 270 -2.23 29.16 30.29
CA GLY A 270 -2.78 27.81 30.17
C GLY A 270 -3.61 27.38 31.36
N ARG A 271 -3.98 26.10 31.38
CA ARG A 271 -4.22 25.38 32.64
C ARG A 271 -5.41 25.83 33.51
N LYS A 272 -5.65 25.01 34.54
CA LYS A 272 -6.90 24.89 35.29
C LYS A 272 -7.55 26.11 36.04
N VAL A 273 -6.92 26.84 36.97
CA VAL A 273 -5.81 26.49 37.89
C VAL A 273 -4.39 26.35 37.29
N THR A 274 -3.43 27.10 37.82
CA THR A 274 -3.64 28.04 38.91
C THR A 274 -2.90 29.33 38.65
N PRO A 275 -3.40 30.15 37.70
CA PRO A 275 -2.89 31.47 37.28
C PRO A 275 -2.59 32.48 38.39
N ALA A 276 -2.25 32.00 39.59
CA ALA A 276 -1.92 32.90 40.67
C ALA A 276 -0.46 33.28 40.55
N GLU A 277 0.29 32.46 39.81
CA GLU A 277 1.75 32.56 39.74
C GLU A 277 2.39 33.94 39.52
N LEU A 278 1.73 35.02 39.98
CA LEU A 278 2.24 36.39 39.80
C LEU A 278 1.43 37.51 40.46
N GLY A 279 0.61 37.17 41.46
CA GLY A 279 -0.17 38.16 42.16
C GLY A 279 -1.02 39.01 41.22
N GLU A 280 -1.35 40.23 41.64
CA GLU A 280 -2.27 41.05 40.87
C GLU A 280 -1.62 41.66 39.63
N LEU A 281 -2.31 41.50 38.51
CA LEU A 281 -1.86 42.05 37.25
C LEU A 281 -2.35 43.49 37.19
N PRO A 282 -1.68 44.32 36.37
CA PRO A 282 -2.14 45.69 36.15
C PRO A 282 -3.57 45.75 35.57
N ASP A 283 -4.16 46.95 35.60
CA ASP A 283 -5.54 47.14 35.17
C ASP A 283 -5.73 46.97 33.65
N ASN A 284 -4.63 47.03 32.89
CA ASN A 284 -4.72 46.95 31.43
C ASN A 284 -4.46 45.54 30.91
N VAL A 285 -4.83 44.54 31.71
CA VAL A 285 -4.68 43.15 31.33
C VAL A 285 -6.01 42.41 31.52
N GLU A 286 -6.33 41.49 30.62
CA GLU A 286 -7.42 40.56 30.87
C GLU A 286 -6.94 39.17 30.48
N VAL A 287 -7.28 38.19 31.31
CA VAL A 287 -6.76 36.84 31.12
C VAL A 287 -7.86 35.81 31.21
N HIS A 288 -7.75 34.79 30.38
CA HIS A 288 -8.72 33.71 30.29
C HIS A 288 -7.85 32.47 30.30
N ASP A 289 -8.34 31.34 29.80
CA ASP A 289 -7.42 30.27 29.42
C ASP A 289 -7.81 29.72 28.05
N TRP A 290 -8.82 30.33 27.48
CA TRP A 290 -9.20 30.08 26.11
C TRP A 290 -9.92 31.32 25.64
N VAL A 291 -9.58 31.78 24.45
CA VAL A 291 -10.15 33.00 23.91
C VAL A 291 -10.73 32.74 22.53
N PRO A 292 -11.62 33.61 22.07
CA PRO A 292 -11.93 33.45 20.64
C PRO A 292 -10.74 34.02 19.88
N GLN A 293 -9.70 33.21 19.70
CA GLN A 293 -8.40 33.68 19.26
C GLN A 293 -8.44 34.40 17.92
N LEU A 294 -9.22 33.86 16.98
CA LEU A 294 -9.30 34.49 15.68
C LEU A 294 -9.99 35.84 15.78
N ALA A 295 -11.08 35.90 16.55
CA ALA A 295 -11.83 37.15 16.71
C ALA A 295 -10.99 38.21 17.43
N ILE A 296 -10.20 37.78 18.40
CA ILE A 296 -9.27 38.69 19.06
C ILE A 296 -8.21 39.15 18.08
N LEU A 297 -7.62 38.22 17.33
CA LEU A 297 -6.64 38.58 16.32
C LEU A 297 -7.25 39.50 15.25
N ARG A 298 -8.57 39.40 15.03
CA ARG A 298 -9.23 40.36 14.15
C ARG A 298 -9.11 41.77 14.68
N GLN A 299 -9.02 41.90 16.01
CA GLN A 299 -9.01 43.20 16.66
C GLN A 299 -7.72 43.49 17.43
N ALA A 300 -6.66 42.77 17.08
CA ALA A 300 -5.37 42.93 17.74
C ALA A 300 -4.35 43.65 16.86
N ASP A 301 -3.37 44.27 17.50
CA ASP A 301 -2.32 44.98 16.78
C ASP A 301 -0.98 44.27 16.89
N LEU A 302 -0.90 43.32 17.80
CA LEU A 302 0.32 42.54 17.98
C LEU A 302 -0.03 41.15 18.48
N PHE A 303 0.72 40.15 18.03
CA PHE A 303 0.47 38.78 18.45
C PHE A 303 1.80 38.17 18.93
N VAL A 304 1.89 37.87 20.23
CA VAL A 304 3.04 37.15 20.73
C VAL A 304 2.68 35.67 20.67
N THR A 305 3.37 34.93 19.80
CA THR A 305 2.98 33.57 19.43
C THR A 305 4.14 32.59 19.56
N HIS A 306 3.84 31.30 19.77
CA HIS A 306 4.90 30.29 19.76
C HIS A 306 5.23 29.87 18.33
N ALA A 307 4.48 30.41 17.37
CA ALA A 307 4.67 30.16 15.95
C ALA A 307 4.34 28.72 15.56
N GLY A 308 3.36 28.14 16.24
CA GLY A 308 2.76 26.91 15.76
C GLY A 308 2.10 27.16 14.41
N ALA A 309 1.78 26.09 13.69
CA ALA A 309 1.17 26.24 12.37
C ALA A 309 -0.10 27.09 12.38
N GLY A 310 -0.96 26.88 13.38
CA GLY A 310 -2.22 27.59 13.46
C GLY A 310 -2.07 29.07 13.74
N GLY A 311 -1.34 29.39 14.80
CA GLY A 311 -1.12 30.77 15.17
C GLY A 311 -0.43 31.53 14.05
N SER A 312 0.52 30.87 13.41
CA SER A 312 1.27 31.51 12.33
C SER A 312 0.32 31.88 11.20
N GLN A 313 -0.55 30.95 10.80
CA GLN A 313 -1.50 31.25 9.72
C GLN A 313 -2.49 32.35 10.07
N GLU A 314 -2.97 32.37 11.32
CA GLU A 314 -3.97 33.36 11.71
C GLU A 314 -3.36 34.75 11.88
N GLY A 315 -2.12 34.79 12.34
CA GLY A 315 -1.39 36.05 12.42
C GLY A 315 -1.30 36.69 11.05
N LEU A 316 -0.89 35.92 10.05
CA LEU A 316 -0.78 36.44 8.69
C LEU A 316 -2.16 36.74 8.12
N ALA A 317 -3.12 35.85 8.38
CA ALA A 317 -4.48 36.01 7.87
C ALA A 317 -5.12 37.32 8.32
N THR A 318 -4.78 37.75 9.53
CA THR A 318 -5.33 38.95 10.13
C THR A 318 -4.39 40.15 10.04
N ALA A 319 -3.31 40.00 9.28
CA ALA A 319 -2.28 41.04 9.15
C ALA A 319 -1.83 41.57 10.50
N THR A 320 -1.52 40.65 11.41
CA THR A 320 -1.11 41.06 12.75
C THR A 320 0.38 40.82 12.88
N PRO A 321 1.16 41.90 13.13
CA PRO A 321 2.60 41.74 13.35
C PRO A 321 2.84 40.80 14.52
N MET A 322 3.93 40.02 14.47
CA MET A 322 4.15 38.98 15.46
C MET A 322 5.50 39.04 16.18
N ILE A 323 5.48 38.68 17.46
CA ILE A 323 6.71 38.33 18.16
C ILE A 323 6.70 36.82 18.30
N ALA A 324 7.64 36.17 17.61
CA ALA A 324 7.71 34.72 17.57
C ALA A 324 8.69 34.27 18.64
N VAL A 325 8.18 33.55 19.62
CA VAL A 325 9.00 33.00 20.68
C VAL A 325 8.80 31.49 20.65
N PRO A 326 9.44 30.82 19.67
CA PRO A 326 9.27 29.39 19.50
C PRO A 326 9.97 28.65 20.62
N GLN A 327 9.53 27.45 20.94
CA GLN A 327 10.07 26.83 22.13
C GLN A 327 10.16 25.31 22.08
N ALA A 328 10.09 24.76 20.87
CA ALA A 328 10.16 23.31 20.63
C ALA A 328 10.23 23.01 19.13
N VAL A 329 10.33 21.73 18.79
CA VAL A 329 10.42 21.29 17.39
C VAL A 329 9.12 21.41 16.58
N ASP A 330 8.04 21.87 17.22
CA ASP A 330 6.84 22.15 16.46
C ASP A 330 6.93 23.52 15.77
N GLN A 331 8.04 24.25 15.95
CA GLN A 331 7.96 25.73 15.78
C GLN A 331 9.10 26.55 15.16
N PHE A 332 10.37 26.17 15.35
CA PHE A 332 11.46 27.11 14.99
C PHE A 332 11.47 27.43 13.47
N GLY A 333 10.96 26.51 12.66
CA GLY A 333 10.83 26.76 11.23
C GLY A 333 9.92 27.94 10.91
N ASN A 334 8.69 27.91 11.42
CA ASN A 334 7.76 29.02 11.19
C ASN A 334 8.33 30.33 11.70
N ALA A 335 8.98 30.28 12.85
CA ALA A 335 9.55 31.50 13.44
C ALA A 335 10.57 32.14 12.49
N ASP A 336 11.47 31.32 11.96
CA ASP A 336 12.45 31.79 10.99
C ASP A 336 11.76 32.40 9.76
N MET A 337 10.74 31.73 9.26
CA MET A 337 10.06 32.23 8.07
C MET A 337 9.30 33.52 8.31
N LEU A 338 8.65 33.62 9.47
CA LEU A 338 7.90 34.83 9.81
C LEU A 338 8.82 36.05 9.86
N GLN A 339 9.97 35.90 10.51
CA GLN A 339 10.91 37.02 10.60
C GLN A 339 11.51 37.33 9.22
N GLY A 340 11.68 36.30 8.39
CA GLY A 340 12.21 36.51 7.05
C GLY A 340 11.31 37.38 6.20
N LEU A 341 10.00 37.25 6.39
CA LEU A 341 8.99 37.99 5.64
C LEU A 341 8.95 39.46 6.03
N GLY A 342 9.69 39.81 7.07
CA GLY A 342 9.71 41.17 7.57
C GLY A 342 8.45 41.53 8.32
N VAL A 343 7.79 40.55 8.92
CA VAL A 343 6.52 40.80 9.58
C VAL A 343 6.54 40.38 11.04
N ALA A 344 7.72 39.99 11.52
CA ALA A 344 7.85 39.45 12.85
C ALA A 344 9.30 39.51 13.31
N ARG A 345 9.48 39.38 14.62
CA ARG A 345 10.82 39.19 15.16
C ARG A 345 10.77 37.93 16.01
N LYS A 346 11.84 37.14 15.95
CA LYS A 346 11.90 35.84 16.65
C LYS A 346 12.79 35.96 17.87
N LEU A 347 12.24 35.59 19.03
CA LEU A 347 13.01 35.61 20.28
C LEU A 347 13.14 34.21 20.84
N ALA A 348 14.33 33.88 21.36
CA ALA A 348 14.48 32.69 22.18
C ALA A 348 13.78 32.95 23.51
N THR A 349 13.50 31.89 24.26
CA THR A 349 13.09 32.07 25.64
C THR A 349 14.01 31.28 26.58
N GLU A 350 14.16 31.77 27.81
CA GLU A 350 15.06 31.18 28.78
N GLU A 351 15.05 34.49 26.10
CA GLU A 351 15.45 35.87 25.83
C GLU A 351 14.28 36.85 25.94
N ALA A 352 13.05 36.37 25.89
CA ALA A 352 11.90 37.27 25.93
C ALA A 352 11.59 37.76 27.36
N THR A 353 12.08 38.94 27.69
CA THR A 353 11.83 39.56 28.98
C THR A 353 11.29 40.98 28.76
N ALA A 354 10.77 41.60 29.81
CA ALA A 354 9.98 42.84 29.69
C ALA A 354 10.55 43.93 28.77
N ASP A 355 11.82 44.26 28.94
CA ASP A 355 12.42 45.36 28.21
C ASP A 355 12.50 45.10 26.71
N LEU A 356 13.01 43.93 26.35
CA LEU A 356 13.15 43.57 24.94
C LEU A 356 11.78 43.32 24.31
N LEU A 357 10.90 42.67 25.07
CA LEU A 357 9.54 42.44 24.59
C LEU A 357 8.87 43.76 24.30
N ARG A 358 8.96 44.72 25.21
CA ARG A 358 8.33 46.00 24.98
C ARG A 358 8.95 46.73 23.79
N GLU A 359 10.27 46.70 23.72
CA GLU A 359 10.97 47.41 22.67
C GLU A 359 10.59 46.82 21.32
N THR A 360 10.55 45.50 21.26
CA THR A 360 10.25 44.80 20.02
C THR A 360 8.81 45.05 19.60
N ALA A 361 7.92 44.94 20.58
CA ALA A 361 6.51 45.27 20.38
C ALA A 361 6.31 46.66 19.81
N LEU A 362 6.97 47.65 20.41
CA LEU A 362 6.78 49.05 20.05
C LEU A 362 7.11 49.27 18.59
N ALA A 363 8.24 48.71 18.17
CA ALA A 363 8.73 48.94 16.82
C ALA A 363 7.85 48.24 15.79
N LEU A 364 7.46 47.01 16.08
CA LEU A 364 6.64 46.25 15.14
C LEU A 364 5.30 46.89 14.83
N VAL A 365 4.59 47.33 15.87
CA VAL A 365 3.15 47.63 15.68
C VAL A 365 2.84 48.87 14.85
N ASP A 366 3.84 49.73 14.70
CA ASP A 366 3.70 50.99 13.96
C ASP A 366 4.62 51.05 12.72
N ASP A 367 5.38 49.98 12.46
CA ASP A 367 6.31 49.96 11.32
C ASP A 367 5.48 49.83 10.02
N PRO A 368 5.42 50.91 9.22
CA PRO A 368 4.53 50.92 8.05
C PRO A 368 4.99 49.92 6.99
N GLU A 369 6.25 49.53 7.05
CA GLU A 369 6.81 48.56 6.13
C GLU A 369 6.32 47.16 6.49
N VAL A 370 6.47 46.80 7.76
CA VAL A 370 5.89 45.55 8.27
C VAL A 370 4.40 45.53 7.98
N ALA A 371 3.74 46.66 8.21
CA ALA A 371 2.31 46.78 7.96
C ALA A 371 2.03 46.62 6.48
N ARG A 372 3.02 46.98 5.67
CA ARG A 372 2.88 46.88 4.23
C ARG A 372 3.06 45.45 3.72
N ARG A 373 4.07 44.75 4.24
CA ARG A 373 4.31 43.39 3.78
C ARG A 373 3.25 42.43 4.29
N LEU A 374 2.64 42.75 5.44
CA LEU A 374 1.51 41.97 5.94
C LEU A 374 0.29 42.14 5.05
N ARG A 375 0.14 43.35 4.55
CA ARG A 375 -0.95 43.71 3.65
C ARG A 375 -0.94 42.79 2.43
N ARG A 376 0.22 42.70 1.81
CA ARG A 376 0.37 41.92 0.59
C ARG A 376 0.16 40.43 0.87
N ILE A 377 0.56 39.98 2.06
CA ILE A 377 0.42 38.57 2.38
C ILE A 377 -1.04 38.13 2.46
N GLN A 378 -1.89 38.94 3.09
CA GLN A 378 -3.33 38.71 3.06
C GLN A 378 -3.81 38.56 1.63
N ALA A 379 -3.38 39.51 0.80
CA ALA A 379 -3.77 39.56 -0.60
C ALA A 379 -3.31 38.31 -1.31
N GLU A 380 -2.10 37.84 -0.99
CA GLU A 380 -1.61 36.61 -1.59
C GLU A 380 -2.37 35.41 -1.02
N MET A 381 -2.71 35.47 0.27
CA MET A 381 -3.50 34.40 0.86
C MET A 381 -4.92 34.38 0.26
N ALA A 382 -5.41 35.55 -0.14
CA ALA A 382 -6.73 35.60 -0.81
C ALA A 382 -6.73 34.85 -2.13
N GLN A 383 -5.62 34.86 -2.84
CA GLN A 383 -5.54 34.12 -4.10
C GLN A 383 -5.47 32.61 -3.84
N GLU A 384 -4.99 32.25 -2.65
CA GLU A 384 -4.86 30.84 -2.30
C GLU A 384 -6.22 30.15 -2.15
N GLY A 385 -7.13 30.76 -1.40
CA GLY A 385 -8.55 30.44 -1.54
C GLY A 385 -9.25 29.52 -0.56
N GLY A 386 -8.50 28.78 0.24
CA GLY A 386 -9.07 27.94 1.28
C GLY A 386 -10.14 26.96 0.83
N THR A 387 -11.12 26.78 1.70
CA THR A 387 -12.16 25.75 1.61
C THR A 387 -12.82 25.60 0.25
N ARG A 388 -13.47 26.67 -0.19
CA ARG A 388 -14.16 26.67 -1.47
C ARG A 388 -13.18 26.37 -2.60
N ARG A 389 -12.04 27.05 -2.64
CA ARG A 389 -11.05 26.83 -3.69
C ARG A 389 -10.51 25.40 -3.66
N ALA A 390 -10.28 24.86 -2.47
CA ALA A 390 -9.81 23.47 -2.34
C ALA A 390 -10.81 22.49 -2.93
N ALA A 391 -12.03 22.45 -2.37
CA ALA A 391 -13.05 21.52 -2.83
C ALA A 391 -13.32 21.73 -4.31
N ASP A 392 -13.08 22.95 -4.75
CA ASP A 392 -13.18 23.35 -6.13
C ASP A 392 -12.13 22.63 -6.95
N LEU A 393 -10.90 22.65 -6.47
CA LEU A 393 -9.79 22.07 -7.21
C LEU A 393 -9.92 20.56 -7.30
N ILE A 394 -10.62 19.98 -6.33
CA ILE A 394 -10.88 18.54 -6.32
C ILE A 394 -12.02 18.22 -7.30
N GLU A 395 -12.54 19.26 -7.94
CA GLU A 395 -13.54 19.06 -8.99
C GLU A 395 -12.96 19.23 -10.37
N ALA A 396 -11.69 19.63 -10.44
CA ALA A 396 -11.01 19.72 -11.72
C ALA A 396 -10.22 18.44 -12.01
N GLU A 397 -9.94 17.67 -10.96
CA GLU A 397 -9.11 16.47 -11.09
C GLU A 397 -9.90 15.25 -11.53
N LEU A 398 -11.22 15.28 -11.34
CA LEU A 398 -11.95 14.09 -11.72
C LEU A 398 -12.15 13.99 -13.22
N PRO A 399 -12.08 12.76 -13.73
CA PRO A 399 -12.55 12.49 -15.08
C PRO A 399 -13.97 13.05 -15.26
N ALA A 400 -14.24 13.60 -16.44
CA ALA A 400 -15.46 14.35 -16.66
C ALA A 400 -16.68 13.46 -16.85
N THR B 6 15.54 -53.81 -4.13
CA THR B 6 14.27 -53.11 -3.99
C THR B 6 14.45 -51.61 -3.83
N PRO B 7 13.57 -50.82 -4.47
CA PRO B 7 13.59 -49.35 -4.48
C PRO B 7 13.18 -48.66 -3.16
N ALA B 8 13.32 -47.35 -3.11
CA ALA B 8 12.76 -46.56 -2.00
C ALA B 8 11.28 -46.35 -2.25
N HIS B 9 10.49 -46.28 -1.18
CA HIS B 9 9.05 -46.02 -1.27
C HIS B 9 8.85 -44.56 -0.91
N ILE B 10 8.38 -43.78 -1.86
CA ILE B 10 8.06 -42.38 -1.65
C ILE B 10 6.55 -42.26 -1.75
N ALA B 11 5.91 -41.61 -0.79
CA ALA B 11 4.46 -41.51 -0.77
C ALA B 11 4.01 -40.07 -0.94
N MET B 12 3.30 -39.81 -2.03
CA MET B 12 2.80 -38.48 -2.28
C MET B 12 1.43 -38.34 -1.64
N PHE B 13 1.15 -37.19 -1.04
CA PHE B 13 -0.17 -36.88 -0.47
C PHE B 13 -0.75 -35.63 -1.11
N SER B 14 -2.00 -35.70 -1.57
CA SER B 14 -2.73 -34.49 -1.93
C SER B 14 -4.23 -34.63 -1.71
N ILE B 15 -4.96 -33.61 -2.14
CA ILE B 15 -6.41 -33.56 -1.98
C ILE B 15 -6.93 -33.55 -3.41
N ALA B 16 -8.15 -34.02 -3.64
CA ALA B 16 -8.67 -33.96 -4.99
C ALA B 16 -8.72 -32.53 -5.54
N ALA B 17 -7.57 -31.93 -5.77
CA ALA B 17 -7.50 -30.55 -6.26
C ALA B 17 -6.60 -30.43 -7.46
N HIS B 18 -7.18 -29.99 -8.56
CA HIS B 18 -6.42 -29.85 -9.80
C HIS B 18 -5.26 -28.87 -9.57
N GLY B 19 -5.57 -27.74 -8.95
CA GLY B 19 -4.56 -26.75 -8.60
C GLY B 19 -3.54 -27.26 -7.59
N HIS B 20 -3.83 -28.41 -7.01
CA HIS B 20 -2.93 -29.01 -6.03
C HIS B 20 -2.40 -30.37 -6.42
N VAL B 21 -2.74 -30.80 -7.63
CA VAL B 21 -2.24 -32.08 -8.15
C VAL B 21 -1.50 -31.87 -9.46
N ASN B 22 -2.08 -31.09 -10.36
CA ASN B 22 -1.46 -30.75 -11.64
C ASN B 22 -0.07 -30.10 -11.55
N PRO B 23 0.14 -29.22 -10.56
CA PRO B 23 1.48 -28.65 -10.42
C PRO B 23 2.63 -29.65 -10.26
N SER B 24 2.46 -30.70 -9.47
CA SER B 24 3.58 -31.59 -9.18
C SER B 24 3.52 -32.91 -9.96
N LEU B 25 2.53 -33.05 -10.84
CA LEU B 25 2.28 -34.38 -11.42
C LEU B 25 3.42 -34.84 -12.33
N GLU B 26 4.10 -33.90 -12.99
CA GLU B 26 5.25 -34.24 -13.82
C GLU B 26 6.50 -34.54 -13.00
N VAL B 27 6.55 -34.05 -11.77
CA VAL B 27 7.60 -34.46 -10.84
C VAL B 27 7.33 -35.91 -10.44
N ILE B 28 6.07 -36.22 -10.13
CA ILE B 28 5.70 -37.58 -9.75
C ILE B 28 5.96 -38.58 -10.88
N ARG B 29 5.59 -38.21 -12.11
CA ARG B 29 5.89 -39.00 -13.30
C ARG B 29 7.38 -39.28 -13.40
N GLU B 30 8.19 -38.25 -13.16
CA GLU B 30 9.64 -38.39 -13.25
C GLU B 30 10.15 -39.38 -12.20
N LEU B 31 9.69 -39.25 -10.96
CA LEU B 31 10.14 -40.14 -9.90
C LEU B 31 9.83 -41.60 -10.21
N VAL B 32 8.68 -41.85 -10.82
CA VAL B 32 8.31 -43.20 -11.22
C VAL B 32 9.23 -43.65 -12.36
N ALA B 33 9.38 -42.81 -13.37
CA ALA B 33 10.22 -43.12 -14.52
C ALA B 33 11.69 -43.33 -14.15
N ARG B 34 12.08 -42.84 -12.96
CA ARG B 34 13.42 -43.08 -12.44
C ARG B 34 13.49 -44.35 -11.60
N GLY B 35 12.43 -45.14 -11.65
CA GLY B 35 12.35 -46.33 -10.82
C GLY B 35 11.35 -46.05 -9.74
N HIS B 36 11.83 -45.64 -8.56
CA HIS B 36 11.06 -45.34 -7.34
C HIS B 36 9.64 -45.88 -7.26
N ARG B 37 9.34 -46.65 -6.22
CA ARG B 37 7.97 -47.08 -6.02
C ARG B 37 7.20 -45.92 -5.40
N VAL B 38 6.32 -45.33 -6.19
CA VAL B 38 5.57 -44.18 -5.71
C VAL B 38 4.13 -44.59 -5.42
N THR B 39 3.66 -44.18 -4.25
CA THR B 39 2.23 -44.26 -3.94
C THR B 39 1.70 -42.84 -3.79
N TYR B 40 0.40 -42.66 -3.93
CA TYR B 40 -0.16 -41.32 -3.97
C TYR B 40 -1.49 -41.28 -3.23
N ALA B 41 -1.50 -40.57 -2.10
CA ALA B 41 -2.73 -40.37 -1.33
C ALA B 41 -3.64 -39.42 -2.08
N ILE B 42 -4.83 -39.90 -2.43
CA ILE B 42 -5.75 -39.10 -3.21
C ILE B 42 -7.19 -39.58 -2.98
N PRO B 43 -8.16 -38.64 -3.03
CA PRO B 43 -9.59 -38.99 -2.99
C PRO B 43 -10.06 -39.52 -4.34
N PRO B 44 -10.89 -40.58 -4.32
CA PRO B 44 -11.20 -41.49 -5.43
C PRO B 44 -11.35 -40.85 -6.81
N VAL B 45 -11.88 -39.63 -6.88
CA VAL B 45 -12.13 -39.04 -8.19
C VAL B 45 -10.84 -38.84 -8.99
N PHE B 46 -9.70 -38.80 -8.29
CA PHE B 46 -8.42 -38.57 -8.97
C PHE B 46 -7.50 -39.81 -9.00
N ALA B 47 -8.06 -41.01 -8.79
CA ALA B 47 -7.22 -42.20 -8.77
C ALA B 47 -6.57 -42.48 -10.13
N ASP B 48 -7.40 -42.62 -11.15
CA ASP B 48 -6.95 -42.75 -12.53
C ASP B 48 -5.88 -41.69 -12.84
N LYS B 49 -6.18 -40.46 -12.40
CA LYS B 49 -5.34 -39.29 -12.68
C LYS B 49 -3.91 -39.43 -12.19
N VAL B 50 -3.72 -39.91 -10.97
CA VAL B 50 -2.37 -40.04 -10.47
C VAL B 50 -1.73 -41.35 -10.94
N ALA B 51 -2.55 -42.37 -11.20
CA ALA B 51 -2.04 -43.62 -11.76
C ALA B 51 -1.54 -43.35 -13.18
N ALA B 52 -2.04 -42.26 -13.76
CA ALA B 52 -1.50 -41.69 -14.99
C ALA B 52 -0.20 -40.93 -14.70
N THR B 53 0.61 -41.50 -13.82
CA THR B 53 2.01 -41.12 -13.66
C THR B 53 2.81 -42.40 -13.55
N GLY B 54 2.11 -43.48 -13.19
CA GLY B 54 2.73 -44.74 -12.83
C GLY B 54 2.74 -44.99 -11.33
N ALA B 55 2.47 -43.93 -10.56
CA ALA B 55 2.38 -44.04 -9.11
C ALA B 55 1.10 -44.79 -8.76
N ARG B 56 1.09 -45.47 -7.61
CA ARG B 56 -0.08 -46.23 -7.19
C ARG B 56 -0.92 -45.40 -6.22
N PRO B 57 -2.16 -45.10 -6.59
CA PRO B 57 -3.03 -44.36 -5.66
C PRO B 57 -3.23 -45.09 -4.33
N VAL B 58 -3.55 -44.31 -3.31
CA VAL B 58 -3.82 -44.84 -1.98
C VAL B 58 -5.04 -44.07 -1.48
N LEU B 59 -6.22 -44.69 -1.63
CA LEU B 59 -7.48 -43.95 -1.50
C LEU B 59 -7.86 -43.57 -0.07
N TYR B 60 -8.33 -42.34 0.09
CA TYR B 60 -8.97 -41.92 1.34
C TYR B 60 -10.22 -41.09 1.07
N HIS B 61 -11.17 -41.18 2.01
CA HIS B 61 -12.38 -40.36 2.03
C HIS B 61 -12.03 -38.91 2.45
N SER B 62 -12.31 -37.91 1.60
CA SER B 62 -12.20 -36.54 2.04
C SER B 62 -13.46 -35.71 1.86
N THR B 63 -13.63 -34.75 2.77
CA THR B 63 -14.86 -33.97 2.92
C THR B 63 -14.72 -32.58 2.30
N LEU B 64 -13.63 -32.36 1.57
CA LEU B 64 -13.46 -31.13 0.81
C LEU B 64 -14.31 -31.16 -0.44
N PRO B 65 -14.72 -29.97 -0.92
CA PRO B 65 -15.50 -29.85 -2.17
C PRO B 65 -14.78 -30.53 -3.34
N GLY B 66 -15.52 -31.07 -4.30
CA GLY B 66 -14.88 -31.82 -5.38
C GLY B 66 -14.06 -30.97 -6.34
N PRO B 67 -13.31 -31.63 -7.23
CA PRO B 67 -12.45 -31.04 -8.26
C PRO B 67 -13.20 -29.98 -9.11
N ASP B 68 -14.43 -30.36 -9.42
CA ASP B 68 -15.45 -29.57 -10.06
C ASP B 68 -16.42 -29.46 -8.91
N ALA B 69 -16.27 -28.35 -8.17
CA ALA B 69 -17.25 -27.99 -7.18
C ALA B 69 -17.66 -26.53 -7.30
N ASP B 70 -16.75 -25.68 -7.75
CA ASP B 70 -17.14 -24.29 -7.99
C ASP B 70 -16.53 -23.30 -6.97
N PRO B 71 -16.39 -22.04 -7.37
CA PRO B 71 -15.59 -20.97 -6.73
C PRO B 71 -15.85 -20.68 -5.24
N GLU B 72 -17.07 -20.24 -4.91
CA GLU B 72 -17.41 -19.87 -3.54
C GLU B 72 -17.48 -21.10 -2.65
N ALA B 73 -17.59 -22.28 -3.25
CA ALA B 73 -17.61 -23.54 -2.49
C ALA B 73 -16.51 -23.60 -1.43
N TRP B 74 -15.34 -23.05 -1.75
CA TRP B 74 -14.31 -22.90 -0.74
C TRP B 74 -14.39 -21.49 -0.15
N GLY B 75 -15.61 -21.03 0.09
CA GLY B 75 -15.87 -19.85 0.89
C GLY B 75 -15.27 -18.51 0.49
N SER B 76 -15.34 -17.57 1.41
CA SER B 76 -14.71 -16.26 1.28
C SER B 76 -14.36 -15.58 2.63
N THR B 77 -14.98 -16.01 3.73
CA THR B 77 -14.44 -15.61 5.04
C THR B 77 -13.21 -16.47 5.28
N LEU B 78 -12.10 -15.82 5.65
CA LEU B 78 -10.83 -16.49 5.93
C LEU B 78 -11.08 -17.83 6.61
N LEU B 79 -11.97 -17.83 7.59
CA LEU B 79 -12.36 -19.07 8.26
C LEU B 79 -13.00 -20.08 7.31
N ASP B 80 -13.92 -19.63 6.45
CA ASP B 80 -14.54 -20.58 5.52
C ASP B 80 -13.55 -21.05 4.46
N ASN B 81 -12.57 -20.20 4.13
CA ASN B 81 -11.52 -20.60 3.21
C ASN B 81 -10.59 -21.63 3.83
N VAL B 82 -10.24 -21.42 5.10
CA VAL B 82 -9.23 -22.29 5.72
C VAL B 82 -9.80 -23.45 6.53
N GLU B 83 -10.93 -23.26 7.20
CA GLU B 83 -11.46 -24.29 8.08
C GLU B 83 -11.63 -25.70 7.46
N PRO B 84 -12.11 -25.80 6.22
CA PRO B 84 -12.24 -27.13 5.63
C PRO B 84 -10.98 -28.02 5.71
N PHE B 85 -9.80 -27.42 5.64
CA PHE B 85 -8.59 -28.23 5.59
C PHE B 85 -8.29 -28.94 6.90
N LEU B 86 -8.54 -28.28 8.03
CA LEU B 86 -8.32 -28.92 9.33
C LEU B 86 -9.32 -30.02 9.54
N ASN B 87 -10.58 -29.72 9.26
CA ASN B 87 -11.64 -30.66 9.52
C ASN B 87 -11.46 -31.91 8.68
N ASP B 88 -11.14 -31.72 7.41
CA ASP B 88 -10.85 -32.85 6.53
C ASP B 88 -9.69 -33.72 7.00
N ALA B 89 -8.62 -33.07 7.49
CA ALA B 89 -7.45 -33.81 7.97
C ALA B 89 -7.78 -34.73 9.14
N ILE B 90 -8.54 -34.21 10.10
CA ILE B 90 -8.84 -34.94 11.32
C ILE B 90 -9.41 -36.33 11.06
N GLN B 91 -10.30 -36.44 10.06
CA GLN B 91 -10.86 -37.71 9.64
C GLN B 91 -9.94 -38.46 8.69
N ALA B 92 -9.19 -37.72 7.89
CA ALA B 92 -8.32 -38.32 6.87
C ALA B 92 -7.17 -39.06 7.54
N LEU B 93 -6.62 -38.42 8.57
CA LEU B 93 -5.45 -38.94 9.29
C LEU B 93 -5.56 -40.44 9.64
N PRO B 94 -6.62 -40.85 10.37
CA PRO B 94 -6.72 -42.29 10.68
C PRO B 94 -6.83 -43.22 9.46
N GLN B 95 -7.54 -42.80 8.40
CA GLN B 95 -7.67 -43.62 7.20
C GLN B 95 -6.29 -43.82 6.53
N LEU B 96 -5.45 -42.79 6.56
CA LEU B 96 -4.14 -42.81 5.91
C LEU B 96 -3.09 -43.45 6.80
N ALA B 97 -3.14 -43.14 8.10
CA ALA B 97 -2.38 -43.94 9.07
C ALA B 97 -2.58 -45.43 8.80
N ASP B 98 -3.81 -45.87 8.51
CA ASP B 98 -4.12 -47.30 8.28
C ASP B 98 -3.46 -47.75 6.97
N ALA B 99 -3.67 -46.95 5.93
CA ALA B 99 -3.20 -47.26 4.56
C ALA B 99 -1.75 -47.71 4.54
N TYR B 100 -0.95 -47.18 5.44
CA TYR B 100 0.49 -47.39 5.38
C TYR B 100 0.97 -48.10 6.62
N ALA B 101 0.04 -48.38 7.55
CA ALA B 101 0.37 -48.81 8.90
C ALA B 101 1.50 -49.83 9.02
N ASP B 102 1.55 -50.80 8.10
CA ASP B 102 2.60 -51.81 8.17
C ASP B 102 3.83 -51.47 7.34
N ASP B 103 3.59 -50.95 6.14
CA ASP B 103 4.68 -50.56 5.25
C ASP B 103 4.75 -49.04 5.11
N ILE B 104 5.23 -48.41 6.17
CA ILE B 104 5.52 -47.00 6.16
C ILE B 104 6.41 -46.70 4.95
N PRO B 105 5.98 -45.74 4.12
CA PRO B 105 6.78 -45.35 2.95
C PRO B 105 8.07 -44.72 3.43
N ASP B 106 9.10 -44.69 2.59
CA ASP B 106 10.38 -44.15 3.00
C ASP B 106 10.40 -42.62 2.85
N LEU B 107 9.51 -42.08 2.02
CA LEU B 107 9.42 -40.62 1.86
C LEU B 107 7.99 -40.14 1.62
N VAL B 108 7.62 -39.09 2.34
CA VAL B 108 6.34 -38.44 2.11
C VAL B 108 6.50 -37.11 1.39
N LEU B 109 5.80 -37.01 0.27
CA LEU B 109 5.77 -35.82 -0.54
C LEU B 109 4.34 -35.29 -0.48
N HIS B 110 4.15 -34.00 -0.25
CA HIS B 110 2.78 -33.54 -0.18
C HIS B 110 2.62 -32.12 -0.67
N ASP B 111 1.49 -31.86 -1.32
CA ASP B 111 1.06 -30.50 -1.61
C ASP B 111 0.73 -29.82 -0.28
N ILE B 112 0.77 -28.48 -0.28
CA ILE B 112 0.59 -27.70 0.94
C ILE B 112 -0.78 -27.89 1.61
N THR B 113 -1.70 -28.55 0.94
CA THR B 113 -3.05 -28.69 1.52
C THR B 113 -3.22 -29.93 2.43
N SER B 114 -2.27 -30.85 2.41
CA SER B 114 -2.40 -32.08 3.20
C SER B 114 -1.75 -32.05 4.59
N TYR B 115 -2.53 -31.66 5.60
CA TYR B 115 -2.04 -31.73 6.98
C TYR B 115 -1.67 -33.15 7.47
N PRO B 116 -2.37 -34.19 7.00
CA PRO B 116 -1.97 -35.52 7.48
C PRO B 116 -0.49 -35.82 7.24
N ALA B 117 -0.04 -35.65 5.99
CA ALA B 117 1.34 -35.97 5.61
C ALA B 117 2.38 -35.42 6.59
N ARG B 118 2.10 -34.24 7.12
CA ARG B 118 2.99 -33.59 8.09
C ARG B 118 3.05 -34.42 9.37
N VAL B 119 1.90 -34.74 9.93
CA VAL B 119 1.82 -35.51 11.17
C VAL B 119 2.16 -36.97 10.89
N LEU B 120 1.60 -37.45 9.79
CA LEU B 120 1.49 -38.86 9.45
C LEU B 120 2.80 -39.42 8.95
N ALA B 121 3.71 -38.52 8.60
CA ALA B 121 5.08 -38.89 8.26
C ALA B 121 5.94 -38.57 9.47
N ARG B 122 5.50 -37.60 10.28
CA ARG B 122 6.15 -37.28 11.54
C ARG B 122 6.08 -38.49 12.48
N ARG B 123 4.88 -39.05 12.60
CA ARG B 123 4.61 -40.26 13.38
C ARG B 123 4.87 -41.54 12.57
N TRP B 124 5.92 -41.50 11.76
CA TRP B 124 6.50 -42.69 11.12
C TRP B 124 7.98 -42.42 11.15
N GLY B 125 8.32 -41.17 11.39
CA GLY B 125 9.70 -40.77 11.45
C GLY B 125 10.30 -40.85 10.06
N VAL B 126 9.62 -40.27 9.08
CA VAL B 126 10.25 -40.10 7.77
C VAL B 126 10.33 -38.63 7.38
N PRO B 127 11.26 -38.30 6.48
CA PRO B 127 11.33 -36.94 5.95
C PRO B 127 10.09 -36.59 5.14
N ALA B 128 9.69 -35.33 5.23
CA ALA B 128 8.58 -34.81 4.46
C ALA B 128 9.06 -33.67 3.57
N VAL B 129 8.66 -33.71 2.30
CA VAL B 129 8.95 -32.59 1.40
C VAL B 129 7.65 -31.95 0.97
N SER B 130 7.47 -30.69 1.35
CA SER B 130 6.29 -29.94 0.97
C SER B 130 6.49 -29.38 -0.43
N LEU B 131 5.48 -29.54 -1.29
CA LEU B 131 5.54 -28.96 -2.62
C LEU B 131 4.51 -27.84 -2.74
N SER B 132 4.97 -26.61 -3.01
CA SER B 132 4.07 -25.47 -3.05
C SER B 132 3.81 -24.95 -4.45
N PRO B 133 2.54 -24.96 -4.89
CA PRO B 133 2.22 -24.47 -6.23
C PRO B 133 2.03 -22.96 -6.29
N ASN B 134 2.47 -22.26 -5.25
CA ASN B 134 2.34 -20.81 -5.20
C ASN B 134 3.33 -20.25 -4.21
N LEU B 135 3.27 -18.94 -3.97
CA LEU B 135 4.23 -18.28 -3.08
C LEU B 135 4.25 -18.92 -1.70
N VAL B 136 5.37 -18.75 -1.01
CA VAL B 136 5.54 -19.27 0.34
C VAL B 136 5.77 -18.15 1.32
N ALA B 137 5.80 -18.49 2.61
CA ALA B 137 6.01 -17.50 3.65
C ALA B 137 7.46 -17.05 3.67
N TRP B 138 7.65 -15.75 3.86
CA TRP B 138 8.98 -15.19 4.04
C TRP B 138 9.19 -14.88 5.52
N LYS B 139 10.43 -14.69 5.95
CA LYS B 139 10.66 -14.28 7.33
C LYS B 139 10.04 -12.89 7.51
N GLY B 140 9.02 -12.80 8.36
CA GLY B 140 8.25 -11.58 8.51
C GLY B 140 6.79 -11.77 8.12
N TYR B 141 6.50 -12.88 7.44
CA TYR B 141 5.15 -13.18 6.99
C TYR B 141 4.16 -13.28 8.14
N GLU B 142 4.57 -13.92 9.23
CA GLU B 142 3.68 -14.07 10.37
C GLU B 142 3.28 -12.69 10.89
N GLU B 143 4.25 -11.80 10.91
CA GLU B 143 4.04 -10.49 11.51
C GLU B 143 3.28 -9.60 10.55
N GLU B 144 3.64 -9.68 9.28
CA GLU B 144 3.13 -8.76 8.28
C GLU B 144 1.83 -9.20 7.62
N VAL B 145 1.61 -10.52 7.54
CA VAL B 145 0.50 -11.06 6.77
C VAL B 145 -0.50 -11.86 7.63
N ALA B 146 -0.01 -12.89 8.29
CA ALA B 146 -0.89 -13.83 8.99
C ALA B 146 -1.64 -13.17 10.15
N GLU B 147 -0.98 -12.27 10.86
CA GLU B 147 -1.64 -11.61 11.98
C GLU B 147 -2.75 -10.63 11.59
N PRO B 148 -2.53 -9.77 10.57
CA PRO B 148 -3.64 -8.94 10.12
C PRO B 148 -4.90 -9.68 9.65
N MET B 149 -4.76 -10.75 8.85
CA MET B 149 -5.95 -11.43 8.36
C MET B 149 -6.70 -12.12 9.49
N TRP B 150 -5.97 -12.52 10.53
CA TRP B 150 -6.58 -13.25 11.63
C TRP B 150 -7.09 -12.33 12.76
N ARG B 151 -6.83 -11.03 12.65
CA ARG B 151 -7.10 -10.12 13.76
C ARG B 151 -8.55 -10.11 14.27
N GLU B 152 -9.52 -10.13 13.35
CA GLU B 152 -10.90 -10.31 13.83
C GLU B 152 -11.32 -11.77 13.95
N PRO B 153 -11.01 -12.61 12.94
CA PRO B 153 -11.52 -13.98 13.04
C PRO B 153 -11.13 -14.76 14.31
N ARG B 154 -9.89 -14.69 14.78
CA ARG B 154 -9.46 -15.54 15.91
C ARG B 154 -10.22 -15.23 17.18
N GLN B 155 -10.60 -13.98 17.40
CA GLN B 155 -11.33 -13.61 18.61
C GLN B 155 -12.83 -13.73 18.41
N THR B 156 -13.24 -14.52 17.41
CA THR B 156 -14.63 -14.93 17.31
C THR B 156 -14.70 -16.27 17.99
N GLU B 157 -15.89 -16.70 18.39
CA GLU B 157 -15.99 -18.01 18.99
C GLU B 157 -15.70 -19.07 17.91
N ARG B 158 -16.13 -18.82 16.68
CA ARG B 158 -15.82 -19.72 15.58
C ARG B 158 -14.31 -19.77 15.33
N GLY B 159 -13.67 -18.61 15.43
CA GLY B 159 -12.23 -18.54 15.24
C GLY B 159 -11.48 -19.13 16.42
N ARG B 160 -11.94 -18.82 17.63
CA ARG B 160 -11.36 -19.36 18.86
C ARG B 160 -11.44 -20.87 18.88
N ALA B 161 -12.58 -21.39 18.44
CA ALA B 161 -12.83 -22.83 18.45
C ALA B 161 -12.09 -23.52 17.30
N TYR B 162 -11.92 -22.81 16.20
CA TYR B 162 -11.08 -23.29 15.11
C TYR B 162 -9.67 -23.54 15.65
N TYR B 163 -9.04 -22.49 16.16
CA TYR B 163 -7.66 -22.61 16.64
C TYR B 163 -7.48 -23.56 17.83
N ALA B 164 -8.44 -23.58 18.74
CA ALA B 164 -8.31 -24.46 19.91
C ALA B 164 -8.45 -25.93 19.49
N ARG B 165 -9.21 -26.18 18.43
CA ARG B 165 -9.35 -27.53 17.90
C ARG B 165 -8.02 -28.03 17.31
N PHE B 166 -7.32 -27.13 16.65
CA PHE B 166 -6.04 -27.44 16.02
C PHE B 166 -5.04 -27.79 17.10
N GLU B 167 -4.82 -26.86 18.04
CA GLU B 167 -3.89 -27.06 19.16
C GLU B 167 -4.05 -28.44 19.80
N ALA B 168 -5.29 -28.80 20.13
CA ALA B 168 -5.57 -30.09 20.77
C ALA B 168 -5.19 -31.23 19.83
N TRP B 169 -5.31 -30.98 18.53
CA TRP B 169 -5.07 -32.03 17.56
C TRP B 169 -3.58 -32.33 17.46
N LEU B 170 -2.77 -31.29 17.36
CA LEU B 170 -1.31 -31.47 17.29
C LEU B 170 -0.81 -32.21 18.54
N LYS B 171 -1.30 -31.78 19.70
CA LYS B 171 -0.92 -32.42 20.97
C LYS B 171 -1.28 -33.92 21.04
N GLU B 172 -2.44 -34.31 20.51
CA GLU B 172 -2.79 -35.73 20.53
C GLU B 172 -1.86 -36.52 19.61
N ASN B 173 -1.09 -35.80 18.80
CA ASN B 173 -0.13 -36.40 17.89
C ASN B 173 1.30 -36.12 18.29
N GLY B 174 1.48 -35.59 19.51
CA GLY B 174 2.80 -35.28 20.02
C GLY B 174 3.45 -34.12 19.29
N ILE B 175 2.64 -33.15 18.88
CA ILE B 175 3.13 -31.97 18.18
C ILE B 175 2.87 -30.69 18.97
N THR B 176 3.93 -29.93 19.27
CA THR B 176 3.80 -28.81 20.20
C THR B 176 3.97 -27.41 19.57
N GLU B 177 4.27 -27.34 18.27
CA GLU B 177 4.37 -26.06 17.58
C GLU B 177 3.01 -25.35 17.49
N HIS B 178 3.03 -24.02 17.45
CA HIS B 178 1.81 -23.24 17.25
C HIS B 178 1.23 -23.63 15.89
N PRO B 179 -0.09 -23.85 15.83
CA PRO B 179 -0.74 -24.33 14.61
C PRO B 179 -0.35 -23.57 13.35
N ASP B 180 -0.14 -22.26 13.46
CA ASP B 180 0.26 -21.44 12.32
C ASP B 180 1.68 -21.75 11.87
N THR B 181 2.42 -22.47 12.71
CA THR B 181 3.76 -22.93 12.37
C THR B 181 3.66 -24.25 11.60
N PHE B 182 2.83 -25.14 12.13
CA PHE B 182 2.59 -26.43 11.52
C PHE B 182 1.98 -26.27 10.14
N ALA B 183 1.12 -25.26 9.99
CA ALA B 183 0.43 -25.05 8.72
C ALA B 183 1.28 -24.37 7.67
N SER B 184 1.93 -23.27 8.06
CA SER B 184 2.51 -22.37 7.08
C SER B 184 4.03 -22.38 7.00
N HIS B 185 4.67 -23.22 7.80
CA HIS B 185 6.13 -23.17 7.91
C HIS B 185 6.79 -24.55 7.90
N PRO B 186 6.82 -25.19 6.72
CA PRO B 186 7.39 -26.53 6.56
C PRO B 186 8.89 -26.54 6.86
N PRO B 187 9.43 -27.70 7.24
CA PRO B 187 10.88 -27.76 7.45
C PRO B 187 11.66 -27.84 6.14
N ARG B 188 11.00 -28.28 5.07
CA ARG B 188 11.65 -28.39 3.76
C ARG B 188 10.60 -28.26 2.67
N SER B 189 10.86 -27.41 1.69
CA SER B 189 9.85 -27.11 0.68
C SER B 189 10.46 -26.83 -0.68
N LEU B 190 9.85 -27.38 -1.73
CA LEU B 190 10.17 -27.03 -3.11
C LEU B 190 9.05 -26.16 -3.64
N VAL B 191 9.41 -25.01 -4.20
CA VAL B 191 8.41 -24.04 -4.66
C VAL B 191 8.30 -24.07 -6.19
N LEU B 192 7.08 -24.30 -6.66
CA LEU B 192 6.79 -24.57 -8.06
C LEU B 192 6.39 -23.30 -8.82
N ILE B 193 6.93 -22.17 -8.38
CA ILE B 193 6.84 -20.92 -9.13
C ILE B 193 8.23 -20.33 -9.20
N PRO B 194 8.51 -19.54 -10.24
CA PRO B 194 9.83 -18.91 -10.29
C PRO B 194 9.98 -17.92 -9.14
N LYS B 195 11.19 -17.82 -8.59
CA LYS B 195 11.44 -16.91 -7.46
C LYS B 195 11.06 -15.47 -7.81
N ALA B 196 11.19 -15.08 -9.07
CA ALA B 196 10.80 -13.73 -9.49
C ALA B 196 9.35 -13.38 -9.15
N LEU B 197 8.48 -14.39 -9.15
CA LEU B 197 7.07 -14.16 -8.84
C LEU B 197 6.74 -14.32 -7.34
N GLN B 198 7.78 -14.49 -6.53
CA GLN B 198 7.59 -14.59 -5.08
C GLN B 198 7.69 -13.21 -4.41
N PRO B 199 6.60 -12.80 -3.74
CA PRO B 199 6.68 -11.57 -2.94
C PRO B 199 7.79 -11.65 -1.90
N HIS B 200 8.52 -10.55 -1.69
CA HIS B 200 9.54 -10.50 -0.64
C HIS B 200 10.54 -11.67 -0.72
N ALA B 201 11.00 -11.96 -1.93
CA ALA B 201 11.88 -13.11 -2.14
C ALA B 201 13.17 -13.11 -1.32
N ASP B 202 13.74 -11.92 -1.07
CA ASP B 202 15.02 -11.86 -0.37
C ASP B 202 14.89 -12.25 1.10
N ARG B 203 13.65 -12.31 1.60
CA ARG B 203 13.41 -12.72 2.98
C ARG B 203 12.94 -14.17 3.09
N VAL B 204 12.81 -14.86 1.96
CA VAL B 204 12.47 -16.28 1.99
C VAL B 204 13.68 -17.12 2.41
N ASP B 205 13.49 -17.93 3.44
CA ASP B 205 14.55 -18.74 4.04
C ASP B 205 15.09 -19.81 3.11
N GLU B 206 16.29 -19.59 2.57
CA GLU B 206 16.87 -20.60 1.69
C GLU B 206 17.38 -21.82 2.48
N ASP B 207 17.29 -21.78 3.81
CA ASP B 207 17.54 -22.98 4.63
C ASP B 207 16.48 -24.01 4.31
N VAL B 208 15.28 -23.52 3.99
CA VAL B 208 14.06 -24.33 3.94
C VAL B 208 13.51 -24.49 2.52
N TYR B 209 13.45 -23.39 1.78
CA TYR B 209 12.77 -23.34 0.49
C TYR B 209 13.71 -23.30 -0.69
N THR B 210 13.45 -24.14 -1.69
CA THR B 210 14.16 -24.09 -2.96
C THR B 210 13.16 -23.83 -4.07
N PHE B 211 13.40 -22.79 -4.85
CA PHE B 211 12.52 -22.45 -5.97
C PHE B 211 12.92 -23.23 -7.20
N VAL B 212 12.01 -24.06 -7.68
CA VAL B 212 12.30 -24.84 -8.88
C VAL B 212 11.33 -24.42 -9.98
N GLY B 213 10.34 -23.62 -9.61
CA GLY B 213 9.37 -23.14 -10.58
C GLY B 213 8.52 -24.27 -11.13
N ALA B 214 7.84 -23.98 -12.23
CA ALA B 214 6.91 -24.93 -12.80
C ALA B 214 7.64 -26.14 -13.35
N CYS B 215 6.96 -27.28 -13.28
CA CYS B 215 7.39 -28.47 -13.97
C CYS B 215 7.14 -28.33 -15.48
N GLN B 216 7.25 -27.11 -16.01
CA GLN B 216 7.05 -26.77 -17.43
C GLN B 216 6.65 -27.98 -18.27
N GLY B 217 7.63 -28.86 -18.48
CA GLY B 217 7.37 -30.24 -18.87
C GLY B 217 7.19 -30.47 -20.35
N ASP B 218 8.33 -30.59 -21.04
CA ASP B 218 8.46 -30.80 -22.49
C ASP B 218 7.19 -30.84 -23.35
N ARG B 219 7.13 -29.99 -24.36
CA ARG B 219 5.91 -29.83 -25.15
C ARG B 219 6.14 -30.04 -26.66
N ALA B 220 7.11 -30.89 -27.01
CA ALA B 220 7.82 -30.86 -28.31
C ALA B 220 7.21 -31.43 -29.62
N GLU B 221 6.22 -32.32 -29.51
CA GLU B 221 5.67 -32.97 -30.71
C GLU B 221 4.66 -32.08 -31.44
N GLU B 222 3.72 -31.51 -30.68
CA GLU B 222 2.79 -30.50 -31.15
C GLU B 222 3.42 -29.56 -32.16
N GLY B 223 4.60 -29.02 -31.81
CA GLY B 223 5.48 -28.43 -32.80
C GLY B 223 5.82 -26.97 -32.62
N GLY B 224 5.89 -26.27 -33.76
CA GLY B 224 6.21 -24.87 -33.79
C GLY B 224 5.15 -24.10 -34.55
N TRP B 225 5.53 -22.93 -35.04
CA TRP B 225 4.61 -21.98 -35.66
C TRP B 225 5.20 -21.46 -36.97
N GLN B 226 4.38 -21.30 -37.99
CA GLN B 226 4.88 -20.66 -39.20
C GLN B 226 5.09 -19.14 -39.03
N ARG B 227 6.17 -18.75 -38.36
CA ARG B 227 6.54 -17.32 -38.32
C ARG B 227 6.95 -16.89 -39.72
N PRO B 228 6.23 -15.90 -40.29
CA PRO B 228 6.58 -15.30 -41.59
C PRO B 228 7.96 -14.63 -41.54
N ALA B 229 8.54 -14.14 -42.64
CA ALA B 229 9.97 -13.72 -42.67
C ALA B 229 10.22 -12.18 -42.70
N GLY B 230 9.12 -11.42 -42.52
CA GLY B 230 9.13 -9.95 -42.46
C GLY B 230 8.47 -9.44 -41.18
N ALA B 231 8.35 -10.36 -40.25
CA ALA B 231 7.79 -10.00 -38.96
C ALA B 231 8.96 -9.41 -38.22
N GLU B 232 8.83 -8.18 -37.77
CA GLU B 232 9.93 -7.56 -37.04
C GLU B 232 9.70 -7.59 -35.53
N LYS B 233 8.47 -7.94 -35.11
CA LYS B 233 8.06 -7.66 -33.73
C LYS B 233 6.96 -8.53 -33.13
N VAL B 234 7.04 -9.85 -33.32
CA VAL B 234 5.94 -10.77 -32.99
C VAL B 234 5.25 -10.52 -31.65
N VAL B 235 3.97 -10.18 -31.70
CA VAL B 235 3.16 -10.03 -30.50
C VAL B 235 2.09 -11.13 -30.44
N LEU B 236 2.08 -11.90 -29.35
CA LEU B 236 1.05 -12.89 -29.15
C LEU B 236 0.03 -12.33 -28.18
N VAL B 237 -1.26 -12.46 -28.51
CA VAL B 237 -2.33 -12.15 -27.57
C VAL B 237 -3.04 -13.45 -27.22
N SER B 238 -3.07 -13.78 -25.93
CA SER B 238 -3.72 -15.00 -25.47
C SER B 238 -4.07 -14.88 -23.99
N LEU B 239 -5.20 -15.44 -23.60
CA LEU B 239 -5.60 -15.41 -22.20
C LEU B 239 -5.82 -16.81 -21.63
N GLY B 240 -4.95 -17.74 -22.01
CA GLY B 240 -5.07 -19.10 -21.51
C GLY B 240 -6.20 -19.78 -22.27
N SER B 241 -6.85 -20.77 -21.66
CA SER B 241 -7.91 -21.51 -22.35
C SER B 241 -9.30 -21.33 -21.73
N ALA B 242 -9.50 -20.26 -20.96
CA ALA B 242 -10.83 -20.02 -20.38
C ALA B 242 -11.29 -18.57 -20.49
N PHE B 243 -10.55 -17.65 -19.87
CA PHE B 243 -10.97 -16.25 -19.76
C PHE B 243 -10.85 -15.58 -21.11
N THR B 244 -11.49 -16.19 -22.09
CA THR B 244 -11.18 -15.98 -23.49
C THR B 244 -12.33 -15.35 -24.26
N LYS B 245 -13.55 -15.41 -23.73
CA LYS B 245 -14.64 -14.80 -24.48
C LYS B 245 -14.58 -13.28 -24.34
N GLN B 246 -13.63 -12.67 -25.05
CA GLN B 246 -13.41 -11.24 -24.97
C GLN B 246 -13.33 -10.59 -26.36
N PRO B 247 -14.34 -10.82 -27.21
CA PRO B 247 -14.26 -10.34 -28.60
C PRO B 247 -14.09 -8.83 -28.69
N ALA B 248 -14.66 -8.09 -27.74
CA ALA B 248 -14.51 -6.63 -27.75
C ALA B 248 -13.03 -6.29 -27.58
N PHE B 249 -12.42 -6.93 -26.59
CA PHE B 249 -10.99 -6.81 -26.30
C PHE B 249 -10.15 -7.33 -27.47
N TYR B 250 -10.52 -8.48 -28.02
CA TYR B 250 -9.83 -8.98 -29.20
C TYR B 250 -9.92 -8.01 -30.38
N ARG B 251 -11.06 -7.36 -30.57
CA ARG B 251 -11.13 -6.36 -31.63
C ARG B 251 -10.28 -5.14 -31.27
N GLU B 252 -10.10 -4.91 -29.98
CA GLU B 252 -9.17 -3.87 -29.55
C GLU B 252 -7.74 -4.22 -29.98
N CYS B 253 -7.37 -5.50 -29.87
CA CYS B 253 -6.01 -5.93 -30.24
C CYS B 253 -5.78 -5.84 -31.75
N VAL B 254 -6.76 -6.29 -32.53
CA VAL B 254 -6.66 -6.21 -33.98
C VAL B 254 -6.40 -4.78 -34.45
N ARG B 255 -7.08 -3.82 -33.83
CA ARG B 255 -6.89 -2.42 -34.18
C ARG B 255 -5.46 -1.91 -33.88
N ALA B 256 -4.90 -2.33 -32.75
CA ALA B 256 -3.57 -1.86 -32.36
C ALA B 256 -2.45 -2.30 -33.29
N PHE B 257 -2.52 -3.54 -33.76
CA PHE B 257 -1.35 -4.14 -34.41
C PHE B 257 -1.35 -4.17 -35.96
N GLY B 258 -2.52 -4.35 -36.56
CA GLY B 258 -2.64 -4.52 -38.00
C GLY B 258 -1.98 -3.50 -38.93
N ASN B 259 -1.08 -3.99 -39.79
CA ASN B 259 -0.43 -3.21 -40.86
C ASN B 259 0.57 -2.12 -40.46
N LEU B 260 0.44 -1.60 -39.25
CA LEU B 260 1.37 -0.60 -38.74
C LEU B 260 2.77 -1.20 -38.81
N PRO B 261 3.66 -0.55 -39.59
CA PRO B 261 4.89 -1.14 -40.14
C PRO B 261 5.70 -2.01 -39.19
N GLY B 262 5.90 -3.28 -39.54
CA GLY B 262 6.88 -4.10 -38.86
C GLY B 262 6.33 -5.21 -37.99
N TRP B 263 5.05 -5.12 -37.64
CA TRP B 263 4.46 -6.05 -36.67
C TRP B 263 3.73 -7.22 -37.31
N HIS B 264 3.73 -8.33 -36.58
CA HIS B 264 2.92 -9.51 -36.89
C HIS B 264 2.20 -10.01 -35.64
N LEU B 265 0.87 -9.83 -35.62
CA LEU B 265 0.06 -10.25 -34.48
C LEU B 265 -0.48 -11.67 -34.63
N VAL B 266 -0.12 -12.53 -33.69
CA VAL B 266 -0.78 -13.83 -33.53
C VAL B 266 -1.80 -13.64 -32.42
N LEU B 267 -3.05 -13.96 -32.72
CA LEU B 267 -4.13 -13.73 -31.76
C LEU B 267 -4.89 -15.03 -31.55
N GLN B 268 -4.78 -15.60 -30.36
CA GLN B 268 -5.50 -16.83 -30.04
C GLN B 268 -6.77 -16.49 -29.26
N ILE B 269 -7.93 -16.86 -29.80
CA ILE B 269 -9.20 -16.42 -29.22
C ILE B 269 -10.03 -17.50 -28.54
N GLY B 270 -9.63 -18.76 -28.67
CA GLY B 270 -10.43 -19.86 -28.14
C GLY B 270 -11.63 -20.16 -29.03
N ARG B 271 -12.61 -20.87 -28.47
CA ARG B 271 -13.81 -21.27 -29.23
C ARG B 271 -15.08 -20.64 -28.68
N LYS B 272 -14.93 -19.88 -27.60
CA LYS B 272 -16.02 -19.08 -27.08
C LYS B 272 -16.32 -18.03 -28.12
N VAL B 273 -15.25 -17.37 -28.56
CA VAL B 273 -15.35 -16.35 -29.58
C VAL B 273 -15.22 -17.04 -30.92
N THR B 274 -16.05 -16.63 -31.86
CA THR B 274 -15.95 -17.16 -33.20
C THR B 274 -15.09 -16.20 -34.02
N PRO B 275 -14.19 -16.76 -34.84
CA PRO B 275 -13.27 -15.98 -35.67
C PRO B 275 -13.98 -14.83 -36.40
N ALA B 276 -15.17 -15.08 -36.91
CA ALA B 276 -15.87 -14.05 -37.67
C ALA B 276 -16.25 -12.84 -36.80
N GLU B 277 -16.18 -13.00 -35.47
CA GLU B 277 -16.24 -11.84 -34.58
C GLU B 277 -14.87 -11.17 -34.47
N LEU B 278 -14.43 -10.47 -35.51
CA LEU B 278 -13.22 -9.64 -35.43
C LEU B 278 -13.28 -8.49 -36.42
N GLY B 279 -14.26 -8.55 -37.33
CA GLY B 279 -14.28 -7.62 -38.44
C GLY B 279 -13.21 -7.98 -39.45
N GLU B 280 -13.22 -7.32 -40.61
CA GLU B 280 -12.24 -7.62 -41.65
C GLU B 280 -10.83 -7.23 -41.17
N LEU B 281 -9.86 -8.06 -41.53
CA LEU B 281 -8.52 -8.04 -40.92
C LEU B 281 -7.43 -7.77 -41.95
N PRO B 282 -6.26 -7.30 -41.48
CA PRO B 282 -5.12 -7.06 -42.37
C PRO B 282 -4.25 -8.31 -42.49
N ASP B 283 -3.22 -8.29 -43.34
CA ASP B 283 -2.39 -9.48 -43.54
C ASP B 283 -1.73 -9.98 -42.26
N ASN B 284 -1.13 -9.05 -41.53
CA ASN B 284 -0.30 -9.38 -40.37
C ASN B 284 -1.06 -9.95 -39.16
N VAL B 285 -2.12 -10.73 -39.38
CA VAL B 285 -2.91 -11.29 -38.28
C VAL B 285 -3.29 -12.78 -38.39
N GLU B 286 -2.91 -13.55 -37.38
CA GLU B 286 -3.24 -14.97 -37.30
C GLU B 286 -4.25 -15.23 -36.19
N VAL B 287 -5.26 -16.05 -36.47
CA VAL B 287 -6.29 -16.36 -35.47
C VAL B 287 -6.46 -17.87 -35.24
N HIS B 288 -6.48 -18.28 -33.97
CA HIS B 288 -6.53 -19.71 -33.62
C HIS B 288 -7.42 -19.99 -32.40
N ASP B 289 -7.90 -21.22 -32.28
CA ASP B 289 -8.67 -21.63 -31.11
C ASP B 289 -7.77 -22.10 -29.97
N TRP B 290 -6.53 -22.43 -30.32
CA TRP B 290 -5.63 -23.15 -29.43
C TRP B 290 -4.26 -23.07 -30.10
N VAL B 291 -3.23 -22.77 -29.33
CA VAL B 291 -1.89 -22.65 -29.89
C VAL B 291 -0.83 -23.37 -29.06
N PRO B 292 0.27 -23.80 -29.71
CA PRO B 292 1.50 -24.15 -28.99
C PRO B 292 2.18 -22.89 -28.46
N GLN B 293 1.64 -22.36 -27.37
CA GLN B 293 2.04 -21.05 -26.89
C GLN B 293 3.50 -21.00 -26.44
N LEU B 294 3.96 -22.06 -25.78
CA LEU B 294 5.34 -22.06 -25.32
C LEU B 294 6.32 -22.02 -26.50
N ALA B 295 5.99 -22.73 -27.58
CA ALA B 295 6.77 -22.69 -28.81
C ALA B 295 6.65 -21.34 -29.52
N ILE B 296 5.58 -20.60 -29.23
CA ILE B 296 5.37 -19.28 -29.85
C ILE B 296 6.08 -18.18 -29.07
N LEU B 297 5.97 -18.21 -27.75
CA LEU B 297 6.69 -17.22 -26.95
C LEU B 297 8.19 -17.14 -27.23
N ARG B 298 8.75 -18.27 -27.61
CA ARG B 298 10.13 -18.42 -28.04
C ARG B 298 10.47 -17.46 -29.17
N GLN B 299 9.44 -17.18 -29.97
CA GLN B 299 9.63 -16.35 -31.14
C GLN B 299 8.78 -15.09 -31.12
N ALA B 300 8.43 -14.71 -29.90
CA ALA B 300 7.59 -13.56 -29.70
C ALA B 300 8.33 -12.45 -28.98
N ASP B 301 7.93 -11.22 -29.27
CA ASP B 301 8.60 -10.05 -28.73
C ASP B 301 7.71 -9.35 -27.70
N LEU B 302 6.45 -9.74 -27.68
CA LEU B 302 5.46 -9.14 -26.78
C LEU B 302 4.32 -10.12 -26.54
N PHE B 303 3.92 -10.26 -25.28
CA PHE B 303 2.94 -11.25 -24.88
C PHE B 303 1.81 -10.51 -24.17
N VAL B 304 0.59 -10.63 -24.69
CA VAL B 304 -0.59 -10.11 -24.00
C VAL B 304 -1.26 -11.28 -23.31
N THR B 305 -1.19 -11.27 -21.98
CA THR B 305 -1.52 -12.44 -21.15
C THR B 305 -2.50 -12.10 -20.06
N HIS B 306 -3.29 -13.08 -19.62
CA HIS B 306 -4.18 -12.87 -18.48
C HIS B 306 -3.45 -13.01 -17.15
N ALA B 307 -2.16 -13.32 -17.22
CA ALA B 307 -1.34 -13.49 -16.04
C ALA B 307 -1.78 -14.65 -15.14
N GLY B 308 -2.34 -15.68 -15.75
CA GLY B 308 -2.44 -16.97 -15.07
C GLY B 308 -1.04 -17.42 -14.71
N ALA B 309 -0.93 -18.38 -13.80
CA ALA B 309 0.38 -18.86 -13.34
C ALA B 309 1.25 -19.34 -14.51
N GLY B 310 0.61 -20.00 -15.47
CA GLY B 310 1.31 -20.54 -16.63
C GLY B 310 1.88 -19.48 -17.57
N GLY B 311 1.00 -18.64 -18.11
CA GLY B 311 1.41 -17.57 -19.00
C GLY B 311 2.46 -16.65 -18.40
N SER B 312 2.27 -16.31 -17.12
CA SER B 312 3.22 -15.45 -16.42
C SER B 312 4.63 -16.04 -16.41
N GLN B 313 4.76 -17.29 -16.01
CA GLN B 313 6.10 -17.87 -15.92
C GLN B 313 6.68 -18.15 -17.31
N GLU B 314 5.83 -18.47 -18.28
CA GLU B 314 6.32 -18.69 -19.64
C GLU B 314 6.80 -17.40 -20.29
N GLY B 315 6.11 -16.29 -20.02
CA GLY B 315 6.55 -15.00 -20.53
C GLY B 315 7.90 -14.65 -19.93
N LEU B 316 8.06 -14.95 -18.65
CA LEU B 316 9.32 -14.73 -17.95
C LEU B 316 10.47 -15.52 -18.54
N ALA B 317 10.24 -16.82 -18.74
CA ALA B 317 11.31 -17.75 -19.10
C ALA B 317 11.80 -17.50 -20.50
N THR B 318 10.94 -16.91 -21.32
CA THR B 318 11.30 -16.58 -22.69
C THR B 318 11.75 -15.12 -22.81
N ALA B 319 11.82 -14.43 -21.68
CA ALA B 319 12.23 -13.03 -21.64
C ALA B 319 11.39 -12.15 -22.55
N THR B 320 10.07 -12.33 -22.47
CA THR B 320 9.16 -11.57 -23.31
C THR B 320 8.41 -10.52 -22.50
N PRO B 321 8.51 -9.25 -22.90
CA PRO B 321 7.75 -8.20 -22.19
C PRO B 321 6.26 -8.49 -22.23
N MET B 322 5.52 -8.09 -21.21
CA MET B 322 4.12 -8.46 -21.14
C MET B 322 3.18 -7.29 -20.92
N ILE B 323 2.02 -7.34 -21.57
CA ILE B 323 0.91 -6.50 -21.19
C ILE B 323 -0.04 -7.45 -20.49
N ALA B 324 -0.22 -7.26 -19.18
CA ALA B 324 -1.09 -8.15 -18.42
C ALA B 324 -2.49 -7.55 -18.34
N VAL B 325 -3.43 -8.25 -18.94
CA VAL B 325 -4.82 -7.80 -19.00
C VAL B 325 -5.63 -8.82 -18.23
N PRO B 326 -5.60 -8.75 -16.89
CA PRO B 326 -6.24 -9.77 -16.06
C PRO B 326 -7.76 -9.75 -16.21
N GLN B 327 -8.36 -10.94 -16.15
CA GLN B 327 -9.81 -11.07 -16.32
C GLN B 327 -10.48 -11.45 -15.00
N ALA B 328 -9.82 -12.28 -14.21
CA ALA B 328 -10.47 -12.82 -13.01
C ALA B 328 -9.53 -13.43 -11.97
N VAL B 329 -10.13 -14.07 -10.98
CA VAL B 329 -9.48 -14.98 -10.01
C VAL B 329 -8.04 -14.67 -9.57
N ASP B 330 -7.20 -15.70 -9.59
CA ASP B 330 -5.91 -15.69 -8.87
C ASP B 330 -4.82 -14.91 -9.57
N GLN B 331 -5.19 -14.19 -10.63
CA GLN B 331 -4.22 -13.57 -11.52
C GLN B 331 -3.74 -12.19 -11.06
N PHE B 332 -4.66 -11.38 -10.54
CA PHE B 332 -4.38 -9.98 -10.20
C PHE B 332 -3.05 -9.79 -9.46
N GLY B 333 -2.75 -10.71 -8.56
CA GLY B 333 -1.49 -10.71 -7.83
C GLY B 333 -0.28 -11.00 -8.73
N ASN B 334 -0.42 -12.03 -9.57
CA ASN B 334 0.62 -12.34 -10.54
C ASN B 334 0.88 -11.14 -11.46
N ALA B 335 -0.19 -10.50 -11.91
CA ALA B 335 -0.08 -9.33 -12.80
C ALA B 335 0.63 -8.17 -12.10
N ASP B 336 0.26 -7.91 -10.85
CA ASP B 336 0.95 -6.87 -10.11
C ASP B 336 2.42 -7.26 -9.92
N MET B 337 2.69 -8.54 -9.69
CA MET B 337 4.08 -9.00 -9.59
C MET B 337 4.85 -8.70 -10.88
N LEU B 338 4.22 -8.97 -12.02
CA LEU B 338 4.88 -8.75 -13.30
C LEU B 338 5.21 -7.27 -13.49
N GLN B 339 4.25 -6.41 -13.20
CA GLN B 339 4.47 -4.98 -13.39
C GLN B 339 5.48 -4.46 -12.38
N GLY B 340 5.44 -5.01 -11.17
CA GLY B 340 6.38 -4.63 -10.13
C GLY B 340 7.81 -5.02 -10.44
N LEU B 341 7.97 -6.07 -11.24
CA LEU B 341 9.30 -6.50 -11.65
C LEU B 341 9.87 -5.58 -12.72
N GLY B 342 9.05 -4.69 -13.25
CA GLY B 342 9.47 -3.74 -14.25
C GLY B 342 9.57 -4.34 -15.64
N VAL B 343 8.83 -5.41 -15.87
CA VAL B 343 8.89 -6.10 -17.17
C VAL B 343 7.53 -6.17 -17.86
N ALA B 344 6.57 -5.42 -17.35
CA ALA B 344 5.20 -5.49 -17.83
C ALA B 344 4.40 -4.24 -17.45
N ARG B 345 3.34 -3.97 -18.21
CA ARG B 345 2.33 -3.00 -17.79
C ARG B 345 1.02 -3.73 -17.66
N LYS B 346 0.36 -3.56 -16.51
CA LYS B 346 -0.92 -4.19 -16.22
C LYS B 346 -2.02 -3.21 -16.60
N LEU B 347 -3.11 -3.72 -17.18
CA LEU B 347 -4.25 -2.88 -17.54
C LEU B 347 -5.60 -3.57 -17.32
N ALA B 348 -6.63 -2.76 -17.05
CA ALA B 348 -8.02 -3.21 -17.06
C ALA B 348 -8.50 -3.46 -18.49
N THR B 349 -9.41 -4.41 -18.67
CA THR B 349 -9.89 -4.78 -20.01
C THR B 349 -10.41 -3.59 -20.82
N GLU B 350 -11.35 -2.84 -20.26
CA GLU B 350 -11.90 -1.68 -20.96
C GLU B 350 -10.84 -0.60 -21.26
N GLU B 351 -9.93 -0.34 -20.33
CA GLU B 351 -8.91 0.67 -20.55
C GLU B 351 -7.85 0.13 -21.52
N ALA B 352 -7.81 -1.19 -21.66
CA ALA B 352 -7.04 -1.81 -22.73
C ALA B 352 -7.73 -1.57 -24.07
N THR B 353 -8.07 -0.32 -24.35
CA THR B 353 -8.66 0.08 -25.61
C THR B 353 -7.61 -0.08 -26.67
N ALA B 354 -8.02 -0.01 -27.94
CA ALA B 354 -7.08 -0.11 -29.04
C ALA B 354 -5.84 0.80 -28.90
N ASP B 355 -6.06 2.10 -28.71
CA ASP B 355 -4.97 3.08 -28.70
C ASP B 355 -3.97 2.89 -27.56
N LEU B 356 -4.49 2.55 -26.38
CA LEU B 356 -3.62 2.36 -25.22
C LEU B 356 -2.76 1.12 -25.42
N LEU B 357 -3.42 -0.02 -25.63
CA LEU B 357 -2.75 -1.29 -25.92
C LEU B 357 -1.61 -1.04 -26.87
N ARG B 358 -1.88 -0.17 -27.84
CA ARG B 358 -0.86 0.29 -28.76
C ARG B 358 0.24 1.07 -28.03
N GLU B 359 -0.13 2.10 -27.28
CA GLU B 359 0.87 2.91 -26.57
C GLU B 359 1.59 2.08 -25.52
N THR B 360 0.85 1.23 -24.83
CA THR B 360 1.46 0.38 -23.81
C THR B 360 2.47 -0.55 -24.46
N ALA B 361 2.06 -1.17 -25.55
CA ALA B 361 2.91 -2.08 -26.31
C ALA B 361 4.15 -1.39 -26.84
N LEU B 362 4.02 -0.11 -27.12
CA LEU B 362 5.05 0.62 -27.86
C LEU B 362 6.26 1.00 -27.01
N ALA B 363 6.04 1.26 -25.73
CA ALA B 363 7.16 1.54 -24.82
C ALA B 363 7.92 0.26 -24.48
N LEU B 364 7.17 -0.77 -24.10
CA LEU B 364 7.75 -2.03 -23.63
C LEU B 364 8.78 -2.62 -24.59
N VAL B 365 8.44 -2.67 -25.86
CA VAL B 365 9.16 -3.48 -26.85
C VAL B 365 10.65 -3.22 -26.95
N ASP B 366 11.04 -1.94 -26.90
CA ASP B 366 12.45 -1.57 -27.06
C ASP B 366 12.99 -0.76 -25.88
N ASP B 367 12.45 -1.03 -24.70
CA ASP B 367 12.98 -0.44 -23.49
C ASP B 367 14.15 -1.32 -23.04
N PRO B 368 15.38 -0.77 -23.04
CA PRO B 368 16.53 -1.62 -22.75
C PRO B 368 16.55 -2.13 -21.32
N GLU B 369 15.92 -1.40 -20.41
CA GLU B 369 15.87 -1.82 -19.01
C GLU B 369 14.89 -2.97 -18.80
N VAL B 370 13.77 -2.94 -19.51
CA VAL B 370 12.84 -4.06 -19.53
C VAL B 370 13.55 -5.33 -19.98
N ALA B 371 14.29 -5.25 -21.09
CA ALA B 371 14.98 -6.42 -21.61
C ALA B 371 16.11 -6.86 -20.68
N ARG B 372 16.81 -5.89 -20.10
CA ARG B 372 17.87 -6.19 -19.14
C ARG B 372 17.32 -7.05 -18.00
N ARG B 373 16.20 -6.64 -17.43
CA ARG B 373 15.58 -7.39 -16.34
C ARG B 373 15.04 -8.73 -16.78
N LEU B 374 14.41 -8.77 -17.95
CA LEU B 374 13.86 -10.01 -18.47
C LEU B 374 14.97 -11.01 -18.74
N ARG B 375 16.11 -10.53 -19.25
CA ARG B 375 17.24 -11.44 -19.48
C ARG B 375 17.81 -11.95 -18.17
N ARG B 376 17.81 -11.10 -17.14
CA ARG B 376 18.26 -11.55 -15.82
C ARG B 376 17.33 -12.64 -15.28
N ILE B 377 16.03 -12.37 -15.27
CA ILE B 377 15.05 -13.32 -14.76
C ILE B 377 15.08 -14.63 -15.56
N GLN B 378 15.16 -14.52 -16.88
CA GLN B 378 15.21 -15.69 -17.74
C GLN B 378 16.44 -16.54 -17.44
N ALA B 379 17.58 -15.87 -17.27
CA ALA B 379 18.80 -16.57 -16.89
C ALA B 379 18.69 -17.14 -15.49
N GLU B 380 18.06 -16.38 -14.62
CA GLU B 380 17.87 -16.82 -13.25
C GLU B 380 16.94 -18.01 -13.21
N MET B 381 15.91 -17.99 -14.07
CA MET B 381 14.99 -19.11 -14.15
C MET B 381 15.60 -20.43 -14.64
N ALA B 382 16.52 -20.35 -15.59
CA ALA B 382 17.17 -21.56 -16.07
C ALA B 382 17.85 -22.35 -14.95
N GLN B 383 18.46 -21.62 -13.99
CA GLN B 383 19.11 -22.27 -12.86
C GLN B 383 18.11 -23.06 -12.03
N GLU B 384 16.88 -22.56 -11.95
CA GLU B 384 15.85 -23.18 -11.11
C GLU B 384 15.55 -24.63 -11.52
N GLY B 385 15.57 -24.88 -12.82
CA GLY B 385 15.47 -26.23 -13.35
C GLY B 385 14.08 -26.61 -13.78
N GLY B 386 13.24 -26.88 -12.79
CA GLY B 386 11.94 -27.46 -13.05
C GLY B 386 12.01 -28.92 -12.65
N THR B 387 11.51 -29.79 -13.52
CA THR B 387 11.32 -31.20 -13.17
C THR B 387 12.55 -31.98 -12.71
N ARG B 388 13.62 -32.05 -13.52
CA ARG B 388 14.75 -32.89 -13.09
C ARG B 388 15.40 -32.37 -11.82
N ARG B 389 15.38 -31.06 -11.63
CA ARG B 389 15.94 -30.52 -10.41
C ARG B 389 15.04 -30.87 -9.22
N ALA B 390 13.72 -30.72 -9.42
CA ALA B 390 12.78 -31.04 -8.36
C ALA B 390 12.92 -32.51 -7.95
N ALA B 391 12.94 -33.41 -8.93
CA ALA B 391 13.12 -34.81 -8.61
C ALA B 391 14.48 -35.10 -7.96
N ASP B 392 15.53 -34.41 -8.40
CA ASP B 392 16.84 -34.58 -7.79
C ASP B 392 16.87 -34.10 -6.33
N LEU B 393 16.19 -33.00 -6.06
CA LEU B 393 16.21 -32.42 -4.73
C LEU B 393 15.43 -33.31 -3.78
N ILE B 394 14.39 -33.96 -4.30
CA ILE B 394 13.65 -34.93 -3.53
C ILE B 394 14.53 -36.14 -3.22
N GLU B 395 15.29 -36.61 -4.21
CA GLU B 395 16.17 -37.75 -3.97
C GLU B 395 17.25 -37.42 -2.95
N ALA B 396 17.66 -36.16 -2.90
CA ALA B 396 18.68 -35.71 -1.95
C ALA B 396 18.17 -35.81 -0.53
N GLU B 397 16.88 -36.03 -0.38
CA GLU B 397 16.24 -36.12 0.94
C GLU B 397 16.08 -37.57 1.40
N LEU B 398 16.17 -38.51 0.46
CA LEU B 398 16.06 -39.94 0.80
C LEU B 398 17.13 -40.35 1.79
N PRO B 399 16.72 -40.79 3.00
CA PRO B 399 17.64 -41.08 4.10
C PRO B 399 18.28 -42.46 3.95
C10 ERY C . 6.14 11.51 4.67
C11 ERY C . 7.05 12.70 4.55
C12 ERY C . 6.66 13.70 3.46
C13 ERY C . 7.40 15.01 3.73
O2 ERY C . 6.68 15.65 4.78
C2 ERY C . 6.60 16.60 7.05
C3 ERY C . 6.80 15.69 8.27
C4 ERY C . 5.62 14.76 8.32
C5 ERY C . 5.83 13.58 9.32
C6 ERY C . 6.29 12.32 8.57
C7 ERY C . 5.12 11.77 7.72
C8 ERY C . 5.49 10.45 7.00
C9 ERY C . 6.49 10.64 5.87
O11 ERY C . 7.58 10.07 5.92
C1 ERY C . 7.46 16.09 5.90
O1 ERY C . 8.60 15.67 6.05
O3 ERY C . 6.91 16.44 9.48
O7 ERY C . 4.60 13.33 10.00
C34 ERY C . 6.26 10.61 3.44
C33 ERY C . 4.23 9.87 6.39
C35 ERY C . 5.18 13.96 3.49
O12 ERY C . 8.36 12.21 4.32
O13 ERY C . 7.00 13.25 2.19
C36 ERY C . 7.37 15.94 2.54
C30 ERY C . 6.91 18.05 7.24
C32 ERY C . 6.77 11.29 9.53
O10 ERY C . 7.34 12.64 7.70
C22 ERY C . 4.65 13.55 11.42
C23 ERY C . 3.22 13.55 12.03
C24 ERY C . 3.34 13.73 13.52
C25 ERY C . 4.27 12.67 14.08
C26 ERY C . 5.63 12.73 13.37
O9 ERY C . 5.41 12.58 12.00
N1 ERY C . 2.02 13.70 14.14
C27 ERY C . 6.54 11.62 13.86
O8 ERY C . 2.48 14.62 11.52
C28 ERY C . 2.17 13.90 15.60
C14 ERY C . 8.27 16.69 9.91
C15 ERY C . 8.32 17.98 10.74
C16 ERY C . 7.67 17.81 12.12
C17 ERY C . 8.34 16.66 12.81
C18 ERY C . 8.25 15.41 11.97
O4 ERY C . 8.74 15.61 10.64
O5 ERY C . 6.28 17.48 11.97
O6 ERY C . 7.70 16.46 14.07
C20 ERY C . 5.33 18.54 11.87
C29 ERY C . 1.33 12.48 13.88
C21 ERY C . 9.08 14.33 12.60
C37 ERY C . 8.19 17.21 2.86
C31 ERY C . 4.38 15.60 8.70
C19 ERY C . 7.83 19.05 12.95
N1 UDP D . -6.35 28.44 20.12
C2 UDP D . -7.49 29.23 20.26
N3 UDP D . -7.74 29.84 21.47
C4 UDP D . -6.88 29.65 22.53
C5 UDP D . -5.75 28.85 22.37
C6 UDP D . -5.42 28.38 21.11
O2 UDP D . -8.26 29.42 19.33
O4 UDP D . -7.10 30.20 23.61
C1' UDP D . -6.08 27.77 18.84
C2' UDP D . -5.16 28.55 17.92
O2' UDP D . -5.86 29.47 17.13
C3' UDP D . -4.59 27.44 17.06
C4' UDP D . -4.57 26.26 18.02
O4' UDP D . -5.41 26.56 19.11
O3' UDP D . -5.48 27.17 16.01
C5' UDP D . -3.16 26.03 18.52
O5' UDP D . -2.50 25.35 17.48
PA UDP D . -1.09 25.91 16.96
O1A UDP D . -0.78 25.32 15.63
O2A UDP D . -1.17 27.39 16.92
O3A UDP D . -0.02 25.44 18.07
PB UDP D . -0.03 24.04 18.88
O1B UDP D . -1.27 23.97 19.72
O2B UDP D . 1.17 24.01 19.74
O3B UDP D . 0.00 22.88 17.96
C10 ERY E . -2.39 -23.08 4.09
C11 ERY E . -1.70 -21.77 3.73
C12 ERY E . -0.18 -21.85 3.56
C13 ERY E . 0.24 -20.52 2.96
O2 ERY E . -0.22 -20.47 1.62
C2 ERY E . -1.64 -19.37 -0.18
C3 ERY E . -3.17 -19.50 -0.19
C4 ERY E . -3.54 -20.95 -0.28
C5 ERY E . -5.03 -21.24 0.05
C6 ERY E . -5.16 -21.60 1.53
C7 ERY E . -4.69 -23.06 1.75
C8 ERY E . -4.87 -23.55 3.21
C9 ERY E . -3.91 -22.88 4.19
O11 ERY E . -4.35 -22.18 5.09
C1 ERY E . -1.15 -19.42 1.27
O1 ERY E . -1.57 -18.63 2.10
O3 ERY E . -3.74 -18.80 -1.31
O7 ERY E . -5.53 -22.34 -0.75
C34 ERY E . -1.96 -23.64 5.44
C33 ERY E . -4.67 -25.04 3.27
C35 ERY E . 0.19 -22.99 2.64
O12 ERY E . -2.02 -20.70 4.62
O13 ERY E . 0.49 -22.01 4.76
C36 ERY E . 1.75 -20.38 2.99
C30 ERY E . -1.08 -18.10 -0.74
C32 ERY E . -6.58 -21.44 1.98
O10 ERY E . -4.38 -20.74 2.32
C22 ERY E . -6.67 -22.10 -1.60
C23 ERY E . -6.94 -23.35 -2.48
C24 ERY E . -8.26 -23.20 -3.22
C25 ERY E . -9.36 -22.88 -2.22
C26 ERY E . -8.93 -21.59 -1.49
O9 ERY E . -7.75 -21.84 -0.81
N1 ERY E . -8.59 -24.36 -4.06
C27 ERY E . -9.98 -21.09 -0.51
O8 ERY E . -5.89 -23.50 -3.40
C28 ERY E . -8.68 -25.61 -3.27
C14 ERY E . -4.31 -17.52 -1.03
C15 ERY E . -3.95 -16.56 -2.18
C16 ERY E . -4.78 -16.87 -3.44
C17 ERY E . -6.22 -16.70 -3.07
C18 ERY E . -6.52 -17.76 -2.04
O4 ERY E . -5.68 -17.61 -0.88
O5 ERY E . -4.64 -18.26 -3.80
O6 ERY E . -7.03 -16.93 -4.21
C20 ERY E . -3.49 -18.64 -4.55
C29 ERY E . -9.83 -24.14 -4.74
C21 ERY E . -7.95 -17.66 -1.65
C37 ERY E . 2.13 -19.09 2.23
C31 ERY E . -3.19 -21.48 -1.69
C19 ERY E . -4.43 -15.96 -4.57
N1 UDP F . -1.81 -22.28 -23.87
C2 UDP F . -1.45 -22.80 -25.09
N3 UDP F . -2.12 -22.40 -26.23
C4 UDP F . -3.15 -21.48 -26.14
C5 UDP F . -3.51 -20.97 -24.90
C6 UDP F . -2.93 -21.50 -23.75
O2 UDP F . -0.54 -23.62 -25.17
O4 UDP F . -3.74 -21.13 -27.18
C1' UDP F . -1.08 -22.76 -22.68
C2' UDP F . -0.11 -21.74 -22.11
O2' UDP F . 1.16 -21.84 -22.69
C3' UDP F . -0.08 -22.12 -20.65
C4' UDP F . -1.47 -22.69 -20.39
O4' UDP F . -2.00 -23.05 -21.66
O3' UDP F . 0.90 -23.12 -20.43
C5' UDP F . -2.39 -21.65 -19.76
O5' UDP F . -2.23 -21.61 -18.35
PA UDP F . -2.47 -20.24 -17.52
O1A UDP F . -2.31 -20.54 -16.08
O2A UDP F . -1.54 -19.20 -17.99
O3A UDP F . -3.98 -19.80 -17.90
PB UDP F . -5.32 -20.53 -17.35
O1B UDP F . -6.30 -19.51 -16.89
O2B UDP F . -4.89 -21.41 -16.23
O3B UDP F . -5.88 -21.36 -18.43
MG MG G . 10.63 -14.13 -26.45
N ALA A 8 -18.06 12.29 -8.77
CA ALA A 8 -18.93 11.14 -8.57
C ALA A 8 -18.93 10.72 -7.11
N HIS A 9 -18.39 9.53 -6.85
CA HIS A 9 -18.07 9.13 -5.48
C HIS A 9 -16.59 9.48 -5.23
N ILE A 10 -16.35 10.23 -4.16
CA ILE A 10 -14.99 10.62 -3.78
C ILE A 10 -14.71 10.03 -2.40
N ALA A 11 -13.68 9.21 -2.27
CA ALA A 11 -13.39 8.63 -0.95
C ALA A 11 -12.12 9.19 -0.33
N MET A 12 -12.28 9.79 0.84
CA MET A 12 -11.17 10.41 1.55
C MET A 12 -10.55 9.41 2.53
N PHE A 13 -9.21 9.40 2.61
CA PHE A 13 -8.46 8.49 3.46
C PHE A 13 -7.59 9.31 4.39
N SER A 14 -7.66 9.03 5.68
CA SER A 14 -6.65 9.54 6.59
C SER A 14 -6.44 8.60 7.78
N ILE A 15 -5.72 9.09 8.77
CA ILE A 15 -5.45 8.35 9.99
C ILE A 15 -6.12 9.09 11.14
N ALA A 16 -6.20 8.45 12.30
CA ALA A 16 -6.85 9.08 13.45
C ALA A 16 -5.88 9.97 14.21
N ALA A 17 -5.50 11.08 13.61
CA ALA A 17 -4.67 12.07 14.29
C ALA A 17 -5.23 13.45 13.96
N HIS A 18 -5.38 14.29 14.97
CA HIS A 18 -6.01 15.59 14.76
C HIS A 18 -5.36 16.36 13.63
N GLY A 19 -4.03 16.42 13.63
CA GLY A 19 -3.30 17.19 12.65
C GLY A 19 -3.40 16.69 11.21
N HIS A 20 -3.95 15.50 11.02
CA HIS A 20 -4.18 14.98 9.69
C HIS A 20 -5.65 14.80 9.34
N VAL A 21 -6.52 15.32 10.21
CA VAL A 21 -7.96 15.24 9.96
C VAL A 21 -8.60 16.63 9.95
N ASN A 22 -8.42 17.37 11.03
CA ASN A 22 -8.99 18.72 11.11
C ASN A 22 -8.68 19.66 9.92
N PRO A 23 -7.43 19.65 9.40
CA PRO A 23 -7.12 20.59 8.32
C PRO A 23 -8.05 20.53 7.10
N SER A 24 -8.60 19.37 6.77
CA SER A 24 -9.37 19.25 5.53
C SER A 24 -10.88 19.01 5.70
N LEU A 25 -11.42 19.32 6.87
CA LEU A 25 -12.83 18.98 7.12
C LEU A 25 -13.97 19.68 6.33
N GLU A 26 -13.86 20.96 5.98
CA GLU A 26 -14.90 21.55 5.11
C GLU A 26 -14.63 21.30 3.66
N VAL A 27 -13.38 20.97 3.32
CA VAL A 27 -13.11 20.52 1.98
C VAL A 27 -14.12 19.40 1.81
N ILE A 28 -14.04 18.44 2.72
CA ILE A 28 -14.99 17.33 2.72
C ILE A 28 -16.43 17.85 2.91
N ARG A 29 -16.67 18.62 3.97
CA ARG A 29 -18.03 19.14 4.20
C ARG A 29 -18.60 19.97 3.05
N GLU A 30 -17.76 20.74 2.37
CA GLU A 30 -18.24 21.49 1.22
C GLU A 30 -18.51 20.58 0.01
N LEU A 31 -17.63 19.60 -0.24
CA LEU A 31 -17.87 18.65 -1.33
C LEU A 31 -19.19 17.90 -1.14
N VAL A 32 -19.57 17.70 0.12
CA VAL A 32 -20.86 17.08 0.39
C VAL A 32 -22.00 18.08 0.17
N ALA A 33 -21.68 19.36 0.12
CA ALA A 33 -22.71 20.40 0.04
C ALA A 33 -23.26 20.64 -1.36
N ARG A 34 -22.44 20.48 -2.41
CA ARG A 34 -22.93 20.72 -3.76
C ARG A 34 -23.31 19.44 -4.47
N GLY A 35 -22.97 18.31 -3.87
CA GLY A 35 -23.55 17.07 -4.35
C GLY A 35 -22.64 15.98 -4.88
N HIS A 36 -21.41 15.91 -4.37
CA HIS A 36 -20.57 14.76 -4.67
C HIS A 36 -20.90 13.67 -3.67
N ARG A 37 -20.55 12.42 -3.98
CA ARG A 37 -20.77 11.30 -3.07
C ARG A 37 -19.50 11.01 -2.28
N VAL A 38 -19.53 11.17 -0.95
CA VAL A 38 -18.27 11.12 -0.17
C VAL A 38 -18.25 10.15 1.04
N THR A 39 -17.20 9.34 1.15
CA THR A 39 -16.98 8.45 2.30
C THR A 39 -15.59 8.71 2.90
N TYR A 40 -15.38 8.24 4.13
CA TYR A 40 -14.15 8.53 4.86
C TYR A 40 -13.50 7.31 5.51
N ALA A 41 -12.41 6.84 4.90
CA ALA A 41 -11.62 5.78 5.50
C ALA A 41 -10.91 6.33 6.72
N ILE A 42 -11.32 5.87 7.90
CA ILE A 42 -10.81 6.43 9.14
C ILE A 42 -10.90 5.34 10.21
N PRO A 43 -9.99 5.37 11.20
CA PRO A 43 -10.17 4.43 12.30
C PRO A 43 -11.42 4.81 13.12
N PRO A 44 -11.94 3.88 13.93
CA PRO A 44 -13.24 4.08 14.59
C PRO A 44 -13.32 5.33 15.48
N VAL A 45 -12.21 5.72 16.11
CA VAL A 45 -12.25 6.79 17.10
C VAL A 45 -12.63 8.13 16.47
N PHE A 46 -12.43 8.28 15.17
CA PHE A 46 -12.73 9.53 14.48
C PHE A 46 -13.93 9.37 13.55
N ALA A 47 -14.68 8.29 13.73
CA ALA A 47 -15.83 8.00 12.87
C ALA A 47 -17.01 8.95 13.08
N ASP A 48 -17.04 9.66 14.18
CA ASP A 48 -18.11 10.62 14.39
C ASP A 48 -17.59 12.02 14.09
N LYS A 49 -16.28 12.18 14.21
CA LYS A 49 -15.63 13.39 13.77
C LYS A 49 -15.88 13.60 12.28
N VAL A 50 -15.56 12.61 11.45
CA VAL A 50 -15.68 12.80 10.01
C VAL A 50 -17.14 12.76 9.52
N ALA A 51 -18.00 12.05 10.23
CA ALA A 51 -19.40 11.92 9.81
C ALA A 51 -20.11 13.27 9.88
N ALA A 52 -19.56 14.18 10.68
CA ALA A 52 -20.13 15.51 10.87
C ALA A 52 -20.12 16.33 9.58
N THR A 53 -19.27 15.93 8.64
CA THR A 53 -19.14 16.62 7.37
C THR A 53 -20.19 16.14 6.36
N GLY A 54 -20.88 15.06 6.71
CA GLY A 54 -21.80 14.44 5.79
C GLY A 54 -21.18 13.31 5.00
N ALA A 55 -19.89 13.05 5.27
CA ALA A 55 -19.21 11.89 4.69
C ALA A 55 -19.54 10.65 5.52
N ARG A 56 -19.74 9.50 4.88
CA ARG A 56 -19.96 8.28 5.63
C ARG A 56 -18.64 7.63 6.00
N PRO A 57 -18.45 7.34 7.29
CA PRO A 57 -17.16 6.73 7.66
C PRO A 57 -17.01 5.32 7.10
N VAL A 58 -15.77 4.87 7.00
CA VAL A 58 -15.44 3.52 6.56
C VAL A 58 -14.31 3.07 7.47
N LEU A 59 -14.62 2.14 8.37
CA LEU A 59 -13.76 1.90 9.51
C LEU A 59 -12.68 0.85 9.29
N TYR A 60 -11.46 1.18 9.73
CA TYR A 60 -10.34 0.26 9.63
C TYR A 60 -9.48 0.31 10.89
N HIS A 61 -8.89 -0.82 11.21
CA HIS A 61 -8.00 -0.90 12.36
C HIS A 61 -6.67 -0.24 12.06
N SER A 62 -6.18 0.56 13.01
CA SER A 62 -4.91 1.26 12.87
C SER A 62 -3.93 0.79 13.92
N THR A 63 -2.64 0.75 13.56
CA THR A 63 -1.60 0.35 14.50
C THR A 63 -0.83 1.56 15.06
N LEU A 64 -1.20 2.75 14.61
CA LEU A 64 -0.52 3.98 15.00
C LEU A 64 -0.99 4.50 16.36
N PRO A 65 -0.27 5.46 16.95
CA PRO A 65 -0.79 6.07 18.18
C PRO A 65 -2.09 6.84 17.90
N GLY A 66 -3.12 6.59 18.70
CA GLY A 66 -4.40 7.25 18.50
C GLY A 66 -4.37 8.75 18.67
N PRO A 67 -5.53 9.42 18.51
CA PRO A 67 -5.71 10.88 18.52
C PRO A 67 -5.03 11.65 19.66
N ASP A 68 -5.29 11.29 20.91
CA ASP A 68 -4.65 12.02 22.00
C ASP A 68 -3.62 11.17 22.75
N ALA A 69 -2.87 10.35 22.02
CA ALA A 69 -1.65 9.77 22.57
C ALA A 69 -0.66 10.93 22.63
N ASP A 70 0.38 10.80 23.45
CA ASP A 70 1.37 11.87 23.59
C ASP A 70 2.27 12.01 22.36
N PRO A 71 2.78 13.22 22.10
CA PRO A 71 3.59 13.50 20.90
C PRO A 71 4.84 12.62 20.76
N GLU A 72 5.65 12.49 21.81
CA GLU A 72 6.88 11.69 21.73
C GLU A 72 6.60 10.23 21.34
N ALA A 73 5.36 9.79 21.55
CA ALA A 73 4.98 8.40 21.28
C ALA A 73 5.12 8.04 19.80
N TRP A 74 5.05 9.02 18.93
CA TRP A 74 5.20 8.79 17.50
C TRP A 74 6.66 8.49 17.10
N GLY A 75 7.52 8.27 18.09
CA GLY A 75 8.92 8.06 17.84
C GLY A 75 9.73 9.34 17.94
N SER A 76 11.04 9.19 18.12
CA SER A 76 11.92 10.33 18.33
C SER A 76 13.15 10.31 17.42
N THR A 77 13.25 9.27 16.58
CA THR A 77 14.31 9.18 15.58
C THR A 77 13.71 9.06 14.17
N LEU A 78 14.54 9.23 13.15
CA LEU A 78 14.07 9.17 11.77
C LEU A 78 13.35 7.85 11.47
N LEU A 79 14.03 6.74 11.69
CA LEU A 79 13.41 5.45 11.43
C LEU A 79 12.20 5.16 12.34
N ASP A 80 12.27 5.60 13.60
CA ASP A 80 11.11 5.43 14.48
C ASP A 80 9.93 6.28 14.03
N ASN A 81 10.19 7.38 13.35
CA ASN A 81 9.12 8.22 12.84
C ASN A 81 8.46 7.62 11.60
N VAL A 82 9.25 7.12 10.67
CA VAL A 82 8.71 6.71 9.37
C VAL A 82 8.24 5.26 9.33
N GLU A 83 8.92 4.38 10.06
CA GLU A 83 8.57 2.96 9.97
C GLU A 83 7.11 2.64 10.34
N PRO A 84 6.54 3.32 11.35
CA PRO A 84 5.16 2.95 11.66
C PRO A 84 4.16 3.22 10.52
N PHE A 85 4.44 4.19 9.66
CA PHE A 85 3.52 4.47 8.57
C PHE A 85 3.50 3.36 7.53
N LEU A 86 4.66 2.73 7.31
CA LEU A 86 4.71 1.59 6.41
C LEU A 86 4.08 0.39 7.09
N ASN A 87 4.44 0.21 8.36
CA ASN A 87 3.87 -0.83 9.20
C ASN A 87 2.36 -0.83 9.17
N ASP A 88 1.78 0.35 9.42
CA ASP A 88 0.34 0.49 9.40
C ASP A 88 -0.25 0.23 8.02
N ALA A 89 0.41 0.75 6.99
CA ALA A 89 -0.06 0.59 5.61
C ALA A 89 -0.19 -0.87 5.21
N ILE A 90 0.81 -1.66 5.57
CA ILE A 90 0.83 -3.08 5.21
C ILE A 90 -0.43 -3.80 5.69
N GLN A 91 -0.85 -3.53 6.91
CA GLN A 91 -2.01 -4.23 7.47
C GLN A 91 -3.34 -3.50 7.22
N ALA A 92 -3.27 -2.22 6.86
CA ALA A 92 -4.48 -1.45 6.55
C ALA A 92 -4.95 -1.63 5.11
N LEU A 93 -4.01 -1.82 4.19
CA LEU A 93 -4.34 -1.91 2.77
C LEU A 93 -5.38 -2.99 2.44
N PRO A 94 -5.17 -4.24 2.92
CA PRO A 94 -6.19 -5.24 2.60
C PRO A 94 -7.55 -4.92 3.22
N GLN A 95 -7.57 -4.38 4.43
CA GLN A 95 -8.83 -4.00 5.06
C GLN A 95 -9.59 -3.02 4.17
N LEU A 96 -8.88 -2.04 3.62
CA LEU A 96 -9.52 -1.03 2.79
C LEU A 96 -9.79 -1.58 1.39
N ALA A 97 -8.98 -2.55 0.97
CA ALA A 97 -9.16 -3.18 -0.33
C ALA A 97 -10.53 -3.84 -0.42
N ASP A 98 -10.83 -4.74 0.48
CA ASP A 98 -12.12 -5.41 0.33
C ASP A 98 -13.29 -4.55 0.85
N ALA A 99 -12.98 -3.52 1.64
CA ALA A 99 -14.03 -2.61 2.08
C ALA A 99 -14.64 -1.90 0.88
N TYR A 100 -13.78 -1.51 -0.07
CA TYR A 100 -14.22 -0.75 -1.23
C TYR A 100 -14.49 -1.65 -2.43
N ALA A 101 -14.47 -2.96 -2.19
CA ALA A 101 -14.72 -3.96 -3.23
C ALA A 101 -15.96 -3.66 -4.06
N ASP A 102 -17.07 -3.39 -3.40
CA ASP A 102 -18.34 -3.23 -4.10
C ASP A 102 -18.84 -1.79 -4.13
N ASP A 103 -17.97 -0.85 -3.77
CA ASP A 103 -18.27 0.56 -3.96
C ASP A 103 -16.99 1.37 -4.18
N ILE A 104 -16.30 1.06 -5.28
CA ILE A 104 -15.09 1.77 -5.64
C ILE A 104 -15.42 3.21 -6.00
N PRO A 105 -14.86 4.15 -5.25
CA PRO A 105 -15.00 5.57 -5.58
C PRO A 105 -14.33 5.82 -6.92
N ASP A 106 -14.57 6.93 -7.61
CA ASP A 106 -13.68 7.22 -8.71
C ASP A 106 -12.89 8.49 -8.54
N LEU A 107 -12.75 8.91 -7.30
CA LEU A 107 -11.74 9.90 -6.95
C LEU A 107 -11.22 9.53 -5.58
N VAL A 108 -9.90 9.48 -5.46
CA VAL A 108 -9.25 9.25 -4.18
C VAL A 108 -8.70 10.59 -3.66
N LEU A 109 -9.06 10.94 -2.44
CA LEU A 109 -8.44 12.08 -1.77
C LEU A 109 -7.72 11.51 -0.57
N HIS A 110 -6.55 12.04 -0.24
CA HIS A 110 -5.88 11.49 0.93
C HIS A 110 -4.90 12.42 1.61
N ASP A 111 -4.84 12.32 2.92
CA ASP A 111 -3.80 12.96 3.69
C ASP A 111 -2.48 12.28 3.33
N ILE A 112 -1.38 13.01 3.51
CA ILE A 112 -0.04 12.50 3.19
C ILE A 112 0.35 11.20 3.91
N THR A 113 -0.27 10.92 5.06
CA THR A 113 0.16 9.76 5.85
C THR A 113 -0.38 8.42 5.35
N SER A 114 -1.40 8.46 4.50
CA SER A 114 -2.05 7.22 4.08
C SER A 114 -1.41 6.61 2.83
N TYR A 115 -0.47 5.69 3.02
CA TYR A 115 0.07 4.94 1.89
C TYR A 115 -0.98 4.07 1.17
N PRO A 116 -1.94 3.47 1.92
CA PRO A 116 -2.91 2.66 1.18
C PRO A 116 -3.71 3.43 0.12
N ALA A 117 -4.01 4.70 0.39
CA ALA A 117 -4.75 5.49 -0.58
C ALA A 117 -3.98 5.62 -1.90
N ARG A 118 -2.67 5.80 -1.80
CA ARG A 118 -1.83 5.86 -2.99
C ARG A 118 -1.95 4.55 -3.74
N VAL A 119 -1.71 3.45 -3.04
CA VAL A 119 -1.72 2.14 -3.68
C VAL A 119 -3.09 1.88 -4.33
N LEU A 120 -4.15 2.12 -3.59
CA LEU A 120 -5.50 1.85 -4.11
C LEU A 120 -5.86 2.71 -5.33
N ALA A 121 -5.51 4.00 -5.31
CA ALA A 121 -5.79 4.86 -6.45
C ALA A 121 -5.10 4.32 -7.71
N ARG A 122 -3.86 3.89 -7.56
CA ARG A 122 -3.10 3.25 -8.62
C ARG A 122 -3.82 1.98 -9.10
N ARG A 123 -4.02 1.05 -8.18
CA ARG A 123 -4.69 -0.23 -8.48
C ARG A 123 -6.02 -0.03 -9.20
N TRP A 124 -6.75 1.02 -8.82
CA TRP A 124 -8.05 1.32 -9.43
C TRP A 124 -7.94 2.06 -10.75
N GLY A 125 -6.89 2.87 -10.89
CA GLY A 125 -6.73 3.72 -12.06
C GLY A 125 -7.47 5.04 -11.90
N VAL A 126 -7.87 5.34 -10.67
CA VAL A 126 -8.60 6.57 -10.38
C VAL A 126 -7.63 7.68 -9.95
N PRO A 127 -8.01 8.95 -10.19
CA PRO A 127 -7.16 10.08 -9.78
C PRO A 127 -6.98 10.12 -8.27
N ALA A 128 -5.81 10.57 -7.84
CA ALA A 128 -5.57 10.74 -6.41
C ALA A 128 -5.19 12.18 -6.17
N VAL A 129 -5.74 12.78 -5.13
CA VAL A 129 -5.33 14.13 -4.72
C VAL A 129 -4.77 14.05 -3.32
N SER A 130 -3.51 14.42 -3.17
CA SER A 130 -2.87 14.43 -1.86
C SER A 130 -3.19 15.77 -1.20
N LEU A 131 -3.51 15.73 0.09
CA LEU A 131 -3.82 16.95 0.84
C LEU A 131 -2.80 17.07 1.96
N SER A 132 -1.95 18.10 1.88
CA SER A 132 -0.84 18.25 2.83
C SER A 132 -1.10 19.35 3.84
N PRO A 133 -1.07 19.01 5.13
CA PRO A 133 -1.31 19.98 6.19
C PRO A 133 -0.03 20.68 6.63
N ASN A 134 1.05 20.47 5.86
CA ASN A 134 2.33 21.10 6.17
C ASN A 134 3.09 21.33 4.88
N LEU A 135 4.33 21.81 5.00
CA LEU A 135 5.14 22.09 3.82
C LEU A 135 5.34 20.85 2.97
N VAL A 136 5.65 21.07 1.69
CA VAL A 136 5.89 19.99 0.75
C VAL A 136 7.29 20.09 0.16
N ALA A 137 7.68 19.06 -0.59
CA ALA A 137 8.96 19.08 -1.27
C ALA A 137 9.03 20.15 -2.36
N TRP A 138 10.15 20.84 -2.45
CA TRP A 138 10.43 21.73 -3.56
C TRP A 138 11.34 21.01 -4.54
N LYS A 139 11.48 21.55 -5.75
CA LYS A 139 12.42 20.97 -6.69
C LYS A 139 13.83 21.20 -6.15
N GLY A 140 14.52 20.10 -5.87
CA GLY A 140 15.79 20.16 -5.17
C GLY A 140 15.73 19.48 -3.82
N TYR A 141 14.52 19.17 -3.35
CA TYR A 141 14.34 18.51 -2.06
C TYR A 141 15.17 17.22 -1.99
N GLU A 142 15.24 16.53 -3.11
CA GLU A 142 15.97 15.26 -3.19
C GLU A 142 17.37 15.40 -2.68
N GLU A 143 18.20 16.12 -3.43
CA GLU A 143 19.59 16.26 -3.06
C GLU A 143 19.76 17.09 -1.79
N GLU A 144 18.97 18.16 -1.66
CA GLU A 144 19.20 19.12 -0.60
C GLU A 144 18.87 18.64 0.81
N VAL A 145 17.82 17.85 0.95
CA VAL A 145 17.34 17.47 2.28
C VAL A 145 17.19 15.96 2.51
N ALA A 146 16.53 15.26 1.58
CA ALA A 146 16.25 13.85 1.80
C ALA A 146 17.53 13.03 1.92
N GLU A 147 18.51 13.33 1.07
CA GLU A 147 19.77 12.61 1.12
C GLU A 147 20.58 12.80 2.41
N PRO A 148 20.82 14.06 2.84
CA PRO A 148 21.57 14.27 4.09
C PRO A 148 20.91 13.54 5.25
N MET A 149 19.60 13.37 5.16
CA MET A 149 18.85 12.72 6.22
C MET A 149 19.06 11.21 6.17
N TRP A 150 19.05 10.66 4.96
CA TRP A 150 19.10 9.19 4.77
C TRP A 150 20.49 8.63 4.44
N ARG A 151 21.52 9.43 4.68
CA ARG A 151 22.87 8.99 4.38
C ARG A 151 23.26 7.77 5.23
N GLU A 152 23.52 8.01 6.51
CA GLU A 152 23.89 6.94 7.42
C GLU A 152 22.73 6.03 7.85
N PRO A 153 21.55 6.60 8.13
CA PRO A 153 20.46 5.70 8.51
C PRO A 153 20.16 4.60 7.50
N ARG A 154 20.05 4.91 6.20
CA ARG A 154 19.78 3.87 5.21
C ARG A 154 20.86 2.81 5.21
N GLN A 155 22.09 3.22 5.52
CA GLN A 155 23.24 2.33 5.45
C GLN A 155 23.21 1.26 6.52
N THR A 156 22.42 1.48 7.57
CA THR A 156 22.34 0.52 8.66
C THR A 156 21.46 -0.65 8.23
N GLU A 157 21.76 -1.86 8.70
CA GLU A 157 20.94 -3.01 8.29
C GLU A 157 19.48 -2.73 8.62
N ARG A 158 19.22 -1.91 9.63
CA ARG A 158 17.85 -1.51 9.95
C ARG A 158 17.27 -0.61 8.87
N GLY A 159 18.00 0.43 8.49
CA GLY A 159 17.61 1.32 7.43
C GLY A 159 17.59 0.62 6.08
N ARG A 160 18.63 -0.17 5.82
CA ARG A 160 18.69 -0.96 4.59
C ARG A 160 17.48 -1.88 4.49
N ALA A 161 17.13 -2.52 5.60
CA ALA A 161 16.01 -3.44 5.61
C ALA A 161 14.69 -2.71 5.39
N TYR A 162 14.52 -1.59 6.08
CA TYR A 162 13.29 -0.80 5.99
C TYR A 162 12.99 -0.44 4.53
N TYR A 163 13.98 0.12 3.85
CA TYR A 163 13.81 0.46 2.43
C TYR A 163 13.59 -0.78 1.57
N ALA A 164 14.29 -1.86 1.92
CA ALA A 164 14.13 -3.10 1.19
C ALA A 164 12.69 -3.63 1.30
N ARG A 165 12.13 -3.54 2.51
CA ARG A 165 10.77 -3.99 2.78
C ARG A 165 9.78 -3.11 2.02
N PHE A 166 10.04 -1.82 2.05
CA PHE A 166 9.15 -0.84 1.46
C PHE A 166 9.10 -1.07 -0.05
N GLU A 167 10.27 -1.20 -0.67
CA GLU A 167 10.28 -1.48 -2.11
C GLU A 167 9.58 -2.80 -2.45
N ALA A 168 9.82 -3.83 -1.63
CA ALA A 168 9.23 -5.14 -1.91
C ALA A 168 7.71 -5.11 -1.78
N TRP A 169 7.22 -4.29 -0.86
CA TRP A 169 5.78 -4.11 -0.69
C TRP A 169 5.18 -3.40 -1.89
N LEU A 170 5.84 -2.34 -2.33
CA LEU A 170 5.39 -1.62 -3.52
C LEU A 170 5.39 -2.54 -4.76
N LYS A 171 6.43 -3.35 -4.90
CA LYS A 171 6.55 -4.21 -6.08
C LYS A 171 5.46 -5.28 -6.09
N GLU A 172 5.11 -5.75 -4.90
CA GLU A 172 4.06 -6.74 -4.72
C GLU A 172 2.72 -6.19 -5.21
N ASN A 173 2.56 -4.87 -5.11
CA ASN A 173 1.36 -4.21 -5.60
C ASN A 173 1.52 -3.55 -6.96
N GLY A 174 2.59 -3.90 -7.68
CA GLY A 174 2.75 -3.45 -9.06
C GLY A 174 3.34 -2.06 -9.23
N ILE A 175 3.95 -1.56 -8.16
CA ILE A 175 4.50 -0.21 -8.16
C ILE A 175 6.03 -0.27 -8.26
N THR A 176 6.59 0.35 -9.29
CA THR A 176 8.02 0.30 -9.54
C THR A 176 8.75 1.53 -9.04
N GLU A 177 8.00 2.55 -8.61
CA GLU A 177 8.63 3.77 -8.14
C GLU A 177 9.49 3.50 -6.90
N HIS A 178 10.55 4.28 -6.75
CA HIS A 178 11.34 4.26 -5.53
C HIS A 178 10.42 4.63 -4.36
N PRO A 179 10.62 4.01 -3.19
CA PRO A 179 9.78 4.35 -2.05
C PRO A 179 9.73 5.85 -1.72
N ASP A 180 10.83 6.57 -1.92
CA ASP A 180 10.83 8.01 -1.63
C ASP A 180 9.97 8.81 -2.61
N THR A 181 9.92 8.36 -3.86
CA THR A 181 9.08 9.00 -4.85
C THR A 181 7.61 8.77 -4.49
N PHE A 182 7.31 7.51 -4.15
CA PHE A 182 5.97 7.09 -3.79
C PHE A 182 5.45 7.87 -2.58
N ALA A 183 6.33 8.04 -1.59
CA ALA A 183 5.90 8.65 -0.34
C ALA A 183 5.95 10.18 -0.34
N SER A 184 7.00 10.76 -0.93
CA SER A 184 7.24 12.19 -0.77
C SER A 184 6.92 13.03 -1.99
N HIS A 185 6.59 12.36 -3.09
CA HIS A 185 6.39 13.08 -4.35
C HIS A 185 5.10 12.71 -5.07
N PRO A 186 3.98 13.24 -4.58
CA PRO A 186 2.66 12.95 -5.18
C PRO A 186 2.55 13.57 -6.55
N PRO A 187 1.75 12.95 -7.42
CA PRO A 187 1.54 13.54 -8.76
C PRO A 187 0.70 14.83 -8.71
N ARG A 188 -0.13 14.96 -7.69
CA ARG A 188 -1.00 16.14 -7.54
C ARG A 188 -1.32 16.38 -6.07
N SER A 189 -1.07 17.60 -5.61
CA SER A 189 -1.24 17.91 -4.20
C SER A 189 -1.83 19.30 -4.00
N LEU A 190 -2.74 19.41 -3.04
CA LEU A 190 -3.20 20.72 -2.54
C LEU A 190 -2.58 20.92 -1.16
N VAL A 191 -2.00 22.09 -0.94
CA VAL A 191 -1.26 22.32 0.29
C VAL A 191 -2.04 23.28 1.19
N LEU A 192 -2.34 22.82 2.40
CA LEU A 192 -3.19 23.56 3.34
C LEU A 192 -2.40 24.43 4.31
N ILE A 193 -1.26 24.95 3.88
CA ILE A 193 -0.59 26.02 4.61
C ILE A 193 -0.41 27.18 3.64
N PRO A 194 -0.25 28.40 4.17
CA PRO A 194 0.04 29.50 3.25
C PRO A 194 1.41 29.33 2.61
N LYS A 195 1.56 29.74 1.35
CA LYS A 195 2.84 29.57 0.69
C LYS A 195 3.92 30.41 1.38
N ALA A 196 3.48 31.43 2.10
CA ALA A 196 4.39 32.27 2.89
C ALA A 196 5.14 31.46 3.94
N LEU A 197 4.57 30.32 4.34
CA LEU A 197 5.21 29.47 5.33
C LEU A 197 5.81 28.20 4.72
N GLN A 198 6.04 28.23 3.41
CA GLN A 198 6.67 27.11 2.71
C GLN A 198 8.13 27.45 2.42
N PRO A 199 9.08 26.66 2.95
CA PRO A 199 10.48 26.91 2.62
C PRO A 199 10.72 26.80 1.11
N HIS A 200 11.61 27.63 0.57
CA HIS A 200 11.96 27.55 -0.85
C HIS A 200 10.74 27.53 -1.76
N ALA A 201 9.77 28.37 -1.42
CA ALA A 201 8.49 28.38 -2.13
C ALA A 201 8.63 28.64 -3.63
N ASP A 202 9.63 29.44 -4.01
CA ASP A 202 9.80 29.77 -5.42
C ASP A 202 10.19 28.55 -6.26
N ARG A 203 10.72 27.51 -5.59
CA ARG A 203 11.16 26.32 -6.32
C ARG A 203 10.19 25.15 -6.20
N VAL A 204 9.04 25.38 -5.59
CA VAL A 204 8.00 24.36 -5.54
C VAL A 204 7.31 24.27 -6.90
N ASP A 205 6.98 23.04 -7.31
CA ASP A 205 6.43 22.84 -8.64
C ASP A 205 4.92 23.09 -8.71
N GLU A 206 4.57 24.22 -9.31
CA GLU A 206 3.20 24.72 -9.37
C GLU A 206 2.27 23.80 -10.17
N ASP A 207 2.85 22.91 -10.97
CA ASP A 207 2.04 22.00 -11.78
C ASP A 207 1.86 20.65 -11.09
N VAL A 208 2.32 20.56 -9.84
CA VAL A 208 2.01 19.44 -8.97
C VAL A 208 1.25 19.96 -7.77
N TYR A 209 1.79 21.02 -7.16
CA TYR A 209 1.27 21.56 -5.92
C TYR A 209 0.52 22.86 -6.12
N THR A 210 -0.67 22.94 -5.53
CA THR A 210 -1.41 24.20 -5.45
C THR A 210 -1.61 24.55 -3.97
N PHE A 211 -1.14 25.71 -3.56
CA PHE A 211 -1.36 26.17 -2.19
C PHE A 211 -2.73 26.79 -2.04
N VAL A 212 -3.53 26.25 -1.12
CA VAL A 212 -4.85 26.76 -0.80
C VAL A 212 -4.91 27.37 0.60
N GLY A 213 -3.85 27.20 1.38
CA GLY A 213 -3.65 27.97 2.58
C GLY A 213 -4.10 27.39 3.91
N ALA A 214 -5.39 27.09 3.99
CA ALA A 214 -6.09 26.71 5.22
C ALA A 214 -7.56 26.89 4.89
N CYS A 215 -8.35 25.88 5.23
CA CYS A 215 -9.75 25.80 4.80
C CYS A 215 -10.69 26.85 5.37
N GLN A 216 -10.79 26.94 6.70
CA GLN A 216 -11.91 27.66 7.36
C GLN A 216 -11.47 28.73 8.37
N GLY A 217 -12.41 29.53 8.87
CA GLY A 217 -12.09 30.54 9.87
C GLY A 217 -13.25 31.48 10.10
N ASP A 218 -13.17 32.67 9.48
CA ASP A 218 -14.24 33.69 9.48
C ASP A 218 -15.64 33.28 9.90
N ARG A 219 -16.26 34.02 10.83
CA ARG A 219 -15.62 35.07 11.64
C ARG A 219 -16.43 35.31 12.92
N ALA A 220 -16.10 34.55 13.97
CA ALA A 220 -14.87 33.75 13.96
C ALA A 220 -15.02 32.25 14.26
N GLU A 221 -16.25 31.80 14.50
CA GLU A 221 -16.54 30.44 14.99
C GLU A 221 -15.62 29.89 16.08
N GLU A 222 -16.06 29.99 17.33
CA GLU A 222 -17.23 30.79 17.70
C GLU A 222 -17.09 31.39 19.10
N GLY A 223 -17.22 32.71 19.15
CA GLY A 223 -17.15 33.45 20.39
C GLY A 223 -17.20 34.94 20.12
N GLY A 224 -16.21 35.45 19.39
CA GLY A 224 -16.08 36.90 19.25
C GLY A 224 -15.58 37.53 20.55
N TRP A 225 -14.78 38.58 20.43
CA TRP A 225 -14.27 39.28 21.60
C TRP A 225 -14.65 40.74 21.52
N GLN A 226 -14.67 41.40 22.67
CA GLN A 226 -14.95 42.83 22.78
C GLN A 226 -13.66 43.60 23.04
N ARG A 227 -13.34 44.54 22.16
CA ARG A 227 -12.20 45.42 22.37
C ARG A 227 -12.61 46.45 23.42
N PRO A 228 -11.77 46.67 24.46
CA PRO A 228 -12.05 47.73 25.43
C PRO A 228 -12.16 49.05 24.70
N ALA A 229 -13.06 49.93 25.12
CA ALA A 229 -13.40 51.13 24.37
C ALA A 229 -12.20 51.82 23.72
N GLY A 230 -11.42 52.53 24.53
CA GLY A 230 -10.41 53.42 23.97
C GLY A 230 -8.95 53.01 24.07
N ALA A 231 -8.63 51.81 23.62
CA ALA A 231 -7.24 51.31 23.64
C ALA A 231 -6.52 51.60 22.33
N GLU A 232 -5.25 51.98 22.40
CA GLU A 232 -4.47 52.26 21.18
C GLU A 232 -3.92 50.98 20.55
N LYS A 233 -3.36 50.10 21.38
CA LYS A 233 -2.75 48.87 20.90
C LYS A 233 -3.23 47.67 21.72
N VAL A 234 -3.73 46.64 21.04
CA VAL A 234 -4.11 45.40 21.70
C VAL A 234 -3.08 44.33 21.37
N VAL A 235 -2.53 43.68 22.41
CA VAL A 235 -1.62 42.56 22.17
C VAL A 235 -2.22 41.30 22.75
N LEU A 236 -2.23 40.24 21.93
CA LEU A 236 -2.63 38.92 22.39
C LEU A 236 -1.38 38.06 22.60
N VAL A 237 -1.30 37.41 23.75
CA VAL A 237 -0.24 36.44 23.99
C VAL A 237 -0.84 35.06 24.11
N SER A 238 -0.53 34.20 23.14
CA SER A 238 -1.06 32.85 23.16
C SER A 238 -0.01 31.89 22.63
N LEU A 239 0.26 30.81 23.36
CA LEU A 239 1.19 29.82 22.88
C LEU A 239 0.45 28.59 22.35
N GLY A 240 -0.74 28.82 21.83
CA GLY A 240 -1.52 27.80 21.15
C GLY A 240 -2.43 26.97 22.04
N SER A 241 -2.97 25.88 21.48
CA SER A 241 -3.80 24.94 22.23
C SER A 241 -2.93 23.93 22.98
N ALA A 242 -1.72 23.71 22.49
CA ALA A 242 -0.84 22.69 23.05
C ALA A 242 -0.17 23.08 24.36
N PHE A 243 1.13 23.36 24.30
CA PHE A 243 2.01 23.42 25.46
C PHE A 243 1.64 24.42 26.55
N THR A 244 2.25 25.59 26.51
CA THR A 244 1.87 26.73 27.35
C THR A 244 2.34 26.74 28.82
N LYS A 245 3.26 25.86 29.22
CA LYS A 245 3.78 25.93 30.60
C LYS A 245 4.65 27.17 30.75
N GLN A 246 5.97 26.98 30.71
CA GLN A 246 6.95 28.10 30.69
C GLN A 246 6.52 29.28 31.57
N PRO A 247 6.31 29.02 32.87
CA PRO A 247 5.42 29.83 33.72
C PRO A 247 5.79 31.32 33.83
N ALA A 248 7.09 31.59 33.89
CA ALA A 248 7.62 32.95 34.01
C ALA A 248 7.39 33.77 32.76
N PHE A 249 7.26 33.11 31.63
CA PHE A 249 7.05 33.83 30.39
C PHE A 249 5.73 34.60 30.44
N TYR A 250 4.67 33.99 30.98
CA TYR A 250 3.43 34.73 31.17
C TYR A 250 3.65 35.93 32.10
N ARG A 251 4.37 35.70 33.19
CA ARG A 251 4.87 36.80 34.02
C ARG A 251 5.49 37.89 33.17
N GLU A 252 6.53 37.51 32.41
CA GLU A 252 7.26 38.50 31.63
C GLU A 252 6.38 39.27 30.65
N CYS A 253 5.36 38.62 30.10
CA CYS A 253 4.42 39.34 29.25
C CYS A 253 3.71 40.42 30.04
N VAL A 254 3.26 40.08 31.24
CA VAL A 254 2.54 41.06 32.05
C VAL A 254 3.44 42.22 32.44
N ARG A 255 4.70 41.94 32.77
CA ARG A 255 5.65 43.00 33.12
C ARG A 255 5.98 43.87 31.92
N ALA A 256 6.05 43.26 30.75
CA ALA A 256 6.30 43.99 29.52
C ALA A 256 5.21 45.01 29.26
N PHE A 257 3.96 44.57 29.25
CA PHE A 257 2.87 45.43 28.79
C PHE A 257 2.08 46.07 29.93
N GLY A 258 2.43 45.69 31.15
CA GLY A 258 1.73 46.19 32.33
C GLY A 258 1.83 47.68 32.51
N ASN A 259 0.70 48.33 32.75
CA ASN A 259 0.63 49.78 32.92
C ASN A 259 1.25 50.58 31.76
N LEU A 260 1.53 49.93 30.64
CA LEU A 260 2.09 50.61 29.47
C LEU A 260 0.99 51.42 28.80
N PRO A 261 1.05 52.76 28.92
CA PRO A 261 -0.05 53.60 28.42
C PRO A 261 -0.36 53.33 26.95
N GLY A 262 -1.64 53.17 26.64
CA GLY A 262 -2.07 52.94 25.27
C GLY A 262 -2.27 51.47 24.95
N TRP A 263 -1.67 50.59 25.74
CA TRP A 263 -1.67 49.15 25.44
C TRP A 263 -2.62 48.36 26.32
N HIS A 264 -3.23 47.33 25.72
CA HIS A 264 -4.08 46.41 26.45
C HIS A 264 -3.63 45.01 26.09
N LEU A 265 -3.32 44.21 27.12
CA LEU A 265 -2.87 42.84 26.94
C LEU A 265 -3.97 41.84 27.18
N VAL A 266 -4.26 41.02 26.17
CA VAL A 266 -5.08 39.83 26.36
C VAL A 266 -4.14 38.65 26.50
N LEU A 267 -4.24 37.96 27.63
CA LEU A 267 -3.32 36.91 27.98
C LEU A 267 -4.02 35.54 28.03
N GLN A 268 -3.63 34.67 27.10
CA GLN A 268 -4.12 33.29 27.03
C GLN A 268 -3.09 32.38 27.68
N ILE A 269 -3.30 32.02 28.94
CA ILE A 269 -2.31 31.21 29.65
C ILE A 269 -2.74 29.77 29.68
N GLY A 270 -1.89 28.94 30.25
CA GLY A 270 -2.31 27.58 30.52
C GLY A 270 -3.19 27.57 31.76
N ARG A 271 -4.37 26.96 31.65
CA ARG A 271 -5.11 26.49 32.83
C ARG A 271 -5.81 27.54 33.73
N LYS A 272 -6.79 27.06 34.51
CA LYS A 272 -7.82 27.91 35.15
C LYS A 272 -7.38 29.13 35.96
N VAL A 273 -7.17 29.10 37.29
CA VAL A 273 -6.70 28.00 38.16
C VAL A 273 -5.71 26.97 37.58
N THR A 274 -4.43 27.14 37.92
CA THR A 274 -3.96 28.28 38.73
C THR A 274 -3.12 29.27 37.92
N PRO A 275 -3.48 30.55 37.96
CA PRO A 275 -2.58 31.49 37.30
C PRO A 275 -1.77 32.39 38.23
N ALA A 276 -1.54 32.02 39.49
CA ALA A 276 -0.92 32.98 40.41
C ALA A 276 0.61 33.08 40.28
N GLU A 277 1.04 33.45 39.07
CA GLU A 277 2.46 33.64 38.73
C GLU A 277 2.38 34.63 37.59
N LEU A 278 1.95 35.83 37.96
CA LEU A 278 1.64 36.92 37.06
C LEU A 278 0.84 37.84 37.96
N GLY A 279 -0.14 37.25 38.65
CA GLY A 279 -0.66 37.82 39.89
C GLY A 279 -2.03 38.44 40.04
N GLU A 280 -2.07 39.48 40.87
CA GLU A 280 -3.18 40.41 40.89
C GLU A 280 -2.74 41.41 39.85
N LEU A 281 -3.21 41.18 38.63
CA LEU A 281 -2.65 41.79 37.44
C LEU A 281 -2.82 43.31 37.39
N PRO A 282 -2.08 43.98 36.49
CA PRO A 282 -2.34 45.41 36.26
C PRO A 282 -3.70 45.57 35.57
N ASP A 283 -4.27 46.77 35.67
CA ASP A 283 -5.61 47.05 35.17
C ASP A 283 -5.76 46.82 33.66
N ASN A 284 -4.68 47.00 32.91
CA ASN A 284 -4.71 46.85 31.46
C ASN A 284 -4.34 45.45 30.98
N VAL A 285 -4.54 44.45 31.84
CA VAL A 285 -4.22 43.06 31.53
C VAL A 285 -5.35 42.10 31.86
N GLU A 286 -5.94 41.46 30.85
CA GLU A 286 -6.93 40.42 31.09
C GLU A 286 -6.36 39.02 30.86
N VAL A 287 -6.59 38.14 31.82
CA VAL A 287 -6.02 36.78 31.82
C VAL A 287 -7.09 35.74 31.47
N HIS A 288 -6.72 34.74 30.67
CA HIS A 288 -7.62 33.65 30.31
C HIS A 288 -6.86 32.36 30.04
N ASP A 289 -7.56 31.23 30.19
CA ASP A 289 -7.05 29.92 29.79
C ASP A 289 -7.36 29.54 28.33
N TRP A 290 -8.62 29.63 27.92
CA TRP A 290 -9.10 29.06 26.65
C TRP A 290 -9.87 30.16 25.87
N VAL A 291 -9.18 30.88 24.98
CA VAL A 291 -9.73 32.11 24.38
C VAL A 291 -10.15 32.03 22.90
N PRO A 292 -11.02 32.96 22.46
CA PRO A 292 -11.37 32.95 21.02
C PRO A 292 -10.34 33.74 20.19
N GLN A 293 -9.37 33.02 19.62
CA GLN A 293 -8.17 33.66 19.10
C GLN A 293 -8.37 34.45 17.82
N LEU A 294 -9.03 33.82 16.85
CA LEU A 294 -9.26 34.48 15.58
C LEU A 294 -9.99 35.79 15.84
N ALA A 295 -11.05 35.72 16.64
CA ALA A 295 -11.82 36.88 17.04
C ALA A 295 -10.94 38.03 17.53
N ILE A 296 -10.02 37.72 18.43
CA ILE A 296 -9.14 38.75 18.98
C ILE A 296 -8.17 39.28 17.94
N LEU A 297 -7.59 38.37 17.15
CA LEU A 297 -6.57 38.76 16.18
C LEU A 297 -7.08 39.76 15.14
N ARG A 298 -8.36 39.68 14.78
CA ARG A 298 -8.90 40.62 13.80
C ARG A 298 -9.04 42.00 14.39
N GLN A 299 -8.82 42.12 15.69
CA GLN A 299 -8.97 43.37 16.39
C GLN A 299 -7.76 43.62 17.28
N ALA A 300 -6.68 42.88 17.00
CA ALA A 300 -5.42 43.02 17.72
C ALA A 300 -4.37 43.72 16.87
N ASP A 301 -3.35 44.27 17.51
CA ASP A 301 -2.31 44.99 16.80
C ASP A 301 -0.97 44.29 16.91
N LEU A 302 -0.89 43.30 17.80
CA LEU A 302 0.34 42.54 17.97
C LEU A 302 0.00 41.15 18.46
N PHE A 303 0.77 40.15 18.01
CA PHE A 303 0.52 38.77 18.42
C PHE A 303 1.82 38.15 18.92
N VAL A 304 1.91 37.85 20.22
CA VAL A 304 3.05 37.12 20.75
C VAL A 304 2.67 35.65 20.67
N THR A 305 3.33 34.92 19.77
CA THR A 305 2.93 33.56 19.41
C THR A 305 4.08 32.55 19.54
N HIS A 306 3.75 31.28 19.74
CA HIS A 306 4.75 30.21 19.69
C HIS A 306 5.11 29.85 18.24
N ALA A 307 4.33 30.36 17.30
CA ALA A 307 4.51 30.11 15.87
C ALA A 307 4.17 28.69 15.44
N GLY A 308 3.20 28.09 16.11
CA GLY A 308 2.57 26.88 15.58
C GLY A 308 1.97 27.20 14.23
N ALA A 309 1.69 26.17 13.43
CA ALA A 309 1.10 26.40 12.12
C ALA A 309 -0.19 27.22 12.19
N GLY A 310 -1.03 26.92 13.17
CA GLY A 310 -2.29 27.64 13.34
C GLY A 310 -2.08 29.11 13.65
N GLY A 311 -1.42 29.39 14.75
CA GLY A 311 -1.13 30.77 15.13
C GLY A 311 -0.41 31.55 14.05
N SER A 312 0.60 30.93 13.44
CA SER A 312 1.38 31.61 12.40
C SER A 312 0.44 31.97 11.26
N GLN A 313 -0.38 31.02 10.87
CA GLN A 313 -1.33 31.23 9.77
C GLN A 313 -2.38 32.29 10.09
N GLU A 314 -2.86 32.29 11.34
CA GLU A 314 -3.88 33.25 11.75
C GLU A 314 -3.31 34.67 11.87
N GLY A 315 -2.07 34.76 12.33
CA GLY A 315 -1.39 36.04 12.41
C GLY A 315 -1.28 36.68 11.04
N LEU A 316 -0.88 35.90 10.05
CA LEU A 316 -0.77 36.42 8.70
C LEU A 316 -2.16 36.73 8.12
N ALA A 317 -3.12 35.84 8.37
CA ALA A 317 -4.47 35.99 7.83
C ALA A 317 -5.13 37.30 8.31
N THR A 318 -4.75 37.72 9.51
CA THR A 318 -5.32 38.91 10.14
C THR A 318 -4.39 40.12 10.07
N ALA A 319 -3.29 39.99 9.33
CA ALA A 319 -2.29 41.06 9.19
C ALA A 319 -1.83 41.60 10.54
N THR A 320 -1.51 40.68 11.45
CA THR A 320 -1.10 41.06 12.79
C THR A 320 0.38 40.79 12.95
N PRO A 321 1.20 41.85 13.15
CA PRO A 321 2.63 41.65 13.34
C PRO A 321 2.87 40.72 14.52
N MET A 322 3.97 39.96 14.48
CA MET A 322 4.16 38.94 15.49
C MET A 322 5.51 38.99 16.20
N ILE A 323 5.51 38.62 17.47
CA ILE A 323 6.73 38.23 18.15
C ILE A 323 6.66 36.73 18.29
N ALA A 324 7.57 36.04 17.60
CA ALA A 324 7.56 34.59 17.56
C ALA A 324 8.54 34.04 18.58
N VAL A 325 8.01 33.27 19.53
CA VAL A 325 8.79 32.71 20.63
C VAL A 325 8.58 31.19 20.63
N PRO A 326 9.23 30.49 19.70
CA PRO A 326 8.91 29.08 19.44
C PRO A 326 9.24 28.13 20.61
N GLN A 327 8.49 27.05 20.72
CA GLN A 327 8.66 26.08 21.80
C GLN A 327 9.17 24.74 21.30
N ALA A 328 8.57 24.24 20.22
CA ALA A 328 8.94 22.95 19.64
C ALA A 328 9.42 23.08 18.19
N VAL A 329 10.23 22.12 17.75
CA VAL A 329 10.91 22.15 16.45
C VAL A 329 10.08 22.60 15.24
N ASP A 330 8.89 22.02 15.12
CA ASP A 330 7.85 22.43 14.18
C ASP A 330 7.69 23.94 14.11
N GLN A 331 7.70 24.57 15.28
CA GLN A 331 7.55 26.02 15.33
C GLN A 331 8.83 26.73 14.93
N PHE A 332 9.97 26.02 14.99
CA PHE A 332 11.26 26.69 14.76
C PHE A 332 11.34 27.21 13.34
N GLY A 333 10.91 26.41 12.38
CA GLY A 333 10.91 26.82 10.98
C GLY A 333 9.99 28.02 10.74
N ASN A 334 8.77 27.94 11.25
CA ASN A 334 7.81 29.03 11.06
C ASN A 334 8.32 30.33 11.62
N ALA A 335 8.98 30.28 12.78
CA ALA A 335 9.48 31.50 13.40
C ALA A 335 10.49 32.20 12.49
N ASP A 336 11.40 31.43 11.90
CA ASP A 336 12.37 32.04 10.99
C ASP A 336 11.71 32.52 9.69
N MET A 337 10.70 31.81 9.22
CA MET A 337 10.00 32.25 8.02
C MET A 337 9.21 33.54 8.25
N LEU A 338 8.52 33.64 9.38
CA LEU A 338 7.79 34.86 9.73
C LEU A 338 8.75 36.04 9.78
N GLN A 339 9.89 35.83 10.43
CA GLN A 339 10.89 36.87 10.56
C GLN A 339 11.45 37.25 9.19
N GLY A 340 11.58 36.27 8.31
CA GLY A 340 12.12 36.52 6.98
C GLY A 340 11.18 37.31 6.08
N LEU A 341 9.89 37.29 6.41
CA LEU A 341 8.89 38.03 5.65
C LEU A 341 8.82 39.49 6.06
N GLY A 342 9.60 39.86 7.07
CA GLY A 342 9.63 41.23 7.56
C GLY A 342 8.35 41.61 8.27
N VAL A 343 7.75 40.65 8.96
CA VAL A 343 6.47 40.89 9.62
C VAL A 343 6.49 40.41 11.07
N ALA A 344 7.66 40.02 11.54
CA ALA A 344 7.80 39.44 12.87
C ALA A 344 9.24 39.50 13.31
N ARG A 345 9.46 39.25 14.59
CA ARG A 345 10.82 38.98 15.04
C ARG A 345 10.82 37.78 15.99
N LYS A 346 11.81 36.92 15.83
CA LYS A 346 12.00 35.76 16.69
C LYS A 346 12.82 36.18 17.90
N LEU A 347 12.39 35.74 19.08
CA LEU A 347 13.15 35.97 20.30
C LEU A 347 13.37 34.64 21.00
N ALA A 348 14.52 34.50 21.65
CA ALA A 348 14.77 33.33 22.49
C ALA A 348 13.95 33.39 23.78
N THR A 349 13.27 32.28 24.11
CA THR A 349 12.76 32.10 25.45
C THR A 349 13.94 31.75 26.35
N GLU A 350 14.62 32.77 26.88
CA GLU A 350 15.73 32.55 27.83
N GLU A 351 15.51 35.24 26.22
CA GLU A 351 16.02 36.59 26.34
C GLU A 351 14.87 37.57 26.24
N ALA A 352 13.66 37.04 26.11
CA ALA A 352 12.48 37.88 25.99
C ALA A 352 12.06 38.42 27.34
N THR A 353 12.87 39.33 27.88
CA THR A 353 12.57 40.00 29.13
C THR A 353 11.61 41.15 28.89
N ALA A 354 11.30 41.85 29.95
CA ALA A 354 10.39 42.98 29.87
C ALA A 354 10.98 44.04 28.95
N ASP A 355 12.28 44.26 29.12
CA ASP A 355 13.04 45.17 28.27
C ASP A 355 12.75 44.84 26.81
N LEU A 356 13.22 43.70 26.36
CA LEU A 356 13.19 43.36 24.93
C LEU A 356 11.79 43.24 24.31
N LEU A 357 10.88 42.60 25.03
CA LEU A 357 9.51 42.45 24.56
C LEU A 357 8.85 43.80 24.31
N ARG A 358 8.96 44.72 25.27
CA ARG A 358 8.35 46.04 25.15
C ARG A 358 8.95 46.75 23.92
N GLU A 359 10.28 46.72 23.80
CA GLU A 359 10.94 47.41 22.70
C GLU A 359 10.58 46.80 21.34
N THR A 360 10.54 45.48 21.29
CA THR A 360 10.22 44.78 20.05
C THR A 360 8.79 45.10 19.61
N ALA A 361 7.88 45.07 20.57
CA ALA A 361 6.48 45.41 20.35
C ALA A 361 6.32 46.79 19.73
N LEU A 362 7.03 47.77 20.29
CA LEU A 362 6.96 49.14 19.81
C LEU A 362 7.57 49.29 18.42
N ALA A 363 8.59 48.48 18.13
CA ALA A 363 9.21 48.52 16.82
C ALA A 363 8.23 48.00 15.77
N LEU A 364 7.55 46.91 16.09
CA LEU A 364 6.68 46.26 15.11
C LEU A 364 5.43 47.06 14.82
N VAL A 365 4.68 47.44 15.86
CA VAL A 365 3.40 48.11 15.64
C VAL A 365 3.59 49.49 15.00
N ASP A 366 4.73 50.11 15.26
CA ASP A 366 4.97 51.44 14.71
C ASP A 366 5.78 51.33 13.40
N ASP A 367 5.14 50.73 12.38
CA ASP A 367 5.79 50.55 11.08
C ASP A 367 4.82 50.21 9.94
N PRO A 368 4.73 51.10 8.94
CA PRO A 368 3.93 50.87 7.75
C PRO A 368 4.52 49.81 6.83
N GLU A 369 5.83 49.59 6.93
CA GLU A 369 6.50 48.63 6.06
C GLU A 369 6.17 47.21 6.48
N VAL A 370 6.23 46.98 7.79
CA VAL A 370 5.73 45.72 8.35
C VAL A 370 4.28 45.54 7.93
N ALA A 371 3.50 46.61 8.04
CA ALA A 371 2.07 46.56 7.73
C ALA A 371 1.79 46.35 6.24
N ARG A 372 2.46 47.09 5.38
CA ARG A 372 2.27 46.91 3.93
C ARG A 372 2.57 45.46 3.54
N ARG A 373 3.67 44.93 4.07
CA ARG A 373 4.05 43.55 3.77
C ARG A 373 3.01 42.57 4.28
N LEU A 374 2.39 42.87 5.42
CA LEU A 374 1.31 42.05 5.95
C LEU A 374 0.07 42.08 5.06
N ARG A 375 -0.28 43.27 4.56
CA ARG A 375 -1.45 43.36 3.70
C ARG A 375 -1.21 42.68 2.35
N ARG A 376 0.02 42.71 1.85
CA ARG A 376 0.33 41.97 0.63
C ARG A 376 0.22 40.45 0.86
N ILE A 377 0.52 40.01 2.08
CA ILE A 377 0.37 38.60 2.43
C ILE A 377 -1.10 38.17 2.43
N GLN A 378 -1.96 38.94 3.10
CA GLN A 378 -3.40 38.65 3.07
C GLN A 378 -3.92 38.57 1.65
N ALA A 379 -3.45 39.48 0.81
CA ALA A 379 -3.87 39.53 -0.59
C ALA A 379 -3.38 38.29 -1.31
N GLU A 380 -2.16 37.84 -1.00
CA GLU A 380 -1.67 36.59 -1.58
C GLU A 380 -2.42 35.38 -1.00
N MET A 381 -2.72 35.41 0.30
CA MET A 381 -3.53 34.34 0.88
C MET A 381 -4.93 34.35 0.29
N ALA A 382 -5.37 35.53 -0.16
CA ALA A 382 -6.64 35.63 -0.88
C ALA A 382 -6.60 34.82 -2.18
N GLN A 383 -5.49 34.93 -2.91
CA GLN A 383 -5.38 34.21 -4.17
C GLN A 383 -5.27 32.70 -3.96
N GLU A 384 -4.85 32.27 -2.78
CA GLU A 384 -4.75 30.85 -2.48
C GLU A 384 -6.14 30.21 -2.33
N GLY A 385 -7.05 30.90 -1.63
CA GLY A 385 -8.48 30.59 -1.73
C GLY A 385 -9.13 29.70 -0.69
N GLY A 386 -8.36 28.83 -0.05
CA GLY A 386 -8.93 27.95 0.95
C GLY A 386 -9.98 26.99 0.42
N THR A 387 -10.99 26.70 1.25
CA THR A 387 -11.97 25.65 0.99
C THR A 387 -12.56 25.66 -0.40
N ARG A 388 -13.07 26.82 -0.81
CA ARG A 388 -13.77 26.92 -2.07
C ARG A 388 -12.83 26.62 -3.23
N ARG A 389 -11.64 27.19 -3.19
CA ARG A 389 -10.66 26.92 -4.24
C ARG A 389 -10.27 25.44 -4.18
N ALA A 390 -10.13 24.91 -2.97
CA ALA A 390 -9.81 23.50 -2.80
C ALA A 390 -10.91 22.66 -3.42
N ALA A 391 -12.15 23.09 -3.28
CA ALA A 391 -13.26 22.40 -3.94
C ALA A 391 -13.08 22.41 -5.45
N ASP A 392 -12.89 23.61 -6.01
CA ASP A 392 -12.72 23.77 -7.45
C ASP A 392 -11.59 22.91 -8.03
N LEU A 393 -10.45 22.86 -7.34
CA LEU A 393 -9.33 22.05 -7.81
C LEU A 393 -9.62 20.55 -7.69
N ILE A 394 -10.25 20.15 -6.60
CA ILE A 394 -10.64 18.75 -6.42
C ILE A 394 -11.65 18.32 -7.48
N GLU A 395 -12.68 19.14 -7.66
CA GLU A 395 -13.65 18.91 -8.73
C GLU A 395 -12.95 18.84 -10.09
N ALA A 396 -11.88 19.61 -10.24
CA ALA A 396 -11.20 19.69 -11.53
C ALA A 396 -10.26 18.52 -11.90
N GLU A 397 -10.04 17.57 -10.99
CA GLU A 397 -9.08 16.48 -11.23
C GLU A 397 -9.65 15.08 -11.47
N LEU A 398 -10.92 14.89 -11.15
CA LEU A 398 -11.54 13.60 -11.38
C LEU A 398 -11.84 13.45 -12.88
N PRO A 399 -12.01 12.21 -13.38
CA PRO A 399 -11.82 12.00 -14.82
C PRO A 399 -13.02 12.34 -15.74
N ALA A 400 -13.87 11.35 -15.94
CA ALA A 400 -14.91 11.36 -16.95
C ALA A 400 -16.25 11.26 -16.26
N THR B 6 16.94 -52.38 -3.84
CA THR B 6 15.84 -51.99 -2.97
C THR B 6 15.33 -50.58 -3.29
N PRO B 7 14.34 -50.45 -4.18
CA PRO B 7 13.82 -49.10 -4.47
C PRO B 7 13.19 -48.44 -3.25
N ALA B 8 13.49 -47.17 -3.05
CA ALA B 8 12.93 -46.38 -1.98
C ALA B 8 11.42 -46.28 -2.15
N HIS B 9 10.69 -46.24 -1.04
CA HIS B 9 9.26 -45.98 -1.06
C HIS B 9 9.00 -44.50 -0.77
N ILE B 10 8.46 -43.80 -1.76
CA ILE B 10 8.12 -42.40 -1.62
C ILE B 10 6.59 -42.30 -1.62
N ALA B 11 6.03 -41.74 -0.56
CA ALA B 11 4.58 -41.56 -0.46
C ALA B 11 4.23 -40.10 -0.65
N MET B 12 3.47 -39.82 -1.71
CA MET B 12 2.99 -38.49 -2.01
C MET B 12 1.56 -38.36 -1.49
N PHE B 13 1.24 -37.19 -0.94
CA PHE B 13 -0.11 -36.92 -0.41
C PHE B 13 -0.71 -35.68 -1.04
N SER B 14 -1.97 -35.76 -1.45
CA SER B 14 -2.70 -34.56 -1.84
C SER B 14 -4.20 -34.67 -1.65
N ILE B 15 -4.91 -33.69 -2.20
CA ILE B 15 -6.36 -33.56 -2.10
C ILE B 15 -6.89 -33.52 -3.52
N ALA B 16 -8.16 -33.82 -3.71
CA ALA B 16 -8.72 -33.88 -5.06
C ALA B 16 -9.07 -32.51 -5.60
N ALA B 17 -8.03 -31.71 -5.84
CA ALA B 17 -8.18 -30.47 -6.59
C ALA B 17 -7.30 -30.60 -7.79
N HIS B 18 -7.52 -29.76 -8.80
CA HIS B 18 -6.63 -29.78 -9.94
C HIS B 18 -5.41 -28.95 -9.59
N GLY B 19 -5.66 -27.82 -8.93
CA GLY B 19 -4.61 -26.85 -8.66
C GLY B 19 -3.59 -27.29 -7.64
N HIS B 20 -3.82 -28.45 -7.04
CA HIS B 20 -2.88 -29.00 -6.07
C HIS B 20 -2.37 -30.39 -6.43
N VAL B 21 -2.76 -30.88 -7.61
CA VAL B 21 -2.22 -32.15 -8.09
C VAL B 21 -1.40 -31.95 -9.34
N ASN B 22 -1.94 -31.15 -10.25
CA ASN B 22 -1.30 -30.86 -11.53
C ASN B 22 0.08 -30.20 -11.47
N PRO B 23 0.28 -29.21 -10.58
CA PRO B 23 1.59 -28.57 -10.55
C PRO B 23 2.77 -29.52 -10.31
N SER B 24 2.55 -30.63 -9.61
CA SER B 24 3.64 -31.55 -9.30
C SER B 24 3.51 -32.87 -10.07
N LEU B 25 2.54 -32.92 -10.97
CA LEU B 25 2.24 -34.13 -11.75
C LEU B 25 3.49 -34.65 -12.45
N GLU B 26 4.16 -33.75 -13.15
CA GLU B 26 5.34 -34.06 -13.95
C GLU B 26 6.61 -34.23 -13.14
N VAL B 27 6.50 -34.05 -11.81
CA VAL B 27 7.55 -34.46 -10.89
C VAL B 27 7.31 -35.91 -10.46
N ILE B 28 6.06 -36.23 -10.16
CA ILE B 28 5.70 -37.59 -9.73
C ILE B 28 6.00 -38.60 -10.83
N ARG B 29 5.67 -38.24 -12.07
CA ARG B 29 5.96 -39.10 -13.21
C ARG B 29 7.46 -39.36 -13.32
N GLU B 30 8.26 -38.31 -13.15
CA GLU B 30 9.70 -38.43 -13.26
C GLU B 30 10.24 -39.37 -12.17
N LEU B 31 9.73 -39.24 -10.96
CA LEU B 31 10.19 -40.08 -9.86
C LEU B 31 9.91 -41.57 -10.12
N VAL B 32 8.75 -41.86 -10.70
CA VAL B 32 8.42 -43.24 -11.07
C VAL B 32 9.29 -43.69 -12.25
N ALA B 33 9.42 -42.83 -13.25
CA ALA B 33 10.24 -43.14 -14.43
C ALA B 33 11.72 -43.34 -14.05
N ARG B 34 12.11 -42.85 -12.88
CA ARG B 34 13.45 -43.10 -12.34
C ARG B 34 13.53 -44.35 -11.45
N GLY B 35 12.41 -45.05 -11.29
CA GLY B 35 12.42 -46.35 -10.63
C GLY B 35 12.06 -46.42 -9.16
N HIS B 36 11.69 -45.31 -8.54
CA HIS B 36 11.30 -45.32 -7.14
C HIS B 36 9.95 -46.01 -6.98
N ARG B 37 9.70 -46.55 -5.79
CA ARG B 37 8.42 -47.12 -5.43
C ARG B 37 7.56 -45.99 -4.88
N VAL B 38 6.69 -45.46 -5.72
CA VAL B 38 5.93 -44.25 -5.38
C VAL B 38 4.45 -44.57 -5.19
N THR B 39 3.91 -44.18 -4.03
CA THR B 39 2.48 -44.28 -3.79
C THR B 39 1.92 -42.88 -3.65
N TYR B 40 0.61 -42.73 -3.83
CA TYR B 40 0.03 -41.39 -3.90
C TYR B 40 -1.31 -41.34 -3.16
N ALA B 41 -1.29 -40.87 -1.91
CA ALA B 41 -2.52 -40.68 -1.13
C ALA B 41 -3.44 -39.70 -1.84
N ILE B 42 -4.60 -40.18 -2.26
CA ILE B 42 -5.50 -39.38 -3.07
C ILE B 42 -6.94 -39.89 -2.94
N PRO B 43 -7.91 -38.97 -2.86
CA PRO B 43 -9.31 -39.40 -2.87
C PRO B 43 -9.66 -40.05 -4.21
N PRO B 44 -10.50 -41.09 -4.19
CA PRO B 44 -10.84 -41.92 -5.35
C PRO B 44 -11.22 -41.14 -6.60
N VAL B 45 -11.84 -39.97 -6.46
CA VAL B 45 -12.25 -39.24 -7.65
C VAL B 45 -11.06 -38.86 -8.53
N PHE B 46 -9.91 -38.61 -7.89
CA PHE B 46 -8.69 -38.31 -8.65
C PHE B 46 -7.75 -39.52 -8.75
N ALA B 47 -8.21 -40.68 -8.30
CA ALA B 47 -7.41 -41.90 -8.40
C ALA B 47 -7.13 -42.19 -9.87
N ASP B 48 -8.11 -41.93 -10.74
CA ASP B 48 -7.88 -42.01 -12.17
C ASP B 48 -6.74 -41.04 -12.50
N LYS B 49 -7.03 -39.76 -12.38
CA LYS B 49 -6.12 -38.71 -12.82
C LYS B 49 -4.65 -38.87 -12.38
N VAL B 50 -4.41 -39.41 -11.18
CA VAL B 50 -3.03 -39.56 -10.68
C VAL B 50 -2.26 -40.79 -11.22
N ALA B 51 -2.91 -41.95 -11.25
CA ALA B 51 -2.25 -43.24 -11.53
C ALA B 51 -1.70 -43.34 -12.95
N ALA B 52 -2.06 -42.37 -13.77
CA ALA B 52 -1.50 -42.23 -15.10
C ALA B 52 0.01 -41.99 -15.02
N THR B 53 0.45 -41.42 -13.90
CA THR B 53 1.88 -41.15 -13.73
C THR B 53 2.66 -42.42 -13.45
N GLY B 54 1.95 -43.51 -13.18
CA GLY B 54 2.57 -44.75 -12.76
C GLY B 54 2.49 -44.92 -11.26
N ALA B 55 2.14 -43.84 -10.57
CA ALA B 55 2.03 -43.80 -9.10
C ALA B 55 1.05 -44.80 -8.48
N ARG B 56 0.12 -45.29 -9.29
CA ARG B 56 -1.01 -46.14 -8.83
C ARG B 56 -2.18 -45.32 -8.23
N PRO B 57 -3.36 -45.94 -8.05
CA PRO B 57 -4.44 -45.25 -7.33
C PRO B 57 -4.65 -45.69 -5.88
N VAL B 58 -5.10 -44.74 -5.07
CA VAL B 58 -5.32 -44.94 -3.66
C VAL B 58 -6.70 -44.44 -3.28
N LEU B 59 -7.20 -44.86 -2.12
CA LEU B 59 -8.50 -44.41 -1.68
C LEU B 59 -8.42 -43.86 -0.25
N TYR B 60 -8.68 -42.56 -0.09
CA TYR B 60 -9.08 -42.03 1.21
C TYR B 60 -10.25 -41.07 1.01
N HIS B 61 -11.22 -41.11 1.92
CA HIS B 61 -12.38 -40.24 1.86
C HIS B 61 -12.04 -38.78 2.14
N SER B 62 -12.50 -37.90 1.26
CA SER B 62 -12.32 -36.48 1.43
C SER B 62 -13.64 -35.83 1.79
N THR B 63 -13.62 -35.04 2.86
CA THR B 63 -14.79 -34.26 3.23
C THR B 63 -14.63 -32.87 2.61
N LEU B 64 -13.52 -32.67 1.89
CA LEU B 64 -13.28 -31.44 1.15
C LEU B 64 -14.10 -31.39 -0.13
N PRO B 65 -14.45 -30.18 -0.57
CA PRO B 65 -15.07 -29.95 -1.89
C PRO B 65 -14.10 -30.25 -3.03
N GLY B 66 -14.64 -30.45 -4.25
CA GLY B 66 -13.85 -30.80 -5.41
C GLY B 66 -14.27 -30.04 -6.67
N PRO B 67 -13.74 -30.46 -7.85
CA PRO B 67 -13.80 -29.87 -9.20
C PRO B 67 -15.15 -29.40 -9.79
N ASP B 68 -16.16 -30.27 -9.87
CA ASP B 68 -17.41 -29.97 -10.60
C ASP B 68 -18.17 -28.68 -10.19
N ALA B 69 -18.23 -28.38 -8.90
CA ALA B 69 -18.75 -27.10 -8.42
C ALA B 69 -17.72 -25.97 -8.50
N ASP B 70 -18.12 -24.75 -8.12
CA ASP B 70 -17.22 -23.61 -8.11
C ASP B 70 -16.88 -23.33 -6.65
N PRO B 71 -16.23 -22.19 -6.35
CA PRO B 71 -15.90 -21.76 -4.99
C PRO B 71 -17.10 -21.59 -4.04
N GLU B 72 -18.25 -22.13 -4.41
CA GLU B 72 -19.45 -22.03 -3.58
C GLU B 72 -19.30 -23.00 -2.43
N ALA B 73 -18.42 -23.98 -2.62
CA ALA B 73 -18.11 -24.91 -1.56
C ALA B 73 -16.76 -24.54 -0.96
N TRP B 74 -16.61 -23.28 -0.56
CA TRP B 74 -15.45 -22.89 0.25
C TRP B 74 -15.85 -21.70 1.13
N GLY B 75 -16.86 -20.97 0.68
CA GLY B 75 -17.22 -19.70 1.27
C GLY B 75 -16.20 -18.67 0.80
N SER B 76 -16.28 -17.45 1.31
CA SER B 76 -15.31 -16.43 0.92
C SER B 76 -14.56 -15.82 2.11
N THR B 77 -14.70 -16.39 3.29
CA THR B 77 -14.04 -15.88 4.48
C THR B 77 -12.81 -16.70 4.86
N LEU B 78 -12.07 -16.23 5.87
CA LEU B 78 -10.84 -16.89 6.27
C LEU B 78 -11.13 -18.24 6.91
N LEU B 79 -12.02 -18.26 7.90
CA LEU B 79 -12.32 -19.49 8.60
C LEU B 79 -13.03 -20.48 7.69
N ASP B 80 -13.91 -19.99 6.82
CA ASP B 80 -14.54 -20.85 5.81
C ASP B 80 -13.50 -21.40 4.84
N ASN B 81 -12.42 -20.65 4.63
CA ASN B 81 -11.33 -21.13 3.77
C ASN B 81 -10.45 -22.14 4.48
N VAL B 82 -10.14 -21.89 5.74
CA VAL B 82 -9.17 -22.71 6.46
C VAL B 82 -9.75 -23.91 7.21
N GLU B 83 -10.94 -23.77 7.78
CA GLU B 83 -11.57 -24.85 8.52
C GLU B 83 -11.57 -26.21 7.79
N PRO B 84 -12.03 -26.26 6.52
CA PRO B 84 -12.21 -27.57 5.90
C PRO B 84 -10.92 -28.37 5.78
N PHE B 85 -9.81 -27.68 5.60
CA PHE B 85 -8.52 -28.37 5.55
C PHE B 85 -8.23 -29.02 6.89
N LEU B 86 -8.57 -28.35 7.99
CA LEU B 86 -8.38 -28.97 9.30
C LEU B 86 -9.37 -30.11 9.50
N ASN B 87 -10.64 -29.86 9.17
CA ASN B 87 -11.66 -30.85 9.46
C ASN B 87 -11.46 -32.12 8.64
N ASP B 88 -11.12 -31.94 7.37
CA ASP B 88 -10.78 -33.08 6.52
C ASP B 88 -9.61 -33.84 7.09
N ALA B 89 -8.55 -33.12 7.45
CA ALA B 89 -7.36 -33.75 8.00
C ALA B 89 -7.68 -34.61 9.21
N ILE B 90 -8.61 -34.13 10.03
CA ILE B 90 -8.95 -34.86 11.24
C ILE B 90 -9.53 -36.26 10.95
N GLN B 91 -10.39 -36.40 9.95
CA GLN B 91 -10.81 -37.77 9.63
C GLN B 91 -10.02 -38.42 8.50
N ALA B 92 -9.27 -37.62 7.73
CA ALA B 92 -8.36 -38.18 6.73
C ALA B 92 -7.18 -38.89 7.38
N LEU B 93 -6.73 -38.37 8.53
CA LEU B 93 -5.59 -38.96 9.22
C LEU B 93 -5.73 -40.45 9.59
N PRO B 94 -6.83 -40.83 10.28
CA PRO B 94 -6.96 -42.27 10.56
C PRO B 94 -6.99 -43.17 9.32
N GLN B 95 -7.71 -42.77 8.28
CA GLN B 95 -7.81 -43.60 7.07
C GLN B 95 -6.44 -43.88 6.44
N LEU B 96 -5.55 -42.90 6.53
CA LEU B 96 -4.25 -42.95 5.89
C LEU B 96 -3.20 -43.66 6.74
N ALA B 97 -3.21 -43.37 8.04
CA ALA B 97 -2.36 -44.12 8.96
C ALA B 97 -2.65 -45.62 8.80
N ASP B 98 -3.94 -45.96 8.81
CA ASP B 98 -4.35 -47.37 8.73
C ASP B 98 -3.99 -47.99 7.38
N ALA B 99 -4.09 -47.20 6.30
CA ALA B 99 -3.76 -47.74 5.00
C ALA B 99 -2.27 -48.01 4.97
N TYR B 100 -1.50 -47.06 5.48
CA TYR B 100 -0.06 -47.11 5.31
C TYR B 100 0.56 -47.87 6.48
N ALA B 101 -0.32 -48.45 7.31
CA ALA B 101 0.10 -49.02 8.60
C ALA B 101 1.27 -49.99 8.54
N ASP B 102 1.27 -50.89 7.55
CA ASP B 102 2.29 -51.94 7.49
C ASP B 102 3.23 -51.79 6.30
N ASP B 103 3.32 -50.58 5.75
CA ASP B 103 4.23 -50.28 4.65
C ASP B 103 4.64 -48.82 4.73
N ILE B 104 5.30 -48.47 5.83
CA ILE B 104 5.71 -47.09 6.09
C ILE B 104 6.77 -46.68 5.07
N PRO B 105 6.56 -45.53 4.41
CA PRO B 105 7.48 -45.07 3.36
C PRO B 105 8.77 -44.56 3.97
N ASP B 106 9.83 -44.43 3.17
CA ASP B 106 11.04 -43.85 3.75
C ASP B 106 11.13 -42.35 3.49
N LEU B 107 10.20 -41.82 2.70
CA LEU B 107 10.06 -40.37 2.53
C LEU B 107 8.62 -39.98 2.20
N VAL B 108 8.17 -38.87 2.77
CA VAL B 108 6.83 -38.35 2.52
C VAL B 108 6.88 -37.08 1.66
N LEU B 109 6.07 -37.03 0.61
CA LEU B 109 5.99 -35.89 -0.26
C LEU B 109 4.55 -35.39 -0.21
N HIS B 110 4.32 -34.08 -0.22
CA HIS B 110 2.95 -33.61 -0.14
C HIS B 110 2.74 -32.18 -0.60
N ASP B 111 1.58 -31.96 -1.23
CA ASP B 111 1.10 -30.60 -1.49
C ASP B 111 0.77 -29.91 -0.16
N ILE B 112 0.84 -28.57 -0.16
CA ILE B 112 0.66 -27.76 1.05
C ILE B 112 -0.65 -28.01 1.80
N THR B 113 -1.67 -28.47 1.09
CA THR B 113 -2.98 -28.65 1.73
C THR B 113 -3.08 -29.89 2.63
N SER B 114 -2.15 -30.84 2.47
CA SER B 114 -2.24 -32.08 3.23
C SER B 114 -1.66 -32.01 4.64
N TYR B 115 -2.49 -31.65 5.60
CA TYR B 115 -2.09 -31.73 7.00
C TYR B 115 -1.76 -33.17 7.44
N PRO B 116 -2.48 -34.18 6.92
CA PRO B 116 -2.12 -35.53 7.38
C PRO B 116 -0.70 -35.97 7.03
N ALA B 117 -0.16 -35.47 5.92
CA ALA B 117 1.19 -35.87 5.52
C ALA B 117 2.25 -35.38 6.51
N ARG B 118 2.08 -34.17 7.04
CA ARG B 118 3.00 -33.64 8.04
C ARG B 118 2.93 -34.50 9.30
N VAL B 119 1.70 -34.82 9.69
CA VAL B 119 1.45 -35.58 10.91
C VAL B 119 2.08 -36.96 10.84
N LEU B 120 1.83 -37.65 9.74
CA LEU B 120 2.36 -39.00 9.54
C LEU B 120 3.87 -39.07 9.38
N ALA B 121 4.46 -38.10 8.67
CA ALA B 121 5.90 -38.05 8.53
C ALA B 121 6.57 -38.15 9.89
N ARG B 122 6.38 -37.14 10.73
CA ARG B 122 7.08 -37.12 12.02
C ARG B 122 6.40 -37.94 13.12
N ARG B 123 5.45 -38.79 12.73
CA ARG B 123 5.02 -39.92 13.56
C ARG B 123 5.87 -41.14 13.16
N TRP B 124 6.08 -41.30 11.86
CA TRP B 124 6.76 -42.46 11.28
C TRP B 124 8.28 -42.36 11.37
N GLY B 125 8.80 -41.15 11.46
CA GLY B 125 10.24 -40.96 11.55
C GLY B 125 10.89 -40.90 10.18
N VAL B 126 10.14 -40.40 9.20
CA VAL B 126 10.68 -40.23 7.85
C VAL B 126 10.58 -38.77 7.38
N PRO B 127 11.36 -38.39 6.36
CA PRO B 127 11.33 -37.01 5.86
C PRO B 127 10.05 -36.64 5.13
N ALA B 128 9.68 -35.36 5.24
CA ALA B 128 8.57 -34.80 4.51
C ALA B 128 9.05 -33.67 3.60
N VAL B 129 8.65 -33.70 2.33
CA VAL B 129 8.95 -32.61 1.41
C VAL B 129 7.65 -31.94 0.98
N SER B 130 7.49 -30.67 1.35
CA SER B 130 6.31 -29.92 0.95
C SER B 130 6.51 -29.37 -0.46
N LEU B 131 5.50 -29.51 -1.29
CA LEU B 131 5.54 -28.95 -2.64
C LEU B 131 4.52 -27.82 -2.75
N SER B 132 4.99 -26.60 -2.99
CA SER B 132 4.08 -25.46 -3.03
C SER B 132 3.84 -24.95 -4.44
N PRO B 133 2.58 -24.95 -4.88
CA PRO B 133 2.27 -24.49 -6.24
C PRO B 133 2.17 -22.96 -6.31
N ASN B 134 2.44 -22.30 -5.19
CA ASN B 134 2.29 -20.85 -5.13
C ASN B 134 3.32 -20.26 -4.20
N LEU B 135 3.23 -18.97 -3.95
CA LEU B 135 4.17 -18.28 -3.08
C LEU B 135 4.23 -18.92 -1.71
N VAL B 136 5.35 -18.72 -1.01
CA VAL B 136 5.52 -19.25 0.33
C VAL B 136 5.76 -18.12 1.33
N ALA B 137 5.80 -18.49 2.61
CA ALA B 137 6.02 -17.49 3.65
C ALA B 137 7.47 -17.03 3.67
N TRP B 138 7.65 -15.73 3.85
CA TRP B 138 8.99 -15.17 4.02
C TRP B 138 9.22 -14.91 5.50
N LYS B 139 10.47 -14.68 5.91
CA LYS B 139 10.72 -14.35 7.30
C LYS B 139 10.14 -12.97 7.57
N GLY B 140 9.11 -12.92 8.40
CA GLY B 140 8.36 -11.69 8.62
C GLY B 140 6.89 -11.84 8.23
N TYR B 141 6.57 -12.94 7.54
CA TYR B 141 5.22 -13.19 7.06
C TYR B 141 4.17 -13.25 8.18
N GLU B 142 4.55 -13.74 9.36
CA GLU B 142 3.56 -13.79 10.42
C GLU B 142 3.15 -12.38 10.82
N GLU B 143 4.13 -11.55 11.15
CA GLU B 143 3.85 -10.19 11.60
C GLU B 143 3.05 -9.47 10.52
N GLU B 144 3.49 -9.63 9.28
CA GLU B 144 3.02 -8.78 8.20
C GLU B 144 1.74 -9.24 7.52
N VAL B 145 1.52 -10.54 7.44
CA VAL B 145 0.39 -11.05 6.67
C VAL B 145 -0.57 -11.88 7.52
N ALA B 146 -0.03 -12.88 8.21
CA ALA B 146 -0.87 -13.81 8.96
C ALA B 146 -1.67 -13.11 10.06
N GLU B 147 -0.96 -12.39 10.93
CA GLU B 147 -1.62 -11.72 12.06
C GLU B 147 -2.70 -10.72 11.63
N PRO B 148 -2.43 -9.88 10.61
CA PRO B 148 -3.51 -9.04 10.07
C PRO B 148 -4.79 -9.79 9.68
N MET B 149 -4.68 -10.77 8.79
CA MET B 149 -5.88 -11.45 8.33
C MET B 149 -6.60 -12.25 9.43
N TRP B 150 -5.89 -12.52 10.54
CA TRP B 150 -6.46 -13.27 11.65
C TRP B 150 -7.01 -12.41 12.80
N ARG B 151 -6.52 -11.18 12.92
CA ARG B 151 -6.81 -10.30 14.08
C ARG B 151 -8.25 -10.31 14.59
N GLU B 152 -9.21 -10.06 13.71
CA GLU B 152 -10.63 -10.16 14.07
C GLU B 152 -11.14 -11.62 14.12
N PRO B 153 -10.90 -12.42 13.07
CA PRO B 153 -11.44 -13.79 13.13
C PRO B 153 -10.96 -14.62 14.31
N ARG B 154 -9.75 -14.37 14.81
CA ARG B 154 -9.23 -15.16 15.93
C ARG B 154 -10.04 -14.89 17.20
N GLN B 155 -10.70 -13.74 17.24
CA GLN B 155 -11.45 -13.34 18.43
C GLN B 155 -12.90 -13.76 18.37
N THR B 156 -13.23 -14.63 17.42
CA THR B 156 -14.57 -15.19 17.36
C THR B 156 -14.62 -16.52 18.08
N GLU B 157 -15.83 -16.92 18.46
CA GLU B 157 -16.03 -18.19 19.09
C GLU B 157 -15.71 -19.33 18.13
N ARG B 158 -16.06 -19.15 16.87
CA ARG B 158 -15.70 -20.12 15.85
C ARG B 158 -14.19 -20.20 15.73
N GLY B 159 -13.55 -19.04 15.80
CA GLY B 159 -12.09 -18.99 15.75
C GLY B 159 -11.44 -19.72 16.90
N ARG B 160 -11.95 -19.53 18.10
CA ARG B 160 -11.38 -20.16 19.29
C ARG B 160 -11.59 -21.68 19.30
N ALA B 161 -12.76 -22.12 18.85
CA ALA B 161 -13.00 -23.55 18.73
C ALA B 161 -12.04 -24.15 17.70
N TYR B 162 -11.88 -23.46 16.58
CA TYR B 162 -10.96 -23.87 15.50
C TYR B 162 -9.51 -23.98 15.95
N TYR B 163 -9.01 -22.99 16.68
CA TYR B 163 -7.64 -23.10 17.17
C TYR B 163 -7.47 -24.14 18.26
N ALA B 164 -8.46 -24.25 19.14
CA ALA B 164 -8.40 -25.28 20.18
C ALA B 164 -8.44 -26.67 19.55
N ARG B 165 -9.27 -26.82 18.53
CA ARG B 165 -9.39 -28.06 17.78
C ARG B 165 -8.06 -28.42 17.13
N PHE B 166 -7.42 -27.43 16.53
CA PHE B 166 -6.17 -27.63 15.81
C PHE B 166 -5.09 -27.98 16.84
N GLU B 167 -5.02 -27.19 17.90
CA GLU B 167 -4.04 -27.40 18.97
C GLU B 167 -4.18 -28.77 19.64
N ALA B 168 -5.40 -29.13 20.03
CA ALA B 168 -5.64 -30.42 20.66
C ALA B 168 -5.27 -31.55 19.72
N TRP B 169 -5.62 -31.36 18.45
CA TRP B 169 -5.30 -32.36 17.45
C TRP B 169 -3.79 -32.54 17.35
N LEU B 170 -3.03 -31.45 17.42
CA LEU B 170 -1.58 -31.58 17.32
C LEU B 170 -0.97 -32.25 18.58
N LYS B 171 -1.47 -31.89 19.75
CA LYS B 171 -0.99 -32.53 20.98
C LYS B 171 -1.42 -33.99 21.06
N GLU B 172 -2.59 -34.31 20.50
CA GLU B 172 -3.06 -35.68 20.33
C GLU B 172 -1.94 -36.53 19.76
N ASN B 173 -1.30 -36.02 18.71
CA ASN B 173 -0.25 -36.77 18.02
C ASN B 173 1.13 -36.57 18.62
N GLY B 174 1.22 -35.61 19.53
CA GLY B 174 2.50 -35.26 20.12
C GLY B 174 3.24 -34.24 19.27
N ILE B 175 2.56 -33.14 18.96
CA ILE B 175 3.18 -32.01 18.26
C ILE B 175 2.92 -30.70 19.04
N THR B 176 4.00 -30.06 19.50
CA THR B 176 3.85 -28.87 20.35
C THR B 176 4.02 -27.54 19.61
N GLU B 177 4.39 -27.62 18.34
CA GLU B 177 4.47 -26.44 17.48
C GLU B 177 3.09 -25.78 17.42
N HIS B 178 3.05 -24.46 17.30
CA HIS B 178 1.79 -23.75 17.10
C HIS B 178 1.17 -24.18 15.79
N PRO B 179 -0.17 -24.24 15.72
CA PRO B 179 -0.84 -24.62 14.48
C PRO B 179 -0.38 -23.85 13.24
N ASP B 180 -0.04 -22.57 13.37
CA ASP B 180 0.37 -21.80 12.21
C ASP B 180 1.74 -22.23 11.68
N THR B 181 2.64 -22.58 12.59
CA THR B 181 3.94 -23.15 12.21
C THR B 181 3.72 -24.43 11.43
N PHE B 182 2.87 -25.28 11.97
CA PHE B 182 2.55 -26.57 11.38
C PHE B 182 1.96 -26.38 10.00
N ALA B 183 1.10 -25.36 9.88
CA ALA B 183 0.41 -25.15 8.61
C ALA B 183 1.26 -24.41 7.59
N SER B 184 1.93 -23.35 8.03
CA SER B 184 2.51 -22.40 7.09
C SER B 184 4.04 -22.41 7.01
N HIS B 185 4.69 -23.24 7.80
CA HIS B 185 6.13 -23.17 7.91
C HIS B 185 6.78 -24.55 7.91
N PRO B 186 6.81 -25.19 6.74
CA PRO B 186 7.38 -26.53 6.61
C PRO B 186 8.87 -26.52 6.88
N PRO B 187 9.45 -27.66 7.28
CA PRO B 187 10.90 -27.74 7.46
C PRO B 187 11.65 -27.82 6.13
N ARG B 188 10.98 -28.25 5.07
CA ARG B 188 11.63 -28.38 3.76
C ARG B 188 10.57 -28.25 2.67
N SER B 189 10.83 -27.40 1.69
CA SER B 189 9.82 -27.11 0.67
C SER B 189 10.44 -26.82 -0.68
N LEU B 190 9.83 -27.37 -1.73
CA LEU B 190 10.17 -26.99 -3.11
C LEU B 190 9.04 -26.14 -3.64
N VAL B 191 9.38 -24.99 -4.19
CA VAL B 191 8.39 -24.03 -4.67
C VAL B 191 8.30 -24.08 -6.19
N LEU B 192 7.09 -24.34 -6.68
CA LEU B 192 6.89 -24.59 -8.11
C LEU B 192 6.47 -23.33 -8.86
N ILE B 193 6.99 -22.19 -8.42
CA ILE B 193 6.89 -20.94 -9.18
C ILE B 193 8.28 -20.34 -9.24
N PRO B 194 8.57 -19.54 -10.27
CA PRO B 194 9.88 -18.91 -10.30
C PRO B 194 10.02 -17.91 -9.16
N LYS B 195 11.22 -17.75 -8.62
CA LYS B 195 11.43 -16.84 -7.49
C LYS B 195 11.01 -15.41 -7.84
N ALA B 196 11.16 -15.02 -9.09
CA ALA B 196 10.73 -13.68 -9.54
C ALA B 196 9.28 -13.35 -9.19
N LEU B 197 8.43 -14.37 -9.18
CA LEU B 197 7.02 -14.15 -8.86
C LEU B 197 6.70 -14.32 -7.37
N GLN B 198 7.73 -14.52 -6.57
CA GLN B 198 7.55 -14.62 -5.12
C GLN B 198 7.65 -13.25 -4.48
N PRO B 199 6.55 -12.78 -3.87
CA PRO B 199 6.61 -11.50 -3.17
C PRO B 199 7.67 -11.56 -2.08
N HIS B 200 8.39 -10.46 -1.84
CA HIS B 200 9.36 -10.40 -0.75
C HIS B 200 10.37 -11.55 -0.81
N ALA B 201 10.78 -11.90 -2.04
CA ALA B 201 11.56 -13.10 -2.25
C ALA B 201 12.90 -13.12 -1.53
N ASP B 202 13.47 -11.94 -1.29
CA ASP B 202 14.76 -11.86 -0.63
C ASP B 202 14.64 -11.99 0.89
N ARG B 203 13.43 -12.28 1.38
CA ARG B 203 13.26 -12.62 2.80
C ARG B 203 12.83 -14.06 3.00
N VAL B 204 12.86 -14.85 1.92
CA VAL B 204 12.53 -16.27 2.02
C VAL B 204 13.74 -17.06 2.50
N ASP B 205 13.51 -17.99 3.42
CA ASP B 205 14.56 -18.76 4.07
C ASP B 205 15.12 -19.89 3.17
N GLU B 206 16.36 -19.75 2.72
CA GLU B 206 16.93 -20.72 1.80
C GLU B 206 17.34 -22.08 2.38
N ASP B 207 17.47 -22.17 3.69
CA ASP B 207 17.66 -23.48 4.33
C ASP B 207 16.43 -24.33 4.00
N VAL B 208 15.27 -23.69 4.04
CA VAL B 208 14.00 -24.40 3.94
C VAL B 208 13.49 -24.54 2.51
N TYR B 209 13.48 -23.43 1.78
CA TYR B 209 12.81 -23.36 0.49
C TYR B 209 13.76 -23.32 -0.69
N THR B 210 13.48 -24.16 -1.69
CA THR B 210 14.19 -24.11 -2.97
C THR B 210 13.19 -23.81 -4.08
N PHE B 211 13.44 -22.75 -4.85
CA PHE B 211 12.58 -22.42 -5.97
C PHE B 211 12.99 -23.20 -7.20
N VAL B 212 12.10 -24.08 -7.68
CA VAL B 212 12.39 -24.84 -8.87
C VAL B 212 11.57 -24.37 -10.04
N GLY B 213 10.54 -23.56 -9.75
CA GLY B 213 9.66 -23.08 -10.81
C GLY B 213 8.68 -24.13 -11.30
N ALA B 214 8.02 -23.82 -12.40
CA ALA B 214 7.01 -24.70 -12.98
C ALA B 214 7.61 -26.03 -13.43
N CYS B 215 6.93 -27.11 -13.05
CA CYS B 215 7.36 -28.45 -13.40
C CYS B 215 6.47 -28.94 -14.55
N GLN B 216 6.70 -28.40 -15.76
CA GLN B 216 5.93 -28.81 -16.93
C GLN B 216 6.58 -29.99 -17.60
N GLY B 217 5.77 -30.80 -18.27
CA GLY B 217 6.28 -31.96 -18.99
C GLY B 217 6.85 -31.55 -20.33
N ASP B 218 6.96 -32.51 -21.24
CA ASP B 218 7.43 -32.14 -22.56
C ASP B 218 6.31 -31.80 -23.53
N ARG B 219 6.38 -30.59 -24.06
CA ARG B 219 5.37 -30.08 -24.96
C ARG B 219 5.84 -30.04 -26.42
N ALA B 220 6.85 -30.84 -26.76
CA ALA B 220 7.34 -30.87 -28.15
C ALA B 220 6.22 -31.31 -29.09
N GLU B 221 5.32 -32.15 -28.56
CA GLU B 221 4.20 -32.65 -29.34
C GLU B 221 3.27 -31.53 -29.80
N GLU B 222 3.21 -30.44 -29.02
CA GLU B 222 2.34 -29.32 -29.34
C GLU B 222 2.61 -28.75 -30.72
N GLY B 223 3.83 -28.95 -31.20
CA GLY B 223 4.17 -28.61 -32.56
C GLY B 223 5.09 -27.43 -32.58
N GLY B 224 5.93 -27.36 -33.61
CA GLY B 224 6.87 -26.27 -33.73
C GLY B 224 6.18 -25.01 -34.19
N TRP B 225 6.85 -23.88 -34.11
CA TRP B 225 6.24 -22.64 -34.60
C TRP B 225 7.07 -21.82 -35.57
N GLN B 226 6.46 -21.39 -36.66
CA GLN B 226 7.18 -20.69 -37.71
C GLN B 226 7.20 -19.19 -37.49
N ARG B 227 8.35 -18.58 -37.66
CA ARG B 227 8.41 -17.13 -37.63
C ARG B 227 8.34 -16.59 -39.04
N PRO B 228 7.54 -15.54 -39.25
CA PRO B 228 7.44 -14.93 -40.57
C PRO B 228 8.76 -14.27 -40.88
N ALA B 229 9.36 -14.64 -42.01
CA ALA B 229 10.66 -14.13 -42.37
C ALA B 229 10.66 -12.61 -42.60
N GLY B 230 9.51 -12.04 -42.95
CA GLY B 230 9.42 -10.60 -43.08
C GLY B 230 9.45 -9.91 -41.74
N ALA B 231 8.88 -10.56 -40.73
CA ALA B 231 8.49 -9.92 -39.48
C ALA B 231 9.63 -9.46 -38.59
N GLU B 232 9.47 -8.27 -38.02
CA GLU B 232 10.39 -7.72 -37.02
C GLU B 232 9.72 -7.61 -35.66
N LYS B 233 8.46 -7.18 -35.66
CA LYS B 233 7.73 -6.95 -34.42
C LYS B 233 6.52 -7.86 -34.25
N VAL B 234 6.72 -8.98 -33.55
CA VAL B 234 5.64 -9.94 -33.34
C VAL B 234 5.06 -9.91 -31.92
N VAL B 235 3.73 -9.83 -31.84
CA VAL B 235 3.05 -9.89 -30.55
C VAL B 235 2.10 -11.08 -30.51
N LEU B 236 2.09 -11.81 -29.39
CA LEU B 236 1.11 -12.87 -29.17
C LEU B 236 0.05 -12.35 -28.20
N VAL B 237 -1.22 -12.52 -28.54
CA VAL B 237 -2.32 -12.23 -27.62
C VAL B 237 -2.99 -13.54 -27.26
N SER B 238 -3.03 -13.83 -25.97
CA SER B 238 -3.63 -15.06 -25.49
C SER B 238 -4.12 -14.87 -24.07
N LEU B 239 -5.31 -15.38 -23.78
CA LEU B 239 -5.82 -15.32 -22.42
C LEU B 239 -6.02 -16.71 -21.81
N GLY B 240 -5.21 -17.68 -22.25
CA GLY B 240 -5.11 -18.94 -21.55
C GLY B 240 -6.14 -20.02 -21.86
N SER B 241 -6.08 -21.12 -21.12
CA SER B 241 -7.03 -22.20 -21.32
C SER B 241 -7.80 -22.39 -20.05
N ALA B 242 -8.51 -21.34 -19.64
CA ALA B 242 -9.47 -21.43 -18.55
C ALA B 242 -10.29 -20.16 -18.61
N PHE B 243 -9.83 -19.15 -17.89
CA PHE B 243 -10.56 -17.89 -17.79
C PHE B 243 -10.46 -17.03 -19.06
N THR B 244 -10.89 -17.57 -20.20
CA THR B 244 -11.20 -16.74 -21.37
C THR B 244 -12.49 -17.05 -22.17
N LYS B 245 -13.40 -16.08 -22.13
CA LYS B 245 -14.49 -15.97 -23.08
C LYS B 245 -14.65 -14.49 -23.40
N GLN B 246 -13.57 -13.86 -23.86
CA GLN B 246 -13.46 -12.40 -23.91
C GLN B 246 -13.59 -11.78 -25.31
N PRO B 247 -14.75 -11.19 -25.64
CA PRO B 247 -15.06 -10.80 -27.03
C PRO B 247 -14.51 -9.47 -27.59
N ALA B 248 -14.66 -8.34 -26.90
CA ALA B 248 -14.50 -7.00 -27.52
C ALA B 248 -13.05 -6.46 -27.60
N PHE B 249 -12.23 -6.91 -26.68
CA PHE B 249 -10.84 -6.51 -26.57
C PHE B 249 -10.02 -6.94 -27.80
N TYR B 250 -10.45 -8.00 -28.49
CA TYR B 250 -9.72 -8.49 -29.65
C TYR B 250 -9.72 -7.51 -30.82
N ARG B 251 -10.81 -6.79 -31.00
CA ARG B 251 -10.83 -5.80 -32.06
C ARG B 251 -9.75 -4.75 -31.84
N GLU B 252 -9.71 -4.16 -30.65
CA GLU B 252 -8.70 -3.18 -30.29
C GLU B 252 -7.29 -3.69 -30.63
N CYS B 253 -7.00 -4.93 -30.20
CA CYS B 253 -5.74 -5.60 -30.55
C CYS B 253 -5.50 -5.51 -32.06
N VAL B 254 -6.48 -5.96 -32.84
CA VAL B 254 -6.42 -5.82 -34.29
C VAL B 254 -6.20 -4.37 -34.70
N ARG B 255 -7.03 -3.46 -34.21
CA ARG B 255 -6.88 -2.05 -34.56
C ARG B 255 -5.51 -1.50 -34.09
N ALA B 256 -5.03 -1.94 -32.93
CA ALA B 256 -3.81 -1.37 -32.32
C ALA B 256 -2.57 -1.76 -33.10
N PHE B 257 -2.71 -2.80 -33.89
CA PHE B 257 -1.71 -3.17 -34.86
C PHE B 257 -2.43 -3.07 -36.21
N GLY B 258 -2.64 -4.20 -36.86
CA GLY B 258 -3.19 -4.20 -38.21
C GLY B 258 -2.48 -3.22 -39.14
N ASN B 259 -1.59 -3.75 -39.97
CA ASN B 259 -0.92 -2.98 -41.04
C ASN B 259 0.08 -1.97 -40.54
N LEU B 260 0.62 -2.20 -39.36
CA LEU B 260 1.59 -1.29 -38.79
C LEU B 260 2.94 -1.75 -39.29
N PRO B 261 3.69 -0.83 -39.92
CA PRO B 261 5.01 -1.11 -40.49
C PRO B 261 5.88 -1.90 -39.51
N GLY B 262 6.24 -3.11 -39.89
CA GLY B 262 7.14 -3.92 -39.09
C GLY B 262 6.43 -4.79 -38.07
N TRP B 263 5.15 -4.51 -37.86
CA TRP B 263 4.38 -5.23 -36.86
C TRP B 263 3.63 -6.44 -37.44
N HIS B 264 3.61 -7.53 -36.67
CA HIS B 264 2.79 -8.69 -37.04
C HIS B 264 2.23 -9.42 -35.81
N LEU B 265 0.92 -9.71 -35.84
CA LEU B 265 0.18 -10.14 -34.64
C LEU B 265 -0.46 -11.52 -34.71
N VAL B 266 -0.12 -12.38 -33.74
CA VAL B 266 -0.77 -13.67 -33.58
C VAL B 266 -1.84 -13.48 -32.52
N LEU B 267 -3.06 -13.93 -32.81
CA LEU B 267 -4.20 -13.61 -31.95
C LEU B 267 -5.03 -14.85 -31.59
N GLN B 268 -4.78 -15.38 -30.40
CA GLN B 268 -5.46 -16.58 -29.90
C GLN B 268 -6.77 -16.20 -29.23
N ILE B 269 -7.89 -16.78 -29.69
CA ILE B 269 -9.20 -16.36 -29.20
C ILE B 269 -10.09 -17.44 -28.58
N GLY B 270 -9.62 -18.68 -28.52
CA GLY B 270 -10.37 -19.76 -27.89
C GLY B 270 -11.43 -20.40 -28.76
N ARG B 271 -12.18 -21.36 -28.19
CA ARG B 271 -13.18 -22.12 -28.94
C ARG B 271 -14.60 -21.93 -28.39
N LYS B 272 -14.79 -20.88 -27.60
CA LYS B 272 -16.12 -20.45 -27.20
C LYS B 272 -16.36 -19.03 -27.75
N VAL B 273 -15.34 -18.52 -28.46
CA VAL B 273 -15.46 -17.34 -29.30
C VAL B 273 -15.20 -17.77 -30.76
N THR B 274 -15.88 -17.15 -31.73
CA THR B 274 -15.66 -17.46 -33.15
C THR B 274 -14.94 -16.31 -33.88
N PRO B 275 -14.01 -16.65 -34.78
CA PRO B 275 -13.19 -15.58 -35.37
C PRO B 275 -13.97 -14.56 -36.19
N ALA B 276 -15.18 -14.90 -36.61
CA ALA B 276 -15.92 -13.95 -37.44
C ALA B 276 -16.32 -12.69 -36.68
N GLU B 277 -16.43 -12.79 -35.36
CA GLU B 277 -16.78 -11.62 -34.55
C GLU B 277 -15.64 -10.59 -34.37
N LEU B 278 -14.55 -10.76 -35.11
CA LEU B 278 -13.42 -9.82 -35.02
C LEU B 278 -13.35 -8.83 -36.19
N GLY B 279 -14.20 -9.03 -37.19
CA GLY B 279 -14.14 -8.23 -38.40
C GLY B 279 -13.13 -8.83 -39.38
N GLU B 280 -13.20 -8.39 -40.63
CA GLU B 280 -12.39 -8.90 -41.75
C GLU B 280 -10.96 -9.35 -41.40
N LEU B 281 -9.99 -8.46 -41.64
CA LEU B 281 -8.59 -8.52 -41.12
C LEU B 281 -7.40 -8.51 -42.10
N PRO B 282 -6.52 -7.52 -41.91
CA PRO B 282 -5.25 -7.30 -42.61
C PRO B 282 -4.36 -8.55 -42.59
N ASP B 283 -3.50 -8.71 -43.58
CA ASP B 283 -2.71 -9.94 -43.64
C ASP B 283 -1.50 -9.93 -42.71
N ASN B 284 -1.38 -8.89 -41.90
CA ASN B 284 -0.39 -8.91 -40.82
C ASN B 284 -1.00 -9.40 -39.50
N VAL B 285 -2.07 -10.19 -39.60
CA VAL B 285 -2.73 -10.79 -38.43
C VAL B 285 -3.26 -12.20 -38.72
N GLU B 286 -3.08 -13.13 -37.78
CA GLU B 286 -3.65 -14.49 -37.85
C GLU B 286 -4.46 -14.79 -36.57
N VAL B 287 -5.23 -15.89 -36.57
CA VAL B 287 -6.12 -16.25 -35.43
C VAL B 287 -6.22 -17.78 -35.14
N HIS B 288 -6.33 -18.17 -33.86
CA HIS B 288 -6.45 -19.58 -33.48
C HIS B 288 -7.42 -19.94 -32.33
N ASP B 289 -7.95 -21.16 -32.43
CA ASP B 289 -8.64 -21.87 -31.36
C ASP B 289 -7.75 -22.08 -30.14
N TRP B 290 -6.51 -22.51 -30.41
CA TRP B 290 -5.49 -22.88 -29.44
C TRP B 290 -4.17 -22.61 -30.14
N VAL B 291 -3.10 -22.40 -29.40
CA VAL B 291 -1.77 -22.31 -30.00
C VAL B 291 -0.73 -23.07 -29.17
N PRO B 292 0.39 -23.48 -29.80
CA PRO B 292 1.53 -23.92 -29.00
C PRO B 292 2.24 -22.67 -28.47
N GLN B 293 1.75 -22.18 -27.33
CA GLN B 293 2.14 -20.85 -26.84
C GLN B 293 3.62 -20.72 -26.48
N LEU B 294 4.21 -21.74 -25.87
CA LEU B 294 5.62 -21.60 -25.49
C LEU B 294 6.51 -21.54 -26.72
N ALA B 295 6.23 -22.39 -27.70
CA ALA B 295 6.99 -22.41 -28.94
C ALA B 295 6.85 -21.07 -29.67
N ILE B 296 5.69 -20.43 -29.52
CA ILE B 296 5.48 -19.10 -30.08
C ILE B 296 6.16 -18.02 -29.23
N LEU B 297 6.06 -18.15 -27.91
CA LEU B 297 6.70 -17.17 -27.02
C LEU B 297 8.21 -17.17 -27.17
N ARG B 298 8.78 -18.34 -27.44
CA ARG B 298 10.22 -18.44 -27.69
C ARG B 298 10.62 -17.64 -28.92
N GLN B 299 9.64 -17.23 -29.71
CA GLN B 299 9.90 -16.46 -30.92
C GLN B 299 9.07 -15.18 -30.95
N ALA B 300 8.72 -14.67 -29.76
CA ALA B 300 7.91 -13.47 -29.67
C ALA B 300 8.72 -12.25 -29.28
N ASP B 301 8.14 -11.06 -29.46
CA ASP B 301 8.77 -9.83 -29.02
C ASP B 301 7.90 -9.14 -27.98
N LEU B 302 6.66 -9.61 -27.85
CA LEU B 302 5.70 -9.01 -26.94
C LEU B 302 4.56 -10.01 -26.66
N PHE B 303 4.07 -10.00 -25.43
CA PHE B 303 3.05 -10.95 -25.01
C PHE B 303 1.95 -10.18 -24.28
N VAL B 304 0.80 -10.06 -24.93
CA VAL B 304 -0.40 -9.54 -24.27
C VAL B 304 -1.09 -10.72 -23.60
N THR B 305 -1.06 -10.75 -22.27
CA THR B 305 -1.44 -11.94 -21.51
C THR B 305 -2.48 -11.63 -20.45
N HIS B 306 -3.31 -12.60 -20.10
CA HIS B 306 -4.25 -12.40 -18.99
C HIS B 306 -3.53 -12.58 -17.66
N ALA B 307 -2.24 -12.89 -17.74
CA ALA B 307 -1.42 -13.20 -16.58
C ALA B 307 -1.99 -14.31 -15.70
N GLY B 308 -2.42 -15.40 -16.34
CA GLY B 308 -2.55 -16.65 -15.61
C GLY B 308 -1.15 -17.04 -15.16
N ALA B 309 -1.03 -17.92 -14.19
CA ALA B 309 0.29 -18.27 -13.67
C ALA B 309 1.18 -18.91 -14.74
N GLY B 310 0.57 -19.71 -15.62
CA GLY B 310 1.30 -20.37 -16.68
C GLY B 310 1.88 -19.37 -17.65
N GLY B 311 1.01 -18.50 -18.18
CA GLY B 311 1.43 -17.44 -19.08
C GLY B 311 2.47 -16.54 -18.45
N SER B 312 2.29 -16.22 -17.16
CA SER B 312 3.21 -15.35 -16.45
C SER B 312 4.62 -15.92 -16.46
N GLN B 313 4.77 -17.18 -16.06
CA GLN B 313 6.10 -17.76 -15.99
C GLN B 313 6.65 -18.06 -17.39
N GLU B 314 5.78 -18.38 -18.34
CA GLU B 314 6.21 -18.57 -19.72
C GLU B 314 6.76 -17.30 -20.36
N GLY B 315 6.12 -16.16 -20.06
CA GLY B 315 6.59 -14.89 -20.56
C GLY B 315 7.96 -14.55 -19.98
N LEU B 316 8.08 -14.79 -18.67
CA LEU B 316 9.36 -14.59 -17.99
C LEU B 316 10.46 -15.49 -18.55
N ALA B 317 10.12 -16.76 -18.76
CA ALA B 317 11.10 -17.76 -19.17
C ALA B 317 11.72 -17.40 -20.52
N THR B 318 10.90 -16.83 -21.38
CA THR B 318 11.32 -16.48 -22.72
C THR B 318 11.78 -15.02 -22.84
N ALA B 319 11.87 -14.32 -21.70
CA ALA B 319 12.31 -12.93 -21.68
C ALA B 319 11.44 -12.04 -22.58
N THR B 320 10.13 -12.26 -22.52
CA THR B 320 9.21 -11.51 -23.38
C THR B 320 8.44 -10.48 -22.57
N PRO B 321 8.52 -9.20 -22.97
CA PRO B 321 7.78 -8.17 -22.23
C PRO B 321 6.29 -8.48 -22.26
N MET B 322 5.56 -8.09 -21.22
CA MET B 322 4.16 -8.48 -21.11
C MET B 322 3.18 -7.35 -20.87
N ILE B 323 1.96 -7.56 -21.36
CA ILE B 323 0.80 -6.75 -20.98
C ILE B 323 -0.15 -7.71 -20.28
N ALA B 324 -0.43 -7.45 -19.00
CA ALA B 324 -1.19 -8.38 -18.15
C ALA B 324 -2.61 -7.91 -17.81
N VAL B 325 -3.58 -8.82 -17.91
CA VAL B 325 -5.00 -8.50 -17.71
C VAL B 325 -5.74 -9.42 -16.73
N PRO B 326 -5.35 -9.38 -15.45
CA PRO B 326 -5.85 -10.29 -14.40
C PRO B 326 -7.35 -10.27 -14.22
N GLN B 327 -7.95 -11.44 -14.05
CA GLN B 327 -9.41 -11.55 -13.95
C GLN B 327 -9.90 -11.79 -12.53
N ALA B 328 -9.68 -13.00 -12.00
CA ALA B 328 -10.09 -13.35 -10.65
C ALA B 328 -8.96 -13.99 -9.85
N VAL B 329 -9.34 -14.85 -8.91
CA VAL B 329 -8.43 -15.73 -8.16
C VAL B 329 -6.95 -15.30 -8.05
N ASP B 330 -6.06 -16.19 -8.47
CA ASP B 330 -4.62 -15.98 -8.43
C ASP B 330 -4.12 -14.90 -9.40
N GLN B 331 -4.99 -14.45 -10.29
CA GLN B 331 -4.54 -13.61 -11.41
C GLN B 331 -4.02 -12.20 -11.07
N PHE B 332 -4.24 -11.72 -9.84
CA PHE B 332 -3.81 -10.37 -9.46
C PHE B 332 -2.58 -10.32 -8.58
N GLY B 333 -2.20 -11.45 -8.01
CA GLY B 333 -0.88 -11.52 -7.42
C GLY B 333 0.05 -11.29 -8.59
N ASN B 334 0.27 -12.35 -9.36
CA ASN B 334 1.22 -12.35 -10.47
C ASN B 334 1.14 -11.17 -11.46
N ALA B 335 -0.05 -10.64 -11.70
CA ALA B 335 -0.18 -9.47 -12.58
C ALA B 335 0.55 -8.27 -11.98
N ASP B 336 0.33 -8.03 -10.70
CA ASP B 336 1.05 -6.97 -10.00
C ASP B 336 2.51 -7.38 -9.85
N MET B 337 2.77 -8.67 -9.71
CA MET B 337 4.16 -9.14 -9.62
C MET B 337 4.91 -8.76 -10.89
N LEU B 338 4.27 -9.00 -12.04
CA LEU B 338 4.94 -8.73 -13.31
C LEU B 338 5.25 -7.25 -13.51
N GLN B 339 4.28 -6.38 -13.24
CA GLN B 339 4.51 -4.96 -13.40
C GLN B 339 5.54 -4.47 -12.37
N GLY B 340 5.43 -4.99 -11.15
CA GLY B 340 6.39 -4.63 -10.11
C GLY B 340 7.82 -5.03 -10.42
N LEU B 341 7.98 -6.09 -11.20
CA LEU B 341 9.31 -6.52 -11.61
C LEU B 341 9.86 -5.59 -12.67
N GLY B 342 9.00 -4.75 -13.24
CA GLY B 342 9.40 -3.78 -14.24
C GLY B 342 9.55 -4.40 -15.62
N VAL B 343 8.82 -5.48 -15.86
CA VAL B 343 8.91 -6.15 -17.16
C VAL B 343 7.56 -6.19 -17.89
N ALA B 344 6.57 -5.50 -17.32
CA ALA B 344 5.21 -5.57 -17.84
C ALA B 344 4.40 -4.34 -17.46
N ARG B 345 3.29 -4.15 -18.17
CA ARG B 345 2.32 -3.13 -17.79
C ARG B 345 0.97 -3.79 -17.67
N LYS B 346 0.31 -3.56 -16.53
CA LYS B 346 -0.99 -4.14 -16.22
C LYS B 346 -2.07 -3.11 -16.52
N LEU B 347 -3.26 -3.56 -16.90
CA LEU B 347 -4.34 -2.63 -17.24
C LEU B 347 -5.72 -3.07 -16.75
N ALA B 348 -6.75 -2.47 -17.35
CA ALA B 348 -8.09 -2.99 -17.24
C ALA B 348 -8.57 -3.29 -18.65
N THR B 349 -9.30 -4.40 -18.82
CA THR B 349 -9.85 -4.71 -20.14
C THR B 349 -10.71 -3.58 -20.70
N GLU B 350 -11.56 -2.99 -19.87
CA GLU B 350 -12.43 -1.91 -20.35
C GLU B 350 -11.72 -0.55 -20.44
N GLU B 351 -10.43 -0.51 -20.12
CA GLU B 351 -9.62 0.66 -20.36
C GLU B 351 -8.56 0.38 -21.42
N ALA B 352 -8.53 -0.86 -21.88
CA ALA B 352 -7.53 -1.32 -22.84
C ALA B 352 -7.91 -1.01 -24.29
N THR B 353 -7.81 0.26 -24.66
CA THR B 353 -8.16 0.72 -26.02
C THR B 353 -7.13 0.33 -27.08
N ALA B 354 -7.55 0.28 -28.35
CA ALA B 354 -6.64 0.04 -29.48
C ALA B 354 -5.59 1.13 -29.60
N ASP B 355 -5.68 2.11 -28.72
CA ASP B 355 -4.65 3.12 -28.65
C ASP B 355 -3.71 2.76 -27.52
N LEU B 356 -4.30 2.53 -26.35
CA LEU B 356 -3.52 2.24 -25.14
C LEU B 356 -2.84 0.87 -25.27
N LEU B 357 -3.50 -0.08 -25.92
CA LEU B 357 -2.85 -1.36 -26.19
C LEU B 357 -1.67 -1.14 -27.13
N ARG B 358 -1.79 -0.19 -28.06
CA ARG B 358 -0.69 0.08 -29.00
C ARG B 358 0.41 0.91 -28.33
N GLU B 359 0.00 1.92 -27.57
CA GLU B 359 0.95 2.77 -26.87
C GLU B 359 1.75 1.95 -25.87
N THR B 360 1.03 1.31 -24.95
CA THR B 360 1.65 0.47 -23.92
C THR B 360 2.62 -0.52 -24.54
N ALA B 361 2.23 -1.07 -25.71
CA ALA B 361 3.04 -2.05 -26.42
C ALA B 361 4.27 -1.47 -27.06
N LEU B 362 4.16 -0.25 -27.56
CA LEU B 362 5.23 0.35 -28.37
C LEU B 362 6.49 0.64 -27.56
N ALA B 363 6.32 0.83 -26.27
CA ALA B 363 7.45 1.24 -25.42
C ALA B 363 8.15 0.03 -24.83
N LEU B 364 7.37 -0.92 -24.36
CA LEU B 364 7.91 -2.15 -23.78
C LEU B 364 8.86 -2.84 -24.76
N VAL B 365 8.46 -2.89 -26.01
CA VAL B 365 9.09 -3.83 -26.94
C VAL B 365 10.55 -3.54 -27.25
N ASP B 366 11.04 -2.36 -26.84
CA ASP B 366 12.46 -2.05 -27.02
C ASP B 366 13.15 -1.44 -25.79
N ASP B 367 12.39 -1.19 -24.72
CA ASP B 367 12.93 -0.63 -23.47
C ASP B 367 14.07 -1.51 -23.00
N PRO B 368 15.31 -1.01 -23.09
CA PRO B 368 16.48 -1.88 -22.90
C PRO B 368 16.55 -2.42 -21.48
N GLU B 369 16.01 -1.67 -20.53
CA GLU B 369 16.01 -2.11 -19.14
C GLU B 369 14.93 -3.12 -18.81
N VAL B 370 13.76 -3.00 -19.44
CA VAL B 370 12.81 -4.10 -19.45
C VAL B 370 13.56 -5.33 -19.98
N ALA B 371 14.35 -5.12 -21.04
CA ALA B 371 15.10 -6.22 -21.62
C ALA B 371 16.19 -6.75 -20.70
N ARG B 372 16.97 -5.88 -20.08
CA ARG B 372 17.97 -6.36 -19.12
C ARG B 372 17.29 -7.10 -17.99
N ARG B 373 16.19 -6.54 -17.50
CA ARG B 373 15.46 -7.16 -16.40
C ARG B 373 14.95 -8.55 -16.78
N LEU B 374 14.42 -8.68 -18.00
CA LEU B 374 13.90 -9.94 -18.47
C LEU B 374 15.01 -10.99 -18.72
N ARG B 375 16.15 -10.54 -19.25
CA ARG B 375 17.25 -11.49 -19.47
C ARG B 375 17.72 -12.07 -18.14
N ARG B 376 17.78 -11.23 -17.11
CA ARG B 376 18.26 -11.71 -15.82
C ARG B 376 17.31 -12.72 -15.15
N ILE B 377 16.01 -12.48 -15.26
CA ILE B 377 15.02 -13.44 -14.75
C ILE B 377 15.07 -14.73 -15.55
N GLN B 378 15.19 -14.59 -16.87
CA GLN B 378 15.25 -15.75 -17.75
C GLN B 378 16.38 -16.70 -17.38
N ALA B 379 17.54 -16.13 -17.10
CA ALA B 379 18.69 -16.91 -16.66
C ALA B 379 18.42 -17.65 -15.35
N GLU B 380 17.85 -16.93 -14.39
CA GLU B 380 17.43 -17.54 -13.11
C GLU B 380 16.59 -18.81 -13.36
N MET B 381 15.55 -18.67 -14.18
CA MET B 381 14.55 -19.73 -14.37
C MET B 381 15.02 -21.02 -15.06
N ALA B 382 16.09 -20.97 -15.84
CA ALA B 382 16.64 -22.21 -16.40
C ALA B 382 17.41 -22.93 -15.30
N GLN B 383 18.10 -22.15 -14.49
CA GLN B 383 18.88 -22.69 -13.38
C GLN B 383 17.99 -23.33 -12.32
N GLU B 384 16.71 -22.96 -12.34
CA GLU B 384 15.75 -23.53 -11.40
C GLU B 384 15.47 -25.01 -11.71
N GLY B 385 15.78 -25.43 -12.93
CA GLY B 385 15.78 -26.83 -13.29
C GLY B 385 14.42 -27.49 -13.41
N GLY B 386 13.46 -26.96 -12.67
CA GLY B 386 12.09 -27.45 -12.71
C GLY B 386 11.97 -28.93 -12.43
N THR B 387 11.29 -29.62 -13.34
CA THR B 387 11.01 -31.04 -13.23
C THR B 387 12.23 -31.85 -12.83
N ARG B 388 13.30 -31.72 -13.62
CA ARG B 388 14.57 -32.39 -13.36
C ARG B 388 15.05 -32.20 -11.93
N ARG B 389 15.27 -30.93 -11.60
CA ARG B 389 15.93 -30.60 -10.35
C ARG B 389 15.01 -30.90 -9.16
N ALA B 390 13.70 -30.71 -9.33
CA ALA B 390 12.79 -31.02 -8.25
C ALA B 390 12.94 -32.50 -7.90
N ALA B 391 12.98 -33.35 -8.92
CA ALA B 391 13.20 -34.77 -8.67
C ALA B 391 14.56 -35.04 -8.01
N ASP B 392 15.63 -34.40 -8.50
CA ASP B 392 16.94 -34.54 -7.88
C ASP B 392 16.88 -34.15 -6.40
N LEU B 393 16.21 -33.05 -6.13
CA LEU B 393 16.16 -32.50 -4.79
C LEU B 393 15.33 -33.38 -3.87
N ILE B 394 14.27 -33.97 -4.43
CA ILE B 394 13.47 -34.94 -3.69
C ILE B 394 14.33 -36.17 -3.34
N GLU B 395 15.01 -36.71 -4.34
CA GLU B 395 15.88 -37.86 -4.10
C GLU B 395 16.90 -37.58 -3.00
N ALA B 396 17.46 -36.39 -3.01
CA ALA B 396 18.53 -36.01 -2.09
C ALA B 396 18.06 -35.89 -0.64
N GLU B 397 16.76 -36.07 -0.43
CA GLU B 397 16.21 -36.06 0.92
C GLU B 397 15.97 -37.49 1.42
N LEU B 398 15.90 -38.44 0.49
CA LEU B 398 15.73 -39.86 0.85
C LEU B 398 16.81 -40.31 1.84
N PRO B 399 16.40 -41.00 2.91
CA PRO B 399 17.37 -41.64 3.81
C PRO B 399 18.24 -42.66 3.07
C10 ERY C . 6.11 11.47 4.69
C11 ERY C . 7.01 12.69 4.58
C12 ERY C . 6.60 13.69 3.49
C13 ERY C . 7.38 14.97 3.72
O2 ERY C . 6.75 15.66 4.78
C2 ERY C . 6.74 16.54 7.06
C3 ERY C . 6.81 15.66 8.32
C4 ERY C . 5.67 14.69 8.29
C5 ERY C . 5.84 13.54 9.31
C6 ERY C . 6.27 12.27 8.56
C7 ERY C . 5.09 11.73 7.75
C8 ERY C . 5.47 10.40 7.02
C9 ERY C . 6.46 10.61 5.91
O11 ERY C . 7.55 10.04 5.95
C1 ERY C . 7.53 15.84 5.96
O1 ERY C . 8.74 15.95 5.90
O3 ERY C . 6.68 16.43 9.51
O7 ERY C . 4.62 13.31 9.99
C34 ERY C . 6.20 10.56 3.47
C33 ERY C . 4.23 9.76 6.45
C35 ERY C . 5.12 13.96 3.58
O12 ERY C . 8.36 12.29 4.36
O13 ERY C . 6.87 13.22 2.21
C36 ERY C . 7.34 15.91 2.52
C30 ERY C . 7.28 17.93 7.14
C32 ERY C . 6.77 11.23 9.53
O10 ERY C . 7.31 12.61 7.70
C22 ERY C . 4.63 13.55 11.41
C23 ERY C . 3.21 13.54 12.00
C24 ERY C . 3.29 13.69 13.51
C25 ERY C . 4.21 12.62 14.06
C26 ERY C . 5.59 12.70 13.38
O9 ERY C . 5.41 12.58 12.01
N1 ERY C . 1.96 13.64 14.10
C27 ERY C . 6.47 11.58 13.86
O8 ERY C . 2.47 14.63 11.50
C28 ERY C . 2.08 13.66 15.58
C14 ERY C . 7.91 16.83 10.14
C15 ERY C . 7.55 17.85 11.23
C16 ERY C . 7.18 17.21 12.57
C17 ERY C . 8.22 16.21 12.93
C18 ERY C . 8.24 15.16 11.85
O4 ERY C . 8.63 15.74 10.60
O5 ERY C . 5.90 16.53 12.50
O6 ERY C . 7.85 15.57 14.15
C20 ERY C . 4.78 17.35 12.15
C29 ERY C . 1.21 12.49 13.69
C21 ERY C . 9.22 14.09 12.22
C37 ERY C . 8.16 17.19 2.85
C31 ERY C . 4.37 15.50 8.57
C19 ERY C . 7.12 18.29 13.61
N1 UDP D . -6.84 28.54 19.82
C2 UDP D . -7.92 29.38 20.05
N3 UDP D . -8.03 29.99 21.29
C4 UDP D . -7.10 29.77 22.29
C5 UDP D . -6.03 28.93 22.03
C6 UDP D . -5.91 28.34 20.79
O2 UDP D . -8.78 29.62 19.22
O4 UDP D . -7.22 30.33 23.38
C1' UDP D . -6.64 27.84 18.53
C2' UDP D . -5.75 28.65 17.61
O2' UDP D . -6.45 29.68 16.95
C3' UDP D . -5.20 27.59 16.69
C4' UDP D . -5.04 26.40 17.62
O4' UDP D . -5.89 26.65 18.72
O3' UDP D . -6.15 27.26 15.71
C5' UDP D . -3.59 26.23 18.06
O5' UDP D . -2.83 25.69 16.99
PA UDP D . -1.22 25.81 16.95
O1A UDP D . -0.69 25.09 15.76
O2A UDP D . -0.85 27.24 16.90
O3A UDP D . -0.71 25.12 18.31
PB UDP D . -0.84 23.52 18.49
O1B UDP D . -1.48 23.20 19.79
O2B UDP D . 0.48 22.85 18.34
O3B UDP D . -1.74 23.03 17.43
C10 ERY E . -2.45 -22.68 4.06
C11 ERY E . -1.74 -21.40 3.69
C12 ERY E . -0.22 -21.49 3.49
C13 ERY E . 0.18 -20.13 2.90
O2 ERY E . -0.18 -20.09 1.52
C2 ERY E . -1.69 -19.17 -0.31
C3 ERY E . -3.18 -19.28 -0.57
C4 ERY E . -3.59 -20.73 -0.49
C5 ERY E . -5.08 -20.98 -0.15
C6 ERY E . -5.18 -21.23 1.35
C7 ERY E . -4.70 -22.65 1.67
C8 ERY E . -4.92 -23.03 3.14
C9 ERY E . -3.92 -22.31 4.05
O11 ERY E . -4.31 -21.41 4.78
C1 ERY E . -1.41 -19.40 1.18
O1 ERY E . -2.03 -18.79 2.01
O3 ERY E . -3.43 -18.81 -1.90
O7 ERY E . -5.52 -22.18 -0.83
C34 ERY E . -2.07 -23.18 5.45
C33 ERY E . -4.75 -24.51 3.30
C35 ERY E . 0.17 -22.61 2.54
O12 ERY E . -2.02 -20.37 4.64
O13 ERY E . 0.45 -21.68 4.69
C36 ERY E . 1.68 -19.92 2.99
C30 ERY E . -1.13 -17.83 -0.64
C32 ERY E . -6.58 -21.08 1.84
O10 ERY E . -4.37 -20.29 2.03
C22 ERY E . -6.74 -22.11 -1.58
C23 ERY E . -6.91 -23.32 -2.54
C24 ERY E . -8.18 -23.05 -3.32
C25 ERY E . -9.33 -22.92 -2.33
C26 ERY E . -8.99 -21.70 -1.44
O9 ERY E . -7.84 -22.01 -0.74
N1 ERY E . -8.42 -23.99 -4.42
C27 ERY E . -10.07 -21.26 -0.47
O8 ERY E . -5.85 -23.39 -3.45
C28 ERY E . -8.24 -25.41 -4.02
C14 ERY E . -4.23 -17.64 -2.01
C15 ERY E . -4.56 -17.50 -3.52
C16 ERY E . -5.91 -18.09 -3.95
C17 ERY E . -6.88 -17.48 -3.00
C18 ERY E . -6.61 -18.14 -1.69
O4 ERY E . -5.35 -17.70 -1.18
O5 ERY E . -5.93 -19.52 -3.74
O6 ERY E . -8.19 -17.79 -3.43
C20 ERY E . -5.40 -20.32 -4.80
C29 ERY E . -9.72 -23.79 -5.00
C21 ERY E . -7.71 -17.80 -0.72
C37 ERY E . 2.05 -18.69 2.12
C31 ERY E . -3.25 -21.41 -1.83
C19 ERY E . -6.20 -17.74 -5.38
N1 UDP F . -1.89 -22.38 -23.91
C2 UDP F . -1.25 -22.63 -25.12
N3 UDP F . -1.83 -22.21 -26.29
C4 UDP F . -3.04 -21.54 -26.28
C5 UDP F . -3.68 -21.30 -25.07
C6 UDP F . -3.11 -21.74 -23.88
O2 UDP F . -0.16 -23.23 -25.16
O4 UDP F . -3.54 -21.18 -27.34
C1' UDP F . -1.30 -22.84 -22.64
C2' UDP F . -0.42 -21.76 -22.04
O2' UDP F . 0.88 -21.84 -22.57
C3' UDP F . -0.42 -22.18 -20.58
C4' UDP F . -1.82 -22.76 -20.38
O4' UDP F . -2.31 -23.07 -21.67
O3' UDP F . 0.52 -23.20 -20.43
C5' UDP F . -2.71 -21.79 -19.61
O5' UDP F . -2.34 -21.85 -18.25
PA UDP F . -2.26 -20.53 -17.31
O1A UDP F . -1.88 -20.89 -15.93
O2A UDP F . -1.43 -19.47 -17.89
O3A UDP F . -3.76 -19.96 -17.29
PB UDP F . -4.87 -20.65 -16.36
O1B UDP F . -6.12 -20.11 -16.93
O2B UDP F . -4.70 -20.22 -14.94
O3B UDP F . -4.80 -22.12 -16.46
MG MG G . 12.65 -10.09 -28.22
N ALA A 8 -20.52 12.64 -7.36
CA ALA A 8 -19.33 11.79 -7.53
C ALA A 8 -19.14 10.80 -6.39
N HIS A 9 -18.32 9.79 -6.64
CA HIS A 9 -17.80 8.96 -5.57
C HIS A 9 -16.39 9.45 -5.32
N ILE A 10 -16.26 10.36 -4.36
CA ILE A 10 -14.95 10.84 -3.92
C ILE A 10 -14.66 10.15 -2.61
N ALA A 11 -13.56 9.40 -2.53
CA ALA A 11 -13.23 8.66 -1.31
C ALA A 11 -12.03 9.28 -0.61
N MET A 12 -12.22 9.76 0.61
CA MET A 12 -11.12 10.37 1.38
C MET A 12 -10.48 9.34 2.32
N PHE A 13 -9.18 9.46 2.55
CA PHE A 13 -8.45 8.55 3.43
C PHE A 13 -7.59 9.35 4.39
N SER A 14 -7.62 9.01 5.66
CA SER A 14 -6.63 9.52 6.60
C SER A 14 -6.42 8.60 7.80
N ILE A 15 -5.66 9.08 8.77
CA ILE A 15 -5.40 8.36 10.01
C ILE A 15 -6.08 9.09 11.17
N ALA A 16 -6.09 8.46 12.34
CA ALA A 16 -6.75 9.04 13.51
C ALA A 16 -5.82 10.00 14.23
N ALA A 17 -5.43 11.07 13.57
CA ALA A 17 -4.60 12.09 14.21
C ALA A 17 -5.24 13.42 13.91
N HIS A 18 -5.41 14.25 14.94
CA HIS A 18 -6.09 15.53 14.75
C HIS A 18 -5.42 16.34 13.65
N GLY A 19 -4.10 16.36 13.64
CA GLY A 19 -3.35 17.14 12.68
C GLY A 19 -3.44 16.66 11.25
N HIS A 20 -4.01 15.47 11.04
CA HIS A 20 -4.17 14.94 9.69
C HIS A 20 -5.63 14.76 9.26
N VAL A 21 -6.56 15.27 10.07
CA VAL A 21 -7.98 15.21 9.71
C VAL A 21 -8.63 16.58 9.79
N ASN A 22 -8.42 17.25 10.92
CA ASN A 22 -9.02 18.57 11.10
C ASN A 22 -8.69 19.61 10.00
N PRO A 23 -7.45 19.61 9.47
CA PRO A 23 -7.16 20.58 8.42
C PRO A 23 -8.03 20.46 7.17
N SER A 24 -8.56 19.27 6.90
CA SER A 24 -9.37 19.07 5.70
C SER A 24 -10.85 18.83 5.95
N LEU A 25 -11.30 18.97 7.20
CA LEU A 25 -12.71 18.72 7.50
C LEU A 25 -13.65 19.61 6.67
N GLU A 26 -13.38 20.91 6.66
CA GLU A 26 -14.28 21.82 5.95
C GLU A 26 -14.30 21.59 4.44
N VAL A 27 -13.21 21.05 3.90
CA VAL A 27 -13.15 20.74 2.48
C VAL A 27 -14.11 19.59 2.16
N ILE A 28 -14.11 18.59 3.04
CA ILE A 28 -14.96 17.42 2.86
C ILE A 28 -16.42 17.86 2.82
N ARG A 29 -16.82 18.68 3.80
CA ARG A 29 -18.17 19.24 3.85
C ARG A 29 -18.53 20.00 2.57
N GLU A 30 -17.58 20.79 2.08
CA GLU A 30 -17.77 21.54 0.85
C GLU A 30 -17.92 20.60 -0.34
N LEU A 31 -17.61 19.32 -0.15
CA LEU A 31 -17.98 18.28 -1.09
C LEU A 31 -19.23 17.50 -0.60
N VAL A 32 -19.50 17.52 0.70
CA VAL A 32 -20.69 16.83 1.25
C VAL A 32 -21.93 17.68 1.07
N ALA A 33 -21.86 18.91 1.56
CA ALA A 33 -22.98 19.81 1.46
C ALA A 33 -23.22 20.12 0.00
N ARG A 34 -22.16 20.02 -0.81
CA ARG A 34 -22.21 20.34 -2.24
C ARG A 34 -23.18 19.48 -3.02
N GLY A 35 -22.78 18.27 -3.35
CA GLY A 35 -23.62 17.34 -4.09
C GLY A 35 -22.96 16.02 -4.45
N HIS A 36 -21.83 15.75 -3.81
CA HIS A 36 -21.09 14.51 -4.05
C HIS A 36 -21.44 13.47 -3.02
N ARG A 37 -21.24 12.20 -3.38
CA ARG A 37 -21.23 11.15 -2.36
C ARG A 37 -19.78 11.00 -1.93
N VAL A 38 -19.43 11.62 -0.82
CA VAL A 38 -18.08 11.57 -0.32
C VAL A 38 -17.98 10.39 0.62
N THR A 39 -16.93 9.59 0.46
CA THR A 39 -16.65 8.54 1.43
C THR A 39 -15.34 8.86 2.13
N TYR A 40 -15.13 8.33 3.33
CA TYR A 40 -13.97 8.72 4.12
C TYR A 40 -13.48 7.55 4.99
N ALA A 41 -12.38 6.95 4.56
CA ALA A 41 -11.75 5.86 5.30
C ALA A 41 -11.08 6.40 6.56
N ILE A 42 -11.46 5.87 7.70
CA ILE A 42 -10.99 6.46 8.95
C ILE A 42 -11.05 5.42 10.07
N PRO A 43 -10.11 5.48 11.01
CA PRO A 43 -10.25 4.57 12.15
C PRO A 43 -11.48 4.95 12.97
N PRO A 44 -12.18 3.96 13.54
CA PRO A 44 -13.49 4.19 14.18
C PRO A 44 -13.52 5.32 15.21
N VAL A 45 -12.38 5.67 15.81
CA VAL A 45 -12.38 6.74 16.79
C VAL A 45 -12.78 8.08 16.15
N PHE A 46 -12.51 8.23 14.86
CA PHE A 46 -12.80 9.48 14.18
C PHE A 46 -14.04 9.34 13.30
N ALA A 47 -14.73 8.20 13.39
CA ALA A 47 -16.00 8.02 12.71
C ALA A 47 -16.87 9.23 12.97
N ASP A 48 -17.33 9.40 14.20
CA ASP A 48 -18.20 10.52 14.57
C ASP A 48 -17.58 11.85 14.17
N LYS A 49 -16.27 12.00 14.36
CA LYS A 49 -15.56 13.18 13.89
C LYS A 49 -15.79 13.36 12.39
N VAL A 50 -15.56 12.30 11.61
CA VAL A 50 -15.89 12.40 10.20
C VAL A 50 -17.37 12.07 9.91
N ALA A 51 -18.10 11.55 10.89
CA ALA A 51 -19.52 11.24 10.66
C ALA A 51 -20.35 12.45 11.03
N ALA A 52 -19.76 13.32 11.85
CA ALA A 52 -20.38 14.61 12.12
C ALA A 52 -20.19 15.49 10.90
N THR A 53 -19.33 15.06 9.99
CA THR A 53 -19.13 15.81 8.76
C THR A 53 -20.29 15.60 7.79
N GLY A 54 -20.92 14.43 7.86
CA GLY A 54 -21.93 14.06 6.87
C GLY A 54 -21.42 12.91 6.05
N ALA A 55 -20.11 12.86 5.84
CA ALA A 55 -19.49 11.76 5.10
C ALA A 55 -19.65 10.48 5.89
N ARG A 56 -20.02 9.39 5.21
CA ARG A 56 -20.11 8.09 5.87
C ARG A 56 -18.72 7.50 6.03
N PRO A 57 -18.37 7.12 7.25
CA PRO A 57 -17.07 6.47 7.49
C PRO A 57 -16.99 5.08 6.88
N VAL A 58 -15.88 4.83 6.19
CA VAL A 58 -15.52 3.49 5.74
C VAL A 58 -14.45 3.01 6.71
N LEU A 59 -14.85 2.32 7.77
CA LEU A 59 -13.99 2.08 8.92
C LEU A 59 -12.84 1.10 8.69
N TYR A 60 -11.75 1.29 9.45
CA TYR A 60 -10.59 0.40 9.43
C TYR A 60 -9.74 0.48 10.72
N HIS A 61 -9.06 -0.59 11.03
CA HIS A 61 -8.27 -0.68 12.25
C HIS A 61 -6.84 -0.15 12.03
N SER A 62 -6.27 0.51 13.04
CA SER A 62 -4.98 1.22 12.90
C SER A 62 -3.95 0.89 13.99
N THR A 63 -2.71 0.63 13.55
CA THR A 63 -1.63 0.27 14.47
C THR A 63 -0.82 1.48 14.95
N LEU A 64 -1.14 2.66 14.43
CA LEU A 64 -0.53 3.90 14.88
C LEU A 64 -1.11 4.31 16.24
N PRO A 65 -0.42 5.23 16.95
CA PRO A 65 -0.99 5.77 18.21
C PRO A 65 -2.32 6.49 17.97
N GLY A 66 -2.95 6.97 19.04
CA GLY A 66 -4.24 7.62 18.92
C GLY A 66 -4.15 9.12 18.75
N PRO A 67 -5.29 9.76 18.44
CA PRO A 67 -5.36 11.21 18.25
C PRO A 67 -5.05 11.97 19.52
N ASP A 68 -4.91 11.23 20.61
CA ASP A 68 -4.81 11.82 21.92
C ASP A 68 -3.50 11.47 22.62
N ALA A 69 -2.83 10.45 22.12
CA ALA A 69 -1.59 9.97 22.73
C ALA A 69 -0.49 11.02 22.66
N ASP A 70 0.51 10.87 23.54
CA ASP A 70 1.66 11.76 23.58
C ASP A 70 2.35 11.85 22.22
N PRO A 71 2.93 13.03 21.90
CA PRO A 71 3.68 13.18 20.64
C PRO A 71 4.78 12.14 20.54
N GLU A 72 5.33 11.73 21.68
CA GLU A 72 6.47 10.81 21.68
C GLU A 72 6.04 9.37 21.44
N ALA A 73 4.73 9.13 21.42
CA ALA A 73 4.21 7.82 21.03
C ALA A 73 4.51 7.58 19.57
N TRP A 74 4.89 8.65 18.87
CA TRP A 74 5.18 8.61 17.43
C TRP A 74 6.67 8.47 17.13
N GLY A 75 7.49 8.36 18.18
CA GLY A 75 8.92 8.19 18.01
C GLY A 75 9.72 9.49 18.01
N SER A 76 11.02 9.37 18.24
CA SER A 76 11.91 10.53 18.22
C SER A 76 13.22 10.24 17.47
N THR A 77 13.18 9.29 16.54
CA THR A 77 14.29 9.10 15.60
C THR A 77 13.71 8.97 14.19
N LEU A 78 14.55 9.18 13.19
CA LEU A 78 14.09 9.11 11.80
C LEU A 78 13.35 7.80 11.52
N LEU A 79 13.97 6.68 11.82
CA LEU A 79 13.34 5.40 11.54
C LEU A 79 12.11 5.11 12.42
N ASP A 80 12.15 5.52 13.68
CA ASP A 80 10.98 5.30 14.54
C ASP A 80 9.82 6.19 14.10
N ASN A 81 10.15 7.29 13.42
CA ASN A 81 9.11 8.16 12.87
C ASN A 81 8.46 7.56 11.62
N VAL A 82 9.27 7.16 10.66
CA VAL A 82 8.70 6.74 9.37
C VAL A 82 8.22 5.28 9.33
N GLU A 83 8.89 4.39 10.05
CA GLU A 83 8.50 2.98 10.04
C GLU A 83 7.03 2.67 10.35
N PRO A 84 6.46 3.32 11.37
CA PRO A 84 5.07 2.99 11.69
C PRO A 84 4.09 3.25 10.55
N PHE A 85 4.40 4.19 9.66
CA PHE A 85 3.48 4.48 8.57
C PHE A 85 3.47 3.37 7.54
N LEU A 86 4.63 2.74 7.34
CA LEU A 86 4.72 1.62 6.42
C LEU A 86 4.06 0.38 7.04
N ASN A 87 4.40 0.08 8.28
CA ASN A 87 3.77 -1.08 8.92
C ASN A 87 2.25 -0.92 9.07
N ASP A 88 1.78 0.30 9.33
CA ASP A 88 0.33 0.52 9.36
C ASP A 88 -0.29 0.25 7.99
N ALA A 89 0.37 0.74 6.96
CA ALA A 89 -0.11 0.58 5.58
C ALA A 89 -0.24 -0.88 5.20
N ILE A 90 0.72 -1.68 5.63
CA ILE A 90 0.72 -3.11 5.31
C ILE A 90 -0.56 -3.81 5.77
N GLN A 91 -1.00 -3.52 6.99
CA GLN A 91 -2.23 -4.16 7.47
C GLN A 91 -3.48 -3.43 6.97
N ALA A 92 -3.41 -2.10 6.88
CA ALA A 92 -4.57 -1.32 6.46
C ALA A 92 -5.02 -1.61 5.03
N LEU A 93 -4.06 -1.79 4.14
CA LEU A 93 -4.37 -1.90 2.72
C LEU A 93 -5.42 -2.99 2.42
N PRO A 94 -5.17 -4.25 2.83
CA PRO A 94 -6.21 -5.24 2.53
C PRO A 94 -7.48 -5.12 3.37
N GLN A 95 -7.53 -4.18 4.33
CA GLN A 95 -8.81 -3.88 4.96
C GLN A 95 -9.58 -2.93 4.05
N LEU A 96 -8.87 -2.00 3.43
CA LEU A 96 -9.53 -0.99 2.60
C LEU A 96 -9.87 -1.50 1.21
N ALA A 97 -9.00 -2.34 0.65
CA ALA A 97 -9.27 -2.96 -0.64
C ALA A 97 -10.59 -3.72 -0.56
N ASP A 98 -10.75 -4.47 0.53
CA ASP A 98 -11.96 -5.25 0.74
C ASP A 98 -13.20 -4.39 0.93
N ALA A 99 -13.04 -3.22 1.57
CA ALA A 99 -14.18 -2.38 1.87
C ALA A 99 -14.77 -1.80 0.60
N TYR A 100 -13.91 -1.32 -0.29
CA TYR A 100 -14.31 -0.50 -1.42
C TYR A 100 -14.53 -1.31 -2.69
N ALA A 101 -14.20 -2.60 -2.63
CA ALA A 101 -14.18 -3.44 -3.82
C ALA A 101 -15.54 -3.53 -4.55
N ASP A 102 -16.59 -2.98 -3.96
CA ASP A 102 -17.86 -2.96 -4.66
C ASP A 102 -18.41 -1.57 -4.89
N ASP A 103 -17.49 -0.62 -5.08
CA ASP A 103 -17.81 0.79 -5.24
C ASP A 103 -16.50 1.51 -5.52
N ILE A 104 -15.78 1.09 -6.55
CA ILE A 104 -14.53 1.72 -6.93
C ILE A 104 -14.77 3.22 -7.18
N PRO A 105 -13.97 4.09 -6.55
CA PRO A 105 -14.32 5.51 -6.67
C PRO A 105 -13.85 6.11 -7.97
N ASP A 106 -14.33 7.31 -8.27
CA ASP A 106 -13.82 8.07 -9.40
C ASP A 106 -12.72 8.98 -8.93
N LEU A 107 -12.56 9.08 -7.62
CA LEU A 107 -11.47 9.85 -7.01
C LEU A 107 -11.18 9.49 -5.57
N VAL A 108 -9.88 9.36 -5.27
CA VAL A 108 -9.39 9.17 -3.94
C VAL A 108 -8.72 10.46 -3.44
N LEU A 109 -9.18 10.96 -2.31
CA LEU A 109 -8.53 12.08 -1.64
C LEU A 109 -7.73 11.47 -0.52
N HIS A 110 -6.57 12.03 -0.19
CA HIS A 110 -5.87 11.47 0.97
C HIS A 110 -4.92 12.42 1.63
N ASP A 111 -4.88 12.33 2.95
CA ASP A 111 -3.82 12.96 3.71
C ASP A 111 -2.50 12.27 3.37
N ILE A 112 -1.40 13.01 3.51
CA ILE A 112 -0.08 12.49 3.18
C ILE A 112 0.31 11.20 3.89
N THR A 113 -0.30 10.93 5.04
CA THR A 113 0.13 9.77 5.85
C THR A 113 -0.42 8.44 5.33
N SER A 114 -1.40 8.48 4.44
CA SER A 114 -2.06 7.26 4.02
C SER A 114 -1.41 6.62 2.79
N TYR A 115 -0.49 5.70 3.00
CA TYR A 115 0.07 4.94 1.88
C TYR A 115 -0.97 4.08 1.15
N PRO A 116 -1.92 3.46 1.88
CA PRO A 116 -2.88 2.65 1.12
C PRO A 116 -3.69 3.43 0.08
N ALA A 117 -4.03 4.68 0.37
CA ALA A 117 -4.76 5.48 -0.62
C ALA A 117 -3.98 5.61 -1.93
N ARG A 118 -2.67 5.77 -1.82
CA ARG A 118 -1.81 5.88 -2.99
C ARG A 118 -1.87 4.58 -3.79
N VAL A 119 -1.73 3.47 -3.08
CA VAL A 119 -1.72 2.17 -3.72
C VAL A 119 -3.09 1.89 -4.34
N LEU A 120 -4.16 2.15 -3.59
CA LEU A 120 -5.51 1.87 -4.09
C LEU A 120 -5.91 2.72 -5.29
N ALA A 121 -5.58 4.01 -5.26
CA ALA A 121 -5.92 4.89 -6.38
C ALA A 121 -5.36 4.35 -7.71
N ARG A 122 -4.14 3.85 -7.65
CA ARG A 122 -3.42 3.38 -8.83
C ARG A 122 -3.89 2.04 -9.32
N ARG A 123 -4.04 1.11 -8.39
CA ARG A 123 -4.60 -0.19 -8.72
C ARG A 123 -5.98 0.02 -9.35
N TRP A 124 -6.73 0.99 -8.82
CA TRP A 124 -8.06 1.29 -9.34
C TRP A 124 -8.02 2.06 -10.67
N GLY A 125 -6.90 2.71 -10.94
CA GLY A 125 -6.75 3.52 -12.13
C GLY A 125 -7.55 4.81 -12.07
N VAL A 126 -7.61 5.42 -10.89
CA VAL A 126 -8.34 6.67 -10.71
C VAL A 126 -7.40 7.75 -10.22
N PRO A 127 -7.82 9.03 -10.29
CA PRO A 127 -6.89 10.04 -9.81
C PRO A 127 -6.82 10.07 -8.28
N ALA A 128 -5.66 10.46 -7.77
CA ALA A 128 -5.50 10.69 -6.34
C ALA A 128 -5.19 12.16 -6.16
N VAL A 129 -5.75 12.78 -5.13
CA VAL A 129 -5.32 14.11 -4.74
C VAL A 129 -4.79 14.04 -3.32
N SER A 130 -3.51 14.39 -3.16
CA SER A 130 -2.87 14.41 -1.85
C SER A 130 -3.16 15.74 -1.18
N LEU A 131 -3.52 15.72 0.10
CA LEU A 131 -3.82 16.93 0.85
C LEU A 131 -2.80 17.05 1.98
N SER A 132 -1.93 18.05 1.88
CA SER A 132 -0.84 18.21 2.84
C SER A 132 -1.11 19.33 3.82
N PRO A 133 -1.08 19.01 5.12
CA PRO A 133 -1.34 20.01 6.16
C PRO A 133 -0.04 20.67 6.62
N ASN A 134 1.03 20.44 5.88
CA ASN A 134 2.32 21.04 6.19
C ASN A 134 3.08 21.30 4.90
N LEU A 135 4.32 21.78 5.03
CA LEU A 135 5.13 22.09 3.85
C LEU A 135 5.35 20.85 2.98
N VAL A 136 5.68 21.09 1.72
CA VAL A 136 5.92 20.01 0.76
C VAL A 136 7.32 20.10 0.18
N ALA A 137 7.70 19.08 -0.59
CA ALA A 137 8.99 19.10 -1.25
C ALA A 137 9.03 20.17 -2.33
N TRP A 138 10.16 20.86 -2.43
CA TRP A 138 10.43 21.75 -3.55
C TRP A 138 11.28 20.99 -4.55
N LYS A 139 11.40 21.49 -5.77
CA LYS A 139 12.29 20.85 -6.72
C LYS A 139 13.73 21.09 -6.27
N GLY A 140 14.46 20.01 -6.03
CA GLY A 140 15.77 20.09 -5.42
C GLY A 140 15.81 19.40 -4.07
N TYR A 141 14.65 19.24 -3.44
CA TYR A 141 14.54 18.67 -2.09
C TYR A 141 15.25 17.32 -1.94
N GLU A 142 15.20 16.51 -2.99
CA GLU A 142 15.73 15.15 -2.90
C GLU A 142 17.22 15.14 -2.58
N GLU A 143 17.97 16.00 -3.28
CA GLU A 143 19.41 16.10 -3.05
C GLU A 143 19.74 17.03 -1.89
N GLU A 144 18.88 18.02 -1.65
CA GLU A 144 19.18 19.06 -0.67
C GLU A 144 18.88 18.67 0.77
N VAL A 145 17.84 17.86 0.98
CA VAL A 145 17.41 17.51 2.34
C VAL A 145 17.27 16.01 2.57
N ALA A 146 16.58 15.30 1.67
CA ALA A 146 16.24 13.90 1.94
C ALA A 146 17.45 12.94 1.95
N GLU A 147 18.18 12.92 0.84
CA GLU A 147 19.32 12.02 0.70
C GLU A 147 20.40 12.28 1.76
N PRO A 148 20.76 13.55 2.01
CA PRO A 148 21.68 13.76 3.13
C PRO A 148 21.07 13.46 4.51
N MET A 149 19.74 13.50 4.64
CA MET A 149 19.08 13.13 5.89
C MET A 149 19.11 11.62 6.05
N TRP A 150 19.03 10.92 4.92
CA TRP A 150 18.95 9.46 4.94
C TRP A 150 20.31 8.78 4.80
N ARG A 151 21.33 9.54 4.43
CA ARG A 151 22.58 8.95 3.93
C ARG A 151 23.17 7.90 4.85
N GLU A 152 23.63 8.31 6.02
CA GLU A 152 24.18 7.33 6.96
C GLU A 152 23.11 6.33 7.48
N PRO A 153 21.88 6.79 7.78
CA PRO A 153 20.84 5.80 8.08
C PRO A 153 20.53 4.79 6.97
N ARG A 154 20.65 5.17 5.69
CA ARG A 154 20.48 4.23 4.58
C ARG A 154 21.73 3.43 4.26
N GLN A 155 22.52 3.16 5.28
CA GLN A 155 23.63 2.24 5.14
C GLN A 155 23.55 1.25 6.29
N THR A 156 22.67 1.53 7.25
CA THR A 156 22.55 0.67 8.43
C THR A 156 21.62 -0.51 8.23
N GLU A 157 21.84 -1.57 9.02
CA GLU A 157 21.04 -2.78 8.92
C GLU A 157 19.53 -2.49 9.06
N ARG A 158 19.16 -1.69 10.04
CA ARG A 158 17.74 -1.34 10.18
C ARG A 158 17.26 -0.51 9.00
N GLY A 159 18.10 0.44 8.55
CA GLY A 159 17.75 1.32 7.45
C GLY A 159 17.66 0.62 6.10
N ARG A 160 18.70 -0.12 5.72
CA ARG A 160 18.68 -0.87 4.46
C ARG A 160 17.49 -1.83 4.40
N ALA A 161 17.19 -2.47 5.53
CA ALA A 161 16.11 -3.43 5.59
C ALA A 161 14.74 -2.75 5.48
N TYR A 162 14.60 -1.58 6.08
CA TYR A 162 13.36 -0.82 5.98
C TYR A 162 13.07 -0.46 4.52
N TYR A 163 14.07 0.08 3.84
CA TYR A 163 13.89 0.43 2.43
C TYR A 163 13.68 -0.79 1.55
N ALA A 164 14.38 -1.89 1.85
CA ALA A 164 14.15 -3.14 1.15
C ALA A 164 12.70 -3.62 1.28
N ARG A 165 12.16 -3.57 2.50
CA ARG A 165 10.78 -3.99 2.77
C ARG A 165 9.80 -3.12 2.02
N PHE A 166 10.07 -1.82 2.01
CA PHE A 166 9.19 -0.83 1.43
C PHE A 166 9.13 -1.11 -0.07
N GLU A 167 10.30 -1.21 -0.72
CA GLU A 167 10.34 -1.47 -2.16
C GLU A 167 9.62 -2.78 -2.50
N ALA A 168 9.83 -3.80 -1.67
CA ALA A 168 9.23 -5.11 -1.95
C ALA A 168 7.71 -5.06 -1.85
N TRP A 169 7.21 -4.29 -0.88
CA TRP A 169 5.78 -4.12 -0.71
C TRP A 169 5.16 -3.40 -1.91
N LEU A 170 5.83 -2.33 -2.35
CA LEU A 170 5.37 -1.61 -3.53
C LEU A 170 5.35 -2.53 -4.76
N LYS A 171 6.41 -3.30 -4.94
CA LYS A 171 6.52 -4.14 -6.12
C LYS A 171 5.50 -5.30 -6.09
N GLU A 172 5.18 -5.77 -4.91
CA GLU A 172 4.12 -6.75 -4.77
C GLU A 172 2.81 -6.17 -5.26
N ASN A 173 2.70 -4.85 -5.15
CA ASN A 173 1.51 -4.14 -5.58
C ASN A 173 1.63 -3.47 -6.95
N GLY A 174 2.62 -3.88 -7.73
CA GLY A 174 2.76 -3.42 -9.10
C GLY A 174 3.38 -2.04 -9.27
N ILE A 175 3.98 -1.54 -8.21
CA ILE A 175 4.49 -0.18 -8.19
C ILE A 175 6.01 -0.19 -8.26
N THR A 176 6.54 0.43 -9.32
CA THR A 176 7.98 0.41 -9.56
C THR A 176 8.68 1.69 -9.12
N GLU A 177 7.93 2.70 -8.72
CA GLU A 177 8.61 3.92 -8.25
C GLU A 177 9.38 3.63 -6.96
N HIS A 178 10.46 4.37 -6.75
CA HIS A 178 11.22 4.30 -5.51
C HIS A 178 10.32 4.70 -4.34
N PRO A 179 10.48 4.06 -3.17
CA PRO A 179 9.65 4.42 -2.02
C PRO A 179 9.66 5.92 -1.72
N ASP A 180 10.77 6.60 -1.91
CA ASP A 180 10.83 8.04 -1.65
C ASP A 180 9.94 8.85 -2.60
N THR A 181 9.90 8.45 -3.87
CA THR A 181 9.03 9.14 -4.80
C THR A 181 7.58 8.80 -4.47
N PHE A 182 7.32 7.54 -4.14
CA PHE A 182 5.99 7.09 -3.77
C PHE A 182 5.48 7.86 -2.58
N ALA A 183 6.36 8.03 -1.58
CA ALA A 183 5.97 8.65 -0.32
C ALA A 183 5.98 10.18 -0.35
N SER A 184 7.01 10.76 -0.95
CA SER A 184 7.26 12.19 -0.78
C SER A 184 6.92 13.03 -1.99
N HIS A 185 6.56 12.37 -3.10
CA HIS A 185 6.36 13.09 -4.35
C HIS A 185 5.07 12.74 -5.07
N PRO A 186 3.95 13.28 -4.59
CA PRO A 186 2.63 13.01 -5.17
C PRO A 186 2.56 13.60 -6.57
N PRO A 187 1.79 12.95 -7.47
CA PRO A 187 1.61 13.54 -8.79
C PRO A 187 0.75 14.81 -8.75
N ARG A 188 -0.12 14.91 -7.73
CA ARG A 188 -0.99 16.08 -7.55
C ARG A 188 -1.25 16.32 -6.07
N SER A 189 -1.09 17.57 -5.62
CA SER A 189 -1.22 17.89 -4.21
C SER A 189 -1.82 19.27 -3.99
N LEU A 190 -2.71 19.38 -3.00
CA LEU A 190 -3.18 20.67 -2.52
C LEU A 190 -2.60 20.89 -1.13
N VAL A 191 -2.01 22.06 -0.91
CA VAL A 191 -1.28 22.32 0.31
C VAL A 191 -2.07 23.27 1.20
N LEU A 192 -2.35 22.82 2.42
CA LEU A 192 -3.25 23.55 3.31
C LEU A 192 -2.52 24.49 4.29
N ILE A 193 -1.39 25.02 3.86
CA ILE A 193 -0.77 26.13 4.59
C ILE A 193 -0.57 27.25 3.58
N PRO A 194 -0.43 28.50 4.06
CA PRO A 194 -0.11 29.55 3.11
C PRO A 194 1.30 29.37 2.55
N LYS A 195 1.53 29.76 1.31
CA LYS A 195 2.84 29.55 0.71
C LYS A 195 3.92 30.39 1.40
N ALA A 196 3.47 31.43 2.11
CA ALA A 196 4.36 32.25 2.92
C ALA A 196 5.10 31.45 3.99
N LEU A 197 4.55 30.29 4.34
CA LEU A 197 5.17 29.43 5.35
C LEU A 197 5.81 28.17 4.76
N GLN A 198 6.05 28.19 3.45
CA GLN A 198 6.69 27.08 2.76
C GLN A 198 8.13 27.45 2.45
N PRO A 199 9.10 26.67 2.95
CA PRO A 199 10.50 26.94 2.61
C PRO A 199 10.75 26.79 1.11
N HIS A 200 11.61 27.63 0.55
CA HIS A 200 11.97 27.52 -0.86
C HIS A 200 10.76 27.49 -1.78
N ALA A 201 9.77 28.32 -1.43
CA ALA A 201 8.48 28.34 -2.11
C ALA A 201 8.55 28.54 -3.62
N ASP A 202 9.41 29.45 -4.08
CA ASP A 202 9.50 29.73 -5.50
C ASP A 202 9.90 28.50 -6.30
N ARG A 203 10.63 27.60 -5.64
CA ARG A 203 11.14 26.40 -6.32
C ARG A 203 10.21 25.21 -6.21
N VAL A 204 9.04 25.40 -5.61
CA VAL A 204 8.05 24.33 -5.54
C VAL A 204 7.39 24.22 -6.92
N ASP A 205 7.22 22.99 -7.38
CA ASP A 205 6.67 22.73 -8.72
C ASP A 205 5.17 23.00 -8.73
N GLU A 206 4.77 24.09 -9.38
CA GLU A 206 3.37 24.50 -9.38
C GLU A 206 2.47 23.61 -10.27
N ASP A 207 3.08 22.72 -11.05
CA ASP A 207 2.27 21.78 -11.85
C ASP A 207 1.84 20.57 -11.02
N VAL A 208 2.49 20.40 -9.87
CA VAL A 208 2.10 19.35 -8.93
C VAL A 208 1.31 19.97 -7.78
N TYR A 209 1.88 21.02 -7.20
CA TYR A 209 1.35 21.59 -5.97
C TYR A 209 0.64 22.91 -6.18
N THR A 210 -0.55 23.03 -5.59
CA THR A 210 -1.22 24.32 -5.49
C THR A 210 -1.55 24.62 -4.03
N PHE A 211 -1.14 25.79 -3.56
CA PHE A 211 -1.38 26.19 -2.19
C PHE A 211 -2.76 26.82 -2.02
N VAL A 212 -3.53 26.28 -1.08
CA VAL A 212 -4.86 26.81 -0.79
C VAL A 212 -5.01 27.31 0.64
N GLY A 213 -3.92 27.31 1.40
CA GLY A 213 -3.97 27.79 2.77
C GLY A 213 -4.88 26.95 3.65
N ALA A 214 -5.07 27.37 4.90
CA ALA A 214 -5.92 26.60 5.79
C ALA A 214 -7.37 27.02 5.62
N CYS A 215 -8.19 26.62 6.58
CA CYS A 215 -9.64 26.70 6.56
C CYS A 215 -10.18 28.08 6.92
N GLN A 216 -11.34 28.15 7.58
CA GLN A 216 -11.90 29.46 7.90
C GLN A 216 -13.20 29.57 8.71
N GLY A 217 -13.32 30.69 9.42
CA GLY A 217 -14.57 31.08 10.07
C GLY A 217 -15.21 32.24 9.35
N ASP A 218 -16.42 32.02 8.81
CA ASP A 218 -16.99 32.96 7.85
C ASP A 218 -18.49 32.76 7.59
N ARG A 219 -19.35 33.21 8.51
CA ARG A 219 -18.96 33.71 9.81
C ARG A 219 -18.95 32.51 10.76
N ALA A 220 -18.24 32.57 11.88
CA ALA A 220 -17.29 33.63 12.23
C ALA A 220 -16.14 32.98 13.00
N GLU A 221 -16.43 32.57 14.24
CA GLU A 221 -15.47 32.00 15.18
C GLU A 221 -14.53 33.06 15.79
N GLU A 222 -14.84 33.49 17.00
CA GLU A 222 -16.11 33.13 17.62
C GLU A 222 -16.86 34.34 18.13
N GLY A 223 -18.15 34.41 17.75
CA GLY A 223 -19.06 35.43 18.22
C GLY A 223 -18.53 36.84 18.10
N GLY A 224 -17.53 37.14 18.92
CA GLY A 224 -16.84 38.41 18.85
C GLY A 224 -15.87 38.54 20.01
N TRP A 225 -15.53 39.79 20.30
CA TRP A 225 -14.72 40.18 21.43
C TRP A 225 -14.57 41.69 21.34
N GLN A 226 -15.21 42.42 22.24
CA GLN A 226 -15.10 43.88 22.24
C GLN A 226 -13.72 44.31 22.71
N ARG A 227 -13.07 45.14 21.91
CA ARG A 227 -11.79 45.72 22.31
C ARG A 227 -12.06 46.92 23.22
N PRO A 228 -11.28 47.06 24.31
CA PRO A 228 -11.50 48.12 25.31
C PRO A 228 -11.44 49.53 24.72
N ALA A 229 -12.63 50.12 24.58
CA ALA A 229 -12.91 51.38 23.87
C ALA A 229 -11.73 52.16 23.27
N GLY A 230 -10.98 52.85 24.12
CA GLY A 230 -9.92 53.74 23.67
C GLY A 230 -8.53 53.16 23.83
N ALA A 231 -8.41 51.85 23.69
CA ALA A 231 -7.10 51.22 23.72
C ALA A 231 -6.44 51.42 22.36
N GLU A 232 -5.28 52.05 22.36
CA GLU A 232 -4.55 52.29 21.11
C GLU A 232 -4.06 50.99 20.48
N LYS A 233 -3.50 50.11 21.31
CA LYS A 233 -2.90 48.88 20.81
C LYS A 233 -3.28 47.68 21.68
N VAL A 234 -3.77 46.62 21.03
CA VAL A 234 -4.10 45.40 21.75
C VAL A 234 -3.07 44.32 21.40
N VAL A 235 -2.51 43.67 22.41
CA VAL A 235 -1.59 42.57 22.17
C VAL A 235 -2.17 41.29 22.75
N LEU A 236 -2.22 40.24 21.94
CA LEU A 236 -2.59 38.91 22.41
C LEU A 236 -1.32 38.10 22.61
N VAL A 237 -1.18 37.46 23.77
CA VAL A 237 -0.10 36.51 23.99
C VAL A 237 -0.72 35.11 24.09
N SER A 238 -0.16 34.16 23.36
CA SER A 238 -0.68 32.80 23.36
C SER A 238 0.41 31.82 22.92
N LEU A 239 0.74 30.86 23.75
CA LEU A 239 1.71 29.85 23.37
C LEU A 239 1.07 28.55 22.91
N GLY A 240 -0.21 28.63 22.53
CA GLY A 240 -0.87 27.44 22.04
C GLY A 240 -1.42 26.56 23.14
N SER A 241 -2.18 25.57 22.71
CA SER A 241 -2.90 24.69 23.63
C SER A 241 -2.01 23.49 23.98
N ALA A 242 -1.07 23.17 23.09
CA ALA A 242 -0.11 22.10 23.38
C ALA A 242 1.12 22.60 24.17
N PHE A 243 2.03 23.29 23.49
CA PHE A 243 3.31 23.66 24.11
C PHE A 243 3.16 24.78 25.15
N THR A 244 3.80 24.61 26.31
CA THR A 244 3.78 25.61 27.36
C THR A 244 4.85 25.35 28.42
N LYS A 245 4.54 25.71 29.68
CA LYS A 245 5.27 25.26 30.90
C LYS A 245 6.36 26.17 31.48
N GLN A 246 7.04 26.98 30.66
CA GLN A 246 8.08 27.85 31.22
C GLN A 246 7.55 29.12 31.88
N PRO A 247 7.37 29.08 33.21
CA PRO A 247 6.49 30.00 33.94
C PRO A 247 6.90 31.47 33.85
N ALA A 248 8.20 31.75 33.79
CA ALA A 248 8.70 33.12 33.85
C ALA A 248 8.35 33.96 32.64
N PHE A 249 8.14 33.30 31.50
CA PHE A 249 7.80 33.98 30.24
C PHE A 249 6.61 34.93 30.38
N TYR A 250 5.47 34.43 30.84
CA TYR A 250 4.25 35.26 30.96
C TYR A 250 4.43 36.44 31.90
N ARG A 251 5.37 36.34 32.84
CA ARG A 251 5.55 37.41 33.82
C ARG A 251 6.33 38.58 33.25
N GLU A 252 7.19 38.31 32.29
CA GLU A 252 7.89 39.37 31.59
C GLU A 252 6.93 40.00 30.58
N CYS A 253 5.97 39.21 30.10
CA CYS A 253 4.91 39.74 29.27
C CYS A 253 4.11 40.75 30.09
N VAL A 254 3.87 40.41 31.36
CA VAL A 254 3.16 41.30 32.25
C VAL A 254 3.91 42.62 32.51
N ARG A 255 5.21 42.57 32.82
CA ARG A 255 5.97 43.81 33.02
C ARG A 255 6.22 44.57 31.72
N ALA A 256 6.24 43.86 30.61
CA ALA A 256 6.42 44.51 29.32
C ALA A 256 5.24 45.42 28.99
N PHE A 257 4.04 44.89 29.19
CA PHE A 257 2.84 45.57 28.71
C PHE A 257 2.02 46.19 29.84
N GLY A 258 2.24 45.71 31.06
CA GLY A 258 1.51 46.21 32.20
C GLY A 258 1.70 47.70 32.39
N ASN A 259 0.59 48.43 32.53
CA ASN A 259 0.63 49.87 32.73
C ASN A 259 1.30 50.69 31.60
N LEU A 260 1.43 50.10 30.41
CA LEU A 260 2.03 50.78 29.26
C LEU A 260 0.99 51.61 28.52
N PRO A 261 1.22 52.94 28.40
CA PRO A 261 0.24 53.87 27.85
C PRO A 261 -0.36 53.43 26.51
N GLY A 262 -1.65 53.15 26.49
CA GLY A 262 -2.32 52.87 25.24
C GLY A 262 -2.39 51.40 24.88
N TRP A 263 -1.72 50.57 25.67
CA TRP A 263 -1.67 49.13 25.38
C TRP A 263 -2.59 48.35 26.29
N HIS A 264 -3.24 47.33 25.73
CA HIS A 264 -4.04 46.39 26.49
C HIS A 264 -3.56 44.99 26.15
N LEU A 265 -3.32 44.19 27.19
CA LEU A 265 -2.78 42.85 27.01
C LEU A 265 -3.82 41.78 27.30
N VAL A 266 -3.97 40.86 26.37
CA VAL A 266 -4.76 39.65 26.58
C VAL A 266 -3.80 38.47 26.70
N LEU A 267 -3.88 37.78 27.83
CA LEU A 267 -2.89 36.79 28.23
C LEU A 267 -3.51 35.39 28.30
N GLN A 268 -3.29 34.60 27.26
CA GLN A 268 -3.79 33.22 27.18
C GLN A 268 -2.88 32.31 28.04
N ILE A 269 -3.41 31.86 29.19
CA ILE A 269 -2.55 31.52 30.35
C ILE A 269 -2.55 30.09 30.90
N GLY A 270 -2.66 29.97 32.22
CA GLY A 270 -2.56 28.68 32.88
C GLY A 270 -3.52 28.36 34.02
N ARG A 271 -3.47 27.09 34.43
CA ARG A 271 -4.38 26.48 35.41
C ARG A 271 -5.82 27.03 35.34
N LYS A 272 -6.53 26.99 36.46
CA LYS A 272 -7.94 27.34 36.45
C LYS A 272 -8.37 28.60 37.25
N VAL A 273 -8.15 28.74 38.57
CA VAL A 273 -7.62 27.78 39.56
C VAL A 273 -6.27 27.07 39.33
N THR A 274 -5.15 27.81 39.42
CA THR A 274 -5.14 29.25 39.69
C THR A 274 -4.07 29.96 38.85
N PRO A 275 -4.35 31.21 38.46
CA PRO A 275 -3.41 32.16 37.85
C PRO A 275 -2.97 33.20 38.89
N ALA A 276 -2.49 32.74 40.03
CA ALA A 276 -1.98 33.62 41.08
C ALA A 276 -0.48 33.83 40.85
N GLU A 277 0.21 32.73 40.54
CA GLU A 277 1.58 32.79 40.08
C GLU A 277 1.63 33.81 38.95
N LEU A 278 2.65 34.65 38.93
CA LEU A 278 2.63 35.77 38.00
C LEU A 278 2.20 36.99 38.77
N GLY A 279 1.55 36.76 39.91
CA GLY A 279 1.28 37.80 40.86
C GLY A 279 0.25 38.81 40.46
N GLU A 280 0.38 40.00 41.06
CA GLU A 280 -0.55 41.09 40.92
C GLU A 280 -0.62 41.58 39.49
N LEU A 281 -1.83 41.70 38.99
CA LEU A 281 -2.05 42.09 37.61
C LEU A 281 -2.47 43.54 37.51
N PRO A 282 -1.90 44.26 36.52
CA PRO A 282 -2.30 45.63 36.21
C PRO A 282 -3.70 45.64 35.57
N ASP A 283 -4.38 46.78 35.61
CA ASP A 283 -5.76 46.88 35.13
C ASP A 283 -5.85 46.86 33.59
N ASN A 284 -4.72 46.93 32.90
CA ASN A 284 -4.72 46.89 31.42
C ASN A 284 -4.35 45.50 30.91
N VAL A 285 -4.56 44.49 31.75
CA VAL A 285 -4.25 43.10 31.41
C VAL A 285 -5.43 42.21 31.78
N GLU A 286 -5.90 41.45 30.81
CA GLU A 286 -6.88 40.41 31.10
C GLU A 286 -6.24 39.04 30.90
N VAL A 287 -6.59 38.12 31.80
CA VAL A 287 -5.96 36.83 31.86
C VAL A 287 -7.03 35.76 31.63
N HIS A 288 -6.82 34.88 30.65
CA HIS A 288 -7.83 33.88 30.26
C HIS A 288 -7.24 32.51 29.99
N ASP A 289 -7.88 31.45 30.49
CA ASP A 289 -7.45 30.10 30.13
C ASP A 289 -7.94 29.65 28.73
N TRP A 290 -8.58 30.56 27.98
CA TRP A 290 -9.07 30.28 26.62
C TRP A 290 -9.81 31.46 25.97
N VAL A 291 -9.58 31.68 24.65
CA VAL A 291 -10.18 32.80 23.92
C VAL A 291 -10.64 32.48 22.48
N PRO A 292 -11.65 33.21 21.99
CA PRO A 292 -11.84 33.21 20.53
C PRO A 292 -10.68 33.95 19.88
N GLN A 293 -9.61 33.20 19.60
CA GLN A 293 -8.34 33.78 19.17
C GLN A 293 -8.47 34.44 17.82
N LEU A 294 -9.27 33.85 16.95
CA LEU A 294 -9.44 34.39 15.62
C LEU A 294 -10.12 35.74 15.75
N ALA A 295 -11.17 35.83 16.56
CA ALA A 295 -11.87 37.08 16.78
C ALA A 295 -10.98 38.15 17.41
N ILE A 296 -10.16 37.75 18.37
CA ILE A 296 -9.22 38.67 19.01
C ILE A 296 -8.17 39.18 18.02
N LEU A 297 -7.69 38.30 17.15
CA LEU A 297 -6.66 38.70 16.20
C LEU A 297 -7.18 39.67 15.15
N ARG A 298 -8.47 39.58 14.80
CA ARG A 298 -9.04 40.57 13.88
C ARG A 298 -9.00 41.95 14.54
N GLN A 299 -8.89 41.97 15.86
CA GLN A 299 -8.96 43.21 16.63
C GLN A 299 -7.68 43.51 17.39
N ALA A 300 -6.62 42.76 17.10
CA ALA A 300 -5.34 42.94 17.78
C ALA A 300 -4.34 43.62 16.88
N ASP A 301 -3.35 44.27 17.49
CA ASP A 301 -2.33 44.98 16.75
C ASP A 301 -0.97 44.32 16.89
N LEU A 302 -0.89 43.34 17.78
CA LEU A 302 0.33 42.57 17.98
C LEU A 302 -0.01 41.19 18.51
N PHE A 303 0.73 40.19 18.05
CA PHE A 303 0.48 38.82 18.47
C PHE A 303 1.79 38.18 18.94
N VAL A 304 1.88 37.86 20.23
CA VAL A 304 3.01 37.12 20.75
C VAL A 304 2.65 35.64 20.67
N THR A 305 3.34 34.91 19.79
CA THR A 305 2.95 33.55 19.43
C THR A 305 4.13 32.57 19.57
N HIS A 306 3.82 31.31 19.81
CA HIS A 306 4.82 30.25 19.77
C HIS A 306 5.15 29.83 18.33
N ALA A 307 4.40 30.40 17.39
CA ALA A 307 4.59 30.13 15.96
C ALA A 307 4.24 28.71 15.58
N GLY A 308 3.23 28.13 16.24
CA GLY A 308 2.62 26.92 15.75
C GLY A 308 2.02 27.17 14.39
N ALA A 309 1.74 26.10 13.64
CA ALA A 309 1.16 26.27 12.31
C ALA A 309 -0.11 27.13 12.29
N GLY A 310 -1.01 26.90 13.26
CA GLY A 310 -2.26 27.62 13.29
C GLY A 310 -2.07 29.09 13.62
N GLY A 311 -1.40 29.36 14.73
CA GLY A 311 -1.11 30.73 15.13
C GLY A 311 -0.41 31.51 14.04
N SER A 312 0.56 30.88 13.39
CA SER A 312 1.33 31.54 12.33
C SER A 312 0.42 31.97 11.17
N GLN A 313 -0.40 31.04 10.68
CA GLN A 313 -1.26 31.41 9.56
C GLN A 313 -2.32 32.41 9.99
N GLU A 314 -2.75 32.31 11.25
CA GLU A 314 -3.76 33.21 11.77
C GLU A 314 -3.25 34.64 11.92
N GLY A 315 -2.02 34.77 12.39
CA GLY A 315 -1.38 36.07 12.45
C GLY A 315 -1.29 36.70 11.07
N LEU A 316 -0.88 35.90 10.08
CA LEU A 316 -0.81 36.40 8.72
C LEU A 316 -2.21 36.70 8.17
N ALA A 317 -3.16 35.79 8.43
CA ALA A 317 -4.53 35.94 7.93
C ALA A 317 -5.16 37.26 8.37
N THR A 318 -4.77 37.72 9.55
CA THR A 318 -5.34 38.93 10.15
C THR A 318 -4.42 40.14 10.06
N ALA A 319 -3.32 39.99 9.31
CA ALA A 319 -2.30 41.04 9.16
C ALA A 319 -1.83 41.59 10.51
N THR A 320 -1.51 40.68 11.42
CA THR A 320 -1.10 41.07 12.76
C THR A 320 0.37 40.80 12.92
N PRO A 321 1.19 41.86 13.09
CA PRO A 321 2.63 41.69 13.32
C PRO A 321 2.87 40.77 14.51
N MET A 322 3.96 40.00 14.47
CA MET A 322 4.15 38.97 15.48
C MET A 322 5.50 39.01 16.18
N ILE A 323 5.49 38.64 17.46
CA ILE A 323 6.71 38.28 18.17
C ILE A 323 6.65 36.77 18.31
N ALA A 324 7.57 36.07 17.65
CA ALA A 324 7.57 34.61 17.61
C ALA A 324 8.52 34.05 18.63
N VAL A 325 7.99 33.30 19.59
CA VAL A 325 8.79 32.66 20.63
C VAL A 325 8.56 31.14 20.56
N PRO A 326 9.17 30.48 19.57
CA PRO A 326 8.90 29.05 19.37
C PRO A 326 9.39 28.22 20.55
N GLN A 327 8.57 27.29 21.00
CA GLN A 327 8.88 26.55 22.22
C GLN A 327 9.23 25.10 21.93
N ALA A 328 9.79 24.83 20.75
CA ALA A 328 10.14 23.47 20.35
C ALA A 328 11.00 23.38 19.09
N VAL A 329 10.38 22.88 18.03
CA VAL A 329 11.05 22.63 16.77
C VAL A 329 10.01 22.44 15.69
N ASP A 330 8.79 22.15 16.11
CA ASP A 330 7.65 22.15 15.21
C ASP A 330 7.30 23.59 14.82
N GLN A 331 7.91 24.53 15.53
CA GLN A 331 7.61 25.95 15.39
C GLN A 331 8.86 26.71 14.97
N PHE A 332 10.00 26.04 15.05
CA PHE A 332 11.28 26.64 14.77
C PHE A 332 11.29 27.20 13.35
N GLY A 333 10.80 26.40 12.40
CA GLY A 333 10.74 26.82 11.01
C GLY A 333 9.84 28.04 10.82
N ASN A 334 8.64 27.96 11.39
CA ASN A 334 7.67 29.05 11.28
C ASN A 334 8.29 30.36 11.71
N ALA A 335 8.99 30.33 12.83
CA ALA A 335 9.57 31.54 13.39
C ALA A 335 10.60 32.17 12.44
N ASP A 336 11.53 31.37 11.96
CA ASP A 336 12.52 31.83 10.98
C ASP A 336 11.82 32.46 9.77
N MET A 337 10.77 31.79 9.29
CA MET A 337 10.11 32.25 8.08
C MET A 337 9.28 33.53 8.30
N LEU A 338 8.64 33.63 9.46
CA LEU A 338 7.88 34.83 9.78
C LEU A 338 8.79 36.05 9.83
N GLN A 339 9.94 35.90 10.48
CA GLN A 339 10.87 37.02 10.56
C GLN A 339 11.49 37.31 9.19
N GLY A 340 11.63 36.27 8.37
CA GLY A 340 12.16 36.45 7.04
C GLY A 340 11.24 37.28 6.16
N LEU A 341 9.93 37.13 6.41
CA LEU A 341 8.91 37.86 5.67
C LEU A 341 8.91 39.35 6.02
N GLY A 342 9.58 39.69 7.12
CA GLY A 342 9.65 41.07 7.56
C GLY A 342 8.41 41.48 8.33
N VAL A 343 7.74 40.52 8.94
CA VAL A 343 6.48 40.82 9.61
C VAL A 343 6.50 40.37 11.06
N ALA A 344 7.67 39.96 11.53
CA ALA A 344 7.82 39.41 12.86
C ALA A 344 9.26 39.50 13.31
N ARG A 345 9.47 39.30 14.60
CA ARG A 345 10.81 39.16 15.15
C ARG A 345 10.77 37.90 16.00
N LYS A 346 11.75 37.01 15.82
CA LYS A 346 11.81 35.79 16.63
C LYS A 346 12.74 35.98 17.81
N LEU A 347 12.21 35.88 19.02
CA LEU A 347 13.03 36.04 20.22
C LEU A 347 13.22 34.70 20.90
N ALA A 348 14.39 34.46 21.48
CA ALA A 348 14.58 33.26 22.28
C ALA A 348 13.73 33.42 23.54
N THR A 349 13.26 32.31 24.11
CA THR A 349 12.61 32.39 25.39
C THR A 349 13.68 32.71 26.42
N GLU A 350 14.80 31.99 26.40
CA GLU A 350 15.90 32.16 27.43
N GLU A 351 15.59 35.09 27.24
CA GLU A 351 15.76 36.21 26.34
C GLU A 351 14.55 37.16 26.30
N ALA A 352 13.34 36.59 26.26
CA ALA A 352 12.13 37.40 26.14
C ALA A 352 11.78 38.18 27.42
N THR A 353 12.45 39.31 27.61
CA THR A 353 12.30 40.14 28.79
C THR A 353 11.28 41.23 28.58
N ALA A 354 10.79 41.81 29.68
CA ALA A 354 9.88 42.94 29.61
C ALA A 354 10.50 44.01 28.72
N ASP A 355 11.76 44.32 29.00
CA ASP A 355 12.50 45.33 28.27
C ASP A 355 12.53 45.06 26.76
N LEU A 356 12.99 43.87 26.37
CA LEU A 356 13.11 43.52 24.97
C LEU A 356 11.75 43.28 24.30
N LEU A 357 10.83 42.64 25.03
CA LEU A 357 9.48 42.44 24.52
C LEU A 357 8.83 43.78 24.29
N ARG A 358 8.93 44.66 25.28
CA ARG A 358 8.40 46.00 25.15
C ARG A 358 9.02 46.72 23.96
N GLU A 359 10.34 46.64 23.82
CA GLU A 359 10.99 47.37 22.74
C GLU A 359 10.62 46.78 21.39
N THR A 360 10.55 45.46 21.32
CA THR A 360 10.24 44.78 20.08
C THR A 360 8.80 45.05 19.64
N ALA A 361 7.89 44.94 20.59
CA ALA A 361 6.49 45.29 20.37
C ALA A 361 6.36 46.67 19.78
N LEU A 362 7.11 47.62 20.34
CA LEU A 362 7.06 49.00 19.89
C LEU A 362 7.57 49.18 18.46
N ALA A 363 8.62 48.45 18.11
CA ALA A 363 9.16 48.55 16.76
C ALA A 363 8.16 48.01 15.76
N LEU A 364 7.54 46.89 16.11
CA LEU A 364 6.65 46.20 15.17
C LEU A 364 5.34 46.95 14.89
N VAL A 365 4.66 47.41 15.93
CA VAL A 365 3.38 48.10 15.72
C VAL A 365 3.61 49.45 15.06
N ASP A 366 4.82 49.95 15.17
CA ASP A 366 5.14 51.28 14.66
C ASP A 366 6.00 51.27 13.41
N ASP A 367 6.10 50.13 12.74
CA ASP A 367 6.81 50.12 11.48
C ASP A 367 5.92 49.93 10.25
N PRO A 368 6.00 50.88 9.30
CA PRO A 368 5.14 50.82 8.13
C PRO A 368 5.55 49.76 7.11
N GLU A 369 6.82 49.37 7.07
CA GLU A 369 7.24 48.33 6.12
C GLU A 369 6.58 47.01 6.51
N VAL A 370 6.63 46.69 7.79
CA VAL A 370 5.96 45.50 8.33
C VAL A 370 4.48 45.49 7.92
N ALA A 371 3.84 46.64 8.04
CA ALA A 371 2.43 46.76 7.66
C ALA A 371 2.20 46.44 6.18
N ARG A 372 2.93 47.10 5.29
CA ARG A 372 2.75 46.86 3.86
C ARG A 372 3.01 45.39 3.51
N ARG A 373 3.95 44.78 4.23
CA ARG A 373 4.29 43.40 3.94
C ARG A 373 3.18 42.48 4.37
N LEU A 374 2.56 42.79 5.50
CA LEU A 374 1.43 42.00 5.98
C LEU A 374 0.22 42.12 5.06
N ARG A 375 -0.02 43.33 4.55
CA ARG A 375 -1.18 43.51 3.67
C ARG A 375 -1.00 42.76 2.36
N ARG A 376 0.23 42.74 1.85
CA ARG A 376 0.47 41.99 0.62
C ARG A 376 0.32 40.49 0.86
N ILE A 377 0.71 40.03 2.05
CA ILE A 377 0.52 38.62 2.39
C ILE A 377 -0.97 38.22 2.42
N GLN A 378 -1.81 39.02 3.08
CA GLN A 378 -3.25 38.77 3.05
C GLN A 378 -3.77 38.64 1.63
N ALA A 379 -3.32 39.54 0.76
CA ALA A 379 -3.75 39.56 -0.63
C ALA A 379 -3.34 38.28 -1.33
N GLU A 380 -2.14 37.79 -1.02
CA GLU A 380 -1.67 36.56 -1.63
C GLU A 380 -2.42 35.36 -1.04
N MET A 381 -2.66 35.41 0.26
CA MET A 381 -3.47 34.38 0.91
C MET A 381 -4.89 34.39 0.36
N ALA A 382 -5.36 35.55 -0.07
CA ALA A 382 -6.66 35.63 -0.73
C ALA A 382 -6.65 34.84 -2.05
N GLN A 383 -5.56 34.95 -2.80
CA GLN A 383 -5.47 34.26 -4.09
C GLN A 383 -5.38 32.75 -3.92
N GLU A 384 -4.77 32.32 -2.83
CA GLU A 384 -4.69 30.89 -2.53
C GLU A 384 -6.09 30.34 -2.32
N GLY A 385 -7.01 31.21 -1.93
CA GLY A 385 -8.41 30.85 -1.85
C GLY A 385 -8.78 30.28 -0.50
N GLY A 386 -8.72 28.96 -0.37
CA GLY A 386 -9.13 28.28 0.84
C GLY A 386 -10.08 27.13 0.58
N THR A 387 -11.06 26.96 1.48
CA THR A 387 -11.93 25.79 1.49
C THR A 387 -12.68 25.57 0.18
N ARG A 388 -13.18 26.63 -0.43
CA ARG A 388 -13.95 26.47 -1.66
C ARG A 388 -13.07 26.54 -2.91
N ARG A 389 -11.86 27.08 -2.77
CA ARG A 389 -10.89 26.94 -3.85
C ARG A 389 -10.39 25.50 -3.91
N ALA A 390 -10.17 24.92 -2.72
CA ALA A 390 -9.80 23.52 -2.65
C ALA A 390 -10.88 22.69 -3.33
N ALA A 391 -12.14 23.00 -3.04
CA ALA A 391 -13.25 22.34 -3.71
C ALA A 391 -13.16 22.54 -5.22
N ASP A 392 -13.04 23.79 -5.66
CA ASP A 392 -12.93 24.05 -7.09
C ASP A 392 -11.77 23.26 -7.70
N LEU A 393 -10.69 23.08 -6.96
CA LEU A 393 -9.58 22.30 -7.48
C LEU A 393 -9.84 20.80 -7.38
N ILE A 394 -10.51 20.37 -6.32
CA ILE A 394 -10.86 18.96 -6.19
C ILE A 394 -11.85 18.53 -7.28
N GLU A 395 -12.84 19.38 -7.56
CA GLU A 395 -13.80 19.11 -8.64
C GLU A 395 -13.04 18.94 -9.93
N ALA A 396 -12.09 19.84 -10.15
CA ALA A 396 -11.35 19.90 -11.40
C ALA A 396 -10.57 18.62 -11.66
N GLU A 397 -10.39 17.80 -10.63
CA GLU A 397 -9.67 16.52 -10.78
C GLU A 397 -10.62 15.35 -10.99
N LEU A 398 -11.91 15.63 -11.00
CA LEU A 398 -12.97 14.63 -11.22
C LEU A 398 -13.49 14.73 -12.64
N PRO A 399 -13.27 13.68 -13.47
CA PRO A 399 -13.65 13.52 -14.89
C PRO A 399 -15.11 13.78 -15.26
N ALA A 400 -15.80 12.76 -15.78
CA ALA A 400 -17.20 12.88 -16.17
C ALA A 400 -17.97 11.58 -16.08
N THR B 6 16.98 -52.55 -2.23
CA THR B 6 15.60 -52.22 -2.57
C THR B 6 15.40 -50.73 -2.77
N PRO B 7 14.62 -50.37 -3.82
CA PRO B 7 14.24 -48.98 -4.09
C PRO B 7 13.50 -48.38 -2.90
N ALA B 8 13.90 -47.17 -2.55
CA ALA B 8 13.26 -46.40 -1.49
C ALA B 8 11.77 -46.31 -1.75
N HIS B 9 10.98 -46.14 -0.70
CA HIS B 9 9.57 -45.89 -0.91
C HIS B 9 9.18 -44.45 -0.54
N ILE B 10 8.65 -43.73 -1.51
CA ILE B 10 8.29 -42.33 -1.31
C ILE B 10 6.78 -42.17 -1.36
N ALA B 11 6.20 -41.68 -0.26
CA ALA B 11 4.75 -41.49 -0.17
C ALA B 11 4.38 -40.05 -0.45
N MET B 12 3.66 -39.84 -1.55
CA MET B 12 3.10 -38.54 -1.86
C MET B 12 1.68 -38.46 -1.31
N PHE B 13 1.33 -37.30 -0.74
CA PHE B 13 0.01 -37.06 -0.19
C PHE B 13 -0.61 -35.83 -0.85
N SER B 14 -1.86 -35.93 -1.28
CA SER B 14 -2.59 -34.74 -1.71
C SER B 14 -4.09 -34.84 -1.50
N ILE B 15 -4.81 -33.86 -2.04
CA ILE B 15 -6.27 -33.83 -2.03
C ILE B 15 -6.70 -33.89 -3.48
N ALA B 16 -8.01 -33.81 -3.73
CA ALA B 16 -8.47 -33.82 -5.11
C ALA B 16 -8.87 -32.44 -5.57
N ALA B 17 -7.85 -31.57 -5.68
CA ALA B 17 -7.90 -30.28 -6.38
C ALA B 17 -7.03 -30.28 -7.58
N HIS B 18 -7.34 -29.53 -8.63
CA HIS B 18 -6.40 -29.55 -9.74
C HIS B 18 -5.11 -28.84 -9.36
N GLY B 19 -5.26 -27.65 -8.79
CA GLY B 19 -4.13 -26.80 -8.43
C GLY B 19 -3.24 -27.39 -7.37
N HIS B 20 -3.66 -28.51 -6.79
CA HIS B 20 -2.82 -29.18 -5.81
C HIS B 20 -2.42 -30.56 -6.31
N VAL B 21 -2.89 -30.88 -7.52
CA VAL B 21 -2.50 -32.11 -8.20
C VAL B 21 -1.70 -31.82 -9.47
N ASN B 22 -2.28 -31.01 -10.37
CA ASN B 22 -1.61 -30.50 -11.59
C ASN B 22 -0.10 -30.21 -11.40
N PRO B 23 0.26 -29.40 -10.38
CA PRO B 23 1.62 -28.86 -10.34
C PRO B 23 2.76 -29.85 -10.10
N SER B 24 2.50 -30.99 -9.45
CA SER B 24 3.60 -31.89 -9.09
C SER B 24 3.49 -33.29 -9.71
N LEU B 25 2.54 -33.47 -10.62
CA LEU B 25 2.34 -34.79 -11.21
C LEU B 25 3.51 -35.17 -12.10
N GLU B 26 4.06 -34.21 -12.83
CA GLU B 26 5.24 -34.50 -13.67
C GLU B 26 6.45 -34.85 -12.83
N VAL B 27 6.47 -34.35 -11.60
CA VAL B 27 7.56 -34.68 -10.68
C VAL B 27 7.37 -36.10 -10.20
N ILE B 28 6.12 -36.48 -9.95
CA ILE B 28 5.81 -37.83 -9.49
C ILE B 28 6.14 -38.83 -10.60
N ARG B 29 5.76 -38.52 -11.83
CA ARG B 29 6.08 -39.41 -12.95
C ARG B 29 7.58 -39.54 -13.15
N GLU B 30 8.29 -38.42 -13.04
CA GLU B 30 9.73 -38.47 -13.19
C GLU B 30 10.35 -39.32 -12.07
N LEU B 31 9.75 -39.29 -10.89
CA LEU B 31 10.21 -40.17 -9.84
C LEU B 31 9.94 -41.61 -10.20
N VAL B 32 8.75 -41.90 -10.70
CA VAL B 32 8.40 -43.26 -11.08
C VAL B 32 9.20 -43.70 -12.32
N ALA B 33 9.36 -42.78 -13.28
CA ALA B 33 10.17 -43.09 -14.46
C ALA B 33 11.66 -43.29 -14.12
N ARG B 34 12.04 -42.95 -12.90
CA ARG B 34 13.39 -43.22 -12.39
C ARG B 34 13.49 -44.51 -11.57
N GLY B 35 12.36 -45.16 -11.32
CA GLY B 35 12.37 -46.45 -10.65
C GLY B 35 12.06 -46.51 -9.15
N HIS B 36 11.86 -45.35 -8.52
CA HIS B 36 11.47 -45.33 -7.12
C HIS B 36 10.10 -46.01 -7.00
N ARG B 37 9.78 -46.54 -5.83
CA ARG B 37 8.46 -47.13 -5.66
C ARG B 37 7.60 -46.10 -4.90
N VAL B 38 6.63 -45.55 -5.63
CA VAL B 38 5.89 -44.36 -5.19
C VAL B 38 4.42 -44.67 -5.02
N THR B 39 3.89 -44.38 -3.82
CA THR B 39 2.46 -44.44 -3.57
C THR B 39 1.92 -43.02 -3.47
N TYR B 40 0.62 -42.87 -3.66
CA TYR B 40 0.02 -41.53 -3.69
C TYR B 40 -1.30 -41.55 -2.94
N ALA B 41 -1.29 -40.93 -1.76
CA ALA B 41 -2.51 -40.78 -0.97
C ALA B 41 -3.39 -39.74 -1.61
N ILE B 42 -4.59 -40.15 -2.00
CA ILE B 42 -5.47 -39.34 -2.84
C ILE B 42 -6.92 -39.82 -2.73
N PRO B 43 -7.90 -38.90 -2.77
CA PRO B 43 -9.29 -39.37 -2.81
C PRO B 43 -9.55 -40.10 -4.14
N PRO B 44 -10.69 -40.83 -4.26
CA PRO B 44 -10.93 -41.66 -5.45
C PRO B 44 -11.31 -40.89 -6.72
N VAL B 45 -11.89 -39.71 -6.62
CA VAL B 45 -12.23 -39.01 -7.86
C VAL B 45 -10.95 -38.72 -8.66
N PHE B 46 -9.83 -38.59 -7.94
CA PHE B 46 -8.53 -38.39 -8.58
C PHE B 46 -7.56 -39.56 -8.39
N ALA B 47 -8.03 -40.79 -8.54
CA ALA B 47 -7.13 -41.94 -8.44
C ALA B 47 -6.48 -42.27 -9.79
N ASP B 48 -7.29 -42.35 -10.84
CA ASP B 48 -6.76 -42.66 -12.16
C ASP B 48 -6.14 -41.38 -12.74
N LYS B 49 -6.61 -40.23 -12.28
CA LYS B 49 -6.05 -38.98 -12.75
C LYS B 49 -4.59 -38.86 -12.34
N VAL B 50 -4.24 -39.40 -11.17
CA VAL B 50 -2.82 -39.47 -10.76
C VAL B 50 -2.12 -40.76 -11.23
N ALA B 51 -2.87 -41.87 -11.29
CA ALA B 51 -2.31 -43.20 -11.63
C ALA B 51 -1.57 -43.20 -12.96
N ALA B 52 -1.85 -42.19 -13.77
CA ALA B 52 -1.11 -41.92 -15.00
C ALA B 52 0.34 -41.45 -14.75
N THR B 53 0.90 -41.83 -13.61
CA THR B 53 2.33 -41.64 -13.40
C THR B 53 2.97 -42.97 -13.03
N GLY B 54 2.14 -44.00 -12.92
CA GLY B 54 2.63 -45.30 -12.49
C GLY B 54 2.72 -45.43 -10.99
N ALA B 55 2.65 -44.30 -10.27
CA ALA B 55 2.51 -44.36 -8.82
C ALA B 55 1.17 -45.02 -8.54
N ARG B 56 1.09 -45.73 -7.41
CA ARG B 56 -0.11 -46.45 -6.99
C ARG B 56 -0.96 -45.54 -6.12
N PRO B 57 -2.24 -45.37 -6.46
CA PRO B 57 -3.06 -44.52 -5.59
C PRO B 57 -3.32 -45.21 -4.26
N VAL B 58 -3.41 -44.45 -3.19
CA VAL B 58 -3.99 -44.96 -1.96
C VAL B 58 -5.13 -44.04 -1.58
N LEU B 59 -6.33 -44.62 -1.51
CA LEU B 59 -7.55 -43.82 -1.43
C LEU B 59 -7.95 -43.47 0.00
N TYR B 60 -8.47 -42.25 0.18
CA TYR B 60 -9.17 -41.83 1.41
C TYR B 60 -10.45 -41.03 1.09
N HIS B 61 -11.39 -40.96 2.04
CA HIS B 61 -12.54 -40.07 1.89
C HIS B 61 -12.17 -38.61 2.16
N SER B 62 -12.54 -37.73 1.23
CA SER B 62 -12.34 -36.29 1.41
C SER B 62 -13.68 -35.57 1.58
N THR B 63 -13.74 -34.67 2.56
CA THR B 63 -14.96 -33.91 2.81
C THR B 63 -14.88 -32.53 2.15
N LEU B 64 -13.90 -32.35 1.26
CA LEU B 64 -13.68 -31.10 0.50
C LEU B 64 -14.49 -31.08 -0.81
N PRO B 65 -14.90 -29.86 -1.26
CA PRO B 65 -15.66 -29.73 -2.51
C PRO B 65 -14.92 -30.50 -3.59
N GLY B 66 -15.65 -31.13 -4.50
CA GLY B 66 -14.98 -31.86 -5.56
C GLY B 66 -14.24 -30.92 -6.50
N PRO B 67 -13.26 -31.45 -7.23
CA PRO B 67 -12.47 -30.70 -8.22
C PRO B 67 -13.18 -29.80 -9.17
N ASP B 68 -14.41 -30.18 -9.46
CA ASP B 68 -15.24 -29.44 -10.42
C ASP B 68 -16.13 -28.37 -9.75
N ALA B 69 -16.08 -28.28 -8.43
CA ALA B 69 -17.02 -27.43 -7.68
C ALA B 69 -17.07 -25.96 -8.11
N ASP B 70 -18.23 -25.35 -7.89
CA ASP B 70 -18.45 -23.94 -8.21
C ASP B 70 -17.56 -23.06 -7.34
N PRO B 71 -17.06 -21.95 -7.91
CA PRO B 71 -16.19 -21.03 -7.19
C PRO B 71 -16.96 -20.39 -6.05
N GLU B 72 -17.77 -19.39 -6.36
CA GLU B 72 -18.67 -18.77 -5.37
C GLU B 72 -19.46 -19.78 -4.54
N ALA B 73 -18.76 -20.74 -3.95
CA ALA B 73 -19.37 -21.73 -3.07
C ALA B 73 -18.32 -22.33 -2.16
N TRP B 74 -17.89 -21.51 -1.20
CA TRP B 74 -17.03 -21.91 -0.08
C TRP B 74 -17.47 -21.10 1.15
N GLY B 75 -18.31 -20.10 0.90
CA GLY B 75 -18.36 -18.92 1.75
C GLY B 75 -17.22 -18.05 1.28
N SER B 76 -17.02 -16.87 1.87
CA SER B 76 -15.99 -16.00 1.30
C SER B 76 -14.98 -15.38 2.27
N THR B 77 -14.78 -16.00 3.43
CA THR B 77 -13.90 -15.44 4.44
C THR B 77 -12.70 -16.33 4.76
N LEU B 78 -11.80 -15.81 5.59
CA LEU B 78 -10.65 -16.58 6.07
C LEU B 78 -11.11 -17.89 6.67
N LEU B 79 -12.14 -17.84 7.50
CA LEU B 79 -12.63 -19.08 8.07
C LEU B 79 -13.38 -19.87 7.01
N ASP B 80 -14.01 -19.17 6.06
CA ASP B 80 -14.70 -19.85 4.96
C ASP B 80 -13.71 -20.55 4.02
N ASN B 81 -12.43 -20.33 4.24
CA ASN B 81 -11.37 -20.95 3.43
C ASN B 81 -10.52 -21.97 4.20
N VAL B 82 -10.02 -21.59 5.38
CA VAL B 82 -9.12 -22.51 6.09
C VAL B 82 -9.87 -23.63 6.77
N GLU B 83 -11.11 -23.37 7.15
CA GLU B 83 -11.89 -24.42 7.78
C GLU B 83 -12.06 -25.69 6.93
N PRO B 84 -12.47 -25.56 5.64
CA PRO B 84 -12.57 -26.78 4.83
C PRO B 84 -11.32 -27.66 4.88
N PHE B 85 -10.14 -27.06 4.96
CA PHE B 85 -8.91 -27.85 4.97
C PHE B 85 -8.64 -28.65 6.25
N LEU B 86 -8.76 -28.03 7.42
CA LEU B 86 -8.37 -28.68 8.68
C LEU B 86 -9.27 -29.87 9.08
N ASN B 87 -10.54 -29.78 8.76
CA ASN B 87 -11.46 -30.78 9.30
C ASN B 87 -11.58 -31.98 8.37
N ASP B 88 -11.40 -31.73 7.07
CA ASP B 88 -11.22 -32.81 6.10
C ASP B 88 -9.98 -33.57 6.50
N ALA B 89 -8.97 -32.83 6.93
CA ALA B 89 -7.76 -33.45 7.43
C ALA B 89 -8.05 -34.36 8.63
N ILE B 90 -8.77 -33.83 9.62
CA ILE B 90 -9.08 -34.57 10.85
C ILE B 90 -9.61 -35.99 10.65
N GLN B 91 -10.51 -36.18 9.69
CA GLN B 91 -11.06 -37.50 9.47
C GLN B 91 -10.20 -38.35 8.53
N ALA B 92 -9.24 -37.71 7.85
CA ALA B 92 -8.39 -38.39 6.88
C ALA B 92 -7.23 -39.10 7.56
N LEU B 93 -6.61 -38.42 8.52
CA LEU B 93 -5.43 -38.92 9.22
C LEU B 93 -5.53 -40.39 9.68
N PRO B 94 -6.59 -40.74 10.45
CA PRO B 94 -6.67 -42.16 10.82
C PRO B 94 -6.92 -43.08 9.61
N GLN B 95 -7.50 -42.57 8.52
CA GLN B 95 -7.48 -43.35 7.28
C GLN B 95 -6.24 -43.08 6.44
N LEU B 96 -5.07 -42.96 7.07
CA LEU B 96 -3.81 -42.89 6.35
C LEU B 96 -2.71 -43.69 7.06
N ALA B 97 -2.62 -43.54 8.38
CA ALA B 97 -1.68 -44.35 9.16
C ALA B 97 -2.22 -45.79 9.33
N ASP B 98 -3.40 -45.90 9.93
CA ASP B 98 -4.09 -47.17 10.09
C ASP B 98 -4.47 -47.71 8.71
N ALA B 99 -4.53 -46.83 7.71
CA ALA B 99 -4.88 -47.20 6.33
C ALA B 99 -3.95 -48.20 5.69
N TYR B 100 -2.87 -47.71 5.11
CA TYR B 100 -1.80 -48.59 4.67
C TYR B 100 -0.68 -48.60 5.68
N ALA B 101 -0.93 -49.35 6.76
CA ALA B 101 -0.09 -49.40 7.96
C ALA B 101 1.08 -50.35 7.83
N ASP B 102 0.88 -51.43 7.10
CA ASP B 102 1.93 -52.44 6.96
C ASP B 102 3.11 -51.91 6.12
N ASP B 103 2.86 -50.83 5.38
CA ASP B 103 3.81 -50.37 4.35
C ASP B 103 4.21 -48.89 4.50
N ILE B 104 5.00 -48.59 5.54
CA ILE B 104 5.49 -47.24 5.86
C ILE B 104 6.57 -46.75 4.88
N PRO B 105 6.50 -45.47 4.45
CA PRO B 105 7.43 -44.92 3.46
C PRO B 105 8.82 -44.58 3.98
N ASP B 106 9.76 -44.40 3.06
CA ASP B 106 11.08 -43.87 3.40
C ASP B 106 11.09 -42.35 3.33
N LEU B 107 10.18 -41.80 2.53
CA LEU B 107 10.07 -40.36 2.35
C LEU B 107 8.62 -39.94 2.11
N VAL B 108 8.22 -38.82 2.70
CA VAL B 108 6.87 -38.29 2.51
C VAL B 108 6.91 -37.01 1.68
N LEU B 109 6.13 -36.97 0.61
CA LEU B 109 6.03 -35.80 -0.24
C LEU B 109 4.58 -35.34 -0.20
N HIS B 110 4.34 -34.04 -0.24
CA HIS B 110 2.95 -33.58 -0.15
C HIS B 110 2.73 -32.16 -0.61
N ASP B 111 1.59 -31.92 -1.23
CA ASP B 111 1.15 -30.56 -1.52
C ASP B 111 0.79 -29.86 -0.20
N ILE B 112 0.84 -28.53 -0.20
CA ILE B 112 0.64 -27.72 1.01
C ILE B 112 -0.69 -27.95 1.72
N THR B 113 -1.68 -28.48 1.00
CA THR B 113 -3.00 -28.65 1.60
C THR B 113 -3.16 -29.87 2.51
N SER B 114 -2.22 -30.82 2.43
CA SER B 114 -2.36 -32.06 3.21
C SER B 114 -1.74 -32.03 4.61
N TYR B 115 -2.52 -31.67 5.63
CA TYR B 115 -2.03 -31.77 7.01
C TYR B 115 -1.69 -33.21 7.46
N PRO B 116 -2.42 -34.22 6.97
CA PRO B 116 -2.05 -35.57 7.42
C PRO B 116 -0.62 -35.99 7.09
N ALA B 117 -0.07 -35.46 6.01
CA ALA B 117 1.28 -35.85 5.62
C ALA B 117 2.34 -35.39 6.62
N ARG B 118 2.17 -34.18 7.17
CA ARG B 118 3.15 -33.61 8.09
C ARG B 118 3.22 -34.42 9.39
N VAL B 119 2.05 -34.76 9.92
CA VAL B 119 1.94 -35.56 11.15
C VAL B 119 2.50 -36.96 10.93
N LEU B 120 2.03 -37.59 9.86
CA LEU B 120 2.42 -38.95 9.55
C LEU B 120 3.91 -39.16 9.29
N ALA B 121 4.55 -38.22 8.58
CA ALA B 121 5.99 -38.30 8.45
C ALA B 121 6.58 -38.28 9.85
N ARG B 122 6.07 -37.38 10.69
CA ARG B 122 6.60 -37.25 12.05
C ARG B 122 6.37 -38.51 12.86
N ARG B 123 5.27 -39.21 12.57
CA ARG B 123 4.89 -40.45 13.28
C ARG B 123 5.73 -41.64 12.82
N TRP B 124 6.25 -41.53 11.60
CA TRP B 124 6.99 -42.59 10.95
C TRP B 124 8.49 -42.36 11.09
N GLY B 125 8.85 -41.16 11.50
CA GLY B 125 10.25 -40.81 11.66
C GLY B 125 10.93 -40.77 10.31
N VAL B 126 10.17 -40.45 9.27
CA VAL B 126 10.74 -40.25 7.94
C VAL B 126 10.57 -38.80 7.48
N PRO B 127 11.49 -38.31 6.65
CA PRO B 127 11.44 -36.91 6.18
C PRO B 127 10.24 -36.58 5.30
N ALA B 128 9.85 -35.31 5.33
CA ALA B 128 8.74 -34.82 4.52
C ALA B 128 9.20 -33.66 3.63
N VAL B 129 8.71 -33.65 2.38
CA VAL B 129 8.98 -32.54 1.48
C VAL B 129 7.67 -31.90 1.03
N SER B 130 7.51 -30.63 1.39
CA SER B 130 6.32 -29.88 0.98
C SER B 130 6.52 -29.33 -0.41
N LEU B 131 5.52 -29.47 -1.27
CA LEU B 131 5.57 -28.90 -2.62
C LEU B 131 4.53 -27.80 -2.76
N SER B 132 5.00 -26.57 -3.00
CA SER B 132 4.08 -25.42 -3.05
C SER B 132 3.85 -24.95 -4.46
N PRO B 133 2.58 -24.93 -4.89
CA PRO B 133 2.25 -24.46 -6.25
C PRO B 133 2.19 -22.94 -6.34
N ASN B 134 2.43 -22.27 -5.23
CA ASN B 134 2.32 -20.82 -5.19
C ASN B 134 3.33 -20.25 -4.21
N LEU B 135 3.22 -18.95 -3.93
CA LEU B 135 4.20 -18.29 -3.07
C LEU B 135 4.23 -18.91 -1.69
N VAL B 136 5.35 -18.72 -0.99
CA VAL B 136 5.53 -19.25 0.35
C VAL B 136 5.78 -18.13 1.33
N ALA B 137 5.82 -18.47 2.60
CA ALA B 137 6.02 -17.48 3.65
C ALA B 137 7.48 -17.01 3.68
N TRP B 138 7.66 -15.71 3.85
CA TRP B 138 8.99 -15.15 4.05
C TRP B 138 9.19 -14.86 5.53
N LYS B 139 10.43 -14.64 5.94
CA LYS B 139 10.71 -14.21 7.30
C LYS B 139 10.03 -12.86 7.48
N GLY B 140 9.07 -12.80 8.39
CA GLY B 140 8.27 -11.59 8.56
C GLY B 140 6.80 -11.80 8.25
N TYR B 141 6.49 -12.76 7.38
CA TYR B 141 5.11 -13.09 7.01
C TYR B 141 4.24 -13.33 8.24
N GLU B 142 4.87 -13.84 9.30
CA GLU B 142 4.23 -14.01 10.60
C GLU B 142 3.50 -12.74 11.05
N GLU B 143 4.25 -11.66 11.14
CA GLU B 143 3.71 -10.45 11.73
C GLU B 143 3.14 -9.54 10.67
N GLU B 144 3.51 -9.78 9.42
CA GLU B 144 3.17 -8.86 8.35
C GLU B 144 1.91 -9.24 7.57
N VAL B 145 1.56 -10.53 7.56
CA VAL B 145 0.45 -10.99 6.72
C VAL B 145 -0.56 -11.82 7.49
N ALA B 146 -0.09 -12.86 8.18
CA ALA B 146 -0.99 -13.79 8.85
C ALA B 146 -1.77 -13.15 9.99
N GLU B 147 -1.05 -12.57 10.96
CA GLU B 147 -1.71 -11.97 12.12
C GLU B 147 -2.69 -10.85 11.72
N PRO B 148 -2.30 -9.99 10.76
CA PRO B 148 -3.35 -9.07 10.29
C PRO B 148 -4.58 -9.78 9.73
N MET B 149 -4.39 -10.92 9.07
CA MET B 149 -5.55 -11.66 8.58
C MET B 149 -6.37 -12.26 9.72
N TRP B 150 -5.70 -12.71 10.77
CA TRP B 150 -6.43 -13.34 11.88
C TRP B 150 -6.98 -12.35 12.91
N ARG B 151 -6.72 -11.06 12.71
CA ARG B 151 -7.11 -10.01 13.68
C ARG B 151 -8.56 -10.14 14.16
N GLU B 152 -9.53 -9.97 13.27
CA GLU B 152 -10.94 -10.17 13.63
C GLU B 152 -11.33 -11.64 13.90
N PRO B 153 -10.96 -12.57 12.99
CA PRO B 153 -11.51 -13.92 13.18
C PRO B 153 -11.00 -14.69 14.41
N ARG B 154 -9.81 -14.37 14.91
CA ARG B 154 -9.30 -15.06 16.10
C ARG B 154 -10.06 -14.61 17.35
N GLN B 155 -10.82 -13.52 17.21
CA GLN B 155 -11.62 -13.04 18.33
C GLN B 155 -13.09 -13.46 18.21
N THR B 156 -13.40 -14.32 17.25
CA THR B 156 -14.75 -14.90 17.20
C THR B 156 -14.75 -16.23 17.93
N GLU B 157 -15.92 -16.71 18.36
CA GLU B 157 -15.99 -18.01 19.00
C GLU B 157 -15.68 -19.14 17.99
N ARG B 158 -16.07 -18.94 16.74
CA ARG B 158 -15.72 -19.86 15.66
C ARG B 158 -14.20 -19.97 15.54
N GLY B 159 -13.51 -18.86 15.75
CA GLY B 159 -12.06 -18.84 15.69
C GLY B 159 -11.38 -19.55 16.84
N ARG B 160 -11.85 -19.30 18.07
CA ARG B 160 -11.34 -19.98 19.25
C ARG B 160 -11.57 -21.49 19.17
N ALA B 161 -12.72 -21.87 18.64
CA ALA B 161 -13.05 -23.28 18.46
C ALA B 161 -12.18 -23.93 17.39
N TYR B 162 -11.87 -23.17 16.34
CA TYR B 162 -11.01 -23.68 15.25
C TYR B 162 -9.56 -23.83 15.67
N TYR B 163 -9.06 -22.92 16.51
CA TYR B 163 -7.68 -23.02 16.95
C TYR B 163 -7.50 -24.02 18.09
N ALA B 164 -8.46 -24.05 19.02
CA ALA B 164 -8.38 -25.04 20.09
C ALA B 164 -8.46 -26.45 19.51
N ARG B 165 -9.25 -26.60 18.44
CA ARG B 165 -9.38 -27.88 17.76
C ARG B 165 -8.04 -28.28 17.15
N PHE B 166 -7.35 -27.31 16.56
CA PHE B 166 -6.07 -27.54 15.90
C PHE B 166 -5.07 -27.93 16.98
N GLU B 167 -5.15 -27.25 18.10
CA GLU B 167 -4.41 -27.64 19.29
C GLU B 167 -4.78 -29.05 19.73
N ALA B 168 -6.03 -29.45 19.50
CA ALA B 168 -6.50 -30.78 19.86
C ALA B 168 -6.05 -31.84 18.86
N TRP B 169 -5.89 -31.43 17.60
CA TRP B 169 -5.56 -32.39 16.55
C TRP B 169 -4.09 -32.76 16.57
N LEU B 170 -3.25 -31.91 17.18
CA LEU B 170 -1.79 -32.05 17.19
C LEU B 170 -1.22 -32.58 18.50
N LYS B 171 -1.76 -32.11 19.63
CA LYS B 171 -1.24 -32.53 20.94
C LYS B 171 -1.30 -34.04 21.11
N GLU B 172 -2.36 -34.65 20.58
CA GLU B 172 -2.55 -36.08 20.74
C GLU B 172 -1.59 -36.90 19.87
N ASN B 173 -0.56 -36.26 19.34
CA ASN B 173 0.37 -36.96 18.45
C ASN B 173 1.83 -36.98 18.94
N GLY B 174 2.16 -36.06 19.84
CA GLY B 174 3.55 -35.79 20.14
C GLY B 174 3.91 -34.52 19.41
N ILE B 175 3.00 -34.05 18.59
CA ILE B 175 3.16 -32.78 17.89
C ILE B 175 2.73 -31.61 18.75
N THR B 176 3.69 -30.97 19.38
CA THR B 176 3.37 -29.88 20.27
C THR B 176 3.30 -28.59 19.48
N GLU B 177 3.91 -28.59 18.28
CA GLU B 177 4.02 -27.38 17.45
C GLU B 177 2.73 -26.61 17.29
N HIS B 178 2.86 -25.29 17.19
CA HIS B 178 1.72 -24.40 16.99
C HIS B 178 1.07 -24.62 15.64
N PRO B 179 -0.27 -24.48 15.58
CA PRO B 179 -0.98 -24.59 14.31
C PRO B 179 -0.41 -23.72 13.20
N ASP B 180 -0.08 -22.46 13.47
CA ASP B 180 0.40 -21.57 12.40
C ASP B 180 1.73 -22.06 11.82
N THR B 181 2.58 -22.56 12.70
CA THR B 181 3.88 -23.13 12.31
C THR B 181 3.67 -24.37 11.46
N PHE B 182 2.90 -25.30 12.01
CA PHE B 182 2.59 -26.57 11.39
C PHE B 182 2.00 -26.36 10.00
N ALA B 183 1.13 -25.37 9.87
CA ALA B 183 0.43 -25.16 8.60
C ALA B 183 1.26 -24.40 7.56
N SER B 184 1.91 -23.32 7.98
CA SER B 184 2.49 -22.39 7.02
C SER B 184 4.01 -22.40 6.95
N HIS B 185 4.65 -23.23 7.76
CA HIS B 185 6.11 -23.17 7.90
C HIS B 185 6.77 -24.53 7.89
N PRO B 186 6.78 -25.18 6.72
CA PRO B 186 7.37 -26.51 6.56
C PRO B 186 8.87 -26.48 6.82
N PRO B 187 9.44 -27.60 7.26
CA PRO B 187 10.89 -27.67 7.45
C PRO B 187 11.65 -27.80 6.12
N ARG B 188 10.98 -28.23 5.06
CA ARG B 188 11.62 -28.37 3.76
C ARG B 188 10.56 -28.23 2.66
N SER B 189 10.83 -27.38 1.69
CA SER B 189 9.83 -27.09 0.66
C SER B 189 10.45 -26.81 -0.69
N LEU B 190 9.84 -27.38 -1.73
CA LEU B 190 10.17 -27.00 -3.10
C LEU B 190 9.04 -26.13 -3.64
N VAL B 191 9.40 -24.99 -4.21
CA VAL B 191 8.41 -24.02 -4.66
C VAL B 191 8.31 -24.06 -6.18
N LEU B 192 7.11 -24.31 -6.68
CA LEU B 192 6.88 -24.56 -8.10
C LEU B 192 6.46 -23.29 -8.86
N ILE B 193 6.99 -22.16 -8.39
CA ILE B 193 6.89 -20.89 -9.12
C ILE B 193 8.29 -20.35 -9.25
N PRO B 194 8.54 -19.52 -10.27
CA PRO B 194 9.87 -18.91 -10.32
C PRO B 194 10.01 -17.90 -9.18
N LYS B 195 11.22 -17.79 -8.62
CA LYS B 195 11.44 -16.88 -7.50
C LYS B 195 11.06 -15.44 -7.84
N ALA B 196 11.19 -15.06 -9.11
CA ALA B 196 10.77 -13.72 -9.56
C ALA B 196 9.33 -13.39 -9.18
N LEU B 197 8.46 -14.40 -9.15
CA LEU B 197 7.05 -14.19 -8.85
C LEU B 197 6.73 -14.35 -7.37
N GLN B 198 7.76 -14.50 -6.54
CA GLN B 198 7.57 -14.58 -5.09
C GLN B 198 7.70 -13.20 -4.45
N PRO B 199 6.62 -12.73 -3.79
CA PRO B 199 6.70 -11.47 -3.05
C PRO B 199 7.75 -11.56 -1.96
N HIS B 200 8.50 -10.49 -1.72
CA HIS B 200 9.49 -10.48 -0.65
C HIS B 200 10.48 -11.63 -0.74
N ALA B 201 10.87 -11.97 -1.97
CA ALA B 201 11.69 -13.14 -2.21
C ALA B 201 13.02 -13.10 -1.47
N ASP B 202 13.54 -11.89 -1.25
CA ASP B 202 14.83 -11.75 -0.60
C ASP B 202 14.76 -12.04 0.90
N ARG B 203 13.55 -12.28 1.41
CA ARG B 203 13.39 -12.66 2.81
C ARG B 203 12.93 -14.11 2.99
N VAL B 204 12.83 -14.85 1.88
CA VAL B 204 12.50 -16.27 1.98
C VAL B 204 13.73 -17.07 2.41
N ASP B 205 13.53 -17.92 3.42
CA ASP B 205 14.60 -18.71 4.02
C ASP B 205 15.07 -19.84 3.08
N GLU B 206 16.17 -19.64 2.36
CA GLU B 206 16.57 -20.58 1.32
C GLU B 206 16.92 -21.99 1.83
N ASP B 207 17.31 -22.11 3.09
CA ASP B 207 17.61 -23.46 3.59
C ASP B 207 16.35 -24.29 3.70
N VAL B 208 15.23 -23.64 3.92
CA VAL B 208 13.97 -24.37 3.94
C VAL B 208 13.45 -24.55 2.52
N TYR B 209 13.47 -23.46 1.75
CA TYR B 209 12.77 -23.38 0.47
C TYR B 209 13.73 -23.33 -0.71
N THR B 210 13.46 -24.14 -1.72
CA THR B 210 14.17 -24.07 -3.00
C THR B 210 13.16 -23.82 -4.10
N PHE B 211 13.39 -22.79 -4.91
CA PHE B 211 12.51 -22.47 -6.01
C PHE B 211 12.92 -23.25 -7.23
N VAL B 212 12.04 -24.11 -7.73
CA VAL B 212 12.38 -24.89 -8.90
C VAL B 212 11.56 -24.47 -10.10
N GLY B 213 10.55 -23.63 -9.87
CA GLY B 213 9.71 -23.14 -10.95
C GLY B 213 8.66 -24.14 -11.38
N ALA B 214 7.97 -23.81 -12.47
CA ALA B 214 6.94 -24.68 -13.03
C ALA B 214 7.51 -26.04 -13.41
N CYS B 215 6.69 -27.07 -13.27
CA CYS B 215 7.12 -28.41 -13.59
C CYS B 215 6.25 -29.00 -14.68
N GLN B 216 6.58 -28.66 -15.93
CA GLN B 216 5.78 -29.07 -17.07
C GLN B 216 6.35 -30.28 -17.77
N GLY B 217 5.46 -31.13 -18.28
CA GLY B 217 5.86 -32.23 -19.12
C GLY B 217 6.27 -31.73 -20.49
N ASP B 218 6.84 -32.64 -21.28
CA ASP B 218 7.36 -32.31 -22.59
C ASP B 218 6.32 -31.72 -23.54
N ARG B 219 6.63 -30.54 -24.10
CA ARG B 219 5.74 -29.93 -25.08
C ARG B 219 6.29 -29.99 -26.50
N ALA B 220 7.46 -30.59 -26.66
CA ALA B 220 8.03 -30.81 -28.00
C ALA B 220 7.18 -31.83 -28.73
N GLU B 221 6.18 -31.33 -29.44
CA GLU B 221 5.13 -32.16 -30.01
C GLU B 221 3.88 -31.30 -30.16
N GLU B 222 3.87 -30.15 -29.48
CA GLU B 222 2.84 -29.15 -29.72
C GLU B 222 3.16 -28.49 -31.05
N GLY B 223 4.41 -28.67 -31.48
CA GLY B 223 4.89 -28.15 -32.74
C GLY B 223 5.71 -26.92 -32.55
N GLY B 224 6.24 -26.46 -33.66
CA GLY B 224 6.82 -25.16 -33.67
C GLY B 224 5.98 -24.12 -34.34
N TRP B 225 6.51 -22.93 -34.67
CA TRP B 225 5.68 -21.91 -35.30
C TRP B 225 6.45 -21.14 -36.37
N GLN B 226 5.74 -20.76 -37.44
CA GLN B 226 6.36 -20.06 -38.55
C GLN B 226 6.01 -18.58 -38.60
N ARG B 227 6.97 -17.78 -38.11
CA ARG B 227 6.95 -16.33 -38.21
C ARG B 227 7.11 -15.96 -39.68
N PRO B 228 6.29 -15.04 -40.20
CA PRO B 228 6.24 -14.59 -41.60
C PRO B 228 7.59 -14.34 -42.31
N ALA B 229 8.00 -13.07 -42.41
CA ALA B 229 9.30 -12.73 -43.00
C ALA B 229 9.70 -11.29 -42.71
N GLY B 230 8.76 -10.37 -42.90
CA GLY B 230 8.96 -8.97 -42.58
C GLY B 230 8.62 -8.71 -41.13
N ALA B 231 7.82 -9.61 -40.55
CA ALA B 231 7.41 -9.54 -39.16
C ALA B 231 8.58 -9.30 -38.22
N GLU B 232 9.20 -8.13 -38.32
CA GLU B 232 10.41 -7.85 -37.57
C GLU B 232 10.10 -7.33 -36.16
N LYS B 233 8.82 -7.33 -35.79
CA LYS B 233 8.39 -7.13 -34.41
C LYS B 233 6.99 -7.72 -34.26
N VAL B 234 6.83 -8.68 -33.34
CA VAL B 234 5.62 -9.50 -33.29
C VAL B 234 5.01 -9.54 -31.87
N VAL B 235 3.69 -9.75 -31.79
CA VAL B 235 2.99 -9.88 -30.51
C VAL B 235 2.08 -11.12 -30.47
N LEU B 236 2.07 -11.80 -29.33
CA LEU B 236 1.11 -12.88 -29.10
C LEU B 236 0.06 -12.42 -28.09
N VAL B 237 -1.21 -12.63 -28.41
CA VAL B 237 -2.29 -12.38 -27.45
C VAL B 237 -2.88 -13.73 -27.03
N SER B 238 -2.81 -14.03 -25.74
CA SER B 238 -3.33 -15.30 -25.23
C SER B 238 -3.90 -15.10 -23.84
N LEU B 239 -5.22 -15.18 -23.72
CA LEU B 239 -5.83 -15.02 -22.42
C LEU B 239 -6.06 -16.38 -21.78
N GLY B 240 -5.19 -17.34 -22.10
CA GLY B 240 -5.24 -18.64 -21.44
C GLY B 240 -6.17 -19.63 -22.10
N SER B 241 -6.68 -20.56 -21.30
CA SER B 241 -7.53 -21.64 -21.80
C SER B 241 -8.99 -21.51 -21.36
N ALA B 242 -9.26 -20.64 -20.40
CA ALA B 242 -10.59 -20.58 -19.82
C ALA B 242 -11.25 -19.21 -19.90
N PHE B 243 -10.54 -18.18 -19.45
CA PHE B 243 -11.10 -16.84 -19.41
C PHE B 243 -10.90 -16.15 -20.75
N THR B 244 -11.27 -16.87 -21.80
CA THR B 244 -11.07 -16.43 -23.18
C THR B 244 -12.34 -15.92 -23.83
N LYS B 245 -13.51 -16.35 -23.32
CA LYS B 245 -14.77 -15.81 -23.85
C LYS B 245 -14.81 -14.35 -23.54
N GLN B 246 -14.11 -13.57 -24.36
CA GLN B 246 -13.94 -12.14 -24.09
C GLN B 246 -13.90 -11.36 -25.40
N PRO B 247 -14.97 -11.46 -26.22
CA PRO B 247 -14.97 -10.97 -27.61
C PRO B 247 -14.49 -9.54 -27.85
N ALA B 248 -14.85 -8.61 -26.98
CA ALA B 248 -14.68 -7.19 -27.25
C ALA B 248 -13.22 -6.71 -27.33
N PHE B 249 -12.42 -7.19 -26.41
CA PHE B 249 -11.01 -6.81 -26.32
C PHE B 249 -10.22 -7.12 -27.60
N TYR B 250 -10.60 -8.18 -28.31
CA TYR B 250 -9.81 -8.61 -29.46
C TYR B 250 -9.85 -7.60 -30.62
N ARG B 251 -10.96 -6.88 -30.76
CA ARG B 251 -11.04 -5.84 -31.79
C ARG B 251 -10.07 -4.67 -31.59
N GLU B 252 -9.89 -4.18 -30.36
CA GLU B 252 -8.89 -3.13 -30.20
C GLU B 252 -7.49 -3.76 -30.32
N CYS B 253 -7.37 -5.06 -30.02
CA CYS B 253 -6.13 -5.79 -30.29
C CYS B 253 -5.80 -5.75 -31.80
N VAL B 254 -6.78 -6.04 -32.65
CA VAL B 254 -6.55 -5.94 -34.10
C VAL B 254 -6.32 -4.53 -34.64
N ARG B 255 -6.99 -3.50 -34.10
CA ARG B 255 -6.72 -2.14 -34.53
C ARG B 255 -5.35 -1.67 -34.05
N ALA B 256 -4.95 -2.14 -32.87
CA ALA B 256 -3.63 -1.82 -32.35
C ALA B 256 -2.57 -2.50 -33.22
N PHE B 257 -2.76 -3.78 -33.48
CA PHE B 257 -1.69 -4.56 -34.09
C PHE B 257 -1.81 -4.77 -35.61
N GLY B 258 -3.02 -4.91 -36.11
CA GLY B 258 -3.25 -5.00 -37.54
C GLY B 258 -2.74 -3.76 -38.26
N ASN B 259 -2.40 -3.92 -39.54
CA ASN B 259 -1.95 -2.82 -40.40
C ASN B 259 -0.78 -1.97 -39.91
N LEU B 260 -0.17 -2.33 -38.78
CA LEU B 260 0.91 -1.51 -38.20
C LEU B 260 2.20 -1.71 -38.96
N PRO B 261 2.68 -0.63 -39.63
CA PRO B 261 3.99 -0.76 -40.29
C PRO B 261 5.00 -1.23 -39.26
N GLY B 262 5.74 -2.28 -39.61
CA GLY B 262 6.69 -2.87 -38.69
C GLY B 262 6.35 -4.25 -38.14
N TRP B 263 5.06 -4.52 -37.93
CA TRP B 263 4.63 -5.57 -36.99
C TRP B 263 3.84 -6.78 -37.53
N HIS B 264 3.47 -7.67 -36.60
CA HIS B 264 2.67 -8.87 -36.89
C HIS B 264 2.07 -9.50 -35.62
N LEU B 265 0.74 -9.66 -35.63
CA LEU B 265 0.00 -10.19 -34.47
C LEU B 265 -0.48 -11.63 -34.63
N VAL B 266 -0.26 -12.44 -33.58
CA VAL B 266 -0.91 -13.74 -33.46
C VAL B 266 -1.95 -13.57 -32.37
N LEU B 267 -3.22 -13.78 -32.73
CA LEU B 267 -4.30 -13.54 -31.78
C LEU B 267 -5.03 -14.85 -31.51
N GLN B 268 -4.75 -15.43 -30.35
CA GLN B 268 -5.40 -16.64 -29.91
C GLN B 268 -6.70 -16.26 -29.20
N ILE B 269 -7.84 -16.75 -29.70
CA ILE B 269 -9.14 -16.32 -29.18
C ILE B 269 -9.94 -17.37 -28.41
N GLY B 270 -9.55 -18.63 -28.51
CA GLY B 270 -10.30 -19.67 -27.84
C GLY B 270 -11.54 -20.04 -28.63
N ARG B 271 -12.34 -20.94 -28.06
CA ARG B 271 -13.46 -21.56 -28.78
C ARG B 271 -14.76 -20.79 -28.63
N LYS B 272 -14.76 -19.77 -27.77
CA LYS B 272 -15.99 -19.06 -27.41
C LYS B 272 -16.23 -17.75 -28.18
N VAL B 273 -15.31 -17.39 -29.06
CA VAL B 273 -15.58 -16.29 -30.00
C VAL B 273 -15.20 -16.70 -31.41
N THR B 274 -15.85 -16.11 -32.41
CA THR B 274 -15.57 -16.47 -33.80
C THR B 274 -14.81 -15.39 -34.58
N PRO B 275 -14.10 -15.78 -35.65
CA PRO B 275 -13.33 -14.85 -36.51
C PRO B 275 -14.09 -13.66 -37.10
N ALA B 276 -15.28 -13.90 -37.65
CA ALA B 276 -16.03 -12.81 -38.25
C ALA B 276 -16.36 -11.78 -37.19
N GLU B 277 -16.56 -12.28 -35.97
CA GLU B 277 -16.85 -11.51 -34.77
C GLU B 277 -15.71 -10.56 -34.41
N LEU B 278 -14.62 -10.59 -35.19
CA LEU B 278 -13.45 -9.74 -34.96
C LEU B 278 -13.16 -8.77 -36.12
N GLY B 279 -14.16 -8.53 -36.96
CA GLY B 279 -13.99 -7.61 -38.07
C GLY B 279 -13.04 -8.16 -39.11
N GLU B 280 -12.65 -7.33 -40.08
CA GLU B 280 -11.89 -7.84 -41.22
C GLU B 280 -10.38 -7.94 -41.00
N LEU B 281 -9.98 -9.01 -40.31
CA LEU B 281 -8.58 -9.44 -40.15
C LEU B 281 -7.59 -9.11 -41.28
N PRO B 282 -6.59 -8.25 -40.98
CA PRO B 282 -5.53 -7.78 -41.90
C PRO B 282 -4.47 -8.83 -42.20
N ASP B 283 -3.63 -8.54 -43.19
CA ASP B 283 -2.59 -9.49 -43.63
C ASP B 283 -1.54 -9.82 -42.57
N ASN B 284 -1.49 -9.03 -41.50
CA ASN B 284 -0.52 -9.28 -40.45
C ASN B 284 -1.18 -9.71 -39.15
N VAL B 285 -2.36 -10.33 -39.28
CA VAL B 285 -3.09 -10.84 -38.12
C VAL B 285 -3.48 -12.30 -38.33
N GLU B 286 -3.43 -13.10 -37.27
CA GLU B 286 -3.84 -14.50 -37.38
C GLU B 286 -4.50 -15.04 -36.12
N VAL B 287 -5.49 -15.89 -36.33
CA VAL B 287 -6.42 -16.29 -35.28
C VAL B 287 -6.53 -17.80 -35.07
N HIS B 288 -6.50 -18.23 -33.81
CA HIS B 288 -6.57 -19.65 -33.46
C HIS B 288 -7.38 -19.91 -32.19
N ASP B 289 -8.06 -21.04 -32.17
CA ASP B 289 -8.71 -21.53 -30.95
C ASP B 289 -7.67 -22.06 -29.95
N TRP B 290 -6.46 -22.32 -30.43
CA TRP B 290 -5.39 -22.88 -29.60
C TRP B 290 -4.09 -22.70 -30.35
N VAL B 291 -3.03 -22.35 -29.64
CA VAL B 291 -1.70 -22.26 -30.24
C VAL B 291 -0.67 -23.02 -29.40
N PRO B 292 0.43 -23.45 -30.03
CA PRO B 292 1.56 -23.97 -29.24
C PRO B 292 2.24 -22.78 -28.56
N GLN B 293 1.80 -22.48 -27.35
CA GLN B 293 2.08 -21.18 -26.75
C GLN B 293 3.56 -20.96 -26.45
N LEU B 294 4.22 -21.99 -25.94
CA LEU B 294 5.63 -21.85 -25.60
C LEU B 294 6.46 -21.65 -26.87
N ALA B 295 6.14 -22.43 -27.90
CA ALA B 295 6.84 -22.35 -29.17
C ALA B 295 6.74 -20.95 -29.78
N ILE B 296 5.58 -20.32 -29.63
CA ILE B 296 5.39 -18.98 -30.15
C ILE B 296 6.13 -17.95 -29.30
N LEU B 297 6.05 -18.07 -27.98
CA LEU B 297 6.69 -17.10 -27.09
C LEU B 297 8.20 -17.08 -27.23
N ARG B 298 8.78 -18.22 -27.57
CA ARG B 298 10.21 -18.28 -27.83
C ARG B 298 10.57 -17.52 -29.10
N GLN B 299 9.56 -16.97 -29.76
CA GLN B 299 9.74 -16.31 -31.05
C GLN B 299 9.03 -14.96 -31.08
N ALA B 300 8.52 -14.55 -29.92
CA ALA B 300 7.72 -13.33 -29.83
C ALA B 300 8.50 -12.18 -29.18
N ASP B 301 8.03 -10.96 -29.43
CA ASP B 301 8.66 -9.77 -28.89
C ASP B 301 7.81 -9.14 -27.82
N LEU B 302 6.55 -9.55 -27.78
CA LEU B 302 5.58 -9.00 -26.83
C LEU B 302 4.47 -10.02 -26.59
N PHE B 303 4.03 -10.11 -25.35
CA PHE B 303 3.03 -11.08 -24.95
C PHE B 303 1.94 -10.30 -24.23
N VAL B 304 0.81 -10.08 -24.91
CA VAL B 304 -0.38 -9.52 -24.28
C VAL B 304 -1.05 -10.70 -23.58
N THR B 305 -0.95 -10.73 -22.25
CA THR B 305 -1.34 -11.90 -21.48
C THR B 305 -2.44 -11.56 -20.49
N HIS B 306 -3.18 -12.57 -20.04
CA HIS B 306 -4.16 -12.33 -18.99
C HIS B 306 -3.49 -12.57 -17.66
N ALA B 307 -2.20 -12.90 -17.72
CA ALA B 307 -1.38 -13.13 -16.54
C ALA B 307 -1.85 -14.30 -15.68
N GLY B 308 -2.33 -15.37 -16.31
CA GLY B 308 -2.46 -16.62 -15.61
C GLY B 308 -1.08 -17.04 -15.12
N ALA B 309 -1.03 -17.93 -14.14
CA ALA B 309 0.27 -18.35 -13.59
C ALA B 309 1.14 -19.04 -14.65
N GLY B 310 0.51 -19.80 -15.53
CA GLY B 310 1.22 -20.45 -16.62
C GLY B 310 1.86 -19.46 -17.58
N GLY B 311 1.03 -18.59 -18.15
CA GLY B 311 1.50 -17.58 -19.06
C GLY B 311 2.52 -16.62 -18.45
N SER B 312 2.31 -16.28 -17.18
CA SER B 312 3.22 -15.37 -16.49
C SER B 312 4.63 -15.95 -16.51
N GLN B 313 4.80 -17.17 -16.00
CA GLN B 313 6.13 -17.73 -15.94
C GLN B 313 6.68 -18.06 -17.35
N GLU B 314 5.78 -18.34 -18.29
CA GLU B 314 6.20 -18.59 -19.67
C GLU B 314 6.78 -17.32 -20.30
N GLY B 315 6.13 -16.19 -20.02
CA GLY B 315 6.62 -14.92 -20.49
C GLY B 315 8.01 -14.59 -19.95
N LEU B 316 8.21 -14.81 -18.65
CA LEU B 316 9.51 -14.56 -18.04
C LEU B 316 10.60 -15.45 -18.62
N ALA B 317 10.30 -16.73 -18.74
CA ALA B 317 11.30 -17.72 -19.14
C ALA B 317 11.81 -17.40 -20.52
N THR B 318 10.92 -16.89 -21.36
CA THR B 318 11.27 -16.55 -22.72
C THR B 318 11.71 -15.08 -22.85
N ALA B 319 11.86 -14.40 -21.72
CA ALA B 319 12.30 -13.00 -21.71
C ALA B 319 11.43 -12.11 -22.60
N THR B 320 10.12 -12.31 -22.53
CA THR B 320 9.19 -11.57 -23.37
C THR B 320 8.44 -10.51 -22.56
N PRO B 321 8.56 -9.24 -22.95
CA PRO B 321 7.83 -8.18 -22.24
C PRO B 321 6.33 -8.47 -22.29
N MET B 322 5.60 -8.05 -21.27
CA MET B 322 4.19 -8.41 -21.20
C MET B 322 3.27 -7.22 -21.00
N ILE B 323 2.12 -7.26 -21.68
CA ILE B 323 1.01 -6.40 -21.32
C ILE B 323 0.06 -7.32 -20.58
N ALA B 324 -0.13 -7.09 -19.29
CA ALA B 324 -0.97 -7.97 -18.48
C ALA B 324 -2.38 -7.44 -18.36
N VAL B 325 -3.34 -8.21 -18.86
CA VAL B 325 -4.75 -7.82 -18.91
C VAL B 325 -5.57 -8.87 -18.16
N PRO B 326 -5.49 -8.84 -16.81
CA PRO B 326 -6.08 -9.88 -15.95
C PRO B 326 -7.61 -9.94 -15.98
N GLN B 327 -8.12 -11.17 -15.88
CA GLN B 327 -9.54 -11.49 -16.05
C GLN B 327 -10.23 -11.86 -14.75
N ALA B 328 -9.50 -12.57 -13.89
CA ALA B 328 -10.09 -13.20 -12.70
C ALA B 328 -9.07 -13.83 -11.74
N VAL B 329 -9.59 -14.53 -10.73
CA VAL B 329 -8.82 -15.38 -9.81
C VAL B 329 -7.49 -14.82 -9.26
N ASP B 330 -6.39 -15.48 -9.60
CA ASP B 330 -5.07 -14.96 -9.25
C ASP B 330 -4.35 -14.47 -10.48
N GLN B 331 -5.02 -13.62 -11.26
CA GLN B 331 -4.37 -12.98 -12.39
C GLN B 331 -4.09 -11.51 -12.06
N PHE B 332 -4.89 -10.97 -11.14
CA PHE B 332 -4.66 -9.61 -10.67
C PHE B 332 -3.39 -9.59 -9.82
N GLY B 333 -3.25 -10.58 -8.95
CA GLY B 333 -2.03 -10.74 -8.17
C GLY B 333 -0.80 -10.92 -9.05
N ASN B 334 -0.95 -11.69 -10.12
CA ASN B 334 0.16 -11.92 -11.04
C ASN B 334 0.48 -10.72 -11.89
N ALA B 335 -0.55 -10.01 -12.34
CA ALA B 335 -0.35 -8.83 -13.16
C ALA B 335 0.48 -7.82 -12.37
N ASP B 336 0.09 -7.58 -11.11
CA ASP B 336 0.85 -6.67 -10.26
C ASP B 336 2.28 -7.17 -9.97
N MET B 337 2.46 -8.48 -9.76
CA MET B 337 3.80 -9.04 -9.62
C MET B 337 4.67 -8.74 -10.85
N LEU B 338 4.10 -8.93 -12.04
CA LEU B 338 4.84 -8.72 -13.28
C LEU B 338 5.17 -7.24 -13.49
N GLN B 339 4.22 -6.38 -13.20
CA GLN B 339 4.43 -4.95 -13.38
C GLN B 339 5.47 -4.46 -12.37
N GLY B 340 5.42 -4.98 -11.15
CA GLY B 340 6.38 -4.61 -10.12
C GLY B 340 7.81 -5.02 -10.42
N LEU B 341 7.97 -6.08 -11.21
CA LEU B 341 9.30 -6.52 -11.60
C LEU B 341 9.90 -5.61 -12.67
N GLY B 342 9.07 -4.73 -13.22
CA GLY B 342 9.49 -3.79 -14.24
C GLY B 342 9.58 -4.40 -15.62
N VAL B 343 8.84 -5.49 -15.84
CA VAL B 343 8.90 -6.18 -17.13
C VAL B 343 7.53 -6.28 -17.82
N ALA B 344 6.56 -5.53 -17.32
CA ALA B 344 5.20 -5.59 -17.83
C ALA B 344 4.41 -4.34 -17.50
N ARG B 345 3.40 -4.03 -18.30
CA ARG B 345 2.39 -3.05 -17.89
C ARG B 345 1.04 -3.70 -17.80
N LYS B 346 0.41 -3.56 -16.64
CA LYS B 346 -0.91 -4.13 -16.35
C LYS B 346 -2.03 -3.18 -16.77
N LEU B 347 -3.14 -3.73 -17.27
CA LEU B 347 -4.27 -2.92 -17.73
C LEU B 347 -5.66 -3.53 -17.45
N ALA B 348 -5.86 -4.80 -17.79
CA ALA B 348 -7.16 -5.49 -17.51
C ALA B 348 -8.49 -4.97 -18.14
N THR B 349 -8.59 -4.96 -19.47
CA THR B 349 -9.87 -5.00 -20.22
C THR B 349 -10.48 -3.67 -20.73
N GLU B 350 -11.50 -3.14 -20.06
CA GLU B 350 -12.23 -1.96 -20.57
C GLU B 350 -11.31 -0.76 -20.85
N GLU B 351 -10.15 -0.78 -20.20
CA GLU B 351 -9.11 0.23 -20.34
C GLU B 351 -8.28 0.03 -21.61
N ALA B 352 -8.26 -1.21 -22.12
CA ALA B 352 -7.34 -1.59 -23.18
C ALA B 352 -7.79 -1.23 -24.60
N THR B 353 -7.80 0.08 -24.90
CA THR B 353 -8.14 0.59 -26.22
C THR B 353 -7.06 0.20 -27.23
N ALA B 354 -7.31 0.40 -28.52
CA ALA B 354 -6.28 0.13 -29.51
C ALA B 354 -5.13 1.09 -29.29
N ASP B 355 -5.48 2.35 -29.05
CA ASP B 355 -4.48 3.41 -28.92
C ASP B 355 -3.53 3.13 -27.77
N LEU B 356 -4.08 2.75 -26.62
CA LEU B 356 -3.29 2.51 -25.42
C LEU B 356 -2.46 1.23 -25.57
N LEU B 357 -3.07 0.15 -26.06
CA LEU B 357 -2.34 -1.08 -26.30
C LEU B 357 -1.14 -0.82 -27.20
N ARG B 358 -1.32 0.01 -28.23
CA ARG B 358 -0.21 0.39 -29.10
C ARG B 358 0.72 1.40 -28.42
N GLU B 359 0.17 2.20 -27.50
CA GLU B 359 0.95 3.16 -26.74
C GLU B 359 1.75 2.46 -25.65
N THR B 360 1.36 1.24 -25.34
CA THR B 360 1.97 0.48 -24.27
C THR B 360 2.92 -0.55 -24.86
N ALA B 361 2.45 -1.22 -25.92
CA ALA B 361 3.27 -2.17 -26.66
C ALA B 361 4.52 -1.48 -27.19
N LEU B 362 4.35 -0.26 -27.65
CA LEU B 362 5.44 0.49 -28.26
C LEU B 362 6.50 0.87 -27.23
N ALA B 363 6.07 1.36 -26.08
CA ALA B 363 7.00 1.73 -25.03
C ALA B 363 7.79 0.52 -24.54
N LEU B 364 7.12 -0.63 -24.50
CA LEU B 364 7.67 -1.82 -23.84
C LEU B 364 8.73 -2.58 -24.63
N VAL B 365 8.40 -2.96 -25.86
CA VAL B 365 9.23 -3.92 -26.61
C VAL B 365 10.63 -3.36 -26.84
N ASP B 366 10.72 -2.03 -26.76
CA ASP B 366 11.88 -1.26 -27.15
C ASP B 366 12.73 -0.84 -25.94
N ASP B 367 12.23 -1.11 -24.74
CA ASP B 367 12.86 -0.58 -23.53
C ASP B 367 14.08 -1.41 -23.09
N PRO B 368 15.27 -0.80 -23.10
CA PRO B 368 16.47 -1.60 -22.84
C PRO B 368 16.51 -2.10 -21.39
N GLU B 369 15.92 -1.34 -20.48
CA GLU B 369 15.91 -1.71 -19.06
C GLU B 369 14.92 -2.85 -18.81
N VAL B 370 13.79 -2.82 -19.51
CA VAL B 370 12.87 -3.96 -19.49
C VAL B 370 13.57 -5.22 -19.99
N ALA B 371 14.32 -5.08 -21.08
CA ALA B 371 15.01 -6.22 -21.66
C ALA B 371 16.09 -6.77 -20.73
N ARG B 372 16.86 -5.88 -20.11
CA ARG B 372 17.91 -6.33 -19.19
C ARG B 372 17.31 -7.11 -18.02
N ARG B 373 16.24 -6.59 -17.45
CA ARG B 373 15.55 -7.27 -16.34
C ARG B 373 15.02 -8.64 -16.77
N LEU B 374 14.45 -8.71 -17.98
CA LEU B 374 13.90 -9.95 -18.48
C LEU B 374 14.98 -11.01 -18.72
N ARG B 375 16.10 -10.59 -19.30
CA ARG B 375 17.17 -11.55 -19.56
C ARG B 375 17.76 -12.07 -18.26
N ARG B 376 17.78 -11.20 -17.25
CA ARG B 376 18.24 -11.59 -15.93
C ARG B 376 17.34 -12.66 -15.31
N ILE B 377 16.03 -12.41 -15.34
CA ILE B 377 15.06 -13.38 -14.83
C ILE B 377 15.09 -14.67 -15.65
N GLN B 378 15.22 -14.53 -16.96
CA GLN B 378 15.24 -15.67 -17.87
C GLN B 378 16.36 -16.65 -17.50
N ALA B 379 17.53 -16.11 -17.19
CA ALA B 379 18.68 -16.94 -16.85
C ALA B 379 18.48 -17.70 -15.54
N GLU B 380 17.96 -17.01 -14.53
CA GLU B 380 17.67 -17.62 -13.23
C GLU B 380 16.70 -18.80 -13.34
N MET B 381 15.62 -18.60 -14.10
CA MET B 381 14.62 -19.65 -14.30
C MET B 381 15.24 -20.90 -14.90
N ALA B 382 16.07 -20.71 -15.92
CA ALA B 382 16.76 -21.83 -16.56
C ALA B 382 17.69 -22.55 -15.58
N GLN B 383 18.06 -21.89 -14.49
CA GLN B 383 18.92 -22.57 -13.52
C GLN B 383 18.19 -22.95 -12.25
N GLU B 384 16.90 -22.61 -12.20
CA GLU B 384 16.02 -23.11 -11.14
C GLU B 384 15.74 -24.61 -11.36
N GLY B 385 15.59 -25.00 -12.62
CA GLY B 385 15.68 -26.41 -12.98
C GLY B 385 14.41 -27.22 -13.23
N GLY B 386 13.26 -26.75 -12.76
CA GLY B 386 11.99 -27.40 -13.08
C GLY B 386 11.86 -28.86 -12.61
N THR B 387 11.02 -29.64 -13.28
CA THR B 387 10.68 -30.98 -12.79
C THR B 387 11.92 -31.88 -12.65
N ARG B 388 12.86 -31.75 -13.59
CA ARG B 388 14.16 -32.42 -13.50
C ARG B 388 14.83 -32.16 -12.14
N ARG B 389 15.04 -30.88 -11.84
CA ARG B 389 15.71 -30.51 -10.61
C ARG B 389 14.88 -30.84 -9.36
N ALA B 390 13.55 -30.69 -9.46
CA ALA B 390 12.71 -31.01 -8.32
C ALA B 390 12.88 -32.47 -7.94
N ALA B 391 12.90 -33.35 -8.93
CA ALA B 391 13.10 -34.77 -8.66
C ALA B 391 14.45 -35.02 -7.99
N ASP B 392 15.49 -34.35 -8.47
CA ASP B 392 16.81 -34.47 -7.86
C ASP B 392 16.83 -34.12 -6.38
N LEU B 393 16.20 -33.00 -6.05
CA LEU B 393 16.24 -32.49 -4.69
C LEU B 393 15.40 -33.38 -3.77
N ILE B 394 14.35 -33.96 -4.33
CA ILE B 394 13.55 -34.92 -3.59
C ILE B 394 14.38 -36.17 -3.31
N GLU B 395 15.05 -36.69 -4.34
CA GLU B 395 15.87 -37.88 -4.16
C GLU B 395 16.95 -37.66 -3.12
N ALA B 396 17.46 -36.43 -3.04
CA ALA B 396 18.43 -36.07 -2.03
C ALA B 396 17.82 -36.12 -0.63
N GLU B 397 16.49 -36.10 -0.56
CA GLU B 397 15.83 -36.16 0.75
C GLU B 397 15.64 -37.58 1.27
N LEU B 398 16.05 -38.57 0.49
CA LEU B 398 16.07 -39.94 0.97
C LEU B 398 17.25 -40.13 1.94
N PRO B 399 17.14 -41.12 2.84
CA PRO B 399 18.28 -41.50 3.71
C PRO B 399 19.20 -42.47 2.99
C10 ERY C . 6.11 11.55 4.67
C11 ERY C . 7.08 12.71 4.53
C12 ERY C . 6.68 13.73 3.44
C13 ERY C . 7.47 15.01 3.69
O2 ERY C . 6.82 15.71 4.73
C2 ERY C . 6.80 16.52 7.06
C3 ERY C . 6.86 15.64 8.31
C4 ERY C . 5.69 14.71 8.29
C5 ERY C . 5.86 13.53 9.31
C6 ERY C . 6.30 12.27 8.58
C7 ERY C . 5.12 11.72 7.74
C8 ERY C . 5.51 10.41 6.99
C9 ERY C . 6.49 10.64 5.85
O11 ERY C . 7.57 10.08 5.86
C1 ERY C . 7.53 15.78 5.96
O1 ERY C . 8.73 15.59 6.00
O3 ERY C . 6.79 16.44 9.49
O7 ERY C . 4.63 13.29 9.99
C34 ERY C . 6.13 10.69 3.41
C33 ERY C . 4.27 9.79 6.43
C35 ERY C . 5.21 14.06 3.52
O12 ERY C . 8.38 12.20 4.27
O13 ERY C . 6.96 13.29 2.17
C36 ERY C . 7.44 15.95 2.50
C30 ERY C . 7.44 17.87 7.16
C32 ERY C . 6.78 11.22 9.56
O10 ERY C . 7.35 12.59 7.71
C22 ERY C . 4.66 13.53 11.40
C23 ERY C . 3.23 13.55 11.98
C24 ERY C . 3.34 13.76 13.47
C25 ERY C . 4.18 12.64 14.07
C26 ERY C . 5.55 12.66 13.41
O9 ERY C . 5.41 12.56 12.02
N1 ERY C . 1.99 13.85 14.03
C27 ERY C . 6.39 11.50 13.89
O8 ERY C . 2.52 14.64 11.46
C28 ERY C . 2.09 14.30 15.43
C14 ERY C . 8.03 16.67 10.17
C15 ERY C . 7.66 17.58 11.35
C16 ERY C . 8.69 17.47 12.48
C17 ERY C . 8.67 16.08 13.02
C18 ERY C . 8.36 15.05 11.95
O4 ERY C . 8.63 15.51 10.60
O5 ERY C . 8.36 18.44 13.50
O6 ERY C . 7.72 15.98 14.08
C20 ERY C . 7.58 19.54 13.03
C29 ERY C . 1.29 12.59 13.96
C21 ERY C . 9.20 13.84 12.20
C37 ERY C . 8.18 17.25 2.90
C31 ERY C . 4.42 15.53 8.59
C19 ERY C . 10.05 17.76 11.94
N1 UDP D . -7.06 28.64 19.95
C2 UDP D . -8.14 29.44 20.26
N3 UDP D . -8.31 29.93 21.54
C4 UDP D . -7.39 29.62 22.53
C5 UDP D . -6.30 28.82 22.22
C6 UDP D . -6.09 28.43 20.90
O2 UDP D . -8.98 29.72 19.39
O4 UDP D . -7.55 30.06 23.68
C1' UDP D . -6.89 28.13 18.57
C2' UDP D . -6.02 29.15 17.86
O2' UDP D . -6.78 29.95 16.99
C3' UDP D . -4.91 28.33 17.20
C4' UDP D . -5.32 26.88 17.38
O4' UDP D . -6.23 26.87 18.47
O3' UDP D . -4.74 28.64 15.84
C5' UDP D . -4.08 26.03 17.63
O5' UDP D . -3.28 25.97 16.46
PA UDP D . -1.67 26.14 16.47
O1A UDP D . -1.08 25.25 15.44
O2A UDP D . -1.28 27.55 16.28
O3A UDP D . -1.16 25.70 17.94
PB UDP D . -1.08 24.16 18.34
O1B UDP D . -1.79 23.99 19.64
O2B UDP D . 0.34 23.76 18.50
O3B UDP D . -1.76 23.41 17.26
C10 ERY E . -2.24 -22.81 3.99
C11 ERY E . -1.70 -21.44 3.63
C12 ERY E . -0.21 -21.39 3.30
C13 ERY E . 0.05 -20.08 2.56
O2 ERY E . -0.49 -20.22 1.25
C2 ERY E . -1.84 -19.30 -0.67
C3 ERY E . -3.36 -19.47 -0.66
C4 ERY E . -3.65 -20.94 -0.52
C5 ERY E . -5.09 -21.27 -0.06
C6 ERY E . -5.11 -21.58 1.44
C7 ERY E . -4.59 -23.01 1.72
C8 ERY E . -4.71 -23.46 3.20
C9 ERY E . -3.77 -22.77 4.16
O11 ERY E . -4.23 -22.18 5.13
C1 ERY E . -1.42 -19.22 0.79
O1 ERY E . -1.82 -18.30 1.49
O3 ERY E . -3.99 -18.90 -1.83
O7 ERY E . -5.62 -22.40 -0.79
C34 ERY E . -1.68 -23.32 5.32
C33 ERY E . -4.43 -24.95 3.29
C35 ERY E . 0.20 -22.56 2.42
O12 ERY E . -1.96 -20.49 4.66
O13 ERY E . 0.56 -21.39 4.45
C36 ERY E . 1.54 -19.82 2.46
C30 ERY E . -1.26 -18.09 -1.35
C32 ERY E . -6.52 -21.43 1.96
O10 ERY E . -4.32 -20.66 2.12
C22 ERY E . -6.78 -22.18 -1.60
C23 ERY E . -7.02 -23.45 -2.46
C24 ERY E . -8.35 -23.39 -3.17
C25 ERY E . -9.43 -23.10 -2.16
C26 ERY E . -9.08 -21.82 -1.41
O9 ERY E . -7.85 -21.95 -0.78
N1 ERY E . -8.62 -24.63 -3.91
C27 ERY E . -10.12 -21.58 -0.34
O8 ERY E . -5.98 -23.60 -3.40
C28 ERY E . -8.50 -25.80 -3.02
C14 ERY E . -4.47 -17.56 -1.57
C15 ERY E . -4.24 -16.62 -2.77
C16 ERY E . -5.42 -16.61 -3.76
C17 ERY E . -6.67 -16.38 -2.97
C18 ERY E . -6.87 -17.57 -2.07
O4 ERY E . -5.78 -17.63 -1.14
O5 ERY E . -5.50 -17.89 -4.39
O6 ERY E . -7.79 -16.22 -3.85
C20 ERY E . -4.31 -18.32 -5.06
C29 ERY E . -9.94 -24.61 -4.50
C21 ERY E . -8.11 -17.39 -1.26
C37 ERY E . 1.79 -18.52 1.66
C31 ERY E . -3.31 -21.68 -1.83
C19 ERY E . -5.24 -15.54 -4.78
N1 UDP F . -2.20 -22.55 -23.64
C2 UDP F . -1.90 -23.11 -24.87
N3 UDP F . -2.51 -22.64 -26.01
C4 UDP F . -3.43 -21.62 -25.95
C5 UDP F . -3.75 -21.05 -24.71
C6 UDP F . -3.20 -21.62 -23.55
O2 UDP F . -1.07 -24.03 -24.98
O4 UDP F . -3.97 -21.22 -26.98
C1' UDP F . -1.54 -23.04 -22.42
C2' UDP F . -0.65 -21.95 -21.87
O2' UDP F . 0.70 -22.14 -22.25
C3' UDP F . -0.79 -22.08 -20.37
C4' UDP F . -1.97 -23.01 -20.11
O4' UDP F . -2.46 -23.40 -21.39
O3' UDP F . 0.37 -22.70 -19.90
C5' UDP F . -2.99 -22.33 -19.18
O5' UDP F . -2.47 -22.23 -17.86
PA UDP F . -2.64 -20.91 -16.94
O1A UDP F . -1.78 -20.95 -15.73
O2A UDP F . -2.24 -19.76 -17.79
O3A UDP F . -4.19 -21.04 -16.42
PB UDP F . -4.65 -21.51 -14.92
O1B UDP F . -6.03 -22.03 -14.91
O2B UDP F . -4.63 -20.36 -13.96
O3B UDP F . -3.72 -22.54 -14.36
MG MG G . 13.33 -14.15 -27.53
N ALA A 8 -18.19 12.95 -8.76
CA ALA A 8 -19.05 11.84 -8.39
C ALA A 8 -18.67 11.24 -7.04
N HIS A 9 -18.35 9.95 -7.01
CA HIS A 9 -18.05 9.35 -5.73
C HIS A 9 -16.62 9.65 -5.31
N ILE A 10 -16.48 10.32 -4.17
CA ILE A 10 -15.15 10.70 -3.65
C ILE A 10 -14.82 9.94 -2.39
N ALA A 11 -13.62 9.36 -2.34
CA ALA A 11 -13.20 8.62 -1.15
C ALA A 11 -12.00 9.30 -0.52
N MET A 12 -12.21 9.95 0.61
CA MET A 12 -11.12 10.55 1.37
C MET A 12 -10.49 9.47 2.27
N PHE A 13 -9.17 9.54 2.48
CA PHE A 13 -8.46 8.60 3.32
C PHE A 13 -7.61 9.37 4.31
N SER A 14 -7.66 8.99 5.59
CA SER A 14 -6.70 9.52 6.54
C SER A 14 -6.48 8.59 7.73
N ILE A 15 -5.71 9.08 8.71
CA ILE A 15 -5.45 8.36 9.94
C ILE A 15 -6.14 9.12 11.08
N ALA A 16 -6.19 8.51 12.25
CA ALA A 16 -6.89 9.15 13.37
C ALA A 16 -5.96 10.09 14.12
N ALA A 17 -5.44 11.10 13.43
CA ALA A 17 -4.64 12.12 14.09
C ALA A 17 -5.27 13.47 13.80
N HIS A 18 -5.45 14.28 14.84
CA HIS A 18 -6.06 15.59 14.67
C HIS A 18 -5.42 16.40 13.56
N GLY A 19 -4.08 16.44 13.55
CA GLY A 19 -3.36 17.22 12.58
C GLY A 19 -3.53 16.76 11.14
N HIS A 20 -3.98 15.52 10.98
CA HIS A 20 -4.21 14.95 9.65
C HIS A 20 -5.69 14.76 9.31
N VAL A 21 -6.58 15.32 10.12
CA VAL A 21 -8.00 15.25 9.83
C VAL A 21 -8.63 16.65 9.83
N ASN A 22 -8.40 17.39 10.89
CA ASN A 22 -8.97 18.73 10.99
C ASN A 22 -8.69 19.70 9.83
N PRO A 23 -7.46 19.71 9.26
CA PRO A 23 -7.18 20.67 8.19
C PRO A 23 -8.07 20.58 6.94
N SER A 24 -8.65 19.43 6.64
CA SER A 24 -9.42 19.30 5.39
C SER A 24 -10.90 19.01 5.58
N LEU A 25 -11.36 18.92 6.83
CA LEU A 25 -12.76 18.60 7.10
C LEU A 25 -13.74 19.51 6.37
N GLU A 26 -13.45 20.80 6.34
CA GLU A 26 -14.37 21.74 5.72
C GLU A 26 -14.38 21.61 4.20
N VAL A 27 -13.28 21.13 3.62
CA VAL A 27 -13.23 20.90 2.19
C VAL A 27 -14.13 19.71 1.85
N ILE A 28 -14.05 18.68 2.68
CA ILE A 28 -14.86 17.49 2.47
C ILE A 28 -16.34 17.85 2.63
N ARG A 29 -16.69 18.61 3.67
CA ARG A 29 -18.06 19.12 3.84
C ARG A 29 -18.58 19.76 2.57
N GLU A 30 -17.73 20.59 2.00
CA GLU A 30 -18.11 21.42 0.87
C GLU A 30 -18.26 20.60 -0.41
N LEU A 31 -17.49 19.53 -0.54
CA LEU A 31 -17.67 18.64 -1.68
C LEU A 31 -19.01 17.91 -1.60
N VAL A 32 -19.41 17.56 -0.38
CA VAL A 32 -20.72 16.94 -0.13
C VAL A 32 -21.82 17.90 -0.52
N ALA A 33 -21.64 19.17 -0.19
CA ALA A 33 -22.66 20.19 -0.42
C ALA A 33 -22.90 20.35 -1.92
N ARG A 34 -22.03 19.71 -2.71
CA ARG A 34 -22.25 19.53 -4.14
C ARG A 34 -22.92 18.18 -4.41
N GLY A 35 -22.67 17.62 -5.58
CA GLY A 35 -23.33 16.39 -5.98
C GLY A 35 -22.52 15.15 -5.69
N HIS A 36 -21.35 15.35 -5.09
CA HIS A 36 -20.43 14.26 -4.85
C HIS A 36 -20.86 13.39 -3.66
N ARG A 37 -20.49 12.11 -3.72
CA ARG A 37 -20.90 11.08 -2.76
C ARG A 37 -19.83 10.70 -1.71
N VAL A 38 -19.43 11.65 -0.88
CA VAL A 38 -18.19 11.50 -0.11
C VAL A 38 -18.24 10.47 1.04
N THR A 39 -17.18 9.66 1.15
CA THR A 39 -17.03 8.66 2.20
C THR A 39 -15.62 8.77 2.77
N TYR A 40 -15.42 8.30 4.01
CA TYR A 40 -14.20 8.58 4.76
C TYR A 40 -13.59 7.34 5.45
N ALA A 41 -12.42 6.91 4.98
CA ALA A 41 -11.70 5.81 5.62
C ALA A 41 -10.95 6.30 6.85
N ILE A 42 -11.28 5.74 8.01
CA ILE A 42 -10.79 6.29 9.26
C ILE A 42 -10.85 5.23 10.35
N PRO A 43 -9.93 5.27 11.32
CA PRO A 43 -10.12 4.32 12.41
C PRO A 43 -11.32 4.75 13.24
N PRO A 44 -12.05 3.79 13.82
CA PRO A 44 -13.38 4.02 14.43
C PRO A 44 -13.49 5.26 15.32
N VAL A 45 -12.41 5.61 16.01
CA VAL A 45 -12.46 6.74 16.93
C VAL A 45 -12.93 8.05 16.28
N PHE A 46 -12.54 8.26 15.03
CA PHE A 46 -12.84 9.53 14.37
C PHE A 46 -14.06 9.44 13.44
N ALA A 47 -14.78 8.32 13.51
CA ALA A 47 -16.05 8.21 12.79
C ALA A 47 -16.93 9.43 13.04
N ASP A 48 -17.27 9.66 14.31
CA ASP A 48 -18.15 10.77 14.70
C ASP A 48 -17.63 12.13 14.21
N LYS A 49 -16.30 12.29 14.20
CA LYS A 49 -15.70 13.53 13.69
C LYS A 49 -15.92 13.72 12.19
N VAL A 50 -15.57 12.71 11.40
CA VAL A 50 -15.61 12.88 9.95
C VAL A 50 -17.05 12.95 9.38
N ALA A 51 -17.96 12.20 9.96
CA ALA A 51 -19.34 12.13 9.45
C ALA A 51 -20.00 13.51 9.39
N ALA A 52 -19.40 14.50 10.05
CA ALA A 52 -19.93 15.86 10.08
C ALA A 52 -19.42 16.72 8.92
N THR A 53 -19.06 16.08 7.82
CA THR A 53 -18.82 16.79 6.58
C THR A 53 -20.00 16.44 5.70
N GLY A 54 -20.78 15.47 6.18
CA GLY A 54 -21.75 14.79 5.35
C GLY A 54 -21.14 13.53 4.76
N ALA A 55 -20.01 13.10 5.34
CA ALA A 55 -19.32 11.90 4.87
C ALA A 55 -19.73 10.65 5.63
N ARG A 56 -19.44 9.49 5.04
CA ARG A 56 -19.74 8.21 5.66
C ARG A 56 -18.45 7.52 6.09
N PRO A 57 -18.27 7.33 7.40
CA PRO A 57 -17.01 6.77 7.89
C PRO A 57 -16.88 5.28 7.58
N VAL A 58 -15.69 4.87 7.16
CA VAL A 58 -15.40 3.47 6.89
C VAL A 58 -14.22 3.06 7.76
N LEU A 59 -14.48 2.13 8.68
CA LEU A 59 -13.55 1.91 9.78
C LEU A 59 -12.51 0.83 9.51
N TYR A 60 -11.30 1.09 9.99
CA TYR A 60 -10.21 0.12 9.89
C TYR A 60 -9.31 0.19 11.12
N HIS A 61 -8.68 -0.93 11.44
CA HIS A 61 -7.79 -1.01 12.59
C HIS A 61 -6.48 -0.35 12.26
N SER A 62 -6.15 0.69 13.02
CA SER A 62 -4.86 1.35 12.89
C SER A 62 -3.92 0.84 13.95
N THR A 63 -2.66 0.66 13.58
CA THR A 63 -1.61 0.32 14.53
C THR A 63 -0.84 1.57 14.97
N LEU A 64 -1.28 2.72 14.49
CA LEU A 64 -0.68 4.01 14.88
C LEU A 64 -1.25 4.45 16.21
N PRO A 65 -0.50 5.31 16.95
CA PRO A 65 -0.95 5.81 18.26
C PRO A 65 -2.32 6.50 18.17
N GLY A 66 -3.03 6.59 19.29
CA GLY A 66 -4.31 7.27 19.32
C GLY A 66 -4.14 8.76 19.13
N PRO A 67 -5.23 9.48 18.85
CA PRO A 67 -5.13 10.95 18.79
C PRO A 67 -4.75 11.59 20.13
N ASP A 68 -5.20 11.00 21.24
CA ASP A 68 -4.85 11.48 22.58
C ASP A 68 -3.35 11.36 22.86
N ALA A 69 -2.74 10.32 22.29
CA ALA A 69 -1.33 10.02 22.55
C ALA A 69 -0.44 11.25 22.44
N ASP A 70 0.62 11.29 23.25
CA ASP A 70 1.57 12.39 23.21
C ASP A 70 2.45 12.22 21.98
N PRO A 71 3.05 13.32 21.49
CA PRO A 71 4.00 13.30 20.38
C PRO A 71 5.02 12.14 20.41
N GLU A 72 5.52 11.76 21.58
CA GLU A 72 6.60 10.77 21.59
C GLU A 72 6.10 9.32 21.46
N ALA A 73 4.80 9.14 21.38
CA ALA A 73 4.23 7.84 21.03
C ALA A 73 4.51 7.56 19.55
N TRP A 74 4.97 8.60 18.86
CA TRP A 74 5.24 8.54 17.42
C TRP A 74 6.73 8.42 17.10
N GLY A 75 7.56 8.23 18.13
CA GLY A 75 8.99 8.06 17.94
C GLY A 75 9.75 9.37 17.95
N SER A 76 11.06 9.29 18.17
CA SER A 76 11.88 10.49 18.14
C SER A 76 13.21 10.28 17.42
N THR A 77 13.26 9.27 16.54
CA THR A 77 14.36 9.14 15.59
C THR A 77 13.75 9.00 14.19
N LEU A 78 14.58 9.17 13.17
CA LEU A 78 14.09 9.11 11.78
C LEU A 78 13.34 7.81 11.50
N LEU A 79 13.95 6.66 11.79
CA LEU A 79 13.29 5.39 11.52
C LEU A 79 12.07 5.14 12.40
N ASP A 80 12.12 5.55 13.67
CA ASP A 80 10.96 5.37 14.54
C ASP A 80 9.81 6.25 14.07
N ASN A 81 10.13 7.34 13.38
CA ASN A 81 9.09 8.21 12.84
C ASN A 81 8.43 7.62 11.60
N VAL A 82 9.23 7.13 10.66
CA VAL A 82 8.65 6.75 9.37
C VAL A 82 8.20 5.29 9.28
N GLU A 83 8.92 4.39 9.93
CA GLU A 83 8.57 2.98 9.76
C GLU A 83 7.16 2.59 10.24
N PRO A 84 6.62 3.28 11.27
CA PRO A 84 5.24 2.92 11.60
C PRO A 84 4.20 3.21 10.51
N PHE A 85 4.48 4.16 9.62
CA PHE A 85 3.52 4.45 8.56
C PHE A 85 3.49 3.35 7.52
N LEU A 86 4.63 2.70 7.31
CA LEU A 86 4.68 1.56 6.40
C LEU A 86 4.03 0.35 7.03
N ASN A 87 4.33 0.09 8.31
CA ASN A 87 3.72 -1.06 8.97
C ASN A 87 2.21 -0.93 9.13
N ASP A 88 1.73 0.28 9.41
CA ASP A 88 0.30 0.50 9.41
C ASP A 88 -0.30 0.23 8.03
N ALA A 89 0.34 0.77 7.00
CA ALA A 89 -0.12 0.60 5.62
C ALA A 89 -0.21 -0.87 5.20
N ILE A 90 0.77 -1.66 5.64
CA ILE A 90 0.78 -3.08 5.32
C ILE A 90 -0.50 -3.79 5.77
N GLN A 91 -0.96 -3.45 6.97
CA GLN A 91 -2.13 -4.14 7.51
C GLN A 91 -3.44 -3.44 7.18
N ALA A 92 -3.36 -2.15 6.83
CA ALA A 92 -4.56 -1.39 6.50
C ALA A 92 -5.03 -1.63 5.07
N LEU A 93 -4.08 -1.77 4.17
CA LEU A 93 -4.38 -1.88 2.74
C LEU A 93 -5.40 -2.98 2.40
N PRO A 94 -5.19 -4.21 2.88
CA PRO A 94 -6.19 -5.22 2.50
C PRO A 94 -7.58 -5.00 3.11
N GLN A 95 -7.67 -4.41 4.29
CA GLN A 95 -8.97 -4.08 4.87
C GLN A 95 -9.67 -3.06 3.99
N LEU A 96 -8.91 -2.16 3.39
CA LEU A 96 -9.49 -1.06 2.62
C LEU A 96 -9.83 -1.45 1.18
N ALA A 97 -8.97 -2.22 0.53
CA ALA A 97 -9.28 -2.77 -0.78
C ALA A 97 -10.60 -3.52 -0.72
N ASP A 98 -10.81 -4.24 0.38
CA ASP A 98 -12.04 -5.02 0.61
C ASP A 98 -13.27 -4.13 0.77
N ALA A 99 -13.13 -3.05 1.53
CA ALA A 99 -14.26 -2.19 1.84
C ALA A 99 -14.71 -1.44 0.59
N TYR A 100 -13.77 -1.21 -0.31
CA TYR A 100 -14.05 -0.51 -1.55
C TYR A 100 -14.22 -1.47 -2.71
N ALA A 101 -14.24 -2.77 -2.39
CA ALA A 101 -14.33 -3.79 -3.43
C ALA A 101 -15.60 -3.68 -4.25
N ASP A 102 -16.76 -3.58 -3.60
CA ASP A 102 -17.98 -3.51 -4.38
C ASP A 102 -18.49 -2.10 -4.65
N ASP A 103 -17.66 -1.10 -4.34
CA ASP A 103 -17.98 0.30 -4.62
C ASP A 103 -16.70 1.13 -4.78
N ILE A 104 -15.92 0.79 -5.80
CA ILE A 104 -14.66 1.48 -6.08
C ILE A 104 -14.96 2.93 -6.41
N PRO A 105 -14.46 3.85 -5.57
CA PRO A 105 -14.82 5.26 -5.73
C PRO A 105 -14.29 5.87 -7.02
N ASP A 106 -14.81 7.04 -7.36
CA ASP A 106 -14.39 7.75 -8.57
C ASP A 106 -13.07 8.50 -8.42
N LEU A 107 -12.85 9.06 -7.24
CA LEU A 107 -11.68 9.89 -7.01
C LEU A 107 -11.18 9.56 -5.63
N VAL A 108 -9.86 9.48 -5.49
CA VAL A 108 -9.24 9.26 -4.19
C VAL A 108 -8.63 10.57 -3.68
N LEU A 109 -9.03 10.98 -2.49
CA LEU A 109 -8.40 12.11 -1.79
C LEU A 109 -7.70 11.52 -0.59
N HIS A 110 -6.55 12.04 -0.21
CA HIS A 110 -5.90 11.46 0.96
C HIS A 110 -4.93 12.40 1.63
N ASP A 111 -4.87 12.32 2.94
CA ASP A 111 -3.81 12.97 3.69
C ASP A 111 -2.50 12.29 3.35
N ILE A 112 -1.40 13.01 3.48
CA ILE A 112 -0.07 12.50 3.17
C ILE A 112 0.32 11.21 3.88
N THR A 113 -0.31 10.92 5.02
CA THR A 113 0.12 9.77 5.83
C THR A 113 -0.40 8.43 5.32
N SER A 114 -1.39 8.48 4.42
CA SER A 114 -2.05 7.25 3.98
C SER A 114 -1.39 6.60 2.76
N TYR A 115 -0.45 5.70 2.98
CA TYR A 115 0.10 4.93 1.85
C TYR A 115 -0.96 4.06 1.15
N PRO A 116 -1.90 3.45 1.90
CA PRO A 116 -2.89 2.65 1.16
C PRO A 116 -3.68 3.42 0.11
N ALA A 117 -3.99 4.69 0.38
CA ALA A 117 -4.74 5.48 -0.59
C ALA A 117 -3.98 5.62 -1.91
N ARG A 118 -2.67 5.79 -1.82
CA ARG A 118 -1.83 5.88 -3.00
C ARG A 118 -1.89 4.58 -3.78
N VAL A 119 -1.73 3.47 -3.06
CA VAL A 119 -1.73 2.16 -3.69
C VAL A 119 -3.09 1.91 -4.34
N LEU A 120 -4.16 2.13 -3.59
CA LEU A 120 -5.51 1.88 -4.10
C LEU A 120 -5.89 2.76 -5.31
N ALA A 121 -5.46 4.02 -5.30
CA ALA A 121 -5.75 4.89 -6.45
C ALA A 121 -5.07 4.35 -7.70
N ARG A 122 -3.86 3.85 -7.53
CA ARG A 122 -3.13 3.22 -8.62
C ARG A 122 -3.80 1.90 -9.03
N ARG A 123 -4.14 1.08 -8.04
CA ARG A 123 -4.81 -0.20 -8.30
C ARG A 123 -6.11 -0.04 -9.08
N TRP A 124 -6.81 1.06 -8.81
CA TRP A 124 -8.11 1.34 -9.42
C TRP A 124 -8.03 2.08 -10.74
N GLY A 125 -6.86 2.66 -11.02
CA GLY A 125 -6.69 3.51 -12.18
C GLY A 125 -7.61 4.71 -12.15
N VAL A 126 -7.38 5.60 -11.19
CA VAL A 126 -8.18 6.82 -11.01
C VAL A 126 -7.31 7.91 -10.39
N PRO A 127 -7.67 9.19 -10.61
CA PRO A 127 -6.91 10.32 -10.05
C PRO A 127 -6.78 10.23 -8.53
N ALA A 128 -5.62 10.63 -8.02
CA ALA A 128 -5.41 10.75 -6.58
C ALA A 128 -5.01 12.18 -6.32
N VAL A 129 -5.58 12.79 -5.28
CA VAL A 129 -5.15 14.13 -4.88
C VAL A 129 -4.69 14.06 -3.43
N SER A 130 -3.44 14.44 -3.21
CA SER A 130 -2.84 14.41 -1.88
C SER A 130 -3.13 15.75 -1.23
N LEU A 131 -3.51 15.72 0.05
CA LEU A 131 -3.80 16.94 0.81
C LEU A 131 -2.75 17.06 1.93
N SER A 132 -1.92 18.09 1.85
CA SER A 132 -0.83 18.24 2.82
C SER A 132 -1.11 19.33 3.81
N PRO A 133 -1.05 19.01 5.12
CA PRO A 133 -1.33 20.00 6.16
C PRO A 133 -0.05 20.69 6.59
N ASN A 134 1.02 20.49 5.84
CA ASN A 134 2.30 21.11 6.15
C ASN A 134 3.08 21.33 4.88
N LEU A 135 4.30 21.81 5.01
CA LEU A 135 5.14 22.08 3.85
C LEU A 135 5.36 20.83 2.98
N VAL A 136 5.67 21.04 1.71
CA VAL A 136 5.90 19.96 0.77
C VAL A 136 7.30 20.05 0.17
N ALA A 137 7.69 19.03 -0.57
CA ALA A 137 8.98 19.06 -1.27
C ALA A 137 9.03 20.13 -2.35
N TRP A 138 10.18 20.79 -2.46
CA TRP A 138 10.46 21.69 -3.58
C TRP A 138 11.37 20.95 -4.53
N LYS A 139 11.52 21.46 -5.76
CA LYS A 139 12.53 20.91 -6.65
C LYS A 139 13.89 21.12 -6.03
N GLY A 140 14.58 20.03 -5.72
CA GLY A 140 15.87 20.12 -5.06
C GLY A 140 15.85 19.49 -3.68
N TYR A 141 14.66 19.37 -3.09
CA TYR A 141 14.50 18.73 -1.79
C TYR A 141 15.21 17.37 -1.75
N GLU A 142 15.20 16.71 -2.89
CA GLU A 142 15.86 15.43 -3.07
C GLU A 142 17.31 15.53 -2.63
N GLU A 143 18.08 16.35 -3.35
CA GLU A 143 19.50 16.48 -3.09
C GLU A 143 19.82 17.27 -1.83
N GLU A 144 18.91 18.17 -1.45
CA GLU A 144 19.19 19.15 -0.42
C GLU A 144 18.81 18.70 0.99
N VAL A 145 17.74 17.90 1.11
CA VAL A 145 17.24 17.44 2.39
C VAL A 145 17.20 15.92 2.51
N ALA A 146 16.49 15.25 1.61
CA ALA A 146 16.24 13.82 1.74
C ALA A 146 17.53 13.00 1.67
N GLU A 147 18.29 13.19 0.60
CA GLU A 147 19.52 12.44 0.40
C GLU A 147 20.50 12.60 1.57
N PRO A 148 20.82 13.85 1.98
CA PRO A 148 21.74 13.92 3.12
C PRO A 148 21.15 13.39 4.43
N MET A 149 19.83 13.48 4.59
CA MET A 149 19.15 13.02 5.80
C MET A 149 19.15 11.50 5.90
N TRP A 150 19.13 10.84 4.76
CA TRP A 150 19.02 9.37 4.74
C TRP A 150 20.35 8.64 4.57
N ARG A 151 21.40 9.37 4.25
CA ARG A 151 22.63 8.76 3.75
C ARG A 151 23.28 7.80 4.75
N GLU A 152 23.30 8.21 6.01
CA GLU A 152 23.82 7.33 7.06
C GLU A 152 22.81 6.27 7.53
N PRO A 153 21.55 6.66 7.78
CA PRO A 153 20.59 5.59 8.07
C PRO A 153 20.51 4.53 6.98
N ARG A 154 20.82 4.88 5.72
CA ARG A 154 20.89 3.88 4.66
C ARG A 154 22.22 3.13 4.51
N GLN A 155 23.06 3.20 5.52
CA GLN A 155 24.20 2.29 5.54
C GLN A 155 24.22 1.55 6.87
N THR A 156 23.14 1.74 7.63
CA THR A 156 22.83 0.94 8.81
C THR A 156 21.99 -0.25 8.35
N GLU A 157 22.11 -1.42 9.00
CA GLU A 157 21.32 -2.60 8.65
C GLU A 157 19.83 -2.32 8.68
N ARG A 158 19.41 -1.60 9.70
CA ARG A 158 18.01 -1.33 9.90
C ARG A 158 17.45 -0.43 8.79
N GLY A 159 18.23 0.57 8.37
CA GLY A 159 17.78 1.50 7.33
C GLY A 159 17.94 0.97 5.91
N ARG A 160 18.68 -0.12 5.80
CA ARG A 160 18.83 -0.79 4.51
C ARG A 160 17.66 -1.76 4.35
N ALA A 161 17.19 -2.30 5.47
CA ALA A 161 16.16 -3.34 5.47
C ALA A 161 14.76 -2.73 5.41
N TYR A 162 14.58 -1.57 6.04
CA TYR A 162 13.32 -0.84 5.95
C TYR A 162 13.05 -0.46 4.50
N TYR A 163 14.05 0.12 3.85
CA TYR A 163 13.89 0.46 2.43
C TYR A 163 13.67 -0.76 1.57
N ALA A 164 14.32 -1.87 1.89
CA ALA A 164 14.13 -3.10 1.14
C ALA A 164 12.69 -3.60 1.25
N ARG A 165 12.12 -3.56 2.46
CA ARG A 165 10.76 -4.04 2.68
C ARG A 165 9.73 -3.13 2.00
N PHE A 166 9.98 -1.83 2.08
CA PHE A 166 9.09 -0.84 1.48
C PHE A 166 9.08 -1.09 -0.02
N GLU A 167 10.26 -1.24 -0.58
CA GLU A 167 10.43 -1.51 -2.00
C GLU A 167 9.69 -2.79 -2.40
N ALA A 168 9.87 -3.85 -1.63
CA ALA A 168 9.24 -5.13 -1.94
C ALA A 168 7.73 -5.04 -1.83
N TRP A 169 7.25 -4.26 -0.89
CA TRP A 169 5.80 -4.09 -0.71
C TRP A 169 5.18 -3.37 -1.90
N LEU A 170 5.83 -2.30 -2.35
CA LEU A 170 5.35 -1.58 -3.53
C LEU A 170 5.35 -2.54 -4.74
N LYS A 171 6.42 -3.30 -4.87
CA LYS A 171 6.58 -4.18 -6.03
C LYS A 171 5.49 -5.26 -6.09
N GLU A 172 5.15 -5.84 -4.95
CA GLU A 172 4.10 -6.86 -4.96
C GLU A 172 2.76 -6.22 -5.31
N ASN A 173 2.69 -4.89 -5.17
CA ASN A 173 1.52 -4.12 -5.56
C ASN A 173 1.61 -3.48 -6.94
N GLY A 174 2.61 -3.87 -7.72
CA GLY A 174 2.73 -3.43 -9.09
C GLY A 174 3.33 -2.05 -9.27
N ILE A 175 3.94 -1.54 -8.19
CA ILE A 175 4.51 -0.20 -8.19
C ILE A 175 6.04 -0.28 -8.26
N THR A 176 6.62 0.30 -9.30
CA THR A 176 8.06 0.23 -9.52
C THR A 176 8.77 1.48 -9.04
N GLU A 177 8.01 2.48 -8.63
CA GLU A 177 8.60 3.71 -8.16
C GLU A 177 9.37 3.45 -6.87
N HIS A 178 10.47 4.16 -6.68
CA HIS A 178 11.22 4.06 -5.43
C HIS A 178 10.34 4.53 -4.28
N PRO A 179 10.51 3.94 -3.09
CA PRO A 179 9.70 4.35 -1.94
C PRO A 179 9.70 5.86 -1.69
N ASP A 180 10.83 6.53 -1.88
CA ASP A 180 10.86 7.99 -1.66
C ASP A 180 9.99 8.77 -2.64
N THR A 181 9.93 8.29 -3.87
CA THR A 181 9.10 8.91 -4.89
C THR A 181 7.63 8.70 -4.52
N PHE A 182 7.31 7.45 -4.19
CA PHE A 182 5.97 7.05 -3.78
C PHE A 182 5.49 7.86 -2.58
N ALA A 183 6.37 8.03 -1.59
CA ALA A 183 5.99 8.65 -0.33
C ALA A 183 5.98 10.19 -0.35
N SER A 184 7.02 10.79 -0.92
CA SER A 184 7.22 12.23 -0.73
C SER A 184 6.93 13.05 -1.97
N HIS A 185 6.55 12.39 -3.07
CA HIS A 185 6.36 13.07 -4.34
C HIS A 185 5.07 12.72 -5.07
N PRO A 186 3.95 13.24 -4.58
CA PRO A 186 2.63 12.97 -5.17
C PRO A 186 2.54 13.55 -6.58
N PRO A 187 1.76 12.91 -7.45
CA PRO A 187 1.54 13.48 -8.79
C PRO A 187 0.73 14.78 -8.74
N ARG A 188 -0.13 14.92 -7.73
CA ARG A 188 -0.95 16.12 -7.57
C ARG A 188 -1.26 16.35 -6.08
N SER A 189 -1.11 17.59 -5.63
CA SER A 189 -1.25 17.88 -4.20
C SER A 189 -1.83 19.28 -3.98
N LEU A 190 -2.74 19.39 -3.01
CA LEU A 190 -3.18 20.69 -2.52
C LEU A 190 -2.56 20.89 -1.14
N VAL A 191 -2.03 22.09 -0.91
CA VAL A 191 -1.30 22.34 0.32
C VAL A 191 -2.07 23.30 1.22
N LEU A 192 -2.35 22.85 2.44
CA LEU A 192 -3.26 23.56 3.33
C LEU A 192 -2.54 24.52 4.27
N ILE A 193 -1.40 25.04 3.84
CA ILE A 193 -0.76 26.14 4.56
C ILE A 193 -0.54 27.27 3.58
N PRO A 194 -0.43 28.51 4.09
CA PRO A 194 -0.09 29.57 3.14
C PRO A 194 1.31 29.36 2.59
N LYS A 195 1.53 29.75 1.35
CA LYS A 195 2.83 29.54 0.73
C LYS A 195 3.91 30.38 1.40
N ALA A 196 3.48 31.40 2.14
CA ALA A 196 4.38 32.25 2.91
C ALA A 196 5.15 31.45 3.95
N LEU A 197 4.58 30.32 4.36
CA LEU A 197 5.19 29.45 5.36
C LEU A 197 5.83 28.20 4.73
N GLN A 198 6.06 28.23 3.42
CA GLN A 198 6.70 27.11 2.74
C GLN A 198 8.16 27.44 2.43
N PRO A 199 9.09 26.66 2.97
CA PRO A 199 10.51 26.88 2.63
C PRO A 199 10.73 26.74 1.13
N HIS A 200 11.60 27.57 0.58
CA HIS A 200 11.96 27.48 -0.84
C HIS A 200 10.74 27.46 -1.75
N ALA A 201 9.77 28.30 -1.41
CA ALA A 201 8.50 28.33 -2.13
C ALA A 201 8.70 28.53 -3.63
N ASP A 202 9.71 29.32 -3.97
CA ASP A 202 10.01 29.63 -5.36
C ASP A 202 10.32 28.41 -6.20
N ARG A 203 10.87 27.37 -5.57
CA ARG A 203 11.26 26.19 -6.31
C ARG A 203 10.25 25.06 -6.22
N VAL A 204 9.06 25.38 -5.74
CA VAL A 204 7.98 24.40 -5.70
C VAL A 204 7.27 24.30 -7.05
N ASP A 205 6.91 23.07 -7.42
CA ASP A 205 6.34 22.74 -8.73
C ASP A 205 4.80 22.91 -8.69
N GLU A 206 4.31 24.04 -9.20
CA GLU A 206 2.87 24.36 -9.16
C GLU A 206 2.09 23.46 -10.11
N ASP A 207 2.80 22.88 -11.06
CA ASP A 207 2.20 21.90 -11.94
C ASP A 207 1.74 20.68 -11.13
N VAL A 208 2.32 20.49 -9.95
CA VAL A 208 1.93 19.42 -9.04
C VAL A 208 1.24 19.97 -7.80
N TYR A 209 1.78 21.04 -7.24
CA TYR A 209 1.29 21.58 -5.97
C TYR A 209 0.49 22.87 -6.13
N THR A 210 -0.69 22.93 -5.52
CA THR A 210 -1.41 24.19 -5.41
C THR A 210 -1.60 24.53 -3.94
N PHE A 211 -1.11 25.70 -3.54
CA PHE A 211 -1.35 26.17 -2.18
C PHE A 211 -2.72 26.81 -2.06
N VAL A 212 -3.54 26.27 -1.17
CA VAL A 212 -4.86 26.83 -0.91
C VAL A 212 -4.95 27.45 0.48
N GLY A 213 -3.84 27.35 1.22
CA GLY A 213 -3.77 27.97 2.53
C GLY A 213 -4.69 27.32 3.54
N ALA A 214 -4.82 27.93 4.71
CA ALA A 214 -5.68 27.35 5.74
C ALA A 214 -7.15 27.56 5.42
N CYS A 215 -7.99 26.64 5.91
CA CYS A 215 -9.42 26.64 5.59
C CYS A 215 -10.31 26.50 6.86
N GLN A 216 -11.61 26.77 6.76
CA GLN A 216 -12.40 26.89 8.00
C GLN A 216 -13.92 26.66 8.04
N GLY A 217 -14.48 26.83 9.24
CA GLY A 217 -15.89 26.58 9.49
C GLY A 217 -16.50 27.46 10.59
N ASP A 218 -17.58 28.14 10.24
CA ASP A 218 -18.25 29.11 11.12
C ASP A 218 -19.78 28.99 10.99
N ARG A 219 -20.53 29.29 12.06
CA ARG A 219 -19.99 29.78 13.33
C ARG A 219 -20.06 28.78 14.48
N ALA A 220 -18.98 28.67 15.26
CA ALA A 220 -17.78 29.48 15.10
C ALA A 220 -16.62 28.75 15.74
N GLU A 221 -16.68 28.76 17.08
CA GLU A 221 -15.69 28.24 18.03
C GLU A 221 -14.74 29.30 18.66
N GLU A 222 -15.22 30.43 19.22
CA GLU A 222 -16.62 30.93 19.32
C GLU A 222 -16.67 32.25 20.14
N GLY A 223 -17.19 33.33 19.55
CA GLY A 223 -17.44 34.56 20.29
C GLY A 223 -16.71 35.79 19.79
N GLY A 224 -17.40 36.94 19.77
CA GLY A 224 -16.79 38.18 19.32
C GLY A 224 -15.87 38.76 20.38
N TRP A 225 -15.09 39.79 20.03
CA TRP A 225 -14.29 40.50 21.04
C TRP A 225 -14.44 42.02 20.92
N GLN A 226 -14.48 42.68 22.08
CA GLN A 226 -14.55 44.13 22.12
C GLN A 226 -13.22 44.67 22.61
N ARG A 227 -12.55 45.44 21.75
CA ARG A 227 -11.36 46.14 22.16
C ARG A 227 -11.79 47.26 23.10
N PRO A 228 -11.10 47.40 24.24
CA PRO A 228 -11.51 48.40 25.24
C PRO A 228 -11.56 49.80 24.65
N ALA A 229 -12.47 50.62 25.17
CA ALA A 229 -12.49 52.03 24.83
C ALA A 229 -11.15 52.61 25.23
N GLY A 230 -10.50 53.34 24.34
CA GLY A 230 -9.19 53.88 24.66
C GLY A 230 -8.06 52.91 24.45
N ALA A 231 -8.37 51.66 24.12
CA ALA A 231 -7.31 50.76 23.68
C ALA A 231 -6.85 51.20 22.29
N GLU A 232 -5.61 51.65 22.25
CA GLU A 232 -4.96 52.07 21.00
C GLU A 232 -4.16 50.92 20.39
N LYS A 233 -3.51 50.11 21.24
CA LYS A 233 -2.81 48.92 20.77
C LYS A 233 -3.16 47.72 21.64
N VAL A 234 -3.74 46.69 21.04
CA VAL A 234 -4.06 45.46 21.72
C VAL A 234 -3.04 44.37 21.38
N VAL A 235 -2.49 43.72 22.39
CA VAL A 235 -1.59 42.60 22.16
C VAL A 235 -2.18 41.30 22.71
N LEU A 236 -2.18 40.25 21.90
CA LEU A 236 -2.57 38.92 22.34
C LEU A 236 -1.33 38.07 22.56
N VAL A 237 -1.23 37.42 23.71
CA VAL A 237 -0.19 36.41 23.92
C VAL A 237 -0.84 35.04 24.01
N SER A 238 -0.36 34.09 23.21
CA SER A 238 -0.90 32.73 23.21
C SER A 238 0.17 31.72 22.83
N LEU A 239 0.30 30.66 23.61
CA LEU A 239 1.33 29.68 23.28
C LEU A 239 0.74 28.49 22.55
N GLY A 240 -0.46 28.69 22.01
CA GLY A 240 -1.18 27.65 21.28
C GLY A 240 -2.19 26.95 22.16
N SER A 241 -2.74 25.86 21.66
CA SER A 241 -3.83 25.20 22.37
C SER A 241 -3.41 24.03 23.27
N ALA A 242 -2.17 23.58 23.19
CA ALA A 242 -1.84 22.30 23.84
C ALA A 242 -0.52 22.17 24.63
N PHE A 243 0.23 23.27 24.77
CA PHE A 243 1.45 23.26 25.58
C PHE A 243 1.81 24.69 25.94
N THR A 244 1.39 25.12 27.12
CA THR A 244 1.29 26.54 27.41
C THR A 244 1.68 26.80 28.87
N LYS A 245 2.76 26.17 29.33
CA LYS A 245 3.22 26.29 30.73
C LYS A 245 4.63 26.89 30.85
N GLN A 246 4.73 28.21 30.80
CA GLN A 246 6.02 28.91 30.93
C GLN A 246 5.87 30.17 31.79
N PRO A 247 5.88 30.02 33.13
CA PRO A 247 5.69 31.15 34.05
C PRO A 247 6.70 32.28 33.91
N ALA A 248 7.98 31.95 33.79
CA ALA A 248 9.03 32.97 33.61
C ALA A 248 8.66 33.91 32.49
N PHE A 249 8.21 33.35 31.38
CA PHE A 249 7.80 34.12 30.21
C PHE A 249 6.47 34.85 30.40
N TYR A 250 5.53 34.24 31.10
CA TYR A 250 4.22 34.88 31.27
C TYR A 250 4.30 36.16 32.08
N ARG A 251 5.04 36.14 33.18
CA ARG A 251 5.21 37.34 33.99
C ARG A 251 6.00 38.42 33.26
N GLU A 252 6.97 38.04 32.43
CA GLU A 252 7.67 39.04 31.64
C GLU A 252 6.70 39.71 30.67
N CYS A 253 5.73 38.95 30.17
CA CYS A 253 4.71 39.53 29.29
C CYS A 253 3.90 40.54 30.09
N VAL A 254 3.58 40.18 31.33
CA VAL A 254 2.81 41.07 32.18
C VAL A 254 3.59 42.36 32.45
N ARG A 255 4.86 42.26 32.77
CA ARG A 255 5.60 43.47 33.13
C ARG A 255 6.19 44.19 31.91
N ALA A 256 6.08 43.58 30.73
CA ALA A 256 6.40 44.30 29.49
C ALA A 256 5.28 45.25 29.09
N PHE A 257 4.04 44.79 29.22
CA PHE A 257 2.90 45.56 28.74
C PHE A 257 2.08 46.17 29.88
N GLY A 258 2.33 45.70 31.09
CA GLY A 258 1.60 46.17 32.26
C GLY A 258 1.77 47.66 32.49
N ASN A 259 0.64 48.36 32.66
CA ASN A 259 0.64 49.80 32.86
C ASN A 259 1.33 50.60 31.76
N LEU A 260 1.54 49.96 30.60
CA LEU A 260 2.11 50.65 29.45
C LEU A 260 1.01 51.48 28.79
N PRO A 261 1.11 52.81 28.86
CA PRO A 261 0.05 53.69 28.33
C PRO A 261 -0.28 53.35 26.88
N GLY A 262 -1.57 53.22 26.58
CA GLY A 262 -2.01 52.94 25.23
C GLY A 262 -2.25 51.46 24.94
N TRP A 263 -1.64 50.59 25.73
CA TRP A 263 -1.65 49.15 25.43
C TRP A 263 -2.60 48.36 26.31
N HIS A 264 -3.20 47.33 25.73
CA HIS A 264 -4.03 46.40 26.46
C HIS A 264 -3.56 45.00 26.13
N LEU A 265 -3.26 44.22 27.17
CA LEU A 265 -2.73 42.87 27.02
C LEU A 265 -3.80 41.81 27.28
N VAL A 266 -3.95 40.88 26.33
CA VAL A 266 -4.77 39.69 26.54
C VAL A 266 -3.81 38.52 26.66
N LEU A 267 -3.74 37.93 27.85
CA LEU A 267 -2.72 36.93 28.14
C LEU A 267 -3.32 35.55 28.35
N GLN A 268 -3.16 34.68 27.34
CA GLN A 268 -3.61 33.30 27.42
C GLN A 268 -2.49 32.49 28.04
N ILE A 269 -2.83 31.73 29.08
CA ILE A 269 -1.81 31.16 29.94
C ILE A 269 -1.92 29.66 30.06
N GLY A 270 -3.10 29.10 29.82
CA GLY A 270 -3.35 27.67 30.02
C GLY A 270 -4.06 27.36 31.33
N ARG A 271 -4.19 28.38 32.18
CA ARG A 271 -4.69 28.25 33.55
C ARG A 271 -6.10 28.81 33.81
N LYS A 272 -6.98 27.99 34.41
CA LYS A 272 -8.35 28.43 34.72
C LYS A 272 -8.42 29.66 35.68
N VAL A 273 -7.97 29.62 36.94
CA VAL A 273 -7.27 28.56 37.69
C VAL A 273 -6.05 27.78 37.08
N THR A 274 -4.81 28.16 37.42
CA THR A 274 -4.51 29.37 38.18
C THR A 274 -3.73 30.46 37.45
N PRO A 275 -4.36 31.63 37.30
CA PRO A 275 -3.64 32.89 37.17
C PRO A 275 -2.71 33.16 38.35
N ALA A 276 -2.95 32.48 39.48
CA ALA A 276 -2.10 32.61 40.67
C ALA A 276 -0.63 32.26 40.38
N GLU A 277 -0.40 31.60 39.26
CA GLU A 277 0.95 31.30 38.83
C GLU A 277 1.43 32.42 37.92
N LEU A 278 1.39 33.64 38.43
CA LEU A 278 1.79 34.83 37.69
C LEU A 278 1.48 36.07 38.52
N GLY A 279 1.36 35.87 39.83
CA GLY A 279 0.67 36.79 40.72
C GLY A 279 0.91 38.28 40.76
N GLU A 280 0.09 39.01 40.00
CA GLU A 280 -0.16 40.48 40.07
C GLU A 280 -0.30 41.16 38.70
N LEU A 281 -1.53 41.40 38.29
CA LEU A 281 -1.80 41.97 36.97
C LEU A 281 -2.29 43.41 37.06
N PRO A 282 -1.69 44.30 36.26
CA PRO A 282 -2.20 45.67 36.12
C PRO A 282 -3.63 45.73 35.56
N ASP A 283 -4.25 46.92 35.62
CA ASP A 283 -5.62 47.11 35.16
C ASP A 283 -5.77 46.89 33.66
N ASN A 284 -4.68 47.04 32.91
CA ASN A 284 -4.73 46.94 31.45
C ASN A 284 -4.38 45.53 30.95
N VAL A 285 -4.64 44.53 31.78
CA VAL A 285 -4.39 43.14 31.41
C VAL A 285 -5.68 42.33 31.52
N GLU A 286 -5.86 41.37 30.61
CA GLU A 286 -7.07 40.56 30.50
C GLU A 286 -6.61 39.11 30.47
N VAL A 287 -7.02 38.31 31.45
CA VAL A 287 -6.38 37.01 31.69
C VAL A 287 -7.29 35.82 31.38
N HIS A 288 -6.74 34.81 30.71
CA HIS A 288 -7.53 33.64 30.31
C HIS A 288 -6.78 32.32 30.24
N ASP A 289 -7.51 31.27 30.59
CA ASP A 289 -7.14 29.88 30.38
C ASP A 289 -7.12 29.52 28.90
N TRP A 290 -8.18 29.93 28.20
CA TRP A 290 -8.35 29.70 26.77
C TRP A 290 -8.93 30.99 26.23
N VAL A 291 -8.68 31.27 24.95
CA VAL A 291 -9.33 32.40 24.29
C VAL A 291 -9.84 32.04 22.90
N PRO A 292 -10.89 32.73 22.45
CA PRO A 292 -11.28 32.65 21.03
C PRO A 292 -10.22 33.38 20.21
N GLN A 293 -9.09 32.72 19.99
CA GLN A 293 -7.88 33.36 19.47
C GLN A 293 -8.04 34.07 18.13
N LEU A 294 -8.76 33.43 17.20
CA LEU A 294 -8.93 34.05 15.90
C LEU A 294 -9.76 35.32 16.04
N ALA A 295 -10.67 35.32 17.00
CA ALA A 295 -11.60 36.43 17.18
C ALA A 295 -10.86 37.68 17.65
N ILE A 296 -9.96 37.49 18.60
CA ILE A 296 -9.15 38.58 19.12
C ILE A 296 -8.14 39.08 18.09
N LEU A 297 -7.57 38.16 17.32
CA LEU A 297 -6.55 38.52 16.34
C LEU A 297 -7.05 39.50 15.28
N ARG A 298 -8.27 39.32 14.79
CA ARG A 298 -8.72 40.24 13.76
C ARG A 298 -8.99 41.63 14.38
N GLN A 299 -8.92 41.68 15.71
CA GLN A 299 -9.04 42.93 16.47
C GLN A 299 -7.73 43.38 17.14
N ALA A 300 -6.66 42.62 16.94
CA ALA A 300 -5.39 42.86 17.65
C ALA A 300 -4.31 43.53 16.79
N ASP A 301 -3.40 44.25 17.45
CA ASP A 301 -2.34 44.96 16.75
C ASP A 301 -0.98 44.28 16.87
N LEU A 302 -0.88 43.32 17.79
CA LEU A 302 0.35 42.56 17.95
C LEU A 302 0.02 41.18 18.48
N PHE A 303 0.73 40.17 18.00
CA PHE A 303 0.49 38.80 18.45
C PHE A 303 1.81 38.19 18.92
N VAL A 304 1.90 37.88 20.21
CA VAL A 304 3.07 37.16 20.72
C VAL A 304 2.70 35.68 20.66
N THR A 305 3.36 34.96 19.75
CA THR A 305 2.94 33.61 19.38
C THR A 305 4.07 32.59 19.50
N HIS A 306 3.74 31.33 19.75
CA HIS A 306 4.72 30.27 19.71
C HIS A 306 5.05 29.82 18.28
N ALA A 307 4.32 30.38 17.33
CA ALA A 307 4.56 30.13 15.90
C ALA A 307 4.23 28.69 15.50
N GLY A 308 3.24 28.10 16.16
CA GLY A 308 2.63 26.89 15.64
C GLY A 308 1.98 27.18 14.30
N ALA A 309 1.60 26.13 13.58
CA ALA A 309 1.01 26.31 12.24
C ALA A 309 -0.23 27.20 12.23
N GLY A 310 -1.15 26.96 13.15
CA GLY A 310 -2.39 27.72 13.21
C GLY A 310 -2.13 29.18 13.56
N GLY A 311 -1.48 29.41 14.68
CA GLY A 311 -1.15 30.76 15.09
C GLY A 311 -0.42 31.55 14.01
N SER A 312 0.58 30.93 13.40
CA SER A 312 1.37 31.61 12.37
C SER A 312 0.46 31.99 11.21
N GLN A 313 -0.38 31.07 10.78
CA GLN A 313 -1.23 31.39 9.65
C GLN A 313 -2.33 32.39 10.03
N GLU A 314 -2.80 32.31 11.27
CA GLU A 314 -3.86 33.22 11.72
C GLU A 314 -3.34 34.64 11.93
N GLY A 315 -2.08 34.75 12.36
CA GLY A 315 -1.41 36.03 12.42
C GLY A 315 -1.32 36.67 11.04
N LEU A 316 -0.89 35.90 10.05
CA LEU A 316 -0.80 36.42 8.69
C LEU A 316 -2.18 36.73 8.14
N ALA A 317 -3.13 35.83 8.38
CA ALA A 317 -4.49 35.97 7.87
C ALA A 317 -5.14 37.29 8.32
N THR A 318 -4.78 37.72 9.52
CA THR A 318 -5.33 38.93 10.11
C THR A 318 -4.38 40.13 10.02
N ALA A 319 -3.28 39.97 9.28
CA ALA A 319 -2.27 41.03 9.13
C ALA A 319 -1.82 41.60 10.47
N THR A 320 -1.48 40.71 11.40
CA THR A 320 -1.08 41.11 12.73
C THR A 320 0.40 40.82 12.93
N PRO A 321 1.21 41.86 13.16
CA PRO A 321 2.66 41.66 13.36
C PRO A 321 2.89 40.74 14.54
N MET A 322 3.96 39.95 14.48
CA MET A 322 4.15 38.93 15.50
C MET A 322 5.50 38.99 16.19
N ILE A 323 5.50 38.67 17.48
CA ILE A 323 6.72 38.32 18.17
C ILE A 323 6.69 36.80 18.31
N ALA A 324 7.59 36.13 17.61
CA ALA A 324 7.60 34.68 17.59
C ALA A 324 8.56 34.16 18.63
N VAL A 325 8.01 33.40 19.58
CA VAL A 325 8.79 32.80 20.65
C VAL A 325 8.55 31.29 20.60
N PRO A 326 9.25 30.61 19.67
CA PRO A 326 9.00 29.18 19.50
C PRO A 326 9.48 28.39 20.70
N GLN A 327 8.70 27.40 21.12
CA GLN A 327 9.13 26.56 22.22
C GLN A 327 9.73 25.27 21.71
N ALA A 328 9.64 25.05 20.39
CA ALA A 328 10.01 23.77 19.77
C ALA A 328 10.31 23.92 18.27
N VAL A 329 11.09 22.99 17.70
CA VAL A 329 11.70 23.14 16.38
C VAL A 329 10.75 23.24 15.18
N ASP A 330 9.61 22.55 15.30
CA ASP A 330 8.50 22.64 14.37
C ASP A 330 7.89 24.03 14.37
N GLN A 331 8.39 24.88 15.25
CA GLN A 331 7.98 26.26 15.33
C GLN A 331 9.20 27.13 15.03
N PHE A 332 10.39 26.53 15.09
CA PHE A 332 11.63 27.24 14.82
C PHE A 332 11.66 27.75 13.38
N GLY A 333 11.44 26.83 12.45
CA GLY A 333 11.37 27.19 11.04
C GLY A 333 10.28 28.21 10.76
N ASN A 334 9.12 28.03 11.36
CA ASN A 334 8.03 28.98 11.16
C ASN A 334 8.36 30.36 11.72
N ALA A 335 8.98 30.40 12.89
CA ALA A 335 9.43 31.68 13.43
C ALA A 335 10.46 32.30 12.49
N ASP A 336 11.36 31.45 12.00
CA ASP A 336 12.40 31.87 11.06
C ASP A 336 11.77 32.44 9.78
N MET A 337 10.73 31.78 9.29
CA MET A 337 10.08 32.22 8.06
C MET A 337 9.28 33.50 8.29
N LEU A 338 8.61 33.60 9.44
CA LEU A 338 7.87 34.81 9.78
C LEU A 338 8.79 36.02 9.84
N GLN A 339 9.94 35.86 10.48
CA GLN A 339 10.87 36.99 10.54
C GLN A 339 11.45 37.27 9.16
N GLY A 340 11.58 36.23 8.34
CA GLY A 340 12.11 36.39 7.00
C GLY A 340 11.22 37.21 6.09
N LEU A 341 9.92 37.17 6.37
CA LEU A 341 8.95 37.93 5.60
C LEU A 341 8.86 39.36 6.09
N GLY A 342 9.66 39.70 7.10
CA GLY A 342 9.72 41.05 7.61
C GLY A 342 8.47 41.46 8.35
N VAL A 343 7.76 40.49 8.93
CA VAL A 343 6.52 40.80 9.62
C VAL A 343 6.55 40.37 11.07
N ALA A 344 7.74 40.00 11.54
CA ALA A 344 7.88 39.43 12.87
C ALA A 344 9.31 39.53 13.36
N ARG A 345 9.48 39.38 14.66
CA ARG A 345 10.79 39.23 15.27
C ARG A 345 10.76 37.92 16.05
N LYS A 346 11.79 37.10 15.88
CA LYS A 346 11.87 35.82 16.58
C LYS A 346 12.68 35.95 17.86
N LEU A 347 12.16 35.39 18.96
CA LEU A 347 12.87 35.38 20.24
C LEU A 347 12.89 34.00 20.89
N ALA A 348 14.08 33.57 21.31
CA ALA A 348 14.20 32.46 22.24
C ALA A 348 13.46 32.88 23.52
N THR A 349 12.96 31.93 24.30
CA THR A 349 12.20 32.30 25.49
C THR A 349 13.03 32.99 26.57
N GLU A 350 14.23 32.48 26.81
CA GLU A 350 15.10 33.01 27.86
N GLU A 351 15.22 34.51 25.16
CA GLU A 351 15.56 35.76 25.83
C GLU A 351 14.35 36.68 25.93
N ALA A 352 13.16 36.09 26.07
CA ALA A 352 11.92 36.88 26.02
C ALA A 352 11.61 37.66 27.31
N THR A 353 12.33 38.76 27.52
CA THR A 353 12.20 39.58 28.73
C THR A 353 11.37 40.85 28.54
N ALA A 354 11.05 41.49 29.66
CA ALA A 354 10.15 42.64 29.67
C ALA A 354 10.61 43.80 28.78
N ASP A 355 11.84 44.23 28.98
CA ASP A 355 12.38 45.35 28.23
C ASP A 355 12.48 45.02 26.74
N LEU A 356 12.98 43.82 26.44
CA LEU A 356 13.12 43.40 25.05
C LEU A 356 11.77 43.22 24.35
N LEU A 357 10.82 42.60 25.05
CA LEU A 357 9.47 42.42 24.51
C LEU A 357 8.86 43.77 24.24
N ARG A 358 9.03 44.70 25.17
CA ARG A 358 8.44 46.03 25.04
C ARG A 358 9.04 46.79 23.85
N GLU A 359 10.36 46.78 23.70
CA GLU A 359 10.96 47.50 22.59
C GLU A 359 10.58 46.87 21.27
N THR A 360 10.57 45.53 21.25
CA THR A 360 10.23 44.79 20.04
C THR A 360 8.81 45.08 19.61
N ALA A 361 7.91 45.06 20.58
CA ALA A 361 6.51 45.36 20.34
C ALA A 361 6.28 46.73 19.72
N LEU A 362 6.83 47.76 20.36
CA LEU A 362 6.67 49.14 19.90
C LEU A 362 7.23 49.30 18.49
N ALA A 363 8.32 48.61 18.22
CA ALA A 363 8.96 48.72 16.92
C ALA A 363 8.15 48.05 15.82
N LEU A 364 7.45 46.96 16.15
CA LEU A 364 6.67 46.24 15.15
C LEU A 364 5.37 46.94 14.81
N VAL A 365 4.66 47.48 15.81
CA VAL A 365 3.42 48.20 15.53
C VAL A 365 3.76 49.56 14.94
N ASP A 366 4.92 50.08 15.32
CA ASP A 366 5.42 51.27 14.65
C ASP A 366 6.54 50.91 13.69
N ASP A 367 6.17 50.12 12.68
CA ASP A 367 7.03 49.85 11.55
C ASP A 367 6.29 49.98 10.22
N PRO A 368 6.79 50.90 9.37
CA PRO A 368 6.26 51.18 8.04
C PRO A 368 6.21 49.96 7.12
N GLU A 369 7.33 49.27 6.92
CA GLU A 369 7.37 48.21 5.92
C GLU A 369 6.69 46.91 6.40
N VAL A 370 6.65 46.72 7.72
CA VAL A 370 5.98 45.55 8.30
C VAL A 370 4.49 45.53 7.93
N ALA A 371 3.80 46.64 8.16
CA ALA A 371 2.39 46.74 7.81
C ALA A 371 2.15 46.52 6.31
N ARG A 372 3.07 47.00 5.49
CA ARG A 372 3.00 46.82 4.03
C ARG A 372 3.01 45.35 3.67
N ARG A 373 3.95 44.62 4.26
CA ARG A 373 4.17 43.25 3.88
C ARG A 373 3.07 42.34 4.34
N LEU A 374 2.46 42.67 5.48
CA LEU A 374 1.32 41.91 5.98
C LEU A 374 0.12 42.06 5.07
N ARG A 375 -0.11 43.27 4.57
CA ARG A 375 -1.23 43.49 3.67
C ARG A 375 -1.05 42.73 2.36
N ARG A 376 0.15 42.71 1.83
CA ARG A 376 0.40 41.96 0.60
C ARG A 376 0.22 40.45 0.82
N ILE A 377 0.78 39.93 1.91
CA ILE A 377 0.63 38.50 2.20
C ILE A 377 -0.85 38.12 2.39
N GLN A 378 -1.61 39.00 3.02
CA GLN A 378 -3.06 38.82 3.13
C GLN A 378 -3.72 38.74 1.74
N ALA A 379 -3.25 39.58 0.82
CA ALA A 379 -3.76 39.58 -0.54
C ALA A 379 -3.37 38.29 -1.26
N GLU A 380 -2.18 37.78 -0.94
CA GLU A 380 -1.72 36.56 -1.58
C GLU A 380 -2.46 35.35 -1.01
N MET A 381 -2.78 35.40 0.28
CA MET A 381 -3.55 34.34 0.90
C MET A 381 -5.00 34.33 0.40
N ALA A 382 -5.54 35.51 0.09
CA ALA A 382 -6.91 35.59 -0.42
C ALA A 382 -7.06 34.77 -1.70
N GLN A 383 -6.04 34.80 -2.55
CA GLN A 383 -6.07 34.02 -3.77
C GLN A 383 -6.03 32.52 -3.47
N GLU A 384 -5.39 32.17 -2.36
CA GLU A 384 -5.26 30.77 -1.97
C GLU A 384 -6.64 30.15 -1.72
N GLY A 385 -7.53 30.91 -1.09
CA GLY A 385 -8.94 30.58 -1.09
C GLY A 385 -9.50 29.68 -0.01
N GLY A 386 -8.71 28.71 0.45
CA GLY A 386 -9.17 27.85 1.53
C GLY A 386 -10.32 26.94 1.14
N THR A 387 -11.26 26.76 2.07
CA THR A 387 -12.24 25.66 2.02
C THR A 387 -12.88 25.42 0.67
N ARG A 388 -13.60 26.43 0.22
CA ARG A 388 -14.41 26.31 -0.98
C ARG A 388 -13.55 26.30 -2.25
N ARG A 389 -12.42 27.00 -2.24
CA ARG A 389 -11.49 26.92 -3.36
C ARG A 389 -10.89 25.52 -3.51
N ALA A 390 -10.52 24.90 -2.39
CA ALA A 390 -9.97 23.55 -2.44
C ALA A 390 -10.93 22.60 -3.16
N ALA A 391 -12.23 22.76 -2.91
CA ALA A 391 -13.22 21.91 -3.58
C ALA A 391 -13.20 22.08 -5.10
N ASP A 392 -13.17 23.33 -5.57
CA ASP A 392 -13.14 23.59 -7.00
C ASP A 392 -11.93 22.92 -7.66
N LEU A 393 -10.79 22.96 -6.99
CA LEU A 393 -9.58 22.37 -7.56
C LEU A 393 -9.70 20.86 -7.63
N ILE A 394 -10.27 20.28 -6.58
CA ILE A 394 -10.54 18.84 -6.54
C ILE A 394 -11.47 18.44 -7.69
N GLU A 395 -12.59 19.16 -7.81
CA GLU A 395 -13.56 18.88 -8.87
C GLU A 395 -12.92 18.88 -10.26
N ALA A 396 -11.94 19.75 -10.45
CA ALA A 396 -11.20 19.82 -11.71
C ALA A 396 -10.44 18.52 -12.02
N GLU A 397 -10.16 17.73 -10.98
CA GLU A 397 -9.38 16.50 -11.17
C GLU A 397 -10.25 15.28 -11.52
N LEU A 398 -11.54 15.52 -11.69
CA LEU A 398 -12.47 14.42 -11.90
C LEU A 398 -12.34 13.74 -13.26
N PRO A 399 -12.83 12.48 -13.34
CA PRO A 399 -13.00 11.79 -14.62
C PRO A 399 -13.77 12.68 -15.61
N ALA A 400 -15.07 12.82 -15.43
CA ALA A 400 -15.83 13.72 -16.30
C ALA A 400 -17.00 14.37 -15.56
N THR B 6 16.39 -52.93 -3.08
CA THR B 6 14.94 -52.71 -3.06
C THR B 6 14.66 -51.23 -3.21
N PRO B 7 13.81 -50.87 -4.19
CA PRO B 7 13.45 -49.48 -4.47
C PRO B 7 12.92 -48.72 -3.24
N ALA B 8 13.38 -47.49 -3.07
CA ALA B 8 12.91 -46.63 -1.99
C ALA B 8 11.42 -46.40 -2.14
N HIS B 9 10.74 -46.27 -1.00
CA HIS B 9 9.30 -46.02 -0.98
C HIS B 9 9.04 -44.56 -0.62
N ILE B 10 8.54 -43.80 -1.59
CA ILE B 10 8.20 -42.40 -1.39
C ILE B 10 6.69 -42.35 -1.34
N ALA B 11 6.14 -41.62 -0.37
CA ALA B 11 4.70 -41.47 -0.26
C ALA B 11 4.30 -40.01 -0.49
N MET B 12 3.55 -39.77 -1.56
CA MET B 12 3.04 -38.46 -1.89
C MET B 12 1.61 -38.32 -1.36
N PHE B 13 1.31 -37.16 -0.79
CA PHE B 13 -0.04 -36.86 -0.29
C PHE B 13 -0.65 -35.63 -0.95
N SER B 14 -1.89 -35.74 -1.38
CA SER B 14 -2.64 -34.56 -1.81
C SER B 14 -4.14 -34.70 -1.65
N ILE B 15 -4.86 -33.74 -2.21
CA ILE B 15 -6.31 -33.64 -2.13
C ILE B 15 -6.85 -33.63 -3.54
N ALA B 16 -8.13 -33.98 -3.72
CA ALA B 16 -8.68 -33.99 -5.06
C ALA B 16 -8.94 -32.58 -5.56
N ALA B 17 -7.87 -31.83 -5.78
CA ALA B 17 -7.99 -30.49 -6.38
C ALA B 17 -7.11 -30.32 -7.60
N HIS B 18 -7.73 -29.78 -8.66
CA HIS B 18 -7.11 -29.52 -9.97
C HIS B 18 -5.84 -28.70 -9.92
N GLY B 19 -5.51 -28.15 -8.75
CA GLY B 19 -4.43 -27.19 -8.62
C GLY B 19 -3.48 -27.55 -7.51
N HIS B 20 -3.82 -28.61 -6.80
CA HIS B 20 -2.88 -29.15 -5.82
C HIS B 20 -2.36 -30.49 -6.28
N VAL B 21 -2.71 -30.86 -7.51
CA VAL B 21 -2.22 -32.10 -8.10
C VAL B 21 -1.39 -31.86 -9.36
N ASN B 22 -1.89 -31.04 -10.26
CA ASN B 22 -1.24 -30.79 -11.56
C ASN B 22 0.17 -30.23 -11.51
N PRO B 23 0.40 -29.16 -10.74
CA PRO B 23 1.74 -28.57 -10.90
C PRO B 23 2.90 -29.47 -10.44
N SER B 24 2.61 -30.58 -9.78
CA SER B 24 3.66 -31.53 -9.37
C SER B 24 3.54 -32.92 -10.03
N LEU B 25 2.65 -33.07 -10.99
CA LEU B 25 2.40 -34.38 -11.59
C LEU B 25 3.66 -34.93 -12.25
N GLU B 26 4.32 -34.10 -13.04
CA GLU B 26 5.55 -34.50 -13.72
C GLU B 26 6.62 -35.03 -12.77
N VAL B 27 6.70 -34.42 -11.58
CA VAL B 27 7.68 -34.82 -10.58
C VAL B 27 7.47 -36.26 -10.15
N ILE B 28 6.21 -36.60 -9.84
CA ILE B 28 5.85 -37.95 -9.43
C ILE B 28 6.10 -38.95 -10.58
N ARG B 29 5.69 -38.58 -11.78
CA ARG B 29 5.94 -39.40 -12.96
C ARG B 29 7.44 -39.65 -13.13
N GLU B 30 8.24 -38.64 -12.80
CA GLU B 30 9.69 -38.72 -12.98
C GLU B 30 10.31 -39.62 -11.92
N LEU B 31 9.90 -39.48 -10.66
CA LEU B 31 10.43 -40.34 -9.60
C LEU B 31 10.16 -41.82 -9.89
N VAL B 32 8.97 -42.09 -10.42
CA VAL B 32 8.59 -43.45 -10.79
C VAL B 32 9.39 -43.90 -12.02
N ALA B 33 9.40 -43.07 -13.06
CA ALA B 33 10.16 -43.39 -14.29
C ALA B 33 11.66 -43.53 -14.00
N ARG B 34 12.07 -43.03 -12.83
CA ARG B 34 13.42 -43.23 -12.33
C ARG B 34 13.57 -44.48 -11.44
N GLY B 35 12.46 -45.14 -11.11
CA GLY B 35 12.54 -46.43 -10.43
C GLY B 35 12.21 -46.56 -8.96
N HIS B 36 12.02 -45.46 -8.25
CA HIS B 36 11.59 -45.53 -6.85
C HIS B 36 10.19 -46.10 -6.84
N ARG B 37 9.74 -46.68 -5.74
CA ARG B 37 8.31 -46.98 -5.69
C ARG B 37 7.54 -45.94 -4.91
N VAL B 38 6.62 -45.31 -5.62
CA VAL B 38 5.89 -44.19 -5.10
C VAL B 38 4.43 -44.57 -4.93
N THR B 39 3.87 -44.20 -3.79
CA THR B 39 2.44 -44.29 -3.55
C THR B 39 1.90 -42.85 -3.57
N TYR B 40 0.60 -42.68 -3.84
CA TYR B 40 0.01 -41.35 -3.93
C TYR B 40 -1.35 -41.37 -3.27
N ALA B 41 -1.40 -40.95 -2.01
CA ALA B 41 -2.66 -40.89 -1.29
C ALA B 41 -3.51 -39.77 -1.87
N ILE B 42 -4.69 -40.12 -2.38
CA ILE B 42 -5.54 -39.19 -3.13
C ILE B 42 -6.99 -39.60 -2.88
N PRO B 43 -7.94 -38.67 -2.96
CA PRO B 43 -9.32 -39.14 -2.92
C PRO B 43 -9.67 -39.88 -4.20
N PRO B 44 -10.67 -40.78 -4.17
CA PRO B 44 -10.93 -41.67 -5.30
C PRO B 44 -11.34 -40.94 -6.58
N VAL B 45 -11.91 -39.74 -6.46
CA VAL B 45 -12.33 -39.06 -7.68
C VAL B 45 -11.13 -38.69 -8.58
N PHE B 46 -9.97 -38.46 -7.96
CA PHE B 46 -8.78 -38.19 -8.77
C PHE B 46 -7.96 -39.46 -9.04
N ALA B 47 -8.56 -40.63 -8.80
CA ALA B 47 -7.89 -41.91 -9.00
C ALA B 47 -7.18 -41.98 -10.34
N ASP B 48 -7.94 -41.81 -11.41
CA ASP B 48 -7.38 -41.98 -12.76
C ASP B 48 -6.26 -40.97 -13.01
N LYS B 49 -6.49 -39.74 -12.59
CA LYS B 49 -5.59 -38.63 -12.90
C LYS B 49 -4.18 -38.83 -12.37
N VAL B 50 -4.05 -39.37 -11.15
CA VAL B 50 -2.73 -39.66 -10.60
C VAL B 50 -2.20 -41.03 -11.02
N ALA B 51 -3.10 -41.95 -11.38
CA ALA B 51 -2.70 -43.29 -11.81
C ALA B 51 -1.81 -43.25 -13.05
N ALA B 52 -2.09 -42.27 -13.92
CA ALA B 52 -1.37 -42.12 -15.19
C ALA B 52 0.11 -41.77 -15.02
N THR B 53 0.56 -41.56 -13.78
CA THR B 53 1.97 -41.28 -13.54
C THR B 53 2.77 -42.53 -13.18
N GLY B 54 2.07 -43.61 -12.85
CA GLY B 54 2.72 -44.87 -12.48
C GLY B 54 2.82 -45.15 -10.98
N ALA B 55 2.64 -44.12 -10.16
CA ALA B 55 2.54 -44.33 -8.72
C ALA B 55 1.21 -45.03 -8.48
N ARG B 56 1.13 -45.79 -7.39
CA ARG B 56 -0.07 -46.53 -7.02
C ARG B 56 -0.93 -45.65 -6.13
N PRO B 57 -2.20 -45.42 -6.51
CA PRO B 57 -2.99 -44.58 -5.60
C PRO B 57 -3.47 -45.33 -4.36
N VAL B 58 -3.54 -44.63 -3.23
CA VAL B 58 -4.07 -45.20 -1.99
C VAL B 58 -5.15 -44.26 -1.45
N LEU B 59 -6.39 -44.73 -1.45
CA LEU B 59 -7.55 -43.82 -1.37
C LEU B 59 -8.01 -43.42 0.03
N TYR B 60 -8.70 -42.29 0.07
CA TYR B 60 -9.43 -41.82 1.26
C TYR B 60 -10.57 -40.89 0.83
N HIS B 61 -11.68 -40.84 1.57
CA HIS B 61 -12.87 -40.19 1.01
C HIS B 61 -13.20 -38.76 1.55
N SER B 62 -12.47 -37.79 1.01
CA SER B 62 -12.43 -36.41 1.49
C SER B 62 -13.79 -35.74 1.54
N THR B 63 -13.88 -34.65 2.32
CA THR B 63 -15.10 -33.87 2.43
C THR B 63 -14.88 -32.46 1.93
N LEU B 64 -13.85 -32.29 1.11
CA LEU B 64 -13.59 -31.01 0.42
C LEU B 64 -14.45 -30.88 -0.84
N PRO B 65 -14.67 -29.64 -1.33
CA PRO B 65 -15.46 -29.41 -2.54
C PRO B 65 -14.94 -30.13 -3.81
N GLY B 66 -15.83 -30.32 -4.78
CA GLY B 66 -15.50 -31.02 -6.02
C GLY B 66 -14.36 -30.39 -6.82
N PRO B 67 -13.55 -31.22 -7.50
CA PRO B 67 -12.43 -30.65 -8.24
C PRO B 67 -12.89 -29.66 -9.31
N ASP B 68 -14.19 -29.61 -9.55
CA ASP B 68 -14.76 -28.65 -10.49
C ASP B 68 -15.89 -27.86 -9.84
N ALA B 69 -15.98 -27.94 -8.51
CA ALA B 69 -16.94 -27.12 -7.78
C ALA B 69 -16.68 -25.64 -8.09
N ASP B 70 -17.74 -24.84 -8.05
CA ASP B 70 -17.60 -23.41 -8.26
C ASP B 70 -16.93 -22.82 -7.03
N PRO B 71 -16.14 -21.75 -7.22
CA PRO B 71 -15.36 -21.03 -6.21
C PRO B 71 -16.06 -20.97 -4.85
N GLU B 72 -17.31 -20.52 -4.85
CA GLU B 72 -18.08 -20.29 -3.64
C GLU B 72 -18.42 -21.58 -2.90
N ALA B 73 -17.75 -22.68 -3.25
CA ALA B 73 -17.83 -23.93 -2.49
C ALA B 73 -16.83 -23.89 -1.33
N TRP B 74 -15.85 -22.99 -1.47
CA TRP B 74 -14.85 -22.72 -0.43
C TRP B 74 -15.05 -21.22 -0.14
N GLY B 75 -15.25 -20.45 -1.21
CA GLY B 75 -15.86 -19.13 -1.09
C GLY B 75 -15.01 -17.96 -0.65
N SER B 76 -15.63 -17.10 0.17
CA SER B 76 -15.04 -15.79 0.47
C SER B 76 -14.96 -15.33 1.94
N THR B 77 -14.68 -16.23 2.88
CA THR B 77 -14.18 -15.80 4.19
C THR B 77 -12.91 -16.57 4.62
N LEU B 78 -12.20 -16.04 5.61
CA LEU B 78 -10.95 -16.68 6.05
C LEU B 78 -11.21 -18.01 6.72
N LEU B 79 -12.16 -18.05 7.65
CA LEU B 79 -12.45 -19.29 8.34
C LEU B 79 -13.19 -20.30 7.47
N ASP B 80 -14.01 -19.82 6.53
CA ASP B 80 -14.62 -20.73 5.55
C ASP B 80 -13.54 -21.34 4.66
N ASN B 81 -12.51 -20.55 4.36
CA ASN B 81 -11.44 -21.04 3.48
C ASN B 81 -10.53 -22.05 4.17
N VAL B 82 -10.15 -21.76 5.41
CA VAL B 82 -9.13 -22.60 6.06
C VAL B 82 -9.65 -23.75 6.92
N GLU B 83 -10.77 -23.54 7.60
CA GLU B 83 -11.31 -24.60 8.46
C GLU B 83 -11.53 -25.97 7.80
N PRO B 84 -12.08 -26.01 6.56
CA PRO B 84 -12.27 -27.30 5.90
C PRO B 84 -11.00 -28.14 5.80
N PHE B 85 -9.85 -27.51 5.57
CA PHE B 85 -8.62 -28.25 5.48
C PHE B 85 -8.29 -28.95 6.79
N LEU B 86 -8.61 -28.31 7.91
CA LEU B 86 -8.40 -28.95 9.21
C LEU B 86 -9.41 -30.08 9.44
N ASN B 87 -10.68 -29.78 9.23
CA ASN B 87 -11.73 -30.76 9.50
C ASN B 87 -11.54 -32.00 8.61
N ASP B 88 -11.24 -31.77 7.33
CA ASP B 88 -10.94 -32.88 6.43
C ASP B 88 -9.74 -33.66 6.97
N ALA B 89 -8.70 -32.94 7.35
CA ALA B 89 -7.48 -33.56 7.84
C ALA B 89 -7.76 -34.47 9.04
N ILE B 90 -8.60 -34.00 9.95
CA ILE B 90 -8.87 -34.76 11.16
C ILE B 90 -9.48 -36.13 10.86
N GLN B 91 -10.41 -36.19 9.89
CA GLN B 91 -10.95 -37.48 9.49
C GLN B 91 -10.01 -38.26 8.56
N ALA B 92 -9.21 -37.53 7.78
CA ALA B 92 -8.33 -38.14 6.78
C ALA B 92 -7.00 -38.66 7.33
N LEU B 93 -6.73 -38.39 8.61
CA LEU B 93 -5.56 -38.95 9.27
C LEU B 93 -5.70 -40.45 9.62
N PRO B 94 -6.77 -40.83 10.35
CA PRO B 94 -6.90 -42.26 10.64
C PRO B 94 -7.05 -43.13 9.40
N GLN B 95 -7.72 -42.61 8.37
CA GLN B 95 -7.84 -43.36 7.11
C GLN B 95 -6.46 -43.60 6.51
N LEU B 96 -5.67 -42.54 6.43
CA LEU B 96 -4.35 -42.67 5.86
C LEU B 96 -3.45 -43.55 6.72
N ALA B 97 -3.94 -44.04 7.85
CA ALA B 97 -3.13 -45.02 8.60
C ALA B 97 -3.81 -46.01 9.56
N ASP B 98 -4.39 -47.12 9.06
CA ASP B 98 -4.68 -48.29 9.91
C ASP B 98 -4.91 -49.60 9.12
N ALA B 99 -5.31 -49.46 7.86
CA ALA B 99 -5.14 -50.45 6.83
C ALA B 99 -3.66 -50.46 6.50
N TYR B 100 -3.06 -49.28 6.68
CA TYR B 100 -1.73 -48.98 6.18
C TYR B 100 -0.89 -48.35 7.27
N ALA B 101 0.16 -49.06 7.61
CA ALA B 101 0.86 -48.94 8.86
C ALA B 101 1.87 -50.07 8.75
N ASP B 102 1.77 -50.82 7.64
CA ASP B 102 2.65 -51.96 7.36
C ASP B 102 3.40 -51.70 6.06
N ASP B 103 3.53 -50.43 5.71
CA ASP B 103 4.22 -50.00 4.48
C ASP B 103 4.82 -48.63 4.77
N ILE B 104 5.58 -48.52 5.86
CA ILE B 104 6.04 -47.22 6.33
C ILE B 104 7.12 -46.60 5.42
N PRO B 105 6.83 -45.42 4.84
CA PRO B 105 7.62 -44.73 3.81
C PRO B 105 9.05 -44.46 4.19
N ASP B 106 9.91 -44.46 3.18
CA ASP B 106 11.27 -43.99 3.31
C ASP B 106 11.30 -42.44 3.34
N LEU B 107 10.28 -41.84 2.76
CA LEU B 107 10.13 -40.38 2.70
C LEU B 107 8.71 -40.04 2.26
N VAL B 108 8.24 -38.86 2.65
CA VAL B 108 6.90 -38.38 2.31
C VAL B 108 6.93 -37.08 1.50
N LEU B 109 6.23 -37.07 0.37
CA LEU B 109 6.00 -35.86 -0.42
C LEU B 109 4.58 -35.42 -0.10
N HIS B 110 4.29 -34.13 -0.25
CA HIS B 110 2.91 -33.66 -0.07
C HIS B 110 2.71 -32.22 -0.56
N ASP B 111 1.59 -32.00 -1.22
CA ASP B 111 1.14 -30.63 -1.49
C ASP B 111 0.80 -29.92 -0.17
N ILE B 112 0.85 -28.59 -0.18
CA ILE B 112 0.64 -27.78 1.03
C ILE B 112 -0.67 -28.05 1.78
N THR B 113 -1.69 -28.53 1.10
CA THR B 113 -3.00 -28.68 1.73
C THR B 113 -3.09 -29.92 2.64
N SER B 114 -2.05 -30.72 2.68
CA SER B 114 -2.14 -31.99 3.39
C SER B 114 -1.51 -32.00 4.79
N TYR B 115 -2.30 -31.63 5.79
CA TYR B 115 -1.88 -31.72 7.19
C TYR B 115 -1.62 -33.15 7.66
N PRO B 116 -2.61 -34.04 7.47
CA PRO B 116 -2.55 -35.29 8.23
C PRO B 116 -1.82 -36.17 7.28
N ALA B 117 -0.51 -35.98 7.26
CA ALA B 117 0.17 -35.84 5.99
C ALA B 117 1.43 -34.99 6.11
N ARG B 118 1.47 -34.17 7.16
CA ARG B 118 2.69 -33.67 7.82
C ARG B 118 2.77 -34.52 9.11
N VAL B 119 1.63 -34.98 9.60
CA VAL B 119 1.62 -35.97 10.67
C VAL B 119 1.83 -37.35 10.02
N LEU B 120 1.61 -37.45 8.70
CA LEU B 120 2.09 -38.61 7.92
C LEU B 120 3.45 -38.23 7.35
N ALA B 121 3.72 -36.95 7.19
CA ALA B 121 5.07 -36.58 6.72
C ALA B 121 6.06 -36.50 7.88
N ARG B 122 5.57 -36.11 9.05
CA ARG B 122 6.39 -36.27 10.25
C ARG B 122 6.30 -37.74 10.65
N ARG B 123 5.23 -38.10 11.36
CA ARG B 123 5.18 -39.25 12.31
C ARG B 123 6.36 -40.19 12.29
N TRP B 124 6.45 -41.04 11.27
CA TRP B 124 7.35 -42.18 11.28
C TRP B 124 8.83 -41.86 11.47
N GLY B 125 9.16 -40.59 11.70
CA GLY B 125 10.53 -40.16 11.82
C GLY B 125 11.22 -40.28 10.48
N VAL B 126 10.47 -40.08 9.41
CA VAL B 126 11.04 -39.96 8.07
C VAL B 126 10.92 -38.52 7.61
N PRO B 127 11.82 -38.11 6.71
CA PRO B 127 11.77 -36.72 6.24
C PRO B 127 10.52 -36.44 5.41
N ALA B 128 10.15 -35.16 5.37
CA ALA B 128 8.99 -34.70 4.64
C ALA B 128 9.42 -33.58 3.71
N VAL B 129 8.85 -33.57 2.50
CA VAL B 129 9.08 -32.48 1.56
C VAL B 129 7.76 -31.88 1.12
N SER B 130 7.57 -30.59 1.37
CA SER B 130 6.35 -29.91 0.94
C SER B 130 6.53 -29.38 -0.47
N LEU B 131 5.50 -29.51 -1.29
CA LEU B 131 5.54 -28.94 -2.64
C LEU B 131 4.50 -27.84 -2.76
N SER B 132 4.96 -26.61 -2.98
CA SER B 132 4.05 -25.46 -3.01
C SER B 132 3.82 -24.96 -4.43
N PRO B 133 2.57 -24.94 -4.87
CA PRO B 133 2.27 -24.50 -6.24
C PRO B 133 2.12 -22.98 -6.32
N ASN B 134 2.47 -22.29 -5.24
CA ASN B 134 2.31 -20.84 -5.18
C ASN B 134 3.34 -20.27 -4.23
N LEU B 135 3.25 -18.97 -3.96
CA LEU B 135 4.23 -18.32 -3.09
C LEU B 135 4.25 -18.92 -1.70
N VAL B 136 5.36 -18.72 -1.01
CA VAL B 136 5.53 -19.26 0.34
C VAL B 136 5.79 -18.14 1.33
N ALA B 137 5.84 -18.50 2.61
CA ALA B 137 6.04 -17.50 3.64
C ALA B 137 7.50 -17.05 3.67
N TRP B 138 7.69 -15.74 3.85
CA TRP B 138 9.02 -15.19 4.03
C TRP B 138 9.20 -14.90 5.51
N LYS B 139 10.43 -14.61 5.93
CA LYS B 139 10.64 -14.20 7.30
C LYS B 139 10.00 -12.82 7.45
N GLY B 140 9.04 -12.71 8.37
CA GLY B 140 8.24 -11.50 8.50
C GLY B 140 6.77 -11.72 8.14
N TYR B 141 6.48 -12.82 7.45
CA TYR B 141 5.13 -13.14 7.02
C TYR B 141 4.16 -13.30 8.18
N GLU B 142 4.61 -13.94 9.26
CA GLU B 142 3.72 -14.26 10.36
C GLU B 142 3.24 -12.98 11.05
N GLU B 143 4.04 -11.92 10.97
CA GLU B 143 3.70 -10.64 11.58
C GLU B 143 3.12 -9.67 10.55
N GLU B 144 3.57 -9.79 9.30
CA GLU B 144 3.13 -8.87 8.24
C GLU B 144 1.82 -9.25 7.57
N VAL B 145 1.57 -10.56 7.45
CA VAL B 145 0.42 -11.02 6.67
C VAL B 145 -0.55 -11.83 7.51
N ALA B 146 -0.05 -12.84 8.20
CA ALA B 146 -0.92 -13.79 8.88
C ALA B 146 -1.79 -13.11 9.92
N GLU B 147 -1.18 -12.26 10.73
CA GLU B 147 -1.91 -11.68 11.85
C GLU B 147 -2.93 -10.57 11.48
N PRO B 148 -2.64 -9.76 10.45
CA PRO B 148 -3.71 -8.91 9.91
C PRO B 148 -4.95 -9.70 9.50
N MET B 149 -4.76 -10.78 8.75
CA MET B 149 -5.90 -11.57 8.29
C MET B 149 -6.66 -12.14 9.47
N TRP B 150 -5.92 -12.58 10.49
CA TRP B 150 -6.52 -13.31 11.61
C TRP B 150 -7.05 -12.42 12.73
N ARG B 151 -6.70 -11.13 12.73
CA ARG B 151 -6.96 -10.29 13.91
C ARG B 151 -8.41 -10.30 14.41
N GLU B 152 -9.37 -10.00 13.55
CA GLU B 152 -10.79 -10.08 13.92
C GLU B 152 -11.34 -11.51 13.92
N PRO B 153 -11.11 -12.29 12.84
CA PRO B 153 -11.64 -13.67 12.88
C PRO B 153 -11.22 -14.49 14.09
N ARG B 154 -10.01 -14.31 14.59
CA ARG B 154 -9.52 -15.10 15.72
C ARG B 154 -10.22 -14.70 17.05
N GLN B 155 -10.91 -13.57 17.07
CA GLN B 155 -11.67 -13.16 18.26
C GLN B 155 -13.00 -13.89 18.34
N THR B 156 -13.45 -14.42 17.21
CA THR B 156 -14.78 -15.01 17.16
C THR B 156 -14.80 -16.35 17.88
N GLU B 157 -16.00 -16.77 18.27
CA GLU B 157 -16.19 -18.06 18.92
C GLU B 157 -15.77 -19.19 17.99
N ARG B 158 -16.20 -19.10 16.73
CA ARG B 158 -15.74 -19.97 15.67
C ARG B 158 -14.21 -19.96 15.64
N GLY B 159 -13.63 -18.78 15.54
CA GLY B 159 -12.18 -18.62 15.48
C GLY B 159 -11.42 -19.28 16.62
N ARG B 160 -11.86 -19.04 17.86
CA ARG B 160 -11.30 -19.74 19.01
C ARG B 160 -11.56 -21.23 18.90
N ALA B 161 -12.74 -21.60 18.44
CA ALA B 161 -13.09 -23.01 18.30
C ALA B 161 -12.17 -23.68 17.29
N TYR B 162 -12.07 -23.08 16.10
CA TYR B 162 -11.14 -23.53 15.06
C TYR B 162 -9.73 -23.76 15.62
N TYR B 163 -9.13 -22.73 16.19
CA TYR B 163 -7.80 -22.91 16.78
C TYR B 163 -7.80 -23.90 17.95
N ALA B 164 -8.93 -24.03 18.63
CA ALA B 164 -9.03 -25.04 19.67
C ALA B 164 -9.05 -26.44 19.04
N ARG B 165 -9.77 -26.58 17.93
CA ARG B 165 -9.88 -27.85 17.25
C ARG B 165 -8.56 -28.25 16.62
N PHE B 166 -7.91 -27.27 15.98
CA PHE B 166 -6.61 -27.48 15.36
C PHE B 166 -5.62 -27.90 16.42
N GLU B 167 -5.58 -27.15 17.52
CA GLU B 167 -4.59 -27.35 18.58
C GLU B 167 -4.69 -28.71 19.27
N ALA B 168 -5.91 -29.10 19.63
CA ALA B 168 -6.13 -30.36 20.34
C ALA B 168 -5.63 -31.52 19.50
N TRP B 169 -5.93 -31.44 18.21
CA TRP B 169 -5.50 -32.44 17.26
C TRP B 169 -3.98 -32.62 17.23
N LEU B 170 -3.24 -31.52 17.23
CA LEU B 170 -1.77 -31.62 17.16
C LEU B 170 -1.16 -32.12 18.46
N LYS B 171 -1.67 -31.61 19.58
CA LYS B 171 -1.17 -32.04 20.88
C LYS B 171 -1.19 -33.54 21.04
N GLU B 172 -2.30 -34.18 20.65
CA GLU B 172 -2.40 -35.63 20.77
C GLU B 172 -1.41 -36.34 19.86
N ASN B 173 -0.99 -35.69 18.79
CA ASN B 173 0.00 -36.30 17.90
C ASN B 173 1.44 -36.03 18.31
N GLY B 174 1.62 -35.63 19.57
CA GLY B 174 2.94 -35.37 20.10
C GLY B 174 3.63 -34.18 19.46
N ILE B 175 2.88 -33.43 18.66
CA ILE B 175 3.41 -32.25 17.97
C ILE B 175 3.09 -31.00 18.78
N THR B 176 4.14 -30.33 19.25
CA THR B 176 3.98 -29.18 20.14
C THR B 176 4.25 -27.82 19.47
N GLU B 177 4.44 -27.81 18.17
CA GLU B 177 4.48 -26.55 17.45
C GLU B 177 3.04 -26.08 17.28
N HIS B 178 2.86 -24.77 17.12
CA HIS B 178 1.55 -24.17 16.94
C HIS B 178 0.99 -24.52 15.56
N PRO B 179 -0.34 -24.65 15.45
CA PRO B 179 -1.00 -24.75 14.16
C PRO B 179 -0.47 -23.77 13.08
N ASP B 180 -0.07 -22.56 13.45
CA ASP B 180 0.41 -21.60 12.44
C ASP B 180 1.78 -22.02 11.88
N THR B 181 2.60 -22.61 12.73
CA THR B 181 3.90 -23.13 12.32
C THR B 181 3.69 -24.39 11.50
N PHE B 182 2.86 -25.28 12.03
CA PHE B 182 2.55 -26.56 11.41
C PHE B 182 1.97 -26.35 10.02
N ALA B 183 1.06 -25.39 9.88
CA ALA B 183 0.40 -25.16 8.59
C ALA B 183 1.27 -24.41 7.58
N SER B 184 1.91 -23.33 8.03
CA SER B 184 2.49 -22.37 7.10
C SER B 184 4.02 -22.42 6.97
N HIS B 185 4.67 -23.23 7.79
CA HIS B 185 6.12 -23.18 7.89
C HIS B 185 6.78 -24.56 7.89
N PRO B 186 6.82 -25.19 6.71
CA PRO B 186 7.40 -26.54 6.57
C PRO B 186 8.89 -26.51 6.84
N PRO B 187 9.46 -27.63 7.27
CA PRO B 187 10.92 -27.68 7.47
C PRO B 187 11.68 -27.78 6.15
N ARG B 188 11.01 -28.21 5.08
CA ARG B 188 11.63 -28.34 3.76
C ARG B 188 10.58 -28.23 2.68
N SER B 189 10.83 -27.38 1.68
CA SER B 189 9.83 -27.10 0.66
C SER B 189 10.45 -26.82 -0.70
N LEU B 190 9.84 -27.39 -1.74
CA LEU B 190 10.15 -27.02 -3.12
C LEU B 190 9.02 -26.15 -3.66
N VAL B 191 9.38 -24.99 -4.20
CA VAL B 191 8.38 -24.04 -4.69
C VAL B 191 8.29 -24.09 -6.21
N LEU B 192 7.08 -24.33 -6.70
CA LEU B 192 6.84 -24.57 -8.13
C LEU B 192 6.52 -23.30 -8.92
N ILE B 193 7.02 -22.17 -8.43
CA ILE B 193 6.93 -20.93 -9.19
C ILE B 193 8.35 -20.38 -9.28
N PRO B 194 8.62 -19.55 -10.30
CA PRO B 194 9.95 -18.94 -10.31
C PRO B 194 10.06 -17.93 -9.18
N LYS B 195 11.26 -17.75 -8.64
CA LYS B 195 11.46 -16.85 -7.51
C LYS B 195 11.08 -15.41 -7.85
N ALA B 196 11.15 -15.05 -9.13
CA ALA B 196 10.75 -13.71 -9.56
C ALA B 196 9.30 -13.38 -9.20
N LEU B 197 8.45 -14.41 -9.19
CA LEU B 197 7.04 -14.21 -8.88
C LEU B 197 6.72 -14.34 -7.38
N GLN B 198 7.76 -14.47 -6.56
CA GLN B 198 7.59 -14.55 -5.11
C GLN B 198 7.74 -13.18 -4.48
N PRO B 199 6.69 -12.71 -3.80
CA PRO B 199 6.82 -11.42 -3.10
C PRO B 199 7.85 -11.56 -1.97
N HIS B 200 8.59 -10.49 -1.69
CA HIS B 200 9.56 -10.52 -0.59
C HIS B 200 10.54 -11.69 -0.71
N ALA B 201 10.94 -12.00 -1.94
CA ALA B 201 11.77 -13.18 -2.17
C ALA B 201 13.11 -13.16 -1.44
N ASP B 202 13.65 -11.97 -1.20
CA ASP B 202 14.93 -11.84 -0.53
C ASP B 202 14.85 -12.25 0.95
N ARG B 203 13.64 -12.32 1.48
CA ARG B 203 13.45 -12.71 2.87
C ARG B 203 12.92 -14.13 3.03
N VAL B 204 12.79 -14.86 1.92
CA VAL B 204 12.44 -16.27 2.00
C VAL B 204 13.66 -17.07 2.46
N ASP B 205 13.48 -17.94 3.45
CA ASP B 205 14.58 -18.69 4.04
C ASP B 205 15.08 -19.79 3.12
N GLU B 206 16.26 -19.62 2.52
CA GLU B 206 16.77 -20.65 1.62
C GLU B 206 17.19 -21.89 2.36
N ASP B 207 17.27 -21.82 3.68
CA ASP B 207 17.60 -23.03 4.39
C ASP B 207 16.41 -23.97 4.50
N VAL B 208 15.25 -23.50 4.05
CA VAL B 208 14.05 -24.32 3.98
C VAL B 208 13.52 -24.47 2.55
N TYR B 209 13.47 -23.37 1.80
CA TYR B 209 12.80 -23.34 0.49
C TYR B 209 13.76 -23.31 -0.68
N THR B 210 13.51 -24.18 -1.66
CA THR B 210 14.20 -24.11 -2.96
C THR B 210 13.19 -23.83 -4.06
N PHE B 211 13.44 -22.79 -4.87
CA PHE B 211 12.56 -22.47 -5.98
C PHE B 211 12.96 -23.25 -7.24
N VAL B 212 12.06 -24.08 -7.73
CA VAL B 212 12.38 -24.88 -8.90
C VAL B 212 11.60 -24.46 -10.15
N GLY B 213 10.49 -23.76 -9.94
CA GLY B 213 9.66 -23.37 -11.07
C GLY B 213 8.64 -24.44 -11.48
N ALA B 214 8.08 -24.29 -12.68
CA ALA B 214 6.99 -25.18 -13.15
C ALA B 214 7.44 -26.28 -14.12
N CYS B 215 6.44 -26.88 -14.79
CA CYS B 215 6.63 -28.16 -15.49
C CYS B 215 6.07 -28.28 -16.93
N GLN B 216 6.89 -27.96 -17.91
CA GLN B 216 6.48 -28.00 -19.32
C GLN B 216 6.91 -29.29 -20.05
N GLY B 217 6.34 -30.41 -19.61
CA GLY B 217 6.80 -31.74 -19.99
C GLY B 217 6.89 -32.01 -21.47
N ASP B 218 5.77 -31.85 -22.17
CA ASP B 218 5.82 -31.87 -23.62
C ASP B 218 4.99 -30.78 -24.30
N ARG B 219 5.57 -29.57 -24.31
CA ARG B 219 5.04 -28.40 -24.97
C ARG B 219 5.58 -28.35 -26.39
N ALA B 220 6.65 -29.11 -26.63
CA ALA B 220 7.18 -29.34 -27.96
C ALA B 220 6.88 -30.76 -28.33
N GLU B 221 6.50 -31.55 -27.33
CA GLU B 221 5.89 -32.82 -27.62
C GLU B 221 4.56 -32.60 -28.35
N GLU B 222 4.19 -31.33 -28.51
CA GLU B 222 3.18 -30.91 -29.48
C GLU B 222 3.79 -30.41 -30.78
N GLY B 223 4.31 -29.18 -30.79
CA GLY B 223 4.91 -28.64 -32.00
C GLY B 223 5.16 -27.13 -32.06
N GLY B 224 5.75 -26.66 -33.16
CA GLY B 224 6.17 -25.27 -33.28
C GLY B 224 5.30 -24.35 -34.13
N TRP B 225 5.89 -23.21 -34.49
CA TRP B 225 5.18 -22.21 -35.27
C TRP B 225 5.93 -21.93 -36.58
N GLN B 226 5.77 -20.73 -37.10
CA GLN B 226 6.50 -20.23 -38.26
C GLN B 226 6.37 -18.71 -38.33
N ARG B 227 7.45 -18.01 -37.99
CA ARG B 227 7.49 -16.55 -37.96
C ARG B 227 7.78 -15.99 -39.34
N PRO B 228 6.94 -15.06 -39.82
CA PRO B 228 7.08 -14.55 -41.19
C PRO B 228 8.44 -13.90 -41.35
N ALA B 229 9.10 -14.14 -42.49
CA ALA B 229 10.46 -13.65 -42.72
C ALA B 229 10.63 -12.16 -42.43
N GLY B 230 9.82 -11.33 -43.06
CA GLY B 230 9.94 -9.91 -42.88
C GLY B 230 9.35 -9.40 -41.58
N ALA B 231 8.73 -10.30 -40.82
CA ALA B 231 8.08 -9.91 -39.56
C ALA B 231 9.06 -9.34 -38.55
N GLU B 232 9.26 -8.03 -38.60
CA GLU B 232 10.22 -7.36 -37.74
C GLU B 232 9.83 -7.37 -36.26
N LYS B 233 8.56 -7.67 -35.98
CA LYS B 233 8.05 -7.70 -34.61
C LYS B 233 6.86 -8.65 -34.46
N VAL B 234 6.80 -9.38 -33.36
CA VAL B 234 5.78 -10.40 -33.15
C VAL B 234 5.12 -10.28 -31.77
N VAL B 235 3.79 -10.11 -31.75
CA VAL B 235 3.07 -10.12 -30.47
C VAL B 235 2.02 -11.24 -30.42
N LEU B 236 1.99 -11.94 -29.29
CA LEU B 236 1.00 -13.00 -29.05
C LEU B 236 -0.03 -12.50 -28.03
N VAL B 237 -1.30 -12.81 -28.28
CA VAL B 237 -2.38 -12.54 -27.33
C VAL B 237 -2.99 -13.88 -26.89
N SER B 238 -3.01 -14.12 -25.59
CA SER B 238 -3.59 -15.36 -25.07
C SER B 238 -4.15 -15.16 -23.67
N LEU B 239 -5.39 -15.53 -23.46
CA LEU B 239 -5.97 -15.49 -22.13
C LEU B 239 -6.05 -16.89 -21.52
N GLY B 240 -5.16 -17.77 -21.96
CA GLY B 240 -5.05 -19.09 -21.37
C GLY B 240 -6.09 -20.07 -21.89
N SER B 241 -6.50 -21.01 -21.06
CA SER B 241 -7.45 -22.02 -21.50
C SER B 241 -8.86 -21.83 -20.94
N ALA B 242 -9.09 -20.74 -20.20
CA ALA B 242 -10.38 -20.56 -19.54
C ALA B 242 -11.09 -19.22 -19.80
N PHE B 243 -10.40 -18.11 -19.59
CA PHE B 243 -11.04 -16.80 -19.57
C PHE B 243 -10.76 -16.01 -20.83
N THR B 244 -11.11 -16.59 -21.98
CA THR B 244 -10.71 -16.05 -23.26
C THR B 244 -11.88 -15.62 -24.16
N LYS B 245 -12.95 -15.10 -23.58
CA LYS B 245 -14.12 -14.67 -24.35
C LYS B 245 -14.26 -13.14 -24.31
N GLN B 246 -13.54 -12.47 -25.21
CA GLN B 246 -13.43 -11.01 -25.16
C GLN B 246 -13.36 -10.33 -26.54
N PRO B 247 -14.45 -10.38 -27.31
CA PRO B 247 -14.45 -9.90 -28.70
C PRO B 247 -13.98 -8.46 -28.91
N ALA B 248 -14.70 -7.49 -28.35
CA ALA B 248 -14.33 -6.09 -28.48
C ALA B 248 -12.85 -5.83 -28.16
N PHE B 249 -12.34 -6.45 -27.11
CA PHE B 249 -10.92 -6.31 -26.79
C PHE B 249 -10.05 -6.89 -27.92
N TYR B 250 -10.53 -7.93 -28.58
CA TYR B 250 -9.79 -8.48 -29.73
C TYR B 250 -9.79 -7.51 -30.89
N ARG B 251 -10.94 -6.87 -31.13
CA ARG B 251 -11.00 -5.81 -32.12
C ARG B 251 -9.96 -4.73 -31.79
N GLU B 252 -9.85 -4.36 -30.52
CA GLU B 252 -8.84 -3.38 -30.10
C GLU B 252 -7.45 -3.91 -30.40
N CYS B 253 -7.23 -5.20 -30.13
CA CYS B 253 -5.94 -5.83 -30.42
C CYS B 253 -5.69 -5.82 -31.93
N VAL B 254 -6.66 -6.27 -32.70
CA VAL B 254 -6.54 -6.24 -34.17
C VAL B 254 -6.22 -4.82 -34.66
N ARG B 255 -6.92 -3.85 -34.08
CA ARG B 255 -6.74 -2.45 -34.48
C ARG B 255 -5.39 -1.86 -34.05
N ALA B 256 -4.94 -2.16 -32.84
CA ALA B 256 -3.67 -1.61 -32.38
C ALA B 256 -2.49 -2.22 -33.13
N PHE B 257 -2.77 -3.26 -33.90
CA PHE B 257 -1.74 -4.00 -34.62
C PHE B 257 -2.30 -4.46 -35.98
N GLY B 258 -2.61 -3.50 -36.84
CA GLY B 258 -3.08 -3.78 -38.19
C GLY B 258 -2.34 -2.90 -39.16
N ASN B 259 -1.72 -3.51 -40.16
CA ASN B 259 -0.88 -2.81 -41.13
C ASN B 259 0.21 -1.95 -40.50
N LEU B 260 0.58 -2.27 -39.27
CA LEU B 260 1.64 -1.55 -38.56
C LEU B 260 3.03 -2.06 -38.97
N PRO B 261 3.87 -1.15 -39.48
CA PRO B 261 5.11 -1.43 -40.22
C PRO B 261 5.90 -2.62 -39.67
N GLY B 262 5.71 -3.79 -40.27
CA GLY B 262 6.51 -4.95 -39.90
C GLY B 262 6.04 -5.76 -38.69
N TRP B 263 5.07 -5.23 -37.95
CA TRP B 263 4.50 -5.95 -36.82
C TRP B 263 3.61 -7.09 -37.30
N HIS B 264 3.59 -8.19 -36.54
CA HIS B 264 2.73 -9.35 -36.82
C HIS B 264 2.04 -9.80 -35.55
N LEU B 265 0.71 -9.92 -35.63
CA LEU B 265 -0.14 -10.22 -34.48
C LEU B 265 -0.67 -11.64 -34.50
N VAL B 266 -0.53 -12.34 -33.38
CA VAL B 266 -1.08 -13.70 -33.24
C VAL B 266 -2.11 -13.74 -32.11
N LEU B 267 -3.37 -14.00 -32.49
CA LEU B 267 -4.48 -14.04 -31.54
C LEU B 267 -4.97 -15.47 -31.31
N GLN B 268 -4.85 -15.94 -30.07
CA GLN B 268 -5.42 -17.22 -29.69
C GLN B 268 -6.75 -16.96 -28.99
N ILE B 269 -7.84 -17.00 -29.75
CA ILE B 269 -9.14 -16.53 -29.27
C ILE B 269 -10.07 -17.61 -28.74
N GLY B 270 -9.54 -18.79 -28.46
CA GLY B 270 -10.35 -19.90 -27.99
C GLY B 270 -11.41 -20.31 -29.00
N ARG B 271 -12.38 -21.10 -28.57
CA ARG B 271 -13.55 -21.39 -29.40
C ARG B 271 -14.88 -20.93 -28.78
N LYS B 272 -14.81 -20.06 -27.77
CA LYS B 272 -15.99 -19.43 -27.18
C LYS B 272 -16.33 -18.18 -27.96
N VAL B 273 -15.41 -17.80 -28.83
CA VAL B 273 -15.63 -16.67 -29.71
C VAL B 273 -15.32 -17.13 -31.13
N THR B 274 -15.77 -16.35 -32.11
CA THR B 274 -15.62 -16.73 -33.51
C THR B 274 -14.89 -15.66 -34.34
N PRO B 275 -14.09 -16.10 -35.33
CA PRO B 275 -13.28 -15.18 -36.13
C PRO B 275 -14.06 -14.04 -36.80
N ALA B 276 -15.26 -14.34 -37.28
CA ALA B 276 -16.05 -13.33 -37.98
C ALA B 276 -16.30 -12.10 -37.12
N GLU B 277 -16.37 -12.28 -35.81
CA GLU B 277 -16.61 -11.19 -34.89
C GLU B 277 -15.49 -10.16 -34.81
N LEU B 278 -14.40 -10.37 -35.56
CA LEU B 278 -13.27 -9.45 -35.53
C LEU B 278 -13.11 -8.70 -36.85
N GLY B 279 -13.72 -9.24 -37.90
CA GLY B 279 -13.76 -8.58 -39.19
C GLY B 279 -12.57 -8.90 -40.07
N GLU B 280 -12.67 -8.50 -41.34
CA GLU B 280 -11.59 -8.53 -42.33
C GLU B 280 -10.20 -8.43 -41.71
N LEU B 281 -9.54 -9.58 -41.55
CA LEU B 281 -8.24 -9.67 -40.89
C LEU B 281 -7.13 -9.08 -41.76
N PRO B 282 -6.38 -8.10 -41.22
CA PRO B 282 -5.27 -7.51 -41.98
C PRO B 282 -4.18 -8.56 -42.23
N ASP B 283 -3.30 -8.30 -43.19
CA ASP B 283 -2.30 -9.28 -43.58
C ASP B 283 -1.31 -9.61 -42.48
N ASN B 284 -1.25 -8.74 -41.47
CA ASN B 284 -0.35 -8.94 -40.34
C ASN B 284 -1.06 -9.49 -39.11
N VAL B 285 -2.05 -10.36 -39.32
CA VAL B 285 -2.85 -10.97 -38.25
C VAL B 285 -3.17 -12.45 -38.51
N GLU B 286 -3.18 -13.27 -37.46
CA GLU B 286 -3.48 -14.71 -37.56
C GLU B 286 -4.23 -15.20 -36.33
N VAL B 287 -5.44 -15.70 -36.54
CA VAL B 287 -6.35 -16.07 -35.45
C VAL B 287 -6.43 -17.58 -35.19
N HIS B 288 -6.37 -17.98 -33.93
CA HIS B 288 -6.38 -19.41 -33.59
C HIS B 288 -7.32 -19.83 -32.48
N ASP B 289 -7.82 -21.05 -32.65
CA ASP B 289 -8.47 -21.85 -31.64
C ASP B 289 -7.56 -22.09 -30.44
N TRP B 290 -6.27 -22.15 -30.73
CA TRP B 290 -5.25 -22.67 -29.84
C TRP B 290 -3.94 -22.49 -30.57
N VAL B 291 -2.89 -22.09 -29.86
CA VAL B 291 -1.57 -21.97 -30.46
C VAL B 291 -0.57 -22.79 -29.65
N PRO B 292 0.54 -23.18 -30.29
CA PRO B 292 1.58 -23.79 -29.46
C PRO B 292 2.27 -22.67 -28.70
N GLN B 293 1.78 -22.39 -27.50
CA GLN B 293 2.10 -21.15 -26.81
C GLN B 293 3.58 -20.97 -26.53
N LEU B 294 4.24 -22.02 -26.05
CA LEU B 294 5.66 -21.91 -25.72
C LEU B 294 6.53 -21.62 -26.96
N ALA B 295 6.21 -22.28 -28.07
CA ALA B 295 6.97 -22.15 -29.30
C ALA B 295 6.87 -20.73 -29.87
N ILE B 296 5.67 -20.16 -29.80
CA ILE B 296 5.49 -18.79 -30.25
C ILE B 296 6.21 -17.83 -29.31
N LEU B 297 6.07 -18.04 -28.00
CA LEU B 297 6.72 -17.16 -27.03
C LEU B 297 8.23 -17.14 -27.17
N ARG B 298 8.80 -18.29 -27.53
CA ARG B 298 10.23 -18.35 -27.80
C ARG B 298 10.59 -17.47 -28.99
N GLN B 299 9.63 -17.22 -29.86
CA GLN B 299 9.84 -16.37 -31.04
C GLN B 299 9.08 -15.04 -30.92
N ALA B 300 8.61 -14.74 -29.72
CA ALA B 300 7.75 -13.58 -29.53
C ALA B 300 8.49 -12.39 -28.95
N ASP B 301 7.98 -11.20 -29.24
CA ASP B 301 8.61 -9.96 -28.81
C ASP B 301 7.69 -9.21 -27.85
N LEU B 302 6.43 -9.61 -27.83
CA LEU B 302 5.47 -9.12 -26.84
C LEU B 302 4.41 -10.18 -26.56
N PHE B 303 3.95 -10.24 -25.31
CA PHE B 303 2.95 -11.21 -24.88
C PHE B 303 1.85 -10.45 -24.16
N VAL B 304 0.65 -10.42 -24.74
CA VAL B 304 -0.51 -9.88 -24.07
C VAL B 304 -1.18 -11.06 -23.39
N THR B 305 -1.13 -11.06 -22.05
CA THR B 305 -1.45 -12.24 -21.25
C THR B 305 -2.40 -11.94 -20.09
N HIS B 306 -3.34 -12.85 -19.85
CA HIS B 306 -4.20 -12.67 -18.68
C HIS B 306 -3.42 -12.84 -17.37
N ALA B 307 -2.19 -13.33 -17.47
CA ALA B 307 -1.32 -13.55 -16.32
C ALA B 307 -1.74 -14.66 -15.37
N GLY B 308 -2.31 -15.74 -15.92
CA GLY B 308 -2.40 -16.98 -15.15
C GLY B 308 -1.00 -17.42 -14.76
N ALA B 309 -0.89 -18.39 -13.87
CA ALA B 309 0.43 -18.82 -13.36
C ALA B 309 1.32 -19.35 -14.49
N GLY B 310 0.76 -20.21 -15.33
CA GLY B 310 1.48 -20.73 -16.48
C GLY B 310 1.98 -19.66 -17.43
N GLY B 311 1.06 -18.81 -17.88
CA GLY B 311 1.39 -17.74 -18.81
C GLY B 311 2.43 -16.78 -18.28
N SER B 312 2.29 -16.38 -17.02
CA SER B 312 3.22 -15.44 -16.42
C SER B 312 4.65 -15.97 -16.44
N GLN B 313 4.82 -17.23 -16.04
CA GLN B 313 6.16 -17.77 -15.97
C GLN B 313 6.71 -18.09 -17.36
N GLU B 314 5.84 -18.43 -18.31
CA GLU B 314 6.28 -18.64 -19.68
C GLU B 314 6.80 -17.36 -20.31
N GLY B 315 6.15 -16.24 -20.01
CA GLY B 315 6.60 -14.95 -20.50
C GLY B 315 7.96 -14.59 -19.91
N LEU B 316 8.12 -14.85 -18.62
CA LEU B 316 9.40 -14.63 -17.96
C LEU B 316 10.50 -15.51 -18.53
N ALA B 317 10.19 -16.80 -18.72
CA ALA B 317 11.18 -17.79 -19.13
C ALA B 317 11.74 -17.48 -20.50
N THR B 318 10.92 -16.86 -21.34
CA THR B 318 11.31 -16.53 -22.69
C THR B 318 11.74 -15.07 -22.82
N ALA B 319 11.85 -14.37 -21.69
CA ALA B 319 12.29 -12.97 -21.67
C ALA B 319 11.44 -12.09 -22.58
N THR B 320 10.13 -12.30 -22.52
CA THR B 320 9.20 -11.58 -23.39
C THR B 320 8.47 -10.50 -22.59
N PRO B 321 8.58 -9.23 -23.02
CA PRO B 321 7.84 -8.15 -22.37
C PRO B 321 6.34 -8.45 -22.37
N MET B 322 5.62 -8.04 -21.33
CA MET B 322 4.21 -8.41 -21.22
C MET B 322 3.28 -7.21 -21.02
N ILE B 323 2.15 -7.23 -21.70
CA ILE B 323 1.04 -6.37 -21.33
C ILE B 323 0.09 -7.29 -20.60
N ALA B 324 -0.08 -7.06 -19.30
CA ALA B 324 -0.94 -7.95 -18.51
C ALA B 324 -2.36 -7.41 -18.47
N VAL B 325 -3.30 -8.25 -18.86
CA VAL B 325 -4.70 -7.87 -19.01
C VAL B 325 -5.54 -8.88 -18.20
N PRO B 326 -5.49 -8.77 -16.86
CA PRO B 326 -6.11 -9.75 -15.96
C PRO B 326 -7.64 -9.83 -16.07
N GLN B 327 -8.19 -11.04 -15.92
CA GLN B 327 -9.61 -11.28 -16.16
C GLN B 327 -10.38 -11.80 -14.94
N ALA B 328 -9.69 -12.48 -14.03
CA ALA B 328 -10.34 -13.12 -12.88
C ALA B 328 -9.38 -13.52 -11.75
N VAL B 329 -9.89 -14.34 -10.83
CA VAL B 329 -9.21 -14.70 -9.56
C VAL B 329 -7.72 -14.37 -9.35
N ASP B 330 -6.86 -15.14 -10.01
CA ASP B 330 -5.40 -15.12 -9.83
C ASP B 330 -4.75 -13.89 -10.40
N GLN B 331 -5.37 -13.42 -11.47
CA GLN B 331 -4.65 -12.73 -12.51
C GLN B 331 -4.28 -11.30 -12.18
N PHE B 332 -5.15 -10.62 -11.45
CA PHE B 332 -4.89 -9.27 -11.01
C PHE B 332 -3.57 -9.28 -10.25
N GLY B 333 -3.55 -10.14 -9.23
CA GLY B 333 -2.37 -10.36 -8.41
C GLY B 333 -1.10 -10.71 -9.19
N ASN B 334 -1.25 -11.62 -10.15
CA ASN B 334 -0.08 -11.96 -10.96
C ASN B 334 0.37 -10.80 -11.83
N ALA B 335 -0.60 -10.03 -12.33
CA ALA B 335 -0.30 -8.86 -13.13
C ALA B 335 0.53 -7.87 -12.31
N ASP B 336 0.10 -7.61 -11.08
CA ASP B 336 0.85 -6.73 -10.18
C ASP B 336 2.31 -7.18 -10.03
N MET B 337 2.51 -8.47 -9.78
CA MET B 337 3.87 -9.02 -9.62
C MET B 337 4.72 -8.76 -10.86
N LEU B 338 4.15 -8.99 -12.03
CA LEU B 338 4.87 -8.77 -13.28
C LEU B 338 5.18 -7.28 -13.47
N GLN B 339 4.22 -6.43 -13.17
CA GLN B 339 4.42 -5.01 -13.35
C GLN B 339 5.44 -4.48 -12.34
N GLY B 340 5.43 -5.05 -11.13
CA GLY B 340 6.37 -4.65 -10.10
C GLY B 340 7.80 -5.03 -10.41
N LEU B 341 7.96 -6.07 -11.23
CA LEU B 341 9.27 -6.51 -11.62
C LEU B 341 9.88 -5.58 -12.64
N GLY B 342 9.05 -4.73 -13.24
CA GLY B 342 9.51 -3.78 -14.23
C GLY B 342 9.62 -4.39 -15.62
N VAL B 343 8.85 -5.45 -15.88
CA VAL B 343 8.93 -6.13 -17.18
C VAL B 343 7.59 -6.19 -17.90
N ALA B 344 6.58 -5.57 -17.31
CA ALA B 344 5.23 -5.64 -17.82
C ALA B 344 4.45 -4.38 -17.48
N ARG B 345 3.35 -4.16 -18.20
CA ARG B 345 2.40 -3.10 -17.88
C ARG B 345 1.03 -3.74 -17.74
N LYS B 346 0.31 -3.40 -16.67
CA LYS B 346 -1.07 -3.82 -16.51
C LYS B 346 -1.99 -2.84 -17.23
N LEU B 347 -2.86 -3.38 -18.09
CA LEU B 347 -3.97 -2.59 -18.66
C LEU B 347 -5.35 -3.11 -18.25
N ALA B 348 -5.40 -4.40 -17.88
CA ALA B 348 -6.54 -5.00 -17.20
C ALA B 348 -7.65 -5.67 -18.02
N THR B 349 -8.69 -4.91 -18.38
CA THR B 349 -9.87 -5.63 -18.83
C THR B 349 -10.79 -4.89 -19.78
N GLU B 350 -11.27 -3.71 -19.35
CA GLU B 350 -12.35 -3.03 -20.04
C GLU B 350 -11.90 -1.74 -20.72
N GLU B 351 -10.68 -1.32 -20.44
CA GLU B 351 -10.17 -0.07 -20.99
C GLU B 351 -9.42 -0.25 -22.32
N ALA B 352 -8.51 -1.22 -22.35
CA ALA B 352 -7.39 -1.27 -23.30
C ALA B 352 -7.75 -0.97 -24.75
N THR B 353 -7.84 0.32 -25.06
CA THR B 353 -8.14 0.81 -26.40
C THR B 353 -6.98 0.45 -27.35
N ALA B 354 -7.24 0.41 -28.65
CA ALA B 354 -6.16 0.13 -29.61
C ALA B 354 -5.09 1.21 -29.41
N ASP B 355 -5.61 2.42 -29.19
CA ASP B 355 -4.88 3.56 -28.64
C ASP B 355 -3.83 3.10 -27.63
N LEU B 356 -4.32 2.74 -26.45
CA LEU B 356 -3.47 2.44 -25.31
C LEU B 356 -2.67 1.14 -25.47
N LEU B 357 -3.27 0.14 -26.13
CA LEU B 357 -2.55 -1.11 -26.37
C LEU B 357 -1.28 -0.87 -27.19
N ARG B 358 -1.44 -0.17 -28.32
CA ARG B 358 -0.31 0.17 -29.18
C ARG B 358 0.71 1.01 -28.42
N GLU B 359 0.22 2.07 -27.77
CA GLU B 359 1.09 2.98 -27.02
C GLU B 359 1.90 2.25 -25.97
N THR B 360 1.27 1.29 -25.31
CA THR B 360 1.94 0.51 -24.29
C THR B 360 2.94 -0.42 -24.96
N ALA B 361 2.47 -1.22 -25.91
CA ALA B 361 3.31 -2.19 -26.61
C ALA B 361 4.53 -1.58 -27.31
N LEU B 362 4.28 -0.53 -28.08
CA LEU B 362 5.31 0.08 -28.92
C LEU B 362 6.40 0.71 -28.05
N ALA B 363 6.02 1.07 -26.82
CA ALA B 363 6.90 1.75 -25.89
C ALA B 363 7.21 0.85 -24.71
N LEU B 364 7.41 -0.43 -25.02
CA LEU B 364 7.83 -1.46 -24.07
C LEU B 364 8.85 -2.32 -24.77
N VAL B 365 8.68 -2.48 -26.08
CA VAL B 365 9.57 -3.34 -26.86
C VAL B 365 10.91 -2.68 -27.16
N ASP B 366 11.04 -1.40 -26.81
CA ASP B 366 12.33 -0.74 -27.01
C ASP B 366 12.84 -0.04 -25.76
N ASP B 367 12.46 -0.56 -24.60
CA ASP B 367 12.99 -0.09 -23.33
C ASP B 367 14.10 -1.05 -22.91
N PRO B 368 15.35 -0.56 -22.90
CA PRO B 368 16.51 -1.42 -22.63
C PRO B 368 16.52 -2.01 -21.22
N GLU B 369 15.90 -1.32 -20.26
CA GLU B 369 15.87 -1.84 -18.89
C GLU B 369 14.89 -3.00 -18.73
N VAL B 370 13.75 -2.92 -19.42
CA VAL B 370 12.84 -4.05 -19.49
C VAL B 370 13.57 -5.29 -20.00
N ALA B 371 14.29 -5.14 -21.11
CA ALA B 371 14.99 -6.28 -21.71
C ALA B 371 16.07 -6.81 -20.77
N ARG B 372 16.76 -5.89 -20.11
CA ARG B 372 17.79 -6.26 -19.15
C ARG B 372 17.23 -7.14 -18.04
N ARG B 373 16.15 -6.67 -17.42
CA ARG B 373 15.52 -7.41 -16.32
C ARG B 373 14.99 -8.76 -16.78
N LEU B 374 14.35 -8.79 -17.94
CA LEU B 374 13.82 -10.01 -18.49
C LEU B 374 14.95 -11.02 -18.74
N ARG B 375 16.08 -10.55 -19.22
CA ARG B 375 17.20 -11.45 -19.48
C ARG B 375 17.77 -12.04 -18.18
N ARG B 376 17.78 -11.24 -17.12
CA ARG B 376 18.22 -11.71 -15.81
C ARG B 376 17.29 -12.84 -15.32
N ILE B 377 16.00 -12.55 -15.28
CA ILE B 377 15.01 -13.52 -14.81
C ILE B 377 15.03 -14.80 -15.65
N GLN B 378 15.16 -14.65 -16.96
CA GLN B 378 15.23 -15.78 -17.86
C GLN B 378 16.41 -16.69 -17.49
N ALA B 379 17.56 -16.08 -17.30
CA ALA B 379 18.77 -16.82 -16.95
C ALA B 379 18.76 -17.25 -15.47
N GLU B 380 17.97 -16.56 -14.65
CA GLU B 380 17.73 -16.98 -13.28
C GLU B 380 16.78 -18.19 -13.30
N MET B 381 15.76 -18.15 -14.14
CA MET B 381 14.84 -19.29 -14.27
C MET B 381 15.57 -20.50 -14.85
N ALA B 382 16.59 -20.26 -15.67
CA ALA B 382 17.39 -21.34 -16.21
C ALA B 382 18.11 -22.14 -15.13
N GLN B 383 18.42 -21.51 -14.01
CA GLN B 383 19.14 -22.23 -12.98
C GLN B 383 18.21 -22.96 -12.01
N GLU B 384 16.93 -22.56 -11.99
CA GLU B 384 16.00 -23.16 -11.03
C GLU B 384 15.72 -24.65 -11.31
N GLY B 385 15.59 -25.02 -12.59
CA GLY B 385 15.72 -26.41 -12.99
C GLY B 385 14.47 -27.25 -13.20
N GLY B 386 13.32 -26.73 -12.79
CA GLY B 386 12.05 -27.40 -13.03
C GLY B 386 11.99 -28.86 -12.58
N THR B 387 11.32 -29.67 -13.38
CA THR B 387 11.04 -31.06 -13.04
C THR B 387 12.25 -31.88 -12.61
N ARG B 388 13.29 -31.89 -13.44
CA ARG B 388 14.44 -32.74 -13.16
C ARG B 388 15.15 -32.34 -11.87
N ARG B 389 15.28 -31.04 -11.62
CA ARG B 389 15.91 -30.62 -10.38
C ARG B 389 15.01 -30.92 -9.18
N ALA B 390 13.71 -30.72 -9.33
CA ALA B 390 12.79 -31.06 -8.25
C ALA B 390 12.95 -32.54 -7.87
N ALA B 391 13.02 -33.41 -8.88
CA ALA B 391 13.24 -34.83 -8.60
C ALA B 391 14.59 -35.07 -7.95
N ASP B 392 15.63 -34.41 -8.44
CA ASP B 392 16.96 -34.49 -7.82
C ASP B 392 16.94 -34.10 -6.35
N LEU B 393 16.25 -33.00 -6.04
CA LEU B 393 16.27 -32.46 -4.68
C LEU B 393 15.44 -33.33 -3.74
N ILE B 394 14.40 -33.93 -4.27
CA ILE B 394 13.64 -34.91 -3.50
C ILE B 394 14.51 -36.13 -3.21
N GLU B 395 15.22 -36.63 -4.21
CA GLU B 395 16.09 -37.79 -4.01
C GLU B 395 17.15 -37.52 -2.96
N ALA B 396 17.64 -36.28 -2.90
CA ALA B 396 18.63 -35.91 -1.90
C ALA B 396 18.04 -36.02 -0.50
N GLU B 397 16.71 -36.03 -0.43
CA GLU B 397 16.02 -36.13 0.86
C GLU B 397 15.74 -37.57 1.29
N LEU B 398 15.69 -38.49 0.34
CA LEU B 398 15.53 -39.91 0.66
C LEU B 398 16.71 -40.40 1.49
N PRO B 399 16.48 -40.77 2.76
CA PRO B 399 17.56 -41.15 3.69
C PRO B 399 18.28 -42.45 3.31
C10 ERY C . 5.83 11.43 4.74
C11 ERY C . 6.84 12.52 4.49
C12 ERY C . 6.32 13.63 3.56
C13 ERY C . 7.18 14.88 3.67
O2 ERY C . 6.61 15.75 4.63
C2 ERY C . 6.67 16.53 6.98
C3 ERY C . 6.86 15.65 8.21
C4 ERY C . 5.68 14.73 8.31
C5 ERY C . 5.85 13.56 9.32
C6 ERY C . 6.25 12.27 8.57
C7 ERY C . 5.02 11.71 7.82
C8 ERY C . 5.37 10.36 7.12
C9 ERY C . 6.27 10.57 5.93
O11 ERY C . 7.35 10.02 5.89
C1 ERY C . 7.40 15.89 5.82
O1 ERY C . 8.60 16.04 5.70
O3 ERY C . 7.01 16.45 9.40
O7 ERY C . 4.63 13.33 10.00
C34 ERY C . 5.72 10.50 3.53
C33 ERY C . 4.11 9.66 6.65
C35 ERY C . 4.90 13.97 3.94
O12 ERY C . 8.01 11.94 3.93
O13 ERY C . 6.38 13.21 2.25
C36 ERY C . 7.20 15.66 2.37
C30 ERY C . 7.20 17.93 7.07
C32 ERY C . 6.78 11.25 9.54
O10 ERY C . 7.25 12.58 7.65
C22 ERY C . 4.63 13.54 11.43
C23 ERY C . 3.17 13.52 11.95
C24 ERY C . 3.18 13.59 13.47
C25 ERY C . 4.06 12.47 14.01
C26 ERY C . 5.47 12.61 13.40
O9 ERY C . 5.38 12.56 12.02
N1 ERY C . 1.81 13.54 13.97
C27 ERY C . 6.37 11.49 13.88
O8 ERY C . 2.48 14.63 11.46
C28 ERY C . 1.78 13.66 15.45
C14 ERY C . 8.37 16.60 9.84
C15 ERY C . 8.45 17.84 10.75
C16 ERY C . 7.83 17.60 12.13
C17 ERY C . 8.49 16.40 12.74
C18 ERY C . 8.30 15.22 11.83
O4 ERY C . 8.80 15.46 10.50
O5 ERY C . 6.43 17.35 12.05
O6 ERY C . 7.87 16.11 13.99
C20 ERY C . 5.64 18.39 11.48
C29 ERY C . 1.11 12.34 13.59
C21 ERY C . 9.07 14.06 12.40
C37 ERY C . 8.15 16.87 2.53
C31 ERY C . 4.43 15.59 8.65
C19 ERY C . 8.07 18.78 13.03
N1 UDP D . -6.36 28.40 20.11
C2 UDP D . -7.38 29.31 20.35
N3 UDP D . -7.47 29.91 21.60
C4 UDP D . -6.58 29.59 22.61
C5 UDP D . -5.57 28.67 22.35
C6 UDP D . -5.37 28.24 21.04
O2 UDP D . -8.17 29.60 19.46
O4 UDP D . -6.67 30.12 23.71
C1' UDP D . -6.24 27.76 18.79
C2' UDP D . -5.36 28.55 17.84
O2' UDP D . -6.11 29.48 17.09
C3' UDP D . -4.74 27.49 16.94
C4' UDP D . -4.82 26.22 17.78
O4' UDP D . -5.62 26.50 18.92
O3' UDP D . -5.47 27.29 15.75
C5' UDP D . -3.42 25.82 18.16
O5' UDP D . -2.74 25.54 16.96
PA UDP D . -1.21 25.99 16.77
O1A UDP D . -0.64 25.19 15.65
O2A UDP D . -1.10 27.43 16.55
O3A UDP D . -0.53 25.63 18.17
PB UDP D . -0.14 24.15 18.66
O1B UDP D . -1.11 23.77 19.70
O2B UDP D . 1.25 24.12 19.16
O3B UDP D . -0.21 23.21 17.53
C10 ERY E . -2.37 -23.04 4.08
C11 ERY E . -1.73 -21.68 3.83
C12 ERY E . -0.21 -21.71 3.56
C13 ERY E . 0.17 -20.35 2.98
O2 ERY E . -0.24 -20.26 1.62
C2 ERY E . -1.78 -19.33 -0.15
C3 ERY E . -3.28 -19.59 -0.43
C4 ERY E . -3.58 -21.04 -0.16
C5 ERY E . -5.08 -21.30 0.12
C6 ERY E . -5.21 -21.66 1.61
C7 ERY E . -4.73 -23.11 1.83
C8 ERY E . -4.84 -23.61 3.29
C9 ERY E . -3.89 -22.93 4.24
O11 ERY E . -4.32 -22.28 5.18
C1 ERY E . -1.46 -19.56 1.33
O1 ERY E . -1.87 -18.76 2.15
O3 ERY E . -3.74 -19.49 -1.81
O7 ERY E . -5.59 -22.39 -0.67
C34 ERY E . -1.85 -23.73 5.33
C33 ERY E . -4.59 -25.10 3.31
C35 ERY E . 0.16 -22.80 2.57
O12 ERY E . -1.98 -20.72 4.86
O13 ERY E . 0.50 -21.94 4.74
C36 ERY E . 1.67 -20.14 3.03
C30 ERY E . -1.28 -17.93 -0.32
C32 ERY E . -6.62 -21.48 2.05
O10 ERY E . -4.40 -20.78 2.35
C22 ERY E . -6.69 -22.11 -1.57
C23 ERY E . -6.92 -23.28 -2.54
C24 ERY E . -8.19 -23.05 -3.34
C25 ERY E . -9.34 -22.79 -2.39
C26 ERY E . -8.96 -21.58 -1.52
O9 ERY E . -7.81 -21.90 -0.80
N1 ERY E . -8.48 -24.17 -4.24
C27 ERY E . -10.06 -21.22 -0.54
O8 ERY E . -5.84 -23.41 -3.43
C28 ERY E . -8.60 -25.44 -3.51
C14 ERY E . -3.65 -18.29 -2.60
C15 ERY E . -4.63 -18.38 -3.80
C16 ERY E . -5.83 -17.42 -3.82
C17 ERY E . -5.68 -16.32 -2.81
C18 ERY E . -5.24 -16.89 -1.52
O4 ERY E . -3.87 -17.20 -1.77
O5 ERY E . -7.04 -18.15 -3.50
O6 ERY E . -6.92 -15.67 -2.65
C20 ERY E . -8.18 -17.91 -4.32
C29 ERY E . -9.68 -23.93 -5.00
C21 ERY E . -5.27 -15.85 -0.46
C37 ERY E . 2.02 -18.95 2.12
C31 ERY E . -3.16 -21.88 -1.38
C19 ERY E . -5.92 -16.78 -5.19
N1 UDP F . -1.96 -23.28 -23.39
C2 UDP F . -1.40 -23.47 -24.64
N3 UDP F . -2.06 -23.03 -25.77
C4 UDP F . -3.28 -22.42 -25.66
C5 UDP F . -3.85 -22.23 -24.40
C6 UDP F . -3.08 -22.49 -23.28
O2 UDP F . -0.31 -24.05 -24.74
O4 UDP F . -3.86 -22.02 -26.66
C1' UDP F . -1.27 -23.75 -22.17
C2' UDP F . -0.20 -22.78 -21.68
O2' UDP F . 1.09 -23.22 -22.00
C3' UDP F . -0.35 -22.75 -20.18
C4' UDP F . -1.72 -23.36 -19.89
O4' UDP F . -2.20 -23.90 -21.12
O3' UDP F . 0.63 -23.55 -19.56
C5' UDP F . -2.68 -22.29 -19.34
O5' UDP F . -2.33 -22.03 -17.99
PA UDP F . -2.44 -20.57 -17.28
O1A UDP F . -2.13 -20.75 -15.83
O2A UDP F . -1.55 -19.58 -17.89
O3A UDP F . -3.95 -20.03 -17.49
PB UDP F . -5.36 -20.77 -17.17
O1B UDP F . -5.82 -21.46 -18.39
O2B UDP F . -6.31 -19.68 -16.83
O3B UDP F . -5.20 -21.74 -16.08
MG MG G . 10.63 -13.49 -26.33
N ALA A 8 -19.07 10.96 -8.88
CA ALA A 8 -18.97 12.05 -7.91
C ALA A 8 -18.78 11.45 -6.53
N HIS A 9 -18.57 10.13 -6.53
CA HIS A 9 -18.20 9.36 -5.35
C HIS A 9 -16.68 9.51 -5.14
N ILE A 10 -16.29 10.51 -4.35
CA ILE A 10 -14.88 10.72 -4.06
C ILE A 10 -14.61 10.04 -2.73
N ALA A 11 -13.48 9.36 -2.62
CA ALA A 11 -13.15 8.64 -1.39
C ALA A 11 -11.98 9.30 -0.67
N MET A 12 -12.19 9.70 0.58
CA MET A 12 -11.12 10.34 1.36
C MET A 12 -10.51 9.36 2.38
N PHE A 13 -9.19 9.43 2.55
CA PHE A 13 -8.45 8.53 3.45
C PHE A 13 -7.61 9.33 4.41
N SER A 14 -7.68 9.00 5.70
CA SER A 14 -6.69 9.51 6.63
C SER A 14 -6.47 8.58 7.82
N ILE A 15 -5.71 9.07 8.79
CA ILE A 15 -5.42 8.36 10.02
C ILE A 15 -6.09 9.08 11.19
N ALA A 16 -6.11 8.45 12.35
CA ALA A 16 -6.74 9.07 13.51
C ALA A 16 -5.79 10.01 14.22
N ALA A 17 -5.49 11.14 13.59
CA ALA A 17 -4.69 12.17 14.22
C ALA A 17 -5.31 13.51 13.88
N HIS A 18 -5.54 14.35 14.87
CA HIS A 18 -6.20 15.62 14.63
C HIS A 18 -5.46 16.42 13.57
N GLY A 19 -4.14 16.38 13.60
CA GLY A 19 -3.33 17.15 12.67
C GLY A 19 -3.40 16.69 11.22
N HIS A 20 -4.00 15.52 10.99
CA HIS A 20 -4.15 15.00 9.64
C HIS A 20 -5.61 14.84 9.21
N VAL A 21 -6.54 15.31 10.05
CA VAL A 21 -7.95 15.25 9.71
C VAL A 21 -8.59 16.64 9.82
N ASN A 22 -8.34 17.32 10.93
CA ASN A 22 -8.84 18.69 11.10
C ASN A 22 -8.65 19.64 9.90
N PRO A 23 -7.46 19.65 9.27
CA PRO A 23 -7.22 20.63 8.20
C PRO A 23 -8.11 20.55 6.97
N SER A 24 -8.63 19.39 6.59
CA SER A 24 -9.32 19.27 5.30
C SER A 24 -10.83 19.08 5.39
N LEU A 25 -11.37 19.04 6.60
CA LEU A 25 -12.81 18.81 6.79
C LEU A 25 -13.71 19.71 5.95
N GLU A 26 -13.33 20.99 5.80
CA GLU A 26 -14.15 21.93 5.04
C GLU A 26 -14.14 21.61 3.54
N VAL A 27 -13.00 21.18 3.02
CA VAL A 27 -12.94 20.75 1.64
C VAL A 27 -13.93 19.60 1.51
N ILE A 28 -13.89 18.69 2.49
CA ILE A 28 -14.85 17.60 2.56
C ILE A 28 -16.28 18.10 2.84
N ARG A 29 -16.45 18.89 3.90
CA ARG A 29 -17.78 19.39 4.30
C ARG A 29 -18.47 20.17 3.20
N GLU A 30 -17.68 20.97 2.48
CA GLU A 30 -18.17 21.68 1.31
C GLU A 30 -18.46 20.70 0.17
N LEU A 31 -17.62 19.69 -0.01
CA LEU A 31 -17.89 18.67 -1.03
C LEU A 31 -19.24 17.99 -0.80
N VAL A 32 -19.53 17.63 0.45
CA VAL A 32 -20.83 17.04 0.77
C VAL A 32 -21.97 18.04 0.58
N ALA A 33 -21.68 19.31 0.77
CA ALA A 33 -22.64 20.39 0.52
C ALA A 33 -22.96 20.57 -0.97
N ARG A 34 -21.98 20.29 -1.82
CA ARG A 34 -22.09 20.51 -3.25
C ARG A 34 -22.74 19.34 -3.96
N GLY A 35 -23.21 18.37 -3.19
CA GLY A 35 -23.91 17.23 -3.73
C GLY A 35 -23.15 15.93 -3.54
N HIS A 36 -21.83 16.01 -3.70
CA HIS A 36 -20.95 14.85 -3.88
C HIS A 36 -21.22 13.67 -2.96
N ARG A 37 -20.99 12.46 -3.48
CA ARG A 37 -21.06 11.25 -2.66
C ARG A 37 -19.70 11.01 -2.01
N VAL A 38 -19.59 11.19 -0.69
CA VAL A 38 -18.29 11.16 -0.03
C VAL A 38 -18.20 10.12 1.08
N THR A 39 -17.20 9.25 0.98
CA THR A 39 -16.92 8.28 2.03
C THR A 39 -15.56 8.64 2.61
N TYR A 40 -15.30 8.19 3.83
CA TYR A 40 -14.08 8.61 4.53
C TYR A 40 -13.45 7.47 5.33
N ALA A 41 -12.40 6.89 4.76
CA ALA A 41 -11.65 5.85 5.43
C ALA A 41 -10.95 6.41 6.66
N ILE A 42 -11.28 5.85 7.83
CA ILE A 42 -10.86 6.45 9.07
C ILE A 42 -10.89 5.40 10.19
N PRO A 43 -9.96 5.50 11.15
CA PRO A 43 -10.07 4.59 12.29
C PRO A 43 -11.29 4.96 13.14
N PRO A 44 -11.94 3.96 13.76
CA PRO A 44 -13.22 4.23 14.43
C PRO A 44 -13.14 5.20 15.63
N VAL A 45 -11.94 5.58 16.07
CA VAL A 45 -11.89 6.54 17.18
C VAL A 45 -12.26 7.95 16.67
N PHE A 46 -12.20 8.14 15.35
CA PHE A 46 -12.58 9.40 14.71
C PHE A 46 -13.82 9.20 13.85
N ALA A 47 -14.58 8.15 14.14
CA ALA A 47 -15.83 7.91 13.44
C ALA A 47 -16.77 9.12 13.51
N ASP A 48 -17.08 9.58 14.72
CA ASP A 48 -18.02 10.69 14.89
C ASP A 48 -17.54 11.98 14.22
N LYS A 49 -16.23 12.24 14.30
CA LYS A 49 -15.61 13.39 13.65
C LYS A 49 -15.86 13.53 12.14
N VAL A 50 -15.57 12.48 11.37
CA VAL A 50 -15.74 12.60 9.93
C VAL A 50 -17.22 12.43 9.51
N ALA A 51 -18.02 11.87 10.40
CA ALA A 51 -19.44 11.66 10.10
C ALA A 51 -20.22 12.88 10.55
N ALA A 52 -19.65 13.64 11.47
CA ALA A 52 -20.22 14.91 11.85
C ALA A 52 -20.19 15.82 10.63
N THR A 53 -19.27 15.53 9.71
CA THR A 53 -19.20 16.23 8.43
C THR A 53 -20.22 15.67 7.45
N GLY A 54 -21.01 14.71 7.91
CA GLY A 54 -22.00 14.10 7.05
C GLY A 54 -21.52 12.76 6.53
N ALA A 55 -20.23 12.72 6.17
CA ALA A 55 -19.64 11.59 5.46
C ALA A 55 -19.92 10.23 6.09
N ARG A 56 -19.93 9.21 5.22
CA ARG A 56 -20.11 7.83 5.63
C ARG A 56 -18.73 7.27 5.88
N PRO A 57 -18.45 6.89 7.13
CA PRO A 57 -17.12 6.33 7.40
C PRO A 57 -16.91 4.93 6.83
N VAL A 58 -16.01 4.84 5.86
CA VAL A 58 -15.54 3.54 5.46
C VAL A 58 -14.48 3.11 6.46
N LEU A 59 -14.90 2.36 7.47
CA LEU A 59 -14.03 2.06 8.61
C LEU A 59 -12.88 1.11 8.33
N TYR A 60 -11.83 1.25 9.13
CA TYR A 60 -10.68 0.34 9.10
C TYR A 60 -9.89 0.49 10.40
N HIS A 61 -9.12 -0.56 10.73
CA HIS A 61 -8.34 -0.59 11.96
C HIS A 61 -6.90 -0.12 11.72
N SER A 62 -6.40 0.75 12.58
CA SER A 62 -5.05 1.32 12.44
C SER A 62 -4.14 1.03 13.63
N THR A 63 -2.86 0.72 13.36
CA THR A 63 -1.90 0.37 14.41
C THR A 63 -1.04 1.55 14.89
N LEU A 64 -1.39 2.75 14.45
CA LEU A 64 -0.66 3.96 14.84
C LEU A 64 -1.08 4.42 16.23
N PRO A 65 -0.33 5.36 16.84
CA PRO A 65 -0.88 5.98 18.04
C PRO A 65 -2.15 6.73 17.67
N GLY A 66 -3.19 6.61 18.50
CA GLY A 66 -4.46 7.25 18.23
C GLY A 66 -4.37 8.77 18.31
N PRO A 67 -5.51 9.43 18.50
CA PRO A 67 -5.69 10.89 18.47
C PRO A 67 -5.16 11.66 19.69
N ASP A 68 -5.31 11.09 20.88
CA ASP A 68 -4.96 11.80 22.11
C ASP A 68 -3.70 11.25 22.81
N ALA A 69 -2.65 10.95 22.03
CA ALA A 69 -1.39 10.44 22.56
C ALA A 69 -0.30 11.53 22.58
N ASP A 70 0.73 11.36 23.41
CA ASP A 70 1.85 12.30 23.42
C ASP A 70 2.59 12.24 22.10
N PRO A 71 3.09 13.38 21.63
CA PRO A 71 3.89 13.43 20.40
C PRO A 71 5.07 12.46 20.37
N GLU A 72 5.80 12.31 21.49
CA GLU A 72 6.96 11.42 21.51
C GLU A 72 6.59 9.95 21.26
N ALA A 73 5.32 9.60 21.41
CA ALA A 73 4.88 8.23 21.16
C ALA A 73 5.05 7.84 19.69
N TRP A 74 5.12 8.87 18.84
CA TRP A 74 5.30 8.66 17.41
C TRP A 74 6.76 8.46 17.05
N GLY A 75 7.62 8.34 18.08
CA GLY A 75 9.05 8.19 17.88
C GLY A 75 9.80 9.51 17.91
N SER A 76 11.11 9.43 18.08
CA SER A 76 11.94 10.62 18.12
C SER A 76 13.21 10.45 17.29
N THR A 77 13.28 9.35 16.54
CA THR A 77 14.36 9.14 15.58
C THR A 77 13.74 8.97 14.20
N LEU A 78 14.52 9.21 13.15
CA LEU A 78 14.00 9.16 11.78
C LEU A 78 13.28 7.84 11.47
N LEU A 79 13.96 6.72 11.72
CA LEU A 79 13.34 5.43 11.43
C LEU A 79 12.14 5.13 12.34
N ASP A 80 12.20 5.55 13.61
CA ASP A 80 11.05 5.36 14.48
C ASP A 80 9.88 6.23 14.03
N ASN A 81 10.18 7.34 13.38
CA ASN A 81 9.13 8.19 12.84
C ASN A 81 8.45 7.57 11.61
N VAL A 82 9.25 7.11 10.65
CA VAL A 82 8.69 6.65 9.38
C VAL A 82 8.21 5.20 9.36
N GLU A 83 8.90 4.32 10.07
CA GLU A 83 8.50 2.91 10.06
C GLU A 83 7.03 2.64 10.37
N PRO A 84 6.45 3.32 11.38
CA PRO A 84 5.06 2.96 11.67
C PRO A 84 4.08 3.23 10.54
N PHE A 85 4.39 4.18 9.66
CA PHE A 85 3.48 4.48 8.56
C PHE A 85 3.48 3.36 7.53
N LEU A 86 4.65 2.75 7.32
CA LEU A 86 4.74 1.60 6.44
C LEU A 86 4.10 0.39 7.11
N ASN A 87 4.37 0.21 8.39
CA ASN A 87 3.78 -0.91 9.11
C ASN A 87 2.25 -0.84 9.13
N ASP A 88 1.70 0.34 9.43
CA ASP A 88 0.26 0.53 9.40
C ASP A 88 -0.32 0.27 8.02
N ALA A 89 0.39 0.74 6.99
CA ALA A 89 -0.06 0.59 5.61
C ALA A 89 -0.20 -0.86 5.19
N ILE A 90 0.80 -1.67 5.56
CA ILE A 90 0.82 -3.07 5.20
C ILE A 90 -0.46 -3.76 5.66
N GLN A 91 -0.91 -3.44 6.88
CA GLN A 91 -2.05 -4.11 7.46
C GLN A 91 -3.38 -3.43 7.11
N ALA A 92 -3.34 -2.12 6.85
CA ALA A 92 -4.56 -1.39 6.52
C ALA A 92 -5.03 -1.62 5.07
N LEU A 93 -4.06 -1.78 4.18
CA LEU A 93 -4.36 -1.86 2.76
C LEU A 93 -5.39 -2.95 2.40
N PRO A 94 -5.20 -4.19 2.90
CA PRO A 94 -6.23 -5.18 2.56
C PRO A 94 -7.63 -4.93 3.14
N GLN A 95 -7.73 -4.24 4.27
CA GLN A 95 -9.05 -3.90 4.78
C GLN A 95 -9.74 -2.97 3.80
N LEU A 96 -9.06 -1.88 3.46
CA LEU A 96 -9.63 -0.89 2.55
C LEU A 96 -9.85 -1.46 1.15
N ALA A 97 -8.96 -2.35 0.72
CA ALA A 97 -9.18 -3.06 -0.53
C ALA A 97 -10.49 -3.83 -0.43
N ASP A 98 -10.62 -4.64 0.62
CA ASP A 98 -11.87 -5.37 0.87
C ASP A 98 -13.06 -4.43 0.99
N ALA A 99 -12.97 -3.53 1.95
CA ALA A 99 -14.08 -2.65 2.31
C ALA A 99 -14.62 -1.85 1.13
N TYR A 100 -13.77 -1.63 0.12
CA TYR A 100 -14.14 -0.84 -1.06
C TYR A 100 -14.45 -1.70 -2.30
N ALA A 101 -14.23 -3.01 -2.20
CA ALA A 101 -14.26 -3.91 -3.36
C ALA A 101 -15.53 -3.91 -4.22
N ASP A 102 -16.67 -3.51 -3.65
CA ASP A 102 -17.90 -3.53 -4.44
C ASP A 102 -18.44 -2.12 -4.73
N ASP A 103 -17.56 -1.12 -4.59
CA ASP A 103 -17.93 0.29 -4.77
C ASP A 103 -16.72 1.22 -4.93
N ILE A 104 -16.09 1.16 -6.11
CA ILE A 104 -14.87 1.92 -6.40
C ILE A 104 -15.14 3.40 -6.70
N PRO A 105 -14.39 4.30 -6.05
CA PRO A 105 -14.50 5.75 -6.30
C PRO A 105 -13.99 6.19 -7.67
N ASP A 106 -14.38 7.38 -8.09
CA ASP A 106 -13.89 7.98 -9.33
C ASP A 106 -12.62 8.77 -9.13
N LEU A 107 -12.39 9.24 -7.90
CA LEU A 107 -11.22 10.05 -7.58
C LEU A 107 -10.90 9.82 -6.11
N VAL A 108 -9.62 9.73 -5.79
CA VAL A 108 -9.17 9.45 -4.43
C VAL A 108 -8.54 10.69 -3.82
N LEU A 109 -8.96 11.08 -2.62
CA LEU A 109 -8.35 12.19 -1.90
C LEU A 109 -7.71 11.62 -0.63
N HIS A 110 -6.53 12.08 -0.27
CA HIS A 110 -5.90 11.50 0.91
C HIS A 110 -4.92 12.41 1.59
N ASP A 111 -4.87 12.29 2.92
CA ASP A 111 -3.81 12.95 3.68
C ASP A 111 -2.49 12.26 3.34
N ILE A 112 -1.39 13.00 3.50
CA ILE A 112 -0.06 12.49 3.19
C ILE A 112 0.32 11.20 3.91
N THR A 113 -0.29 10.91 5.05
CA THR A 113 0.13 9.76 5.86
C THR A 113 -0.41 8.43 5.34
N SER A 114 -1.39 8.48 4.45
CA SER A 114 -2.05 7.24 4.01
C SER A 114 -1.40 6.62 2.77
N TYR A 115 -0.45 5.70 2.98
CA TYR A 115 0.09 4.95 1.85
C TYR A 115 -0.96 4.07 1.13
N PRO A 116 -1.90 3.45 1.89
CA PRO A 116 -2.88 2.65 1.13
C PRO A 116 -3.67 3.44 0.09
N ALA A 117 -3.97 4.70 0.37
CA ALA A 117 -4.72 5.50 -0.58
C ALA A 117 -3.97 5.63 -1.90
N ARG A 118 -2.65 5.81 -1.81
CA ARG A 118 -1.82 5.89 -3.00
C ARG A 118 -1.87 4.57 -3.76
N VAL A 119 -1.76 3.47 -3.02
CA VAL A 119 -1.75 2.15 -3.66
C VAL A 119 -3.10 1.91 -4.33
N LEU A 120 -4.18 2.10 -3.57
CA LEU A 120 -5.52 1.81 -4.08
C LEU A 120 -5.92 2.69 -5.26
N ALA A 121 -5.53 3.97 -5.23
CA ALA A 121 -5.81 4.86 -6.35
C ALA A 121 -5.16 4.36 -7.64
N ARG A 122 -3.92 3.88 -7.52
CA ARG A 122 -3.21 3.32 -8.66
C ARG A 122 -3.90 2.08 -9.20
N ARG A 123 -4.31 1.20 -8.29
CA ARG A 123 -4.99 -0.04 -8.67
C ARG A 123 -6.25 0.25 -9.48
N TRP A 124 -6.98 1.24 -9.00
CA TRP A 124 -8.32 1.61 -9.49
C TRP A 124 -8.37 2.34 -10.83
N GLY A 125 -7.23 2.83 -11.29
CA GLY A 125 -7.16 3.56 -12.55
C GLY A 125 -7.73 4.95 -12.44
N VAL A 126 -7.61 5.53 -11.24
CA VAL A 126 -8.17 6.84 -10.99
C VAL A 126 -7.14 7.80 -10.40
N PRO A 127 -7.19 9.07 -10.82
CA PRO A 127 -6.36 10.13 -10.24
C PRO A 127 -6.53 10.24 -8.72
N ALA A 128 -5.44 10.61 -8.05
CA ALA A 128 -5.47 10.80 -6.62
C ALA A 128 -4.93 12.18 -6.35
N VAL A 129 -5.53 12.89 -5.40
CA VAL A 129 -5.01 14.18 -4.98
C VAL A 129 -4.60 14.11 -3.50
N SER A 130 -3.35 14.47 -3.24
CA SER A 130 -2.81 14.43 -1.89
C SER A 130 -3.13 15.76 -1.23
N LEU A 131 -3.47 15.72 0.05
CA LEU A 131 -3.80 16.93 0.81
C LEU A 131 -2.78 17.07 1.94
N SER A 132 -1.93 18.09 1.87
CA SER A 132 -0.85 18.23 2.82
C SER A 132 -1.10 19.35 3.82
N PRO A 133 -1.07 19.02 5.11
CA PRO A 133 -1.33 20.03 6.16
C PRO A 133 -0.04 20.71 6.59
N ASN A 134 1.04 20.44 5.87
CA ASN A 134 2.34 21.05 6.17
C ASN A 134 3.08 21.31 4.89
N LEU A 135 4.31 21.82 5.02
CA LEU A 135 5.14 22.09 3.85
C LEU A 135 5.35 20.84 3.00
N VAL A 136 5.66 21.07 1.72
CA VAL A 136 5.89 19.98 0.78
C VAL A 136 7.29 20.07 0.19
N ALA A 137 7.68 19.05 -0.56
CA ALA A 137 8.96 19.07 -1.25
C ALA A 137 9.02 20.13 -2.33
N TRP A 138 10.17 20.81 -2.42
CA TRP A 138 10.45 21.68 -3.57
C TRP A 138 11.34 20.90 -4.51
N LYS A 139 11.47 21.36 -5.76
CA LYS A 139 12.43 20.71 -6.64
C LYS A 139 13.82 21.01 -6.13
N GLY A 140 14.56 19.96 -5.76
CA GLY A 140 15.87 20.10 -5.13
C GLY A 140 15.87 19.47 -3.74
N TYR A 141 14.69 19.33 -3.14
CA TYR A 141 14.56 18.76 -1.80
C TYR A 141 15.26 17.40 -1.65
N GLU A 142 15.30 16.62 -2.73
CA GLU A 142 15.91 15.30 -2.65
C GLU A 142 17.40 15.40 -2.39
N GLU A 143 18.11 16.21 -3.16
CA GLU A 143 19.53 16.42 -2.91
C GLU A 143 19.73 17.15 -1.60
N GLU A 144 18.87 18.12 -1.34
CA GLU A 144 19.13 19.11 -0.30
C GLU A 144 18.76 18.70 1.12
N VAL A 145 17.73 17.86 1.24
CA VAL A 145 17.22 17.44 2.54
C VAL A 145 17.17 15.93 2.70
N ALA A 146 16.53 15.24 1.75
CA ALA A 146 16.34 13.79 1.87
C ALA A 146 17.65 13.02 1.86
N GLU A 147 18.49 13.24 0.84
CA GLU A 147 19.79 12.58 0.78
C GLU A 147 20.61 12.65 2.07
N PRO A 148 20.87 13.87 2.57
CA PRO A 148 21.78 13.89 3.73
C PRO A 148 21.13 13.29 4.97
N MET A 149 19.82 13.46 5.14
CA MET A 149 19.15 12.91 6.31
C MET A 149 19.17 11.37 6.28
N TRP A 150 19.06 10.81 5.09
CA TRP A 150 18.94 9.35 4.96
C TRP A 150 20.27 8.60 4.80
N ARG A 151 21.35 9.31 4.48
CA ARG A 151 22.63 8.67 4.18
C ARG A 151 23.07 7.71 5.29
N GLU A 152 23.37 8.25 6.47
CA GLU A 152 23.77 7.40 7.60
C GLU A 152 22.76 6.31 7.98
N PRO A 153 21.46 6.66 8.07
CA PRO A 153 20.48 5.59 8.26
C PRO A 153 20.49 4.56 7.14
N ARG A 154 20.66 4.97 5.88
CA ARG A 154 20.76 4.00 4.77
C ARG A 154 22.11 3.29 4.64
N GLN A 155 22.84 3.17 5.74
CA GLN A 155 23.94 2.22 5.76
C GLN A 155 23.58 1.10 6.72
N THR A 156 22.99 1.48 7.85
CA THR A 156 22.62 0.53 8.90
C THR A 156 21.73 -0.57 8.38
N GLU A 157 21.91 -1.78 8.91
CA GLU A 157 21.08 -2.91 8.53
C GLU A 157 19.60 -2.56 8.71
N ARG A 158 19.26 -1.84 9.77
CA ARG A 158 17.87 -1.46 9.99
C ARG A 158 17.35 -0.57 8.86
N GLY A 159 18.17 0.40 8.44
CA GLY A 159 17.78 1.30 7.37
C GLY A 159 17.59 0.57 6.06
N ARG A 160 18.56 -0.28 5.72
CA ARG A 160 18.47 -1.09 4.50
C ARG A 160 17.24 -2.00 4.55
N ALA A 161 17.00 -2.63 5.69
CA ALA A 161 15.86 -3.53 5.84
C ALA A 161 14.55 -2.80 5.60
N TYR A 162 14.46 -1.60 6.17
CA TYR A 162 13.28 -0.77 6.01
C TYR A 162 13.03 -0.44 4.53
N TYR A 163 14.05 0.08 3.85
CA TYR A 163 13.89 0.41 2.43
C TYR A 163 13.69 -0.80 1.52
N ALA A 164 14.31 -1.92 1.88
CA ALA A 164 14.11 -3.16 1.14
C ALA A 164 12.68 -3.63 1.25
N ARG A 165 12.16 -3.61 2.48
CA ARG A 165 10.81 -4.08 2.77
C ARG A 165 9.76 -3.17 2.11
N PHE A 166 10.04 -1.87 2.12
CA PHE A 166 9.15 -0.89 1.50
C PHE A 166 9.11 -1.12 -0.01
N GLU A 167 10.30 -1.25 -0.62
CA GLU A 167 10.38 -1.56 -2.06
C GLU A 167 9.61 -2.82 -2.43
N ALA A 168 9.82 -3.87 -1.65
CA ALA A 168 9.20 -5.16 -1.93
C ALA A 168 7.69 -5.07 -1.84
N TRP A 169 7.21 -4.30 -0.87
CA TRP A 169 5.77 -4.11 -0.70
C TRP A 169 5.17 -3.39 -1.89
N LEU A 170 5.84 -2.35 -2.35
CA LEU A 170 5.37 -1.61 -3.52
C LEU A 170 5.36 -2.54 -4.74
N LYS A 171 6.43 -3.29 -4.90
CA LYS A 171 6.56 -4.19 -6.05
C LYS A 171 5.49 -5.30 -6.03
N GLU A 172 5.19 -5.83 -4.85
CA GLU A 172 4.13 -6.84 -4.70
C GLU A 172 2.79 -6.27 -5.15
N ASN A 173 2.64 -4.94 -5.02
CA ASN A 173 1.40 -4.29 -5.41
C ASN A 173 1.49 -3.58 -6.76
N GLY A 174 2.55 -3.88 -7.51
CA GLY A 174 2.66 -3.46 -8.90
C GLY A 174 3.29 -2.10 -9.16
N ILE A 175 3.93 -1.57 -8.13
CA ILE A 175 4.50 -0.22 -8.19
C ILE A 175 6.02 -0.29 -8.26
N THR A 176 6.62 0.32 -9.29
CA THR A 176 8.06 0.28 -9.47
C THR A 176 8.73 1.57 -9.02
N GLU A 177 7.92 2.57 -8.68
CA GLU A 177 8.48 3.81 -8.17
C GLU A 177 9.25 3.51 -6.89
N HIS A 178 10.41 4.15 -6.70
CA HIS A 178 11.14 3.96 -5.45
C HIS A 178 10.32 4.51 -4.29
N PRO A 179 10.43 3.90 -3.11
CA PRO A 179 9.67 4.37 -1.93
C PRO A 179 9.70 5.89 -1.70
N ASP A 180 10.82 6.55 -1.92
CA ASP A 180 10.86 7.99 -1.66
C ASP A 180 10.00 8.80 -2.63
N THR A 181 9.92 8.39 -3.88
CA THR A 181 9.06 9.11 -4.81
C THR A 181 7.59 8.80 -4.48
N PHE A 182 7.31 7.54 -4.17
CA PHE A 182 5.97 7.09 -3.80
C PHE A 182 5.48 7.87 -2.58
N ALA A 183 6.33 8.02 -1.59
CA ALA A 183 5.93 8.66 -0.33
C ALA A 183 5.97 10.19 -0.37
N SER A 184 7.03 10.76 -0.94
CA SER A 184 7.28 12.19 -0.77
C SER A 184 6.93 13.03 -2.01
N HIS A 185 6.58 12.37 -3.11
CA HIS A 185 6.35 13.08 -4.36
C HIS A 185 5.05 12.71 -5.07
N PRO A 186 3.94 13.26 -4.57
CA PRO A 186 2.63 12.98 -5.16
C PRO A 186 2.53 13.58 -6.56
N PRO A 187 1.74 12.96 -7.42
CA PRO A 187 1.52 13.51 -8.77
C PRO A 187 0.72 14.81 -8.73
N ARG A 188 -0.12 14.96 -7.71
CA ARG A 188 -0.94 16.16 -7.56
C ARG A 188 -1.28 16.37 -6.08
N SER A 189 -1.10 17.59 -5.61
CA SER A 189 -1.25 17.88 -4.19
C SER A 189 -1.84 19.27 -3.96
N LEU A 190 -2.74 19.36 -2.98
CA LEU A 190 -3.22 20.64 -2.47
C LEU A 190 -2.61 20.86 -1.10
N VAL A 191 -2.02 22.03 -0.90
CA VAL A 191 -1.28 22.30 0.32
C VAL A 191 -2.06 23.26 1.20
N LEU A 192 -2.35 22.83 2.43
CA LEU A 192 -3.26 23.55 3.31
C LEU A 192 -2.53 24.50 4.26
N ILE A 193 -1.39 25.02 3.81
CA ILE A 193 -0.74 26.10 4.54
C ILE A 193 -0.51 27.24 3.56
N PRO A 194 -0.41 28.47 4.08
CA PRO A 194 -0.08 29.54 3.13
C PRO A 194 1.33 29.35 2.56
N LYS A 195 1.52 29.74 1.31
CA LYS A 195 2.81 29.59 0.66
C LYS A 195 3.89 30.41 1.37
N ALA A 196 3.45 31.40 2.14
CA ALA A 196 4.34 32.22 2.94
C ALA A 196 5.11 31.42 4.00
N LEU A 197 4.56 30.26 4.38
CA LEU A 197 5.19 29.41 5.38
C LEU A 197 5.81 28.16 4.76
N GLN A 198 6.05 28.20 3.45
CA GLN A 198 6.69 27.10 2.74
C GLN A 198 8.15 27.45 2.44
N PRO A 199 9.10 26.66 2.95
CA PRO A 199 10.51 26.91 2.61
C PRO A 199 10.74 26.78 1.10
N HIS A 200 11.61 27.60 0.54
CA HIS A 200 11.95 27.53 -0.89
C HIS A 200 10.72 27.54 -1.79
N ALA A 201 9.80 28.45 -1.49
CA ALA A 201 8.50 28.49 -2.17
C ALA A 201 8.58 28.63 -3.69
N ASP A 202 9.48 29.47 -4.19
CA ASP A 202 9.54 29.71 -5.63
C ASP A 202 10.07 28.50 -6.41
N ARG A 203 10.63 27.52 -5.70
CA ARG A 203 11.12 26.31 -6.36
C ARG A 203 10.16 25.12 -6.23
N VAL A 204 8.99 25.35 -5.66
CA VAL A 204 7.97 24.31 -5.58
C VAL A 204 7.21 24.19 -6.89
N ASP A 205 7.15 22.96 -7.42
CA ASP A 205 6.57 22.66 -8.73
C ASP A 205 5.07 22.97 -8.78
N GLU A 206 4.72 24.10 -9.40
CA GLU A 206 3.32 24.52 -9.48
C GLU A 206 2.45 23.55 -10.28
N ASP A 207 3.06 22.72 -11.11
CA ASP A 207 2.31 21.73 -11.88
C ASP A 207 1.73 20.67 -10.97
N VAL A 208 2.46 20.39 -9.89
CA VAL A 208 2.08 19.36 -8.93
C VAL A 208 1.29 19.95 -7.78
N TYR A 209 1.84 21.01 -7.19
CA TYR A 209 1.29 21.55 -5.95
C TYR A 209 0.55 22.85 -6.16
N THR A 210 -0.62 22.96 -5.55
CA THR A 210 -1.30 24.25 -5.47
C THR A 210 -1.59 24.58 -4.01
N PHE A 211 -1.16 25.77 -3.59
CA PHE A 211 -1.39 26.21 -2.22
C PHE A 211 -2.76 26.86 -2.07
N VAL A 212 -3.55 26.34 -1.13
CA VAL A 212 -4.88 26.88 -0.87
C VAL A 212 -5.00 27.56 0.49
N GLY A 213 -4.01 27.34 1.36
CA GLY A 213 -4.04 27.94 2.69
C GLY A 213 -4.93 27.15 3.64
N ALA A 214 -5.16 27.70 4.83
CA ALA A 214 -5.94 26.97 5.83
C ALA A 214 -7.39 26.81 5.42
N CYS A 215 -8.01 25.77 5.96
CA CYS A 215 -9.41 25.42 5.74
C CYS A 215 -10.14 25.29 7.07
N GLN A 216 -9.90 26.20 7.99
CA GLN A 216 -10.67 26.26 9.22
C GLN A 216 -11.96 27.00 8.91
N GLY A 217 -11.89 28.34 8.98
CA GLY A 217 -12.99 29.18 8.57
C GLY A 217 -13.66 30.04 9.63
N ASP A 218 -14.99 30.01 9.59
CA ASP A 218 -15.83 30.88 10.40
C ASP A 218 -17.22 30.26 10.59
N ARG A 219 -17.88 30.52 11.71
CA ARG A 219 -17.33 31.20 12.87
C ARG A 219 -18.03 30.54 14.05
N ALA A 220 -17.55 30.72 15.28
CA ALA A 220 -16.24 31.28 15.55
C ALA A 220 -15.58 30.39 16.58
N GLU A 221 -15.20 30.97 17.72
CA GLU A 221 -15.05 30.18 18.94
C GLU A 221 -14.99 31.08 20.16
N GLU A 222 -16.10 31.76 20.49
CA GLU A 222 -17.27 31.94 19.61
C GLU A 222 -17.89 33.31 19.86
N GLY A 223 -17.07 34.35 19.79
CA GLY A 223 -17.57 35.68 20.10
C GLY A 223 -17.05 36.80 19.23
N GLY A 224 -17.41 38.02 19.61
CA GLY A 224 -16.87 39.23 19.04
C GLY A 224 -16.23 40.00 20.19
N TRP A 225 -14.91 39.85 20.31
CA TRP A 225 -14.16 40.55 21.34
C TRP A 225 -14.01 42.01 20.94
N GLN A 226 -14.54 42.93 21.74
CA GLN A 226 -14.38 44.34 21.43
C GLN A 226 -13.20 44.90 22.20
N ARG A 227 -12.45 45.79 21.57
CA ARG A 227 -11.37 46.50 22.23
C ARG A 227 -11.93 47.31 23.40
N PRO A 228 -11.20 47.36 24.53
CA PRO A 228 -11.54 48.36 25.56
C PRO A 228 -11.34 49.76 25.01
N ALA A 229 -12.29 50.66 25.24
CA ALA A 229 -12.13 52.04 24.83
C ALA A 229 -10.84 52.60 25.41
N GLY A 230 -10.09 53.32 24.58
CA GLY A 230 -8.81 53.86 25.01
C GLY A 230 -7.65 53.03 24.51
N ALA A 231 -7.80 51.71 24.53
CA ALA A 231 -6.71 50.84 24.11
C ALA A 231 -6.44 50.97 22.62
N GLU A 232 -5.44 51.79 22.30
CA GLU A 232 -4.97 51.99 20.94
C GLU A 232 -4.24 50.77 20.38
N LYS A 233 -3.53 50.05 21.25
CA LYS A 233 -2.79 48.86 20.81
C LYS A 233 -3.12 47.63 21.67
N VAL A 234 -3.75 46.64 21.06
CA VAL A 234 -4.08 45.40 21.74
C VAL A 234 -3.06 44.33 21.38
N VAL A 235 -2.51 43.67 22.40
CA VAL A 235 -1.60 42.56 22.16
C VAL A 235 -2.19 41.28 22.74
N LEU A 236 -2.20 40.22 21.95
CA LEU A 236 -2.56 38.89 22.42
C LEU A 236 -1.28 38.09 22.63
N VAL A 237 -1.14 37.44 23.79
CA VAL A 237 -0.01 36.55 24.03
C VAL A 237 -0.49 35.14 24.16
N SER A 238 0.14 34.23 23.41
CA SER A 238 -0.25 32.84 23.46
C SER A 238 0.78 31.91 22.84
N LEU A 239 0.89 30.72 23.40
CA LEU A 239 1.71 29.70 22.81
C LEU A 239 0.80 28.55 22.38
N GLY A 240 -0.35 28.94 21.81
CA GLY A 240 -1.34 28.01 21.27
C GLY A 240 -2.26 27.31 22.26
N SER A 241 -2.75 26.14 21.85
CA SER A 241 -3.43 25.23 22.75
C SER A 241 -2.36 24.28 23.30
N ALA A 242 -2.45 23.01 22.94
CA ALA A 242 -1.54 21.94 23.42
C ALA A 242 -0.66 22.32 24.61
N PHE A 243 0.55 22.76 24.31
CA PHE A 243 1.52 23.09 25.35
C PHE A 243 1.68 24.60 25.47
N THR A 244 1.62 25.06 26.72
CA THR A 244 1.68 26.47 27.08
C THR A 244 2.51 26.61 28.34
N LYS A 245 3.08 25.49 28.81
CA LYS A 245 3.61 25.32 30.18
C LYS A 245 4.48 26.44 30.73
N GLN A 246 4.16 27.70 30.47
CA GLN A 246 5.16 28.75 30.62
C GLN A 246 4.75 29.94 31.47
N PRO A 247 4.77 29.79 32.81
CA PRO A 247 4.46 30.91 33.71
C PRO A 247 5.52 32.02 33.77
N ALA A 248 6.79 31.65 33.70
CA ALA A 248 7.88 32.63 33.84
C ALA A 248 8.05 33.54 32.62
N PHE A 249 7.75 33.01 31.44
CA PHE A 249 7.69 33.83 30.24
C PHE A 249 6.52 34.84 30.33
N TYR A 250 5.34 34.37 30.77
CA TYR A 250 4.18 35.26 30.93
C TYR A 250 4.48 36.36 31.94
N ARG A 251 5.26 36.01 32.95
CA ARG A 251 5.65 36.99 33.96
C ARG A 251 6.40 38.17 33.34
N GLU A 252 7.11 37.91 32.26
CA GLU A 252 7.75 39.01 31.53
C GLU A 252 6.71 39.73 30.66
N CYS A 253 5.70 38.98 30.18
CA CYS A 253 4.67 39.57 29.32
C CYS A 253 3.83 40.62 30.06
N VAL A 254 3.33 40.25 31.23
CA VAL A 254 2.57 41.19 32.05
C VAL A 254 3.47 42.36 32.42
N ARG A 255 4.73 42.05 32.68
CA ARG A 255 5.70 43.08 33.04
C ARG A 255 6.10 43.95 31.83
N ALA A 256 6.08 43.39 30.63
CA ALA A 256 6.34 44.20 29.43
C ALA A 256 5.25 45.22 29.12
N PHE A 257 3.99 44.83 29.25
CA PHE A 257 2.89 45.65 28.78
C PHE A 257 2.01 46.22 29.89
N GLY A 258 2.15 45.66 31.08
CA GLY A 258 1.35 46.09 32.23
C GLY A 258 1.65 47.52 32.58
N ASN A 259 0.60 48.34 32.67
CA ASN A 259 0.72 49.77 32.92
C ASN A 259 1.51 50.52 31.85
N LEU A 260 1.55 49.98 30.63
CA LEU A 260 2.18 50.66 29.49
C LEU A 260 1.10 51.45 28.74
N PRO A 261 1.12 52.79 28.84
CA PRO A 261 0.03 53.62 28.31
C PRO A 261 -0.31 53.31 26.86
N GLY A 262 -1.60 53.17 26.57
CA GLY A 262 -2.03 52.91 25.21
C GLY A 262 -2.25 51.44 24.91
N TRP A 263 -1.64 50.56 25.70
CA TRP A 263 -1.63 49.13 25.42
C TRP A 263 -2.59 48.34 26.28
N HIS A 264 -3.22 47.33 25.70
CA HIS A 264 -4.05 46.40 26.43
C HIS A 264 -3.62 44.98 26.12
N LEU A 265 -3.32 44.22 27.17
CA LEU A 265 -2.80 42.87 27.03
C LEU A 265 -3.86 41.80 27.30
N VAL A 266 -3.96 40.85 26.37
CA VAL A 266 -4.78 39.65 26.56
C VAL A 266 -3.85 38.46 26.64
N LEU A 267 -3.83 37.79 27.78
CA LEU A 267 -2.95 36.67 28.03
C LEU A 267 -3.77 35.39 28.12
N GLN A 268 -3.62 34.51 27.13
CA GLN A 268 -4.24 33.18 27.17
C GLN A 268 -3.25 32.21 27.79
N ILE A 269 -3.57 31.71 28.97
CA ILE A 269 -2.61 30.97 29.79
C ILE A 269 -2.60 29.46 29.56
N GLY A 270 -3.55 28.97 28.79
CA GLY A 270 -3.57 27.58 28.37
C GLY A 270 -3.60 26.45 29.39
N ARG A 271 -3.95 26.73 30.65
CA ARG A 271 -4.11 25.67 31.64
C ARG A 271 -5.56 25.54 32.14
N LYS A 272 -5.93 26.31 33.16
CA LYS A 272 -7.34 26.46 33.56
C LYS A 272 -7.70 27.59 34.57
N VAL A 273 -7.21 27.63 35.82
CA VAL A 273 -6.35 26.68 36.55
C VAL A 273 -4.92 26.45 36.02
N THR A 274 -4.03 27.38 36.39
CA THR A 274 -4.38 28.46 37.31
C THR A 274 -3.76 29.78 36.94
N PRO A 275 -4.43 30.89 37.29
CA PRO A 275 -3.92 32.25 37.12
C PRO A 275 -3.27 32.74 38.41
N ALA A 276 -2.60 31.87 39.15
CA ALA A 276 -2.08 32.25 40.47
C ALA A 276 -0.90 33.21 40.39
N GLU A 277 -0.01 33.03 39.43
CA GLU A 277 1.07 34.00 39.23
C GLU A 277 0.50 35.28 38.59
N LEU A 278 -0.67 35.67 39.09
CA LEU A 278 -1.27 36.97 38.82
C LEU A 278 -0.77 37.93 39.90
N GLY A 279 -1.11 37.66 41.17
CA GLY A 279 -0.52 38.36 42.30
C GLY A 279 -0.50 39.89 42.24
N GLU A 280 0.16 40.41 41.21
CA GLU A 280 0.00 41.79 40.79
C GLU A 280 -0.27 41.82 39.28
N LEU A 281 -1.53 41.96 38.93
CA LEU A 281 -1.92 42.20 37.54
C LEU A 281 -2.41 43.64 37.39
N PRO A 282 -1.71 44.42 36.55
CA PRO A 282 -2.17 45.78 36.24
C PRO A 282 -3.57 45.81 35.61
N ASP A 283 -4.17 47.00 35.59
CA ASP A 283 -5.55 47.19 35.15
C ASP A 283 -5.72 46.94 33.65
N ASN A 284 -4.61 46.99 32.92
CA ASN A 284 -4.68 46.86 31.45
C ASN A 284 -4.32 45.47 30.96
N VAL A 285 -4.49 44.47 31.82
CA VAL A 285 -4.24 43.08 31.46
C VAL A 285 -5.49 42.26 31.73
N GLU A 286 -5.95 41.51 30.74
CA GLU A 286 -7.09 40.63 30.96
C GLU A 286 -6.70 39.21 30.63
N VAL A 287 -7.03 38.31 31.55
CA VAL A 287 -6.57 36.94 31.44
C VAL A 287 -7.73 36.01 31.14
N HIS A 288 -7.47 35.06 30.26
CA HIS A 288 -8.45 34.08 29.91
C HIS A 288 -7.76 32.72 29.81
N ASP A 289 -8.48 31.66 30.14
CA ASP A 289 -7.85 30.35 30.11
C ASP A 289 -8.06 29.67 28.76
N TRP A 290 -8.45 30.50 27.79
CA TRP A 290 -8.84 30.06 26.46
C TRP A 290 -9.61 31.21 25.79
N VAL A 291 -9.32 31.50 24.53
CA VAL A 291 -9.95 32.63 23.85
C VAL A 291 -10.45 32.32 22.44
N PRO A 292 -11.38 33.15 21.95
CA PRO A 292 -11.67 33.15 20.52
C PRO A 292 -10.48 33.76 19.76
N GLN A 293 -9.42 32.96 19.56
CA GLN A 293 -8.10 33.49 19.19
C GLN A 293 -8.13 34.28 17.89
N LEU A 294 -8.71 33.69 16.86
CA LEU A 294 -8.93 34.39 15.60
C LEU A 294 -9.80 35.61 15.86
N ALA A 295 -10.75 35.50 16.78
CA ALA A 295 -11.68 36.60 17.00
C ALA A 295 -10.96 37.79 17.61
N ILE A 296 -10.02 37.52 18.51
CA ILE A 296 -9.19 38.56 19.12
C ILE A 296 -8.14 39.09 18.13
N LEU A 297 -7.62 38.21 17.26
CA LEU A 297 -6.61 38.65 16.29
C LEU A 297 -7.12 39.71 15.31
N ARG A 298 -8.37 39.62 14.89
CA ARG A 298 -8.95 40.65 14.03
C ARG A 298 -8.99 41.98 14.75
N GLN A 299 -8.87 41.91 16.07
CA GLN A 299 -8.96 43.07 16.94
C GLN A 299 -7.62 43.52 17.47
N ALA A 300 -6.58 42.74 17.17
CA ALA A 300 -5.27 42.92 17.79
C ALA A 300 -4.27 43.62 16.89
N ASP A 301 -3.34 44.34 17.51
CA ASP A 301 -2.30 45.06 16.78
C ASP A 301 -0.98 44.32 16.87
N LEU A 302 -0.92 43.35 17.76
CA LEU A 302 0.31 42.58 17.95
C LEU A 302 -0.01 41.20 18.48
N PHE A 303 0.75 40.20 18.04
CA PHE A 303 0.51 38.82 18.46
C PHE A 303 1.84 38.20 18.94
N VAL A 304 1.92 37.87 20.22
CA VAL A 304 3.06 37.13 20.74
C VAL A 304 2.68 35.66 20.66
N THR A 305 3.35 34.94 19.77
CA THR A 305 2.97 33.58 19.38
C THR A 305 4.15 32.61 19.52
N HIS A 306 3.85 31.33 19.74
CA HIS A 306 4.91 30.31 19.71
C HIS A 306 5.17 29.83 18.27
N ALA A 307 4.49 30.44 17.30
CA ALA A 307 4.68 30.14 15.89
C ALA A 307 4.32 28.70 15.51
N GLY A 308 3.34 28.14 16.22
CA GLY A 308 2.73 26.90 15.76
C GLY A 308 2.07 27.13 14.41
N ALA A 309 1.68 26.05 13.74
CA ALA A 309 1.08 26.19 12.40
C ALA A 309 -0.14 27.10 12.36
N GLY A 310 -1.07 26.91 13.29
CA GLY A 310 -2.32 27.65 13.28
C GLY A 310 -2.12 29.12 13.59
N GLY A 311 -1.45 29.39 14.70
CA GLY A 311 -1.15 30.76 15.09
C GLY A 311 -0.42 31.51 13.99
N SER A 312 0.53 30.85 13.34
CA SER A 312 1.29 31.49 12.28
C SER A 312 0.38 31.90 11.12
N GLN A 313 -0.48 31.00 10.65
CA GLN A 313 -1.40 31.35 9.54
C GLN A 313 -2.39 32.42 9.99
N GLU A 314 -2.84 32.33 11.23
CA GLU A 314 -3.85 33.26 11.74
C GLU A 314 -3.30 34.68 11.90
N GLY A 315 -2.06 34.78 12.36
CA GLY A 315 -1.39 36.08 12.42
C GLY A 315 -1.28 36.70 11.04
N LEU A 316 -0.87 35.91 10.05
CA LEU A 316 -0.77 36.42 8.69
C LEU A 316 -2.15 36.75 8.11
N ALA A 317 -3.10 35.85 8.32
CA ALA A 317 -4.45 36.03 7.77
C ALA A 317 -5.12 37.30 8.27
N THR A 318 -4.78 37.71 9.49
CA THR A 318 -5.33 38.90 10.11
C THR A 318 -4.39 40.11 10.03
N ALA A 319 -3.29 39.96 9.29
CA ALA A 319 -2.29 41.04 9.14
C ALA A 319 -1.82 41.60 10.48
N THR A 320 -1.52 40.69 11.41
CA THR A 320 -1.11 41.09 12.75
C THR A 320 0.38 40.80 12.90
N PRO A 321 1.20 41.84 13.13
CA PRO A 321 2.64 41.66 13.34
C PRO A 321 2.88 40.72 14.52
N MET A 322 3.97 39.96 14.46
CA MET A 322 4.18 38.93 15.47
C MET A 322 5.54 38.98 16.18
N ILE A 323 5.52 38.62 17.46
CA ILE A 323 6.73 38.24 18.17
C ILE A 323 6.66 36.73 18.35
N ALA A 324 7.58 36.01 17.69
CA ALA A 324 7.52 34.55 17.65
C ALA A 324 8.47 33.93 18.67
N VAL A 325 7.91 33.19 19.63
CA VAL A 325 8.67 32.55 20.70
C VAL A 325 8.43 31.04 20.69
N PRO A 326 9.08 30.32 19.77
CA PRO A 326 8.79 28.90 19.55
C PRO A 326 9.09 28.02 20.76
N GLN A 327 8.26 27.00 20.97
CA GLN A 327 8.31 26.18 22.19
C GLN A 327 8.87 24.80 21.94
N ALA A 328 8.69 24.29 20.73
CA ALA A 328 9.23 23.00 20.36
C ALA A 328 10.30 23.24 19.32
N VAL A 329 11.16 22.24 19.10
CA VAL A 329 12.09 22.27 17.99
C VAL A 329 11.31 22.50 16.71
N ASP A 330 10.11 21.92 16.65
CA ASP A 330 9.23 21.97 15.48
C ASP A 330 8.91 23.37 14.97
N GLN A 331 8.60 24.29 15.90
CA GLN A 331 8.06 25.62 15.59
C GLN A 331 9.13 26.60 15.13
N PHE A 332 10.39 26.18 15.12
CA PHE A 332 11.48 27.10 14.82
C PHE A 332 11.50 27.54 13.36
N GLY A 333 11.11 26.62 12.47
CA GLY A 333 11.02 26.94 11.05
C GLY A 333 10.05 28.08 10.79
N ASN A 334 8.84 27.99 11.35
CA ASN A 334 7.84 29.03 11.15
C ASN A 334 8.33 30.37 11.66
N ALA A 335 8.98 30.36 12.82
CA ALA A 335 9.49 31.61 13.38
C ALA A 335 10.51 32.27 12.46
N ASP A 336 11.45 31.48 11.93
CA ASP A 336 12.42 31.98 10.98
C ASP A 336 11.74 32.54 9.75
N MET A 337 10.74 31.82 9.24
CA MET A 337 10.06 32.26 8.03
C MET A 337 9.26 33.54 8.27
N LEU A 338 8.57 33.60 9.41
CA LEU A 338 7.83 34.82 9.76
C LEU A 338 8.77 36.02 9.84
N GLN A 339 9.90 35.83 10.50
CA GLN A 339 10.89 36.89 10.59
C GLN A 339 11.42 37.24 9.20
N GLY A 340 11.64 36.22 8.39
CA GLY A 340 12.15 36.42 7.03
C GLY A 340 11.24 37.24 6.15
N LEU A 341 9.93 37.15 6.40
CA LEU A 341 8.94 37.88 5.63
C LEU A 341 8.88 39.35 6.02
N GLY A 342 9.59 39.71 7.08
CA GLY A 342 9.65 41.09 7.53
C GLY A 342 8.39 41.50 8.28
N VAL A 343 7.76 40.54 8.94
CA VAL A 343 6.51 40.84 9.62
C VAL A 343 6.54 40.38 11.06
N ALA A 344 7.72 39.96 11.51
CA ALA A 344 7.85 39.42 12.85
C ALA A 344 9.28 39.50 13.32
N ARG A 345 9.47 39.32 14.62
CA ARG A 345 10.79 39.17 15.20
C ARG A 345 10.73 37.90 16.03
N LYS A 346 11.74 37.05 15.91
CA LYS A 346 11.78 35.82 16.68
C LYS A 346 12.73 35.96 17.88
N LEU A 347 12.28 35.57 19.07
CA LEU A 347 13.10 35.72 20.27
C LEU A 347 13.41 34.37 20.90
N ALA A 348 14.52 34.30 21.63
CA ALA A 348 14.76 33.17 22.51
C ALA A 348 13.88 33.35 23.74
N THR A 349 13.19 32.30 24.17
CA THR A 349 12.23 32.41 25.27
C THR A 349 12.82 33.06 26.50
N GLU A 350 14.08 32.71 26.78
CA GLU A 350 14.74 33.10 28.01
N GLU A 351 16.11 35.46 26.62
CA GLU A 351 16.35 36.73 25.93
C GLU A 351 15.17 37.66 26.11
N ALA A 352 13.97 37.09 26.15
CA ALA A 352 12.73 37.86 26.12
C ALA A 352 12.32 38.43 27.46
N THR A 353 13.13 39.34 28.00
CA THR A 353 12.73 40.08 29.19
C THR A 353 11.69 41.12 28.84
N ALA A 354 11.07 41.69 29.87
CA ALA A 354 10.03 42.70 29.68
C ALA A 354 10.54 43.86 28.82
N ASP A 355 11.82 44.16 29.00
CA ASP A 355 12.47 45.24 28.28
C ASP A 355 12.51 44.98 26.77
N LEU A 356 13.00 43.81 26.39
CA LEU A 356 13.14 43.48 24.97
C LEU A 356 11.76 43.27 24.32
N LEU A 357 10.83 42.71 25.10
CA LEU A 357 9.48 42.47 24.61
C LEU A 357 8.81 43.77 24.25
N ARG A 358 8.97 44.77 25.12
CA ARG A 358 8.34 46.06 24.88
C ARG A 358 8.96 46.79 23.70
N GLU A 359 10.29 46.80 23.62
CA GLU A 359 10.95 47.52 22.53
C GLU A 359 10.57 46.88 21.21
N THR A 360 10.55 45.55 21.21
CA THR A 360 10.23 44.79 20.01
C THR A 360 8.80 45.08 19.59
N ALA A 361 7.91 45.03 20.57
CA ALA A 361 6.51 45.37 20.36
C ALA A 361 6.34 46.76 19.77
N LEU A 362 7.00 47.74 20.41
CA LEU A 362 6.92 49.13 19.99
C LEU A 362 7.18 49.32 18.51
N ALA A 363 8.31 48.79 18.04
CA ALA A 363 8.69 48.94 16.65
C ALA A 363 7.74 48.23 15.69
N LEU A 364 7.40 46.99 15.99
CA LEU A 364 6.58 46.19 15.08
C LEU A 364 5.22 46.83 14.81
N VAL A 365 4.65 47.47 15.83
CA VAL A 365 3.34 48.08 15.64
C VAL A 365 3.45 49.45 14.95
N ASP A 366 4.64 50.03 14.98
CA ASP A 366 4.83 51.36 14.39
C ASP A 366 5.36 51.33 12.96
N ASP A 367 5.76 50.14 12.50
CA ASP A 367 6.53 50.00 11.26
C ASP A 367 5.66 49.88 10.00
N PRO A 368 5.89 50.76 9.02
CA PRO A 368 5.08 50.75 7.79
C PRO A 368 5.52 49.66 6.81
N GLU A 369 6.80 49.29 6.84
CA GLU A 369 7.27 48.22 5.97
C GLU A 369 6.67 46.89 6.40
N VAL A 370 6.77 46.60 7.70
CA VAL A 370 6.06 45.47 8.29
C VAL A 370 4.57 45.54 7.93
N ALA A 371 4.00 46.73 8.00
CA ALA A 371 2.55 46.91 7.81
C ALA A 371 2.02 46.60 6.40
N ARG A 372 2.68 47.11 5.36
CA ARG A 372 2.21 46.83 4.00
C ARG A 372 2.61 45.43 3.52
N ARG A 373 3.65 44.87 4.11
CA ARG A 373 4.04 43.50 3.80
C ARG A 373 2.96 42.54 4.28
N LEU A 374 2.41 42.80 5.47
CA LEU A 374 1.29 42.01 5.97
C LEU A 374 0.07 42.11 5.04
N ARG A 375 -0.20 43.31 4.53
CA ARG A 375 -1.34 43.50 3.63
C ARG A 375 -1.13 42.67 2.38
N ARG A 376 0.11 42.69 1.90
CA ARG A 376 0.43 42.00 0.65
C ARG A 376 0.30 40.49 0.84
N ILE A 377 0.74 39.99 2.00
CA ILE A 377 0.57 38.56 2.29
C ILE A 377 -0.91 38.18 2.42
N GLN A 378 -1.72 39.02 3.08
CA GLN A 378 -3.16 38.82 3.10
C GLN A 378 -3.71 38.71 1.68
N ALA A 379 -3.21 39.56 0.80
CA ALA A 379 -3.66 39.60 -0.58
C ALA A 379 -3.26 38.32 -1.31
N GLU A 380 -2.09 37.79 -0.99
CA GLU A 380 -1.65 36.53 -1.58
C GLU A 380 -2.47 35.38 -1.03
N MET A 381 -2.76 35.42 0.26
CA MET A 381 -3.57 34.38 0.86
C MET A 381 -5.00 34.38 0.32
N ALA A 382 -5.51 35.57 0.01
CA ALA A 382 -6.83 35.69 -0.59
C ALA A 382 -6.94 34.83 -1.83
N GLN A 383 -5.89 34.83 -2.64
CA GLN A 383 -5.87 34.07 -3.88
C GLN A 383 -5.86 32.56 -3.64
N GLU A 384 -5.17 32.14 -2.58
CA GLU A 384 -5.15 30.73 -2.21
C GLU A 384 -6.57 30.27 -1.88
N GLY A 385 -7.38 31.18 -1.33
CA GLY A 385 -8.82 31.02 -1.26
C GLY A 385 -9.42 29.88 -0.46
N GLY A 386 -8.60 29.17 0.29
CA GLY A 386 -9.07 28.14 1.20
C GLY A 386 -10.02 27.10 0.63
N THR A 387 -11.12 26.90 1.35
CA THR A 387 -12.06 25.82 1.08
C THR A 387 -12.53 25.77 -0.37
N ARG A 388 -13.29 26.77 -0.80
CA ARG A 388 -13.97 26.62 -2.06
C ARG A 388 -13.01 26.66 -3.26
N ARG A 389 -11.78 27.13 -3.05
CA ARG A 389 -10.76 26.93 -4.06
C ARG A 389 -10.28 25.48 -4.06
N ALA A 390 -10.12 24.92 -2.86
CA ALA A 390 -9.73 23.52 -2.74
C ALA A 390 -10.82 22.62 -3.30
N ALA A 391 -12.08 22.99 -3.08
CA ALA A 391 -13.17 22.20 -3.64
C ALA A 391 -13.18 22.28 -5.16
N ASP A 392 -13.07 23.49 -5.69
CA ASP A 392 -13.06 23.65 -7.13
C ASP A 392 -11.85 22.93 -7.75
N LEU A 393 -10.66 23.17 -7.19
CA LEU A 393 -9.43 22.59 -7.73
C LEU A 393 -9.40 21.06 -7.77
N ILE A 394 -10.14 20.42 -6.87
CA ILE A 394 -10.26 18.96 -6.88
C ILE A 394 -11.24 18.54 -7.96
N GLU A 395 -12.31 19.32 -8.12
CA GLU A 395 -13.27 19.03 -9.17
C GLU A 395 -12.61 19.13 -10.56
N ALA A 396 -11.58 19.97 -10.67
CA ALA A 396 -10.77 20.07 -11.89
C ALA A 396 -9.93 18.81 -12.15
N GLU A 397 -9.84 17.91 -11.16
CA GLU A 397 -9.07 16.69 -11.30
C GLU A 397 -9.97 15.48 -11.58
N LEU A 398 -11.27 15.64 -11.37
CA LEU A 398 -12.23 14.64 -11.81
C LEU A 398 -12.13 14.49 -13.33
N PRO A 399 -12.45 13.30 -13.84
CA PRO A 399 -12.42 13.11 -15.31
C PRO A 399 -13.51 13.91 -16.04
N ALA A 400 -14.07 13.33 -17.09
CA ALA A 400 -15.20 13.92 -17.76
C ALA A 400 -16.43 13.83 -16.85
N THR B 6 14.09 -53.05 -4.77
CA THR B 6 13.71 -52.30 -3.58
C THR B 6 14.11 -50.84 -3.65
N PRO B 7 13.51 -50.07 -4.58
CA PRO B 7 13.81 -48.65 -4.74
C PRO B 7 13.00 -47.78 -3.79
N ALA B 8 13.67 -47.16 -2.82
CA ALA B 8 13.04 -46.45 -1.70
C ALA B 8 11.69 -45.86 -2.03
N HIS B 9 10.72 -46.11 -1.13
CA HIS B 9 9.30 -45.88 -1.38
C HIS B 9 8.96 -44.40 -1.19
N ILE B 10 8.22 -43.84 -2.14
CA ILE B 10 7.82 -42.44 -2.06
C ILE B 10 6.30 -42.29 -2.10
N ALA B 11 5.75 -41.93 -0.95
CA ALA B 11 4.33 -41.70 -0.81
C ALA B 11 4.07 -40.20 -0.85
N MET B 12 3.44 -39.78 -1.94
CA MET B 12 2.94 -38.43 -2.07
C MET B 12 1.62 -38.40 -1.33
N PHE B 13 1.21 -37.21 -0.91
CA PHE B 13 -0.11 -36.99 -0.32
C PHE B 13 -0.71 -35.74 -0.97
N SER B 14 -1.96 -35.83 -1.40
CA SER B 14 -2.69 -34.62 -1.82
C SER B 14 -4.19 -34.77 -1.63
N ILE B 15 -4.93 -33.80 -2.14
CA ILE B 15 -6.38 -33.81 -2.10
C ILE B 15 -6.89 -33.84 -3.54
N ALA B 16 -8.18 -34.02 -3.71
CA ALA B 16 -8.74 -34.06 -5.05
C ALA B 16 -9.02 -32.67 -5.58
N ALA B 17 -7.99 -31.83 -5.64
CA ALA B 17 -8.11 -30.56 -6.35
C ALA B 17 -7.05 -30.52 -7.44
N HIS B 18 -7.46 -30.25 -8.68
CA HIS B 18 -6.51 -30.20 -9.79
C HIS B 18 -5.33 -29.30 -9.44
N GLY B 19 -5.64 -28.18 -8.80
CA GLY B 19 -4.68 -27.12 -8.59
C GLY B 19 -3.61 -27.48 -7.57
N HIS B 20 -3.82 -28.59 -6.88
CA HIS B 20 -2.88 -29.06 -5.89
C HIS B 20 -2.30 -30.43 -6.23
N VAL B 21 -2.64 -30.95 -7.40
CA VAL B 21 -2.12 -32.24 -7.87
C VAL B 21 -1.36 -32.10 -9.18
N ASN B 22 -1.97 -31.36 -10.10
CA ASN B 22 -1.38 -31.08 -11.41
C ASN B 22 0.03 -30.50 -11.39
N PRO B 23 0.28 -29.48 -10.55
CA PRO B 23 1.59 -28.84 -10.75
C PRO B 23 2.79 -29.69 -10.31
N SER B 24 2.56 -30.80 -9.63
CA SER B 24 3.66 -31.70 -9.28
C SER B 24 3.52 -33.00 -10.06
N LEU B 25 2.55 -33.05 -10.96
CA LEU B 25 2.23 -34.28 -11.71
C LEU B 25 3.46 -34.83 -12.43
N GLU B 26 4.18 -33.95 -13.11
CA GLU B 26 5.38 -34.38 -13.83
C GLU B 26 6.53 -34.77 -12.91
N VAL B 27 6.59 -34.18 -11.71
CA VAL B 27 7.60 -34.57 -10.74
C VAL B 27 7.34 -36.00 -10.27
N ILE B 28 6.06 -36.32 -10.04
CA ILE B 28 5.65 -37.66 -9.66
C ILE B 28 6.02 -38.68 -10.75
N ARG B 29 5.60 -38.42 -11.98
CA ARG B 29 5.90 -39.32 -13.09
C ARG B 29 7.41 -39.54 -13.25
N GLU B 30 8.19 -38.54 -12.89
CA GLU B 30 9.64 -38.61 -13.05
C GLU B 30 10.28 -39.50 -11.96
N LEU B 31 9.75 -39.44 -10.74
CA LEU B 31 10.26 -40.32 -9.69
C LEU B 31 9.94 -41.77 -9.99
N VAL B 32 8.78 -42.01 -10.61
CA VAL B 32 8.42 -43.35 -11.07
C VAL B 32 9.42 -43.80 -12.13
N ALA B 33 9.66 -42.94 -13.12
CA ALA B 33 10.58 -43.28 -14.20
C ALA B 33 11.97 -43.66 -13.68
N ARG B 34 12.39 -43.03 -12.58
CA ARG B 34 13.72 -43.26 -12.02
C ARG B 34 13.82 -44.51 -11.17
N GLY B 35 12.73 -45.28 -11.11
CA GLY B 35 12.78 -46.54 -10.40
C GLY B 35 11.93 -46.58 -9.14
N HIS B 36 11.91 -45.47 -8.39
CA HIS B 36 11.18 -45.39 -7.13
C HIS B 36 9.76 -45.93 -7.27
N ARG B 37 9.27 -46.59 -6.22
CA ARG B 37 7.88 -47.03 -6.20
C ARG B 37 7.10 -45.88 -5.60
N VAL B 38 6.21 -45.30 -6.39
CA VAL B 38 5.50 -44.14 -5.90
C VAL B 38 4.12 -44.60 -5.49
N THR B 39 3.68 -44.14 -4.32
CA THR B 39 2.27 -44.21 -3.96
C THR B 39 1.76 -42.79 -3.80
N TYR B 40 0.45 -42.62 -3.88
CA TYR B 40 -0.11 -41.27 -3.93
C TYR B 40 -1.45 -41.29 -3.24
N ALA B 41 -1.45 -40.81 -2.00
CA ALA B 41 -2.67 -40.63 -1.23
C ALA B 41 -3.54 -39.59 -1.91
N ILE B 42 -4.72 -40.01 -2.34
CA ILE B 42 -5.62 -39.16 -3.11
C ILE B 42 -7.07 -39.59 -2.86
N PRO B 43 -8.03 -38.66 -2.98
CA PRO B 43 -9.41 -39.16 -2.91
C PRO B 43 -9.70 -39.97 -4.17
N PRO B 44 -10.63 -40.94 -4.10
CA PRO B 44 -10.83 -41.88 -5.20
C PRO B 44 -11.20 -41.19 -6.50
N VAL B 45 -11.77 -39.99 -6.41
CA VAL B 45 -12.13 -39.24 -7.61
C VAL B 45 -10.92 -39.05 -8.54
N PHE B 46 -9.75 -38.87 -7.93
CA PHE B 46 -8.50 -38.70 -8.70
C PHE B 46 -7.63 -39.96 -8.74
N ALA B 47 -8.24 -41.13 -8.60
CA ALA B 47 -7.51 -42.38 -8.73
C ALA B 47 -7.30 -42.70 -10.20
N ASP B 48 -7.86 -41.85 -11.06
CA ASP B 48 -7.45 -41.73 -12.45
C ASP B 48 -6.93 -40.30 -12.59
N LYS B 49 -5.62 -40.17 -12.69
CA LYS B 49 -4.89 -38.88 -12.80
C LYS B 49 -3.54 -39.19 -12.25
N VAL B 50 -3.46 -39.21 -10.92
CA VAL B 50 -2.24 -39.67 -10.29
C VAL B 50 -1.79 -41.01 -10.86
N ALA B 51 -2.71 -41.96 -11.03
CA ALA B 51 -2.33 -43.32 -11.44
C ALA B 51 -1.77 -43.35 -12.84
N ALA B 52 -2.20 -42.37 -13.65
CA ALA B 52 -1.75 -42.23 -15.03
C ALA B 52 -0.29 -41.81 -15.07
N THR B 53 0.21 -41.27 -13.96
CA THR B 53 1.65 -41.11 -13.86
C THR B 53 2.25 -42.51 -13.80
N GLY B 54 2.25 -43.10 -12.61
CA GLY B 54 2.94 -44.36 -12.40
C GLY B 54 3.11 -44.61 -10.93
N ALA B 55 2.42 -43.81 -10.12
CA ALA B 55 2.32 -44.06 -8.68
C ALA B 55 1.15 -44.99 -8.51
N ARG B 56 1.13 -45.73 -7.41
CA ARG B 56 -0.03 -46.53 -7.04
C ARG B 56 -0.86 -45.70 -6.07
N PRO B 57 -2.08 -45.35 -6.45
CA PRO B 57 -2.88 -44.52 -5.53
C PRO B 57 -3.24 -45.26 -4.25
N VAL B 58 -3.36 -44.53 -3.14
CA VAL B 58 -3.96 -45.07 -1.92
C VAL B 58 -5.09 -44.16 -1.47
N LEU B 59 -6.27 -44.75 -1.28
CA LEU B 59 -7.53 -44.01 -1.36
C LEU B 59 -8.17 -43.65 -0.02
N TYR B 60 -8.27 -42.37 0.26
CA TYR B 60 -9.03 -41.93 1.44
C TYR B 60 -10.22 -41.05 1.01
N HIS B 61 -11.28 -41.05 1.82
CA HIS B 61 -12.41 -40.14 1.59
C HIS B 61 -12.05 -38.71 2.02
N SER B 62 -12.47 -37.74 1.21
CA SER B 62 -12.25 -36.33 1.52
C SER B 62 -13.55 -35.56 1.62
N THR B 63 -13.59 -34.58 2.52
CA THR B 63 -14.79 -33.78 2.75
C THR B 63 -14.73 -32.39 2.10
N LEU B 64 -13.64 -32.11 1.40
CA LEU B 64 -13.45 -30.81 0.73
C LEU B 64 -14.30 -30.69 -0.53
N PRO B 65 -14.52 -29.45 -1.00
CA PRO B 65 -15.10 -29.33 -2.35
C PRO B 65 -14.20 -30.07 -3.33
N GLY B 66 -14.78 -30.98 -4.12
CA GLY B 66 -14.03 -31.80 -5.06
C GLY B 66 -13.52 -31.02 -6.26
N PRO B 67 -12.83 -31.70 -7.18
CA PRO B 67 -12.15 -31.02 -8.29
C PRO B 67 -13.08 -30.24 -9.20
N ASP B 68 -14.27 -30.78 -9.43
CA ASP B 68 -15.27 -30.12 -10.27
C ASP B 68 -15.98 -28.97 -9.56
N ALA B 69 -15.78 -28.85 -8.24
CA ALA B 69 -16.48 -27.83 -7.45
C ALA B 69 -16.31 -26.39 -7.94
N ASP B 70 -17.43 -25.68 -8.04
CA ASP B 70 -17.42 -24.26 -8.34
C ASP B 70 -16.68 -23.49 -7.25
N PRO B 71 -15.81 -22.56 -7.67
CA PRO B 71 -14.86 -21.84 -6.82
C PRO B 71 -15.47 -20.86 -5.81
N GLU B 72 -16.70 -21.13 -5.38
CA GLU B 72 -17.35 -20.33 -4.34
C GLU B 72 -17.69 -21.09 -3.04
N ALA B 73 -17.89 -22.41 -3.12
CA ALA B 73 -18.22 -23.16 -1.91
C ALA B 73 -16.99 -23.47 -1.05
N TRP B 74 -15.99 -22.61 -1.11
CA TRP B 74 -14.75 -22.83 -0.38
C TRP B 74 -14.53 -21.79 0.69
N GLY B 75 -15.19 -20.66 0.51
CA GLY B 75 -14.91 -19.49 1.30
C GLY B 75 -14.62 -18.26 0.48
N SER B 76 -15.15 -17.14 0.96
CA SER B 76 -14.77 -15.83 0.48
C SER B 76 -14.11 -15.18 1.68
N THR B 77 -14.15 -15.90 2.80
CA THR B 77 -13.60 -15.42 4.06
C THR B 77 -12.54 -16.36 4.62
N LEU B 78 -11.72 -15.85 5.54
CA LEU B 78 -10.63 -16.61 6.12
C LEU B 78 -11.08 -17.95 6.71
N LEU B 79 -12.05 -17.93 7.63
CA LEU B 79 -12.40 -19.18 8.31
C LEU B 79 -13.14 -20.19 7.44
N ASP B 80 -14.05 -19.71 6.59
CA ASP B 80 -14.71 -20.57 5.60
C ASP B 80 -13.60 -21.30 4.82
N ASN B 81 -12.54 -20.56 4.51
CA ASN B 81 -11.43 -21.09 3.72
C ASN B 81 -10.60 -22.18 4.40
N VAL B 82 -10.17 -21.92 5.62
CA VAL B 82 -9.16 -22.78 6.25
C VAL B 82 -9.72 -23.94 7.07
N GLU B 83 -10.92 -23.74 7.61
CA GLU B 83 -11.58 -24.74 8.43
C GLU B 83 -11.57 -26.16 7.83
N PRO B 84 -12.01 -26.31 6.56
CA PRO B 84 -12.14 -27.67 6.07
C PRO B 84 -10.82 -28.43 5.98
N PHE B 85 -9.70 -27.74 5.80
CA PHE B 85 -8.43 -28.44 5.66
C PHE B 85 -8.10 -29.12 6.97
N LEU B 86 -8.51 -28.48 8.07
CA LEU B 86 -8.37 -29.12 9.37
C LEU B 86 -9.41 -30.21 9.52
N ASN B 87 -10.65 -29.90 9.18
CA ASN B 87 -11.74 -30.84 9.37
C ASN B 87 -11.56 -32.04 8.47
N ASP B 88 -11.14 -31.80 7.24
CA ASP B 88 -10.85 -32.88 6.30
C ASP B 88 -9.73 -33.75 6.84
N ALA B 89 -8.70 -33.11 7.39
CA ALA B 89 -7.54 -33.86 7.86
C ALA B 89 -7.85 -34.70 9.10
N ILE B 90 -8.79 -34.25 9.91
CA ILE B 90 -9.11 -35.00 11.12
C ILE B 90 -9.69 -36.38 10.82
N GLN B 91 -10.59 -36.45 9.83
CA GLN B 91 -11.20 -37.71 9.44
C GLN B 91 -10.37 -38.46 8.41
N ALA B 92 -9.34 -37.80 7.87
CA ALA B 92 -8.42 -38.40 6.90
C ALA B 92 -7.26 -39.12 7.59
N LEU B 93 -6.67 -38.44 8.57
CA LEU B 93 -5.48 -38.92 9.25
C LEU B 93 -5.53 -40.41 9.66
N PRO B 94 -6.54 -40.82 10.45
CA PRO B 94 -6.56 -42.25 10.77
C PRO B 94 -6.76 -43.17 9.55
N GLN B 95 -7.48 -42.72 8.51
CA GLN B 95 -7.61 -43.51 7.29
C GLN B 95 -6.25 -43.82 6.65
N LEU B 96 -5.38 -42.82 6.62
CA LEU B 96 -4.09 -42.91 5.97
C LEU B 96 -3.06 -43.64 6.82
N ALA B 97 -3.09 -43.43 8.12
CA ALA B 97 -2.25 -44.22 9.02
C ALA B 97 -2.61 -45.69 8.86
N ASP B 98 -3.91 -45.95 8.73
CA ASP B 98 -4.45 -47.28 8.56
C ASP B 98 -3.87 -47.89 7.29
N ALA B 99 -3.89 -47.11 6.22
CA ALA B 99 -3.50 -47.60 4.90
C ALA B 99 -2.02 -47.91 4.82
N TYR B 100 -1.20 -47.07 5.44
CA TYR B 100 0.24 -47.27 5.37
C TYR B 100 0.77 -48.11 6.52
N ALA B 101 -0.13 -48.86 7.16
CA ALA B 101 0.19 -49.63 8.37
C ALA B 101 1.51 -50.41 8.32
N ASP B 102 1.71 -51.23 7.29
CA ASP B 102 2.85 -52.14 7.22
C ASP B 102 3.70 -51.98 5.93
N ASP B 103 4.10 -50.75 5.62
CA ASP B 103 4.74 -50.44 4.35
C ASP B 103 5.28 -49.00 4.46
N ILE B 104 5.26 -48.54 5.71
CA ILE B 104 5.65 -47.19 6.13
C ILE B 104 6.76 -46.56 5.28
N PRO B 105 6.38 -45.65 4.37
CA PRO B 105 7.26 -45.18 3.29
C PRO B 105 8.49 -44.48 3.80
N ASP B 106 9.56 -44.50 3.00
CA ASP B 106 10.79 -43.87 3.39
C ASP B 106 10.76 -42.38 3.13
N LEU B 107 9.85 -41.94 2.25
CA LEU B 107 9.72 -40.52 1.97
C LEU B 107 8.29 -40.06 1.87
N VAL B 108 8.00 -38.97 2.58
CA VAL B 108 6.70 -38.31 2.49
C VAL B 108 6.82 -37.04 1.66
N LEU B 109 6.09 -37.00 0.56
CA LEU B 109 6.01 -35.85 -0.30
C LEU B 109 4.56 -35.36 -0.22
N HIS B 110 4.34 -34.06 -0.19
CA HIS B 110 2.95 -33.59 -0.10
C HIS B 110 2.76 -32.18 -0.59
N ASP B 111 1.60 -31.95 -1.21
CA ASP B 111 1.13 -30.59 -1.47
C ASP B 111 0.79 -29.91 -0.15
N ILE B 112 0.83 -28.58 -0.15
CA ILE B 112 0.62 -27.78 1.05
C ILE B 112 -0.73 -28.03 1.74
N THR B 113 -1.72 -28.47 0.99
CA THR B 113 -3.07 -28.61 1.56
C THR B 113 -3.27 -29.87 2.41
N SER B 114 -2.30 -30.80 2.40
CA SER B 114 -2.44 -32.05 3.16
C SER B 114 -1.81 -32.05 4.56
N TYR B 115 -2.58 -31.67 5.58
CA TYR B 115 -2.11 -31.75 6.95
C TYR B 115 -1.70 -33.17 7.43
N PRO B 116 -2.44 -34.21 6.99
CA PRO B 116 -2.07 -35.54 7.50
C PRO B 116 -0.68 -35.98 7.08
N ALA B 117 -0.21 -35.54 5.92
CA ALA B 117 1.13 -35.91 5.48
C ALA B 117 2.18 -35.44 6.49
N ARG B 118 2.00 -34.22 6.98
CA ARG B 118 2.89 -33.66 7.99
C ARG B 118 2.89 -34.51 9.26
N VAL B 119 1.70 -34.78 9.80
CA VAL B 119 1.67 -35.53 11.06
C VAL B 119 2.20 -36.96 10.90
N LEU B 120 1.84 -37.63 9.81
CA LEU B 120 2.32 -38.99 9.57
C LEU B 120 3.84 -39.06 9.40
N ALA B 121 4.41 -38.12 8.65
CA ALA B 121 5.85 -38.10 8.47
C ALA B 121 6.54 -38.06 9.83
N ARG B 122 6.11 -37.15 10.69
CA ARG B 122 6.67 -37.02 12.03
C ARG B 122 6.45 -38.25 12.92
N ARG B 123 5.36 -38.97 12.69
CA ARG B 123 5.03 -40.18 13.46
C ARG B 123 5.84 -41.39 12.96
N TRP B 124 6.35 -41.30 11.74
CA TRP B 124 7.05 -42.41 11.10
C TRP B 124 8.56 -42.32 11.26
N GLY B 125 9.06 -41.12 11.52
CA GLY B 125 10.48 -40.89 11.69
C GLY B 125 11.18 -40.73 10.36
N VAL B 126 10.42 -40.28 9.36
CA VAL B 126 10.95 -40.05 8.01
C VAL B 126 10.86 -38.55 7.68
N PRO B 127 11.78 -38.05 6.84
CA PRO B 127 11.69 -36.64 6.42
C PRO B 127 10.48 -36.38 5.54
N ALA B 128 10.01 -35.14 5.49
CA ALA B 128 8.91 -34.76 4.61
C ALA B 128 9.31 -33.60 3.69
N VAL B 129 8.80 -33.61 2.45
CA VAL B 129 9.02 -32.52 1.51
C VAL B 129 7.70 -31.89 1.09
N SER B 130 7.53 -30.60 1.36
CA SER B 130 6.31 -29.90 0.96
C SER B 130 6.48 -29.34 -0.45
N LEU B 131 5.48 -29.52 -1.31
CA LEU B 131 5.51 -28.92 -2.64
C LEU B 131 4.49 -27.80 -2.72
N SER B 132 4.96 -26.58 -2.95
CA SER B 132 4.06 -25.42 -2.98
C SER B 132 3.80 -24.95 -4.40
N PRO B 133 2.54 -24.98 -4.84
CA PRO B 133 2.23 -24.53 -6.20
C PRO B 133 2.03 -23.01 -6.26
N ASN B 134 2.48 -22.30 -5.23
CA ASN B 134 2.31 -20.86 -5.16
C ASN B 134 3.34 -20.27 -4.22
N LEU B 135 3.26 -18.97 -3.98
CA LEU B 135 4.21 -18.28 -3.12
C LEU B 135 4.24 -18.91 -1.72
N VAL B 136 5.36 -18.72 -1.02
CA VAL B 136 5.52 -19.25 0.32
C VAL B 136 5.77 -18.12 1.32
N ALA B 137 5.82 -18.49 2.60
CA ALA B 137 6.05 -17.52 3.66
C ALA B 137 7.50 -17.04 3.67
N TRP B 138 7.67 -15.73 3.87
CA TRP B 138 8.98 -15.14 4.03
C TRP B 138 9.21 -14.82 5.51
N LYS B 139 10.44 -14.45 5.86
CA LYS B 139 10.71 -13.95 7.20
C LYS B 139 9.94 -12.65 7.39
N GLY B 140 9.01 -12.63 8.33
CA GLY B 140 8.17 -11.47 8.54
C GLY B 140 6.72 -11.71 8.16
N TYR B 141 6.45 -12.79 7.44
CA TYR B 141 5.11 -13.12 6.97
C TYR B 141 4.12 -13.22 8.14
N GLU B 142 4.62 -13.54 9.32
CA GLU B 142 3.74 -13.73 10.45
C GLU B 142 3.11 -12.44 11.01
N GLU B 143 3.81 -11.32 10.89
CA GLU B 143 3.26 -10.03 11.35
C GLU B 143 2.56 -9.26 10.23
N GLU B 144 3.00 -9.50 9.01
CA GLU B 144 2.63 -8.64 7.90
C GLU B 144 1.43 -9.13 7.12
N VAL B 145 1.20 -10.44 7.17
CA VAL B 145 0.09 -11.05 6.46
C VAL B 145 -0.81 -11.82 7.41
N ALA B 146 -0.20 -12.75 8.15
CA ALA B 146 -0.96 -13.69 8.96
C ALA B 146 -1.78 -13.01 10.05
N GLU B 147 -1.11 -12.19 10.86
CA GLU B 147 -1.82 -11.47 11.93
C GLU B 147 -2.94 -10.56 11.44
N PRO B 148 -2.66 -9.70 10.43
CA PRO B 148 -3.72 -8.83 9.93
C PRO B 148 -4.96 -9.59 9.41
N MET B 149 -4.75 -10.75 8.79
CA MET B 149 -5.89 -11.54 8.35
C MET B 149 -6.63 -12.13 9.54
N TRP B 150 -5.88 -12.54 10.55
CA TRP B 150 -6.45 -13.26 11.69
C TRP B 150 -6.92 -12.35 12.83
N ARG B 151 -6.59 -11.06 12.77
CA ARG B 151 -6.88 -10.14 13.89
C ARG B 151 -8.31 -10.22 14.40
N GLU B 152 -9.26 -10.24 13.48
CA GLU B 152 -10.66 -10.26 13.86
C GLU B 152 -11.33 -11.64 13.83
N PRO B 153 -10.96 -12.50 12.86
CA PRO B 153 -11.54 -13.84 12.99
C PRO B 153 -11.07 -14.61 14.21
N ARG B 154 -9.82 -14.39 14.65
CA ARG B 154 -9.24 -15.17 15.74
C ARG B 154 -10.04 -14.99 17.04
N GLN B 155 -10.62 -13.80 17.20
CA GLN B 155 -11.44 -13.47 18.37
C GLN B 155 -12.94 -13.45 18.02
N THR B 156 -13.36 -14.28 17.07
CA THR B 156 -14.78 -14.63 16.97
C THR B 156 -14.90 -15.96 17.65
N GLU B 157 -16.11 -16.39 17.99
CA GLU B 157 -16.26 -17.74 18.54
C GLU B 157 -15.93 -18.80 17.49
N ARG B 158 -16.23 -18.51 16.23
CA ARG B 158 -15.94 -19.41 15.11
C ARG B 158 -14.43 -19.53 14.85
N GLY B 159 -13.67 -18.61 15.43
CA GLY B 159 -12.22 -18.65 15.29
C GLY B 159 -11.52 -19.28 16.49
N ARG B 160 -11.95 -18.92 17.70
CA ARG B 160 -11.37 -19.55 18.89
C ARG B 160 -11.66 -21.04 18.91
N ALA B 161 -12.80 -21.44 18.37
CA ALA B 161 -13.13 -22.86 18.27
C ALA B 161 -12.22 -23.55 17.26
N TYR B 162 -12.07 -22.95 16.09
CA TYR B 162 -11.21 -23.49 15.04
C TYR B 162 -9.80 -23.72 15.56
N TYR B 163 -9.16 -22.67 16.09
CA TYR B 163 -7.82 -22.84 16.62
C TYR B 163 -7.77 -23.84 17.77
N ALA B 164 -8.83 -23.88 18.58
CA ALA B 164 -8.91 -24.89 19.63
C ALA B 164 -8.96 -26.29 19.03
N ARG B 165 -9.70 -26.45 17.93
CA ARG B 165 -9.87 -27.74 17.29
C ARG B 165 -8.57 -28.18 16.61
N PHE B 166 -7.98 -27.26 15.84
CA PHE B 166 -6.70 -27.51 15.18
C PHE B 166 -5.67 -27.96 16.21
N GLU B 167 -5.58 -27.23 17.31
CA GLU B 167 -4.49 -27.42 18.26
C GLU B 167 -4.59 -28.65 19.19
N ALA B 168 -5.81 -29.10 19.48
CA ALA B 168 -5.95 -30.30 20.29
C ALA B 168 -5.56 -31.50 19.42
N TRP B 169 -5.83 -31.36 18.12
CA TRP B 169 -5.50 -32.39 17.14
C TRP B 169 -3.98 -32.63 17.12
N LEU B 170 -3.20 -31.55 17.13
CA LEU B 170 -1.75 -31.68 17.12
C LEU B 170 -1.24 -32.25 18.45
N LYS B 171 -1.80 -31.76 19.55
CA LYS B 171 -1.33 -32.17 20.88
C LYS B 171 -1.30 -33.67 21.06
N GLU B 172 -2.39 -34.34 20.70
CA GLU B 172 -2.48 -35.80 20.79
C GLU B 172 -1.41 -36.48 19.93
N ASN B 173 -0.89 -35.74 18.96
CA ASN B 173 0.15 -36.25 18.08
C ASN B 173 1.49 -35.66 18.49
N GLY B 174 1.57 -35.24 19.74
CA GLY B 174 2.77 -34.64 20.30
C GLY B 174 3.30 -33.54 19.41
N ILE B 175 2.42 -32.70 18.90
CA ILE B 175 2.89 -31.60 18.07
C ILE B 175 2.69 -30.25 18.77
N THR B 176 3.80 -29.61 19.16
CA THR B 176 3.74 -28.50 20.10
C THR B 176 3.86 -27.10 19.51
N GLU B 177 4.34 -26.98 18.27
CA GLU B 177 4.37 -25.67 17.64
C GLU B 177 2.93 -25.20 17.39
N HIS B 178 2.75 -23.88 17.30
CA HIS B 178 1.45 -23.30 17.00
C HIS B 178 0.95 -23.90 15.68
N PRO B 179 -0.38 -24.01 15.52
CA PRO B 179 -0.92 -24.48 14.24
C PRO B 179 -0.39 -23.65 13.08
N ASP B 180 -0.06 -22.39 13.32
CA ASP B 180 0.46 -21.53 12.24
C ASP B 180 1.80 -22.05 11.73
N THR B 181 2.69 -22.39 12.66
CA THR B 181 3.99 -22.93 12.30
C THR B 181 3.84 -24.28 11.60
N PHE B 182 2.87 -25.07 12.07
CA PHE B 182 2.59 -26.37 11.48
C PHE B 182 1.99 -26.23 10.08
N ALA B 183 1.07 -25.30 9.90
CA ALA B 183 0.40 -25.16 8.60
C ALA B 183 1.23 -24.40 7.56
N SER B 184 1.90 -23.34 8.01
CA SER B 184 2.47 -22.37 7.07
C SER B 184 4.00 -22.39 6.98
N HIS B 185 4.65 -23.18 7.81
CA HIS B 185 6.11 -23.13 7.91
C HIS B 185 6.76 -24.52 7.90
N PRO B 186 6.81 -25.14 6.72
CA PRO B 186 7.39 -26.49 6.56
C PRO B 186 8.89 -26.48 6.83
N PRO B 187 9.44 -27.63 7.25
CA PRO B 187 10.89 -27.68 7.44
C PRO B 187 11.65 -27.81 6.11
N ARG B 188 10.96 -28.23 5.05
CA ARG B 188 11.60 -28.39 3.74
C ARG B 188 10.54 -28.25 2.66
N SER B 189 10.81 -27.38 1.68
CA SER B 189 9.80 -27.08 0.67
C SER B 189 10.44 -26.82 -0.68
N LEU B 190 9.83 -27.37 -1.74
CA LEU B 190 10.17 -27.00 -3.11
C LEU B 190 9.03 -26.15 -3.66
N VAL B 191 9.39 -24.99 -4.21
CA VAL B 191 8.38 -24.02 -4.66
C VAL B 191 8.27 -24.07 -6.17
N LEU B 192 7.06 -24.33 -6.66
CA LEU B 192 6.80 -24.58 -8.07
C LEU B 192 6.47 -23.30 -8.86
N ILE B 193 6.97 -22.16 -8.37
CA ILE B 193 6.89 -20.92 -9.14
C ILE B 193 8.29 -20.34 -9.21
N PRO B 194 8.57 -19.53 -10.25
CA PRO B 194 9.90 -18.93 -10.28
C PRO B 194 10.03 -17.90 -9.15
N LYS B 195 11.23 -17.75 -8.61
CA LYS B 195 11.44 -16.86 -7.46
C LYS B 195 11.06 -15.43 -7.81
N ALA B 196 11.16 -15.07 -9.08
CA ALA B 196 10.76 -13.73 -9.54
C ALA B 196 9.31 -13.39 -9.17
N LEU B 197 8.45 -14.40 -9.15
CA LEU B 197 7.04 -14.17 -8.85
C LEU B 197 6.71 -14.33 -7.35
N GLN B 198 7.75 -14.52 -6.53
CA GLN B 198 7.56 -14.61 -5.08
C GLN B 198 7.70 -13.23 -4.45
N PRO B 199 6.64 -12.74 -3.79
CA PRO B 199 6.74 -11.48 -3.05
C PRO B 199 7.78 -11.59 -1.95
N HIS B 200 8.50 -10.50 -1.67
CA HIS B 200 9.50 -10.50 -0.60
C HIS B 200 10.49 -11.66 -0.71
N ALA B 201 10.87 -12.00 -1.94
CA ALA B 201 11.75 -13.15 -2.16
C ALA B 201 13.05 -13.10 -1.38
N ASP B 202 13.56 -11.89 -1.17
CA ASP B 202 14.84 -11.71 -0.50
C ASP B 202 14.81 -12.11 0.97
N ARG B 203 13.61 -12.31 1.51
CA ARG B 203 13.48 -12.72 2.90
C ARG B 203 13.00 -14.17 3.05
N VAL B 204 12.86 -14.87 1.94
CA VAL B 204 12.51 -16.29 2.02
C VAL B 204 13.71 -17.12 2.47
N ASP B 205 13.49 -18.00 3.45
CA ASP B 205 14.56 -18.80 4.05
C ASP B 205 15.05 -19.85 3.08
N GLU B 206 16.21 -19.61 2.48
CA GLU B 206 16.63 -20.51 1.43
C GLU B 206 17.18 -21.84 1.95
N ASP B 207 17.41 -21.90 3.26
CA ASP B 207 17.80 -23.18 3.85
C ASP B 207 16.59 -24.10 3.99
N VAL B 208 15.39 -23.53 3.88
CA VAL B 208 14.16 -24.31 3.93
C VAL B 208 13.54 -24.48 2.53
N TYR B 209 13.45 -23.39 1.78
CA TYR B 209 12.76 -23.36 0.48
C TYR B 209 13.73 -23.35 -0.69
N THR B 210 13.43 -24.17 -1.70
CA THR B 210 14.14 -24.10 -2.97
C THR B 210 13.15 -23.83 -4.10
N PHE B 211 13.39 -22.77 -4.87
CA PHE B 211 12.53 -22.44 -5.99
C PHE B 211 12.97 -23.22 -7.21
N VAL B 212 12.08 -24.08 -7.71
CA VAL B 212 12.41 -24.88 -8.87
C VAL B 212 11.58 -24.44 -10.06
N GLY B 213 10.64 -23.54 -9.82
CA GLY B 213 9.78 -23.04 -10.88
C GLY B 213 8.71 -24.02 -11.33
N ALA B 214 8.03 -23.68 -12.42
CA ALA B 214 6.97 -24.53 -12.96
C ALA B 214 7.52 -25.86 -13.47
N CYS B 215 6.73 -26.92 -13.31
CA CYS B 215 7.14 -28.27 -13.69
C CYS B 215 6.26 -28.82 -14.80
N GLN B 216 6.52 -28.41 -16.04
CA GLN B 216 5.62 -28.76 -17.13
C GLN B 216 5.89 -30.12 -17.77
N GLY B 217 7.15 -30.46 -17.95
CA GLY B 217 7.46 -31.63 -18.75
C GLY B 217 7.53 -31.21 -20.21
N ASP B 218 7.34 -32.15 -21.11
CA ASP B 218 7.61 -31.84 -22.51
C ASP B 218 6.40 -31.41 -23.32
N ARG B 219 6.60 -30.47 -24.24
CA ARG B 219 5.50 -29.98 -25.07
C ARG B 219 5.82 -30.07 -26.55
N ALA B 220 6.65 -31.03 -26.95
CA ALA B 220 7.01 -31.15 -28.35
C ALA B 220 5.86 -31.71 -29.17
N GLU B 221 4.92 -32.37 -28.48
CA GLU B 221 3.73 -32.94 -29.10
C GLU B 221 2.68 -31.86 -29.36
N GLU B 222 2.91 -31.07 -30.39
CA GLU B 222 2.13 -29.84 -30.63
C GLU B 222 2.29 -29.36 -32.06
N GLY B 223 3.51 -28.91 -32.36
CA GLY B 223 3.85 -28.36 -33.65
C GLY B 223 4.39 -26.97 -33.41
N GLY B 224 5.07 -26.40 -34.40
CA GLY B 224 5.58 -25.07 -34.27
C GLY B 224 4.74 -24.05 -35.01
N TRP B 225 5.21 -22.81 -35.05
CA TRP B 225 4.55 -21.72 -35.74
C TRP B 225 5.60 -21.00 -36.57
N GLN B 226 5.34 -20.71 -37.83
CA GLN B 226 6.35 -20.05 -38.66
C GLN B 226 6.44 -18.54 -38.41
N ARG B 227 7.56 -18.10 -37.85
CA ARG B 227 7.83 -16.68 -37.75
C ARG B 227 8.00 -16.13 -39.16
N PRO B 228 7.07 -15.26 -39.59
CA PRO B 228 7.11 -14.76 -40.97
C PRO B 228 8.35 -13.91 -41.13
N ALA B 229 9.21 -14.27 -42.08
CA ALA B 229 10.45 -13.53 -42.35
C ALA B 229 10.28 -12.03 -42.48
N GLY B 230 9.08 -11.57 -42.86
CA GLY B 230 8.83 -10.16 -42.97
C GLY B 230 8.78 -9.46 -41.62
N ALA B 231 8.41 -10.21 -40.58
CA ALA B 231 8.09 -9.64 -39.27
C ALA B 231 9.30 -9.11 -38.51
N GLU B 232 9.32 -7.81 -38.30
CA GLU B 232 10.30 -7.20 -37.38
C GLU B 232 9.82 -7.38 -35.95
N LYS B 233 8.49 -7.38 -35.78
CA LYS B 233 7.87 -7.44 -34.48
C LYS B 233 6.75 -8.49 -34.44
N VAL B 234 6.60 -9.15 -33.29
CA VAL B 234 5.68 -10.26 -33.12
C VAL B 234 4.97 -10.21 -31.76
N VAL B 235 3.64 -10.17 -31.77
CA VAL B 235 2.87 -10.17 -30.53
C VAL B 235 1.92 -11.38 -30.45
N LEU B 236 1.89 -12.04 -29.29
CA LEU B 236 0.90 -13.07 -29.01
C LEU B 236 -0.08 -12.54 -27.98
N VAL B 237 -1.37 -12.83 -28.19
CA VAL B 237 -2.40 -12.56 -27.19
C VAL B 237 -2.96 -13.89 -26.71
N SER B 238 -2.87 -14.14 -25.41
CA SER B 238 -3.45 -15.37 -24.86
C SER B 238 -4.02 -15.20 -23.46
N LEU B 239 -5.25 -15.67 -23.27
CA LEU B 239 -5.85 -15.63 -21.94
C LEU B 239 -5.93 -17.06 -21.35
N GLY B 240 -5.17 -17.99 -21.90
CA GLY B 240 -5.03 -19.30 -21.30
C GLY B 240 -6.13 -20.29 -21.62
N SER B 241 -6.54 -21.08 -20.63
CA SER B 241 -7.50 -22.18 -20.85
C SER B 241 -8.95 -21.79 -21.06
N ALA B 242 -9.42 -20.71 -20.43
CA ALA B 242 -10.85 -20.39 -20.51
C ALA B 242 -11.28 -19.00 -20.03
N PHE B 243 -10.38 -18.02 -20.06
CA PHE B 243 -10.78 -16.66 -19.70
C PHE B 243 -10.77 -15.85 -20.97
N THR B 244 -11.36 -16.45 -22.00
CA THR B 244 -11.13 -16.05 -23.39
C THR B 244 -12.32 -15.46 -24.12
N LYS B 245 -13.53 -15.54 -23.55
CA LYS B 245 -14.68 -14.97 -24.27
C LYS B 245 -14.74 -13.46 -24.10
N GLN B 246 -13.78 -12.77 -24.70
CA GLN B 246 -13.72 -11.32 -24.65
C GLN B 246 -13.54 -10.75 -26.06
N PRO B 247 -14.53 -10.95 -26.94
CA PRO B 247 -14.38 -10.50 -28.33
C PRO B 247 -14.19 -8.99 -28.45
N ALA B 248 -14.75 -8.22 -27.52
CA ALA B 248 -14.56 -6.78 -27.57
C ALA B 248 -13.07 -6.49 -27.41
N PHE B 249 -12.50 -7.14 -26.41
CA PHE B 249 -11.07 -7.03 -26.12
C PHE B 249 -10.22 -7.47 -27.31
N TYR B 250 -10.54 -8.59 -27.94
CA TYR B 250 -9.77 -9.01 -29.11
C TYR B 250 -9.87 -8.03 -30.29
N ARG B 251 -11.03 -7.41 -30.48
CA ARG B 251 -11.16 -6.43 -31.54
C ARG B 251 -10.26 -5.22 -31.29
N GLU B 252 -10.03 -4.90 -30.02
CA GLU B 252 -9.14 -3.81 -29.67
C GLU B 252 -7.69 -4.09 -30.09
N CYS B 253 -7.28 -5.36 -30.04
CA CYS B 253 -5.91 -5.73 -30.42
C CYS B 253 -5.68 -5.63 -31.95
N VAL B 254 -6.64 -6.11 -32.72
CA VAL B 254 -6.54 -6.02 -34.18
C VAL B 254 -6.45 -4.55 -34.60
N ARG B 255 -7.19 -3.69 -33.91
CA ARG B 255 -7.11 -2.27 -34.18
C ARG B 255 -5.75 -1.73 -33.70
N ALA B 256 -5.28 -2.24 -32.58
CA ALA B 256 -3.96 -1.89 -32.06
C ALA B 256 -2.84 -2.45 -32.93
N PHE B 257 -2.96 -3.73 -33.28
CA PHE B 257 -1.82 -4.41 -33.90
C PHE B 257 -1.98 -4.73 -35.37
N GLY B 258 -3.22 -4.90 -35.81
CA GLY B 258 -3.48 -5.13 -37.23
C GLY B 258 -3.28 -3.84 -37.98
N ASN B 259 -2.44 -3.91 -39.00
CA ASN B 259 -2.25 -2.87 -40.02
C ASN B 259 -1.20 -1.81 -39.74
N LEU B 260 -0.39 -2.00 -38.70
CA LEU B 260 0.76 -1.14 -38.50
C LEU B 260 1.80 -1.55 -39.53
N PRO B 261 2.82 -0.69 -39.77
CA PRO B 261 3.99 -1.29 -40.40
C PRO B 261 4.84 -2.09 -39.42
N GLY B 262 5.04 -3.39 -39.70
CA GLY B 262 6.07 -4.15 -39.03
C GLY B 262 5.74 -5.21 -37.99
N TRP B 263 4.49 -5.29 -37.54
CA TRP B 263 4.15 -6.25 -36.48
C TRP B 263 3.30 -7.41 -37.01
N HIS B 264 3.00 -8.36 -36.12
CA HIS B 264 2.12 -9.50 -36.42
C HIS B 264 1.35 -9.97 -35.17
N LEU B 265 0.04 -10.10 -35.31
CA LEU B 265 -0.78 -10.49 -34.18
C LEU B 265 -1.18 -11.96 -34.23
N VAL B 266 -0.76 -12.72 -33.22
CA VAL B 266 -1.24 -14.08 -33.08
C VAL B 266 -2.25 -14.16 -31.94
N LEU B 267 -3.51 -14.41 -32.29
CA LEU B 267 -4.57 -14.59 -31.31
C LEU B 267 -4.96 -16.04 -31.25
N GLN B 268 -4.90 -16.63 -30.06
CA GLN B 268 -5.74 -17.78 -29.79
C GLN B 268 -6.88 -17.15 -29.03
N ILE B 269 -8.09 -17.32 -29.56
CA ILE B 269 -9.28 -16.71 -28.99
C ILE B 269 -10.22 -17.75 -28.42
N GLY B 270 -9.77 -19.01 -28.38
CA GLY B 270 -10.63 -20.10 -27.95
C GLY B 270 -11.71 -20.35 -29.01
N ARG B 271 -12.71 -21.16 -28.66
CA ARG B 271 -13.88 -21.32 -29.52
C ARG B 271 -15.20 -20.84 -28.92
N LYS B 272 -15.14 -20.06 -27.84
CA LYS B 272 -16.33 -19.35 -27.37
C LYS B 272 -16.40 -18.04 -28.13
N VAL B 273 -15.32 -17.74 -28.83
CA VAL B 273 -15.34 -16.66 -29.78
C VAL B 273 -15.08 -17.30 -31.13
N THR B 274 -15.94 -16.98 -32.09
CA THR B 274 -15.72 -17.38 -33.46
C THR B 274 -14.87 -16.30 -34.12
N PRO B 275 -14.05 -16.67 -35.10
CA PRO B 275 -13.20 -15.68 -35.76
C PRO B 275 -13.98 -14.54 -36.44
N ALA B 276 -15.21 -14.81 -36.86
CA ALA B 276 -15.98 -13.78 -37.55
C ALA B 276 -16.42 -12.65 -36.60
N GLU B 277 -16.49 -12.94 -35.31
CA GLU B 277 -16.80 -11.90 -34.34
C GLU B 277 -15.62 -10.95 -34.11
N LEU B 278 -14.53 -11.21 -34.83
CA LEU B 278 -13.34 -10.38 -34.77
C LEU B 278 -13.22 -9.44 -35.97
N GLY B 279 -13.61 -9.90 -37.15
CA GLY B 279 -13.76 -9.03 -38.30
C GLY B 279 -12.57 -8.87 -39.23
N GLU B 280 -12.23 -7.61 -39.50
CA GLU B 280 -11.26 -7.26 -40.52
C GLU B 280 -9.85 -7.70 -40.15
N LEU B 281 -9.46 -8.90 -40.56
CA LEU B 281 -8.10 -9.35 -40.33
C LEU B 281 -7.14 -8.87 -41.42
N PRO B 282 -6.37 -7.81 -41.11
CA PRO B 282 -5.42 -7.28 -42.08
C PRO B 282 -4.35 -8.32 -42.31
N ASP B 283 -3.46 -8.06 -43.25
CA ASP B 283 -2.54 -9.06 -43.73
C ASP B 283 -1.51 -9.52 -42.67
N ASN B 284 -1.22 -8.66 -41.70
CA ASN B 284 -0.29 -8.99 -40.63
C ASN B 284 -0.95 -9.57 -39.38
N VAL B 285 -2.03 -10.34 -39.57
CA VAL B 285 -2.77 -10.89 -38.42
C VAL B 285 -3.23 -12.35 -38.62
N GLU B 286 -3.15 -13.16 -37.57
CA GLU B 286 -3.65 -14.53 -37.64
C GLU B 286 -4.40 -14.99 -36.38
N VAL B 287 -5.58 -15.53 -36.60
CA VAL B 287 -6.51 -15.84 -35.54
C VAL B 287 -6.66 -17.35 -35.36
N HIS B 288 -6.48 -17.81 -34.12
CA HIS B 288 -6.48 -19.23 -33.86
C HIS B 288 -7.36 -19.66 -32.71
N ASP B 289 -7.67 -20.95 -32.72
CA ASP B 289 -8.45 -21.58 -31.70
C ASP B 289 -7.52 -21.97 -30.54
N TRP B 290 -6.22 -21.86 -30.83
CA TRP B 290 -5.15 -22.36 -30.00
C TRP B 290 -3.86 -22.17 -30.77
N VAL B 291 -2.77 -21.88 -30.08
CA VAL B 291 -1.47 -21.77 -30.71
C VAL B 291 -0.48 -22.58 -29.87
N PRO B 292 0.62 -23.01 -30.49
CA PRO B 292 1.62 -23.62 -29.62
C PRO B 292 2.29 -22.52 -28.82
N GLN B 293 1.79 -22.28 -27.62
CA GLN B 293 2.10 -21.04 -26.90
C GLN B 293 3.58 -20.85 -26.57
N LEU B 294 4.22 -21.86 -26.00
CA LEU B 294 5.64 -21.75 -25.69
C LEU B 294 6.47 -21.58 -26.95
N ALA B 295 6.07 -22.28 -28.01
CA ALA B 295 6.77 -22.22 -29.30
C ALA B 295 6.79 -20.80 -29.87
N ILE B 296 5.64 -20.13 -29.80
CA ILE B 296 5.55 -18.75 -30.29
C ILE B 296 6.24 -17.78 -29.35
N LEU B 297 6.07 -17.98 -28.04
CA LEU B 297 6.66 -17.06 -27.06
C LEU B 297 8.17 -16.99 -27.18
N ARG B 298 8.78 -18.12 -27.47
CA ARG B 298 10.23 -18.15 -27.67
C ARG B 298 10.63 -17.16 -28.76
N GLN B 299 9.84 -17.07 -29.83
CA GLN B 299 10.15 -16.20 -30.96
C GLN B 299 9.30 -14.93 -31.00
N ALA B 300 8.74 -14.54 -29.85
CA ALA B 300 7.88 -13.37 -29.78
C ALA B 300 8.59 -12.12 -29.24
N ASP B 301 7.98 -10.97 -29.49
CA ASP B 301 8.51 -9.70 -28.98
C ASP B 301 7.59 -9.09 -27.93
N LEU B 302 6.40 -9.66 -27.79
CA LEU B 302 5.42 -9.19 -26.80
C LEU B 302 4.35 -10.25 -26.54
N PHE B 303 3.87 -10.31 -25.29
CA PHE B 303 2.90 -11.31 -24.87
C PHE B 303 1.81 -10.56 -24.11
N VAL B 304 0.58 -10.60 -24.61
CA VAL B 304 -0.56 -10.07 -23.87
C VAL B 304 -1.22 -11.27 -23.21
N THR B 305 -1.13 -11.32 -21.88
CA THR B 305 -1.45 -12.50 -21.10
C THR B 305 -2.41 -12.15 -19.97
N HIS B 306 -3.25 -13.11 -19.56
CA HIS B 306 -4.09 -12.89 -18.40
C HIS B 306 -3.32 -13.09 -17.09
N ALA B 307 -2.05 -13.46 -17.21
CA ALA B 307 -1.18 -13.70 -16.07
C ALA B 307 -1.67 -14.81 -15.14
N GLY B 308 -2.15 -15.91 -15.73
CA GLY B 308 -2.26 -17.14 -14.97
C GLY B 308 -0.85 -17.55 -14.62
N ALA B 309 -0.70 -18.45 -13.65
CA ALA B 309 0.63 -18.90 -13.22
C ALA B 309 1.46 -19.42 -14.40
N GLY B 310 0.84 -20.26 -15.23
CA GLY B 310 1.50 -20.77 -16.43
C GLY B 310 1.99 -19.69 -17.36
N GLY B 311 1.07 -18.83 -17.81
CA GLY B 311 1.41 -17.78 -18.75
C GLY B 311 2.42 -16.77 -18.23
N SER B 312 2.30 -16.41 -16.95
CA SER B 312 3.22 -15.48 -16.33
C SER B 312 4.64 -16.00 -16.39
N GLN B 313 4.82 -17.26 -15.98
CA GLN B 313 6.17 -17.80 -15.95
C GLN B 313 6.71 -18.08 -17.35
N GLU B 314 5.82 -18.38 -18.29
CA GLU B 314 6.25 -18.63 -19.66
C GLU B 314 6.79 -17.36 -20.32
N GLY B 315 6.13 -16.23 -20.08
CA GLY B 315 6.62 -14.96 -20.59
C GLY B 315 7.97 -14.62 -19.98
N LEU B 316 8.08 -14.82 -18.68
CA LEU B 316 9.35 -14.62 -17.98
C LEU B 316 10.46 -15.52 -18.53
N ALA B 317 10.14 -16.79 -18.73
CA ALA B 317 11.13 -17.80 -19.12
C ALA B 317 11.70 -17.50 -20.49
N THR B 318 10.89 -16.85 -21.32
CA THR B 318 11.29 -16.53 -22.68
C THR B 318 11.66 -15.06 -22.83
N ALA B 319 11.90 -14.39 -21.70
CA ALA B 319 12.34 -12.98 -21.70
C ALA B 319 11.46 -12.09 -22.58
N THR B 320 10.16 -12.31 -22.51
CA THR B 320 9.23 -11.57 -23.35
C THR B 320 8.48 -10.50 -22.56
N PRO B 321 8.60 -9.23 -23.00
CA PRO B 321 7.87 -8.13 -22.35
C PRO B 321 6.37 -8.42 -22.38
N MET B 322 5.62 -7.97 -21.36
CA MET B 322 4.21 -8.31 -21.29
C MET B 322 3.28 -7.11 -21.08
N ILE B 323 2.10 -7.17 -21.69
CA ILE B 323 0.97 -6.37 -21.25
C ILE B 323 0.10 -7.35 -20.51
N ALA B 324 -0.08 -7.16 -19.21
CA ALA B 324 -0.93 -8.05 -18.43
C ALA B 324 -2.35 -7.52 -18.43
N VAL B 325 -3.29 -8.42 -18.67
CA VAL B 325 -4.70 -8.08 -18.81
C VAL B 325 -5.53 -9.07 -18.01
N PRO B 326 -5.43 -8.98 -16.68
CA PRO B 326 -6.02 -9.94 -15.76
C PRO B 326 -7.54 -10.02 -15.95
N GLN B 327 -8.10 -11.23 -15.87
CA GLN B 327 -9.50 -11.42 -16.24
C GLN B 327 -10.45 -11.61 -15.08
N ALA B 328 -10.01 -12.32 -14.04
CA ALA B 328 -10.91 -12.64 -12.92
C ALA B 328 -10.16 -13.05 -11.65
N VAL B 329 -10.62 -14.15 -11.05
CA VAL B 329 -10.01 -14.85 -9.92
C VAL B 329 -8.55 -14.50 -9.53
N ASP B 330 -7.60 -15.27 -10.05
CA ASP B 330 -6.17 -15.11 -9.79
C ASP B 330 -5.65 -13.80 -10.39
N GLN B 331 -4.93 -13.94 -11.50
CA GLN B 331 -4.69 -12.90 -12.50
C GLN B 331 -4.29 -11.49 -12.08
N PHE B 332 -5.10 -10.86 -11.23
CA PHE B 332 -4.78 -9.52 -10.79
C PHE B 332 -3.51 -9.55 -9.92
N GLY B 333 -3.43 -10.52 -9.00
CA GLY B 333 -2.22 -10.72 -8.20
C GLY B 333 -0.94 -10.93 -9.00
N ASN B 334 -1.02 -11.79 -10.02
CA ASN B 334 0.13 -12.07 -10.85
C ASN B 334 0.53 -10.89 -11.71
N ALA B 335 -0.47 -10.18 -12.22
CA ALA B 335 -0.23 -9.00 -13.04
C ALA B 335 0.53 -7.96 -12.23
N ASP B 336 0.30 -7.94 -10.91
CA ASP B 336 1.04 -7.05 -10.04
C ASP B 336 2.53 -7.38 -9.97
N MET B 337 2.87 -8.63 -9.67
CA MET B 337 4.28 -9.03 -9.60
C MET B 337 4.99 -8.69 -10.91
N LEU B 338 4.33 -8.96 -12.03
CA LEU B 338 4.94 -8.72 -13.32
C LEU B 338 5.24 -7.24 -13.53
N GLN B 339 4.26 -6.38 -13.26
CA GLN B 339 4.48 -4.95 -13.42
C GLN B 339 5.49 -4.46 -12.38
N GLY B 340 5.44 -5.01 -11.17
CA GLY B 340 6.40 -4.66 -10.13
C GLY B 340 7.83 -5.05 -10.47
N LEU B 341 7.99 -6.08 -11.28
CA LEU B 341 9.31 -6.50 -11.72
C LEU B 341 9.89 -5.53 -12.74
N GLY B 342 9.05 -4.65 -13.28
CA GLY B 342 9.48 -3.69 -14.28
C GLY B 342 9.62 -4.30 -15.66
N VAL B 343 8.84 -5.36 -15.92
CA VAL B 343 8.91 -6.05 -17.21
C VAL B 343 7.56 -6.15 -17.91
N ALA B 344 6.56 -5.51 -17.33
CA ALA B 344 5.19 -5.61 -17.83
C ALA B 344 4.36 -4.39 -17.46
N ARG B 345 3.26 -4.21 -18.17
CA ARG B 345 2.30 -3.18 -17.81
C ARG B 345 0.94 -3.81 -17.53
N LYS B 346 0.33 -3.39 -16.41
CA LYS B 346 -1.02 -3.79 -16.04
C LYS B 346 -1.93 -2.57 -16.25
N LEU B 347 -3.24 -2.79 -16.33
CA LEU B 347 -4.16 -1.76 -16.77
C LEU B 347 -5.58 -2.09 -16.33
N ALA B 348 -6.42 -2.34 -17.33
CA ALA B 348 -7.77 -2.83 -17.21
C ALA B 348 -8.22 -3.16 -18.63
N THR B 349 -8.92 -4.28 -18.80
CA THR B 349 -9.55 -4.52 -20.08
C THR B 349 -10.68 -3.51 -20.17
N GLU B 350 -11.06 -2.99 -19.00
CA GLU B 350 -12.14 -2.02 -18.82
C GLU B 350 -11.75 -0.53 -18.88
N GLU B 351 -10.65 -0.20 -19.57
CA GLU B 351 -10.33 1.22 -19.92
C GLU B 351 -9.06 1.36 -20.78
N ALA B 352 -8.91 0.42 -21.70
CA ALA B 352 -7.82 0.38 -22.66
C ALA B 352 -8.36 0.66 -24.07
N THR B 353 -7.52 0.48 -25.08
CA THR B 353 -7.88 0.84 -26.44
C THR B 353 -6.84 0.40 -27.45
N ALA B 354 -7.22 0.41 -28.72
CA ALA B 354 -6.26 0.18 -29.79
C ALA B 354 -5.09 1.13 -29.61
N ASP B 355 -5.39 2.42 -29.64
CA ASP B 355 -4.37 3.46 -29.45
C ASP B 355 -3.54 3.24 -28.18
N LEU B 356 -4.18 2.81 -27.10
CA LEU B 356 -3.42 2.59 -25.86
C LEU B 356 -2.53 1.36 -26.01
N LEU B 357 -3.13 0.19 -26.26
CA LEU B 357 -2.38 -1.06 -26.39
C LEU B 357 -1.14 -0.86 -27.27
N ARG B 358 -1.32 -0.11 -28.37
CA ARG B 358 -0.23 0.18 -29.28
C ARG B 358 0.86 0.99 -28.58
N GLU B 359 0.48 2.08 -27.93
CA GLU B 359 1.46 2.89 -27.19
C GLU B 359 2.21 2.05 -26.17
N THR B 360 1.46 1.34 -25.34
CA THR B 360 2.06 0.50 -24.30
C THR B 360 3.00 -0.52 -24.95
N ALA B 361 2.54 -1.14 -26.03
CA ALA B 361 3.34 -2.16 -26.72
C ALA B 361 4.64 -1.60 -27.27
N LEU B 362 4.53 -0.53 -28.08
CA LEU B 362 5.68 0.12 -28.71
C LEU B 362 6.74 0.52 -27.68
N ALA B 363 6.30 0.94 -26.50
CA ALA B 363 7.24 1.42 -25.50
C ALA B 363 7.93 0.28 -24.77
N LEU B 364 7.22 -0.84 -24.62
CA LEU B 364 7.79 -1.97 -23.91
C LEU B 364 8.93 -2.61 -24.70
N VAL B 365 8.73 -2.80 -26.00
CA VAL B 365 9.74 -3.50 -26.79
C VAL B 365 11.12 -2.84 -26.68
N ASP B 366 11.17 -1.55 -26.94
CA ASP B 366 12.47 -0.89 -27.04
C ASP B 366 12.98 -0.28 -25.73
N ASP B 367 12.44 -0.72 -24.61
CA ASP B 367 12.98 -0.31 -23.32
C ASP B 367 14.11 -1.29 -22.97
N PRO B 368 15.36 -0.81 -23.02
CA PRO B 368 16.50 -1.71 -22.85
C PRO B 368 16.54 -2.28 -21.44
N GLU B 369 15.98 -1.53 -20.48
CA GLU B 369 16.00 -1.94 -19.10
C GLU B 369 14.96 -3.03 -18.81
N VAL B 370 13.80 -2.93 -19.46
CA VAL B 370 12.86 -4.04 -19.48
C VAL B 370 13.57 -5.30 -19.98
N ALA B 371 14.35 -5.15 -21.05
CA ALA B 371 15.08 -6.29 -21.62
C ALA B 371 16.16 -6.79 -20.67
N ARG B 372 16.84 -5.86 -20.00
CA ARG B 372 17.87 -6.22 -19.02
C ARG B 372 17.29 -7.13 -17.93
N ARG B 373 16.15 -6.72 -17.37
CA ARG B 373 15.51 -7.50 -16.30
C ARG B 373 15.06 -8.88 -16.78
N LEU B 374 14.37 -8.91 -17.92
CA LEU B 374 13.86 -10.15 -18.49
C LEU B 374 14.96 -11.16 -18.78
N ARG B 375 16.08 -10.70 -19.34
CA ARG B 375 17.20 -11.61 -19.56
C ARG B 375 17.75 -12.11 -18.23
N ARG B 376 17.83 -11.22 -17.26
CA ARG B 376 18.27 -11.58 -15.91
C ARG B 376 17.34 -12.65 -15.32
N ILE B 377 16.04 -12.40 -15.37
CA ILE B 377 15.06 -13.36 -14.86
C ILE B 377 15.08 -14.65 -15.67
N GLN B 378 15.28 -14.53 -16.98
CA GLN B 378 15.33 -15.71 -17.84
C GLN B 378 16.48 -16.63 -17.42
N ALA B 379 17.62 -16.02 -17.10
CA ALA B 379 18.78 -16.77 -16.63
C ALA B 379 18.57 -17.41 -15.25
N GLU B 380 17.91 -16.69 -14.36
CA GLU B 380 17.58 -17.21 -13.03
C GLU B 380 16.72 -18.46 -13.16
N MET B 381 15.70 -18.39 -14.01
CA MET B 381 14.76 -19.49 -14.20
C MET B 381 15.45 -20.69 -14.81
N ALA B 382 16.57 -20.44 -15.48
CA ALA B 382 17.47 -21.54 -15.85
C ALA B 382 18.20 -22.11 -14.63
N GLN B 383 18.70 -21.26 -13.75
CA GLN B 383 19.42 -21.74 -12.56
C GLN B 383 18.51 -22.58 -11.67
N GLU B 384 17.23 -22.21 -11.61
CA GLU B 384 16.21 -22.90 -10.79
C GLU B 384 16.01 -24.37 -11.17
N GLY B 385 15.97 -24.65 -12.47
CA GLY B 385 15.81 -25.99 -12.96
C GLY B 385 14.44 -26.25 -13.54
N GLY B 386 13.67 -27.09 -12.86
CA GLY B 386 12.39 -27.55 -13.35
C GLY B 386 12.07 -28.91 -12.75
N THR B 387 11.35 -29.76 -13.47
CA THR B 387 10.93 -31.04 -12.91
C THR B 387 12.12 -31.95 -12.58
N ARG B 388 13.14 -31.98 -13.42
CA ARG B 388 14.28 -32.86 -13.15
C ARG B 388 15.08 -32.35 -11.94
N ARG B 389 15.13 -31.04 -11.76
CA ARG B 389 15.75 -30.50 -10.55
C ARG B 389 14.92 -30.85 -9.32
N ALA B 390 13.59 -30.71 -9.43
CA ALA B 390 12.74 -31.04 -8.30
C ALA B 390 12.93 -32.50 -7.92
N ALA B 391 12.98 -33.36 -8.93
CA ALA B 391 13.20 -34.78 -8.67
C ALA B 391 14.58 -35.03 -8.05
N ASP B 392 15.59 -34.32 -8.54
CA ASP B 392 16.94 -34.43 -7.95
C ASP B 392 16.92 -34.06 -6.45
N LEU B 393 16.21 -32.99 -6.12
CA LEU B 393 16.23 -32.46 -4.75
C LEU B 393 15.44 -33.33 -3.78
N ILE B 394 14.42 -33.99 -4.29
CA ILE B 394 13.67 -34.94 -3.49
C ILE B 394 14.54 -36.15 -3.17
N GLU B 395 15.28 -36.63 -4.15
CA GLU B 395 16.16 -37.78 -3.90
C GLU B 395 17.23 -37.43 -2.86
N ALA B 396 17.69 -36.18 -2.89
CA ALA B 396 18.73 -35.75 -1.96
C ALA B 396 18.25 -35.72 -0.51
N GLU B 397 16.95 -35.90 -0.31
CA GLU B 397 16.40 -35.95 1.06
C GLU B 397 16.23 -37.37 1.59
N LEU B 398 16.35 -38.38 0.71
CA LEU B 398 16.18 -39.78 1.10
C LEU B 398 17.12 -40.23 2.22
N PRO B 399 16.57 -40.95 3.22
CA PRO B 399 17.36 -41.58 4.29
C PRO B 399 18.56 -42.36 3.74
C10 ERY C . 5.88 11.50 4.79
C11 ERY C . 6.92 12.54 4.51
C12 ERY C . 6.50 13.61 3.48
C13 ERY C . 7.37 14.85 3.69
O2 ERY C . 6.78 15.56 4.76
C2 ERY C . 6.84 16.46 7.02
C3 ERY C . 6.84 15.64 8.32
C4 ERY C . 5.69 14.68 8.30
C5 ERY C . 5.85 13.54 9.33
C6 ERY C . 6.25 12.25 8.61
C7 ERY C . 5.02 11.66 7.89
C8 ERY C . 5.37 10.36 7.13
C9 ERY C . 6.30 10.60 5.96
O11 ERY C . 7.38 10.04 5.92
C1 ERY C . 7.58 15.68 5.94
O1 ERY C . 8.79 15.76 5.83
O3 ERY C . 6.71 16.46 9.48
O7 ERY C . 4.62 13.31 10.01
C34 ERY C . 5.70 10.56 3.59
C33 ERY C . 4.10 9.71 6.63
C35 ERY C . 5.06 14.01 3.67
O12 ERY C . 8.10 11.89 4.05
O13 ERY C . 6.67 13.13 2.20
C36 ERY C . 7.29 15.81 2.52
C30 ERY C . 7.50 17.81 7.03
C32 ERY C . 6.81 11.25 9.57
O10 ERY C . 7.24 12.57 7.67
C22 ERY C . 4.66 13.58 11.42
C23 ERY C . 3.24 13.54 12.01
C24 ERY C . 3.33 13.69 13.51
C25 ERY C . 4.24 12.60 14.06
C26 ERY C . 5.63 12.74 13.41
O9 ERY C . 5.50 12.67 12.03
N1 ERY C . 1.99 13.68 14.11
C27 ERY C . 6.51 11.61 13.88
O8 ERY C . 2.47 14.59 11.53
C28 ERY C . 2.10 13.81 15.58
C14 ERY C . 7.93 16.88 10.10
C15 ERY C . 7.63 18.04 11.06
C16 ERY C . 7.06 17.56 12.39
C17 ERY C . 7.98 16.52 12.94
C18 ERY C . 8.07 15.37 11.97
O4 ERY C . 8.57 15.80 10.70
O5 ERY C . 5.76 16.99 12.21
O6 ERY C . 7.46 16.07 14.17
C20 ERY C . 4.73 17.94 11.87
C29 ERY C . 1.25 12.51 13.77
C21 ERY C . 9.04 14.36 12.50
C37 ERY C . 8.15 17.07 2.86
C31 ERY C . 4.39 15.49 8.57
C19 ERY C . 6.97 18.71 13.35
N1 UDP D . -6.39 28.27 20.11
C2 UDP D . -7.46 29.12 20.34
N3 UDP D . -7.67 29.62 21.61
C4 UDP D . -6.84 29.27 22.65
C5 UDP D . -5.78 28.41 22.42
C6 UDP D . -5.51 27.97 21.12
O2 UDP D . -8.22 29.44 19.43
O4 UDP D . -7.04 29.73 23.78
C1' UDP D . -6.14 27.71 18.77
C2' UDP D . -5.18 28.54 17.96
O2' UDP D . -5.86 29.45 17.14
C3' UDP D . -4.44 27.52 17.12
C4' UDP D . -4.48 26.28 17.99
O4' UDP D . -5.54 26.45 18.92
O3' UDP D . -5.15 27.25 15.94
C5' UDP D . -3.16 26.08 18.70
O5' UDP D . -2.39 25.20 17.93
PA UDP D . -1.18 25.74 17.01
O1A UDP D . -1.17 25.08 15.68
O2A UDP D . -1.24 27.21 16.86
O3A UDP D . 0.13 25.31 17.84
PB UDP D . 0.20 24.12 18.93
O1B UDP D . -0.59 24.50 20.12
O2B UDP D . 1.62 23.91 19.29
O3B UDP D . -0.34 22.87 18.37
C10 ERY E . -2.35 -22.63 3.96
C11 ERY E . -1.73 -21.29 3.61
C12 ERY E . -0.24 -21.34 3.30
C13 ERY E . 0.09 -20.03 2.61
O2 ERY E . -0.34 -20.13 1.26
C2 ERY E . -1.79 -19.45 -0.64
C3 ERY E . -3.31 -19.46 -0.60
C4 ERY E . -3.67 -20.90 -0.45
C5 ERY E . -5.15 -21.14 -0.09
C6 ERY E . -5.25 -21.41 1.42
C7 ERY E . -4.74 -22.84 1.68
C8 ERY E . -4.82 -23.29 3.16
C9 ERY E . -3.87 -22.49 4.06
O11 ERY E . -4.35 -21.72 4.89
C1 ERY E . -1.22 -19.12 0.74
O1 ERY E . -1.77 -18.32 1.49
O3 ERY E . -3.83 -18.90 -1.82
O7 ERY E . -5.65 -22.28 -0.81
C34 ERY E . -1.90 -23.14 5.33
C33 ERY E . -4.47 -24.75 3.26
C35 ERY E . 0.09 -22.51 2.40
O12 ERY E . -1.92 -20.33 4.66
O13 ERY E . 0.52 -21.45 4.46
C36 ERY E . 1.58 -19.73 2.61
C30 ERY E . -1.20 -18.55 -1.68
C32 ERY E . -6.66 -21.25 1.87
O10 ERY E . -4.44 -20.49 2.11
C22 ERY E . -6.73 -22.04 -1.73
C23 ERY E . -6.99 -23.33 -2.52
C24 ERY E . -8.34 -23.30 -3.21
C25 ERY E . -9.40 -22.95 -2.19
C26 ERY E . -9.04 -21.56 -1.65
O9 ERY E . -7.82 -21.64 -0.99
N1 ERY E . -8.61 -24.56 -3.90
C27 ERY E . -10.09 -21.05 -0.69
O8 ERY E . -6.00 -23.48 -3.50
C28 ERY E . -8.63 -25.70 -2.96
C14 ERY E . -4.43 -17.60 -1.75
C15 ERY E . -4.76 -17.11 -3.18
C16 ERY E . -5.99 -17.79 -3.79
C17 ERY E . -7.10 -17.64 -2.77
C18 ERY E . -6.71 -18.34 -1.51
O4 ERY E . -5.57 -17.66 -0.96
O5 ERY E . -5.63 -19.15 -4.10
O6 ERY E . -8.36 -18.14 -3.21
C20 ERY E . -4.47 -19.20 -4.95
C29 ERY E . -9.83 -24.49 -4.63
C21 ERY E . -7.81 -18.27 -0.51
C37 ERY E . 1.86 -18.41 1.86
C31 ERY E . -3.30 -21.69 -1.74
C19 ERY E . -6.37 -17.08 -5.05
N1 UDP F . -1.88 -23.00 -23.27
C2 UDP F . -1.59 -23.37 -24.57
N3 UDP F . -2.43 -22.96 -25.60
C4 UDP F . -3.55 -22.19 -25.32
C5 UDP F . -3.81 -21.83 -24.00
C6 UDP F . -3.07 -22.40 -22.98
O2 UDP F . -0.60 -24.06 -24.81
O4 UDP F . -4.29 -21.82 -26.22
C1' UDP F . -1.01 -23.41 -22.16
C2' UDP F . -0.14 -22.24 -21.72
O2' UDP F . 1.11 -22.20 -22.36
C3' UDP F . -0.02 -22.48 -20.23
C4' UDP F . -1.34 -23.11 -19.88
O4' UDP F . -1.79 -23.78 -21.05
O3' UDP F . 1.06 -23.37 -19.98
C5' UDP F . -2.35 -22.04 -19.45
O5' UDP F . -2.30 -21.87 -18.06
PA UDP F . -2.39 -20.44 -17.31
O1A UDP F . -1.96 -20.65 -15.90
O2A UDP F . -1.60 -19.40 -18.02
O3A UDP F . -3.91 -19.90 -17.35
PB UDP F . -5.25 -20.77 -17.20
O1B UDP F . -5.39 -21.52 -18.46
O2B UDP F . -6.34 -19.77 -17.05
O3B UDP F . -5.18 -21.72 -16.07
MG MG G . 13.09 -14.31 -27.87
N ALA A 8 -20.51 13.03 -7.20
CA ALA A 8 -19.70 11.88 -7.60
C ALA A 8 -19.28 11.03 -6.40
N HIS A 9 -18.54 9.95 -6.66
CA HIS A 9 -17.98 9.14 -5.57
C HIS A 9 -16.52 9.53 -5.37
N ILE A 10 -16.29 10.45 -4.44
CA ILE A 10 -14.93 10.83 -4.05
C ILE A 10 -14.63 10.15 -2.72
N ALA A 11 -13.54 9.41 -2.63
CA ALA A 11 -13.22 8.69 -1.39
C ALA A 11 -12.00 9.27 -0.68
N MET A 12 -12.20 9.80 0.52
CA MET A 12 -11.11 10.39 1.30
C MET A 12 -10.44 9.31 2.17
N PHE A 13 -9.17 9.51 2.53
CA PHE A 13 -8.43 8.57 3.38
C PHE A 13 -7.55 9.36 4.35
N SER A 14 -7.64 9.03 5.65
CA SER A 14 -6.65 9.52 6.60
C SER A 14 -6.46 8.59 7.80
N ILE A 15 -5.75 9.08 8.80
CA ILE A 15 -5.46 8.37 10.04
C ILE A 15 -6.09 9.08 11.23
N ALA A 16 -6.13 8.44 12.38
CA ALA A 16 -6.78 9.02 13.55
C ALA A 16 -5.86 9.97 14.31
N ALA A 17 -5.37 10.99 13.62
CA ALA A 17 -4.56 12.02 14.26
C ALA A 17 -5.21 13.36 13.97
N HIS A 18 -5.38 14.18 15.00
CA HIS A 18 -6.06 15.46 14.80
C HIS A 18 -5.39 16.29 13.72
N GLY A 19 -4.06 16.33 13.74
CA GLY A 19 -3.32 17.12 12.78
C GLY A 19 -3.38 16.64 11.34
N HIS A 20 -4.03 15.51 11.10
CA HIS A 20 -4.20 14.98 9.74
C HIS A 20 -5.66 14.82 9.32
N VAL A 21 -6.58 15.32 10.15
CA VAL A 21 -8.01 15.27 9.83
C VAL A 21 -8.66 16.66 9.85
N ASN A 22 -8.46 17.40 10.93
CA ASN A 22 -8.96 18.77 11.02
C ASN A 22 -8.64 19.68 9.81
N PRO A 23 -7.39 19.63 9.29
CA PRO A 23 -7.02 20.57 8.21
C PRO A 23 -7.77 20.43 6.88
N SER A 24 -8.65 19.45 6.71
CA SER A 24 -9.38 19.32 5.43
C SER A 24 -10.87 18.98 5.56
N LEU A 25 -11.38 18.89 6.78
CA LEU A 25 -12.80 18.61 6.98
C LEU A 25 -13.73 19.54 6.19
N GLU A 26 -13.44 20.85 6.21
CA GLU A 26 -14.27 21.80 5.48
C GLU A 26 -14.25 21.57 3.98
N VAL A 27 -13.11 21.11 3.46
CA VAL A 27 -13.01 20.80 2.04
C VAL A 27 -13.99 19.66 1.72
N ILE A 28 -14.02 18.67 2.61
CA ILE A 28 -14.91 17.53 2.45
C ILE A 28 -16.36 18.01 2.55
N ARG A 29 -16.64 18.94 3.46
CA ARG A 29 -17.98 19.48 3.66
C ARG A 29 -18.48 20.16 2.37
N GLU A 30 -17.68 21.10 1.87
CA GLU A 30 -17.98 21.76 0.61
C GLU A 30 -18.22 20.76 -0.53
N LEU A 31 -17.49 19.64 -0.52
CA LEU A 31 -17.79 18.59 -1.48
C LEU A 31 -19.15 17.94 -1.21
N VAL A 32 -19.46 17.70 0.06
CA VAL A 32 -20.75 17.14 0.44
C VAL A 32 -21.92 18.12 0.28
N ALA A 33 -21.71 19.37 0.68
CA ALA A 33 -22.72 20.42 0.46
C ALA A 33 -23.01 20.54 -1.04
N ARG A 34 -21.98 20.34 -1.85
CA ARG A 34 -22.16 20.18 -3.28
C ARG A 34 -22.60 18.74 -3.57
N GLY A 35 -23.15 18.08 -2.56
CA GLY A 35 -23.91 16.85 -2.78
C GLY A 35 -23.22 15.69 -3.45
N HIS A 36 -21.90 15.73 -3.57
CA HIS A 36 -21.14 14.57 -4.04
C HIS A 36 -21.41 13.42 -3.11
N ARG A 37 -21.14 12.20 -3.56
CA ARG A 37 -21.13 11.09 -2.62
C ARG A 37 -19.70 10.97 -2.16
N VAL A 38 -19.40 11.59 -1.01
CA VAL A 38 -18.06 11.57 -0.50
C VAL A 38 -17.96 10.51 0.57
N THR A 39 -16.93 9.69 0.48
CA THR A 39 -16.71 8.66 1.48
C THR A 39 -15.32 8.88 2.07
N TYR A 40 -15.10 8.41 3.28
CA TYR A 40 -13.92 8.79 4.05
C TYR A 40 -13.46 7.61 4.90
N ALA A 41 -12.35 7.00 4.50
CA ALA A 41 -11.74 5.92 5.25
C ALA A 41 -11.03 6.46 6.48
N ILE A 42 -11.40 5.93 7.65
CA ILE A 42 -10.97 6.53 8.90
C ILE A 42 -11.04 5.48 10.00
N PRO A 43 -10.10 5.52 10.95
CA PRO A 43 -10.30 4.55 12.03
C PRO A 43 -11.54 4.95 12.85
N PRO A 44 -12.31 3.95 13.32
CA PRO A 44 -13.48 4.26 14.13
C PRO A 44 -13.13 5.14 15.32
N VAL A 45 -14.10 5.86 15.86
CA VAL A 45 -13.91 6.92 16.87
C VAL A 45 -13.66 8.27 16.21
N PHE A 46 -12.82 8.32 15.17
CA PHE A 46 -12.81 9.52 14.35
C PHE A 46 -13.89 9.35 13.27
N ALA A 47 -14.58 8.21 13.31
CA ALA A 47 -15.69 7.94 12.41
C ALA A 47 -16.78 9.02 12.45
N ASP A 48 -17.10 9.49 13.65
CA ASP A 48 -18.16 10.49 13.83
C ASP A 48 -17.63 11.85 13.43
N LYS A 49 -16.31 12.02 13.58
CA LYS A 49 -15.64 13.28 13.29
C LYS A 49 -15.82 13.63 11.82
N VAL A 50 -15.48 12.68 10.96
CA VAL A 50 -15.60 12.91 9.53
C VAL A 50 -17.07 12.80 9.11
N ALA A 51 -17.88 12.18 9.96
CA ALA A 51 -19.30 11.98 9.64
C ALA A 51 -20.01 13.32 9.64
N ALA A 52 -19.46 14.27 10.38
CA ALA A 52 -20.09 15.57 10.58
C ALA A 52 -20.09 16.46 9.34
N THR A 53 -19.20 16.15 8.41
CA THR A 53 -19.06 16.95 7.20
C THR A 53 -20.06 16.44 6.16
N GLY A 54 -20.69 15.32 6.49
CA GLY A 54 -21.68 14.72 5.62
C GLY A 54 -21.15 13.53 4.83
N ALA A 55 -19.86 13.26 4.93
CA ALA A 55 -19.28 12.05 4.33
C ALA A 55 -19.70 10.82 5.13
N ARG A 56 -19.48 9.61 4.60
CA ARG A 56 -19.71 8.40 5.38
C ARG A 56 -18.40 7.75 5.81
N PRO A 57 -18.26 7.47 7.12
CA PRO A 57 -17.04 6.81 7.61
C PRO A 57 -16.92 5.32 7.23
N VAL A 58 -15.90 5.02 6.44
CA VAL A 58 -15.53 3.64 6.05
C VAL A 58 -14.40 3.19 6.98
N LEU A 59 -14.71 2.26 7.89
CA LEU A 59 -13.86 2.00 9.06
C LEU A 59 -12.71 1.00 8.85
N TYR A 60 -11.58 1.25 9.52
CA TYR A 60 -10.43 0.33 9.51
C TYR A 60 -9.59 0.39 10.79
N HIS A 61 -8.92 -0.72 11.10
CA HIS A 61 -8.11 -0.83 12.30
C HIS A 61 -6.71 -0.26 12.09
N SER A 62 -6.16 0.38 13.12
CA SER A 62 -4.85 1.04 13.04
C SER A 62 -3.83 0.44 13.99
N THR A 63 -2.55 0.64 13.67
CA THR A 63 -1.49 0.26 14.59
C THR A 63 -0.72 1.48 15.08
N LEU A 64 -1.14 2.65 14.59
CA LEU A 64 -0.54 3.92 14.99
C LEU A 64 -1.01 4.33 16.39
N PRO A 65 -0.27 5.21 17.06
CA PRO A 65 -0.71 5.70 18.38
C PRO A 65 -2.07 6.40 18.33
N GLY A 66 -2.76 6.43 19.45
CA GLY A 66 -4.07 7.08 19.50
C GLY A 66 -3.99 8.57 19.26
N PRO A 67 -5.14 9.21 18.99
CA PRO A 67 -5.21 10.67 18.88
C PRO A 67 -4.87 11.30 20.21
N ASP A 68 -5.17 10.53 21.25
CA ASP A 68 -5.05 10.91 22.65
C ASP A 68 -3.64 10.63 23.17
N ALA A 69 -3.00 9.62 22.59
CA ALA A 69 -1.60 9.34 22.88
C ALA A 69 -0.81 10.62 22.67
N ASP A 70 0.14 10.88 23.55
CA ASP A 70 1.00 12.04 23.40
C ASP A 70 1.91 11.87 22.17
N PRO A 71 2.61 12.96 21.75
CA PRO A 71 3.44 12.81 20.55
C PRO A 71 4.62 11.87 20.78
N GLU A 72 4.98 11.64 22.03
CA GLU A 72 6.04 10.71 22.37
C GLU A 72 5.84 9.37 21.65
N ALA A 73 4.59 8.95 21.52
CA ALA A 73 4.29 7.62 21.00
C ALA A 73 4.59 7.47 19.51
N TRP A 74 4.94 8.57 18.85
CA TRP A 74 5.20 8.57 17.41
C TRP A 74 6.66 8.36 17.07
N GLY A 75 7.49 8.22 18.10
CA GLY A 75 8.91 8.00 17.92
C GLY A 75 9.74 9.27 17.98
N SER A 76 11.03 9.12 18.22
CA SER A 76 11.93 10.26 18.30
C SER A 76 13.26 10.01 17.61
N THR A 77 13.24 9.19 16.55
CA THR A 77 14.34 9.11 15.60
C THR A 77 13.74 9.01 14.20
N LEU A 78 14.56 9.21 13.18
CA LEU A 78 14.10 9.15 11.80
C LEU A 78 13.36 7.84 11.49
N LEU A 79 14.02 6.72 11.77
CA LEU A 79 13.38 5.44 11.46
C LEU A 79 12.19 5.15 12.37
N ASP A 80 12.25 5.56 13.64
CA ASP A 80 11.08 5.39 14.51
C ASP A 80 9.90 6.26 14.06
N ASN A 81 10.19 7.35 13.37
CA ASN A 81 9.12 8.20 12.85
C ASN A 81 8.43 7.60 11.63
N VAL A 82 9.22 7.14 10.67
CA VAL A 82 8.65 6.73 9.38
C VAL A 82 8.19 5.28 9.33
N GLU A 83 8.91 4.40 10.02
CA GLU A 83 8.56 2.99 10.01
C GLU A 83 7.10 2.67 10.34
N PRO A 84 6.54 3.31 11.38
CA PRO A 84 5.15 3.00 11.70
C PRO A 84 4.15 3.24 10.56
N PHE A 85 4.46 4.19 9.67
CA PHE A 85 3.52 4.48 8.58
C PHE A 85 3.51 3.36 7.54
N LEU A 86 4.65 2.72 7.35
CA LEU A 86 4.70 1.56 6.47
C LEU A 86 4.05 0.36 7.14
N ASN A 87 4.34 0.14 8.42
CA ASN A 87 3.72 -0.97 9.15
C ASN A 87 2.21 -0.87 9.18
N ASP A 88 1.71 0.34 9.45
CA ASP A 88 0.27 0.57 9.45
C ASP A 88 -0.33 0.29 8.07
N ALA A 89 0.35 0.76 7.04
CA ALA A 89 -0.13 0.61 5.66
C ALA A 89 -0.28 -0.84 5.25
N ILE A 90 0.72 -1.65 5.57
CA ILE A 90 0.72 -3.03 5.12
C ILE A 90 -0.47 -3.81 5.71
N GLN A 91 -0.90 -3.46 6.92
CA GLN A 91 -2.05 -4.15 7.49
C GLN A 91 -3.38 -3.44 7.19
N ALA A 92 -3.31 -2.16 6.84
CA ALA A 92 -4.52 -1.40 6.54
C ALA A 92 -4.98 -1.60 5.10
N LEU A 93 -4.03 -1.72 4.19
CA LEU A 93 -4.33 -1.88 2.77
C LEU A 93 -5.35 -3.00 2.50
N PRO A 94 -5.11 -4.22 3.03
CA PRO A 94 -6.08 -5.29 2.77
C PRO A 94 -7.48 -4.99 3.33
N GLN A 95 -7.56 -4.34 4.49
CA GLN A 95 -8.87 -4.00 5.04
C GLN A 95 -9.59 -3.05 4.11
N LEU A 96 -8.90 -2.00 3.68
CA LEU A 96 -9.51 -1.02 2.80
C LEU A 96 -9.74 -1.60 1.40
N ALA A 97 -8.92 -2.58 1.02
CA ALA A 97 -9.17 -3.32 -0.21
C ALA A 97 -10.53 -3.99 -0.10
N ASP A 98 -10.76 -4.62 1.04
CA ASP A 98 -12.02 -5.33 1.31
C ASP A 98 -13.24 -4.42 1.43
N ALA A 99 -13.03 -3.14 1.72
CA ALA A 99 -14.16 -2.23 1.89
C ALA A 99 -14.68 -1.69 0.58
N TYR A 100 -13.76 -1.33 -0.32
CA TYR A 100 -14.11 -0.60 -1.54
C TYR A 100 -14.29 -1.50 -2.75
N ALA A 101 -13.98 -2.79 -2.58
CA ALA A 101 -14.11 -3.75 -3.67
C ALA A 101 -15.54 -3.72 -4.18
N ASP A 102 -16.48 -3.43 -3.28
CA ASP A 102 -17.87 -3.30 -3.66
C ASP A 102 -18.18 -1.99 -4.42
N ASP A 103 -17.21 -1.07 -4.52
CA ASP A 103 -17.54 0.31 -4.92
C ASP A 103 -16.37 1.27 -5.31
N ILE A 104 -15.69 1.01 -6.41
CA ILE A 104 -14.49 1.80 -6.77
C ILE A 104 -14.76 3.28 -7.15
N PRO A 105 -14.04 4.23 -6.52
CA PRO A 105 -14.31 5.66 -6.67
C PRO A 105 -13.84 6.27 -7.99
N ASP A 106 -14.36 7.45 -8.34
CA ASP A 106 -13.89 8.18 -9.51
C ASP A 106 -12.67 9.03 -9.19
N LEU A 107 -12.36 9.16 -7.91
CA LEU A 107 -11.21 9.94 -7.45
C LEU A 107 -10.92 9.65 -6.00
N VAL A 108 -9.63 9.58 -5.67
CA VAL A 108 -9.20 9.34 -4.29
C VAL A 108 -8.57 10.60 -3.69
N LEU A 109 -9.05 11.03 -2.53
CA LEU A 109 -8.44 12.12 -1.78
C LEU A 109 -7.72 11.51 -0.59
N HIS A 110 -6.56 12.05 -0.21
CA HIS A 110 -5.92 11.48 0.97
C HIS A 110 -4.93 12.42 1.63
N ASP A 111 -4.88 12.31 2.95
CA ASP A 111 -3.82 12.96 3.70
C ASP A 111 -2.49 12.27 3.39
N ILE A 112 -1.40 13.01 3.53
CA ILE A 112 -0.07 12.50 3.19
C ILE A 112 0.34 11.22 3.91
N THR A 113 -0.28 10.91 5.04
CA THR A 113 0.15 9.75 5.84
C THR A 113 -0.40 8.42 5.33
N SER A 114 -1.40 8.47 4.46
CA SER A 114 -2.05 7.23 4.03
C SER A 114 -1.40 6.61 2.78
N TYR A 115 -0.45 5.70 2.98
CA TYR A 115 0.09 4.94 1.85
C TYR A 115 -0.97 4.06 1.15
N PRO A 116 -1.92 3.46 1.90
CA PRO A 116 -2.90 2.64 1.19
C PRO A 116 -3.71 3.42 0.13
N ALA A 117 -4.02 4.68 0.41
CA ALA A 117 -4.76 5.48 -0.56
C ALA A 117 -4.00 5.60 -1.88
N ARG A 118 -2.69 5.81 -1.78
CA ARG A 118 -1.83 5.88 -2.96
C ARG A 118 -1.89 4.56 -3.74
N VAL A 119 -1.75 3.46 -3.01
CA VAL A 119 -1.76 2.14 -3.67
C VAL A 119 -3.13 1.86 -4.30
N LEU A 120 -4.18 2.14 -3.56
CA LEU A 120 -5.54 1.85 -4.05
C LEU A 120 -5.95 2.73 -5.24
N ALA A 121 -5.53 3.99 -5.22
CA ALA A 121 -5.85 4.87 -6.33
C ALA A 121 -5.25 4.31 -7.62
N ARG A 122 -3.97 3.95 -7.57
CA ARG A 122 -3.27 3.43 -8.75
C ARG A 122 -3.82 2.08 -9.21
N ARG A 123 -4.25 1.25 -8.27
CA ARG A 123 -4.89 -0.01 -8.61
C ARG A 123 -6.19 0.25 -9.37
N TRP A 124 -6.91 1.28 -8.93
CA TRP A 124 -8.25 1.57 -9.43
C TRP A 124 -8.26 2.35 -10.75
N GLY A 125 -7.07 2.75 -11.20
CA GLY A 125 -6.92 3.48 -12.44
C GLY A 125 -7.13 4.98 -12.32
N VAL A 126 -7.71 5.39 -11.20
CA VAL A 126 -8.18 6.77 -11.02
C VAL A 126 -7.14 7.70 -10.40
N PRO A 127 -7.19 8.99 -10.75
CA PRO A 127 -6.28 9.97 -10.15
C PRO A 127 -6.46 10.12 -8.64
N ALA A 128 -5.38 10.53 -8.00
CA ALA A 128 -5.38 10.74 -6.55
C ALA A 128 -5.08 12.20 -6.28
N VAL A 129 -5.62 12.74 -5.20
CA VAL A 129 -5.23 14.08 -4.76
C VAL A 129 -4.75 14.01 -3.33
N SER A 130 -3.48 14.40 -3.12
CA SER A 130 -2.87 14.41 -1.81
C SER A 130 -3.18 15.74 -1.15
N LEU A 131 -3.55 15.71 0.13
CA LEU A 131 -3.82 16.93 0.89
C LEU A 131 -2.76 17.04 1.98
N SER A 132 -1.95 18.10 1.92
CA SER A 132 -0.83 18.23 2.86
C SER A 132 -1.07 19.35 3.86
N PRO A 133 -1.04 19.01 5.15
CA PRO A 133 -1.31 19.99 6.21
C PRO A 133 -0.02 20.67 6.66
N ASN A 134 1.04 20.47 5.89
CA ASN A 134 2.33 21.09 6.20
C ASN A 134 3.10 21.33 4.92
N LEU A 135 4.34 21.77 5.05
CA LEU A 135 5.14 22.08 3.86
C LEU A 135 5.34 20.85 2.98
N VAL A 136 5.67 21.09 1.71
CA VAL A 136 5.90 20.00 0.76
C VAL A 136 7.32 20.09 0.17
N ALA A 137 7.70 19.08 -0.60
CA ALA A 137 9.00 19.10 -1.27
C ALA A 137 9.05 20.16 -2.37
N TRP A 138 10.18 20.84 -2.48
CA TRP A 138 10.46 21.73 -3.60
C TRP A 138 11.35 20.98 -4.57
N LYS A 139 11.51 21.51 -5.78
CA LYS A 139 12.49 20.93 -6.71
C LYS A 139 13.88 21.15 -6.13
N GLY A 140 14.59 20.06 -5.86
CA GLY A 140 15.87 20.13 -5.21
C GLY A 140 15.89 19.33 -3.92
N TYR A 141 14.74 19.32 -3.23
CA TYR A 141 14.58 18.67 -1.93
C TYR A 141 15.26 17.30 -1.80
N GLU A 142 15.18 16.50 -2.86
CA GLU A 142 15.66 15.11 -2.82
C GLU A 142 17.16 15.05 -2.59
N GLU A 143 17.89 16.04 -3.11
CA GLU A 143 19.33 16.07 -2.89
C GLU A 143 19.70 17.03 -1.77
N GLU A 144 18.83 18.00 -1.49
CA GLU A 144 19.15 19.05 -0.52
C GLU A 144 18.81 18.68 0.92
N VAL A 145 17.82 17.81 1.10
CA VAL A 145 17.34 17.46 2.44
C VAL A 145 17.15 15.94 2.62
N ALA A 146 16.54 15.28 1.65
CA ALA A 146 16.28 13.85 1.77
C ALA A 146 17.56 13.00 1.84
N GLU A 147 18.56 13.34 1.02
CA GLU A 147 19.80 12.56 1.05
C GLU A 147 20.61 12.66 2.35
N PRO A 148 20.90 13.88 2.84
CA PRO A 148 21.64 13.98 4.10
C PRO A 148 20.85 13.39 5.26
N MET A 149 19.53 13.54 5.19
CA MET A 149 18.58 12.91 6.11
C MET A 149 18.94 11.44 6.25
N TRP A 150 18.95 10.77 5.11
CA TRP A 150 18.99 9.31 5.06
C TRP A 150 20.36 8.72 4.84
N ARG A 151 21.36 9.55 4.60
CA ARG A 151 22.64 9.06 4.08
C ARG A 151 23.25 7.96 4.92
N GLU A 152 23.26 8.16 6.23
CA GLU A 152 23.81 7.17 7.14
C GLU A 152 22.80 6.16 7.74
N PRO A 153 21.59 6.61 8.11
CA PRO A 153 20.64 5.58 8.57
C PRO A 153 20.30 4.53 7.50
N ARG A 154 20.20 4.94 6.24
CA ARG A 154 19.82 4.02 5.17
C ARG A 154 20.89 2.97 4.94
N GLN A 155 22.12 3.25 5.35
CA GLN A 155 23.21 2.29 5.22
C GLN A 155 23.29 1.29 6.38
N THR A 156 22.61 1.60 7.48
CA THR A 156 22.60 0.67 8.61
C THR A 156 21.87 -0.60 8.24
N GLU A 157 22.01 -1.64 9.08
CA GLU A 157 21.19 -2.83 8.96
C GLU A 157 19.69 -2.47 8.91
N ARG A 158 19.24 -1.73 9.92
CA ARG A 158 17.82 -1.40 10.05
C ARG A 158 17.30 -0.56 8.87
N GLY A 159 18.09 0.43 8.46
CA GLY A 159 17.69 1.33 7.38
C GLY A 159 17.59 0.62 6.04
N ARG A 160 18.58 -0.20 5.73
CA ARG A 160 18.55 -1.02 4.52
C ARG A 160 17.32 -1.93 4.50
N ALA A 161 17.05 -2.53 5.66
CA ALA A 161 15.95 -3.46 5.81
C ALA A 161 14.60 -2.78 5.59
N TYR A 162 14.45 -1.59 6.18
CA TYR A 162 13.23 -0.81 6.02
C TYR A 162 12.98 -0.48 4.54
N TYR A 163 14.00 0.03 3.86
CA TYR A 163 13.82 0.38 2.45
C TYR A 163 13.62 -0.80 1.52
N ALA A 164 14.35 -1.89 1.75
CA ALA A 164 14.14 -3.10 0.96
C ALA A 164 12.73 -3.63 1.16
N ARG A 165 12.24 -3.57 2.39
CA ARG A 165 10.88 -4.01 2.72
C ARG A 165 9.82 -3.12 2.07
N PHE A 166 10.09 -1.81 2.09
CA PHE A 166 9.18 -0.83 1.50
C PHE A 166 9.10 -1.09 -0.01
N GLU A 167 10.26 -1.23 -0.64
CA GLU A 167 10.30 -1.50 -2.08
C GLU A 167 9.58 -2.81 -2.44
N ALA A 168 9.81 -3.84 -1.64
CA ALA A 168 9.20 -5.15 -1.91
C ALA A 168 7.69 -5.11 -1.80
N TRP A 169 7.20 -4.32 -0.84
CA TRP A 169 5.76 -4.14 -0.68
C TRP A 169 5.17 -3.40 -1.88
N LEU A 170 5.87 -2.36 -2.34
CA LEU A 170 5.41 -1.63 -3.51
C LEU A 170 5.40 -2.54 -4.74
N LYS A 171 6.45 -3.33 -4.91
CA LYS A 171 6.60 -4.16 -6.10
C LYS A 171 5.53 -5.26 -6.17
N GLU A 172 5.19 -5.82 -5.02
CA GLU A 172 4.14 -6.85 -4.98
C GLU A 172 2.80 -6.22 -5.34
N ASN A 173 2.71 -4.90 -5.20
CA ASN A 173 1.53 -4.16 -5.60
C ASN A 173 1.61 -3.52 -6.97
N GLY A 174 2.63 -3.89 -7.74
CA GLY A 174 2.76 -3.44 -9.13
C GLY A 174 3.37 -2.07 -9.29
N ILE A 175 3.97 -1.57 -8.23
CA ILE A 175 4.50 -0.21 -8.20
C ILE A 175 6.02 -0.24 -8.26
N THR A 176 6.60 0.34 -9.30
CA THR A 176 8.04 0.33 -9.49
C THR A 176 8.69 1.62 -9.02
N GLU A 177 7.86 2.57 -8.59
CA GLU A 177 8.39 3.82 -8.05
C GLU A 177 9.25 3.48 -6.83
N HIS A 178 10.36 4.18 -6.64
CA HIS A 178 11.14 4.00 -5.43
C HIS A 178 10.30 4.53 -4.26
N PRO A 179 10.43 3.90 -3.09
CA PRO A 179 9.65 4.36 -1.93
C PRO A 179 9.69 5.87 -1.67
N ASP A 180 10.81 6.54 -1.88
CA ASP A 180 10.86 7.99 -1.64
C ASP A 180 10.00 8.78 -2.62
N THR A 181 9.93 8.31 -3.86
CA THR A 181 9.07 8.95 -4.85
C THR A 181 7.61 8.73 -4.47
N PHE A 182 7.30 7.49 -4.12
CA PHE A 182 5.97 7.08 -3.72
C PHE A 182 5.50 7.87 -2.50
N ALA A 183 6.37 8.01 -1.52
CA ALA A 183 5.99 8.66 -0.27
C ALA A 183 5.98 10.19 -0.33
N SER A 184 7.01 10.76 -0.94
CA SER A 184 7.27 12.20 -0.79
C SER A 184 6.95 13.02 -2.01
N HIS A 185 6.60 12.36 -3.11
CA HIS A 185 6.38 13.09 -4.36
C HIS A 185 5.09 12.70 -5.07
N PRO A 186 3.97 13.24 -4.57
CA PRO A 186 2.66 12.97 -5.17
C PRO A 186 2.56 13.59 -6.56
N PRO A 187 1.76 12.98 -7.44
CA PRO A 187 1.60 13.59 -8.76
C PRO A 187 0.74 14.86 -8.75
N ARG A 188 -0.12 14.98 -7.73
CA ARG A 188 -0.97 16.16 -7.57
C ARG A 188 -1.30 16.38 -6.10
N SER A 189 -1.13 17.61 -5.63
CA SER A 189 -1.26 17.90 -4.20
C SER A 189 -1.83 19.29 -3.98
N LEU A 190 -2.75 19.40 -3.02
CA LEU A 190 -3.21 20.70 -2.52
C LEU A 190 -2.60 20.90 -1.15
N VAL A 191 -2.03 22.08 -0.92
CA VAL A 191 -1.29 22.32 0.31
C VAL A 191 -2.07 23.24 1.24
N LEU A 192 -2.31 22.76 2.45
CA LEU A 192 -3.21 23.42 3.39
C LEU A 192 -2.52 24.46 4.29
N ILE A 193 -1.40 24.99 3.84
CA ILE A 193 -0.76 26.09 4.56
C ILE A 193 -0.56 27.24 3.60
N PRO A 194 -0.33 28.46 4.11
CA PRO A 194 -0.04 29.52 3.15
C PRO A 194 1.35 29.34 2.57
N LYS A 195 1.53 29.74 1.31
CA LYS A 195 2.82 29.57 0.66
C LYS A 195 3.90 30.39 1.36
N ALA A 196 3.47 31.42 2.10
CA ALA A 196 4.38 32.23 2.90
C ALA A 196 5.12 31.40 3.94
N LEU A 197 4.55 30.27 4.33
CA LEU A 197 5.17 29.42 5.35
C LEU A 197 5.77 28.15 4.73
N GLN A 198 6.03 28.19 3.44
CA GLN A 198 6.66 27.07 2.75
C GLN A 198 8.11 27.44 2.42
N PRO A 199 9.08 26.66 2.95
CA PRO A 199 10.47 26.94 2.62
C PRO A 199 10.72 26.78 1.13
N HIS A 200 11.61 27.60 0.56
CA HIS A 200 11.95 27.45 -0.86
C HIS A 200 10.73 27.48 -1.76
N ALA A 201 9.74 28.28 -1.38
CA ALA A 201 8.47 28.33 -2.10
C ALA A 201 8.63 28.62 -3.60
N ASP A 202 9.67 29.37 -3.96
CA ASP A 202 9.90 29.73 -5.35
C ASP A 202 10.23 28.52 -6.21
N ARG A 203 10.70 27.45 -5.58
CA ARG A 203 11.10 26.28 -6.33
C ARG A 203 10.13 25.10 -6.19
N VAL A 204 9.00 25.31 -5.56
CA VAL A 204 7.97 24.27 -5.49
C VAL A 204 7.28 24.18 -6.85
N ASP A 205 7.02 22.96 -7.31
CA ASP A 205 6.45 22.75 -8.65
C ASP A 205 4.96 23.04 -8.68
N GLU A 206 4.58 24.07 -9.43
CA GLU A 206 3.18 24.46 -9.55
C GLU A 206 2.33 23.48 -10.37
N ASP A 207 2.96 22.68 -11.24
CA ASP A 207 2.19 21.65 -11.96
C ASP A 207 1.71 20.57 -10.98
N VAL A 208 2.43 20.39 -9.89
CA VAL A 208 2.08 19.36 -8.90
C VAL A 208 1.31 19.96 -7.74
N TYR A 209 1.85 21.05 -7.17
CA TYR A 209 1.33 21.60 -5.93
C TYR A 209 0.61 22.91 -6.12
N THR A 210 -0.59 23.00 -5.55
CA THR A 210 -1.31 24.26 -5.47
C THR A 210 -1.58 24.58 -4.00
N PHE A 211 -1.16 25.77 -3.56
CA PHE A 211 -1.39 26.20 -2.18
C PHE A 211 -2.77 26.83 -2.03
N VAL A 212 -3.59 26.27 -1.15
CA VAL A 212 -4.91 26.79 -0.88
C VAL A 212 -5.00 27.47 0.47
N GLY A 213 -3.98 27.26 1.30
CA GLY A 213 -3.93 27.88 2.62
C GLY A 213 -4.80 27.13 3.62
N ALA A 214 -5.09 27.76 4.74
CA ALA A 214 -5.93 27.11 5.73
C ALA A 214 -7.39 27.31 5.39
N CYS A 215 -8.19 26.33 5.81
CA CYS A 215 -9.65 26.39 5.75
C CYS A 215 -10.27 27.50 6.60
N GLN A 216 -9.44 28.40 7.13
CA GLN A 216 -9.90 29.45 8.02
C GLN A 216 -10.84 30.44 7.34
N GLY A 217 -11.21 31.52 8.04
CA GLY A 217 -12.14 32.49 7.50
C GLY A 217 -12.98 33.20 8.56
N ASP A 218 -13.88 34.05 8.10
CA ASP A 218 -14.66 34.95 8.95
C ASP A 218 -16.11 34.48 8.92
N ARG A 219 -16.98 34.95 9.83
CA ARG A 219 -16.68 35.82 10.96
C ARG A 219 -17.51 35.37 12.17
N ALA A 220 -16.87 35.03 13.27
CA ALA A 220 -15.45 34.70 13.30
C ALA A 220 -15.50 33.32 13.94
N GLU A 221 -14.66 32.39 13.51
CA GLU A 221 -14.74 31.04 14.06
C GLU A 221 -13.79 30.74 15.25
N GLU A 222 -14.35 30.68 16.46
CA GLU A 222 -15.75 31.01 16.75
C GLU A 222 -15.89 31.63 18.14
N GLY A 223 -16.48 32.83 18.16
CA GLY A 223 -16.57 33.67 19.34
C GLY A 223 -16.45 35.14 18.95
N GLY A 224 -16.89 36.04 19.83
CA GLY A 224 -16.71 37.47 19.63
C GLY A 224 -15.81 38.09 20.68
N TRP A 225 -15.28 39.28 20.41
CA TRP A 225 -14.37 39.98 21.33
C TRP A 225 -14.23 41.46 21.00
N GLN A 226 -14.70 42.35 21.87
CA GLN A 226 -14.61 43.78 21.57
C GLN A 226 -13.43 44.46 22.29
N ARG A 227 -12.63 45.23 21.54
CA ARG A 227 -11.52 45.99 22.14
C ARG A 227 -12.07 46.90 23.23
N PRO A 228 -11.28 47.11 24.29
CA PRO A 228 -11.63 48.14 25.28
C PRO A 228 -11.69 49.51 24.63
N ALA A 229 -12.64 50.34 25.07
CA ALA A 229 -12.73 51.71 24.60
C ALA A 229 -11.42 52.45 24.89
N GLY A 230 -10.89 53.10 23.87
CA GLY A 230 -9.72 53.94 24.06
C GLY A 230 -8.38 53.22 24.00
N ALA A 231 -8.40 51.88 24.01
CA ALA A 231 -7.18 51.13 23.78
C ALA A 231 -6.65 51.38 22.38
N GLU A 232 -5.42 51.87 22.30
CA GLU A 232 -4.76 52.13 21.01
C GLU A 232 -4.06 50.90 20.43
N LYS A 233 -3.41 50.13 21.30
CA LYS A 233 -2.76 48.89 20.88
C LYS A 233 -3.26 47.70 21.70
N VAL A 234 -3.73 46.66 21.02
CA VAL A 234 -4.10 45.41 21.68
C VAL A 234 -3.07 44.33 21.35
N VAL A 235 -2.53 43.69 22.38
CA VAL A 235 -1.61 42.58 22.15
C VAL A 235 -2.18 41.30 22.74
N LEU A 236 -2.21 40.24 21.94
CA LEU A 236 -2.60 38.91 22.38
C LEU A 236 -1.34 38.07 22.61
N VAL A 237 -1.25 37.42 23.76
CA VAL A 237 -0.18 36.46 23.99
C VAL A 237 -0.79 35.06 24.06
N SER A 238 -0.13 34.09 23.44
CA SER A 238 -0.65 32.72 23.40
C SER A 238 0.41 31.75 22.88
N LEU A 239 0.68 30.68 23.63
CA LEU A 239 1.66 29.70 23.18
C LEU A 239 1.04 28.40 22.65
N GLY A 240 -0.22 28.46 22.24
CA GLY A 240 -0.84 27.33 21.62
C GLY A 240 -1.80 26.59 22.51
N SER A 241 -1.91 25.28 22.32
CA SER A 241 -2.92 24.48 23.01
C SER A 241 -2.31 23.42 23.92
N ALA A 242 -1.03 23.11 23.74
CA ALA A 242 -0.36 22.18 24.65
C ALA A 242 0.81 22.77 25.44
N PHE A 243 1.48 23.76 24.90
CA PHE A 243 2.64 24.36 25.57
C PHE A 243 2.27 25.46 26.58
N THR A 244 0.99 25.77 26.68
CA THR A 244 0.50 26.90 27.49
C THR A 244 0.74 26.78 28.99
N LYS A 245 2.00 26.66 29.39
CA LYS A 245 2.29 26.32 30.78
C LYS A 245 3.58 26.97 31.23
N GLN A 246 3.63 28.30 31.10
CA GLN A 246 4.78 29.10 31.50
C GLN A 246 4.39 30.10 32.59
N PRO A 247 4.87 29.90 33.80
CA PRO A 247 4.68 30.86 34.90
C PRO A 247 5.65 32.06 34.85
N ALA A 248 6.62 32.02 33.93
CA ALA A 248 7.72 32.99 33.96
C ALA A 248 7.85 33.89 32.72
N PHE A 249 7.83 33.31 31.52
CA PHE A 249 7.80 34.13 30.32
C PHE A 249 6.60 35.06 30.40
N TYR A 250 5.46 34.50 30.78
CA TYR A 250 4.22 35.27 30.90
C TYR A 250 4.38 36.44 31.87
N ARG A 251 5.14 36.21 32.93
CA ARG A 251 5.40 37.27 33.90
C ARG A 251 6.12 38.42 33.27
N GLU A 252 7.01 38.12 32.33
CA GLU A 252 7.71 39.18 31.64
C GLU A 252 6.84 39.88 30.63
N CYS A 253 5.79 39.19 30.16
CA CYS A 253 4.82 39.82 29.26
C CYS A 253 3.93 40.76 30.02
N VAL A 254 3.43 40.30 31.17
CA VAL A 254 2.63 41.16 32.03
C VAL A 254 3.50 42.32 32.45
N ARG A 255 4.76 42.04 32.74
CA ARG A 255 5.69 43.10 33.07
C ARG A 255 5.95 43.96 31.85
N ALA A 256 6.04 43.32 30.68
CA ALA A 256 6.26 44.07 29.44
C ALA A 256 5.18 45.11 29.18
N PHE A 257 3.92 44.71 29.25
CA PHE A 257 2.85 45.59 28.79
C PHE A 257 2.03 46.26 29.90
N GLY A 258 2.32 45.90 31.14
CA GLY A 258 1.62 46.45 32.28
C GLY A 258 1.78 47.96 32.40
N ASN A 259 0.65 48.66 32.52
CA ASN A 259 0.65 50.11 32.69
C ASN A 259 1.34 50.91 31.57
N LEU A 260 1.64 50.25 30.45
CA LEU A 260 2.23 50.91 29.28
C LEU A 260 1.12 51.67 28.57
N PRO A 261 1.20 53.02 28.54
CA PRO A 261 0.14 53.87 28.00
C PRO A 261 -0.35 53.44 26.62
N GLY A 262 -1.65 53.27 26.48
CA GLY A 262 -2.23 52.93 25.19
C GLY A 262 -2.35 51.45 24.90
N TRP A 263 -1.70 50.61 25.71
CA TRP A 263 -1.65 49.17 25.44
C TRP A 263 -2.59 48.36 26.33
N HIS A 264 -3.24 47.37 25.72
CA HIS A 264 -4.08 46.44 26.45
C HIS A 264 -3.62 45.01 26.11
N LEU A 265 -3.31 44.25 27.15
CA LEU A 265 -2.78 42.89 26.99
C LEU A 265 -3.85 41.84 27.28
N VAL A 266 -4.03 40.92 26.33
CA VAL A 266 -4.85 39.74 26.55
C VAL A 266 -3.91 38.55 26.66
N LEU A 267 -3.86 37.96 27.84
CA LEU A 267 -2.99 36.83 28.13
C LEU A 267 -3.79 35.54 28.23
N GLN A 268 -3.65 34.68 27.24
CA GLN A 268 -4.36 33.42 27.28
C GLN A 268 -3.47 32.35 27.88
N ILE A 269 -3.90 31.78 29.00
CA ILE A 269 -3.08 30.81 29.72
C ILE A 269 -3.79 29.45 29.84
N GLY A 270 -4.43 29.18 30.98
CA GLY A 270 -5.09 27.92 31.24
C GLY A 270 -5.00 27.58 32.71
N ARG A 271 -4.96 28.61 33.54
CA ARG A 271 -4.86 28.41 34.97
C ARG A 271 -6.21 28.70 35.64
N LYS A 272 -6.65 27.79 36.50
CA LYS A 272 -7.91 27.99 37.19
C LYS A 272 -7.89 29.05 38.33
N VAL A 273 -7.07 28.97 39.40
CA VAL A 273 -6.16 27.89 39.82
C VAL A 273 -5.10 27.39 38.83
N THR A 274 -4.02 28.15 38.68
CA THR A 274 -3.71 29.31 39.53
C THR A 274 -3.18 30.55 38.80
N PRO A 275 -3.98 31.62 38.71
CA PRO A 275 -3.33 32.87 38.32
C PRO A 275 -2.30 33.39 39.32
N ALA A 276 -1.48 32.52 39.89
CA ALA A 276 -0.53 32.92 40.94
C ALA A 276 0.93 33.10 40.49
N GLU A 277 1.13 33.45 39.22
CA GLU A 277 2.48 33.73 38.70
C GLU A 277 2.82 35.18 38.90
N LEU A 278 2.55 35.99 37.87
CA LEU A 278 2.81 37.43 37.91
C LEU A 278 2.17 38.14 39.09
N GLY A 279 1.32 37.42 39.83
CA GLY A 279 0.59 37.98 40.92
C GLY A 279 -0.14 39.25 40.51
N GLU A 280 0.36 40.38 41.02
CA GLU A 280 -0.36 41.65 40.94
C GLU A 280 -0.62 42.05 39.49
N LEU A 281 -1.78 41.68 38.97
CA LEU A 281 -2.11 41.94 37.57
C LEU A 281 -2.62 43.36 37.38
N PRO A 282 -1.92 44.13 36.52
CA PRO A 282 -2.32 45.50 36.18
C PRO A 282 -3.68 45.52 35.51
N ASP A 283 -4.36 46.67 35.53
CA ASP A 283 -5.73 46.76 35.08
C ASP A 283 -5.85 46.82 33.56
N ASN A 284 -4.71 46.95 32.88
CA ASN A 284 -4.73 46.89 31.42
C ASN A 284 -4.35 45.50 30.93
N VAL A 285 -4.60 44.50 31.77
CA VAL A 285 -4.28 43.11 31.43
C VAL A 285 -5.54 42.26 31.59
N GLU A 286 -5.67 41.20 30.80
CA GLU A 286 -6.74 40.23 31.03
C GLU A 286 -6.20 38.83 30.82
N VAL A 287 -6.42 37.98 31.82
CA VAL A 287 -5.85 36.64 31.89
C VAL A 287 -6.92 35.56 31.74
N HIS A 288 -6.74 34.67 30.76
CA HIS A 288 -7.81 33.77 30.35
C HIS A 288 -7.37 32.34 30.04
N ASP A 289 -8.12 31.38 30.57
CA ASP A 289 -8.04 29.98 30.16
C ASP A 289 -8.08 29.82 28.66
N TRP A 290 -8.95 30.60 28.02
CA TRP A 290 -9.21 30.47 26.60
C TRP A 290 -9.79 31.77 26.05
N VAL A 291 -9.55 32.00 24.76
CA VAL A 291 -10.04 33.19 24.07
C VAL A 291 -10.53 32.83 22.68
N PRO A 292 -11.52 33.57 22.18
CA PRO A 292 -11.78 33.36 20.74
C PRO A 292 -10.59 33.96 19.97
N GLN A 293 -9.54 33.16 19.79
CA GLN A 293 -8.24 33.68 19.33
C GLN A 293 -8.34 34.33 17.95
N LEU A 294 -9.07 33.70 17.04
CA LEU A 294 -9.25 34.32 15.73
C LEU A 294 -10.04 35.61 15.87
N ALA A 295 -11.08 35.60 16.71
CA ALA A 295 -11.87 36.81 16.92
C ALA A 295 -11.05 37.92 17.55
N ILE A 296 -10.15 37.55 18.47
CA ILE A 296 -9.25 38.52 19.09
C ILE A 296 -8.21 39.06 18.11
N LEU A 297 -7.62 38.16 17.31
CA LEU A 297 -6.65 38.60 16.31
C LEU A 297 -7.31 39.54 15.31
N ARG A 298 -8.62 39.41 15.15
CA ARG A 298 -9.38 40.36 14.33
C ARG A 298 -9.38 41.76 14.92
N GLN A 299 -8.98 41.86 16.18
CA GLN A 299 -8.98 43.16 16.83
C GLN A 299 -7.68 43.43 17.56
N ALA A 300 -6.62 42.77 17.12
CA ALA A 300 -5.31 42.92 17.73
C ALA A 300 -4.36 43.72 16.86
N ASP A 301 -3.33 44.27 17.49
CA ASP A 301 -2.30 45.01 16.77
C ASP A 301 -0.96 44.32 16.89
N LEU A 302 -0.90 43.34 17.79
CA LEU A 302 0.31 42.55 17.99
C LEU A 302 -0.03 41.16 18.50
N PHE A 303 0.72 40.16 18.06
CA PHE A 303 0.46 38.79 18.48
C PHE A 303 1.78 38.17 18.94
N VAL A 304 1.89 37.85 20.23
CA VAL A 304 3.04 37.12 20.71
C VAL A 304 2.66 35.64 20.65
N THR A 305 3.35 34.91 19.77
CA THR A 305 2.96 33.55 19.40
C THR A 305 4.13 32.56 19.52
N HIS A 306 3.83 31.29 19.74
CA HIS A 306 4.85 30.24 19.72
C HIS A 306 5.11 29.75 18.27
N ALA A 307 4.47 30.41 17.32
CA ALA A 307 4.66 30.12 15.89
C ALA A 307 4.28 28.69 15.52
N GLY A 308 3.29 28.12 16.19
CA GLY A 308 2.68 26.91 15.68
C GLY A 308 2.07 27.20 14.32
N ALA A 309 1.81 26.16 13.54
CA ALA A 309 1.21 26.36 12.21
C ALA A 309 -0.11 27.14 12.26
N GLY A 310 -0.90 26.91 13.31
CA GLY A 310 -2.19 27.59 13.43
C GLY A 310 -2.02 29.06 13.71
N GLY A 311 -1.30 29.37 14.79
CA GLY A 311 -1.04 30.75 15.15
C GLY A 311 -0.36 31.54 14.03
N SER A 312 0.63 30.92 13.39
CA SER A 312 1.37 31.60 12.33
C SER A 312 0.43 31.97 11.20
N GLN A 313 -0.41 31.03 10.77
CA GLN A 313 -1.33 31.32 9.67
C GLN A 313 -2.35 32.39 10.06
N GLU A 314 -2.84 32.35 11.29
CA GLU A 314 -3.87 33.30 11.72
C GLU A 314 -3.31 34.70 11.87
N GLY A 315 -2.07 34.78 12.33
CA GLY A 315 -1.38 36.06 12.41
C GLY A 315 -1.29 36.70 11.04
N LEU A 316 -0.87 35.92 10.04
CA LEU A 316 -0.78 36.43 8.69
C LEU A 316 -2.17 36.76 8.12
N ALA A 317 -3.12 35.85 8.30
CA ALA A 317 -4.47 36.05 7.77
C ALA A 317 -5.15 37.32 8.30
N THR A 318 -4.75 37.73 9.49
CA THR A 318 -5.31 38.89 10.16
C THR A 318 -4.39 40.11 10.11
N ALA A 319 -3.31 39.98 9.33
CA ALA A 319 -2.32 41.05 9.16
C ALA A 319 -1.85 41.60 10.51
N THR A 320 -1.49 40.69 11.41
CA THR A 320 -1.10 41.10 12.75
C THR A 320 0.39 40.82 12.94
N PRO A 321 1.19 41.88 13.14
CA PRO A 321 2.63 41.73 13.38
C PRO A 321 2.87 40.77 14.53
N MET A 322 3.95 40.00 14.47
CA MET A 322 4.16 38.95 15.47
C MET A 322 5.51 38.99 16.17
N ILE A 323 5.50 38.65 17.46
CA ILE A 323 6.72 38.29 18.17
C ILE A 323 6.66 36.78 18.31
N ALA A 324 7.56 36.10 17.63
CA ALA A 324 7.56 34.64 17.59
C ALA A 324 8.54 34.11 18.62
N VAL A 325 8.01 33.33 19.56
CA VAL A 325 8.82 32.75 20.63
C VAL A 325 8.58 31.25 20.66
N PRO A 326 9.21 30.52 19.72
CA PRO A 326 8.99 29.07 19.59
C PRO A 326 9.35 28.33 20.87
N GLN A 327 8.43 27.50 21.35
CA GLN A 327 8.63 26.85 22.64
C GLN A 327 9.34 25.51 22.50
N ALA A 328 9.66 25.17 21.26
CA ALA A 328 10.26 23.88 20.95
C ALA A 328 11.10 23.97 19.68
N VAL A 329 11.46 22.80 19.13
CA VAL A 329 12.14 22.75 17.84
C VAL A 329 11.10 22.66 16.72
N ASP A 330 9.89 22.28 17.11
CA ASP A 330 8.76 22.04 16.22
C ASP A 330 8.16 23.33 15.59
N GLN A 331 8.75 24.48 15.90
CA GLN A 331 8.17 25.75 15.44
C GLN A 331 9.25 26.73 14.99
N PHE A 332 10.50 26.26 14.97
CA PHE A 332 11.64 27.13 14.63
C PHE A 332 11.54 27.67 13.22
N GLY A 333 11.36 26.77 12.26
CA GLY A 333 11.19 27.14 10.88
C GLY A 333 10.12 28.20 10.68
N ASN A 334 8.96 28.00 11.28
CA ASN A 334 7.88 28.98 11.17
C ASN A 334 8.33 30.33 11.67
N ALA A 335 8.99 30.34 12.82
CA ALA A 335 9.47 31.61 13.39
C ALA A 335 10.51 32.25 12.47
N ASP A 336 11.43 31.44 11.96
CA ASP A 336 12.40 31.93 10.99
C ASP A 336 11.73 32.50 9.75
N MET A 337 10.71 31.80 9.25
CA MET A 337 10.03 32.26 8.04
C MET A 337 9.23 33.54 8.29
N LEU A 338 8.59 33.63 9.45
CA LEU A 338 7.85 34.84 9.81
C LEU A 338 8.77 36.06 9.86
N GLN A 339 9.91 35.92 10.52
CA GLN A 339 10.85 37.03 10.57
C GLN A 339 11.40 37.31 9.17
N GLY A 340 11.59 36.26 8.38
CA GLY A 340 12.11 36.41 7.03
C GLY A 340 11.20 37.19 6.11
N LEU A 341 9.90 37.12 6.38
CA LEU A 341 8.92 37.88 5.61
C LEU A 341 8.93 39.34 6.02
N GLY A 342 9.62 39.64 7.11
CA GLY A 342 9.71 41.00 7.62
C GLY A 342 8.46 41.44 8.35
N VAL A 343 7.74 40.49 8.94
CA VAL A 343 6.50 40.84 9.63
C VAL A 343 6.52 40.39 11.07
N ALA A 344 7.70 40.01 11.54
CA ALA A 344 7.83 39.43 12.86
C ALA A 344 9.26 39.50 13.36
N ARG A 345 9.43 39.27 14.65
CA ARG A 345 10.75 39.10 15.24
C ARG A 345 10.73 37.79 16.03
N LYS A 346 11.76 36.97 15.86
CA LYS A 346 11.91 35.73 16.62
C LYS A 346 12.74 35.99 17.87
N LEU A 347 12.22 35.63 19.05
CA LEU A 347 12.99 35.75 20.29
C LEU A 347 13.21 34.36 20.91
N ALA A 348 14.40 34.13 21.47
CA ALA A 348 14.71 32.89 22.15
C ALA A 348 14.16 32.95 23.58
N THR A 349 13.73 31.82 24.13
CA THR A 349 13.38 31.84 25.53
C THR A 349 14.69 31.95 26.32
N GLU A 350 15.61 31.04 26.13
CA GLU A 350 16.86 31.11 26.85
N GLU A 351 15.65 35.01 26.47
CA GLU A 351 15.82 36.43 26.22
C GLU A 351 14.50 37.20 26.11
N ALA A 352 13.39 36.48 26.05
CA ALA A 352 12.09 37.14 25.99
C ALA A 352 11.66 37.68 27.35
N THR A 353 12.51 38.50 27.96
CA THR A 353 12.17 39.20 29.19
C THR A 353 11.30 40.42 28.88
N ALA A 354 10.95 41.19 29.90
CA ALA A 354 10.01 42.30 29.74
C ALA A 354 10.57 43.48 28.94
N ASP A 355 11.84 43.78 29.17
CA ASP A 355 12.47 44.91 28.49
C ASP A 355 12.54 44.69 26.97
N LEU A 356 12.95 43.50 26.54
CA LEU A 356 13.11 43.25 25.12
C LEU A 356 11.75 43.14 24.40
N LEU A 357 10.78 42.53 25.07
CA LEU A 357 9.44 42.36 24.49
C LEU A 357 8.85 43.72 24.24
N ARG A 358 9.04 44.60 25.20
CA ARG A 358 8.55 45.95 25.10
C ARG A 358 9.07 46.68 23.86
N GLU A 359 10.39 46.72 23.66
CA GLU A 359 10.95 47.47 22.55
C GLU A 359 10.51 46.83 21.24
N THR A 360 10.55 45.50 21.23
CA THR A 360 10.24 44.76 20.03
C THR A 360 8.81 45.05 19.59
N ALA A 361 7.88 44.89 20.53
CA ALA A 361 6.49 45.25 20.30
C ALA A 361 6.39 46.68 19.79
N LEU A 362 7.18 47.56 20.40
CA LEU A 362 7.23 48.97 20.04
C LEU A 362 7.77 49.20 18.64
N ALA A 363 8.61 48.29 18.17
CA ALA A 363 9.24 48.48 16.87
C ALA A 363 8.43 47.83 15.77
N LEU A 364 7.48 46.97 16.14
CA LEU A 364 6.65 46.30 15.16
C LEU A 364 5.39 47.10 14.85
N VAL A 365 4.66 47.55 15.86
CA VAL A 365 3.43 48.29 15.59
C VAL A 365 3.73 49.65 14.94
N ASP A 366 4.95 50.13 15.13
CA ASP A 366 5.36 51.40 14.55
C ASP A 366 6.25 51.25 13.30
N ASP A 367 6.09 50.14 12.59
CA ASP A 367 6.82 49.89 11.35
C ASP A 367 5.85 49.82 10.16
N PRO A 368 5.81 50.89 9.33
CA PRO A 368 4.84 50.99 8.22
C PRO A 368 5.06 49.95 7.12
N GLU A 369 6.29 49.48 7.02
CA GLU A 369 6.62 48.54 5.96
C GLU A 369 6.32 47.09 6.36
N VAL A 370 6.47 46.78 7.65
CA VAL A 370 5.92 45.54 8.18
C VAL A 370 4.42 45.50 7.86
N ALA A 371 3.76 46.64 8.02
CA ALA A 371 2.32 46.75 7.83
C ALA A 371 1.80 46.55 6.39
N ARG A 372 2.49 47.10 5.39
CA ARG A 372 2.07 46.86 4.00
C ARG A 372 2.46 45.45 3.53
N ARG A 373 3.57 44.94 4.07
CA ARG A 373 3.97 43.56 3.82
C ARG A 373 2.90 42.59 4.30
N LEU A 374 2.29 42.87 5.45
CA LEU A 374 1.20 42.03 5.93
C LEU A 374 -0.01 42.09 5.02
N ARG A 375 -0.41 43.30 4.62
CA ARG A 375 -1.57 43.43 3.74
C ARG A 375 -1.37 42.65 2.44
N ARG A 376 -0.16 42.71 1.90
CA ARG A 376 0.13 41.98 0.67
C ARG A 376 0.07 40.45 0.87
N ILE A 377 0.60 40.00 2.00
CA ILE A 377 0.50 38.58 2.31
C ILE A 377 -0.98 38.17 2.44
N GLN A 378 -1.78 39.04 3.06
CA GLN A 378 -3.24 38.84 3.06
C GLN A 378 -3.75 38.67 1.63
N ALA A 379 -3.37 39.59 0.74
CA ALA A 379 -3.77 39.55 -0.67
C ALA A 379 -3.37 38.25 -1.36
N GLU A 380 -2.20 37.73 -0.98
CA GLU A 380 -1.73 36.50 -1.59
C GLU A 380 -2.47 35.30 -1.01
N MET A 381 -2.78 35.35 0.28
CA MET A 381 -3.59 34.30 0.88
C MET A 381 -5.01 34.29 0.29
N ALA A 382 -5.56 35.47 0.01
CA ALA A 382 -6.87 35.53 -0.64
C ALA A 382 -6.85 34.82 -1.99
N GLN A 383 -5.73 34.90 -2.70
CA GLN A 383 -5.62 34.22 -4.00
C GLN A 383 -5.54 32.72 -3.86
N GLU A 384 -4.99 32.25 -2.73
CA GLU A 384 -4.85 30.81 -2.49
C GLU A 384 -6.21 30.14 -2.35
N GLY A 385 -7.14 30.77 -1.64
CA GLY A 385 -8.55 30.35 -1.71
C GLY A 385 -9.22 29.65 -0.54
N GLY A 386 -8.48 28.84 0.21
CA GLY A 386 -9.09 28.14 1.33
C GLY A 386 -10.13 27.11 0.94
N THR A 387 -11.08 26.88 1.83
CA THR A 387 -11.98 25.73 1.75
C THR A 387 -12.73 25.55 0.43
N ARG A 388 -13.26 26.65 -0.10
CA ARG A 388 -14.02 26.63 -1.35
C ARG A 388 -13.12 26.32 -2.55
N ARG A 389 -12.00 27.03 -2.63
CA ARG A 389 -11.07 26.82 -3.73
C ARG A 389 -10.55 25.39 -3.75
N ALA A 390 -10.31 24.85 -2.55
CA ALA A 390 -9.89 23.45 -2.44
C ALA A 390 -10.90 22.52 -3.13
N ALA A 391 -12.17 22.64 -2.79
CA ALA A 391 -13.18 21.76 -3.40
C ALA A 391 -13.26 21.91 -4.92
N ASP A 392 -13.19 23.15 -5.40
CA ASP A 392 -13.16 23.43 -6.84
C ASP A 392 -11.97 22.73 -7.51
N LEU A 393 -10.79 22.88 -6.92
CA LEU A 393 -9.58 22.33 -7.50
C LEU A 393 -9.66 20.82 -7.58
N ILE A 394 -10.29 20.24 -6.56
CA ILE A 394 -10.55 18.80 -6.53
C ILE A 394 -11.53 18.42 -7.63
N GLU A 395 -12.73 19.00 -7.61
CA GLU A 395 -13.75 18.64 -8.60
C GLU A 395 -13.18 18.79 -10.02
N ALA A 396 -12.28 19.75 -10.17
CA ALA A 396 -11.50 19.88 -11.40
C ALA A 396 -10.63 18.64 -11.67
N GLU A 397 -10.46 17.77 -10.66
CA GLU A 397 -9.75 16.49 -10.85
C GLU A 397 -10.71 15.30 -11.07
N LEU A 398 -11.97 15.43 -10.65
CA LEU A 398 -12.99 14.40 -10.91
C LEU A 398 -13.13 14.17 -12.42
N PRO A 399 -12.62 13.03 -12.92
CA PRO A 399 -12.34 12.73 -14.34
C PRO A 399 -13.55 12.54 -15.27
N ALA A 400 -13.43 11.66 -16.26
CA ALA A 400 -14.53 11.33 -17.17
C ALA A 400 -14.93 9.85 -17.13
N THR B 6 14.72 -53.29 -3.06
CA THR B 6 13.44 -52.60 -3.19
C THR B 6 13.67 -51.21 -3.76
N PRO B 7 12.83 -50.80 -4.72
CA PRO B 7 12.83 -49.36 -4.96
C PRO B 7 12.29 -48.68 -3.71
N ALA B 8 13.07 -47.81 -3.09
CA ALA B 8 12.68 -47.16 -1.85
C ALA B 8 11.33 -46.49 -2.00
N HIS B 9 10.64 -46.34 -0.89
CA HIS B 9 9.22 -45.99 -0.90
C HIS B 9 9.02 -44.52 -0.61
N ILE B 10 8.47 -43.81 -1.58
CA ILE B 10 8.21 -42.39 -1.41
C ILE B 10 6.72 -42.19 -1.46
N ALA B 11 6.12 -41.73 -0.36
CA ALA B 11 4.66 -41.58 -0.33
C ALA B 11 4.30 -40.11 -0.54
N MET B 12 3.57 -39.82 -1.64
CA MET B 12 2.99 -38.49 -1.95
C MET B 12 1.60 -38.35 -1.40
N PHE B 13 1.23 -37.12 -1.01
CA PHE B 13 -0.09 -36.87 -0.49
C PHE B 13 -0.68 -35.62 -1.11
N SER B 14 -1.95 -35.69 -1.52
CA SER B 14 -2.70 -34.50 -1.89
C SER B 14 -4.22 -34.63 -1.75
N ILE B 15 -4.93 -33.64 -2.30
CA ILE B 15 -6.39 -33.59 -2.28
C ILE B 15 -6.89 -33.58 -3.73
N ALA B 16 -8.19 -33.76 -3.94
CA ALA B 16 -8.72 -33.77 -5.32
C ALA B 16 -9.15 -32.39 -5.81
N ALA B 17 -8.18 -31.62 -6.29
CA ALA B 17 -8.41 -30.28 -6.83
C ALA B 17 -7.47 -30.08 -8.00
N HIS B 18 -8.02 -29.95 -9.21
CA HIS B 18 -7.17 -29.80 -10.40
C HIS B 18 -6.24 -28.59 -10.31
N GLY B 19 -5.55 -28.44 -9.17
CA GLY B 19 -4.69 -27.30 -8.89
C GLY B 19 -3.70 -27.55 -7.76
N HIS B 20 -3.91 -28.65 -7.04
CA HIS B 20 -2.95 -29.05 -6.01
C HIS B 20 -2.39 -30.43 -6.30
N VAL B 21 -2.73 -30.96 -7.47
CA VAL B 21 -2.22 -32.25 -7.92
C VAL B 21 -1.45 -32.08 -9.22
N ASN B 22 -2.02 -31.29 -10.13
CA ASN B 22 -1.38 -30.97 -11.41
C ASN B 22 0.02 -30.37 -11.33
N PRO B 23 0.24 -29.37 -10.46
CA PRO B 23 1.55 -28.71 -10.48
C PRO B 23 2.73 -29.64 -10.25
N SER B 24 2.53 -30.76 -9.56
CA SER B 24 3.66 -31.64 -9.25
C SER B 24 3.58 -32.97 -9.99
N LEU B 25 2.63 -33.08 -10.91
CA LEU B 25 2.32 -34.35 -11.57
C LEU B 25 3.54 -34.87 -12.34
N GLU B 26 4.23 -33.95 -13.02
CA GLU B 26 5.41 -34.36 -13.78
C GLU B 26 6.61 -34.70 -12.90
N VAL B 27 6.66 -34.12 -11.70
CA VAL B 27 7.67 -34.52 -10.73
C VAL B 27 7.37 -35.95 -10.29
N ILE B 28 6.07 -36.24 -10.16
CA ILE B 28 5.62 -37.56 -9.78
C ILE B 28 6.03 -38.59 -10.85
N ARG B 29 5.70 -38.31 -12.10
CA ARG B 29 6.06 -39.22 -13.18
C ARG B 29 7.57 -39.36 -13.29
N GLU B 30 8.30 -38.27 -13.11
CA GLU B 30 9.76 -38.31 -13.18
C GLU B 30 10.31 -39.26 -12.10
N LEU B 31 9.74 -39.20 -10.90
CA LEU B 31 10.16 -40.15 -9.88
C LEU B 31 9.77 -41.56 -10.28
N VAL B 32 8.61 -41.71 -10.92
CA VAL B 32 8.19 -43.02 -11.39
C VAL B 32 9.15 -43.49 -12.47
N ALA B 33 9.45 -42.62 -13.42
CA ALA B 33 10.40 -42.93 -14.49
C ALA B 33 11.77 -43.34 -13.96
N ARG B 34 12.20 -42.73 -12.85
CA ARG B 34 13.48 -43.09 -12.24
C ARG B 34 13.44 -44.40 -11.44
N GLY B 35 12.29 -45.07 -11.43
CA GLY B 35 12.17 -46.40 -10.85
C GLY B 35 11.72 -46.51 -9.41
N HIS B 36 11.50 -45.37 -8.76
CA HIS B 36 11.11 -45.35 -7.34
C HIS B 36 9.80 -46.07 -7.11
N ARG B 37 9.57 -46.55 -5.89
CA ARG B 37 8.26 -47.08 -5.56
C ARG B 37 7.47 -45.94 -4.94
N VAL B 38 6.58 -45.39 -5.74
CA VAL B 38 5.81 -44.22 -5.34
C VAL B 38 4.36 -44.60 -5.12
N THR B 39 3.86 -44.28 -3.93
CA THR B 39 2.44 -44.39 -3.61
C THR B 39 1.85 -42.98 -3.62
N TYR B 40 0.53 -42.87 -3.69
CA TYR B 40 -0.08 -41.58 -3.94
C TYR B 40 -1.41 -41.46 -3.22
N ALA B 41 -1.38 -40.79 -2.06
CA ALA B 41 -2.59 -40.56 -1.25
C ALA B 41 -3.48 -39.53 -1.90
N ILE B 42 -4.74 -39.91 -2.13
CA ILE B 42 -5.61 -39.13 -2.98
C ILE B 42 -7.06 -39.64 -2.87
N PRO B 43 -8.03 -38.72 -2.88
CA PRO B 43 -9.44 -39.14 -2.84
C PRO B 43 -9.78 -39.89 -4.13
N PRO B 44 -10.72 -40.85 -4.08
CA PRO B 44 -10.98 -41.79 -5.17
C PRO B 44 -11.29 -41.13 -6.51
N VAL B 45 -11.84 -39.92 -6.53
CA VAL B 45 -12.15 -39.32 -7.83
C VAL B 45 -10.88 -39.17 -8.65
N PHE B 46 -9.85 -38.59 -8.05
CA PHE B 46 -8.56 -38.51 -8.74
C PHE B 46 -7.92 -39.88 -8.69
N ALA B 47 -6.59 -39.92 -8.74
CA ALA B 47 -5.87 -41.22 -8.72
C ALA B 47 -5.84 -41.88 -10.09
N ASP B 48 -6.89 -41.71 -10.88
CA ASP B 48 -6.83 -42.09 -12.29
C ASP B 48 -5.78 -41.21 -12.89
N LYS B 49 -6.08 -39.91 -12.79
CA LYS B 49 -5.29 -38.79 -13.32
C LYS B 49 -3.91 -38.79 -12.67
N VAL B 50 -3.82 -39.52 -11.56
CA VAL B 50 -2.52 -39.74 -10.92
C VAL B 50 -1.85 -41.12 -11.14
N ALA B 51 -2.58 -42.23 -11.26
CA ALA B 51 -1.91 -43.52 -11.45
C ALA B 51 -1.40 -43.61 -12.87
N ALA B 52 -1.93 -42.70 -13.70
CA ALA B 52 -1.45 -42.50 -15.06
C ALA B 52 0.03 -42.13 -15.01
N THR B 53 0.43 -41.44 -13.95
CA THR B 53 1.84 -41.11 -13.74
C THR B 53 2.68 -42.35 -13.46
N GLY B 54 2.02 -43.45 -13.10
CA GLY B 54 2.69 -44.68 -12.73
C GLY B 54 2.64 -45.05 -11.25
N ALA B 55 2.40 -44.06 -10.39
CA ALA B 55 2.34 -44.31 -8.94
C ALA B 55 1.06 -45.07 -8.60
N ARG B 56 1.10 -45.83 -7.50
CA ARG B 56 -0.05 -46.54 -6.96
C ARG B 56 -0.93 -45.55 -6.18
N PRO B 57 -2.20 -45.41 -6.56
CA PRO B 57 -3.07 -44.59 -5.72
C PRO B 57 -3.37 -45.24 -4.38
N VAL B 58 -3.31 -44.48 -3.29
CA VAL B 58 -3.81 -44.94 -2.01
C VAL B 58 -5.03 -44.09 -1.64
N LEU B 59 -6.18 -44.75 -1.59
CA LEU B 59 -7.46 -44.06 -1.48
C LEU B 59 -7.82 -43.65 -0.05
N TYR B 60 -8.38 -42.45 0.07
CA TYR B 60 -9.02 -42.02 1.31
C TYR B 60 -10.24 -41.18 0.92
N HIS B 61 -11.28 -41.18 1.75
CA HIS B 61 -12.42 -40.31 1.52
C HIS B 61 -12.14 -38.91 2.06
N SER B 62 -12.47 -37.90 1.26
CA SER B 62 -12.23 -36.51 1.61
C SER B 62 -13.56 -35.77 1.79
N THR B 63 -13.60 -34.87 2.77
CA THR B 63 -14.80 -34.07 3.06
C THR B 63 -14.68 -32.67 2.49
N LEU B 64 -13.57 -32.39 1.81
CA LEU B 64 -13.39 -31.12 1.11
C LEU B 64 -14.32 -31.01 -0.08
N PRO B 65 -14.65 -29.79 -0.48
CA PRO B 65 -15.29 -29.76 -1.80
C PRO B 65 -14.23 -29.97 -2.86
N GLY B 66 -14.60 -30.63 -3.94
CA GLY B 66 -13.59 -31.13 -4.84
C GLY B 66 -13.66 -30.71 -6.29
N PRO B 67 -13.30 -31.67 -7.18
CA PRO B 67 -13.07 -31.60 -8.62
C PRO B 67 -14.17 -30.89 -9.37
N ASP B 68 -15.08 -31.64 -10.00
CA ASP B 68 -16.15 -31.06 -10.82
C ASP B 68 -16.88 -29.90 -10.13
N ALA B 69 -16.19 -28.78 -9.96
CA ALA B 69 -16.82 -27.60 -9.37
C ALA B 69 -16.36 -26.28 -10.00
N ASP B 70 -17.31 -25.39 -10.25
CA ASP B 70 -16.97 -23.98 -10.51
C ASP B 70 -16.43 -23.47 -9.19
N PRO B 71 -15.38 -22.63 -9.22
CA PRO B 71 -14.60 -22.22 -8.05
C PRO B 71 -15.29 -21.29 -7.03
N GLU B 72 -15.76 -21.83 -5.89
CA GLU B 72 -16.43 -21.03 -4.84
C GLU B 72 -16.91 -21.79 -3.59
N ALA B 73 -17.13 -23.10 -3.70
CA ALA B 73 -17.70 -23.91 -2.60
C ALA B 73 -17.06 -23.71 -1.21
N TRP B 74 -16.16 -22.73 -1.09
CA TRP B 74 -15.36 -22.56 0.11
C TRP B 74 -15.69 -21.23 0.81
N GLY B 75 -16.98 -20.91 0.90
CA GLY B 75 -17.48 -19.72 1.59
C GLY B 75 -16.87 -18.44 1.06
N SER B 76 -16.59 -17.48 1.95
CA SER B 76 -15.86 -16.28 1.54
C SER B 76 -14.99 -15.66 2.63
N THR B 77 -15.04 -16.20 3.84
CA THR B 77 -14.23 -15.68 4.94
C THR B 77 -12.90 -16.44 5.01
N LEU B 78 -11.98 -15.95 5.83
CA LEU B 78 -10.74 -16.68 6.10
C LEU B 78 -11.10 -18.03 6.70
N LEU B 79 -12.08 -18.04 7.61
CA LEU B 79 -12.47 -19.27 8.27
C LEU B 79 -13.24 -20.19 7.34
N ASP B 80 -14.01 -19.61 6.41
CA ASP B 80 -14.70 -20.41 5.39
C ASP B 80 -13.67 -21.24 4.63
N ASN B 81 -12.45 -20.70 4.57
CA ASN B 81 -11.35 -21.32 3.81
C ASN B 81 -10.46 -22.31 4.58
N VAL B 82 -10.22 -22.06 5.86
CA VAL B 82 -9.22 -22.87 6.57
C VAL B 82 -9.73 -24.08 7.36
N GLU B 83 -10.88 -23.97 8.02
CA GLU B 83 -11.37 -25.10 8.83
C GLU B 83 -11.55 -26.40 8.04
N PRO B 84 -12.00 -26.31 6.78
CA PRO B 84 -12.16 -27.54 6.01
C PRO B 84 -10.88 -28.31 5.82
N PHE B 85 -9.76 -27.62 5.76
CA PHE B 85 -8.50 -28.33 5.64
C PHE B 85 -8.20 -29.01 6.95
N LEU B 86 -8.58 -28.38 8.06
CA LEU B 86 -8.40 -29.01 9.35
C LEU B 86 -9.41 -30.13 9.48
N ASN B 87 -10.65 -29.82 9.17
CA ASN B 87 -11.73 -30.77 9.41
C ASN B 87 -11.57 -31.99 8.52
N ASP B 88 -11.32 -31.77 7.24
CA ASP B 88 -11.04 -32.88 6.35
C ASP B 88 -9.80 -33.65 6.79
N ALA B 89 -8.80 -32.94 7.31
CA ALA B 89 -7.58 -33.60 7.76
C ALA B 89 -7.83 -34.48 8.98
N ILE B 90 -8.64 -33.97 9.90
CA ILE B 90 -8.93 -34.75 11.10
C ILE B 90 -9.62 -36.07 10.75
N GLN B 91 -10.46 -36.05 9.71
CA GLN B 91 -11.17 -37.27 9.29
C GLN B 91 -10.36 -38.12 8.30
N ALA B 92 -9.43 -37.49 7.59
CA ALA B 92 -8.57 -38.20 6.63
C ALA B 92 -7.43 -38.94 7.32
N LEU B 93 -6.85 -38.31 8.35
CA LEU B 93 -5.68 -38.86 9.03
C LEU B 93 -5.76 -40.34 9.44
N PRO B 94 -6.76 -40.73 10.27
CA PRO B 94 -6.81 -42.14 10.68
C PRO B 94 -6.88 -43.16 9.54
N GLN B 95 -7.57 -42.86 8.44
CA GLN B 95 -7.61 -43.77 7.29
C GLN B 95 -6.20 -44.07 6.76
N LEU B 96 -5.42 -43.01 6.60
CA LEU B 96 -4.09 -43.07 6.00
C LEU B 96 -3.05 -43.75 6.87
N ALA B 97 -3.10 -43.53 8.18
CA ALA B 97 -2.15 -44.20 9.07
C ALA B 97 -2.20 -45.72 8.96
N ASP B 98 -3.41 -46.28 8.82
CA ASP B 98 -3.60 -47.73 8.75
C ASP B 98 -3.19 -48.24 7.38
N ALA B 99 -3.34 -47.36 6.40
CA ALA B 99 -2.96 -47.70 5.04
C ALA B 99 -1.50 -48.11 5.02
N TYR B 100 -0.67 -47.38 5.75
CA TYR B 100 0.79 -47.43 5.67
C TYR B 100 1.50 -48.11 6.88
N ALA B 101 0.71 -48.53 7.86
CA ALA B 101 1.23 -49.09 9.10
C ALA B 101 2.26 -50.20 8.88
N ASP B 102 1.91 -51.19 8.06
CA ASP B 102 2.84 -52.28 7.77
C ASP B 102 3.75 -52.03 6.59
N ASP B 103 3.66 -50.84 6.02
CA ASP B 103 4.56 -50.44 4.96
C ASP B 103 4.77 -48.93 4.95
N ILE B 104 5.36 -48.46 6.03
CA ILE B 104 5.71 -47.07 6.23
C ILE B 104 6.76 -46.64 5.20
N PRO B 105 6.55 -45.48 4.56
CA PRO B 105 7.45 -45.04 3.49
C PRO B 105 8.80 -44.49 3.97
N ASP B 106 9.74 -44.41 3.04
CA ASP B 106 11.08 -43.90 3.32
C ASP B 106 11.11 -42.37 3.35
N LEU B 107 10.19 -41.76 2.62
CA LEU B 107 10.07 -40.30 2.62
C LEU B 107 8.66 -39.92 2.22
N VAL B 108 8.18 -38.79 2.72
CA VAL B 108 6.83 -38.30 2.46
C VAL B 108 6.87 -37.00 1.65
N LEU B 109 6.14 -36.96 0.55
CA LEU B 109 6.03 -35.79 -0.31
C LEU B 109 4.57 -35.31 -0.28
N HIS B 110 4.32 -34.01 -0.22
CA HIS B 110 2.93 -33.57 -0.18
C HIS B 110 2.72 -32.15 -0.66
N ASP B 111 1.58 -31.93 -1.30
CA ASP B 111 1.10 -30.58 -1.55
C ASP B 111 0.81 -29.92 -0.19
N ILE B 112 0.87 -28.60 -0.16
CA ILE B 112 0.67 -27.83 1.06
C ILE B 112 -0.64 -28.16 1.78
N THR B 113 -1.69 -28.41 1.00
CA THR B 113 -3.04 -28.54 1.56
C THR B 113 -3.26 -29.79 2.40
N SER B 114 -2.35 -30.77 2.31
CA SER B 114 -2.53 -32.02 3.05
C SER B 114 -1.90 -32.03 4.45
N TYR B 115 -2.68 -31.65 5.46
CA TYR B 115 -2.21 -31.75 6.84
C TYR B 115 -1.84 -33.18 7.29
N PRO B 116 -2.56 -34.20 6.81
CA PRO B 116 -2.19 -35.54 7.32
C PRO B 116 -0.79 -35.99 6.93
N ALA B 117 -0.27 -35.48 5.82
CA ALA B 117 1.07 -35.85 5.39
C ALA B 117 2.11 -35.40 6.41
N ARG B 118 1.93 -34.20 6.94
CA ARG B 118 2.83 -33.63 7.92
C ARG B 118 2.88 -34.47 9.19
N VAL B 119 1.70 -34.82 9.72
CA VAL B 119 1.65 -35.57 10.98
C VAL B 119 2.23 -36.97 10.85
N LEU B 120 1.85 -37.67 9.78
CA LEU B 120 2.37 -39.01 9.52
C LEU B 120 3.89 -39.08 9.37
N ALA B 121 4.48 -38.21 8.55
CA ALA B 121 5.92 -38.20 8.42
C ALA B 121 6.60 -38.06 9.78
N ARG B 122 6.07 -37.19 10.63
CA ARG B 122 6.62 -37.01 11.98
C ARG B 122 6.42 -38.25 12.84
N ARG B 123 5.25 -38.88 12.72
CA ARG B 123 4.92 -40.08 13.50
C ARG B 123 5.79 -41.26 13.03
N TRP B 124 6.23 -41.16 11.79
CA TRP B 124 7.05 -42.18 11.18
C TRP B 124 8.54 -41.90 11.38
N GLY B 125 8.88 -40.66 11.68
CA GLY B 125 10.27 -40.25 11.80
C GLY B 125 10.98 -40.33 10.46
N VAL B 126 10.26 -40.00 9.39
CA VAL B 126 10.86 -39.93 8.05
C VAL B 126 10.82 -38.48 7.60
N PRO B 127 11.71 -38.10 6.65
CA PRO B 127 11.68 -36.71 6.19
C PRO B 127 10.40 -36.43 5.43
N ALA B 128 10.02 -35.15 5.34
CA ALA B 128 8.86 -34.73 4.58
C ALA B 128 9.23 -33.59 3.63
N VAL B 129 8.71 -33.64 2.40
CA VAL B 129 8.95 -32.58 1.43
C VAL B 129 7.64 -31.92 1.01
N SER B 130 7.49 -30.65 1.34
CA SER B 130 6.30 -29.90 0.94
C SER B 130 6.48 -29.35 -0.46
N LEU B 131 5.48 -29.53 -1.32
CA LEU B 131 5.50 -28.94 -2.66
C LEU B 131 4.49 -27.82 -2.77
N SER B 132 4.97 -26.59 -2.99
CA SER B 132 4.07 -25.45 -3.03
C SER B 132 3.80 -24.94 -4.43
N PRO B 133 2.53 -24.97 -4.85
CA PRO B 133 2.14 -24.47 -6.17
C PRO B 133 1.82 -22.98 -6.15
N ASN B 134 2.48 -22.25 -5.26
CA ASN B 134 2.29 -20.81 -5.14
C ASN B 134 3.32 -20.24 -4.19
N LEU B 135 3.25 -18.94 -3.93
CA LEU B 135 4.22 -18.28 -3.07
C LEU B 135 4.22 -18.91 -1.69
N VAL B 136 5.35 -18.74 -1.00
CA VAL B 136 5.53 -19.26 0.35
C VAL B 136 5.77 -18.13 1.32
N ALA B 137 5.78 -18.48 2.61
CA ALA B 137 6.01 -17.48 3.65
C ALA B 137 7.47 -17.04 3.66
N TRP B 138 7.66 -15.74 3.82
CA TRP B 138 9.00 -15.19 4.05
C TRP B 138 9.20 -14.95 5.55
N LYS B 139 10.42 -14.63 5.96
CA LYS B 139 10.64 -14.27 7.36
C LYS B 139 10.02 -12.89 7.57
N GLY B 140 9.02 -12.82 8.43
CA GLY B 140 8.26 -11.59 8.62
C GLY B 140 6.80 -11.74 8.21
N TYR B 141 6.51 -12.84 7.54
CA TYR B 141 5.16 -13.15 7.06
C TYR B 141 4.13 -13.20 8.19
N GLU B 142 4.50 -13.77 9.34
CA GLU B 142 3.53 -13.87 10.41
C GLU B 142 2.99 -12.50 10.86
N GLU B 143 3.86 -11.51 10.96
CA GLU B 143 3.45 -10.18 11.40
C GLU B 143 2.78 -9.39 10.27
N GLU B 144 3.28 -9.56 9.05
CA GLU B 144 2.85 -8.70 7.95
C GLU B 144 1.58 -9.15 7.25
N VAL B 145 1.30 -10.45 7.29
CA VAL B 145 0.18 -11.00 6.55
C VAL B 145 -0.72 -11.87 7.44
N ALA B 146 -0.10 -12.83 8.13
CA ALA B 146 -0.88 -13.84 8.86
C ALA B 146 -1.60 -13.30 10.08
N GLU B 147 -0.83 -12.82 11.05
CA GLU B 147 -1.39 -12.35 12.32
C GLU B 147 -2.45 -11.24 12.13
N PRO B 148 -2.27 -10.33 11.14
CA PRO B 148 -3.35 -9.37 10.87
C PRO B 148 -4.31 -9.66 9.67
N MET B 149 -4.47 -10.93 9.29
CA MET B 149 -5.64 -11.30 8.50
C MET B 149 -6.51 -12.09 9.46
N TRP B 150 -5.86 -12.51 10.52
CA TRP B 150 -6.48 -13.28 11.57
C TRP B 150 -7.02 -12.39 12.70
N ARG B 151 -6.73 -11.09 12.66
CA ARG B 151 -7.05 -10.21 13.79
C ARG B 151 -8.52 -10.21 14.21
N GLU B 152 -9.43 -9.95 13.27
CA GLU B 152 -10.87 -10.07 13.57
C GLU B 152 -11.31 -11.51 13.77
N PRO B 153 -11.06 -12.39 12.76
CA PRO B 153 -11.64 -13.72 12.89
C PRO B 153 -11.18 -14.45 14.13
N ARG B 154 -9.99 -14.14 14.62
CA ARG B 154 -9.53 -14.78 15.85
C ARG B 154 -10.21 -14.18 17.08
N GLN B 155 -11.06 -13.18 16.88
CA GLN B 155 -11.89 -12.75 18.01
C GLN B 155 -13.38 -13.00 17.75
N THR B 156 -13.66 -13.98 16.90
CA THR B 156 -15.00 -14.56 16.83
C THR B 156 -15.02 -15.88 17.59
N GLU B 157 -16.23 -16.38 17.89
CA GLU B 157 -16.32 -17.71 18.49
C GLU B 157 -15.94 -18.76 17.45
N ARG B 158 -16.29 -18.49 16.20
CA ARG B 158 -16.00 -19.40 15.11
C ARG B 158 -14.48 -19.54 14.91
N GLY B 159 -13.75 -18.48 15.18
CA GLY B 159 -12.29 -18.53 15.08
C GLY B 159 -11.63 -19.18 16.28
N ARG B 160 -12.13 -18.88 17.48
CA ARG B 160 -11.61 -19.46 18.69
C ARG B 160 -11.74 -20.98 18.70
N ALA B 161 -12.89 -21.47 18.27
CA ALA B 161 -13.18 -22.91 18.24
C ALA B 161 -12.21 -23.63 17.30
N TYR B 162 -11.99 -23.05 16.14
CA TYR B 162 -11.09 -23.64 15.14
C TYR B 162 -9.65 -23.76 15.63
N TYR B 163 -9.11 -22.72 16.24
CA TYR B 163 -7.76 -22.85 16.77
C TYR B 163 -7.69 -23.85 17.91
N ALA B 164 -8.76 -23.92 18.70
CA ALA B 164 -8.81 -24.90 19.78
C ALA B 164 -8.80 -26.32 19.22
N ARG B 165 -9.57 -26.55 18.17
CA ARG B 165 -9.64 -27.87 17.55
C ARG B 165 -8.29 -28.26 16.97
N PHE B 166 -7.70 -27.33 16.23
CA PHE B 166 -6.38 -27.51 15.63
C PHE B 166 -5.38 -27.87 16.73
N GLU B 167 -5.61 -27.35 17.93
CA GLU B 167 -4.79 -27.71 19.08
C GLU B 167 -4.98 -29.18 19.47
N ALA B 168 -6.22 -29.59 19.77
CA ALA B 168 -6.49 -30.95 20.28
C ALA B 168 -6.09 -32.08 19.32
N TRP B 169 -6.05 -31.78 18.03
CA TRP B 169 -5.65 -32.76 17.05
C TRP B 169 -4.15 -33.07 17.14
N LEU B 170 -3.35 -32.04 17.30
CA LEU B 170 -1.89 -32.20 17.22
C LEU B 170 -1.33 -32.75 18.54
N LYS B 171 -2.08 -32.55 19.62
CA LYS B 171 -1.70 -33.11 20.91
C LYS B 171 -1.82 -34.63 20.84
N GLU B 172 -2.87 -35.07 20.15
CA GLU B 172 -3.11 -36.50 19.93
C GLU B 172 -1.92 -37.14 19.23
N ASN B 173 -1.07 -36.31 18.64
CA ASN B 173 0.03 -36.77 17.81
C ASN B 173 1.44 -36.47 18.30
N GLY B 174 1.56 -35.95 19.53
CA GLY B 174 2.85 -35.66 20.11
C GLY B 174 3.51 -34.46 19.46
N ILE B 175 2.69 -33.57 18.89
CA ILE B 175 3.16 -32.35 18.25
C ILE B 175 2.71 -31.12 19.05
N THR B 176 3.61 -30.58 19.86
CA THR B 176 3.26 -29.44 20.69
C THR B 176 3.29 -28.19 19.86
N GLU B 177 4.14 -28.20 18.82
CA GLU B 177 4.34 -27.03 17.96
C GLU B 177 3.03 -26.34 17.55
N HIS B 178 3.13 -25.03 17.43
CA HIS B 178 2.00 -24.13 17.19
C HIS B 178 1.30 -24.43 15.87
N PRO B 179 -0.03 -24.29 15.85
CA PRO B 179 -0.79 -24.56 14.62
C PRO B 179 -0.32 -23.76 13.38
N ASP B 180 -0.01 -22.48 13.54
CA ASP B 180 0.37 -21.66 12.38
C ASP B 180 1.73 -22.06 11.80
N THR B 181 2.60 -22.60 12.65
CA THR B 181 3.88 -23.14 12.22
C THR B 181 3.67 -24.38 11.40
N PHE B 182 2.90 -25.30 11.98
CA PHE B 182 2.57 -26.56 11.36
C PHE B 182 1.94 -26.31 10.01
N ALA B 183 1.10 -25.30 9.93
CA ALA B 183 0.39 -24.99 8.69
C ALA B 183 1.27 -24.37 7.61
N SER B 184 1.94 -23.28 7.97
CA SER B 184 2.51 -22.38 6.97
C SER B 184 4.03 -22.39 6.93
N HIS B 185 4.66 -23.20 7.76
CA HIS B 185 6.12 -23.15 7.91
C HIS B 185 6.78 -24.52 7.89
N PRO B 186 6.80 -25.16 6.70
CA PRO B 186 7.38 -26.51 6.55
C PRO B 186 8.88 -26.50 6.85
N PRO B 187 9.42 -27.65 7.24
CA PRO B 187 10.87 -27.72 7.44
C PRO B 187 11.64 -27.82 6.12
N ARG B 188 10.97 -28.26 5.06
CA ARG B 188 11.60 -28.38 3.74
C ARG B 188 10.55 -28.24 2.65
N SER B 189 10.82 -27.40 1.67
CA SER B 189 9.81 -27.11 0.65
C SER B 189 10.43 -26.84 -0.71
N LEU B 190 9.82 -27.39 -1.74
CA LEU B 190 10.14 -27.02 -3.11
C LEU B 190 9.01 -26.15 -3.64
N VAL B 191 9.37 -25.00 -4.20
CA VAL B 191 8.38 -24.03 -4.66
C VAL B 191 8.30 -24.07 -6.18
N LEU B 192 7.10 -24.28 -6.70
CA LEU B 192 6.92 -24.54 -8.12
C LEU B 192 6.47 -23.29 -8.88
N ILE B 193 6.95 -22.15 -8.41
CA ILE B 193 6.84 -20.89 -9.14
C ILE B 193 8.25 -20.32 -9.24
N PRO B 194 8.51 -19.49 -10.25
CA PRO B 194 9.83 -18.87 -10.30
C PRO B 194 9.99 -17.89 -9.15
N LYS B 195 11.21 -17.76 -8.64
CA LYS B 195 11.48 -16.85 -7.52
C LYS B 195 11.06 -15.43 -7.85
N ALA B 196 11.15 -15.04 -9.11
CA ALA B 196 10.76 -13.70 -9.54
C ALA B 196 9.30 -13.35 -9.19
N LEU B 197 8.45 -14.37 -9.15
CA LEU B 197 7.03 -14.16 -8.86
C LEU B 197 6.70 -14.30 -7.37
N GLN B 198 7.73 -14.50 -6.55
CA GLN B 198 7.55 -14.57 -5.10
C GLN B 198 7.70 -13.18 -4.48
N PRO B 199 6.64 -12.69 -3.82
CA PRO B 199 6.78 -11.42 -3.12
C PRO B 199 7.79 -11.55 -1.98
N HIS B 200 8.52 -10.47 -1.69
CA HIS B 200 9.52 -10.49 -0.62
C HIS B 200 10.49 -11.65 -0.75
N ALA B 201 10.87 -11.97 -1.99
CA ALA B 201 11.74 -13.12 -2.25
C ALA B 201 13.04 -13.07 -1.46
N ASP B 202 13.54 -11.87 -1.19
CA ASP B 202 14.82 -11.70 -0.52
C ASP B 202 14.74 -11.95 0.98
N ARG B 203 13.59 -12.39 1.46
CA ARG B 203 13.44 -12.76 2.86
C ARG B 203 12.95 -14.20 3.02
N VAL B 204 12.76 -14.88 1.91
CA VAL B 204 12.37 -16.29 1.97
C VAL B 204 13.59 -17.09 2.42
N ASP B 205 13.40 -17.97 3.41
CA ASP B 205 14.53 -18.66 3.98
C ASP B 205 15.12 -19.76 3.11
N GLU B 206 16.34 -19.49 2.68
CA GLU B 206 17.10 -20.32 1.75
C GLU B 206 17.34 -21.73 2.27
N ASP B 207 17.31 -21.92 3.57
CA ASP B 207 17.65 -23.24 4.06
C ASP B 207 16.43 -24.07 4.40
N VAL B 208 15.26 -23.59 3.97
CA VAL B 208 14.03 -24.37 3.97
C VAL B 208 13.48 -24.54 2.55
N TYR B 209 13.45 -23.44 1.79
CA TYR B 209 12.77 -23.38 0.49
C TYR B 209 13.73 -23.35 -0.69
N THR B 210 13.46 -24.18 -1.69
CA THR B 210 14.16 -24.10 -2.98
C THR B 210 13.14 -23.85 -4.09
N PHE B 211 13.38 -22.82 -4.90
CA PHE B 211 12.50 -22.49 -6.00
C PHE B 211 12.91 -23.26 -7.23
N VAL B 212 12.05 -24.16 -7.70
CA VAL B 212 12.40 -24.95 -8.87
C VAL B 212 11.67 -24.45 -10.10
N GLY B 213 10.57 -23.73 -9.90
CA GLY B 213 9.78 -23.22 -11.01
C GLY B 213 8.71 -24.19 -11.49
N ALA B 214 8.16 -23.93 -12.66
CA ALA B 214 7.15 -24.80 -13.25
C ALA B 214 7.64 -26.23 -13.42
N CYS B 215 6.72 -27.17 -13.22
CA CYS B 215 6.99 -28.59 -13.33
C CYS B 215 6.22 -29.11 -14.55
N GLN B 216 6.56 -28.57 -15.72
CA GLN B 216 5.82 -28.87 -16.95
C GLN B 216 6.23 -30.20 -17.59
N GLY B 217 7.53 -30.39 -17.72
CA GLY B 217 8.07 -31.56 -18.38
C GLY B 217 8.48 -31.33 -19.81
N ASP B 218 7.67 -31.83 -20.72
CA ASP B 218 7.93 -31.68 -22.14
C ASP B 218 6.73 -31.12 -22.88
N ARG B 219 6.98 -30.13 -23.73
CA ARG B 219 5.91 -29.51 -24.49
C ARG B 219 6.33 -29.44 -25.94
N ALA B 220 7.64 -29.55 -26.15
CA ALA B 220 8.22 -29.55 -27.50
C ALA B 220 7.32 -30.26 -28.50
N GLU B 221 6.71 -31.36 -28.05
CA GLU B 221 5.83 -32.15 -28.90
C GLU B 221 4.38 -31.65 -29.01
N GLU B 222 4.20 -30.34 -29.00
CA GLU B 222 2.91 -29.73 -29.32
C GLU B 222 2.88 -29.17 -30.74
N GLY B 223 3.96 -29.40 -31.48
CA GLY B 223 4.14 -28.78 -32.79
C GLY B 223 4.81 -27.42 -32.63
N GLY B 224 5.17 -26.81 -33.75
CA GLY B 224 5.85 -25.51 -33.73
C GLY B 224 5.02 -24.37 -34.32
N TRP B 225 5.64 -23.20 -34.46
CA TRP B 225 5.06 -22.06 -35.16
C TRP B 225 6.22 -21.32 -35.82
N GLN B 226 5.94 -20.67 -36.95
CA GLN B 226 6.99 -20.01 -37.73
C GLN B 226 6.90 -18.48 -37.67
N ARG B 227 8.02 -17.81 -37.92
CA ARG B 227 8.05 -16.34 -37.97
C ARG B 227 8.27 -15.82 -39.40
N PRO B 228 7.50 -14.79 -39.82
CA PRO B 228 7.50 -14.16 -41.17
C PRO B 228 8.62 -13.16 -41.49
N ALA B 229 8.74 -12.83 -42.79
CA ALA B 229 9.83 -12.01 -43.32
C ALA B 229 10.01 -10.66 -42.65
N GLY B 230 9.08 -9.75 -42.92
CA GLY B 230 9.12 -8.39 -42.39
C GLY B 230 8.64 -8.31 -40.97
N ALA B 231 8.24 -9.45 -40.41
CA ALA B 231 7.94 -9.52 -39.00
C ALA B 231 9.19 -9.08 -38.24
N GLU B 232 9.26 -7.79 -37.93
CA GLU B 232 10.29 -7.26 -37.06
C GLU B 232 9.84 -7.50 -35.62
N LYS B 233 8.55 -7.29 -35.38
CA LYS B 233 7.96 -7.52 -34.06
C LYS B 233 6.78 -8.48 -34.13
N VAL B 234 6.75 -9.45 -33.22
CA VAL B 234 5.64 -10.40 -33.16
C VAL B 234 4.97 -10.35 -31.79
N VAL B 235 3.66 -10.09 -31.78
CA VAL B 235 2.91 -10.08 -30.53
C VAL B 235 1.95 -11.27 -30.47
N LEU B 236 1.91 -11.94 -29.31
CA LEU B 236 0.95 -13.00 -29.08
C LEU B 236 -0.07 -12.52 -28.06
N VAL B 237 -1.34 -12.76 -28.35
CA VAL B 237 -2.42 -12.49 -27.40
C VAL B 237 -3.08 -13.81 -27.03
N SER B 238 -3.11 -14.11 -25.74
CA SER B 238 -3.73 -15.35 -25.25
C SER B 238 -4.15 -15.19 -23.80
N LEU B 239 -5.31 -15.74 -23.45
CA LEU B 239 -5.78 -15.72 -22.07
C LEU B 239 -5.87 -17.14 -21.50
N GLY B 240 -5.01 -18.01 -21.99
CA GLY B 240 -4.87 -19.34 -21.41
C GLY B 240 -5.97 -20.28 -21.88
N SER B 241 -6.43 -21.13 -20.99
CA SER B 241 -7.35 -22.18 -21.41
C SER B 241 -8.82 -21.90 -21.14
N ALA B 242 -9.13 -20.93 -20.29
CA ALA B 242 -10.52 -20.76 -19.86
C ALA B 242 -11.13 -19.35 -20.00
N PHE B 243 -10.40 -18.32 -19.59
CA PHE B 243 -10.98 -16.98 -19.50
C PHE B 243 -10.86 -16.19 -20.80
N THR B 244 -11.36 -16.79 -21.88
CA THR B 244 -11.09 -16.32 -23.22
C THR B 244 -12.27 -15.75 -24.01
N LYS B 245 -13.48 -15.78 -23.45
CA LYS B 245 -14.58 -15.17 -24.19
C LYS B 245 -14.60 -13.66 -23.97
N GLN B 246 -13.60 -12.99 -24.54
CA GLN B 246 -13.49 -11.54 -24.51
C GLN B 246 -13.43 -11.00 -25.93
N PRO B 247 -14.52 -11.13 -26.70
CA PRO B 247 -14.44 -10.69 -28.10
C PRO B 247 -14.26 -9.19 -28.23
N ALA B 248 -14.77 -8.41 -27.27
CA ALA B 248 -14.60 -6.97 -27.33
C ALA B 248 -13.11 -6.66 -27.18
N PHE B 249 -12.49 -7.27 -26.19
CA PHE B 249 -11.06 -7.12 -25.97
C PHE B 249 -10.25 -7.56 -27.20
N TYR B 250 -10.60 -8.71 -27.77
CA TYR B 250 -9.88 -9.17 -28.96
C TYR B 250 -10.00 -8.18 -30.12
N ARG B 251 -11.18 -7.61 -30.30
CA ARG B 251 -11.36 -6.63 -31.35
C ARG B 251 -10.49 -5.41 -31.14
N GLU B 252 -10.24 -5.05 -29.88
CA GLU B 252 -9.34 -3.93 -29.61
C GLU B 252 -7.88 -4.28 -29.89
N CYS B 253 -7.49 -5.54 -29.68
CA CYS B 253 -6.14 -5.98 -30.01
C CYS B 253 -5.94 -5.91 -31.54
N VAL B 254 -6.91 -6.44 -32.28
CA VAL B 254 -6.90 -6.37 -33.75
C VAL B 254 -6.59 -4.98 -34.28
N ARG B 255 -7.14 -3.95 -33.63
CA ARG B 255 -6.90 -2.58 -34.09
C ARG B 255 -5.54 -2.00 -33.67
N ALA B 256 -4.98 -2.50 -32.57
CA ALA B 256 -3.71 -1.97 -32.05
C ALA B 256 -2.54 -2.07 -33.04
N PHE B 257 -2.45 -3.21 -33.69
CA PHE B 257 -1.41 -3.45 -34.69
C PHE B 257 -2.13 -3.53 -36.05
N GLY B 258 -1.73 -2.69 -37.00
CA GLY B 258 -2.47 -2.58 -38.25
C GLY B 258 -1.71 -2.20 -39.52
N ASN B 259 -1.47 -3.20 -40.37
CA ASN B 259 -0.82 -2.99 -41.67
C ASN B 259 0.48 -2.26 -41.48
N LEU B 260 1.19 -2.69 -40.44
CA LEU B 260 2.18 -1.87 -39.76
C LEU B 260 3.54 -1.91 -40.42
N PRO B 261 4.35 -0.87 -40.15
CA PRO B 261 5.79 -1.11 -40.28
C PRO B 261 6.33 -2.15 -39.30
N GLY B 262 6.12 -3.43 -39.59
CA GLY B 262 6.94 -4.45 -38.99
C GLY B 262 6.28 -5.50 -38.12
N TRP B 263 5.05 -5.25 -37.69
CA TRP B 263 4.40 -6.07 -36.68
C TRP B 263 3.57 -7.22 -37.25
N HIS B 264 3.38 -8.24 -36.42
CA HIS B 264 2.59 -9.43 -36.74
C HIS B 264 1.91 -9.96 -35.48
N LEU B 265 0.57 -10.04 -35.52
CA LEU B 265 -0.23 -10.44 -34.37
C LEU B 265 -0.68 -11.89 -34.43
N VAL B 266 -0.39 -12.64 -33.37
CA VAL B 266 -0.96 -13.98 -33.23
C VAL B 266 -2.01 -13.98 -32.12
N LEU B 267 -3.21 -14.46 -32.46
CA LEU B 267 -4.34 -14.49 -31.56
C LEU B 267 -4.81 -15.90 -31.23
N GLN B 268 -4.88 -16.17 -29.95
CA GLN B 268 -5.45 -17.40 -29.44
C GLN B 268 -6.75 -16.94 -28.82
N ILE B 269 -7.83 -16.97 -29.60
CA ILE B 269 -9.11 -16.40 -29.18
C ILE B 269 -10.05 -17.45 -28.60
N GLY B 270 -9.58 -18.70 -28.63
CA GLY B 270 -10.16 -19.81 -27.90
C GLY B 270 -11.64 -20.17 -27.93
N ARG B 271 -12.20 -20.45 -29.10
CA ARG B 271 -13.43 -21.27 -29.21
C ARG B 271 -14.78 -20.67 -28.81
N LYS B 272 -14.79 -19.87 -27.75
CA LYS B 272 -16.05 -19.26 -27.35
C LYS B 272 -16.22 -17.94 -28.08
N VAL B 273 -15.35 -17.67 -29.05
CA VAL B 273 -15.39 -16.43 -29.83
C VAL B 273 -15.07 -16.64 -31.31
N THR B 274 -16.10 -16.70 -32.16
CA THR B 274 -15.90 -16.92 -33.58
C THR B 274 -15.03 -15.83 -34.23
N PRO B 275 -14.18 -16.21 -35.19
CA PRO B 275 -13.29 -15.26 -35.87
C PRO B 275 -14.00 -14.10 -36.55
N ALA B 276 -15.12 -14.34 -37.23
CA ALA B 276 -15.83 -13.31 -37.98
C ALA B 276 -16.00 -12.01 -37.19
N GLU B 277 -16.31 -12.14 -35.91
CA GLU B 277 -16.51 -10.98 -35.06
C GLU B 277 -15.32 -10.03 -35.01
N LEU B 278 -14.15 -10.46 -35.48
CA LEU B 278 -12.96 -9.60 -35.47
C LEU B 278 -12.86 -8.65 -36.68
N GLY B 279 -14.00 -8.24 -37.22
CA GLY B 279 -14.06 -7.28 -38.30
C GLY B 279 -14.06 -8.02 -39.61
N GLU B 280 -13.14 -7.64 -40.50
CA GLU B 280 -12.57 -8.56 -41.47
C GLU B 280 -11.30 -9.03 -40.77
N LEU B 281 -10.14 -8.53 -41.20
CA LEU B 281 -8.88 -8.72 -40.46
C LEU B 281 -7.78 -7.98 -41.21
N PRO B 282 -6.92 -7.23 -40.49
CA PRO B 282 -5.74 -6.74 -41.20
C PRO B 282 -4.90 -7.92 -41.74
N ASP B 283 -3.92 -7.63 -42.60
CA ASP B 283 -3.21 -8.70 -43.30
C ASP B 283 -1.92 -9.18 -42.62
N ASN B 284 -1.39 -8.35 -41.72
CA ASN B 284 -0.25 -8.73 -40.88
C ASN B 284 -0.79 -9.33 -39.59
N VAL B 285 -1.99 -9.87 -39.68
CA VAL B 285 -2.71 -10.41 -38.54
C VAL B 285 -3.13 -11.82 -38.87
N GLU B 286 -3.03 -12.71 -37.88
CA GLU B 286 -3.50 -14.08 -38.01
C GLU B 286 -4.27 -14.41 -36.75
N VAL B 287 -5.15 -15.41 -36.80
CA VAL B 287 -6.08 -15.72 -35.72
C VAL B 287 -6.27 -17.23 -35.55
N HIS B 288 -6.27 -17.69 -34.31
CA HIS B 288 -6.41 -19.12 -34.02
C HIS B 288 -7.28 -19.39 -32.80
N ASP B 289 -7.62 -20.66 -32.62
CA ASP B 289 -8.43 -21.13 -31.52
C ASP B 289 -7.51 -21.75 -30.45
N TRP B 290 -6.23 -21.88 -30.79
CA TRP B 290 -5.23 -22.48 -29.93
C TRP B 290 -3.91 -22.38 -30.68
N VAL B 291 -2.86 -21.95 -30.00
CA VAL B 291 -1.56 -21.79 -30.64
C VAL B 291 -0.51 -22.56 -29.87
N PRO B 292 0.64 -22.82 -30.51
CA PRO B 292 1.75 -23.41 -29.75
C PRO B 292 2.44 -22.31 -28.96
N GLN B 293 1.85 -21.95 -27.83
CA GLN B 293 2.22 -20.73 -27.12
C GLN B 293 3.69 -20.60 -26.72
N LEU B 294 4.25 -21.64 -26.12
CA LEU B 294 5.65 -21.60 -25.74
C LEU B 294 6.52 -21.43 -26.97
N ALA B 295 6.17 -22.17 -28.01
CA ALA B 295 6.89 -22.10 -29.29
C ALA B 295 6.81 -20.69 -29.85
N ILE B 296 5.62 -20.12 -29.81
CA ILE B 296 5.41 -18.75 -30.25
C ILE B 296 6.15 -17.75 -29.36
N LEU B 297 6.07 -17.93 -28.04
CA LEU B 297 6.74 -17.01 -27.11
C LEU B 297 8.24 -16.99 -27.30
N ARG B 298 8.80 -18.14 -27.68
CA ARG B 298 10.23 -18.22 -27.94
C ARG B 298 10.65 -17.33 -29.11
N GLN B 299 9.68 -16.93 -29.94
CA GLN B 299 9.95 -16.17 -31.14
C GLN B 299 9.22 -14.83 -31.14
N ALA B 300 8.85 -14.36 -29.95
CA ALA B 300 8.01 -13.17 -29.82
C ALA B 300 8.79 -11.96 -29.34
N ASP B 301 8.18 -10.78 -29.47
CA ASP B 301 8.80 -9.56 -28.98
C ASP B 301 7.91 -8.91 -27.92
N LEU B 302 6.68 -9.37 -27.85
CA LEU B 302 5.70 -8.84 -26.91
C LEU B 302 4.63 -9.89 -26.67
N PHE B 303 4.09 -9.93 -25.46
CA PHE B 303 3.09 -10.91 -25.08
C PHE B 303 1.98 -10.17 -24.35
N VAL B 304 0.82 -10.04 -24.96
CA VAL B 304 -0.37 -9.53 -24.27
C VAL B 304 -1.06 -10.72 -23.61
N THR B 305 -0.96 -10.80 -22.30
CA THR B 305 -1.36 -11.98 -21.53
C THR B 305 -2.43 -11.64 -20.51
N HIS B 306 -3.23 -12.62 -20.12
CA HIS B 306 -4.19 -12.41 -19.04
C HIS B 306 -3.49 -12.58 -17.69
N ALA B 307 -2.23 -13.00 -17.72
CA ALA B 307 -1.43 -13.20 -16.51
C ALA B 307 -1.84 -14.39 -15.62
N GLY B 308 -2.37 -15.45 -16.24
CA GLY B 308 -2.42 -16.72 -15.56
C GLY B 308 -1.02 -17.09 -15.10
N ALA B 309 -0.90 -17.94 -14.10
CA ALA B 309 0.43 -18.32 -13.60
C ALA B 309 1.25 -18.95 -14.72
N GLY B 310 0.58 -19.69 -15.59
CA GLY B 310 1.25 -20.36 -16.70
C GLY B 310 1.85 -19.37 -17.66
N GLY B 311 1.00 -18.48 -18.17
CA GLY B 311 1.45 -17.42 -19.06
C GLY B 311 2.51 -16.56 -18.41
N SER B 312 2.30 -16.21 -17.15
CA SER B 312 3.24 -15.37 -16.42
C SER B 312 4.65 -15.97 -16.43
N GLN B 313 4.76 -17.23 -16.03
CA GLN B 313 6.08 -17.83 -15.95
C GLN B 313 6.65 -18.12 -17.35
N GLU B 314 5.78 -18.43 -18.31
CA GLU B 314 6.22 -18.62 -19.69
C GLU B 314 6.75 -17.34 -20.31
N GLY B 315 6.11 -16.22 -19.99
CA GLY B 315 6.56 -14.94 -20.50
C GLY B 315 7.92 -14.59 -19.92
N LEU B 316 8.06 -14.83 -18.62
CA LEU B 316 9.35 -14.62 -17.96
C LEU B 316 10.45 -15.52 -18.52
N ALA B 317 10.12 -16.79 -18.75
CA ALA B 317 11.12 -17.78 -19.13
C ALA B 317 11.71 -17.50 -20.50
N THR B 318 10.91 -16.85 -21.33
CA THR B 318 11.30 -16.53 -22.70
C THR B 318 11.73 -15.07 -22.82
N ALA B 319 11.87 -14.38 -21.70
CA ALA B 319 12.30 -12.98 -21.69
C ALA B 319 11.43 -12.12 -22.58
N THR B 320 10.12 -12.30 -22.48
CA THR B 320 9.19 -11.56 -23.32
C THR B 320 8.45 -10.50 -22.51
N PRO B 321 8.57 -9.22 -22.92
CA PRO B 321 7.83 -8.17 -22.22
C PRO B 321 6.34 -8.46 -22.30
N MET B 322 5.59 -8.09 -21.26
CA MET B 322 4.17 -8.43 -21.19
C MET B 322 3.26 -7.22 -21.00
N ILE B 323 2.07 -7.30 -21.60
CA ILE B 323 0.97 -6.43 -21.21
C ILE B 323 -0.01 -7.35 -20.50
N ALA B 324 -0.18 -7.14 -19.19
CA ALA B 324 -1.04 -8.03 -18.41
C ALA B 324 -2.45 -7.46 -18.30
N VAL B 325 -3.41 -8.24 -18.77
CA VAL B 325 -4.83 -7.86 -18.79
C VAL B 325 -5.62 -8.98 -18.12
N PRO B 326 -5.65 -9.00 -16.79
CA PRO B 326 -6.25 -10.11 -16.06
C PRO B 326 -7.78 -10.12 -16.10
N GLN B 327 -8.39 -11.29 -15.91
CA GLN B 327 -9.79 -11.40 -15.48
C GLN B 327 -10.08 -12.72 -14.77
N ALA B 328 -9.14 -13.16 -13.95
CA ALA B 328 -9.34 -14.34 -13.11
C ALA B 328 -8.70 -14.07 -11.75
N VAL B 329 -8.98 -14.92 -10.76
CA VAL B 329 -8.67 -14.62 -9.35
C VAL B 329 -7.30 -14.03 -9.05
N ASP B 330 -6.25 -14.85 -9.11
CA ASP B 330 -4.88 -14.40 -8.88
C ASP B 330 -4.53 -13.32 -9.91
N GLN B 331 -3.82 -13.67 -10.97
CA GLN B 331 -3.96 -12.95 -12.23
C GLN B 331 -3.88 -11.43 -12.12
N PHE B 332 -4.82 -10.82 -11.39
CA PHE B 332 -4.73 -9.41 -11.05
C PHE B 332 -3.50 -9.31 -10.17
N GLY B 333 -3.40 -10.23 -9.23
CA GLY B 333 -2.26 -10.31 -8.34
C GLY B 333 -1.04 -10.64 -9.18
N ASN B 334 -1.17 -11.69 -9.97
CA ASN B 334 -0.07 -12.08 -10.84
C ASN B 334 0.36 -10.93 -11.74
N ALA B 335 -0.59 -10.13 -12.21
CA ALA B 335 -0.26 -8.95 -13.02
C ALA B 335 0.55 -7.96 -12.19
N ASP B 336 0.19 -7.79 -10.92
CA ASP B 336 0.94 -6.89 -10.03
C ASP B 336 2.40 -7.31 -9.91
N MET B 337 2.65 -8.60 -9.71
CA MET B 337 4.03 -9.10 -9.62
C MET B 337 4.82 -8.75 -10.89
N LEU B 338 4.21 -8.99 -12.05
CA LEU B 338 4.90 -8.74 -13.31
C LEU B 338 5.21 -7.27 -13.49
N GLN B 339 4.24 -6.42 -13.17
CA GLN B 339 4.45 -5.00 -13.36
C GLN B 339 5.47 -4.49 -12.35
N GLY B 340 5.43 -5.04 -11.15
CA GLY B 340 6.38 -4.66 -10.11
C GLY B 340 7.82 -5.05 -10.41
N LEU B 341 7.99 -6.09 -11.23
CA LEU B 341 9.31 -6.50 -11.65
C LEU B 341 9.88 -5.54 -12.69
N GLY B 342 9.02 -4.68 -13.23
CA GLY B 342 9.43 -3.72 -14.23
C GLY B 342 9.58 -4.32 -15.62
N VAL B 343 8.81 -5.38 -15.86
CA VAL B 343 8.88 -6.07 -17.17
C VAL B 343 7.54 -6.16 -17.88
N ALA B 344 6.53 -5.47 -17.34
CA ALA B 344 5.17 -5.56 -17.86
C ALA B 344 4.33 -4.35 -17.47
N ARG B 345 3.25 -4.14 -18.23
CA ARG B 345 2.23 -3.15 -17.88
C ARG B 345 0.95 -3.91 -17.58
N LYS B 346 0.36 -3.65 -16.43
CA LYS B 346 -0.93 -4.24 -16.07
C LYS B 346 -2.04 -3.30 -16.53
N LEU B 347 -3.10 -3.88 -17.11
CA LEU B 347 -4.23 -3.08 -17.56
C LEU B 347 -5.55 -3.77 -17.26
N ALA B 348 -6.56 -2.97 -16.93
CA ALA B 348 -7.93 -3.42 -16.93
C ALA B 348 -8.38 -3.65 -18.38
N THR B 349 -9.22 -4.66 -18.59
CA THR B 349 -9.67 -5.02 -19.93
C THR B 349 -10.35 -3.87 -20.68
N GLU B 350 -11.16 -3.09 -19.97
CA GLU B 350 -11.91 -2.02 -20.62
C GLU B 350 -11.06 -0.78 -20.97
N GLU B 351 -9.91 -0.62 -20.32
CA GLU B 351 -9.00 0.46 -20.70
C GLU B 351 -7.98 0.00 -21.75
N ALA B 352 -8.09 -1.26 -22.16
CA ALA B 352 -7.19 -1.79 -23.17
C ALA B 352 -7.69 -1.51 -24.59
N THR B 353 -7.86 -0.23 -24.92
CA THR B 353 -8.27 0.21 -26.24
C THR B 353 -7.13 0.00 -27.23
N ALA B 354 -7.39 0.19 -28.52
CA ALA B 354 -6.36 0.02 -29.52
C ALA B 354 -5.20 1.00 -29.31
N ASP B 355 -5.51 2.26 -29.09
CA ASP B 355 -4.45 3.27 -29.06
C ASP B 355 -3.54 3.14 -27.83
N LEU B 356 -4.09 2.67 -26.70
CA LEU B 356 -3.27 2.47 -25.51
C LEU B 356 -2.49 1.15 -25.58
N LEU B 357 -3.03 0.16 -26.28
CA LEU B 357 -2.31 -1.11 -26.46
C LEU B 357 -1.02 -0.92 -27.26
N ARG B 358 -1.13 -0.30 -28.44
CA ARG B 358 0.03 -0.05 -29.32
C ARG B 358 1.06 0.82 -28.63
N GLU B 359 0.60 1.93 -28.04
CA GLU B 359 1.48 2.82 -27.30
C GLU B 359 2.24 2.04 -26.24
N THR B 360 1.52 1.26 -25.45
CA THR B 360 2.13 0.44 -24.41
C THR B 360 3.07 -0.58 -25.03
N ALA B 361 2.66 -1.15 -26.17
CA ALA B 361 3.50 -2.09 -26.91
C ALA B 361 4.87 -1.48 -27.19
N LEU B 362 4.85 -0.22 -27.60
CA LEU B 362 6.08 0.55 -27.82
C LEU B 362 6.88 0.74 -26.54
N ALA B 363 6.18 1.13 -25.47
CA ALA B 363 6.80 1.37 -24.18
C ALA B 363 7.51 0.14 -23.62
N LEU B 364 7.36 -1.00 -24.30
CA LEU B 364 7.96 -2.24 -23.83
C LEU B 364 8.98 -2.84 -24.81
N VAL B 365 8.62 -2.91 -26.09
CA VAL B 365 9.47 -3.58 -27.07
C VAL B 365 10.84 -2.95 -27.24
N ASP B 366 10.97 -1.68 -26.89
CA ASP B 366 12.26 -1.04 -27.06
C ASP B 366 12.90 -0.50 -25.80
N ASP B 367 12.30 -0.79 -24.64
CA ASP B 367 12.87 -0.39 -23.35
C ASP B 367 14.05 -1.29 -22.99
N PRO B 368 15.28 -0.76 -23.08
CA PRO B 368 16.47 -1.61 -22.95
C PRO B 368 16.62 -2.19 -21.54
N GLU B 369 16.04 -1.54 -20.53
CA GLU B 369 16.17 -2.09 -19.20
C GLU B 369 15.03 -3.04 -18.82
N VAL B 370 13.88 -2.92 -19.50
CA VAL B 370 12.90 -4.00 -19.47
C VAL B 370 13.58 -5.28 -19.98
N ALA B 371 14.26 -5.14 -21.12
CA ALA B 371 14.94 -6.29 -21.73
C ALA B 371 16.02 -6.85 -20.83
N ARG B 372 16.73 -5.95 -20.15
CA ARG B 372 17.78 -6.34 -19.22
C ARG B 372 17.24 -7.21 -18.09
N ARG B 373 16.15 -6.74 -17.48
CA ARG B 373 15.55 -7.45 -16.35
C ARG B 373 15.01 -8.80 -16.78
N LEU B 374 14.43 -8.85 -17.97
CA LEU B 374 13.86 -10.09 -18.49
C LEU B 374 14.93 -11.15 -18.76
N ARG B 375 16.06 -10.75 -19.34
CA ARG B 375 17.10 -11.72 -19.63
C ARG B 375 17.69 -12.32 -18.36
N ARG B 376 17.77 -11.50 -17.32
CA ARG B 376 18.31 -12.02 -16.08
C ARG B 376 17.32 -13.00 -15.40
N ILE B 377 16.04 -12.64 -15.40
CA ILE B 377 15.03 -13.54 -14.86
C ILE B 377 15.01 -14.83 -15.66
N GLN B 378 15.13 -14.71 -16.97
CA GLN B 378 15.22 -15.88 -17.85
C GLN B 378 16.41 -16.74 -17.45
N ALA B 379 17.53 -16.09 -17.18
CA ALA B 379 18.74 -16.81 -16.78
C ALA B 379 18.58 -17.49 -15.43
N GLU B 380 17.95 -16.79 -14.49
CA GLU B 380 17.68 -17.33 -13.17
C GLU B 380 16.69 -18.52 -13.23
N MET B 381 15.61 -18.39 -14.01
CA MET B 381 14.69 -19.51 -14.21
C MET B 381 15.40 -20.67 -14.88
N ALA B 382 16.36 -20.37 -15.74
CA ALA B 382 17.17 -21.41 -16.37
C ALA B 382 18.02 -22.14 -15.32
N GLN B 383 18.26 -21.50 -14.18
CA GLN B 383 19.08 -22.14 -13.16
C GLN B 383 18.25 -22.72 -12.01
N GLU B 384 16.95 -22.50 -12.03
CA GLU B 384 16.07 -23.09 -11.00
C GLU B 384 15.85 -24.60 -11.21
N GLY B 385 15.75 -25.03 -12.46
CA GLY B 385 15.90 -26.44 -12.80
C GLY B 385 14.67 -27.21 -13.22
N GLY B 386 13.49 -26.72 -12.84
CA GLY B 386 12.25 -27.36 -13.24
C GLY B 386 12.12 -28.79 -12.74
N THR B 387 11.49 -29.63 -13.56
CA THR B 387 11.06 -30.97 -13.17
C THR B 387 12.22 -31.87 -12.74
N ARG B 388 13.35 -31.77 -13.42
CA ARG B 388 14.44 -32.69 -13.13
C ARG B 388 15.16 -32.31 -11.85
N ARG B 389 15.32 -31.02 -11.59
CA ARG B 389 15.96 -30.60 -10.35
C ARG B 389 15.04 -30.91 -9.16
N ALA B 390 13.73 -30.75 -9.36
CA ALA B 390 12.80 -31.08 -8.29
C ALA B 390 12.97 -32.53 -7.88
N ALA B 391 13.04 -33.42 -8.88
CA ALA B 391 13.24 -34.83 -8.59
C ALA B 391 14.59 -35.10 -7.93
N ASP B 392 15.65 -34.45 -8.40
CA ASP B 392 16.97 -34.59 -7.78
C ASP B 392 16.92 -34.14 -6.32
N LEU B 393 16.23 -33.03 -6.07
CA LEU B 393 16.20 -32.45 -4.73
C LEU B 393 15.43 -33.33 -3.77
N ILE B 394 14.39 -33.98 -4.28
CA ILE B 394 13.64 -34.94 -3.49
C ILE B 394 14.50 -36.17 -3.19
N GLU B 395 15.26 -36.62 -4.18
CA GLU B 395 16.12 -37.78 -3.96
C GLU B 395 17.18 -37.47 -2.90
N ALA B 396 17.63 -36.22 -2.85
CA ALA B 396 18.64 -35.81 -1.90
C ALA B 396 18.18 -35.90 -0.44
N GLU B 397 16.87 -35.84 -0.22
CA GLU B 397 16.36 -35.90 1.16
C GLU B 397 16.03 -37.34 1.58
N LEU B 398 16.22 -38.30 0.68
CA LEU B 398 15.97 -39.71 1.03
C LEU B 398 16.93 -40.24 2.09
N PRO B 399 16.61 -41.42 2.66
CA PRO B 399 17.65 -42.22 3.31
C PRO B 399 18.25 -43.20 2.30
C10 ERY C . 6.13 11.61 4.66
C11 ERY C . 7.14 12.73 4.56
C12 ERY C . 6.83 13.77 3.46
C13 ERY C . 7.59 15.05 3.75
O2 ERY C . 6.83 15.79 4.71
C2 ERY C . 6.55 16.53 7.06
C3 ERY C . 6.78 15.62 8.26
C4 ERY C . 5.60 14.71 8.34
C5 ERY C . 5.85 13.56 9.35
C6 ERY C . 6.28 12.30 8.58
C7 ERY C . 5.10 11.81 7.73
C8 ERY C . 5.41 10.51 6.97
C9 ERY C . 6.41 10.70 5.85
O11 ERY C . 7.44 10.04 5.90
C1 ERY C . 7.49 16.06 5.95
O1 ERY C . 8.51 15.45 6.22
O3 ERY C . 7.02 16.36 9.47
O7 ERY C . 4.64 13.29 10.03
C34 ERY C . 6.18 10.74 3.41
C33 ERY C . 4.14 9.99 6.35
C35 ERY C . 5.35 14.09 3.42
O12 ERY C . 8.41 12.16 4.29
O13 ERY C . 7.24 13.33 2.20
C36 ERY C . 7.71 15.91 2.52
C30 ERY C . 6.78 18.00 7.33
C32 ERY C . 6.72 11.23 9.56
O10 ERY C . 7.34 12.61 7.73
C22 ERY C . 4.65 13.56 11.45
C23 ERY C . 3.21 13.57 11.98
C24 ERY C . 3.21 13.68 13.48
C25 ERY C . 4.13 12.62 14.07
C26 ERY C . 5.53 12.75 13.46
O9 ERY C . 5.42 12.61 12.08
N1 ERY C . 1.84 13.60 14.00
C27 ERY C . 6.45 11.67 13.99
O8 ERY C . 2.54 14.66 11.45
C28 ERY C . 1.86 13.63 15.48
C14 ERY C . 8.43 16.47 9.79
C15 ERY C . 8.71 17.73 10.64
C16 ERY C . 8.24 17.60 12.11
C17 ERY C . 8.69 16.30 12.70
C18 ERY C . 8.34 15.16 11.80
O4 ERY C . 8.87 15.37 10.48
O5 ERY C . 6.81 17.64 12.17
O6 ERY C . 7.97 16.11 13.92
C20 ERY C . 6.19 18.73 11.48
C29 ERY C . 1.13 12.44 13.54
C21 ERY C . 8.98 13.91 12.34
C37 ERY C . 8.34 17.28 2.89
C31 ERY C . 4.35 15.54 8.71
C19 ERY C . 8.80 18.75 12.89
N1 UDP D . -6.36 28.40 20.19
C2 UDP D . -7.54 29.03 20.52
N3 UDP D . -7.69 29.59 21.77
C4 UDP D . -6.68 29.52 22.68
C5 UDP D . -5.49 28.88 22.36
C6 UDP D . -5.36 28.27 21.11
O2 UDP D . -8.47 29.11 19.70
O4 UDP D . -6.83 30.03 23.80
C1' UDP D . -6.20 27.79 18.86
C2' UDP D . -5.43 28.69 17.92
O2' UDP D . -6.29 29.55 17.20
C3' UDP D . -4.74 27.71 17.01
C4' UDP D . -4.57 26.48 17.87
O4' UDP D . -5.44 26.60 18.99
O3' UDP D . -5.61 27.38 15.93
C5' UDP D . -3.13 26.35 18.33
O5' UDP D . -2.59 25.18 17.76
PA UDP D . -1.14 25.17 17.05
O1A UDP D . -1.01 23.89 16.29
O2A UDP D . -0.94 26.34 16.18
O3A UDP D . -0.16 25.26 18.29
PB UDP D . 0.12 23.92 19.12
O1B UDP D . -1.00 23.70 20.07
O2B UDP D . 1.40 24.09 19.81
O3B UDP D . 0.23 22.75 18.21
C10 ERY E . -2.30 -22.77 3.98
C11 ERY E . -1.75 -21.40 3.63
C12 ERY E . -0.24 -21.38 3.33
C13 ERY E . 0.08 -20.04 2.69
O2 ERY E . -0.30 -20.08 1.31
C2 ERY E . -1.85 -19.34 -0.56
C3 ERY E . -3.37 -19.51 -0.53
C4 ERY E . -3.66 -20.98 -0.36
C5 ERY E . -5.11 -21.33 0.03
C6 ERY E . -5.16 -21.61 1.52
C7 ERY E . -4.60 -23.04 1.76
C8 ERY E . -4.73 -23.52 3.22
C9 ERY E . -3.82 -22.76 4.17
O11 ERY E . -4.29 -22.14 5.11
C1 ERY E . -1.30 -19.15 0.86
O1 ERY E . -1.54 -18.13 1.49
O3 ERY E . -3.96 -19.08 -1.77
O7 ERY E . -5.57 -22.49 -0.69
C34 ERY E . -1.76 -23.34 5.30
C33 ERY E . -4.37 -24.99 3.28
C35 ERY E . 0.12 -22.50 2.38
O12 ERY E . -2.02 -20.44 4.65
O13 ERY E . 0.49 -21.53 4.50
C36 ERY E . 1.56 -19.74 2.76
C30 ERY E . -1.37 -18.19 -1.39
C32 ERY E . -6.56 -21.49 2.07
O10 ERY E . -4.36 -20.66 2.18
C22 ERY E . -6.74 -22.31 -1.52
C23 ERY E . -7.02 -23.51 -2.47
C24 ERY E . -8.29 -23.28 -3.26
C25 ERY E . -9.42 -22.83 -2.35
C26 ERY E . -8.96 -21.69 -1.42
O9 ERY E . -7.83 -22.08 -0.72
N1 ERY E . -8.65 -24.44 -4.09
C27 ERY E . -10.04 -21.34 -0.41
O8 ERY E . -5.98 -23.61 -3.40
C28 ERY E . -8.55 -25.72 -3.37
C14 ERY E . -4.69 -17.83 -1.79
C15 ERY E . -5.35 -17.64 -3.17
C16 ERY E . -6.64 -18.44 -3.33
C17 ERY E . -7.54 -18.03 -2.20
C18 ERY E . -6.89 -18.49 -0.94
O4 ERY E . -5.63 -17.82 -0.76
O5 ERY E . -6.31 -19.83 -3.25
O6 ERY E . -8.84 -18.60 -2.32
C20 ERY E . -5.52 -20.31 -4.34
C29 ERY E . -9.96 -24.30 -4.67
C21 ERY E . -7.80 -18.15 0.21
C37 ERY E . 1.88 -18.45 1.97
C31 ERY E . -3.27 -21.72 -1.65
C19 ERY E . -7.33 -18.17 -4.63
N1 UDP F . -1.81 -22.83 -23.54
C2 UDP F . -1.30 -23.21 -24.75
N3 UDP F . -1.98 -22.85 -25.90
C4 UDP F . -3.15 -22.16 -25.81
C5 UDP F . -3.67 -21.83 -24.57
C6 UDP F . -2.84 -21.92 -23.47
O2 UDP F . -0.25 -23.85 -24.82
O4 UDP F . -3.74 -21.85 -26.83
C1' UDP F . -1.12 -23.23 -22.29
C2' UDP F . -0.25 -22.10 -21.78
O2' UDP F . 1.04 -22.11 -22.34
C3' UDP F . -0.25 -22.40 -20.30
C4' UDP F . -1.65 -22.95 -20.04
O4' UDP F . -2.09 -23.46 -21.28
O3' UDP F . 0.70 -23.38 -19.98
C5' UDP F . -2.61 -21.84 -19.60
O5' UDP F . -2.75 -21.89 -18.20
PA UDP F . -2.83 -20.51 -17.35
O1A UDP F . -2.87 -20.84 -15.92
O2A UDP F . -1.67 -19.66 -17.68
O3A UDP F . -4.18 -19.74 -17.76
PB UDP F . -5.67 -20.34 -17.50
O1B UDP F . -6.06 -20.97 -18.79
O2B UDP F . -6.55 -19.21 -17.14
O3B UDP F . -5.60 -21.37 -16.43
MG MG G . 11.57 -15.54 -26.65
N ALA A 8 -20.51 12.36 -8.38
CA ALA A 8 -19.32 11.50 -8.32
C ALA A 8 -19.08 11.02 -6.89
N HIS A 9 -18.47 9.85 -6.76
CA HIS A 9 -18.11 9.31 -5.46
C HIS A 9 -16.65 9.67 -5.18
N ILE A 10 -16.43 10.46 -4.14
CA ILE A 10 -15.08 10.82 -3.72
C ILE A 10 -14.79 10.10 -2.42
N ALA A 11 -13.71 9.34 -2.34
CA ALA A 11 -13.36 8.72 -1.06
C ALA A 11 -12.14 9.39 -0.45
N MET A 12 -12.25 9.76 0.81
CA MET A 12 -11.14 10.40 1.53
C MET A 12 -10.50 9.39 2.49
N PHE A 13 -9.17 9.42 2.57
CA PHE A 13 -8.41 8.51 3.43
C PHE A 13 -7.58 9.32 4.39
N SER A 14 -7.68 9.04 5.68
CA SER A 14 -6.69 9.57 6.62
C SER A 14 -6.48 8.61 7.79
N ILE A 15 -5.74 9.09 8.79
CA ILE A 15 -5.47 8.35 10.00
C ILE A 15 -6.10 9.08 11.17
N ALA A 16 -6.15 8.44 12.34
CA ALA A 16 -6.79 9.07 13.50
C ALA A 16 -5.84 10.00 14.23
N ALA A 17 -5.47 11.10 13.61
CA ALA A 17 -4.63 12.11 14.24
C ALA A 17 -5.22 13.48 13.92
N HIS A 18 -5.32 14.33 14.93
CA HIS A 18 -5.97 15.62 14.73
C HIS A 18 -5.32 16.42 13.60
N GLY A 19 -3.99 16.45 13.59
CA GLY A 19 -3.28 17.25 12.61
C GLY A 19 -3.37 16.74 11.19
N HIS A 20 -3.97 15.57 11.00
CA HIS A 20 -4.16 15.01 9.66
C HIS A 20 -5.63 14.84 9.29
N VAL A 21 -6.53 15.34 10.13
CA VAL A 21 -7.96 15.26 9.84
C VAL A 21 -8.61 16.65 9.85
N ASN A 22 -8.38 17.39 10.92
CA ASN A 22 -8.94 18.74 11.02
C ASN A 22 -8.65 19.68 9.83
N PRO A 23 -7.40 19.69 9.31
CA PRO A 23 -7.10 20.66 8.24
C PRO A 23 -7.98 20.56 6.99
N SER A 24 -8.54 19.39 6.69
CA SER A 24 -9.37 19.29 5.48
C SER A 24 -10.82 18.94 5.79
N LEU A 25 -11.16 18.85 7.07
CA LEU A 25 -12.53 18.50 7.47
C LEU A 25 -13.55 19.42 6.82
N GLU A 26 -13.26 20.72 6.79
CA GLU A 26 -14.20 21.64 6.20
C GLU A 26 -14.36 21.42 4.70
N VAL A 27 -13.28 21.04 4.02
CA VAL A 27 -13.40 20.76 2.59
C VAL A 27 -14.32 19.55 2.43
N ILE A 28 -14.18 18.58 3.33
CA ILE A 28 -15.05 17.41 3.30
C ILE A 28 -16.49 17.90 3.45
N ARG A 29 -16.71 18.84 4.37
CA ARG A 29 -18.04 19.43 4.50
C ARG A 29 -18.54 20.08 3.22
N GLU A 30 -17.72 20.96 2.63
CA GLU A 30 -18.13 21.69 1.44
C GLU A 30 -18.46 20.74 0.30
N LEU A 31 -17.64 19.72 0.08
CA LEU A 31 -17.93 18.73 -0.96
C LEU A 31 -19.30 18.08 -0.74
N VAL A 32 -19.58 17.71 0.50
CA VAL A 32 -20.90 17.19 0.87
C VAL A 32 -22.03 18.13 0.49
N ALA A 33 -21.84 19.42 0.72
CA ALA A 33 -22.85 20.43 0.40
C ALA A 33 -23.08 20.59 -1.12
N ARG A 34 -22.15 20.08 -1.93
CA ARG A 34 -22.13 20.37 -3.36
C ARG A 34 -22.79 19.34 -4.26
N GLY A 35 -23.11 18.17 -3.70
CA GLY A 35 -23.80 17.15 -4.48
C GLY A 35 -23.02 15.87 -4.68
N HIS A 36 -21.70 15.93 -4.48
CA HIS A 36 -20.86 14.75 -4.63
C HIS A 36 -21.11 13.72 -3.55
N ARG A 37 -20.91 12.46 -3.89
CA ARG A 37 -20.95 11.39 -2.90
C ARG A 37 -19.60 11.26 -2.24
N VAL A 38 -19.56 11.21 -0.92
CA VAL A 38 -18.28 11.22 -0.19
C VAL A 38 -18.19 10.15 0.90
N THR A 39 -17.14 9.35 0.89
CA THR A 39 -16.87 8.43 2.00
C THR A 39 -15.50 8.72 2.61
N TYR A 40 -15.32 8.35 3.88
CA TYR A 40 -14.11 8.70 4.64
C TYR A 40 -13.50 7.49 5.33
N ALA A 41 -12.46 6.92 4.72
CA ALA A 41 -11.70 5.85 5.36
C ALA A 41 -10.99 6.42 6.58
N ILE A 42 -11.36 5.94 7.75
CA ILE A 42 -10.86 6.49 9.00
C ILE A 42 -10.95 5.41 10.07
N PRO A 43 -10.04 5.42 11.05
CA PRO A 43 -10.21 4.50 12.17
C PRO A 43 -11.47 4.84 12.98
N PRO A 44 -11.99 3.88 13.76
CA PRO A 44 -13.29 4.09 14.40
C PRO A 44 -13.30 5.22 15.42
N VAL A 45 -12.15 5.49 16.04
CA VAL A 45 -12.11 6.52 17.07
C VAL A 45 -12.49 7.90 16.50
N PHE A 46 -12.21 8.11 15.22
CA PHE A 46 -12.58 9.35 14.56
C PHE A 46 -13.81 9.17 13.66
N ALA A 47 -14.63 8.17 13.96
CA ALA A 47 -15.86 7.95 13.21
C ALA A 47 -16.83 9.13 13.30
N ASP A 48 -17.22 9.51 14.52
CA ASP A 48 -18.14 10.62 14.71
C ASP A 48 -17.56 11.92 14.13
N LYS A 49 -16.27 12.14 14.38
CA LYS A 49 -15.56 13.33 13.89
C LYS A 49 -15.74 13.48 12.38
N VAL A 50 -15.60 12.38 11.65
CA VAL A 50 -15.78 12.45 10.21
C VAL A 50 -17.26 12.44 9.79
N ALA A 51 -18.11 11.69 10.51
CA ALA A 51 -19.51 11.58 10.12
C ALA A 51 -20.26 12.89 10.33
N ALA A 52 -19.80 13.67 11.31
CA ALA A 52 -20.38 14.97 11.60
C ALA A 52 -20.33 15.87 10.37
N THR A 53 -19.37 15.59 9.49
CA THR A 53 -19.25 16.34 8.24
C THR A 53 -20.24 15.85 7.21
N GLY A 54 -20.96 14.78 7.54
CA GLY A 54 -21.88 14.19 6.60
C GLY A 54 -21.26 13.05 5.80
N ALA A 55 -19.93 12.97 5.83
CA ALA A 55 -19.23 11.94 5.06
C ALA A 55 -19.55 10.55 5.62
N ARG A 56 -19.57 9.53 4.77
CA ARG A 56 -19.82 8.17 5.21
C ARG A 56 -18.55 7.55 5.78
N PRO A 57 -18.55 7.28 7.09
CA PRO A 57 -17.37 6.66 7.72
C PRO A 57 -17.16 5.20 7.31
N VAL A 58 -16.02 4.93 6.69
CA VAL A 58 -15.61 3.58 6.32
C VAL A 58 -14.45 3.23 7.23
N LEU A 59 -14.67 2.25 8.11
CA LEU A 59 -13.75 2.01 9.21
C LEU A 59 -12.65 1.01 8.92
N TYR A 60 -11.49 1.26 9.52
CA TYR A 60 -10.39 0.31 9.48
C TYR A 60 -9.55 0.39 10.75
N HIS A 61 -8.99 -0.75 11.14
CA HIS A 61 -8.14 -0.84 12.32
C HIS A 61 -6.80 -0.19 12.01
N SER A 62 -6.43 0.81 12.81
CA SER A 62 -5.11 1.43 12.70
C SER A 62 -4.16 0.91 13.76
N THR A 63 -2.88 0.81 13.42
CA THR A 63 -1.86 0.36 14.35
C THR A 63 -1.07 1.54 14.92
N LEU A 64 -1.36 2.73 14.42
CA LEU A 64 -0.71 3.95 14.89
C LEU A 64 -1.18 4.32 16.31
N PRO A 65 -0.44 5.20 17.00
CA PRO A 65 -0.89 5.65 18.33
C PRO A 65 -2.30 6.25 18.33
N GLY A 66 -2.93 6.30 19.49
CA GLY A 66 -4.24 6.93 19.62
C GLY A 66 -4.12 8.44 19.50
N PRO A 67 -5.19 9.11 19.04
CA PRO A 67 -5.17 10.56 18.82
C PRO A 67 -4.93 11.36 20.11
N ASP A 68 -5.03 10.67 21.24
CA ASP A 68 -4.78 11.26 22.54
C ASP A 68 -3.35 11.00 23.04
N ALA A 69 -2.66 10.06 22.41
CA ALA A 69 -1.34 9.62 22.85
C ALA A 69 -0.35 10.78 22.97
N ASP A 70 0.59 10.65 23.91
CA ASP A 70 1.67 11.62 24.08
C ASP A 70 2.35 11.90 22.74
N PRO A 71 2.75 13.16 22.50
CA PRO A 71 3.39 13.60 21.26
C PRO A 71 4.57 12.70 20.90
N GLU A 72 5.20 12.11 21.91
CA GLU A 72 6.36 11.25 21.66
C GLU A 72 6.03 9.75 21.52
N ALA A 73 4.75 9.40 21.40
CA ALA A 73 4.37 8.03 21.08
C ALA A 73 4.70 7.73 19.62
N TRP A 74 5.04 8.78 18.89
CA TRP A 74 5.27 8.68 17.45
C TRP A 74 6.75 8.55 17.09
N GLY A 75 7.59 8.38 18.11
CA GLY A 75 9.01 8.21 17.88
C GLY A 75 9.78 9.52 17.89
N SER A 76 11.10 9.41 18.06
CA SER A 76 11.95 10.59 18.17
C SER A 76 13.20 10.47 17.30
N THR A 77 13.28 9.37 16.55
CA THR A 77 14.35 9.18 15.57
C THR A 77 13.72 8.99 14.19
N LEU A 78 14.51 9.21 13.14
CA LEU A 78 14.00 9.09 11.77
C LEU A 78 13.25 7.77 11.50
N LEU A 79 13.89 6.65 11.81
CA LEU A 79 13.26 5.35 11.54
C LEU A 79 12.05 5.08 12.43
N ASP A 80 12.11 5.45 13.70
CA ASP A 80 10.93 5.30 14.54
C ASP A 80 9.79 6.22 14.09
N ASN A 81 10.14 7.32 13.42
CA ASN A 81 9.11 8.19 12.85
C ASN A 81 8.46 7.58 11.60
N VAL A 82 9.28 7.09 10.68
CA VAL A 82 8.72 6.67 9.38
C VAL A 82 8.23 5.22 9.33
N GLU A 83 8.95 4.30 9.98
CA GLU A 83 8.55 2.89 9.93
C GLU A 83 7.11 2.58 10.31
N PRO A 84 6.57 3.27 11.33
CA PRO A 84 5.18 2.93 11.65
C PRO A 84 4.18 3.21 10.53
N PHE A 85 4.47 4.17 9.67
CA PHE A 85 3.53 4.46 8.58
C PHE A 85 3.52 3.34 7.56
N LEU A 86 4.68 2.71 7.35
CA LEU A 86 4.75 1.57 6.45
C LEU A 86 4.04 0.37 7.08
N ASN A 87 4.34 0.09 8.34
CA ASN A 87 3.71 -1.06 8.99
C ASN A 87 2.20 -0.91 9.13
N ASP A 88 1.73 0.30 9.42
CA ASP A 88 0.28 0.53 9.41
C ASP A 88 -0.31 0.27 8.03
N ALA A 89 0.36 0.76 7.00
CA ALA A 89 -0.11 0.62 5.63
C ALA A 89 -0.22 -0.85 5.23
N ILE A 90 0.80 -1.61 5.57
CA ILE A 90 0.86 -3.02 5.17
C ILE A 90 -0.33 -3.82 5.70
N GLN A 91 -0.82 -3.47 6.89
CA GLN A 91 -1.96 -4.17 7.46
C GLN A 91 -3.30 -3.47 7.17
N ALA A 92 -3.24 -2.18 6.84
CA ALA A 92 -4.45 -1.42 6.54
C ALA A 92 -4.95 -1.66 5.12
N LEU A 93 -4.01 -1.82 4.19
CA LEU A 93 -4.36 -1.87 2.77
C LEU A 93 -5.38 -2.97 2.41
N PRO A 94 -5.13 -4.22 2.82
CA PRO A 94 -6.16 -5.20 2.45
C PRO A 94 -7.50 -5.05 3.18
N GLN A 95 -7.57 -4.29 4.27
CA GLN A 95 -8.88 -3.97 4.84
C GLN A 95 -9.62 -3.03 3.90
N LEU A 96 -8.93 -1.97 3.46
CA LEU A 96 -9.56 -0.94 2.63
C LEU A 96 -9.90 -1.44 1.22
N ALA A 97 -9.04 -2.29 0.67
CA ALA A 97 -9.32 -2.89 -0.62
C ALA A 97 -10.62 -3.68 -0.50
N ASP A 98 -10.72 -4.49 0.55
CA ASP A 98 -11.94 -5.27 0.78
C ASP A 98 -13.19 -4.41 0.92
N ALA A 99 -13.08 -3.33 1.68
CA ALA A 99 -14.24 -2.50 1.97
C ALA A 99 -14.84 -1.90 0.70
N TYR A 100 -13.97 -1.39 -0.16
CA TYR A 100 -14.41 -0.65 -1.35
C TYR A 100 -14.60 -1.52 -2.59
N ALA A 101 -14.28 -2.81 -2.49
CA ALA A 101 -14.18 -3.69 -3.67
C ALA A 101 -15.37 -3.71 -4.65
N ASP A 102 -16.55 -3.27 -4.21
CA ASP A 102 -17.72 -3.25 -5.08
C ASP A 102 -18.46 -1.91 -5.03
N ASP A 103 -17.92 -0.98 -4.24
CA ASP A 103 -18.29 0.42 -4.38
C ASP A 103 -16.98 1.19 -4.44
N ILE A 104 -16.15 0.82 -5.42
CA ILE A 104 -14.90 1.51 -5.70
C ILE A 104 -15.21 2.96 -6.03
N PRO A 105 -14.67 3.88 -5.22
CA PRO A 105 -14.99 5.30 -5.36
C PRO A 105 -14.49 5.85 -6.70
N ASP A 106 -14.96 7.03 -7.09
CA ASP A 106 -14.51 7.69 -8.33
C ASP A 106 -13.25 8.52 -8.13
N LEU A 107 -13.05 9.00 -6.91
CA LEU A 107 -11.88 9.84 -6.64
C LEU A 107 -11.34 9.51 -5.27
N VAL A 108 -10.02 9.32 -5.23
CA VAL A 108 -9.27 9.15 -4.00
C VAL A 108 -8.68 10.49 -3.57
N LEU A 109 -9.03 10.92 -2.36
CA LEU A 109 -8.44 12.10 -1.76
C LEU A 109 -7.74 11.57 -0.54
N HIS A 110 -6.56 12.06 -0.20
CA HIS A 110 -5.90 11.48 0.96
C HIS A 110 -4.91 12.41 1.63
N ASP A 111 -4.85 12.31 2.95
CA ASP A 111 -3.80 12.95 3.70
C ASP A 111 -2.47 12.27 3.36
N ILE A 112 -1.38 13.01 3.52
CA ILE A 112 -0.04 12.51 3.20
C ILE A 112 0.35 11.21 3.92
N THR A 113 -0.28 10.90 5.05
CA THR A 113 0.16 9.75 5.84
C THR A 113 -0.40 8.42 5.34
N SER A 114 -1.38 8.49 4.44
CA SER A 114 -2.06 7.26 3.99
C SER A 114 -1.40 6.63 2.76
N TYR A 115 -0.46 5.71 2.98
CA TYR A 115 0.09 4.95 1.84
C TYR A 115 -0.96 4.07 1.11
N PRO A 116 -1.91 3.46 1.86
CA PRO A 116 -2.90 2.67 1.11
C PRO A 116 -3.69 3.45 0.06
N ALA A 117 -4.02 4.70 0.33
CA ALA A 117 -4.76 5.50 -0.64
C ALA A 117 -3.98 5.63 -1.96
N ARG A 118 -2.66 5.79 -1.83
CA ARG A 118 -1.80 5.87 -3.01
C ARG A 118 -1.87 4.55 -3.77
N VAL A 119 -1.74 3.45 -3.05
CA VAL A 119 -1.73 2.14 -3.71
C VAL A 119 -3.08 1.87 -4.36
N LEU A 120 -4.15 2.08 -3.60
CA LEU A 120 -5.49 1.82 -4.14
C LEU A 120 -5.83 2.68 -5.37
N ALA A 121 -5.31 3.91 -5.40
CA ALA A 121 -5.49 4.75 -6.57
C ALA A 121 -4.75 4.18 -7.80
N ARG A 122 -3.45 3.93 -7.63
CA ARG A 122 -2.65 3.19 -8.60
C ARG A 122 -3.41 1.96 -9.14
N ARG A 123 -3.92 1.15 -8.23
CA ARG A 123 -4.64 -0.09 -8.58
C ARG A 123 -5.92 0.16 -9.36
N TRP A 124 -6.63 1.24 -9.01
CA TRP A 124 -7.91 1.55 -9.65
C TRP A 124 -7.75 2.24 -11.00
N GLY A 125 -6.66 2.97 -11.17
CA GLY A 125 -6.47 3.80 -12.36
C GLY A 125 -7.33 5.04 -12.30
N VAL A 126 -7.47 5.59 -11.10
CA VAL A 126 -8.30 6.78 -10.87
C VAL A 126 -7.43 7.90 -10.31
N PRO A 127 -7.93 9.15 -10.34
CA PRO A 127 -7.11 10.24 -9.83
C PRO A 127 -6.93 10.15 -8.31
N ALA A 128 -5.72 10.47 -7.87
CA ALA A 128 -5.47 10.62 -6.44
C ALA A 128 -4.94 12.03 -6.25
N VAL A 129 -5.53 12.77 -5.32
CA VAL A 129 -4.98 14.06 -4.96
C VAL A 129 -4.61 14.06 -3.48
N SER A 130 -3.38 14.47 -3.22
CA SER A 130 -2.82 14.45 -1.88
C SER A 130 -3.14 15.77 -1.22
N LEU A 131 -3.47 15.73 0.06
CA LEU A 131 -3.77 16.94 0.83
C LEU A 131 -2.73 17.06 1.94
N SER A 132 -1.90 18.11 1.87
CA SER A 132 -0.81 18.26 2.82
C SER A 132 -1.09 19.35 3.82
N PRO A 133 -1.06 19.01 5.12
CA PRO A 133 -1.34 19.97 6.18
C PRO A 133 -0.05 20.67 6.62
N ASN A 134 1.02 20.48 5.87
CA ASN A 134 2.31 21.10 6.17
C ASN A 134 3.09 21.33 4.89
N LEU A 135 4.32 21.81 5.02
CA LEU A 135 5.15 22.08 3.86
C LEU A 135 5.36 20.85 2.99
N VAL A 136 5.64 21.06 1.72
CA VAL A 136 5.87 19.97 0.77
C VAL A 136 7.29 20.05 0.18
N ALA A 137 7.67 19.03 -0.57
CA ALA A 137 8.97 19.04 -1.25
C ALA A 137 9.04 20.13 -2.31
N TRP A 138 10.19 20.80 -2.39
CA TRP A 138 10.46 21.69 -3.52
C TRP A 138 11.37 20.96 -4.48
N LYS A 139 11.46 21.46 -5.71
CA LYS A 139 12.40 20.90 -6.67
C LYS A 139 13.81 21.18 -6.13
N GLY A 140 14.52 20.12 -5.75
CA GLY A 140 15.81 20.24 -5.08
C GLY A 140 15.83 19.57 -3.73
N TYR A 141 14.66 19.36 -3.14
CA TYR A 141 14.54 18.70 -1.85
C TYR A 141 15.22 17.34 -1.86
N GLU A 142 15.25 16.68 -3.01
CA GLU A 142 15.84 15.36 -3.10
C GLU A 142 17.32 15.34 -2.73
N GLU A 143 18.12 16.16 -3.41
CA GLU A 143 19.54 16.21 -3.07
C GLU A 143 19.80 17.11 -1.86
N GLU A 144 18.93 18.09 -1.63
CA GLU A 144 19.20 19.09 -0.61
C GLU A 144 18.94 18.67 0.84
N VAL A 145 17.88 17.91 1.09
CA VAL A 145 17.55 17.55 2.47
C VAL A 145 17.31 16.05 2.69
N ALA A 146 16.60 15.40 1.77
CA ALA A 146 16.28 13.98 1.97
C ALA A 146 17.54 13.11 1.89
N GLU A 147 18.33 13.32 0.86
CA GLU A 147 19.53 12.50 0.66
C GLU A 147 20.53 12.62 1.83
N PRO A 148 20.87 13.86 2.26
CA PRO A 148 21.75 13.94 3.43
C PRO A 148 21.15 13.34 4.71
N MET A 149 19.83 13.41 4.85
CA MET A 149 19.12 12.90 6.02
C MET A 149 19.20 11.39 6.10
N TRP A 150 18.98 10.75 4.96
CA TRP A 150 18.99 9.29 4.87
C TRP A 150 20.38 8.74 4.61
N ARG A 151 21.29 9.63 4.19
CA ARG A 151 22.63 9.29 3.69
C ARG A 151 23.28 8.15 4.42
N GLU A 152 23.35 8.28 5.75
CA GLU A 152 23.97 7.23 6.54
C GLU A 152 23.01 6.30 7.32
N PRO A 153 21.80 6.79 7.71
CA PRO A 153 20.88 5.77 8.23
C PRO A 153 20.49 4.70 7.23
N ARG A 154 20.36 5.04 5.94
CA ARG A 154 19.95 4.05 4.96
C ARG A 154 20.97 2.91 4.87
N GLN A 155 22.15 3.13 5.45
CA GLN A 155 23.25 2.16 5.36
C GLN A 155 23.36 1.25 6.58
N THR A 156 22.88 1.71 7.73
CA THR A 156 22.72 0.82 8.89
C THR A 156 21.87 -0.35 8.43
N GLU A 157 22.09 -1.54 8.99
CA GLU A 157 21.31 -2.70 8.54
C GLU A 157 19.82 -2.45 8.70
N ARG A 158 19.43 -1.72 9.73
CA ARG A 158 18.02 -1.40 9.93
C ARG A 158 17.50 -0.51 8.81
N GLY A 159 18.29 0.49 8.41
CA GLY A 159 17.90 1.38 7.33
C GLY A 159 17.73 0.63 6.01
N ARG A 160 18.69 -0.23 5.70
CA ARG A 160 18.62 -1.04 4.49
C ARG A 160 17.36 -1.90 4.51
N ALA A 161 17.11 -2.56 5.63
CA ALA A 161 16.00 -3.48 5.76
C ALA A 161 14.64 -2.78 5.63
N TYR A 162 14.56 -1.54 6.11
CA TYR A 162 13.33 -0.76 6.01
C TYR A 162 13.02 -0.46 4.54
N TYR A 163 14.00 0.11 3.84
CA TYR A 163 13.80 0.43 2.43
C TYR A 163 13.58 -0.80 1.55
N ALA A 164 14.31 -1.87 1.86
CA ALA A 164 14.12 -3.13 1.15
C ALA A 164 12.68 -3.61 1.31
N ARG A 165 12.17 -3.49 2.53
CA ARG A 165 10.82 -3.93 2.86
C ARG A 165 9.78 -3.08 2.13
N PHE A 166 10.03 -1.77 2.09
CA PHE A 166 9.12 -0.81 1.46
C PHE A 166 9.07 -1.10 -0.04
N GLU A 167 10.25 -1.23 -0.63
CA GLU A 167 10.37 -1.51 -2.06
C GLU A 167 9.67 -2.80 -2.47
N ALA A 168 9.80 -3.82 -1.63
CA ALA A 168 9.21 -5.13 -1.93
C ALA A 168 7.69 -5.08 -1.84
N TRP A 169 7.19 -4.34 -0.84
CA TRP A 169 5.75 -4.14 -0.70
C TRP A 169 5.17 -3.41 -1.90
N LEU A 170 5.86 -2.36 -2.36
CA LEU A 170 5.42 -1.63 -3.54
C LEU A 170 5.44 -2.54 -4.78
N LYS A 171 6.53 -3.26 -4.95
CA LYS A 171 6.69 -4.18 -6.08
C LYS A 171 5.59 -5.25 -6.14
N GLU A 172 5.26 -5.86 -5.00
CA GLU A 172 4.19 -6.89 -4.99
C GLU A 172 2.83 -6.25 -5.28
N ASN A 173 2.75 -4.94 -5.13
CA ASN A 173 1.55 -4.22 -5.49
C ASN A 173 1.64 -3.54 -6.86
N GLY A 174 2.63 -3.95 -7.65
CA GLY A 174 2.74 -3.48 -9.03
C GLY A 174 3.32 -2.10 -9.22
N ILE A 175 3.93 -1.59 -8.16
CA ILE A 175 4.48 -0.23 -8.17
C ILE A 175 6.00 -0.31 -8.23
N THR A 176 6.59 0.26 -9.28
CA THR A 176 8.04 0.21 -9.47
C THR A 176 8.68 1.53 -9.05
N GLU A 177 7.85 2.42 -8.52
CA GLU A 177 8.36 3.68 -7.98
C GLU A 177 9.29 3.39 -6.81
N HIS A 178 10.39 4.15 -6.69
CA HIS A 178 11.18 4.05 -5.47
C HIS A 178 10.34 4.56 -4.32
N PRO A 179 10.49 3.95 -3.14
CA PRO A 179 9.67 4.36 -2.00
C PRO A 179 9.66 5.86 -1.71
N ASP A 180 10.78 6.55 -1.86
CA ASP A 180 10.78 7.99 -1.56
C ASP A 180 10.03 8.81 -2.60
N THR A 181 9.99 8.33 -3.83
CA THR A 181 9.15 8.96 -4.84
C THR A 181 7.68 8.74 -4.46
N PHE A 182 7.35 7.49 -4.14
CA PHE A 182 6.00 7.08 -3.77
C PHE A 182 5.49 7.87 -2.57
N ALA A 183 6.35 8.04 -1.58
CA ALA A 183 5.95 8.65 -0.32
C ALA A 183 5.97 10.18 -0.36
N SER A 184 7.02 10.76 -0.95
CA SER A 184 7.28 12.19 -0.77
C SER A 184 6.94 13.03 -2.00
N HIS A 185 6.59 12.36 -3.10
CA HIS A 185 6.38 13.08 -4.36
C HIS A 185 5.10 12.70 -5.08
N PRO A 186 3.97 13.23 -4.58
CA PRO A 186 2.66 12.94 -5.17
C PRO A 186 2.55 13.55 -6.57
N PRO A 187 1.71 12.93 -7.42
CA PRO A 187 1.42 13.46 -8.76
C PRO A 187 0.67 14.79 -8.71
N ARG A 188 -0.18 14.94 -7.69
CA ARG A 188 -1.01 16.15 -7.55
C ARG A 188 -1.31 16.37 -6.07
N SER A 189 -1.09 17.60 -5.60
CA SER A 189 -1.25 17.89 -4.19
C SER A 189 -1.83 19.29 -3.97
N LEU A 190 -2.73 19.39 -3.00
CA LEU A 190 -3.20 20.69 -2.50
C LEU A 190 -2.56 20.90 -1.14
N VAL A 191 -2.02 22.08 -0.91
CA VAL A 191 -1.27 22.34 0.31
C VAL A 191 -2.04 23.31 1.21
N LEU A 192 -2.27 22.86 2.43
CA LEU A 192 -3.23 23.51 3.33
C LEU A 192 -2.51 24.45 4.31
N ILE A 193 -1.40 25.01 3.86
CA ILE A 193 -0.76 26.09 4.60
C ILE A 193 -0.56 27.23 3.62
N PRO A 194 -0.41 28.47 4.11
CA PRO A 194 -0.10 29.52 3.14
C PRO A 194 1.31 29.34 2.58
N LYS A 195 1.51 29.71 1.32
CA LYS A 195 2.81 29.55 0.69
C LYS A 195 3.88 30.39 1.38
N ALA A 196 3.44 31.40 2.13
CA ALA A 196 4.33 32.23 2.91
C ALA A 196 5.11 31.42 3.95
N LEU A 197 4.56 30.27 4.35
CA LEU A 197 5.19 29.43 5.35
C LEU A 197 5.83 28.17 4.74
N GLN A 198 6.02 28.19 3.43
CA GLN A 198 6.68 27.09 2.73
C GLN A 198 8.13 27.45 2.43
N PRO A 199 9.09 26.68 2.96
CA PRO A 199 10.50 26.92 2.62
C PRO A 199 10.72 26.77 1.11
N HIS A 200 11.59 27.60 0.54
CA HIS A 200 11.94 27.51 -0.88
C HIS A 200 10.71 27.50 -1.78
N ALA A 201 9.76 28.37 -1.46
CA ALA A 201 8.47 28.41 -2.16
C ALA A 201 8.61 28.60 -3.66
N ASP A 202 9.56 29.43 -4.10
CA ASP A 202 9.73 29.71 -5.53
C ASP A 202 10.27 28.52 -6.30
N ARG A 203 10.61 27.44 -5.59
CA ARG A 203 11.07 26.24 -6.29
C ARG A 203 10.09 25.07 -6.18
N VAL A 204 8.91 25.33 -5.63
CA VAL A 204 7.88 24.30 -5.56
C VAL A 204 7.13 24.18 -6.89
N ASP A 205 6.81 22.95 -7.30
CA ASP A 205 6.26 22.65 -8.63
C ASP A 205 4.73 22.83 -8.68
N GLU A 206 4.27 23.97 -9.20
CA GLU A 206 2.82 24.26 -9.17
C GLU A 206 1.99 23.40 -10.12
N ASP A 207 2.64 22.76 -11.08
CA ASP A 207 1.93 21.80 -11.91
C ASP A 207 1.69 20.50 -11.13
N VAL A 208 2.22 20.45 -9.91
CA VAL A 208 1.92 19.37 -8.97
C VAL A 208 1.20 19.92 -7.75
N TYR A 209 1.74 21.00 -7.18
CA TYR A 209 1.23 21.55 -5.93
C TYR A 209 0.45 22.85 -6.09
N THR A 210 -0.75 22.91 -5.53
CA THR A 210 -1.46 24.18 -5.40
C THR A 210 -1.62 24.55 -3.94
N PHE A 211 -1.19 25.74 -3.56
CA PHE A 211 -1.40 26.20 -2.19
C PHE A 211 -2.79 26.84 -2.05
N VAL A 212 -3.59 26.27 -1.15
CA VAL A 212 -4.92 26.79 -0.88
C VAL A 212 -5.01 27.48 0.47
N GLY A 213 -3.92 27.40 1.24
CA GLY A 213 -3.91 28.00 2.57
C GLY A 213 -4.83 27.24 3.52
N ALA A 214 -5.23 27.88 4.61
CA ALA A 214 -6.08 27.23 5.59
C ALA A 214 -7.55 27.20 5.20
N CYS A 215 -8.25 26.15 5.63
CA CYS A 215 -9.71 26.10 5.67
C CYS A 215 -10.13 26.20 7.11
N GLN A 216 -10.87 27.25 7.44
CA GLN A 216 -11.29 27.49 8.81
C GLN A 216 -12.79 27.75 8.83
N GLY A 217 -13.53 26.83 9.44
CA GLY A 217 -14.97 26.92 9.48
C GLY A 217 -15.54 28.16 10.16
N ASP A 218 -15.14 29.33 9.68
CA ASP A 218 -15.73 30.56 10.17
C ASP A 218 -17.09 30.77 9.49
N ARG A 219 -18.08 31.36 10.18
CA ARG A 219 -17.92 32.15 11.43
C ARG A 219 -19.24 32.24 12.20
N ALA A 220 -19.18 32.28 13.54
CA ALA A 220 -17.94 32.42 14.30
C ALA A 220 -17.61 31.30 15.30
N GLU A 221 -16.38 31.36 15.83
CA GLU A 221 -15.87 30.39 16.79
C GLU A 221 -14.63 30.86 17.57
N GLU A 222 -14.77 30.90 18.89
CA GLU A 222 -16.09 30.75 19.46
C GLU A 222 -16.55 31.89 20.35
N GLY A 223 -17.54 32.61 19.85
CA GLY A 223 -18.05 33.79 20.53
C GLY A 223 -17.02 34.87 20.37
N GLY A 224 -17.38 35.97 19.73
CA GLY A 224 -16.43 37.03 19.47
C GLY A 224 -15.77 37.69 20.67
N TRP A 225 -15.06 38.78 20.43
CA TRP A 225 -14.36 39.49 21.49
C TRP A 225 -14.51 41.00 21.34
N GLN A 226 -14.52 41.70 22.47
CA GLN A 226 -14.77 43.14 22.51
C GLN A 226 -13.51 43.96 22.79
N ARG A 227 -13.05 44.74 21.83
CA ARG A 227 -11.89 45.60 22.06
C ARG A 227 -12.25 46.69 23.08
N PRO A 228 -11.43 46.82 24.13
CA PRO A 228 -11.67 47.76 25.22
C PRO A 228 -11.70 49.19 24.68
N ALA A 229 -12.70 49.98 25.07
CA ALA A 229 -12.83 51.31 24.52
C ALA A 229 -11.60 52.18 24.79
N GLY A 230 -11.14 52.86 23.76
CA GLY A 230 -10.02 53.77 23.90
C GLY A 230 -8.68 53.07 23.91
N ALA A 231 -8.67 51.75 23.86
CA ALA A 231 -7.42 51.01 23.68
C ALA A 231 -6.86 51.32 22.30
N GLU A 232 -5.61 51.72 22.26
CA GLU A 232 -5.00 52.07 20.99
C GLU A 232 -4.27 50.87 20.39
N LYS A 233 -3.56 50.13 21.23
CA LYS A 233 -2.82 48.95 20.78
C LYS A 233 -3.19 47.75 21.64
N VAL A 234 -3.69 46.69 21.01
CA VAL A 234 -4.03 45.46 21.70
C VAL A 234 -3.03 44.36 21.37
N VAL A 235 -2.52 43.68 22.40
CA VAL A 235 -1.61 42.55 22.15
C VAL A 235 -2.17 41.27 22.75
N LEU A 236 -2.17 40.20 21.94
CA LEU A 236 -2.56 38.86 22.39
C LEU A 236 -1.32 38.00 22.59
N VAL A 237 -1.25 37.29 23.72
CA VAL A 237 -0.29 36.22 23.90
C VAL A 237 -1.09 34.93 24.03
N SER A 238 -0.75 33.88 23.26
CA SER A 238 -1.61 32.70 23.18
C SER A 238 -1.01 31.40 22.64
N LEU A 239 0.00 30.86 23.31
CA LEU A 239 0.76 29.72 22.78
C LEU A 239 -0.07 28.48 22.36
N GLY A 240 -1.12 28.70 21.57
CA GLY A 240 -2.00 27.62 21.11
C GLY A 240 -2.71 26.91 22.25
N SER A 241 -2.12 25.83 22.73
CA SER A 241 -2.58 25.11 23.93
C SER A 241 -1.82 23.81 24.11
N ALA A 242 -0.54 23.90 24.49
CA ALA A 242 0.24 22.72 24.85
C ALA A 242 1.64 23.04 25.40
N PHE A 243 2.41 23.81 24.64
CA PHE A 243 3.75 24.20 25.11
C PHE A 243 3.67 25.52 25.89
N THR A 244 2.76 25.59 26.84
CA THR A 244 2.26 26.86 27.36
C THR A 244 2.70 27.28 28.77
N LYS A 245 3.91 26.90 29.18
CA LYS A 245 4.30 27.16 30.57
C LYS A 245 5.02 28.48 30.77
N GLN A 246 6.32 28.36 31.08
CA GLN A 246 7.22 29.49 31.37
C GLN A 246 6.48 30.59 32.12
N PRO A 247 6.05 30.29 33.37
CA PRO A 247 5.26 31.25 34.12
C PRO A 247 6.00 32.57 34.09
N ALA A 248 7.31 32.49 34.27
CA ALA A 248 8.22 33.59 34.04
C ALA A 248 7.91 34.36 32.76
N PHE A 249 7.66 33.66 31.65
CA PHE A 249 7.30 34.34 30.39
C PHE A 249 5.90 34.98 30.44
N TYR A 250 4.88 34.24 30.87
CA TYR A 250 3.57 34.87 31.09
C TYR A 250 3.77 36.03 32.06
N ARG A 251 4.55 35.79 33.12
CA ARG A 251 4.99 36.88 33.99
C ARG A 251 5.74 37.97 33.23
N GLU A 252 6.65 37.59 32.34
CA GLU A 252 7.41 38.62 31.63
C GLU A 252 6.54 39.45 30.68
N CYS A 253 5.52 38.83 30.10
CA CYS A 253 4.63 39.60 29.24
C CYS A 253 3.84 40.61 30.05
N VAL A 254 3.47 40.24 31.27
CA VAL A 254 2.74 41.15 32.13
C VAL A 254 3.57 42.40 32.43
N ARG A 255 4.84 42.21 32.77
CA ARG A 255 5.64 43.39 33.13
C ARG A 255 6.06 44.19 31.90
N ALA A 256 6.10 43.56 30.74
CA ALA A 256 6.41 44.30 29.52
C ALA A 256 5.28 45.25 29.11
N PHE A 257 4.04 44.80 29.23
CA PHE A 257 2.91 45.59 28.75
C PHE A 257 2.07 46.18 29.89
N GLY A 258 2.23 45.64 31.08
CA GLY A 258 1.43 46.07 32.21
C GLY A 258 1.66 47.51 32.59
N ASN A 259 0.58 48.30 32.59
CA ASN A 259 0.62 49.75 32.89
C ASN A 259 1.35 50.58 31.82
N LEU A 260 1.57 50.00 30.65
CA LEU A 260 2.21 50.71 29.53
C LEU A 260 1.15 51.53 28.81
N PRO A 261 1.32 52.87 28.76
CA PRO A 261 0.32 53.76 28.16
C PRO A 261 -0.14 53.29 26.80
N GLY A 262 -1.46 53.20 26.58
CA GLY A 262 -2.01 52.92 25.27
C GLY A 262 -2.23 51.46 24.94
N TRP A 263 -1.64 50.56 25.72
CA TRP A 263 -1.66 49.13 25.41
C TRP A 263 -2.60 48.35 26.29
N HIS A 264 -3.23 47.33 25.72
CA HIS A 264 -3.98 46.37 26.51
C HIS A 264 -3.53 44.98 26.14
N LEU A 265 -3.26 44.17 27.17
CA LEU A 265 -2.75 42.83 27.00
C LEU A 265 -3.81 41.79 27.30
N VAL A 266 -4.08 40.94 26.30
CA VAL A 266 -4.90 39.75 26.49
C VAL A 266 -3.94 38.58 26.58
N LEU A 267 -3.92 37.93 27.75
CA LEU A 267 -2.98 36.87 28.04
C LEU A 267 -3.76 35.56 28.17
N GLN A 268 -3.81 34.77 27.11
CA GLN A 268 -4.47 33.47 27.17
C GLN A 268 -3.50 32.46 27.72
N ILE A 269 -3.85 31.88 28.86
CA ILE A 269 -2.90 31.06 29.58
C ILE A 269 -3.64 29.85 30.14
N GLY A 270 -3.80 28.83 29.29
CA GLY A 270 -4.58 27.63 29.58
C GLY A 270 -4.86 27.17 31.01
N ARG A 271 -5.56 27.99 31.79
CA ARG A 271 -5.94 27.62 33.17
C ARG A 271 -6.99 28.52 33.83
N LYS A 272 -7.59 28.01 34.90
CA LYS A 272 -8.64 28.72 35.62
C LYS A 272 -8.35 29.30 37.03
N VAL A 273 -7.77 28.59 38.03
CA VAL A 273 -7.23 27.20 38.06
C VAL A 273 -6.17 26.78 37.05
N THR A 274 -4.87 27.06 37.28
CA THR A 274 -4.37 27.91 38.36
C THR A 274 -3.50 29.05 37.79
N PRO A 275 -3.88 30.30 38.08
CA PRO A 275 -3.12 31.41 37.52
C PRO A 275 -2.48 32.33 38.56
N ALA A 276 -1.71 31.77 39.49
CA ALA A 276 -1.08 32.57 40.53
C ALA A 276 0.42 32.69 40.31
N GLU A 277 0.88 32.15 39.19
CA GLU A 277 2.27 32.29 38.81
C GLU A 277 2.51 33.73 38.44
N LEU A 278 1.63 34.30 37.60
CA LEU A 278 1.77 35.66 37.09
C LEU A 278 1.77 36.73 38.18
N GLY A 279 1.47 36.35 39.41
CA GLY A 279 1.35 37.33 40.47
C GLY A 279 0.17 38.24 40.20
N GLU A 280 0.33 39.54 40.44
CA GLU A 280 -0.80 40.46 40.27
C GLU A 280 -0.79 41.26 38.98
N LEU A 281 -1.99 41.72 38.63
CA LEU A 281 -2.28 42.21 37.30
C LEU A 281 -2.53 43.70 37.29
N PRO A 282 -1.80 44.41 36.42
CA PRO A 282 -2.22 45.77 36.11
C PRO A 282 -3.63 45.77 35.52
N ASP A 283 -4.30 46.91 35.55
CA ASP A 283 -5.68 46.99 35.09
C ASP A 283 -5.81 46.92 33.58
N ASN A 284 -4.69 47.01 32.86
CA ASN A 284 -4.71 46.90 31.41
C ASN A 284 -4.33 45.52 30.92
N VAL A 285 -4.53 44.51 31.77
CA VAL A 285 -4.20 43.13 31.45
C VAL A 285 -5.36 42.23 31.80
N GLU A 286 -5.77 41.36 30.88
CA GLU A 286 -6.66 40.27 31.23
C GLU A 286 -5.98 38.92 31.02
N VAL A 287 -6.11 38.05 32.02
CA VAL A 287 -5.47 36.74 32.03
C VAL A 287 -6.56 35.66 32.06
N HIS A 288 -6.43 34.65 31.20
CA HIS A 288 -7.48 33.65 31.04
C HIS A 288 -7.05 32.20 30.98
N ASP A 289 -7.96 31.38 30.46
CA ASP A 289 -7.75 29.97 30.20
C ASP A 289 -7.71 29.74 28.68
N TRP A 290 -8.76 30.22 27.99
CA TRP A 290 -8.91 30.04 26.56
C TRP A 290 -9.54 31.32 26.02
N VAL A 291 -9.24 31.65 24.75
CA VAL A 291 -9.83 32.83 24.11
C VAL A 291 -10.35 32.53 22.71
N PRO A 292 -11.27 33.38 22.24
CA PRO A 292 -11.62 33.27 20.81
C PRO A 292 -10.53 33.96 19.97
N GLN A 293 -9.55 33.19 19.54
CA GLN A 293 -8.28 33.74 19.06
C GLN A 293 -8.36 34.55 17.78
N LEU A 294 -9.04 34.00 16.77
CA LEU A 294 -9.12 34.68 15.49
C LEU A 294 -9.96 35.94 15.63
N ALA A 295 -10.95 35.91 16.52
CA ALA A 295 -11.78 37.08 16.76
C ALA A 295 -10.95 38.20 17.37
N ILE A 296 -10.06 37.83 18.29
CA ILE A 296 -9.14 38.80 18.90
C ILE A 296 -8.10 39.32 17.91
N LEU A 297 -7.52 38.42 17.13
CA LEU A 297 -6.52 38.82 16.13
C LEU A 297 -7.11 39.78 15.12
N ARG A 298 -8.39 39.63 14.78
CA ARG A 298 -9.05 40.55 13.86
C ARG A 298 -9.12 41.96 14.44
N GLN A 299 -8.92 42.05 15.76
CA GLN A 299 -8.90 43.34 16.42
C GLN A 299 -7.47 43.75 16.79
N ALA A 300 -6.68 42.76 17.21
CA ALA A 300 -5.34 42.98 17.78
C ALA A 300 -4.32 43.66 16.86
N ASP A 301 -3.33 44.29 17.48
CA ASP A 301 -2.29 44.99 16.75
C ASP A 301 -0.94 44.28 16.85
N LEU A 302 -0.87 43.32 17.76
CA LEU A 302 0.35 42.55 17.94
C LEU A 302 0.00 41.16 18.46
N PHE A 303 0.74 40.15 18.02
CA PHE A 303 0.49 38.79 18.47
C PHE A 303 1.80 38.15 18.92
N VAL A 304 1.90 37.84 20.21
CA VAL A 304 3.05 37.11 20.72
C VAL A 304 2.67 35.63 20.64
N THR A 305 3.37 34.89 19.79
CA THR A 305 2.95 33.55 19.39
C THR A 305 4.09 32.54 19.52
N HIS A 306 3.76 31.27 19.78
CA HIS A 306 4.77 30.22 19.77
C HIS A 306 5.12 29.79 18.35
N ALA A 307 4.44 30.40 17.39
CA ALA A 307 4.68 30.13 15.97
C ALA A 307 4.36 28.69 15.61
N GLY A 308 3.37 28.10 16.28
CA GLY A 308 2.81 26.87 15.79
C GLY A 308 2.18 27.13 14.43
N ALA A 309 1.89 26.05 13.70
CA ALA A 309 1.30 26.18 12.37
C ALA A 309 0.03 27.06 12.33
N GLY A 310 -0.88 26.84 13.26
CA GLY A 310 -2.15 27.55 13.25
C GLY A 310 -2.00 29.03 13.57
N GLY A 311 -1.38 29.33 14.71
CA GLY A 311 -1.13 30.71 15.10
C GLY A 311 -0.40 31.51 14.06
N SER A 312 0.62 30.91 13.45
CA SER A 312 1.40 31.60 12.42
C SER A 312 0.47 31.96 11.26
N GLN A 313 -0.40 31.01 10.90
CA GLN A 313 -1.31 31.26 9.80
C GLN A 313 -2.32 32.34 10.16
N GLU A 314 -2.87 32.29 11.37
CA GLU A 314 -3.88 33.25 11.76
C GLU A 314 -3.33 34.67 11.90
N GLY A 315 -2.09 34.78 12.38
CA GLY A 315 -1.42 36.07 12.43
C GLY A 315 -1.32 36.71 11.04
N LEU A 316 -0.87 35.93 10.06
CA LEU A 316 -0.78 36.44 8.71
C LEU A 316 -2.16 36.75 8.14
N ALA A 317 -3.11 35.84 8.36
CA ALA A 317 -4.47 36.00 7.85
C ALA A 317 -5.12 37.29 8.32
N THR A 318 -4.75 37.72 9.52
CA THR A 318 -5.31 38.91 10.14
C THR A 318 -4.36 40.12 10.07
N ALA A 319 -3.28 39.97 9.31
CA ALA A 319 -2.27 41.03 9.14
C ALA A 319 -1.82 41.60 10.49
N THR A 320 -1.51 40.71 11.41
CA THR A 320 -1.10 41.13 12.75
C THR A 320 0.38 40.84 12.91
N PRO A 321 1.20 41.89 13.13
CA PRO A 321 2.64 41.68 13.33
C PRO A 321 2.87 40.73 14.50
N MET A 322 3.97 39.98 14.45
CA MET A 322 4.17 38.94 15.46
C MET A 322 5.51 38.99 16.18
N ILE A 323 5.49 38.66 17.47
CA ILE A 323 6.72 38.29 18.17
C ILE A 323 6.66 36.78 18.32
N ALA A 324 7.57 36.10 17.64
CA ALA A 324 7.58 34.65 17.58
C ALA A 324 8.55 34.10 18.62
N VAL A 325 8.01 33.35 19.58
CA VAL A 325 8.81 32.78 20.66
C VAL A 325 8.64 31.26 20.62
N PRO A 326 9.44 30.60 19.77
CA PRO A 326 9.29 29.17 19.52
C PRO A 326 9.54 28.33 20.77
N GLN A 327 8.63 27.42 21.10
CA GLN A 327 8.76 26.65 22.33
C GLN A 327 9.47 25.31 22.10
N ALA A 328 9.54 24.88 20.83
CA ALA A 328 10.11 23.58 20.49
C ALA A 328 10.52 23.42 19.02
N VAL A 329 10.88 22.20 18.66
CA VAL A 329 11.30 21.86 17.30
C VAL A 329 10.34 22.25 16.22
N ASP A 330 9.10 21.78 16.27
CA ASP A 330 8.12 22.02 15.21
C ASP A 330 7.73 23.49 15.02
N GLN A 331 8.37 24.40 15.75
CA GLN A 331 8.03 25.83 15.71
C GLN A 331 9.19 26.71 15.25
N PHE A 332 10.34 26.07 15.04
CA PHE A 332 11.55 26.78 14.64
C PHE A 332 11.45 27.43 13.28
N GLY A 333 11.19 26.64 12.24
CA GLY A 333 11.06 27.16 10.88
C GLY A 333 10.10 28.32 10.72
N ASN A 334 8.91 28.20 11.30
CA ASN A 334 7.89 29.22 11.12
C ASN A 334 8.43 30.53 11.57
N ALA A 335 9.12 30.48 12.70
CA ALA A 335 9.53 31.69 13.36
C ALA A 335 10.53 32.41 12.49
N ASP A 336 11.49 31.67 11.94
CA ASP A 336 12.44 32.31 11.04
C ASP A 336 11.78 32.73 9.73
N MET A 337 10.84 31.92 9.24
CA MET A 337 10.15 32.31 8.01
C MET A 337 9.27 33.54 8.23
N LEU A 338 8.61 33.62 9.39
CA LEU A 338 7.86 34.82 9.75
C LEU A 338 8.77 36.03 9.83
N GLN A 339 9.92 35.86 10.46
CA GLN A 339 10.87 36.95 10.56
C GLN A 339 11.43 37.28 9.17
N GLY A 340 11.67 36.25 8.38
CA GLY A 340 12.18 36.44 7.03
C GLY A 340 11.24 37.21 6.13
N LEU A 341 9.94 37.08 6.41
CA LEU A 341 8.92 37.82 5.67
C LEU A 341 8.94 39.30 6.02
N GLY A 342 9.61 39.64 7.12
CA GLY A 342 9.71 41.02 7.55
C GLY A 342 8.50 41.49 8.35
N VAL A 343 7.76 40.55 8.93
CA VAL A 343 6.55 40.91 9.62
C VAL A 343 6.55 40.42 11.07
N ALA A 344 7.71 40.00 11.54
CA ALA A 344 7.83 39.44 12.87
C ALA A 344 9.27 39.54 13.35
N ARG A 345 9.44 39.45 14.65
CA ARG A 345 10.76 39.31 15.25
C ARG A 345 10.73 38.00 16.01
N LYS A 346 11.77 37.18 15.86
CA LYS A 346 11.88 35.92 16.58
C LYS A 346 12.72 36.05 17.84
N LEU A 347 12.23 35.49 18.95
CA LEU A 347 12.94 35.58 20.22
C LEU A 347 13.09 34.19 20.85
N ALA A 348 14.22 33.95 21.51
CA ALA A 348 14.34 32.80 22.40
C ALA A 348 13.69 33.11 23.74
N THR A 349 13.02 32.13 24.32
CA THR A 349 12.57 32.23 25.71
C THR A 349 13.78 32.18 26.65
N GLU A 350 13.58 31.66 27.87
CA GLU A 350 14.69 31.33 28.75
N GLU A 351 15.57 35.17 26.01
CA GLU A 351 16.01 36.56 26.08
C GLU A 351 14.84 37.51 26.02
N ALA A 352 13.63 36.98 26.04
CA ALA A 352 12.46 37.85 26.07
C ALA A 352 12.38 38.55 27.43
N THR A 353 13.25 39.53 27.66
CA THR A 353 13.12 40.33 28.87
C THR A 353 11.87 41.18 28.71
N ALA A 354 11.36 41.70 29.82
CA ALA A 354 10.22 42.60 29.76
C ALA A 354 10.58 43.78 28.87
N ASP A 355 11.83 44.22 29.02
CA ASP A 355 12.34 45.34 28.27
C ASP A 355 12.48 45.03 26.78
N LEU A 356 12.94 43.81 26.47
CA LEU A 356 13.11 43.42 25.07
C LEU A 356 11.76 43.22 24.38
N LEU A 357 10.84 42.57 25.08
CA LEU A 357 9.50 42.36 24.55
C LEU A 357 8.85 43.69 24.24
N ARG A 358 9.00 44.65 25.15
CA ARG A 358 8.37 45.95 24.97
C ARG A 358 8.95 46.72 23.81
N GLU A 359 10.28 46.72 23.70
CA GLU A 359 10.93 47.46 22.64
C GLU A 359 10.58 46.85 21.29
N THR A 360 10.56 45.53 21.24
CA THR A 360 10.24 44.82 20.02
C THR A 360 8.79 45.08 19.61
N ALA A 361 7.90 44.96 20.59
CA ALA A 361 6.49 45.29 20.41
C ALA A 361 6.31 46.66 19.78
N LEU A 362 6.95 47.66 20.35
CA LEU A 362 6.86 49.03 19.85
C LEU A 362 7.29 49.12 18.41
N ALA A 363 8.51 48.63 18.13
CA ALA A 363 9.03 48.63 16.76
C ALA A 363 8.00 48.10 15.78
N LEU A 364 7.48 46.91 16.07
CA LEU A 364 6.58 46.25 15.14
C LEU A 364 5.25 46.97 14.88
N VAL A 365 4.59 47.48 15.92
CA VAL A 365 3.19 47.95 15.75
C VAL A 365 2.98 48.94 14.62
N ASP A 366 3.53 50.14 14.78
CA ASP A 366 3.20 51.26 13.90
C ASP A 366 4.01 51.31 12.60
N ASP A 367 5.02 50.44 12.46
CA ASP A 367 5.89 50.45 11.29
C ASP A 367 5.08 50.16 10.03
N PRO A 368 4.98 51.16 9.14
CA PRO A 368 4.06 51.04 8.00
C PRO A 368 4.57 50.06 6.93
N GLU A 369 5.84 49.64 7.01
CA GLU A 369 6.33 48.67 6.05
C GLU A 369 6.05 47.22 6.47
N VAL A 370 6.13 46.96 7.78
CA VAL A 370 5.60 45.71 8.31
C VAL A 370 4.11 45.57 7.94
N ALA A 371 3.35 46.65 8.06
CA ALA A 371 1.91 46.63 7.72
C ALA A 371 1.60 46.41 6.24
N ARG A 372 2.32 47.10 5.35
CA ARG A 372 2.13 46.92 3.91
C ARG A 372 2.42 45.48 3.51
N ARG A 373 3.49 44.90 4.06
CA ARG A 373 3.83 43.52 3.72
C ARG A 373 2.85 42.51 4.28
N LEU A 374 2.32 42.78 5.47
CA LEU A 374 1.24 41.96 6.00
C LEU A 374 0.02 42.01 5.08
N ARG A 375 -0.34 43.21 4.63
CA ARG A 375 -1.47 43.31 3.70
C ARG A 375 -1.16 42.66 2.36
N ARG A 376 0.10 42.71 1.93
CA ARG A 376 0.47 42.05 0.68
C ARG A 376 0.34 40.53 0.83
N ILE A 377 0.80 39.99 1.96
CA ILE A 377 0.61 38.56 2.24
C ILE A 377 -0.89 38.21 2.37
N GLN A 378 -1.66 39.11 3.00
CA GLN A 378 -3.10 38.96 3.05
C GLN A 378 -3.69 38.79 1.65
N ALA A 379 -3.28 39.65 0.73
CA ALA A 379 -3.79 39.61 -0.62
C ALA A 379 -3.40 38.31 -1.30
N GLU A 380 -2.20 37.82 -0.98
CA GLU A 380 -1.71 36.60 -1.60
C GLU A 380 -2.42 35.38 -1.03
N MET A 381 -2.71 35.42 0.26
CA MET A 381 -3.46 34.34 0.87
C MET A 381 -4.90 34.32 0.32
N ALA A 382 -5.38 35.47 -0.13
CA ALA A 382 -6.66 35.49 -0.83
C ALA A 382 -6.57 34.85 -2.22
N GLN A 383 -5.43 34.98 -2.88
CA GLN A 383 -5.27 34.34 -4.18
C GLN A 383 -5.16 32.83 -4.05
N GLU A 384 -4.71 32.36 -2.88
CA GLU A 384 -4.68 30.93 -2.60
C GLU A 384 -6.08 30.36 -2.52
N GLY A 385 -6.97 31.07 -1.82
CA GLY A 385 -8.36 30.71 -1.77
C GLY A 385 -8.87 30.32 -0.40
N GLY A 386 -8.85 29.02 -0.13
CA GLY A 386 -9.37 28.46 1.12
C GLY A 386 -10.23 27.24 0.86
N THR A 387 -11.18 26.99 1.76
CA THR A 387 -12.06 25.83 1.69
C THR A 387 -12.68 25.65 0.31
N ARG A 388 -13.05 26.75 -0.32
CA ARG A 388 -13.77 26.72 -1.58
C ARG A 388 -12.91 26.54 -2.82
N ARG A 389 -11.72 27.12 -2.82
CA ARG A 389 -10.81 26.88 -3.93
C ARG A 389 -10.42 25.41 -3.89
N ALA A 390 -10.20 24.89 -2.69
CA ALA A 390 -9.83 23.47 -2.53
C ALA A 390 -10.92 22.56 -3.07
N ALA A 391 -12.16 22.77 -2.63
CA ALA A 391 -13.27 21.99 -3.17
C ALA A 391 -13.38 22.16 -4.68
N ASP A 392 -13.28 23.41 -5.15
CA ASP A 392 -13.28 23.67 -6.59
C ASP A 392 -12.15 22.91 -7.26
N LEU A 393 -10.97 22.92 -6.66
CA LEU A 393 -9.81 22.30 -7.29
C LEU A 393 -9.94 20.78 -7.33
N ILE A 394 -10.54 20.22 -6.28
CA ILE A 394 -10.76 18.77 -6.22
C ILE A 394 -11.83 18.35 -7.21
N GLU A 395 -12.83 19.20 -7.39
CA GLU A 395 -13.86 18.93 -8.39
C GLU A 395 -13.23 18.86 -9.76
N ALA A 396 -12.27 19.73 -10.02
CA ALA A 396 -11.58 19.78 -11.30
C ALA A 396 -10.78 18.52 -11.57
N GLU A 397 -10.44 17.76 -10.53
CA GLU A 397 -9.66 16.54 -10.70
C GLU A 397 -10.52 15.33 -11.08
N LEU A 398 -11.82 15.57 -11.19
CA LEU A 398 -12.70 14.60 -11.82
C LEU A 398 -12.32 14.45 -13.28
N PRO A 399 -11.88 13.26 -13.68
CA PRO A 399 -11.55 13.00 -15.09
C PRO A 399 -12.79 12.94 -15.96
N ALA A 400 -12.60 13.19 -17.26
CA ALA A 400 -13.66 13.21 -18.26
C ALA A 400 -14.71 12.11 -18.11
N THR B 6 16.24 -52.70 -4.32
CA THR B 6 14.88 -52.59 -3.79
C THR B 6 14.58 -51.13 -3.50
N PRO B 7 13.96 -50.44 -4.47
CA PRO B 7 13.66 -49.00 -4.53
C PRO B 7 13.19 -48.37 -3.22
N ALA B 8 13.46 -47.07 -3.08
CA ALA B 8 12.89 -46.29 -1.99
C ALA B 8 11.38 -46.21 -2.19
N HIS B 9 10.62 -46.23 -1.08
CA HIS B 9 9.18 -46.01 -1.14
C HIS B 9 8.89 -44.56 -0.79
N ILE B 10 8.45 -43.79 -1.78
CA ILE B 10 8.16 -42.38 -1.59
C ILE B 10 6.65 -42.21 -1.55
N ALA B 11 6.13 -41.74 -0.42
CA ALA B 11 4.69 -41.56 -0.29
C ALA B 11 4.32 -40.09 -0.48
N MET B 12 3.57 -39.82 -1.54
CA MET B 12 3.02 -38.51 -1.85
C MET B 12 1.59 -38.45 -1.32
N PHE B 13 1.15 -37.26 -0.90
CA PHE B 13 -0.21 -37.05 -0.38
C PHE B 13 -0.80 -35.79 -1.01
N SER B 14 -2.05 -35.85 -1.46
CA SER B 14 -2.78 -34.64 -1.92
C SER B 14 -4.30 -34.76 -2.08
N ILE B 15 -4.95 -33.59 -2.12
CA ILE B 15 -6.41 -33.45 -2.12
C ILE B 15 -6.97 -33.39 -3.54
N ALA B 16 -8.16 -33.94 -3.77
CA ALA B 16 -8.70 -33.97 -5.14
C ALA B 16 -9.07 -32.59 -5.65
N ALA B 17 -8.05 -31.76 -5.86
CA ALA B 17 -8.22 -30.44 -6.47
C ALA B 17 -7.21 -30.28 -7.58
N HIS B 18 -7.62 -29.75 -8.72
CA HIS B 18 -6.71 -29.59 -9.85
C HIS B 18 -5.40 -28.92 -9.43
N GLY B 19 -5.52 -27.81 -8.72
CA GLY B 19 -4.38 -26.97 -8.40
C GLY B 19 -3.40 -27.55 -7.40
N HIS B 20 -3.69 -28.73 -6.88
CA HIS B 20 -2.79 -29.32 -5.89
C HIS B 20 -2.26 -30.70 -6.25
N VAL B 21 -2.59 -31.18 -7.44
CA VAL B 21 -2.01 -32.41 -7.95
C VAL B 21 -1.26 -32.14 -9.25
N ASN B 22 -1.90 -31.36 -10.11
CA ASN B 22 -1.36 -31.01 -11.43
C ASN B 22 -0.03 -30.26 -11.44
N PRO B 23 0.15 -29.26 -10.55
CA PRO B 23 1.42 -28.53 -10.58
C PRO B 23 2.63 -29.45 -10.44
N SER B 24 2.48 -30.55 -9.72
CA SER B 24 3.59 -31.44 -9.47
C SER B 24 3.47 -32.77 -10.22
N LEU B 25 2.41 -32.93 -11.01
CA LEU B 25 2.13 -34.21 -11.67
C LEU B 25 3.35 -34.79 -12.41
N GLU B 26 4.12 -33.91 -13.04
CA GLU B 26 5.30 -34.34 -13.78
C GLU B 26 6.47 -34.78 -12.89
N VAL B 27 6.58 -34.17 -11.70
CA VAL B 27 7.60 -34.58 -10.75
C VAL B 27 7.34 -36.03 -10.32
N ILE B 28 6.07 -36.35 -10.07
CA ILE B 28 5.70 -37.71 -9.73
C ILE B 28 5.96 -38.67 -10.90
N ARG B 29 5.59 -38.26 -12.11
CA ARG B 29 5.83 -39.06 -13.32
C ARG B 29 7.32 -39.30 -13.52
N GLU B 30 8.12 -38.30 -13.18
CA GLU B 30 9.57 -38.41 -13.32
C GLU B 30 10.15 -39.31 -12.22
N LEU B 31 9.58 -39.25 -11.02
CA LEU B 31 10.05 -40.09 -9.94
C LEU B 31 9.82 -41.57 -10.22
N VAL B 32 8.68 -41.88 -10.81
CA VAL B 32 8.36 -43.26 -11.16
C VAL B 32 9.20 -43.72 -12.34
N ALA B 33 9.37 -42.85 -13.33
CA ALA B 33 10.18 -43.17 -14.50
C ALA B 33 11.62 -43.51 -14.08
N ARG B 34 12.07 -42.88 -12.99
CA ARG B 34 13.38 -43.20 -12.41
C ARG B 34 13.38 -44.50 -11.59
N GLY B 35 12.22 -45.12 -11.46
CA GLY B 35 12.12 -46.43 -10.80
C GLY B 35 11.87 -46.45 -9.30
N HIS B 36 11.48 -45.31 -8.73
CA HIS B 36 11.17 -45.28 -7.30
C HIS B 36 9.87 -46.03 -7.06
N ARG B 37 9.67 -46.50 -5.83
CA ARG B 37 8.38 -47.07 -5.47
C ARG B 37 7.52 -45.95 -4.90
N VAL B 38 6.64 -45.42 -5.73
CA VAL B 38 5.84 -44.26 -5.36
C VAL B 38 4.38 -44.64 -5.15
N THR B 39 3.85 -44.28 -3.99
CA THR B 39 2.42 -44.34 -3.73
C THR B 39 1.88 -42.92 -3.61
N TYR B 40 0.56 -42.77 -3.63
CA TYR B 40 -0.03 -41.44 -3.70
C TYR B 40 -1.40 -41.44 -3.07
N ALA B 41 -1.51 -40.72 -1.95
CA ALA B 41 -2.77 -40.56 -1.23
C ALA B 41 -3.66 -39.58 -1.97
N ILE B 42 -4.89 -40.01 -2.29
CA ILE B 42 -5.76 -39.20 -3.13
C ILE B 42 -7.24 -39.54 -2.95
N PRO B 43 -8.12 -38.51 -2.94
CA PRO B 43 -9.56 -38.83 -2.94
C PRO B 43 -9.94 -39.51 -4.25
N PRO B 44 -10.81 -40.53 -4.18
CA PRO B 44 -11.09 -41.51 -5.25
C PRO B 44 -11.35 -40.91 -6.62
N VAL B 45 -11.92 -39.72 -6.66
CA VAL B 45 -12.26 -39.13 -7.94
C VAL B 45 -11.00 -38.81 -8.75
N PHE B 46 -9.91 -38.53 -8.05
CA PHE B 46 -8.65 -38.20 -8.73
C PHE B 46 -7.74 -39.41 -8.88
N ALA B 47 -8.25 -40.61 -8.61
CA ALA B 47 -7.48 -41.83 -8.84
C ALA B 47 -7.08 -41.92 -10.30
N ASP B 48 -8.04 -41.66 -11.19
CA ASP B 48 -7.86 -41.75 -12.64
C ASP B 48 -6.89 -40.69 -13.21
N LYS B 49 -5.97 -40.22 -12.38
CA LYS B 49 -4.97 -39.23 -12.79
C LYS B 49 -3.61 -39.56 -12.19
N VAL B 50 -3.57 -39.67 -10.86
CA VAL B 50 -2.34 -40.05 -10.18
C VAL B 50 -1.77 -41.34 -10.77
N ALA B 51 -2.64 -42.27 -11.15
CA ALA B 51 -2.16 -43.56 -11.61
C ALA B 51 -1.68 -43.50 -13.05
N ALA B 52 -2.22 -42.56 -13.82
CA ALA B 52 -1.86 -42.46 -15.23
C ALA B 52 -0.38 -42.13 -15.36
N THR B 53 0.21 -41.63 -14.28
CA THR B 53 1.64 -41.45 -14.31
C THR B 53 2.32 -42.83 -14.14
N GLY B 54 1.93 -43.56 -13.10
CA GLY B 54 2.57 -44.81 -12.75
C GLY B 54 2.60 -45.07 -11.25
N ALA B 55 2.39 -44.02 -10.45
CA ALA B 55 2.25 -44.16 -9.01
C ALA B 55 1.01 -45.00 -8.71
N ARG B 56 1.00 -45.66 -7.55
CA ARG B 56 -0.11 -46.50 -7.12
C ARG B 56 -0.99 -45.68 -6.20
N PRO B 57 -2.24 -45.40 -6.61
CA PRO B 57 -3.03 -44.60 -5.66
C PRO B 57 -3.34 -45.37 -4.38
N VAL B 58 -3.23 -44.66 -3.25
CA VAL B 58 -3.57 -45.20 -1.95
C VAL B 58 -4.75 -44.40 -1.42
N LEU B 59 -5.91 -45.03 -1.42
CA LEU B 59 -7.20 -44.36 -1.33
C LEU B 59 -7.66 -43.82 0.04
N TYR B 60 -8.27 -42.64 0.03
CA TYR B 60 -8.87 -42.10 1.26
C TYR B 60 -10.06 -41.18 0.94
N HIS B 61 -11.08 -41.25 1.81
CA HIS B 61 -12.26 -40.40 1.70
C HIS B 61 -11.99 -38.96 2.18
N SER B 62 -12.43 -37.99 1.39
CA SER B 62 -12.15 -36.57 1.66
C SER B 62 -13.43 -35.78 1.93
N THR B 63 -13.40 -34.89 2.92
CA THR B 63 -14.58 -34.07 3.22
C THR B 63 -14.55 -32.74 2.48
N LEU B 64 -13.41 -32.43 1.85
CA LEU B 64 -13.31 -31.21 1.06
C LEU B 64 -14.28 -31.24 -0.11
N PRO B 65 -14.53 -30.08 -0.75
CA PRO B 65 -15.36 -30.13 -1.95
C PRO B 65 -14.69 -30.93 -3.06
N GLY B 66 -15.34 -31.06 -4.20
CA GLY B 66 -14.75 -31.80 -5.31
C GLY B 66 -13.89 -30.92 -6.21
N PRO B 67 -13.34 -31.50 -7.30
CA PRO B 67 -12.47 -30.81 -8.25
C PRO B 67 -13.16 -29.80 -9.20
N ASP B 68 -14.30 -30.16 -9.77
CA ASP B 68 -14.98 -29.26 -10.70
C ASP B 68 -16.03 -28.39 -9.97
N ALA B 69 -15.81 -28.17 -8.68
CA ALA B 69 -16.67 -27.27 -7.93
C ALA B 69 -16.49 -25.81 -8.33
N ASP B 70 -17.40 -24.96 -7.89
CA ASP B 70 -17.36 -23.54 -8.21
C ASP B 70 -16.47 -22.74 -7.24
N PRO B 71 -16.03 -21.55 -7.68
CA PRO B 71 -15.38 -20.56 -6.81
C PRO B 71 -16.27 -20.22 -5.63
N GLU B 72 -17.29 -19.36 -5.83
CA GLU B 72 -18.32 -19.01 -4.83
C GLU B 72 -18.65 -20.15 -3.86
N ALA B 73 -18.45 -21.38 -4.33
CA ALA B 73 -18.43 -22.55 -3.48
C ALA B 73 -17.37 -22.49 -2.37
N TRP B 74 -16.08 -22.62 -2.72
CA TRP B 74 -15.01 -22.87 -1.72
C TRP B 74 -14.75 -21.79 -0.63
N GLY B 75 -15.62 -20.78 -0.50
CA GLY B 75 -15.53 -19.96 0.70
C GLY B 75 -15.62 -18.43 0.75
N SER B 76 -16.55 -17.94 1.58
CA SER B 76 -16.64 -16.52 1.89
C SER B 76 -15.52 -16.03 2.82
N THR B 77 -15.54 -16.43 4.09
CA THR B 77 -14.57 -15.95 5.08
C THR B 77 -13.20 -16.66 5.06
N LEU B 78 -12.23 -16.06 5.75
CA LEU B 78 -10.94 -16.69 5.99
C LEU B 78 -11.18 -18.02 6.67
N LEU B 79 -12.11 -18.03 7.62
CA LEU B 79 -12.47 -19.26 8.28
C LEU B 79 -13.17 -20.21 7.31
N ASP B 80 -13.97 -19.66 6.39
CA ASP B 80 -14.57 -20.51 5.36
C ASP B 80 -13.45 -21.18 4.56
N ASN B 81 -12.33 -20.51 4.42
CA ASN B 81 -11.20 -21.04 3.65
C ASN B 81 -10.42 -22.14 4.41
N VAL B 82 -9.85 -21.81 5.57
CA VAL B 82 -8.92 -22.73 6.22
C VAL B 82 -9.53 -23.83 7.09
N GLU B 83 -10.70 -23.58 7.68
CA GLU B 83 -11.36 -24.58 8.50
C GLU B 83 -11.53 -25.97 7.83
N PRO B 84 -12.00 -26.00 6.56
CA PRO B 84 -12.20 -27.31 5.93
C PRO B 84 -10.95 -28.17 5.83
N PHE B 85 -9.79 -27.55 5.71
CA PHE B 85 -8.56 -28.32 5.60
C PHE B 85 -8.24 -29.01 6.91
N LEU B 86 -8.59 -28.36 8.02
CA LEU B 86 -8.40 -28.97 9.32
C LEU B 86 -9.39 -30.11 9.52
N ASN B 87 -10.65 -29.83 9.20
CA ASN B 87 -11.71 -30.79 9.45
C ASN B 87 -11.46 -32.07 8.64
N ASP B 88 -10.94 -31.88 7.43
CA ASP B 88 -10.60 -33.03 6.60
C ASP B 88 -9.42 -33.78 7.17
N ALA B 89 -8.37 -33.04 7.51
CA ALA B 89 -7.18 -33.64 8.11
C ALA B 89 -7.55 -34.51 9.31
N ILE B 90 -8.45 -34.01 10.15
CA ILE B 90 -8.86 -34.80 11.31
C ILE B 90 -9.53 -36.10 10.90
N GLN B 91 -10.37 -36.07 9.86
CA GLN B 91 -11.09 -37.26 9.44
C GLN B 91 -10.31 -38.13 8.44
N ALA B 92 -9.46 -37.50 7.64
CA ALA B 92 -8.61 -38.21 6.68
C ALA B 92 -7.53 -39.03 7.36
N LEU B 93 -6.78 -38.39 8.25
CA LEU B 93 -5.64 -39.03 8.92
C LEU B 93 -5.81 -40.49 9.37
N PRO B 94 -6.84 -40.80 10.18
CA PRO B 94 -6.88 -42.18 10.68
C PRO B 94 -7.19 -43.24 9.62
N GLN B 95 -7.56 -42.81 8.41
CA GLN B 95 -7.66 -43.72 7.27
C GLN B 95 -6.24 -44.02 6.75
N LEU B 96 -5.50 -42.95 6.51
CA LEU B 96 -4.16 -43.01 5.96
C LEU B 96 -3.16 -43.67 6.90
N ALA B 97 -3.27 -43.36 8.19
CA ALA B 97 -2.36 -43.90 9.19
C ALA B 97 -2.36 -45.43 9.17
N ASP B 98 -3.52 -46.00 8.90
CA ASP B 98 -3.67 -47.44 8.93
C ASP B 98 -3.81 -47.98 7.51
N ALA B 99 -3.81 -47.09 6.51
CA ALA B 99 -3.70 -47.51 5.12
C ALA B 99 -2.27 -47.92 4.83
N TYR B 100 -1.32 -47.18 5.39
CA TYR B 100 0.09 -47.44 5.16
C TYR B 100 0.67 -48.29 6.27
N ALA B 101 -0.18 -48.75 7.18
CA ALA B 101 0.31 -49.37 8.40
C ALA B 101 1.35 -50.47 8.19
N ASP B 102 1.25 -51.21 7.09
CA ASP B 102 2.15 -52.34 6.88
C ASP B 102 3.27 -52.02 5.86
N ASP B 103 3.58 -50.73 5.70
CA ASP B 103 4.46 -50.25 4.64
C ASP B 103 4.78 -48.76 4.88
N ILE B 104 5.54 -48.49 5.94
CA ILE B 104 5.86 -47.10 6.30
C ILE B 104 6.97 -46.53 5.40
N PRO B 105 6.66 -45.44 4.69
CA PRO B 105 7.56 -44.97 3.63
C PRO B 105 8.91 -44.48 4.13
N ASP B 106 9.83 -44.32 3.20
CA ASP B 106 11.17 -43.85 3.50
C ASP B 106 11.23 -42.34 3.30
N LEU B 107 10.22 -41.82 2.59
CA LEU B 107 10.08 -40.37 2.41
C LEU B 107 8.63 -39.98 2.19
N VAL B 108 8.25 -38.85 2.77
CA VAL B 108 6.90 -38.31 2.59
C VAL B 108 6.96 -37.04 1.75
N LEU B 109 6.19 -37.02 0.67
CA LEU B 109 6.07 -35.89 -0.22
C LEU B 109 4.62 -35.42 -0.09
N HIS B 110 4.36 -34.12 -0.17
CA HIS B 110 2.98 -33.65 -0.08
C HIS B 110 2.80 -32.21 -0.54
N ASP B 111 1.67 -31.97 -1.20
CA ASP B 111 1.20 -30.61 -1.46
C ASP B 111 0.86 -29.94 -0.12
N ILE B 112 0.89 -28.60 -0.11
CA ILE B 112 0.69 -27.80 1.10
C ILE B 112 -0.64 -28.07 1.83
N THR B 113 -1.65 -28.54 1.11
CA THR B 113 -2.96 -28.74 1.75
C THR B 113 -3.09 -29.99 2.62
N SER B 114 -2.10 -30.87 2.56
CA SER B 114 -2.18 -32.13 3.33
C SER B 114 -1.58 -32.06 4.73
N TYR B 115 -2.38 -31.64 5.70
CA TYR B 115 -1.94 -31.72 7.09
C TYR B 115 -1.65 -33.17 7.55
N PRO B 116 -2.40 -34.16 7.03
CA PRO B 116 -2.04 -35.51 7.52
C PRO B 116 -0.62 -35.95 7.16
N ALA B 117 -0.13 -35.53 6.00
CA ALA B 117 1.20 -35.94 5.57
C ALA B 117 2.27 -35.41 6.53
N ARG B 118 2.04 -34.21 7.04
CA ARG B 118 2.92 -33.63 8.04
C ARG B 118 2.90 -34.47 9.31
N VAL B 119 1.72 -34.85 9.77
CA VAL B 119 1.64 -35.57 11.05
C VAL B 119 2.20 -36.99 10.91
N LEU B 120 1.95 -37.63 9.78
CA LEU B 120 2.49 -38.98 9.53
C LEU B 120 4.02 -39.04 9.36
N ALA B 121 4.61 -38.10 8.62
CA ALA B 121 6.07 -38.09 8.51
C ALA B 121 6.62 -38.05 9.92
N ARG B 122 6.09 -37.12 10.71
CA ARG B 122 6.44 -36.97 12.13
C ARG B 122 6.33 -38.30 12.87
N ARG B 123 5.18 -38.95 12.69
CA ARG B 123 4.92 -40.26 13.31
C ARG B 123 5.86 -41.30 12.73
N TRP B 124 5.71 -41.59 11.44
CA TRP B 124 6.53 -42.62 10.78
C TRP B 124 8.03 -42.31 10.84
N GLY B 125 8.36 -41.08 11.22
CA GLY B 125 9.73 -40.73 11.59
C GLY B 125 10.64 -40.58 10.39
N VAL B 126 10.11 -39.98 9.34
CA VAL B 126 10.84 -39.85 8.08
C VAL B 126 10.80 -38.39 7.63
N PRO B 127 11.74 -38.00 6.75
CA PRO B 127 11.67 -36.64 6.22
C PRO B 127 10.42 -36.41 5.39
N ALA B 128 9.94 -35.16 5.42
CA ALA B 128 8.81 -34.74 4.61
C ALA B 128 9.24 -33.61 3.67
N VAL B 129 8.71 -33.61 2.45
CA VAL B 129 8.99 -32.52 1.51
C VAL B 129 7.69 -31.89 1.03
N SER B 130 7.50 -30.62 1.36
CA SER B 130 6.31 -29.90 0.96
C SER B 130 6.50 -29.36 -0.46
N LEU B 131 5.48 -29.51 -1.30
CA LEU B 131 5.51 -28.96 -2.65
C LEU B 131 4.50 -27.84 -2.75
N SER B 132 4.98 -26.61 -2.96
CA SER B 132 4.07 -25.45 -3.01
C SER B 132 3.82 -24.96 -4.43
N PRO B 133 2.55 -24.98 -4.86
CA PRO B 133 2.21 -24.50 -6.20
C PRO B 133 1.98 -22.99 -6.24
N ASN B 134 2.46 -22.30 -5.22
CA ASN B 134 2.28 -20.85 -5.12
C ASN B 134 3.32 -20.28 -4.19
N LEU B 135 3.22 -18.98 -3.92
CA LEU B 135 4.20 -18.32 -3.07
C LEU B 135 4.23 -18.94 -1.68
N VAL B 136 5.35 -18.74 -0.98
CA VAL B 136 5.53 -19.25 0.37
C VAL B 136 5.77 -18.13 1.34
N ALA B 137 5.78 -18.47 2.63
CA ALA B 137 6.01 -17.47 3.67
C ALA B 137 7.47 -17.03 3.70
N TRP B 138 7.67 -15.73 3.86
CA TRP B 138 9.00 -15.18 4.08
C TRP B 138 9.19 -14.91 5.57
N LYS B 139 10.43 -14.65 5.98
CA LYS B 139 10.66 -14.23 7.36
C LYS B 139 10.07 -12.83 7.48
N GLY B 140 9.03 -12.70 8.30
CA GLY B 140 8.26 -11.48 8.37
C GLY B 140 6.79 -11.71 8.08
N TYR B 141 6.48 -12.75 7.31
CA TYR B 141 5.12 -13.06 6.89
C TYR B 141 4.16 -13.21 8.07
N GLU B 142 4.65 -13.78 9.16
CA GLU B 142 3.79 -14.02 10.31
C GLU B 142 3.21 -12.72 10.87
N GLU B 143 4.10 -11.80 11.17
CA GLU B 143 3.69 -10.52 11.73
C GLU B 143 3.10 -9.64 10.63
N GLU B 144 3.56 -9.82 9.40
CA GLU B 144 3.15 -8.93 8.31
C GLU B 144 1.85 -9.31 7.64
N VAL B 145 1.61 -10.62 7.47
CA VAL B 145 0.45 -11.09 6.73
C VAL B 145 -0.48 -11.91 7.63
N ALA B 146 0.09 -12.85 8.37
CA ALA B 146 -0.71 -13.80 9.15
C ALA B 146 -1.28 -13.21 10.45
N GLU B 147 -0.42 -12.60 11.27
CA GLU B 147 -0.90 -11.95 12.49
C GLU B 147 -1.99 -10.90 12.23
N PRO B 148 -1.87 -10.12 11.13
CA PRO B 148 -2.99 -9.19 10.90
C PRO B 148 -4.19 -9.80 10.18
N MET B 149 -3.98 -10.81 9.33
CA MET B 149 -5.10 -11.38 8.59
C MET B 149 -6.13 -12.01 9.53
N TRP B 150 -5.65 -12.53 10.66
CA TRP B 150 -6.48 -13.23 11.62
C TRP B 150 -7.01 -12.32 12.75
N ARG B 151 -6.52 -11.09 12.81
CA ARG B 151 -6.71 -10.23 13.98
C ARG B 151 -8.12 -10.22 14.60
N GLU B 152 -9.14 -10.14 13.75
CA GLU B 152 -10.52 -10.18 14.20
C GLU B 152 -11.14 -11.59 14.21
N PRO B 153 -10.97 -12.37 13.12
CA PRO B 153 -11.58 -13.72 13.16
C PRO B 153 -11.13 -14.60 14.32
N ARG B 154 -9.89 -14.41 14.78
CA ARG B 154 -9.32 -15.26 15.81
C ARG B 154 -10.02 -15.09 17.17
N GLN B 155 -10.68 -13.94 17.35
CA GLN B 155 -11.44 -13.69 18.58
C GLN B 155 -12.93 -14.00 18.41
N THR B 156 -13.36 -14.39 17.21
CA THR B 156 -14.74 -14.81 17.05
C THR B 156 -14.85 -16.19 17.68
N GLU B 157 -16.04 -16.56 18.15
CA GLU B 157 -16.20 -17.87 18.74
C GLU B 157 -15.84 -18.98 17.76
N ARG B 158 -16.12 -18.76 16.49
CA ARG B 158 -15.76 -19.74 15.48
C ARG B 158 -14.25 -19.88 15.40
N GLY B 159 -13.56 -18.75 15.22
CA GLY B 159 -12.11 -18.78 15.11
C GLY B 159 -11.46 -19.33 16.37
N ARG B 160 -12.12 -19.10 17.50
CA ARG B 160 -11.64 -19.54 18.79
C ARG B 160 -11.67 -21.06 18.91
N ALA B 161 -12.81 -21.63 18.54
CA ALA B 161 -12.99 -23.08 18.60
C ALA B 161 -12.05 -23.78 17.63
N TYR B 162 -11.75 -23.13 16.53
CA TYR B 162 -10.86 -23.70 15.51
C TYR B 162 -9.41 -23.86 15.97
N TYR B 163 -8.88 -22.89 16.71
CA TYR B 163 -7.48 -22.96 17.14
C TYR B 163 -7.22 -23.84 18.34
N ALA B 164 -8.21 -24.02 19.21
CA ALA B 164 -8.03 -24.93 20.32
C ALA B 164 -8.13 -26.37 19.83
N ARG B 165 -8.87 -26.55 18.74
CA ARG B 165 -9.05 -27.86 18.14
C ARG B 165 -7.78 -28.28 17.40
N PHE B 166 -7.20 -27.33 16.66
CA PHE B 166 -5.96 -27.55 15.93
C PHE B 166 -4.89 -27.82 16.99
N GLU B 167 -4.93 -26.99 18.03
CA GLU B 167 -4.17 -27.21 19.25
C GLU B 167 -4.29 -28.64 19.76
N ALA B 168 -5.52 -29.08 19.97
CA ALA B 168 -5.77 -30.39 20.59
C ALA B 168 -5.32 -31.53 19.70
N TRP B 169 -5.54 -31.38 18.40
CA TRP B 169 -5.22 -32.41 17.43
C TRP B 169 -3.71 -32.70 17.39
N LEU B 170 -2.90 -31.64 17.41
CA LEU B 170 -1.45 -31.80 17.37
C LEU B 170 -0.93 -32.53 18.62
N LYS B 171 -1.50 -32.19 19.77
CA LYS B 171 -0.97 -32.71 21.04
C LYS B 171 -1.07 -34.24 21.23
N GLU B 172 -2.12 -34.85 20.70
CA GLU B 172 -2.23 -36.29 20.80
C GLU B 172 -1.40 -36.98 19.71
N ASN B 173 -0.60 -36.21 18.99
CA ASN B 173 0.30 -36.75 17.97
C ASN B 173 1.75 -36.39 18.23
N GLY B 174 2.06 -36.14 19.51
CA GLY B 174 3.40 -35.75 19.93
C GLY B 174 3.92 -34.49 19.29
N ILE B 175 3.01 -33.56 18.95
CA ILE B 175 3.35 -32.33 18.21
C ILE B 175 3.17 -31.03 19.02
N THR B 176 4.26 -30.47 19.54
CA THR B 176 4.16 -29.26 20.36
C THR B 176 4.23 -27.91 19.63
N GLU B 177 4.48 -27.94 18.33
CA GLU B 177 4.47 -26.72 17.51
C GLU B 177 3.13 -26.00 17.52
N HIS B 178 3.15 -24.69 17.34
CA HIS B 178 1.91 -23.92 17.17
C HIS B 178 1.27 -24.30 15.84
N PRO B 179 -0.07 -24.39 15.79
CA PRO B 179 -0.77 -24.67 14.54
C PRO B 179 -0.33 -23.84 13.33
N ASP B 180 -0.05 -22.55 13.51
CA ASP B 180 0.34 -21.71 12.39
C ASP B 180 1.70 -22.12 11.81
N THR B 181 2.62 -22.49 12.70
CA THR B 181 3.93 -22.98 12.27
C THR B 181 3.77 -24.31 11.53
N PHE B 182 2.91 -25.17 12.07
CA PHE B 182 2.61 -26.46 11.47
C PHE B 182 2.03 -26.30 10.07
N ALA B 183 1.10 -25.37 9.91
CA ALA B 183 0.43 -25.19 8.62
C ALA B 183 1.26 -24.42 7.60
N SER B 184 1.93 -23.36 8.05
CA SER B 184 2.50 -22.39 7.13
C SER B 184 4.01 -22.39 7.01
N HIS B 185 4.69 -23.23 7.80
CA HIS B 185 6.15 -23.16 7.88
C HIS B 185 6.80 -24.53 7.86
N PRO B 186 6.80 -25.18 6.69
CA PRO B 186 7.37 -26.53 6.56
C PRO B 186 8.87 -26.54 6.83
N PRO B 187 9.42 -27.70 7.19
CA PRO B 187 10.87 -27.77 7.43
C PRO B 187 11.66 -27.81 6.12
N ARG B 188 11.01 -28.22 5.04
CA ARG B 188 11.65 -28.36 3.73
C ARG B 188 10.59 -28.23 2.65
N SER B 189 10.85 -27.41 1.64
CA SER B 189 9.83 -27.11 0.64
C SER B 189 10.42 -26.83 -0.73
N LEU B 190 9.81 -27.39 -1.77
CA LEU B 190 10.12 -27.03 -3.13
C LEU B 190 9.00 -26.17 -3.69
N VAL B 191 9.35 -25.01 -4.24
CA VAL B 191 8.36 -24.05 -4.71
C VAL B 191 8.27 -24.09 -6.23
N LEU B 192 7.07 -24.35 -6.75
CA LEU B 192 6.86 -24.57 -8.18
C LEU B 192 6.49 -23.29 -8.91
N ILE B 193 7.00 -22.16 -8.43
CA ILE B 193 6.91 -20.91 -9.17
C ILE B 193 8.30 -20.33 -9.25
N PRO B 194 8.57 -19.52 -10.28
CA PRO B 194 9.88 -18.87 -10.32
C PRO B 194 10.01 -17.89 -9.16
N LYS B 195 11.22 -17.77 -8.62
CA LYS B 195 11.47 -16.87 -7.49
C LYS B 195 11.04 -15.44 -7.83
N ALA B 196 11.16 -15.06 -9.09
CA ALA B 196 10.75 -13.72 -9.54
C ALA B 196 9.30 -13.37 -9.19
N LEU B 197 8.44 -14.39 -9.18
CA LEU B 197 7.04 -14.18 -8.87
C LEU B 197 6.72 -14.32 -7.38
N GLN B 198 7.77 -14.47 -6.56
CA GLN B 198 7.60 -14.56 -5.11
C GLN B 198 7.72 -13.18 -4.46
N PRO B 199 6.67 -12.75 -3.76
CA PRO B 199 6.79 -11.48 -3.01
C PRO B 199 7.84 -11.60 -1.92
N HIS B 200 8.58 -10.52 -1.67
CA HIS B 200 9.58 -10.51 -0.60
C HIS B 200 10.57 -11.67 -0.71
N ALA B 201 10.95 -12.00 -1.94
CA ALA B 201 11.81 -13.15 -2.17
C ALA B 201 13.11 -13.09 -1.39
N ASP B 202 13.66 -11.90 -1.19
CA ASP B 202 14.97 -11.82 -0.57
C ASP B 202 14.89 -12.21 0.92
N ARG B 203 13.67 -12.27 1.46
CA ARG B 203 13.48 -12.68 2.85
C ARG B 203 13.00 -14.13 3.02
N VAL B 204 12.87 -14.85 1.92
CA VAL B 204 12.51 -16.27 2.00
C VAL B 204 13.72 -17.09 2.46
N ASP B 205 13.48 -17.99 3.41
CA ASP B 205 14.54 -18.75 4.04
C ASP B 205 15.07 -19.83 3.10
N GLU B 206 16.26 -19.61 2.56
CA GLU B 206 16.82 -20.54 1.57
C GLU B 206 17.29 -21.86 2.22
N ASP B 207 17.33 -21.91 3.55
CA ASP B 207 17.58 -23.17 4.25
C ASP B 207 16.41 -24.12 4.02
N VAL B 208 15.21 -23.55 3.97
CA VAL B 208 13.99 -24.33 3.92
C VAL B 208 13.48 -24.51 2.49
N TYR B 209 13.44 -23.42 1.74
CA TYR B 209 12.76 -23.37 0.45
C TYR B 209 13.72 -23.32 -0.72
N THR B 210 13.46 -24.16 -1.72
CA THR B 210 14.17 -24.08 -3.00
C THR B 210 13.16 -23.81 -4.12
N PHE B 211 13.42 -22.78 -4.91
CA PHE B 211 12.52 -22.44 -6.01
C PHE B 211 12.93 -23.20 -7.26
N VAL B 212 12.05 -24.07 -7.74
CA VAL B 212 12.38 -24.86 -8.92
C VAL B 212 11.62 -24.39 -10.14
N GLY B 213 10.88 -23.30 -9.98
CA GLY B 213 10.04 -22.80 -11.06
C GLY B 213 8.89 -23.74 -11.34
N ALA B 214 8.05 -23.38 -12.30
CA ALA B 214 7.01 -24.30 -12.77
C ALA B 214 7.70 -25.60 -13.11
N CYS B 215 7.36 -26.65 -12.36
CA CYS B 215 8.01 -27.95 -12.52
C CYS B 215 7.30 -28.72 -13.63
N GLN B 216 7.47 -28.19 -14.85
CA GLN B 216 6.90 -28.73 -16.07
C GLN B 216 7.95 -29.56 -16.80
N GLY B 217 7.49 -30.52 -17.59
CA GLY B 217 8.40 -31.29 -18.42
C GLY B 217 8.46 -30.76 -19.85
N ASP B 218 8.16 -31.64 -20.79
CA ASP B 218 8.33 -31.39 -22.22
C ASP B 218 6.99 -31.18 -22.92
N ARG B 219 6.98 -30.33 -23.95
CA ARG B 219 5.76 -30.06 -24.72
C ARG B 219 5.92 -30.33 -26.23
N ALA B 220 6.25 -31.57 -26.60
CA ALA B 220 6.58 -31.89 -27.99
C ALA B 220 5.44 -32.31 -28.90
N GLU B 221 4.29 -32.66 -28.34
CA GLU B 221 3.10 -32.82 -29.17
C GLU B 221 2.69 -31.45 -29.74
N GLU B 222 3.03 -30.38 -29.02
CA GLU B 222 2.59 -29.04 -29.40
C GLU B 222 3.32 -28.53 -30.65
N GLY B 223 4.53 -29.02 -30.87
CA GLY B 223 5.24 -28.71 -32.10
C GLY B 223 5.98 -27.39 -32.12
N GLY B 224 6.11 -26.81 -33.30
CA GLY B 224 6.93 -25.61 -33.46
C GLY B 224 6.30 -24.65 -34.44
N TRP B 225 5.88 -23.50 -33.92
CA TRP B 225 5.18 -22.47 -34.67
C TRP B 225 6.14 -21.63 -35.51
N GLN B 226 5.69 -21.21 -36.69
CA GLN B 226 6.58 -20.52 -37.63
C GLN B 226 6.24 -19.06 -37.94
N ARG B 227 7.24 -18.21 -37.71
CA ARG B 227 7.21 -16.78 -38.01
C ARG B 227 7.27 -16.57 -39.50
N PRO B 228 6.66 -15.48 -39.99
CA PRO B 228 7.00 -15.04 -41.34
C PRO B 228 8.13 -14.02 -41.20
N ALA B 229 9.14 -14.10 -42.05
CA ALA B 229 10.32 -13.26 -41.82
C ALA B 229 10.24 -11.87 -42.44
N GLY B 230 9.03 -11.32 -42.49
CA GLY B 230 8.80 -9.96 -42.96
C GLY B 230 8.69 -8.91 -41.86
N ALA B 231 7.94 -9.21 -40.80
CA ALA B 231 7.70 -8.26 -39.70
C ALA B 231 8.89 -8.06 -38.75
N GLU B 232 9.02 -6.86 -38.19
CA GLU B 232 10.13 -6.55 -37.30
C GLU B 232 9.83 -6.88 -35.84
N LYS B 233 8.57 -7.17 -35.54
CA LYS B 233 8.16 -7.50 -34.16
C LYS B 233 7.01 -8.50 -34.16
N VAL B 234 6.98 -9.38 -33.16
CA VAL B 234 5.91 -10.37 -33.03
C VAL B 234 5.15 -10.23 -31.71
N VAL B 235 3.82 -10.17 -31.77
CA VAL B 235 2.99 -10.15 -30.56
C VAL B 235 1.97 -11.28 -30.48
N LEU B 236 1.96 -11.99 -29.35
CA LEU B 236 0.97 -13.03 -29.11
C LEU B 236 -0.04 -12.52 -28.10
N VAL B 237 -1.33 -12.72 -28.38
CA VAL B 237 -2.37 -12.49 -27.39
C VAL B 237 -2.95 -13.82 -26.95
N SER B 238 -2.91 -14.08 -25.65
CA SER B 238 -3.50 -15.30 -25.10
C SER B 238 -4.06 -15.00 -23.73
N LEU B 239 -5.37 -15.06 -23.62
CA LEU B 239 -6.01 -14.85 -22.33
C LEU B 239 -6.25 -16.23 -21.73
N GLY B 240 -5.26 -17.11 -21.92
CA GLY B 240 -5.38 -18.48 -21.45
C GLY B 240 -6.49 -19.19 -22.21
N SER B 241 -7.04 -20.24 -21.61
CA SER B 241 -8.00 -21.09 -22.31
C SER B 241 -9.39 -21.04 -21.70
N ALA B 242 -9.69 -20.01 -20.91
CA ALA B 242 -10.99 -19.92 -20.26
C ALA B 242 -11.58 -18.50 -20.22
N PHE B 243 -10.78 -17.54 -19.78
CA PHE B 243 -11.28 -16.17 -19.61
C PHE B 243 -11.09 -15.44 -20.93
N THR B 244 -11.78 -15.96 -21.95
CA THR B 244 -11.41 -15.73 -23.34
C THR B 244 -12.53 -15.07 -24.13
N LYS B 245 -13.69 -14.89 -23.52
CA LYS B 245 -14.80 -14.31 -24.25
C LYS B 245 -14.71 -12.79 -24.29
N GLN B 246 -13.77 -12.27 -25.07
CA GLN B 246 -13.53 -10.83 -25.09
C GLN B 246 -13.42 -10.24 -26.49
N PRO B 247 -14.50 -10.32 -27.30
CA PRO B 247 -14.38 -9.89 -28.69
C PRO B 247 -13.99 -8.43 -28.87
N ALA B 248 -14.70 -7.50 -28.21
CA ALA B 248 -14.33 -6.09 -28.31
C ALA B 248 -12.86 -5.90 -27.94
N PHE B 249 -12.40 -6.60 -26.91
CA PHE B 249 -10.99 -6.55 -26.52
C PHE B 249 -10.12 -7.10 -27.65
N TYR B 250 -10.51 -8.23 -28.23
CA TYR B 250 -9.75 -8.76 -29.37
C TYR B 250 -9.78 -7.80 -30.57
N ARG B 251 -10.86 -7.03 -30.75
CA ARG B 251 -10.89 -6.09 -31.87
C ARG B 251 -9.95 -4.88 -31.71
N GLU B 252 -9.77 -4.40 -30.49
CA GLU B 252 -8.82 -3.30 -30.26
C GLU B 252 -7.40 -3.79 -30.52
N CYS B 253 -7.11 -5.04 -30.16
CA CYS B 253 -5.83 -5.66 -30.47
C CYS B 253 -5.63 -5.68 -31.98
N VAL B 254 -6.64 -6.11 -32.70
CA VAL B 254 -6.58 -6.10 -34.16
C VAL B 254 -6.44 -4.67 -34.67
N ARG B 255 -6.97 -3.72 -33.92
CA ARG B 255 -6.89 -2.34 -34.37
C ARG B 255 -5.54 -1.70 -34.01
N ALA B 256 -4.92 -2.16 -32.94
CA ALA B 256 -3.66 -1.58 -32.49
C ALA B 256 -2.48 -2.08 -33.32
N PHE B 257 -2.57 -3.32 -33.77
CA PHE B 257 -1.44 -3.99 -34.39
C PHE B 257 -1.75 -4.45 -35.79
N GLY B 258 -3.04 -4.65 -36.04
CA GLY B 258 -3.50 -5.05 -37.36
C GLY B 258 -3.49 -3.86 -38.28
N ASN B 259 -2.62 -3.93 -39.29
CA ASN B 259 -2.36 -2.92 -40.31
C ASN B 259 -1.45 -1.81 -39.80
N LEU B 260 -0.73 -2.09 -38.71
CA LEU B 260 0.21 -1.14 -38.13
C LEU B 260 1.59 -1.66 -38.39
N PRO B 261 2.32 -1.02 -39.32
CA PRO B 261 3.58 -1.48 -39.95
C PRO B 261 4.63 -2.07 -39.01
N GLY B 262 5.10 -3.27 -39.34
CA GLY B 262 6.27 -3.84 -38.70
C GLY B 262 6.03 -5.11 -37.88
N TRP B 263 4.79 -5.35 -37.48
CA TRP B 263 4.54 -6.36 -36.45
C TRP B 263 3.63 -7.49 -36.95
N HIS B 264 3.46 -8.51 -36.12
CA HIS B 264 2.59 -9.65 -36.43
C HIS B 264 1.75 -10.02 -35.21
N LEU B 265 0.44 -10.07 -35.37
CA LEU B 265 -0.46 -10.43 -34.28
C LEU B 265 -0.92 -11.89 -34.37
N VAL B 266 -0.53 -12.67 -33.38
CA VAL B 266 -1.07 -14.02 -33.22
C VAL B 266 -2.11 -13.97 -32.10
N LEU B 267 -3.35 -14.32 -32.43
CA LEU B 267 -4.44 -14.32 -31.47
C LEU B 267 -4.92 -15.73 -31.18
N GLN B 268 -5.03 -16.05 -29.91
CA GLN B 268 -5.54 -17.34 -29.47
C GLN B 268 -6.85 -17.04 -28.78
N ILE B 269 -7.97 -17.34 -29.44
CA ILE B 269 -9.28 -16.80 -29.01
C ILE B 269 -10.35 -17.78 -28.49
N GLY B 270 -10.07 -19.08 -28.38
CA GLY B 270 -11.04 -20.00 -27.78
C GLY B 270 -11.76 -21.04 -28.65
N ARG B 271 -13.10 -21.07 -28.63
CA ARG B 271 -13.86 -21.97 -29.54
C ARG B 271 -15.37 -21.71 -29.53
N LYS B 272 -15.79 -20.68 -28.82
CA LYS B 272 -17.20 -20.33 -28.71
C LYS B 272 -17.34 -18.87 -29.10
N VAL B 273 -16.23 -18.15 -28.95
CA VAL B 273 -15.94 -16.90 -29.65
C VAL B 273 -15.45 -17.24 -31.07
N THR B 274 -15.78 -16.39 -32.07
CA THR B 274 -15.47 -16.68 -33.49
C THR B 274 -14.73 -15.57 -34.26
N PRO B 275 -13.85 -15.95 -35.21
CA PRO B 275 -13.10 -14.98 -36.02
C PRO B 275 -13.99 -13.98 -36.74
N ALA B 276 -15.24 -14.35 -36.99
CA ALA B 276 -16.21 -13.39 -37.49
C ALA B 276 -16.49 -12.35 -36.41
N GLU B 277 -16.64 -12.80 -35.16
CA GLU B 277 -16.85 -11.88 -34.04
C GLU B 277 -15.66 -10.91 -33.92
N LEU B 278 -14.54 -11.28 -34.53
CA LEU B 278 -13.36 -10.43 -34.56
C LEU B 278 -13.40 -9.39 -35.67
N GLY B 279 -14.44 -9.41 -36.50
CA GLY B 279 -14.63 -8.34 -37.47
C GLY B 279 -13.73 -8.42 -38.68
N GLU B 280 -13.22 -7.27 -39.13
CA GLU B 280 -12.52 -7.21 -40.43
C GLU B 280 -11.00 -6.98 -40.35
N LEU B 281 -10.24 -8.07 -40.54
CA LEU B 281 -8.82 -8.16 -40.18
C LEU B 281 -7.85 -8.01 -41.37
N PRO B 282 -6.56 -7.67 -41.12
CA PRO B 282 -5.52 -7.39 -42.13
C PRO B 282 -4.63 -8.55 -42.59
N ASP B 283 -3.42 -8.23 -43.06
CA ASP B 283 -2.48 -9.22 -43.59
C ASP B 283 -1.37 -9.57 -42.58
N ASN B 284 -1.04 -8.60 -41.73
CA ASN B 284 -0.06 -8.82 -40.65
C ASN B 284 -0.69 -9.43 -39.41
N VAL B 285 -1.81 -10.13 -39.60
CA VAL B 285 -2.51 -10.79 -38.50
C VAL B 285 -2.91 -12.21 -38.88
N GLU B 286 -2.88 -13.10 -37.89
CA GLU B 286 -3.50 -14.42 -38.00
C GLU B 286 -4.21 -14.66 -36.68
N VAL B 287 -5.21 -15.54 -36.69
CA VAL B 287 -6.06 -15.81 -35.52
C VAL B 287 -6.21 -17.33 -35.32
N HIS B 288 -6.35 -17.79 -34.07
CA HIS B 288 -6.45 -19.24 -33.77
C HIS B 288 -7.32 -19.58 -32.55
N ASP B 289 -7.68 -20.86 -32.42
CA ASP B 289 -8.45 -21.37 -31.28
C ASP B 289 -7.60 -22.08 -30.20
N TRP B 290 -6.31 -22.23 -30.50
CA TRP B 290 -5.31 -22.81 -29.61
C TRP B 290 -4.01 -22.64 -30.35
N VAL B 291 -2.96 -22.29 -29.62
CA VAL B 291 -1.68 -22.04 -30.25
C VAL B 291 -0.59 -22.77 -29.50
N PRO B 292 0.52 -23.11 -30.19
CA PRO B 292 1.66 -23.64 -29.46
C PRO B 292 2.33 -22.48 -28.75
N GLN B 293 1.73 -22.08 -27.64
CA GLN B 293 2.08 -20.83 -26.97
C GLN B 293 3.53 -20.79 -26.56
N LEU B 294 4.09 -21.92 -26.15
CA LEU B 294 5.51 -21.95 -25.81
C LEU B 294 6.36 -21.73 -27.06
N ALA B 295 5.93 -22.28 -28.19
CA ALA B 295 6.71 -22.18 -29.43
C ALA B 295 6.70 -20.75 -29.99
N ILE B 296 5.60 -20.04 -29.75
CA ILE B 296 5.44 -18.67 -30.23
C ILE B 296 6.18 -17.65 -29.38
N LEU B 297 6.09 -17.79 -28.05
CA LEU B 297 6.78 -16.86 -27.14
C LEU B 297 8.26 -16.84 -27.45
N ARG B 298 8.79 -18.01 -27.80
CA ARG B 298 10.20 -18.15 -28.16
C ARG B 298 10.59 -17.29 -29.37
N GLN B 299 9.60 -16.86 -30.16
CA GLN B 299 9.85 -16.01 -31.33
C GLN B 299 9.08 -14.68 -31.30
N ALA B 300 8.50 -14.33 -30.16
CA ALA B 300 7.73 -13.10 -30.04
C ALA B 300 8.44 -11.98 -29.31
N ASP B 301 8.09 -10.74 -29.65
CA ASP B 301 8.71 -9.56 -29.05
C ASP B 301 7.84 -9.00 -27.94
N LEU B 302 6.61 -9.50 -27.83
CA LEU B 302 5.65 -8.97 -26.87
C LEU B 302 4.54 -10.00 -26.62
N PHE B 303 4.03 -10.04 -25.40
CA PHE B 303 3.04 -11.02 -25.00
C PHE B 303 1.93 -10.30 -24.26
N VAL B 304 0.81 -10.09 -24.95
CA VAL B 304 -0.38 -9.54 -24.31
C VAL B 304 -1.06 -10.71 -23.63
N THR B 305 -0.89 -10.79 -22.30
CA THR B 305 -1.34 -11.93 -21.53
C THR B 305 -2.41 -11.54 -20.54
N HIS B 306 -3.19 -12.51 -20.10
CA HIS B 306 -4.15 -12.28 -19.01
C HIS B 306 -3.47 -12.57 -17.68
N ALA B 307 -2.17 -12.84 -17.74
CA ALA B 307 -1.37 -13.15 -16.56
C ALA B 307 -1.89 -14.30 -15.71
N GLY B 308 -2.39 -15.35 -16.34
CA GLY B 308 -2.51 -16.62 -15.66
C GLY B 308 -1.14 -17.04 -15.18
N ALA B 309 -1.09 -17.99 -14.25
CA ALA B 309 0.21 -18.41 -13.70
C ALA B 309 1.13 -19.00 -14.78
N GLY B 310 0.58 -19.86 -15.62
CA GLY B 310 1.34 -20.47 -16.69
C GLY B 310 1.92 -19.47 -17.66
N GLY B 311 1.06 -18.58 -18.17
CA GLY B 311 1.49 -17.54 -19.09
C GLY B 311 2.48 -16.61 -18.44
N SER B 312 2.26 -16.27 -17.17
CA SER B 312 3.18 -15.43 -16.44
C SER B 312 4.57 -16.04 -16.47
N GLN B 313 4.71 -17.27 -15.99
CA GLN B 313 6.02 -17.87 -15.92
C GLN B 313 6.64 -18.09 -17.32
N GLU B 314 5.80 -18.43 -18.30
CA GLU B 314 6.32 -18.64 -19.65
C GLU B 314 6.77 -17.35 -20.33
N GLY B 315 6.12 -16.24 -20.00
CA GLY B 315 6.57 -14.95 -20.47
C GLY B 315 7.94 -14.59 -19.95
N LEU B 316 8.17 -14.80 -18.65
CA LEU B 316 9.49 -14.53 -18.08
C LEU B 316 10.56 -15.44 -18.65
N ALA B 317 10.27 -16.72 -18.74
CA ALA B 317 11.26 -17.71 -19.15
C ALA B 317 11.82 -17.36 -20.51
N THR B 318 10.92 -17.01 -21.43
CA THR B 318 11.30 -16.63 -22.78
C THR B 318 11.77 -15.17 -22.86
N ALA B 319 11.85 -14.49 -21.71
CA ALA B 319 12.27 -13.09 -21.66
C ALA B 319 11.39 -12.18 -22.53
N THR B 320 10.08 -12.40 -22.43
CA THR B 320 9.12 -11.68 -23.26
C THR B 320 8.40 -10.58 -22.48
N PRO B 321 8.51 -9.32 -22.95
CA PRO B 321 7.79 -8.20 -22.33
C PRO B 321 6.30 -8.49 -22.34
N MET B 322 5.58 -8.06 -21.30
CA MET B 322 4.18 -8.42 -21.19
C MET B 322 3.23 -7.24 -20.97
N ILE B 323 2.03 -7.37 -21.54
CA ILE B 323 0.92 -6.51 -21.17
C ILE B 323 -0.04 -7.45 -20.47
N ALA B 324 -0.27 -7.23 -19.18
CA ALA B 324 -1.07 -8.16 -18.38
C ALA B 324 -2.48 -7.64 -18.17
N VAL B 325 -3.45 -8.56 -18.27
CA VAL B 325 -4.87 -8.21 -18.12
C VAL B 325 -5.57 -9.32 -17.34
N PRO B 326 -5.38 -9.37 -16.01
CA PRO B 326 -5.92 -10.41 -15.15
C PRO B 326 -7.44 -10.46 -15.14
N GLN B 327 -8.00 -11.65 -15.39
CA GLN B 327 -9.44 -11.82 -15.38
C GLN B 327 -9.95 -12.36 -14.04
N ALA B 328 -9.24 -13.30 -13.42
CA ALA B 328 -9.75 -13.87 -12.17
C ALA B 328 -8.70 -14.56 -11.30
N VAL B 329 -9.20 -15.27 -10.28
CA VAL B 329 -8.40 -16.00 -9.28
C VAL B 329 -7.00 -15.42 -8.98
N ASP B 330 -5.97 -16.26 -9.02
CA ASP B 330 -4.60 -15.85 -8.73
C ASP B 330 -4.03 -14.75 -9.63
N GLN B 331 -4.75 -14.43 -10.71
CA GLN B 331 -4.18 -13.58 -11.77
C GLN B 331 -3.78 -12.22 -11.23
N PHE B 332 -4.58 -11.68 -10.33
CA PHE B 332 -4.30 -10.35 -9.80
C PHE B 332 -2.94 -10.23 -9.12
N GLY B 333 -2.58 -11.21 -8.29
CA GLY B 333 -1.29 -11.20 -7.61
C GLY B 333 -0.10 -11.30 -8.57
N ASN B 334 -0.11 -12.32 -9.41
CA ASN B 334 0.87 -12.45 -10.49
C ASN B 334 0.97 -11.21 -11.37
N ALA B 335 -0.18 -10.66 -11.78
CA ALA B 335 -0.19 -9.49 -12.63
C ALA B 335 0.55 -8.32 -11.98
N ASP B 336 0.37 -8.15 -10.68
CA ASP B 336 1.04 -7.06 -9.97
C ASP B 336 2.53 -7.35 -9.84
N MET B 337 2.89 -8.61 -9.58
CA MET B 337 4.31 -8.95 -9.50
C MET B 337 4.98 -8.67 -10.85
N LEU B 338 4.29 -8.97 -11.94
CA LEU B 338 4.88 -8.75 -13.26
C LEU B 338 5.18 -7.27 -13.50
N GLN B 339 4.23 -6.40 -13.20
CA GLN B 339 4.46 -4.98 -13.38
C GLN B 339 5.49 -4.48 -12.39
N GLY B 340 5.44 -4.99 -11.16
CA GLY B 340 6.37 -4.60 -10.12
C GLY B 340 7.81 -5.01 -10.42
N LEU B 341 7.96 -6.08 -11.19
CA LEU B 341 9.29 -6.50 -11.63
C LEU B 341 9.87 -5.55 -12.66
N GLY B 342 9.02 -4.72 -13.25
CA GLY B 342 9.45 -3.76 -14.26
C GLY B 342 9.56 -4.36 -15.65
N VAL B 343 8.81 -5.43 -15.89
CA VAL B 343 8.89 -6.12 -17.17
C VAL B 343 7.55 -6.17 -17.89
N ALA B 344 6.55 -5.50 -17.32
CA ALA B 344 5.20 -5.56 -17.85
C ALA B 344 4.39 -4.32 -17.50
N ARG B 345 3.30 -4.11 -18.23
CA ARG B 345 2.35 -3.07 -17.89
C ARG B 345 1.02 -3.73 -17.78
N LYS B 346 0.35 -3.52 -16.65
CA LYS B 346 -0.96 -4.08 -16.43
C LYS B 346 -2.00 -3.09 -16.95
N LEU B 347 -3.09 -3.61 -17.48
CA LEU B 347 -4.23 -2.82 -17.93
C LEU B 347 -5.46 -3.65 -17.62
N ALA B 348 -6.51 -3.05 -17.08
CA ALA B 348 -7.78 -3.77 -16.96
C ALA B 348 -8.43 -3.94 -18.34
N THR B 349 -9.24 -4.97 -18.50
CA THR B 349 -9.80 -5.33 -19.80
C THR B 349 -10.47 -4.12 -20.47
N GLU B 350 -11.29 -3.42 -19.70
CA GLU B 350 -12.02 -2.26 -20.18
C GLU B 350 -11.14 -1.00 -20.18
N GLU B 351 -9.84 -1.18 -19.96
CA GLU B 351 -8.84 -0.12 -20.07
C GLU B 351 -7.91 -0.39 -21.23
N ALA B 352 -8.35 -1.20 -22.19
CA ALA B 352 -7.44 -1.68 -23.22
C ALA B 352 -7.92 -1.44 -24.65
N THR B 353 -8.20 -0.17 -24.97
CA THR B 353 -8.56 0.25 -26.32
C THR B 353 -7.37 0.06 -27.25
N ALA B 354 -7.56 0.33 -28.54
CA ALA B 354 -6.48 0.16 -29.50
C ALA B 354 -5.31 1.10 -29.23
N ASP B 355 -5.63 2.36 -28.93
CA ASP B 355 -4.59 3.40 -28.79
C ASP B 355 -3.59 3.08 -27.67
N LEU B 356 -4.12 2.73 -26.50
CA LEU B 356 -3.26 2.44 -25.35
C LEU B 356 -2.44 1.15 -25.56
N LEU B 357 -2.98 0.22 -26.35
CA LEU B 357 -2.21 -0.97 -26.69
C LEU B 357 -1.01 -0.63 -27.58
N ARG B 358 -1.26 0.16 -28.61
CA ARG B 358 -0.22 0.50 -29.59
C ARG B 358 0.87 1.33 -28.92
N GLU B 359 0.44 2.25 -28.09
CA GLU B 359 1.30 3.05 -27.22
C GLU B 359 2.21 2.17 -26.37
N THR B 360 1.58 1.41 -25.48
CA THR B 360 2.28 0.61 -24.49
C THR B 360 3.19 -0.44 -25.15
N ALA B 361 2.70 -1.05 -26.22
CA ALA B 361 3.51 -2.03 -26.96
C ALA B 361 4.81 -1.41 -27.46
N LEU B 362 4.69 -0.21 -28.03
CA LEU B 362 5.87 0.52 -28.48
C LEU B 362 6.83 0.83 -27.32
N ALA B 363 6.29 1.25 -26.18
CA ALA B 363 7.15 1.58 -25.04
C ALA B 363 7.91 0.35 -24.51
N LEU B 364 7.26 -0.80 -24.54
CA LEU B 364 7.83 -1.99 -23.90
C LEU B 364 8.86 -2.73 -24.75
N VAL B 365 8.60 -2.85 -26.04
CA VAL B 365 9.41 -3.76 -26.85
C VAL B 365 10.85 -3.26 -27.05
N ASP B 366 11.06 -1.96 -26.86
CA ASP B 366 12.37 -1.36 -27.14
C ASP B 366 12.98 -0.71 -25.88
N ASP B 367 12.43 -1.02 -24.72
CA ASP B 367 12.99 -0.50 -23.46
C ASP B 367 14.22 -1.31 -23.08
N PRO B 368 15.39 -0.67 -23.02
CA PRO B 368 16.61 -1.42 -22.71
C PRO B 368 16.61 -1.90 -21.26
N GLU B 369 15.84 -1.23 -20.40
CA GLU B 369 15.77 -1.69 -19.01
C GLU B 369 14.83 -2.87 -18.83
N VAL B 370 13.70 -2.86 -19.53
CA VAL B 370 12.82 -4.03 -19.54
C VAL B 370 13.59 -5.26 -20.02
N ALA B 371 14.31 -5.10 -21.12
CA ALA B 371 15.05 -6.22 -21.71
C ALA B 371 16.11 -6.79 -20.77
N ARG B 372 16.90 -5.92 -20.15
CA ARG B 372 17.93 -6.37 -19.22
C ARG B 372 17.34 -7.20 -18.09
N ARG B 373 16.25 -6.73 -17.49
CA ARG B 373 15.64 -7.44 -16.38
C ARG B 373 15.09 -8.78 -16.81
N LEU B 374 14.39 -8.82 -17.93
CA LEU B 374 13.86 -10.06 -18.45
C LEU B 374 14.96 -11.09 -18.71
N ARG B 375 16.11 -10.63 -19.21
CA ARG B 375 17.21 -11.57 -19.49
C ARG B 375 17.75 -12.23 -18.21
N ARG B 376 17.98 -11.46 -17.16
CA ARG B 376 18.43 -12.08 -15.90
C ARG B 376 17.34 -12.99 -15.28
N ILE B 377 16.08 -12.61 -15.42
CA ILE B 377 15.02 -13.48 -14.94
C ILE B 377 15.04 -14.77 -15.76
N GLN B 378 15.16 -14.65 -17.08
CA GLN B 378 15.25 -15.84 -17.92
C GLN B 378 16.44 -16.70 -17.50
N ALA B 379 17.58 -16.06 -17.31
CA ALA B 379 18.78 -16.78 -16.88
C ALA B 379 18.59 -17.43 -15.52
N GLU B 380 17.96 -16.71 -14.59
CA GLU B 380 17.69 -17.23 -13.24
C GLU B 380 16.81 -18.48 -13.32
N MET B 381 15.74 -18.41 -14.12
CA MET B 381 14.79 -19.51 -14.24
C MET B 381 15.38 -20.78 -14.86
N ALA B 382 16.24 -20.62 -15.86
CA ALA B 382 16.92 -21.78 -16.44
C ALA B 382 17.73 -22.52 -15.37
N GLN B 383 18.27 -21.77 -14.41
CA GLN B 383 19.05 -22.37 -13.33
C GLN B 383 18.16 -23.01 -12.27
N GLU B 384 16.85 -22.73 -12.31
CA GLU B 384 15.95 -23.29 -11.28
C GLU B 384 15.68 -24.78 -11.48
N GLY B 385 15.64 -25.21 -12.74
CA GLY B 385 15.71 -26.62 -13.06
C GLY B 385 14.42 -27.39 -13.30
N GLY B 386 13.28 -26.83 -12.90
CA GLY B 386 12.00 -27.43 -13.21
C GLY B 386 11.82 -28.86 -12.72
N THR B 387 11.06 -29.66 -13.48
CA THR B 387 10.69 -31.02 -13.09
C THR B 387 11.90 -31.90 -12.76
N ARG B 388 12.92 -31.81 -13.59
CA ARG B 388 14.13 -32.61 -13.43
C ARG B 388 14.88 -32.23 -12.17
N ARG B 389 14.93 -30.93 -11.87
CA ARG B 389 15.64 -30.51 -10.68
C ARG B 389 14.87 -30.85 -9.41
N ALA B 390 13.56 -30.70 -9.45
CA ALA B 390 12.76 -31.01 -8.28
C ALA B 390 12.93 -32.48 -7.92
N ALA B 391 12.97 -33.34 -8.93
CA ALA B 391 13.20 -34.75 -8.68
C ALA B 391 14.56 -35.04 -8.01
N ASP B 392 15.60 -34.34 -8.47
CA ASP B 392 16.93 -34.48 -7.85
C ASP B 392 16.91 -34.14 -6.36
N LEU B 393 16.22 -33.05 -6.04
CA LEU B 393 16.26 -32.52 -4.67
C LEU B 393 15.44 -33.39 -3.74
N ILE B 394 14.39 -33.98 -4.26
CA ILE B 394 13.62 -34.95 -3.49
C ILE B 394 14.48 -36.18 -3.21
N GLU B 395 15.22 -36.63 -4.22
CA GLU B 395 16.08 -37.78 -4.04
C GLU B 395 17.14 -37.52 -2.97
N ALA B 396 17.62 -36.29 -2.90
CA ALA B 396 18.62 -35.92 -1.89
C ALA B 396 18.04 -35.96 -0.48
N GLU B 397 16.73 -35.83 -0.36
CA GLU B 397 16.08 -35.92 0.96
C GLU B 397 15.88 -37.37 1.37
N LEU B 398 15.90 -38.28 0.39
CA LEU B 398 15.87 -39.71 0.67
C LEU B 398 17.21 -40.19 1.23
N PRO B 399 17.18 -40.81 2.42
CA PRO B 399 18.35 -41.57 2.89
C PRO B 399 18.23 -43.03 2.46
C10 ERY C . 6.08 11.45 4.72
C11 ERY C . 7.04 12.61 4.52
C12 ERY C . 6.62 13.62 3.45
C13 ERY C . 7.35 14.93 3.69
O2 ERY C . 6.67 15.59 4.74
C2 ERY C . 6.67 16.59 7.04
C3 ERY C . 6.82 15.67 8.25
C4 ERY C . 5.68 14.72 8.26
C5 ERY C . 5.86 13.57 9.30
C6 ERY C . 6.29 12.29 8.57
C7 ERY C . 5.11 11.70 7.76
C8 ERY C . 5.50 10.38 7.07
C9 ERY C . 6.47 10.59 5.92
O11 ERY C . 7.56 10.03 5.93
C1 ERY C . 7.45 15.97 5.87
O1 ERY C . 8.64 15.77 5.93
O3 ERY C . 6.84 16.39 9.50
O7 ERY C . 4.63 13.34 9.99
C34 ERY C . 6.07 10.53 3.51
C33 ERY C . 4.27 9.70 6.52
C35 ERY C . 5.14 13.89 3.50
O12 ERY C . 8.32 12.08 4.20
O13 ERY C . 6.96 13.16 2.19
C36 ERY C . 7.29 15.83 2.47
C30 ERY C . 7.13 18.01 7.18
C32 ERY C . 6.81 11.27 9.55
O10 ERY C . 7.32 12.61 7.69
C22 ERY C . 4.65 13.61 11.41
C23 ERY C . 3.24 13.57 12.00
C24 ERY C . 3.32 13.73 13.51
C25 ERY C . 4.25 12.67 14.07
C26 ERY C . 5.63 12.79 13.39
O9 ERY C . 5.45 12.66 12.02
N1 ERY C . 1.98 13.68 14.09
C27 ERY C . 6.56 11.71 13.88
O8 ERY C . 2.47 14.62 11.50
C28 ERY C . 2.03 13.93 15.54
C14 ERY C . 8.15 16.70 10.02
C15 ERY C . 8.02 17.90 10.96
C16 ERY C . 7.40 17.55 12.31
C17 ERY C . 8.16 16.39 12.91
C18 ERY C . 8.35 15.23 11.97
O4 ERY C . 8.74 15.61 10.63
O5 ERY C . 6.01 17.20 12.16
O6 ERY C . 7.46 15.95 14.09
C20 ERY C . 5.17 18.31 11.81
C29 ERY C . 1.30 12.44 13.80
C21 ERY C . 9.46 14.39 12.51
C37 ERY C . 8.26 17.01 2.68
C31 ERY C . 4.40 15.53 8.56
C19 ERY C . 7.54 18.71 13.24
N1 UDP D . -7.05 28.51 19.81
C2 UDP D . -8.04 29.43 20.09
N3 UDP D . -8.17 29.93 21.37
C4 UDP D . -7.34 29.49 22.38
C5 UDP D . -6.36 28.57 22.08
C6 UDP D . -6.38 27.93 20.85
O2 UDP D . -8.81 29.85 19.22
O4 UDP D . -7.46 29.92 23.53
C1' UDP D . -6.85 27.96 18.46
C2' UDP D . -5.96 28.89 17.66
O2' UDP D . -6.72 29.88 17.00
C3' UDP D . -5.31 27.94 16.68
C4' UDP D . -5.23 26.62 17.44
O4' UDP D . -6.13 26.73 18.53
O3' UDP D . -6.17 27.80 15.58
C5' UDP D . -3.82 26.33 17.95
O5' UDP D . -3.05 25.74 16.91
PA UDP D . -1.48 26.04 16.76
O1A UDP D . -0.92 25.26 15.62
O2A UDP D . -1.24 27.49 16.62
O3A UDP D . -0.81 25.60 18.15
PB UDP D . -0.85 24.12 18.76
O1B UDP D . -1.53 23.23 17.78
O2B UDP D . -1.61 24.17 20.03
O3B UDP D . 0.55 23.70 18.98
C10 ERY E . -2.29 -22.93 4.02
C11 ERY E . -1.61 -21.57 3.98
C12 ERY E . -0.13 -21.61 3.58
C13 ERY E . 0.21 -20.23 3.03
O2 ERY E . -0.13 -20.15 1.65
C2 ERY E . -1.71 -19.51 -0.21
C3 ERY E . -3.23 -19.51 -0.29
C4 ERY E . -3.67 -20.94 -0.36
C5 ERY E . -5.15 -21.20 0.01
C6 ERY E . -5.21 -21.53 1.51
C7 ERY E . -4.68 -22.97 1.72
C8 ERY E . -4.79 -23.46 3.19
C9 ERY E . -3.81 -22.75 4.12
O11 ERY E . -4.26 -22.01 5.00
C1 ERY E . -1.25 -19.34 1.24
O1 ERY E . -1.79 -18.55 2.00
O3 ERY E . -3.71 -18.79 -1.42
O7 ERY E . -5.62 -22.32 -0.77
C34 ERY E . -1.84 -23.77 5.20
C33 ERY E . -4.56 -24.96 3.23
C35 ERY E . 0.13 -22.64 2.52
O12 ERY E . -1.69 -20.90 5.25
O13 ERY E . 0.64 -21.90 4.69
C36 ERY E . 1.70 -19.95 3.12
C30 ERY E . -1.01 -18.47 -1.03
C32 ERY E . -6.60 -21.39 2.06
O10 ERY E . -4.40 -20.65 2.24
C22 ERY E . -6.86 -22.23 -1.49
C23 ERY E . -7.01 -23.49 -2.38
C24 ERY E . -8.38 -23.51 -3.02
C25 ERY E . -9.44 -23.44 -1.94
C26 ERY E . -9.19 -22.27 -0.99
O9 ERY E . -7.87 -22.21 -0.57
N1 ERY E . -8.57 -24.72 -3.80
C27 ERY E . -10.05 -22.49 0.25
O8 ERY E . -5.99 -23.55 -3.35
C28 ERY E . -8.43 -25.90 -2.94
C14 ERY E . -4.16 -17.45 -1.17
C15 ERY E . -4.03 -16.68 -2.50
C16 ERY E . -5.13 -17.04 -3.51
C17 ERY E . -6.47 -16.99 -2.84
C18 ERY E . -6.44 -17.97 -1.69
O4 ERY E . -5.48 -17.49 -0.75
O5 ERY E . -4.95 -18.37 -4.02
O6 ERY E . -7.50 -17.38 -3.76
C20 ERY E . -3.68 -18.64 -4.61
C29 ERY E . -9.88 -24.75 -4.40
C21 ERY E . -7.78 -18.05 -1.04
C37 ERY E . 2.04 -18.78 2.16
C31 ERY E . -3.38 -21.48 -1.78
C19 ERY E . -5.06 -16.04 -4.62
N1 UDP F . -1.82 -22.69 -23.65
C2 UDP F . -1.26 -22.97 -24.89
N3 UDP F . -1.95 -22.64 -26.03
C4 UDP F . -3.18 -22.07 -25.94
C5 UDP F . -3.76 -21.81 -24.71
C6 UDP F . -2.97 -21.95 -23.57
O2 UDP F . -0.15 -23.50 -24.97
O4 UDP F . -3.77 -21.79 -26.97
C1' UDP F . -1.10 -23.06 -22.43
C2' UDP F . -0.16 -21.96 -21.94
O2' UDP F . 1.10 -22.01 -22.55
C3' UDP F . -0.08 -22.30 -20.47
C4' UDP F . -1.48 -22.79 -20.17
O4' UDP F . -2.04 -23.23 -21.39
O3' UDP F . 0.87 -23.32 -20.26
C5' UDP F . -2.34 -21.65 -19.64
O5' UDP F . -2.34 -21.68 -18.23
PA UDP F . -2.48 -20.29 -17.41
O1A UDP F . -2.17 -20.57 -15.98
O2A UDP F . -1.56 -19.30 -18.00
O3A UDP F . -3.97 -19.68 -17.58
PB UDP F . -5.40 -20.45 -17.67
O1B UDP F . -5.67 -20.79 -19.09
O2B UDP F . -6.43 -19.53 -17.17
O3B UDP F . -5.32 -21.69 -16.84
MG MG G . 9.89 -14.55 -23.26
N ALA A 8 -21.05 11.09 -8.66
CA ALA A 8 -19.86 11.73 -8.08
C ALA A 8 -19.35 10.94 -6.88
N HIS A 9 -18.29 10.16 -7.05
CA HIS A 9 -17.76 9.38 -5.91
C HIS A 9 -16.29 9.68 -5.60
N ILE A 10 -16.09 10.70 -4.78
CA ILE A 10 -14.78 11.04 -4.25
C ILE A 10 -14.51 10.27 -2.97
N ALA A 11 -13.43 9.50 -2.92
CA ALA A 11 -13.08 8.80 -1.69
C ALA A 11 -11.91 9.49 -0.98
N MET A 12 -12.10 9.83 0.29
CA MET A 12 -11.06 10.44 1.14
C MET A 12 -10.44 9.36 2.03
N PHE A 13 -9.16 9.53 2.41
CA PHE A 13 -8.49 8.59 3.31
C PHE A 13 -7.62 9.36 4.29
N SER A 14 -7.68 9.01 5.56
CA SER A 14 -6.71 9.52 6.51
C SER A 14 -6.49 8.59 7.71
N ILE A 15 -5.75 9.09 8.70
CA ILE A 15 -5.49 8.37 9.93
C ILE A 15 -6.14 9.12 11.08
N ALA A 16 -6.19 8.51 12.24
CA ALA A 16 -6.85 9.15 13.39
C ALA A 16 -5.86 10.04 14.12
N ALA A 17 -5.53 11.17 13.51
CA ALA A 17 -4.71 12.19 14.16
C ALA A 17 -5.33 13.53 13.81
N HIS A 18 -5.53 14.37 14.83
CA HIS A 18 -6.21 15.65 14.61
C HIS A 18 -5.49 16.44 13.53
N GLY A 19 -4.16 16.42 13.56
CA GLY A 19 -3.37 17.19 12.62
C GLY A 19 -3.43 16.71 11.18
N HIS A 20 -4.01 15.53 10.97
CA HIS A 20 -4.17 15.00 9.63
C HIS A 20 -5.63 14.87 9.21
N VAL A 21 -6.55 15.38 10.02
CA VAL A 21 -7.97 15.34 9.70
C VAL A 21 -8.60 16.75 9.69
N ASN A 22 -8.37 17.50 10.75
CA ASN A 22 -8.92 18.86 10.83
C ASN A 22 -8.65 19.80 9.64
N PRO A 23 -7.41 19.83 9.12
CA PRO A 23 -7.10 20.78 8.04
C PRO A 23 -7.98 20.65 6.79
N SER A 24 -8.58 19.49 6.56
CA SER A 24 -9.40 19.31 5.35
C SER A 24 -10.87 19.03 5.67
N LEU A 25 -11.24 19.13 6.93
CA LEU A 25 -12.62 18.88 7.34
C LEU A 25 -13.67 19.72 6.58
N GLU A 26 -13.39 20.99 6.30
CA GLU A 26 -14.37 21.77 5.54
C GLU A 26 -14.29 21.59 4.03
N VAL A 27 -13.17 21.09 3.53
CA VAL A 27 -13.12 20.79 2.12
C VAL A 27 -14.10 19.65 1.88
N ILE A 28 -14.09 18.67 2.79
CA ILE A 28 -14.95 17.50 2.65
C ILE A 28 -16.42 17.96 2.73
N ARG A 29 -16.68 18.93 3.59
CA ARG A 29 -18.03 19.48 3.76
C ARG A 29 -18.55 20.12 2.46
N GLU A 30 -17.76 21.05 1.93
CA GLU A 30 -18.07 21.70 0.66
C GLU A 30 -18.30 20.68 -0.46
N LEU A 31 -17.53 19.60 -0.45
CA LEU A 31 -17.82 18.48 -1.32
C LEU A 31 -19.23 17.95 -1.03
N VAL A 32 -19.53 17.68 0.23
CA VAL A 32 -20.85 17.19 0.61
C VAL A 32 -21.96 18.20 0.30
N ALA A 33 -21.70 19.48 0.57
CA ALA A 33 -22.65 20.53 0.24
C ALA A 33 -22.95 20.58 -1.26
N ARG A 34 -21.94 20.25 -2.07
CA ARG A 34 -22.08 20.27 -3.52
C ARG A 34 -22.65 18.98 -4.08
N GLY A 35 -23.15 18.12 -3.19
CA GLY A 35 -23.78 16.88 -3.62
C GLY A 35 -22.89 15.85 -4.29
N HIS A 36 -21.75 15.56 -3.69
CA HIS A 36 -20.95 14.41 -4.15
C HIS A 36 -21.20 13.27 -3.21
N ARG A 37 -21.16 12.04 -3.71
CA ARG A 37 -21.11 10.91 -2.79
C ARG A 37 -19.65 10.88 -2.37
N VAL A 38 -19.38 11.46 -1.20
CA VAL A 38 -18.04 11.47 -0.64
C VAL A 38 -17.99 10.38 0.41
N THR A 39 -16.94 9.57 0.36
CA THR A 39 -16.70 8.64 1.43
C THR A 39 -15.33 8.93 2.00
N TYR A 40 -15.08 8.47 3.23
CA TYR A 40 -13.89 8.87 3.96
C TYR A 40 -13.46 7.68 4.80
N ALA A 41 -12.37 7.03 4.39
CA ALA A 41 -11.81 5.92 5.14
C ALA A 41 -11.10 6.44 6.38
N ILE A 42 -11.51 5.94 7.54
CA ILE A 42 -11.06 6.53 8.78
C ILE A 42 -11.13 5.49 9.91
N PRO A 43 -10.20 5.56 10.87
CA PRO A 43 -10.29 4.62 11.99
C PRO A 43 -11.49 4.91 12.92
N PRO A 44 -11.92 3.92 13.72
CA PRO A 44 -13.16 4.03 14.52
C PRO A 44 -13.32 5.32 15.32
N VAL A 45 -12.28 5.72 16.06
CA VAL A 45 -12.39 6.86 16.95
C VAL A 45 -12.89 8.13 16.25
N PHE A 46 -12.61 8.24 14.96
CA PHE A 46 -12.90 9.46 14.21
C PHE A 46 -14.10 9.36 13.27
N ALA A 47 -14.77 8.20 13.23
CA ALA A 47 -15.95 8.02 12.39
C ALA A 47 -16.96 9.14 12.60
N ASP A 48 -17.24 9.46 13.85
CA ASP A 48 -18.24 10.48 14.20
C ASP A 48 -17.75 11.87 13.80
N LYS A 49 -16.45 12.11 14.03
CA LYS A 49 -15.80 13.36 13.61
C LYS A 49 -15.97 13.66 12.11
N VAL A 50 -15.83 12.65 11.26
CA VAL A 50 -16.07 12.88 9.84
C VAL A 50 -17.55 12.72 9.47
N ALA A 51 -18.29 11.95 10.27
CA ALA A 51 -19.76 11.78 10.11
C ALA A 51 -20.49 12.80 10.94
N ALA A 52 -19.85 13.93 11.11
CA ALA A 52 -20.52 15.10 11.61
C ALA A 52 -20.77 15.88 10.34
N THR A 53 -20.04 15.47 9.31
CA THR A 53 -19.77 16.30 8.13
C THR A 53 -20.44 15.89 6.83
N GLY A 54 -21.18 14.80 6.83
CA GLY A 54 -21.98 14.43 5.66
C GLY A 54 -21.34 13.38 4.79
N ALA A 55 -20.01 13.38 4.75
CA ALA A 55 -19.30 12.34 4.07
C ALA A 55 -19.64 11.02 4.74
N ARG A 56 -19.44 9.91 4.04
CA ARG A 56 -19.74 8.65 4.69
C ARG A 56 -18.47 7.94 5.15
N PRO A 57 -18.33 7.75 6.46
CA PRO A 57 -17.14 7.09 7.01
C PRO A 57 -17.04 5.65 6.55
N VAL A 58 -15.80 5.14 6.54
CA VAL A 58 -15.52 3.73 6.26
C VAL A 58 -14.40 3.32 7.21
N LEU A 59 -14.70 2.43 8.15
CA LEU A 59 -13.81 2.18 9.30
C LEU A 59 -12.70 1.17 9.05
N TYR A 60 -11.65 1.23 9.87
CA TYR A 60 -10.50 0.32 9.76
C TYR A 60 -9.57 0.38 10.99
N HIS A 61 -9.04 -0.76 11.38
CA HIS A 61 -8.13 -0.86 12.51
C HIS A 61 -6.78 -0.21 12.17
N SER A 62 -6.24 0.53 13.14
CA SER A 62 -4.96 1.22 12.97
C SER A 62 -3.93 0.82 14.02
N THR A 63 -2.67 0.70 13.59
CA THR A 63 -1.57 0.38 14.50
C THR A 63 -0.79 1.63 14.92
N LEU A 64 -1.28 2.79 14.51
CA LEU A 64 -0.64 4.07 14.83
C LEU A 64 -1.06 4.51 16.25
N PRO A 65 -0.40 5.54 16.80
CA PRO A 65 -0.82 6.00 18.13
C PRO A 65 -2.23 6.60 18.10
N GLY A 66 -2.90 6.59 19.25
CA GLY A 66 -4.19 7.24 19.39
C GLY A 66 -4.08 8.74 19.19
N PRO A 67 -5.18 9.38 18.79
CA PRO A 67 -5.16 10.83 18.55
C PRO A 67 -4.80 11.65 19.79
N ASP A 68 -4.93 11.03 20.96
CA ASP A 68 -4.68 11.69 22.23
C ASP A 68 -3.29 11.37 22.82
N ALA A 69 -2.50 10.56 22.11
CA ALA A 69 -1.25 10.00 22.67
C ALA A 69 -0.11 10.99 22.86
N ASP A 70 0.89 10.61 23.66
CA ASP A 70 2.14 11.36 23.86
C ASP A 70 2.79 11.78 22.54
N PRO A 71 3.62 12.82 22.58
CA PRO A 71 4.45 13.20 21.44
C PRO A 71 5.35 12.02 21.06
N GLU A 72 5.94 11.40 22.08
CA GLU A 72 6.92 10.35 21.88
C GLU A 72 6.29 9.06 21.39
N ALA A 73 4.97 8.98 21.43
CA ALA A 73 4.28 7.78 20.97
C ALA A 73 4.59 7.57 19.49
N TRP A 74 4.98 8.67 18.84
CA TRP A 74 5.28 8.68 17.41
C TRP A 74 6.76 8.57 17.07
N GLY A 75 7.62 8.64 18.10
CA GLY A 75 9.05 8.42 17.90
C GLY A 75 9.98 9.63 17.87
N SER A 76 11.26 9.36 18.16
CA SER A 76 12.28 10.40 18.23
C SER A 76 13.57 10.03 17.49
N THR A 77 13.46 9.18 16.47
CA THR A 77 14.54 9.00 15.50
C THR A 77 13.89 8.94 14.13
N LEU A 78 14.66 9.18 13.08
CA LEU A 78 14.12 9.17 11.72
C LEU A 78 13.37 7.86 11.43
N LEU A 79 14.04 6.74 11.70
CA LEU A 79 13.41 5.46 11.46
C LEU A 79 12.20 5.19 12.36
N ASP A 80 12.27 5.54 13.64
CA ASP A 80 11.09 5.34 14.48
C ASP A 80 9.91 6.24 14.06
N ASN A 81 10.21 7.34 13.37
CA ASN A 81 9.14 8.20 12.85
C ASN A 81 8.45 7.59 11.62
N VAL A 82 9.24 7.09 10.68
CA VAL A 82 8.66 6.65 9.40
C VAL A 82 8.22 5.19 9.37
N GLU A 83 8.96 4.29 10.03
CA GLU A 83 8.59 2.88 9.99
C GLU A 83 7.13 2.57 10.34
N PRO A 84 6.57 3.26 11.35
CA PRO A 84 5.18 2.94 11.66
C PRO A 84 4.16 3.22 10.54
N PHE A 85 4.45 4.18 9.68
CA PHE A 85 3.50 4.46 8.60
C PHE A 85 3.50 3.34 7.57
N LEU A 86 4.63 2.67 7.42
CA LEU A 86 4.69 1.53 6.52
C LEU A 86 4.01 0.31 7.11
N ASN A 87 4.27 0.01 8.38
CA ASN A 87 3.63 -1.16 9.00
C ASN A 87 2.11 -1.01 9.09
N ASP A 88 1.63 0.20 9.41
CA ASP A 88 0.19 0.46 9.38
C ASP A 88 -0.38 0.20 7.99
N ALA A 89 0.30 0.71 6.98
CA ALA A 89 -0.11 0.54 5.58
C ALA A 89 -0.18 -0.94 5.21
N ILE A 90 0.74 -1.72 5.73
CA ILE A 90 0.73 -3.16 5.47
C ILE A 90 -0.59 -3.80 5.87
N GLN A 91 -1.09 -3.49 7.07
CA GLN A 91 -2.33 -4.10 7.55
C GLN A 91 -3.60 -3.37 7.11
N ALA A 92 -3.48 -2.10 6.73
CA ALA A 92 -4.65 -1.32 6.33
C ALA A 92 -5.08 -1.58 4.88
N LEU A 93 -4.10 -1.76 4.01
CA LEU A 93 -4.36 -1.85 2.58
C LEU A 93 -5.40 -2.94 2.26
N PRO A 94 -5.23 -4.17 2.78
CA PRO A 94 -6.28 -5.16 2.50
C PRO A 94 -7.65 -4.81 3.08
N GLN A 95 -7.72 -4.22 4.27
CA GLN A 95 -9.02 -3.86 4.85
C GLN A 95 -9.78 -2.89 3.97
N LEU A 96 -9.07 -1.99 3.32
CA LEU A 96 -9.71 -0.94 2.53
C LEU A 96 -10.01 -1.39 1.10
N ALA A 97 -9.10 -2.16 0.53
CA ALA A 97 -9.29 -2.72 -0.80
C ALA A 97 -10.60 -3.48 -0.87
N ASP A 98 -10.90 -4.21 0.20
CA ASP A 98 -12.14 -4.99 0.28
C ASP A 98 -13.35 -4.07 0.37
N ALA A 99 -13.20 -2.96 1.08
CA ALA A 99 -14.30 -2.03 1.29
C ALA A 99 -14.77 -1.45 -0.04
N TYR A 100 -13.83 -1.14 -0.92
CA TYR A 100 -14.17 -0.43 -2.16
C TYR A 100 -14.30 -1.32 -3.38
N ALA A 101 -14.09 -2.63 -3.19
CA ALA A 101 -14.07 -3.61 -4.29
C ALA A 101 -15.30 -3.58 -5.22
N ASP A 102 -16.44 -3.16 -4.67
CA ASP A 102 -17.59 -2.79 -5.49
C ASP A 102 -17.32 -1.39 -6.01
N ASP A 103 -17.81 -0.45 -5.21
CA ASP A 103 -17.78 0.98 -5.44
C ASP A 103 -16.37 1.54 -5.67
N ILE A 104 -15.67 1.10 -6.71
CA ILE A 104 -14.38 1.72 -7.00
C ILE A 104 -14.57 3.21 -7.28
N PRO A 105 -14.01 4.08 -6.43
CA PRO A 105 -14.32 5.49 -6.61
C PRO A 105 -13.76 6.06 -7.90
N ASP A 106 -14.19 7.27 -8.25
CA ASP A 106 -13.77 7.95 -9.46
C ASP A 106 -12.52 8.80 -9.26
N LEU A 107 -12.17 9.03 -8.00
CA LEU A 107 -11.06 9.92 -7.64
C LEU A 107 -10.75 9.73 -6.16
N VAL A 108 -9.47 9.61 -5.84
CA VAL A 108 -9.04 9.39 -4.45
C VAL A 108 -8.48 10.69 -3.86
N LEU A 109 -8.87 11.01 -2.63
CA LEU A 109 -8.27 12.13 -1.91
C LEU A 109 -7.65 11.56 -0.66
N HIS A 110 -6.52 12.10 -0.22
CA HIS A 110 -5.92 11.52 0.97
C HIS A 110 -4.93 12.43 1.64
N ASP A 111 -4.85 12.31 2.96
CA ASP A 111 -3.81 12.96 3.71
C ASP A 111 -2.49 12.27 3.38
N ILE A 112 -1.39 13.00 3.53
CA ILE A 112 -0.06 12.49 3.20
C ILE A 112 0.32 11.20 3.91
N THR A 113 -0.30 10.92 5.05
CA THR A 113 0.12 9.76 5.86
C THR A 113 -0.42 8.43 5.34
N SER A 114 -1.41 8.48 4.47
CA SER A 114 -2.06 7.23 4.04
C SER A 114 -1.42 6.61 2.80
N TYR A 115 -0.48 5.69 3.00
CA TYR A 115 0.08 4.93 1.88
C TYR A 115 -0.98 4.07 1.16
N PRO A 116 -1.92 3.45 1.91
CA PRO A 116 -2.90 2.64 1.17
C PRO A 116 -3.70 3.43 0.13
N ALA A 117 -4.02 4.68 0.41
CA ALA A 117 -4.73 5.51 -0.55
C ALA A 117 -3.97 5.62 -1.87
N ARG A 118 -2.66 5.79 -1.76
CA ARG A 118 -1.81 5.86 -2.94
C ARG A 118 -1.89 4.54 -3.70
N VAL A 119 -1.74 3.43 -2.98
CA VAL A 119 -1.73 2.12 -3.63
C VAL A 119 -3.09 1.85 -4.27
N LEU A 120 -4.17 2.08 -3.52
CA LEU A 120 -5.51 1.80 -4.04
C LEU A 120 -5.87 2.64 -5.26
N ALA A 121 -5.53 3.92 -5.23
CA ALA A 121 -5.72 4.77 -6.40
C ALA A 121 -5.01 4.17 -7.61
N ARG A 122 -3.78 3.70 -7.40
CA ARG A 122 -2.99 3.11 -8.47
C ARG A 122 -3.45 1.70 -8.83
N ARG A 123 -4.19 1.07 -7.93
CA ARG A 123 -4.78 -0.24 -8.23
C ARG A 123 -6.04 -0.04 -9.05
N TRP A 124 -6.64 1.14 -8.92
CA TRP A 124 -7.89 1.47 -9.61
C TRP A 124 -7.65 2.16 -10.95
N GLY A 125 -6.51 2.84 -11.06
CA GLY A 125 -6.19 3.59 -12.25
C GLY A 125 -6.86 4.95 -12.27
N VAL A 126 -7.37 5.37 -11.12
CA VAL A 126 -7.99 6.68 -11.00
C VAL A 126 -7.01 7.69 -10.41
N PRO A 127 -7.10 8.96 -10.84
CA PRO A 127 -6.38 10.07 -10.21
C PRO A 127 -6.56 10.13 -8.69
N ALA A 128 -5.49 10.52 -8.01
CA ALA A 128 -5.54 10.71 -6.57
C ALA A 128 -5.06 12.13 -6.28
N VAL A 129 -5.59 12.75 -5.24
CA VAL A 129 -5.10 14.07 -4.85
C VAL A 129 -4.68 14.05 -3.39
N SER A 130 -3.43 14.42 -3.16
CA SER A 130 -2.83 14.41 -1.83
C SER A 130 -3.17 15.73 -1.15
N LEU A 131 -3.54 15.68 0.12
CA LEU A 131 -3.83 16.90 0.88
C LEU A 131 -2.79 17.03 1.98
N SER A 132 -1.96 18.08 1.90
CA SER A 132 -0.85 18.23 2.83
C SER A 132 -1.12 19.32 3.85
N PRO A 133 -1.04 18.99 5.14
CA PRO A 133 -1.32 19.97 6.19
C PRO A 133 -0.03 20.68 6.61
N ASN A 134 1.05 20.45 5.87
CA ASN A 134 2.35 21.05 6.18
C ASN A 134 3.10 21.29 4.89
N LEU A 135 4.33 21.78 5.02
CA LEU A 135 5.14 22.09 3.84
C LEU A 135 5.36 20.85 2.97
N VAL A 136 5.66 21.08 1.70
CA VAL A 136 5.91 20.00 0.76
C VAL A 136 7.31 20.09 0.17
N ALA A 137 7.70 19.06 -0.57
CA ALA A 137 8.98 19.07 -1.27
C ALA A 137 9.02 20.15 -2.34
N TRP A 138 10.15 20.85 -2.42
CA TRP A 138 10.43 21.74 -3.54
C TRP A 138 11.34 21.01 -4.51
N LYS A 139 11.54 21.57 -5.69
CA LYS A 139 12.51 21.00 -6.62
C LYS A 139 13.91 21.28 -6.07
N GLY A 140 14.60 20.20 -5.70
CA GLY A 140 15.89 20.30 -5.03
C GLY A 140 15.88 19.49 -3.74
N TYR A 141 14.73 19.43 -3.08
CA TYR A 141 14.58 18.76 -1.79
C TYR A 141 15.21 17.37 -1.75
N GLU A 142 15.09 16.63 -2.85
CA GLU A 142 15.60 15.27 -2.92
C GLU A 142 17.06 15.19 -2.53
N GLU A 143 17.88 15.92 -3.26
CA GLU A 143 19.32 15.84 -3.02
C GLU A 143 19.72 16.83 -1.94
N GLU A 144 18.95 17.90 -1.79
CA GLU A 144 19.30 18.94 -0.84
C GLU A 144 19.04 18.54 0.62
N VAL A 145 17.95 17.82 0.87
CA VAL A 145 17.56 17.49 2.23
C VAL A 145 17.31 15.99 2.49
N ALA A 146 16.63 15.31 1.58
CA ALA A 146 16.32 13.88 1.82
C ALA A 146 17.56 12.99 1.85
N GLU A 147 18.43 13.15 0.84
CA GLU A 147 19.65 12.33 0.80
C GLU A 147 20.55 12.56 2.02
N PRO A 148 20.87 13.83 2.35
CA PRO A 148 21.76 14.06 3.48
C PRO A 148 21.08 13.75 4.80
N MET A 149 19.77 13.49 4.77
CA MET A 149 19.08 13.10 5.99
C MET A 149 19.12 11.58 6.13
N TRP A 150 19.04 10.89 5.01
CA TRP A 150 18.96 9.43 5.01
C TRP A 150 20.32 8.75 4.88
N ARG A 151 21.34 9.55 4.58
CA ARG A 151 22.60 9.00 4.11
C ARG A 151 23.27 8.06 5.11
N GLU A 152 23.25 8.43 6.40
CA GLU A 152 23.74 7.53 7.44
C GLU A 152 22.79 6.38 7.76
N PRO A 153 21.51 6.69 8.03
CA PRO A 153 20.60 5.59 8.37
C PRO A 153 20.43 4.57 7.26
N ARG A 154 20.34 4.98 6.00
CA ARG A 154 20.03 4.00 4.97
C ARG A 154 21.14 2.95 4.82
N GLN A 155 22.34 3.29 5.28
CA GLN A 155 23.48 2.37 5.21
C GLN A 155 23.49 1.37 6.36
N THR A 156 22.87 1.75 7.47
CA THR A 156 22.74 0.84 8.63
C THR A 156 21.94 -0.39 8.26
N GLU A 157 22.04 -1.44 9.07
CA GLU A 157 21.26 -2.67 8.84
C GLU A 157 19.77 -2.35 8.84
N ARG A 158 19.30 -1.66 9.87
CA ARG A 158 17.89 -1.33 9.98
C ARG A 158 17.42 -0.43 8.83
N GLY A 159 18.25 0.54 8.45
CA GLY A 159 17.92 1.46 7.37
C GLY A 159 17.87 0.75 6.03
N ARG A 160 18.92 0.00 5.71
CA ARG A 160 18.99 -0.86 4.52
C ARG A 160 17.72 -1.68 4.39
N ALA A 161 17.33 -2.28 5.51
CA ALA A 161 16.28 -3.28 5.54
C ALA A 161 14.89 -2.66 5.49
N TYR A 162 14.75 -1.47 6.04
CA TYR A 162 13.47 -0.77 5.97
C TYR A 162 13.16 -0.42 4.52
N TYR A 163 14.16 0.08 3.80
CA TYR A 163 13.98 0.43 2.39
C TYR A 163 13.72 -0.78 1.48
N ALA A 164 14.41 -1.88 1.74
CA ALA A 164 14.18 -3.07 0.92
C ALA A 164 12.74 -3.57 1.12
N ARG A 165 12.28 -3.49 2.37
CA ARG A 165 10.96 -3.94 2.76
C ARG A 165 9.87 -3.08 2.11
N PHE A 166 10.11 -1.77 2.09
CA PHE A 166 9.17 -0.83 1.51
C PHE A 166 9.12 -1.09 0.00
N GLU A 167 10.29 -1.26 -0.62
CA GLU A 167 10.35 -1.53 -2.05
C GLU A 167 9.61 -2.82 -2.42
N ALA A 168 9.78 -3.86 -1.62
CA ALA A 168 9.18 -5.16 -1.92
C ALA A 168 7.65 -5.10 -1.80
N TRP A 169 7.17 -4.30 -0.86
CA TRP A 169 5.73 -4.10 -0.70
C TRP A 169 5.16 -3.32 -1.89
N LEU A 170 5.88 -2.30 -2.34
CA LEU A 170 5.44 -1.58 -3.53
C LEU A 170 5.40 -2.53 -4.73
N LYS A 171 6.43 -3.34 -4.86
CA LYS A 171 6.54 -4.24 -6.01
C LYS A 171 5.47 -5.33 -5.99
N GLU A 172 5.09 -5.82 -4.81
CA GLU A 172 4.00 -6.79 -4.74
C GLU A 172 2.69 -6.17 -5.24
N ASN A 173 2.60 -4.84 -5.15
CA ASN A 173 1.42 -4.12 -5.63
C ASN A 173 1.60 -3.46 -7.00
N GLY A 174 2.61 -3.87 -7.74
CA GLY A 174 2.80 -3.42 -9.11
C GLY A 174 3.41 -2.04 -9.27
N ILE A 175 4.02 -1.53 -8.20
CA ILE A 175 4.61 -0.19 -8.24
C ILE A 175 6.13 -0.29 -8.25
N THR A 176 6.76 0.27 -9.28
CA THR A 176 8.21 0.09 -9.47
C THR A 176 9.05 1.24 -8.95
N GLU A 177 8.47 2.42 -8.84
CA GLU A 177 9.24 3.60 -8.44
C GLU A 177 9.76 3.51 -7.02
N HIS A 178 10.77 4.32 -6.72
CA HIS A 178 11.43 4.30 -5.42
C HIS A 178 10.45 4.65 -4.31
N PRO A 179 10.60 4.02 -3.14
CA PRO A 179 9.78 4.36 -1.99
C PRO A 179 9.74 5.87 -1.71
N ASP A 180 10.86 6.57 -1.92
CA ASP A 180 10.87 8.02 -1.67
C ASP A 180 9.97 8.78 -2.64
N THR A 181 9.93 8.31 -3.88
CA THR A 181 9.08 8.90 -4.90
C THR A 181 7.62 8.70 -4.50
N PHE A 182 7.30 7.46 -4.18
CA PHE A 182 5.96 7.05 -3.78
C PHE A 182 5.47 7.86 -2.58
N ALA A 183 6.34 8.02 -1.59
CA ALA A 183 5.96 8.65 -0.33
C ALA A 183 5.97 10.18 -0.35
N SER A 184 6.99 10.77 -0.97
CA SER A 184 7.22 12.21 -0.78
C SER A 184 6.90 13.05 -2.02
N HIS A 185 6.55 12.41 -3.12
CA HIS A 185 6.33 13.15 -4.37
C HIS A 185 5.06 12.76 -5.09
N PRO A 186 3.93 13.27 -4.59
CA PRO A 186 2.63 12.99 -5.17
C PRO A 186 2.52 13.59 -6.57
N PRO A 187 1.75 12.96 -7.44
CA PRO A 187 1.48 13.51 -8.78
C PRO A 187 0.67 14.81 -8.72
N ARG A 188 -0.17 14.93 -7.70
CA ARG A 188 -1.02 16.11 -7.54
C ARG A 188 -1.31 16.35 -6.05
N SER A 189 -1.11 17.58 -5.60
CA SER A 189 -1.26 17.89 -4.18
C SER A 189 -1.85 19.27 -3.98
N LEU A 190 -2.75 19.39 -3.00
CA LEU A 190 -3.21 20.67 -2.49
C LEU A 190 -2.58 20.88 -1.13
N VAL A 191 -2.00 22.05 -0.91
CA VAL A 191 -1.25 22.31 0.32
C VAL A 191 -2.03 23.27 1.20
N LEU A 192 -2.32 22.82 2.41
CA LEU A 192 -3.27 23.52 3.28
C LEU A 192 -2.56 24.47 4.24
N ILE A 193 -1.44 25.02 3.80
CA ILE A 193 -0.77 26.09 4.53
C ILE A 193 -0.57 27.26 3.60
N PRO A 194 -0.37 28.47 4.13
CA PRO A 194 -0.05 29.54 3.20
C PRO A 194 1.34 29.34 2.59
N LYS A 195 1.52 29.74 1.34
CA LYS A 195 2.81 29.59 0.69
C LYS A 195 3.88 30.41 1.39
N ALA A 196 3.45 31.44 2.13
CA ALA A 196 4.35 32.26 2.92
C ALA A 196 5.11 31.45 3.97
N LEU A 197 4.56 30.30 4.34
CA LEU A 197 5.19 29.43 5.34
C LEU A 197 5.80 28.17 4.74
N GLN A 198 6.02 28.19 3.43
CA GLN A 198 6.69 27.10 2.74
C GLN A 198 8.15 27.46 2.46
N PRO A 199 9.10 26.66 2.95
CA PRO A 199 10.50 26.93 2.61
C PRO A 199 10.70 26.79 1.10
N HIS A 200 11.56 27.61 0.51
CA HIS A 200 11.87 27.49 -0.92
C HIS A 200 10.64 27.53 -1.82
N ALA A 201 9.75 28.47 -1.54
CA ALA A 201 8.44 28.54 -2.20
C ALA A 201 8.46 28.61 -3.74
N ASP A 202 9.25 29.50 -4.33
CA ASP A 202 9.30 29.58 -5.79
C ASP A 202 9.80 28.29 -6.44
N ARG A 203 10.61 27.53 -5.70
CA ARG A 203 11.16 26.30 -6.26
C ARG A 203 10.17 25.13 -6.19
N VAL A 204 9.01 25.36 -5.58
CA VAL A 204 7.97 24.33 -5.55
C VAL A 204 7.30 24.22 -6.90
N ASP A 205 7.05 22.99 -7.35
CA ASP A 205 6.49 22.74 -8.68
C ASP A 205 5.00 23.05 -8.73
N GLU A 206 4.65 24.14 -9.41
CA GLU A 206 3.27 24.62 -9.49
C GLU A 206 2.32 23.65 -10.22
N ASP A 207 2.86 22.79 -11.06
CA ASP A 207 2.00 21.88 -11.83
C ASP A 207 1.62 20.65 -11.00
N VAL A 208 2.31 20.46 -9.88
CA VAL A 208 1.99 19.39 -8.94
C VAL A 208 1.25 19.95 -7.75
N TYR A 209 1.77 21.03 -7.18
CA TYR A 209 1.25 21.56 -5.92
C TYR A 209 0.43 22.83 -6.12
N THR A 210 -0.72 22.91 -5.48
CA THR A 210 -1.48 24.14 -5.39
C THR A 210 -1.61 24.53 -3.92
N PHE A 211 -1.11 25.71 -3.56
CA PHE A 211 -1.32 26.22 -2.21
C PHE A 211 -2.69 26.88 -2.10
N VAL A 212 -3.52 26.33 -1.22
CA VAL A 212 -4.85 26.86 -0.98
C VAL A 212 -4.96 27.52 0.38
N GLY A 213 -3.95 27.30 1.22
CA GLY A 213 -3.99 27.76 2.60
C GLY A 213 -5.01 26.98 3.41
N ALA A 214 -5.10 27.32 4.69
CA ALA A 214 -6.00 26.63 5.62
C ALA A 214 -7.46 26.90 5.24
N CYS A 215 -8.36 25.98 5.59
CA CYS A 215 -9.80 26.16 5.34
C CYS A 215 -10.51 27.13 6.32
N GLN A 216 -11.58 26.68 6.99
CA GLN A 216 -12.33 27.54 7.92
C GLN A 216 -13.84 27.25 8.04
N GLY A 217 -14.66 28.30 8.01
CA GLY A 217 -16.11 28.16 8.05
C GLY A 217 -16.82 29.48 8.31
N ASP A 218 -18.07 29.43 8.74
CA ASP A 218 -18.84 30.64 9.03
C ASP A 218 -18.95 30.90 10.53
N ARG A 219 -19.06 32.15 10.98
CA ARG A 219 -18.37 33.34 10.46
C ARG A 219 -18.40 34.28 11.68
N ALA A 220 -17.49 34.07 12.62
CA ALA A 220 -16.65 32.87 12.65
C ALA A 220 -16.81 32.04 13.89
N GLU A 221 -15.64 31.71 14.47
CA GLU A 221 -15.57 30.83 15.61
C GLU A 221 -14.92 31.54 16.79
N GLU A 222 -15.50 31.49 17.99
CA GLU A 222 -16.87 31.12 18.19
C GLU A 222 -17.50 32.05 19.25
N GLY A 223 -17.89 33.27 18.85
CA GLY A 223 -18.51 34.25 19.76
C GLY A 223 -18.24 35.69 19.27
N GLY A 224 -17.81 36.58 20.19
CA GLY A 224 -17.35 37.88 19.77
C GLY A 224 -16.61 38.58 20.91
N TRP A 225 -15.29 38.48 20.92
CA TRP A 225 -14.47 39.30 21.83
C TRP A 225 -14.45 40.72 21.28
N GLN A 226 -14.50 41.71 22.16
CA GLN A 226 -14.56 43.12 21.73
C GLN A 226 -13.55 44.02 22.47
N ARG A 227 -12.81 44.83 21.71
CA ARG A 227 -11.77 45.69 22.28
C ARG A 227 -12.33 46.60 23.37
N PRO A 228 -11.51 46.91 24.38
CA PRO A 228 -11.82 48.00 25.32
C PRO A 228 -11.84 49.33 24.59
N ALA A 229 -12.79 50.18 24.94
CA ALA A 229 -12.85 51.52 24.39
C ALA A 229 -11.63 52.28 24.91
N GLY A 230 -10.94 52.97 24.01
CA GLY A 230 -9.80 53.78 24.42
C GLY A 230 -8.44 53.16 24.20
N ALA A 231 -8.38 51.84 24.07
CA ALA A 231 -7.11 51.17 23.80
C ALA A 231 -6.46 51.58 22.47
N GLU A 232 -5.17 51.91 22.52
CA GLU A 232 -4.44 52.24 21.30
C GLU A 232 -4.02 50.95 20.59
N LYS A 233 -3.45 50.03 21.37
CA LYS A 233 -2.83 48.83 20.84
C LYS A 233 -3.14 47.60 21.68
N VAL A 234 -3.83 46.63 21.09
CA VAL A 234 -4.12 45.38 21.76
C VAL A 234 -3.08 44.34 21.40
N VAL A 235 -2.50 43.69 22.41
CA VAL A 235 -1.58 42.59 22.16
C VAL A 235 -2.16 41.31 22.73
N LEU A 236 -2.16 40.26 21.91
CA LEU A 236 -2.58 38.94 22.34
C LEU A 236 -1.34 38.08 22.57
N VAL A 237 -1.25 37.47 23.74
CA VAL A 237 -0.25 36.44 23.96
C VAL A 237 -0.96 35.09 24.05
N SER A 238 -0.47 34.12 23.30
CA SER A 238 -0.97 32.75 23.37
C SER A 238 0.04 31.81 22.72
N LEU A 239 0.47 30.79 23.44
CA LEU A 239 1.44 29.84 22.90
C LEU A 239 0.75 28.60 22.33
N GLY A 240 -0.51 28.76 21.94
CA GLY A 240 -1.27 27.68 21.36
C GLY A 240 -2.15 26.95 22.38
N SER A 241 -2.43 25.68 22.12
CA SER A 241 -3.28 24.90 23.00
C SER A 241 -2.47 23.91 23.85
N ALA A 242 -1.23 23.66 23.44
CA ALA A 242 -0.45 22.55 24.00
C ALA A 242 0.56 22.96 25.07
N PHE A 243 1.49 23.84 24.73
CA PHE A 243 2.56 24.22 25.67
C PHE A 243 2.54 25.69 26.09
N THR A 244 1.50 26.08 26.82
CA THR A 244 1.36 27.46 27.30
C THR A 244 1.43 27.56 28.81
N LYS A 245 2.63 27.76 29.35
CA LYS A 245 2.86 27.40 30.74
C LYS A 245 3.83 28.35 31.44
N GLN A 246 5.02 28.48 30.84
CA GLN A 246 6.13 29.25 31.42
C GLN A 246 5.69 30.47 32.16
N PRO A 247 5.58 30.34 33.50
CA PRO A 247 5.09 31.40 34.36
C PRO A 247 6.01 32.59 34.26
N ALA A 248 7.29 32.33 34.03
CA ALA A 248 8.30 33.36 33.91
C ALA A 248 8.04 34.26 32.71
N PHE A 249 7.85 33.66 31.54
CA PHE A 249 7.61 34.41 30.32
C PHE A 249 6.25 35.09 30.38
N TYR A 250 5.34 34.46 31.11
CA TYR A 250 4.01 35.03 31.34
C TYR A 250 4.07 36.23 32.24
N ARG A 251 4.69 36.02 33.40
CA ARG A 251 5.13 37.11 34.26
C ARG A 251 5.81 38.18 33.43
N GLU A 252 6.64 37.74 32.49
CA GLU A 252 7.47 38.68 31.74
C GLU A 252 6.68 39.56 30.79
N CYS A 253 5.66 38.99 30.15
CA CYS A 253 4.83 39.78 29.26
C CYS A 253 3.98 40.75 30.06
N VAL A 254 3.50 40.29 31.21
CA VAL A 254 2.73 41.13 32.11
C VAL A 254 3.63 42.29 32.54
N ARG A 255 4.88 41.96 32.85
CA ARG A 255 5.86 42.98 33.18
C ARG A 255 6.26 43.81 31.96
N ALA A 256 5.96 43.31 30.78
CA ALA A 256 6.30 44.04 29.56
C ALA A 256 5.24 45.07 29.18
N PHE A 257 3.97 44.67 29.26
CA PHE A 257 2.88 45.51 28.76
C PHE A 257 2.07 46.13 29.88
N GLY A 258 2.33 45.67 31.09
CA GLY A 258 1.60 46.16 32.26
C GLY A 258 1.74 47.64 32.43
N ASN A 259 0.60 48.32 32.59
CA ASN A 259 0.56 49.76 32.85
C ASN A 259 1.34 50.58 31.82
N LEU A 260 1.49 50.04 30.60
CA LEU A 260 2.14 50.75 29.49
C LEU A 260 1.09 51.54 28.75
N PRO A 261 1.05 52.87 28.95
CA PRO A 261 -0.04 53.71 28.43
C PRO A 261 -0.39 53.40 26.98
N GLY A 262 -1.67 53.20 26.71
CA GLY A 262 -2.13 52.92 25.36
C GLY A 262 -2.27 51.44 25.02
N TRP A 263 -1.64 50.57 25.81
CA TRP A 263 -1.63 49.13 25.50
C TRP A 263 -2.58 48.32 26.37
N HIS A 264 -3.23 47.34 25.75
CA HIS A 264 -4.05 46.39 26.49
C HIS A 264 -3.58 44.98 26.14
N LEU A 265 -3.27 44.21 27.18
CA LEU A 265 -2.74 42.86 27.02
C LEU A 265 -3.76 41.78 27.32
N VAL A 266 -3.89 40.82 26.42
CA VAL A 266 -4.68 39.62 26.66
C VAL A 266 -3.76 38.41 26.74
N LEU A 267 -3.78 37.73 27.88
CA LEU A 267 -2.92 36.58 28.13
C LEU A 267 -3.74 35.30 28.19
N GLN A 268 -3.29 34.26 27.46
CA GLN A 268 -3.96 32.95 27.41
C GLN A 268 -3.11 31.83 27.97
N ILE A 269 -3.74 30.96 28.79
CA ILE A 269 -3.10 29.77 29.37
C ILE A 269 -4.02 28.53 29.58
N GLY A 270 -5.00 28.69 30.47
CA GLY A 270 -5.85 27.62 30.96
C GLY A 270 -5.64 27.32 32.44
N ARG A 271 -5.48 28.37 33.26
CA ARG A 271 -5.19 28.26 34.70
C ARG A 271 -6.22 29.01 35.56
N LYS A 272 -5.97 29.04 36.87
CA LYS A 272 -6.93 29.65 37.78
C LYS A 272 -6.43 30.64 38.87
N VAL A 273 -5.65 30.29 39.90
CA VAL A 273 -4.83 29.07 40.12
C VAL A 273 -4.01 28.50 38.95
N THR A 274 -3.00 29.26 38.50
CA THR A 274 -2.58 30.47 39.19
C THR A 274 -2.48 31.69 38.32
N PRO A 275 -2.91 32.87 38.90
CA PRO A 275 -2.58 34.28 38.53
C PRO A 275 -1.63 34.70 39.50
N ALA A 276 -1.32 33.74 40.37
CA ALA A 276 -0.33 33.90 41.39
C ALA A 276 0.97 33.61 40.69
N GLU A 277 0.83 33.41 39.38
CA GLU A 277 1.91 33.63 38.43
C GLU A 277 1.69 35.07 37.94
N LEU A 278 2.55 35.97 38.42
CA LEU A 278 2.45 37.39 38.11
C LEU A 278 1.94 38.16 39.32
N GLY A 279 1.35 37.41 40.26
CA GLY A 279 0.65 38.01 41.38
C GLY A 279 -0.51 38.89 40.92
N GLU A 280 -0.78 39.95 41.68
CA GLU A 280 -1.68 41.03 41.28
C GLU A 280 -1.40 41.44 39.84
N LEU A 281 -2.46 41.81 39.12
CA LEU A 281 -2.32 42.07 37.69
C LEU A 281 -2.75 43.48 37.36
N PRO A 282 -1.95 44.16 36.51
CA PRO A 282 -2.25 45.53 36.10
C PRO A 282 -3.64 45.62 35.47
N ASP A 283 -4.26 46.80 35.55
CA ASP A 283 -5.63 46.99 35.08
C ASP A 283 -5.78 46.90 33.56
N ASN A 284 -4.67 46.95 32.83
CA ASN A 284 -4.72 46.86 31.38
C ASN A 284 -4.27 45.48 30.93
N VAL A 285 -4.35 44.52 31.85
CA VAL A 285 -3.93 43.14 31.60
C VAL A 285 -5.06 42.21 31.98
N GLU A 286 -5.25 41.15 31.21
CA GLU A 286 -6.32 40.21 31.51
C GLU A 286 -6.03 38.80 31.01
N VAL A 287 -6.17 37.86 31.94
CA VAL A 287 -6.11 36.44 31.62
C VAL A 287 -7.50 35.92 31.27
N HIS A 288 -7.56 35.10 30.23
CA HIS A 288 -8.66 34.17 30.01
C HIS A 288 -8.00 32.81 29.98
N ASP A 289 -8.75 31.75 30.23
CA ASP A 289 -8.20 30.39 30.14
C ASP A 289 -8.04 30.02 28.67
N TRP A 290 -9.13 30.19 27.93
CA TRP A 290 -9.15 29.93 26.49
C TRP A 290 -9.73 31.18 25.87
N VAL A 291 -9.29 31.51 24.66
CA VAL A 291 -9.78 32.71 24.00
C VAL A 291 -10.32 32.41 22.61
N PRO A 292 -11.25 33.25 22.14
CA PRO A 292 -11.60 33.12 20.72
C PRO A 292 -10.50 33.80 19.92
N GLN A 293 -9.47 33.02 19.58
CA GLN A 293 -8.21 33.55 19.07
C GLN A 293 -8.39 34.40 17.83
N LEU A 294 -9.20 33.92 16.90
CA LEU A 294 -9.37 34.63 15.66
C LEU A 294 -10.12 35.93 15.95
N ALA A 295 -11.12 35.85 16.82
CA ALA A 295 -11.87 37.03 17.21
C ALA A 295 -10.97 38.10 17.81
N ILE A 296 -9.99 37.68 18.60
CA ILE A 296 -9.06 38.63 19.20
C ILE A 296 -8.07 39.16 18.16
N LEU A 297 -7.50 38.27 17.36
CA LEU A 297 -6.55 38.68 16.33
C LEU A 297 -7.15 39.63 15.30
N ARG A 298 -8.46 39.55 15.06
CA ARG A 298 -9.08 40.46 14.11
C ARG A 298 -9.01 41.91 14.55
N GLN A 299 -8.91 42.12 15.86
CA GLN A 299 -8.88 43.47 16.41
C GLN A 299 -7.61 43.69 17.23
N ALA A 300 -6.60 42.86 16.98
CA ALA A 300 -5.32 42.95 17.68
C ALA A 300 -4.25 43.60 16.81
N ASP A 301 -3.36 44.35 17.46
CA ASP A 301 -2.28 45.05 16.76
C ASP A 301 -0.97 44.29 16.85
N LEU A 302 -0.89 43.34 17.77
CA LEU A 302 0.33 42.58 17.98
C LEU A 302 0.00 41.20 18.51
N PHE A 303 0.74 40.21 18.06
CA PHE A 303 0.50 38.83 18.48
C PHE A 303 1.81 38.19 18.94
N VAL A 304 1.89 37.87 20.23
CA VAL A 304 3.03 37.13 20.74
C VAL A 304 2.67 35.65 20.65
N THR A 305 3.36 34.93 19.77
CA THR A 305 2.96 33.57 19.38
C THR A 305 4.12 32.58 19.52
N HIS A 306 3.80 31.31 19.78
CA HIS A 306 4.81 30.26 19.77
C HIS A 306 5.16 29.81 18.34
N ALA A 307 4.45 30.38 17.37
CA ALA A 307 4.68 30.11 15.94
C ALA A 307 4.29 28.70 15.53
N GLY A 308 3.27 28.13 16.19
CA GLY A 308 2.66 26.92 15.71
C GLY A 308 2.03 27.16 14.35
N ALA A 309 1.70 26.09 13.64
CA ALA A 309 1.07 26.23 12.32
C ALA A 309 -0.14 27.15 12.31
N GLY A 310 -1.06 26.93 13.24
CA GLY A 310 -2.30 27.69 13.28
C GLY A 310 -2.10 29.15 13.66
N GLY A 311 -1.39 29.39 14.76
CA GLY A 311 -1.10 30.75 15.17
C GLY A 311 -0.41 31.53 14.07
N SER A 312 0.55 30.90 13.40
CA SER A 312 1.29 31.56 12.34
C SER A 312 0.35 31.94 11.20
N GLN A 313 -0.48 30.99 10.76
CA GLN A 313 -1.41 31.29 9.67
C GLN A 313 -2.41 32.39 10.04
N GLU A 314 -2.91 32.34 11.27
CA GLU A 314 -3.90 33.31 11.73
C GLU A 314 -3.31 34.71 11.88
N GLY A 315 -2.08 34.78 12.35
CA GLY A 315 -1.38 36.06 12.41
C GLY A 315 -1.28 36.70 11.03
N LEU A 316 -0.86 35.90 10.05
CA LEU A 316 -0.76 36.43 8.68
C LEU A 316 -2.14 36.78 8.14
N ALA A 317 -3.09 35.88 8.33
CA ALA A 317 -4.45 36.04 7.81
C ALA A 317 -5.11 37.33 8.29
N THR A 318 -4.74 37.74 9.51
CA THR A 318 -5.32 38.94 10.13
C THR A 318 -4.38 40.14 10.04
N ALA A 319 -3.29 39.99 9.30
CA ALA A 319 -2.30 41.08 9.13
C ALA A 319 -1.82 41.63 10.47
N THR A 320 -1.53 40.72 11.41
CA THR A 320 -1.10 41.13 12.75
C THR A 320 0.38 40.84 12.91
N PRO A 321 1.20 41.90 13.12
CA PRO A 321 2.63 41.72 13.36
C PRO A 321 2.86 40.77 14.53
N MET A 322 3.94 40.00 14.48
CA MET A 322 4.14 38.96 15.48
C MET A 322 5.49 39.00 16.19
N ILE A 323 5.48 38.65 17.48
CA ILE A 323 6.70 38.30 18.17
C ILE A 323 6.68 36.80 18.32
N ALA A 324 7.59 36.14 17.60
CA ALA A 324 7.61 34.69 17.54
C ALA A 324 8.60 34.14 18.55
N VAL A 325 8.08 33.43 19.53
CA VAL A 325 8.89 32.86 20.61
C VAL A 325 8.74 31.34 20.58
N PRO A 326 9.50 30.67 19.71
CA PRO A 326 9.32 29.23 19.53
C PRO A 326 9.89 28.40 20.68
N GLN A 327 9.40 27.17 20.83
CA GLN A 327 9.79 26.31 21.93
C GLN A 327 10.01 24.86 21.45
N ALA A 328 9.14 24.38 20.56
CA ALA A 328 9.29 23.02 20.03
C ALA A 328 9.73 23.05 18.58
N VAL A 329 10.67 22.18 18.21
CA VAL A 329 11.34 22.35 16.93
C VAL A 329 10.53 22.65 15.75
N ASP A 330 9.34 22.04 15.67
CA ASP A 330 8.35 22.39 14.67
C ASP A 330 7.90 23.87 14.62
N GLN A 331 8.51 24.73 15.44
CA GLN A 331 8.12 26.15 15.50
C GLN A 331 9.28 27.09 15.16
N PHE A 332 10.50 26.62 15.39
CA PHE A 332 11.70 27.42 15.11
C PHE A 332 11.70 27.81 13.63
N GLY A 333 11.20 26.93 12.79
CA GLY A 333 11.15 27.15 11.36
C GLY A 333 10.08 28.16 10.93
N ASN A 334 8.86 28.00 11.44
CA ASN A 334 7.84 29.01 11.18
C ASN A 334 8.33 30.35 11.68
N ALA A 335 8.97 30.35 12.84
CA ALA A 335 9.49 31.59 13.41
C ALA A 335 10.53 32.24 12.48
N ASP A 336 11.44 31.43 11.95
CA ASP A 336 12.44 31.95 11.02
C ASP A 336 11.75 32.51 9.78
N MET A 337 10.76 31.80 9.27
CA MET A 337 10.08 32.26 8.05
C MET A 337 9.26 33.52 8.30
N LEU A 338 8.60 33.60 9.46
CA LEU A 338 7.84 34.80 9.81
C LEU A 338 8.75 36.02 9.86
N GLN A 339 9.90 35.86 10.49
CA GLN A 339 10.85 36.95 10.58
C GLN A 339 11.37 37.30 9.19
N GLY A 340 11.78 36.28 8.43
CA GLY A 340 12.30 36.48 7.09
C GLY A 340 11.35 37.22 6.16
N LEU A 341 10.05 37.06 6.41
CA LEU A 341 9.02 37.77 5.65
C LEU A 341 9.00 39.25 5.99
N GLY A 342 9.60 39.60 7.13
CA GLY A 342 9.66 40.99 7.55
C GLY A 342 8.42 41.44 8.30
N VAL A 343 7.73 40.51 8.93
CA VAL A 343 6.50 40.84 9.63
C VAL A 343 6.52 40.39 11.07
N ALA A 344 7.70 39.97 11.52
CA ALA A 344 7.81 39.42 12.87
C ALA A 344 9.24 39.51 13.33
N ARG A 345 9.44 39.34 14.63
CA ARG A 345 10.77 39.21 15.20
C ARG A 345 10.80 37.91 15.99
N LYS A 346 11.88 37.15 15.84
CA LYS A 346 12.06 35.94 16.62
C LYS A 346 12.80 36.28 17.91
N LEU A 347 12.29 35.81 19.04
CA LEU A 347 13.02 35.88 20.30
C LEU A 347 13.11 34.48 20.85
N ALA A 348 14.24 34.16 21.46
CA ALA A 348 14.29 32.97 22.30
C ALA A 348 13.54 33.34 23.58
N THR A 349 12.79 32.39 24.14
CA THR A 349 12.06 32.63 25.38
C THR A 349 13.01 33.10 26.46
N GLU A 350 12.49 33.90 27.39
CA GLU A 350 13.28 34.35 28.52
N GLU A 351 15.92 35.27 27.05
CA GLU A 351 16.22 36.61 26.58
C GLU A 351 14.96 37.46 26.42
N ALA A 352 13.80 36.82 26.36
CA ALA A 352 12.53 37.51 26.14
C ALA A 352 12.05 38.27 27.36
N THR A 353 12.95 39.03 27.97
CA THR A 353 12.63 39.89 29.11
C THR A 353 11.61 40.97 28.75
N ALA A 354 11.14 41.67 29.77
CA ALA A 354 10.11 42.68 29.60
C ALA A 354 10.62 43.86 28.79
N ASP A 355 11.88 44.20 28.99
CA ASP A 355 12.49 45.29 28.25
C ASP A 355 12.52 45.01 26.74
N LEU A 356 13.02 43.84 26.36
CA LEU A 356 13.12 43.48 24.95
C LEU A 356 11.74 43.31 24.29
N LEU A 357 10.83 42.65 25.00
CA LEU A 357 9.47 42.45 24.50
C LEU A 357 8.83 43.79 24.22
N ARG A 358 9.04 44.72 25.13
CA ARG A 358 8.45 46.05 24.99
C ARG A 358 9.02 46.80 23.78
N GLU A 359 10.34 46.83 23.64
CA GLU A 359 10.96 47.57 22.54
C GLU A 359 10.57 46.94 21.20
N THR A 360 10.54 45.62 21.18
CA THR A 360 10.22 44.89 19.96
C THR A 360 8.77 45.16 19.56
N ALA A 361 7.88 45.11 20.55
CA ALA A 361 6.49 45.46 20.36
C ALA A 361 6.31 46.84 19.73
N LEU A 362 6.95 47.85 20.33
CA LEU A 362 6.80 49.23 19.89
C LEU A 362 7.29 49.47 18.45
N ALA A 363 8.37 48.79 18.08
CA ALA A 363 8.89 48.92 16.72
C ALA A 363 7.99 48.23 15.68
N LEU A 364 7.34 47.15 16.08
CA LEU A 364 6.51 46.40 15.13
C LEU A 364 5.13 47.02 14.84
N VAL A 365 4.48 47.56 15.87
CA VAL A 365 3.04 47.89 15.75
C VAL A 365 2.69 49.03 14.82
N ASP A 366 3.62 49.98 14.64
CA ASP A 366 3.37 51.17 13.83
C ASP A 366 4.44 51.42 12.79
N ASP A 367 5.01 50.36 12.25
CA ASP A 367 5.84 50.54 11.09
C ASP A 367 5.00 50.23 9.85
N PRO A 368 4.90 51.21 8.96
CA PRO A 368 4.03 51.12 7.78
C PRO A 368 4.48 50.04 6.82
N GLU A 369 5.75 49.65 6.86
CA GLU A 369 6.27 48.64 5.96
C GLU A 369 5.92 47.23 6.43
N VAL A 370 6.01 47.02 7.74
CA VAL A 370 5.58 45.74 8.32
C VAL A 370 4.12 45.53 7.95
N ALA A 371 3.32 46.58 8.12
CA ALA A 371 1.87 46.50 7.93
C ALA A 371 1.48 46.41 6.46
N ARG A 372 2.33 46.93 5.59
CA ARG A 372 2.09 46.79 4.15
C ARG A 372 2.52 45.40 3.68
N ARG A 373 3.65 44.92 4.19
CA ARG A 373 4.09 43.55 3.91
C ARG A 373 3.04 42.54 4.35
N LEU A 374 2.34 42.85 5.44
CA LEU A 374 1.25 42.01 5.93
C LEU A 374 0.01 42.03 5.02
N ARG A 375 -0.44 43.22 4.61
CA ARG A 375 -1.58 43.32 3.70
C ARG A 375 -1.26 42.62 2.39
N ARG A 376 -0.01 42.71 1.97
CA ARG A 376 0.43 42.00 0.79
C ARG A 376 0.16 40.52 0.97
N ILE A 377 0.82 39.91 1.96
CA ILE A 377 0.61 38.49 2.26
C ILE A 377 -0.88 38.13 2.38
N GLN A 378 -1.65 39.01 3.01
CA GLN A 378 -3.09 38.87 3.09
C GLN A 378 -3.72 38.73 1.71
N ALA A 379 -3.28 39.56 0.77
CA ALA A 379 -3.80 39.51 -0.59
C ALA A 379 -3.39 38.22 -1.29
N GLU A 380 -2.21 37.70 -0.95
CA GLU A 380 -1.77 36.43 -1.53
C GLU A 380 -2.59 35.28 -1.00
N MET A 381 -2.86 35.29 0.29
CA MET A 381 -3.70 34.24 0.87
C MET A 381 -5.07 34.26 0.21
N ALA A 382 -5.55 35.46 -0.13
CA ALA A 382 -6.79 35.56 -0.88
C ALA A 382 -6.68 34.85 -2.22
N GLN A 383 -5.52 34.98 -2.87
CA GLN A 383 -5.31 34.34 -4.16
C GLN A 383 -5.16 32.83 -4.03
N GLU A 384 -4.67 32.37 -2.88
CA GLU A 384 -4.55 30.94 -2.63
C GLU A 384 -5.93 30.30 -2.53
N GLY A 385 -6.88 31.01 -1.91
CA GLY A 385 -8.29 30.73 -2.13
C GLY A 385 -9.06 29.78 -1.23
N GLY A 386 -8.41 29.26 -0.18
CA GLY A 386 -9.08 28.43 0.81
C GLY A 386 -9.90 27.26 0.30
N THR A 387 -10.93 26.89 1.07
CA THR A 387 -11.69 25.69 0.80
C THR A 387 -12.38 25.66 -0.56
N ARG A 388 -12.86 26.80 -1.01
CA ARG A 388 -13.57 26.76 -2.28
C ARG A 388 -12.65 26.69 -3.48
N ARG A 389 -11.42 27.18 -3.32
CA ARG A 389 -10.43 26.89 -4.34
C ARG A 389 -10.13 25.41 -4.25
N ALA A 390 -9.90 24.91 -3.03
CA ALA A 390 -9.65 23.49 -2.82
C ALA A 390 -10.79 22.63 -3.36
N ALA A 391 -12.03 23.06 -3.10
CA ALA A 391 -13.17 22.32 -3.63
C ALA A 391 -13.16 22.31 -5.15
N ASP A 392 -12.95 23.49 -5.75
CA ASP A 392 -12.81 23.62 -7.21
C ASP A 392 -11.74 22.69 -7.77
N LEU A 393 -10.57 22.70 -7.15
CA LEU A 393 -9.45 21.90 -7.65
C LEU A 393 -9.77 20.42 -7.44
N ILE A 394 -10.50 20.10 -6.37
CA ILE A 394 -10.91 18.71 -6.11
C ILE A 394 -12.06 18.30 -7.00
N GLU A 395 -12.95 19.23 -7.30
CA GLU A 395 -14.04 18.89 -8.20
C GLU A 395 -13.49 18.76 -9.61
N ALA A 396 -12.43 19.50 -9.89
CA ALA A 396 -11.79 19.46 -11.20
C ALA A 396 -11.06 18.13 -11.45
N GLU A 397 -10.57 17.50 -10.39
CA GLU A 397 -9.94 16.20 -10.53
C GLU A 397 -10.96 15.08 -10.42
N LEU A 398 -12.23 15.47 -10.25
CA LEU A 398 -13.37 14.56 -10.36
C LEU A 398 -13.67 14.46 -11.83
N PRO A 399 -13.58 13.24 -12.38
CA PRO A 399 -13.64 12.94 -13.82
C PRO A 399 -14.87 13.46 -14.55
N ALA A 400 -14.65 13.85 -15.80
CA ALA A 400 -15.66 14.44 -16.67
C ALA A 400 -16.74 13.43 -17.03
N THR B 6 15.59 -52.69 -5.28
CA THR B 6 14.88 -52.48 -4.01
C THR B 6 14.63 -51.00 -3.76
N PRO B 7 13.71 -50.41 -4.53
CA PRO B 7 13.46 -48.96 -4.55
C PRO B 7 13.18 -48.32 -3.17
N ALA B 8 13.49 -47.04 -3.06
CA ALA B 8 12.97 -46.23 -1.97
C ALA B 8 11.47 -46.13 -2.21
N HIS B 9 10.67 -46.16 -1.15
CA HIS B 9 9.23 -45.98 -1.26
C HIS B 9 8.86 -44.54 -0.96
N ILE B 10 8.35 -43.83 -1.97
CA ILE B 10 7.99 -42.43 -1.83
C ILE B 10 6.49 -42.34 -1.73
N ALA B 11 5.98 -41.73 -0.66
CA ALA B 11 4.54 -41.56 -0.51
C ALA B 11 4.18 -40.09 -0.70
N MET B 12 3.45 -39.81 -1.78
CA MET B 12 2.96 -38.47 -2.06
C MET B 12 1.55 -38.36 -1.50
N PHE B 13 1.22 -37.19 -0.96
CA PHE B 13 -0.11 -36.93 -0.42
C PHE B 13 -0.70 -35.67 -1.05
N SER B 14 -1.95 -35.75 -1.49
CA SER B 14 -2.68 -34.54 -1.88
C SER B 14 -4.18 -34.69 -1.67
N ILE B 15 -4.91 -33.70 -2.16
CA ILE B 15 -6.37 -33.66 -2.11
C ILE B 15 -6.84 -33.68 -3.55
N ALA B 16 -8.11 -34.01 -3.80
CA ALA B 16 -8.58 -34.06 -5.17
C ALA B 16 -8.99 -32.68 -5.63
N ALA B 17 -7.98 -31.85 -5.90
CA ALA B 17 -8.23 -30.51 -6.40
C ALA B 17 -7.42 -30.23 -7.66
N HIS B 18 -7.82 -29.20 -8.40
CA HIS B 18 -7.20 -28.82 -9.67
C HIS B 18 -5.93 -27.99 -9.57
N GLY B 19 -5.27 -28.01 -8.43
CA GLY B 19 -4.12 -27.15 -8.26
C GLY B 19 -3.22 -27.65 -7.16
N HIS B 20 -3.53 -28.84 -6.66
CA HIS B 20 -2.69 -29.47 -5.66
C HIS B 20 -2.19 -30.84 -6.10
N VAL B 21 -2.47 -31.19 -7.35
CA VAL B 21 -2.00 -32.45 -7.91
C VAL B 21 -1.25 -32.22 -9.20
N ASN B 22 -1.85 -31.40 -10.06
CA ASN B 22 -1.29 -31.07 -11.36
C ASN B 22 0.06 -30.33 -11.32
N PRO B 23 0.25 -29.44 -10.33
CA PRO B 23 1.58 -28.85 -10.17
C PRO B 23 2.74 -29.84 -10.10
N SER B 24 2.61 -30.91 -9.32
CA SER B 24 3.71 -31.84 -9.11
C SER B 24 3.58 -33.13 -9.92
N LEU B 25 2.60 -33.16 -10.82
CA LEU B 25 2.26 -34.37 -11.58
C LEU B 25 3.47 -34.89 -12.33
N GLU B 26 4.10 -34.00 -13.09
CA GLU B 26 5.26 -34.41 -13.88
C GLU B 26 6.48 -34.69 -13.03
N VAL B 27 6.53 -34.11 -11.84
CA VAL B 27 7.54 -34.49 -10.86
C VAL B 27 7.27 -35.93 -10.44
N ILE B 28 6.01 -36.22 -10.11
CA ILE B 28 5.62 -37.56 -9.70
C ILE B 28 5.91 -38.60 -10.79
N ARG B 29 5.56 -38.27 -12.03
CA ARG B 29 5.81 -39.17 -13.16
C ARG B 29 7.29 -39.46 -13.29
N GLU B 30 8.09 -38.41 -13.11
CA GLU B 30 9.53 -38.51 -13.27
C GLU B 30 10.13 -39.41 -12.19
N LEU B 31 9.62 -39.31 -10.97
CA LEU B 31 10.09 -40.18 -9.91
C LEU B 31 9.79 -41.63 -10.24
N VAL B 32 8.60 -41.87 -10.80
CA VAL B 32 8.21 -43.21 -11.21
C VAL B 32 9.03 -43.69 -12.41
N ALA B 33 9.13 -42.86 -13.45
CA ALA B 33 9.84 -43.27 -14.66
C ALA B 33 11.32 -43.51 -14.36
N ARG B 34 11.83 -42.85 -13.32
CA ARG B 34 13.15 -43.19 -12.80
C ARG B 34 13.12 -44.49 -12.01
N GLY B 35 11.93 -44.96 -11.66
CA GLY B 35 11.79 -46.26 -11.00
C GLY B 35 11.76 -46.31 -9.48
N HIS B 36 11.21 -45.30 -8.82
CA HIS B 36 11.00 -45.37 -7.37
C HIS B 36 9.66 -46.04 -7.11
N ARG B 37 9.48 -46.58 -5.92
CA ARG B 37 8.16 -47.11 -5.57
C ARG B 37 7.35 -45.97 -5.00
N VAL B 38 6.46 -45.43 -5.82
CA VAL B 38 5.70 -44.23 -5.47
C VAL B 38 4.23 -44.55 -5.29
N THR B 39 3.69 -44.22 -4.12
CA THR B 39 2.25 -44.28 -3.89
C THR B 39 1.72 -42.86 -3.81
N TYR B 40 0.41 -42.68 -3.96
CA TYR B 40 -0.13 -41.33 -4.01
C TYR B 40 -1.51 -41.29 -3.35
N ALA B 41 -1.56 -40.65 -2.18
CA ALA B 41 -2.81 -40.45 -1.45
C ALA B 41 -3.68 -39.45 -2.19
N ILE B 42 -4.90 -39.86 -2.50
CA ILE B 42 -5.77 -39.04 -3.31
C ILE B 42 -7.24 -39.44 -3.06
N PRO B 43 -8.16 -38.47 -3.16
CA PRO B 43 -9.58 -38.83 -3.10
C PRO B 43 -10.00 -39.44 -4.43
N PRO B 44 -10.94 -40.40 -4.40
CA PRO B 44 -11.25 -41.27 -5.55
C PRO B 44 -11.48 -40.52 -6.85
N VAL B 45 -12.07 -39.34 -6.79
CA VAL B 45 -12.42 -38.60 -8.00
C VAL B 45 -11.18 -38.20 -8.83
N PHE B 46 -9.98 -38.41 -8.25
CA PHE B 46 -8.71 -38.19 -8.96
C PHE B 46 -7.79 -39.44 -8.96
N ALA B 47 -8.36 -40.59 -8.59
CA ALA B 47 -7.56 -41.83 -8.48
C ALA B 47 -6.88 -42.19 -9.80
N ASP B 48 -7.64 -42.18 -10.88
CA ASP B 48 -7.08 -42.53 -12.18
C ASP B 48 -6.16 -41.42 -12.72
N LYS B 49 -6.47 -40.18 -12.37
CA LYS B 49 -5.68 -39.02 -12.81
C LYS B 49 -4.25 -39.13 -12.34
N VAL B 50 -4.09 -39.52 -11.07
CA VAL B 50 -2.77 -39.70 -10.52
C VAL B 50 -2.12 -40.94 -11.15
N ALA B 51 -2.91 -41.99 -11.32
CA ALA B 51 -2.46 -43.24 -11.93
C ALA B 51 -1.85 -43.05 -13.32
N ALA B 52 -2.21 -41.94 -13.96
CA ALA B 52 -1.67 -41.63 -15.28
C ALA B 52 -0.18 -41.30 -15.24
N THR B 53 0.37 -41.23 -14.02
CA THR B 53 1.80 -40.98 -13.85
C THR B 53 2.58 -42.25 -13.61
N GLY B 54 1.89 -43.37 -13.39
CA GLY B 54 2.50 -44.60 -12.96
C GLY B 54 2.35 -44.92 -11.49
N ALA B 55 2.23 -43.90 -10.64
CA ALA B 55 2.13 -44.11 -9.18
C ALA B 55 0.89 -44.92 -8.80
N ARG B 56 0.95 -45.61 -7.66
CA ARG B 56 -0.20 -46.38 -7.18
C ARG B 56 -1.06 -45.50 -6.29
N PRO B 57 -2.32 -45.27 -6.67
CA PRO B 57 -3.14 -44.43 -5.78
C PRO B 57 -3.56 -45.18 -4.53
N VAL B 58 -3.67 -44.44 -3.43
CA VAL B 58 -4.34 -44.99 -2.26
C VAL B 58 -5.40 -43.99 -1.83
N LEU B 59 -6.65 -44.44 -1.92
CA LEU B 59 -7.81 -43.57 -1.79
C LEU B 59 -8.09 -43.18 -0.36
N TYR B 60 -8.68 -42.01 -0.19
CA TYR B 60 -9.30 -41.69 1.08
C TYR B 60 -10.55 -40.83 0.87
N HIS B 61 -11.43 -40.85 1.86
CA HIS B 61 -12.63 -40.04 1.84
C HIS B 61 -12.26 -38.57 1.97
N SER B 62 -12.76 -37.74 1.04
CA SER B 62 -12.59 -36.31 1.14
C SER B 62 -13.90 -35.63 1.49
N THR B 63 -13.86 -34.76 2.48
CA THR B 63 -15.02 -33.95 2.82
C THR B 63 -14.90 -32.55 2.20
N LEU B 64 -13.86 -32.36 1.37
CA LEU B 64 -13.70 -31.14 0.57
C LEU B 64 -14.60 -31.19 -0.67
N PRO B 65 -14.80 -30.05 -1.36
CA PRO B 65 -15.73 -30.04 -2.50
C PRO B 65 -15.19 -30.79 -3.72
N GLY B 66 -15.98 -30.80 -4.81
CA GLY B 66 -15.57 -31.42 -6.06
C GLY B 66 -14.49 -30.64 -6.81
N PRO B 67 -13.60 -31.35 -7.53
CA PRO B 67 -12.52 -30.68 -8.28
C PRO B 67 -12.95 -29.61 -9.30
N ASP B 68 -14.19 -29.62 -9.77
CA ASP B 68 -14.70 -28.54 -10.63
C ASP B 68 -15.73 -27.64 -9.96
N ALA B 69 -15.98 -27.85 -8.67
CA ALA B 69 -17.00 -27.06 -7.97
C ALA B 69 -16.78 -25.57 -8.18
N ASP B 70 -17.84 -24.79 -8.05
CA ASP B 70 -17.73 -23.34 -8.16
C ASP B 70 -16.71 -22.84 -7.16
N PRO B 71 -16.03 -21.73 -7.49
CA PRO B 71 -15.09 -21.07 -6.58
C PRO B 71 -15.73 -20.84 -5.21
N GLU B 72 -17.06 -20.76 -5.18
CA GLU B 72 -17.82 -20.44 -3.98
C GLU B 72 -18.09 -21.68 -3.13
N ALA B 73 -17.54 -22.82 -3.53
CA ALA B 73 -17.67 -24.03 -2.73
C ALA B 73 -16.67 -24.05 -1.57
N TRP B 74 -15.73 -23.11 -1.57
CA TRP B 74 -14.75 -23.04 -0.50
C TRP B 74 -14.91 -21.76 0.33
N GLY B 75 -15.80 -20.87 -0.10
CA GLY B 75 -16.11 -19.67 0.67
C GLY B 75 -15.34 -18.41 0.33
N SER B 76 -15.76 -17.30 0.94
CA SER B 76 -15.28 -15.96 0.59
C SER B 76 -14.52 -15.20 1.69
N THR B 77 -14.10 -15.89 2.75
CA THR B 77 -13.40 -15.22 3.84
C THR B 77 -12.23 -16.05 4.31
N LEU B 78 -11.57 -15.59 5.37
CA LEU B 78 -10.48 -16.37 5.94
C LEU B 78 -10.99 -17.71 6.49
N LEU B 79 -11.93 -17.65 7.43
CA LEU B 79 -12.37 -18.88 8.08
C LEU B 79 -13.12 -19.81 7.13
N ASP B 80 -13.89 -19.23 6.21
CA ASP B 80 -14.59 -20.02 5.19
C ASP B 80 -13.57 -20.86 4.40
N ASN B 81 -12.39 -20.31 4.20
CA ASN B 81 -11.36 -20.98 3.41
C ASN B 81 -10.51 -21.98 4.19
N VAL B 82 -10.19 -21.66 5.44
CA VAL B 82 -9.22 -22.49 6.19
C VAL B 82 -9.84 -23.67 6.94
N GLU B 83 -11.05 -23.48 7.45
CA GLU B 83 -11.75 -24.55 8.14
C GLU B 83 -11.84 -25.85 7.31
N PRO B 84 -12.32 -25.75 6.05
CA PRO B 84 -12.50 -26.99 5.27
C PRO B 84 -11.22 -27.81 5.13
N PHE B 85 -10.06 -27.17 5.26
CA PHE B 85 -8.81 -27.92 5.21
C PHE B 85 -8.50 -28.68 6.50
N LEU B 86 -8.77 -28.09 7.67
CA LEU B 86 -8.52 -28.80 8.92
C LEU B 86 -9.47 -29.97 9.12
N ASN B 87 -10.76 -29.72 8.93
CA ASN B 87 -11.76 -30.74 9.23
C ASN B 87 -11.56 -32.00 8.39
N ASP B 88 -11.22 -31.82 7.12
CA ASP B 88 -10.90 -32.93 6.21
C ASP B 88 -9.73 -33.75 6.78
N ALA B 89 -8.77 -33.07 7.41
CA ALA B 89 -7.56 -33.74 7.90
C ALA B 89 -7.78 -34.59 9.15
N ILE B 90 -8.63 -34.12 10.05
CA ILE B 90 -8.87 -34.87 11.28
C ILE B 90 -9.46 -36.25 11.01
N GLN B 91 -10.36 -36.33 10.02
CA GLN B 91 -10.94 -37.62 9.64
C GLN B 91 -10.07 -38.41 8.66
N ALA B 92 -9.21 -37.73 7.90
CA ALA B 92 -8.30 -38.41 6.96
C ALA B 92 -7.13 -39.10 7.67
N LEU B 93 -6.57 -38.41 8.66
CA LEU B 93 -5.41 -38.91 9.42
C LEU B 93 -5.49 -40.39 9.81
N PRO B 94 -6.60 -40.82 10.46
CA PRO B 94 -6.67 -42.26 10.79
C PRO B 94 -6.66 -43.19 9.57
N GLN B 95 -7.45 -42.89 8.53
CA GLN B 95 -7.49 -43.74 7.32
C GLN B 95 -6.08 -44.02 6.77
N LEU B 96 -5.34 -42.94 6.56
CA LEU B 96 -4.02 -43.00 5.96
C LEU B 96 -3.02 -43.72 6.88
N ALA B 97 -3.18 -43.57 8.18
CA ALA B 97 -2.36 -44.32 9.12
C ALA B 97 -2.59 -45.81 8.92
N ASP B 98 -3.85 -46.21 8.91
CA ASP B 98 -4.22 -47.61 8.75
C ASP B 98 -3.81 -48.17 7.40
N ALA B 99 -3.95 -47.36 6.35
CA ALA B 99 -3.63 -47.81 5.00
C ALA B 99 -2.15 -48.09 4.85
N TYR B 100 -1.32 -47.28 5.48
CA TYR B 100 0.12 -47.37 5.30
C TYR B 100 0.80 -48.06 6.48
N ALA B 101 0.00 -48.62 7.39
CA ALA B 101 0.53 -49.14 8.66
C ALA B 101 1.68 -50.16 8.56
N ASP B 102 1.64 -51.04 7.56
CA ASP B 102 2.74 -51.99 7.34
C ASP B 102 3.36 -51.89 5.93
N ASP B 103 3.33 -50.67 5.40
CA ASP B 103 4.01 -50.30 4.17
C ASP B 103 4.41 -48.84 4.38
N ILE B 104 5.04 -48.57 5.52
CA ILE B 104 5.47 -47.24 5.92
C ILE B 104 6.59 -46.75 5.00
N PRO B 105 6.44 -45.53 4.45
CA PRO B 105 7.35 -45.04 3.40
C PRO B 105 8.70 -44.56 3.90
N ASP B 106 9.66 -44.57 2.98
CA ASP B 106 11.01 -44.13 3.26
C ASP B 106 11.08 -42.60 3.28
N LEU B 107 10.15 -41.97 2.58
CA LEU B 107 10.05 -40.51 2.55
C LEU B 107 8.63 -40.06 2.24
N VAL B 108 8.23 -38.93 2.83
CA VAL B 108 6.91 -38.34 2.61
C VAL B 108 6.98 -37.07 1.78
N LEU B 109 6.18 -37.02 0.73
CA LEU B 109 6.12 -35.92 -0.20
C LEU B 109 4.67 -35.41 -0.16
N HIS B 110 4.44 -34.10 -0.14
CA HIS B 110 3.05 -33.64 -0.05
C HIS B 110 2.81 -32.21 -0.51
N ASP B 111 1.65 -31.99 -1.11
CA ASP B 111 1.20 -30.63 -1.40
C ASP B 111 0.80 -29.90 -0.10
N ILE B 112 0.86 -28.58 -0.14
CA ILE B 112 0.64 -27.74 1.05
C ILE B 112 -0.70 -27.96 1.75
N THR B 113 -1.70 -28.50 1.05
CA THR B 113 -3.02 -28.65 1.65
C THR B 113 -3.20 -29.90 2.53
N SER B 114 -2.27 -30.85 2.43
CA SER B 114 -2.42 -32.09 3.19
C SER B 114 -1.79 -32.04 4.57
N TYR B 115 -2.57 -31.67 5.58
CA TYR B 115 -2.10 -31.74 6.96
C TYR B 115 -1.75 -33.17 7.43
N PRO B 116 -2.49 -34.20 6.97
CA PRO B 116 -2.14 -35.52 7.49
C PRO B 116 -0.72 -35.95 7.14
N ALA B 117 -0.23 -35.51 5.98
CA ALA B 117 1.13 -35.88 5.56
C ALA B 117 2.19 -35.39 6.55
N ARG B 118 1.98 -34.18 7.08
CA ARG B 118 2.91 -33.59 8.03
C ARG B 118 2.98 -34.40 9.32
N VAL B 119 1.82 -34.71 9.90
CA VAL B 119 1.80 -35.49 11.14
C VAL B 119 2.28 -36.92 10.91
N LEU B 120 1.73 -37.58 9.88
CA LEU B 120 2.13 -38.96 9.57
C LEU B 120 3.61 -39.11 9.26
N ALA B 121 4.16 -38.24 8.42
CA ALA B 121 5.60 -38.25 8.20
C ALA B 121 6.28 -38.27 9.56
N ARG B 122 5.89 -37.34 10.43
CA ARG B 122 6.45 -37.23 11.77
C ARG B 122 6.25 -38.49 12.63
N ARG B 123 5.05 -39.05 12.57
CA ARG B 123 4.71 -40.24 13.35
C ARG B 123 5.68 -41.36 13.00
N TRP B 124 5.99 -41.43 11.71
CA TRP B 124 6.86 -42.46 11.15
C TRP B 124 8.35 -42.14 11.34
N GLY B 125 8.67 -40.85 11.45
CA GLY B 125 10.03 -40.42 11.71
C GLY B 125 10.88 -40.42 10.45
N VAL B 126 10.29 -39.95 9.35
CA VAL B 126 10.99 -39.91 8.08
C VAL B 126 11.01 -38.46 7.59
N PRO B 127 11.93 -38.12 6.67
CA PRO B 127 11.92 -36.75 6.16
C PRO B 127 10.62 -36.46 5.44
N ALA B 128 10.19 -35.19 5.44
CA ALA B 128 9.03 -34.77 4.66
C ALA B 128 9.41 -33.58 3.79
N VAL B 129 8.86 -33.54 2.57
CA VAL B 129 9.08 -32.43 1.66
C VAL B 129 7.76 -31.87 1.15
N SER B 130 7.53 -30.59 1.43
CA SER B 130 6.33 -29.90 1.00
C SER B 130 6.52 -29.37 -0.41
N LEU B 131 5.51 -29.50 -1.25
CA LEU B 131 5.57 -28.96 -2.61
C LEU B 131 4.54 -27.85 -2.76
N SER B 132 5.01 -26.62 -2.97
CA SER B 132 4.11 -25.47 -3.00
C SER B 132 3.81 -24.97 -4.41
N PRO B 133 2.53 -24.97 -4.80
CA PRO B 133 2.14 -24.48 -6.13
C PRO B 133 1.90 -22.97 -6.17
N ASN B 134 2.50 -22.25 -5.23
CA ASN B 134 2.31 -20.81 -5.17
C ASN B 134 3.34 -20.21 -4.23
N LEU B 135 3.25 -18.92 -3.97
CA LEU B 135 4.21 -18.25 -3.10
C LEU B 135 4.24 -18.90 -1.73
N VAL B 136 5.35 -18.71 -1.02
CA VAL B 136 5.52 -19.25 0.32
C VAL B 136 5.77 -18.12 1.31
N ALA B 137 5.82 -18.47 2.59
CA ALA B 137 6.04 -17.50 3.64
C ALA B 137 7.48 -17.03 3.67
N TRP B 138 7.67 -15.73 3.83
CA TRP B 138 8.99 -15.16 4.03
C TRP B 138 9.21 -14.89 5.51
N LYS B 139 10.46 -14.66 5.92
CA LYS B 139 10.73 -14.29 7.30
C LYS B 139 10.02 -12.96 7.54
N GLY B 140 9.12 -12.94 8.50
CA GLY B 140 8.31 -11.77 8.74
C GLY B 140 6.86 -11.96 8.29
N TYR B 141 6.57 -13.11 7.69
CA TYR B 141 5.23 -13.39 7.18
C TYR B 141 4.17 -13.40 8.27
N GLU B 142 4.47 -14.04 9.39
CA GLU B 142 3.45 -14.11 10.43
C GLU B 142 3.14 -12.75 11.01
N GLU B 143 4.17 -11.95 11.18
CA GLU B 143 4.01 -10.66 11.82
C GLU B 143 3.32 -9.74 10.83
N GLU B 144 3.70 -9.85 9.56
CA GLU B 144 3.23 -8.92 8.53
C GLU B 144 1.93 -9.34 7.82
N VAL B 145 1.76 -10.65 7.59
CA VAL B 145 0.58 -11.15 6.87
C VAL B 145 -0.38 -11.93 7.75
N ALA B 146 0.14 -12.93 8.45
CA ALA B 146 -0.70 -13.85 9.21
C ALA B 146 -1.33 -13.19 10.45
N GLU B 147 -0.56 -12.37 11.16
CA GLU B 147 -1.14 -11.60 12.25
C GLU B 147 -2.36 -10.81 11.76
N PRO B 148 -2.19 -9.91 10.75
CA PRO B 148 -3.35 -9.12 10.33
C PRO B 148 -4.55 -9.90 9.83
N MET B 149 -4.40 -10.95 9.03
CA MET B 149 -5.61 -11.65 8.62
C MET B 149 -6.37 -12.27 9.79
N TRP B 150 -5.66 -12.71 10.81
CA TRP B 150 -6.32 -13.41 11.91
C TRP B 150 -6.87 -12.50 13.01
N ARG B 151 -6.43 -11.24 13.04
CA ARG B 151 -6.69 -10.32 14.15
C ARG B 151 -8.10 -10.38 14.74
N GLU B 152 -9.11 -10.19 13.89
CA GLU B 152 -10.52 -10.27 14.31
C GLU B 152 -11.13 -11.66 14.20
N PRO B 153 -10.90 -12.38 13.08
CA PRO B 153 -11.56 -13.70 13.02
C PRO B 153 -11.22 -14.63 14.19
N ARG B 154 -10.00 -14.58 14.71
CA ARG B 154 -9.69 -15.49 15.79
C ARG B 154 -10.23 -14.99 17.14
N GLN B 155 -10.73 -13.75 17.16
CA GLN B 155 -11.44 -13.23 18.33
C GLN B 155 -12.93 -13.62 18.26
N THR B 156 -13.35 -14.23 17.16
CA THR B 156 -14.72 -14.75 17.06
C THR B 156 -14.79 -16.12 17.73
N GLU B 157 -15.98 -16.56 18.10
CA GLU B 157 -16.12 -17.86 18.75
C GLU B 157 -15.77 -19.02 17.82
N ARG B 158 -16.15 -18.88 16.55
CA ARG B 158 -15.80 -19.85 15.52
C ARG B 158 -14.28 -20.01 15.43
N GLY B 159 -13.57 -18.89 15.38
CA GLY B 159 -12.12 -18.91 15.26
C GLY B 159 -11.44 -19.41 16.53
N ARG B 160 -11.96 -19.00 17.68
CA ARG B 160 -11.47 -19.46 18.96
C ARG B 160 -11.52 -20.98 19.01
N ALA B 161 -12.65 -21.54 18.57
CA ALA B 161 -12.89 -22.98 18.60
C ALA B 161 -12.00 -23.72 17.59
N TYR B 162 -11.82 -23.12 16.42
CA TYR B 162 -11.00 -23.73 15.36
C TYR B 162 -9.55 -23.88 15.80
N TYR B 163 -8.94 -22.81 16.32
CA TYR B 163 -7.60 -22.93 16.85
C TYR B 163 -7.56 -23.95 17.98
N ALA B 164 -8.64 -24.04 18.73
CA ALA B 164 -8.75 -25.10 19.71
C ALA B 164 -8.91 -26.46 19.04
N ARG B 165 -9.67 -26.52 17.95
CA ARG B 165 -9.89 -27.75 17.19
C ARG B 165 -8.66 -28.12 16.35
N PHE B 166 -7.68 -27.22 16.35
CA PHE B 166 -6.42 -27.46 15.63
C PHE B 166 -5.34 -27.80 16.65
N GLU B 167 -5.25 -27.03 17.73
CA GLU B 167 -4.18 -27.23 18.71
C GLU B 167 -4.28 -28.50 19.56
N ALA B 168 -5.49 -28.97 19.85
CA ALA B 168 -5.67 -30.21 20.62
C ALA B 168 -5.24 -31.41 19.78
N TRP B 169 -5.47 -31.32 18.48
CA TRP B 169 -5.15 -32.39 17.55
C TRP B 169 -3.65 -32.58 17.45
N LEU B 170 -2.91 -31.47 17.40
CA LEU B 170 -1.46 -31.56 17.29
C LEU B 170 -0.84 -32.09 18.60
N LYS B 171 -1.49 -31.77 19.71
CA LYS B 171 -1.03 -32.30 20.99
C LYS B 171 -1.26 -33.81 21.09
N GLU B 172 -2.42 -34.29 20.65
CA GLU B 172 -2.67 -35.73 20.68
C GLU B 172 -1.68 -36.48 19.80
N ASN B 173 -1.08 -35.79 18.85
CA ASN B 173 -0.08 -36.40 17.99
C ASN B 173 1.35 -36.12 18.40
N GLY B 174 1.54 -35.74 19.66
CA GLY B 174 2.86 -35.46 20.20
C GLY B 174 3.52 -34.25 19.59
N ILE B 175 2.76 -33.52 18.76
CA ILE B 175 3.27 -32.34 18.09
C ILE B 175 2.97 -31.11 18.94
N THR B 176 4.00 -30.61 19.61
CA THR B 176 3.85 -29.56 20.61
C THR B 176 3.80 -28.15 20.01
N GLU B 177 4.24 -28.03 18.75
CA GLU B 177 4.27 -26.77 18.03
C GLU B 177 2.87 -26.30 17.63
N HIS B 178 2.74 -24.99 17.40
CA HIS B 178 1.48 -24.32 17.05
C HIS B 178 0.93 -24.71 15.68
N PRO B 179 -0.40 -24.71 15.52
CA PRO B 179 -1.05 -24.89 14.22
C PRO B 179 -0.38 -24.10 13.09
N ASP B 180 -0.22 -22.80 13.26
CA ASP B 180 0.23 -21.94 12.16
C ASP B 180 1.68 -22.22 11.73
N THR B 181 2.50 -22.75 12.64
CA THR B 181 3.84 -23.23 12.27
C THR B 181 3.67 -24.50 11.45
N PHE B 182 2.87 -25.39 12.00
CA PHE B 182 2.54 -26.66 11.37
C PHE B 182 1.97 -26.42 9.98
N ALA B 183 1.06 -25.47 9.86
CA ALA B 183 0.41 -25.25 8.57
C ALA B 183 1.23 -24.44 7.57
N SER B 184 1.91 -23.39 8.05
CA SER B 184 2.49 -22.41 7.13
C SER B 184 4.02 -22.43 7.02
N HIS B 185 4.67 -23.24 7.84
CA HIS B 185 6.14 -23.16 7.92
C HIS B 185 6.79 -24.54 7.90
N PRO B 186 6.82 -25.17 6.71
CA PRO B 186 7.40 -26.50 6.54
C PRO B 186 8.88 -26.49 6.83
N PRO B 187 9.43 -27.64 7.26
CA PRO B 187 10.89 -27.70 7.47
C PRO B 187 11.65 -27.81 6.14
N ARG B 188 10.98 -28.25 5.07
CA ARG B 188 11.62 -28.39 3.77
C ARG B 188 10.57 -28.25 2.67
N SER B 189 10.83 -27.39 1.71
CA SER B 189 9.82 -27.11 0.68
C SER B 189 10.46 -26.84 -0.67
N LEU B 190 9.83 -27.39 -1.72
CA LEU B 190 10.17 -27.02 -3.09
C LEU B 190 9.04 -26.15 -3.62
N VAL B 191 9.39 -25.00 -4.19
CA VAL B 191 8.40 -24.04 -4.66
C VAL B 191 8.29 -24.09 -6.17
N LEU B 192 7.08 -24.31 -6.66
CA LEU B 192 6.84 -24.56 -8.08
C LEU B 192 6.47 -23.31 -8.86
N ILE B 193 6.95 -22.16 -8.37
CA ILE B 193 6.84 -20.91 -9.11
C ILE B 193 8.25 -20.31 -9.20
N PRO B 194 8.50 -19.50 -10.22
CA PRO B 194 9.82 -18.88 -10.26
C PRO B 194 9.98 -17.89 -9.11
N LYS B 195 11.20 -17.78 -8.59
CA LYS B 195 11.50 -16.88 -7.48
C LYS B 195 11.07 -15.45 -7.81
N ALA B 196 11.22 -15.05 -9.07
CA ALA B 196 10.81 -13.72 -9.51
C ALA B 196 9.35 -13.38 -9.17
N LEU B 197 8.48 -14.38 -9.19
CA LEU B 197 7.07 -14.15 -8.88
C LEU B 197 6.73 -14.29 -7.40
N GLN B 198 7.76 -14.47 -6.57
CA GLN B 198 7.57 -14.55 -5.12
C GLN B 198 7.72 -13.18 -4.47
N PRO B 199 6.68 -12.72 -3.79
CA PRO B 199 6.80 -11.45 -3.05
C PRO B 199 7.83 -11.57 -1.96
N HIS B 200 8.58 -10.49 -1.69
CA HIS B 200 9.58 -10.51 -0.63
C HIS B 200 10.55 -11.68 -0.75
N ALA B 201 10.89 -12.02 -1.99
CA ALA B 201 11.68 -13.21 -2.27
C ALA B 201 13.02 -13.18 -1.55
N ASP B 202 13.53 -11.98 -1.38
CA ASP B 202 14.78 -11.80 -0.67
C ASP B 202 14.83 -12.33 0.69
N ARG B 203 13.69 -12.32 1.34
CA ARG B 203 13.58 -12.75 2.72
C ARG B 203 13.00 -14.14 2.91
N VAL B 204 12.87 -14.90 1.83
CA VAL B 204 12.49 -16.31 1.95
C VAL B 204 13.70 -17.12 2.43
N ASP B 205 13.47 -17.98 3.42
CA ASP B 205 14.50 -18.79 4.07
C ASP B 205 15.08 -19.85 3.13
N GLU B 206 16.31 -19.65 2.66
CA GLU B 206 16.86 -20.55 1.65
C GLU B 206 17.27 -21.93 2.16
N ASP B 207 17.37 -22.12 3.47
CA ASP B 207 17.67 -23.46 3.94
C ASP B 207 16.41 -24.31 3.87
N VAL B 208 15.25 -23.67 4.02
CA VAL B 208 13.99 -24.38 3.98
C VAL B 208 13.48 -24.54 2.54
N TYR B 209 13.45 -23.43 1.79
CA TYR B 209 12.79 -23.38 0.49
C TYR B 209 13.74 -23.35 -0.70
N THR B 210 13.48 -24.18 -1.69
CA THR B 210 14.17 -24.11 -2.97
C THR B 210 13.18 -23.84 -4.08
N PHE B 211 13.45 -22.81 -4.89
CA PHE B 211 12.57 -22.46 -5.99
C PHE B 211 12.98 -23.23 -7.23
N VAL B 212 12.10 -24.11 -7.72
CA VAL B 212 12.41 -24.89 -8.90
C VAL B 212 11.59 -24.42 -10.09
N GLY B 213 10.58 -23.59 -9.81
CA GLY B 213 9.71 -23.11 -10.86
C GLY B 213 8.69 -24.14 -11.31
N ALA B 214 8.01 -23.83 -12.41
CA ALA B 214 6.93 -24.68 -12.88
C ALA B 214 7.49 -25.98 -13.41
N CYS B 215 6.78 -27.07 -13.13
CA CYS B 215 7.25 -28.40 -13.48
C CYS B 215 6.42 -28.95 -14.62
N GLN B 216 6.71 -28.42 -15.80
CA GLN B 216 6.01 -28.81 -16.99
C GLN B 216 6.76 -29.93 -17.67
N GLY B 217 6.07 -31.06 -17.84
CA GLY B 217 6.60 -32.15 -18.61
C GLY B 217 6.77 -31.70 -20.03
N ASP B 218 7.52 -32.49 -20.79
CA ASP B 218 7.95 -32.09 -22.12
C ASP B 218 6.76 -31.68 -22.99
N ARG B 219 6.97 -30.66 -23.83
CA ARG B 219 5.87 -30.15 -24.64
C ARG B 219 6.21 -30.14 -26.14
N ALA B 220 7.17 -30.97 -26.54
CA ALA B 220 7.54 -31.06 -27.94
C ALA B 220 6.36 -31.50 -28.80
N GLU B 221 5.49 -32.33 -28.22
CA GLU B 221 4.32 -32.86 -28.91
C GLU B 221 3.36 -31.76 -29.35
N GLU B 222 3.58 -30.55 -28.87
CA GLU B 222 2.73 -29.44 -29.25
C GLU B 222 3.20 -28.71 -30.52
N GLY B 223 4.39 -29.05 -31.01
CA GLY B 223 4.84 -28.55 -32.31
C GLY B 223 5.17 -27.06 -32.40
N GLY B 224 5.12 -26.51 -33.62
CA GLY B 224 5.58 -25.14 -33.86
C GLY B 224 4.69 -24.16 -34.63
N TRP B 225 5.28 -23.01 -34.99
CA TRP B 225 4.59 -21.89 -35.65
C TRP B 225 5.56 -21.08 -36.53
N GLN B 226 5.33 -21.05 -37.84
CA GLN B 226 6.21 -20.27 -38.73
C GLN B 226 5.93 -18.75 -38.77
N ARG B 227 7.00 -17.99 -38.55
CA ARG B 227 7.02 -16.52 -38.48
C ARG B 227 7.51 -15.92 -39.79
N PRO B 228 6.98 -14.75 -40.17
CA PRO B 228 7.39 -14.17 -41.45
C PRO B 228 8.76 -13.49 -41.39
N ALA B 229 9.55 -13.65 -42.45
CA ALA B 229 10.88 -13.06 -42.57
C ALA B 229 10.88 -11.54 -42.35
N GLY B 230 10.10 -10.82 -43.13
CA GLY B 230 10.16 -9.37 -43.13
C GLY B 230 9.30 -8.69 -42.08
N ALA B 231 9.56 -9.02 -40.82
CA ALA B 231 8.81 -8.48 -39.69
C ALA B 231 9.69 -8.46 -38.44
N GLU B 232 9.88 -7.29 -37.84
CA GLU B 232 10.73 -7.18 -36.66
C GLU B 232 10.02 -6.77 -35.36
N LYS B 233 8.73 -7.10 -35.25
CA LYS B 233 8.04 -7.08 -33.95
C LYS B 233 6.89 -8.09 -33.90
N VAL B 234 7.13 -9.23 -33.26
CA VAL B 234 6.11 -10.25 -33.08
C VAL B 234 5.36 -10.11 -31.74
N VAL B 235 4.06 -9.81 -31.82
CA VAL B 235 3.23 -9.71 -30.62
C VAL B 235 2.21 -10.85 -30.56
N LEU B 236 2.19 -11.57 -29.45
CA LEU B 236 1.20 -12.62 -29.25
C LEU B 236 0.15 -12.14 -28.26
N VAL B 237 -1.11 -12.13 -28.67
CA VAL B 237 -2.19 -11.93 -27.72
C VAL B 237 -2.78 -13.28 -27.37
N SER B 238 -2.84 -13.56 -26.08
CA SER B 238 -3.41 -14.80 -25.60
C SER B 238 -3.93 -14.57 -24.20
N LEU B 239 -5.23 -14.71 -24.02
CA LEU B 239 -5.77 -14.60 -22.67
C LEU B 239 -5.95 -15.98 -22.08
N GLY B 240 -5.12 -16.93 -22.51
CA GLY B 240 -5.13 -18.27 -21.93
C GLY B 240 -6.08 -19.26 -22.57
N SER B 241 -6.60 -20.17 -21.75
CA SER B 241 -7.47 -21.25 -22.23
C SER B 241 -8.90 -21.11 -21.75
N ALA B 242 -9.09 -20.36 -20.67
CA ALA B 242 -10.39 -20.38 -19.99
C ALA B 242 -11.16 -19.05 -20.02
N PHE B 243 -10.45 -17.94 -19.82
CA PHE B 243 -11.12 -16.66 -19.62
C PHE B 243 -11.15 -15.91 -20.94
N THR B 244 -11.25 -16.66 -22.04
CA THR B 244 -11.01 -16.11 -23.36
C THR B 244 -12.23 -15.57 -24.10
N LYS B 245 -13.42 -15.60 -23.50
CA LYS B 245 -14.57 -15.00 -24.18
C LYS B 245 -14.59 -13.47 -24.03
N GLN B 246 -13.66 -12.81 -24.70
CA GLN B 246 -13.51 -11.37 -24.63
C GLN B 246 -13.47 -10.73 -26.02
N PRO B 247 -14.56 -10.82 -26.80
CA PRO B 247 -14.48 -10.36 -28.19
C PRO B 247 -14.15 -8.88 -28.39
N ALA B 248 -14.66 -7.98 -27.55
CA ALA B 248 -14.44 -6.56 -27.79
C ALA B 248 -12.96 -6.16 -27.68
N PHE B 249 -12.28 -6.78 -26.73
CA PHE B 249 -10.86 -6.53 -26.54
C PHE B 249 -10.02 -7.00 -27.74
N TYR B 250 -10.43 -8.11 -28.36
CA TYR B 250 -9.67 -8.63 -29.50
C TYR B 250 -9.71 -7.67 -30.71
N ARG B 251 -10.83 -7.00 -30.93
CA ARG B 251 -10.90 -6.08 -32.05
C ARG B 251 -9.94 -4.90 -31.89
N GLU B 252 -9.79 -4.43 -30.66
CA GLU B 252 -8.87 -3.32 -30.37
C GLU B 252 -7.42 -3.73 -30.59
N CYS B 253 -7.13 -5.00 -30.35
CA CYS B 253 -5.79 -5.52 -30.66
C CYS B 253 -5.58 -5.44 -32.17
N VAL B 254 -6.61 -5.76 -32.95
CA VAL B 254 -6.55 -5.58 -34.41
C VAL B 254 -6.38 -4.10 -34.83
N ARG B 255 -6.97 -3.15 -34.12
CA ARG B 255 -6.70 -1.76 -34.48
C ARG B 255 -5.25 -1.43 -34.09
N ALA B 256 -4.86 -1.86 -32.89
CA ALA B 256 -3.54 -1.54 -32.38
C ALA B 256 -2.41 -2.21 -33.15
N PHE B 257 -2.44 -3.54 -33.21
CA PHE B 257 -1.35 -4.34 -33.77
C PHE B 257 -1.81 -5.09 -34.99
N GLY B 258 -3.02 -4.79 -35.46
CA GLY B 258 -3.48 -5.38 -36.70
C GLY B 258 -3.34 -4.30 -37.73
N ASN B 259 -2.41 -4.52 -38.65
CA ASN B 259 -1.86 -3.45 -39.45
C ASN B 259 -1.22 -2.40 -38.56
N LEU B 260 -0.05 -2.74 -38.07
CA LEU B 260 0.87 -1.80 -37.46
C LEU B 260 2.19 -2.23 -38.09
N PRO B 261 2.75 -1.38 -38.95
CA PRO B 261 3.88 -1.75 -39.81
C PRO B 261 4.99 -2.56 -39.11
N GLY B 262 5.34 -3.71 -39.67
CA GLY B 262 6.40 -4.53 -39.11
C GLY B 262 6.01 -5.39 -37.93
N TRP B 263 4.75 -5.36 -37.54
CA TRP B 263 4.28 -6.17 -36.42
C TRP B 263 3.52 -7.41 -36.91
N HIS B 264 3.39 -8.43 -36.05
CA HIS B 264 2.51 -9.57 -36.33
C HIS B 264 1.66 -10.00 -35.12
N LEU B 265 0.36 -10.08 -35.32
CA LEU B 265 -0.57 -10.44 -34.26
C LEU B 265 -1.04 -11.88 -34.35
N VAL B 266 -0.65 -12.68 -33.37
CA VAL B 266 -1.21 -14.01 -33.17
C VAL B 266 -2.20 -13.87 -32.01
N LEU B 267 -3.49 -14.18 -32.24
CA LEU B 267 -4.55 -13.80 -31.31
C LEU B 267 -5.08 -14.86 -30.32
N GLN B 268 -4.90 -16.14 -30.62
CA GLN B 268 -5.47 -17.27 -29.86
C GLN B 268 -6.75 -16.95 -29.13
N ILE B 269 -7.89 -17.04 -29.82
CA ILE B 269 -9.13 -16.50 -29.28
C ILE B 269 -10.08 -17.52 -28.66
N GLY B 270 -9.66 -18.79 -28.59
CA GLY B 270 -10.44 -19.82 -27.92
C GLY B 270 -11.70 -20.26 -28.65
N ARG B 271 -12.51 -21.08 -27.99
CA ARG B 271 -13.73 -21.64 -28.58
C ARG B 271 -14.95 -20.76 -28.36
N LYS B 272 -14.74 -19.51 -27.97
CA LYS B 272 -15.85 -18.65 -27.55
C LYS B 272 -16.06 -17.38 -28.40
N VAL B 273 -15.03 -16.93 -29.09
CA VAL B 273 -15.21 -15.92 -30.12
C VAL B 273 -14.99 -16.64 -31.43
N THR B 274 -16.08 -16.97 -32.10
CA THR B 274 -16.00 -17.39 -33.47
C THR B 274 -15.13 -16.34 -34.16
N PRO B 275 -14.18 -16.77 -35.00
CA PRO B 275 -13.22 -15.83 -35.58
C PRO B 275 -13.88 -14.63 -36.24
N ALA B 276 -15.06 -14.82 -36.81
CA ALA B 276 -15.67 -13.79 -37.63
C ALA B 276 -16.18 -12.54 -36.86
N GLU B 277 -16.12 -12.56 -35.54
CA GLU B 277 -16.47 -11.34 -34.80
C GLU B 277 -15.37 -10.28 -34.79
N LEU B 278 -14.21 -10.60 -35.35
CA LEU B 278 -13.12 -9.63 -35.44
C LEU B 278 -13.03 -9.00 -36.83
N GLY B 279 -13.81 -9.54 -37.77
CA GLY B 279 -13.92 -8.99 -39.11
C GLY B 279 -12.82 -9.41 -40.07
N GLU B 280 -13.02 -9.11 -41.36
CA GLU B 280 -12.03 -9.38 -42.39
C GLU B 280 -10.74 -8.61 -42.10
N LEU B 281 -9.78 -9.32 -41.53
CA LEU B 281 -8.59 -8.72 -40.93
C LEU B 281 -7.73 -7.92 -41.90
N PRO B 282 -6.95 -6.97 -41.37
CA PRO B 282 -5.79 -6.48 -42.13
C PRO B 282 -4.80 -7.63 -42.18
N ASP B 283 -3.80 -7.54 -43.05
CA ASP B 283 -2.97 -8.68 -43.43
C ASP B 283 -1.96 -9.25 -42.42
N ASN B 284 -1.55 -8.47 -41.43
CA ASN B 284 -0.53 -8.96 -40.48
C ASN B 284 -1.11 -9.58 -39.21
N VAL B 285 -2.29 -10.18 -39.33
CA VAL B 285 -2.96 -10.81 -38.18
C VAL B 285 -3.29 -12.25 -38.50
N GLU B 286 -3.12 -13.13 -37.53
CA GLU B 286 -3.63 -14.50 -37.64
C GLU B 286 -4.39 -14.88 -36.38
N VAL B 287 -5.49 -15.59 -36.58
CA VAL B 287 -6.40 -15.97 -35.51
C VAL B 287 -6.45 -17.49 -35.35
N HIS B 288 -6.48 -17.95 -34.10
CA HIS B 288 -6.55 -19.39 -33.79
C HIS B 288 -7.41 -19.63 -32.55
N ASP B 289 -7.98 -20.84 -32.41
CA ASP B 289 -8.73 -21.23 -31.22
C ASP B 289 -7.86 -21.88 -30.15
N TRP B 290 -6.59 -22.13 -30.50
CA TRP B 290 -5.58 -22.65 -29.59
C TRP B 290 -4.26 -22.46 -30.33
N VAL B 291 -3.16 -22.33 -29.61
CA VAL B 291 -1.86 -22.11 -30.24
C VAL B 291 -0.75 -22.86 -29.48
N PRO B 292 0.38 -23.13 -30.17
CA PRO B 292 1.54 -23.65 -29.44
C PRO B 292 2.27 -22.48 -28.81
N GLN B 293 1.77 -22.09 -27.64
CA GLN B 293 2.16 -20.83 -27.02
C GLN B 293 3.63 -20.75 -26.65
N LEU B 294 4.21 -21.83 -26.14
CA LEU B 294 5.63 -21.82 -25.82
C LEU B 294 6.47 -21.57 -27.08
N ALA B 295 6.10 -22.25 -28.17
CA ALA B 295 6.83 -22.12 -29.43
C ALA B 295 6.79 -20.69 -29.94
N ILE B 296 5.63 -20.04 -29.80
CA ILE B 296 5.46 -18.66 -30.22
C ILE B 296 6.24 -17.68 -29.35
N LEU B 297 6.11 -17.82 -28.04
CA LEU B 297 6.79 -16.93 -27.10
C LEU B 297 8.29 -17.03 -27.31
N ARG B 298 8.74 -18.21 -27.73
CA ARG B 298 10.13 -18.40 -28.08
C ARG B 298 10.55 -17.56 -29.29
N GLN B 299 9.60 -17.19 -30.15
CA GLN B 299 9.91 -16.33 -31.29
C GLN B 299 9.31 -14.93 -31.15
N ALA B 300 8.64 -14.68 -30.02
CA ALA B 300 7.85 -13.46 -29.87
C ALA B 300 8.52 -12.35 -29.06
N ASP B 301 8.06 -11.13 -29.30
CA ASP B 301 8.67 -9.93 -28.74
C ASP B 301 7.76 -9.28 -27.70
N LEU B 302 6.49 -9.67 -27.72
CA LEU B 302 5.52 -9.11 -26.79
C LEU B 302 4.39 -10.13 -26.56
N PHE B 303 3.93 -10.21 -25.32
CA PHE B 303 2.97 -11.22 -24.92
C PHE B 303 1.86 -10.52 -24.16
N VAL B 304 0.71 -10.36 -24.80
CA VAL B 304 -0.46 -9.82 -24.12
C VAL B 304 -1.13 -11.00 -23.41
N THR B 305 -1.15 -10.96 -22.08
CA THR B 305 -1.45 -12.12 -21.26
C THR B 305 -2.42 -11.80 -20.13
N HIS B 306 -3.23 -12.78 -19.74
CA HIS B 306 -4.12 -12.57 -18.60
C HIS B 306 -3.41 -12.88 -17.28
N ALA B 307 -2.12 -13.19 -17.37
CA ALA B 307 -1.28 -13.39 -16.19
C ALA B 307 -1.70 -14.55 -15.31
N GLY B 308 -2.23 -15.60 -15.93
CA GLY B 308 -2.35 -16.87 -15.24
C GLY B 308 -0.98 -17.33 -14.76
N ALA B 309 -0.97 -18.30 -13.85
CA ALA B 309 0.29 -18.79 -13.30
C ALA B 309 1.21 -19.35 -14.40
N GLY B 310 0.61 -20.01 -15.38
CA GLY B 310 1.37 -20.58 -16.49
C GLY B 310 1.96 -19.55 -17.44
N GLY B 311 1.10 -18.68 -17.98
CA GLY B 311 1.54 -17.65 -18.91
C GLY B 311 2.52 -16.67 -18.31
N SER B 312 2.33 -16.32 -17.05
CA SER B 312 3.25 -15.41 -16.37
C SER B 312 4.67 -15.99 -16.40
N GLN B 313 4.80 -17.26 -16.02
CA GLN B 313 6.13 -17.85 -15.97
C GLN B 313 6.69 -18.10 -17.38
N GLU B 314 5.80 -18.31 -18.34
CA GLU B 314 6.24 -18.53 -19.73
C GLU B 314 6.80 -17.26 -20.36
N GLY B 315 6.15 -16.13 -20.10
CA GLY B 315 6.64 -14.86 -20.61
C GLY B 315 8.00 -14.56 -20.01
N LEU B 316 8.11 -14.79 -18.70
CA LEU B 316 9.36 -14.60 -17.98
C LEU B 316 10.48 -15.48 -18.54
N ALA B 317 10.18 -16.76 -18.73
CA ALA B 317 11.20 -17.72 -19.13
C ALA B 317 11.78 -17.37 -20.49
N THR B 318 10.91 -16.92 -21.37
CA THR B 318 11.28 -16.55 -22.72
C THR B 318 11.73 -15.09 -22.82
N ALA B 319 11.87 -14.42 -21.69
CA ALA B 319 12.29 -13.01 -21.65
C ALA B 319 11.42 -12.13 -22.53
N THR B 320 10.12 -12.32 -22.43
CA THR B 320 9.18 -11.59 -23.28
C THR B 320 8.44 -10.52 -22.50
N PRO B 321 8.57 -9.26 -22.93
CA PRO B 321 7.84 -8.16 -22.29
C PRO B 321 6.34 -8.44 -22.33
N MET B 322 5.62 -8.04 -21.29
CA MET B 322 4.20 -8.37 -21.24
C MET B 322 3.31 -7.15 -21.05
N ILE B 323 2.16 -7.17 -21.70
CA ILE B 323 1.08 -6.25 -21.36
C ILE B 323 0.06 -7.15 -20.68
N ALA B 324 -0.17 -6.92 -19.40
CA ALA B 324 -1.01 -7.82 -18.62
C ALA B 324 -2.43 -7.31 -18.45
N VAL B 325 -3.40 -8.17 -18.76
CA VAL B 325 -4.82 -7.86 -18.60
C VAL B 325 -5.49 -8.99 -17.83
N PRO B 326 -5.37 -8.96 -16.49
CA PRO B 326 -5.91 -10.04 -15.66
C PRO B 326 -7.46 -10.13 -15.69
N GLN B 327 -7.99 -11.31 -15.39
CA GLN B 327 -9.43 -11.57 -15.50
C GLN B 327 -10.08 -11.76 -14.14
N ALA B 328 -9.53 -12.68 -13.35
CA ALA B 328 -10.09 -12.96 -12.06
C ALA B 328 -9.23 -13.91 -11.21
N VAL B 329 -9.91 -14.72 -10.40
CA VAL B 329 -9.30 -15.67 -9.47
C VAL B 329 -8.01 -15.23 -8.79
N ASP B 330 -6.88 -15.54 -9.41
CA ASP B 330 -5.58 -15.39 -8.78
C ASP B 330 -4.58 -14.58 -9.60
N GLN B 331 -5.04 -14.07 -10.73
CA GLN B 331 -4.15 -13.44 -11.70
C GLN B 331 -3.65 -12.07 -11.22
N PHE B 332 -4.30 -11.50 -10.22
CA PHE B 332 -3.98 -10.13 -9.80
C PHE B 332 -2.62 -10.00 -9.13
N GLY B 333 -2.27 -10.97 -8.29
CA GLY B 333 -0.98 -11.00 -7.63
C GLY B 333 0.13 -11.20 -8.65
N ASN B 334 -0.07 -12.18 -9.53
CA ASN B 334 0.82 -12.41 -10.66
C ASN B 334 1.05 -11.15 -11.50
N ALA B 335 -0.04 -10.54 -11.96
CA ALA B 335 0.04 -9.35 -12.81
C ALA B 335 0.69 -8.19 -12.07
N ASP B 336 0.43 -8.09 -10.77
CA ASP B 336 1.07 -7.08 -9.94
C ASP B 336 2.56 -7.39 -9.89
N MET B 337 2.88 -8.66 -9.68
CA MET B 337 4.25 -9.09 -9.58
C MET B 337 4.98 -8.75 -10.89
N LEU B 338 4.33 -9.02 -12.02
CA LEU B 338 4.96 -8.74 -13.31
C LEU B 338 5.22 -7.25 -13.52
N GLN B 339 4.23 -6.42 -13.22
CA GLN B 339 4.43 -4.99 -13.36
C GLN B 339 5.45 -4.51 -12.34
N GLY B 340 5.40 -5.07 -11.13
CA GLY B 340 6.34 -4.71 -10.08
C GLY B 340 7.78 -5.09 -10.39
N LEU B 341 7.96 -6.12 -11.23
CA LEU B 341 9.29 -6.52 -11.63
C LEU B 341 9.87 -5.56 -12.66
N GLY B 342 9.02 -4.72 -13.23
CA GLY B 342 9.45 -3.76 -14.23
C GLY B 342 9.56 -4.37 -15.62
N VAL B 343 8.84 -5.47 -15.84
CA VAL B 343 8.90 -6.17 -17.13
C VAL B 343 7.55 -6.23 -17.84
N ALA B 344 6.57 -5.52 -17.31
CA ALA B 344 5.22 -5.57 -17.83
C ALA B 344 4.42 -4.32 -17.47
N ARG B 345 3.30 -4.11 -18.16
CA ARG B 345 2.31 -3.15 -17.71
C ARG B 345 0.96 -3.85 -17.59
N LYS B 346 0.25 -3.54 -16.52
CA LYS B 346 -1.06 -4.11 -16.26
C LYS B 346 -2.15 -3.20 -16.80
N LEU B 347 -3.14 -3.78 -17.48
CA LEU B 347 -4.27 -3.02 -18.03
C LEU B 347 -5.60 -3.63 -17.64
N ALA B 348 -6.53 -2.81 -17.15
CA ALA B 348 -7.92 -3.22 -17.04
C ALA B 348 -8.45 -3.48 -18.44
N THR B 349 -9.29 -4.50 -18.59
CA THR B 349 -9.81 -4.88 -19.91
C THR B 349 -10.48 -3.69 -20.62
N GLU B 350 -11.32 -2.98 -19.88
CA GLU B 350 -12.06 -1.83 -20.42
C GLU B 350 -11.17 -0.60 -20.55
N GLU B 351 -9.87 -0.77 -20.37
CA GLU B 351 -8.93 0.31 -20.55
C GLU B 351 -7.76 -0.16 -21.41
N ALA B 352 -7.98 -1.30 -22.06
CA ALA B 352 -7.11 -1.76 -23.11
C ALA B 352 -7.63 -1.30 -24.46
N THR B 353 -7.78 0.03 -24.61
CA THR B 353 -8.18 0.59 -25.90
C THR B 353 -7.13 0.32 -26.94
N ALA B 354 -7.52 0.33 -28.22
CA ALA B 354 -6.57 0.17 -29.29
C ALA B 354 -5.43 1.16 -29.13
N ASP B 355 -5.80 2.39 -28.83
CA ASP B 355 -4.86 3.49 -28.69
C ASP B 355 -3.90 3.30 -27.53
N LEU B 356 -4.33 2.57 -26.51
CA LEU B 356 -3.50 2.37 -25.33
C LEU B 356 -2.71 1.06 -25.40
N LEU B 357 -3.30 0.02 -25.96
CA LEU B 357 -2.59 -1.24 -26.16
C LEU B 357 -1.36 -0.97 -27.02
N ARG B 358 -1.55 -0.11 -28.02
CA ARG B 358 -0.45 0.29 -28.90
C ARG B 358 0.50 1.21 -28.15
N GLU B 359 -0.06 2.09 -27.31
CA GLU B 359 0.74 3.03 -26.53
C GLU B 359 1.46 2.32 -25.38
N THR B 360 0.93 1.18 -24.95
CA THR B 360 1.62 0.37 -23.94
C THR B 360 2.73 -0.46 -24.60
N ALA B 361 2.45 -0.95 -25.80
CA ALA B 361 3.37 -1.82 -26.51
C ALA B 361 4.60 -1.12 -27.07
N LEU B 362 4.42 0.10 -27.58
CA LEU B 362 5.51 0.80 -28.25
C LEU B 362 6.65 1.17 -27.29
N ALA B 363 6.29 1.57 -26.07
CA ALA B 363 7.32 1.83 -25.06
C ALA B 363 7.57 0.57 -24.23
N LEU B 364 7.77 -0.56 -24.91
CA LEU B 364 8.05 -1.80 -24.19
C LEU B 364 8.94 -2.75 -24.99
N VAL B 365 8.63 -2.94 -26.26
CA VAL B 365 9.39 -3.90 -27.06
C VAL B 365 10.83 -3.46 -27.25
N ASP B 366 11.13 -2.18 -27.01
CA ASP B 366 12.49 -1.67 -27.18
C ASP B 366 12.99 -0.90 -25.98
N ASP B 367 12.67 -1.39 -24.79
CA ASP B 367 13.17 -0.77 -23.57
C ASP B 367 14.28 -1.62 -22.95
N PRO B 368 15.52 -1.09 -22.93
CA PRO B 368 16.66 -1.88 -22.48
C PRO B 368 16.59 -2.18 -20.99
N GLU B 369 15.94 -1.30 -20.25
CA GLU B 369 15.73 -1.50 -18.82
C GLU B 369 14.82 -2.74 -18.65
N VAL B 370 13.72 -2.78 -19.38
CA VAL B 370 12.88 -3.99 -19.44
C VAL B 370 13.65 -5.20 -19.98
N ALA B 371 14.42 -4.99 -21.05
CA ALA B 371 15.16 -6.09 -21.68
C ALA B 371 16.15 -6.75 -20.72
N ARG B 372 16.95 -5.94 -20.06
CA ARG B 372 17.96 -6.44 -19.14
C ARG B 372 17.33 -7.23 -17.99
N ARG B 373 16.22 -6.70 -17.46
CA ARG B 373 15.54 -7.37 -16.35
C ARG B 373 15.01 -8.73 -16.77
N LEU B 374 14.41 -8.78 -17.96
CA LEU B 374 13.90 -10.02 -18.51
C LEU B 374 15.01 -11.04 -18.76
N ARG B 375 16.16 -10.59 -19.26
CA ARG B 375 17.26 -11.54 -19.49
C ARG B 375 17.74 -12.14 -18.17
N ARG B 376 17.85 -11.31 -17.14
CA ARG B 376 18.27 -11.81 -15.83
C ARG B 376 17.32 -12.88 -15.32
N ILE B 377 16.04 -12.55 -15.31
CA ILE B 377 15.02 -13.47 -14.84
C ILE B 377 15.03 -14.75 -15.65
N GLN B 378 15.18 -14.63 -16.96
CA GLN B 378 15.23 -15.79 -17.84
C GLN B 378 16.38 -16.72 -17.45
N ALA B 379 17.53 -16.10 -17.16
CA ALA B 379 18.71 -16.86 -16.77
C ALA B 379 18.58 -17.46 -15.38
N GLU B 380 17.96 -16.73 -14.46
CA GLU B 380 17.73 -17.23 -13.10
C GLU B 380 16.80 -18.45 -13.14
N MET B 381 15.77 -18.41 -13.99
CA MET B 381 14.80 -19.47 -14.08
C MET B 381 15.42 -20.73 -14.69
N ALA B 382 16.30 -20.57 -15.68
CA ALA B 382 17.00 -21.70 -16.28
C ALA B 382 17.70 -22.53 -15.21
N GLN B 383 18.17 -21.85 -14.16
CA GLN B 383 18.92 -22.52 -13.11
C GLN B 383 17.97 -23.16 -12.08
N GLU B 384 16.74 -22.68 -12.02
CA GLU B 384 15.75 -23.26 -11.12
C GLU B 384 15.48 -24.73 -11.45
N GLY B 385 15.41 -25.04 -12.73
CA GLY B 385 15.52 -26.41 -13.17
C GLY B 385 14.28 -27.29 -13.19
N GLY B 386 13.13 -26.71 -12.86
CA GLY B 386 11.85 -27.37 -13.03
C GLY B 386 11.77 -28.82 -12.61
N THR B 387 11.04 -29.60 -13.41
CA THR B 387 10.72 -30.99 -13.14
C THR B 387 11.94 -31.84 -12.77
N ARG B 388 12.97 -31.76 -13.62
CA ARG B 388 14.20 -32.51 -13.45
C ARG B 388 14.87 -32.17 -12.13
N ARG B 389 14.99 -30.88 -11.85
CA ARG B 389 15.64 -30.44 -10.63
C ARG B 389 14.86 -30.80 -9.37
N ALA B 390 13.53 -30.73 -9.44
CA ALA B 390 12.73 -31.07 -8.27
C ALA B 390 12.93 -32.53 -7.88
N ALA B 391 12.99 -33.41 -8.87
CA ALA B 391 13.23 -34.82 -8.60
C ALA B 391 14.58 -35.08 -7.94
N ASP B 392 15.63 -34.42 -8.43
CA ASP B 392 16.96 -34.53 -7.79
C ASP B 392 16.90 -34.13 -6.32
N LEU B 393 16.21 -33.03 -6.06
CA LEU B 393 16.16 -32.47 -4.70
C LEU B 393 15.35 -33.37 -3.78
N ILE B 394 14.30 -33.97 -4.32
CA ILE B 394 13.52 -34.94 -3.57
C ILE B 394 14.35 -36.19 -3.30
N GLU B 395 15.03 -36.69 -4.33
CA GLU B 395 15.88 -37.85 -4.15
C GLU B 395 16.96 -37.57 -3.11
N ALA B 396 17.45 -36.34 -3.09
CA ALA B 396 18.42 -35.92 -2.08
C ALA B 396 17.78 -35.84 -0.70
N GLU B 397 16.50 -36.17 -0.61
CA GLU B 397 15.84 -36.28 0.71
C GLU B 397 15.52 -37.72 1.11
N LEU B 398 15.47 -38.64 0.14
CA LEU B 398 15.27 -40.05 0.46
C LEU B 398 16.49 -40.49 1.27
N PRO B 399 16.31 -40.71 2.59
CA PRO B 399 17.38 -40.83 3.57
C PRO B 399 18.06 -42.20 3.53
C10 ERY C . 5.91 11.47 4.80
C11 ERY C . 6.94 12.53 4.54
C12 ERY C . 6.57 13.60 3.49
C13 ERY C . 7.39 14.85 3.75
O2 ERY C . 6.76 15.54 4.81
C2 ERY C . 6.63 16.52 7.04
C3 ERY C . 6.81 15.60 8.25
C4 ERY C . 5.63 14.68 8.31
C5 ERY C . 5.83 13.54 9.34
C6 ERY C . 6.24 12.24 8.62
C7 ERY C . 5.02 11.67 7.85
C8 ERY C . 5.41 10.33 7.15
C9 ERY C . 6.31 10.55 5.95
O11 ERY C . 7.36 9.92 5.89
C1 ERY C . 7.53 16.01 5.93
O1 ERY C . 8.62 15.54 6.17
O3 ERY C . 6.92 16.34 9.47
O7 ERY C . 4.61 13.31 10.04
C34 ERY C . 5.72 10.55 3.59
C33 ERY C . 4.16 9.63 6.68
C35 ERY C . 5.11 13.96 3.60
O12 ERY C . 8.15 11.89 4.14
O13 ERY C . 6.81 13.12 2.21
C36 ERY C . 7.35 15.80 2.57
C30 ERY C . 6.92 17.97 7.28
C32 ERY C . 6.77 11.23 9.58
O10 ERY C . 7.23 12.56 7.69
C22 ERY C . 4.63 13.58 11.45
C23 ERY C . 3.19 13.53 12.01
C24 ERY C . 3.23 13.60 13.52
C25 ERY C . 4.16 12.52 14.06
C26 ERY C . 5.55 12.72 13.45
O9 ERY C . 5.43 12.65 12.06
N1 ERY C . 1.87 13.51 14.08
C27 ERY C . 6.49 11.63 13.92
O8 ERY C . 2.46 14.62 11.53
C28 ERY C . 1.91 13.49 15.56
C14 ERY C . 8.26 16.58 9.94
C15 ERY C . 8.18 17.63 11.07
C16 ERY C . 7.75 17.00 12.40
C17 ERY C . 8.73 15.93 12.71
C18 ERY C . 8.53 14.87 11.65
O4 ERY C . 8.87 15.40 10.36
O5 ERY C . 6.45 16.37 12.30
O6 ERY C . 8.41 15.39 13.99
C20 ERY C . 5.35 17.28 12.21
C29 ERY C . 1.12 12.39 13.59
C21 ERY C . 9.40 13.69 11.94
C37 ERY C . 8.38 16.94 2.77
C31 ERY C . 4.40 15.54 8.68
C19 ERY C . 7.75 18.01 13.51
N1 UDP D . -6.58 28.40 19.87
C2 UDP D . -7.65 29.07 20.44
N3 UDP D . -7.58 29.44 21.77
C4 UDP D . -6.44 29.15 22.52
C5 UDP D . -5.37 28.48 21.94
C6 UDP D . -5.50 28.04 20.63
O2 UDP D . -8.65 29.34 19.76
O4 UDP D . -6.38 29.47 23.71
C1' UDP D . -6.62 28.00 18.46
C2' UDP D . -5.62 28.88 17.74
O2' UDP D . -6.21 29.51 16.62
C3' UDP D . -4.50 27.94 17.33
C4' UDP D . -5.17 26.57 17.34
O4' UDP D . -6.20 26.66 18.32
O3' UDP D . -3.94 28.24 16.08
C5' UDP D . -4.16 25.49 17.66
O5' UDP D . -3.34 25.29 16.52
PA UDP D . -1.78 25.71 16.46
O1A UDP D . -1.15 24.96 15.35
O2A UDP D . -1.64 27.16 16.21
O3A UDP D . -1.08 25.44 17.89
PB UDP D . -0.75 24.05 18.63
O1B UDP D . -1.67 23.96 19.79
O2B UDP D . 0.64 24.11 19.15
O3B UDP D . -0.91 22.89 17.73
C10 ERY E . -2.40 -22.91 4.08
C11 ERY E . -1.75 -21.61 3.66
C12 ERY E . -0.23 -21.65 3.49
C13 ERY E . 0.14 -20.30 2.89
O2 ERY E . -0.23 -20.29 1.51
C2 ERY E . -1.68 -19.49 -0.41
C3 ERY E . -3.20 -19.49 -0.56
C4 ERY E . -3.60 -20.93 -0.46
C5 ERY E . -5.07 -21.19 -0.07
C6 ERY E . -5.14 -21.53 1.42
C7 ERY E . -4.64 -22.97 1.67
C8 ERY E . -4.81 -23.47 3.13
C9 ERY E . -3.92 -22.73 4.09
O11 ERY E . -4.41 -21.95 4.91
C1 ERY E . -1.31 -19.45 1.08
O1 ERY E . -1.90 -18.71 1.85
O3 ERY E . -3.56 -18.96 -1.85
O7 ERY E . -5.57 -22.28 -0.84
C34 ERY E . -2.01 -23.37 5.48
C33 ERY E . -4.46 -24.94 3.21
C35 ERY E . 0.18 -22.76 2.55
O12 ERY E . -2.08 -20.54 4.54
O13 ERY E . 0.43 -21.83 4.68
C36 ERY E . 1.63 -20.05 3.01
C30 ERY E . -0.99 -18.36 -1.08
C32 ERY E . -6.55 -21.39 1.94
O10 ERY E . -4.34 -20.62 2.14
C22 ERY E . -6.75 -22.08 -1.62
C23 ERY E . -6.90 -23.21 -2.66
C24 ERY E . -8.24 -23.07 -3.34
C25 ERY E . -9.30 -23.24 -2.26
C26 ERY E . -9.11 -22.11 -1.25
O9 ERY E . -7.81 -22.10 -0.73
N1 ERY E . -8.39 -23.99 -4.46
C27 ERY E . -10.05 -22.25 -0.07
O8 ERY E . -5.85 -23.18 -3.59
C28 ERY E . -8.64 -25.36 -4.01
C14 ERY E . -4.16 -17.64 -1.89
C15 ERY E . -4.39 -17.20 -3.35
C16 ERY E . -5.77 -17.48 -3.99
C17 ERY E . -6.86 -17.52 -2.98
C18 ERY E . -6.43 -18.33 -1.80
O4 ERY E . -5.34 -17.65 -1.16
O5 ERY E . -5.75 -18.72 -4.74
O6 ERY E . -8.04 -18.10 -3.50
C20 ERY E . -4.45 -19.20 -5.09
C29 ERY E . -9.49 -23.57 -5.29
C21 ERY E . -7.56 -18.42 -0.83
C37 ERY E . 1.98 -18.80 2.19
C31 ERY E . -3.27 -21.62 -1.81
C19 ERY E . -6.06 -16.37 -4.95
N1 UDP F . -1.73 -22.86 -23.64
C2 UDP F . -1.29 -23.24 -24.89
N3 UDP F . -2.08 -22.94 -26.00
C4 UDP F . -3.27 -22.28 -25.83
C5 UDP F . -3.71 -21.91 -24.56
C6 UDP F . -2.86 -22.12 -23.49
O2 UDP F . -0.21 -23.84 -25.04
O4 UDP F . -3.96 -22.01 -26.81
C1' UDP F . -0.91 -23.17 -22.46
C2' UDP F . -0.06 -21.97 -22.08
O2' UDP F . 1.24 -22.03 -22.62
C3' UDP F . 0.02 -22.13 -20.59
C4' UDP F . -1.32 -22.72 -20.23
O4' UDP F . -1.79 -23.37 -21.39
O3' UDP F . 1.07 -23.01 -20.26
C5' UDP F . -2.24 -21.56 -19.85
O5' UDP F . -1.67 -21.02 -18.67
PA UDP F . -2.08 -19.59 -18.06
O1A UDP F . -1.59 -19.51 -16.67
O2A UDP F . -1.50 -18.47 -18.83
O3A UDP F . -3.68 -19.54 -18.16
PB UDP F . -4.65 -19.84 -16.93
O1B UDP F . -4.73 -21.32 -16.74
O2B UDP F . -5.99 -19.25 -17.15
O3B UDP F . -4.08 -19.26 -15.69
MG MG G . 10.64 -14.16 -26.49
N ALA A 8 -20.27 12.04 -8.91
CA ALA A 8 -18.97 11.56 -8.45
C ALA A 8 -19.00 11.11 -6.98
N HIS A 9 -18.39 9.96 -6.72
CA HIS A 9 -18.24 9.46 -5.35
C HIS A 9 -16.79 9.65 -4.91
N ILE A 10 -16.60 10.19 -3.71
CA ILE A 10 -15.27 10.55 -3.24
C ILE A 10 -14.88 9.76 -2.01
N ALA A 11 -13.73 9.09 -2.09
CA ALA A 11 -13.18 8.41 -0.95
C ALA A 11 -12.02 9.24 -0.42
N MET A 12 -12.21 9.84 0.74
CA MET A 12 -11.12 10.51 1.43
C MET A 12 -10.47 9.45 2.31
N PHE A 13 -9.16 9.54 2.52
CA PHE A 13 -8.45 8.60 3.38
C PHE A 13 -7.58 9.37 4.36
N SER A 14 -7.65 9.02 5.64
CA SER A 14 -6.67 9.51 6.61
C SER A 14 -6.49 8.57 7.80
N ILE A 15 -5.77 9.07 8.80
CA ILE A 15 -5.48 8.35 10.03
C ILE A 15 -6.13 9.09 11.20
N ALA A 16 -6.19 8.45 12.36
CA ALA A 16 -6.81 9.08 13.53
C ALA A 16 -5.82 9.96 14.26
N ALA A 17 -5.47 11.08 13.67
CA ALA A 17 -4.61 12.06 14.32
C ALA A 17 -5.17 13.44 14.00
N HIS A 18 -5.24 14.29 15.02
CA HIS A 18 -5.87 15.60 14.83
C HIS A 18 -5.30 16.37 13.66
N GLY A 19 -3.97 16.42 13.57
CA GLY A 19 -3.31 17.23 12.55
C GLY A 19 -3.47 16.74 11.13
N HIS A 20 -3.99 15.52 10.96
CA HIS A 20 -4.19 14.97 9.62
C HIS A 20 -5.66 14.80 9.24
N VAL A 21 -6.57 15.26 10.09
CA VAL A 21 -8.00 15.21 9.78
C VAL A 21 -8.64 16.60 9.83
N ASN A 22 -8.42 17.30 10.92
CA ASN A 22 -8.97 18.66 11.07
C ASN A 22 -8.67 19.64 9.92
N PRO A 23 -7.44 19.63 9.37
CA PRO A 23 -7.15 20.61 8.31
C PRO A 23 -8.05 20.53 7.09
N SER A 24 -8.56 19.34 6.77
CA SER A 24 -9.41 19.21 5.59
C SER A 24 -10.86 18.88 5.92
N LEU A 25 -11.19 18.88 7.22
CA LEU A 25 -12.57 18.59 7.63
C LEU A 25 -13.55 19.48 6.92
N GLU A 26 -13.24 20.77 6.88
CA GLU A 26 -14.10 21.75 6.25
C GLU A 26 -14.33 21.46 4.77
N VAL A 27 -13.27 21.04 4.06
CA VAL A 27 -13.38 20.81 2.64
C VAL A 27 -14.26 19.58 2.38
N ILE A 28 -14.19 18.63 3.29
CA ILE A 28 -15.06 17.47 3.20
C ILE A 28 -16.51 17.94 3.28
N ARG A 29 -16.78 18.92 4.15
CA ARG A 29 -18.13 19.45 4.30
C ARG A 29 -18.66 20.14 3.05
N GLU A 30 -17.83 20.98 2.45
CA GLU A 30 -18.25 21.69 1.24
C GLU A 30 -18.43 20.73 0.07
N LEU A 31 -17.61 19.68 0.01
CA LEU A 31 -17.74 18.71 -1.07
C LEU A 31 -19.09 17.99 -1.00
N VAL A 32 -19.49 17.61 0.21
CA VAL A 32 -20.82 17.03 0.39
C VAL A 32 -21.89 17.94 -0.21
N ALA A 33 -21.70 19.25 -0.05
CA ALA A 33 -22.70 20.21 -0.50
C ALA A 33 -22.88 20.27 -2.03
N ARG A 34 -21.84 19.92 -2.78
CA ARG A 34 -21.85 20.11 -4.23
C ARG A 34 -22.45 18.95 -5.03
N GLY A 35 -23.00 17.97 -4.33
CA GLY A 35 -23.66 16.85 -4.98
C GLY A 35 -23.03 15.49 -4.70
N HIS A 36 -21.72 15.47 -4.54
CA HIS A 36 -20.94 14.24 -4.44
C HIS A 36 -21.22 13.47 -3.15
N ARG A 37 -21.01 12.16 -3.21
CA ARG A 37 -21.23 11.26 -2.09
C ARG A 37 -19.89 10.88 -1.45
N VAL A 38 -19.68 11.28 -0.20
CA VAL A 38 -18.35 11.16 0.43
C VAL A 38 -18.23 10.06 1.48
N THR A 39 -17.34 9.11 1.21
CA THR A 39 -16.90 8.14 2.21
C THR A 39 -15.53 8.58 2.67
N TYR A 40 -15.21 8.23 3.91
CA TYR A 40 -13.97 8.69 4.54
C TYR A 40 -13.42 7.50 5.31
N ALA A 41 -12.34 6.91 4.79
CA ALA A 41 -11.66 5.82 5.48
C ALA A 41 -10.96 6.38 6.70
N ILE A 42 -11.34 5.89 7.87
CA ILE A 42 -10.90 6.49 9.13
C ILE A 42 -10.94 5.43 10.23
N PRO A 43 -10.04 5.52 11.23
CA PRO A 43 -10.13 4.64 12.39
C PRO A 43 -11.40 4.90 13.22
N PRO A 44 -11.78 3.95 14.09
CA PRO A 44 -13.03 4.07 14.85
C PRO A 44 -13.10 5.26 15.81
N VAL A 45 -11.98 5.64 16.40
CA VAL A 45 -12.00 6.67 17.42
C VAL A 45 -12.37 8.04 16.84
N PHE A 46 -12.22 8.18 15.52
CA PHE A 46 -12.56 9.42 14.83
C PHE A 46 -13.79 9.27 13.95
N ALA A 47 -14.64 8.29 14.27
CA ALA A 47 -15.90 8.12 13.54
C ALA A 47 -16.77 9.38 13.56
N ASP A 48 -17.20 9.79 14.75
CA ASP A 48 -18.08 10.95 14.93
C ASP A 48 -17.52 12.19 14.25
N LYS A 49 -16.22 12.39 14.44
CA LYS A 49 -15.47 13.48 13.82
C LYS A 49 -15.76 13.64 12.33
N VAL A 50 -15.44 12.62 11.53
CA VAL A 50 -15.73 12.74 10.11
C VAL A 50 -17.23 12.60 9.86
N ALA A 51 -17.92 11.85 10.71
CA ALA A 51 -19.37 11.66 10.59
C ALA A 51 -20.07 13.01 10.54
N ALA A 52 -19.72 13.87 11.49
CA ALA A 52 -20.33 15.18 11.63
C ALA A 52 -20.23 16.08 10.39
N THR A 53 -19.49 15.66 9.37
CA THR A 53 -19.38 16.45 8.13
C THR A 53 -20.40 16.07 7.09
N GLY A 54 -21.01 14.90 7.24
CA GLY A 54 -21.94 14.41 6.23
C GLY A 54 -21.27 13.37 5.36
N ALA A 55 -20.06 12.98 5.78
CA ALA A 55 -19.37 11.86 5.14
C ALA A 55 -19.62 10.59 5.93
N ARG A 56 -19.85 9.48 5.24
CA ARG A 56 -20.03 8.21 5.92
C ARG A 56 -18.69 7.56 6.19
N PRO A 57 -18.39 7.31 7.47
CA PRO A 57 -17.09 6.73 7.85
C PRO A 57 -16.97 5.26 7.48
N VAL A 58 -15.81 4.90 6.94
CA VAL A 58 -15.47 3.52 6.64
C VAL A 58 -14.37 3.14 7.61
N LEU A 59 -14.76 2.39 8.64
CA LEU A 59 -13.85 2.03 9.72
C LEU A 59 -12.80 1.02 9.27
N TYR A 60 -11.54 1.37 9.47
CA TYR A 60 -10.46 0.40 9.37
C TYR A 60 -9.61 0.50 10.64
N HIS A 61 -9.05 -0.63 11.04
CA HIS A 61 -8.22 -0.66 12.24
C HIS A 61 -6.87 -0.06 11.89
N SER A 62 -6.44 0.90 12.70
CA SER A 62 -5.11 1.48 12.58
C SER A 62 -4.19 0.88 13.63
N THR A 63 -2.90 0.86 13.34
CA THR A 63 -1.90 0.41 14.32
C THR A 63 -1.07 1.59 14.84
N LEU A 64 -1.42 2.78 14.39
CA LEU A 64 -0.74 4.01 14.80
C LEU A 64 -1.23 4.48 16.19
N PRO A 65 -0.49 5.39 16.84
CA PRO A 65 -0.90 5.90 18.15
C PRO A 65 -2.25 6.60 18.08
N GLY A 66 -3.01 6.53 19.16
CA GLY A 66 -4.31 7.17 19.23
C GLY A 66 -4.21 8.68 19.19
N PRO A 67 -5.36 9.35 19.04
CA PRO A 67 -5.44 10.82 18.95
C PRO A 67 -4.92 11.56 20.18
N ASP A 68 -5.04 10.97 21.36
CA ASP A 68 -4.94 11.77 22.59
C ASP A 68 -3.65 11.61 23.43
N ALA A 69 -2.80 10.65 23.10
CA ALA A 69 -1.54 10.53 23.85
C ALA A 69 -0.38 11.30 23.21
N ASP A 70 0.79 11.16 23.83
CA ASP A 70 1.90 12.12 23.65
C ASP A 70 2.63 11.99 22.31
N PRO A 71 3.16 13.13 21.82
CA PRO A 71 3.97 13.12 20.59
C PRO A 71 5.08 12.08 20.64
N GLU A 72 5.53 11.72 21.85
CA GLU A 72 6.59 10.72 21.96
C GLU A 72 6.09 9.32 21.56
N ALA A 73 4.78 9.13 21.47
CA ALA A 73 4.23 7.83 21.06
C ALA A 73 4.47 7.57 19.58
N TRP A 74 4.99 8.58 18.89
CA TRP A 74 5.22 8.53 17.45
C TRP A 74 6.70 8.36 17.10
N GLY A 75 7.54 8.21 18.13
CA GLY A 75 8.96 7.99 17.91
C GLY A 75 9.82 9.24 17.98
N SER A 76 11.12 9.03 18.16
CA SER A 76 12.07 10.13 18.32
C SER A 76 13.38 9.89 17.57
N THR A 77 13.33 9.11 16.49
CA THR A 77 14.43 9.05 15.53
C THR A 77 13.80 9.00 14.14
N LEU A 78 14.61 9.18 13.11
CA LEU A 78 14.12 9.14 11.74
C LEU A 78 13.36 7.83 11.46
N LEU A 79 14.03 6.70 11.71
CA LEU A 79 13.40 5.43 11.44
C LEU A 79 12.19 5.14 12.33
N ASP A 80 12.25 5.57 13.60
CA ASP A 80 11.08 5.38 14.46
C ASP A 80 9.90 6.27 14.01
N ASN A 81 10.20 7.39 13.36
CA ASN A 81 9.13 8.24 12.85
C ASN A 81 8.46 7.63 11.61
N VAL A 82 9.26 7.17 10.65
CA VAL A 82 8.70 6.73 9.37
C VAL A 82 8.21 5.28 9.33
N GLU A 83 8.91 4.37 10.00
CA GLU A 83 8.53 2.96 9.89
C GLU A 83 7.09 2.62 10.31
N PRO A 84 6.55 3.30 11.33
CA PRO A 84 5.17 2.96 11.67
C PRO A 84 4.17 3.23 10.54
N PHE A 85 4.46 4.19 9.67
CA PHE A 85 3.51 4.47 8.59
C PHE A 85 3.51 3.36 7.55
N LEU A 86 4.66 2.72 7.37
CA LEU A 86 4.73 1.59 6.46
C LEU A 86 4.09 0.37 7.09
N ASN A 87 4.35 0.14 8.38
CA ASN A 87 3.76 -1.02 9.05
C ASN A 87 2.24 -0.91 9.17
N ASP A 88 1.72 0.29 9.44
CA ASP A 88 0.27 0.45 9.46
C ASP A 88 -0.33 0.24 8.08
N ALA A 89 0.35 0.75 7.05
CA ALA A 89 -0.10 0.63 5.68
C ALA A 89 -0.23 -0.83 5.27
N ILE A 90 0.77 -1.62 5.65
CA ILE A 90 0.79 -3.04 5.29
C ILE A 90 -0.46 -3.79 5.78
N GLN A 91 -0.94 -3.45 6.99
CA GLN A 91 -2.11 -4.13 7.52
C GLN A 91 -3.43 -3.44 7.16
N ALA A 92 -3.36 -2.13 6.88
CA ALA A 92 -4.57 -1.38 6.57
C ALA A 92 -5.03 -1.58 5.13
N LEU A 93 -4.07 -1.77 4.23
CA LEU A 93 -4.36 -1.93 2.82
C LEU A 93 -5.40 -3.05 2.52
N PRO A 94 -5.23 -4.25 3.09
CA PRO A 94 -6.20 -5.31 2.81
C PRO A 94 -7.56 -5.18 3.52
N GLN A 95 -7.79 -4.10 4.26
CA GLN A 95 -9.13 -3.87 4.78
C GLN A 95 -9.81 -2.89 3.87
N LEU A 96 -9.05 -1.90 3.43
CA LEU A 96 -9.59 -0.86 2.57
C LEU A 96 -9.92 -1.42 1.19
N ALA A 97 -9.07 -2.29 0.68
CA ALA A 97 -9.40 -3.04 -0.52
C ALA A 97 -10.70 -3.82 -0.26
N ASP A 98 -10.81 -4.41 0.92
CA ASP A 98 -12.00 -5.22 1.25
C ASP A 98 -13.24 -4.39 1.63
N ALA A 99 -13.05 -3.32 2.39
CA ALA A 99 -14.18 -2.45 2.74
C ALA A 99 -14.76 -1.75 1.52
N TYR A 100 -13.93 -1.59 0.49
CA TYR A 100 -14.29 -0.84 -0.72
C TYR A 100 -14.57 -1.70 -1.97
N ALA A 101 -14.66 -3.01 -1.78
CA ALA A 101 -14.80 -3.96 -2.89
C ALA A 101 -15.89 -3.64 -3.94
N ASP A 102 -17.10 -3.30 -3.49
CA ASP A 102 -18.20 -3.10 -4.44
C ASP A 102 -18.62 -1.64 -4.65
N ASP A 103 -18.15 -0.77 -3.76
CA ASP A 103 -18.39 0.67 -3.89
C ASP A 103 -17.05 1.34 -4.11
N ILE A 104 -16.31 0.87 -5.11
CA ILE A 104 -15.04 1.49 -5.49
C ILE A 104 -15.33 2.94 -5.85
N PRO A 105 -14.58 3.86 -5.27
CA PRO A 105 -14.88 5.29 -5.43
C PRO A 105 -14.44 5.83 -6.78
N ASP A 106 -15.00 6.99 -7.15
CA ASP A 106 -14.64 7.68 -8.38
C ASP A 106 -13.30 8.40 -8.25
N LEU A 107 -13.04 8.96 -7.06
CA LEU A 107 -11.84 9.75 -6.84
C LEU A 107 -11.35 9.52 -5.43
N VAL A 108 -10.03 9.38 -5.31
CA VAL A 108 -9.38 9.24 -4.01
C VAL A 108 -8.71 10.55 -3.58
N LEU A 109 -9.09 11.05 -2.41
CA LEU A 109 -8.41 12.15 -1.78
C LEU A 109 -7.71 11.55 -0.58
N HIS A 110 -6.54 12.06 -0.20
CA HIS A 110 -5.90 11.48 0.96
C HIS A 110 -4.92 12.41 1.64
N ASP A 111 -4.85 12.29 2.95
CA ASP A 111 -3.81 12.95 3.71
C ASP A 111 -2.50 12.26 3.38
N ILE A 112 -1.40 13.00 3.52
CA ILE A 112 -0.06 12.49 3.20
C ILE A 112 0.32 11.20 3.91
N THR A 113 -0.30 10.90 5.05
CA THR A 113 0.14 9.77 5.86
C THR A 113 -0.39 8.42 5.35
N SER A 114 -1.36 8.47 4.45
CA SER A 114 -2.02 7.23 4.02
C SER A 114 -1.39 6.61 2.76
N TYR A 115 -0.45 5.68 2.97
CA TYR A 115 0.09 4.93 1.83
C TYR A 115 -0.97 4.06 1.13
N PRO A 116 -1.90 3.45 1.89
CA PRO A 116 -2.89 2.65 1.15
C PRO A 116 -3.67 3.43 0.08
N ALA A 117 -3.98 4.69 0.36
CA ALA A 117 -4.71 5.49 -0.62
C ALA A 117 -3.94 5.61 -1.94
N ARG A 118 -2.63 5.79 -1.84
CA ARG A 118 -1.79 5.90 -3.02
C ARG A 118 -1.82 4.59 -3.80
N VAL A 119 -1.71 3.47 -3.08
CA VAL A 119 -1.68 2.17 -3.74
C VAL A 119 -3.04 1.92 -4.40
N LEU A 120 -4.11 2.12 -3.63
CA LEU A 120 -5.46 1.84 -4.15
C LEU A 120 -5.83 2.72 -5.34
N ALA A 121 -5.43 3.98 -5.30
CA ALA A 121 -5.71 4.89 -6.41
C ALA A 121 -5.06 4.42 -7.71
N ARG A 122 -3.86 3.86 -7.61
CA ARG A 122 -3.11 3.44 -8.79
C ARG A 122 -3.57 2.09 -9.32
N ARG A 123 -3.94 1.20 -8.40
CA ARG A 123 -4.59 -0.06 -8.77
C ARG A 123 -5.89 0.24 -9.52
N TRP A 124 -6.77 0.99 -8.86
CA TRP A 124 -8.09 1.32 -9.39
C TRP A 124 -8.05 2.06 -10.73
N GLY A 125 -6.96 2.78 -10.97
CA GLY A 125 -6.84 3.64 -12.14
C GLY A 125 -7.73 4.87 -12.05
N VAL A 126 -7.62 5.60 -10.95
CA VAL A 126 -8.47 6.76 -10.69
C VAL A 126 -7.58 7.94 -10.24
N PRO A 127 -8.07 9.18 -10.37
CA PRO A 127 -7.18 10.28 -9.98
C PRO A 127 -6.92 10.26 -8.47
N ALA A 128 -5.71 10.64 -8.08
CA ALA A 128 -5.37 10.75 -6.66
C ALA A 128 -4.95 12.18 -6.36
N VAL A 129 -5.53 12.76 -5.31
CA VAL A 129 -5.10 14.09 -4.86
C VAL A 129 -4.67 14.03 -3.41
N SER A 130 -3.42 14.40 -3.17
CA SER A 130 -2.83 14.39 -1.85
C SER A 130 -3.14 15.73 -1.19
N LEU A 131 -3.53 15.69 0.08
CA LEU A 131 -3.82 16.91 0.85
C LEU A 131 -2.78 17.03 1.95
N SER A 132 -1.96 18.09 1.90
CA SER A 132 -0.84 18.24 2.83
C SER A 132 -1.10 19.34 3.84
N PRO A 133 -1.06 18.99 5.14
CA PRO A 133 -1.32 19.95 6.21
C PRO A 133 -0.03 20.66 6.65
N ASN A 134 1.03 20.50 5.87
CA ASN A 134 2.32 21.12 6.17
C ASN A 134 3.09 21.32 4.89
N LEU A 135 4.33 21.79 5.01
CA LEU A 135 5.14 22.09 3.83
C LEU A 135 5.36 20.85 2.97
N VAL A 136 5.67 21.07 1.70
CA VAL A 136 5.90 19.98 0.76
C VAL A 136 7.31 20.06 0.18
N ALA A 137 7.70 19.03 -0.56
CA ALA A 137 8.99 19.05 -1.23
C ALA A 137 9.05 20.12 -2.32
N TRP A 138 10.18 20.80 -2.41
CA TRP A 138 10.46 21.69 -3.53
C TRP A 138 11.37 20.95 -4.50
N LYS A 139 11.48 21.43 -5.74
CA LYS A 139 12.42 20.79 -6.65
C LYS A 139 13.83 21.09 -6.14
N GLY A 140 14.56 20.02 -5.81
CA GLY A 140 15.82 20.13 -5.12
C GLY A 140 15.82 19.43 -3.76
N TYR A 141 14.63 19.19 -3.23
CA TYR A 141 14.46 18.58 -1.91
C TYR A 141 15.26 17.30 -1.77
N GLU A 142 15.36 16.54 -2.85
CA GLU A 142 16.11 15.29 -2.83
C GLU A 142 17.55 15.50 -2.46
N GLU A 143 18.26 16.23 -3.32
CA GLU A 143 19.67 16.52 -3.11
C GLU A 143 19.87 17.26 -1.80
N GLU A 144 18.97 18.20 -1.54
CA GLU A 144 19.19 19.20 -0.51
C GLU A 144 18.86 18.75 0.91
N VAL A 145 17.76 18.00 1.05
CA VAL A 145 17.29 17.59 2.37
C VAL A 145 17.19 16.09 2.56
N ALA A 146 16.55 15.39 1.63
CA ALA A 146 16.32 13.95 1.79
C ALA A 146 17.60 13.11 1.71
N GLU A 147 18.45 13.40 0.72
CA GLU A 147 19.69 12.65 0.58
C GLU A 147 20.59 12.70 1.84
N PRO A 148 20.91 13.92 2.35
CA PRO A 148 21.80 13.99 3.52
C PRO A 148 21.16 13.33 4.73
N MET A 149 19.85 13.48 4.80
CA MET A 149 19.02 12.95 5.87
C MET A 149 19.16 11.44 6.00
N TRP A 150 19.08 10.76 4.86
CA TRP A 150 19.01 9.30 4.82
C TRP A 150 20.37 8.63 4.62
N ARG A 151 21.31 9.37 4.02
CA ARG A 151 22.58 8.83 3.53
C ARG A 151 23.26 7.81 4.44
N GLU A 152 23.37 8.17 5.72
CA GLU A 152 23.96 7.27 6.70
C GLU A 152 22.97 6.30 7.34
N PRO A 153 21.78 6.78 7.75
CA PRO A 153 20.79 5.79 8.22
C PRO A 153 20.44 4.72 7.19
N ARG A 154 20.33 5.09 5.92
CA ARG A 154 19.90 4.12 4.89
C ARG A 154 20.87 2.95 4.80
N GLN A 155 22.15 3.22 5.03
CA GLN A 155 23.14 2.14 4.95
C GLN A 155 23.47 1.49 6.31
N THR A 156 22.67 1.76 7.33
CA THR A 156 22.69 0.92 8.53
C THR A 156 21.84 -0.32 8.25
N GLU A 157 22.04 -1.37 9.04
CA GLU A 157 21.29 -2.61 8.88
C GLU A 157 19.77 -2.38 8.95
N ARG A 158 19.33 -1.63 9.95
CA ARG A 158 17.90 -1.36 10.10
C ARG A 158 17.34 -0.55 8.93
N GLY A 159 18.08 0.46 8.50
CA GLY A 159 17.67 1.32 7.40
C GLY A 159 17.59 0.56 6.08
N ARG A 160 18.55 -0.32 5.85
CA ARG A 160 18.58 -1.14 4.64
C ARG A 160 17.34 -2.01 4.58
N ALA A 161 17.07 -2.70 5.67
CA ALA A 161 15.90 -3.56 5.77
C ALA A 161 14.63 -2.78 5.52
N TYR A 162 14.59 -1.57 6.05
CA TYR A 162 13.41 -0.72 5.91
C TYR A 162 13.16 -0.33 4.45
N TYR A 163 14.19 0.13 3.74
CA TYR A 163 13.98 0.44 2.33
C TYR A 163 13.76 -0.78 1.45
N ALA A 164 14.39 -1.90 1.82
CA ALA A 164 14.17 -3.14 1.11
C ALA A 164 12.72 -3.59 1.23
N ARG A 165 12.17 -3.53 2.44
CA ARG A 165 10.80 -3.99 2.66
C ARG A 165 9.77 -3.10 1.97
N PHE A 166 10.03 -1.80 1.98
CA PHE A 166 9.12 -0.82 1.44
C PHE A 166 9.07 -1.06 -0.07
N GLU A 167 10.22 -1.26 -0.69
CA GLU A 167 10.25 -1.48 -2.13
C GLU A 167 9.57 -2.81 -2.52
N ALA A 168 9.77 -3.84 -1.70
CA ALA A 168 9.18 -5.15 -1.99
C ALA A 168 7.67 -5.10 -1.83
N TRP A 169 7.18 -4.27 -0.92
CA TRP A 169 5.75 -4.09 -0.75
C TRP A 169 5.17 -3.35 -1.94
N LEU A 170 5.88 -2.33 -2.41
CA LEU A 170 5.41 -1.60 -3.59
C LEU A 170 5.42 -2.53 -4.82
N LYS A 171 6.51 -3.27 -4.99
CA LYS A 171 6.64 -4.18 -6.12
C LYS A 171 5.54 -5.24 -6.14
N GLU A 172 5.23 -5.78 -4.97
CA GLU A 172 4.18 -6.79 -4.88
C GLU A 172 2.83 -6.19 -5.28
N ASN A 173 2.75 -4.86 -5.20
CA ASN A 173 1.57 -4.13 -5.63
C ASN A 173 1.67 -3.50 -7.02
N GLY A 174 2.66 -3.92 -7.80
CA GLY A 174 2.78 -3.47 -9.17
C GLY A 174 3.35 -2.07 -9.31
N ILE A 175 3.95 -1.58 -8.23
CA ILE A 175 4.49 -0.22 -8.18
C ILE A 175 6.01 -0.28 -8.24
N THR A 176 6.58 0.32 -9.28
CA THR A 176 8.03 0.26 -9.49
C THR A 176 8.76 1.47 -8.95
N GLU A 177 8.02 2.51 -8.56
CA GLU A 177 8.65 3.74 -8.05
C GLU A 177 9.53 3.46 -6.85
N HIS A 178 10.58 4.25 -6.70
CA HIS A 178 11.38 4.26 -5.49
C HIS A 178 10.46 4.62 -4.33
N PRO A 179 10.66 4.02 -3.15
CA PRO A 179 9.84 4.36 -1.99
C PRO A 179 9.77 5.88 -1.71
N ASP A 180 10.85 6.60 -1.90
CA ASP A 180 10.83 8.05 -1.63
C ASP A 180 9.93 8.81 -2.61
N THR A 181 9.92 8.35 -3.86
CA THR A 181 9.07 8.97 -4.86
C THR A 181 7.60 8.73 -4.48
N PHE A 182 7.29 7.49 -4.13
CA PHE A 182 5.95 7.07 -3.76
C PHE A 182 5.46 7.86 -2.55
N ALA A 183 6.33 8.00 -1.55
CA ALA A 183 5.93 8.63 -0.29
C ALA A 183 5.96 10.17 -0.33
N SER A 184 7.01 10.75 -0.92
CA SER A 184 7.24 12.19 -0.76
C SER A 184 6.93 13.02 -1.99
N HIS A 185 6.56 12.37 -3.10
CA HIS A 185 6.32 13.11 -4.34
C HIS A 185 5.03 12.72 -5.05
N PRO A 186 3.91 13.27 -4.57
CA PRO A 186 2.60 12.97 -5.17
C PRO A 186 2.52 13.56 -6.56
N PRO A 187 1.74 12.92 -7.44
CA PRO A 187 1.54 13.51 -8.78
C PRO A 187 0.72 14.80 -8.73
N ARG A 188 -0.15 14.93 -7.73
CA ARG A 188 -0.96 16.14 -7.55
C ARG A 188 -1.28 16.38 -6.06
N SER A 189 -1.12 17.62 -5.61
CA SER A 189 -1.26 17.90 -4.18
C SER A 189 -1.84 19.28 -3.94
N LEU A 190 -2.76 19.38 -2.97
CA LEU A 190 -3.23 20.67 -2.47
C LEU A 190 -2.58 20.88 -1.11
N VAL A 191 -2.04 22.07 -0.89
CA VAL A 191 -1.30 22.32 0.34
C VAL A 191 -2.07 23.28 1.23
N LEU A 192 -2.36 22.84 2.44
CA LEU A 192 -3.25 23.56 3.35
C LEU A 192 -2.53 24.51 4.30
N ILE A 193 -1.39 25.03 3.86
CA ILE A 193 -0.74 26.11 4.58
C ILE A 193 -0.54 27.26 3.60
N PRO A 194 -0.40 28.49 4.11
CA PRO A 194 -0.06 29.57 3.18
C PRO A 194 1.32 29.35 2.58
N LYS A 195 1.51 29.75 1.33
CA LYS A 195 2.80 29.57 0.69
C LYS A 195 3.89 30.41 1.37
N ALA A 196 3.45 31.41 2.13
CA ALA A 196 4.35 32.25 2.92
C ALA A 196 5.11 31.43 3.96
N LEU A 197 4.55 30.28 4.35
CA LEU A 197 5.18 29.43 5.35
C LEU A 197 5.80 28.17 4.73
N GLN A 198 6.04 28.22 3.42
CA GLN A 198 6.69 27.11 2.72
C GLN A 198 8.14 27.46 2.42
N PRO A 199 9.09 26.66 2.92
CA PRO A 199 10.50 26.90 2.59
C PRO A 199 10.73 26.77 1.09
N HIS A 200 11.60 27.61 0.51
CA HIS A 200 11.94 27.51 -0.91
C HIS A 200 10.71 27.53 -1.80
N ALA A 201 9.86 28.52 -1.56
CA ALA A 201 8.54 28.58 -2.20
C ALA A 201 8.57 28.63 -3.74
N ASP A 202 9.48 29.42 -4.29
CA ASP A 202 9.59 29.65 -5.73
C ASP A 202 10.19 28.45 -6.46
N ARG A 203 10.63 27.47 -5.70
CA ARG A 203 11.18 26.25 -6.30
C ARG A 203 10.18 25.11 -6.22
N VAL A 204 9.01 25.38 -5.63
CA VAL A 204 7.96 24.37 -5.54
C VAL A 204 7.15 24.28 -6.84
N ASP A 205 7.08 23.08 -7.40
CA ASP A 205 6.48 22.88 -8.71
C ASP A 205 4.95 23.02 -8.67
N GLU A 206 4.41 24.07 -9.27
CA GLU A 206 2.96 24.31 -9.23
C GLU A 206 2.19 23.40 -10.19
N ASP A 207 2.90 22.74 -11.10
CA ASP A 207 2.27 21.70 -11.91
C ASP A 207 1.70 20.61 -11.01
N VAL A 208 2.37 20.38 -9.89
CA VAL A 208 1.97 19.35 -8.93
C VAL A 208 1.22 19.94 -7.74
N TYR A 209 1.77 21.01 -7.19
CA TYR A 209 1.26 21.57 -5.93
C TYR A 209 0.46 22.84 -6.11
N THR A 210 -0.72 22.89 -5.48
CA THR A 210 -1.47 24.13 -5.38
C THR A 210 -1.62 24.52 -3.92
N PHE A 211 -1.16 25.70 -3.55
CA PHE A 211 -1.37 26.21 -2.21
C PHE A 211 -2.75 26.84 -2.06
N VAL A 212 -3.57 26.24 -1.18
CA VAL A 212 -4.90 26.75 -0.87
C VAL A 212 -4.93 27.46 0.47
N GLY A 213 -3.91 27.21 1.28
CA GLY A 213 -3.83 27.82 2.60
C GLY A 213 -4.86 27.26 3.56
N ALA A 214 -5.16 28.02 4.61
CA ALA A 214 -6.13 27.57 5.61
C ALA A 214 -7.52 27.38 5.04
N CYS A 215 -7.98 26.12 5.07
CA CYS A 215 -9.33 25.73 4.67
C CYS A 215 -10.14 25.56 5.92
N GLN A 216 -10.57 26.66 6.49
CA GLN A 216 -11.22 26.58 7.77
C GLN A 216 -12.58 27.19 7.61
N GLY A 217 -12.91 28.07 8.54
CA GLY A 217 -14.22 28.63 8.60
C GLY A 217 -14.50 29.71 7.58
N ASP A 218 -15.64 29.57 6.92
CA ASP A 218 -16.27 30.71 6.29
C ASP A 218 -17.41 31.14 7.22
N ARG A 219 -17.19 32.19 8.02
CA ARG A 219 -16.00 33.05 7.93
C ARG A 219 -15.71 33.86 9.18
N ALA A 220 -15.14 33.27 10.23
CA ALA A 220 -14.88 31.85 10.36
C ALA A 220 -15.31 31.49 11.78
N GLU A 221 -15.87 30.29 11.97
CA GLU A 221 -16.07 29.81 13.32
C GLU A 221 -14.71 29.88 14.05
N GLU A 222 -14.67 30.47 15.24
CA GLU A 222 -15.83 31.01 15.96
C GLU A 222 -15.36 32.05 16.97
N GLY A 223 -16.00 33.22 16.98
CA GLY A 223 -15.65 34.23 17.96
C GLY A 223 -16.38 35.55 17.91
N GLY A 224 -16.11 36.38 18.91
CA GLY A 224 -16.65 37.72 19.01
C GLY A 224 -15.93 38.43 20.13
N TRP A 225 -15.38 39.61 19.86
CA TRP A 225 -14.61 40.27 20.90
C TRP A 225 -14.57 41.79 20.80
N GLN A 226 -15.22 42.44 21.76
CA GLN A 226 -14.99 43.85 21.95
C GLN A 226 -13.58 43.98 22.49
N ARG A 227 -12.97 45.13 22.25
CA ARG A 227 -11.69 45.44 22.87
C ARG A 227 -11.92 46.70 23.70
N PRO A 228 -11.12 46.93 24.75
CA PRO A 228 -11.35 48.08 25.63
C PRO A 228 -11.43 49.39 24.88
N ALA A 229 -12.58 50.05 24.98
CA ALA A 229 -12.79 51.32 24.33
C ALA A 229 -11.65 52.25 24.72
N GLY A 230 -11.02 52.86 23.72
CA GLY A 230 -9.94 53.79 23.96
C GLY A 230 -8.55 53.19 24.05
N ALA A 231 -8.42 51.86 23.99
CA ALA A 231 -7.10 51.25 23.88
C ALA A 231 -6.54 51.47 22.48
N GLU A 232 -5.28 51.84 22.40
CA GLU A 232 -4.63 52.12 21.12
C GLU A 232 -4.01 50.86 20.53
N LYS A 233 -3.32 50.08 21.36
CA LYS A 233 -2.65 48.86 20.92
C LYS A 233 -3.08 47.64 21.72
N VAL A 234 -3.74 46.69 21.06
CA VAL A 234 -4.10 45.43 21.71
C VAL A 234 -3.05 44.37 21.38
N VAL A 235 -2.52 43.71 22.41
CA VAL A 235 -1.60 42.60 22.18
C VAL A 235 -2.18 41.32 22.76
N LEU A 236 -2.19 40.26 21.94
CA LEU A 236 -2.57 38.93 22.38
C LEU A 236 -1.33 38.08 22.59
N VAL A 237 -1.22 37.43 23.74
CA VAL A 237 -0.12 36.49 24.00
C VAL A 237 -0.68 35.09 24.21
N SER A 238 -0.12 34.10 23.50
CA SER A 238 -0.40 32.68 23.78
C SER A 238 0.51 31.70 23.03
N LEU A 239 1.08 30.76 23.80
CA LEU A 239 2.09 29.82 23.29
C LEU A 239 1.58 28.41 23.00
N GLY A 240 0.47 28.30 22.29
CA GLY A 240 -0.07 27.01 21.91
C GLY A 240 -1.01 26.37 22.91
N SER A 241 -1.86 25.47 22.41
CA SER A 241 -2.87 24.82 23.24
C SER A 241 -2.33 23.54 23.87
N ALA A 242 -1.02 23.47 24.05
CA ALA A 242 -0.44 22.33 24.77
C ALA A 242 0.50 22.78 25.89
N PHE A 243 1.76 22.95 25.56
CA PHE A 243 2.74 23.44 26.51
C PHE A 243 2.30 24.78 27.10
N THR A 244 1.35 24.75 28.03
CA THR A 244 1.08 25.93 28.83
C THR A 244 1.67 25.73 30.20
N LYS A 245 2.96 25.45 30.23
CA LYS A 245 3.72 25.64 31.43
C LYS A 245 4.48 26.90 31.14
N GLN A 246 5.77 26.78 30.88
CA GLN A 246 6.55 27.95 30.52
C GLN A 246 6.23 29.14 31.43
N PRO A 247 6.53 28.99 32.72
CA PRO A 247 5.97 29.83 33.78
C PRO A 247 6.43 31.29 33.80
N ALA A 248 7.72 31.54 33.57
CA ALA A 248 8.29 32.86 33.82
C ALA A 248 8.19 33.80 32.63
N PHE A 249 7.67 33.25 31.54
CA PHE A 249 7.46 34.04 30.32
C PHE A 249 6.21 34.90 30.43
N TYR A 250 5.13 34.33 30.97
CA TYR A 250 3.89 35.10 31.12
C TYR A 250 4.07 36.26 32.09
N ARG A 251 4.99 36.11 33.04
CA ARG A 251 5.35 37.22 33.93
C ARG A 251 6.04 38.34 33.16
N GLU A 252 7.03 37.98 32.35
CA GLU A 252 7.78 39.00 31.62
C GLU A 252 6.87 39.79 30.70
N CYS A 253 5.85 39.12 30.17
CA CYS A 253 4.89 39.80 29.31
C CYS A 253 4.06 40.79 30.09
N VAL A 254 3.61 40.37 31.28
CA VAL A 254 2.83 41.25 32.14
C VAL A 254 3.62 42.52 32.48
N ARG A 255 4.91 42.36 32.74
CA ARG A 255 5.76 43.51 33.04
C ARG A 255 6.01 44.37 31.82
N ALA A 256 6.17 43.73 30.67
CA ALA A 256 6.39 44.44 29.41
C ALA A 256 5.25 45.40 29.06
N PHE A 257 4.02 44.93 29.24
CA PHE A 257 2.86 45.66 28.72
C PHE A 257 2.03 46.37 29.81
N GLY A 258 2.28 46.02 31.06
CA GLY A 258 1.56 46.63 32.18
C GLY A 258 1.80 48.12 32.34
N ASN A 259 0.71 48.88 32.44
CA ASN A 259 0.78 50.34 32.57
C ASN A 259 1.58 51.06 31.47
N LEU A 260 1.77 50.37 30.34
CA LEU A 260 2.35 51.00 29.16
C LEU A 260 1.21 51.71 28.45
N PRO A 261 1.35 53.02 28.25
CA PRO A 261 0.26 53.87 27.76
C PRO A 261 -0.33 53.41 26.44
N GLY A 262 -1.63 53.18 26.43
CA GLY A 262 -2.32 52.89 25.18
C GLY A 262 -2.39 51.42 24.86
N TRP A 263 -1.73 50.59 25.68
CA TRP A 263 -1.65 49.15 25.42
C TRP A 263 -2.58 48.35 26.32
N HIS A 264 -3.20 47.32 25.74
CA HIS A 264 -4.01 46.39 26.49
C HIS A 264 -3.57 44.98 26.14
N LEU A 265 -3.27 44.20 27.17
CA LEU A 265 -2.71 42.86 27.02
C LEU A 265 -3.76 41.78 27.29
N VAL A 266 -4.05 40.98 26.28
CA VAL A 266 -4.85 39.78 26.46
C VAL A 266 -3.89 38.62 26.60
N LEU A 267 -3.80 38.07 27.81
CA LEU A 267 -2.89 36.99 28.09
C LEU A 267 -3.71 35.75 28.27
N GLN A 268 -3.37 34.69 27.56
CA GLN A 268 -4.08 33.48 27.84
C GLN A 268 -3.18 32.30 28.17
N ILE A 269 -3.64 31.49 29.11
CA ILE A 269 -2.76 30.58 29.84
C ILE A 269 -3.20 29.12 29.78
N GLY A 270 -4.16 28.82 28.91
CA GLY A 270 -4.68 27.48 28.66
C GLY A 270 -4.39 26.33 29.62
N ARG A 271 -5.20 26.23 30.68
CA ARG A 271 -5.03 25.32 31.83
C ARG A 271 -5.76 25.97 33.00
N LYS A 272 -6.62 25.20 33.68
CA LYS A 272 -7.81 25.77 34.37
C LYS A 272 -7.87 27.30 34.69
N VAL A 273 -7.48 27.87 35.85
CA VAL A 273 -6.79 27.34 37.03
C VAL A 273 -5.42 26.67 36.74
N THR A 274 -4.34 27.27 37.25
CA THR A 274 -4.38 28.47 38.08
C THR A 274 -3.60 29.65 37.47
N PRO A 275 -4.26 30.81 37.32
CA PRO A 275 -3.57 32.06 37.02
C PRO A 275 -2.81 32.63 38.22
N ALA A 276 -3.29 32.35 39.43
CA ALA A 276 -2.83 33.02 40.65
C ALA A 276 -1.31 33.01 40.87
N GLU A 277 -0.67 31.90 40.52
CA GLU A 277 0.78 31.82 40.53
C GLU A 277 1.37 33.10 39.94
N LEU A 278 0.94 33.44 38.72
CA LEU A 278 1.42 34.59 37.95
C LEU A 278 1.24 36.01 38.52
N GLY A 279 1.00 36.13 39.83
CA GLY A 279 0.85 37.44 40.46
C GLY A 279 -0.40 38.19 40.01
N GLU A 280 -0.68 39.33 40.64
CA GLU A 280 -1.99 40.00 40.50
C GLU A 280 -2.08 41.10 39.45
N LEU A 281 -2.72 40.77 38.33
CA LEU A 281 -2.64 41.57 37.10
C LEU A 281 -2.81 43.08 37.27
N PRO A 282 -2.03 43.86 36.52
CA PRO A 282 -2.30 45.29 36.34
C PRO A 282 -3.67 45.44 35.67
N ASP A 283 -4.16 46.67 35.55
CA ASP A 283 -5.55 46.86 35.13
C ASP A 283 -5.75 46.87 33.61
N ASN A 284 -4.65 47.00 32.86
CA ASN A 284 -4.71 46.92 31.41
C ASN A 284 -4.36 45.52 30.91
N VAL A 285 -4.59 44.52 31.75
CA VAL A 285 -4.27 43.13 31.45
C VAL A 285 -5.54 42.26 31.52
N GLU A 286 -5.51 41.11 30.86
CA GLU A 286 -6.67 40.28 30.69
C GLU A 286 -6.11 38.86 30.62
N VAL A 287 -6.33 38.06 31.67
CA VAL A 287 -5.77 36.70 31.79
C VAL A 287 -6.85 35.62 31.65
N HIS A 288 -6.57 34.61 30.81
CA HIS A 288 -7.53 33.54 30.54
C HIS A 288 -6.87 32.20 30.25
N ASP A 289 -7.65 31.12 30.33
CA ASP A 289 -7.23 29.82 29.83
C ASP A 289 -7.72 29.57 28.40
N TRP A 290 -8.60 30.44 27.89
CA TRP A 290 -9.04 30.37 26.50
C TRP A 290 -9.63 31.69 26.06
N VAL A 291 -9.54 31.98 24.76
CA VAL A 291 -10.11 33.17 24.17
C VAL A 291 -10.60 32.89 22.75
N PRO A 292 -11.54 33.70 22.26
CA PRO A 292 -11.84 33.47 20.83
C PRO A 292 -10.71 34.12 20.00
N GLN A 293 -9.67 33.33 19.71
CA GLN A 293 -8.38 33.87 19.24
C GLN A 293 -8.43 34.58 17.91
N LEU A 294 -9.05 33.94 16.92
CA LEU A 294 -9.15 34.54 15.60
C LEU A 294 -10.00 35.80 15.75
N ALA A 295 -10.99 35.75 16.63
CA ALA A 295 -11.81 36.92 16.91
C ALA A 295 -10.96 38.05 17.49
N ILE A 296 -10.12 37.70 18.46
CA ILE A 296 -9.20 38.67 19.06
C ILE A 296 -8.14 39.15 18.06
N LEU A 297 -7.61 38.25 17.26
CA LEU A 297 -6.59 38.64 16.28
C LEU A 297 -7.12 39.63 15.25
N ARG A 298 -8.38 39.50 14.85
CA ARG A 298 -8.95 40.48 13.93
C ARG A 298 -9.05 41.85 14.61
N GLN A 299 -8.93 41.85 15.94
CA GLN A 299 -9.04 43.06 16.77
C GLN A 299 -7.72 43.43 17.45
N ALA A 300 -6.63 42.77 17.05
CA ALA A 300 -5.35 42.95 17.71
C ALA A 300 -4.32 43.65 16.83
N ASP A 301 -3.34 44.28 17.47
CA ASP A 301 -2.30 45.00 16.75
C ASP A 301 -0.95 44.31 16.87
N LEU A 302 -0.87 43.35 17.78
CA LEU A 302 0.35 42.59 17.96
C LEU A 302 0.01 41.21 18.48
N PHE A 303 0.73 40.20 18.02
CA PHE A 303 0.47 38.83 18.45
C PHE A 303 1.78 38.20 18.93
N VAL A 304 1.86 37.88 20.21
CA VAL A 304 3.03 37.16 20.72
C VAL A 304 2.67 35.68 20.64
N THR A 305 3.36 34.97 19.75
CA THR A 305 2.98 33.60 19.37
C THR A 305 4.16 32.67 19.53
N HIS A 306 3.88 31.38 19.76
CA HIS A 306 4.93 30.39 19.76
C HIS A 306 5.28 29.99 18.31
N ALA A 307 4.42 30.36 17.36
CA ALA A 307 4.62 30.11 15.93
C ALA A 307 4.40 28.65 15.53
N GLY A 308 3.41 28.00 16.15
CA GLY A 308 2.88 26.78 15.61
C GLY A 308 2.16 27.09 14.30
N ALA A 309 1.77 26.06 13.56
CA ALA A 309 1.13 26.26 12.26
C ALA A 309 -0.11 27.16 12.29
N GLY A 310 -1.00 26.90 13.25
CA GLY A 310 -2.27 27.60 13.31
C GLY A 310 -2.08 29.09 13.59
N GLY A 311 -1.44 29.41 14.71
CA GLY A 311 -1.20 30.79 15.08
C GLY A 311 -0.45 31.54 14.01
N SER A 312 0.48 30.86 13.35
CA SER A 312 1.26 31.50 12.29
C SER A 312 0.36 31.94 11.12
N GLN A 313 -0.48 31.05 10.59
CA GLN A 313 -1.33 31.51 9.48
C GLN A 313 -2.41 32.47 9.97
N GLU A 314 -2.85 32.33 11.22
CA GLU A 314 -3.86 33.23 11.76
C GLU A 314 -3.33 34.66 11.90
N GLY A 315 -2.09 34.79 12.36
CA GLY A 315 -1.44 36.09 12.40
C GLY A 315 -1.33 36.70 11.01
N LEU A 316 -0.88 35.91 10.04
CA LEU A 316 -0.77 36.41 8.68
C LEU A 316 -2.15 36.73 8.09
N ALA A 317 -3.13 35.86 8.34
CA ALA A 317 -4.48 36.04 7.80
C ALA A 317 -5.13 37.32 8.28
N THR A 318 -4.76 37.74 9.49
CA THR A 318 -5.32 38.92 10.11
C THR A 318 -4.38 40.12 10.03
N ALA A 319 -3.27 39.95 9.30
CA ALA A 319 -2.27 41.01 9.13
C ALA A 319 -1.81 41.58 10.47
N THR A 320 -1.48 40.68 11.40
CA THR A 320 -1.07 41.10 12.74
C THR A 320 0.41 40.82 12.91
N PRO A 321 1.22 41.87 13.17
CA PRO A 321 2.66 41.68 13.36
C PRO A 321 2.88 40.75 14.54
N MET A 322 3.96 39.98 14.49
CA MET A 322 4.15 38.95 15.51
C MET A 322 5.51 39.01 16.20
N ILE A 323 5.51 38.66 17.48
CA ILE A 323 6.74 38.29 18.17
C ILE A 323 6.65 36.79 18.33
N ALA A 324 7.55 36.07 17.66
CA ALA A 324 7.51 34.62 17.66
C ALA A 324 8.47 34.08 18.72
N VAL A 325 7.92 33.34 19.68
CA VAL A 325 8.70 32.75 20.75
C VAL A 325 8.50 31.24 20.72
N PRO A 326 9.20 30.57 19.80
CA PRO A 326 8.95 29.13 19.58
C PRO A 326 9.36 28.22 20.73
N GLN A 327 8.61 27.13 20.89
CA GLN A 327 8.83 26.21 21.99
C GLN A 327 9.46 24.88 21.56
N ALA A 328 9.72 24.73 20.26
CA ALA A 328 10.24 23.49 19.70
C ALA A 328 10.89 23.68 18.31
N VAL A 329 10.82 22.69 17.42
CA VAL A 329 11.57 22.75 16.16
C VAL A 329 10.83 23.21 14.89
N ASP A 330 9.69 22.59 14.62
CA ASP A 330 8.82 22.97 13.50
C ASP A 330 8.41 24.43 13.63
N GLN A 331 8.24 24.85 14.88
CA GLN A 331 7.96 26.22 15.20
C GLN A 331 9.17 27.08 14.85
N PHE A 332 10.37 26.60 15.16
CA PHE A 332 11.60 27.34 14.84
C PHE A 332 11.57 27.66 13.35
N GLY A 333 11.13 26.69 12.55
CA GLY A 333 10.94 26.90 11.12
C GLY A 333 9.96 28.01 10.81
N ASN A 334 8.74 27.91 11.34
CA ASN A 334 7.75 28.97 11.14
C ASN A 334 8.25 30.29 11.68
N ALA A 335 8.92 30.26 12.83
CA ALA A 335 9.46 31.49 13.39
C ALA A 335 10.51 32.12 12.48
N ASP A 336 11.40 31.29 11.94
CA ASP A 336 12.43 31.78 11.02
C ASP A 336 11.79 32.43 9.79
N MET A 337 10.74 31.80 9.27
CA MET A 337 10.11 32.31 8.05
C MET A 337 9.28 33.57 8.29
N LEU A 338 8.62 33.64 9.44
CA LEU A 338 7.82 34.82 9.77
C LEU A 338 8.71 36.06 9.82
N GLN A 339 9.85 35.93 10.48
CA GLN A 339 10.79 37.03 10.50
C GLN A 339 11.27 37.32 9.08
N GLY A 340 11.48 36.25 8.31
CA GLY A 340 11.99 36.39 6.95
C GLY A 340 11.04 37.10 6.01
N LEU A 341 9.77 37.12 6.38
CA LEU A 341 8.75 37.85 5.64
C LEU A 341 8.77 39.33 6.00
N GLY A 342 9.54 39.67 7.04
CA GLY A 342 9.65 41.04 7.50
C GLY A 342 8.45 41.49 8.31
N VAL A 343 7.74 40.54 8.91
CA VAL A 343 6.52 40.89 9.63
C VAL A 343 6.54 40.38 11.07
N ALA A 344 7.72 39.99 11.54
CA ALA A 344 7.84 39.44 12.87
C ALA A 344 9.29 39.50 13.34
N ARG A 345 9.48 39.34 14.65
CA ARG A 345 10.80 39.14 15.22
C ARG A 345 10.71 37.87 16.04
N LYS A 346 11.71 36.99 15.92
CA LYS A 346 11.66 35.75 16.68
C LYS A 346 12.67 35.75 17.86
N LEU A 347 12.13 35.60 19.07
CA LEU A 347 12.94 35.55 20.28
C LEU A 347 12.93 34.13 20.84
N ALA A 348 14.02 33.72 21.47
CA ALA A 348 14.00 32.46 22.20
C ALA A 348 13.33 32.70 23.55
N THR A 349 12.93 31.64 24.24
CA THR A 349 12.36 31.79 25.57
C THR A 349 13.48 32.08 26.56
N GLU A 350 13.14 32.44 27.79
CA GLU A 350 14.15 32.67 28.81
N GLU A 351 15.64 34.84 26.60
CA GLU A 351 15.99 36.25 26.46
C GLU A 351 14.71 37.05 26.24
N ALA A 352 13.58 36.38 26.43
CA ALA A 352 12.27 37.03 26.30
C ALA A 352 11.89 37.77 27.57
N THR A 353 12.80 38.63 28.03
CA THR A 353 12.59 39.50 29.19
C THR A 353 11.59 40.60 28.86
N ALA A 354 10.99 41.16 29.89
CA ALA A 354 10.03 42.26 29.76
C ALA A 354 10.52 43.46 28.93
N ASP A 355 11.78 43.84 29.10
CA ASP A 355 12.30 45.02 28.41
C ASP A 355 12.46 44.82 26.90
N LEU A 356 12.96 43.67 26.48
CA LEU A 356 13.13 43.40 25.06
C LEU A 356 11.78 43.22 24.38
N LEU A 357 10.86 42.55 25.07
CA LEU A 357 9.52 42.34 24.54
C LEU A 357 8.86 43.67 24.23
N ARG A 358 8.99 44.60 25.17
CA ARG A 358 8.34 45.89 25.00
C ARG A 358 8.96 46.67 23.85
N GLU A 359 10.28 46.69 23.78
CA GLU A 359 10.94 47.39 22.70
C GLU A 359 10.59 46.77 21.35
N THR A 360 10.56 45.46 21.31
CA THR A 360 10.25 44.75 20.08
C THR A 360 8.81 45.07 19.63
N ALA A 361 7.91 45.07 20.60
CA ALA A 361 6.50 45.39 20.38
C ALA A 361 6.33 46.77 19.76
N LEU A 362 6.98 47.76 20.35
CA LEU A 362 6.90 49.14 19.87
C LEU A 362 7.41 49.20 18.45
N ALA A 363 8.54 48.53 18.20
CA ALA A 363 9.18 48.56 16.89
C ALA A 363 8.36 47.92 15.78
N LEU A 364 7.40 47.08 16.16
CA LEU A 364 6.57 46.38 15.16
C LEU A 364 5.23 47.06 14.89
N VAL A 365 4.55 47.55 15.93
CA VAL A 365 3.17 47.99 15.76
C VAL A 365 3.04 49.19 14.85
N ASP A 366 4.02 50.09 14.86
CA ASP A 366 4.00 51.26 13.99
C ASP A 366 4.43 50.87 12.58
N ASP A 367 5.59 50.23 12.50
CA ASP A 367 6.39 50.06 11.27
C ASP A 367 5.57 49.87 10.00
N PRO A 368 5.58 50.89 9.11
CA PRO A 368 4.78 50.83 7.89
C PRO A 368 5.32 49.78 6.94
N GLU A 369 6.60 49.46 7.06
CA GLU A 369 7.19 48.44 6.22
C GLU A 369 6.55 47.09 6.56
N VAL A 370 6.42 46.83 7.85
CA VAL A 370 5.75 45.61 8.33
C VAL A 370 4.28 45.56 7.90
N ALA A 371 3.56 46.65 8.10
CA ALA A 371 2.14 46.68 7.75
C ALA A 371 1.94 46.49 6.24
N ARG A 372 2.85 47.08 5.46
CA ARG A 372 2.87 46.92 4.00
C ARG A 372 2.91 45.45 3.62
N ARG A 373 3.83 44.72 4.23
CA ARG A 373 4.04 43.33 3.84
C ARG A 373 2.89 42.44 4.30
N LEU A 374 2.25 42.81 5.40
CA LEU A 374 1.16 42.00 5.91
C LEU A 374 -0.02 42.04 4.96
N ARG A 375 -0.33 43.22 4.42
CA ARG A 375 -1.44 43.34 3.45
C ARG A 375 -1.14 42.55 2.20
N ARG A 376 0.08 42.62 1.68
CA ARG A 376 0.43 41.86 0.48
C ARG A 376 0.31 40.34 0.71
N ILE A 377 0.92 39.84 1.79
CA ILE A 377 0.73 38.45 2.15
C ILE A 377 -0.76 38.16 2.35
N GLN A 378 -1.47 39.10 2.95
CA GLN A 378 -2.91 38.99 3.10
C GLN A 378 -3.61 38.85 1.74
N ALA A 379 -3.19 39.65 0.78
CA ALA A 379 -3.77 39.62 -0.56
C ALA A 379 -3.34 38.34 -1.25
N GLU A 380 -2.14 37.86 -0.93
CA GLU A 380 -1.65 36.64 -1.55
C GLU A 380 -2.40 35.44 -0.99
N MET A 381 -2.73 35.47 0.29
CA MET A 381 -3.54 34.40 0.87
C MET A 381 -4.94 34.41 0.26
N ALA A 382 -5.41 35.58 -0.13
CA ALA A 382 -6.67 35.67 -0.86
C ALA A 382 -6.58 34.90 -2.16
N GLN A 383 -5.44 35.00 -2.85
CA GLN A 383 -5.30 34.32 -4.14
C GLN A 383 -5.13 32.81 -3.98
N GLU A 384 -4.92 32.34 -2.75
CA GLU A 384 -4.83 30.91 -2.49
C GLU A 384 -6.22 30.24 -2.40
N GLY A 385 -7.13 30.82 -1.62
CA GLY A 385 -8.53 30.43 -1.70
C GLY A 385 -9.24 29.73 -0.54
N GLY A 386 -8.55 28.87 0.19
CA GLY A 386 -9.15 28.19 1.34
C GLY A 386 -10.25 27.19 1.02
N THR A 387 -11.11 26.95 2.02
CA THR A 387 -12.07 25.85 2.02
C THR A 387 -12.80 25.58 0.71
N ARG A 388 -13.50 26.60 0.21
CA ARG A 388 -14.33 26.39 -0.97
C ARG A 388 -13.54 26.53 -2.28
N ARG A 389 -12.29 26.98 -2.20
CA ARG A 389 -11.39 26.81 -3.34
C ARG A 389 -10.81 25.39 -3.38
N ALA A 390 -10.50 24.84 -2.20
CA ALA A 390 -10.03 23.45 -2.13
C ALA A 390 -11.07 22.52 -2.70
N ALA A 391 -12.33 22.74 -2.36
CA ALA A 391 -13.40 21.98 -2.98
C ALA A 391 -13.42 22.22 -4.48
N ASP A 392 -13.29 23.49 -4.86
CA ASP A 392 -13.24 23.89 -6.27
C ASP A 392 -12.20 23.09 -7.03
N LEU A 393 -11.03 22.90 -6.41
CA LEU A 393 -9.92 22.29 -7.11
C LEU A 393 -10.04 20.77 -7.13
N ILE A 394 -10.71 20.22 -6.13
CA ILE A 394 -10.97 18.79 -6.08
C ILE A 394 -11.98 18.41 -7.18
N GLU A 395 -12.74 19.41 -7.63
CA GLU A 395 -13.72 19.20 -8.70
C GLU A 395 -13.09 18.92 -10.05
N ALA A 396 -12.10 19.73 -10.44
CA ALA A 396 -11.46 19.54 -11.74
C ALA A 396 -10.76 18.18 -11.83
N GLU A 397 -10.37 17.65 -10.67
CA GLU A 397 -9.69 16.36 -10.60
C GLU A 397 -10.64 15.18 -10.81
N LEU A 398 -11.93 15.46 -10.92
CA LEU A 398 -12.87 14.39 -11.24
C LEU A 398 -12.73 13.97 -12.71
N PRO A 399 -12.80 12.65 -12.97
CA PRO A 399 -12.58 12.00 -14.27
C PRO A 399 -13.71 12.15 -15.30
N ALA A 400 -13.67 11.26 -16.30
CA ALA A 400 -14.73 11.11 -17.29
C ALA A 400 -14.90 9.64 -17.69
N THR B 6 15.38 -53.59 -1.33
CA THR B 6 14.44 -52.75 -2.07
C THR B 6 14.84 -51.27 -2.06
N PRO B 7 14.66 -50.59 -3.20
CA PRO B 7 14.88 -49.15 -3.46
C PRO B 7 13.69 -48.23 -3.09
N ALA B 8 14.02 -47.09 -2.50
CA ALA B 8 13.11 -46.16 -1.80
C ALA B 8 11.61 -46.15 -2.09
N HIS B 9 10.84 -46.12 -1.00
CA HIS B 9 9.40 -45.95 -1.02
C HIS B 9 9.11 -44.47 -0.75
N ILE B 10 8.46 -43.79 -1.69
CA ILE B 10 8.19 -42.38 -1.50
C ILE B 10 6.68 -42.18 -1.50
N ALA B 11 6.15 -41.66 -0.40
CA ALA B 11 4.70 -41.47 -0.31
C ALA B 11 4.33 -40.00 -0.50
N MET B 12 3.59 -39.75 -1.57
CA MET B 12 3.07 -38.44 -1.89
C MET B 12 1.64 -38.33 -1.38
N PHE B 13 1.27 -37.15 -0.89
CA PHE B 13 -0.07 -36.88 -0.40
C PHE B 13 -0.68 -35.61 -0.99
N SER B 14 -1.91 -35.72 -1.46
CA SER B 14 -2.66 -34.52 -1.86
C SER B 14 -4.16 -34.71 -1.72
N ILE B 15 -4.90 -33.73 -2.24
CA ILE B 15 -6.36 -33.72 -2.23
C ILE B 15 -6.80 -33.74 -3.69
N ALA B 16 -8.06 -34.05 -3.94
CA ALA B 16 -8.54 -34.07 -5.32
C ALA B 16 -8.94 -32.68 -5.77
N ALA B 17 -7.93 -31.84 -6.02
CA ALA B 17 -8.14 -30.48 -6.47
C ALA B 17 -7.14 -30.10 -7.56
N HIS B 18 -7.66 -29.74 -8.73
CA HIS B 18 -6.83 -29.42 -9.89
C HIS B 18 -5.56 -28.64 -9.60
N GLY B 19 -5.73 -27.43 -9.07
CA GLY B 19 -4.62 -26.50 -8.89
C GLY B 19 -3.59 -26.95 -7.88
N HIS B 20 -3.86 -28.07 -7.22
CA HIS B 20 -2.91 -28.68 -6.30
C HIS B 20 -2.45 -30.01 -6.88
N VAL B 21 -2.69 -30.16 -8.18
CA VAL B 21 -2.25 -31.34 -8.94
C VAL B 21 -1.51 -30.92 -10.22
N ASN B 22 -2.12 -30.03 -10.99
CA ASN B 22 -1.51 -29.52 -12.25
C ASN B 22 -0.02 -29.16 -12.17
N PRO B 23 0.42 -28.55 -11.06
CA PRO B 23 1.85 -28.23 -10.92
C PRO B 23 2.83 -29.37 -10.60
N SER B 24 2.46 -30.44 -9.90
CA SER B 24 3.49 -31.41 -9.45
C SER B 24 3.43 -32.81 -10.06
N LEU B 25 2.49 -33.03 -10.96
CA LEU B 25 2.23 -34.38 -11.47
C LEU B 25 3.44 -34.96 -12.21
N GLU B 26 4.18 -34.11 -12.90
CA GLU B 26 5.31 -34.61 -13.68
C GLU B 26 6.54 -34.93 -12.83
N VAL B 27 6.64 -34.30 -11.66
CA VAL B 27 7.66 -34.65 -10.69
C VAL B 27 7.40 -36.09 -10.21
N ILE B 28 6.13 -36.39 -9.96
CA ILE B 28 5.75 -37.74 -9.58
C ILE B 28 6.05 -38.72 -10.72
N ARG B 29 5.69 -38.35 -11.95
CA ARG B 29 5.96 -39.22 -13.10
C ARG B 29 7.47 -39.38 -13.34
N GLU B 30 8.22 -38.29 -13.15
CA GLU B 30 9.68 -38.38 -13.24
C GLU B 30 10.22 -39.32 -12.16
N LEU B 31 9.66 -39.26 -10.96
CA LEU B 31 10.12 -40.14 -9.88
C LEU B 31 9.85 -41.61 -10.16
N VAL B 32 8.67 -41.91 -10.69
CA VAL B 32 8.33 -43.28 -11.08
C VAL B 32 9.23 -43.75 -12.23
N ALA B 33 9.40 -42.89 -13.24
CA ALA B 33 10.25 -43.23 -14.38
C ALA B 33 11.71 -43.47 -13.98
N ARG B 34 12.11 -42.92 -12.83
CA ARG B 34 13.45 -43.16 -12.28
C ARG B 34 13.55 -44.41 -11.41
N GLY B 35 12.43 -45.10 -11.22
CA GLY B 35 12.43 -46.42 -10.58
C GLY B 35 12.05 -46.53 -9.11
N HIS B 36 11.67 -45.43 -8.48
CA HIS B 36 11.29 -45.46 -7.07
C HIS B 36 9.94 -46.13 -6.87
N ARG B 37 9.70 -46.67 -5.68
CA ARG B 37 8.39 -47.22 -5.37
C ARG B 37 7.58 -46.09 -4.74
N VAL B 38 6.67 -45.52 -5.53
CA VAL B 38 5.95 -44.34 -5.13
C VAL B 38 4.47 -44.66 -4.96
N THR B 39 3.90 -44.18 -3.85
CA THR B 39 2.45 -44.24 -3.66
C THR B 39 1.90 -42.82 -3.61
N TYR B 40 0.61 -42.65 -3.87
CA TYR B 40 0.01 -41.33 -3.90
C TYR B 40 -1.36 -41.40 -3.25
N ALA B 41 -1.42 -40.95 -2.00
CA ALA B 41 -2.68 -40.91 -1.26
C ALA B 41 -3.57 -39.83 -1.85
N ILE B 42 -4.79 -40.20 -2.25
CA ILE B 42 -5.64 -39.31 -3.03
C ILE B 42 -7.13 -39.70 -2.89
N PRO B 43 -8.05 -38.72 -2.97
CA PRO B 43 -9.48 -39.09 -2.96
C PRO B 43 -9.98 -39.59 -4.31
N PRO B 44 -10.67 -40.75 -4.33
CA PRO B 44 -11.00 -41.53 -5.53
C PRO B 44 -11.47 -40.72 -6.74
N VAL B 45 -11.98 -39.52 -6.49
CA VAL B 45 -12.31 -38.62 -7.61
C VAL B 45 -11.09 -38.49 -8.55
N PHE B 46 -9.89 -38.38 -7.97
CA PHE B 46 -8.67 -38.18 -8.75
C PHE B 46 -7.80 -39.44 -8.86
N ALA B 47 -8.38 -40.60 -8.59
CA ALA B 47 -7.62 -41.86 -8.63
C ALA B 47 -6.94 -42.06 -9.98
N ASP B 48 -7.71 -41.94 -11.07
CA ASP B 48 -7.16 -42.17 -12.41
C ASP B 48 -6.20 -41.07 -12.83
N LYS B 49 -6.39 -39.89 -12.27
CA LYS B 49 -5.61 -38.70 -12.63
C LYS B 49 -4.15 -38.87 -12.26
N VAL B 50 -3.91 -39.47 -11.10
CA VAL B 50 -2.57 -39.74 -10.63
C VAL B 50 -2.05 -41.05 -11.21
N ALA B 51 -2.94 -42.02 -11.39
CA ALA B 51 -2.56 -43.34 -11.89
C ALA B 51 -1.93 -43.22 -13.27
N ALA B 52 -2.32 -42.18 -13.98
CA ALA B 52 -1.74 -41.88 -15.28
C ALA B 52 -0.23 -41.66 -15.16
N THR B 53 0.23 -41.25 -13.98
CA THR B 53 1.65 -40.99 -13.76
C THR B 53 2.49 -42.25 -13.63
N GLY B 54 1.89 -43.32 -13.13
CA GLY B 54 2.59 -44.56 -12.84
C GLY B 54 2.64 -44.91 -11.36
N ALA B 55 2.44 -43.91 -10.50
CA ALA B 55 2.37 -44.13 -9.07
C ALA B 55 1.08 -44.89 -8.76
N ARG B 56 1.07 -45.62 -7.64
CA ARG B 56 -0.12 -46.35 -7.24
C ARG B 56 -0.92 -45.54 -6.25
N PRO B 57 -2.16 -45.19 -6.60
CA PRO B 57 -2.96 -44.42 -5.64
C PRO B 57 -3.33 -45.20 -4.40
N VAL B 58 -3.41 -44.49 -3.27
CA VAL B 58 -4.00 -45.04 -2.07
C VAL B 58 -5.18 -44.13 -1.72
N LEU B 59 -6.34 -44.74 -1.60
CA LEU B 59 -7.59 -43.99 -1.58
C LEU B 59 -7.98 -43.57 -0.18
N TYR B 60 -8.38 -42.32 -0.04
CA TYR B 60 -9.05 -41.89 1.19
C TYR B 60 -10.26 -41.04 0.86
N HIS B 61 -11.20 -40.97 1.79
CA HIS B 61 -12.40 -40.14 1.65
C HIS B 61 -12.12 -38.67 1.99
N SER B 62 -12.60 -37.76 1.14
CA SER B 62 -12.40 -36.33 1.36
C SER B 62 -13.71 -35.53 1.39
N THR B 63 -13.80 -34.60 2.35
CA THR B 63 -15.02 -33.84 2.59
C THR B 63 -14.97 -32.42 2.01
N LEU B 64 -14.02 -32.16 1.11
CA LEU B 64 -13.79 -30.79 0.67
C LEU B 64 -14.94 -30.21 -0.15
N PRO B 65 -14.63 -29.24 -1.03
CA PRO B 65 -15.49 -29.14 -2.22
C PRO B 65 -14.93 -29.97 -3.38
N GLY B 66 -15.81 -30.40 -4.27
CA GLY B 66 -15.42 -31.21 -5.41
C GLY B 66 -14.58 -30.48 -6.45
N PRO B 67 -13.72 -31.22 -7.16
CA PRO B 67 -12.77 -30.68 -8.17
C PRO B 67 -13.30 -29.58 -9.08
N ASP B 68 -14.56 -29.70 -9.49
CA ASP B 68 -15.16 -28.74 -10.41
C ASP B 68 -16.20 -27.82 -9.74
N ALA B 69 -15.90 -27.33 -8.54
CA ALA B 69 -16.73 -26.29 -7.91
C ALA B 69 -16.34 -24.88 -8.40
N ASP B 70 -17.24 -23.90 -8.27
CA ASP B 70 -16.98 -22.52 -8.77
C ASP B 70 -16.55 -21.54 -7.65
N PRO B 71 -16.11 -20.31 -8.03
CA PRO B 71 -15.58 -19.35 -7.04
C PRO B 71 -16.56 -18.58 -6.14
N GLU B 72 -17.85 -18.70 -6.41
CA GLU B 72 -18.86 -18.19 -5.47
C GLU B 72 -19.22 -19.31 -4.50
N ALA B 73 -18.60 -20.47 -4.71
CA ALA B 73 -19.02 -21.65 -3.97
C ALA B 73 -18.16 -21.97 -2.74
N TRP B 74 -16.87 -21.67 -2.80
CA TRP B 74 -15.91 -22.11 -1.77
C TRP B 74 -15.90 -21.21 -0.51
N GLY B 75 -15.19 -20.08 -0.58
CA GLY B 75 -15.21 -19.15 0.53
C GLY B 75 -14.55 -17.81 0.25
N SER B 76 -14.71 -16.89 1.18
CA SER B 76 -14.09 -15.57 1.17
C SER B 76 -13.93 -15.18 2.63
N THR B 77 -14.89 -15.61 3.44
CA THR B 77 -14.73 -15.64 4.88
C THR B 77 -13.42 -16.40 5.12
N LEU B 78 -12.43 -15.75 5.74
CA LEU B 78 -11.11 -16.35 5.95
C LEU B 78 -11.26 -17.74 6.56
N LEU B 79 -12.15 -17.84 7.54
CA LEU B 79 -12.44 -19.12 8.15
C LEU B 79 -13.10 -20.07 7.18
N ASP B 80 -13.96 -19.55 6.29
CA ASP B 80 -14.59 -20.40 5.29
C ASP B 80 -13.52 -20.92 4.34
N ASN B 81 -12.53 -20.08 4.09
CA ASN B 81 -11.41 -20.42 3.22
C ASN B 81 -10.48 -21.44 3.87
N VAL B 82 -10.25 -21.29 5.18
CA VAL B 82 -9.25 -22.12 5.84
C VAL B 82 -9.76 -23.32 6.64
N GLU B 83 -10.84 -23.16 7.41
CA GLU B 83 -11.38 -24.24 8.23
C GLU B 83 -11.57 -25.61 7.54
N PRO B 84 -12.09 -25.62 6.30
CA PRO B 84 -12.31 -26.92 5.65
C PRO B 84 -11.07 -27.85 5.64
N PHE B 85 -9.88 -27.29 5.49
CA PHE B 85 -8.70 -28.12 5.41
C PHE B 85 -8.40 -28.90 6.70
N LEU B 86 -8.64 -28.28 7.86
CA LEU B 86 -8.38 -28.98 9.13
C LEU B 86 -9.38 -30.09 9.33
N ASN B 87 -10.63 -29.76 9.05
CA ASN B 87 -11.71 -30.67 9.37
C ASN B 87 -11.60 -31.93 8.51
N ASP B 88 -11.15 -31.77 7.26
CA ASP B 88 -10.86 -32.93 6.41
C ASP B 88 -9.65 -33.69 6.93
N ALA B 89 -8.63 -32.94 7.39
CA ALA B 89 -7.43 -33.57 7.92
C ALA B 89 -7.75 -34.49 9.10
N ILE B 90 -8.52 -33.99 10.06
CA ILE B 90 -8.84 -34.79 11.24
C ILE B 90 -9.48 -36.15 10.90
N GLN B 91 -10.34 -36.19 9.89
CA GLN B 91 -11.01 -37.43 9.52
C GLN B 91 -10.24 -38.27 8.50
N ALA B 92 -9.31 -37.65 7.78
CA ALA B 92 -8.54 -38.37 6.75
C ALA B 92 -7.37 -39.10 7.38
N LEU B 93 -6.75 -38.44 8.34
CA LEU B 93 -5.55 -38.97 8.97
C LEU B 93 -5.64 -40.44 9.48
N PRO B 94 -6.67 -40.77 10.26
CA PRO B 94 -6.81 -42.19 10.63
C PRO B 94 -6.87 -43.16 9.44
N GLN B 95 -7.53 -42.78 8.35
CA GLN B 95 -7.58 -43.65 7.16
C GLN B 95 -6.17 -43.93 6.62
N LEU B 96 -5.39 -42.87 6.47
CA LEU B 96 -4.08 -42.95 5.85
C LEU B 96 -3.10 -43.66 6.77
N ALA B 97 -3.24 -43.43 8.07
CA ALA B 97 -2.49 -44.18 9.06
C ALA B 97 -2.79 -45.67 8.88
N ASP B 98 -4.06 -46.02 8.91
CA ASP B 98 -4.42 -47.44 8.76
C ASP B 98 -4.06 -47.99 7.36
N ALA B 99 -3.94 -47.13 6.35
CA ALA B 99 -3.50 -47.62 5.04
C ALA B 99 -2.02 -47.96 5.00
N TYR B 100 -1.18 -47.11 5.57
CA TYR B 100 0.27 -47.26 5.45
C TYR B 100 0.95 -48.04 6.58
N ALA B 101 0.18 -48.47 7.58
CA ALA B 101 0.77 -49.10 8.77
C ALA B 101 1.75 -50.26 8.52
N ASP B 102 1.51 -51.05 7.46
CA ASP B 102 2.30 -52.26 7.19
C ASP B 102 3.47 -52.01 6.24
N ASP B 103 3.59 -50.78 5.75
CA ASP B 103 4.51 -50.45 4.66
C ASP B 103 4.88 -48.98 4.77
N ILE B 104 5.60 -48.64 5.83
CA ILE B 104 5.95 -47.26 6.11
C ILE B 104 7.03 -46.77 5.16
N PRO B 105 6.71 -45.72 4.38
CA PRO B 105 7.67 -45.18 3.41
C PRO B 105 8.88 -44.56 4.07
N ASP B 106 9.86 -44.25 3.24
CA ASP B 106 11.17 -43.88 3.72
C ASP B 106 11.29 -42.36 3.75
N LEU B 107 10.46 -41.70 2.96
CA LEU B 107 10.33 -40.24 2.98
C LEU B 107 8.93 -39.90 2.51
N VAL B 108 8.42 -38.74 2.94
CA VAL B 108 7.08 -38.32 2.52
C VAL B 108 7.13 -37.01 1.73
N LEU B 109 6.28 -36.94 0.70
CA LEU B 109 6.16 -35.78 -0.15
C LEU B 109 4.69 -35.37 -0.07
N HIS B 110 4.39 -34.08 -0.20
CA HIS B 110 2.99 -33.65 -0.12
C HIS B 110 2.78 -32.22 -0.57
N ASP B 111 1.62 -31.99 -1.19
CA ASP B 111 1.17 -30.62 -1.47
C ASP B 111 0.80 -29.88 -0.18
N ILE B 112 0.84 -28.56 -0.21
CA ILE B 112 0.61 -27.72 0.97
C ILE B 112 -0.75 -27.89 1.64
N THR B 113 -1.69 -28.57 0.99
CA THR B 113 -3.01 -28.72 1.60
C THR B 113 -3.15 -29.95 2.49
N SER B 114 -2.20 -30.88 2.44
CA SER B 114 -2.33 -32.11 3.22
C SER B 114 -1.72 -32.04 4.62
N TYR B 115 -2.53 -31.66 5.61
CA TYR B 115 -2.06 -31.73 7.00
C TYR B 115 -1.69 -33.16 7.46
N PRO B 116 -2.43 -34.20 7.01
CA PRO B 116 -2.05 -35.53 7.46
C PRO B 116 -0.57 -35.85 7.19
N ALA B 117 -0.11 -35.63 5.96
CA ALA B 117 1.28 -35.99 5.61
C ALA B 117 2.31 -35.43 6.59
N ARG B 118 2.06 -34.24 7.11
CA ARG B 118 2.97 -33.60 8.05
C ARG B 118 3.07 -34.46 9.31
N VAL B 119 1.93 -35.01 9.73
CA VAL B 119 1.89 -35.90 10.90
C VAL B 119 1.82 -37.39 10.51
N LEU B 120 1.20 -37.67 9.36
CA LEU B 120 1.12 -39.05 8.85
C LEU B 120 2.54 -39.56 8.60
N ALA B 121 3.52 -38.64 8.62
CA ALA B 121 4.94 -38.94 8.44
C ALA B 121 5.78 -38.58 9.67
N ARG B 122 5.28 -37.68 10.51
CA ARG B 122 6.04 -37.29 11.72
C ARG B 122 5.93 -38.36 12.81
N ARG B 123 4.95 -39.22 12.68
CA ARG B 123 4.84 -40.34 13.59
C ARG B 123 5.83 -41.44 13.15
N TRP B 124 5.96 -41.58 11.85
CA TRP B 124 6.87 -42.54 11.26
C TRP B 124 8.30 -42.09 11.38
N GLY B 125 8.48 -40.78 11.36
CA GLY B 125 9.81 -40.21 11.48
C GLY B 125 10.56 -40.45 10.19
N VAL B 126 9.85 -40.34 9.07
CA VAL B 126 10.47 -40.35 7.76
C VAL B 126 10.29 -38.96 7.15
N PRO B 127 11.38 -38.37 6.63
CA PRO B 127 11.46 -36.97 6.20
C PRO B 127 10.29 -36.55 5.33
N ALA B 128 9.92 -35.28 5.44
CA ALA B 128 8.84 -34.72 4.64
C ALA B 128 9.34 -33.59 3.74
N VAL B 129 8.79 -33.54 2.53
CA VAL B 129 9.06 -32.43 1.60
C VAL B 129 7.75 -31.86 1.09
N SER B 130 7.54 -30.58 1.37
CA SER B 130 6.33 -29.89 0.96
C SER B 130 6.52 -29.36 -0.46
N LEU B 131 5.50 -29.51 -1.29
CA LEU B 131 5.53 -28.95 -2.64
C LEU B 131 4.50 -27.83 -2.75
N SER B 132 4.96 -26.60 -2.97
CA SER B 132 4.06 -25.46 -3.00
C SER B 132 3.79 -24.96 -4.40
N PRO B 133 2.52 -25.01 -4.83
CA PRO B 133 2.17 -24.50 -6.16
C PRO B 133 1.86 -23.00 -6.13
N ASN B 134 2.51 -22.27 -5.23
CA ASN B 134 2.26 -20.85 -5.09
C ASN B 134 3.33 -20.25 -4.19
N LEU B 135 3.22 -18.95 -3.93
CA LEU B 135 4.19 -18.28 -3.08
C LEU B 135 4.22 -18.90 -1.69
N VAL B 136 5.32 -18.71 -0.99
CA VAL B 136 5.50 -19.23 0.36
C VAL B 136 5.76 -18.11 1.35
N ALA B 137 5.79 -18.46 2.63
CA ALA B 137 6.03 -17.48 3.68
C ALA B 137 7.48 -17.03 3.68
N TRP B 138 7.68 -15.73 3.83
CA TRP B 138 9.01 -15.17 4.02
C TRP B 138 9.22 -14.87 5.49
N LYS B 139 10.45 -14.60 5.90
CA LYS B 139 10.71 -14.21 7.27
C LYS B 139 10.09 -12.84 7.48
N GLY B 140 9.04 -12.77 8.30
CA GLY B 140 8.29 -11.55 8.49
C GLY B 140 6.81 -11.73 8.13
N TYR B 141 6.51 -12.83 7.45
CA TYR B 141 5.15 -13.11 6.99
C TYR B 141 4.13 -13.28 8.12
N GLU B 142 4.53 -13.91 9.22
CA GLU B 142 3.56 -14.14 10.28
C GLU B 142 3.09 -12.84 10.91
N GLU B 143 3.93 -11.83 10.89
CA GLU B 143 3.62 -10.57 11.56
C GLU B 143 3.07 -9.61 10.51
N GLU B 144 3.59 -9.73 9.29
CA GLU B 144 3.18 -8.85 8.20
C GLU B 144 1.86 -9.24 7.57
N VAL B 145 1.65 -10.54 7.41
CA VAL B 145 0.50 -11.05 6.68
C VAL B 145 -0.46 -11.82 7.59
N ALA B 146 0.04 -12.86 8.26
CA ALA B 146 -0.82 -13.76 9.04
C ALA B 146 -1.54 -13.07 10.20
N GLU B 147 -0.79 -12.29 10.98
CA GLU B 147 -1.36 -11.58 12.11
C GLU B 147 -2.57 -10.70 11.71
N PRO B 148 -2.42 -9.85 10.66
CA PRO B 148 -3.58 -9.04 10.27
C PRO B 148 -4.80 -9.84 9.80
N MET B 149 -4.59 -10.84 8.94
CA MET B 149 -5.65 -11.74 8.51
C MET B 149 -6.52 -12.12 9.66
N TRP B 150 -5.86 -12.72 10.63
CA TRP B 150 -6.52 -13.33 11.75
C TRP B 150 -7.06 -12.31 12.74
N ARG B 151 -6.57 -11.07 12.68
CA ARG B 151 -6.94 -10.03 13.66
C ARG B 151 -8.41 -10.05 14.07
N GLU B 152 -9.32 -9.94 13.10
CA GLU B 152 -10.74 -10.00 13.43
C GLU B 152 -11.31 -11.42 13.59
N PRO B 153 -11.07 -12.32 12.61
CA PRO B 153 -11.65 -13.66 12.76
C PRO B 153 -11.16 -14.36 14.01
N ARG B 154 -10.03 -13.92 14.53
CA ARG B 154 -9.49 -14.49 15.75
C ARG B 154 -10.35 -14.17 16.99
N GLN B 155 -11.19 -13.15 16.92
CA GLN B 155 -12.00 -12.89 18.10
C GLN B 155 -13.31 -13.65 18.13
N THR B 156 -13.72 -14.16 16.98
CA THR B 156 -15.01 -14.85 16.90
C THR B 156 -14.98 -16.16 17.68
N GLU B 157 -16.16 -16.61 18.08
CA GLU B 157 -16.28 -17.91 18.72
C GLU B 157 -15.88 -19.02 17.75
N ARG B 158 -16.23 -18.83 16.48
CA ARG B 158 -15.83 -19.76 15.43
C ARG B 158 -14.31 -19.88 15.35
N GLY B 159 -13.62 -18.74 15.42
CA GLY B 159 -12.17 -18.75 15.35
C GLY B 159 -11.51 -19.41 16.54
N ARG B 160 -12.00 -19.09 17.74
CA ARG B 160 -11.47 -19.69 18.95
C ARG B 160 -11.73 -21.20 19.00
N ALA B 161 -12.88 -21.61 18.47
CA ALA B 161 -13.20 -23.05 18.38
C ALA B 161 -12.23 -23.77 17.44
N TYR B 162 -11.89 -23.11 16.35
CA TYR B 162 -11.00 -23.64 15.32
C TYR B 162 -9.56 -23.86 15.81
N TYR B 163 -9.02 -22.92 16.58
CA TYR B 163 -7.67 -23.11 17.10
C TYR B 163 -7.57 -24.18 18.17
N ALA B 164 -8.56 -24.25 19.05
CA ALA B 164 -8.56 -25.29 20.07
C ALA B 164 -8.59 -26.67 19.40
N ARG B 165 -9.45 -26.82 18.40
CA ARG B 165 -9.52 -28.07 17.65
C ARG B 165 -8.16 -28.41 17.01
N PHE B 166 -7.42 -27.37 16.61
CA PHE B 166 -6.15 -27.54 15.92
C PHE B 166 -5.02 -27.84 16.90
N GLU B 167 -4.82 -26.98 17.91
CA GLU B 167 -3.81 -27.29 18.93
C GLU B 167 -4.11 -28.61 19.62
N ALA B 168 -5.39 -28.83 19.92
CA ALA B 168 -5.87 -30.12 20.38
C ALA B 168 -6.23 -30.95 19.16
N TRP B 169 -5.24 -31.13 18.31
CA TRP B 169 -5.19 -32.23 17.37
C TRP B 169 -3.72 -32.58 17.29
N LEU B 170 -2.89 -31.54 17.31
CA LEU B 170 -1.43 -31.72 17.25
C LEU B 170 -0.89 -32.38 18.54
N LYS B 171 -1.45 -32.00 19.69
CA LYS B 171 -1.11 -32.67 20.94
C LYS B 171 -1.49 -34.16 20.89
N GLU B 172 -2.75 -34.42 20.53
CA GLU B 172 -3.31 -35.75 20.20
C GLU B 172 -2.37 -36.55 19.31
N ASN B 173 -2.12 -35.99 18.12
CA ASN B 173 -1.41 -36.64 17.02
C ASN B 173 0.10 -36.62 17.17
N GLY B 174 0.59 -36.07 18.28
CA GLY B 174 2.01 -36.11 18.61
C GLY B 174 2.76 -34.83 18.97
N ILE B 175 2.43 -33.73 18.30
CA ILE B 175 3.33 -32.58 18.13
C ILE B 175 3.08 -31.31 18.96
N THR B 176 4.16 -30.73 19.49
CA THR B 176 4.10 -29.41 20.12
C THR B 176 4.66 -28.29 19.23
N GLU B 177 3.74 -27.49 18.69
CA GLU B 177 4.01 -26.32 17.86
C GLU B 177 2.67 -25.67 17.58
N HIS B 178 2.62 -24.34 17.52
CA HIS B 178 1.41 -23.61 17.16
C HIS B 178 0.94 -24.09 15.79
N PRO B 179 -0.38 -24.19 15.58
CA PRO B 179 -0.90 -24.69 14.30
C PRO B 179 -0.44 -23.87 13.11
N ASP B 180 -0.10 -22.60 13.31
CA ASP B 180 0.32 -21.79 12.17
C ASP B 180 1.75 -22.11 11.75
N THR B 181 2.54 -22.62 12.67
CA THR B 181 3.87 -23.13 12.36
C THR B 181 3.71 -24.40 11.55
N PHE B 182 2.81 -25.26 12.02
CA PHE B 182 2.50 -26.53 11.39
C PHE B 182 1.97 -26.33 9.99
N ALA B 183 1.05 -25.39 9.82
CA ALA B 183 0.40 -25.21 8.53
C ALA B 183 1.25 -24.43 7.52
N SER B 184 1.89 -23.37 7.98
CA SER B 184 2.48 -22.41 7.05
C SER B 184 4.00 -22.43 6.98
N HIS B 185 4.64 -23.24 7.81
CA HIS B 185 6.10 -23.18 7.94
C HIS B 185 6.77 -24.55 7.93
N PRO B 186 6.83 -25.17 6.73
CA PRO B 186 7.40 -26.51 6.57
C PRO B 186 8.89 -26.52 6.87
N PRO B 187 9.44 -27.69 7.22
CA PRO B 187 10.89 -27.75 7.44
C PRO B 187 11.66 -27.81 6.12
N ARG B 188 10.99 -28.23 5.05
CA ARG B 188 11.65 -28.36 3.74
C ARG B 188 10.60 -28.24 2.66
N SER B 189 10.86 -27.39 1.67
CA SER B 189 9.85 -27.11 0.66
C SER B 189 10.46 -26.83 -0.70
N LEU B 190 9.84 -27.38 -1.74
CA LEU B 190 10.17 -27.02 -3.12
C LEU B 190 9.05 -26.15 -3.65
N VAL B 191 9.40 -25.00 -4.21
CA VAL B 191 8.41 -24.03 -4.66
C VAL B 191 8.29 -24.06 -6.18
N LEU B 192 7.07 -24.27 -6.66
CA LEU B 192 6.81 -24.55 -8.06
C LEU B 192 6.46 -23.29 -8.86
N ILE B 193 6.97 -22.15 -8.39
CA ILE B 193 6.91 -20.91 -9.16
C ILE B 193 8.31 -20.32 -9.21
N PRO B 194 8.61 -19.53 -10.25
CA PRO B 194 9.93 -18.90 -10.27
C PRO B 194 10.05 -17.91 -9.13
N LYS B 195 11.25 -17.76 -8.59
CA LYS B 195 11.50 -16.85 -7.47
C LYS B 195 11.05 -15.44 -7.80
N ALA B 196 11.18 -15.05 -9.07
CA ALA B 196 10.77 -13.71 -9.50
C ALA B 196 9.31 -13.40 -9.17
N LEU B 197 8.47 -14.42 -9.17
CA LEU B 197 7.05 -14.23 -8.87
C LEU B 197 6.72 -14.36 -7.37
N GLN B 198 7.76 -14.51 -6.55
CA GLN B 198 7.58 -14.59 -5.10
C GLN B 198 7.71 -13.20 -4.49
N PRO B 199 6.63 -12.68 -3.91
CA PRO B 199 6.77 -11.41 -3.18
C PRO B 199 7.76 -11.54 -2.05
N HIS B 200 8.51 -10.47 -1.75
CA HIS B 200 9.47 -10.48 -0.64
C HIS B 200 10.47 -11.63 -0.73
N ALA B 201 10.87 -11.93 -1.95
CA ALA B 201 11.72 -13.09 -2.21
C ALA B 201 13.05 -13.15 -1.43
N ASP B 202 13.64 -12.00 -1.13
CA ASP B 202 14.95 -11.95 -0.48
C ASP B 202 14.91 -12.30 1.01
N ARG B 203 13.69 -12.40 1.54
CA ARG B 203 13.55 -12.76 2.94
C ARG B 203 13.01 -14.18 3.09
N VAL B 204 12.87 -14.90 1.98
CA VAL B 204 12.48 -16.32 2.04
C VAL B 204 13.69 -17.18 2.46
N ASP B 205 13.52 -18.01 3.49
CA ASP B 205 14.59 -18.88 4.03
C ASP B 205 15.09 -19.93 3.02
N GLU B 206 16.25 -19.69 2.42
CA GLU B 206 16.72 -20.55 1.34
C GLU B 206 17.23 -21.94 1.81
N ASP B 207 17.39 -22.14 3.12
CA ASP B 207 17.70 -23.50 3.61
C ASP B 207 16.41 -24.34 3.76
N VAL B 208 15.26 -23.68 3.94
CA VAL B 208 13.98 -24.37 3.96
C VAL B 208 13.45 -24.55 2.53
N TYR B 209 13.42 -23.46 1.79
CA TYR B 209 12.75 -23.39 0.48
C TYR B 209 13.71 -23.34 -0.68
N THR B 210 13.44 -24.17 -1.70
CA THR B 210 14.15 -24.10 -2.97
C THR B 210 13.16 -23.81 -4.09
N PHE B 211 13.42 -22.78 -4.87
CA PHE B 211 12.57 -22.44 -6.00
C PHE B 211 12.98 -23.23 -7.23
N VAL B 212 12.07 -24.07 -7.73
CA VAL B 212 12.38 -24.86 -8.92
C VAL B 212 11.55 -24.43 -10.12
N GLY B 213 10.58 -23.55 -9.86
CA GLY B 213 9.70 -23.09 -10.91
C GLY B 213 8.66 -24.12 -11.29
N ALA B 214 7.95 -23.85 -12.39
CA ALA B 214 6.89 -24.74 -12.85
C ALA B 214 7.47 -26.03 -13.42
N CYS B 215 6.67 -27.09 -13.37
CA CYS B 215 7.11 -28.42 -13.77
C CYS B 215 6.17 -29.06 -14.82
N GLN B 216 6.27 -28.61 -16.06
CA GLN B 216 5.53 -29.23 -17.17
C GLN B 216 5.89 -30.70 -17.32
N GLY B 217 5.34 -31.32 -18.36
CA GLY B 217 5.80 -32.64 -18.77
C GLY B 217 6.91 -32.42 -19.79
N ASP B 218 6.65 -32.82 -21.03
CA ASP B 218 7.41 -32.31 -22.17
C ASP B 218 6.43 -31.74 -23.18
N ARG B 219 6.69 -30.53 -23.66
CA ARG B 219 5.80 -29.92 -24.63
C ARG B 219 6.38 -29.87 -26.03
N ALA B 220 7.56 -30.48 -26.20
CA ALA B 220 8.05 -30.78 -27.54
C ALA B 220 7.27 -31.96 -28.12
N GLU B 221 6.21 -32.36 -27.41
CA GLU B 221 5.28 -33.37 -27.88
C GLU B 221 4.15 -32.63 -28.57
N GLU B 222 3.92 -31.39 -28.13
CA GLU B 222 3.13 -30.42 -28.89
C GLU B 222 4.09 -29.79 -29.89
N GLY B 223 3.69 -29.73 -31.16
CA GLY B 223 4.56 -29.26 -32.21
C GLY B 223 5.12 -27.85 -32.15
N GLY B 224 5.60 -27.40 -33.30
CA GLY B 224 6.26 -26.12 -33.39
C GLY B 224 5.35 -25.08 -34.00
N TRP B 225 5.89 -23.89 -34.15
CA TRP B 225 5.18 -22.82 -34.84
C TRP B 225 6.24 -22.01 -35.55
N GLN B 226 5.96 -21.60 -36.78
CA GLN B 226 6.98 -20.92 -37.56
C GLN B 226 6.77 -19.41 -37.55
N ARG B 227 7.84 -18.67 -37.30
CA ARG B 227 7.80 -17.23 -37.32
C ARG B 227 7.72 -16.73 -38.75
N PRO B 228 6.71 -15.90 -39.05
CA PRO B 228 6.56 -15.34 -40.39
C PRO B 228 7.84 -14.66 -40.86
N ALA B 229 8.44 -15.24 -41.89
CA ALA B 229 9.79 -14.94 -42.35
C ALA B 229 10.15 -13.48 -42.60
N GLY B 230 9.15 -12.60 -42.67
CA GLY B 230 9.41 -11.19 -42.91
C GLY B 230 8.67 -10.20 -42.02
N ALA B 231 8.79 -10.35 -40.71
CA ALA B 231 8.17 -9.42 -39.75
C ALA B 231 9.24 -8.49 -39.15
N GLU B 232 9.09 -8.16 -37.87
CA GLU B 232 10.05 -7.34 -37.11
C GLU B 232 9.55 -7.17 -35.70
N LYS B 233 8.41 -7.81 -35.42
CA LYS B 233 7.71 -7.57 -34.16
C LYS B 233 6.51 -8.47 -33.91
N VAL B 234 6.79 -9.68 -33.46
CA VAL B 234 5.76 -10.66 -33.19
C VAL B 234 5.11 -10.38 -31.83
N VAL B 235 3.80 -10.15 -31.86
CA VAL B 235 3.04 -10.04 -30.61
C VAL B 235 2.03 -11.17 -30.54
N LEU B 236 1.99 -11.85 -29.39
CA LEU B 236 1.02 -12.91 -29.15
C LEU B 236 -0.01 -12.41 -28.14
N VAL B 237 -1.28 -12.70 -28.40
CA VAL B 237 -2.33 -12.45 -27.42
C VAL B 237 -2.91 -13.79 -26.98
N SER B 238 -2.79 -14.07 -25.70
CA SER B 238 -3.38 -15.29 -25.16
C SER B 238 -3.91 -15.04 -23.78
N LEU B 239 -5.23 -14.96 -23.68
CA LEU B 239 -5.85 -14.83 -22.39
C LEU B 239 -6.10 -16.23 -21.85
N GLY B 240 -5.28 -17.18 -22.28
CA GLY B 240 -5.30 -18.53 -21.76
C GLY B 240 -6.58 -19.31 -22.02
N SER B 241 -6.75 -20.37 -21.24
CA SER B 241 -7.83 -21.36 -21.40
C SER B 241 -9.26 -20.85 -21.22
N ALA B 242 -9.50 -20.06 -20.18
CA ALA B 242 -10.87 -19.84 -19.70
C ALA B 242 -11.55 -18.56 -20.19
N PHE B 243 -11.62 -17.58 -19.30
CA PHE B 243 -12.11 -16.24 -19.59
C PHE B 243 -11.43 -15.70 -20.83
N THR B 244 -11.94 -16.12 -21.98
CA THR B 244 -11.38 -15.74 -23.24
C THR B 244 -12.51 -15.29 -24.18
N LYS B 245 -13.73 -15.24 -23.65
CA LYS B 245 -14.82 -14.62 -24.38
C LYS B 245 -14.72 -13.12 -24.17
N GLN B 246 -13.77 -12.51 -24.87
CA GLN B 246 -13.60 -11.08 -24.84
C GLN B 246 -13.46 -10.51 -26.25
N PRO B 247 -14.47 -10.75 -27.11
CA PRO B 247 -14.33 -10.31 -28.50
C PRO B 247 -14.15 -8.80 -28.59
N ALA B 248 -14.72 -8.05 -27.65
CA ALA B 248 -14.53 -6.61 -27.64
C ALA B 248 -13.04 -6.34 -27.44
N PHE B 249 -12.48 -6.97 -26.41
CA PHE B 249 -11.06 -6.92 -26.12
C PHE B 249 -10.26 -7.42 -27.31
N TYR B 250 -10.59 -8.61 -27.79
CA TYR B 250 -9.93 -9.14 -28.97
C TYR B 250 -10.04 -8.16 -30.14
N ARG B 251 -11.22 -7.57 -30.33
CA ARG B 251 -11.37 -6.54 -31.35
C ARG B 251 -10.41 -5.39 -31.07
N GLU B 252 -10.24 -5.05 -29.81
CA GLU B 252 -9.28 -4.01 -29.43
C GLU B 252 -7.83 -4.37 -29.79
N CYS B 253 -7.44 -5.63 -29.59
CA CYS B 253 -6.11 -6.09 -29.96
C CYS B 253 -5.93 -6.13 -31.48
N VAL B 254 -6.97 -6.48 -32.20
CA VAL B 254 -6.88 -6.49 -33.65
C VAL B 254 -6.59 -5.08 -34.12
N ARG B 255 -7.28 -4.12 -33.53
CA ARG B 255 -7.10 -2.71 -33.92
C ARG B 255 -5.70 -2.20 -33.60
N ALA B 256 -5.16 -2.59 -32.45
CA ALA B 256 -3.82 -2.17 -32.06
C ALA B 256 -2.77 -2.65 -33.07
N PHE B 257 -2.93 -3.89 -33.52
CA PHE B 257 -1.99 -4.46 -34.46
C PHE B 257 -2.58 -4.73 -35.85
N GLY B 258 -3.44 -3.83 -36.31
CA GLY B 258 -3.99 -3.96 -37.65
C GLY B 258 -3.17 -3.20 -38.68
N ASN B 259 -2.23 -3.90 -39.30
CA ASN B 259 -1.37 -3.30 -40.34
C ASN B 259 -0.52 -2.12 -39.85
N LEU B 260 0.76 -2.39 -39.60
CA LEU B 260 1.68 -1.38 -39.10
C LEU B 260 3.11 -1.86 -39.29
N PRO B 261 3.71 -1.54 -40.46
CA PRO B 261 4.93 -2.09 -41.05
C PRO B 261 5.86 -2.81 -40.07
N GLY B 262 5.92 -4.14 -40.14
CA GLY B 262 6.91 -4.88 -39.37
C GLY B 262 6.40 -5.82 -38.29
N TRP B 263 5.16 -5.61 -37.83
CA TRP B 263 4.60 -6.36 -36.71
C TRP B 263 3.70 -7.49 -37.20
N HIS B 264 3.45 -8.47 -36.32
CA HIS B 264 2.60 -9.62 -36.63
C HIS B 264 1.87 -10.08 -35.36
N LEU B 265 0.54 -10.04 -35.40
CA LEU B 265 -0.29 -10.43 -34.28
C LEU B 265 -0.85 -11.85 -34.41
N VAL B 266 -0.39 -12.74 -33.53
CA VAL B 266 -1.05 -14.03 -33.37
C VAL B 266 -2.11 -13.86 -32.29
N LEU B 267 -3.37 -14.16 -32.62
CA LEU B 267 -4.47 -14.11 -31.65
C LEU B 267 -4.96 -15.50 -31.29
N GLN B 268 -5.11 -15.78 -30.01
CA GLN B 268 -5.68 -17.03 -29.55
C GLN B 268 -6.99 -16.70 -28.86
N ILE B 269 -8.08 -17.35 -29.27
CA ILE B 269 -9.41 -16.96 -28.81
C ILE B 269 -10.29 -18.08 -28.26
N GLY B 270 -9.76 -19.28 -28.14
CA GLY B 270 -10.55 -20.40 -27.61
C GLY B 270 -11.72 -20.79 -28.50
N ARG B 271 -12.93 -20.79 -27.94
CA ARG B 271 -14.10 -21.13 -28.75
C ARG B 271 -15.38 -20.38 -28.36
N LYS B 272 -15.27 -19.39 -27.50
CA LYS B 272 -16.43 -18.58 -27.14
C LYS B 272 -16.51 -17.41 -28.09
N VAL B 273 -15.47 -17.27 -28.90
CA VAL B 273 -15.43 -16.25 -29.92
C VAL B 273 -15.22 -16.98 -31.23
N THR B 274 -15.94 -16.55 -32.26
CA THR B 274 -15.75 -17.09 -33.59
C THR B 274 -14.76 -16.18 -34.29
N PRO B 275 -14.02 -16.71 -35.26
CA PRO B 275 -13.16 -15.86 -36.10
C PRO B 275 -13.86 -14.59 -36.57
N ALA B 276 -14.99 -14.72 -37.23
CA ALA B 276 -15.67 -13.58 -37.82
C ALA B 276 -16.13 -12.52 -36.81
N GLU B 277 -15.94 -12.80 -35.54
CA GLU B 277 -15.95 -11.77 -34.51
C GLU B 277 -14.51 -11.19 -34.41
N LEU B 278 -14.08 -10.51 -35.48
CA LEU B 278 -12.88 -9.66 -35.50
C LEU B 278 -12.92 -8.92 -36.81
N GLY B 279 -13.85 -9.35 -37.67
CA GLY B 279 -13.96 -8.79 -39.01
C GLY B 279 -12.71 -9.02 -39.84
N GLU B 280 -12.84 -8.76 -41.15
CA GLU B 280 -11.77 -8.97 -42.12
C GLU B 280 -10.37 -8.75 -41.56
N LEU B 281 -9.66 -9.85 -41.31
CA LEU B 281 -8.36 -9.80 -40.65
C LEU B 281 -7.32 -9.11 -41.51
N PRO B 282 -6.68 -8.07 -40.97
CA PRO B 282 -5.55 -7.43 -41.65
C PRO B 282 -4.52 -8.49 -41.98
N ASP B 283 -3.77 -8.29 -43.05
CA ASP B 283 -2.87 -9.30 -43.56
C ASP B 283 -1.81 -9.75 -42.53
N ASN B 284 -1.50 -8.86 -41.59
CA ASN B 284 -0.54 -9.16 -40.53
C ASN B 284 -1.18 -9.70 -39.25
N VAL B 285 -2.32 -10.37 -39.36
CA VAL B 285 -2.98 -10.97 -38.20
C VAL B 285 -3.37 -12.43 -38.47
N GLU B 286 -3.27 -13.28 -37.45
CA GLU B 286 -3.70 -14.68 -37.55
C GLU B 286 -4.45 -15.14 -36.29
N VAL B 287 -5.40 -16.05 -36.49
CA VAL B 287 -6.29 -16.47 -35.41
C VAL B 287 -6.35 -17.99 -35.23
N HIS B 288 -6.45 -18.42 -33.96
CA HIS B 288 -6.46 -19.84 -33.61
C HIS B 288 -7.33 -20.08 -32.38
N ASP B 289 -8.01 -21.23 -32.33
CA ASP B 289 -8.70 -21.62 -31.11
C ASP B 289 -7.72 -22.05 -30.03
N TRP B 290 -6.59 -22.60 -30.46
CA TRP B 290 -5.53 -23.06 -29.56
C TRP B 290 -4.19 -22.85 -30.27
N VAL B 291 -3.15 -22.56 -29.50
CA VAL B 291 -1.83 -22.33 -30.07
C VAL B 291 -0.74 -23.07 -29.29
N PRO B 292 0.41 -23.32 -29.94
CA PRO B 292 1.56 -23.81 -29.21
C PRO B 292 2.27 -22.59 -28.61
N GLN B 293 1.85 -22.22 -27.41
CA GLN B 293 2.22 -20.93 -26.84
C GLN B 293 3.71 -20.82 -26.53
N LEU B 294 4.33 -21.91 -26.11
CA LEU B 294 5.77 -21.89 -25.85
C LEU B 294 6.54 -21.64 -27.15
N ALA B 295 6.08 -22.23 -28.24
CA ALA B 295 6.76 -22.10 -29.53
C ALA B 295 6.71 -20.66 -30.02
N ILE B 296 5.55 -20.04 -29.86
CA ILE B 296 5.35 -18.66 -30.24
C ILE B 296 6.11 -17.70 -29.33
N LEU B 297 6.02 -17.92 -28.02
CA LEU B 297 6.68 -17.05 -27.05
C LEU B 297 8.19 -17.06 -27.21
N ARG B 298 8.75 -18.25 -27.45
CA ARG B 298 10.19 -18.37 -27.70
C ARG B 298 10.61 -17.51 -28.89
N GLN B 299 9.66 -17.12 -29.74
CA GLN B 299 9.98 -16.37 -30.94
C GLN B 299 9.30 -14.99 -31.04
N ALA B 300 8.73 -14.51 -29.94
CA ALA B 300 7.94 -13.27 -29.97
C ALA B 300 8.62 -12.06 -29.33
N ASP B 301 8.11 -10.89 -29.64
CA ASP B 301 8.62 -9.66 -29.02
C ASP B 301 7.74 -9.21 -27.86
N LEU B 302 6.48 -9.66 -27.85
CA LEU B 302 5.52 -9.20 -26.86
C LEU B 302 4.42 -10.23 -26.59
N PHE B 303 3.92 -10.25 -25.35
CA PHE B 303 2.94 -11.25 -24.92
C PHE B 303 1.83 -10.57 -24.14
N VAL B 304 0.61 -10.56 -24.69
CA VAL B 304 -0.56 -10.05 -23.98
C VAL B 304 -1.22 -11.22 -23.27
N THR B 305 -1.14 -11.23 -21.95
CA THR B 305 -1.46 -12.40 -21.13
C THR B 305 -2.46 -12.08 -20.02
N HIS B 306 -3.22 -13.10 -19.60
CA HIS B 306 -4.11 -12.94 -18.45
C HIS B 306 -3.37 -13.12 -17.13
N ALA B 307 -2.06 -13.35 -17.21
CA ALA B 307 -1.23 -13.52 -16.02
C ALA B 307 -1.70 -14.65 -15.13
N GLY B 308 -2.29 -15.68 -15.74
CA GLY B 308 -2.41 -16.95 -15.06
C GLY B 308 -0.99 -17.37 -14.73
N ALA B 309 -0.84 -18.30 -13.81
CA ALA B 309 0.49 -18.71 -13.35
C ALA B 309 1.33 -19.25 -14.52
N GLY B 310 0.66 -19.95 -15.43
CA GLY B 310 1.33 -20.52 -16.60
C GLY B 310 1.90 -19.48 -17.52
N GLY B 311 1.03 -18.63 -18.08
CA GLY B 311 1.45 -17.59 -18.98
C GLY B 311 2.47 -16.63 -18.37
N SER B 312 2.28 -16.32 -17.10
CA SER B 312 3.22 -15.44 -16.40
C SER B 312 4.63 -15.99 -16.43
N GLN B 313 4.76 -17.26 -16.03
CA GLN B 313 6.10 -17.85 -15.94
C GLN B 313 6.68 -18.13 -17.32
N GLU B 314 5.83 -18.41 -18.30
CA GLU B 314 6.32 -18.66 -19.66
C GLU B 314 6.81 -17.37 -20.31
N GLY B 315 6.12 -16.27 -20.01
CA GLY B 315 6.55 -14.97 -20.49
C GLY B 315 7.91 -14.60 -19.91
N LEU B 316 8.08 -14.85 -18.62
CA LEU B 316 9.37 -14.62 -17.97
C LEU B 316 10.45 -15.55 -18.52
N ALA B 317 10.11 -16.81 -18.74
CA ALA B 317 11.09 -17.83 -19.09
C ALA B 317 11.61 -17.64 -20.51
N THR B 318 10.89 -16.85 -21.29
CA THR B 318 11.27 -16.57 -22.67
C THR B 318 11.73 -15.12 -22.83
N ALA B 319 11.89 -14.42 -21.72
CA ALA B 319 12.31 -13.02 -21.69
C ALA B 319 11.44 -12.13 -22.58
N THR B 320 10.13 -12.34 -22.48
CA THR B 320 9.19 -11.61 -23.33
C THR B 320 8.46 -10.52 -22.54
N PRO B 321 8.60 -9.26 -22.97
CA PRO B 321 7.86 -8.16 -22.33
C PRO B 321 6.37 -8.42 -22.38
N MET B 322 5.63 -8.02 -21.34
CA MET B 322 4.20 -8.34 -21.29
C MET B 322 3.30 -7.12 -21.12
N ILE B 323 2.16 -7.12 -21.80
CA ILE B 323 1.07 -6.23 -21.44
C ILE B 323 0.06 -7.12 -20.76
N ALA B 324 -0.09 -6.97 -19.44
CA ALA B 324 -0.93 -7.87 -18.67
C ALA B 324 -2.36 -7.33 -18.51
N VAL B 325 -3.34 -8.19 -18.81
CA VAL B 325 -4.75 -7.84 -18.78
C VAL B 325 -5.50 -8.94 -18.03
N PRO B 326 -5.46 -8.90 -16.69
CA PRO B 326 -6.10 -9.96 -15.90
C PRO B 326 -7.63 -9.98 -16.01
N GLN B 327 -8.25 -11.15 -15.84
CA GLN B 327 -9.71 -11.18 -15.76
C GLN B 327 -10.29 -11.59 -14.42
N ALA B 328 -9.79 -12.67 -13.84
CA ALA B 328 -10.34 -13.16 -12.58
C ALA B 328 -9.27 -13.80 -11.71
N VAL B 329 -9.71 -14.62 -10.76
CA VAL B 329 -8.84 -15.38 -9.83
C VAL B 329 -7.52 -14.72 -9.41
N ASP B 330 -6.49 -15.56 -9.32
CA ASP B 330 -5.15 -15.19 -8.86
C ASP B 330 -4.38 -14.36 -9.88
N GLN B 331 -5.05 -13.99 -10.95
CA GLN B 331 -4.40 -13.25 -12.03
C GLN B 331 -3.94 -11.90 -11.51
N PHE B 332 -4.88 -11.11 -10.99
CA PHE B 332 -4.59 -9.77 -10.48
C PHE B 332 -3.27 -9.70 -9.70
N GLY B 333 -3.04 -10.67 -8.82
CA GLY B 333 -1.79 -10.75 -8.06
C GLY B 333 -0.56 -10.98 -8.93
N ASN B 334 -0.57 -12.03 -9.74
CA ASN B 334 0.52 -12.29 -10.67
C ASN B 334 0.80 -11.09 -11.57
N ALA B 335 -0.27 -10.47 -12.07
CA ALA B 335 -0.14 -9.27 -12.88
C ALA B 335 0.60 -8.19 -12.10
N ASP B 336 0.34 -8.11 -10.79
CA ASP B 336 1.02 -7.11 -9.99
C ASP B 336 2.52 -7.40 -9.86
N MET B 337 2.89 -8.67 -9.66
CA MET B 337 4.32 -8.97 -9.58
C MET B 337 5.00 -8.67 -10.90
N LEU B 338 4.35 -9.00 -12.01
CA LEU B 338 4.93 -8.75 -13.32
C LEU B 338 5.21 -7.27 -13.55
N GLN B 339 4.23 -6.42 -13.24
CA GLN B 339 4.45 -4.99 -13.40
C GLN B 339 5.49 -4.50 -12.39
N GLY B 340 5.42 -5.03 -11.17
CA GLY B 340 6.36 -4.67 -10.12
C GLY B 340 7.79 -5.06 -10.43
N LEU B 341 7.97 -6.09 -11.25
CA LEU B 341 9.30 -6.52 -11.65
C LEU B 341 9.90 -5.58 -12.68
N GLY B 342 9.07 -4.72 -13.26
CA GLY B 342 9.51 -3.79 -14.28
C GLY B 342 9.61 -4.44 -15.65
N VAL B 343 8.83 -5.51 -15.86
CA VAL B 343 8.88 -6.24 -17.12
C VAL B 343 7.54 -6.29 -17.86
N ALA B 344 6.57 -5.50 -17.39
CA ALA B 344 5.23 -5.55 -17.93
C ALA B 344 4.42 -4.29 -17.61
N ARG B 345 3.38 -4.03 -18.40
CA ARG B 345 2.38 -3.04 -18.00
C ARG B 345 1.05 -3.75 -17.72
N LYS B 346 0.41 -3.37 -16.59
CA LYS B 346 -0.81 -4.03 -16.15
C LYS B 346 -2.02 -3.19 -16.51
N LEU B 347 -3.05 -3.82 -17.06
CA LEU B 347 -4.27 -3.10 -17.37
C LEU B 347 -5.54 -3.91 -17.15
N ALA B 348 -6.65 -3.21 -17.03
CA ALA B 348 -7.95 -3.87 -17.04
C ALA B 348 -8.44 -3.95 -18.50
N THR B 349 -9.29 -4.91 -18.78
CA THR B 349 -9.82 -5.13 -20.14
C THR B 349 -10.34 -3.85 -20.84
N GLU B 350 -11.57 -3.48 -20.51
CA GLU B 350 -12.25 -2.30 -21.05
C GLU B 350 -11.38 -1.04 -21.27
N GLU B 351 -10.35 -0.84 -20.45
CA GLU B 351 -9.47 0.30 -20.65
C GLU B 351 -8.37 0.05 -21.69
N ALA B 352 -8.20 -1.22 -22.11
CA ALA B 352 -7.18 -1.58 -23.08
C ALA B 352 -7.59 -1.35 -24.55
N THR B 353 -7.26 -0.17 -25.08
CA THR B 353 -7.67 0.19 -26.43
C THR B 353 -6.51 0.25 -27.43
N ALA B 354 -6.85 0.21 -28.71
CA ALA B 354 -5.85 0.17 -29.79
C ALA B 354 -4.80 1.25 -29.60
N ASP B 355 -5.29 2.49 -29.51
CA ASP B 355 -4.49 3.66 -29.24
C ASP B 355 -3.48 3.39 -28.13
N LEU B 356 -3.96 2.81 -27.04
CA LEU B 356 -3.15 2.64 -25.84
C LEU B 356 -2.46 1.28 -25.79
N LEU B 357 -3.12 0.23 -26.25
CA LEU B 357 -2.48 -1.07 -26.32
C LEU B 357 -1.22 -0.98 -27.17
N ARG B 358 -1.30 -0.23 -28.27
CA ARG B 358 -0.15 0.00 -29.16
C ARG B 358 0.94 0.79 -28.44
N GLU B 359 0.58 1.98 -27.97
CA GLU B 359 1.51 2.83 -27.21
C GLU B 359 2.23 2.03 -26.13
N THR B 360 1.44 1.34 -25.31
CA THR B 360 1.98 0.49 -24.26
C THR B 360 2.88 -0.57 -24.86
N ALA B 361 2.41 -1.23 -25.92
CA ALA B 361 3.21 -2.18 -26.67
C ALA B 361 4.44 -1.46 -27.22
N LEU B 362 4.22 -0.23 -27.69
CA LEU B 362 5.29 0.61 -28.20
C LEU B 362 6.06 1.29 -27.08
N ALA B 363 5.98 0.73 -25.87
CA ALA B 363 6.75 1.26 -24.74
C ALA B 363 7.21 0.11 -23.88
N LEU B 364 7.37 -1.05 -24.50
CA LEU B 364 7.86 -2.24 -23.81
C LEU B 364 8.84 -3.01 -24.68
N VAL B 365 8.74 -2.85 -26.00
CA VAL B 365 9.62 -3.61 -26.89
C VAL B 365 11.09 -3.25 -26.74
N ASP B 366 11.43 -2.00 -27.03
CA ASP B 366 12.81 -1.58 -27.17
C ASP B 366 13.32 -0.85 -25.92
N ASP B 367 12.58 -0.96 -24.81
CA ASP B 367 13.04 -0.37 -23.55
C ASP B 367 14.19 -1.24 -23.04
N PRO B 368 15.40 -0.66 -22.99
CA PRO B 368 16.57 -1.48 -22.68
C PRO B 368 16.53 -2.04 -21.26
N GLU B 369 15.89 -1.33 -20.34
CA GLU B 369 15.82 -1.80 -18.96
C GLU B 369 14.88 -2.98 -18.78
N VAL B 370 13.74 -2.93 -19.45
CA VAL B 370 12.83 -4.07 -19.49
C VAL B 370 13.56 -5.31 -20.00
N ALA B 371 14.36 -5.12 -21.05
CA ALA B 371 15.08 -6.23 -21.66
C ALA B 371 16.15 -6.81 -20.74
N ARG B 372 16.91 -5.95 -20.09
CA ARG B 372 17.91 -6.43 -19.13
C ARG B 372 17.27 -7.25 -18.01
N ARG B 373 16.19 -6.73 -17.43
CA ARG B 373 15.51 -7.42 -16.33
C ARG B 373 14.98 -8.77 -16.79
N LEU B 374 14.33 -8.78 -17.95
CA LEU B 374 13.81 -10.04 -18.48
C LEU B 374 14.94 -11.03 -18.73
N ARG B 375 16.08 -10.52 -19.19
CA ARG B 375 17.20 -11.43 -19.46
C ARG B 375 17.80 -11.99 -18.18
N ARG B 376 17.80 -11.20 -17.12
CA ARG B 376 18.24 -11.72 -15.83
C ARG B 376 17.29 -12.79 -15.28
N ILE B 377 15.99 -12.50 -15.31
CA ILE B 377 15.00 -13.46 -14.82
C ILE B 377 15.01 -14.74 -15.68
N GLN B 378 15.19 -14.58 -16.98
CA GLN B 378 15.23 -15.72 -17.89
C GLN B 378 16.37 -16.66 -17.50
N ALA B 379 17.53 -16.06 -17.28
CA ALA B 379 18.71 -16.81 -16.83
C ALA B 379 18.39 -17.58 -15.57
N GLU B 380 18.02 -16.87 -14.52
CA GLU B 380 17.69 -17.49 -13.24
C GLU B 380 16.68 -18.65 -13.32
N MET B 381 15.63 -18.48 -14.10
CA MET B 381 14.68 -19.58 -14.27
C MET B 381 15.34 -20.81 -14.87
N ALA B 382 16.28 -20.61 -15.78
CA ALA B 382 17.00 -21.75 -16.35
C ALA B 382 17.79 -22.50 -15.26
N GLN B 383 18.32 -21.76 -14.29
CA GLN B 383 19.04 -22.37 -13.15
C GLN B 383 18.10 -23.10 -12.21
N GLU B 384 16.85 -22.63 -12.13
CA GLU B 384 15.92 -23.22 -11.16
C GLU B 384 15.67 -24.70 -11.39
N GLY B 385 15.63 -25.13 -12.64
CA GLY B 385 15.75 -26.55 -12.98
C GLY B 385 14.49 -27.36 -13.22
N GLY B 386 13.34 -26.83 -12.83
CA GLY B 386 12.07 -27.45 -13.16
C GLY B 386 11.92 -28.88 -12.68
N THR B 387 11.20 -29.69 -13.47
CA THR B 387 10.83 -31.04 -13.09
C THR B 387 12.01 -31.91 -12.67
N ARG B 388 13.06 -31.94 -13.49
CA ARG B 388 14.20 -32.82 -13.23
C ARG B 388 14.97 -32.42 -11.97
N ARG B 389 15.10 -31.11 -11.74
CA ARG B 389 15.80 -30.66 -10.55
C ARG B 389 14.97 -30.91 -9.29
N ALA B 390 13.65 -30.75 -9.41
CA ALA B 390 12.78 -31.04 -8.28
C ALA B 390 12.93 -32.50 -7.87
N ALA B 391 12.97 -33.40 -8.85
CA ALA B 391 13.18 -34.81 -8.55
C ALA B 391 14.55 -35.08 -7.92
N ASP B 392 15.60 -34.42 -8.42
CA ASP B 392 16.92 -34.56 -7.83
C ASP B 392 16.92 -34.12 -6.36
N LEU B 393 16.24 -33.02 -6.09
CA LEU B 393 16.23 -32.44 -4.74
C LEU B 393 15.44 -33.32 -3.77
N ILE B 394 14.40 -33.96 -4.28
CA ILE B 394 13.65 -34.92 -3.47
C ILE B 394 14.53 -36.14 -3.17
N GLU B 395 15.28 -36.57 -4.16
CA GLU B 395 16.19 -37.71 -3.96
C GLU B 395 17.26 -37.42 -2.91
N ALA B 396 17.69 -36.17 -2.82
CA ALA B 396 18.72 -35.78 -1.87
C ALA B 396 18.24 -35.97 -0.43
N GLU B 397 16.96 -35.73 -0.19
CA GLU B 397 16.41 -35.84 1.16
C GLU B 397 16.19 -37.30 1.60
N LEU B 398 16.42 -38.24 0.69
CA LEU B 398 16.20 -39.68 0.94
C LEU B 398 17.22 -40.27 1.90
N PRO B 399 16.72 -40.98 2.93
CA PRO B 399 17.47 -41.69 3.99
C PRO B 399 18.75 -42.41 3.58
C10 ERY C . 6.15 11.58 4.65
C11 ERY C . 7.09 12.75 4.53
C12 ERY C . 6.67 13.80 3.47
C13 ERY C . 7.52 15.03 3.67
O2 ERY C . 6.92 15.80 4.69
C2 ERY C . 6.78 16.49 7.05
C3 ERY C . 6.86 15.62 8.31
C4 ERY C . 5.72 14.66 8.27
C5 ERY C . 5.87 13.52 9.31
C6 ERY C . 6.30 12.23 8.60
C7 ERY C . 5.14 11.68 7.76
C8 ERY C . 5.55 10.40 6.97
C9 ERY C . 6.52 10.67 5.84
O11 ERY C . 7.61 10.12 5.84
C1 ERY C . 7.56 15.77 5.97
O1 ERY C . 8.77 15.63 6.06
O3 ERY C . 6.77 16.40 9.51
O7 ERY C . 4.63 13.31 9.98
C34 ERY C . 6.19 10.73 3.38
C33 ERY C . 4.31 9.74 6.42
C35 ERY C . 5.21 14.15 3.64
O12 ERY C . 8.43 12.32 4.28
O13 ERY C . 6.85 13.36 2.17
C36 ERY C . 7.53 15.91 2.42
C30 ERY C . 7.37 17.86 7.11
C32 ERY C . 6.77 11.20 9.59
O10 ERY C . 7.36 12.57 7.76
C22 ERY C . 4.62 13.58 11.40
C23 ERY C . 3.17 13.53 11.93
C24 ERY C . 3.14 13.56 13.44
C25 ERY C . 4.08 12.50 13.98
C26 ERY C . 5.49 12.72 13.42
O9 ERY C . 5.43 12.66 12.02
N1 ERY C . 1.77 13.42 13.92
C27 ERY C . 6.44 11.64 13.92
O8 ERY C . 2.47 14.66 11.47
C28 ERY C . 1.73 13.37 15.39
C14 ERY C . 8.02 16.79 10.11
C15 ERY C . 7.71 17.82 11.21
C16 ERY C . 7.29 17.20 12.54
C17 ERY C . 8.29 16.14 12.90
C18 ERY C . 8.27 15.10 11.82
O4 ERY C . 8.70 15.68 10.58
O5 ERY C . 5.98 16.63 12.45
O6 ERY C . 7.94 15.54 14.13
C20 ERY C . 4.97 17.57 12.05
C29 ERY C . 1.07 12.29 13.37
C21 ERY C . 9.20 13.97 12.18
C37 ERY C . 8.32 17.20 2.75
C31 ERY C . 4.42 15.46 8.51
C19 ERY C . 7.28 18.28 13.58
N1 UDP D . -6.17 28.27 20.23
C2 UDP D . -7.28 28.91 20.72
N3 UDP D . -7.29 29.35 22.02
C4 UDP D . -6.19 29.14 22.83
C5 UDP D . -5.08 28.49 22.33
C6 UDP D . -5.11 27.97 21.04
O2 UDP D . -8.26 29.09 19.99
O4 UDP D . -6.20 29.52 24.00
C1' UDP D . -6.19 27.80 18.85
C2' UDP D . -5.53 28.79 17.91
O2' UDP D . -6.48 29.64 17.32
C3' UDP D . -4.88 27.89 16.89
C4' UDP D . -4.64 26.59 17.64
O4' UDP D . -5.45 26.60 18.79
O3' UDP D . -5.76 27.65 15.82
C5' UDP D . -3.18 26.49 18.04
O5' UDP D . -2.47 26.59 16.83
PA UDP D . -0.87 26.71 16.83
O1A UDP D . -0.34 25.96 15.67
O2A UDP D . -0.44 28.12 16.83
O3A UDP D . -0.51 25.98 18.21
PB UDP D . -0.08 24.44 18.21
O1B UDP D . -1.27 23.65 17.76
O2B UDP D . 0.41 24.03 19.53
O3B UDP D . 1.01 24.32 17.21
C10 ERY E . -2.14 -22.67 4.03
C11 ERY E . -1.60 -21.30 3.68
C12 ERY E . -0.12 -21.24 3.29
C13 ERY E . 0.09 -19.98 2.45
O2 ERY E . -0.52 -20.21 1.20
C2 ERY E . -1.73 -19.33 -0.82
C3 ERY E . -3.25 -19.52 -0.67
C4 ERY E . -3.54 -20.98 -0.47
C5 ERY E . -5.00 -21.26 -0.02
C6 ERY E . -5.05 -21.54 1.48
C7 ERY E . -4.47 -22.95 1.78
C8 ERY E . -4.60 -23.36 3.26
C9 ERY E . -3.65 -22.63 4.20
O11 ERY E . -4.11 -21.99 5.15
C1 ERY E . -1.16 -19.08 0.57
O1 ERY E . -1.63 -18.20 1.26
O3 ERY E . -3.95 -19.02 -1.83
O7 ERY E . -5.54 -22.39 -0.71
C34 ERY E . -1.60 -23.18 5.37
C33 ERY E . -4.34 -24.85 3.37
C35 ERY E . 0.31 -22.45 2.49
O12 ERY E . -1.85 -20.39 4.75
O13 ERY E . 0.68 -21.13 4.43
C36 ERY E . 1.57 -19.70 2.27
C30 ERY E . -1.30 -18.18 -1.68
C32 ERY E . -6.46 -21.47 1.98
O10 ERY E . -4.30 -20.58 2.17
C22 ERY E . -6.68 -22.15 -1.55
C23 ERY E . -6.90 -23.34 -2.51
C24 ERY E . -8.20 -23.17 -3.27
C25 ERY E . -9.32 -22.87 -2.30
C26 ERY E . -8.96 -21.73 -1.35
O9 ERY E . -7.76 -22.02 -0.72
N1 ERY E . -8.50 -24.35 -4.08
C27 ERY E . -10.02 -21.55 -0.27
O8 ERY E . -5.83 -23.45 -3.42
C28 ERY E . -8.33 -25.58 -3.28
C14 ERY E . -4.54 -17.73 -1.62
C15 ERY E . -4.48 -16.86 -2.90
C16 ERY E . -5.63 -17.09 -3.89
C17 ERY E . -6.94 -17.24 -3.17
C18 ERY E . -6.84 -18.25 -2.06
O4 ERY E . -5.82 -17.89 -1.14
O5 ERY E . -5.37 -18.26 -4.69
O6 ERY E . -7.92 -17.71 -4.08
C20 ERY E . -4.20 -18.15 -5.49
C29 ERY E . -9.85 -24.30 -4.57
C21 ERY E . -8.11 -18.21 -1.30
C37 ERY E . 1.80 -18.21 1.95
C31 ERY E . -3.23 -21.74 -1.78
C19 ERY E . -5.73 -15.91 -4.80
N1 UDP F . -1.64 -22.48 -23.75
C2 UDP F . -1.18 -22.90 -24.99
N3 UDP F . -1.85 -22.50 -26.13
C4 UDP F . -2.97 -21.70 -26.03
C5 UDP F . -3.42 -21.29 -24.78
C6 UDP F . -2.83 -21.81 -23.64
O2 UDP F . -0.19 -23.62 -25.07
O4 UDP F . -3.56 -21.35 -27.04
C1' UDP F . -0.93 -22.91 -22.55
C2' UDP F . 0.00 -21.84 -22.02
O2' UDP F . 1.26 -21.91 -22.63
C3' UDP F . 0.08 -22.23 -20.55
C4' UDP F . -1.30 -22.78 -20.26
O4' UDP F . -1.86 -23.17 -21.51
O3' UDP F . 1.06 -23.24 -20.40
C5' UDP F . -2.20 -21.70 -19.65
O5' UDP F . -2.07 -21.68 -18.25
PA UDP F . -2.38 -20.33 -17.44
O1A UDP F . -1.96 -20.54 -16.04
O2A UDP F . -1.76 -19.17 -18.13
O3A UDP F . -3.98 -20.12 -17.51
PB UDP F . -5.02 -21.06 -16.70
O1B UDP F . -4.33 -22.31 -16.35
O2B UDP F . -6.18 -21.33 -17.58
O3B UDP F . -5.48 -20.36 -15.48
MG MG G . 14.01 -14.36 -27.49
N ALA A 8 -19.40 11.14 -9.53
CA ALA A 8 -19.33 11.90 -8.29
C ALA A 8 -19.12 10.97 -7.09
N HIS A 9 -18.12 10.11 -7.19
CA HIS A 9 -17.73 9.29 -6.05
C HIS A 9 -16.27 9.52 -5.69
N ILE A 10 -16.06 10.42 -4.74
CA ILE A 10 -14.74 10.74 -4.23
C ILE A 10 -14.55 10.05 -2.89
N ALA A 11 -13.43 9.35 -2.71
CA ALA A 11 -13.16 8.67 -1.43
C ALA A 11 -11.97 9.32 -0.71
N MET A 12 -12.16 9.71 0.54
CA MET A 12 -11.11 10.35 1.34
C MET A 12 -10.51 9.35 2.33
N PHE A 13 -9.19 9.44 2.53
CA PHE A 13 -8.47 8.53 3.43
C PHE A 13 -7.61 9.32 4.39
N SER A 14 -7.70 9.02 5.68
CA SER A 14 -6.71 9.52 6.64
C SER A 14 -6.49 8.59 7.83
N ILE A 15 -5.81 9.11 8.85
CA ILE A 15 -5.48 8.36 10.05
C ILE A 15 -6.08 9.05 11.28
N ALA A 16 -6.05 8.37 12.43
CA ALA A 16 -6.63 8.93 13.65
C ALA A 16 -5.69 9.90 14.35
N ALA A 17 -5.46 11.05 13.74
CA ALA A 17 -4.64 12.10 14.33
C ALA A 17 -5.23 13.45 13.97
N HIS A 18 -5.39 14.32 14.96
CA HIS A 18 -6.07 15.59 14.72
C HIS A 18 -5.42 16.38 13.59
N GLY A 19 -4.09 16.40 13.57
CA GLY A 19 -3.37 17.23 12.61
C GLY A 19 -3.46 16.75 11.18
N HIS A 20 -3.99 15.54 10.98
CA HIS A 20 -4.16 15.00 9.65
C HIS A 20 -5.63 14.87 9.24
N VAL A 21 -6.53 15.37 10.08
CA VAL A 21 -7.96 15.32 9.78
C VAL A 21 -8.59 16.72 9.82
N ASN A 22 -8.32 17.46 10.89
CA ASN A 22 -8.83 18.83 11.01
C ASN A 22 -8.61 19.75 9.80
N PRO A 23 -7.40 19.75 9.20
CA PRO A 23 -7.16 20.72 8.13
C PRO A 23 -8.03 20.54 6.90
N SER A 24 -8.65 19.39 6.72
CA SER A 24 -9.45 19.16 5.51
C SER A 24 -10.94 18.95 5.75
N LEU A 25 -11.38 18.95 7.01
CA LEU A 25 -12.78 18.64 7.32
C LEU A 25 -13.81 19.52 6.59
N GLU A 26 -13.51 20.80 6.43
CA GLU A 26 -14.45 21.68 5.74
C GLU A 26 -14.45 21.48 4.23
N VAL A 27 -13.30 21.07 3.69
CA VAL A 27 -13.18 20.83 2.25
C VAL A 27 -14.05 19.63 1.87
N ILE A 28 -14.05 18.62 2.73
CA ILE A 28 -14.87 17.44 2.52
C ILE A 28 -16.32 17.92 2.44
N ARG A 29 -16.69 18.82 3.36
CA ARG A 29 -18.05 19.36 3.41
C ARG A 29 -18.50 20.07 2.14
N GLU A 30 -17.64 20.92 1.59
CA GLU A 30 -18.02 21.66 0.39
C GLU A 30 -18.16 20.75 -0.82
N LEU A 31 -17.41 19.65 -0.85
CA LEU A 31 -17.67 18.65 -1.87
C LEU A 31 -19.08 18.06 -1.67
N VAL A 32 -19.42 17.67 -0.45
CA VAL A 32 -20.77 17.18 -0.17
C VAL A 32 -21.83 18.23 -0.49
N ALA A 33 -21.64 19.43 0.06
CA ALA A 33 -22.65 20.50 -0.01
C ALA A 33 -23.00 20.80 -1.44
N ARG A 34 -22.06 20.52 -2.33
CA ARG A 34 -22.28 20.69 -3.76
C ARG A 34 -23.04 19.51 -4.33
N GLY A 35 -22.67 18.29 -3.92
CA GLY A 35 -23.41 17.11 -4.31
C GLY A 35 -22.57 15.85 -4.50
N HIS A 36 -21.93 15.37 -3.44
CA HIS A 36 -21.14 14.14 -3.52
C HIS A 36 -21.49 13.10 -2.46
N ARG A 37 -21.32 11.83 -2.84
CA ARG A 37 -21.42 10.72 -1.90
C ARG A 37 -20.02 10.41 -1.40
N VAL A 38 -19.35 11.46 -0.92
CA VAL A 38 -18.03 11.33 -0.32
C VAL A 38 -18.07 10.18 0.68
N THR A 39 -16.99 9.41 0.71
CA THR A 39 -16.80 8.42 1.76
C THR A 39 -15.46 8.76 2.41
N TYR A 40 -15.26 8.33 3.65
CA TYR A 40 -14.06 8.72 4.40
C TYR A 40 -13.50 7.52 5.18
N ALA A 41 -12.41 6.97 4.68
CA ALA A 41 -11.71 5.88 5.37
C ALA A 41 -11.01 6.43 6.61
N ILE A 42 -11.34 5.88 7.76
CA ILE A 42 -10.91 6.46 9.02
C ILE A 42 -10.90 5.40 10.13
N PRO A 43 -9.98 5.53 11.11
CA PRO A 43 -10.01 4.65 12.28
C PRO A 43 -11.26 4.90 13.15
N PRO A 44 -11.59 3.95 14.03
CA PRO A 44 -12.81 4.01 14.84
C PRO A 44 -12.92 5.19 15.81
N VAL A 45 -11.81 5.79 16.20
CA VAL A 45 -11.91 6.82 17.23
C VAL A 45 -12.41 8.15 16.62
N PHE A 46 -12.36 8.26 15.30
CA PHE A 46 -12.73 9.50 14.60
C PHE A 46 -13.92 9.33 13.64
N ALA A 47 -14.74 8.29 13.84
CA ALA A 47 -15.91 8.07 12.99
C ALA A 47 -16.87 9.27 12.99
N ASP A 48 -17.26 9.72 14.16
CA ASP A 48 -18.21 10.83 14.30
C ASP A 48 -17.71 12.11 13.66
N LYS A 49 -16.46 12.46 13.98
CA LYS A 49 -15.76 13.60 13.38
C LYS A 49 -15.87 13.65 11.85
N VAL A 50 -15.62 12.53 11.20
CA VAL A 50 -15.66 12.55 9.75
C VAL A 50 -17.10 12.46 9.21
N ALA A 51 -18.02 11.97 10.04
CA ALA A 51 -19.43 11.87 9.63
C ALA A 51 -20.08 13.24 9.74
N ALA A 52 -19.62 14.01 10.73
CA ALA A 52 -20.15 15.34 11.00
C ALA A 52 -19.93 16.26 9.81
N THR A 53 -19.13 15.80 8.86
CA THR A 53 -18.87 16.54 7.63
C THR A 53 -19.92 16.25 6.58
N GLY A 54 -20.73 15.23 6.82
CA GLY A 54 -21.65 14.77 5.81
C GLY A 54 -21.08 13.65 4.94
N ALA A 55 -19.85 13.25 5.19
CA ALA A 55 -19.25 12.08 4.53
C ALA A 55 -19.73 10.82 5.25
N ARG A 56 -19.89 9.71 4.52
CA ARG A 56 -20.16 8.43 5.17
C ARG A 56 -18.87 7.74 5.57
N PRO A 57 -18.64 7.58 6.89
CA PRO A 57 -17.39 6.95 7.30
C PRO A 57 -17.33 5.47 6.94
N VAL A 58 -16.11 5.01 6.70
CA VAL A 58 -15.82 3.61 6.43
C VAL A 58 -14.64 3.21 7.29
N LEU A 59 -14.92 2.45 8.35
CA LEU A 59 -13.93 2.09 9.35
C LEU A 59 -12.91 1.08 8.84
N TYR A 60 -11.65 1.48 8.85
CA TYR A 60 -10.56 0.52 8.78
C TYR A 60 -9.78 0.60 10.09
N HIS A 61 -9.18 -0.51 10.48
CA HIS A 61 -8.41 -0.61 11.72
C HIS A 61 -6.98 -0.11 11.52
N SER A 62 -6.55 0.85 12.33
CA SER A 62 -5.19 1.39 12.23
C SER A 62 -4.32 1.03 13.44
N THR A 63 -3.01 0.91 13.22
CA THR A 63 -2.08 0.52 14.27
C THR A 63 -1.26 1.70 14.78
N LEU A 64 -1.60 2.89 14.29
CA LEU A 64 -0.92 4.11 14.68
C LEU A 64 -1.40 4.58 16.06
N PRO A 65 -0.60 5.41 16.76
CA PRO A 65 -0.93 5.80 18.14
C PRO A 65 -2.30 6.45 18.24
N GLY A 66 -2.83 6.49 19.46
CA GLY A 66 -4.08 7.19 19.69
C GLY A 66 -3.84 8.69 19.67
N PRO A 67 -4.88 9.45 19.30
CA PRO A 67 -4.79 10.91 19.38
C PRO A 67 -4.57 11.31 20.83
N ASP A 68 -5.36 10.72 21.74
CA ASP A 68 -5.23 11.01 23.17
C ASP A 68 -3.97 10.38 23.77
N ALA A 69 -2.87 10.47 23.02
CA ALA A 69 -1.57 9.97 23.44
C ALA A 69 -0.51 10.97 23.01
N ASP A 70 0.54 11.12 23.82
CA ASP A 70 1.56 12.13 23.59
C ASP A 70 2.34 11.92 22.29
N PRO A 71 2.98 12.98 21.77
CA PRO A 71 3.65 12.90 20.47
C PRO A 71 4.85 11.95 20.42
N GLU A 72 5.24 11.35 21.54
CA GLU A 72 6.44 10.50 21.52
C GLU A 72 6.10 9.03 21.34
N ALA A 73 4.82 8.71 21.34
CA ALA A 73 4.38 7.39 20.93
C ALA A 73 4.67 7.25 19.43
N TRP A 74 4.94 8.39 18.79
CA TRP A 74 5.21 8.46 17.36
C TRP A 74 6.70 8.35 17.02
N GLY A 75 7.54 8.32 18.06
CA GLY A 75 8.97 8.13 17.86
C GLY A 75 9.81 9.40 17.89
N SER A 76 11.10 9.23 18.14
CA SER A 76 12.00 10.36 18.26
C SER A 76 13.30 10.14 17.50
N THR A 77 13.27 9.23 16.53
CA THR A 77 14.36 9.12 15.57
C THR A 77 13.75 9.00 14.17
N LEU A 78 14.55 9.19 13.14
CA LEU A 78 14.08 9.14 11.77
C LEU A 78 13.34 7.83 11.46
N LEU A 79 13.99 6.70 11.73
CA LEU A 79 13.37 5.42 11.42
C LEU A 79 12.19 5.12 12.35
N ASP A 80 12.24 5.60 13.60
CA ASP A 80 11.11 5.44 14.48
C ASP A 80 9.91 6.29 14.02
N ASN A 81 10.20 7.42 13.38
CA ASN A 81 9.13 8.27 12.84
C ASN A 81 8.47 7.64 11.62
N VAL A 82 9.28 7.11 10.70
CA VAL A 82 8.74 6.67 9.41
C VAL A 82 8.25 5.21 9.35
N GLU A 83 8.92 4.28 10.02
CA GLU A 83 8.47 2.90 9.83
C GLU A 83 7.06 2.55 10.31
N PRO A 84 6.55 3.20 11.37
CA PRO A 84 5.15 2.92 11.70
C PRO A 84 4.14 3.21 10.57
N PHE A 85 4.44 4.15 9.68
CA PHE A 85 3.51 4.44 8.60
C PHE A 85 3.49 3.32 7.56
N LEU A 86 4.65 2.70 7.33
CA LEU A 86 4.71 1.58 6.42
C LEU A 86 4.06 0.36 7.07
N ASN A 87 4.43 0.06 8.30
CA ASN A 87 3.85 -1.10 8.98
C ASN A 87 2.32 -0.98 9.11
N ASP A 88 1.83 0.22 9.40
CA ASP A 88 0.39 0.44 9.43
C ASP A 88 -0.24 0.21 8.04
N ALA A 89 0.43 0.73 7.02
CA ALA A 89 -0.07 0.60 5.64
C ALA A 89 -0.20 -0.84 5.19
N ILE A 90 0.77 -1.66 5.57
CA ILE A 90 0.75 -3.07 5.18
C ILE A 90 -0.56 -3.73 5.63
N GLN A 91 -0.92 -3.53 6.90
CA GLN A 91 -2.09 -4.20 7.46
C GLN A 91 -3.40 -3.47 7.17
N ALA A 92 -3.32 -2.19 6.79
CA ALA A 92 -4.52 -1.44 6.45
C ALA A 92 -4.97 -1.66 5.01
N LEU A 93 -4.02 -1.84 4.11
CA LEU A 93 -4.31 -1.87 2.69
C LEU A 93 -5.37 -2.91 2.28
N PRO A 94 -5.21 -4.18 2.70
CA PRO A 94 -6.29 -5.11 2.34
C PRO A 94 -7.63 -4.84 3.04
N GLN A 95 -7.63 -4.26 4.24
CA GLN A 95 -8.91 -3.92 4.88
C GLN A 95 -9.68 -2.96 4.00
N LEU A 96 -8.97 -1.97 3.45
CA LEU A 96 -9.60 -0.95 2.63
C LEU A 96 -9.94 -1.48 1.24
N ALA A 97 -9.10 -2.35 0.72
CA ALA A 97 -9.33 -2.95 -0.59
C ALA A 97 -10.70 -3.60 -0.66
N ASP A 98 -11.08 -4.35 0.37
CA ASP A 98 -12.38 -5.01 0.26
C ASP A 98 -13.47 -4.46 1.17
N ALA A 99 -13.20 -3.33 1.81
CA ALA A 99 -14.31 -2.54 2.32
C ALA A 99 -14.87 -1.81 1.12
N TYR A 100 -14.02 -1.58 0.12
CA TYR A 100 -14.33 -0.80 -1.07
C TYR A 100 -14.49 -1.65 -2.34
N ALA A 101 -14.34 -2.97 -2.21
CA ALA A 101 -14.32 -3.87 -3.36
C ALA A 101 -15.58 -3.88 -4.25
N ASP A 102 -16.66 -3.27 -3.77
CA ASP A 102 -17.79 -2.99 -4.66
C ASP A 102 -18.22 -1.54 -4.44
N ASP A 103 -17.39 -0.62 -4.91
CA ASP A 103 -17.54 0.81 -4.65
C ASP A 103 -16.36 1.59 -5.23
N ILE A 104 -15.77 1.14 -6.33
CA ILE A 104 -14.55 1.80 -6.81
C ILE A 104 -14.78 3.28 -7.17
N PRO A 105 -14.15 4.19 -6.41
CA PRO A 105 -14.44 5.62 -6.59
C PRO A 105 -13.86 6.15 -7.89
N ASP A 106 -14.34 7.30 -8.36
CA ASP A 106 -13.78 7.98 -9.53
C ASP A 106 -12.59 8.84 -9.16
N LEU A 107 -12.37 9.04 -7.87
CA LEU A 107 -11.22 9.81 -7.37
C LEU A 107 -10.93 9.49 -5.91
N VAL A 108 -9.65 9.50 -5.56
CA VAL A 108 -9.21 9.26 -4.19
C VAL A 108 -8.61 10.55 -3.62
N LEU A 109 -9.06 10.97 -2.45
CA LEU A 109 -8.45 12.09 -1.74
C LEU A 109 -7.74 11.51 -0.54
N HIS A 110 -6.58 12.05 -0.17
CA HIS A 110 -5.92 11.47 0.99
C HIS A 110 -4.92 12.41 1.66
N ASP A 111 -4.87 12.31 2.97
CA ASP A 111 -3.81 12.95 3.72
C ASP A 111 -2.48 12.26 3.38
N ILE A 112 -1.38 13.00 3.54
CA ILE A 112 -0.05 12.50 3.19
C ILE A 112 0.34 11.21 3.91
N THR A 113 -0.28 10.92 5.05
CA THR A 113 0.14 9.76 5.85
C THR A 113 -0.42 8.43 5.33
N SER A 114 -1.39 8.48 4.43
CA SER A 114 -2.05 7.25 3.98
C SER A 114 -1.40 6.60 2.75
N TYR A 115 -0.48 5.67 2.96
CA TYR A 115 0.07 4.92 1.84
C TYR A 115 -0.97 4.05 1.12
N PRO A 116 -1.92 3.44 1.87
CA PRO A 116 -2.90 2.63 1.14
C PRO A 116 -3.71 3.42 0.10
N ALA A 117 -4.02 4.68 0.38
CA ALA A 117 -4.76 5.49 -0.59
C ALA A 117 -3.99 5.61 -1.91
N ARG A 118 -2.68 5.79 -1.81
CA ARG A 118 -1.81 5.88 -2.97
C ARG A 118 -1.87 4.58 -3.76
N VAL A 119 -1.73 3.46 -3.06
CA VAL A 119 -1.73 2.17 -3.72
C VAL A 119 -3.09 1.93 -4.38
N LEU A 120 -4.15 2.13 -3.62
CA LEU A 120 -5.50 1.85 -4.12
C LEU A 120 -5.92 2.72 -5.32
N ALA A 121 -5.57 3.99 -5.31
CA ALA A 121 -5.88 4.85 -6.45
C ALA A 121 -5.23 4.30 -7.72
N ARG A 122 -3.94 3.99 -7.62
CA ARG A 122 -3.18 3.40 -8.72
C ARG A 122 -3.81 2.10 -9.22
N ARG A 123 -4.11 1.19 -8.29
CA ARG A 123 -4.72 -0.09 -8.64
C ARG A 123 -6.08 0.13 -9.31
N TRP A 124 -6.93 0.92 -8.65
CA TRP A 124 -8.28 1.20 -9.15
C TRP A 124 -8.30 2.05 -10.42
N GLY A 125 -7.16 2.65 -10.74
CA GLY A 125 -7.04 3.48 -11.93
C GLY A 125 -7.71 4.83 -11.88
N VAL A 126 -8.02 5.32 -10.69
CA VAL A 126 -8.51 6.70 -10.60
C VAL A 126 -7.48 7.66 -10.04
N PRO A 127 -7.44 8.87 -10.59
CA PRO A 127 -6.60 9.96 -10.12
C PRO A 127 -6.75 10.16 -8.61
N ALA A 128 -5.71 10.69 -8.00
CA ALA A 128 -5.76 10.91 -6.56
C ALA A 128 -5.20 12.28 -6.27
N VAL A 129 -5.69 12.89 -5.21
CA VAL A 129 -5.22 14.20 -4.79
C VAL A 129 -4.72 14.07 -3.36
N SER A 130 -3.46 14.46 -3.16
CA SER A 130 -2.86 14.41 -1.84
C SER A 130 -3.14 15.75 -1.16
N LEU A 131 -3.53 15.70 0.12
CA LEU A 131 -3.82 16.91 0.88
C LEU A 131 -2.78 17.04 1.98
N SER A 132 -1.96 18.08 1.90
CA SER A 132 -0.85 18.23 2.84
C SER A 132 -1.10 19.35 3.84
N PRO A 133 -1.07 19.03 5.13
CA PRO A 133 -1.33 20.01 6.18
C PRO A 133 -0.02 20.67 6.65
N ASN A 134 1.04 20.50 5.87
CA ASN A 134 2.33 21.10 6.19
C ASN A 134 3.09 21.34 4.90
N LEU A 135 4.33 21.80 5.03
CA LEU A 135 5.15 22.09 3.86
C LEU A 135 5.35 20.85 2.99
N VAL A 136 5.67 21.09 1.71
CA VAL A 136 5.90 19.99 0.77
C VAL A 136 7.30 20.08 0.18
N ALA A 137 7.68 19.08 -0.59
CA ALA A 137 8.98 19.08 -1.25
C ALA A 137 9.04 20.15 -2.34
N TRP A 138 10.19 20.83 -2.45
CA TRP A 138 10.46 21.70 -3.57
C TRP A 138 11.36 20.95 -4.54
N LYS A 139 11.53 21.47 -5.74
CA LYS A 139 12.46 20.84 -6.69
C LYS A 139 13.87 20.96 -6.12
N GLY A 140 14.53 19.82 -5.91
CA GLY A 140 15.83 19.82 -5.27
C GLY A 140 15.79 19.32 -3.85
N TYR A 141 14.59 19.05 -3.33
CA TYR A 141 14.41 18.59 -1.96
C TYR A 141 15.22 17.34 -1.64
N GLU A 142 15.27 16.42 -2.59
CA GLU A 142 15.87 15.13 -2.30
C GLU A 142 17.38 15.24 -2.18
N GLU A 143 18.04 15.99 -3.06
CA GLU A 143 19.47 16.16 -2.89
C GLU A 143 19.78 17.13 -1.75
N GLU A 144 18.90 18.10 -1.51
CA GLU A 144 19.13 19.13 -0.51
C GLU A 144 18.87 18.66 0.92
N VAL A 145 17.79 17.91 1.11
CA VAL A 145 17.33 17.51 2.45
C VAL A 145 17.28 16.01 2.65
N ALA A 146 16.66 15.30 1.71
CA ALA A 146 16.43 13.87 1.88
C ALA A 146 17.74 13.08 1.94
N GLU A 147 18.72 13.47 1.14
CA GLU A 147 19.99 12.73 1.15
C GLU A 147 20.72 12.78 2.49
N PRO A 148 20.98 13.98 3.06
CA PRO A 148 21.73 13.97 4.32
C PRO A 148 20.88 13.42 5.47
N MET A 149 19.57 13.56 5.33
CA MET A 149 18.65 12.98 6.29
C MET A 149 18.86 11.47 6.31
N TRP A 150 18.97 10.86 5.13
CA TRP A 150 19.10 9.40 5.03
C TRP A 150 20.52 8.91 4.84
N ARG A 151 21.45 9.83 4.55
CA ARG A 151 22.84 9.49 4.21
C ARG A 151 23.43 8.35 5.03
N GLU A 152 23.43 8.48 6.35
CA GLU A 152 23.86 7.38 7.23
C GLU A 152 22.83 6.26 7.38
N PRO A 153 21.64 6.58 7.96
CA PRO A 153 20.74 5.48 8.34
C PRO A 153 20.38 4.56 7.18
N ARG A 154 20.34 5.10 5.96
CA ARG A 154 20.08 4.28 4.78
C ARG A 154 21.14 3.18 4.63
N GLN A 155 22.38 3.50 5.03
CA GLN A 155 23.43 2.49 5.18
C GLN A 155 23.55 2.07 6.64
N THR A 156 22.48 1.50 7.17
CA THR A 156 22.52 0.67 8.39
C THR A 156 21.66 -0.54 8.09
N GLU A 157 21.92 -1.66 8.77
CA GLU A 157 21.09 -2.84 8.54
C GLU A 157 19.62 -2.51 8.75
N ARG A 158 19.32 -1.79 9.82
CA ARG A 158 17.94 -1.40 10.10
C ARG A 158 17.38 -0.54 8.97
N GLY A 159 18.16 0.43 8.51
CA GLY A 159 17.75 1.31 7.42
C GLY A 159 17.68 0.61 6.08
N ARG A 160 18.69 -0.19 5.76
CA ARG A 160 18.67 -1.00 4.55
C ARG A 160 17.43 -1.87 4.50
N ALA A 161 17.14 -2.52 5.61
CA ALA A 161 16.04 -3.47 5.69
C ALA A 161 14.69 -2.78 5.52
N TYR A 162 14.56 -1.60 6.12
CA TYR A 162 13.34 -0.82 6.00
C TYR A 162 13.06 -0.47 4.53
N TYR A 163 14.06 0.06 3.84
CA TYR A 163 13.88 0.42 2.43
C TYR A 163 13.62 -0.79 1.53
N ALA A 164 14.34 -1.89 1.75
CA ALA A 164 14.09 -3.09 0.95
C ALA A 164 12.69 -3.60 1.19
N ARG A 165 12.24 -3.52 2.44
CA ARG A 165 10.90 -3.93 2.85
C ARG A 165 9.85 -3.09 2.13
N PHE A 166 10.07 -1.78 2.11
CA PHE A 166 9.15 -0.83 1.51
C PHE A 166 9.09 -1.09 0.01
N GLU A 167 10.25 -1.25 -0.60
CA GLU A 167 10.30 -1.51 -2.04
C GLU A 167 9.58 -2.81 -2.42
N ALA A 168 9.81 -3.85 -1.64
CA ALA A 168 9.20 -5.15 -1.94
C ALA A 168 7.68 -5.07 -1.83
N TRP A 169 7.20 -4.31 -0.86
CA TRP A 169 5.76 -4.11 -0.68
C TRP A 169 5.18 -3.39 -1.89
N LEU A 170 5.85 -2.32 -2.32
CA LEU A 170 5.43 -1.62 -3.53
C LEU A 170 5.44 -2.56 -4.75
N LYS A 171 6.51 -3.34 -4.87
CA LYS A 171 6.65 -4.27 -6.01
C LYS A 171 5.51 -5.29 -6.07
N GLU A 172 5.12 -5.83 -4.92
CA GLU A 172 4.00 -6.78 -4.87
C GLU A 172 2.72 -6.13 -5.39
N ASN A 173 2.58 -4.82 -5.15
CA ASN A 173 1.40 -4.11 -5.59
C ASN A 173 1.56 -3.46 -6.96
N GLY A 174 2.59 -3.86 -7.70
CA GLY A 174 2.77 -3.45 -9.08
C GLY A 174 3.36 -2.07 -9.28
N ILE A 175 3.95 -1.55 -8.20
CA ILE A 175 4.51 -0.20 -8.21
C ILE A 175 6.03 -0.27 -8.26
N THR A 176 6.63 0.34 -9.28
CA THR A 176 8.07 0.31 -9.41
C THR A 176 8.70 1.67 -9.11
N GLU A 177 7.93 2.61 -8.58
CA GLU A 177 8.58 3.84 -8.15
C GLU A 177 9.43 3.55 -6.90
N HIS A 178 10.49 4.31 -6.71
CA HIS A 178 11.28 4.21 -5.49
C HIS A 178 10.38 4.61 -4.33
N PRO A 179 10.57 3.99 -3.15
CA PRO A 179 9.74 4.35 -2.00
C PRO A 179 9.70 5.86 -1.70
N ASP A 180 10.81 6.58 -1.87
CA ASP A 180 10.80 8.02 -1.64
C ASP A 180 9.96 8.77 -2.66
N THR A 181 9.92 8.26 -3.89
CA THR A 181 9.06 8.81 -4.92
C THR A 181 7.62 8.63 -4.46
N PHE A 182 7.29 7.39 -4.13
CA PHE A 182 5.96 6.99 -3.69
C PHE A 182 5.48 7.85 -2.52
N ALA A 183 6.36 8.02 -1.53
CA ALA A 183 5.97 8.67 -0.30
C ALA A 183 5.97 10.20 -0.37
N SER A 184 7.03 10.77 -0.95
CA SER A 184 7.28 12.20 -0.80
C SER A 184 6.91 13.03 -2.03
N HIS A 185 6.59 12.38 -3.13
CA HIS A 185 6.36 13.11 -4.38
C HIS A 185 5.07 12.74 -5.08
N PRO A 186 3.94 13.25 -4.57
CA PRO A 186 2.64 12.97 -5.18
C PRO A 186 2.59 13.58 -6.58
N PRO A 187 1.87 12.95 -7.49
CA PRO A 187 1.77 13.63 -8.79
C PRO A 187 0.82 14.85 -8.77
N ARG A 188 -0.05 14.94 -7.76
CA ARG A 188 -0.92 16.10 -7.59
C ARG A 188 -1.21 16.34 -6.10
N SER A 189 -1.11 17.59 -5.66
CA SER A 189 -1.25 17.89 -4.23
C SER A 189 -1.83 19.28 -4.00
N LEU A 190 -2.74 19.39 -3.04
CA LEU A 190 -3.20 20.67 -2.52
C LEU A 190 -2.59 20.87 -1.15
N VAL A 191 -2.03 22.05 -0.92
CA VAL A 191 -1.30 22.30 0.32
C VAL A 191 -2.07 23.28 1.20
N LEU A 192 -2.39 22.83 2.41
CA LEU A 192 -3.30 23.55 3.29
C LEU A 192 -2.58 24.50 4.25
N ILE A 193 -1.46 25.04 3.79
CA ILE A 193 -0.78 26.09 4.53
C ILE A 193 -0.54 27.26 3.58
N PRO A 194 -0.33 28.46 4.11
CA PRO A 194 -0.02 29.55 3.19
C PRO A 194 1.37 29.33 2.58
N LYS A 195 1.54 29.71 1.32
CA LYS A 195 2.84 29.52 0.69
C LYS A 195 3.91 30.37 1.38
N ALA A 196 3.47 31.38 2.11
CA ALA A 196 4.36 32.22 2.89
C ALA A 196 5.12 31.43 3.95
N LEU A 197 4.57 30.28 4.34
CA LEU A 197 5.21 29.43 5.34
C LEU A 197 5.80 28.17 4.73
N GLN A 198 6.02 28.19 3.43
CA GLN A 198 6.67 27.10 2.73
C GLN A 198 8.13 27.46 2.44
N PRO A 199 9.08 26.66 2.94
CA PRO A 199 10.48 26.93 2.61
C PRO A 199 10.69 26.79 1.10
N HIS A 200 11.60 27.58 0.53
CA HIS A 200 11.93 27.45 -0.89
C HIS A 200 10.70 27.50 -1.78
N ALA A 201 9.75 28.33 -1.41
CA ALA A 201 8.47 28.41 -2.10
C ALA A 201 8.63 28.61 -3.61
N ASP A 202 9.66 29.34 -4.00
CA ASP A 202 9.86 29.64 -5.41
C ASP A 202 10.35 28.45 -6.21
N ARG A 203 10.71 27.37 -5.51
CA ARG A 203 11.21 26.19 -6.20
C ARG A 203 10.19 25.04 -6.16
N VAL A 204 9.03 25.30 -5.59
CA VAL A 204 7.97 24.29 -5.58
C VAL A 204 7.35 24.19 -6.97
N ASP A 205 7.04 22.97 -7.40
CA ASP A 205 6.49 22.71 -8.73
C ASP A 205 5.01 23.04 -8.75
N GLU A 206 4.65 24.18 -9.36
CA GLU A 206 3.26 24.62 -9.40
C GLU A 206 2.34 23.70 -10.22
N ASP A 207 2.92 22.81 -11.02
CA ASP A 207 2.12 21.84 -11.76
C ASP A 207 1.55 20.76 -10.84
N VAL A 208 2.36 20.35 -9.87
CA VAL A 208 1.96 19.33 -8.92
C VAL A 208 1.22 19.93 -7.72
N TYR A 209 1.78 21.01 -7.19
CA TYR A 209 1.28 21.58 -5.94
C TYR A 209 0.52 22.88 -6.12
N THR A 210 -0.66 22.97 -5.51
CA THR A 210 -1.40 24.23 -5.40
C THR A 210 -1.63 24.53 -3.92
N PHE A 211 -1.25 25.73 -3.49
CA PHE A 211 -1.48 26.15 -2.11
C PHE A 211 -2.87 26.78 -1.93
N VAL A 212 -3.63 26.27 -0.97
CA VAL A 212 -4.99 26.75 -0.70
C VAL A 212 -5.22 27.16 0.76
N GLY A 213 -4.33 26.73 1.64
CA GLY A 213 -4.32 27.25 3.01
C GLY A 213 -5.25 26.59 4.02
N ALA A 214 -5.61 27.35 5.04
CA ALA A 214 -6.42 26.82 6.13
C ALA A 214 -7.87 26.72 5.72
N CYS A 215 -8.44 25.55 5.92
CA CYS A 215 -9.84 25.32 5.60
C CYS A 215 -10.55 24.91 6.88
N GLN A 216 -10.32 25.66 7.94
CA GLN A 216 -11.08 25.54 9.17
C GLN A 216 -11.74 26.90 9.34
N GLY A 217 -11.52 27.51 10.51
CA GLY A 217 -11.95 28.86 10.85
C GLY A 217 -13.20 29.42 10.21
N ASP A 218 -14.36 29.06 10.73
CA ASP A 218 -15.64 29.33 10.05
C ASP A 218 -16.70 30.08 10.86
N ARG A 219 -16.41 31.24 11.44
CA ARG A 219 -15.14 31.96 11.30
C ARG A 219 -14.85 32.83 12.54
N ALA A 220 -14.41 32.20 13.64
CA ALA A 220 -14.43 30.75 13.83
C ALA A 220 -15.19 30.41 15.10
N GLU A 221 -14.53 29.71 16.01
CA GLU A 221 -15.16 29.29 17.25
C GLU A 221 -14.26 29.35 18.49
N GLU A 222 -14.81 29.81 19.61
CA GLU A 222 -16.14 30.46 19.62
C GLU A 222 -16.15 31.74 20.47
N GLY A 223 -16.80 32.76 19.91
CA GLY A 223 -16.83 34.09 20.48
C GLY A 223 -16.58 35.20 19.46
N GLY A 224 -17.17 36.36 19.74
CA GLY A 224 -16.71 37.62 19.20
C GLY A 224 -16.04 38.33 20.37
N TRP A 225 -15.29 39.40 20.12
CA TRP A 225 -14.62 40.14 21.20
C TRP A 225 -14.57 41.64 20.91
N GLN A 226 -14.84 42.47 21.92
CA GLN A 226 -14.71 43.92 21.75
C GLN A 226 -13.39 44.41 22.33
N ARG A 227 -12.63 45.18 21.55
CA ARG A 227 -11.46 45.86 22.11
C ARG A 227 -12.03 46.79 23.16
N PRO A 228 -11.33 46.94 24.31
CA PRO A 228 -11.76 47.96 25.26
C PRO A 228 -11.84 49.32 24.57
N ALA A 229 -12.89 50.08 24.90
CA ALA A 229 -13.00 51.43 24.39
C ALA A 229 -11.82 52.18 24.96
N GLY A 230 -11.09 52.88 24.12
CA GLY A 230 -9.95 53.64 24.61
C GLY A 230 -8.61 52.98 24.37
N ALA A 231 -8.62 51.70 23.98
CA ALA A 231 -7.38 50.99 23.66
C ALA A 231 -6.82 51.39 22.30
N GLU A 232 -5.55 51.78 22.26
CA GLU A 232 -4.88 52.09 21.00
C GLU A 232 -4.17 50.88 20.40
N LYS A 233 -3.50 50.10 21.26
CA LYS A 233 -2.79 48.91 20.84
C LYS A 233 -3.23 47.70 21.67
N VAL A 234 -3.75 46.68 21.01
CA VAL A 234 -4.10 45.44 21.69
C VAL A 234 -3.07 44.36 21.36
N VAL A 235 -2.52 43.71 22.39
CA VAL A 235 -1.59 42.61 22.17
C VAL A 235 -2.17 41.33 22.76
N LEU A 236 -2.18 40.28 21.94
CA LEU A 236 -2.61 38.96 22.39
C LEU A 236 -1.38 38.09 22.61
N VAL A 237 -1.29 37.46 23.78
CA VAL A 237 -0.32 36.40 23.98
C VAL A 237 -1.08 35.08 24.02
N SER A 238 -0.73 34.18 23.11
CA SER A 238 -1.37 32.88 23.06
C SER A 238 -0.37 31.87 22.53
N LEU A 239 -0.32 30.70 23.16
CA LEU A 239 0.55 29.65 22.68
C LEU A 239 -0.28 28.41 22.31
N GLY A 240 -1.09 28.52 21.27
CA GLY A 240 -1.93 27.43 20.79
C GLY A 240 -2.70 26.73 21.90
N SER A 241 -2.77 25.41 21.83
CA SER A 241 -3.50 24.64 22.83
C SER A 241 -2.66 23.58 23.53
N ALA A 242 -1.34 23.69 23.50
CA ALA A 242 -0.51 22.62 24.08
C ALA A 242 0.81 23.07 24.72
N PHE A 243 1.63 23.79 23.98
CA PHE A 243 2.97 24.17 24.44
C PHE A 243 2.94 25.37 25.37
N THR A 244 1.94 25.44 26.24
CA THR A 244 1.82 26.58 27.12
C THR A 244 2.87 26.42 28.22
N LYS A 245 4.06 26.97 27.94
CA LYS A 245 5.28 26.64 28.69
C LYS A 245 6.24 27.82 28.96
N GLN A 246 7.22 27.56 29.83
CA GLN A 246 8.32 28.46 30.20
C GLN A 246 7.90 29.53 31.22
N PRO A 247 8.11 29.24 32.51
CA PRO A 247 7.33 29.88 33.59
C PRO A 247 7.58 31.37 33.89
N ALA A 248 8.77 31.90 33.62
CA ALA A 248 8.98 33.33 33.79
C ALA A 248 8.25 34.14 32.70
N PHE A 249 7.76 33.44 31.67
CA PHE A 249 7.28 34.10 30.45
C PHE A 249 5.95 34.88 30.56
N TYR A 250 4.91 34.32 31.19
CA TYR A 250 3.67 35.10 31.34
C TYR A 250 3.90 36.32 32.23
N ARG A 251 4.72 36.18 33.28
CA ARG A 251 5.16 37.34 34.07
C ARG A 251 6.05 38.30 33.30
N GLU A 252 6.86 37.78 32.37
CA GLU A 252 7.67 38.68 31.56
C GLU A 252 6.77 39.50 30.65
N CYS A 253 5.73 38.87 30.11
CA CYS A 253 4.76 39.58 29.27
C CYS A 253 4.06 40.67 30.09
N VAL A 254 3.99 40.47 31.40
CA VAL A 254 3.27 41.39 32.26
C VAL A 254 3.99 42.72 32.44
N ARG A 255 5.26 42.67 32.83
CA ARG A 255 6.02 43.89 33.08
C ARG A 255 6.35 44.57 31.77
N ALA A 256 6.27 43.80 30.68
CA ALA A 256 6.40 44.32 29.33
C ALA A 256 5.28 45.30 28.99
N PHE A 257 4.04 44.85 29.18
CA PHE A 257 2.88 45.59 28.70
C PHE A 257 2.05 46.16 29.85
N GLY A 258 2.27 45.65 31.05
CA GLY A 258 1.50 46.05 32.21
C GLY A 258 1.70 47.51 32.54
N ASN A 259 0.60 48.22 32.71
CA ASN A 259 0.61 49.67 32.95
C ASN A 259 1.45 50.43 31.94
N LEU A 260 1.49 49.93 30.70
CA LEU A 260 2.17 50.62 29.61
C LEU A 260 1.12 51.40 28.83
N PRO A 261 1.00 52.72 29.09
CA PRO A 261 -0.05 53.57 28.52
C PRO A 261 -0.28 53.31 27.04
N GLY A 262 -1.54 53.17 26.65
CA GLY A 262 -1.91 52.93 25.27
C GLY A 262 -2.17 51.46 24.97
N TRP A 263 -1.56 50.58 25.76
CA TRP A 263 -1.60 49.14 25.45
C TRP A 263 -2.60 48.38 26.30
N HIS A 264 -3.21 47.37 25.70
CA HIS A 264 -4.04 46.44 26.44
C HIS A 264 -3.59 45.03 26.09
N LEU A 265 -3.29 44.24 27.12
CA LEU A 265 -2.78 42.88 26.96
C LEU A 265 -3.86 41.84 27.23
N VAL A 266 -4.16 41.02 26.23
CA VAL A 266 -5.01 39.86 26.42
C VAL A 266 -4.11 38.65 26.60
N LEU A 267 -4.23 38.00 27.75
CA LEU A 267 -3.34 36.92 28.11
C LEU A 267 -4.05 35.58 28.07
N GLN A 268 -3.51 34.67 27.27
CA GLN A 268 -4.01 33.30 27.19
C GLN A 268 -2.98 32.37 27.82
N ILE A 269 -3.27 31.87 29.02
CA ILE A 269 -2.24 31.18 29.79
C ILE A 269 -2.42 29.68 29.84
N GLY A 270 -1.40 28.99 30.31
CA GLY A 270 -1.44 27.54 30.42
C GLY A 270 -2.46 26.99 31.38
N ARG A 271 -1.96 26.26 32.37
CA ARG A 271 -2.71 25.29 33.19
C ARG A 271 -4.22 25.45 33.46
N LYS A 272 -4.63 25.45 34.74
CA LYS A 272 -6.01 25.04 35.05
C LYS A 272 -7.04 25.99 35.75
N VAL A 273 -6.77 26.63 36.91
CA VAL A 273 -5.81 26.29 37.97
C VAL A 273 -4.31 26.36 37.64
N THR A 274 -3.72 27.52 37.93
CA THR A 274 -4.48 28.67 38.43
C THR A 274 -4.11 29.93 37.63
N PRO A 275 -5.02 30.93 37.61
CA PRO A 275 -4.59 32.30 37.26
C PRO A 275 -4.11 32.98 38.55
N ALA A 276 -4.57 32.43 39.67
CA ALA A 276 -4.26 32.93 41.01
C ALA A 276 -2.80 32.71 41.43
N GLU A 277 -1.93 32.42 40.47
CA GLU A 277 -0.55 32.07 40.79
C GLU A 277 0.39 33.21 40.47
N LEU A 278 -0.11 34.19 39.73
CA LEU A 278 0.70 35.29 39.26
C LEU A 278 0.89 36.38 40.31
N GLY A 279 -0.16 36.70 41.05
CA GLY A 279 -0.15 37.88 41.91
C GLY A 279 -0.73 39.08 41.16
N GLU A 280 -0.71 40.24 41.83
CA GLU A 280 -1.34 41.46 41.33
C GLU A 280 -1.06 41.76 39.85
N LEU A 281 -2.13 42.04 39.11
CA LEU A 281 -2.00 42.33 37.69
C LEU A 281 -2.39 43.77 37.44
N PRO A 282 -1.68 44.44 36.53
CA PRO A 282 -2.09 45.77 36.09
C PRO A 282 -3.52 45.76 35.54
N ASP A 283 -4.19 46.92 35.55
CA ASP A 283 -5.59 47.00 35.14
C ASP A 283 -5.76 46.83 33.63
N ASN A 284 -4.66 46.93 32.89
CA ASN A 284 -4.74 46.82 31.43
C ASN A 284 -4.39 45.42 30.93
N VAL A 285 -4.67 44.42 31.76
CA VAL A 285 -4.39 43.03 31.42
C VAL A 285 -5.64 42.16 31.68
N GLU A 286 -6.01 41.31 30.72
CA GLU A 286 -6.98 40.23 30.99
C GLU A 286 -6.33 38.87 30.76
N VAL A 287 -6.77 37.85 31.52
CA VAL A 287 -6.00 36.60 31.70
C VAL A 287 -6.85 35.32 31.64
N HIS A 288 -6.62 34.51 30.60
CA HIS A 288 -7.43 33.32 30.37
C HIS A 288 -6.61 32.05 30.15
N ASP A 289 -7.21 30.90 30.46
CA ASP A 289 -6.58 29.60 30.17
C ASP A 289 -6.94 29.10 28.77
N TRP A 290 -7.84 29.82 28.12
CA TRP A 290 -8.21 29.61 26.72
C TRP A 290 -8.96 30.85 26.22
N VAL A 291 -8.65 31.27 24.99
CA VAL A 291 -9.34 32.43 24.41
C VAL A 291 -9.89 32.17 23.01
N PRO A 292 -10.87 32.99 22.58
CA PRO A 292 -11.33 32.96 21.19
C PRO A 292 -10.34 33.75 20.33
N GLN A 293 -9.44 33.03 19.66
CA GLN A 293 -8.23 33.64 19.14
C GLN A 293 -8.45 34.43 17.86
N LEU A 294 -9.27 33.88 16.96
CA LEU A 294 -9.47 34.52 15.67
C LEU A 294 -10.14 35.88 15.81
N ALA A 295 -11.23 35.93 16.57
CA ALA A 295 -11.94 37.19 16.75
C ALA A 295 -11.04 38.25 17.37
N ILE A 296 -10.20 37.84 18.31
CA ILE A 296 -9.26 38.77 18.93
C ILE A 296 -8.21 39.25 17.93
N LEU A 297 -7.72 38.35 17.08
CA LEU A 297 -6.68 38.71 16.13
C LEU A 297 -7.16 39.75 15.10
N ARG A 298 -8.44 39.71 14.73
CA ARG A 298 -9.00 40.75 13.86
C ARG A 298 -8.97 42.08 14.56
N GLN A 299 -8.91 42.01 15.88
CA GLN A 299 -9.05 43.18 16.73
C GLN A 299 -7.71 43.65 17.28
N ALA A 300 -6.67 42.84 17.08
CA ALA A 300 -5.36 43.07 17.71
C ALA A 300 -4.34 43.77 16.82
N ASP A 301 -3.34 44.37 17.46
CA ASP A 301 -2.26 45.07 16.77
C ASP A 301 -0.95 44.30 16.84
N LEU A 302 -0.89 43.32 17.73
CA LEU A 302 0.32 42.55 17.94
C LEU A 302 -0.02 41.17 18.46
N PHE A 303 0.75 40.17 18.04
CA PHE A 303 0.49 38.80 18.47
C PHE A 303 1.81 38.18 18.94
N VAL A 304 1.90 37.88 20.24
CA VAL A 304 3.03 37.13 20.74
C VAL A 304 2.66 35.66 20.67
N THR A 305 3.33 34.93 19.79
CA THR A 305 2.94 33.57 19.44
C THR A 305 4.11 32.59 19.55
N HIS A 306 3.81 31.33 19.81
CA HIS A 306 4.83 30.29 19.76
C HIS A 306 5.10 29.81 18.33
N ALA A 307 4.42 30.43 17.36
CA ALA A 307 4.65 30.16 15.93
C ALA A 307 4.25 28.74 15.53
N GLY A 308 3.26 28.19 16.21
CA GLY A 308 2.60 26.98 15.74
C GLY A 308 2.02 27.23 14.36
N ALA A 309 1.77 26.15 13.62
CA ALA A 309 1.19 26.27 12.29
C ALA A 309 -0.09 27.12 12.27
N GLY A 310 -0.94 26.92 13.27
CA GLY A 310 -2.21 27.61 13.32
C GLY A 310 -2.05 29.08 13.64
N GLY A 311 -1.37 29.37 14.75
CA GLY A 311 -1.11 30.75 15.13
C GLY A 311 -0.39 31.53 14.04
N SER A 312 0.60 30.90 13.42
CA SER A 312 1.39 31.59 12.40
C SER A 312 0.49 32.00 11.24
N GLN A 313 -0.36 31.08 10.80
CA GLN A 313 -1.21 31.39 9.66
C GLN A 313 -2.32 32.38 10.04
N GLU A 314 -2.78 32.32 11.28
CA GLU A 314 -3.81 33.24 11.76
C GLU A 314 -3.27 34.66 11.89
N GLY A 315 -2.05 34.78 12.40
CA GLY A 315 -1.38 36.06 12.44
C GLY A 315 -1.29 36.69 11.06
N LEU A 316 -0.89 35.90 10.07
CA LEU A 316 -0.79 36.43 8.71
C LEU A 316 -2.19 36.75 8.16
N ALA A 317 -3.13 35.84 8.34
CA ALA A 317 -4.48 36.00 7.82
C ALA A 317 -5.15 37.29 8.32
N THR A 318 -4.72 37.75 9.49
CA THR A 318 -5.30 38.92 10.12
C THR A 318 -4.36 40.13 10.08
N ALA A 319 -3.30 40.01 9.29
CA ALA A 319 -2.29 41.08 9.16
C ALA A 319 -1.85 41.62 10.51
N THR A 320 -1.50 40.71 11.41
CA THR A 320 -1.10 41.08 12.76
C THR A 320 0.38 40.81 12.94
N PRO A 321 1.19 41.86 13.16
CA PRO A 321 2.63 41.67 13.38
C PRO A 321 2.85 40.73 14.55
N MET A 322 3.93 39.97 14.51
CA MET A 322 4.13 38.93 15.50
C MET A 322 5.49 39.01 16.20
N ILE A 323 5.49 38.68 17.49
CA ILE A 323 6.72 38.32 18.18
C ILE A 323 6.67 36.80 18.33
N ALA A 324 7.58 36.13 17.65
CA ALA A 324 7.61 34.68 17.60
C ALA A 324 8.52 34.16 18.70
N VAL A 325 7.97 33.29 19.54
CA VAL A 325 8.70 32.67 20.64
C VAL A 325 8.48 31.16 20.59
N PRO A 326 9.15 30.48 19.64
CA PRO A 326 8.91 29.06 19.37
C PRO A 326 9.28 28.18 20.56
N GLN A 327 8.41 27.24 20.90
CA GLN A 327 8.63 26.39 22.05
C GLN A 327 9.23 25.05 21.63
N ALA A 328 8.60 24.41 20.64
CA ALA A 328 8.98 23.06 20.22
C ALA A 328 9.33 22.97 18.73
N VAL A 329 9.66 21.76 18.27
CA VAL A 329 10.14 21.54 16.92
C VAL A 329 9.07 21.80 15.88
N ASP A 330 7.81 21.73 16.31
CA ASP A 330 6.69 21.95 15.39
C ASP A 330 6.47 23.43 15.09
N GLN A 331 7.34 24.29 15.60
CA GLN A 331 7.21 25.74 15.40
C GLN A 331 8.55 26.39 15.07
N PHE A 332 9.61 25.60 14.99
CA PHE A 332 10.94 26.14 14.77
C PHE A 332 11.16 26.65 13.34
N GLY A 333 10.48 26.05 12.38
CA GLY A 333 10.58 26.51 11.00
C GLY A 333 9.80 27.80 10.79
N ASN A 334 8.60 27.87 11.33
CA ASN A 334 7.74 29.04 11.09
C ASN A 334 8.32 30.33 11.65
N ALA A 335 9.00 30.26 12.79
CA ALA A 335 9.57 31.48 13.37
C ALA A 335 10.56 32.18 12.44
N ASP A 336 11.49 31.43 11.86
CA ASP A 336 12.44 31.98 10.89
C ASP A 336 11.72 32.60 9.70
N MET A 337 10.73 31.87 9.17
CA MET A 337 10.03 32.33 7.98
C MET A 337 9.22 33.60 8.24
N LEU A 338 8.56 33.65 9.40
CA LEU A 338 7.81 34.85 9.77
C LEU A 338 8.73 36.06 9.82
N GLN A 339 9.87 35.91 10.48
CA GLN A 339 10.82 37.01 10.55
C GLN A 339 11.35 37.33 9.15
N GLY A 340 11.64 36.29 8.38
CA GLY A 340 12.12 36.47 7.01
C GLY A 340 11.18 37.23 6.10
N LEU A 341 9.88 37.13 6.39
CA LEU A 341 8.85 37.86 5.65
C LEU A 341 8.87 39.36 6.01
N GLY A 342 9.58 39.71 7.07
CA GLY A 342 9.65 41.08 7.52
C GLY A 342 8.42 41.52 8.29
N VAL A 343 7.74 40.57 8.92
CA VAL A 343 6.49 40.89 9.62
C VAL A 343 6.51 40.38 11.06
N ALA A 344 7.68 39.96 11.52
CA ALA A 344 7.81 39.40 12.85
C ALA A 344 9.24 39.53 13.32
N ARG A 345 9.42 39.43 14.64
CA ARG A 345 10.75 39.27 15.22
C ARG A 345 10.74 37.96 16.00
N LYS A 346 11.76 37.14 15.77
CA LYS A 346 11.91 35.89 16.50
C LYS A 346 12.73 36.14 17.75
N LEU A 347 12.15 35.88 18.93
CA LEU A 347 12.91 35.97 20.17
C LEU A 347 12.98 34.58 20.78
N ALA A 348 14.14 34.23 21.35
CA ALA A 348 14.24 32.93 21.99
C ALA A 348 13.92 32.95 23.50
N THR A 349 13.79 31.75 24.03
CA THR A 349 13.41 31.46 25.42
C THR A 349 13.81 32.48 26.49
N GLU A 350 15.06 32.38 26.94
CA GLU A 350 15.53 33.06 28.13
N GLU A 351 15.32 35.04 25.92
CA GLU A 351 15.78 36.39 25.70
C GLU A 351 14.66 37.37 26.01
N ALA A 352 13.44 36.86 26.09
CA ALA A 352 12.25 37.72 26.04
C ALA A 352 11.93 38.46 27.34
N THR A 353 12.79 39.42 27.71
CA THR A 353 12.58 40.24 28.89
C THR A 353 11.55 41.33 28.63
N ALA A 354 11.13 42.00 29.70
CA ALA A 354 10.10 43.02 29.58
C ALA A 354 10.57 44.15 28.66
N ASP A 355 11.81 44.55 28.83
CA ASP A 355 12.36 45.67 28.08
C ASP A 355 12.50 45.30 26.61
N LEU A 356 12.91 44.06 26.35
CA LEU A 356 13.10 43.59 24.97
C LEU A 356 11.75 43.31 24.31
N LEU A 357 10.85 42.66 25.04
CA LEU A 357 9.50 42.41 24.54
C LEU A 357 8.82 43.72 24.23
N ARG A 358 8.93 44.68 25.15
CA ARG A 358 8.32 45.99 24.93
C ARG A 358 8.93 46.71 23.75
N GLU A 359 10.26 46.72 23.68
CA GLU A 359 10.93 47.45 22.62
C GLU A 359 10.59 46.84 21.28
N THR A 360 10.55 45.51 21.25
CA THR A 360 10.23 44.79 20.03
C THR A 360 8.80 45.10 19.60
N ALA A 361 7.90 45.07 20.57
CA ALA A 361 6.50 45.39 20.36
C ALA A 361 6.28 46.78 19.75
N LEU A 362 6.84 47.80 20.38
CA LEU A 362 6.64 49.18 19.96
C LEU A 362 7.08 49.35 18.50
N ALA A 363 8.21 48.76 18.15
CA ALA A 363 8.75 48.93 16.80
C ALA A 363 7.93 48.21 15.75
N LEU A 364 7.50 46.98 16.05
CA LEU A 364 6.68 46.23 15.11
C LEU A 364 5.39 46.97 14.83
N VAL A 365 4.78 47.52 15.87
CA VAL A 365 3.48 48.15 15.71
C VAL A 365 3.58 49.54 15.05
N ASP A 366 4.74 50.16 15.12
CA ASP A 366 4.90 51.49 14.52
C ASP A 366 5.72 51.46 13.22
N ASP A 367 5.45 50.45 12.40
CA ASP A 367 6.20 50.22 11.17
C ASP A 367 5.20 50.04 10.01
N PRO A 368 5.07 51.07 9.16
CA PRO A 368 4.15 51.01 8.01
C PRO A 368 4.55 49.95 6.99
N GLU A 369 5.84 49.69 6.89
CA GLU A 369 6.31 48.69 5.95
C GLU A 369 5.94 47.28 6.41
N VAL A 370 5.97 47.07 7.73
CA VAL A 370 5.47 45.81 8.28
C VAL A 370 4.00 45.62 7.92
N ALA A 371 3.21 46.68 8.07
CA ALA A 371 1.79 46.64 7.75
C ALA A 371 1.52 46.35 6.27
N ARG A 372 2.17 47.13 5.41
CA ARG A 372 2.13 46.93 3.96
C ARG A 372 2.44 45.47 3.57
N ARG A 373 3.51 44.94 4.13
CA ARG A 373 3.91 43.57 3.84
C ARG A 373 2.89 42.56 4.34
N LEU A 374 2.30 42.82 5.50
CA LEU A 374 1.21 41.98 5.99
C LEU A 374 0.00 42.06 5.06
N ARG A 375 -0.32 43.25 4.56
CA ARG A 375 -1.43 43.41 3.62
C ARG A 375 -1.16 42.62 2.34
N ARG A 376 0.08 42.66 1.88
CA ARG A 376 0.40 41.94 0.64
C ARG A 376 0.32 40.42 0.84
N ILE A 377 0.83 39.92 1.96
CA ILE A 377 0.66 38.49 2.25
C ILE A 377 -0.83 38.17 2.40
N GLN A 378 -1.57 39.05 3.06
CA GLN A 378 -3.01 38.92 3.18
C GLN A 378 -3.67 38.81 1.79
N ALA A 379 -3.21 39.64 0.86
CA ALA A 379 -3.72 39.62 -0.51
C ALA A 379 -3.35 38.32 -1.20
N GLU A 380 -2.13 37.83 -0.92
CA GLU A 380 -1.66 36.60 -1.55
C GLU A 380 -2.41 35.39 -1.01
N MET A 381 -2.71 35.40 0.28
CA MET A 381 -3.50 34.33 0.87
C MET A 381 -4.93 34.33 0.29
N ALA A 382 -5.41 35.51 -0.09
CA ALA A 382 -6.70 35.60 -0.76
C ALA A 382 -6.68 34.86 -2.10
N GLN A 383 -5.57 34.97 -2.82
CA GLN A 383 -5.44 34.27 -4.10
C GLN A 383 -5.40 32.76 -3.90
N GLU A 384 -4.77 32.33 -2.81
CA GLU A 384 -4.74 30.91 -2.47
C GLU A 384 -6.16 30.41 -2.25
N GLY A 385 -7.02 31.29 -1.73
CA GLY A 385 -8.44 31.04 -1.66
C GLY A 385 -8.91 30.49 -0.31
N GLY A 386 -8.97 29.17 -0.22
CA GLY A 386 -9.41 28.48 0.99
C GLY A 386 -10.19 27.21 0.69
N THR A 387 -11.18 26.92 1.53
CA THR A 387 -11.99 25.72 1.40
C THR A 387 -12.66 25.61 0.04
N ARG A 388 -13.15 26.75 -0.47
CA ARG A 388 -13.87 26.77 -1.74
C ARG A 388 -12.97 26.51 -2.94
N ARG A 389 -11.78 27.12 -2.96
CA ARG A 389 -10.86 26.87 -4.06
C ARG A 389 -10.42 25.42 -4.04
N ALA A 390 -10.11 24.91 -2.84
CA ALA A 390 -9.74 23.51 -2.69
C ALA A 390 -10.94 22.65 -3.07
N ALA A 391 -12.14 23.17 -2.82
CA ALA A 391 -13.35 22.49 -3.29
C ALA A 391 -13.36 22.41 -4.80
N ASP A 392 -13.25 23.57 -5.46
CA ASP A 392 -13.25 23.62 -6.93
C ASP A 392 -12.08 22.81 -7.49
N LEU A 393 -10.93 22.85 -6.81
CA LEU A 393 -9.77 22.13 -7.32
C LEU A 393 -9.99 20.62 -7.21
N ILE A 394 -10.69 20.18 -6.18
CA ILE A 394 -11.00 18.76 -6.02
C ILE A 394 -12.06 18.30 -7.04
N GLU A 395 -12.92 19.22 -7.47
CA GLU A 395 -13.84 18.89 -8.54
C GLU A 395 -13.10 18.83 -9.85
N ALA A 396 -12.31 19.87 -10.12
CA ALA A 396 -11.56 19.95 -11.36
C ALA A 396 -10.66 18.74 -11.60
N GLU A 397 -10.52 17.89 -10.58
CA GLU A 397 -9.67 16.70 -10.68
C GLU A 397 -10.42 15.45 -11.12
N LEU A 398 -11.71 15.57 -11.34
CA LEU A 398 -12.41 14.47 -11.98
C LEU A 398 -12.15 14.55 -13.49
N PRO A 399 -12.32 13.42 -14.18
CA PRO A 399 -12.70 13.36 -15.60
C PRO A 399 -14.23 13.41 -15.61
N ALA A 400 -14.87 13.64 -16.75
CA ALA A 400 -16.33 13.86 -16.78
C ALA A 400 -17.15 12.71 -16.21
N THR B 6 16.76 -52.39 -3.41
CA THR B 6 15.33 -52.26 -3.23
C THR B 6 14.89 -50.82 -3.53
N PRO B 7 13.79 -50.65 -4.28
CA PRO B 7 13.30 -49.36 -4.79
C PRO B 7 12.52 -48.53 -3.75
N ALA B 8 12.87 -47.25 -3.67
CA ALA B 8 12.30 -46.33 -2.67
C ALA B 8 10.81 -46.22 -2.83
N HIS B 9 10.14 -46.25 -1.68
CA HIS B 9 8.70 -46.06 -1.58
C HIS B 9 8.45 -44.58 -1.26
N ILE B 10 7.90 -43.84 -2.23
CA ILE B 10 7.52 -42.43 -2.07
C ILE B 10 6.02 -42.21 -2.31
N ALA B 11 5.31 -41.70 -1.29
CA ALA B 11 3.88 -41.47 -1.40
C ALA B 11 3.58 -39.99 -1.57
N MET B 12 2.91 -39.62 -2.65
CA MET B 12 2.55 -38.22 -2.84
C MET B 12 1.18 -37.94 -2.22
N PHE B 13 1.16 -37.27 -1.06
CA PHE B 13 -0.10 -36.91 -0.39
C PHE B 13 -0.70 -35.66 -1.00
N SER B 14 -1.96 -35.74 -1.43
CA SER B 14 -2.68 -34.54 -1.81
C SER B 14 -4.18 -34.66 -1.65
N ILE B 15 -4.89 -33.65 -2.14
CA ILE B 15 -6.35 -33.60 -2.11
C ILE B 15 -6.82 -33.55 -3.55
N ALA B 16 -8.09 -33.85 -3.77
CA ALA B 16 -8.58 -33.91 -5.14
C ALA B 16 -8.93 -32.53 -5.67
N ALA B 17 -7.93 -31.68 -5.80
CA ALA B 17 -8.14 -30.34 -6.37
C ALA B 17 -7.25 -30.11 -7.57
N HIS B 18 -7.73 -29.36 -8.53
CA HIS B 18 -6.95 -29.15 -9.75
C HIS B 18 -5.61 -28.48 -9.46
N GLY B 19 -5.64 -27.21 -9.08
CA GLY B 19 -4.42 -26.45 -8.86
C GLY B 19 -3.48 -27.00 -7.79
N HIS B 20 -3.77 -28.20 -7.30
CA HIS B 20 -2.93 -28.81 -6.28
C HIS B 20 -2.49 -30.24 -6.62
N VAL B 21 -2.93 -30.74 -7.77
CA VAL B 21 -2.42 -32.01 -8.27
C VAL B 21 -1.56 -31.86 -9.54
N ASN B 22 -2.01 -31.04 -10.49
CA ASN B 22 -1.19 -30.71 -11.66
C ASN B 22 0.19 -30.11 -11.41
N PRO B 23 0.39 -29.40 -10.29
CA PRO B 23 1.72 -28.80 -10.22
C PRO B 23 2.82 -29.83 -10.17
N SER B 24 2.62 -30.90 -9.41
CA SER B 24 3.71 -31.82 -9.14
C SER B 24 3.60 -33.16 -9.86
N LEU B 25 2.67 -33.29 -10.80
CA LEU B 25 2.37 -34.58 -11.42
C LEU B 25 3.58 -35.10 -12.21
N GLU B 26 4.27 -34.21 -12.92
CA GLU B 26 5.48 -34.61 -13.63
C GLU B 26 6.60 -35.08 -12.72
N VAL B 27 6.70 -34.45 -11.54
CA VAL B 27 7.72 -34.80 -10.56
C VAL B 27 7.54 -36.24 -10.11
N ILE B 28 6.28 -36.61 -9.85
CA ILE B 28 5.92 -37.94 -9.43
C ILE B 28 6.16 -38.95 -10.56
N ARG B 29 5.80 -38.58 -11.77
CA ARG B 29 6.07 -39.45 -12.91
C ARG B 29 7.57 -39.63 -13.07
N GLU B 30 8.30 -38.53 -12.98
CA GLU B 30 9.76 -38.56 -13.09
C GLU B 30 10.32 -39.47 -12.00
N LEU B 31 9.79 -39.38 -10.78
CA LEU B 31 10.28 -40.25 -9.71
C LEU B 31 10.03 -41.73 -10.00
N VAL B 32 8.86 -42.05 -10.55
CA VAL B 32 8.55 -43.43 -10.93
C VAL B 32 9.40 -43.84 -12.13
N ALA B 33 9.52 -42.95 -13.11
CA ALA B 33 10.37 -43.21 -14.27
C ALA B 33 11.79 -43.57 -13.85
N ARG B 34 12.22 -43.00 -12.73
CA ARG B 34 13.56 -43.24 -12.18
C ARG B 34 13.68 -44.49 -11.29
N GLY B 35 12.59 -45.23 -11.11
CA GLY B 35 12.65 -46.52 -10.43
C GLY B 35 12.10 -46.58 -9.01
N HIS B 36 11.82 -45.42 -8.43
CA HIS B 36 11.28 -45.37 -7.08
C HIS B 36 9.89 -45.99 -7.07
N ARG B 37 9.51 -46.60 -5.94
CA ARG B 37 8.16 -47.12 -5.76
C ARG B 37 7.31 -45.95 -5.29
N VAL B 38 6.29 -45.58 -6.06
CA VAL B 38 5.57 -44.34 -5.73
C VAL B 38 4.05 -44.49 -5.58
N THR B 39 3.57 -44.26 -4.36
CA THR B 39 2.13 -44.26 -4.13
C THR B 39 1.62 -42.82 -4.06
N TYR B 40 0.32 -42.66 -3.97
CA TYR B 40 -0.22 -41.31 -4.05
C TYR B 40 -1.54 -41.31 -3.33
N ALA B 41 -1.53 -40.81 -2.11
CA ALA B 41 -2.75 -40.64 -1.32
C ALA B 41 -3.62 -39.60 -2.00
N ILE B 42 -4.83 -40.00 -2.40
CA ILE B 42 -5.70 -39.15 -3.19
C ILE B 42 -7.14 -39.57 -2.96
N PRO B 43 -8.11 -38.63 -3.05
CA PRO B 43 -9.50 -39.08 -2.97
C PRO B 43 -9.98 -39.61 -4.31
N PRO B 44 -10.51 -40.85 -4.34
CA PRO B 44 -10.85 -41.63 -5.55
C PRO B 44 -11.29 -40.79 -6.74
N VAL B 45 -11.98 -39.68 -6.44
CA VAL B 45 -12.28 -38.65 -7.42
C VAL B 45 -11.10 -38.40 -8.38
N PHE B 46 -9.87 -38.39 -7.84
CA PHE B 46 -8.66 -38.11 -8.63
C PHE B 46 -7.65 -39.28 -8.72
N ALA B 47 -8.09 -40.52 -8.55
CA ALA B 47 -7.17 -41.65 -8.53
C ALA B 47 -6.60 -41.98 -9.91
N ASP B 48 -7.43 -41.89 -10.94
CA ASP B 48 -6.97 -42.23 -12.28
C ASP B 48 -6.00 -41.17 -12.80
N LYS B 49 -6.30 -39.90 -12.53
CA LYS B 49 -5.44 -38.78 -12.92
C LYS B 49 -4.07 -38.98 -12.31
N VAL B 50 -4.09 -39.53 -11.10
CA VAL B 50 -2.89 -39.83 -10.37
C VAL B 50 -2.22 -41.11 -10.90
N ALA B 51 -3.03 -42.11 -11.23
CA ALA B 51 -2.53 -43.41 -11.69
C ALA B 51 -1.65 -43.29 -12.93
N ALA B 52 -2.10 -42.44 -13.84
CA ALA B 52 -1.49 -42.27 -15.17
C ALA B 52 0.00 -41.97 -15.14
N THR B 53 0.38 -40.97 -14.36
CA THR B 53 1.76 -40.48 -14.36
C THR B 53 2.73 -41.60 -14.06
N GLY B 54 2.33 -42.52 -13.17
CA GLY B 54 3.07 -43.72 -12.86
C GLY B 54 2.71 -44.34 -11.52
N ALA B 55 2.37 -43.48 -10.57
CA ALA B 55 2.07 -43.91 -9.21
C ALA B 55 0.77 -44.67 -9.15
N ARG B 56 0.69 -45.62 -8.23
CA ARG B 56 -0.57 -46.31 -7.95
C ARG B 56 -1.18 -45.71 -6.67
N PRO B 57 -2.38 -45.15 -6.80
CA PRO B 57 -3.04 -44.34 -5.75
C PRO B 57 -3.52 -45.15 -4.57
N VAL B 58 -3.44 -44.54 -3.39
CA VAL B 58 -4.20 -45.05 -2.27
C VAL B 58 -5.33 -44.06 -2.04
N LEU B 59 -6.50 -44.59 -1.71
CA LEU B 59 -7.71 -43.80 -1.68
C LEU B 59 -8.02 -43.29 -0.30
N TYR B 60 -8.63 -42.11 -0.23
CA TYR B 60 -9.25 -41.68 1.02
C TYR B 60 -10.54 -40.92 0.77
N HIS B 61 -11.49 -41.04 1.70
CA HIS B 61 -12.68 -40.22 1.69
C HIS B 61 -12.28 -38.81 2.12
N SER B 62 -12.56 -37.83 1.26
CA SER B 62 -12.34 -36.44 1.61
C SER B 62 -13.70 -35.76 1.71
N THR B 63 -13.73 -34.55 2.28
CA THR B 63 -14.96 -33.80 2.45
C THR B 63 -14.86 -32.41 1.83
N LEU B 64 -13.73 -32.11 1.17
CA LEU B 64 -13.54 -30.78 0.60
C LEU B 64 -14.39 -30.57 -0.63
N PRO B 65 -14.63 -29.29 -0.98
CA PRO B 65 -15.17 -29.01 -2.30
C PRO B 65 -14.26 -29.70 -3.31
N GLY B 66 -14.82 -30.62 -4.10
CA GLY B 66 -14.04 -31.38 -5.05
C GLY B 66 -13.68 -30.60 -6.30
N PRO B 67 -12.99 -31.26 -7.24
CA PRO B 67 -12.45 -30.63 -8.45
C PRO B 67 -13.54 -30.35 -9.48
N ASP B 68 -13.11 -29.97 -10.68
CA ASP B 68 -14.00 -29.63 -11.80
C ASP B 68 -14.95 -28.46 -11.48
N ALA B 69 -15.91 -28.70 -10.59
CA ALA B 69 -16.88 -27.67 -10.18
C ALA B 69 -16.17 -26.52 -9.46
N ASP B 70 -16.91 -25.46 -9.16
CA ASP B 70 -16.27 -24.22 -8.73
C ASP B 70 -16.71 -23.57 -7.41
N PRO B 71 -17.03 -22.27 -7.48
CA PRO B 71 -17.07 -21.21 -6.45
C PRO B 71 -17.76 -21.48 -5.11
N GLU B 72 -18.78 -20.66 -4.85
CA GLU B 72 -19.47 -20.56 -3.56
C GLU B 72 -19.65 -21.89 -2.87
N ALA B 73 -18.56 -22.39 -2.28
CA ALA B 73 -18.53 -23.64 -1.56
C ALA B 73 -17.52 -23.48 -0.41
N TRP B 74 -16.37 -22.90 -0.74
CA TRP B 74 -15.47 -22.35 0.27
C TRP B 74 -15.99 -20.95 0.56
N GLY B 75 -15.15 -19.95 0.27
CA GLY B 75 -15.55 -18.56 0.24
C GLY B 75 -14.44 -17.64 -0.25
N SER B 76 -14.66 -16.33 -0.13
CA SER B 76 -13.60 -15.35 -0.16
C SER B 76 -13.65 -14.84 1.27
N THR B 77 -13.04 -15.61 2.17
CA THR B 77 -13.38 -15.55 3.59
C THR B 77 -12.48 -16.47 4.38
N LEU B 78 -11.65 -15.89 5.26
CA LEU B 78 -10.61 -16.65 5.95
C LEU B 78 -11.10 -17.94 6.63
N LEU B 79 -12.06 -17.77 7.55
CA LEU B 79 -12.64 -18.93 8.21
C LEU B 79 -13.81 -19.53 7.41
N ASP B 80 -13.75 -19.45 6.10
CA ASP B 80 -14.48 -20.43 5.31
C ASP B 80 -13.42 -20.98 4.37
N ASN B 81 -12.35 -20.21 4.21
CA ASN B 81 -11.23 -20.65 3.37
C ASN B 81 -10.41 -21.73 4.07
N VAL B 82 -10.12 -21.55 5.37
CA VAL B 82 -9.18 -22.47 6.03
C VAL B 82 -9.77 -23.65 6.81
N GLU B 83 -10.85 -23.44 7.57
CA GLU B 83 -11.34 -24.52 8.45
C GLU B 83 -11.59 -25.89 7.76
N PRO B 84 -12.11 -25.91 6.51
CA PRO B 84 -12.32 -27.22 5.90
C PRO B 84 -11.04 -28.03 5.71
N PHE B 85 -9.92 -27.37 5.46
CA PHE B 85 -8.68 -28.09 5.32
C PHE B 85 -8.35 -28.83 6.64
N LEU B 86 -8.65 -28.18 7.77
CA LEU B 86 -8.45 -28.83 9.06
C LEU B 86 -9.45 -29.96 9.24
N ASN B 87 -10.71 -29.67 8.89
CA ASN B 87 -11.77 -30.63 9.11
C ASN B 87 -11.52 -31.92 8.35
N ASP B 88 -11.11 -31.78 7.09
CA ASP B 88 -10.80 -32.96 6.28
C ASP B 88 -9.63 -33.75 6.85
N ALA B 89 -8.61 -33.03 7.31
CA ALA B 89 -7.42 -33.67 7.85
C ALA B 89 -7.76 -34.56 9.05
N ILE B 90 -8.70 -34.10 9.86
CA ILE B 90 -9.07 -34.85 11.04
C ILE B 90 -9.70 -36.20 10.69
N GLN B 91 -10.56 -36.22 9.67
CA GLN B 91 -11.22 -37.45 9.29
C GLN B 91 -10.37 -38.30 8.33
N ALA B 92 -9.41 -37.66 7.66
CA ALA B 92 -8.51 -38.37 6.75
C ALA B 92 -7.43 -39.14 7.50
N LEU B 93 -6.83 -38.49 8.49
CA LEU B 93 -5.69 -39.04 9.24
C LEU B 93 -5.74 -40.54 9.61
N PRO B 94 -6.78 -40.98 10.35
CA PRO B 94 -6.76 -42.39 10.78
C PRO B 94 -6.74 -43.38 9.62
N GLN B 95 -7.44 -43.04 8.53
CA GLN B 95 -7.46 -43.91 7.35
C GLN B 95 -6.05 -44.13 6.82
N LEU B 96 -5.36 -43.02 6.57
CA LEU B 96 -4.05 -43.04 5.95
C LEU B 96 -3.02 -43.77 6.81
N ALA B 97 -3.02 -43.49 8.11
CA ALA B 97 -2.13 -44.17 9.04
C ALA B 97 -2.32 -45.69 8.97
N ASP B 98 -3.56 -46.13 9.15
CA ASP B 98 -3.89 -47.55 9.10
C ASP B 98 -3.59 -48.17 7.74
N ALA B 99 -3.90 -47.43 6.67
CA ALA B 99 -3.66 -47.92 5.32
C ALA B 99 -2.18 -48.09 5.02
N TYR B 100 -1.35 -47.43 5.83
CA TYR B 100 0.09 -47.35 5.55
C TYR B 100 1.00 -47.95 6.60
N ALA B 101 0.44 -48.36 7.73
CA ALA B 101 1.23 -48.91 8.83
C ALA B 101 2.26 -49.91 8.33
N ASP B 102 1.77 -51.09 7.93
CA ASP B 102 2.62 -52.21 7.53
C ASP B 102 3.51 -51.93 6.33
N ASP B 103 3.40 -50.73 5.76
CA ASP B 103 4.26 -50.31 4.67
C ASP B 103 4.66 -48.85 4.84
N ILE B 104 5.42 -48.58 5.89
CA ILE B 104 5.93 -47.25 6.18
C ILE B 104 6.82 -46.77 5.04
N PRO B 105 6.51 -45.60 4.47
CA PRO B 105 7.32 -45.14 3.34
C PRO B 105 8.67 -44.61 3.79
N ASP B 106 9.60 -44.57 2.84
CA ASP B 106 10.88 -43.92 3.08
C ASP B 106 10.69 -42.43 3.05
N LEU B 107 9.74 -41.96 2.23
CA LEU B 107 9.58 -40.53 1.99
C LEU B 107 8.15 -40.08 1.75
N VAL B 108 7.77 -39.02 2.44
CA VAL B 108 6.48 -38.42 2.19
C VAL B 108 6.61 -37.09 1.45
N LEU B 109 5.91 -37.01 0.34
CA LEU B 109 5.88 -35.81 -0.48
C LEU B 109 4.46 -35.31 -0.44
N HIS B 110 4.26 -34.01 -0.25
CA HIS B 110 2.89 -33.55 -0.18
C HIS B 110 2.69 -32.13 -0.64
N ASP B 111 1.56 -31.89 -1.30
CA ASP B 111 1.10 -30.54 -1.58
C ASP B 111 0.78 -29.84 -0.25
N ILE B 112 0.84 -28.52 -0.25
CA ILE B 112 0.58 -27.71 0.93
C ILE B 112 -0.81 -27.92 1.54
N THR B 113 -1.79 -28.26 0.71
CA THR B 113 -3.17 -28.32 1.19
C THR B 113 -3.51 -29.58 1.98
N SER B 114 -2.55 -30.50 2.11
CA SER B 114 -2.78 -31.77 2.78
C SER B 114 -2.14 -31.88 4.16
N TYR B 115 -2.91 -31.65 5.22
CA TYR B 115 -2.38 -31.74 6.59
C TYR B 115 -1.95 -33.13 7.11
N PRO B 116 -2.62 -34.22 6.68
CA PRO B 116 -2.20 -35.51 7.27
C PRO B 116 -0.74 -35.90 7.01
N ALA B 117 -0.15 -35.41 5.92
CA ALA B 117 1.22 -35.80 5.58
C ALA B 117 2.24 -35.35 6.62
N ARG B 118 2.12 -34.11 7.08
CA ARG B 118 3.01 -33.60 8.11
C ARG B 118 2.90 -34.48 9.35
N VAL B 119 1.67 -34.72 9.80
CA VAL B 119 1.50 -35.48 11.05
C VAL B 119 1.99 -36.93 10.92
N LEU B 120 1.68 -37.59 9.81
CA LEU B 120 2.13 -38.96 9.59
C LEU B 120 3.62 -39.09 9.33
N ALA B 121 4.14 -38.27 8.40
CA ALA B 121 5.54 -38.37 8.04
C ALA B 121 6.44 -38.37 9.27
N ARG B 122 5.96 -37.78 10.37
CA ARG B 122 6.67 -37.92 11.64
C ARG B 122 6.22 -39.16 12.38
N ARG B 123 4.92 -39.42 12.45
CA ARG B 123 4.42 -40.66 13.08
C ARG B 123 5.17 -41.93 12.60
N TRP B 124 5.90 -41.78 11.50
CA TRP B 124 6.81 -42.78 11.01
C TRP B 124 8.25 -42.31 11.26
N GLY B 125 8.43 -41.01 11.41
CA GLY B 125 9.75 -40.44 11.57
C GLY B 125 10.47 -40.53 10.24
N VAL B 126 9.83 -40.00 9.21
CA VAL B 126 10.46 -40.00 7.89
C VAL B 126 10.50 -38.60 7.30
N PRO B 127 11.35 -38.42 6.27
CA PRO B 127 11.38 -37.20 5.47
C PRO B 127 10.04 -36.78 4.89
N ALA B 128 9.72 -35.51 5.14
CA ALA B 128 8.60 -34.85 4.49
C ALA B 128 9.14 -33.69 3.66
N VAL B 129 8.70 -33.62 2.41
CA VAL B 129 9.01 -32.47 1.55
C VAL B 129 7.70 -31.88 1.07
N SER B 130 7.51 -30.59 1.35
CA SER B 130 6.31 -29.88 0.95
C SER B 130 6.50 -29.35 -0.46
N LEU B 131 5.48 -29.48 -1.30
CA LEU B 131 5.54 -28.93 -2.65
C LEU B 131 4.52 -27.82 -2.78
N SER B 132 4.99 -26.59 -3.02
CA SER B 132 4.10 -25.44 -3.05
C SER B 132 3.84 -24.92 -4.45
N PRO B 133 2.57 -24.93 -4.87
CA PRO B 133 2.22 -24.47 -6.22
C PRO B 133 1.99 -22.96 -6.26
N ASN B 134 2.44 -22.26 -5.22
CA ASN B 134 2.27 -20.82 -5.15
C ASN B 134 3.29 -20.25 -4.20
N LEU B 135 3.21 -18.96 -3.93
CA LEU B 135 4.18 -18.28 -3.08
C LEU B 135 4.22 -18.92 -1.70
N VAL B 136 5.34 -18.74 -1.01
CA VAL B 136 5.52 -19.26 0.33
C VAL B 136 5.77 -18.12 1.30
N ALA B 137 5.79 -18.46 2.59
CA ALA B 137 6.01 -17.48 3.64
C ALA B 137 7.46 -17.03 3.65
N TRP B 138 7.67 -15.73 3.78
CA TRP B 138 8.99 -15.18 3.98
C TRP B 138 9.21 -14.96 5.47
N LYS B 139 10.46 -14.75 5.88
CA LYS B 139 10.73 -14.47 7.28
C LYS B 139 10.12 -13.11 7.59
N GLY B 140 9.16 -13.08 8.50
CA GLY B 140 8.38 -11.88 8.74
C GLY B 140 6.94 -11.99 8.25
N TYR B 141 6.62 -13.09 7.57
CA TYR B 141 5.27 -13.30 7.06
C TYR B 141 4.23 -13.41 8.19
N GLU B 142 4.60 -13.96 9.35
CA GLU B 142 3.61 -14.02 10.42
C GLU B 142 3.18 -12.62 10.87
N GLU B 143 4.14 -11.77 11.18
CA GLU B 143 3.80 -10.45 11.68
C GLU B 143 3.14 -9.63 10.58
N GLU B 144 3.60 -9.82 9.34
CA GLU B 144 3.20 -8.96 8.24
C GLU B 144 1.90 -9.37 7.58
N VAL B 145 1.67 -10.68 7.48
CA VAL B 145 0.50 -11.20 6.78
C VAL B 145 -0.41 -11.96 7.74
N ALA B 146 0.17 -12.87 8.51
CA ALA B 146 -0.60 -13.78 9.35
C ALA B 146 -1.34 -13.10 10.51
N GLU B 147 -0.64 -12.28 11.28
CA GLU B 147 -1.31 -11.50 12.34
C GLU B 147 -2.51 -10.71 11.79
N PRO B 148 -2.30 -9.86 10.76
CA PRO B 148 -3.42 -9.02 10.27
C PRO B 148 -4.66 -9.78 9.81
N MET B 149 -4.52 -10.72 8.87
CA MET B 149 -5.65 -11.47 8.36
C MET B 149 -6.50 -12.08 9.47
N TRP B 150 -5.84 -12.54 10.51
CA TRP B 150 -6.53 -13.21 11.60
C TRP B 150 -7.07 -12.22 12.63
N ARG B 151 -6.92 -10.92 12.38
CA ARG B 151 -7.22 -9.94 13.42
C ARG B 151 -8.66 -10.00 13.90
N GLU B 152 -9.64 -9.83 13.00
CA GLU B 152 -11.03 -9.94 13.44
C GLU B 152 -11.59 -11.40 13.56
N PRO B 153 -11.15 -12.32 12.68
CA PRO B 153 -11.61 -13.70 12.89
C PRO B 153 -11.12 -14.44 14.14
N ARG B 154 -9.87 -14.26 14.56
CA ARG B 154 -9.29 -15.05 15.66
C ARG B 154 -10.05 -14.89 16.99
N GLN B 155 -10.74 -13.77 17.16
CA GLN B 155 -11.54 -13.55 18.37
C GLN B 155 -13.05 -13.59 18.10
N THR B 156 -13.44 -14.26 17.02
CA THR B 156 -14.83 -14.69 16.88
C THR B 156 -14.94 -16.03 17.57
N GLU B 157 -16.16 -16.46 17.88
CA GLU B 157 -16.35 -17.76 18.50
C GLU B 157 -15.90 -18.87 17.58
N ARG B 158 -16.29 -18.74 16.32
CA ARG B 158 -15.89 -19.68 15.30
C ARG B 158 -14.37 -19.75 15.17
N GLY B 159 -13.70 -18.61 15.32
CA GLY B 159 -12.25 -18.58 15.25
C GLY B 159 -11.58 -19.25 16.43
N ARG B 160 -12.08 -18.98 17.63
CA ARG B 160 -11.52 -19.56 18.85
C ARG B 160 -11.64 -21.07 18.86
N ALA B 161 -12.78 -21.58 18.42
CA ALA B 161 -13.05 -23.01 18.41
C ALA B 161 -12.10 -23.72 17.44
N TYR B 162 -11.91 -23.10 16.28
CA TYR B 162 -11.02 -23.62 15.24
C TYR B 162 -9.60 -23.80 15.76
N TYR B 163 -9.04 -22.76 16.34
CA TYR B 163 -7.68 -22.91 16.88
C TYR B 163 -7.59 -23.88 18.04
N ALA B 164 -8.62 -23.94 18.87
CA ALA B 164 -8.66 -24.93 19.94
C ALA B 164 -8.68 -26.34 19.34
N ARG B 165 -9.44 -26.49 18.25
CA ARG B 165 -9.56 -27.79 17.60
C ARG B 165 -8.28 -28.18 16.88
N PHE B 166 -7.65 -27.20 16.25
CA PHE B 166 -6.38 -27.43 15.56
C PHE B 166 -5.33 -27.79 16.60
N GLU B 167 -5.23 -27.00 17.66
CA GLU B 167 -4.22 -27.23 18.71
C GLU B 167 -4.36 -28.58 19.42
N ALA B 168 -5.60 -29.03 19.64
CA ALA B 168 -5.83 -30.28 20.34
C ALA B 168 -5.53 -31.47 19.43
N TRP B 169 -5.70 -31.29 18.14
CA TRP B 169 -5.40 -32.34 17.19
C TRP B 169 -3.92 -32.70 17.24
N LEU B 170 -3.07 -31.69 17.29
CA LEU B 170 -1.62 -31.91 17.31
C LEU B 170 -1.18 -32.63 18.58
N LYS B 171 -1.90 -32.44 19.68
CA LYS B 171 -1.58 -33.13 20.93
C LYS B 171 -1.81 -34.64 20.79
N GLU B 172 -2.90 -35.00 20.13
CA GLU B 172 -3.26 -36.40 19.88
C GLU B 172 -2.08 -37.17 19.30
N ASN B 173 -1.33 -36.52 18.41
CA ASN B 173 -0.08 -37.09 17.95
C ASN B 173 1.08 -36.16 18.27
N GLY B 174 1.73 -36.42 19.40
CA GLY B 174 2.74 -35.56 20.00
C GLY B 174 3.46 -34.47 19.22
N ILE B 175 2.69 -33.50 18.70
CA ILE B 175 3.26 -32.30 18.09
C ILE B 175 2.89 -31.08 18.94
N THR B 176 3.89 -30.39 19.48
CA THR B 176 3.67 -29.26 20.38
C THR B 176 3.56 -27.89 19.68
N GLU B 177 4.27 -27.72 18.56
CA GLU B 177 4.28 -26.41 17.88
C GLU B 177 2.87 -25.93 17.52
N HIS B 178 2.70 -24.61 17.43
CA HIS B 178 1.43 -23.99 17.08
C HIS B 178 0.97 -24.42 15.69
N PRO B 179 -0.34 -24.62 15.52
CA PRO B 179 -0.96 -24.85 14.21
C PRO B 179 -0.41 -23.96 13.09
N ASP B 180 -0.14 -22.69 13.37
CA ASP B 180 0.29 -21.78 12.30
C ASP B 180 1.75 -22.02 11.90
N THR B 181 2.52 -22.60 12.81
CA THR B 181 3.87 -23.08 12.51
C THR B 181 3.75 -24.33 11.67
N PHE B 182 2.83 -25.19 12.08
CA PHE B 182 2.60 -26.49 11.47
C PHE B 182 2.02 -26.32 10.07
N ALA B 183 1.13 -25.35 9.91
CA ALA B 183 0.45 -25.18 8.62
C ALA B 183 1.28 -24.42 7.58
N SER B 184 1.92 -23.34 8.01
CA SER B 184 2.48 -22.39 7.05
C SER B 184 4.00 -22.39 6.96
N HIS B 185 4.66 -23.22 7.75
CA HIS B 185 6.12 -23.17 7.88
C HIS B 185 6.79 -24.54 7.86
N PRO B 186 6.81 -25.17 6.68
CA PRO B 186 7.40 -26.51 6.53
C PRO B 186 8.88 -26.51 6.84
N PRO B 187 9.42 -27.66 7.23
CA PRO B 187 10.87 -27.75 7.44
C PRO B 187 11.63 -27.83 6.12
N ARG B 188 10.96 -28.25 5.04
CA ARG B 188 11.61 -28.38 3.74
C ARG B 188 10.57 -28.26 2.65
N SER B 189 10.82 -27.40 1.67
CA SER B 189 9.82 -27.13 0.66
C SER B 189 10.43 -26.82 -0.69
N LEU B 190 9.81 -27.36 -1.76
CA LEU B 190 10.15 -26.99 -3.12
C LEU B 190 9.03 -26.12 -3.66
N VAL B 191 9.39 -24.95 -4.18
CA VAL B 191 8.38 -24.01 -4.66
C VAL B 191 8.31 -24.06 -6.18
N LEU B 192 7.10 -24.30 -6.67
CA LEU B 192 6.88 -24.58 -8.10
C LEU B 192 6.47 -23.33 -8.85
N ILE B 193 6.99 -22.19 -8.40
CA ILE B 193 6.88 -20.93 -9.13
C ILE B 193 8.28 -20.34 -9.20
N PRO B 194 8.56 -19.53 -10.24
CA PRO B 194 9.88 -18.92 -10.28
C PRO B 194 10.01 -17.92 -9.15
N LYS B 195 11.21 -17.76 -8.60
CA LYS B 195 11.43 -16.87 -7.47
C LYS B 195 11.04 -15.43 -7.82
N ALA B 196 11.16 -15.06 -9.09
CA ALA B 196 10.77 -13.72 -9.53
C ALA B 196 9.31 -13.37 -9.19
N LEU B 197 8.46 -14.39 -9.14
CA LEU B 197 7.05 -14.18 -8.86
C LEU B 197 6.72 -14.33 -7.37
N GLN B 198 7.75 -14.50 -6.54
CA GLN B 198 7.56 -14.57 -5.09
C GLN B 198 7.71 -13.21 -4.45
N PRO B 199 6.64 -12.76 -3.76
CA PRO B 199 6.75 -11.51 -2.98
C PRO B 199 7.83 -11.61 -1.92
N HIS B 200 8.55 -10.51 -1.67
CA HIS B 200 9.56 -10.48 -0.62
C HIS B 200 10.55 -11.63 -0.74
N ALA B 201 10.96 -11.91 -1.96
CA ALA B 201 11.75 -13.10 -2.23
C ALA B 201 13.07 -13.15 -1.47
N ASP B 202 13.70 -11.99 -1.24
CA ASP B 202 14.98 -11.98 -0.55
C ASP B 202 14.86 -12.45 0.91
N ARG B 203 13.68 -12.28 1.50
CA ARG B 203 13.48 -12.69 2.88
C ARG B 203 12.97 -14.12 2.98
N VAL B 204 12.91 -14.85 1.88
CA VAL B 204 12.54 -16.27 1.97
C VAL B 204 13.74 -17.10 2.42
N ASP B 205 13.51 -17.99 3.39
CA ASP B 205 14.56 -18.82 4.00
C ASP B 205 15.13 -19.89 3.05
N GLU B 206 16.36 -19.66 2.60
CA GLU B 206 17.02 -20.50 1.60
C GLU B 206 17.10 -21.98 1.94
N ASP B 207 17.37 -22.29 3.19
CA ASP B 207 17.62 -23.70 3.49
C ASP B 207 16.35 -24.47 3.82
N VAL B 208 15.24 -23.76 3.95
CA VAL B 208 13.94 -24.43 3.96
C VAL B 208 13.44 -24.58 2.52
N TYR B 209 13.42 -23.47 1.80
CA TYR B 209 12.76 -23.39 0.49
C TYR B 209 13.73 -23.33 -0.68
N THR B 210 13.46 -24.15 -1.69
CA THR B 210 14.18 -24.06 -2.97
C THR B 210 13.17 -23.79 -4.08
N PHE B 211 13.41 -22.76 -4.86
CA PHE B 211 12.53 -22.44 -5.99
C PHE B 211 12.96 -23.23 -7.20
N VAL B 212 12.07 -24.07 -7.72
CA VAL B 212 12.43 -24.87 -8.88
C VAL B 212 11.63 -24.46 -10.11
N GLY B 213 10.55 -23.73 -9.89
CA GLY B 213 9.70 -23.28 -10.99
C GLY B 213 8.66 -24.31 -11.40
N ALA B 214 7.96 -24.02 -12.51
CA ALA B 214 6.88 -24.87 -12.97
C ALA B 214 7.45 -26.17 -13.55
N CYS B 215 6.72 -27.26 -13.38
CA CYS B 215 7.25 -28.56 -13.72
C CYS B 215 6.60 -29.19 -14.95
N GLN B 216 7.25 -28.99 -16.08
CA GLN B 216 6.91 -29.66 -17.32
C GLN B 216 7.78 -30.90 -17.55
N GLY B 217 7.30 -31.78 -18.42
CA GLY B 217 8.13 -32.82 -18.97
C GLY B 217 8.60 -32.29 -20.30
N ASP B 218 7.66 -32.19 -21.24
CA ASP B 218 7.98 -31.76 -22.59
C ASP B 218 6.75 -31.40 -23.41
N ARG B 219 6.88 -30.38 -24.27
CA ARG B 219 5.73 -29.96 -25.08
C ARG B 219 5.95 -30.13 -26.59
N ALA B 220 6.67 -31.19 -26.98
CA ALA B 220 6.96 -31.43 -28.39
C ALA B 220 5.71 -31.76 -29.20
N GLU B 221 4.79 -32.52 -28.60
CA GLU B 221 3.50 -32.82 -29.22
C GLU B 221 2.84 -31.58 -29.83
N GLU B 222 2.63 -30.55 -29.02
CA GLU B 222 2.30 -29.23 -29.55
C GLU B 222 3.59 -28.74 -30.20
N GLY B 223 3.62 -28.78 -31.54
CA GLY B 223 4.83 -28.54 -32.29
C GLY B 223 5.30 -27.10 -32.31
N GLY B 224 5.75 -26.63 -33.47
CA GLY B 224 6.44 -25.36 -33.57
C GLY B 224 5.70 -24.23 -34.26
N TRP B 225 6.41 -23.16 -34.56
CA TRP B 225 5.82 -22.01 -35.22
C TRP B 225 6.75 -21.32 -36.22
N GLN B 226 6.15 -20.80 -37.28
CA GLN B 226 6.89 -20.08 -38.32
C GLN B 226 6.73 -18.57 -38.16
N ARG B 227 7.77 -17.91 -37.66
CA ARG B 227 7.78 -16.46 -37.64
C ARG B 227 7.71 -16.00 -39.08
N PRO B 228 6.67 -15.22 -39.42
CA PRO B 228 6.37 -14.90 -40.81
C PRO B 228 7.54 -14.27 -41.54
N ALA B 229 7.88 -14.83 -42.70
CA ALA B 229 8.55 -14.08 -43.75
C ALA B 229 9.82 -13.38 -43.31
N GLY B 230 9.62 -12.26 -42.62
CA GLY B 230 10.69 -11.48 -42.03
C GLY B 230 10.04 -10.33 -41.25
N ALA B 231 8.95 -10.63 -40.54
CA ALA B 231 8.30 -9.64 -39.68
C ALA B 231 9.30 -9.14 -38.63
N GLU B 232 9.06 -7.96 -38.05
CA GLU B 232 10.04 -7.35 -37.13
C GLU B 232 9.65 -7.41 -35.66
N LYS B 233 8.35 -7.47 -35.42
CA LYS B 233 7.81 -7.57 -34.07
C LYS B 233 6.65 -8.55 -34.16
N VAL B 234 6.54 -9.43 -33.16
CA VAL B 234 5.50 -10.44 -33.15
C VAL B 234 4.87 -10.46 -31.76
N VAL B 235 3.54 -10.42 -31.73
CA VAL B 235 2.80 -10.40 -30.46
C VAL B 235 1.79 -11.55 -30.34
N LEU B 236 1.84 -12.27 -29.23
CA LEU B 236 0.87 -13.31 -28.96
C LEU B 236 -0.15 -12.84 -27.92
N VAL B 237 -1.43 -13.07 -28.21
CA VAL B 237 -2.50 -12.85 -27.23
C VAL B 237 -3.08 -14.19 -26.78
N SER B 238 -2.84 -14.55 -25.51
CA SER B 238 -3.46 -15.73 -24.92
C SER B 238 -4.04 -15.33 -23.58
N LEU B 239 -5.32 -15.57 -23.38
CA LEU B 239 -5.89 -15.42 -22.06
C LEU B 239 -5.97 -16.79 -21.42
N GLY B 240 -5.06 -17.67 -21.79
CA GLY B 240 -5.02 -19.03 -21.26
C GLY B 240 -6.07 -19.91 -21.89
N SER B 241 -6.56 -20.90 -21.15
CA SER B 241 -7.63 -21.76 -21.63
C SER B 241 -8.78 -21.91 -20.62
N ALA B 242 -8.88 -20.95 -19.70
CA ALA B 242 -9.95 -21.00 -18.69
C ALA B 242 -10.93 -19.82 -18.71
N PHE B 243 -10.46 -18.63 -19.08
CA PHE B 243 -11.30 -17.42 -19.06
C PHE B 243 -11.13 -16.56 -20.29
N THR B 244 -11.49 -17.06 -21.47
CA THR B 244 -11.22 -16.33 -22.70
C THR B 244 -12.46 -15.91 -23.46
N LYS B 245 -13.62 -15.85 -22.81
CA LYS B 245 -14.84 -15.41 -23.49
C LYS B 245 -14.89 -13.89 -23.44
N GLN B 246 -13.83 -13.28 -23.97
CA GLN B 246 -13.67 -11.84 -23.92
C GLN B 246 -13.79 -11.24 -25.29
N PRO B 247 -15.04 -11.09 -25.77
CA PRO B 247 -15.19 -10.86 -27.20
C PRO B 247 -14.66 -9.51 -27.65
N ALA B 248 -14.92 -8.46 -26.87
CA ALA B 248 -14.60 -7.10 -27.27
C ALA B 248 -13.13 -6.81 -27.12
N PHE B 249 -12.51 -7.44 -26.13
CA PHE B 249 -11.08 -7.29 -25.93
C PHE B 249 -10.27 -7.67 -27.18
N TYR B 250 -10.59 -8.78 -27.82
CA TYR B 250 -9.83 -9.19 -29.00
C TYR B 250 -9.96 -8.22 -30.18
N ARG B 251 -11.16 -7.70 -30.39
CA ARG B 251 -11.35 -6.73 -31.47
C ARG B 251 -10.52 -5.49 -31.16
N GLU B 252 -10.34 -5.23 -29.88
CA GLU B 252 -9.48 -4.15 -29.43
C GLU B 252 -8.03 -4.34 -29.89
N CYS B 253 -7.55 -5.59 -29.82
CA CYS B 253 -6.17 -5.89 -30.18
C CYS B 253 -5.94 -5.80 -31.70
N VAL B 254 -6.89 -6.30 -32.47
CA VAL B 254 -6.77 -6.25 -33.92
C VAL B 254 -6.53 -4.83 -34.42
N ARG B 255 -7.21 -3.87 -33.80
CA ARG B 255 -7.04 -2.46 -34.15
C ARG B 255 -5.67 -1.93 -33.71
N ALA B 256 -5.12 -2.52 -32.65
CA ALA B 256 -3.82 -2.12 -32.15
C ALA B 256 -2.74 -2.27 -33.21
N PHE B 257 -2.66 -3.47 -33.80
CA PHE B 257 -1.58 -3.80 -34.70
C PHE B 257 -2.02 -3.98 -36.16
N GLY B 258 -3.26 -3.59 -36.45
CA GLY B 258 -3.82 -3.71 -37.79
C GLY B 258 -3.02 -2.99 -38.85
N ASN B 259 -2.95 -3.57 -40.05
CA ASN B 259 -2.12 -3.08 -41.17
C ASN B 259 -0.81 -2.31 -40.86
N LEU B 260 -0.45 -2.15 -39.58
CA LEU B 260 0.70 -1.37 -39.13
C LEU B 260 2.00 -2.14 -39.32
N PRO B 261 2.63 -1.95 -40.49
CA PRO B 261 3.75 -2.72 -41.02
C PRO B 261 4.93 -2.81 -40.07
N GLY B 262 5.28 -4.03 -39.68
CA GLY B 262 6.41 -4.27 -38.80
C GLY B 262 6.02 -5.27 -37.74
N TRP B 263 4.74 -5.23 -37.35
CA TRP B 263 4.23 -6.08 -36.29
C TRP B 263 3.53 -7.29 -36.88
N HIS B 264 3.32 -8.32 -36.05
CA HIS B 264 2.53 -9.49 -36.42
C HIS B 264 1.76 -10.02 -35.21
N LEU B 265 0.44 -10.03 -35.33
CA LEU B 265 -0.43 -10.43 -34.22
C LEU B 265 -0.91 -11.86 -34.34
N VAL B 266 -0.54 -12.68 -33.37
CA VAL B 266 -1.14 -14.00 -33.22
C VAL B 266 -2.16 -13.91 -32.08
N LEU B 267 -3.42 -14.21 -32.38
CA LEU B 267 -4.48 -14.21 -31.38
C LEU B 267 -5.00 -15.62 -31.17
N GLN B 268 -4.93 -16.08 -29.93
CA GLN B 268 -5.49 -17.36 -29.52
C GLN B 268 -6.80 -16.99 -28.84
N ILE B 269 -7.92 -17.42 -29.42
CA ILE B 269 -9.24 -16.95 -28.94
C ILE B 269 -10.19 -18.00 -28.35
N GLY B 270 -9.79 -19.27 -28.31
CA GLY B 270 -10.60 -20.31 -27.68
C GLY B 270 -11.80 -20.81 -28.46
N ARG B 271 -12.69 -21.55 -27.79
CA ARG B 271 -13.85 -22.18 -28.44
C ARG B 271 -15.13 -21.37 -28.26
N LYS B 272 -15.05 -20.30 -27.50
CA LYS B 272 -16.23 -19.55 -27.12
C LYS B 272 -16.37 -18.26 -27.92
N VAL B 273 -15.41 -18.02 -28.80
CA VAL B 273 -15.45 -16.89 -29.70
C VAL B 273 -15.13 -17.37 -31.12
N THR B 274 -15.90 -16.93 -32.12
CA THR B 274 -15.62 -17.27 -33.51
C THR B 274 -14.80 -16.17 -34.20
N PRO B 275 -13.97 -16.55 -35.18
CA PRO B 275 -13.12 -15.55 -35.86
C PRO B 275 -13.86 -14.36 -36.46
N ALA B 276 -14.95 -14.59 -37.19
CA ALA B 276 -15.66 -13.49 -37.86
C ALA B 276 -16.19 -12.48 -36.85
N GLU B 277 -16.34 -12.91 -35.61
CA GLU B 277 -16.73 -12.01 -34.54
C GLU B 277 -15.64 -11.01 -34.24
N LEU B 278 -14.39 -11.38 -34.52
CA LEU B 278 -13.30 -10.42 -34.39
C LEU B 278 -13.44 -9.50 -35.58
N GLY B 279 -13.89 -10.06 -36.69
CA GLY B 279 -14.21 -9.29 -37.87
C GLY B 279 -13.26 -9.49 -39.03
N GLU B 280 -13.28 -8.53 -39.94
CA GLU B 280 -12.35 -8.49 -41.05
C GLU B 280 -10.99 -8.07 -40.54
N LEU B 281 -9.99 -8.87 -40.87
CA LEU B 281 -8.64 -8.76 -40.33
C LEU B 281 -7.70 -8.18 -41.37
N PRO B 282 -6.51 -7.73 -40.94
CA PRO B 282 -5.55 -7.20 -41.93
C PRO B 282 -4.19 -7.89 -42.06
N ASP B 283 -4.15 -9.11 -42.59
CA ASP B 283 -2.92 -9.63 -43.22
C ASP B 283 -1.74 -9.91 -42.28
N ASN B 284 -1.39 -8.93 -41.45
CA ASN B 284 -0.34 -9.12 -40.46
C ASN B 284 -0.95 -9.64 -39.17
N VAL B 285 -2.04 -10.40 -39.32
CA VAL B 285 -2.81 -10.91 -38.20
C VAL B 285 -3.28 -12.35 -38.46
N GLU B 286 -3.11 -13.21 -37.45
CA GLU B 286 -3.59 -14.59 -37.54
C GLU B 286 -4.33 -15.04 -36.28
N VAL B 287 -5.46 -15.71 -36.48
CA VAL B 287 -6.36 -16.07 -35.40
C VAL B 287 -6.42 -17.60 -35.20
N HIS B 288 -6.58 -18.04 -33.96
CA HIS B 288 -6.65 -19.48 -33.63
C HIS B 288 -7.47 -19.73 -32.35
N ASP B 289 -8.05 -20.93 -32.23
CA ASP B 289 -8.74 -21.33 -31.01
C ASP B 289 -7.80 -22.04 -30.03
N TRP B 290 -6.53 -22.14 -30.41
CA TRP B 290 -5.50 -22.76 -29.61
C TRP B 290 -4.18 -22.69 -30.36
N VAL B 291 -3.08 -22.51 -29.64
CA VAL B 291 -1.76 -22.44 -30.23
C VAL B 291 -0.72 -23.17 -29.38
N PRO B 292 0.39 -23.60 -29.99
CA PRO B 292 1.52 -24.00 -29.14
C PRO B 292 2.12 -22.73 -28.58
N GLN B 293 1.75 -22.42 -27.34
CA GLN B 293 2.01 -21.11 -26.77
C GLN B 293 3.49 -20.89 -26.50
N LEU B 294 4.15 -21.90 -25.95
CA LEU B 294 5.56 -21.79 -25.62
C LEU B 294 6.38 -21.61 -26.90
N ALA B 295 6.10 -22.47 -27.88
CA ALA B 295 6.80 -22.41 -29.16
C ALA B 295 6.70 -21.01 -29.80
N ILE B 296 5.56 -20.36 -29.62
CA ILE B 296 5.38 -19.00 -30.13
C ILE B 296 6.09 -17.95 -29.28
N LEU B 297 6.03 -18.10 -27.95
CA LEU B 297 6.69 -17.14 -27.06
C LEU B 297 8.19 -17.07 -27.28
N ARG B 298 8.81 -18.24 -27.48
CA ARG B 298 10.25 -18.30 -27.72
C ARG B 298 10.67 -17.48 -28.94
N GLN B 299 9.71 -17.12 -29.80
CA GLN B 299 9.98 -16.25 -30.95
C GLN B 299 9.05 -15.04 -30.98
N ALA B 300 8.92 -14.34 -29.85
CA ALA B 300 8.03 -13.18 -29.76
C ALA B 300 8.77 -11.91 -29.34
N ASP B 301 8.16 -10.76 -29.63
CA ASP B 301 8.68 -9.48 -29.14
C ASP B 301 7.83 -8.97 -27.98
N LEU B 302 6.56 -9.38 -27.94
CA LEU B 302 5.62 -8.88 -26.94
C LEU B 302 4.51 -9.88 -26.68
N PHE B 303 4.11 -10.01 -25.42
CA PHE B 303 3.08 -10.98 -25.02
C PHE B 303 1.98 -10.21 -24.30
N VAL B 304 0.80 -10.16 -24.90
CA VAL B 304 -0.39 -9.63 -24.24
C VAL B 304 -1.08 -10.81 -23.57
N THR B 305 -1.07 -10.82 -22.23
CA THR B 305 -1.46 -12.01 -21.47
C THR B 305 -2.48 -11.70 -20.38
N HIS B 306 -3.35 -12.66 -20.07
CA HIS B 306 -4.27 -12.48 -18.95
C HIS B 306 -3.55 -12.61 -17.61
N ALA B 307 -2.29 -13.03 -17.65
CA ALA B 307 -1.50 -13.24 -16.44
C ALA B 307 -2.02 -14.35 -15.54
N GLY B 308 -2.50 -15.43 -16.14
CA GLY B 308 -2.61 -16.67 -15.41
C GLY B 308 -1.19 -17.05 -15.06
N ALA B 309 -1.00 -17.90 -14.04
CA ALA B 309 0.35 -18.23 -13.61
C ALA B 309 1.16 -18.93 -14.70
N GLY B 310 0.46 -19.58 -15.64
CA GLY B 310 1.11 -20.30 -16.71
C GLY B 310 1.79 -19.33 -17.68
N GLY B 311 0.99 -18.48 -18.29
CA GLY B 311 1.52 -17.47 -19.21
C GLY B 311 2.51 -16.56 -18.51
N SER B 312 2.25 -16.27 -17.24
CA SER B 312 3.17 -15.43 -16.46
C SER B 312 4.56 -16.03 -16.47
N GLN B 313 4.71 -17.28 -16.01
CA GLN B 313 6.04 -17.86 -15.94
C GLN B 313 6.61 -18.18 -17.33
N GLU B 314 5.76 -18.42 -18.31
CA GLU B 314 6.22 -18.63 -19.67
C GLU B 314 6.77 -17.36 -20.31
N GLY B 315 6.12 -16.24 -20.04
CA GLY B 315 6.58 -14.96 -20.54
C GLY B 315 7.95 -14.60 -19.98
N LEU B 316 8.12 -14.81 -18.67
CA LEU B 316 9.41 -14.55 -18.05
C LEU B 316 10.48 -15.49 -18.56
N ALA B 317 10.14 -16.75 -18.76
CA ALA B 317 11.12 -17.77 -19.10
C ALA B 317 11.68 -17.56 -20.50
N THR B 318 10.92 -16.82 -21.30
CA THR B 318 11.32 -16.49 -22.66
C THR B 318 11.77 -15.03 -22.81
N ALA B 319 11.91 -14.33 -21.68
CA ALA B 319 12.32 -12.93 -21.65
C ALA B 319 11.46 -12.07 -22.56
N THR B 320 10.16 -12.31 -22.50
CA THR B 320 9.21 -11.59 -23.34
C THR B 320 8.47 -10.53 -22.54
N PRO B 321 8.60 -9.26 -22.96
CA PRO B 321 7.86 -8.17 -22.30
C PRO B 321 6.36 -8.45 -22.34
N MET B 322 5.64 -8.03 -21.31
CA MET B 322 4.23 -8.39 -21.22
C MET B 322 3.30 -7.19 -21.03
N ILE B 323 2.16 -7.25 -21.70
CA ILE B 323 1.04 -6.40 -21.32
C ILE B 323 0.11 -7.34 -20.58
N ALA B 324 -0.07 -7.09 -19.30
CA ALA B 324 -0.93 -7.94 -18.51
C ALA B 324 -2.32 -7.32 -18.48
N VAL B 325 -3.25 -7.97 -19.16
CA VAL B 325 -4.63 -7.56 -19.18
C VAL B 325 -5.39 -8.62 -18.40
N PRO B 326 -5.30 -8.55 -17.06
CA PRO B 326 -5.84 -9.65 -16.27
C PRO B 326 -7.36 -9.75 -16.38
N GLN B 327 -7.79 -10.99 -16.55
CA GLN B 327 -9.17 -11.30 -16.89
C GLN B 327 -10.01 -11.27 -15.64
N ALA B 328 -9.60 -12.08 -14.67
CA ALA B 328 -10.21 -12.16 -13.35
C ALA B 328 -9.44 -13.16 -12.50
N VAL B 329 -9.89 -13.33 -11.26
CA VAL B 329 -9.36 -14.29 -10.26
C VAL B 329 -7.89 -14.08 -9.80
N ASP B 330 -7.09 -15.15 -9.71
CA ASP B 330 -5.73 -14.98 -9.18
C ASP B 330 -4.71 -14.48 -10.21
N GLN B 331 -5.21 -13.91 -11.30
CA GLN B 331 -4.38 -13.24 -12.30
C GLN B 331 -3.90 -11.91 -11.73
N PHE B 332 -4.81 -10.95 -11.59
CA PHE B 332 -4.57 -9.63 -10.94
C PHE B 332 -3.31 -9.53 -10.04
N GLY B 333 -3.16 -10.48 -9.12
CA GLY B 333 -1.97 -10.54 -8.26
C GLY B 333 -0.70 -10.96 -8.98
N ASN B 334 -0.86 -11.86 -9.95
CA ASN B 334 0.26 -12.21 -10.82
C ASN B 334 0.65 -11.01 -11.67
N ALA B 335 -0.36 -10.32 -12.19
CA ALA B 335 -0.11 -9.15 -13.02
C ALA B 335 0.58 -8.07 -12.20
N ASP B 336 0.30 -8.03 -10.90
CA ASP B 336 0.96 -7.08 -10.02
C ASP B 336 2.44 -7.39 -9.91
N MET B 337 2.77 -8.65 -9.67
CA MET B 337 4.18 -9.05 -9.60
C MET B 337 4.91 -8.72 -10.90
N LEU B 338 4.27 -8.98 -12.04
CA LEU B 338 4.91 -8.72 -13.33
C LEU B 338 5.24 -7.24 -13.51
N GLN B 339 4.27 -6.38 -13.22
CA GLN B 339 4.49 -4.97 -13.40
C GLN B 339 5.49 -4.46 -12.38
N GLY B 340 5.44 -5.01 -11.17
CA GLY B 340 6.38 -4.65 -10.12
C GLY B 340 7.82 -5.05 -10.42
N LEU B 341 7.98 -6.07 -11.24
CA LEU B 341 9.32 -6.50 -11.64
C LEU B 341 9.92 -5.56 -12.68
N GLY B 342 9.09 -4.70 -13.25
CA GLY B 342 9.55 -3.72 -14.22
C GLY B 342 9.64 -4.27 -15.63
N VAL B 343 8.85 -5.31 -15.91
CA VAL B 343 8.91 -5.96 -17.22
C VAL B 343 7.54 -6.09 -17.89
N ALA B 344 6.53 -5.46 -17.29
CA ALA B 344 5.18 -5.55 -17.82
C ALA B 344 4.37 -4.30 -17.48
N ARG B 345 3.26 -4.11 -18.19
CA ARG B 345 2.27 -3.10 -17.85
C ARG B 345 0.95 -3.84 -17.63
N LYS B 346 0.30 -3.55 -16.51
CA LYS B 346 -1.00 -4.13 -16.18
C LYS B 346 -2.11 -3.18 -16.64
N LEU B 347 -3.14 -3.74 -17.26
CA LEU B 347 -4.27 -2.95 -17.78
C LEU B 347 -5.60 -3.63 -17.52
N ALA B 348 -6.61 -2.85 -17.14
CA ALA B 348 -7.98 -3.34 -17.06
C ALA B 348 -8.54 -3.55 -18.47
N THR B 349 -9.37 -4.58 -18.64
CA THR B 349 -9.97 -4.90 -19.94
C THR B 349 -10.63 -3.69 -20.61
N GLU B 350 -11.67 -3.16 -19.97
CA GLU B 350 -12.42 -2.04 -20.56
C GLU B 350 -11.65 -0.72 -20.48
N GLU B 351 -10.37 -0.81 -20.18
CA GLU B 351 -9.45 0.31 -20.25
C GLU B 351 -8.43 0.04 -21.38
N ALA B 352 -8.31 -1.23 -21.76
CA ALA B 352 -7.35 -1.64 -22.79
C ALA B 352 -7.77 -1.21 -24.20
N THR B 353 -7.69 0.08 -24.48
CA THR B 353 -8.11 0.62 -25.76
C THR B 353 -7.04 0.40 -26.82
N ALA B 354 -7.46 0.25 -28.07
CA ALA B 354 -6.53 0.03 -29.17
C ALA B 354 -5.35 0.99 -29.16
N ASP B 355 -5.63 2.26 -28.89
CA ASP B 355 -4.61 3.29 -28.90
C ASP B 355 -3.57 3.08 -27.82
N LEU B 356 -4.04 2.72 -26.63
CA LEU B 356 -3.17 2.51 -25.49
C LEU B 356 -2.35 1.25 -25.70
N LEU B 357 -2.89 0.31 -26.47
CA LEU B 357 -2.16 -0.90 -26.79
C LEU B 357 -0.95 -0.60 -27.69
N ARG B 358 -1.13 0.29 -28.67
CA ARG B 358 -0.08 0.60 -29.63
C ARG B 358 1.10 1.30 -28.93
N GLU B 359 0.84 2.39 -28.23
CA GLU B 359 1.87 3.12 -27.51
C GLU B 359 2.61 2.27 -26.46
N THR B 360 1.85 1.52 -25.68
CA THR B 360 2.43 0.66 -24.65
C THR B 360 3.35 -0.38 -25.27
N ALA B 361 2.88 -0.99 -26.35
CA ALA B 361 3.64 -2.02 -27.06
C ALA B 361 4.90 -1.45 -27.71
N LEU B 362 4.72 -0.35 -28.44
CA LEU B 362 5.81 0.32 -29.13
C LEU B 362 6.97 0.70 -28.20
N ALA B 363 6.64 0.98 -26.93
CA ALA B 363 7.67 1.40 -25.98
C ALA B 363 8.26 0.21 -25.21
N LEU B 364 7.40 -0.71 -24.78
CA LEU B 364 7.84 -1.87 -24.01
C LEU B 364 8.89 -2.70 -24.74
N VAL B 365 8.58 -3.07 -25.98
CA VAL B 365 9.44 -3.98 -26.72
C VAL B 365 10.83 -3.41 -26.92
N ASP B 366 10.95 -2.09 -26.81
CA ASP B 366 12.19 -1.37 -27.10
C ASP B 366 12.97 -1.08 -25.83
N ASP B 367 12.25 -0.97 -24.71
CA ASP B 367 12.82 -0.49 -23.44
C ASP B 367 13.99 -1.36 -22.98
N PRO B 368 15.18 -0.77 -22.93
CA PRO B 368 16.39 -1.58 -22.74
C PRO B 368 16.55 -2.15 -21.33
N GLU B 369 16.05 -1.50 -20.29
CA GLU B 369 16.14 -2.10 -18.96
C GLU B 369 15.05 -3.13 -18.72
N VAL B 370 13.91 -2.95 -19.36
CA VAL B 370 12.92 -4.02 -19.42
C VAL B 370 13.58 -5.30 -19.95
N ALA B 371 14.30 -5.18 -21.07
CA ALA B 371 14.95 -6.34 -21.68
C ALA B 371 16.06 -6.92 -20.79
N ARG B 372 16.87 -6.03 -20.21
CA ARG B 372 17.93 -6.42 -19.29
C ARG B 372 17.36 -7.19 -18.10
N ARG B 373 16.25 -6.69 -17.56
CA ARG B 373 15.59 -7.36 -16.43
C ARG B 373 14.98 -8.69 -16.83
N LEU B 374 14.41 -8.75 -18.03
CA LEU B 374 13.87 -10.00 -18.52
C LEU B 374 14.99 -11.00 -18.79
N ARG B 375 16.12 -10.50 -19.28
CA ARG B 375 17.29 -11.37 -19.47
C ARG B 375 17.77 -11.88 -18.13
N ARG B 376 17.72 -11.00 -17.14
CA ARG B 376 18.04 -11.31 -15.75
C ARG B 376 17.20 -12.48 -15.23
N ILE B 377 15.89 -12.34 -15.37
CA ILE B 377 14.97 -13.37 -14.89
C ILE B 377 15.08 -14.66 -15.69
N GLN B 378 15.29 -14.54 -17.01
CA GLN B 378 15.42 -15.70 -17.89
C GLN B 378 16.52 -16.64 -17.42
N ALA B 379 17.69 -16.09 -17.16
CA ALA B 379 18.82 -16.87 -16.69
C ALA B 379 18.54 -17.52 -15.35
N GLU B 380 18.05 -16.72 -14.40
CA GLU B 380 17.64 -17.20 -13.08
C GLU B 380 16.74 -18.42 -13.16
N MET B 381 15.72 -18.32 -14.01
CA MET B 381 14.77 -19.41 -14.16
C MET B 381 15.41 -20.63 -14.81
N ALA B 382 16.40 -20.40 -15.67
CA ALA B 382 17.12 -21.54 -16.25
C ALA B 382 17.86 -22.29 -15.15
N GLN B 383 18.34 -21.56 -14.15
CA GLN B 383 19.07 -22.19 -13.05
C GLN B 383 18.12 -22.95 -12.13
N GLU B 384 16.89 -22.47 -12.03
CA GLU B 384 15.91 -23.09 -11.12
C GLU B 384 15.63 -24.57 -11.44
N GLY B 385 15.47 -24.89 -12.73
CA GLY B 385 15.59 -26.28 -13.15
C GLY B 385 14.38 -27.17 -13.31
N GLY B 386 13.22 -26.72 -12.84
CA GLY B 386 11.98 -27.44 -13.06
C GLY B 386 11.97 -28.90 -12.62
N THR B 387 11.33 -29.74 -13.44
CA THR B 387 11.11 -31.15 -13.11
C THR B 387 12.36 -31.90 -12.69
N ARG B 388 13.39 -31.84 -13.53
CA ARG B 388 14.62 -32.59 -13.33
C ARG B 388 15.23 -32.26 -11.97
N ARG B 389 15.28 -30.96 -11.68
CA ARG B 389 15.88 -30.52 -10.43
C ARG B 389 14.99 -30.87 -9.23
N ALA B 390 13.68 -30.70 -9.39
CA ALA B 390 12.77 -31.04 -8.30
C ALA B 390 12.94 -32.50 -7.90
N ALA B 391 12.98 -33.38 -8.90
CA ALA B 391 13.19 -34.79 -8.61
C ALA B 391 14.54 -35.07 -7.93
N ASP B 392 15.61 -34.42 -8.39
CA ASP B 392 16.93 -34.60 -7.79
C ASP B 392 16.93 -34.18 -6.31
N LEU B 393 16.32 -33.03 -6.02
CA LEU B 393 16.36 -32.47 -4.67
C LEU B 393 15.53 -33.30 -3.70
N ILE B 394 14.50 -33.93 -4.22
CA ILE B 394 13.72 -34.88 -3.45
C ILE B 394 14.59 -36.11 -3.14
N GLU B 395 15.40 -36.51 -4.11
CA GLU B 395 16.30 -37.64 -3.90
C GLU B 395 17.41 -37.32 -2.88
N ALA B 396 17.77 -36.05 -2.76
CA ALA B 396 18.79 -35.65 -1.79
C ALA B 396 18.27 -35.80 -0.36
N GLU B 397 16.96 -35.67 -0.19
CA GLU B 397 16.38 -35.79 1.16
C GLU B 397 16.14 -37.25 1.54
N LEU B 398 16.28 -38.16 0.57
CA LEU B 398 16.21 -39.61 0.84
C LEU B 398 17.54 -40.10 1.39
N PRO B 399 17.50 -40.94 2.45
CA PRO B 399 18.69 -41.64 2.95
C PRO B 399 18.77 -43.05 2.38
C10 ERY C . 6.12 11.53 4.71
C11 ERY C . 7.06 12.70 4.56
C12 ERY C . 6.68 13.70 3.46
C13 ERY C . 7.45 15.00 3.69
O2 ERY C . 6.80 15.67 4.74
C2 ERY C . 6.77 16.56 7.04
C3 ERY C . 6.90 15.63 8.25
C4 ERY C . 5.69 14.74 8.31
C5 ERY C . 5.86 13.57 9.32
C6 ERY C . 6.29 12.29 8.58
C7 ERY C . 5.12 11.70 7.76
C8 ERY C . 5.56 10.40 7.05
C9 ERY C . 6.52 10.64 5.89
O11 ERY C . 7.61 10.09 5.89
C1 ERY C . 7.58 15.98 5.89
O1 ERY C . 8.72 15.54 6.03
O3 ERY C . 7.08 16.39 9.44
O7 ERY C . 4.62 13.34 10.00
C34 ERY C . 6.17 10.63 3.48
C33 ERY C . 4.35 9.64 6.54
C35 ERY C . 5.20 14.00 3.52
O12 ERY C . 8.38 12.20 4.33
O13 ERY C . 6.99 13.24 2.18
C36 ERY C . 7.38 15.92 2.48
C30 ERY C . 7.23 17.97 7.23
C32 ERY C . 6.81 11.27 9.55
O10 ERY C . 7.32 12.62 7.70
C22 ERY C . 4.64 13.56 11.42
C23 ERY C . 3.19 13.55 11.97
C24 ERY C . 3.22 13.64 13.48
C25 ERY C . 4.14 12.56 14.04
C26 ERY C . 5.52 12.67 13.40
O9 ERY C . 5.41 12.58 12.02
N1 ERY C . 1.86 13.57 14.03
C27 ERY C . 6.41 11.54 13.91
O8 ERY C . 2.51 14.68 11.50
C28 ERY C . 1.92 13.59 15.51
C14 ERY C . 8.44 16.49 9.91
C15 ERY C . 8.61 17.77 10.75
C16 ERY C . 7.82 17.67 12.06
C17 ERY C . 8.28 16.43 12.79
C18 ERY C . 8.14 15.21 11.94
O4 ERY C . 8.76 15.38 10.64
O5 ERY C . 6.42 17.55 11.74
O6 ERY C . 7.53 16.26 14.00
C20 ERY C . 5.85 18.71 11.12
C29 ERY C . 1.16 12.39 13.60
C21 ERY C . 8.84 14.08 12.60
C37 ERY C . 8.18 17.20 2.77
C31 ERY C . 4.47 15.61 8.65
C19 ERY C . 8.05 18.89 12.89
N1 UDP D . -6.60 28.45 20.01
C2 UDP D . -7.74 29.18 20.30
N3 UDP D . -7.87 29.74 21.55
C4 UDP D . -6.90 29.56 22.51
C5 UDP D . -5.77 28.82 22.21
C6 UDP D . -5.61 28.30 20.92
O2 UDP D . -8.62 29.36 19.46
O4 UDP D . -7.03 30.07 23.62
C1' UDP D . -6.46 27.84 18.68
C2' UDP D . -5.69 28.75 17.74
O2' UDP D . -6.56 29.70 17.15
C3' UDP D . -5.15 27.76 16.74
C4' UDP D . -4.96 26.48 17.56
O4' UDP D . -5.69 26.65 18.76
O3' UDP D . -6.11 27.57 15.73
C5' UDP D . -3.49 26.28 17.90
O5' UDP D . -2.73 25.88 16.78
PA UDP D . -1.13 26.04 16.78
O1A UDP D . -0.59 25.26 15.64
O2A UDP D . -0.72 27.46 16.70
O3A UDP D . -0.62 25.42 18.16
PB UDP D . -0.89 23.88 18.58
O1B UDP D . -1.20 23.86 20.03
O2B UDP D . 0.28 23.04 18.26
O3B UDP D . -2.05 23.38 17.81
C10 ERY E . -2.38 -22.88 3.95
C11 ERY E . -1.72 -21.53 3.72
C12 ERY E . -0.22 -21.61 3.40
C13 ERY E . 0.12 -20.29 2.71
O2 ERY E . -0.45 -20.31 1.39
C2 ERY E . -1.65 -19.11 -0.48
C3 ERY E . -3.16 -19.27 -0.62
C4 ERY E . -3.52 -20.72 -0.53
C5 ERY E . -5.01 -20.95 -0.16
C6 ERY E . -5.11 -21.35 1.32
C7 ERY E . -4.58 -22.80 1.53
C8 ERY E . -4.84 -23.33 2.96
C9 ERY E . -3.91 -22.70 3.99
O11 ERY E . -4.38 -22.06 4.91
C1 ERY E . -1.24 -19.17 0.99
O1 ERY E . -1.77 -18.43 1.80
O3 ERY E . -3.60 -18.72 -1.87
O7 ERY E . -5.57 -21.98 -0.98
C34 ERY E . -1.95 -23.53 5.26
C33 ERY E . -4.70 -24.84 2.95
C35 ERY E . 0.11 -22.76 2.49
O12 ERY E . -1.89 -20.62 4.82
O13 ERY E . 0.52 -21.74 4.57
C36 ERY E . 1.63 -20.11 2.61
C30 ERY E . -1.16 -17.82 -1.06
C32 ERY E . -6.52 -21.27 1.81
O10 ERY E . -4.32 -20.47 2.08
C22 ERY E . -6.73 -21.70 -1.77
C23 ERY E . -6.82 -22.81 -2.83
C24 ERY E . -8.19 -22.98 -3.45
C25 ERY E . -9.28 -22.89 -2.40
C26 ERY E . -9.06 -21.65 -1.53
O9 ERY E . -7.82 -21.73 -0.93
N1 ERY E . -8.28 -24.26 -4.16
C27 ERY E . -10.12 -21.56 -0.45
O8 ERY E . -5.87 -22.53 -3.83
C28 ERY E . -8.38 -25.38 -3.21
C14 ERY E . -4.50 -17.61 -1.71
C15 ERY E . -4.63 -16.81 -3.02
C16 ERY E . -5.98 -16.98 -3.75
C17 ERY E . -7.13 -17.03 -2.82
C18 ERY E . -6.95 -18.12 -1.82
O4 ERY E . -5.68 -18.07 -1.16
O5 ERY E . -6.03 -18.22 -4.47
O6 ERY E . -8.22 -17.44 -3.61
C20 ERY E . -4.81 -18.59 -5.12
C29 ERY E . -9.46 -24.28 -4.98
C21 ERY E . -8.00 -18.00 -0.75
C37 ERY E . 1.94 -18.75 1.93
C31 ERY E . -3.19 -21.42 -1.87
C19 ERY E . -6.15 -15.84 -4.71
N1 UDP F . -1.96 -22.89 -23.66
C2 UDP F . -1.51 -23.42 -24.85
N3 UDP F . -2.19 -23.13 -26.01
C4 UDP F . -3.30 -22.32 -25.97
C5 UDP F . -3.77 -21.80 -24.78
C6 UDP F . -3.05 -22.06 -23.62
O2 UDP F . -0.51 -24.16 -24.89
O4 UDP F . -3.91 -22.05 -27.01
C1' UDP F . -1.29 -23.17 -22.40
C2' UDP F . -0.37 -22.03 -21.98
O2' UDP F . 0.95 -22.14 -22.46
C3' UDP F . -0.37 -22.19 -20.47
C4' UDP F . -1.75 -22.74 -20.18
O4' UDP F . -2.30 -23.15 -21.42
O3' UDP F . 0.60 -23.15 -20.11
C5' UDP F . -2.63 -21.67 -19.53
O5' UDP F . -2.39 -21.73 -18.13
PA UDP F . -2.40 -20.38 -17.25
O1A UDP F . -1.95 -20.71 -15.87
O2A UDP F . -1.59 -19.35 -17.91
O3A UDP F . -3.91 -19.83 -17.24
PB UDP F . -5.27 -20.66 -16.94
O1B UDP F . -5.62 -21.44 -18.13
O2B UDP F . -6.30 -19.62 -16.70
O3B UDP F . -5.11 -21.57 -15.79
MG MG G . 15.35 -13.12 -28.14
N ALA A 8 -19.44 10.92 -8.66
CA ALA A 8 -18.95 11.68 -7.52
C ALA A 8 -19.12 10.88 -6.24
N HIS A 9 -18.41 9.75 -6.19
CA HIS A 9 -18.17 9.00 -4.97
C HIS A 9 -16.75 9.36 -4.60
N ILE A 10 -16.61 10.10 -3.50
CA ILE A 10 -15.28 10.45 -3.02
C ILE A 10 -14.94 9.66 -1.79
N ALA A 11 -13.82 8.96 -1.85
CA ALA A 11 -13.32 8.27 -0.69
C ALA A 11 -12.11 9.05 -0.20
N MET A 12 -12.27 9.72 0.92
CA MET A 12 -11.16 10.40 1.57
C MET A 12 -10.51 9.39 2.51
N PHE A 13 -9.18 9.45 2.62
CA PHE A 13 -8.43 8.52 3.45
C PHE A 13 -7.57 9.33 4.41
N SER A 14 -7.64 9.00 5.70
CA SER A 14 -6.66 9.50 6.64
C SER A 14 -6.45 8.56 7.83
N ILE A 15 -5.75 9.06 8.85
CA ILE A 15 -5.45 8.30 10.05
C ILE A 15 -6.05 8.98 11.28
N ALA A 16 -6.03 8.29 12.41
CA ALA A 16 -6.60 8.85 13.64
C ALA A 16 -5.63 9.79 14.35
N ALA A 17 -5.40 10.94 13.74
CA ALA A 17 -4.57 11.98 14.36
C ALA A 17 -5.20 13.33 14.04
N HIS A 18 -5.30 14.20 15.03
CA HIS A 18 -6.01 15.46 14.81
C HIS A 18 -5.38 16.31 13.72
N GLY A 19 -4.06 16.33 13.66
CA GLY A 19 -3.36 17.16 12.70
C GLY A 19 -3.42 16.69 11.25
N HIS A 20 -4.01 15.52 11.02
CA HIS A 20 -4.19 15.01 9.66
C HIS A 20 -5.66 14.82 9.30
N VAL A 21 -6.55 15.25 10.21
CA VAL A 21 -7.98 15.17 9.94
C VAL A 21 -8.64 16.55 10.00
N ASN A 22 -8.51 17.22 11.13
CA ASN A 22 -9.02 18.59 11.26
C ASN A 22 -8.69 19.52 10.08
N PRO A 23 -7.46 19.44 9.53
CA PRO A 23 -7.13 20.31 8.40
C PRO A 23 -8.07 20.30 7.21
N SER A 24 -8.62 19.15 6.81
CA SER A 24 -9.34 19.11 5.52
C SER A 24 -10.86 19.05 5.62
N LEU A 25 -11.38 18.91 6.84
CA LEU A 25 -12.81 18.68 7.07
C LEU A 25 -13.76 19.55 6.24
N GLU A 26 -13.48 20.86 6.18
CA GLU A 26 -14.38 21.78 5.49
C GLU A 26 -14.36 21.59 3.97
N VAL A 27 -13.23 21.12 3.44
CA VAL A 27 -13.13 20.87 2.01
C VAL A 27 -13.99 19.67 1.63
N ILE A 28 -13.95 18.65 2.48
CA ILE A 28 -14.77 17.46 2.32
C ILE A 28 -16.24 17.90 2.20
N ARG A 29 -16.67 18.71 3.15
CA ARG A 29 -18.04 19.21 3.17
C ARG A 29 -18.48 19.99 1.93
N GLU A 30 -17.65 20.93 1.49
CA GLU A 30 -17.96 21.68 0.27
C GLU A 30 -18.21 20.73 -0.90
N LEU A 31 -17.46 19.64 -0.96
CA LEU A 31 -17.73 18.60 -1.95
C LEU A 31 -19.11 17.94 -1.69
N VAL A 32 -19.42 17.65 -0.42
CA VAL A 32 -20.72 17.10 -0.09
C VAL A 32 -21.85 18.04 -0.51
N ALA A 33 -21.70 19.31 -0.15
CA ALA A 33 -22.73 20.30 -0.49
C ALA A 33 -22.85 20.44 -1.99
N ARG A 34 -21.73 20.29 -2.71
CA ARG A 34 -21.77 20.44 -4.16
C ARG A 34 -22.32 19.22 -4.86
N GLY A 35 -22.83 18.26 -4.08
CA GLY A 35 -23.58 17.15 -4.63
C GLY A 35 -22.79 15.90 -4.93
N HIS A 36 -21.52 15.89 -4.52
CA HIS A 36 -20.72 14.67 -4.61
C HIS A 36 -21.12 13.73 -3.47
N ARG A 37 -20.91 12.43 -3.63
CA ARG A 37 -21.11 11.50 -2.50
C ARG A 37 -19.75 11.14 -1.89
N VAL A 38 -19.59 11.33 -0.60
CA VAL A 38 -18.26 11.20 0.01
C VAL A 38 -18.19 10.10 1.06
N THR A 39 -17.15 9.28 0.98
CA THR A 39 -16.85 8.34 2.06
C THR A 39 -15.49 8.65 2.64
N TYR A 40 -15.24 8.19 3.87
CA TYR A 40 -14.05 8.61 4.61
C TYR A 40 -13.39 7.45 5.35
N ALA A 41 -12.40 6.84 4.70
CA ALA A 41 -11.59 5.82 5.34
C ALA A 41 -10.90 6.41 6.56
N ILE A 42 -11.30 5.93 7.73
CA ILE A 42 -10.84 6.53 8.97
C ILE A 42 -10.87 5.44 10.03
N PRO A 43 -9.98 5.51 11.03
CA PRO A 43 -10.13 4.55 12.13
C PRO A 43 -11.36 4.87 12.98
N PRO A 44 -11.86 3.88 13.74
CA PRO A 44 -13.10 3.99 14.53
C PRO A 44 -13.20 5.25 15.38
N VAL A 45 -12.12 5.65 16.03
CA VAL A 45 -12.17 6.72 17.01
C VAL A 45 -12.62 8.05 16.40
N PHE A 46 -12.39 8.21 15.10
CA PHE A 46 -12.72 9.45 14.42
C PHE A 46 -13.92 9.33 13.48
N ALA A 47 -14.66 8.23 13.57
CA ALA A 47 -15.84 8.04 12.72
C ALA A 47 -16.82 9.21 12.80
N ASP A 48 -17.35 9.47 14.00
CA ASP A 48 -18.33 10.55 14.18
C ASP A 48 -17.76 11.91 13.78
N LYS A 49 -16.47 12.09 14.07
CA LYS A 49 -15.71 13.25 13.64
C LYS A 49 -15.93 13.56 12.16
N VAL A 50 -15.62 12.60 11.29
CA VAL A 50 -15.69 12.85 9.85
C VAL A 50 -17.12 12.75 9.27
N ALA A 51 -18.00 12.00 9.93
CA ALA A 51 -19.39 11.90 9.48
C ALA A 51 -20.08 13.26 9.50
N ALA A 52 -19.54 14.17 10.30
CA ALA A 52 -20.10 15.50 10.44
C ALA A 52 -19.81 16.39 9.22
N THR A 53 -19.27 15.81 8.16
CA THR A 53 -19.02 16.54 6.93
C THR A 53 -20.09 16.23 5.90
N GLY A 54 -20.84 15.17 6.15
CA GLY A 54 -21.72 14.61 5.14
C GLY A 54 -21.06 13.46 4.39
N ALA A 55 -19.79 13.21 4.69
CA ALA A 55 -19.12 12.01 4.20
C ALA A 55 -19.55 10.81 5.04
N ARG A 56 -19.43 9.59 4.52
CA ARG A 56 -19.55 8.43 5.42
C ARG A 56 -18.24 7.66 5.61
N PRO A 57 -17.85 7.45 6.88
CA PRO A 57 -16.61 6.87 7.41
C PRO A 57 -16.29 5.38 7.15
N VAL A 58 -15.85 5.01 5.95
CA VAL A 58 -15.47 3.62 5.69
C VAL A 58 -14.38 3.14 6.66
N LEU A 59 -14.75 2.34 7.66
CA LEU A 59 -13.88 2.03 8.79
C LEU A 59 -12.79 0.97 8.56
N TYR A 60 -11.53 1.37 8.74
CA TYR A 60 -10.42 0.41 8.75
C TYR A 60 -9.59 0.57 10.01
N HIS A 61 -9.16 -0.55 10.58
CA HIS A 61 -8.35 -0.60 11.80
C HIS A 61 -6.93 -0.10 11.55
N SER A 62 -6.42 0.75 12.44
CA SER A 62 -5.07 1.32 12.28
C SER A 62 -4.14 1.04 13.49
N THR A 63 -2.85 0.80 13.22
CA THR A 63 -1.90 0.41 14.27
C THR A 63 -1.04 1.56 14.81
N LEU A 64 -1.38 2.78 14.42
CA LEU A 64 -0.64 3.96 14.83
C LEU A 64 -1.02 4.38 16.27
N PRO A 65 -0.24 5.29 16.88
CA PRO A 65 -0.70 5.83 18.17
C PRO A 65 -1.98 6.62 17.94
N GLY A 66 -3.07 6.25 18.64
CA GLY A 66 -4.34 6.93 18.48
C GLY A 66 -4.22 8.38 18.94
N PRO A 67 -5.16 9.25 18.52
CA PRO A 67 -4.96 10.70 18.59
C PRO A 67 -4.70 11.28 20.00
N ASP A 68 -4.98 10.52 21.05
CA ASP A 68 -4.78 11.00 22.41
C ASP A 68 -3.42 10.59 22.99
N ALA A 69 -2.82 9.59 22.39
CA ALA A 69 -1.48 9.15 22.80
C ALA A 69 -0.56 10.35 22.84
N ASP A 70 0.44 10.33 23.71
CA ASP A 70 1.38 11.44 23.81
C ASP A 70 2.19 11.55 22.51
N PRO A 71 2.65 12.76 22.16
CA PRO A 71 3.38 12.99 20.91
C PRO A 71 4.66 12.16 20.86
N GLU A 72 5.26 11.98 22.03
CA GLU A 72 6.43 11.12 22.15
C GLU A 72 6.20 9.73 21.56
N ALA A 73 4.93 9.29 21.54
CA ALA A 73 4.59 7.96 21.05
C ALA A 73 4.90 7.78 19.58
N TRP A 74 5.04 8.88 18.87
CA TRP A 74 5.27 8.83 17.43
C TRP A 74 6.76 8.65 17.07
N GLY A 75 7.59 8.49 18.10
CA GLY A 75 8.99 8.22 17.89
C GLY A 75 9.89 9.45 17.87
N SER A 76 11.15 9.23 18.20
CA SER A 76 12.13 10.31 18.27
C SER A 76 13.43 9.97 17.53
N THR A 77 13.34 9.15 16.49
CA THR A 77 14.43 9.02 15.53
C THR A 77 13.80 8.96 14.14
N LEU A 78 14.61 9.16 13.10
CA LEU A 78 14.12 9.11 11.73
C LEU A 78 13.38 7.81 11.42
N LEU A 79 14.00 6.67 11.74
CA LEU A 79 13.34 5.40 11.49
C LEU A 79 12.14 5.13 12.40
N ASP A 80 12.20 5.59 13.65
CA ASP A 80 11.03 5.42 14.51
C ASP A 80 9.87 6.28 14.03
N ASN A 81 10.18 7.37 13.33
CA ASN A 81 9.13 8.24 12.81
C ASN A 81 8.45 7.62 11.58
N VAL A 82 9.25 7.11 10.64
CA VAL A 82 8.67 6.68 9.36
C VAL A 82 8.23 5.22 9.32
N GLU A 83 8.96 4.34 9.99
CA GLU A 83 8.61 2.92 9.99
C GLU A 83 7.14 2.61 10.31
N PRO A 84 6.57 3.27 11.34
CA PRO A 84 5.18 2.96 11.66
C PRO A 84 4.16 3.24 10.54
N PHE A 85 4.45 4.18 9.65
CA PHE A 85 3.51 4.45 8.58
C PHE A 85 3.49 3.32 7.56
N LEU A 86 4.63 2.68 7.34
CA LEU A 86 4.70 1.53 6.47
C LEU A 86 4.00 0.34 7.12
N ASN A 87 4.25 0.15 8.41
CA ASN A 87 3.59 -0.96 9.12
C ASN A 87 2.07 -0.84 9.12
N ASP A 88 1.56 0.34 9.46
CA ASP A 88 0.11 0.56 9.38
C ASP A 88 -0.40 0.28 7.97
N ALA A 89 0.35 0.73 6.97
CA ALA A 89 -0.04 0.55 5.58
C ALA A 89 -0.19 -0.93 5.23
N ILE A 90 0.75 -1.73 5.69
CA ILE A 90 0.73 -3.17 5.40
C ILE A 90 -0.59 -3.83 5.83
N GLN A 91 -1.07 -3.48 7.02
CA GLN A 91 -2.29 -4.11 7.52
C GLN A 91 -3.57 -3.38 7.09
N ALA A 92 -3.46 -2.09 6.80
CA ALA A 92 -4.64 -1.30 6.40
C ALA A 92 -5.06 -1.54 4.96
N LEU A 93 -4.08 -1.78 4.10
CA LEU A 93 -4.35 -1.85 2.67
C LEU A 93 -5.36 -2.94 2.28
N PRO A 94 -5.14 -4.19 2.72
CA PRO A 94 -6.16 -5.18 2.34
C PRO A 94 -7.50 -5.00 3.07
N GLN A 95 -7.51 -4.32 4.22
CA GLN A 95 -8.79 -4.02 4.87
C GLN A 95 -9.57 -3.06 4.00
N LEU A 96 -8.85 -2.09 3.42
CA LEU A 96 -9.47 -1.05 2.62
C LEU A 96 -9.83 -1.51 1.21
N ALA A 97 -8.98 -2.35 0.63
CA ALA A 97 -9.26 -2.91 -0.68
C ALA A 97 -10.59 -3.65 -0.61
N ASP A 98 -10.80 -4.33 0.51
CA ASP A 98 -12.00 -5.14 0.70
C ASP A 98 -13.23 -4.30 1.01
N ALA A 99 -12.99 -3.10 1.51
CA ALA A 99 -14.09 -2.22 1.82
C ALA A 99 -14.69 -1.69 0.52
N TYR A 100 -13.80 -1.31 -0.40
CA TYR A 100 -14.18 -0.56 -1.59
C TYR A 100 -14.32 -1.40 -2.86
N ALA A 101 -14.16 -2.72 -2.73
CA ALA A 101 -14.11 -3.62 -3.89
C ALA A 101 -15.27 -3.45 -4.89
N ASP A 102 -16.49 -3.48 -4.39
CA ASP A 102 -17.65 -3.41 -5.27
C ASP A 102 -18.26 -2.01 -5.30
N ASP A 103 -17.53 -1.06 -4.73
CA ASP A 103 -17.90 0.34 -4.81
C ASP A 103 -16.63 1.17 -4.94
N ILE A 104 -15.81 0.85 -5.94
CA ILE A 104 -14.58 1.58 -6.22
C ILE A 104 -14.92 3.03 -6.48
N PRO A 105 -14.34 3.95 -5.68
CA PRO A 105 -14.72 5.37 -5.82
C PRO A 105 -14.24 6.01 -7.12
N ASP A 106 -14.78 7.20 -7.39
CA ASP A 106 -14.44 7.95 -8.59
C ASP A 106 -13.09 8.65 -8.51
N LEU A 107 -12.85 9.31 -7.38
CA LEU A 107 -11.61 10.01 -7.15
C LEU A 107 -11.12 9.65 -5.77
N VAL A 108 -9.80 9.58 -5.62
CA VAL A 108 -9.18 9.33 -4.33
C VAL A 108 -8.60 10.63 -3.76
N LEU A 109 -8.99 10.96 -2.52
CA LEU A 109 -8.46 12.12 -1.80
C LEU A 109 -7.75 11.55 -0.59
N HIS A 110 -6.57 12.08 -0.22
CA HIS A 110 -5.92 11.52 0.95
C HIS A 110 -4.92 12.44 1.61
N ASP A 111 -4.86 12.33 2.94
CA ASP A 111 -3.81 12.97 3.70
C ASP A 111 -2.49 12.28 3.36
N ILE A 112 -1.39 13.02 3.49
CA ILE A 112 -0.06 12.51 3.18
C ILE A 112 0.33 11.21 3.89
N THR A 113 -0.27 10.92 5.05
CA THR A 113 0.17 9.76 5.84
C THR A 113 -0.39 8.43 5.33
N SER A 114 -1.36 8.49 4.43
CA SER A 114 -2.04 7.26 3.99
C SER A 114 -1.39 6.62 2.76
N TYR A 115 -0.47 5.70 2.98
CA TYR A 115 0.08 4.93 1.86
C TYR A 115 -0.96 4.05 1.14
N PRO A 116 -1.92 3.45 1.89
CA PRO A 116 -2.90 2.64 1.15
C PRO A 116 -3.67 3.43 0.09
N ALA A 117 -3.98 4.69 0.36
CA ALA A 117 -4.71 5.49 -0.62
C ALA A 117 -3.94 5.61 -1.94
N ARG A 118 -2.64 5.77 -1.84
CA ARG A 118 -1.78 5.88 -3.02
C ARG A 118 -1.82 4.58 -3.81
N VAL A 119 -1.71 3.47 -3.09
CA VAL A 119 -1.71 2.16 -3.73
C VAL A 119 -3.07 1.94 -4.40
N LEU A 120 -4.14 2.18 -3.65
CA LEU A 120 -5.49 1.93 -4.18
C LEU A 120 -5.86 2.80 -5.39
N ALA A 121 -5.59 4.10 -5.33
CA ALA A 121 -5.88 4.99 -6.44
C ALA A 121 -5.30 4.47 -7.77
N ARG A 122 -4.14 3.83 -7.63
CA ARG A 122 -3.34 3.33 -8.73
C ARG A 122 -3.87 2.00 -9.22
N ARG A 123 -4.25 1.16 -8.26
CA ARG A 123 -4.82 -0.13 -8.56
C ARG A 123 -6.09 0.08 -9.38
N TRP A 124 -6.66 1.27 -9.24
CA TRP A 124 -7.88 1.65 -9.94
C TRP A 124 -7.61 2.35 -11.28
N GLY A 125 -6.51 3.09 -11.34
CA GLY A 125 -6.17 3.84 -12.53
C GLY A 125 -6.85 5.19 -12.50
N VAL A 126 -7.44 5.52 -11.35
CA VAL A 126 -8.11 6.80 -11.15
C VAL A 126 -7.13 7.78 -10.53
N PRO A 127 -7.35 9.10 -10.73
CA PRO A 127 -6.35 10.04 -10.23
C PRO A 127 -6.43 10.17 -8.72
N ALA A 128 -5.32 10.54 -8.10
CA ALA A 128 -5.28 10.78 -6.66
C ALA A 128 -4.99 12.25 -6.43
N VAL A 129 -5.51 12.79 -5.34
CA VAL A 129 -5.09 14.12 -4.89
C VAL A 129 -4.69 14.08 -3.42
N SER A 130 -3.44 14.44 -3.17
CA SER A 130 -2.87 14.42 -1.83
C SER A 130 -3.20 15.75 -1.18
N LEU A 131 -3.55 15.72 0.11
CA LEU A 131 -3.83 16.94 0.86
C LEU A 131 -2.77 17.07 1.95
N SER A 132 -1.93 18.09 1.86
CA SER A 132 -0.83 18.24 2.82
C SER A 132 -1.09 19.35 3.82
N PRO A 133 -1.05 19.02 5.11
CA PRO A 133 -1.32 19.99 6.17
C PRO A 133 -0.03 20.66 6.65
N ASN A 134 1.03 20.49 5.88
CA ASN A 134 2.33 21.10 6.20
C ASN A 134 3.09 21.34 4.91
N LEU A 135 4.34 21.79 5.03
CA LEU A 135 5.14 22.09 3.84
C LEU A 135 5.36 20.85 2.99
N VAL A 136 5.66 21.07 1.71
CA VAL A 136 5.89 19.98 0.76
C VAL A 136 7.29 20.07 0.16
N ALA A 137 7.66 19.05 -0.61
CA ALA A 137 8.95 19.05 -1.29
C ALA A 137 9.03 20.13 -2.36
N TRP A 138 10.18 20.79 -2.46
CA TRP A 138 10.46 21.69 -3.58
C TRP A 138 11.35 20.94 -4.55
N LYS A 139 11.50 21.46 -5.77
CA LYS A 139 12.45 20.84 -6.68
C LYS A 139 13.85 21.11 -6.14
N GLY A 140 14.58 20.03 -5.83
CA GLY A 140 15.85 20.15 -5.15
C GLY A 140 15.82 19.44 -3.81
N TYR A 141 14.63 19.25 -3.25
CA TYR A 141 14.46 18.58 -1.96
C TYR A 141 15.20 17.25 -1.93
N GLU A 142 15.19 16.55 -3.05
CA GLU A 142 15.81 15.23 -3.11
C GLU A 142 17.29 15.32 -2.78
N GLU A 143 18.01 16.26 -3.38
CA GLU A 143 19.43 16.42 -3.05
C GLU A 143 19.66 17.11 -1.72
N GLU A 144 18.85 18.12 -1.44
CA GLU A 144 19.16 19.08 -0.37
C GLU A 144 18.82 18.62 1.05
N VAL A 145 17.75 17.85 1.18
CA VAL A 145 17.30 17.37 2.48
C VAL A 145 17.23 15.85 2.59
N ALA A 146 16.53 15.21 1.64
CA ALA A 146 16.27 13.77 1.75
C ALA A 146 17.55 12.95 1.86
N GLU A 147 18.48 13.18 0.93
CA GLU A 147 19.72 12.42 0.93
C GLU A 147 20.59 12.63 2.19
N PRO A 148 20.80 13.88 2.63
CA PRO A 148 21.57 14.09 3.87
C PRO A 148 20.89 13.44 5.07
N MET A 149 19.57 13.53 5.06
CA MET A 149 18.76 12.93 6.10
C MET A 149 19.00 11.42 6.10
N TRP A 150 19.06 10.83 4.91
CA TRP A 150 19.11 9.37 4.78
C TRP A 150 20.48 8.75 4.48
N ARG A 151 21.45 9.57 4.11
CA ARG A 151 22.75 9.09 3.58
C ARG A 151 23.42 7.99 4.40
N GLU A 152 23.35 8.11 5.72
CA GLU A 152 23.91 7.09 6.61
C GLU A 152 22.89 6.10 7.20
N PRO A 153 21.72 6.58 7.66
CA PRO A 153 20.79 5.61 8.23
C PRO A 153 20.36 4.54 7.24
N ARG A 154 20.22 4.90 5.96
CA ARG A 154 19.71 3.91 5.00
C ARG A 154 20.77 2.85 4.74
N GLN A 155 22.04 3.18 5.04
CA GLN A 155 23.16 2.25 4.86
C GLN A 155 23.28 1.30 6.05
N THR A 156 22.44 1.50 7.07
CA THR A 156 22.46 0.64 8.26
C THR A 156 21.58 -0.59 8.10
N GLU A 157 21.70 -1.53 9.03
CA GLU A 157 20.91 -2.75 8.93
C GLU A 157 19.39 -2.46 9.04
N ARG A 158 18.95 -1.76 10.08
CA ARG A 158 17.53 -1.44 10.20
C ARG A 158 17.04 -0.63 8.99
N GLY A 159 17.84 0.35 8.58
CA GLY A 159 17.50 1.24 7.48
C GLY A 159 17.44 0.57 6.11
N ARG A 160 18.46 -0.23 5.80
CA ARG A 160 18.44 -0.99 4.54
C ARG A 160 17.24 -1.94 4.53
N ALA A 161 17.02 -2.61 5.65
CA ALA A 161 15.89 -3.54 5.76
C ALA A 161 14.58 -2.80 5.55
N TYR A 162 14.48 -1.61 6.14
CA TYR A 162 13.28 -0.79 6.00
C TYR A 162 13.03 -0.45 4.53
N TYR A 163 14.05 0.06 3.85
CA TYR A 163 13.89 0.41 2.44
C TYR A 163 13.65 -0.80 1.53
N ALA A 164 14.35 -1.90 1.82
CA ALA A 164 14.14 -3.12 1.05
C ALA A 164 12.71 -3.63 1.19
N ARG A 165 12.17 -3.55 2.40
CA ARG A 165 10.81 -3.97 2.70
C ARG A 165 9.80 -3.10 1.97
N PHE A 166 10.04 -1.80 2.02
CA PHE A 166 9.15 -0.82 1.44
C PHE A 166 9.11 -1.06 -0.06
N GLU A 167 10.29 -1.21 -0.68
CA GLU A 167 10.32 -1.49 -2.12
C GLU A 167 9.60 -2.79 -2.45
N ALA A 168 9.83 -3.82 -1.64
CA ALA A 168 9.23 -5.14 -1.91
C ALA A 168 7.72 -5.07 -1.81
N TRP A 169 7.22 -4.31 -0.84
CA TRP A 169 5.77 -4.14 -0.69
C TRP A 169 5.18 -3.40 -1.89
N LEU A 170 5.85 -2.34 -2.33
CA LEU A 170 5.39 -1.61 -3.53
C LEU A 170 5.40 -2.53 -4.76
N LYS A 171 6.49 -3.25 -4.95
CA LYS A 171 6.63 -4.14 -6.12
C LYS A 171 5.55 -5.23 -6.14
N GLU A 172 5.23 -5.77 -4.97
CA GLU A 172 4.20 -6.81 -4.90
C GLU A 172 2.82 -6.23 -5.26
N ASN A 173 2.69 -4.91 -5.14
CA ASN A 173 1.47 -4.23 -5.55
C ASN A 173 1.59 -3.53 -6.90
N GLY A 174 2.60 -3.91 -7.67
CA GLY A 174 2.72 -3.45 -9.04
C GLY A 174 3.35 -2.08 -9.24
N ILE A 175 3.93 -1.54 -8.16
CA ILE A 175 4.49 -0.19 -8.19
C ILE A 175 6.02 -0.25 -8.22
N THR A 176 6.64 0.39 -9.21
CA THR A 176 8.09 0.31 -9.36
C THR A 176 8.79 1.61 -9.01
N GLU A 177 8.04 2.66 -8.74
CA GLU A 177 8.69 3.88 -8.28
C GLU A 177 9.46 3.63 -6.99
N HIS A 178 10.51 4.41 -6.75
CA HIS A 178 11.27 4.30 -5.51
C HIS A 178 10.34 4.68 -4.36
N PRO A 179 10.49 4.00 -3.20
CA PRO A 179 9.63 4.37 -2.06
C PRO A 179 9.65 5.87 -1.72
N ASP A 180 10.76 6.56 -1.92
CA ASP A 180 10.79 8.01 -1.66
C ASP A 180 9.96 8.82 -2.65
N THR A 181 9.89 8.37 -3.90
CA THR A 181 9.04 9.02 -4.88
C THR A 181 7.58 8.77 -4.50
N PHE A 182 7.31 7.51 -4.16
CA PHE A 182 5.98 7.07 -3.77
C PHE A 182 5.48 7.87 -2.58
N ALA A 183 6.35 8.04 -1.58
CA ALA A 183 5.97 8.65 -0.32
C ALA A 183 5.98 10.19 -0.34
N SER A 184 7.03 10.76 -0.92
CA SER A 184 7.27 12.20 -0.76
C SER A 184 6.93 13.03 -1.97
N HIS A 185 6.58 12.37 -3.08
CA HIS A 185 6.38 13.09 -4.34
C HIS A 185 5.09 12.71 -5.06
N PRO A 186 3.96 13.24 -4.58
CA PRO A 186 2.66 12.95 -5.17
C PRO A 186 2.56 13.57 -6.56
N PRO A 187 1.75 12.97 -7.43
CA PRO A 187 1.57 13.58 -8.76
C PRO A 187 0.72 14.84 -8.73
N ARG A 188 -0.09 15.00 -7.69
CA ARG A 188 -0.97 16.16 -7.55
C ARG A 188 -1.30 16.39 -6.08
N SER A 189 -1.11 17.62 -5.61
CA SER A 189 -1.26 17.92 -4.19
C SER A 189 -1.85 19.31 -3.99
N LEU A 190 -2.75 19.43 -3.01
CA LEU A 190 -3.20 20.73 -2.52
C LEU A 190 -2.61 20.93 -1.14
N VAL A 191 -2.03 22.09 -0.91
CA VAL A 191 -1.29 22.32 0.33
C VAL A 191 -2.06 23.27 1.24
N LEU A 192 -2.33 22.81 2.46
CA LEU A 192 -3.22 23.50 3.39
C LEU A 192 -2.49 24.47 4.33
N ILE A 193 -1.37 25.02 3.88
CA ILE A 193 -0.75 26.13 4.58
C ILE A 193 -0.55 27.26 3.59
N PRO A 194 -0.38 28.50 4.08
CA PRO A 194 -0.07 29.56 3.12
C PRO A 194 1.33 29.38 2.55
N LYS A 195 1.53 29.76 1.29
CA LYS A 195 2.82 29.58 0.66
C LYS A 195 3.90 30.41 1.36
N ALA A 196 3.47 31.41 2.12
CA ALA A 196 4.37 32.24 2.92
C ALA A 196 5.10 31.44 4.00
N LEU A 197 4.55 30.27 4.35
CA LEU A 197 5.18 29.42 5.36
C LEU A 197 5.78 28.16 4.75
N GLN A 198 6.04 28.20 3.44
CA GLN A 198 6.70 27.09 2.76
C GLN A 198 8.15 27.46 2.45
N PRO A 199 9.11 26.68 2.96
CA PRO A 199 10.52 26.92 2.61
C PRO A 199 10.74 26.80 1.11
N HIS A 200 11.64 27.61 0.56
CA HIS A 200 11.99 27.53 -0.86
C HIS A 200 10.77 27.52 -1.78
N ALA A 201 9.79 28.35 -1.46
CA ALA A 201 8.52 28.37 -2.17
C ALA A 201 8.66 28.56 -3.69
N ASP A 202 9.67 29.31 -4.12
CA ASP A 202 9.87 29.57 -5.55
C ASP A 202 10.17 28.31 -6.34
N ARG A 203 10.74 27.33 -5.67
CA ARG A 203 11.21 26.13 -6.35
C ARG A 203 10.22 24.98 -6.24
N VAL A 204 9.04 25.24 -5.68
CA VAL A 204 8.00 24.22 -5.59
C VAL A 204 7.25 24.06 -6.91
N ASP A 205 7.17 22.83 -7.40
CA ASP A 205 6.53 22.53 -8.69
C ASP A 205 5.06 22.97 -8.75
N GLU A 206 4.80 24.05 -9.48
CA GLU A 206 3.43 24.54 -9.69
C GLU A 206 2.53 23.55 -10.43
N ASP A 207 3.11 22.62 -11.18
CA ASP A 207 2.28 21.64 -11.90
C ASP A 207 1.78 20.54 -10.95
N VAL A 208 2.51 20.33 -9.86
CA VAL A 208 2.14 19.32 -8.88
C VAL A 208 1.33 19.93 -7.75
N TYR A 209 1.85 21.02 -7.19
CA TYR A 209 1.32 21.58 -5.96
C TYR A 209 0.61 22.91 -6.17
N THR A 210 -0.57 23.04 -5.58
CA THR A 210 -1.21 24.34 -5.48
C THR A 210 -1.53 24.63 -4.02
N PHE A 211 -1.13 25.81 -3.55
CA PHE A 211 -1.40 26.21 -2.18
C PHE A 211 -2.79 26.83 -2.02
N VAL A 212 -3.54 26.31 -1.05
CA VAL A 212 -4.89 26.80 -0.77
C VAL A 212 -5.05 27.37 0.64
N GLY A 213 -4.10 27.09 1.53
CA GLY A 213 -4.13 27.63 2.89
C GLY A 213 -5.12 26.97 3.84
N ALA A 214 -5.48 27.69 4.90
CA ALA A 214 -6.38 27.17 5.94
C ALA A 214 -7.88 27.35 5.67
N CYS A 215 -8.70 26.73 6.51
CA CYS A 215 -10.11 26.43 6.21
C CYS A 215 -11.15 27.35 6.83
N GLN A 216 -11.43 28.46 6.13
CA GLN A 216 -12.47 29.39 6.53
C GLN A 216 -12.26 29.80 7.97
N GLY A 217 -11.17 30.51 8.24
CA GLY A 217 -10.83 30.97 9.58
C GLY A 217 -12.05 31.54 10.26
N ASP A 218 -12.73 30.73 11.06
CA ASP A 218 -14.10 31.03 11.53
C ASP A 218 -14.65 30.22 12.72
N ARG A 219 -14.64 30.73 13.97
CA ARG A 219 -14.09 32.03 14.38
C ARG A 219 -13.93 32.26 15.92
N ALA A 220 -13.34 31.36 16.73
CA ALA A 220 -13.09 29.94 16.46
C ALA A 220 -13.34 29.11 17.74
N GLU A 221 -14.41 29.50 18.45
CA GLU A 221 -15.39 28.59 19.14
C GLU A 221 -15.58 28.57 20.69
N GLU A 222 -16.25 29.62 21.20
CA GLU A 222 -16.96 30.57 20.36
C GLU A 222 -16.91 32.02 20.84
N GLY A 223 -17.78 32.83 20.24
CA GLY A 223 -18.01 34.19 20.65
C GLY A 223 -17.30 35.20 19.78
N GLY A 224 -17.59 36.47 20.02
CA GLY A 224 -16.80 37.55 19.45
C GLY A 224 -15.84 38.04 20.51
N TRP A 225 -15.24 39.21 20.29
CA TRP A 225 -14.43 39.88 21.30
C TRP A 225 -14.45 41.37 20.98
N GLN A 226 -14.27 42.23 21.98
CA GLN A 226 -14.37 43.67 21.73
C GLN A 226 -13.17 44.49 22.25
N ARG A 227 -12.71 45.41 21.42
CA ARG A 227 -11.67 46.35 21.79
C ARG A 227 -12.15 47.18 22.98
N PRO A 228 -11.37 47.26 24.07
CA PRO A 228 -11.72 48.22 25.12
C PRO A 228 -11.62 49.64 24.62
N ALA A 229 -12.56 50.49 25.04
CA ALA A 229 -12.51 51.90 24.74
C ALA A 229 -11.19 52.48 25.24
N GLY A 230 -10.52 53.25 24.39
CA GLY A 230 -9.29 53.89 24.81
C GLY A 230 -8.02 53.13 24.42
N ALA A 231 -8.14 51.81 24.24
CA ALA A 231 -6.98 51.03 23.84
C ALA A 231 -6.55 51.37 22.43
N GLU A 232 -5.33 51.90 22.31
CA GLU A 232 -4.75 52.18 21.00
C GLU A 232 -4.01 50.95 20.46
N LYS A 233 -3.38 50.17 21.34
CA LYS A 233 -2.69 48.94 20.94
C LYS A 233 -3.06 47.68 21.76
N VAL A 234 -3.72 46.73 21.11
CA VAL A 234 -4.07 45.45 21.72
C VAL A 234 -3.04 44.37 21.37
N VAL A 235 -2.49 43.71 22.39
CA VAL A 235 -1.61 42.58 22.15
C VAL A 235 -2.20 41.30 22.75
N LEU A 236 -2.23 40.25 21.94
CA LEU A 236 -2.61 38.92 22.42
C LEU A 236 -1.35 38.10 22.62
N VAL A 237 -1.23 37.44 23.76
CA VAL A 237 -0.19 36.45 23.96
C VAL A 237 -0.84 35.09 24.03
N SER A 238 -0.55 34.23 23.06
CA SER A 238 -1.04 32.87 23.06
C SER A 238 0.04 31.97 22.48
N LEU A 239 0.44 30.93 23.21
CA LEU A 239 1.46 30.03 22.72
C LEU A 239 0.84 28.71 22.23
N GLY A 240 -0.40 28.79 21.73
CA GLY A 240 -1.09 27.61 21.23
C GLY A 240 -2.20 27.13 22.16
N SER A 241 -2.57 25.87 22.01
CA SER A 241 -3.76 25.39 22.73
C SER A 241 -3.48 24.19 23.63
N ALA A 242 -2.28 23.63 23.55
CA ALA A 242 -2.01 22.37 24.24
C ALA A 242 -0.54 22.11 24.57
N PHE A 243 0.20 23.17 24.84
CA PHE A 243 1.59 23.06 25.25
C PHE A 243 1.90 24.33 26.02
N THR A 244 1.22 24.48 27.15
CA THR A 244 1.22 25.75 27.85
C THR A 244 2.19 25.69 29.03
N LYS A 245 1.67 25.44 30.21
CA LYS A 245 2.42 25.65 31.45
C LYS A 245 3.27 26.90 31.38
N GLN A 246 4.57 26.72 31.10
CA GLN A 246 5.49 27.86 30.86
C GLN A 246 5.26 29.15 31.67
N PRO A 247 4.83 29.04 32.94
CA PRO A 247 4.16 30.17 33.59
C PRO A 247 4.99 31.46 33.68
N ALA A 248 6.31 31.29 33.73
CA ALA A 248 7.25 32.40 33.93
C ALA A 248 7.37 33.35 32.73
N PHE A 249 7.15 32.82 31.53
CA PHE A 249 7.24 33.64 30.33
C PHE A 249 6.21 34.76 30.39
N TYR A 250 4.98 34.39 30.72
CA TYR A 250 3.87 35.33 30.88
C TYR A 250 4.25 36.49 31.78
N ARG A 251 4.89 36.15 32.89
CA ARG A 251 5.37 37.12 33.88
C ARG A 251 6.18 38.26 33.26
N GLU A 252 7.04 37.94 32.31
CA GLU A 252 7.79 38.99 31.62
C GLU A 252 6.88 39.79 30.69
N CYS A 253 5.88 39.13 30.11
CA CYS A 253 4.91 39.81 29.27
C CYS A 253 4.10 40.80 30.10
N VAL A 254 3.67 40.35 31.28
CA VAL A 254 2.93 41.23 32.20
C VAL A 254 3.73 42.49 32.49
N ARG A 255 5.03 42.34 32.74
CA ARG A 255 5.90 43.49 32.99
C ARG A 255 6.14 44.32 31.74
N ALA A 256 6.19 43.66 30.59
CA ALA A 256 6.38 44.35 29.33
C ALA A 256 5.26 45.34 29.02
N PHE A 257 4.01 44.88 29.17
CA PHE A 257 2.86 45.64 28.71
C PHE A 257 2.04 46.26 29.85
N GLY A 258 2.27 45.78 31.07
CA GLY A 258 1.55 46.30 32.23
C GLY A 258 1.75 47.80 32.43
N ASN A 259 0.65 48.52 32.58
CA ASN A 259 0.66 49.99 32.74
C ASN A 259 1.37 50.78 31.63
N LEU A 260 1.57 50.15 30.47
CA LEU A 260 2.17 50.81 29.32
C LEU A 260 1.12 51.61 28.59
N PRO A 261 1.32 52.94 28.46
CA PRO A 261 0.35 53.87 27.87
C PRO A 261 -0.24 53.40 26.56
N GLY A 262 -1.56 53.22 26.51
CA GLY A 262 -2.22 52.92 25.25
C GLY A 262 -2.33 51.45 24.93
N TRP A 263 -1.68 50.60 25.72
CA TRP A 263 -1.64 49.16 25.43
C TRP A 263 -2.57 48.35 26.32
N HIS A 264 -3.19 47.34 25.73
CA HIS A 264 -4.01 46.40 26.49
C HIS A 264 -3.58 44.98 26.14
N LEU A 265 -3.29 44.20 27.17
CA LEU A 265 -2.78 42.85 27.00
C LEU A 265 -3.85 41.81 27.29
N VAL A 266 -4.14 40.98 26.28
CA VAL A 266 -4.95 39.78 26.47
C VAL A 266 -3.97 38.63 26.66
N LEU A 267 -3.94 38.10 27.86
CA LEU A 267 -2.95 37.11 28.24
C LEU A 267 -3.62 35.77 28.48
N GLN A 268 -3.96 35.08 27.38
CA GLN A 268 -4.65 33.79 27.41
C GLN A 268 -3.70 32.69 27.83
N ILE A 269 -3.91 32.16 29.03
CA ILE A 269 -2.91 31.26 29.61
C ILE A 269 -3.41 29.82 29.74
N GLY A 270 -2.52 28.93 30.16
CA GLY A 270 -2.90 27.54 30.29
C GLY A 270 -3.50 27.29 31.65
N ARG A 271 -3.22 28.21 32.58
CA ARG A 271 -3.78 28.05 33.91
C ARG A 271 -5.15 28.71 34.01
N LYS A 272 -6.13 27.81 34.03
CA LYS A 272 -7.55 28.09 33.87
C LYS A 272 -8.25 29.30 34.54
N VAL A 273 -7.94 29.74 35.77
CA VAL A 273 -7.46 28.96 36.93
C VAL A 273 -6.07 28.37 36.82
N THR A 274 -5.03 29.09 37.26
CA THR A 274 -5.10 30.25 38.12
C THR A 274 -5.37 31.51 37.40
N PRO A 275 -6.23 32.38 37.99
CA PRO A 275 -6.19 33.78 37.54
C PRO A 275 -4.95 34.37 38.12
N ALA A 276 -4.36 33.65 39.05
CA ALA A 276 -3.50 34.24 40.07
C ALA A 276 -2.05 33.73 39.99
N GLU A 277 -1.65 33.33 38.79
CA GLU A 277 -0.24 33.12 38.53
C GLU A 277 0.47 34.33 37.91
N LEU A 278 1.64 34.61 38.42
CA LEU A 278 2.32 35.83 38.05
C LEU A 278 2.25 36.83 39.20
N GLY A 279 1.06 36.97 39.80
CA GLY A 279 0.85 37.98 40.81
C GLY A 279 -0.18 39.06 40.50
N GLU A 280 0.10 40.27 41.02
CA GLU A 280 -0.83 41.41 40.98
C GLU A 280 -0.99 42.01 39.60
N LEU A 281 -2.10 41.67 38.94
CA LEU A 281 -2.36 42.15 37.58
C LEU A 281 -2.49 43.66 37.52
N PRO A 282 -1.76 44.29 36.59
CA PRO A 282 -2.05 45.69 36.29
C PRO A 282 -3.44 45.77 35.66
N ASP A 283 -4.03 46.95 35.66
CA ASP A 283 -5.42 47.07 35.25
C ASP A 283 -5.63 46.91 33.74
N ASN A 284 -4.58 47.07 32.94
CA ASN A 284 -4.71 46.97 31.49
C ASN A 284 -4.42 45.56 30.96
N VAL A 285 -4.79 44.55 31.74
CA VAL A 285 -4.59 43.15 31.36
C VAL A 285 -5.89 42.36 31.56
N GLU A 286 -6.27 41.54 30.59
CA GLU A 286 -7.39 40.61 30.78
C GLU A 286 -6.96 39.18 30.47
N VAL A 287 -7.41 38.23 31.29
CA VAL A 287 -6.86 36.88 31.29
C VAL A 287 -7.93 35.79 31.22
N HIS A 288 -7.72 34.82 30.32
CA HIS A 288 -8.66 33.73 30.09
C HIS A 288 -7.90 32.44 29.89
N ASP A 289 -8.53 31.29 30.12
CA ASP A 289 -7.93 30.01 29.76
C ASP A 289 -8.13 29.66 28.28
N TRP A 290 -9.13 30.28 27.67
CA TRP A 290 -9.39 30.10 26.25
C TRP A 290 -10.02 31.37 25.71
N VAL A 291 -9.58 31.79 24.52
CA VAL A 291 -10.06 33.00 23.91
C VAL A 291 -10.58 32.76 22.51
N PRO A 292 -11.44 33.65 22.00
CA PRO A 292 -11.77 33.49 20.59
C PRO A 292 -10.63 34.12 19.79
N GLN A 293 -9.58 33.33 19.55
CA GLN A 293 -8.30 33.87 19.08
C GLN A 293 -8.44 34.65 17.79
N LEU A 294 -9.18 34.10 16.84
CA LEU A 294 -9.34 34.78 15.57
C LEU A 294 -10.13 36.08 15.72
N ALA A 295 -11.12 36.09 16.62
CA ALA A 295 -11.87 37.31 16.86
C ALA A 295 -10.97 38.37 17.48
N ILE A 296 -10.17 37.95 18.46
CA ILE A 296 -9.18 38.84 19.08
C ILE A 296 -8.13 39.28 18.07
N LEU A 297 -7.55 38.33 17.34
CA LEU A 297 -6.55 38.65 16.33
C LEU A 297 -7.11 39.58 15.26
N ARG A 298 -8.39 39.42 14.92
CA ARG A 298 -8.96 40.27 13.89
C ARG A 298 -9.01 41.75 14.28
N GLN A 299 -8.92 42.02 15.58
CA GLN A 299 -8.91 43.39 16.09
C GLN A 299 -7.63 43.70 16.87
N ALA A 300 -6.68 42.76 16.89
CA ALA A 300 -5.42 42.95 17.62
C ALA A 300 -4.35 43.63 16.78
N ASP A 301 -3.39 44.25 17.44
CA ASP A 301 -2.32 44.97 16.73
C ASP A 301 -0.97 44.28 16.85
N LEU A 302 -0.88 43.32 17.76
CA LEU A 302 0.35 42.56 17.94
C LEU A 302 0.00 41.19 18.47
N PHE A 303 0.74 40.19 18.05
CA PHE A 303 0.49 38.81 18.49
C PHE A 303 1.79 38.19 18.96
N VAL A 304 1.89 37.89 20.25
CA VAL A 304 3.04 37.14 20.75
C VAL A 304 2.67 35.66 20.65
N THR A 305 3.37 34.95 19.78
CA THR A 305 3.01 33.58 19.41
C THR A 305 4.22 32.63 19.50
N HIS A 306 3.96 31.35 19.74
CA HIS A 306 5.02 30.34 19.71
C HIS A 306 5.31 29.91 18.27
N ALA A 307 4.49 30.39 17.34
CA ALA A 307 4.63 30.13 15.91
C ALA A 307 4.32 28.69 15.50
N GLY A 308 3.35 28.07 16.18
CA GLY A 308 2.77 26.84 15.68
C GLY A 308 2.11 27.10 14.34
N ALA A 309 1.73 26.05 13.63
CA ALA A 309 1.13 26.24 12.31
C ALA A 309 -0.13 27.12 12.32
N GLY A 310 -1.02 26.88 13.27
CA GLY A 310 -2.29 27.59 13.32
C GLY A 310 -2.12 29.07 13.64
N GLY A 311 -1.46 29.34 14.76
CA GLY A 311 -1.17 30.72 15.14
C GLY A 311 -0.45 31.48 14.04
N SER A 312 0.48 30.82 13.36
CA SER A 312 1.24 31.49 12.31
C SER A 312 0.35 31.95 11.14
N GLN A 313 -0.50 31.07 10.60
CA GLN A 313 -1.34 31.55 9.49
C GLN A 313 -2.39 32.52 9.98
N GLU A 314 -2.84 32.38 11.22
CA GLU A 314 -3.85 33.28 11.77
C GLU A 314 -3.32 34.71 11.91
N GLY A 315 -2.07 34.82 12.34
CA GLY A 315 -1.40 36.11 12.39
C GLY A 315 -1.31 36.72 11.00
N LEU A 316 -0.84 35.94 10.03
CA LEU A 316 -0.76 36.43 8.66
C LEU A 316 -2.15 36.75 8.10
N ALA A 317 -3.10 35.85 8.32
CA ALA A 317 -4.47 36.03 7.81
C ALA A 317 -5.12 37.32 8.30
N THR A 318 -4.74 37.73 9.51
CA THR A 318 -5.31 38.92 10.14
C THR A 318 -4.36 40.13 10.06
N ALA A 319 -3.28 39.98 9.30
CA ALA A 319 -2.26 41.02 9.13
C ALA A 319 -1.79 41.59 10.47
N THR A 320 -1.52 40.68 11.41
CA THR A 320 -1.11 41.09 12.75
C THR A 320 0.37 40.81 12.93
N PRO A 321 1.17 41.87 13.14
CA PRO A 321 2.62 41.69 13.33
C PRO A 321 2.87 40.76 14.51
N MET A 322 3.95 40.00 14.46
CA MET A 322 4.17 38.97 15.47
C MET A 322 5.52 39.03 16.17
N ILE A 323 5.52 38.71 17.46
CA ILE A 323 6.75 38.32 18.14
C ILE A 323 6.71 36.82 18.27
N ALA A 324 7.56 36.14 17.50
CA ALA A 324 7.61 34.70 17.51
C ALA A 324 8.62 34.26 18.54
N VAL A 325 8.14 33.49 19.52
CA VAL A 325 8.99 33.00 20.59
C VAL A 325 8.89 31.47 20.60
N PRO A 326 9.65 30.82 19.70
CA PRO A 326 9.57 29.37 19.56
C PRO A 326 9.94 28.66 20.85
N GLN A 327 9.21 27.62 21.19
CA GLN A 327 9.32 26.95 22.48
C GLN A 327 9.87 25.55 22.30
N ALA A 328 9.52 24.95 21.16
CA ALA A 328 9.92 23.59 20.86
C ALA A 328 10.60 23.57 19.51
N VAL A 329 11.42 22.54 19.30
CA VAL A 329 12.12 22.38 18.04
C VAL A 329 11.22 22.42 16.83
N ASP A 330 9.95 22.03 16.99
CA ASP A 330 9.05 21.96 15.83
C ASP A 330 8.68 23.33 15.24
N GLN A 331 8.35 24.29 16.11
CA GLN A 331 7.94 25.65 15.73
C GLN A 331 9.07 26.45 15.10
N PHE A 332 10.23 25.80 14.98
CA PHE A 332 11.45 26.47 14.58
C PHE A 332 11.37 27.11 13.20
N GLY A 333 10.93 26.34 12.22
CA GLY A 333 10.83 26.82 10.86
C GLY A 333 9.95 28.05 10.72
N ASN A 334 8.75 27.97 11.29
CA ASN A 334 7.79 29.05 11.14
C ASN A 334 8.31 30.38 11.68
N ALA A 335 8.93 30.35 12.85
CA ALA A 335 9.47 31.58 13.43
C ALA A 335 10.51 32.17 12.49
N ASP A 336 11.41 31.31 12.02
CA ASP A 336 12.39 31.69 11.02
C ASP A 336 11.72 32.33 9.79
N MET A 337 10.70 31.68 9.26
CA MET A 337 10.03 32.20 8.07
C MET A 337 9.29 33.50 8.31
N LEU A 338 8.62 33.60 9.46
CA LEU A 338 7.88 34.82 9.80
C LEU A 338 8.81 36.03 9.86
N GLN A 339 9.95 35.87 10.52
CA GLN A 339 10.89 36.98 10.59
C GLN A 339 11.47 37.27 9.21
N GLY A 340 11.72 36.22 8.44
CA GLY A 340 12.24 36.38 7.09
C GLY A 340 11.35 37.18 6.17
N LEU A 341 10.04 37.07 6.38
CA LEU A 341 9.06 37.80 5.58
C LEU A 341 8.98 39.26 5.99
N GLY A 342 9.66 39.60 7.09
CA GLY A 342 9.77 40.97 7.52
C GLY A 342 8.63 41.49 8.39
N VAL A 343 7.80 40.58 8.90
CA VAL A 343 6.62 40.99 9.66
C VAL A 343 6.59 40.43 11.06
N ALA A 344 7.76 40.03 11.55
CA ALA A 344 7.86 39.43 12.87
C ALA A 344 9.29 39.51 13.35
N ARG A 345 9.46 39.43 14.66
CA ARG A 345 10.78 39.26 15.27
C ARG A 345 10.77 37.97 16.07
N LYS A 346 11.81 37.17 15.89
CA LYS A 346 11.96 35.90 16.58
C LYS A 346 12.77 36.10 17.85
N LEU A 347 12.29 35.56 18.98
CA LEU A 347 13.00 35.59 20.25
C LEU A 347 13.06 34.18 20.86
N ALA A 348 14.19 33.81 21.44
CA ALA A 348 14.26 32.53 22.14
C ALA A 348 13.60 32.66 23.51
N THR A 349 12.86 31.62 23.91
CA THR A 349 12.20 31.57 25.23
C THR A 349 13.02 32.26 26.33
N GLU A 350 14.26 31.82 26.55
CA GLU A 350 15.18 32.47 27.48
N GLU A 351 15.00 35.54 24.37
CA GLU A 351 15.55 36.46 25.36
C GLU A 351 14.39 37.20 26.00
N ALA A 352 13.35 36.44 26.36
CA ALA A 352 11.96 36.94 26.42
C ALA A 352 11.52 37.72 27.65
N THR A 353 12.31 38.73 28.02
CA THR A 353 12.01 39.55 29.18
C THR A 353 11.39 40.92 28.82
N ALA A 354 11.00 41.66 29.85
CA ALA A 354 10.10 42.80 29.69
C ALA A 354 10.58 43.90 28.74
N ASP A 355 11.82 44.34 28.92
CA ASP A 355 12.33 45.46 28.16
C ASP A 355 12.47 45.14 26.68
N LEU A 356 12.95 43.95 26.36
CA LEU A 356 13.10 43.55 24.96
C LEU A 356 11.73 43.28 24.33
N LEU A 357 10.84 42.63 25.07
CA LEU A 357 9.49 42.41 24.59
C LEU A 357 8.85 43.73 24.29
N ARG A 358 9.02 44.68 25.20
CA ARG A 358 8.44 45.99 25.03
C ARG A 358 9.04 46.72 23.84
N GLU A 359 10.36 46.73 23.71
CA GLU A 359 10.98 47.46 22.59
C GLU A 359 10.59 46.84 21.26
N THR A 360 10.57 45.50 21.24
CA THR A 360 10.24 44.76 20.04
C THR A 360 8.80 45.06 19.61
N ALA A 361 7.89 44.99 20.58
CA ALA A 361 6.49 45.33 20.38
C ALA A 361 6.30 46.72 19.77
N LEU A 362 6.96 47.70 20.36
CA LEU A 362 6.78 49.09 19.94
C LEU A 362 7.13 49.31 18.48
N ALA A 363 8.32 48.87 18.07
CA ALA A 363 8.76 49.08 16.70
C ALA A 363 7.91 48.30 15.69
N LEU A 364 7.55 47.07 16.03
CA LEU A 364 6.71 46.27 15.13
C LEU A 364 5.39 46.95 14.84
N VAL A 365 4.71 47.43 15.88
CA VAL A 365 3.44 48.12 15.63
C VAL A 365 3.73 49.50 15.04
N ASP A 366 4.94 49.99 15.28
CA ASP A 366 5.40 51.24 14.66
C ASP A 366 6.32 50.93 13.47
N ASP A 367 5.81 50.14 12.53
CA ASP A 367 6.50 49.94 11.27
C ASP A 367 5.48 49.95 10.13
N PRO A 368 5.45 51.05 9.36
CA PRO A 368 4.52 51.19 8.22
C PRO A 368 4.75 50.10 7.19
N GLU A 369 6.01 49.70 7.06
CA GLU A 369 6.42 48.68 6.11
C GLU A 369 5.84 47.33 6.49
N VAL A 370 5.84 47.05 7.79
CA VAL A 370 5.35 45.77 8.28
C VAL A 370 3.88 45.62 7.92
N ALA A 371 3.13 46.70 8.09
CA ALA A 371 1.71 46.70 7.74
C ALA A 371 1.50 46.42 6.26
N ARG A 372 2.17 47.19 5.41
CA ARG A 372 2.14 46.99 3.96
C ARG A 372 2.49 45.53 3.58
N ARG A 373 3.60 45.03 4.12
CA ARG A 373 4.02 43.65 3.86
C ARG A 373 2.97 42.64 4.31
N LEU A 374 2.33 42.91 5.44
CA LEU A 374 1.24 42.06 5.92
C LEU A 374 0.02 42.11 5.00
N ARG A 375 -0.26 43.27 4.42
CA ARG A 375 -1.42 43.37 3.53
C ARG A 375 -1.23 42.58 2.26
N ARG A 376 -0.04 42.65 1.68
CA ARG A 376 0.27 41.86 0.48
C ARG A 376 0.12 40.38 0.80
N ILE A 377 0.61 39.97 1.95
CA ILE A 377 0.46 38.56 2.35
C ILE A 377 -1.01 38.15 2.45
N GLN A 378 -1.86 38.97 3.08
CA GLN A 378 -3.30 38.65 3.09
C GLN A 378 -3.84 38.57 1.67
N ALA A 379 -3.40 39.48 0.81
CA ALA A 379 -3.89 39.51 -0.56
C ALA A 379 -3.42 38.25 -1.29
N GLU A 380 -2.19 37.84 -0.98
CA GLU A 380 -1.65 36.61 -1.54
C GLU A 380 -2.44 35.40 -1.02
N MET A 381 -2.76 35.42 0.27
CA MET A 381 -3.56 34.35 0.85
C MET A 381 -4.96 34.32 0.24
N ALA A 382 -5.48 35.50 -0.11
CA ALA A 382 -6.79 35.57 -0.76
C ALA A 382 -6.79 34.82 -2.08
N GLN A 383 -5.69 34.92 -2.82
CA GLN A 383 -5.59 34.19 -4.08
C GLN A 383 -5.51 32.68 -3.85
N GLU A 384 -4.91 32.27 -2.74
CA GLU A 384 -4.86 30.84 -2.40
C GLU A 384 -6.24 30.29 -2.05
N GLY A 385 -7.10 31.12 -1.45
CA GLY A 385 -8.54 30.88 -1.42
C GLY A 385 -9.23 29.89 -0.47
N GLY A 386 -8.47 29.08 0.26
CA GLY A 386 -9.09 28.20 1.25
C GLY A 386 -10.06 27.13 0.79
N THR A 387 -11.10 26.93 1.59
CA THR A 387 -11.91 25.70 1.58
C THR A 387 -12.68 25.41 0.31
N ARG A 388 -13.39 26.41 -0.21
CA ARG A 388 -14.23 26.16 -1.36
C ARG A 388 -13.38 26.19 -2.63
N ARG A 389 -12.27 26.91 -2.56
CA ARG A 389 -11.28 26.84 -3.62
C ARG A 389 -10.68 25.45 -3.77
N ALA A 390 -10.34 24.82 -2.65
CA ALA A 390 -9.79 23.48 -2.67
C ALA A 390 -10.75 22.53 -3.40
N ALA A 391 -12.04 22.73 -3.17
CA ALA A 391 -13.06 21.90 -3.83
C ALA A 391 -13.04 22.03 -5.35
N ASP A 392 -12.93 23.27 -5.83
CA ASP A 392 -12.83 23.53 -7.27
C ASP A 392 -11.69 22.73 -7.92
N LEU A 393 -10.49 22.83 -7.35
CA LEU A 393 -9.32 22.13 -7.90
C LEU A 393 -9.45 20.62 -7.78
N ILE A 394 -10.22 20.16 -6.80
CA ILE A 394 -10.50 18.73 -6.64
C ILE A 394 -11.49 18.28 -7.71
N GLU A 395 -12.47 19.13 -7.99
CA GLU A 395 -13.44 18.84 -9.04
C GLU A 395 -12.76 18.82 -10.40
N ALA A 396 -11.68 19.59 -10.53
CA ALA A 396 -10.97 19.75 -11.80
C ALA A 396 -10.04 18.58 -12.15
N GLU A 397 -9.91 17.61 -11.23
CA GLU A 397 -9.11 16.41 -11.48
C GLU A 397 -10.00 15.17 -11.62
N LEU A 398 -11.31 15.42 -11.73
CA LEU A 398 -12.33 14.37 -11.64
C LEU A 398 -12.43 13.47 -12.86
N PRO A 399 -12.87 12.22 -12.65
CA PRO A 399 -13.39 11.34 -13.70
C PRO A 399 -14.60 11.96 -14.37
N ALA A 400 -14.65 11.86 -15.70
CA ALA A 400 -15.70 12.48 -16.51
C ALA A 400 -17.11 12.29 -15.95
N THR B 6 15.80 -53.71 -3.29
CA THR B 6 14.67 -53.21 -2.50
C THR B 6 14.66 -51.69 -2.51
N PRO B 7 13.92 -51.09 -3.47
CA PRO B 7 13.86 -49.64 -3.72
C PRO B 7 13.20 -48.82 -2.61
N ALA B 8 13.45 -47.51 -2.65
CA ALA B 8 12.82 -46.55 -1.76
C ALA B 8 11.34 -46.42 -2.10
N HIS B 9 10.51 -46.24 -1.09
CA HIS B 9 9.07 -46.05 -1.31
C HIS B 9 8.68 -44.59 -1.03
N ILE B 10 8.20 -43.89 -2.04
CA ILE B 10 7.79 -42.48 -1.90
C ILE B 10 6.27 -42.36 -1.99
N ALA B 11 5.63 -41.95 -0.89
CA ALA B 11 4.21 -41.67 -0.96
C ALA B 11 4.00 -40.19 -0.99
N MET B 12 3.30 -39.77 -2.02
CA MET B 12 2.89 -38.40 -2.22
C MET B 12 1.50 -38.31 -1.60
N PHE B 13 1.15 -37.13 -1.09
CA PHE B 13 -0.20 -36.86 -0.59
C PHE B 13 -0.75 -35.57 -1.17
N SER B 14 -1.99 -35.60 -1.66
CA SER B 14 -2.68 -34.38 -2.00
C SER B 14 -4.17 -34.52 -1.75
N ILE B 15 -4.93 -33.52 -2.18
CA ILE B 15 -6.37 -33.48 -2.03
C ILE B 15 -6.91 -33.51 -3.45
N ALA B 16 -8.17 -33.90 -3.63
CA ALA B 16 -8.68 -34.02 -4.99
C ALA B 16 -9.00 -32.68 -5.61
N ALA B 17 -8.04 -31.77 -5.56
CA ALA B 17 -8.14 -30.51 -6.28
C ALA B 17 -7.29 -30.61 -7.53
N HIS B 18 -7.66 -29.86 -8.56
CA HIS B 18 -6.84 -29.78 -9.75
C HIS B 18 -5.54 -29.06 -9.40
N GLY B 19 -5.68 -27.94 -8.70
CA GLY B 19 -4.60 -26.99 -8.55
C GLY B 19 -3.55 -27.43 -7.56
N HIS B 20 -3.78 -28.57 -6.93
CA HIS B 20 -2.85 -29.07 -5.96
C HIS B 20 -2.38 -30.48 -6.28
N VAL B 21 -2.78 -30.97 -7.46
CA VAL B 21 -2.29 -32.23 -7.97
C VAL B 21 -1.48 -32.03 -9.25
N ASN B 22 -2.02 -31.23 -10.15
CA ASN B 22 -1.33 -31.06 -11.44
C ASN B 22 -0.03 -30.26 -11.50
N PRO B 23 0.23 -29.34 -10.54
CA PRO B 23 1.51 -28.65 -10.69
C PRO B 23 2.69 -29.57 -10.45
N SER B 24 2.48 -30.69 -9.75
CA SER B 24 3.59 -31.58 -9.41
C SER B 24 3.49 -32.95 -10.08
N LEU B 25 2.54 -33.10 -10.99
CA LEU B 25 2.26 -34.41 -11.60
C LEU B 25 3.50 -34.98 -12.29
N GLU B 26 4.24 -34.10 -12.98
CA GLU B 26 5.45 -34.55 -13.69
C GLU B 26 6.59 -34.98 -12.77
N VAL B 27 6.64 -34.42 -11.57
CA VAL B 27 7.67 -34.78 -10.59
C VAL B 27 7.46 -36.22 -10.16
N ILE B 28 6.21 -36.53 -9.80
CA ILE B 28 5.79 -37.86 -9.46
C ILE B 28 6.13 -38.82 -10.61
N ARG B 29 5.67 -38.47 -11.81
CA ARG B 29 5.92 -39.27 -13.00
C ARG B 29 7.40 -39.56 -13.19
N GLU B 30 8.22 -38.61 -12.76
CA GLU B 30 9.67 -38.72 -12.95
C GLU B 30 10.31 -39.63 -11.90
N LEU B 31 9.86 -39.53 -10.65
CA LEU B 31 10.42 -40.38 -9.59
C LEU B 31 10.09 -41.86 -9.84
N VAL B 32 8.93 -42.11 -10.46
CA VAL B 32 8.55 -43.45 -10.86
C VAL B 32 9.49 -43.94 -11.97
N ALA B 33 9.80 -43.06 -12.91
CA ALA B 33 10.72 -43.40 -14.00
C ALA B 33 12.11 -43.79 -13.46
N ARG B 34 12.55 -43.06 -12.44
CA ARG B 34 13.84 -43.34 -11.81
C ARG B 34 13.85 -44.60 -10.96
N GLY B 35 12.71 -45.31 -10.93
CA GLY B 35 12.67 -46.63 -10.32
C GLY B 35 12.28 -46.66 -8.85
N HIS B 36 11.86 -45.51 -8.34
CA HIS B 36 11.39 -45.45 -6.97
C HIS B 36 9.99 -46.06 -6.95
N ARG B 37 9.59 -46.55 -5.79
CA ARG B 37 8.24 -47.07 -5.67
C ARG B 37 7.38 -45.95 -5.12
N VAL B 38 6.46 -45.47 -5.93
CA VAL B 38 5.67 -44.28 -5.57
C VAL B 38 4.19 -44.60 -5.35
N THR B 39 3.65 -44.21 -4.19
CA THR B 39 2.20 -44.23 -3.96
C THR B 39 1.67 -42.80 -3.87
N TYR B 40 0.36 -42.59 -3.95
CA TYR B 40 -0.16 -41.22 -4.08
C TYR B 40 -1.48 -40.90 -3.38
N ALA B 41 -1.46 -40.91 -2.04
CA ALA B 41 -2.64 -40.64 -1.22
C ALA B 41 -3.54 -39.62 -1.86
N ILE B 42 -4.74 -40.06 -2.24
CA ILE B 42 -5.61 -39.26 -3.08
C ILE B 42 -7.08 -39.63 -2.90
N PRO B 43 -7.98 -38.64 -2.95
CA PRO B 43 -9.42 -38.94 -2.87
C PRO B 43 -9.96 -39.51 -4.18
N PRO B 44 -10.85 -40.51 -4.06
CA PRO B 44 -11.35 -41.43 -5.09
C PRO B 44 -11.49 -40.84 -6.48
N VAL B 45 -12.02 -39.63 -6.59
CA VAL B 45 -12.37 -39.10 -7.91
C VAL B 45 -11.16 -38.98 -8.84
N PHE B 46 -9.98 -38.78 -8.28
CA PHE B 46 -8.79 -38.65 -9.12
C PHE B 46 -8.12 -40.02 -9.36
N ALA B 47 -8.50 -40.72 -10.44
CA ALA B 47 -8.11 -42.13 -10.59
C ALA B 47 -8.02 -42.61 -12.04
N ASP B 48 -9.16 -42.66 -12.74
CA ASP B 48 -9.14 -42.75 -14.19
C ASP B 48 -8.39 -41.47 -14.54
N LYS B 49 -8.61 -40.45 -13.73
CA LYS B 49 -7.71 -39.33 -13.70
C LYS B 49 -6.25 -39.76 -13.38
N VAL B 50 -6.04 -40.38 -12.23
CA VAL B 50 -4.65 -40.61 -11.79
C VAL B 50 -4.14 -42.00 -12.09
N ALA B 51 -4.58 -42.55 -13.20
CA ALA B 51 -3.88 -43.68 -13.78
C ALA B 51 -2.43 -43.27 -14.08
N ALA B 52 -2.09 -43.32 -15.37
CA ALA B 52 -0.80 -42.95 -15.97
C ALA B 52 0.30 -42.05 -15.36
N THR B 53 0.29 -41.61 -14.09
CA THR B 53 1.58 -41.16 -13.53
C THR B 53 2.52 -42.38 -13.37
N GLY B 54 1.89 -43.53 -13.14
CA GLY B 54 2.62 -44.73 -12.79
C GLY B 54 2.49 -45.02 -11.29
N ALA B 55 1.98 -44.03 -10.55
CA ALA B 55 1.59 -44.20 -9.15
C ALA B 55 0.10 -44.49 -9.08
N ARG B 56 -0.28 -45.73 -9.38
CA ARG B 56 -1.68 -46.15 -9.37
C ARG B 56 -2.49 -45.79 -8.09
N PRO B 57 -3.58 -45.02 -8.27
CA PRO B 57 -4.26 -44.20 -7.25
C PRO B 57 -4.70 -44.95 -5.99
N VAL B 58 -5.02 -44.21 -4.95
CA VAL B 58 -5.23 -44.79 -3.64
C VAL B 58 -6.65 -44.32 -3.18
N LEU B 59 -6.96 -44.64 -1.92
CA LEU B 59 -8.25 -44.31 -1.36
C LEU B 59 -8.21 -43.72 0.07
N TYR B 60 -8.54 -42.45 0.18
CA TYR B 60 -8.98 -41.88 1.44
C TYR B 60 -10.15 -40.93 1.19
N HIS B 61 -11.25 -41.11 1.93
CA HIS B 61 -12.42 -40.27 1.71
C HIS B 61 -12.21 -38.84 2.22
N SER B 62 -12.23 -37.88 1.30
CA SER B 62 -12.04 -36.47 1.57
C SER B 62 -13.38 -35.83 1.87
N THR B 63 -13.39 -34.84 2.75
CA THR B 63 -14.60 -34.08 3.06
C THR B 63 -14.58 -32.71 2.38
N LEU B 64 -13.54 -32.47 1.59
CA LEU B 64 -13.41 -31.21 0.84
C LEU B 64 -14.33 -31.17 -0.37
N PRO B 65 -14.61 -29.97 -0.88
CA PRO B 65 -15.38 -29.81 -2.12
C PRO B 65 -14.78 -30.57 -3.27
N GLY B 66 -15.62 -31.00 -4.21
CA GLY B 66 -15.12 -31.69 -5.39
C GLY B 66 -14.17 -30.81 -6.18
N PRO B 67 -13.43 -31.43 -7.12
CA PRO B 67 -12.50 -30.72 -8.01
C PRO B 67 -13.24 -29.85 -9.01
N ASP B 68 -14.56 -29.97 -9.06
CA ASP B 68 -15.34 -29.28 -10.08
C ASP B 68 -16.36 -28.32 -9.47
N ALA B 69 -16.48 -28.39 -8.16
CA ALA B 69 -17.37 -27.46 -7.45
C ALA B 69 -16.86 -26.05 -7.67
N ASP B 70 -17.69 -25.20 -8.28
CA ASP B 70 -17.34 -23.80 -8.55
C ASP B 70 -16.79 -23.08 -7.31
N PRO B 71 -16.06 -21.96 -7.50
CA PRO B 71 -15.20 -21.31 -6.50
C PRO B 71 -15.83 -21.13 -5.12
N GLU B 72 -17.14 -20.86 -5.08
CA GLU B 72 -17.85 -20.58 -3.84
C GLU B 72 -18.05 -21.82 -2.96
N ALA B 73 -17.70 -22.99 -3.47
CA ALA B 73 -17.90 -24.22 -2.68
C ALA B 73 -16.87 -24.46 -1.56
N TRP B 74 -15.74 -23.76 -1.61
CA TRP B 74 -14.66 -23.97 -0.63
C TRP B 74 -14.66 -23.01 0.56
N GLY B 75 -15.43 -21.92 0.48
CA GLY B 75 -15.46 -20.93 1.55
C GLY B 75 -15.32 -19.53 1.02
N SER B 76 -15.35 -18.51 1.90
CA SER B 76 -15.15 -17.13 1.42
C SER B 76 -14.75 -16.05 2.45
N THR B 77 -14.87 -16.34 3.74
CA THR B 77 -14.51 -15.39 4.80
C THR B 77 -13.00 -15.29 5.09
N LEU B 78 -12.46 -16.40 5.57
CA LEU B 78 -11.04 -16.64 5.89
C LEU B 78 -11.16 -17.96 6.59
N LEU B 79 -11.99 -17.98 7.62
CA LEU B 79 -12.51 -19.23 8.13
C LEU B 79 -13.47 -19.62 7.01
N ASP B 80 -13.96 -20.85 7.01
CA ASP B 80 -14.64 -21.43 5.83
C ASP B 80 -13.57 -21.82 4.83
N ASN B 81 -12.51 -21.01 4.69
CA ASN B 81 -11.37 -21.40 3.85
C ASN B 81 -10.46 -22.35 4.60
N VAL B 82 -10.09 -21.99 5.83
CA VAL B 82 -9.15 -22.83 6.57
C VAL B 82 -9.82 -24.03 7.25
N GLU B 83 -10.99 -23.80 7.83
CA GLU B 83 -11.65 -24.85 8.61
C GLU B 83 -11.70 -26.19 7.87
N PRO B 84 -12.14 -26.19 6.59
CA PRO B 84 -12.24 -27.46 5.87
C PRO B 84 -10.94 -28.25 5.76
N PHE B 85 -9.79 -27.59 5.72
CA PHE B 85 -8.54 -28.32 5.60
C PHE B 85 -8.22 -29.01 6.91
N LEU B 86 -8.51 -28.33 8.02
CA LEU B 86 -8.58 -29.03 9.29
C LEU B 86 -9.93 -29.73 9.21
N ASN B 87 -10.38 -30.41 10.24
CA ASN B 87 -11.54 -31.30 10.11
C ASN B 87 -11.33 -32.37 9.04
N ASP B 88 -10.95 -31.97 7.81
CA ASP B 88 -10.64 -32.97 6.79
C ASP B 88 -9.41 -33.73 7.23
N ALA B 89 -8.39 -33.00 7.63
CA ALA B 89 -7.18 -33.62 8.16
C ALA B 89 -7.47 -34.47 9.39
N ILE B 90 -8.39 -34.02 10.22
CA ILE B 90 -8.75 -34.80 11.40
C ILE B 90 -9.42 -36.13 11.02
N GLN B 91 -10.24 -36.13 9.97
CA GLN B 91 -10.90 -37.38 9.57
C GLN B 91 -10.06 -38.20 8.59
N ALA B 92 -9.18 -37.53 7.86
CA ALA B 92 -8.34 -38.18 6.86
C ALA B 92 -7.19 -38.95 7.50
N LEU B 93 -6.63 -38.39 8.56
CA LEU B 93 -5.50 -39.02 9.24
C LEU B 93 -5.69 -40.52 9.51
N PRO B 94 -6.73 -40.91 10.28
CA PRO B 94 -6.83 -42.36 10.57
C PRO B 94 -7.11 -43.24 9.35
N GLN B 95 -7.70 -42.68 8.29
CA GLN B 95 -7.90 -43.49 7.08
C GLN B 95 -6.55 -43.84 6.45
N LEU B 96 -5.69 -42.84 6.34
CA LEU B 96 -4.34 -43.01 5.83
C LEU B 96 -3.52 -43.87 6.78
N ALA B 97 -4.03 -44.08 7.98
CA ALA B 97 -3.45 -45.01 8.94
C ALA B 97 -3.93 -46.41 8.61
N ASP B 98 -4.74 -46.51 7.57
CA ASP B 98 -5.23 -47.81 7.14
C ASP B 98 -5.21 -47.92 5.61
N ALA B 99 -5.50 -46.80 4.95
CA ALA B 99 -5.27 -46.73 3.52
C ALA B 99 -3.80 -47.09 3.18
N TYR B 100 -2.87 -46.45 3.88
CA TYR B 100 -1.44 -46.74 3.73
C TYR B 100 -0.88 -47.72 4.78
N ALA B 101 -1.75 -48.53 5.38
CA ALA B 101 -1.43 -49.20 6.65
C ALA B 101 -0.17 -50.07 6.77
N ASP B 102 0.07 -50.98 5.83
CA ASP B 102 1.36 -51.67 5.86
C ASP B 102 2.34 -50.93 4.97
N ASP B 103 1.87 -50.63 3.77
CA ASP B 103 2.72 -50.08 2.71
C ASP B 103 3.14 -48.65 2.98
N ILE B 104 4.00 -48.48 3.98
CA ILE B 104 4.44 -47.16 4.43
C ILE B 104 5.62 -46.71 3.60
N PRO B 105 5.52 -45.51 3.01
CA PRO B 105 6.61 -44.84 2.27
C PRO B 105 7.90 -44.73 3.07
N ASP B 106 9.01 -44.44 2.38
CA ASP B 106 10.31 -44.20 3.02
C ASP B 106 10.60 -42.71 3.15
N LEU B 107 9.85 -41.92 2.40
CA LEU B 107 9.97 -40.48 2.38
C LEU B 107 8.57 -40.03 2.06
N VAL B 108 8.13 -38.92 2.65
CA VAL B 108 6.81 -38.40 2.34
C VAL B 108 6.90 -37.07 1.59
N LEU B 109 6.21 -37.01 0.46
CA LEU B 109 6.06 -35.80 -0.30
C LEU B 109 4.62 -35.40 -0.11
N HIS B 110 4.32 -34.10 -0.18
CA HIS B 110 2.94 -33.66 -0.07
C HIS B 110 2.75 -32.24 -0.54
N ASP B 111 1.60 -32.01 -1.16
CA ASP B 111 1.14 -30.65 -1.46
C ASP B 111 0.82 -29.92 -0.14
N ILE B 112 0.87 -28.58 -0.18
CA ILE B 112 0.67 -27.77 1.03
C ILE B 112 -0.65 -28.00 1.77
N THR B 113 -1.64 -28.57 1.10
CA THR B 113 -2.95 -28.71 1.72
C THR B 113 -3.11 -29.94 2.61
N SER B 114 -2.18 -30.89 2.53
CA SER B 114 -2.31 -32.13 3.31
C SER B 114 -1.67 -32.07 4.71
N TYR B 115 -2.45 -31.64 5.70
CA TYR B 115 -1.98 -31.75 7.09
C TYR B 115 -1.68 -33.19 7.53
N PRO B 116 -2.44 -34.18 7.04
CA PRO B 116 -2.11 -35.54 7.49
C PRO B 116 -0.71 -35.98 7.10
N ALA B 117 -0.32 -35.65 5.86
CA ALA B 117 1.02 -35.99 5.40
C ALA B 117 2.08 -35.46 6.37
N ARG B 118 1.85 -34.25 6.88
CA ARG B 118 2.69 -33.67 7.91
C ARG B 118 2.67 -34.51 9.19
N VAL B 119 1.49 -34.82 9.71
CA VAL B 119 1.44 -35.56 10.98
C VAL B 119 2.07 -36.95 10.84
N LEU B 120 1.75 -37.62 9.74
CA LEU B 120 2.34 -38.94 9.48
C LEU B 120 3.87 -38.91 9.33
N ALA B 121 4.39 -37.97 8.54
CA ALA B 121 5.84 -37.88 8.39
C ALA B 121 6.57 -37.43 9.66
N ARG B 122 5.82 -37.04 10.70
CA ARG B 122 6.46 -36.76 11.98
C ARG B 122 6.33 -37.98 12.93
N ARG B 123 5.19 -38.65 12.86
CA ARG B 123 4.89 -39.79 13.73
C ARG B 123 5.83 -40.96 13.45
N TRP B 124 5.82 -41.40 12.20
CA TRP B 124 6.65 -42.51 11.76
C TRP B 124 8.10 -42.24 12.11
N GLY B 125 8.67 -41.25 11.44
CA GLY B 125 10.06 -40.92 11.65
C GLY B 125 10.75 -40.79 10.30
N VAL B 126 10.04 -40.18 9.35
CA VAL B 126 10.57 -40.05 8.00
C VAL B 126 10.65 -38.59 7.57
N PRO B 127 11.48 -38.32 6.54
CA PRO B 127 11.56 -36.96 6.01
C PRO B 127 10.30 -36.57 5.24
N ALA B 128 9.91 -35.30 5.36
CA ALA B 128 8.83 -34.75 4.59
C ALA B 128 9.31 -33.62 3.66
N VAL B 129 8.78 -33.58 2.45
CA VAL B 129 9.04 -32.47 1.54
C VAL B 129 7.72 -31.88 1.07
N SER B 130 7.53 -30.59 1.36
CA SER B 130 6.33 -29.89 0.95
C SER B 130 6.51 -29.33 -0.46
N LEU B 131 5.50 -29.50 -1.31
CA LEU B 131 5.56 -28.94 -2.66
C LEU B 131 4.53 -27.82 -2.78
N SER B 132 5.00 -26.59 -3.01
CA SER B 132 4.10 -25.44 -3.06
C SER B 132 3.86 -24.94 -4.48
N PRO B 133 2.59 -24.91 -4.90
CA PRO B 133 2.27 -24.45 -6.26
C PRO B 133 2.19 -22.93 -6.34
N ASN B 134 2.48 -22.26 -5.24
CA ASN B 134 2.33 -20.81 -5.17
C ASN B 134 3.34 -20.24 -4.20
N LEU B 135 3.27 -18.93 -3.95
CA LEU B 135 4.21 -18.27 -3.07
C LEU B 135 4.25 -18.92 -1.70
N VAL B 136 5.36 -18.74 -1.00
CA VAL B 136 5.54 -19.27 0.35
C VAL B 136 5.78 -18.14 1.33
N ALA B 137 5.80 -18.49 2.62
CA ALA B 137 6.02 -17.49 3.66
C ALA B 137 7.48 -17.03 3.66
N TRP B 138 7.67 -15.73 3.81
CA TRP B 138 9.00 -15.18 4.01
C TRP B 138 9.23 -14.93 5.50
N LYS B 139 10.49 -14.73 5.88
CA LYS B 139 10.79 -14.37 7.25
C LYS B 139 10.12 -13.02 7.52
N GLY B 140 9.22 -13.00 8.49
CA GLY B 140 8.40 -11.83 8.74
C GLY B 140 6.93 -11.99 8.36
N TYR B 141 6.61 -13.02 7.58
CA TYR B 141 5.26 -13.25 7.08
C TYR B 141 4.23 -13.38 8.21
N GLU B 142 4.65 -13.93 9.34
CA GLU B 142 3.74 -14.03 10.48
C GLU B 142 3.23 -12.65 10.87
N GLU B 143 4.11 -11.88 11.48
CA GLU B 143 3.74 -10.54 11.94
C GLU B 143 3.19 -9.68 10.80
N GLU B 144 3.68 -9.88 9.58
CA GLU B 144 3.31 -9.00 8.47
C GLU B 144 2.02 -9.32 7.72
N VAL B 145 1.68 -10.61 7.60
CA VAL B 145 0.52 -11.01 6.81
C VAL B 145 -0.51 -11.80 7.60
N ALA B 146 -0.07 -12.87 8.25
CA ALA B 146 -1.00 -13.78 8.92
C ALA B 146 -1.76 -13.13 10.08
N GLU B 147 -1.08 -12.35 10.90
CA GLU B 147 -1.77 -11.71 12.03
C GLU B 147 -2.85 -10.72 11.64
N PRO B 148 -2.53 -9.72 10.78
CA PRO B 148 -3.61 -8.80 10.41
C PRO B 148 -4.84 -9.47 9.79
N MET B 149 -4.65 -10.53 9.00
CA MET B 149 -5.76 -11.26 8.40
C MET B 149 -6.53 -12.00 9.49
N TRP B 150 -5.80 -12.48 10.49
CA TRP B 150 -6.37 -13.27 11.56
C TRP B 150 -6.89 -12.39 12.70
N ARG B 151 -6.49 -11.12 12.69
CA ARG B 151 -6.86 -10.18 13.75
C ARG B 151 -8.36 -10.26 14.05
N GLU B 152 -9.20 -9.93 13.07
CA GLU B 152 -10.65 -10.04 13.28
C GLU B 152 -11.16 -11.45 13.61
N PRO B 153 -10.83 -12.46 12.77
CA PRO B 153 -11.51 -13.74 12.97
C PRO B 153 -11.08 -14.56 14.18
N ARG B 154 -9.85 -14.39 14.67
CA ARG B 154 -9.33 -15.26 15.74
C ARG B 154 -10.09 -15.10 17.05
N GLN B 155 -10.67 -13.92 17.23
CA GLN B 155 -11.39 -13.56 18.45
C GLN B 155 -12.91 -13.74 18.31
N THR B 156 -13.35 -14.42 17.25
CA THR B 156 -14.74 -14.87 17.16
C THR B 156 -14.80 -16.19 17.91
N GLU B 157 -16.00 -16.66 18.26
CA GLU B 157 -16.08 -17.97 18.89
C GLU B 157 -15.76 -19.07 17.87
N ARG B 158 -16.15 -18.85 16.62
CA ARG B 158 -15.78 -19.78 15.56
C ARG B 158 -14.26 -19.94 15.48
N GLY B 159 -13.55 -18.83 15.69
CA GLY B 159 -12.09 -18.84 15.61
C GLY B 159 -11.38 -19.49 16.79
N ARG B 160 -11.91 -19.29 18.01
CA ARG B 160 -11.34 -19.89 19.21
C ARG B 160 -11.42 -21.42 19.20
N ALA B 161 -12.59 -21.93 18.81
CA ALA B 161 -12.83 -23.37 18.82
C ALA B 161 -11.93 -24.06 17.80
N TYR B 162 -11.67 -23.36 16.71
CA TYR B 162 -10.78 -23.86 15.65
C TYR B 162 -9.31 -23.93 16.11
N TYR B 163 -8.90 -22.99 16.97
CA TYR B 163 -7.53 -23.01 17.54
C TYR B 163 -7.44 -23.69 18.90
N ALA B 164 -8.48 -24.40 19.29
CA ALA B 164 -8.33 -25.35 20.37
C ALA B 164 -8.30 -26.72 19.73
N ARG B 165 -9.20 -26.91 18.77
CA ARG B 165 -9.30 -28.14 18.00
C ARG B 165 -7.98 -28.40 17.29
N PHE B 166 -7.50 -27.40 16.56
CA PHE B 166 -6.21 -27.53 15.88
C PHE B 166 -5.15 -27.73 16.95
N GLU B 167 -5.16 -26.85 17.95
CA GLU B 167 -4.21 -26.96 19.06
C GLU B 167 -4.20 -28.33 19.71
N ALA B 168 -5.38 -28.80 20.12
CA ALA B 168 -5.46 -30.04 20.87
C ALA B 168 -5.04 -31.22 20.00
N TRP B 169 -5.32 -31.12 18.69
CA TRP B 169 -4.92 -32.23 17.82
C TRP B 169 -3.40 -32.31 17.69
N LEU B 170 -2.75 -31.17 17.53
CA LEU B 170 -1.30 -31.17 17.39
C LEU B 170 -0.61 -31.74 18.63
N LYS B 171 -1.15 -31.45 19.82
CA LYS B 171 -0.63 -32.03 21.05
C LYS B 171 -0.91 -33.53 21.10
N GLU B 172 -2.10 -33.91 20.66
CA GLU B 172 -2.53 -35.29 20.57
C GLU B 172 -1.51 -36.18 19.86
N ASN B 173 -0.90 -35.63 18.82
CA ASN B 173 0.01 -36.41 18.00
C ASN B 173 1.49 -36.18 18.27
N GLY B 174 1.81 -35.52 19.38
CA GLY B 174 3.18 -35.34 19.82
C GLY B 174 3.84 -34.06 19.34
N ILE B 175 3.16 -33.32 18.48
CA ILE B 175 3.70 -32.07 17.92
C ILE B 175 3.35 -30.87 18.80
N THR B 176 4.36 -30.09 19.19
CA THR B 176 4.18 -28.97 20.12
C THR B 176 4.04 -27.57 19.51
N GLU B 177 4.28 -27.43 18.21
CA GLU B 177 4.34 -26.10 17.62
C GLU B 177 2.96 -25.43 17.50
N HIS B 178 2.96 -24.09 17.52
CA HIS B 178 1.76 -23.31 17.27
C HIS B 178 1.21 -23.74 15.93
N PRO B 179 -0.11 -23.90 15.83
CA PRO B 179 -0.74 -24.37 14.60
C PRO B 179 -0.29 -23.59 13.36
N ASP B 180 -0.05 -22.29 13.51
CA ASP B 180 0.36 -21.45 12.38
C ASP B 180 1.73 -21.86 11.84
N THR B 181 2.58 -22.34 12.73
CA THR B 181 3.91 -22.83 12.33
C THR B 181 3.75 -24.16 11.58
N PHE B 182 2.92 -25.03 12.14
CA PHE B 182 2.66 -26.33 11.56
C PHE B 182 2.06 -26.20 10.17
N ALA B 183 1.18 -25.22 10.00
CA ALA B 183 0.48 -25.07 8.71
C ALA B 183 1.31 -24.37 7.65
N SER B 184 1.94 -23.27 8.00
CA SER B 184 2.50 -22.37 7.00
C SER B 184 4.03 -22.37 6.92
N HIS B 185 4.66 -23.19 7.75
CA HIS B 185 6.12 -23.13 7.89
C HIS B 185 6.77 -24.51 7.88
N PRO B 186 6.82 -25.13 6.69
CA PRO B 186 7.38 -26.48 6.55
C PRO B 186 8.87 -26.50 6.86
N PRO B 187 9.41 -27.67 7.24
CA PRO B 187 10.85 -27.75 7.44
C PRO B 187 11.62 -27.83 6.13
N ARG B 188 10.96 -28.27 5.06
CA ARG B 188 11.59 -28.37 3.75
C ARG B 188 10.54 -28.24 2.66
N SER B 189 10.83 -27.42 1.66
CA SER B 189 9.83 -27.13 0.63
C SER B 189 10.45 -26.83 -0.71
N LEU B 190 9.83 -27.37 -1.76
CA LEU B 190 10.15 -26.99 -3.13
C LEU B 190 9.02 -26.13 -3.66
N VAL B 191 9.38 -24.97 -4.20
CA VAL B 191 8.38 -24.01 -4.66
C VAL B 191 8.26 -24.06 -6.18
N LEU B 192 7.04 -24.29 -6.66
CA LEU B 192 6.80 -24.54 -8.08
C LEU B 192 6.44 -23.28 -8.85
N ILE B 193 6.96 -22.14 -8.40
CA ILE B 193 6.88 -20.90 -9.16
C ILE B 193 8.28 -20.34 -9.25
N PRO B 194 8.55 -19.53 -10.28
CA PRO B 194 9.88 -18.90 -10.30
C PRO B 194 9.98 -17.91 -9.15
N LYS B 195 11.18 -17.78 -8.59
CA LYS B 195 11.38 -16.89 -7.44
C LYS B 195 11.05 -15.43 -7.78
N ALA B 196 11.13 -15.07 -9.06
CA ALA B 196 10.74 -13.72 -9.48
C ALA B 196 9.28 -13.40 -9.18
N LEU B 197 8.43 -14.42 -9.15
CA LEU B 197 7.01 -14.20 -8.85
C LEU B 197 6.70 -14.35 -7.36
N GLN B 198 7.75 -14.47 -6.55
CA GLN B 198 7.56 -14.55 -5.09
C GLN B 198 7.70 -13.18 -4.45
N PRO B 199 6.64 -12.72 -3.77
CA PRO B 199 6.75 -11.46 -3.02
C PRO B 199 7.81 -11.57 -1.93
N HIS B 200 8.53 -10.49 -1.66
CA HIS B 200 9.54 -10.49 -0.60
C HIS B 200 10.54 -11.64 -0.72
N ALA B 201 10.93 -11.96 -1.95
CA ALA B 201 11.76 -13.14 -2.19
C ALA B 201 13.08 -13.11 -1.41
N ASP B 202 13.61 -11.91 -1.19
CA ASP B 202 14.88 -11.77 -0.52
C ASP B 202 14.81 -12.20 0.95
N ARG B 203 13.60 -12.30 1.49
CA ARG B 203 13.45 -12.72 2.87
C ARG B 203 12.97 -14.17 3.02
N VAL B 204 12.79 -14.86 1.90
CA VAL B 204 12.43 -16.26 1.96
C VAL B 204 13.61 -17.08 2.46
N ASP B 205 13.35 -17.90 3.49
CA ASP B 205 14.37 -18.67 4.19
C ASP B 205 15.01 -19.74 3.31
N GLU B 206 16.28 -19.58 2.94
CA GLU B 206 16.85 -20.44 1.92
C GLU B 206 17.41 -21.79 2.41
N ASP B 207 17.23 -22.10 3.69
CA ASP B 207 17.54 -23.45 4.20
C ASP B 207 16.32 -24.35 4.11
N VAL B 208 15.16 -23.70 3.96
CA VAL B 208 13.91 -24.42 3.92
C VAL B 208 13.42 -24.56 2.48
N TYR B 209 13.39 -23.45 1.74
CA TYR B 209 12.73 -23.39 0.44
C TYR B 209 13.72 -23.37 -0.70
N THR B 210 13.47 -24.20 -1.70
CA THR B 210 14.17 -24.11 -2.98
C THR B 210 13.15 -23.82 -4.08
N PHE B 211 13.40 -22.79 -4.86
CA PHE B 211 12.53 -22.45 -5.99
C PHE B 211 12.95 -23.23 -7.22
N VAL B 212 12.08 -24.10 -7.72
CA VAL B 212 12.41 -24.87 -8.91
C VAL B 212 11.57 -24.41 -10.09
N GLY B 213 10.72 -23.42 -9.88
CA GLY B 213 9.83 -22.96 -10.92
C GLY B 213 8.74 -23.98 -11.19
N ALA B 214 7.87 -23.72 -12.15
CA ALA B 214 6.79 -24.66 -12.40
C ALA B 214 7.30 -25.88 -13.16
N CYS B 215 6.59 -26.99 -13.03
CA CYS B 215 7.04 -28.25 -13.60
C CYS B 215 6.22 -28.53 -14.84
N GLN B 216 6.91 -28.44 -15.97
CA GLN B 216 6.33 -28.48 -17.30
C GLN B 216 6.46 -29.90 -17.84
N GLY B 217 5.30 -30.48 -18.21
CA GLY B 217 5.28 -31.79 -18.81
C GLY B 217 5.63 -31.73 -20.28
N ASP B 218 6.88 -32.08 -20.60
CA ASP B 218 7.43 -32.16 -21.96
C ASP B 218 6.43 -31.89 -23.09
N ARG B 219 6.60 -30.75 -23.75
CA ARG B 219 5.59 -30.24 -24.67
C ARG B 219 6.01 -30.22 -26.15
N ALA B 220 6.78 -31.22 -26.61
CA ALA B 220 7.18 -31.26 -28.01
C ALA B 220 5.98 -31.49 -28.93
N GLU B 221 4.96 -32.17 -28.39
CA GLU B 221 3.76 -32.52 -29.14
C GLU B 221 2.97 -31.36 -29.79
N GLU B 222 3.13 -30.14 -29.29
CA GLU B 222 2.41 -29.00 -29.88
C GLU B 222 3.07 -28.46 -31.14
N GLY B 223 4.21 -29.03 -31.49
CA GLY B 223 4.95 -28.59 -32.65
C GLY B 223 5.37 -27.14 -32.58
N GLY B 224 5.56 -26.53 -33.74
CA GLY B 224 6.05 -25.16 -33.79
C GLY B 224 5.08 -24.19 -34.44
N TRP B 225 5.54 -22.95 -34.58
CA TRP B 225 4.78 -21.92 -35.29
C TRP B 225 5.55 -21.66 -36.59
N GLN B 226 5.65 -20.40 -36.99
CA GLN B 226 6.46 -19.97 -38.13
C GLN B 226 6.42 -18.45 -38.22
N ARG B 227 7.47 -17.81 -37.72
CA ARG B 227 7.56 -16.34 -37.73
C ARG B 227 7.74 -15.82 -39.15
N PRO B 228 6.96 -14.79 -39.51
CA PRO B 228 7.02 -14.13 -40.83
C PRO B 228 8.30 -13.32 -41.02
N ALA B 229 8.66 -13.11 -42.29
CA ALA B 229 9.92 -12.48 -42.66
C ALA B 229 9.78 -11.00 -42.97
N GLY B 230 8.56 -10.50 -42.85
CA GLY B 230 8.29 -9.08 -43.05
C GLY B 230 7.96 -8.40 -41.75
N ALA B 231 8.16 -9.14 -40.67
CA ALA B 231 7.95 -8.65 -39.31
C ALA B 231 9.22 -7.99 -38.77
N GLU B 232 9.20 -7.75 -37.47
CA GLU B 232 10.36 -7.31 -36.71
C GLU B 232 9.90 -7.41 -35.27
N LYS B 233 8.61 -7.15 -35.08
CA LYS B 233 7.97 -7.21 -33.78
C LYS B 233 6.75 -8.11 -33.86
N VAL B 234 6.84 -9.25 -33.18
CA VAL B 234 5.78 -10.24 -33.13
C VAL B 234 5.08 -10.13 -31.77
N VAL B 235 3.75 -10.08 -31.78
CA VAL B 235 2.99 -10.02 -30.53
C VAL B 235 1.96 -11.16 -30.42
N LEU B 236 1.98 -11.87 -29.29
CA LEU B 236 1.02 -12.94 -29.06
C LEU B 236 -0.01 -12.50 -28.02
N VAL B 237 -1.27 -12.84 -28.24
CA VAL B 237 -2.34 -12.59 -27.28
C VAL B 237 -2.96 -13.91 -26.83
N SER B 238 -2.93 -14.18 -25.53
CA SER B 238 -3.51 -15.40 -25.00
C SER B 238 -4.00 -15.19 -23.59
N LEU B 239 -5.27 -15.48 -23.36
CA LEU B 239 -5.83 -15.33 -22.03
C LEU B 239 -5.98 -16.73 -21.43
N GLY B 240 -5.10 -17.63 -21.84
CA GLY B 240 -5.09 -18.97 -21.28
C GLY B 240 -6.14 -19.86 -21.90
N SER B 241 -6.52 -20.92 -21.18
CA SER B 241 -7.49 -21.86 -21.73
C SER B 241 -8.94 -21.54 -21.33
N ALA B 242 -9.19 -20.33 -20.84
CA ALA B 242 -10.52 -19.98 -20.31
C ALA B 242 -11.04 -18.56 -20.64
N PHE B 243 -10.60 -17.57 -19.87
CA PHE B 243 -11.24 -16.25 -19.87
C PHE B 243 -11.08 -15.54 -21.20
N THR B 244 -11.84 -16.02 -22.18
CA THR B 244 -11.62 -15.67 -23.58
C THR B 244 -12.79 -14.98 -24.22
N LYS B 245 -13.97 -15.08 -23.60
CA LYS B 245 -15.19 -14.48 -24.14
C LYS B 245 -15.04 -12.96 -24.19
N GLN B 246 -13.97 -12.50 -24.84
CA GLN B 246 -13.61 -11.10 -24.83
C GLN B 246 -13.50 -10.57 -26.24
N PRO B 247 -14.59 -10.64 -27.01
CA PRO B 247 -14.43 -10.29 -28.42
C PRO B 247 -14.17 -8.80 -28.62
N ALA B 248 -14.68 -7.95 -27.74
CA ALA B 248 -14.42 -6.52 -27.85
C ALA B 248 -12.93 -6.27 -27.61
N PHE B 249 -12.41 -6.90 -26.56
CA PHE B 249 -10.98 -6.88 -26.25
C PHE B 249 -10.16 -7.36 -27.45
N TYR B 250 -10.55 -8.47 -28.06
CA TYR B 250 -9.82 -8.99 -29.22
C TYR B 250 -9.90 -8.02 -30.41
N ARG B 251 -11.08 -7.45 -30.66
CA ARG B 251 -11.21 -6.44 -31.69
C ARG B 251 -10.32 -5.25 -31.38
N GLU B 252 -10.19 -4.90 -30.12
CA GLU B 252 -9.32 -3.79 -29.76
C GLU B 252 -7.86 -4.17 -29.99
N CYS B 253 -7.52 -5.44 -29.75
CA CYS B 253 -6.17 -5.93 -30.07
C CYS B 253 -5.96 -5.91 -31.57
N VAL B 254 -6.94 -6.42 -32.30
CA VAL B 254 -6.85 -6.49 -33.74
C VAL B 254 -6.60 -5.09 -34.32
N ARG B 255 -7.29 -4.10 -33.77
CA ARG B 255 -7.08 -2.72 -34.22
C ARG B 255 -5.76 -2.15 -33.72
N ALA B 256 -5.33 -2.59 -32.54
CA ALA B 256 -4.03 -2.21 -32.03
C ALA B 256 -2.95 -2.65 -33.00
N PHE B 257 -2.92 -3.93 -33.32
CA PHE B 257 -1.83 -4.45 -34.13
C PHE B 257 -2.20 -4.79 -35.56
N GLY B 258 -3.20 -4.10 -36.11
CA GLY B 258 -3.57 -4.31 -37.50
C GLY B 258 -2.85 -3.35 -38.41
N ASN B 259 -2.13 -3.89 -39.39
CA ASN B 259 -1.40 -3.06 -40.36
C ASN B 259 -0.41 -2.10 -39.74
N LEU B 260 -0.11 -2.30 -38.46
CA LEU B 260 0.92 -1.54 -37.78
C LEU B 260 2.24 -2.03 -38.36
N PRO B 261 2.89 -1.19 -39.18
CA PRO B 261 4.00 -1.62 -40.03
C PRO B 261 5.14 -2.26 -39.25
N GLY B 262 5.62 -3.41 -39.71
CA GLY B 262 6.73 -4.11 -39.07
C GLY B 262 6.24 -5.08 -38.01
N TRP B 263 5.03 -4.84 -37.53
CA TRP B 263 4.44 -5.70 -36.52
C TRP B 263 3.63 -6.80 -37.21
N HIS B 264 3.58 -7.97 -36.59
CA HIS B 264 2.68 -9.02 -36.99
C HIS B 264 1.69 -8.98 -35.83
N LEU B 265 0.69 -9.84 -35.83
CA LEU B 265 -0.13 -10.07 -34.63
C LEU B 265 -0.64 -11.50 -34.63
N VAL B 266 -0.53 -12.18 -33.48
CA VAL B 266 -0.97 -13.56 -33.34
C VAL B 266 -2.00 -13.67 -32.22
N LEU B 267 -3.21 -14.11 -32.55
CA LEU B 267 -4.34 -14.06 -31.61
C LEU B 267 -4.99 -15.43 -31.36
N GLN B 268 -4.88 -15.91 -30.13
CA GLN B 268 -5.43 -17.18 -29.71
C GLN B 268 -6.73 -16.88 -28.99
N ILE B 269 -7.88 -17.10 -29.65
CA ILE B 269 -9.15 -16.58 -29.14
C ILE B 269 -10.13 -17.62 -28.59
N GLY B 270 -9.67 -18.86 -28.47
CA GLY B 270 -10.50 -19.92 -27.94
C GLY B 270 -11.64 -20.27 -28.86
N ARG B 271 -12.60 -21.04 -28.35
CA ARG B 271 -13.74 -21.48 -29.13
C ARG B 271 -15.05 -20.81 -28.68
N LYS B 272 -14.91 -19.77 -27.86
CA LYS B 272 -16.09 -19.02 -27.41
C LYS B 272 -16.15 -17.64 -28.08
N VAL B 273 -15.25 -17.39 -29.02
CA VAL B 273 -15.31 -16.20 -29.86
C VAL B 273 -15.05 -16.64 -31.30
N THR B 274 -16.04 -16.46 -32.17
CA THR B 274 -15.85 -16.92 -33.53
C THR B 274 -15.01 -15.92 -34.31
N PRO B 275 -14.18 -16.41 -35.23
CA PRO B 275 -13.33 -15.51 -36.01
C PRO B 275 -14.09 -14.39 -36.72
N ALA B 276 -15.31 -14.65 -37.18
CA ALA B 276 -16.06 -13.61 -37.87
C ALA B 276 -16.45 -12.45 -36.95
N GLU B 277 -16.30 -12.65 -35.65
CA GLU B 277 -16.60 -11.58 -34.72
C GLU B 277 -15.69 -10.37 -34.96
N LEU B 278 -14.56 -10.60 -35.63
CA LEU B 278 -13.65 -9.53 -36.04
C LEU B 278 -13.99 -8.92 -37.42
N GLY B 279 -13.47 -9.52 -38.49
CA GLY B 279 -13.75 -9.05 -39.84
C GLY B 279 -12.72 -9.50 -40.86
N GLU B 280 -12.53 -8.69 -41.91
CA GLU B 280 -11.42 -8.89 -42.82
C GLU B 280 -10.19 -8.46 -42.05
N LEU B 281 -9.47 -9.44 -41.51
CA LEU B 281 -8.29 -9.14 -40.73
C LEU B 281 -7.28 -8.57 -41.69
N PRO B 282 -6.29 -7.81 -41.18
CA PRO B 282 -5.19 -7.43 -42.05
C PRO B 282 -4.39 -8.64 -42.54
N ASP B 283 -3.16 -8.40 -42.97
CA ASP B 283 -2.30 -9.45 -43.48
C ASP B 283 -1.19 -9.74 -42.48
N ASN B 284 -1.12 -8.89 -41.47
CA ASN B 284 -0.16 -9.08 -40.39
C ASN B 284 -0.85 -9.68 -39.19
N VAL B 285 -2.04 -10.25 -39.41
CA VAL B 285 -2.82 -10.81 -38.33
C VAL B 285 -3.24 -12.26 -38.58
N GLU B 286 -3.02 -13.11 -37.59
CA GLU B 286 -3.50 -14.48 -37.65
C GLU B 286 -4.32 -14.80 -36.42
N VAL B 287 -5.40 -15.56 -36.62
CA VAL B 287 -6.29 -15.92 -35.54
C VAL B 287 -6.36 -17.42 -35.36
N HIS B 288 -6.16 -17.87 -34.13
CA HIS B 288 -6.24 -19.28 -33.81
C HIS B 288 -7.18 -19.45 -32.65
N ASP B 289 -7.65 -20.67 -32.47
CA ASP B 289 -8.49 -20.98 -31.33
C ASP B 289 -7.67 -21.77 -30.28
N TRP B 290 -6.51 -22.23 -30.70
CA TRP B 290 -5.58 -22.92 -29.80
C TRP B 290 -4.20 -22.79 -30.42
N VAL B 291 -3.19 -22.51 -29.60
CA VAL B 291 -1.86 -22.26 -30.15
C VAL B 291 -0.76 -23.05 -29.44
N PRO B 292 0.34 -23.32 -30.16
CA PRO B 292 1.51 -23.87 -29.47
C PRO B 292 2.18 -22.72 -28.72
N GLN B 293 1.69 -22.48 -27.51
CA GLN B 293 2.04 -21.28 -26.76
C GLN B 293 3.53 -21.15 -26.49
N LEU B 294 4.17 -22.24 -26.07
CA LEU B 294 5.58 -22.15 -25.73
C LEU B 294 6.42 -21.85 -26.98
N ALA B 295 6.07 -22.46 -28.10
CA ALA B 295 6.81 -22.27 -29.34
C ALA B 295 6.75 -20.83 -29.85
N ILE B 296 5.59 -20.18 -29.69
CA ILE B 296 5.43 -18.80 -30.14
C ILE B 296 6.20 -17.82 -29.27
N LEU B 297 6.11 -17.98 -27.95
CA LEU B 297 6.75 -17.06 -27.02
C LEU B 297 8.26 -17.10 -27.17
N ARG B 298 8.80 -18.27 -27.49
CA ARG B 298 10.22 -18.38 -27.78
C ARG B 298 10.59 -17.55 -28.99
N GLN B 299 9.60 -17.19 -29.80
CA GLN B 299 9.85 -16.46 -31.04
C GLN B 299 9.29 -15.02 -31.05
N ALA B 300 8.81 -14.51 -29.92
CA ALA B 300 8.07 -13.24 -29.92
C ALA B 300 8.80 -12.02 -29.33
N ASP B 301 8.23 -10.84 -29.58
CA ASP B 301 8.74 -9.58 -29.05
C ASP B 301 7.86 -9.07 -27.92
N LEU B 302 6.60 -9.46 -27.92
CA LEU B 302 5.63 -8.96 -26.95
C LEU B 302 4.52 -9.97 -26.68
N PHE B 303 4.08 -10.04 -25.43
CA PHE B 303 3.07 -11.00 -25.00
C PHE B 303 1.96 -10.26 -24.27
N VAL B 304 0.83 -10.05 -24.94
CA VAL B 304 -0.37 -9.55 -24.30
C VAL B 304 -1.04 -10.73 -23.59
N THR B 305 -0.96 -10.73 -22.27
CA THR B 305 -1.35 -11.90 -21.46
C THR B 305 -2.44 -11.53 -20.46
N HIS B 306 -3.20 -12.52 -20.01
CA HIS B 306 -4.14 -12.30 -18.92
C HIS B 306 -3.42 -12.55 -17.60
N ALA B 307 -2.14 -12.90 -17.71
CA ALA B 307 -1.29 -13.13 -16.55
C ALA B 307 -1.72 -14.29 -15.66
N GLY B 308 -2.27 -15.35 -16.25
CA GLY B 308 -2.37 -16.60 -15.54
C GLY B 308 -1.00 -17.06 -15.06
N ALA B 309 -0.94 -17.97 -14.10
CA ALA B 309 0.35 -18.40 -13.56
C ALA B 309 1.24 -19.03 -14.65
N GLY B 310 0.62 -19.82 -15.52
CA GLY B 310 1.36 -20.45 -16.62
C GLY B 310 1.97 -19.45 -17.57
N GLY B 311 1.14 -18.57 -18.11
CA GLY B 311 1.57 -17.56 -19.06
C GLY B 311 2.58 -16.59 -18.49
N SER B 312 2.33 -16.16 -17.24
CA SER B 312 3.24 -15.25 -16.56
C SER B 312 4.65 -15.83 -16.50
N GLN B 313 4.76 -17.10 -16.11
CA GLN B 313 6.10 -17.68 -16.00
C GLN B 313 6.66 -18.00 -17.38
N GLU B 314 5.80 -18.32 -18.33
CA GLU B 314 6.25 -18.56 -19.70
C GLU B 314 6.80 -17.28 -20.36
N GLY B 315 6.14 -16.16 -20.08
CA GLY B 315 6.62 -14.88 -20.57
C GLY B 315 7.99 -14.56 -19.98
N LEU B 316 8.12 -14.79 -18.67
CA LEU B 316 9.40 -14.62 -17.99
C LEU B 316 10.47 -15.56 -18.52
N ALA B 317 10.11 -16.81 -18.74
CA ALA B 317 11.07 -17.86 -19.10
C ALA B 317 11.63 -17.65 -20.49
N THR B 318 10.93 -16.85 -21.29
CA THR B 318 11.32 -16.56 -22.65
C THR B 318 11.78 -15.10 -22.81
N ALA B 319 11.90 -14.40 -21.68
CA ALA B 319 12.31 -12.98 -21.67
C ALA B 319 11.44 -12.11 -22.57
N THR B 320 10.13 -12.33 -22.48
CA THR B 320 9.18 -11.59 -23.31
C THR B 320 8.46 -10.52 -22.50
N PRO B 321 8.57 -9.26 -22.93
CA PRO B 321 7.83 -8.16 -22.28
C PRO B 321 6.34 -8.48 -22.31
N MET B 322 5.60 -8.08 -21.27
CA MET B 322 4.20 -8.45 -21.19
C MET B 322 3.27 -7.26 -21.00
N ILE B 323 2.12 -7.31 -21.66
CA ILE B 323 1.01 -6.43 -21.31
C ILE B 323 0.05 -7.34 -20.58
N ALA B 324 -0.15 -7.09 -19.29
CA ALA B 324 -1.03 -7.95 -18.51
C ALA B 324 -2.43 -7.36 -18.48
N VAL B 325 -3.39 -8.10 -19.03
CA VAL B 325 -4.79 -7.70 -19.06
C VAL B 325 -5.61 -8.75 -18.34
N PRO B 326 -5.63 -8.69 -17.00
CA PRO B 326 -6.10 -9.71 -16.05
C PRO B 326 -7.61 -9.88 -15.92
N GLN B 327 -8.03 -11.10 -15.57
CA GLN B 327 -9.43 -11.48 -15.46
C GLN B 327 -9.83 -11.99 -14.05
N ALA B 328 -9.13 -13.00 -13.53
CA ALA B 328 -9.57 -13.57 -12.26
C ALA B 328 -8.53 -14.26 -11.36
N VAL B 329 -8.84 -14.31 -10.06
CA VAL B 329 -8.18 -15.20 -9.10
C VAL B 329 -6.68 -14.91 -8.84
N ASP B 330 -5.83 -15.92 -9.01
CA ASP B 330 -4.41 -15.81 -8.68
C ASP B 330 -3.68 -14.86 -9.60
N GLN B 331 -4.34 -14.51 -10.69
CA GLN B 331 -3.75 -13.63 -11.68
C GLN B 331 -3.48 -12.27 -11.08
N PHE B 332 -4.30 -11.86 -10.11
CA PHE B 332 -4.27 -10.48 -9.62
C PHE B 332 -3.01 -10.07 -8.90
N GLY B 333 -2.46 -10.98 -8.12
CA GLY B 333 -1.14 -10.80 -7.56
C GLY B 333 -0.16 -10.90 -8.71
N ASN B 334 -0.32 -11.92 -9.54
CA ASN B 334 0.59 -12.16 -10.65
C ASN B 334 0.69 -10.99 -11.64
N ALA B 335 -0.44 -10.35 -11.97
CA ALA B 335 -0.40 -9.17 -12.83
C ALA B 335 0.42 -8.05 -12.17
N ASP B 336 0.09 -7.72 -10.92
CA ASP B 336 0.88 -6.76 -10.15
C ASP B 336 2.35 -7.22 -9.98
N MET B 337 2.56 -8.51 -9.74
CA MET B 337 3.93 -9.03 -9.64
C MET B 337 4.75 -8.72 -10.90
N LEU B 338 4.18 -8.98 -12.06
CA LEU B 338 4.89 -8.73 -13.32
C LEU B 338 5.21 -7.25 -13.51
N GLN B 339 4.24 -6.41 -13.21
CA GLN B 339 4.45 -4.97 -13.38
C GLN B 339 5.46 -4.47 -12.36
N GLY B 340 5.39 -5.00 -11.15
CA GLY B 340 6.35 -4.65 -10.10
C GLY B 340 7.78 -5.03 -10.41
N LEU B 341 7.96 -6.05 -11.27
CA LEU B 341 9.29 -6.47 -11.65
C LEU B 341 9.89 -5.55 -12.70
N GLY B 342 9.06 -4.69 -13.28
CA GLY B 342 9.51 -3.74 -14.28
C GLY B 342 9.61 -4.39 -15.65
N VAL B 343 8.82 -5.44 -15.87
CA VAL B 343 8.89 -6.18 -17.14
C VAL B 343 7.53 -6.28 -17.83
N ALA B 344 6.56 -5.51 -17.35
CA ALA B 344 5.21 -5.58 -17.87
C ALA B 344 4.41 -4.34 -17.55
N ARG B 345 3.30 -4.16 -18.27
CA ARG B 345 2.32 -3.16 -17.91
C ARG B 345 0.97 -3.83 -17.75
N LYS B 346 0.30 -3.52 -16.64
CA LYS B 346 -1.06 -3.96 -16.44
C LYS B 346 -1.97 -2.98 -17.16
N LEU B 347 -2.92 -3.53 -17.92
CA LEU B 347 -4.03 -2.74 -18.42
C LEU B 347 -5.30 -3.40 -17.93
N ALA B 348 -6.25 -2.60 -17.49
CA ALA B 348 -7.59 -3.09 -17.27
C ALA B 348 -8.22 -3.34 -18.64
N THR B 349 -8.96 -4.44 -18.76
CA THR B 349 -9.62 -4.77 -20.02
C THR B 349 -10.44 -3.56 -20.46
N GLU B 350 -11.11 -2.93 -19.50
CA GLU B 350 -11.85 -1.68 -19.73
C GLU B 350 -11.04 -0.56 -20.41
N GLU B 351 -9.92 -0.18 -19.80
CA GLU B 351 -9.11 0.95 -20.30
C GLU B 351 -8.09 0.51 -21.37
N ALA B 352 -8.20 -0.73 -21.83
CA ALA B 352 -7.49 -1.19 -23.00
C ALA B 352 -8.18 -0.59 -24.23
N THR B 353 -7.41 -0.20 -25.23
CA THR B 353 -7.88 0.40 -26.50
C THR B 353 -6.76 0.29 -27.53
N ALA B 354 -7.10 0.32 -28.82
CA ALA B 354 -6.12 0.18 -29.89
C ALA B 354 -4.95 1.16 -29.79
N ASP B 355 -5.27 2.44 -29.60
CA ASP B 355 -4.25 3.47 -29.44
C ASP B 355 -3.38 3.28 -28.20
N LEU B 356 -4.00 2.92 -27.07
CA LEU B 356 -3.24 2.72 -25.85
C LEU B 356 -2.39 1.45 -25.95
N LEU B 357 -2.92 0.40 -26.56
CA LEU B 357 -2.12 -0.80 -26.80
C LEU B 357 -0.83 -0.46 -27.56
N ARG B 358 -0.91 0.55 -28.42
CA ARG B 358 0.24 0.98 -29.20
C ARG B 358 1.02 2.07 -28.46
N GLU B 359 0.39 2.74 -27.53
CA GLU B 359 1.18 3.68 -26.75
C GLU B 359 2.07 2.84 -25.81
N THR B 360 1.68 1.59 -25.61
CA THR B 360 2.35 0.71 -24.64
C THR B 360 3.24 -0.37 -25.28
N ALA B 361 2.79 -0.93 -26.40
CA ALA B 361 3.60 -1.90 -27.14
C ALA B 361 4.87 -1.26 -27.69
N LEU B 362 4.74 -0.02 -28.16
CA LEU B 362 5.87 0.80 -28.59
C LEU B 362 6.65 1.40 -27.43
N ALA B 363 6.16 1.16 -26.22
CA ALA B 363 6.83 1.64 -25.01
C ALA B 363 7.18 0.45 -24.12
N LEU B 364 7.51 -0.67 -24.75
CA LEU B 364 7.94 -1.85 -24.02
C LEU B 364 8.97 -2.67 -24.81
N VAL B 365 8.73 -2.85 -26.10
CA VAL B 365 9.49 -3.84 -26.85
C VAL B 365 10.95 -3.48 -27.13
N ASP B 366 11.30 -2.21 -26.98
CA ASP B 366 12.68 -1.77 -27.18
C ASP B 366 13.28 -1.15 -25.93
N ASP B 367 12.51 -1.09 -24.85
CA ASP B 367 13.03 -0.46 -23.64
C ASP B 367 14.15 -1.28 -23.03
N PRO B 368 15.37 -0.72 -22.99
CA PRO B 368 16.54 -1.52 -22.62
C PRO B 368 16.50 -2.04 -21.19
N GLU B 369 15.88 -1.32 -20.26
CA GLU B 369 15.82 -1.82 -18.88
C GLU B 369 14.86 -2.99 -18.72
N VAL B 370 13.71 -2.92 -19.39
CA VAL B 370 12.82 -4.05 -19.47
C VAL B 370 13.56 -5.29 -19.98
N ALA B 371 14.29 -5.13 -21.08
CA ALA B 371 15.00 -6.26 -21.66
C ALA B 371 16.09 -6.80 -20.74
N ARG B 372 16.84 -5.92 -20.10
CA ARG B 372 17.89 -6.37 -19.18
C ARG B 372 17.29 -7.16 -18.02
N ARG B 373 16.23 -6.63 -17.41
CA ARG B 373 15.52 -7.33 -16.33
C ARG B 373 14.97 -8.68 -16.77
N LEU B 374 14.42 -8.74 -17.98
CA LEU B 374 13.90 -9.98 -18.50
C LEU B 374 15.02 -10.98 -18.78
N ARG B 375 16.14 -10.49 -19.29
CA ARG B 375 17.28 -11.38 -19.52
C ARG B 375 17.74 -11.94 -18.19
N ARG B 376 17.67 -11.12 -17.16
CA ARG B 376 18.09 -11.56 -15.84
C ARG B 376 17.18 -12.70 -15.33
N ILE B 377 15.86 -12.51 -15.36
CA ILE B 377 14.95 -13.53 -14.86
C ILE B 377 15.02 -14.83 -15.69
N GLN B 378 15.18 -14.68 -16.99
CA GLN B 378 15.26 -15.83 -17.88
C GLN B 378 16.41 -16.74 -17.47
N ALA B 379 17.57 -16.13 -17.25
CA ALA B 379 18.76 -16.88 -16.84
C ALA B 379 18.63 -17.50 -15.46
N GLU B 380 17.98 -16.79 -14.56
CA GLU B 380 17.77 -17.30 -13.21
C GLU B 380 16.71 -18.41 -13.20
N MET B 381 15.72 -18.31 -14.08
CA MET B 381 14.72 -19.39 -14.23
C MET B 381 15.31 -20.64 -14.86
N ALA B 382 16.28 -20.49 -15.74
CA ALA B 382 16.97 -21.66 -16.29
C ALA B 382 17.64 -22.37 -15.12
N GLN B 383 18.28 -21.58 -14.27
CA GLN B 383 18.95 -22.10 -13.09
C GLN B 383 17.93 -22.19 -11.94
N GLU B 384 16.80 -22.83 -12.22
CA GLU B 384 15.86 -23.31 -11.22
C GLU B 384 15.56 -24.80 -11.48
N GLY B 385 15.70 -25.22 -12.73
CA GLY B 385 15.79 -26.63 -13.05
C GLY B 385 14.52 -27.42 -13.29
N GLY B 386 13.37 -26.84 -12.92
CA GLY B 386 12.09 -27.47 -13.18
C GLY B 386 11.96 -28.90 -12.69
N THR B 387 11.33 -29.75 -13.50
CA THR B 387 11.00 -31.11 -13.11
C THR B 387 12.24 -31.93 -12.75
N ARG B 388 13.28 -31.84 -13.58
CA ARG B 388 14.51 -32.56 -13.36
C ARG B 388 15.10 -32.27 -11.97
N ARG B 389 15.23 -30.98 -11.66
CA ARG B 389 15.88 -30.60 -10.42
C ARG B 389 15.00 -30.90 -9.19
N ALA B 390 13.69 -30.72 -9.33
CA ALA B 390 12.80 -31.06 -8.23
C ALA B 390 12.94 -32.53 -7.86
N ALA B 391 12.99 -33.39 -8.86
CA ALA B 391 13.19 -34.82 -8.60
C ALA B 391 14.54 -35.09 -7.94
N ASP B 392 15.60 -34.44 -8.46
CA ASP B 392 16.92 -34.54 -7.87
C ASP B 392 16.91 -34.12 -6.39
N LEU B 393 16.19 -33.05 -6.09
CA LEU B 393 16.21 -32.49 -4.75
C LEU B 393 15.41 -33.37 -3.78
N ILE B 394 14.36 -34.00 -4.30
CA ILE B 394 13.60 -34.95 -3.50
C ILE B 394 14.45 -36.19 -3.21
N GLU B 395 15.22 -36.64 -4.19
CA GLU B 395 16.09 -37.77 -3.96
C GLU B 395 17.18 -37.44 -2.92
N ALA B 396 17.61 -36.19 -2.89
CA ALA B 396 18.61 -35.75 -1.92
C ALA B 396 18.10 -35.84 -0.49
N GLU B 397 16.79 -35.83 -0.31
CA GLU B 397 16.22 -35.88 1.06
C GLU B 397 15.96 -37.33 1.51
N LEU B 398 16.21 -38.29 0.64
CA LEU B 398 15.96 -39.70 0.95
C LEU B 398 16.90 -40.29 1.99
N PRO B 399 16.36 -41.17 2.86
CA PRO B 399 17.25 -42.05 3.60
C PRO B 399 17.95 -42.95 2.60
C10 ERY C . 6.09 11.52 4.70
C11 ERY C . 7.02 12.71 4.57
C12 ERY C . 6.61 13.72 3.49
C13 ERY C . 7.39 15.00 3.73
O2 ERY C . 6.72 15.71 4.74
C2 ERY C . 6.59 16.57 7.07
C3 ERY C . 6.82 15.64 8.26
C4 ERY C . 5.62 14.73 8.34
C5 ERY C . 5.83 13.55 9.34
C6 ERY C . 6.26 12.28 8.59
C7 ERY C . 5.06 11.74 7.77
C8 ERY C . 5.42 10.44 7.02
C9 ERY C . 6.42 10.65 5.91
O11 ERY C . 7.50 10.07 5.98
C1 ERY C . 7.45 16.06 5.91
O1 ERY C . 8.65 15.84 6.02
O3 ERY C . 7.01 16.37 9.47
O7 ERY C . 4.61 13.30 10.02
C34 ERY C . 6.17 10.61 3.47
C33 ERY C . 4.16 9.86 6.41
C35 ERY C . 5.14 14.03 3.58
O12 ERY C . 8.34 12.23 4.27
O13 ERY C . 6.89 13.25 2.21
C36 ERY C . 7.39 15.91 2.51
C30 ERY C . 6.87 18.02 7.32
C32 ERY C . 6.75 11.24 9.56
O10 ERY C . 7.30 12.59 7.72
C22 ERY C . 4.63 13.55 11.45
C23 ERY C . 3.18 13.51 12.00
C24 ERY C . 3.22 13.60 13.51
C25 ERY C . 4.14 12.51 14.04
C26 ERY C . 5.53 12.65 13.42
O9 ERY C . 5.41 12.59 12.03
N1 ERY C . 1.88 13.56 14.07
C27 ERY C . 6.44 11.51 13.86
O8 ERY C . 2.47 14.60 11.51
C28 ERY C . 1.92 13.67 15.54
C14 ERY C . 8.38 16.56 9.84
C15 ERY C . 8.53 17.85 10.68
C16 ERY C . 7.96 17.68 12.09
C17 ERY C . 8.62 16.51 12.74
C18 ERY C . 8.41 15.28 11.90
O4 ERY C . 8.85 15.47 10.54
O5 ERY C . 6.55 17.40 12.02
O6 ERY C . 8.03 16.33 14.02
C20 ERY C . 5.71 18.41 11.48
C29 ERY C . 1.14 12.39 13.68
C21 ERY C . 9.22 14.14 12.45
C37 ERY C . 8.33 17.10 2.79
C31 ERY C . 4.39 15.58 8.73
C19 ERY C . 8.20 18.91 12.93
N1 UDP D . -6.79 28.58 19.95
C2 UDP D . -7.88 29.39 20.14
N3 UDP D . -8.13 29.91 21.39
C4 UDP D . -7.32 29.60 22.45
C5 UDP D . -6.22 28.76 22.26
C6 UDP D . -5.90 28.37 20.97
O2 UDP D . -8.63 29.69 19.21
O4 UDP D . -7.56 30.08 23.56
C1' UDP D . -6.51 28.00 18.62
C2' UDP D . -5.56 28.86 17.81
O2' UDP D . -6.25 29.88 17.12
C3' UDP D . -4.97 27.84 16.87
C4' UDP D . -4.91 26.58 17.72
O4' UDP D . -5.85 26.76 18.77
O3' UDP D . -5.87 27.62 15.79
C5' UDP D . -3.51 26.39 18.28
O5' UDP D . -2.84 25.53 17.38
PA UDP D . -1.36 25.85 16.83
O1A UDP D . -1.13 25.10 15.56
O2A UDP D . -1.16 27.30 16.66
O3A UDP D . -0.38 25.36 18.01
PB UDP D . -0.47 24.02 18.90
O1B UDP D . -1.56 24.19 19.88
O2B UDP D . 0.84 23.89 19.57
O3B UDP D . -0.70 22.82 18.04
C10 ERY E . -2.27 -22.79 3.98
C11 ERY E . -1.72 -21.46 3.49
C12 ERY E . -0.20 -21.36 3.33
C13 ERY E . 0.08 -20.06 2.62
O2 ERY E . -0.31 -20.24 1.27
C2 ERY E . -1.72 -19.73 -0.72
C3 ERY E . -3.23 -19.77 -0.56
C4 ERY E . -3.65 -21.21 -0.50
C5 ERY E . -5.14 -21.37 -0.08
C6 ERY E . -5.17 -21.65 1.43
C7 ERY E . -4.59 -23.05 1.73
C8 ERY E . -4.74 -23.47 3.21
C9 ERY E . -3.79 -22.73 4.13
O11 ERY E . -4.26 -22.09 5.07
C1 ERY E . -1.13 -19.24 0.60
O1 ERY E . -1.61 -18.29 1.20
O3 ERY E . -3.88 -19.03 -1.61
O7 ERY E . -5.71 -22.44 -0.82
C34 ERY E . -1.74 -23.21 5.36
C33 ERY E . -4.52 -24.95 3.35
C35 ERY E . 0.34 -22.51 2.50
O12 ERY E . -2.18 -20.36 4.27
O13 ERY E . 0.47 -21.34 4.55
C36 ERY E . 1.56 -19.73 2.68
C30 ERY E . -1.22 -18.86 -1.81
C32 ERY E . -6.56 -21.53 1.96
O10 ERY E . -4.40 -20.67 2.09
C22 ERY E . -6.90 -22.11 -1.56
C23 ERY E . -7.09 -23.17 -2.68
C24 ERY E . -8.52 -23.25 -3.17
C25 ERY E . -9.48 -23.28 -2.01
C26 ERY E . -9.23 -22.06 -1.13
O9 ERY E . -7.93 -22.11 -0.66
N1 ERY E . -8.70 -24.42 -4.02
C27 ERY E . -10.14 -22.10 0.08
O8 ERY E . -6.25 -22.83 -3.74
C28 ERY E . -8.64 -25.67 -3.23
C14 ERY E . -4.29 -17.70 -1.25
C15 ERY E . -4.18 -16.77 -2.45
C16 ERY E . -4.99 -17.29 -3.65
C17 ERY E . -6.23 -18.06 -3.26
C18 ERY E . -6.65 -18.00 -1.80
O4 ERY E . -5.61 -17.74 -0.84
O5 ERY E . -4.10 -18.12 -4.41
O6 ERY E . -6.09 -19.45 -3.58
C20 ERY E . -4.45 -18.28 -5.78
C29 ERY E . -9.97 -24.34 -4.69
C21 ERY E . -7.74 -16.97 -1.59
C37 ERY E . 1.84 -18.47 1.83
C31 ERY E . -3.39 -21.95 -1.83
C19 ERY E . -5.39 -16.09 -4.46
N1 UDP F . -1.85 -23.03 -23.34
C2 UDP F . -1.35 -23.30 -24.60
N3 UDP F . -2.04 -22.92 -25.74
C4 UDP F . -3.24 -22.27 -25.63
C5 UDP F . -3.77 -22.00 -24.36
C6 UDP F . -3.01 -22.30 -23.22
O2 UDP F . -0.27 -23.89 -24.71
O4 UDP F . -3.85 -21.93 -26.64
C1' UDP F . -1.09 -23.46 -22.14
C2' UDP F . -0.19 -22.35 -21.65
O2' UDP F . 1.10 -22.47 -22.20
C3' UDP F . -0.17 -22.56 -20.16
C4' UDP F . -1.47 -23.30 -19.85
O4' UDP F . -1.94 -23.82 -21.07
O3' UDP F . 0.95 -23.38 -19.83
C5' UDP F . -2.50 -22.34 -19.25
O5' UDP F . -2.20 -22.07 -17.89
PA UDP F . -2.63 -20.69 -17.16
O1A UDP F . -2.42 -20.84 -15.71
O2A UDP F . -1.79 -19.59 -17.69
O3A UDP F . -4.18 -20.50 -17.62
PB UDP F . -5.57 -20.61 -16.76
O1B UDP F . -6.38 -19.44 -17.16
O2B UDP F . -5.31 -20.54 -15.30
O3B UDP F . -6.23 -21.89 -17.02
MG MG G . 15.49 -15.27 -24.93
N ALA A 8 -21.13 11.51 -7.83
CA ALA A 8 -19.70 11.19 -7.97
C ALA A 8 -19.23 10.43 -6.76
N HIS A 9 -18.19 9.63 -6.93
CA HIS A 9 -17.64 8.93 -5.79
C HIS A 9 -16.22 9.38 -5.55
N ILE A 10 -16.08 10.26 -4.55
CA ILE A 10 -14.78 10.69 -4.06
C ILE A 10 -14.59 10.06 -2.70
N ALA A 11 -13.54 9.28 -2.52
CA ALA A 11 -13.28 8.67 -1.22
C ALA A 11 -12.06 9.33 -0.58
N MET A 12 -12.22 9.79 0.66
CA MET A 12 -11.13 10.46 1.37
C MET A 12 -10.50 9.48 2.37
N PHE A 13 -9.17 9.46 2.43
CA PHE A 13 -8.45 8.56 3.33
C PHE A 13 -7.61 9.37 4.31
N SER A 14 -7.69 9.03 5.59
CA SER A 14 -6.70 9.53 6.54
C SER A 14 -6.48 8.60 7.73
N ILE A 15 -5.75 9.11 8.72
CA ILE A 15 -5.48 8.39 9.95
C ILE A 15 -6.13 9.14 11.10
N ALA A 16 -6.24 8.51 12.26
CA ALA A 16 -6.90 9.15 13.40
C ALA A 16 -5.95 10.09 14.14
N ALA A 17 -5.62 11.20 13.50
CA ALA A 17 -4.78 12.22 14.12
C ALA A 17 -5.33 13.59 13.75
N HIS A 18 -5.53 14.44 14.75
CA HIS A 18 -6.14 15.74 14.53
C HIS A 18 -5.50 16.52 13.40
N GLY A 19 -4.18 16.62 13.43
CA GLY A 19 -3.45 17.40 12.44
C GLY A 19 -3.51 16.83 11.04
N HIS A 20 -4.01 15.61 10.90
CA HIS A 20 -4.17 14.99 9.59
C HIS A 20 -5.64 14.80 9.19
N VAL A 21 -6.55 15.38 9.98
CA VAL A 21 -7.97 15.31 9.67
C VAL A 21 -8.61 16.69 9.76
N ASN A 22 -8.39 17.38 10.87
CA ASN A 22 -8.94 18.71 11.03
C ASN A 22 -8.65 19.71 9.90
N PRO A 23 -7.40 19.71 9.38
CA PRO A 23 -7.10 20.68 8.31
C PRO A 23 -8.00 20.56 7.09
N SER A 24 -8.51 19.37 6.82
CA SER A 24 -9.42 19.21 5.69
C SER A 24 -10.80 18.76 6.15
N LEU A 25 -11.19 19.10 7.37
CA LEU A 25 -12.57 18.82 7.79
C LEU A 25 -13.58 19.62 6.97
N GLU A 26 -13.28 20.90 6.74
CA GLU A 26 -14.23 21.78 6.07
C GLU A 26 -14.30 21.53 4.57
N VAL A 27 -13.23 20.96 4.00
CA VAL A 27 -13.24 20.69 2.58
C VAL A 27 -14.10 19.45 2.29
N ILE A 28 -14.12 18.51 3.24
CA ILE A 28 -15.02 17.37 3.14
C ILE A 28 -16.43 17.95 3.15
N ARG A 29 -16.73 18.65 4.25
CA ARG A 29 -18.05 19.23 4.50
C ARG A 29 -18.58 20.03 3.30
N GLU A 30 -17.71 20.78 2.64
CA GLU A 30 -18.12 21.51 1.43
C GLU A 30 -18.49 20.55 0.30
N LEU A 31 -17.61 19.57 0.00
CA LEU A 31 -17.86 18.62 -1.07
C LEU A 31 -19.20 17.88 -0.90
N VAL A 32 -19.60 17.65 0.34
CA VAL A 32 -20.91 17.07 0.62
C VAL A 32 -22.04 18.05 0.32
N ALA A 33 -21.96 19.26 0.87
CA ALA A 33 -22.98 20.27 0.64
C ALA A 33 -23.16 20.61 -0.85
N ARG A 34 -22.11 20.39 -1.65
CA ARG A 34 -22.17 20.63 -3.09
C ARG A 34 -22.85 19.50 -3.82
N GLY A 35 -23.17 18.43 -3.11
CA GLY A 35 -23.89 17.33 -3.71
C GLY A 35 -23.11 16.07 -4.03
N HIS A 36 -21.82 16.04 -3.72
CA HIS A 36 -21.00 14.86 -4.04
C HIS A 36 -21.28 13.70 -3.08
N ARG A 37 -21.12 12.47 -3.56
CA ARG A 37 -21.15 11.32 -2.64
C ARG A 37 -19.72 11.09 -2.21
N VAL A 38 -19.47 11.19 -0.91
CA VAL A 38 -18.10 11.22 -0.41
C VAL A 38 -17.92 10.28 0.75
N THR A 39 -16.99 9.34 0.62
CA THR A 39 -16.73 8.40 1.70
C THR A 39 -15.41 8.78 2.39
N TYR A 40 -15.27 8.40 3.67
CA TYR A 40 -14.09 8.75 4.48
C TYR A 40 -13.48 7.53 5.16
N ALA A 41 -12.46 6.95 4.54
CA ALA A 41 -11.71 5.87 5.14
C ALA A 41 -10.97 6.38 6.35
N ILE A 42 -11.32 5.86 7.51
CA ILE A 42 -10.89 6.48 8.76
C ILE A 42 -10.97 5.44 9.88
N PRO A 43 -10.10 5.55 10.89
CA PRO A 43 -10.20 4.60 12.00
C PRO A 43 -11.40 4.86 12.93
N PRO A 44 -11.84 3.82 13.67
CA PRO A 44 -13.02 3.84 14.55
C PRO A 44 -13.09 5.03 15.49
N VAL A 45 -12.00 5.32 16.18
CA VAL A 45 -12.02 6.33 17.24
C VAL A 45 -12.34 7.73 16.69
N PHE A 46 -12.06 7.94 15.40
CA PHE A 46 -12.35 9.21 14.75
C PHE A 46 -13.63 9.12 13.94
N ALA A 47 -14.26 7.95 13.93
CA ALA A 47 -15.51 7.79 13.20
C ALA A 47 -16.51 8.85 13.67
N ASP A 48 -16.58 9.06 14.98
CA ASP A 48 -17.40 10.11 15.54
C ASP A 48 -17.04 11.49 14.99
N LYS A 49 -15.74 11.79 14.93
CA LYS A 49 -15.30 13.06 14.38
C LYS A 49 -15.69 13.23 12.91
N VAL A 50 -15.32 12.27 12.07
CA VAL A 50 -15.62 12.38 10.63
C VAL A 50 -17.12 12.37 10.30
N ALA A 51 -17.92 11.66 11.10
CA ALA A 51 -19.33 11.50 10.77
C ALA A 51 -20.13 12.79 10.87
N ALA A 52 -19.51 13.82 11.43
CA ALA A 52 -20.17 15.10 11.67
C ALA A 52 -20.23 15.96 10.42
N THR A 53 -19.73 15.42 9.30
CA THR A 53 -19.57 16.20 8.10
C THR A 53 -20.33 15.71 6.88
N GLY A 54 -21.18 14.70 7.03
CA GLY A 54 -22.01 14.31 5.91
C GLY A 54 -21.32 13.41 4.91
N ALA A 55 -20.01 13.20 5.06
CA ALA A 55 -19.35 12.14 4.32
C ALA A 55 -19.72 10.82 4.98
N ARG A 56 -19.68 9.70 4.24
CA ARG A 56 -19.85 8.41 4.91
C ARG A 56 -18.54 7.72 5.24
N PRO A 57 -18.27 7.58 6.54
CA PRO A 57 -17.07 6.89 6.96
C PRO A 57 -17.02 5.46 6.43
N VAL A 58 -15.86 5.07 5.91
CA VAL A 58 -15.57 3.68 5.57
C VAL A 58 -14.52 3.21 6.57
N LEU A 59 -14.93 2.40 7.55
CA LEU A 59 -14.05 2.09 8.69
C LEU A 59 -12.88 1.16 8.38
N TYR A 60 -11.74 1.44 9.00
CA TYR A 60 -10.61 0.53 8.94
C TYR A 60 -9.75 0.57 10.21
N HIS A 61 -9.10 -0.55 10.50
CA HIS A 61 -8.26 -0.67 11.68
C HIS A 61 -6.86 -0.17 11.40
N SER A 62 -6.43 0.85 12.13
CA SER A 62 -5.07 1.38 12.02
C SER A 62 -4.24 1.00 13.24
N THR A 63 -2.93 0.90 13.08
CA THR A 63 -2.03 0.51 14.17
C THR A 63 -1.18 1.66 14.71
N LEU A 64 -1.48 2.88 14.28
CA LEU A 64 -0.74 4.06 14.73
C LEU A 64 -1.18 4.46 16.14
N PRO A 65 -0.47 5.41 16.78
CA PRO A 65 -0.96 5.84 18.10
C PRO A 65 -2.34 6.46 17.95
N GLY A 66 -3.20 6.25 18.95
CA GLY A 66 -4.53 6.84 18.93
C GLY A 66 -4.49 8.35 18.79
N PRO A 67 -5.66 8.98 18.67
CA PRO A 67 -5.73 10.43 18.51
C PRO A 67 -5.51 11.16 19.84
N ASP A 68 -5.52 10.41 20.94
CA ASP A 68 -5.39 10.98 22.26
C ASP A 68 -3.96 10.87 22.81
N ALA A 69 -3.26 9.81 22.44
CA ALA A 69 -1.87 9.64 22.86
C ALA A 69 -1.00 10.84 22.50
N ASP A 70 0.16 10.92 23.14
CA ASP A 70 1.03 12.08 23.04
C ASP A 70 2.14 11.88 21.99
N PRO A 71 2.82 12.96 21.59
CA PRO A 71 3.75 12.83 20.46
C PRO A 71 4.92 11.84 20.65
N GLU A 72 5.25 11.50 21.90
CA GLU A 72 6.36 10.60 22.15
C GLU A 72 6.09 9.25 21.51
N ALA A 73 4.81 8.87 21.49
CA ALA A 73 4.39 7.59 20.95
C ALA A 73 4.72 7.51 19.47
N TRP A 74 4.90 8.66 18.84
CA TRP A 74 5.22 8.72 17.42
C TRP A 74 6.71 8.61 17.15
N GLY A 75 7.51 8.48 18.21
CA GLY A 75 8.94 8.27 18.08
C GLY A 75 9.79 9.52 17.97
N SER A 76 11.09 9.35 18.20
CA SER A 76 12.01 10.48 18.10
C SER A 76 13.34 10.12 17.43
N THR A 77 13.31 9.17 16.50
CA THR A 77 14.41 9.00 15.56
C THR A 77 13.80 8.94 14.17
N LEU A 78 14.61 9.14 13.14
CA LEU A 78 14.12 9.11 11.77
C LEU A 78 13.36 7.81 11.49
N LEU A 79 13.98 6.68 11.76
CA LEU A 79 13.35 5.40 11.50
C LEU A 79 12.13 5.15 12.39
N ASP A 80 12.21 5.55 13.66
CA ASP A 80 11.06 5.37 14.54
C ASP A 80 9.88 6.23 14.09
N ASN A 81 10.18 7.31 13.38
CA ASN A 81 9.11 8.16 12.84
C ASN A 81 8.45 7.57 11.60
N VAL A 82 9.27 7.11 10.65
CA VAL A 82 8.70 6.69 9.36
C VAL A 82 8.24 5.24 9.32
N GLU A 83 8.96 4.35 10.01
CA GLU A 83 8.60 2.93 10.01
C GLU A 83 7.14 2.64 10.34
N PRO A 84 6.57 3.31 11.36
CA PRO A 84 5.17 2.99 11.67
C PRO A 84 4.17 3.25 10.54
N PHE A 85 4.46 4.18 9.65
CA PHE A 85 3.52 4.45 8.57
C PHE A 85 3.50 3.32 7.55
N LEU A 86 4.65 2.68 7.37
CA LEU A 86 4.72 1.53 6.48
C LEU A 86 4.05 0.32 7.10
N ASN A 87 4.30 0.08 8.38
CA ASN A 87 3.69 -1.07 9.06
C ASN A 87 2.19 -0.95 9.02
N ASP A 88 1.69 0.23 9.41
CA ASP A 88 0.26 0.43 9.41
C ASP A 88 -0.34 0.19 8.02
N ALA A 89 0.32 0.75 7.02
CA ALA A 89 -0.17 0.63 5.64
C ALA A 89 -0.28 -0.82 5.21
N ILE A 90 0.72 -1.62 5.55
CA ILE A 90 0.72 -3.01 5.09
C ILE A 90 -0.46 -3.79 5.67
N GLN A 91 -0.84 -3.48 6.91
CA GLN A 91 -1.97 -4.19 7.50
C GLN A 91 -3.30 -3.49 7.19
N ALA A 92 -3.25 -2.19 6.90
CA ALA A 92 -4.47 -1.43 6.60
C ALA A 92 -4.99 -1.66 5.19
N LEU A 93 -4.07 -1.78 4.23
CA LEU A 93 -4.43 -1.92 2.82
C LEU A 93 -5.45 -3.03 2.51
N PRO A 94 -5.25 -4.25 3.04
CA PRO A 94 -6.26 -5.28 2.71
C PRO A 94 -7.63 -5.05 3.35
N GLN A 95 -7.70 -4.28 4.44
CA GLN A 95 -9.01 -3.93 4.98
C GLN A 95 -9.70 -2.98 4.02
N LEU A 96 -8.94 -2.02 3.50
CA LEU A 96 -9.51 -0.98 2.64
C LEU A 96 -9.87 -1.48 1.25
N ALA A 97 -9.03 -2.35 0.69
CA ALA A 97 -9.33 -2.97 -0.59
C ALA A 97 -10.64 -3.74 -0.48
N ASP A 98 -10.82 -4.41 0.66
CA ASP A 98 -12.02 -5.23 0.87
C ASP A 98 -13.27 -4.39 1.13
N ALA A 99 -13.13 -3.32 1.90
CA ALA A 99 -14.27 -2.47 2.22
C ALA A 99 -14.86 -1.86 0.95
N TYR A 100 -13.97 -1.52 0.01
CA TYR A 100 -14.34 -0.80 -1.20
C TYR A 100 -14.55 -1.71 -2.41
N ALA A 101 -14.24 -3.00 -2.25
CA ALA A 101 -14.09 -3.92 -3.39
C ALA A 101 -15.25 -3.96 -4.40
N ASP A 102 -16.49 -3.79 -3.93
CA ASP A 102 -17.59 -3.73 -4.89
C ASP A 102 -18.11 -2.31 -5.08
N ASP A 103 -17.25 -1.32 -4.86
CA ASP A 103 -17.65 0.08 -5.02
C ASP A 103 -16.44 1.02 -5.20
N ILE A 104 -15.67 0.82 -6.27
CA ILE A 104 -14.48 1.61 -6.51
C ILE A 104 -14.84 3.06 -6.85
N PRO A 105 -14.20 4.03 -6.18
CA PRO A 105 -14.52 5.45 -6.37
C PRO A 105 -13.96 6.04 -7.67
N ASP A 106 -14.51 7.18 -8.07
CA ASP A 106 -14.04 7.90 -9.24
C ASP A 106 -12.73 8.61 -8.97
N LEU A 107 -12.52 9.01 -7.72
CA LEU A 107 -11.28 9.68 -7.33
C LEU A 107 -11.02 9.49 -5.83
N VAL A 108 -9.74 9.44 -5.49
CA VAL A 108 -9.30 9.23 -4.12
C VAL A 108 -8.66 10.52 -3.58
N LEU A 109 -9.11 10.94 -2.41
CA LEU A 109 -8.47 12.06 -1.71
C LEU A 109 -7.72 11.45 -0.54
N HIS A 110 -6.58 12.02 -0.18
CA HIS A 110 -5.89 11.47 0.97
C HIS A 110 -4.92 12.42 1.63
N ASP A 111 -4.88 12.33 2.95
CA ASP A 111 -3.82 12.97 3.70
C ASP A 111 -2.51 12.28 3.37
N ILE A 112 -1.40 13.00 3.52
CA ILE A 112 -0.08 12.48 3.20
C ILE A 112 0.30 11.18 3.92
N THR A 113 -0.31 10.91 5.07
CA THR A 113 0.13 9.75 5.86
C THR A 113 -0.40 8.42 5.33
N SER A 114 -1.39 8.48 4.45
CA SER A 114 -2.04 7.24 4.00
C SER A 114 -1.40 6.61 2.76
N TYR A 115 -0.47 5.69 2.97
CA TYR A 115 0.07 4.92 1.85
C TYR A 115 -1.00 4.07 1.14
N PRO A 116 -1.95 3.46 1.89
CA PRO A 116 -2.93 2.66 1.14
C PRO A 116 -3.75 3.45 0.11
N ALA A 117 -4.02 4.72 0.36
CA ALA A 117 -4.74 5.51 -0.64
C ALA A 117 -3.97 5.61 -1.94
N ARG A 118 -2.65 5.78 -1.83
CA ARG A 118 -1.79 5.86 -3.00
C ARG A 118 -1.85 4.57 -3.78
N VAL A 119 -1.71 3.45 -3.08
CA VAL A 119 -1.71 2.15 -3.73
C VAL A 119 -3.07 1.88 -4.39
N LEU A 120 -4.14 2.14 -3.65
CA LEU A 120 -5.48 1.88 -4.19
C LEU A 120 -5.83 2.75 -5.41
N ALA A 121 -5.55 4.04 -5.33
CA ALA A 121 -5.83 4.93 -6.46
C ALA A 121 -5.11 4.45 -7.73
N ARG A 122 -3.91 3.91 -7.57
CA ARG A 122 -3.17 3.34 -8.70
C ARG A 122 -3.79 2.04 -9.20
N ARG A 123 -4.10 1.13 -8.29
CA ARG A 123 -4.78 -0.12 -8.66
C ARG A 123 -6.06 0.16 -9.45
N TRP A 124 -6.81 1.16 -9.00
CA TRP A 124 -8.13 1.49 -9.56
C TRP A 124 -8.10 2.23 -10.89
N GLY A 125 -6.94 2.79 -11.24
CA GLY A 125 -6.79 3.57 -12.45
C GLY A 125 -7.40 4.95 -12.36
N VAL A 126 -7.57 5.44 -11.15
CA VAL A 126 -8.16 6.77 -10.95
C VAL A 126 -7.16 7.74 -10.33
N PRO A 127 -7.16 9.00 -10.81
CA PRO A 127 -6.34 10.05 -10.21
C PRO A 127 -6.52 10.15 -8.69
N ALA A 128 -5.45 10.52 -7.99
CA ALA A 128 -5.53 10.76 -6.54
C ALA A 128 -5.17 12.20 -6.27
N VAL A 129 -5.67 12.75 -5.18
CA VAL A 129 -5.27 14.09 -4.75
C VAL A 129 -4.77 14.03 -3.32
N SER A 130 -3.50 14.40 -3.14
CA SER A 130 -2.87 14.40 -1.82
C SER A 130 -3.18 15.73 -1.15
N LEU A 131 -3.58 15.69 0.12
CA LEU A 131 -3.85 16.93 0.87
C LEU A 131 -2.79 17.04 1.97
N SER A 132 -1.95 18.06 1.87
CA SER A 132 -0.84 18.21 2.82
C SER A 132 -1.09 19.32 3.81
N PRO A 133 -1.05 19.00 5.11
CA PRO A 133 -1.33 19.97 6.17
C PRO A 133 -0.03 20.66 6.61
N ASN A 134 1.04 20.44 5.86
CA ASN A 134 2.32 21.06 6.17
C ASN A 134 3.10 21.32 4.89
N LEU A 135 4.32 21.78 5.02
CA LEU A 135 5.16 22.07 3.86
C LEU A 135 5.35 20.83 2.98
N VAL A 136 5.67 21.07 1.71
CA VAL A 136 5.90 20.01 0.75
C VAL A 136 7.31 20.10 0.16
N ALA A 137 7.69 19.08 -0.60
CA ALA A 137 8.97 19.08 -1.28
C ALA A 137 9.05 20.15 -2.36
N TRP A 138 10.20 20.82 -2.46
CA TRP A 138 10.48 21.72 -3.56
C TRP A 138 11.38 21.00 -4.55
N LYS A 139 11.52 21.54 -5.75
CA LYS A 139 12.44 20.95 -6.71
C LYS A 139 13.87 21.13 -6.20
N GLY A 140 14.56 20.01 -6.00
CA GLY A 140 15.85 20.02 -5.34
C GLY A 140 15.82 19.29 -4.01
N TYR A 141 14.64 19.18 -3.41
CA TYR A 141 14.47 18.53 -2.10
C TYR A 141 15.15 17.18 -2.02
N GLU A 142 14.98 16.38 -3.06
CA GLU A 142 15.31 14.96 -2.95
C GLU A 142 16.83 14.74 -2.91
N GLU A 143 17.61 15.66 -3.49
CA GLU A 143 19.06 15.62 -3.28
C GLU A 143 19.61 16.70 -2.32
N GLU A 144 18.86 17.79 -2.12
CA GLU A 144 19.26 18.80 -1.13
C GLU A 144 19.00 18.36 0.32
N VAL A 145 17.91 17.62 0.55
CA VAL A 145 17.49 17.31 1.92
C VAL A 145 17.31 15.81 2.21
N ALA A 146 16.51 15.12 1.40
CA ALA A 146 16.20 13.71 1.65
C ALA A 146 17.44 12.82 1.61
N GLU A 147 18.19 12.92 0.51
CA GLU A 147 19.40 12.12 0.36
C GLU A 147 20.40 12.38 1.50
N PRO A 148 20.63 13.65 1.87
CA PRO A 148 21.55 13.78 3.00
C PRO A 148 21.04 13.27 4.36
N MET A 149 19.76 13.42 4.68
CA MET A 149 19.30 12.93 5.99
C MET A 149 19.31 11.40 6.02
N TRP A 150 19.11 10.78 4.88
CA TRP A 150 19.00 9.32 4.84
C TRP A 150 20.33 8.59 4.74
N ARG A 151 21.38 9.28 4.28
CA ARG A 151 22.65 8.64 3.95
C ARG A 151 23.15 7.73 5.07
N GLU A 152 23.45 8.30 6.23
CA GLU A 152 23.91 7.47 7.34
C GLU A 152 22.90 6.39 7.77
N PRO A 153 21.60 6.74 7.92
CA PRO A 153 20.64 5.67 8.21
C PRO A 153 20.52 4.59 7.13
N ARG A 154 20.73 4.89 5.86
CA ARG A 154 20.65 3.79 4.88
C ARG A 154 21.98 3.10 4.58
N GLN A 155 23.01 3.45 5.33
CA GLN A 155 24.19 2.58 5.37
C GLN A 155 24.16 1.75 6.65
N THR A 156 22.97 1.64 7.25
CA THR A 156 22.74 0.76 8.41
C THR A 156 21.81 -0.41 8.06
N GLU A 157 22.06 -1.58 8.64
CA GLU A 157 21.23 -2.75 8.39
C GLU A 157 19.75 -2.48 8.63
N ARG A 158 19.44 -1.73 9.68
CA ARG A 158 18.05 -1.43 10.00
C ARG A 158 17.39 -0.54 8.94
N GLY A 159 18.10 0.49 8.49
CA GLY A 159 17.61 1.35 7.43
C GLY A 159 17.49 0.61 6.11
N ARG A 160 18.42 -0.31 5.86
CA ARG A 160 18.39 -1.10 4.64
C ARG A 160 17.16 -2.01 4.61
N ALA A 161 16.92 -2.71 5.72
CA ALA A 161 15.78 -3.61 5.82
C ALA A 161 14.48 -2.85 5.58
N TYR A 162 14.41 -1.64 6.12
CA TYR A 162 13.24 -0.80 5.97
C TYR A 162 13.01 -0.45 4.49
N TYR A 163 14.03 0.10 3.84
CA TYR A 163 13.90 0.44 2.41
C TYR A 163 13.70 -0.79 1.53
N ALA A 164 14.37 -1.88 1.86
CA ALA A 164 14.16 -3.14 1.15
C ALA A 164 12.72 -3.63 1.30
N ARG A 165 12.19 -3.56 2.52
CA ARG A 165 10.80 -3.96 2.80
C ARG A 165 9.79 -3.11 2.05
N PHE A 166 10.02 -1.79 2.08
CA PHE A 166 9.12 -0.82 1.46
C PHE A 166 9.08 -1.11 -0.04
N GLU A 167 10.27 -1.21 -0.64
CA GLU A 167 10.40 -1.52 -2.06
C GLU A 167 9.63 -2.79 -2.45
N ALA A 168 9.79 -3.83 -1.65
CA ALA A 168 9.19 -5.13 -1.95
C ALA A 168 7.67 -5.06 -1.86
N TRP A 169 7.19 -4.30 -0.89
CA TRP A 169 5.74 -4.12 -0.72
C TRP A 169 5.14 -3.38 -1.91
N LEU A 170 5.82 -2.34 -2.38
CA LEU A 170 5.36 -1.61 -3.55
C LEU A 170 5.36 -2.53 -4.78
N LYS A 171 6.47 -3.23 -4.97
CA LYS A 171 6.61 -4.12 -6.13
C LYS A 171 5.54 -5.21 -6.15
N GLU A 172 5.17 -5.74 -4.98
CA GLU A 172 4.10 -6.74 -4.93
C GLU A 172 2.77 -6.14 -5.37
N ASN A 173 2.65 -4.82 -5.23
CA ASN A 173 1.46 -4.11 -5.67
C ASN A 173 1.60 -3.47 -7.05
N GLY A 174 2.62 -3.88 -7.79
CA GLY A 174 2.80 -3.43 -9.16
C GLY A 174 3.38 -2.05 -9.29
N ILE A 175 3.96 -1.56 -8.20
CA ILE A 175 4.49 -0.21 -8.16
C ILE A 175 6.02 -0.25 -8.25
N THR A 176 6.57 0.38 -9.30
CA THR A 176 8.00 0.33 -9.55
C THR A 176 8.73 1.57 -9.03
N GLU A 177 7.99 2.62 -8.74
CA GLU A 177 8.60 3.83 -8.18
C GLU A 177 9.39 3.51 -6.90
N HIS A 178 10.50 4.21 -6.67
CA HIS A 178 11.23 4.06 -5.41
C HIS A 178 10.33 4.54 -4.29
N PRO A 179 10.44 3.94 -3.09
CA PRO A 179 9.59 4.35 -1.97
C PRO A 179 9.61 5.87 -1.70
N ASP A 180 10.74 6.53 -1.90
CA ASP A 180 10.80 7.97 -1.63
C ASP A 180 10.02 8.78 -2.65
N THR A 181 9.95 8.27 -3.88
CA THR A 181 9.10 8.89 -4.90
C THR A 181 7.64 8.70 -4.49
N PHE A 182 7.30 7.46 -4.15
CA PHE A 182 5.96 7.07 -3.77
C PHE A 182 5.47 7.87 -2.57
N ALA A 183 6.35 8.02 -1.57
CA ALA A 183 5.96 8.66 -0.32
C ALA A 183 5.96 10.19 -0.36
N SER A 184 7.02 10.77 -0.94
CA SER A 184 7.26 12.20 -0.77
C SER A 184 6.94 13.04 -2.00
N HIS A 185 6.57 12.37 -3.10
CA HIS A 185 6.36 13.07 -4.35
C HIS A 185 5.07 12.70 -5.05
N PRO A 186 3.95 13.24 -4.57
CA PRO A 186 2.63 12.97 -5.15
C PRO A 186 2.56 13.60 -6.54
N PRO A 187 1.78 12.98 -7.44
CA PRO A 187 1.59 13.55 -8.77
C PRO A 187 0.74 14.82 -8.74
N ARG A 188 -0.12 14.94 -7.74
CA ARG A 188 -0.95 16.13 -7.57
C ARG A 188 -1.27 16.35 -6.08
N SER A 189 -1.11 17.57 -5.62
CA SER A 189 -1.26 17.88 -4.19
C SER A 189 -1.83 19.28 -3.99
N LEU A 190 -2.72 19.41 -3.01
CA LEU A 190 -3.17 20.71 -2.53
C LEU A 190 -2.56 20.92 -1.15
N VAL A 191 -1.96 22.07 -0.93
CA VAL A 191 -1.24 22.32 0.31
C VAL A 191 -2.03 23.27 1.19
N LEU A 192 -2.34 22.82 2.40
CA LEU A 192 -3.31 23.54 3.23
C LEU A 192 -2.59 24.47 4.22
N ILE A 193 -1.47 25.02 3.80
CA ILE A 193 -0.81 26.07 4.55
C ILE A 193 -0.53 27.23 3.59
N PRO A 194 -0.35 28.45 4.12
CA PRO A 194 -0.03 29.52 3.17
C PRO A 194 1.36 29.32 2.60
N LYS A 195 1.54 29.70 1.34
CA LYS A 195 2.82 29.54 0.67
C LYS A 195 3.90 30.38 1.39
N ALA A 196 3.46 31.40 2.11
CA ALA A 196 4.36 32.23 2.90
C ALA A 196 5.12 31.42 3.95
N LEU A 197 4.56 30.28 4.35
CA LEU A 197 5.19 29.43 5.36
C LEU A 197 5.80 28.15 4.75
N GLN A 198 6.03 28.19 3.44
CA GLN A 198 6.68 27.09 2.74
C GLN A 198 8.14 27.46 2.46
N PRO A 199 9.09 26.66 2.95
CA PRO A 199 10.50 26.92 2.62
C PRO A 199 10.72 26.79 1.12
N HIS A 200 11.60 27.61 0.55
CA HIS A 200 11.95 27.51 -0.87
C HIS A 200 10.72 27.51 -1.76
N ALA A 201 9.77 28.37 -1.44
CA ALA A 201 8.50 28.44 -2.17
C ALA A 201 8.68 28.59 -3.68
N ASP A 202 9.68 29.37 -4.09
CA ASP A 202 9.94 29.63 -5.50
C ASP A 202 10.48 28.42 -6.25
N ARG A 203 10.73 27.33 -5.54
CA ARG A 203 11.29 26.13 -6.16
C ARG A 203 10.27 24.98 -6.13
N VAL A 204 9.08 25.27 -5.60
CA VAL A 204 8.03 24.24 -5.55
C VAL A 204 7.37 24.11 -6.92
N ASP A 205 7.23 22.88 -7.38
CA ASP A 205 6.66 22.60 -8.71
C ASP A 205 5.21 23.04 -8.78
N GLU A 206 4.97 24.15 -9.48
CA GLU A 206 3.62 24.67 -9.64
C GLU A 206 2.71 23.73 -10.46
N ASP A 207 3.29 22.73 -11.12
CA ASP A 207 2.48 21.77 -11.89
C ASP A 207 1.92 20.65 -11.04
N VAL A 208 2.49 20.46 -9.86
CA VAL A 208 2.08 19.41 -8.94
C VAL A 208 1.27 19.99 -7.79
N TYR A 209 1.81 21.05 -7.18
CA TYR A 209 1.26 21.57 -5.94
C TYR A 209 0.49 22.86 -6.13
N THR A 210 -0.70 22.93 -5.53
CA THR A 210 -1.41 24.20 -5.42
C THR A 210 -1.60 24.55 -3.96
N PHE A 211 -1.14 25.73 -3.56
CA PHE A 211 -1.38 26.19 -2.20
C PHE A 211 -2.76 26.83 -2.05
N VAL A 212 -3.55 26.29 -1.13
CA VAL A 212 -4.87 26.85 -0.85
C VAL A 212 -4.98 27.49 0.52
N GLY A 213 -3.92 27.40 1.32
CA GLY A 213 -3.94 27.95 2.67
C GLY A 213 -4.88 27.15 3.57
N ALA A 214 -5.33 27.75 4.67
CA ALA A 214 -6.19 27.05 5.64
C ALA A 214 -7.59 27.67 5.82
N CYS A 215 -8.53 26.89 6.40
CA CYS A 215 -9.84 27.33 6.95
C CYS A 215 -10.10 26.82 8.39
N GLN A 216 -11.38 26.82 8.80
CA GLN A 216 -11.86 26.28 10.10
C GLN A 216 -13.41 26.30 10.23
N GLY A 217 -13.95 25.98 11.42
CA GLY A 217 -15.38 26.09 11.69
C GLY A 217 -15.72 27.40 12.37
N ASP A 218 -17.00 27.84 12.32
CA ASP A 218 -17.36 29.21 12.72
C ASP A 218 -18.34 29.40 13.93
N ARG A 219 -18.18 30.43 14.77
CA ARG A 219 -17.14 31.46 14.73
C ARG A 219 -17.20 32.24 16.05
N ALA A 220 -16.52 31.80 17.12
CA ALA A 220 -15.68 30.60 17.22
C ALA A 220 -15.45 30.37 18.73
N GLU A 221 -15.89 29.21 19.25
CA GLU A 221 -16.30 28.95 20.68
C GLU A 221 -16.06 29.94 21.85
N GLU A 222 -16.69 31.10 21.83
CA GLU A 222 -17.58 31.48 20.75
C GLU A 222 -17.55 32.98 20.61
N GLY A 223 -18.75 33.55 20.62
CA GLY A 223 -18.98 34.98 20.72
C GLY A 223 -18.19 35.92 19.86
N GLY A 224 -17.50 36.82 20.52
CA GLY A 224 -16.76 37.89 19.87
C GLY A 224 -16.24 38.81 20.94
N TRP A 225 -14.97 38.63 21.28
CA TRP A 225 -14.28 39.50 22.20
C TRP A 225 -14.44 40.95 21.73
N GLN A 226 -14.49 41.91 22.65
CA GLN A 226 -14.70 43.30 22.27
C GLN A 226 -13.49 44.19 22.58
N ARG A 227 -13.08 44.98 21.60
CA ARG A 227 -11.95 45.88 21.74
C ARG A 227 -12.25 46.99 22.76
N PRO A 228 -11.41 47.12 23.82
CA PRO A 228 -11.60 48.02 24.97
C PRO A 228 -11.46 49.51 24.62
N ALA A 229 -12.47 50.29 25.00
CA ALA A 229 -12.55 51.69 24.62
C ALA A 229 -11.28 52.47 24.93
N GLY A 230 -10.74 53.15 23.92
CA GLY A 230 -9.59 54.00 24.12
C GLY A 230 -8.25 53.28 24.06
N ALA A 231 -8.26 51.96 24.12
CA ALA A 231 -7.03 51.20 23.87
C ALA A 231 -6.54 51.46 22.46
N GLU A 232 -5.30 51.93 22.35
CA GLU A 232 -4.68 52.18 21.05
C GLU A 232 -4.08 50.91 20.44
N LYS A 233 -3.45 50.09 21.28
CA LYS A 233 -2.85 48.86 20.81
C LYS A 233 -3.28 47.69 21.68
N VAL A 234 -3.77 46.63 21.04
CA VAL A 234 -4.09 45.40 21.75
C VAL A 234 -3.07 44.33 21.39
N VAL A 235 -2.51 43.68 22.40
CA VAL A 235 -1.58 42.58 22.15
C VAL A 235 -2.15 41.29 22.74
N LEU A 236 -2.15 40.23 21.94
CA LEU A 236 -2.55 38.90 22.41
C LEU A 236 -1.29 38.06 22.62
N VAL A 237 -1.18 37.44 23.78
CA VAL A 237 -0.10 36.48 24.02
C VAL A 237 -0.69 35.08 24.11
N SER A 238 -0.09 34.14 23.38
CA SER A 238 -0.53 32.75 23.43
C SER A 238 0.53 31.78 22.92
N LEU A 239 0.45 30.54 23.38
CA LEU A 239 1.36 29.52 22.91
C LEU A 239 0.59 28.34 22.34
N GLY A 240 -0.63 28.60 21.89
CA GLY A 240 -1.43 27.62 21.16
C GLY A 240 -2.40 26.83 22.03
N SER A 241 -2.75 25.63 21.59
CA SER A 241 -3.63 24.74 22.34
C SER A 241 -2.81 23.75 23.17
N ALA A 242 -1.93 23.02 22.49
CA ALA A 242 -1.09 22.03 23.14
C ALA A 242 -0.20 22.65 24.21
N PHE A 243 1.01 23.03 23.81
CA PHE A 243 2.08 23.33 24.75
C PHE A 243 2.07 24.77 25.20
N THR A 244 1.57 24.98 26.40
CA THR A 244 1.49 26.31 26.95
C THR A 244 2.17 26.38 28.30
N LYS A 245 2.29 25.22 28.98
CA LYS A 245 2.71 25.07 30.39
C LYS A 245 3.33 26.34 30.99
N GLN A 246 4.67 26.39 31.03
CA GLN A 246 5.40 27.66 31.21
C GLN A 246 4.89 28.66 32.25
N PRO A 247 5.35 28.56 33.51
CA PRO A 247 4.98 29.73 34.33
C PRO A 247 5.66 31.04 33.89
N ALA A 248 6.94 30.96 33.52
CA ALA A 248 7.83 32.12 33.41
C ALA A 248 7.47 33.21 32.40
N PHE A 249 7.23 32.79 31.17
CA PHE A 249 6.97 33.72 30.07
C PHE A 249 5.75 34.59 30.33
N TYR A 250 4.72 34.04 30.97
CA TYR A 250 3.50 34.82 31.16
C TYR A 250 3.72 36.07 32.01
N ARG A 251 4.26 35.93 33.21
CA ARG A 251 4.60 37.13 33.96
C ARG A 251 5.58 38.01 33.23
N GLU A 252 6.38 37.40 32.36
CA GLU A 252 7.28 38.21 31.54
C GLU A 252 6.50 39.19 30.68
N CYS A 253 5.43 38.72 30.07
CA CYS A 253 4.64 39.59 29.22
C CYS A 253 3.88 40.61 30.07
N VAL A 254 3.50 40.21 31.27
CA VAL A 254 2.79 41.11 32.18
C VAL A 254 3.59 42.37 32.47
N ARG A 255 4.88 42.20 32.76
CA ARG A 255 5.73 43.32 33.07
C ARG A 255 6.11 44.13 31.84
N ALA A 256 6.07 43.47 30.69
CA ALA A 256 6.32 44.15 29.44
C ALA A 256 5.25 45.17 29.13
N PHE A 257 3.98 44.76 29.21
CA PHE A 257 2.88 45.59 28.75
C PHE A 257 2.08 46.21 29.90
N GLY A 258 2.40 45.80 31.12
CA GLY A 258 1.73 46.33 32.29
C GLY A 258 1.87 47.82 32.42
N ASN A 259 0.76 48.52 32.60
CA ASN A 259 0.77 49.97 32.79
C ASN A 259 1.40 50.78 31.65
N LEU A 260 1.63 50.15 30.50
CA LEU A 260 2.16 50.85 29.33
C LEU A 260 1.02 51.61 28.68
N PRO A 261 1.02 52.95 28.79
CA PRO A 261 -0.10 53.75 28.27
C PRO A 261 -0.43 53.43 26.82
N GLY A 262 -1.71 53.21 26.54
CA GLY A 262 -2.15 52.94 25.19
C GLY A 262 -2.33 51.46 24.88
N TRP A 263 -1.71 50.59 25.69
CA TRP A 263 -1.71 49.16 25.41
C TRP A 263 -2.64 48.36 26.31
N HIS A 264 -3.24 47.33 25.73
CA HIS A 264 -4.03 46.38 26.49
C HIS A 264 -3.57 44.96 26.15
N LEU A 265 -3.27 44.20 27.19
CA LEU A 265 -2.71 42.85 27.03
C LEU A 265 -3.75 41.79 27.33
N VAL A 266 -3.84 40.79 26.43
CA VAL A 266 -4.63 39.60 26.71
C VAL A 266 -3.67 38.41 26.79
N LEU A 267 -3.77 37.69 27.91
CA LEU A 267 -2.86 36.61 28.23
C LEU A 267 -3.60 35.27 28.18
N GLN A 268 -3.12 34.35 27.34
CA GLN A 268 -3.63 32.98 27.30
C GLN A 268 -2.84 32.20 28.33
N ILE A 269 -3.53 31.50 29.23
CA ILE A 269 -2.84 30.92 30.39
C ILE A 269 -2.91 29.39 30.56
N GLY A 270 -1.74 28.76 30.60
CA GLY A 270 -1.64 27.33 30.76
C GLY A 270 -1.23 26.84 32.14
N ARG A 271 -1.09 27.76 33.10
CA ARG A 271 -1.27 27.40 34.50
C ARG A 271 -2.65 27.89 34.93
N LYS A 272 -3.54 26.97 35.25
CA LYS A 272 -4.93 27.37 35.47
C LYS A 272 -5.23 28.32 36.67
N VAL A 273 -5.13 27.91 37.95
CA VAL A 273 -4.05 27.10 38.58
C VAL A 273 -2.63 27.20 37.97
N THR A 274 -2.04 28.41 38.01
CA THR A 274 -2.61 29.56 38.70
C THR A 274 -2.46 30.85 37.87
N PRO A 275 -3.24 31.88 38.21
CA PRO A 275 -3.01 33.24 37.73
C PRO A 275 -2.11 33.91 38.77
N ALA A 276 -1.44 33.08 39.56
CA ALA A 276 -0.83 33.53 40.81
C ALA A 276 0.65 33.25 40.93
N GLU A 277 1.23 32.57 39.96
CA GLU A 277 2.65 32.78 39.69
C GLU A 277 2.64 34.28 39.48
N LEU A 278 3.66 34.97 39.99
CA LEU A 278 3.66 36.45 40.04
C LEU A 278 2.44 37.07 40.71
N GLY A 279 1.25 36.66 40.28
CA GLY A 279 0.01 37.05 40.91
C GLY A 279 -0.52 38.39 40.41
N GLU A 280 -0.03 39.45 41.04
CA GLU A 280 -0.51 40.80 40.86
C GLU A 280 -0.55 41.30 39.41
N LEU A 281 -1.71 41.80 39.01
CA LEU A 281 -1.91 42.30 37.66
C LEU A 281 -2.16 43.79 37.65
N PRO A 282 -1.60 44.50 36.65
CA PRO A 282 -1.96 45.90 36.41
C PRO A 282 -3.36 46.02 35.79
N ASP A 283 -3.88 47.24 35.71
CA ASP A 283 -5.25 47.47 35.26
C ASP A 283 -5.51 47.03 33.79
N ASN A 284 -4.48 47.11 32.96
CA ASN A 284 -4.63 46.88 31.52
C ASN A 284 -4.22 45.48 31.07
N VAL A 285 -4.21 44.52 31.99
CA VAL A 285 -3.87 43.14 31.69
C VAL A 285 -5.04 42.25 32.06
N GLU A 286 -5.45 41.37 31.15
CA GLU A 286 -6.45 40.38 31.49
C GLU A 286 -5.89 38.98 31.36
N VAL A 287 -6.59 38.02 31.94
CA VAL A 287 -6.10 36.65 31.97
C VAL A 287 -7.18 35.64 31.65
N HIS A 288 -6.82 34.63 30.85
CA HIS A 288 -7.77 33.63 30.37
C HIS A 288 -7.11 32.28 30.13
N ASP A 289 -7.62 31.26 30.82
CA ASP A 289 -7.24 29.86 30.61
C ASP A 289 -7.24 29.44 29.15
N TRP A 290 -8.15 30.05 28.40
CA TRP A 290 -8.35 29.79 26.98
C TRP A 290 -8.98 31.03 26.38
N VAL A 291 -8.64 31.34 25.12
CA VAL A 291 -9.28 32.46 24.41
C VAL A 291 -9.72 32.05 23.01
N PRO A 292 -10.75 32.74 22.49
CA PRO A 292 -11.14 32.59 21.08
C PRO A 292 -10.13 33.34 20.21
N GLN A 293 -9.05 32.65 19.86
CA GLN A 293 -7.83 33.30 19.37
C GLN A 293 -8.02 34.10 18.09
N LEU A 294 -8.55 33.46 17.05
CA LEU A 294 -8.75 34.14 15.78
C LEU A 294 -9.64 35.37 15.95
N ALA A 295 -10.58 35.30 16.89
CA ALA A 295 -11.52 36.41 17.12
C ALA A 295 -10.79 37.67 17.56
N ILE A 296 -9.91 37.53 18.53
CA ILE A 296 -9.14 38.65 19.04
C ILE A 296 -8.17 39.19 17.99
N LEU A 297 -7.53 38.30 17.25
CA LEU A 297 -6.54 38.72 16.25
C LEU A 297 -7.12 39.65 15.20
N ARG A 298 -8.39 39.43 14.83
CA ARG A 298 -9.00 40.22 13.76
C ARG A 298 -8.96 41.74 13.97
N GLN A 299 -9.03 42.18 15.22
CA GLN A 299 -8.72 43.58 15.51
C GLN A 299 -7.71 43.72 16.65
N ALA A 300 -6.71 42.82 16.68
CA ALA A 300 -5.54 42.97 17.55
C ALA A 300 -4.42 43.65 16.77
N ASP A 301 -3.45 44.23 17.48
CA ASP A 301 -2.39 44.98 16.84
C ASP A 301 -1.03 44.30 16.92
N LEU A 302 -0.90 43.34 17.83
CA LEU A 302 0.33 42.57 17.97
C LEU A 302 -0.01 41.19 18.48
N PHE A 303 0.76 40.19 18.05
CA PHE A 303 0.49 38.82 18.48
C PHE A 303 1.82 38.19 18.93
N VAL A 304 1.91 37.86 20.22
CA VAL A 304 3.06 37.13 20.73
C VAL A 304 2.67 35.65 20.67
N THR A 305 3.37 34.89 19.82
CA THR A 305 2.93 33.55 19.43
C THR A 305 4.07 32.53 19.53
N HIS A 306 3.73 31.27 19.79
CA HIS A 306 4.75 30.20 19.79
C HIS A 306 5.14 29.80 18.36
N ALA A 307 4.41 30.34 17.38
CA ALA A 307 4.67 30.09 15.97
C ALA A 307 4.40 28.63 15.59
N GLY A 308 3.40 28.04 16.24
CA GLY A 308 2.84 26.80 15.73
C GLY A 308 2.18 27.10 14.39
N ALA A 309 1.88 26.05 13.63
CA ALA A 309 1.26 26.24 12.32
C ALA A 309 -0.02 27.10 12.35
N GLY A 310 -0.86 26.88 13.35
CA GLY A 310 -2.14 27.57 13.40
C GLY A 310 -2.00 29.05 13.69
N GLY A 311 -1.33 29.36 14.79
CA GLY A 311 -1.11 30.75 15.16
C GLY A 311 -0.41 31.53 14.06
N SER A 312 0.55 30.89 13.40
CA SER A 312 1.33 31.55 12.36
C SER A 312 0.45 32.00 11.21
N GLN A 313 -0.42 31.12 10.70
CA GLN A 313 -1.24 31.57 9.57
C GLN A 313 -2.39 32.46 10.01
N GLU A 314 -2.80 32.36 11.28
CA GLU A 314 -3.83 33.26 11.80
C GLU A 314 -3.30 34.68 11.91
N GLY A 315 -2.06 34.81 12.35
CA GLY A 315 -1.40 36.11 12.42
C GLY A 315 -1.31 36.72 11.04
N LEU A 316 -0.87 35.94 10.06
CA LEU A 316 -0.75 36.44 8.70
C LEU A 316 -2.12 36.80 8.13
N ALA A 317 -3.09 35.93 8.35
CA ALA A 317 -4.44 36.11 7.79
C ALA A 317 -5.12 37.38 8.29
N THR A 318 -4.76 37.77 9.51
CA THR A 318 -5.35 38.94 10.16
C THR A 318 -4.43 40.16 10.08
N ALA A 319 -3.33 40.02 9.33
CA ALA A 319 -2.34 41.08 9.17
C ALA A 319 -1.84 41.63 10.51
N THR A 320 -1.52 40.72 11.42
CA THR A 320 -1.10 41.10 12.76
C THR A 320 0.38 40.81 12.92
N PRO A 321 1.21 41.85 13.12
CA PRO A 321 2.65 41.61 13.32
C PRO A 321 2.87 40.69 14.51
N MET A 322 3.94 39.92 14.47
CA MET A 322 4.15 38.91 15.49
C MET A 322 5.50 38.99 16.19
N ILE A 323 5.49 38.66 17.48
CA ILE A 323 6.73 38.31 18.17
C ILE A 323 6.71 36.79 18.27
N ALA A 324 7.62 36.15 17.56
CA ALA A 324 7.70 34.71 17.54
C ALA A 324 8.67 34.27 18.60
N VAL A 325 8.19 33.48 19.55
CA VAL A 325 9.03 33.00 20.64
C VAL A 325 8.96 31.47 20.62
N PRO A 326 9.55 30.85 19.58
CA PRO A 326 9.44 29.41 19.38
C PRO A 326 10.17 28.68 20.49
N GLN A 327 9.99 27.36 20.56
CA GLN A 327 10.53 26.60 21.67
C GLN A 327 10.59 25.09 21.45
N ALA A 328 9.86 24.59 20.47
CA ALA A 328 9.79 23.14 20.23
C ALA A 328 9.68 22.74 18.76
N VAL A 329 10.69 22.02 18.27
CA VAL A 329 10.66 21.40 16.95
C VAL A 329 10.43 22.37 15.79
N ASP A 330 9.37 22.11 15.02
CA ASP A 330 9.00 22.90 13.84
C ASP A 330 8.77 24.37 14.12
N GLN A 331 8.52 24.70 15.38
CA GLN A 331 8.25 26.08 15.74
C GLN A 331 9.37 27.00 15.27
N PHE A 332 10.61 26.55 15.44
CA PHE A 332 11.77 27.36 15.09
C PHE A 332 11.76 27.78 13.59
N GLY A 333 11.29 26.90 12.72
CA GLY A 333 11.20 27.18 11.31
C GLY A 333 10.11 28.18 10.91
N ASN A 334 8.89 27.96 11.41
CA ASN A 334 7.82 28.93 11.17
C ASN A 334 8.29 30.29 11.67
N ALA A 335 8.97 30.29 12.81
CA ALA A 335 9.46 31.53 13.38
C ALA A 335 10.50 32.20 12.48
N ASP A 336 11.42 31.40 11.94
CA ASP A 336 12.42 31.94 11.02
C ASP A 336 11.74 32.56 9.81
N MET A 337 10.77 31.86 9.25
CA MET A 337 10.11 32.36 8.06
C MET A 337 9.26 33.59 8.30
N LEU A 338 8.62 33.66 9.47
CA LEU A 338 7.87 34.86 9.82
C LEU A 338 8.79 36.09 9.86
N GLN A 339 9.94 35.94 10.51
CA GLN A 339 10.91 37.04 10.55
C GLN A 339 11.46 37.35 9.16
N GLY A 340 11.74 36.31 8.38
CA GLY A 340 12.21 36.48 7.01
C GLY A 340 11.27 37.24 6.11
N LEU A 341 9.97 37.14 6.38
CA LEU A 341 8.94 37.87 5.64
C LEU A 341 8.92 39.34 6.02
N GLY A 342 9.62 39.69 7.08
CA GLY A 342 9.68 41.06 7.55
C GLY A 342 8.46 41.50 8.33
N VAL A 343 7.73 40.55 8.90
CA VAL A 343 6.51 40.90 9.62
C VAL A 343 6.53 40.42 11.06
N ALA A 344 7.70 40.00 11.51
CA ALA A 344 7.84 39.44 12.85
C ALA A 344 9.27 39.53 13.32
N ARG A 345 9.47 39.35 14.61
CA ARG A 345 10.79 39.18 15.18
C ARG A 345 10.78 37.90 15.99
N LYS A 346 11.80 37.07 15.80
CA LYS A 346 11.92 35.84 16.58
C LYS A 346 12.76 36.11 17.81
N LEU A 347 12.19 35.89 18.99
CA LEU A 347 12.92 36.09 20.23
C LEU A 347 13.22 34.75 20.86
N ALA A 348 14.40 34.64 21.46
CA ALA A 348 14.66 33.55 22.37
C ALA A 348 13.91 33.83 23.67
N THR A 349 13.27 32.81 24.21
CA THR A 349 12.89 32.83 25.61
C THR A 349 14.09 32.22 26.27
N GLU A 350 14.28 30.93 25.99
CA GLU A 350 15.51 30.25 26.31
N GLU A 351 15.44 35.01 26.43
CA GLU A 351 15.98 36.32 26.12
C GLU A 351 14.88 37.38 26.16
N ALA A 352 13.64 36.94 26.03
CA ALA A 352 12.52 37.86 26.02
C ALA A 352 12.32 38.53 27.38
N THR A 353 13.15 39.52 27.70
CA THR A 353 12.95 40.32 28.90
C THR A 353 11.78 41.27 28.69
N ALA A 354 11.40 41.99 29.74
CA ALA A 354 10.29 42.92 29.63
C ALA A 354 10.64 44.07 28.71
N ASP A 355 11.87 44.57 28.82
CA ASP A 355 12.27 45.74 28.05
C ASP A 355 12.42 45.39 26.57
N LEU A 356 12.86 44.16 26.31
CA LEU A 356 13.04 43.72 24.92
C LEU A 356 11.71 43.36 24.27
N LEU A 357 10.85 42.69 25.02
CA LEU A 357 9.48 42.42 24.55
C LEU A 357 8.79 43.75 24.28
N ARG A 358 8.94 44.69 25.20
CA ARG A 358 8.35 46.01 25.02
C ARG A 358 8.98 46.73 23.83
N GLU A 359 10.29 46.69 23.74
CA GLU A 359 10.98 47.40 22.67
C GLU A 359 10.61 46.81 21.32
N THR A 360 10.52 45.49 21.27
CA THR A 360 10.21 44.80 20.03
C THR A 360 8.77 45.10 19.61
N ALA A 361 7.86 45.03 20.57
CA ALA A 361 6.47 45.40 20.33
C ALA A 361 6.38 46.81 19.76
N LEU A 362 7.06 47.74 20.42
CA LEU A 362 7.09 49.14 20.01
C LEU A 362 7.77 49.29 18.65
N ALA A 363 8.60 48.33 18.30
CA ALA A 363 9.25 48.35 16.99
C ALA A 363 8.28 47.93 15.90
N LEU A 364 7.48 46.91 16.17
CA LEU A 364 6.68 46.28 15.12
C LEU A 364 5.34 46.95 14.85
N VAL A 365 4.62 47.32 15.91
CA VAL A 365 3.27 47.84 15.71
C VAL A 365 3.30 49.24 15.13
N ASP A 366 4.51 49.79 15.06
CA ASP A 366 4.77 51.15 14.62
C ASP A 366 5.94 51.13 13.62
N ASP A 367 5.91 50.15 12.71
CA ASP A 367 6.89 50.05 11.61
C ASP A 367 6.14 49.95 10.29
N PRO A 368 6.30 50.96 9.42
CA PRO A 368 5.49 51.04 8.21
C PRO A 368 5.78 49.94 7.21
N GLU A 369 7.01 49.46 7.16
CA GLU A 369 7.36 48.42 6.21
C GLU A 369 6.58 47.15 6.57
N VAL A 370 6.39 46.94 7.86
CA VAL A 370 5.72 45.73 8.35
C VAL A 370 4.25 45.63 7.93
N ALA A 371 3.49 46.71 8.11
CA ALA A 371 2.05 46.68 7.89
C ALA A 371 1.66 46.53 6.41
N ARG A 372 2.46 47.14 5.53
CA ARG A 372 2.30 46.98 4.09
C ARG A 372 2.58 45.54 3.66
N ARG A 373 3.64 44.95 4.21
CA ARG A 373 4.02 43.58 3.89
C ARG A 373 3.00 42.54 4.34
N LEU A 374 2.36 42.79 5.49
CA LEU A 374 1.26 41.96 5.96
C LEU A 374 0.07 42.11 5.01
N ARG A 375 -0.15 43.33 4.56
CA ARG A 375 -1.21 43.64 3.60
C ARG A 375 -1.10 42.77 2.36
N ARG A 376 0.10 42.69 1.80
CA ARG A 376 0.33 41.89 0.59
C ARG A 376 0.13 40.41 0.86
N ILE A 377 0.68 39.93 1.97
CA ILE A 377 0.56 38.51 2.28
C ILE A 377 -0.92 38.11 2.40
N GLN A 378 -1.69 38.95 3.10
CA GLN A 378 -3.13 38.78 3.18
C GLN A 378 -3.79 38.71 1.79
N ALA A 379 -3.30 39.54 0.86
CA ALA A 379 -3.84 39.55 -0.49
C ALA A 379 -3.42 38.29 -1.23
N GLU A 380 -2.22 37.80 -0.93
CA GLU A 380 -1.72 36.60 -1.58
C GLU A 380 -2.44 35.37 -1.04
N MET A 381 -2.74 35.39 0.26
CA MET A 381 -3.53 34.32 0.85
C MET A 381 -4.96 34.32 0.31
N ALA A 382 -5.49 35.51 0.03
CA ALA A 382 -6.81 35.61 -0.58
C ALA A 382 -6.86 34.82 -1.89
N GLN A 383 -5.80 34.94 -2.69
CA GLN A 383 -5.72 34.22 -3.96
C GLN A 383 -5.63 32.72 -3.72
N GLU A 384 -5.01 32.31 -2.61
CA GLU A 384 -4.93 30.90 -2.29
C GLU A 384 -6.33 30.29 -2.15
N GLY A 385 -7.23 31.01 -1.48
CA GLY A 385 -8.65 30.70 -1.55
C GLY A 385 -9.30 29.80 -0.51
N GLY A 386 -8.52 29.02 0.23
CA GLY A 386 -9.08 28.21 1.29
C GLY A 386 -10.07 27.15 0.85
N THR A 387 -11.06 26.91 1.70
CA THR A 387 -11.98 25.79 1.54
C THR A 387 -12.62 25.74 0.17
N ARG A 388 -13.12 26.88 -0.28
CA ARG A 388 -13.90 26.94 -1.49
C ARG A 388 -13.03 26.68 -2.73
N ARG A 389 -11.81 27.23 -2.75
CA ARG A 389 -10.90 26.96 -3.87
C ARG A 389 -10.42 25.50 -3.84
N ALA A 390 -10.28 24.94 -2.64
CA ALA A 390 -9.83 23.55 -2.50
C ALA A 390 -10.86 22.61 -3.12
N ALA A 391 -12.12 22.76 -2.71
CA ALA A 391 -13.18 21.93 -3.29
C ALA A 391 -13.28 22.17 -4.79
N ASP A 392 -13.16 23.43 -5.20
CA ASP A 392 -13.13 23.76 -6.62
C ASP A 392 -12.02 23.00 -7.35
N LEU A 393 -10.85 22.90 -6.74
CA LEU A 393 -9.66 22.42 -7.46
C LEU A 393 -9.60 20.91 -7.61
N ILE A 394 -10.26 20.19 -6.71
CA ILE A 394 -10.31 18.73 -6.81
C ILE A 394 -11.25 18.32 -7.93
N GLU A 395 -12.34 19.05 -8.09
CA GLU A 395 -13.34 18.73 -9.12
C GLU A 395 -12.74 18.74 -10.53
N ALA A 396 -11.73 19.58 -10.74
CA ALA A 396 -11.02 19.63 -12.03
C ALA A 396 -10.14 18.41 -12.27
N GLU A 397 -9.88 17.63 -11.22
CA GLU A 397 -9.07 16.43 -11.37
C GLU A 397 -9.96 15.19 -11.54
N LEU A 398 -11.27 15.38 -11.36
CA LEU A 398 -12.23 14.30 -11.46
C LEU A 398 -12.24 13.69 -12.86
N PRO A 399 -12.42 12.36 -12.93
CA PRO A 399 -12.77 11.78 -14.24
C PRO A 399 -14.11 12.36 -14.69
N ALA A 400 -14.26 12.56 -15.99
CA ALA A 400 -15.40 13.24 -16.62
C ALA A 400 -16.75 12.90 -16.00
N THR B 6 16.52 -52.19 -3.89
CA THR B 6 15.17 -52.20 -3.34
C THR B 6 14.60 -50.78 -3.36
N PRO B 7 13.80 -50.48 -4.39
CA PRO B 7 13.27 -49.13 -4.68
C PRO B 7 12.76 -48.44 -3.43
N ALA B 8 13.31 -47.28 -3.13
CA ALA B 8 12.84 -46.44 -2.03
C ALA B 8 11.33 -46.25 -2.19
N HIS B 9 10.63 -46.19 -1.06
CA HIS B 9 9.18 -45.98 -1.08
C HIS B 9 8.90 -44.50 -0.82
N ILE B 10 8.37 -43.81 -1.82
CA ILE B 10 8.03 -42.39 -1.71
C ILE B 10 6.53 -42.30 -1.65
N ALA B 11 6.01 -41.74 -0.55
CA ALA B 11 4.58 -41.52 -0.43
C ALA B 11 4.24 -40.05 -0.64
N MET B 12 3.54 -39.77 -1.72
CA MET B 12 3.05 -38.43 -2.04
C MET B 12 1.62 -38.30 -1.51
N PHE B 13 1.23 -37.08 -1.12
CA PHE B 13 -0.11 -36.80 -0.61
C PHE B 13 -0.69 -35.50 -1.14
N SER B 14 -1.97 -35.54 -1.52
CA SER B 14 -2.71 -34.34 -1.85
C SER B 14 -4.19 -34.53 -1.65
N ILE B 15 -4.94 -33.56 -2.18
CA ILE B 15 -6.39 -33.53 -2.10
C ILE B 15 -6.94 -33.56 -3.53
N ALA B 16 -8.24 -33.80 -3.67
CA ALA B 16 -8.89 -33.85 -4.97
C ALA B 16 -9.03 -32.46 -5.53
N ALA B 17 -7.94 -31.70 -5.48
CA ALA B 17 -7.92 -30.37 -6.11
C ALA B 17 -7.06 -30.39 -7.39
N HIS B 18 -7.53 -29.77 -8.46
CA HIS B 18 -6.72 -29.70 -9.68
C HIS B 18 -5.42 -28.94 -9.44
N GLY B 19 -5.53 -27.80 -8.76
CA GLY B 19 -4.39 -26.92 -8.52
C GLY B 19 -3.42 -27.45 -7.49
N HIS B 20 -3.74 -28.60 -6.90
CA HIS B 20 -2.85 -29.20 -5.92
C HIS B 20 -2.30 -30.57 -6.33
N VAL B 21 -2.62 -31.01 -7.54
CA VAL B 21 -2.07 -32.26 -8.07
C VAL B 21 -1.32 -32.02 -9.38
N ASN B 22 -1.90 -31.18 -10.23
CA ASN B 22 -1.34 -30.86 -11.55
C ASN B 22 0.02 -30.14 -11.55
N PRO B 23 0.23 -29.20 -10.61
CA PRO B 23 1.54 -28.53 -10.62
C PRO B 23 2.72 -29.47 -10.39
N SER B 24 2.52 -30.58 -9.69
CA SER B 24 3.62 -31.51 -9.43
C SER B 24 3.46 -32.81 -10.21
N LEU B 25 2.52 -32.83 -11.16
CA LEU B 25 2.20 -34.04 -11.91
C LEU B 25 3.44 -34.72 -12.47
N GLU B 26 4.29 -33.92 -13.11
CA GLU B 26 5.49 -34.46 -13.74
C GLU B 26 6.54 -34.98 -12.76
N VAL B 27 6.64 -34.36 -11.59
CA VAL B 27 7.64 -34.75 -10.62
C VAL B 27 7.44 -36.19 -10.14
N ILE B 28 6.18 -36.54 -9.84
CA ILE B 28 5.84 -37.89 -9.44
C ILE B 28 6.11 -38.85 -10.59
N ARG B 29 5.68 -38.43 -11.78
CA ARG B 29 5.93 -39.14 -13.00
C ARG B 29 7.42 -39.44 -13.14
N GLU B 30 8.25 -38.41 -12.95
CA GLU B 30 9.68 -38.55 -13.10
C GLU B 30 10.29 -39.45 -12.02
N LEU B 31 9.79 -39.36 -10.79
CA LEU B 31 10.31 -40.23 -9.73
C LEU B 31 10.01 -41.68 -10.04
N VAL B 32 8.84 -41.93 -10.64
CA VAL B 32 8.50 -43.26 -11.12
C VAL B 32 9.47 -43.65 -12.23
N ALA B 33 9.69 -42.75 -13.19
CA ALA B 33 10.63 -42.98 -14.28
C ALA B 33 12.04 -43.35 -13.79
N ARG B 34 12.45 -42.80 -12.65
CA ARG B 34 13.75 -43.11 -12.08
C ARG B 34 13.77 -44.40 -11.29
N GLY B 35 12.66 -45.14 -11.32
CA GLY B 35 12.60 -46.43 -10.67
C GLY B 35 11.73 -46.46 -9.44
N HIS B 36 11.92 -45.48 -8.56
CA HIS B 36 11.27 -45.40 -7.23
C HIS B 36 9.85 -45.94 -7.17
N ARG B 37 9.54 -46.55 -6.03
CA ARG B 37 8.20 -47.05 -5.75
C ARG B 37 7.37 -45.92 -5.18
N VAL B 38 6.41 -45.44 -5.96
CA VAL B 38 5.64 -44.26 -5.58
C VAL B 38 4.16 -44.56 -5.39
N THR B 39 3.69 -44.27 -4.17
CA THR B 39 2.26 -44.30 -3.90
C THR B 39 1.76 -42.87 -3.85
N TYR B 40 0.50 -42.65 -4.19
CA TYR B 40 -0.05 -41.30 -4.20
C TYR B 40 -1.40 -41.31 -3.52
N ALA B 41 -1.39 -41.21 -2.19
CA ALA B 41 -2.62 -41.24 -1.38
C ALA B 41 -3.51 -40.06 -1.77
N ILE B 42 -4.74 -40.33 -2.21
CA ILE B 42 -5.52 -39.38 -3.02
C ILE B 42 -7.04 -39.73 -2.93
N PRO B 43 -7.94 -38.74 -3.01
CA PRO B 43 -9.38 -39.09 -3.00
C PRO B 43 -9.82 -39.76 -4.29
N PRO B 44 -10.77 -40.70 -4.19
CA PRO B 44 -11.17 -41.62 -5.25
C PRO B 44 -11.42 -40.95 -6.59
N VAL B 45 -12.00 -39.75 -6.57
CA VAL B 45 -12.32 -39.09 -7.82
C VAL B 45 -11.04 -38.85 -8.65
N PHE B 46 -9.92 -38.65 -7.97
CA PHE B 46 -8.66 -38.37 -8.68
C PHE B 46 -7.70 -39.56 -8.82
N ALA B 47 -8.20 -40.78 -8.60
CA ALA B 47 -7.37 -41.97 -8.69
C ALA B 47 -6.68 -42.13 -10.04
N ASP B 48 -7.45 -42.18 -11.11
CA ASP B 48 -6.88 -42.45 -12.43
C ASP B 48 -6.01 -41.28 -12.87
N LYS B 49 -6.37 -40.08 -12.45
CA LYS B 49 -5.54 -38.92 -12.77
C LYS B 49 -4.13 -39.14 -12.27
N VAL B 50 -4.00 -39.61 -11.04
CA VAL B 50 -2.66 -39.85 -10.49
C VAL B 50 -2.09 -41.19 -10.95
N ALA B 51 -2.96 -42.14 -11.29
CA ALA B 51 -2.49 -43.41 -11.83
C ALA B 51 -1.80 -43.16 -13.17
N ALA B 52 -2.27 -42.13 -13.87
CA ALA B 52 -1.67 -41.68 -15.12
C ALA B 52 -0.48 -40.76 -14.85
N THR B 53 0.38 -41.22 -13.96
CA THR B 53 1.73 -40.72 -13.88
C THR B 53 2.57 -41.97 -13.76
N GLY B 54 1.88 -43.08 -13.44
CA GLY B 54 2.51 -44.33 -13.10
C GLY B 54 2.38 -44.71 -11.63
N ALA B 55 2.09 -43.75 -10.77
CA ALA B 55 2.02 -43.98 -9.32
C ALA B 55 0.87 -44.91 -8.91
N ARG B 56 0.97 -45.52 -7.72
CA ARG B 56 -0.12 -46.36 -7.19
C ARG B 56 -0.97 -45.52 -6.24
N PRO B 57 -2.24 -45.30 -6.58
CA PRO B 57 -3.04 -44.49 -5.65
C PRO B 57 -3.40 -45.25 -4.39
N VAL B 58 -3.44 -44.55 -3.27
CA VAL B 58 -4.02 -45.12 -2.05
C VAL B 58 -5.15 -44.22 -1.63
N LEU B 59 -6.35 -44.79 -1.63
CA LEU B 59 -7.56 -43.98 -1.57
C LEU B 59 -7.88 -43.52 -0.15
N TYR B 60 -8.34 -42.28 -0.04
CA TYR B 60 -8.94 -41.81 1.22
C TYR B 60 -10.22 -41.00 0.96
N HIS B 61 -11.15 -41.06 1.91
CA HIS B 61 -12.41 -40.33 1.82
C HIS B 61 -12.22 -38.81 1.95
N SER B 62 -12.91 -38.02 1.13
CA SER B 62 -12.72 -36.60 1.18
C SER B 62 -13.95 -35.79 1.57
N THR B 63 -13.76 -34.81 2.45
CA THR B 63 -14.85 -33.92 2.86
C THR B 63 -14.78 -32.54 2.19
N LEU B 64 -13.67 -32.27 1.48
CA LEU B 64 -13.54 -31.00 0.76
C LEU B 64 -14.43 -31.00 -0.50
N PRO B 65 -14.66 -29.82 -1.08
CA PRO B 65 -15.49 -29.80 -2.29
C PRO B 65 -14.88 -30.65 -3.39
N GLY B 66 -15.67 -31.17 -4.31
CA GLY B 66 -15.09 -31.94 -5.40
C GLY B 66 -14.44 -31.10 -6.49
N PRO B 67 -13.68 -31.74 -7.41
CA PRO B 67 -13.03 -30.99 -8.50
C PRO B 67 -13.97 -30.35 -9.49
N ASP B 68 -15.16 -30.90 -9.67
CA ASP B 68 -16.09 -30.36 -10.63
C ASP B 68 -16.59 -28.99 -10.15
N ALA B 69 -16.59 -28.78 -8.83
CA ALA B 69 -17.07 -27.52 -8.28
C ALA B 69 -16.16 -26.34 -8.61
N ASP B 70 -16.50 -25.17 -8.09
CA ASP B 70 -15.79 -23.94 -8.42
C ASP B 70 -14.96 -23.40 -7.27
N PRO B 71 -14.98 -22.05 -7.08
CA PRO B 71 -14.22 -21.42 -5.99
C PRO B 71 -15.08 -21.07 -4.76
N GLU B 72 -16.38 -20.86 -4.98
CA GLU B 72 -17.28 -20.35 -3.95
C GLU B 72 -17.67 -21.45 -2.97
N ALA B 73 -17.64 -22.69 -3.43
CA ALA B 73 -17.87 -23.83 -2.54
C ALA B 73 -16.93 -23.79 -1.33
N TRP B 74 -15.88 -23.00 -1.46
CA TRP B 74 -14.97 -22.76 -0.34
C TRP B 74 -15.35 -21.49 0.43
N GLY B 75 -16.61 -21.38 0.81
CA GLY B 75 -17.07 -20.34 1.73
C GLY B 75 -17.05 -18.91 1.22
N SER B 76 -16.42 -18.03 2.00
CA SER B 76 -16.37 -16.61 1.67
C SER B 76 -15.32 -15.83 2.45
N THR B 77 -15.15 -16.15 3.72
CA THR B 77 -14.17 -15.44 4.54
C THR B 77 -12.91 -16.28 4.80
N LEU B 78 -12.03 -15.77 5.67
CA LEU B 78 -10.83 -16.51 6.06
C LEU B 78 -11.15 -17.89 6.64
N LEU B 79 -12.03 -17.93 7.63
CA LEU B 79 -12.28 -19.20 8.33
C LEU B 79 -12.99 -20.18 7.41
N ASP B 80 -13.78 -19.67 6.48
CA ASP B 80 -14.44 -20.53 5.51
C ASP B 80 -13.39 -21.11 4.58
N ASN B 81 -12.48 -20.24 4.14
CA ASN B 81 -11.41 -20.65 3.24
C ASN B 81 -10.51 -21.69 3.90
N VAL B 82 -10.27 -21.55 5.21
CA VAL B 82 -9.24 -22.36 5.84
C VAL B 82 -9.69 -23.52 6.75
N GLU B 83 -10.83 -23.37 7.42
CA GLU B 83 -11.30 -24.40 8.35
C GLU B 83 -11.43 -25.86 7.84
N PRO B 84 -11.90 -26.06 6.60
CA PRO B 84 -12.10 -27.45 6.15
C PRO B 84 -10.84 -28.32 6.05
N PHE B 85 -9.67 -27.70 5.95
CA PHE B 85 -8.45 -28.49 5.77
C PHE B 85 -8.12 -29.16 7.09
N LEU B 86 -8.43 -28.49 8.20
CA LEU B 86 -8.26 -29.12 9.48
C LEU B 86 -9.32 -30.21 9.60
N ASN B 87 -10.55 -29.86 9.24
CA ASN B 87 -11.64 -30.80 9.46
C ASN B 87 -11.42 -32.06 8.64
N ASP B 88 -10.88 -31.88 7.44
CA ASP B 88 -10.57 -33.04 6.62
C ASP B 88 -9.46 -33.86 7.22
N ALA B 89 -8.41 -33.19 7.67
CA ALA B 89 -7.23 -33.88 8.16
C ALA B 89 -7.54 -34.71 9.39
N ILE B 90 -8.51 -34.27 10.16
CA ILE B 90 -8.85 -35.00 11.37
C ILE B 90 -9.46 -36.36 11.05
N GLN B 91 -10.33 -36.41 10.04
CA GLN B 91 -10.91 -37.66 9.62
C GLN B 91 -9.99 -38.40 8.65
N ALA B 92 -9.20 -37.66 7.88
CA ALA B 92 -8.30 -38.27 6.89
C ALA B 92 -7.19 -39.04 7.56
N LEU B 93 -6.63 -38.44 8.61
CA LEU B 93 -5.50 -39.02 9.32
C LEU B 93 -5.61 -40.54 9.60
N PRO B 94 -6.65 -40.97 10.35
CA PRO B 94 -6.70 -42.42 10.60
C PRO B 94 -6.88 -43.26 9.34
N GLN B 95 -7.60 -42.76 8.34
CA GLN B 95 -7.80 -43.51 7.09
C GLN B 95 -6.48 -43.76 6.36
N LEU B 96 -5.53 -42.85 6.56
CA LEU B 96 -4.25 -42.91 5.88
C LEU B 96 -3.20 -43.55 6.77
N ALA B 97 -3.36 -43.37 8.08
CA ALA B 97 -2.52 -44.07 9.04
C ALA B 97 -2.64 -45.58 8.85
N ASP B 98 -3.87 -46.04 8.64
CA ASP B 98 -4.12 -47.47 8.54
C ASP B 98 -3.68 -48.05 7.21
N ALA B 99 -3.83 -47.25 6.16
CA ALA B 99 -3.47 -47.67 4.80
C ALA B 99 -1.98 -47.97 4.66
N TYR B 100 -1.18 -47.26 5.44
CA TYR B 100 0.27 -47.36 5.34
C TYR B 100 0.86 -48.13 6.51
N ALA B 101 0.02 -48.58 7.42
CA ALA B 101 0.48 -49.20 8.67
C ALA B 101 1.55 -50.28 8.47
N ASP B 102 1.41 -51.08 7.42
CA ASP B 102 2.32 -52.21 7.16
C ASP B 102 3.40 -51.93 6.12
N ASP B 103 3.42 -50.71 5.60
CA ASP B 103 4.31 -50.34 4.50
C ASP B 103 4.64 -48.85 4.65
N ILE B 104 5.34 -48.54 5.74
CA ILE B 104 5.71 -47.16 6.07
C ILE B 104 6.78 -46.63 5.11
N PRO B 105 6.44 -45.59 4.34
CA PRO B 105 7.32 -45.10 3.27
C PRO B 105 8.61 -44.56 3.82
N ASP B 106 9.64 -44.45 2.98
CA ASP B 106 10.90 -43.89 3.40
C ASP B 106 10.89 -42.39 3.25
N LEU B 107 10.02 -41.89 2.37
CA LEU B 107 9.87 -40.46 2.20
C LEU B 107 8.44 -40.03 1.98
N VAL B 108 8.06 -38.94 2.64
CA VAL B 108 6.74 -38.35 2.52
C VAL B 108 6.82 -37.06 1.70
N LEU B 109 6.08 -37.03 0.60
CA LEU B 109 6.02 -35.88 -0.27
C LEU B 109 4.58 -35.38 -0.18
N HIS B 110 4.35 -34.08 -0.19
CA HIS B 110 2.98 -33.59 -0.08
C HIS B 110 2.76 -32.18 -0.57
N ASP B 111 1.60 -31.95 -1.18
CA ASP B 111 1.14 -30.60 -1.47
C ASP B 111 0.80 -29.89 -0.15
N ILE B 112 0.84 -28.56 -0.18
CA ILE B 112 0.66 -27.74 1.03
C ILE B 112 -0.63 -28.00 1.81
N THR B 113 -1.65 -28.53 1.12
CA THR B 113 -2.94 -28.73 1.78
C THR B 113 -3.05 -29.98 2.66
N SER B 114 -2.07 -30.87 2.58
CA SER B 114 -2.16 -32.12 3.34
C SER B 114 -1.57 -32.06 4.75
N TYR B 115 -2.40 -31.70 5.73
CA TYR B 115 -1.96 -31.77 7.12
C TYR B 115 -1.61 -33.21 7.55
N PRO B 116 -2.41 -34.21 7.13
CA PRO B 116 -2.05 -35.53 7.68
C PRO B 116 -0.67 -35.98 7.21
N ALA B 117 -0.35 -35.67 5.95
CA ALA B 117 0.97 -35.95 5.39
C ALA B 117 2.05 -35.43 6.34
N ARG B 118 1.89 -34.19 6.80
CA ARG B 118 2.74 -33.64 7.84
C ARG B 118 2.68 -34.52 9.08
N VAL B 119 1.49 -34.78 9.61
CA VAL B 119 1.43 -35.56 10.86
C VAL B 119 1.92 -37.01 10.68
N LEU B 120 1.62 -37.60 9.53
CA LEU B 120 2.00 -39.00 9.27
C LEU B 120 3.49 -39.20 9.04
N ALA B 121 4.11 -38.28 8.30
CA ALA B 121 5.57 -38.28 8.22
C ALA B 121 6.13 -38.17 9.64
N ARG B 122 5.39 -37.49 10.52
CA ARG B 122 5.82 -37.21 11.89
C ARG B 122 5.41 -38.26 12.89
N ARG B 123 5.21 -39.48 12.44
CA ARG B 123 4.85 -40.54 13.37
C ARG B 123 5.60 -41.77 12.92
N TRP B 124 5.90 -41.78 11.63
CA TRP B 124 6.65 -42.85 11.00
C TRP B 124 8.14 -42.58 11.16
N GLY B 125 8.49 -41.32 11.33
CA GLY B 125 9.88 -40.96 11.59
C GLY B 125 10.67 -40.79 10.30
N VAL B 126 9.98 -40.35 9.25
CA VAL B 126 10.63 -40.16 7.95
C VAL B 126 10.65 -38.70 7.54
N PRO B 127 11.52 -38.34 6.58
CA PRO B 127 11.55 -36.99 5.99
C PRO B 127 10.28 -36.64 5.23
N ALA B 128 9.89 -35.36 5.32
CA ALA B 128 8.79 -34.83 4.54
C ALA B 128 9.26 -33.68 3.63
N VAL B 129 8.72 -33.65 2.40
CA VAL B 129 8.98 -32.54 1.49
C VAL B 129 7.67 -31.91 1.03
N SER B 130 7.50 -30.63 1.37
CA SER B 130 6.31 -29.90 0.97
C SER B 130 6.49 -29.38 -0.46
N LEU B 131 5.47 -29.52 -1.29
CA LEU B 131 5.51 -28.96 -2.64
C LEU B 131 4.49 -27.84 -2.76
N SER B 132 4.97 -26.62 -3.00
CA SER B 132 4.08 -25.47 -3.04
C SER B 132 3.88 -24.96 -4.46
N PRO B 133 2.63 -24.92 -4.92
CA PRO B 133 2.32 -24.45 -6.28
C PRO B 133 2.23 -22.93 -6.36
N ASN B 134 2.47 -22.26 -5.24
CA ASN B 134 2.28 -20.83 -5.15
C ASN B 134 3.33 -20.25 -4.21
N LEU B 135 3.24 -18.94 -3.95
CA LEU B 135 4.22 -18.28 -3.11
C LEU B 135 4.25 -18.90 -1.71
N VAL B 136 5.36 -18.72 -1.02
CA VAL B 136 5.53 -19.25 0.33
C VAL B 136 5.78 -18.13 1.33
N ALA B 137 5.81 -18.48 2.60
CA ALA B 137 6.02 -17.49 3.64
C ALA B 137 7.47 -17.03 3.65
N TRP B 138 7.66 -15.73 3.81
CA TRP B 138 8.99 -15.17 4.02
C TRP B 138 9.22 -14.97 5.51
N LYS B 139 10.46 -14.74 5.92
CA LYS B 139 10.74 -14.45 7.31
C LYS B 139 10.06 -13.14 7.65
N GLY B 140 9.17 -13.15 8.63
CA GLY B 140 8.36 -11.99 8.94
C GLY B 140 6.94 -12.05 8.37
N TYR B 141 6.61 -13.16 7.69
CA TYR B 141 5.28 -13.36 7.15
C TYR B 141 4.22 -13.41 8.25
N GLU B 142 4.57 -13.95 9.41
CA GLU B 142 3.59 -14.05 10.50
C GLU B 142 2.99 -12.69 10.87
N GLU B 143 3.82 -11.65 10.87
CA GLU B 143 3.40 -10.34 11.37
C GLU B 143 2.85 -9.43 10.26
N GLU B 144 3.31 -9.64 9.04
CA GLU B 144 2.99 -8.74 7.93
C GLU B 144 1.76 -9.19 7.15
N VAL B 145 1.43 -10.48 7.26
CA VAL B 145 0.29 -11.05 6.54
C VAL B 145 -0.60 -11.86 7.48
N ALA B 146 -0.01 -12.80 8.20
CA ALA B 146 -0.79 -13.78 8.97
C ALA B 146 -1.58 -13.14 10.12
N GLU B 147 -0.85 -12.49 11.01
CA GLU B 147 -1.49 -11.89 12.18
C GLU B 147 -2.56 -10.86 11.77
N PRO B 148 -2.27 -9.96 10.81
CA PRO B 148 -3.36 -9.08 10.37
C PRO B 148 -4.58 -9.82 9.79
N MET B 149 -4.37 -10.92 9.09
CA MET B 149 -5.50 -11.72 8.62
C MET B 149 -6.35 -12.20 9.78
N TRP B 150 -5.69 -12.78 10.78
CA TRP B 150 -6.40 -13.39 11.88
C TRP B 150 -6.96 -12.43 12.90
N ARG B 151 -6.58 -11.14 12.81
CA ARG B 151 -6.99 -10.17 13.82
C ARG B 151 -8.51 -10.14 14.07
N GLU B 152 -9.32 -9.93 13.03
CA GLU B 152 -10.77 -10.00 13.22
C GLU B 152 -11.30 -11.43 13.48
N PRO B 153 -10.94 -12.41 12.64
CA PRO B 153 -11.57 -13.72 12.85
C PRO B 153 -11.15 -14.48 14.10
N ARG B 154 -9.92 -14.28 14.57
CA ARG B 154 -9.46 -15.07 15.70
C ARG B 154 -10.27 -14.77 16.96
N GLN B 155 -10.81 -13.55 17.02
CA GLN B 155 -11.55 -13.08 18.20
C GLN B 155 -12.91 -13.79 18.36
N THR B 156 -13.35 -14.51 17.33
CA THR B 156 -14.67 -15.16 17.36
C THR B 156 -14.66 -16.51 18.07
N GLU B 157 -15.80 -16.96 18.59
CA GLU B 157 -15.81 -18.28 19.19
C GLU B 157 -15.63 -19.38 18.14
N ARG B 158 -15.99 -19.08 16.89
CA ARG B 158 -15.69 -19.99 15.80
C ARG B 158 -14.19 -20.14 15.68
N GLY B 159 -13.51 -19.01 15.53
CA GLY B 159 -12.05 -19.00 15.42
C GLY B 159 -11.35 -19.57 16.65
N ARG B 160 -11.87 -19.25 17.83
CA ARG B 160 -11.31 -19.78 19.07
C ARG B 160 -11.48 -21.30 19.17
N ALA B 161 -12.62 -21.81 18.69
CA ALA B 161 -12.89 -23.24 18.69
C ALA B 161 -11.99 -23.97 17.67
N TYR B 162 -11.83 -23.37 16.50
CA TYR B 162 -10.98 -23.92 15.44
C TYR B 162 -9.53 -24.07 15.88
N TYR B 163 -8.98 -23.03 16.51
CA TYR B 163 -7.61 -23.09 17.01
C TYR B 163 -7.43 -24.11 18.14
N ALA B 164 -8.41 -24.20 19.02
CA ALA B 164 -8.34 -25.18 20.09
C ALA B 164 -8.43 -26.58 19.47
N ARG B 165 -9.29 -26.69 18.46
CA ARG B 165 -9.46 -27.93 17.70
C ARG B 165 -8.18 -28.25 16.94
N PHE B 166 -7.46 -27.23 16.47
CA PHE B 166 -6.19 -27.49 15.79
C PHE B 166 -5.16 -27.94 16.83
N GLU B 167 -5.08 -27.22 17.95
CA GLU B 167 -4.11 -27.53 19.01
C GLU B 167 -4.19 -28.93 19.66
N ALA B 168 -5.38 -29.39 20.02
CA ALA B 168 -5.54 -30.72 20.64
C ALA B 168 -5.36 -31.82 19.57
N TRP B 169 -5.58 -31.49 18.30
CA TRP B 169 -5.29 -32.46 17.25
C TRP B 169 -3.78 -32.63 17.19
N LEU B 170 -3.07 -31.50 17.12
CA LEU B 170 -1.61 -31.55 17.18
C LEU B 170 -1.20 -32.19 18.51
N LYS B 171 -1.90 -31.82 19.59
CA LYS B 171 -1.54 -32.31 20.92
C LYS B 171 -1.57 -33.83 21.05
N GLU B 172 -2.66 -34.48 20.66
CA GLU B 172 -2.75 -35.90 20.88
C GLU B 172 -1.78 -36.68 19.99
N ASN B 173 -1.66 -36.25 18.74
CA ASN B 173 -0.64 -36.83 17.87
C ASN B 173 0.73 -36.66 18.53
N GLY B 174 0.95 -35.49 19.12
CA GLY B 174 2.16 -35.21 19.88
C GLY B 174 2.85 -33.95 19.40
N ILE B 175 2.07 -32.95 19.03
CA ILE B 175 2.65 -31.75 18.41
C ILE B 175 2.27 -30.46 19.16
N THR B 176 3.28 -29.82 19.75
CA THR B 176 3.06 -28.58 20.50
C THR B 176 3.14 -27.33 19.63
N GLU B 177 4.05 -27.31 18.65
CA GLU B 177 4.30 -26.13 17.82
C GLU B 177 3.01 -25.43 17.40
N HIS B 178 3.02 -24.11 17.42
CA HIS B 178 1.84 -23.31 17.17
C HIS B 178 1.25 -23.70 15.83
N PRO B 179 -0.07 -23.96 15.80
CA PRO B 179 -0.76 -24.48 14.61
C PRO B 179 -0.36 -23.78 13.32
N ASP B 180 -0.10 -22.49 13.38
CA ASP B 180 0.25 -21.73 12.18
C ASP B 180 1.66 -22.09 11.69
N THR B 181 2.54 -22.42 12.63
CA THR B 181 3.89 -22.89 12.29
C THR B 181 3.74 -24.23 11.54
N PHE B 182 2.91 -25.10 12.08
CA PHE B 182 2.65 -26.41 11.50
C PHE B 182 2.04 -26.28 10.10
N ALA B 183 1.14 -25.33 9.93
CA ALA B 183 0.46 -25.19 8.64
C ALA B 183 1.29 -24.43 7.60
N SER B 184 1.92 -23.34 8.03
CA SER B 184 2.49 -22.40 7.08
C SER B 184 4.02 -22.40 6.98
N HIS B 185 4.67 -23.22 7.80
CA HIS B 185 6.13 -23.16 7.89
C HIS B 185 6.78 -24.53 7.85
N PRO B 186 6.78 -25.16 6.66
CA PRO B 186 7.36 -26.50 6.51
C PRO B 186 8.86 -26.48 6.79
N PRO B 187 9.41 -27.62 7.23
CA PRO B 187 10.86 -27.67 7.42
C PRO B 187 11.64 -27.83 6.11
N ARG B 188 10.97 -28.23 5.03
CA ARG B 188 11.62 -28.39 3.74
C ARG B 188 10.57 -28.26 2.64
N SER B 189 10.83 -27.41 1.66
CA SER B 189 9.82 -27.13 0.65
C SER B 189 10.43 -26.83 -0.71
N LEU B 190 9.81 -27.38 -1.76
CA LEU B 190 10.14 -27.01 -3.13
C LEU B 190 9.01 -26.15 -3.70
N VAL B 191 9.38 -24.98 -4.22
CA VAL B 191 8.40 -24.01 -4.70
C VAL B 191 8.28 -24.06 -6.22
N LEU B 192 7.08 -24.30 -6.71
CA LEU B 192 6.86 -24.56 -8.14
C LEU B 192 6.50 -23.28 -8.90
N ILE B 193 6.99 -22.15 -8.42
CA ILE B 193 6.91 -20.91 -9.18
C ILE B 193 8.31 -20.34 -9.26
N PRO B 194 8.58 -19.52 -10.28
CA PRO B 194 9.89 -18.86 -10.32
C PRO B 194 10.01 -17.89 -9.16
N LYS B 195 11.21 -17.75 -8.61
CA LYS B 195 11.42 -16.86 -7.48
C LYS B 195 11.01 -15.43 -7.81
N ALA B 196 11.14 -15.06 -9.09
CA ALA B 196 10.74 -13.71 -9.53
C ALA B 196 9.28 -13.39 -9.19
N LEU B 197 8.42 -14.41 -9.18
CA LEU B 197 7.01 -14.18 -8.87
C LEU B 197 6.69 -14.31 -7.38
N GLN B 198 7.72 -14.52 -6.57
CA GLN B 198 7.53 -14.59 -5.12
C GLN B 198 7.67 -13.21 -4.51
N PRO B 199 6.61 -12.72 -3.86
CA PRO B 199 6.73 -11.45 -3.15
C PRO B 199 7.75 -11.55 -2.02
N HIS B 200 8.47 -10.47 -1.75
CA HIS B 200 9.46 -10.47 -0.67
C HIS B 200 10.43 -11.65 -0.78
N ALA B 201 10.81 -11.97 -2.01
CA ALA B 201 11.63 -13.16 -2.27
C ALA B 201 12.95 -13.11 -1.53
N ASP B 202 13.44 -11.89 -1.31
CA ASP B 202 14.72 -11.73 -0.67
C ASP B 202 14.68 -11.97 0.85
N ARG B 203 13.50 -12.31 1.38
CA ARG B 203 13.37 -12.67 2.78
C ARG B 203 12.89 -14.11 2.97
N VAL B 204 12.81 -14.89 1.89
CA VAL B 204 12.49 -16.31 1.98
C VAL B 204 13.71 -17.15 2.37
N ASP B 205 13.54 -18.01 3.38
CA ASP B 205 14.60 -18.82 3.98
C ASP B 205 15.15 -19.90 3.03
N GLU B 206 16.33 -19.65 2.46
CA GLU B 206 16.91 -20.56 1.49
C GLU B 206 17.16 -21.96 2.03
N ASP B 207 17.41 -22.05 3.33
CA ASP B 207 17.76 -23.34 3.92
C ASP B 207 16.51 -24.17 4.23
N VAL B 208 15.35 -23.64 3.87
CA VAL B 208 14.09 -24.38 3.92
C VAL B 208 13.52 -24.56 2.52
N TYR B 209 13.45 -23.44 1.79
CA TYR B 209 12.78 -23.37 0.49
C TYR B 209 13.73 -23.33 -0.68
N THR B 210 13.47 -24.18 -1.67
CA THR B 210 14.17 -24.10 -2.96
C THR B 210 13.15 -23.83 -4.06
N PHE B 211 13.39 -22.79 -4.86
CA PHE B 211 12.52 -22.47 -5.98
C PHE B 211 12.97 -23.24 -7.20
N VAL B 212 12.10 -24.09 -7.73
CA VAL B 212 12.46 -24.84 -8.91
C VAL B 212 11.71 -24.31 -10.13
N GLY B 213 10.74 -23.46 -9.88
CA GLY B 213 9.92 -22.94 -10.97
C GLY B 213 8.82 -23.91 -11.36
N ALA B 214 8.06 -23.55 -12.39
CA ALA B 214 7.00 -24.40 -12.89
C ALA B 214 7.58 -25.65 -13.51
N CYS B 215 6.86 -26.75 -13.38
CA CYS B 215 7.36 -28.04 -13.87
C CYS B 215 6.40 -28.61 -14.93
N GLN B 216 6.44 -28.06 -16.13
CA GLN B 216 5.66 -28.59 -17.24
C GLN B 216 6.47 -29.70 -17.87
N GLY B 217 5.78 -30.65 -18.49
CA GLY B 217 6.49 -31.72 -19.16
C GLY B 217 6.94 -31.33 -20.55
N ASP B 218 7.09 -32.36 -21.38
CA ASP B 218 7.52 -32.20 -22.76
C ASP B 218 6.38 -31.68 -23.62
N ARG B 219 6.57 -30.53 -24.24
CA ARG B 219 5.52 -29.94 -25.04
C ARG B 219 5.80 -30.07 -26.55
N ALA B 220 6.70 -30.99 -26.91
CA ALA B 220 7.10 -31.14 -28.30
C ALA B 220 5.91 -31.51 -29.20
N GLU B 221 5.03 -32.36 -28.67
CA GLU B 221 3.84 -32.79 -29.42
C GLU B 221 2.82 -31.67 -29.66
N GLU B 222 3.17 -30.43 -29.30
CA GLU B 222 2.31 -29.28 -29.60
C GLU B 222 2.64 -28.75 -30.99
N GLY B 223 3.83 -29.11 -31.48
CA GLY B 223 4.31 -28.65 -32.75
C GLY B 223 4.86 -27.23 -32.67
N GLY B 224 5.14 -26.67 -33.84
CA GLY B 224 5.66 -25.32 -33.89
C GLY B 224 4.70 -24.32 -34.50
N TRP B 225 5.27 -23.20 -34.93
CA TRP B 225 4.60 -22.16 -35.69
C TRP B 225 5.72 -21.51 -36.45
N GLN B 226 5.45 -21.11 -37.69
CA GLN B 226 6.44 -20.38 -38.48
C GLN B 226 6.22 -18.88 -38.35
N ARG B 227 7.23 -18.22 -37.80
CA ARG B 227 7.30 -16.77 -37.77
C ARG B 227 7.39 -16.34 -39.21
N PRO B 228 6.75 -15.21 -39.56
CA PRO B 228 6.95 -14.74 -40.94
C PRO B 228 8.39 -14.31 -41.04
N ALA B 229 9.06 -14.61 -42.14
CA ALA B 229 10.48 -14.26 -42.33
C ALA B 229 10.75 -12.80 -42.01
N GLY B 230 10.26 -11.91 -42.86
CA GLY B 230 10.26 -10.50 -42.55
C GLY B 230 9.26 -10.31 -41.43
N ALA B 231 9.70 -9.71 -40.32
CA ALA B 231 8.78 -9.51 -39.20
C ALA B 231 9.17 -8.36 -38.28
N GLU B 232 10.44 -8.22 -37.96
CA GLU B 232 10.86 -7.27 -36.90
C GLU B 232 10.19 -7.54 -35.54
N LYS B 233 8.91 -7.19 -35.37
CA LYS B 233 8.29 -7.26 -34.05
C LYS B 233 6.96 -8.01 -34.02
N VAL B 234 6.97 -9.20 -33.41
CA VAL B 234 5.77 -10.02 -33.31
C VAL B 234 5.14 -9.97 -31.90
N VAL B 235 3.83 -9.73 -31.84
CA VAL B 235 3.12 -9.80 -30.58
C VAL B 235 2.16 -10.99 -30.55
N LEU B 236 2.17 -11.74 -29.45
CA LEU B 236 1.17 -12.76 -29.20
C LEU B 236 0.18 -12.21 -28.22
N VAL B 237 -1.11 -12.30 -28.56
CA VAL B 237 -2.18 -11.99 -27.62
C VAL B 237 -2.87 -13.30 -27.28
N SER B 238 -2.86 -13.63 -25.99
CA SER B 238 -3.49 -14.87 -25.52
C SER B 238 -3.94 -14.73 -24.08
N LEU B 239 -5.14 -15.23 -23.78
CA LEU B 239 -5.64 -15.17 -22.42
C LEU B 239 -5.73 -16.55 -21.77
N GLY B 240 -4.97 -17.52 -22.27
CA GLY B 240 -4.94 -18.82 -21.63
C GLY B 240 -6.01 -19.78 -22.12
N SER B 241 -6.39 -20.73 -21.26
CA SER B 241 -7.27 -21.82 -21.69
C SER B 241 -8.76 -21.68 -21.33
N ALA B 242 -9.10 -20.90 -20.31
CA ALA B 242 -10.50 -20.88 -19.88
C ALA B 242 -11.19 -19.51 -19.70
N PHE B 243 -10.42 -18.45 -19.56
CA PHE B 243 -11.03 -17.11 -19.41
C PHE B 243 -10.92 -16.34 -20.70
N THR B 244 -11.33 -16.98 -21.78
CA THR B 244 -10.95 -16.57 -23.12
C THR B 244 -12.04 -15.91 -23.96
N LYS B 245 -13.23 -15.70 -23.39
CA LYS B 245 -14.30 -15.05 -24.15
C LYS B 245 -14.32 -13.53 -23.95
N GLN B 246 -13.46 -12.83 -24.68
CA GLN B 246 -13.37 -11.38 -24.62
C GLN B 246 -13.40 -10.76 -26.02
N PRO B 247 -14.46 -11.04 -26.81
CA PRO B 247 -14.40 -10.62 -28.21
C PRO B 247 -14.18 -9.13 -28.43
N ALA B 248 -14.71 -8.27 -27.57
CA ALA B 248 -14.53 -6.83 -27.75
C ALA B 248 -13.05 -6.45 -27.58
N PHE B 249 -12.45 -7.02 -26.55
CA PHE B 249 -11.04 -6.84 -26.27
C PHE B 249 -10.20 -7.31 -27.45
N TYR B 250 -10.54 -8.46 -28.02
CA TYR B 250 -9.81 -8.96 -29.19
C TYR B 250 -9.92 -8.00 -30.38
N ARG B 251 -11.09 -7.39 -30.58
CA ARG B 251 -11.23 -6.43 -31.67
C ARG B 251 -10.29 -5.27 -31.45
N GLU B 252 -10.10 -4.88 -30.20
CA GLU B 252 -9.17 -3.79 -29.92
C GLU B 252 -7.71 -4.25 -30.02
N CYS B 253 -7.48 -5.55 -29.85
CA CYS B 253 -6.16 -6.11 -30.14
C CYS B 253 -5.96 -6.09 -31.65
N VAL B 254 -6.94 -6.60 -32.38
CA VAL B 254 -6.91 -6.46 -33.83
C VAL B 254 -6.82 -4.99 -34.17
N ARG B 255 -7.55 -4.15 -33.42
CA ARG B 255 -7.46 -2.72 -33.64
C ARG B 255 -6.40 -2.00 -32.82
N ALA B 256 -5.43 -2.75 -32.32
CA ALA B 256 -4.17 -2.18 -31.88
C ALA B 256 -3.14 -2.55 -32.95
N PHE B 257 -2.96 -3.84 -33.14
CA PHE B 257 -1.99 -4.31 -34.10
C PHE B 257 -2.62 -4.48 -35.48
N GLY B 258 -3.33 -3.45 -35.91
CA GLY B 258 -4.00 -3.48 -37.19
C GLY B 258 -3.29 -2.60 -38.21
N ASN B 259 -2.40 -3.22 -38.97
CA ASN B 259 -1.64 -2.59 -40.05
C ASN B 259 -0.47 -1.75 -39.56
N LEU B 260 0.23 -2.29 -38.56
CA LEU B 260 1.36 -1.61 -37.92
C LEU B 260 2.67 -2.05 -38.57
N PRO B 261 3.45 -1.08 -39.06
CA PRO B 261 4.64 -1.38 -39.87
C PRO B 261 5.63 -2.30 -39.17
N GLY B 262 6.11 -3.31 -39.89
CA GLY B 262 7.10 -4.24 -39.36
C GLY B 262 6.59 -5.01 -38.15
N TRP B 263 5.29 -5.18 -38.07
CA TRP B 263 4.68 -5.83 -36.92
C TRP B 263 3.72 -6.91 -37.39
N HIS B 264 3.72 -8.04 -36.69
CA HIS B 264 2.83 -9.15 -37.02
C HIS B 264 2.14 -9.65 -35.75
N LEU B 265 0.81 -9.63 -35.79
CA LEU B 265 0.01 -10.00 -34.62
C LEU B 265 -0.52 -11.42 -34.69
N VAL B 266 -0.43 -12.16 -33.59
CA VAL B 266 -0.98 -13.50 -33.49
C VAL B 266 -2.00 -13.55 -32.34
N LEU B 267 -3.24 -13.96 -32.65
CA LEU B 267 -4.35 -13.87 -31.70
C LEU B 267 -4.92 -15.24 -31.35
N GLN B 268 -4.88 -15.58 -30.07
CA GLN B 268 -5.34 -16.89 -29.59
C GLN B 268 -6.70 -16.72 -28.94
N ILE B 269 -7.76 -16.84 -29.73
CA ILE B 269 -9.11 -16.50 -29.24
C ILE B 269 -9.91 -17.67 -28.66
N GLY B 270 -9.30 -18.84 -28.56
CA GLY B 270 -10.03 -20.00 -28.06
C GLY B 270 -11.15 -20.47 -28.99
N ARG B 271 -12.01 -21.35 -28.48
CA ARG B 271 -13.11 -21.89 -29.25
C ARG B 271 -14.49 -21.38 -28.80
N LYS B 272 -14.54 -20.52 -27.78
CA LYS B 272 -15.83 -19.96 -27.38
C LYS B 272 -15.99 -18.57 -27.99
N VAL B 273 -15.08 -18.23 -28.89
CA VAL B 273 -15.21 -17.04 -29.69
C VAL B 273 -14.96 -17.30 -31.18
N THR B 274 -15.93 -16.95 -32.02
CA THR B 274 -15.84 -17.21 -33.46
C THR B 274 -15.06 -16.11 -34.20
N PRO B 275 -14.19 -16.52 -35.14
CA PRO B 275 -13.35 -15.61 -35.92
C PRO B 275 -14.10 -14.44 -36.56
N ALA B 276 -15.30 -14.65 -37.09
CA ALA B 276 -16.03 -13.54 -37.71
C ALA B 276 -16.36 -12.44 -36.69
N GLU B 277 -16.44 -12.81 -35.41
CA GLU B 277 -16.68 -11.84 -34.35
C GLU B 277 -15.56 -10.83 -34.19
N LEU B 278 -14.49 -11.02 -34.94
CA LEU B 278 -13.36 -10.13 -34.85
C LEU B 278 -13.26 -9.18 -36.05
N GLY B 279 -14.07 -9.43 -37.07
CA GLY B 279 -14.09 -8.58 -38.24
C GLY B 279 -13.07 -8.95 -39.32
N GLU B 280 -13.04 -8.17 -40.39
CA GLU B 280 -12.15 -8.48 -41.51
C GLU B 280 -10.69 -8.30 -41.10
N LEU B 281 -9.99 -9.41 -40.89
CA LEU B 281 -8.59 -9.34 -40.43
C LEU B 281 -7.77 -8.45 -41.37
N PRO B 282 -6.78 -7.72 -40.82
CA PRO B 282 -5.75 -7.10 -41.64
C PRO B 282 -4.79 -8.16 -42.19
N ASP B 283 -3.70 -7.75 -42.82
CA ASP B 283 -2.81 -8.71 -43.50
C ASP B 283 -1.75 -9.33 -42.58
N ASN B 284 -1.32 -8.58 -41.57
CA ASN B 284 -0.28 -9.06 -40.65
C ASN B 284 -0.89 -9.59 -39.36
N VAL B 285 -2.17 -9.90 -39.41
CA VAL B 285 -2.89 -10.42 -38.24
C VAL B 285 -3.34 -11.83 -38.52
N GLU B 286 -3.15 -12.72 -37.55
CA GLU B 286 -3.54 -14.11 -37.73
C GLU B 286 -4.19 -14.70 -36.48
N VAL B 287 -5.42 -15.17 -36.65
CA VAL B 287 -6.24 -15.65 -35.54
C VAL B 287 -6.29 -17.16 -35.54
N HIS B 288 -6.21 -17.74 -34.34
CA HIS B 288 -6.33 -19.17 -34.13
C HIS B 288 -7.17 -19.44 -32.90
N ASP B 289 -7.75 -20.63 -32.84
CA ASP B 289 -8.53 -21.05 -31.70
C ASP B 289 -7.61 -21.50 -30.56
N TRP B 290 -6.33 -21.63 -30.87
CA TRP B 290 -5.35 -22.21 -29.96
C TRP B 290 -4.02 -22.15 -30.69
N VAL B 291 -2.93 -21.90 -29.95
CA VAL B 291 -1.61 -21.86 -30.55
C VAL B 291 -0.65 -22.69 -29.69
N PRO B 292 0.45 -23.18 -30.28
CA PRO B 292 1.39 -23.87 -29.39
C PRO B 292 2.11 -22.82 -28.57
N GLN B 293 1.68 -22.63 -27.33
CA GLN B 293 2.00 -21.40 -26.60
C GLN B 293 3.49 -21.16 -26.37
N LEU B 294 4.24 -22.19 -26.00
CA LEU B 294 5.64 -21.96 -25.67
C LEU B 294 6.47 -21.72 -26.93
N ALA B 295 6.07 -22.33 -28.04
CA ALA B 295 6.82 -22.21 -29.29
C ALA B 295 6.80 -20.80 -29.87
N ILE B 296 5.66 -20.12 -29.74
CA ILE B 296 5.51 -18.76 -30.26
C ILE B 296 6.22 -17.72 -29.40
N LEU B 297 6.16 -17.88 -28.08
CA LEU B 297 6.81 -16.96 -27.16
C LEU B 297 8.32 -16.91 -27.35
N ARG B 298 8.88 -18.04 -27.76
CA ARG B 298 10.31 -18.15 -28.01
C ARG B 298 10.72 -17.33 -29.23
N GLN B 299 9.74 -16.72 -29.89
CA GLN B 299 9.97 -16.08 -31.16
C GLN B 299 9.57 -14.62 -31.19
N ALA B 300 8.79 -14.22 -30.19
CA ALA B 300 8.06 -12.95 -30.26
C ALA B 300 8.73 -11.81 -29.50
N ASP B 301 8.18 -10.61 -29.67
CA ASP B 301 8.71 -9.43 -29.01
C ASP B 301 7.73 -8.90 -27.96
N LEU B 302 6.57 -9.54 -27.83
CA LEU B 302 5.54 -9.10 -26.89
C LEU B 302 4.49 -10.18 -26.59
N PHE B 303 3.92 -10.14 -25.38
CA PHE B 303 2.96 -11.16 -24.96
C PHE B 303 1.85 -10.45 -24.20
N VAL B 304 0.67 -10.35 -24.80
CA VAL B 304 -0.51 -9.83 -24.09
C VAL B 304 -1.18 -11.01 -23.39
N THR B 305 -1.15 -10.99 -22.05
CA THR B 305 -1.50 -12.16 -21.24
C THR B 305 -2.47 -11.83 -20.11
N HIS B 306 -3.29 -12.80 -19.74
CA HIS B 306 -4.17 -12.60 -18.59
C HIS B 306 -3.44 -12.83 -17.27
N ALA B 307 -2.15 -13.18 -17.38
CA ALA B 307 -1.31 -13.44 -16.22
C ALA B 307 -1.79 -14.61 -15.37
N GLY B 308 -2.31 -15.64 -16.02
CA GLY B 308 -2.45 -16.92 -15.35
C GLY B 308 -1.06 -17.35 -14.90
N ALA B 309 -1.00 -18.25 -13.93
CA ALA B 309 0.29 -18.67 -13.37
C ALA B 309 1.18 -19.32 -14.42
N GLY B 310 0.56 -20.07 -15.35
CA GLY B 310 1.31 -20.69 -16.42
C GLY B 310 1.88 -19.68 -17.39
N GLY B 311 1.04 -18.78 -17.87
CA GLY B 311 1.44 -17.78 -18.83
C GLY B 311 2.46 -16.80 -18.30
N SER B 312 2.32 -16.42 -17.03
CA SER B 312 3.25 -15.48 -16.42
C SER B 312 4.67 -16.03 -16.42
N GLN B 313 4.82 -17.30 -16.04
CA GLN B 313 6.16 -17.88 -16.00
C GLN B 313 6.73 -18.04 -17.41
N GLU B 314 5.87 -18.34 -18.38
CA GLU B 314 6.32 -18.53 -19.76
C GLU B 314 6.84 -17.25 -20.38
N GLY B 315 6.19 -16.13 -20.07
CA GLY B 315 6.65 -14.85 -20.57
C GLY B 315 8.01 -14.52 -19.99
N LEU B 316 8.14 -14.75 -18.69
CA LEU B 316 9.41 -14.55 -18.00
C LEU B 316 10.50 -15.46 -18.55
N ALA B 317 10.18 -16.73 -18.73
CA ALA B 317 11.18 -17.73 -19.08
C ALA B 317 11.70 -17.53 -20.49
N THR B 318 10.87 -16.92 -21.33
CA THR B 318 11.26 -16.63 -22.70
C THR B 318 11.73 -15.17 -22.84
N ALA B 319 11.86 -14.48 -21.73
CA ALA B 319 12.28 -13.07 -21.70
C ALA B 319 11.43 -12.18 -22.60
N THR B 320 10.12 -12.32 -22.46
CA THR B 320 9.19 -11.59 -23.31
C THR B 320 8.44 -10.52 -22.53
N PRO B 321 8.57 -9.26 -22.96
CA PRO B 321 7.84 -8.16 -22.32
C PRO B 321 6.35 -8.46 -22.36
N MET B 322 5.61 -8.06 -21.32
CA MET B 322 4.20 -8.43 -21.24
C MET B 322 3.28 -7.23 -21.05
N ILE B 323 2.15 -7.24 -21.73
CA ILE B 323 1.05 -6.38 -21.38
C ILE B 323 0.10 -7.30 -20.65
N ALA B 324 -0.05 -7.10 -19.34
CA ALA B 324 -0.93 -7.93 -18.56
C ALA B 324 -2.31 -7.31 -18.57
N VAL B 325 -3.26 -8.05 -19.13
CA VAL B 325 -4.66 -7.64 -19.21
C VAL B 325 -5.46 -8.68 -18.43
N PRO B 326 -5.42 -8.61 -17.10
CA PRO B 326 -5.99 -9.65 -16.22
C PRO B 326 -7.51 -9.76 -16.34
N GLN B 327 -8.06 -10.95 -16.08
CA GLN B 327 -9.50 -11.12 -16.23
C GLN B 327 -10.25 -11.53 -14.97
N ALA B 328 -9.70 -12.46 -14.20
CA ALA B 328 -10.43 -13.00 -13.04
C ALA B 328 -9.60 -13.67 -11.94
N VAL B 329 -10.32 -14.18 -10.95
CA VAL B 329 -9.79 -14.94 -9.82
C VAL B 329 -8.35 -14.62 -9.43
N ASP B 330 -7.42 -15.47 -9.83
CA ASP B 330 -6.04 -15.36 -9.37
C ASP B 330 -5.06 -14.97 -10.48
N GLN B 331 -5.12 -13.71 -10.91
CA GLN B 331 -4.26 -13.19 -11.96
C GLN B 331 -3.96 -11.73 -11.65
N PHE B 332 -4.33 -11.32 -10.44
CA PHE B 332 -4.16 -9.95 -9.99
C PHE B 332 -2.82 -9.78 -9.31
N GLY B 333 -2.57 -10.64 -8.32
CA GLY B 333 -1.26 -10.77 -7.74
C GLY B 333 -0.30 -10.90 -8.90
N ASN B 334 -0.67 -11.75 -9.85
CA ASN B 334 0.16 -11.99 -11.02
C ASN B 334 0.51 -10.77 -11.87
N ALA B 335 -0.52 -10.06 -12.33
CA ALA B 335 -0.32 -8.88 -13.16
C ALA B 335 0.46 -7.81 -12.38
N ASP B 336 0.13 -7.66 -11.10
CA ASP B 336 0.89 -6.77 -10.23
C ASP B 336 2.33 -7.26 -9.99
N MET B 337 2.51 -8.56 -9.77
CA MET B 337 3.87 -9.14 -9.65
C MET B 337 4.72 -8.78 -10.87
N LEU B 338 4.17 -9.00 -12.06
CA LEU B 338 4.91 -8.76 -13.30
C LEU B 338 5.22 -7.28 -13.50
N GLN B 339 4.25 -6.42 -13.21
CA GLN B 339 4.47 -4.99 -13.38
C GLN B 339 5.49 -4.48 -12.36
N GLY B 340 5.44 -5.02 -11.14
CA GLY B 340 6.38 -4.64 -10.10
C GLY B 340 7.81 -5.02 -10.43
N LEU B 341 7.97 -6.07 -11.24
CA LEU B 341 9.30 -6.48 -11.66
C LEU B 341 9.88 -5.54 -12.71
N GLY B 342 9.04 -4.68 -13.27
CA GLY B 342 9.48 -3.73 -14.27
C GLY B 342 9.59 -4.34 -15.65
N VAL B 343 8.84 -5.41 -15.89
CA VAL B 343 8.92 -6.11 -17.17
C VAL B 343 7.58 -6.17 -17.88
N ALA B 344 6.58 -5.49 -17.34
CA ALA B 344 5.23 -5.55 -17.85
C ALA B 344 4.46 -4.28 -17.47
N ARG B 345 3.43 -3.96 -18.25
CA ARG B 345 2.50 -2.93 -17.85
C ARG B 345 1.14 -3.58 -17.73
N LYS B 346 0.49 -3.36 -16.59
CA LYS B 346 -0.81 -3.91 -16.30
C LYS B 346 -1.87 -2.92 -16.72
N LEU B 347 -2.94 -3.42 -17.34
CA LEU B 347 -4.11 -2.62 -17.61
C LEU B 347 -5.28 -3.36 -16.99
N ALA B 348 -6.49 -2.88 -17.24
CA ALA B 348 -7.67 -3.67 -16.96
C ALA B 348 -8.01 -4.33 -18.29
N THR B 349 -9.29 -4.40 -18.62
CA THR B 349 -9.72 -4.75 -19.97
C THR B 349 -10.75 -3.72 -20.35
N GLU B 350 -11.57 -3.37 -19.36
CA GLU B 350 -12.85 -2.68 -19.57
C GLU B 350 -12.70 -1.28 -20.11
N GLU B 351 -11.67 -0.57 -19.64
CA GLU B 351 -11.33 0.74 -20.15
C GLU B 351 -9.95 0.63 -20.79
N ALA B 352 -9.39 -0.57 -20.75
CA ALA B 352 -8.24 -0.90 -21.60
C ALA B 352 -8.71 -1.08 -23.04
N THR B 353 -8.55 -0.02 -23.82
CA THR B 353 -9.09 0.09 -25.17
C THR B 353 -8.15 -0.45 -26.26
N ALA B 354 -8.26 0.10 -27.46
CA ALA B 354 -7.24 -0.11 -28.50
C ALA B 354 -6.01 0.69 -28.14
N ASP B 355 -5.98 1.94 -28.57
CA ASP B 355 -4.76 2.76 -28.53
C ASP B 355 -3.92 2.69 -27.25
N LEU B 356 -4.56 2.37 -26.13
CA LEU B 356 -3.83 2.07 -24.91
C LEU B 356 -2.95 0.83 -25.13
N LEU B 357 -3.46 -0.15 -25.86
CA LEU B 357 -2.68 -1.36 -26.11
C LEU B 357 -1.43 -1.08 -26.94
N ARG B 358 -1.60 -0.33 -28.03
CA ARG B 358 -0.51 -0.04 -28.98
C ARG B 358 0.49 0.94 -28.37
N GLU B 359 -0.03 1.79 -27.51
CA GLU B 359 0.76 2.72 -26.72
C GLU B 359 1.56 1.90 -25.72
N THR B 360 0.84 1.19 -24.87
CA THR B 360 1.45 0.32 -23.86
C THR B 360 2.45 -0.66 -24.48
N ALA B 361 2.12 -1.14 -25.68
CA ALA B 361 3.00 -2.04 -26.42
C ALA B 361 4.25 -1.36 -26.92
N LEU B 362 4.09 -0.11 -27.34
CA LEU B 362 5.19 0.62 -27.95
C LEU B 362 6.35 0.77 -26.97
N ALA B 363 6.06 1.25 -25.77
CA ALA B 363 7.09 1.48 -24.75
C ALA B 363 7.84 0.19 -24.37
N LEU B 364 7.14 -0.94 -24.37
CA LEU B 364 7.72 -2.18 -23.84
C LEU B 364 8.68 -2.89 -24.79
N VAL B 365 8.37 -2.84 -26.07
CA VAL B 365 9.11 -3.63 -27.04
C VAL B 365 10.47 -3.03 -27.38
N ASP B 366 10.77 -1.87 -26.79
CA ASP B 366 12.01 -1.16 -27.11
C ASP B 366 12.75 -0.71 -25.85
N ASP B 367 12.31 -1.20 -24.70
CA ASP B 367 12.86 -0.77 -23.41
C ASP B 367 14.09 -1.59 -23.06
N PRO B 368 15.26 -0.94 -22.97
CA PRO B 368 16.46 -1.72 -22.66
C PRO B 368 16.49 -2.17 -21.21
N GLU B 369 15.89 -1.40 -20.30
CA GLU B 369 15.80 -1.80 -18.89
C GLU B 369 14.87 -3.00 -18.72
N VAL B 370 13.71 -2.96 -19.37
CA VAL B 370 12.83 -4.11 -19.42
C VAL B 370 13.60 -5.31 -19.97
N ALA B 371 14.33 -5.09 -21.05
CA ALA B 371 15.10 -6.17 -21.69
C ALA B 371 16.15 -6.76 -20.75
N ARG B 372 16.88 -5.89 -20.06
CA ARG B 372 17.90 -6.36 -19.12
C ARG B 372 17.28 -7.18 -18.00
N ARG B 373 16.20 -6.66 -17.41
CA ARG B 373 15.53 -7.37 -16.31
C ARG B 373 15.01 -8.73 -16.73
N LEU B 374 14.36 -8.79 -17.89
CA LEU B 374 13.88 -10.06 -18.42
C LEU B 374 15.02 -11.03 -18.68
N ARG B 375 16.19 -10.51 -19.07
CA ARG B 375 17.32 -11.41 -19.28
C ARG B 375 17.87 -12.10 -18.03
N ARG B 376 18.03 -11.39 -16.91
CA ARG B 376 18.51 -12.10 -15.73
C ARG B 376 17.44 -13.02 -15.16
N ILE B 377 16.18 -12.59 -15.21
CA ILE B 377 15.08 -13.43 -14.77
C ILE B 377 15.07 -14.76 -15.51
N GLN B 378 15.18 -14.70 -16.83
CA GLN B 378 15.17 -15.92 -17.64
C GLN B 378 16.36 -16.83 -17.30
N ALA B 379 17.53 -16.23 -17.17
CA ALA B 379 18.72 -16.99 -16.81
C ALA B 379 18.56 -17.69 -15.47
N GLU B 380 17.94 -17.00 -14.51
CA GLU B 380 17.69 -17.57 -13.20
C GLU B 380 16.68 -18.73 -13.24
N MET B 381 15.64 -18.59 -14.04
CA MET B 381 14.66 -19.65 -14.21
C MET B 381 15.31 -20.88 -14.84
N ALA B 382 16.24 -20.65 -15.77
CA ALA B 382 16.99 -21.75 -16.35
C ALA B 382 17.79 -22.48 -15.26
N GLN B 383 18.28 -21.75 -14.27
CA GLN B 383 19.05 -22.40 -13.23
C GLN B 383 18.13 -23.06 -12.21
N GLU B 384 16.88 -22.60 -12.14
CA GLU B 384 15.93 -23.20 -11.22
C GLU B 384 15.67 -24.68 -11.57
N GLY B 385 15.85 -25.02 -12.84
CA GLY B 385 15.84 -26.41 -13.26
C GLY B 385 14.47 -26.94 -13.63
N GLY B 386 13.55 -26.90 -12.67
CA GLY B 386 12.22 -27.41 -12.94
C GLY B 386 12.08 -28.88 -12.60
N THR B 387 11.32 -29.59 -13.44
CA THR B 387 10.92 -30.97 -13.18
C THR B 387 12.11 -31.87 -12.82
N ARG B 388 13.14 -31.83 -13.65
CA ARG B 388 14.32 -32.66 -13.42
C ARG B 388 14.98 -32.30 -12.10
N ARG B 389 15.07 -31.00 -11.83
CA ARG B 389 15.74 -30.57 -10.61
C ARG B 389 14.90 -30.88 -9.36
N ALA B 390 13.59 -30.74 -9.45
CA ALA B 390 12.74 -31.05 -8.30
C ALA B 390 12.93 -32.51 -7.90
N ALA B 391 12.95 -33.39 -8.89
CA ALA B 391 13.17 -34.81 -8.62
C ALA B 391 14.53 -35.07 -7.98
N ASP B 392 15.58 -34.41 -8.48
CA ASP B 392 16.91 -34.53 -7.86
C ASP B 392 16.87 -34.14 -6.39
N LEU B 393 16.18 -33.04 -6.10
CA LEU B 393 16.20 -32.51 -4.74
C LEU B 393 15.39 -33.40 -3.81
N ILE B 394 14.33 -33.99 -4.35
CA ILE B 394 13.54 -34.95 -3.59
C ILE B 394 14.37 -36.19 -3.30
N GLU B 395 15.08 -36.68 -4.31
CA GLU B 395 15.95 -37.83 -4.07
C GLU B 395 17.01 -37.51 -3.01
N ALA B 396 17.48 -36.27 -2.99
CA ALA B 396 18.54 -35.89 -2.06
C ALA B 396 18.07 -35.84 -0.60
N GLU B 397 16.77 -35.87 -0.38
CA GLU B 397 16.25 -35.85 0.99
C GLU B 397 16.12 -37.24 1.59
N LEU B 398 16.25 -38.28 0.75
CA LEU B 398 16.17 -39.65 1.22
C LEU B 398 17.03 -39.87 2.46
N PRO B 399 16.48 -40.51 3.49
CA PRO B 399 17.31 -40.91 4.62
C PRO B 399 18.12 -42.15 4.22
C10 ERY C . 5.93 11.45 4.82
C11 ERY C . 6.93 12.57 4.57
C12 ERY C . 6.52 13.61 3.51
C13 ERY C . 7.35 14.87 3.68
O2 ERY C . 6.77 15.62 4.73
C2 ERY C . 6.80 16.48 7.04
C3 ERY C . 6.85 15.61 8.31
C4 ERY C . 5.70 14.67 8.28
C5 ERY C . 5.85 13.54 9.32
C6 ERY C . 6.25 12.23 8.62
C7 ERY C . 5.03 11.63 7.89
C8 ERY C . 5.40 10.32 7.16
C9 ERY C . 6.34 10.56 6.00
O11 ERY C . 7.44 10.02 6.00
C1 ERY C . 7.54 15.75 5.93
O1 ERY C . 8.76 15.70 5.90
O3 ERY C . 6.74 16.39 9.51
O7 ERY C . 4.62 13.31 10.01
C34 ERY C . 5.78 10.53 3.62
C33 ERY C . 4.15 9.65 6.63
C35 ERY C . 5.07 13.96 3.65
O12 ERY C . 8.19 11.99 4.23
O13 ERY C . 6.73 13.12 2.22
C36 ERY C . 7.28 15.78 2.46
C30 ERY C . 7.38 17.86 7.11
C32 ERY C . 6.81 11.25 9.61
O10 ERY C . 7.25 12.55 7.69
C22 ERY C . 4.65 13.57 11.42
C23 ERY C . 3.22 13.57 11.99
C24 ERY C . 3.30 13.81 13.48
C25 ERY C . 4.21 12.76 14.11
C26 ERY C . 5.59 12.81 13.42
O9 ERY C . 5.42 12.63 12.06
N1 ERY C . 1.96 13.85 14.05
C27 ERY C . 6.49 11.71 13.95
O8 ERY C . 2.48 14.60 11.40
C28 ERY C . 2.04 14.21 15.47
C14 ERY C . 7.96 16.78 10.13
C15 ERY C . 7.59 17.85 11.18
C16 ERY C . 7.12 17.24 12.51
C17 ERY C . 8.16 16.25 12.95
C18 ERY C . 8.19 15.15 11.91
O4 ERY C . 8.64 15.68 10.65
O5 ERY C . 5.86 16.53 12.37
O6 ERY C . 7.74 15.71 14.20
C20 ERY C . 4.72 17.35 12.07
C29 ERY C . 1.24 12.61 13.88
C21 ERY C . 9.13 14.06 12.32
C37 ERY C . 8.15 17.02 2.74
C31 ERY C . 4.41 15.48 8.55
C19 ERY C . 6.98 18.32 13.53
N1 UDP D . -6.73 28.33 19.83
C2 UDP D . -7.62 29.20 20.38
N3 UDP D . -7.42 29.64 21.66
C4 UDP D . -6.32 29.20 22.39
C5 UDP D . -5.42 28.31 21.81
C6 UDP D . -5.56 28.00 20.47
O2 UDP D . -8.59 29.58 19.71
O4 UDP D . -6.14 29.61 23.55
C1' UDP D . -6.97 27.88 18.45
C2' UDP D . -6.04 28.66 17.55
O2' UDP D . -6.67 29.81 17.03
C3' UDP D . -5.66 27.64 16.50
C4' UDP D . -5.80 26.30 17.21
O4' UDP D . -6.67 26.51 18.31
O3' UDP D . -6.58 27.70 15.43
C5' UDP D . -4.48 25.81 17.76
O5' UDP D . -3.60 25.46 16.72
PA UDP D . -2.06 25.95 16.75
O1A UDP D . -1.35 25.31 15.61
O2A UDP D . -2.04 27.43 16.68
O3A UDP D . -1.40 25.57 18.17
PB UDP D . -0.91 24.13 18.69
O1B UDP D . -1.28 23.12 17.66
O2B UDP D . -1.65 23.90 19.95
O3B UDP D . 0.54 24.09 18.99
C10 ERY E . -2.39 -23.05 4.11
C11 ERY E . -1.73 -21.72 3.85
C12 ERY E . -0.24 -21.83 3.56
C13 ERY E . 0.19 -20.55 2.85
O2 ERY E . -0.23 -20.68 1.49
C2 ERY E . -1.56 -19.90 -0.49
C3 ERY E . -3.09 -19.84 -0.37
C4 ERY E . -3.58 -21.27 -0.33
C5 ERY E . -5.07 -21.40 0.03
C6 ERY E . -5.19 -21.70 1.54
C7 ERY E . -4.70 -23.15 1.80
C8 ERY E . -4.84 -23.62 3.26
C9 ERY E . -3.90 -22.88 4.21
O11 ERY E . -4.36 -22.14 5.06
C1 ERY E . -0.88 -19.58 0.85
O1 ERY E . -0.37 -18.48 0.94
O3 ERY E . -3.72 -19.11 -1.44
O7 ERY E . -5.62 -22.49 -0.72
C34 ERY E . -1.94 -23.69 5.43
C33 ERY E . -4.51 -25.09 3.33
C35 ERY E . 0.09 -23.00 2.66
O12 ERY E . -1.92 -20.77 4.92
O13 ERY E . 0.46 -21.96 4.75
C36 ERY E . 1.70 -20.41 2.95
C30 ERY E . -1.00 -18.97 -1.52
C32 ERY E . -6.60 -21.54 2.02
O10 ERY E . -4.40 -20.79 2.26
C22 ERY E . -6.75 -22.20 -1.57
C23 ERY E . -6.98 -23.44 -2.46
C24 ERY E . -8.32 -23.39 -3.15
C25 ERY E . -9.39 -23.18 -2.11
C26 ERY E . -9.09 -21.91 -1.32
O9 ERY E . -7.83 -21.96 -0.75
N1 ERY E . -8.58 -24.62 -3.91
C27 ERY E . -10.11 -21.75 -0.20
O8 ERY E . -5.95 -23.54 -3.41
C28 ERY E . -8.42 -25.80 -3.06
C14 ERY E . -4.09 -17.77 -1.10
C15 ERY E . -3.95 -16.88 -2.36
C16 ERY E . -5.20 -16.17 -2.90
C17 ERY E . -6.53 -16.65 -2.36
C18 ERY E . -6.43 -17.90 -1.52
O4 ERY E . -5.36 -17.72 -0.60
O5 ERY E . -5.21 -16.23 -4.34
O6 ERY E . -7.48 -16.87 -3.40
C20 ERY E . -4.24 -17.09 -4.96
C29 ERY E . -9.92 -24.60 -4.45
C21 ERY E . -7.69 -18.09 -0.75
C37 ERY E . 2.17 -19.01 2.49
C31 ERY E . -3.27 -21.96 -1.67
C19 ERY E . -5.08 -14.73 -2.53
N1 UDP F . -1.98 -23.19 -23.38
C2 UDP F . -1.42 -23.31 -24.64
N3 UDP F . -2.13 -22.90 -25.76
C4 UDP F . -3.40 -22.37 -25.60
C5 UDP F . -3.95 -22.26 -24.33
C6 UDP F . -3.16 -22.54 -23.22
O2 UDP F . -0.30 -23.79 -24.77
O4 UDP F . -4.04 -22.00 -26.58
C1' UDP F . -1.22 -23.62 -22.19
C2' UDP F . -0.27 -22.52 -21.75
O2' UDP F . 1.04 -22.69 -22.26
C3' UDP F . -0.28 -22.61 -20.25
C4' UDP F . -1.61 -23.24 -19.90
O4' UDP F . -2.11 -23.82 -21.10
O3' UDP F . 0.79 -23.43 -19.81
C5' UDP F . -2.59 -22.19 -19.38
O5' UDP F . -2.27 -21.87 -18.04
PA UDP F . -2.48 -20.39 -17.40
O1A UDP F . -2.26 -20.53 -15.95
O2A UDP F . -1.59 -19.40 -18.04
O3A UDP F . -3.98 -19.91 -17.79
PB UDP F . -5.37 -20.62 -17.43
O1B UDP F . -6.30 -19.54 -16.98
O2B UDP F . -5.15 -21.62 -16.36
O3B UDP F . -5.91 -21.26 -18.65
MG MG G . 12.60 -16.28 -26.68
N ALA A 8 -20.36 11.12 -8.82
CA ALA A 8 -19.02 11.04 -8.22
C ALA A 8 -19.04 10.68 -6.74
N HIS A 9 -18.47 9.51 -6.45
CA HIS A 9 -18.23 9.07 -5.09
C HIS A 9 -16.77 9.36 -4.77
N ILE A 10 -16.53 10.39 -3.97
CA ILE A 10 -15.18 10.77 -3.59
C ILE A 10 -14.77 10.00 -2.35
N ALA A 11 -13.64 9.31 -2.41
CA ALA A 11 -13.17 8.58 -1.24
C ALA A 11 -11.99 9.31 -0.63
N MET A 12 -12.19 9.86 0.56
CA MET A 12 -11.13 10.51 1.31
C MET A 12 -10.47 9.46 2.21
N PHE A 13 -9.18 9.59 2.49
CA PHE A 13 -8.45 8.64 3.33
C PHE A 13 -7.59 9.39 4.33
N SER A 14 -7.67 9.02 5.60
CA SER A 14 -6.71 9.51 6.58
C SER A 14 -6.53 8.58 7.78
N ILE A 15 -5.81 9.09 8.78
CA ILE A 15 -5.49 8.36 10.00
C ILE A 15 -6.11 9.07 11.22
N ALA A 16 -6.05 8.42 12.37
CA ALA A 16 -6.63 8.97 13.59
C ALA A 16 -5.69 9.93 14.31
N ALA A 17 -5.38 11.05 13.67
CA ALA A 17 -4.61 12.11 14.30
C ALA A 17 -5.24 13.43 13.95
N HIS A 18 -5.38 14.31 14.93
CA HIS A 18 -6.04 15.59 14.69
C HIS A 18 -5.37 16.38 13.59
N GLY A 19 -4.04 16.40 13.61
CA GLY A 19 -3.28 17.16 12.63
C GLY A 19 -3.45 16.71 11.19
N HIS A 20 -3.99 15.51 11.01
CA HIS A 20 -4.18 14.96 9.67
C HIS A 20 -5.65 14.79 9.27
N VAL A 21 -6.55 15.31 10.12
CA VAL A 21 -7.97 15.25 9.82
C VAL A 21 -8.62 16.64 9.88
N ASN A 22 -8.33 17.38 10.94
CA ASN A 22 -8.85 18.74 11.07
C ASN A 22 -8.59 19.69 9.88
N PRO A 23 -7.37 19.66 9.30
CA PRO A 23 -7.08 20.63 8.24
C PRO A 23 -7.98 20.55 7.01
N SER A 24 -8.61 19.41 6.78
CA SER A 24 -9.51 19.27 5.64
C SER A 24 -10.84 18.64 6.04
N LEU A 25 -11.42 19.07 7.15
CA LEU A 25 -12.80 18.67 7.43
C LEU A 25 -13.76 19.61 6.69
N GLU A 26 -13.42 20.89 6.66
CA GLU A 26 -14.30 21.85 6.00
C GLU A 26 -14.36 21.58 4.49
N VAL A 27 -13.25 21.11 3.95
CA VAL A 27 -13.19 20.74 2.53
C VAL A 27 -14.11 19.57 2.22
N ILE A 28 -14.14 18.59 3.12
CA ILE A 28 -14.97 17.39 2.92
C ILE A 28 -16.42 17.83 2.83
N ARG A 29 -16.87 18.55 3.86
CA ARG A 29 -18.24 19.02 4.00
C ARG A 29 -18.72 19.84 2.82
N GLU A 30 -17.85 20.67 2.27
CA GLU A 30 -18.23 21.48 1.12
C GLU A 30 -18.41 20.59 -0.13
N LEU A 31 -17.65 19.50 -0.20
CA LEU A 31 -17.89 18.54 -1.26
C LEU A 31 -19.27 17.89 -1.08
N VAL A 32 -19.57 17.47 0.15
CA VAL A 32 -20.90 16.93 0.45
C VAL A 32 -21.94 18.02 0.23
N ALA A 33 -22.49 18.06 -0.98
CA ALA A 33 -23.18 19.26 -1.44
C ALA A 33 -23.51 19.19 -2.91
N ARG A 34 -22.48 19.43 -3.71
CA ARG A 34 -22.63 19.68 -5.14
C ARG A 34 -22.83 18.37 -5.89
N GLY A 35 -23.44 17.40 -5.21
CA GLY A 35 -23.67 16.08 -5.79
C GLY A 35 -22.90 14.97 -5.12
N HIS A 36 -21.60 15.20 -4.91
CA HIS A 36 -20.67 14.16 -4.45
C HIS A 36 -21.11 13.37 -3.22
N ARG A 37 -20.91 12.06 -3.31
CA ARG A 37 -21.12 11.12 -2.20
C ARG A 37 -19.77 10.87 -1.52
N VAL A 38 -19.68 11.10 -0.22
CA VAL A 38 -18.39 10.97 0.48
C VAL A 38 -18.30 9.87 1.54
N THR A 39 -17.35 8.96 1.34
CA THR A 39 -16.94 8.04 2.40
C THR A 39 -15.59 8.49 2.88
N TYR A 40 -15.19 7.99 4.03
CA TYR A 40 -13.99 8.49 4.69
C TYR A 40 -13.39 7.37 5.52
N ALA A 41 -12.33 6.78 4.98
CA ALA A 41 -11.61 5.72 5.66
C ALA A 41 -10.92 6.27 6.89
N ILE A 42 -11.30 5.75 8.06
CA ILE A 42 -10.83 6.33 9.30
C ILE A 42 -10.83 5.27 10.41
N PRO A 43 -9.89 5.35 11.36
CA PRO A 43 -9.96 4.44 12.49
C PRO A 43 -11.12 4.83 13.43
N PRO A 44 -11.60 3.88 14.25
CA PRO A 44 -12.75 4.02 15.16
C PRO A 44 -12.83 5.31 15.97
N VAL A 45 -11.73 5.79 16.51
CA VAL A 45 -11.79 6.91 17.45
C VAL A 45 -12.27 8.21 16.78
N PHE A 46 -11.97 8.37 15.49
CA PHE A 46 -12.43 9.53 14.75
C PHE A 46 -13.67 9.21 13.92
N ALA A 47 -14.42 8.20 14.35
CA ALA A 47 -15.70 7.87 13.71
C ALA A 47 -16.59 9.09 13.44
N ASP A 48 -16.93 9.82 14.49
CA ASP A 48 -17.91 10.91 14.43
C ASP A 48 -17.43 12.18 13.72
N LYS A 49 -16.19 12.57 13.98
CA LYS A 49 -15.60 13.77 13.39
C LYS A 49 -15.83 13.82 11.89
N VAL A 50 -15.54 12.71 11.22
CA VAL A 50 -15.96 12.62 9.84
C VAL A 50 -17.46 12.31 9.77
N ALA A 51 -18.02 11.54 10.71
CA ALA A 51 -19.45 11.21 10.63
C ALA A 51 -20.30 12.45 10.79
N ALA A 52 -19.77 13.43 11.53
CA ALA A 52 -20.47 14.68 11.80
C ALA A 52 -20.42 15.57 10.57
N THR A 53 -19.42 15.34 9.73
CA THR A 53 -19.32 16.04 8.45
C THR A 53 -20.39 15.55 7.48
N GLY A 54 -21.07 14.49 7.85
CA GLY A 54 -22.04 13.87 6.96
C GLY A 54 -21.40 12.70 6.24
N ALA A 55 -20.07 12.73 6.17
CA ALA A 55 -19.34 11.61 5.59
C ALA A 55 -19.59 10.38 6.43
N ARG A 56 -19.71 9.23 5.78
CA ARG A 56 -19.87 7.95 6.47
C ARG A 56 -18.52 7.34 6.74
N PRO A 57 -18.22 7.07 8.01
CA PRO A 57 -16.92 6.50 8.38
C PRO A 57 -16.79 5.07 7.88
N VAL A 58 -15.64 4.75 7.30
CA VAL A 58 -15.28 3.38 6.96
C VAL A 58 -14.25 2.96 7.98
N LEU A 59 -14.69 2.12 8.92
CA LEU A 59 -13.90 1.76 10.09
C LEU A 59 -12.82 0.72 9.82
N TYR A 60 -11.63 1.20 9.44
CA TYR A 60 -10.47 0.33 9.35
C TYR A 60 -9.65 0.46 10.63
N HIS A 61 -9.05 -0.65 11.04
CA HIS A 61 -8.24 -0.69 12.25
C HIS A 61 -6.86 -0.13 11.95
N SER A 62 -6.37 0.75 12.82
CA SER A 62 -5.03 1.32 12.69
C SER A 62 -4.07 0.68 13.67
N THR A 63 -2.78 0.87 13.45
CA THR A 63 -1.74 0.41 14.37
C THR A 63 -0.93 1.60 14.90
N LEU A 64 -1.18 2.78 14.33
CA LEU A 64 -0.56 4.01 14.78
C LEU A 64 -1.12 4.41 16.15
N PRO A 65 -0.36 5.23 16.91
CA PRO A 65 -0.81 5.64 18.25
C PRO A 65 -2.17 6.35 18.21
N GLY A 66 -2.87 6.38 19.33
CA GLY A 66 -4.15 7.07 19.39
C GLY A 66 -4.00 8.57 19.21
N PRO A 67 -5.09 9.26 18.85
CA PRO A 67 -5.11 10.72 18.64
C PRO A 67 -4.83 11.51 19.91
N ASP A 68 -5.09 10.91 21.06
CA ASP A 68 -4.84 11.53 22.35
C ASP A 68 -3.46 11.10 22.86
N ALA A 69 -2.78 10.24 22.11
CA ALA A 69 -1.48 9.72 22.52
C ALA A 69 -0.46 10.84 22.58
N ASP A 70 0.55 10.64 23.44
CA ASP A 70 1.68 11.55 23.52
C ASP A 70 2.58 11.32 22.32
N PRO A 71 2.99 12.41 21.66
CA PRO A 71 3.89 12.40 20.50
C PRO A 71 5.15 11.54 20.65
N GLU A 72 5.49 11.12 21.86
CA GLU A 72 6.60 10.19 22.07
C GLU A 72 6.27 8.85 21.44
N ALA A 73 5.00 8.48 21.48
CA ALA A 73 4.53 7.24 20.90
C ALA A 73 4.77 7.24 19.40
N TRP A 74 4.96 8.42 18.84
CA TRP A 74 5.23 8.58 17.41
C TRP A 74 6.72 8.48 17.09
N GLY A 75 7.54 8.39 18.13
CA GLY A 75 8.97 8.23 17.95
C GLY A 75 9.78 9.51 17.94
N SER A 76 11.09 9.38 18.14
CA SER A 76 11.97 10.53 18.21
C SER A 76 13.24 10.36 17.38
N THR A 77 13.29 9.31 16.56
CA THR A 77 14.37 9.13 15.60
C THR A 77 13.76 8.98 14.20
N LEU A 78 14.57 9.14 13.16
CA LEU A 78 14.08 9.08 11.80
C LEU A 78 13.33 7.78 11.50
N LEU A 79 13.94 6.64 11.81
CA LEU A 79 13.29 5.37 11.53
C LEU A 79 12.07 5.10 12.42
N ASP A 80 12.13 5.51 13.69
CA ASP A 80 10.97 5.35 14.55
C ASP A 80 9.80 6.21 14.09
N ASN A 81 10.10 7.30 13.39
CA ASN A 81 9.04 8.15 12.86
C ASN A 81 8.40 7.56 11.61
N VAL A 82 9.23 7.10 10.68
CA VAL A 82 8.69 6.65 9.39
C VAL A 82 8.22 5.19 9.37
N GLU A 83 8.93 4.30 10.05
CA GLU A 83 8.56 2.88 10.03
C GLU A 83 7.08 2.60 10.34
N PRO A 84 6.51 3.27 11.35
CA PRO A 84 5.11 2.93 11.65
C PRO A 84 4.11 3.22 10.52
N PHE A 85 4.43 4.17 9.64
CA PHE A 85 3.50 4.47 8.55
C PHE A 85 3.48 3.35 7.52
N LEU A 86 4.62 2.70 7.33
CA LEU A 86 4.68 1.56 6.43
C LEU A 86 4.04 0.36 7.09
N ASN A 87 4.37 0.15 8.36
CA ASN A 87 3.81 -0.97 9.13
C ASN A 87 2.28 -0.88 9.22
N ASP A 88 1.75 0.33 9.42
CA ASP A 88 0.30 0.51 9.41
C ASP A 88 -0.31 0.23 8.03
N ALA A 89 0.35 0.75 7.00
CA ALA A 89 -0.14 0.61 5.64
C ALA A 89 -0.26 -0.86 5.22
N ILE A 90 0.73 -1.65 5.61
CA ILE A 90 0.78 -3.04 5.18
C ILE A 90 -0.38 -3.85 5.75
N GLN A 91 -0.83 -3.50 6.94
CA GLN A 91 -1.98 -4.20 7.51
C GLN A 91 -3.32 -3.51 7.21
N ALA A 92 -3.29 -2.21 6.89
CA ALA A 92 -4.50 -1.48 6.56
C ALA A 92 -4.99 -1.69 5.13
N LEU A 93 -4.05 -1.76 4.19
CA LEU A 93 -4.37 -1.86 2.77
C LEU A 93 -5.39 -2.97 2.41
N PRO A 94 -5.19 -4.20 2.90
CA PRO A 94 -6.19 -5.24 2.60
C PRO A 94 -7.57 -4.93 3.17
N GLN A 95 -7.66 -4.29 4.34
CA GLN A 95 -8.98 -3.94 4.88
C GLN A 95 -9.70 -2.97 3.95
N LEU A 96 -8.96 -1.99 3.41
CA LEU A 96 -9.57 -0.98 2.56
C LEU A 96 -9.89 -1.47 1.16
N ALA A 97 -9.01 -2.32 0.61
CA ALA A 97 -9.29 -2.95 -0.68
C ALA A 97 -10.62 -3.67 -0.59
N ASP A 98 -10.82 -4.37 0.49
CA ASP A 98 -12.02 -5.09 0.72
C ASP A 98 -13.26 -4.14 0.72
N ALA A 99 -13.10 -2.97 1.34
CA ALA A 99 -14.19 -2.02 1.46
C ALA A 99 -14.64 -1.51 0.09
N TYR A 100 -13.67 -1.13 -0.73
CA TYR A 100 -13.99 -0.41 -1.98
C TYR A 100 -14.17 -1.31 -3.20
N ALA A 101 -14.13 -2.62 -2.98
CA ALA A 101 -14.26 -3.59 -4.07
C ALA A 101 -15.53 -3.40 -4.91
N ASP A 102 -16.71 -3.39 -4.28
CA ASP A 102 -17.97 -3.29 -5.01
C ASP A 102 -18.46 -1.86 -5.13
N ASP A 103 -17.70 -0.92 -4.59
CA ASP A 103 -18.07 0.49 -4.64
C ASP A 103 -16.81 1.33 -4.89
N ILE A 104 -16.22 1.11 -6.06
CA ILE A 104 -14.98 1.75 -6.47
C ILE A 104 -15.19 3.25 -6.66
N PRO A 105 -14.48 4.06 -5.86
CA PRO A 105 -14.70 5.51 -5.97
C PRO A 105 -14.14 6.06 -7.28
N ASP A 106 -14.65 7.22 -7.68
CA ASP A 106 -14.20 7.88 -8.89
C ASP A 106 -12.95 8.72 -8.66
N LEU A 107 -12.78 9.19 -7.43
CA LEU A 107 -11.60 9.97 -7.07
C LEU A 107 -11.18 9.60 -5.65
N VAL A 108 -9.88 9.53 -5.44
CA VAL A 108 -9.33 9.30 -4.11
C VAL A 108 -8.66 10.57 -3.57
N LEU A 109 -9.11 11.04 -2.42
CA LEU A 109 -8.48 12.14 -1.72
C LEU A 109 -7.72 11.50 -0.57
N HIS A 110 -6.55 12.04 -0.20
CA HIS A 110 -5.89 11.44 0.95
C HIS A 110 -4.92 12.38 1.64
N ASP A 111 -4.87 12.29 2.95
CA ASP A 111 -3.83 12.95 3.70
C ASP A 111 -2.50 12.27 3.38
N ILE A 112 -1.41 13.01 3.53
CA ILE A 112 -0.07 12.50 3.22
C ILE A 112 0.31 11.21 3.94
N THR A 113 -0.30 10.90 5.07
CA THR A 113 0.14 9.75 5.87
C THR A 113 -0.42 8.42 5.37
N SER A 114 -1.40 8.47 4.46
CA SER A 114 -2.05 7.24 4.03
C SER A 114 -1.41 6.61 2.80
N TYR A 115 -0.48 5.68 3.01
CA TYR A 115 0.07 4.92 1.90
C TYR A 115 -0.97 4.04 1.18
N PRO A 116 -1.93 3.45 1.92
CA PRO A 116 -2.91 2.63 1.19
C PRO A 116 -3.70 3.41 0.13
N ALA A 117 -3.99 4.69 0.39
CA ALA A 117 -4.72 5.47 -0.60
C ALA A 117 -3.95 5.59 -1.91
N ARG A 118 -2.64 5.77 -1.81
CA ARG A 118 -1.79 5.86 -2.99
C ARG A 118 -1.85 4.54 -3.76
N VAL A 119 -1.72 3.44 -3.04
CA VAL A 119 -1.71 2.13 -3.69
C VAL A 119 -3.06 1.88 -4.37
N LEU A 120 -4.14 2.16 -3.66
CA LEU A 120 -5.48 1.89 -4.19
C LEU A 120 -5.85 2.76 -5.40
N ALA A 121 -5.63 4.06 -5.31
CA ALA A 121 -5.95 4.96 -6.42
C ALA A 121 -5.36 4.46 -7.73
N ARG A 122 -4.11 4.00 -7.65
CA ARG A 122 -3.42 3.49 -8.83
C ARG A 122 -3.98 2.14 -9.25
N ARG A 123 -4.17 1.24 -8.29
CA ARG A 123 -4.78 -0.06 -8.56
C ARG A 123 -6.09 0.10 -9.31
N TRP A 124 -6.82 1.16 -8.95
CA TRP A 124 -8.09 1.50 -9.60
C TRP A 124 -7.93 2.23 -10.93
N GLY A 125 -6.75 2.79 -11.16
CA GLY A 125 -6.51 3.60 -12.34
C GLY A 125 -7.35 4.87 -12.33
N VAL A 126 -7.27 5.61 -11.22
CA VAL A 126 -8.02 6.85 -11.06
C VAL A 126 -7.12 7.94 -10.51
N PRO A 127 -7.54 9.23 -10.64
CA PRO A 127 -6.72 10.32 -10.11
C PRO A 127 -6.67 10.30 -8.59
N ALA A 128 -5.51 10.62 -8.03
CA ALA A 128 -5.36 10.80 -6.60
C ALA A 128 -5.10 12.27 -6.34
N VAL A 129 -5.62 12.81 -5.25
CA VAL A 129 -5.19 14.13 -4.81
C VAL A 129 -4.72 14.07 -3.36
N SER A 130 -3.46 14.44 -3.16
CA SER A 130 -2.85 14.42 -1.84
C SER A 130 -3.15 15.76 -1.19
N LEU A 131 -3.53 15.74 0.08
CA LEU A 131 -3.83 16.95 0.83
C LEU A 131 -2.79 17.07 1.95
N SER A 132 -1.96 18.11 1.89
CA SER A 132 -0.86 18.25 2.84
C SER A 132 -1.13 19.36 3.84
N PRO A 133 -1.07 19.03 5.13
CA PRO A 133 -1.33 20.01 6.18
C PRO A 133 -0.04 20.68 6.62
N ASN A 134 1.03 20.50 5.85
CA ASN A 134 2.31 21.11 6.15
C ASN A 134 3.09 21.34 4.87
N LEU A 135 4.33 21.81 5.00
CA LEU A 135 5.15 22.08 3.84
C LEU A 135 5.35 20.84 2.97
N VAL A 136 5.65 21.06 1.70
CA VAL A 136 5.88 19.98 0.75
C VAL A 136 7.30 20.07 0.17
N ALA A 137 7.70 19.03 -0.56
CA ALA A 137 9.02 19.06 -1.19
C ALA A 137 9.07 20.10 -2.31
N TRP A 138 10.21 20.78 -2.43
CA TRP A 138 10.46 21.67 -3.55
C TRP A 138 11.38 20.97 -4.54
N LYS A 139 11.54 21.55 -5.73
CA LYS A 139 12.54 21.04 -6.67
C LYS A 139 13.93 21.16 -6.05
N GLY A 140 14.55 20.02 -5.75
CA GLY A 140 15.86 20.03 -5.13
C GLY A 140 15.88 19.30 -3.80
N TYR A 141 14.74 19.28 -3.11
CA TYR A 141 14.61 18.63 -1.80
C TYR A 141 15.28 17.25 -1.76
N GLU A 142 15.17 16.54 -2.87
CA GLU A 142 15.70 15.18 -3.00
C GLU A 142 17.20 15.18 -2.75
N GLU A 143 17.90 16.09 -3.40
CA GLU A 143 19.35 16.17 -3.22
C GLU A 143 19.72 17.05 -2.03
N GLU A 144 18.88 18.04 -1.72
CA GLU A 144 19.23 19.00 -0.69
C GLU A 144 18.94 18.53 0.73
N VAL A 145 17.83 17.81 0.91
CA VAL A 145 17.37 17.46 2.24
C VAL A 145 17.26 15.94 2.45
N ALA A 146 16.48 15.26 1.61
CA ALA A 146 16.24 13.82 1.78
C ALA A 146 17.53 12.98 1.69
N GLU A 147 18.44 13.36 0.80
CA GLU A 147 19.71 12.64 0.72
C GLU A 147 20.56 12.74 2.00
N PRO A 148 20.81 13.97 2.51
CA PRO A 148 21.60 14.06 3.74
C PRO A 148 21.01 13.30 4.92
N MET A 149 19.75 13.56 5.26
CA MET A 149 19.19 12.92 6.45
C MET A 149 19.17 11.41 6.34
N TRP A 150 19.04 10.89 5.12
CA TRP A 150 18.98 9.44 4.93
C TRP A 150 20.35 8.79 4.70
N ARG A 151 21.34 9.60 4.35
CA ARG A 151 22.63 9.10 3.84
C ARG A 151 23.23 7.98 4.67
N GLU A 152 23.20 8.15 5.98
CA GLU A 152 23.82 7.16 6.86
C GLU A 152 22.79 6.23 7.56
N PRO A 153 21.59 6.73 7.89
CA PRO A 153 20.56 5.73 8.23
C PRO A 153 20.39 4.70 7.13
N ARG A 154 20.27 5.11 5.86
CA ARG A 154 19.97 4.14 4.81
C ARG A 154 20.92 2.96 4.85
N GLN A 155 22.10 3.19 5.41
CA GLN A 155 23.21 2.24 5.31
C GLN A 155 23.33 1.31 6.51
N THR A 156 22.64 1.62 7.60
CA THR A 156 22.62 0.68 8.72
C THR A 156 21.79 -0.55 8.35
N GLU A 157 21.98 -1.62 9.09
CA GLU A 157 21.14 -2.80 8.93
C GLU A 157 19.64 -2.48 8.97
N ARG A 158 19.22 -1.71 9.96
CA ARG A 158 17.79 -1.44 10.13
C ARG A 158 17.19 -0.64 8.96
N GLY A 159 17.91 0.38 8.50
CA GLY A 159 17.41 1.25 7.45
C GLY A 159 17.46 0.62 6.08
N ARG A 160 18.56 -0.07 5.78
CA ARG A 160 18.67 -0.81 4.53
C ARG A 160 17.52 -1.82 4.43
N ALA A 161 17.21 -2.45 5.56
CA ALA A 161 16.14 -3.45 5.59
C ALA A 161 14.76 -2.80 5.51
N TYR A 162 14.63 -1.60 6.08
CA TYR A 162 13.37 -0.87 5.99
C TYR A 162 13.06 -0.50 4.53
N TYR A 163 14.05 0.05 3.84
CA TYR A 163 13.85 0.42 2.43
C TYR A 163 13.73 -0.78 1.49
N ALA A 164 14.35 -1.89 1.86
CA ALA A 164 14.18 -3.12 1.10
C ALA A 164 12.74 -3.61 1.21
N ARG A 165 12.20 -3.54 2.43
CA ARG A 165 10.82 -3.98 2.68
C ARG A 165 9.79 -3.07 2.02
N PHE A 166 10.07 -1.77 2.05
CA PHE A 166 9.16 -0.80 1.47
C PHE A 166 9.08 -1.07 -0.02
N GLU A 167 10.23 -1.21 -0.66
CA GLU A 167 10.27 -1.46 -2.10
C GLU A 167 9.56 -2.77 -2.45
N ALA A 168 9.81 -3.82 -1.66
CA ALA A 168 9.20 -5.12 -1.93
C ALA A 168 7.68 -5.06 -1.83
N TRP A 169 7.19 -4.29 -0.87
CA TRP A 169 5.75 -4.12 -0.70
C TRP A 169 5.15 -3.40 -1.90
N LEU A 170 5.80 -2.32 -2.34
CA LEU A 170 5.35 -1.60 -3.52
C LEU A 170 5.35 -2.52 -4.74
N LYS A 171 6.41 -3.30 -4.89
CA LYS A 171 6.54 -4.16 -6.08
C LYS A 171 5.51 -5.29 -6.08
N GLU A 172 5.20 -5.82 -4.90
CA GLU A 172 4.15 -6.81 -4.76
C GLU A 172 2.82 -6.21 -5.22
N ASN A 173 2.68 -4.89 -5.05
CA ASN A 173 1.46 -4.20 -5.44
C ASN A 173 1.58 -3.50 -6.79
N GLY A 174 2.59 -3.89 -7.57
CA GLY A 174 2.70 -3.44 -8.94
C GLY A 174 3.31 -2.07 -9.16
N ILE A 175 3.92 -1.53 -8.11
CA ILE A 175 4.51 -0.20 -8.17
C ILE A 175 6.03 -0.32 -8.22
N THR A 176 6.66 0.22 -9.26
CA THR A 176 8.10 0.06 -9.43
C THR A 176 8.89 1.23 -8.89
N GLU A 177 8.20 2.34 -8.65
CA GLU A 177 8.95 3.54 -8.27
C GLU A 177 9.55 3.39 -6.89
N HIS A 178 10.58 4.18 -6.64
CA HIS A 178 11.27 4.10 -5.36
C HIS A 178 10.36 4.57 -4.25
N PRO A 179 10.48 3.96 -3.07
CA PRO A 179 9.66 4.37 -1.93
C PRO A 179 9.68 5.90 -1.67
N ASP A 180 10.81 6.56 -1.85
CA ASP A 180 10.85 8.02 -1.65
C ASP A 180 9.95 8.77 -2.62
N THR A 181 9.91 8.30 -3.86
CA THR A 181 9.05 8.89 -4.88
C THR A 181 7.59 8.69 -4.49
N PHE A 182 7.28 7.45 -4.13
CA PHE A 182 5.95 7.03 -3.73
C PHE A 182 5.46 7.85 -2.54
N ALA A 183 6.33 8.02 -1.55
CA ALA A 183 5.94 8.65 -0.29
C ALA A 183 5.96 10.19 -0.33
N SER A 184 7.00 10.77 -0.91
CA SER A 184 7.25 12.19 -0.74
C SER A 184 6.89 13.04 -1.95
N HIS A 185 6.55 12.38 -3.06
CA HIS A 185 6.35 13.08 -4.32
C HIS A 185 5.07 12.69 -5.04
N PRO A 186 3.94 13.24 -4.57
CA PRO A 186 2.64 12.95 -5.18
C PRO A 186 2.55 13.57 -6.57
N PRO A 187 1.78 12.95 -7.46
CA PRO A 187 1.62 13.57 -8.78
C PRO A 187 0.73 14.83 -8.75
N ARG A 188 -0.13 14.93 -7.73
CA ARG A 188 -0.99 16.11 -7.56
C ARG A 188 -1.29 16.36 -6.08
N SER A 189 -1.09 17.59 -5.63
CA SER A 189 -1.24 17.90 -4.22
C SER A 189 -1.82 19.30 -4.01
N LEU A 190 -2.70 19.42 -3.02
CA LEU A 190 -3.17 20.72 -2.52
C LEU A 190 -2.56 20.90 -1.14
N VAL A 191 -2.04 22.09 -0.88
CA VAL A 191 -1.28 22.31 0.34
C VAL A 191 -2.04 23.27 1.24
N LEU A 192 -2.34 22.81 2.45
CA LEU A 192 -3.26 23.53 3.34
C LEU A 192 -2.52 24.46 4.30
N ILE A 193 -1.43 25.04 3.83
CA ILE A 193 -0.78 26.12 4.55
C ILE A 193 -0.55 27.25 3.58
N PRO A 194 -0.40 28.49 4.09
CA PRO A 194 -0.05 29.57 3.17
C PRO A 194 1.34 29.36 2.58
N LYS A 195 1.52 29.74 1.33
CA LYS A 195 2.80 29.55 0.68
C LYS A 195 3.89 30.39 1.36
N ALA A 196 3.46 31.38 2.13
CA ALA A 196 4.37 32.22 2.92
C ALA A 196 5.14 31.42 3.96
N LEU A 197 4.57 30.29 4.38
CA LEU A 197 5.20 29.45 5.39
C LEU A 197 5.83 28.19 4.79
N GLN A 198 6.01 28.19 3.48
CA GLN A 198 6.66 27.09 2.78
C GLN A 198 8.11 27.44 2.48
N PRO A 199 9.07 26.63 2.97
CA PRO A 199 10.47 26.89 2.62
C PRO A 199 10.69 26.75 1.12
N HIS A 200 11.58 27.56 0.55
CA HIS A 200 11.94 27.45 -0.86
C HIS A 200 10.72 27.45 -1.78
N ALA A 201 9.69 28.21 -1.41
CA ALA A 201 8.45 28.21 -2.18
C ALA A 201 8.66 28.58 -3.65
N ASP A 202 9.71 29.38 -3.90
CA ASP A 202 10.17 29.75 -5.23
C ASP A 202 10.38 28.51 -6.10
N ARG A 203 10.84 27.44 -5.47
CA ARG A 203 11.27 26.23 -6.19
C ARG A 203 10.24 25.10 -6.13
N VAL A 204 9.08 25.36 -5.55
CA VAL A 204 8.02 24.35 -5.55
C VAL A 204 7.43 24.28 -6.94
N ASP A 205 7.12 23.06 -7.40
CA ASP A 205 6.58 22.90 -8.75
C ASP A 205 5.06 23.10 -8.76
N GLU A 206 4.60 24.15 -9.41
CA GLU A 206 3.16 24.46 -9.38
C GLU A 206 2.32 23.53 -10.24
N ASP A 207 2.96 22.67 -11.03
CA ASP A 207 2.22 21.69 -11.83
C ASP A 207 2.12 20.34 -11.09
N VAL A 208 2.53 20.37 -9.82
CA VAL A 208 2.22 19.31 -8.87
C VAL A 208 1.40 19.92 -7.75
N TYR A 209 1.90 21.02 -7.19
CA TYR A 209 1.36 21.59 -5.97
C TYR A 209 0.66 22.92 -6.17
N THR A 210 -0.51 23.05 -5.58
CA THR A 210 -1.18 24.34 -5.52
C THR A 210 -1.53 24.64 -4.06
N PHE A 211 -1.16 25.83 -3.60
CA PHE A 211 -1.42 26.24 -2.23
C PHE A 211 -2.80 26.87 -2.07
N VAL A 212 -3.59 26.33 -1.15
CA VAL A 212 -4.93 26.84 -0.87
C VAL A 212 -5.05 27.43 0.53
N GLY A 213 -4.05 27.16 1.37
CA GLY A 213 -4.03 27.70 2.72
C GLY A 213 -4.96 26.96 3.67
N ALA A 214 -5.19 27.55 4.84
CA ALA A 214 -6.09 26.95 5.81
C ALA A 214 -7.54 27.27 5.45
N CYS A 215 -8.45 26.44 5.94
CA CYS A 215 -9.89 26.67 5.80
C CYS A 215 -10.45 26.88 7.20
N GLN A 216 -9.81 27.78 7.96
CA GLN A 216 -10.10 28.06 9.38
C GLN A 216 -11.35 27.47 10.01
N GLY A 217 -11.17 26.74 11.12
CA GLY A 217 -12.24 25.97 11.74
C GLY A 217 -13.59 26.65 11.90
N ASP A 218 -14.40 26.63 10.83
CA ASP A 218 -15.76 27.19 10.77
C ASP A 218 -16.55 27.26 12.09
N ARG A 219 -16.51 28.40 12.81
CA ARG A 219 -15.61 29.54 12.58
C ARG A 219 -15.61 30.48 13.80
N ALA A 220 -14.55 30.52 14.62
CA ALA A 220 -13.33 29.73 14.49
C ALA A 220 -12.74 29.47 15.89
N GLU A 221 -13.66 29.38 16.86
CA GLU A 221 -13.44 28.98 18.27
C GLU A 221 -13.06 30.05 19.32
N GLU A 222 -14.00 30.90 19.77
CA GLU A 222 -15.29 31.19 19.13
C GLU A 222 -15.72 32.57 19.67
N GLY A 223 -17.04 32.81 19.66
CA GLY A 223 -17.66 33.86 20.46
C GLY A 223 -17.24 35.30 20.19
N GLY A 224 -17.68 36.18 21.08
CA GLY A 224 -17.43 37.60 20.97
C GLY A 224 -16.48 38.13 22.04
N TRP A 225 -15.71 39.16 21.65
CA TRP A 225 -14.84 39.89 22.55
C TRP A 225 -14.72 41.32 22.02
N GLN A 226 -14.62 42.31 22.90
CA GLN A 226 -14.59 43.71 22.49
C GLN A 226 -13.28 44.43 22.80
N ARG A 227 -12.83 45.25 21.86
CA ARG A 227 -11.67 46.12 22.04
C ARG A 227 -11.98 47.19 23.09
N PRO A 228 -11.17 47.29 24.17
CA PRO A 228 -11.46 48.30 25.20
C PRO A 228 -11.49 49.71 24.61
N ALA A 229 -12.53 50.44 24.98
CA ALA A 229 -13.09 51.52 24.14
C ALA A 229 -12.33 52.84 24.17
N GLY A 230 -11.13 52.83 23.62
CA GLY A 230 -10.23 53.97 23.72
C GLY A 230 -8.89 53.43 24.19
N ALA A 231 -8.45 52.36 23.53
CA ALA A 231 -7.12 51.77 23.72
C ALA A 231 -6.42 51.79 22.36
N GLU A 232 -5.14 52.15 22.37
CA GLU A 232 -4.39 52.33 21.13
C GLU A 232 -3.95 51.01 20.49
N LYS A 233 -3.39 50.13 21.30
CA LYS A 233 -2.86 48.87 20.80
C LYS A 233 -3.34 47.70 21.67
N VAL A 234 -3.75 46.61 21.02
CA VAL A 234 -4.10 45.39 21.74
C VAL A 234 -3.09 44.31 21.40
N VAL A 235 -2.51 43.68 22.41
CA VAL A 235 -1.60 42.57 22.17
C VAL A 235 -2.18 41.29 22.75
N LEU A 236 -2.22 40.24 21.94
CA LEU A 236 -2.60 38.91 22.40
C LEU A 236 -1.34 38.07 22.60
N VAL A 237 -1.26 37.38 23.73
CA VAL A 237 -0.20 36.42 23.94
C VAL A 237 -0.81 35.01 23.95
N SER A 238 -0.14 34.09 23.25
CA SER A 238 -0.60 32.70 23.18
C SER A 238 0.52 31.75 22.81
N LEU A 239 0.61 30.64 23.53
CA LEU A 239 1.58 29.63 23.12
C LEU A 239 0.94 28.38 22.49
N GLY A 240 -0.32 28.50 22.08
CA GLY A 240 -0.91 27.52 21.18
C GLY A 240 -2.30 26.99 21.49
N SER A 241 -2.38 26.17 22.54
CA SER A 241 -3.58 25.49 23.01
C SER A 241 -3.18 24.28 23.84
N ALA A 242 -2.01 23.73 23.52
CA ALA A 242 -1.75 22.33 23.85
C ALA A 242 -0.40 22.09 24.51
N PHE A 243 0.45 23.10 24.53
CA PHE A 243 1.71 23.02 25.24
C PHE A 243 1.87 24.36 25.93
N THR A 244 0.82 24.74 26.64
CA THR A 244 0.71 26.09 27.17
C THR A 244 0.93 26.09 28.68
N LYS A 245 2.09 26.60 29.09
CA LYS A 245 2.48 26.68 30.49
C LYS A 245 3.69 27.62 30.55
N GLN A 246 4.88 27.11 30.91
CA GLN A 246 6.08 27.95 31.03
C GLN A 246 5.84 29.30 31.74
N PRO A 247 6.07 29.36 33.06
CA PRO A 247 5.74 30.57 33.84
C PRO A 247 6.76 31.74 33.78
N ALA A 248 7.96 31.51 33.25
CA ALA A 248 8.94 32.59 33.12
C ALA A 248 8.53 33.53 31.98
N PHE A 249 7.59 33.07 31.18
CA PHE A 249 7.11 33.78 29.99
C PHE A 249 5.99 34.75 30.38
N TYR A 250 4.93 34.20 30.95
CA TYR A 250 3.69 34.95 31.16
C TYR A 250 3.90 36.13 32.08
N ARG A 251 4.66 35.94 33.15
CA ARG A 251 5.05 37.04 34.00
C ARG A 251 5.84 38.12 33.26
N GLU A 252 6.79 37.71 32.43
CA GLU A 252 7.57 38.71 31.68
C GLU A 252 6.66 39.48 30.74
N CYS A 253 5.60 38.83 30.27
CA CYS A 253 4.65 39.50 29.39
C CYS A 253 3.86 40.56 30.14
N VAL A 254 3.46 40.23 31.38
CA VAL A 254 2.72 41.19 32.20
C VAL A 254 3.58 42.40 32.44
N ARG A 255 4.84 42.15 32.74
CA ARG A 255 5.79 43.20 33.06
C ARG A 255 6.13 44.04 31.84
N ALA A 256 6.10 43.42 30.67
CA ALA A 256 6.33 44.13 29.42
C ALA A 256 5.24 45.14 29.11
N PHE A 257 3.98 44.74 29.26
CA PHE A 257 2.88 45.59 28.80
C PHE A 257 2.07 46.19 29.94
N GLY A 258 2.29 45.69 31.15
CA GLY A 258 1.53 46.15 32.30
C GLY A 258 1.77 47.62 32.56
N ASN A 259 0.67 48.38 32.62
CA ASN A 259 0.72 49.82 32.84
C ASN A 259 1.49 50.61 31.78
N LEU A 260 1.53 50.11 30.55
CA LEU A 260 2.17 50.82 29.43
C LEU A 260 1.10 51.59 28.67
N PRO A 261 1.26 52.93 28.56
CA PRO A 261 0.18 53.79 28.03
C PRO A 261 -0.31 53.38 26.64
N GLY A 262 -1.63 53.22 26.52
CA GLY A 262 -2.23 52.93 25.24
C GLY A 262 -2.35 51.45 24.92
N TRP A 263 -1.68 50.60 25.70
CA TRP A 263 -1.65 49.16 25.43
C TRP A 263 -2.60 48.36 26.32
N HIS A 264 -3.19 47.32 25.75
CA HIS A 264 -4.02 46.40 26.48
C HIS A 264 -3.58 44.98 26.16
N LEU A 265 -3.34 44.18 27.19
CA LEU A 265 -2.85 42.82 27.03
C LEU A 265 -3.91 41.76 27.30
N VAL A 266 -4.05 40.84 26.35
CA VAL A 266 -4.83 39.62 26.53
C VAL A 266 -3.83 38.47 26.65
N LEU A 267 -3.92 37.73 27.75
CA LEU A 267 -2.83 36.85 28.16
C LEU A 267 -3.31 35.43 28.48
N GLN A 268 -3.43 34.61 27.44
CA GLN A 268 -3.76 33.21 27.61
C GLN A 268 -2.65 32.52 28.40
N ILE A 269 -3.02 31.70 29.37
CA ILE A 269 -2.03 30.92 30.11
C ILE A 269 -2.09 29.53 29.52
N GLY A 270 -3.32 29.07 29.30
CA GLY A 270 -3.52 27.83 28.58
C GLY A 270 -3.84 26.64 29.45
N ARG A 271 -3.09 26.48 30.55
CA ARG A 271 -3.44 25.46 31.54
C ARG A 271 -4.45 26.05 32.47
N LYS A 272 -5.25 25.18 33.08
CA LYS A 272 -6.60 25.56 33.50
C LYS A 272 -6.91 26.64 34.60
N VAL A 273 -6.26 26.71 35.77
CA VAL A 273 -5.05 26.01 36.25
C VAL A 273 -3.73 26.47 35.58
N THR A 274 -3.33 27.73 35.82
CA THR A 274 -4.08 28.65 36.69
C THR A 274 -4.01 30.11 36.28
N PRO A 275 -5.17 30.79 36.32
CA PRO A 275 -5.19 32.24 36.50
C PRO A 275 -4.23 32.58 37.63
N ALA A 276 -4.32 31.84 38.74
CA ALA A 276 -3.50 32.07 39.92
C ALA A 276 -2.00 31.79 39.69
N GLU A 277 -1.18 32.84 39.61
CA GLU A 277 0.26 32.70 39.36
C GLU A 277 1.05 34.04 39.28
N LEU A 278 0.35 35.18 39.36
CA LEU A 278 1.00 36.49 39.25
C LEU A 278 0.81 37.47 40.42
N GLY A 279 -0.42 37.60 40.92
CA GLY A 279 -0.71 38.49 42.04
C GLY A 279 -0.98 39.93 41.63
N GLU A 280 0.07 40.64 41.26
CA GLU A 280 -0.15 41.99 40.78
C GLU A 280 -0.52 41.91 39.30
N LEU A 281 -1.82 41.91 39.03
CA LEU A 281 -2.33 42.04 37.67
C LEU A 281 -2.69 43.50 37.45
N PRO A 282 -1.92 44.19 36.61
CA PRO A 282 -2.23 45.58 36.24
C PRO A 282 -3.59 45.68 35.56
N ASP A 283 -4.17 46.88 35.61
CA ASP A 283 -5.53 47.13 35.14
C ASP A 283 -5.71 46.93 33.63
N ASN A 284 -4.61 46.92 32.89
CA ASN A 284 -4.70 46.82 31.43
C ASN A 284 -4.34 45.43 30.92
N VAL A 285 -4.63 44.41 31.71
CA VAL A 285 -4.33 43.03 31.35
C VAL A 285 -5.57 42.15 31.62
N GLU A 286 -6.34 41.83 30.58
CA GLU A 286 -7.49 40.94 30.75
C GLU A 286 -7.07 39.50 30.45
N VAL A 287 -7.27 38.63 31.44
CA VAL A 287 -6.65 37.31 31.39
C VAL A 287 -7.67 36.19 31.37
N HIS A 288 -7.36 35.16 30.59
CA HIS A 288 -8.17 33.96 30.53
C HIS A 288 -7.24 32.77 30.49
N ASP A 289 -7.73 31.62 30.95
CA ASP A 289 -6.98 30.38 30.89
C ASP A 289 -7.08 29.80 29.49
N TRP A 290 -8.25 29.96 28.90
CA TRP A 290 -8.46 29.63 27.51
C TRP A 290 -8.98 30.87 26.84
N VAL A 291 -8.63 31.09 25.58
CA VAL A 291 -9.10 32.29 24.89
C VAL A 291 -9.62 32.00 23.50
N PRO A 292 -10.56 32.83 23.00
CA PRO A 292 -10.87 32.71 21.57
C PRO A 292 -9.83 33.49 20.76
N GLN A 293 -9.29 32.89 19.71
CA GLN A 293 -8.06 33.41 19.09
C GLN A 293 -8.24 34.26 17.85
N LEU A 294 -8.89 33.72 16.82
CA LEU A 294 -9.11 34.48 15.59
C LEU A 294 -9.91 35.72 15.92
N ALA A 295 -10.91 35.56 16.80
CA ALA A 295 -11.76 36.67 17.22
C ALA A 295 -10.93 37.83 17.75
N ILE A 296 -9.96 37.52 18.60
CA ILE A 296 -9.11 38.54 19.20
C ILE A 296 -8.07 39.07 18.21
N LEU A 297 -7.44 38.16 17.46
CA LEU A 297 -6.49 38.57 16.43
C LEU A 297 -7.11 39.54 15.41
N ARG A 298 -8.40 39.37 15.12
CA ARG A 298 -9.05 40.26 14.17
C ARG A 298 -9.08 41.72 14.62
N GLN A 299 -9.04 41.93 15.93
CA GLN A 299 -8.86 43.28 16.45
C GLN A 299 -7.71 43.31 17.46
N ALA A 300 -6.58 42.73 17.04
CA ALA A 300 -5.34 42.84 17.78
C ALA A 300 -4.31 43.51 16.89
N ASP A 301 -3.36 44.20 17.52
CA ASP A 301 -2.37 44.94 16.76
C ASP A 301 -0.99 44.32 16.91
N LEU A 302 -0.90 43.33 17.78
CA LEU A 302 0.33 42.58 17.97
C LEU A 302 0.00 41.20 18.51
N PHE A 303 0.72 40.19 18.04
CA PHE A 303 0.48 38.82 18.47
C PHE A 303 1.79 38.19 18.94
N VAL A 304 1.88 37.87 20.23
CA VAL A 304 3.03 37.12 20.74
C VAL A 304 2.67 35.64 20.66
N THR A 305 3.35 34.92 19.78
CA THR A 305 2.96 33.55 19.41
C THR A 305 4.12 32.55 19.57
N HIS A 306 3.81 31.28 19.79
CA HIS A 306 4.86 30.25 19.75
C HIS A 306 5.17 29.80 18.31
N ALA A 307 4.45 30.36 17.35
CA ALA A 307 4.66 30.09 15.92
C ALA A 307 4.26 28.68 15.48
N GLY A 308 3.26 28.11 16.14
CA GLY A 308 2.63 26.89 15.64
C GLY A 308 1.97 27.16 14.30
N ALA A 309 1.64 26.09 13.58
CA ALA A 309 1.03 26.24 12.25
C ALA A 309 -0.22 27.13 12.26
N GLY A 310 -1.09 26.90 13.23
CA GLY A 310 -2.33 27.66 13.32
C GLY A 310 -2.04 29.11 13.61
N GLY A 311 -1.42 29.38 14.75
CA GLY A 311 -1.10 30.74 15.14
C GLY A 311 -0.39 31.53 14.06
N SER A 312 0.59 30.89 13.41
CA SER A 312 1.37 31.56 12.38
C SER A 312 0.48 32.00 11.22
N GLN A 313 -0.32 31.08 10.68
CA GLN A 313 -1.15 31.48 9.55
C GLN A 313 -2.27 32.43 9.97
N GLU A 314 -2.71 32.30 11.22
CA GLU A 314 -3.74 33.18 11.75
C GLU A 314 -3.25 34.62 11.91
N GLY A 315 -2.02 34.77 12.36
CA GLY A 315 -1.40 36.09 12.43
C GLY A 315 -1.31 36.71 11.04
N LEU A 316 -0.87 35.92 10.07
CA LEU A 316 -0.77 36.44 8.70
C LEU A 316 -2.17 36.74 8.14
N ALA A 317 -3.12 35.84 8.41
CA ALA A 317 -4.48 35.98 7.90
C ALA A 317 -5.11 37.30 8.33
N THR A 318 -4.72 37.76 9.52
CA THR A 318 -5.30 38.95 10.12
C THR A 318 -4.37 40.17 10.03
N ALA A 319 -3.26 40.02 9.31
CA ALA A 319 -2.28 41.10 9.15
C ALA A 319 -1.83 41.65 10.49
N THR A 320 -1.48 40.74 11.41
CA THR A 320 -1.08 41.13 12.75
C THR A 320 0.40 40.84 12.92
N PRO A 321 1.22 41.89 13.15
CA PRO A 321 2.66 41.70 13.34
C PRO A 321 2.89 40.75 14.51
N MET A 322 3.98 39.98 14.48
CA MET A 322 4.18 38.95 15.49
C MET A 322 5.53 39.01 16.18
N ILE A 323 5.54 38.66 17.48
CA ILE A 323 6.75 38.29 18.17
C ILE A 323 6.71 36.78 18.31
N ALA A 324 7.61 36.10 17.61
CA ALA A 324 7.61 34.65 17.57
C ALA A 324 8.55 34.12 18.62
N VAL A 325 8.00 33.40 19.59
CA VAL A 325 8.78 32.80 20.66
C VAL A 325 8.50 31.29 20.67
N PRO A 326 9.11 30.56 19.72
CA PRO A 326 8.85 29.12 19.58
C PRO A 326 9.36 28.35 20.78
N GLN A 327 8.82 27.16 21.02
CA GLN A 327 9.40 26.39 22.10
C GLN A 327 9.39 24.88 22.03
N ALA A 328 8.84 24.30 20.97
CA ALA A 328 8.99 22.85 20.78
C ALA A 328 9.08 22.38 19.34
N VAL A 329 10.03 21.48 19.10
CA VAL A 329 10.27 20.87 17.81
C VAL A 329 10.03 21.79 16.63
N ASP A 330 8.86 21.62 16.02
CA ASP A 330 8.56 22.24 14.75
C ASP A 330 8.03 23.67 14.86
N GLN A 331 8.79 24.57 15.49
CA GLN A 331 8.37 25.97 15.52
C GLN A 331 9.45 26.99 15.16
N PHE A 332 10.72 26.64 15.36
CA PHE A 332 11.82 27.57 15.06
C PHE A 332 11.82 27.94 13.56
N GLY A 333 11.38 26.99 12.72
CA GLY A 333 11.31 27.23 11.28
C GLY A 333 10.21 28.21 10.89
N ASN A 334 9.02 28.06 11.47
CA ASN A 334 7.97 29.02 11.20
C ASN A 334 8.40 30.40 11.68
N ALA A 335 9.10 30.43 12.80
CA ALA A 335 9.55 31.71 13.35
C ALA A 335 10.60 32.38 12.44
N ASP A 336 11.54 31.58 11.92
CA ASP A 336 12.50 32.09 10.94
C ASP A 336 11.75 32.64 9.73
N MET A 337 10.79 31.84 9.26
CA MET A 337 9.98 32.18 8.09
C MET A 337 9.24 33.50 8.30
N LEU A 338 8.58 33.62 9.45
CA LEU A 338 7.81 34.81 9.78
C LEU A 338 8.72 36.03 9.85
N GLN A 339 9.87 35.86 10.47
CA GLN A 339 10.82 36.94 10.55
C GLN A 339 11.33 37.31 9.16
N GLY A 340 11.74 36.31 8.39
CA GLY A 340 12.24 36.52 7.04
C GLY A 340 11.27 37.25 6.12
N LEU A 341 9.98 37.13 6.43
CA LEU A 341 8.93 37.84 5.69
C LEU A 341 8.87 39.32 6.05
N GLY A 342 9.58 39.71 7.11
CA GLY A 342 9.61 41.09 7.55
C GLY A 342 8.37 41.51 8.31
N VAL A 343 7.69 40.55 8.93
CA VAL A 343 6.45 40.85 9.62
C VAL A 343 6.48 40.40 11.07
N ALA A 344 7.66 40.01 11.53
CA ALA A 344 7.79 39.44 12.85
C ALA A 344 9.23 39.48 13.31
N ARG A 345 9.45 39.16 14.57
CA ARG A 345 10.81 38.82 15.03
C ARG A 345 10.81 37.64 15.93
N LYS A 346 11.85 36.83 15.80
CA LYS A 346 12.06 35.69 16.68
C LYS A 346 12.83 36.14 17.91
N LEU A 347 12.41 35.71 19.10
CA LEU A 347 13.18 35.94 20.31
C LEU A 347 13.35 34.60 21.03
N ALA A 348 14.47 34.41 21.72
CA ALA A 348 14.72 33.16 22.43
C ALA A 348 14.05 33.14 23.80
N THR A 349 13.34 32.05 24.10
CA THR A 349 12.82 31.80 25.45
C THR A 349 13.92 32.08 26.48
N GLU A 350 14.87 31.16 26.63
CA GLU A 350 15.85 31.27 27.71
N GLU A 351 15.58 34.75 26.98
CA GLU A 351 16.08 35.99 26.38
C GLU A 351 15.02 37.06 26.17
N ALA A 352 13.78 36.81 26.58
CA ALA A 352 12.73 37.79 26.31
C ALA A 352 12.45 38.72 27.50
N THR A 353 13.38 39.64 27.76
CA THR A 353 13.22 40.59 28.85
C THR A 353 12.04 41.52 28.62
N ALA A 354 11.38 41.95 29.70
CA ALA A 354 10.22 42.84 29.60
C ALA A 354 10.59 44.04 28.74
N ASP A 355 11.83 44.47 28.88
CA ASP A 355 12.37 45.55 28.09
C ASP A 355 12.48 45.15 26.62
N LEU A 356 12.97 43.94 26.35
CA LEU A 356 13.11 43.49 24.97
C LEU A 356 11.74 43.29 24.32
N LEU A 357 10.83 42.65 25.05
CA LEU A 357 9.48 42.41 24.53
C LEU A 357 8.85 43.75 24.23
N ARG A 358 8.98 44.69 25.15
CA ARG A 358 8.37 45.99 24.98
C ARG A 358 8.98 46.74 23.81
N GLU A 359 10.30 46.73 23.72
CA GLU A 359 10.96 47.47 22.65
C GLU A 359 10.60 46.90 21.29
N THR A 360 10.57 45.58 21.21
CA THR A 360 10.26 44.90 19.97
C THR A 360 8.81 45.17 19.57
N ALA A 361 7.93 45.08 20.55
CA ALA A 361 6.51 45.40 20.36
C ALA A 361 6.32 46.78 19.75
N LEU A 362 6.92 47.78 20.38
CA LEU A 362 6.77 49.15 19.93
C LEU A 362 7.32 49.36 18.54
N ALA A 363 8.35 48.60 18.20
CA ALA A 363 8.97 48.77 16.89
C ALA A 363 8.21 48.03 15.78
N LEU A 364 7.42 47.03 16.14
CA LEU A 364 6.63 46.31 15.14
C LEU A 364 5.31 47.00 14.84
N VAL A 365 4.64 47.52 15.87
CA VAL A 365 3.29 48.06 15.67
C VAL A 365 3.29 49.41 14.95
N ASP A 366 4.41 50.10 14.92
CA ASP A 366 4.45 51.45 14.34
C ASP A 366 5.08 51.48 12.94
N ASP A 367 5.32 50.30 12.37
CA ASP A 367 6.13 50.18 11.15
C ASP A 367 5.26 49.96 9.91
N PRO A 368 5.14 51.00 9.05
CA PRO A 368 4.30 50.88 7.84
C PRO A 368 4.80 49.83 6.86
N GLU A 369 6.08 49.49 6.91
CA GLU A 369 6.61 48.46 6.02
C GLU A 369 6.14 47.09 6.48
N VAL A 370 6.10 46.90 7.79
CA VAL A 370 5.50 45.69 8.36
C VAL A 370 4.04 45.61 7.94
N ALA A 371 3.34 46.73 8.02
CA ALA A 371 1.92 46.79 7.64
C ALA A 371 1.70 46.43 6.17
N ARG A 372 2.37 47.15 5.27
CA ARG A 372 2.24 46.88 3.84
C ARG A 372 2.45 45.40 3.49
N ARG A 373 3.53 44.83 4.02
CA ARG A 373 3.84 43.42 3.78
C ARG A 373 2.72 42.51 4.26
N LEU A 374 2.24 42.74 5.48
CA LEU A 374 1.12 41.97 6.00
C LEU A 374 -0.09 42.11 5.09
N ARG A 375 -0.36 43.32 4.62
CA ARG A 375 -1.42 43.51 3.63
C ARG A 375 -1.12 42.70 2.38
N ARG A 376 0.13 42.72 1.94
CA ARG A 376 0.45 41.96 0.74
C ARG A 376 0.28 40.46 0.94
N ILE A 377 0.73 39.95 2.09
CA ILE A 377 0.53 38.53 2.40
C ILE A 377 -0.96 38.14 2.43
N GLN A 378 -1.80 38.96 3.07
CA GLN A 378 -3.24 38.69 3.08
C GLN A 378 -3.81 38.59 1.67
N ALA A 379 -3.36 39.46 0.77
CA ALA A 379 -3.82 39.47 -0.60
C ALA A 379 -3.44 38.17 -1.31
N GLU A 380 -2.26 37.64 -1.02
CA GLU A 380 -1.85 36.38 -1.61
C GLU A 380 -2.67 35.24 -1.04
N MET A 381 -2.87 35.29 0.27
CA MET A 381 -3.65 34.26 0.93
C MET A 381 -5.07 34.23 0.39
N ALA A 382 -5.61 35.42 0.13
CA ALA A 382 -6.94 35.50 -0.50
C ALA A 382 -6.96 34.82 -1.87
N GLN A 383 -5.85 34.86 -2.58
CA GLN A 383 -5.75 34.17 -3.87
C GLN A 383 -5.68 32.66 -3.68
N GLU A 384 -5.15 32.23 -2.53
CA GLU A 384 -5.05 30.82 -2.21
C GLU A 384 -6.45 30.23 -1.97
N GLY A 385 -7.27 30.95 -1.22
CA GLY A 385 -8.71 30.71 -1.22
C GLY A 385 -9.39 29.71 -0.28
N GLY A 386 -8.64 28.76 0.28
CA GLY A 386 -9.24 27.78 1.17
C GLY A 386 -10.20 26.85 0.47
N THR A 387 -11.36 26.61 1.08
CA THR A 387 -12.35 25.62 0.61
C THR A 387 -12.62 25.68 -0.87
N ARG A 388 -13.01 26.87 -1.31
CA ARG A 388 -13.54 27.07 -2.64
C ARG A 388 -12.56 26.62 -3.70
N ARG A 389 -11.37 27.20 -3.69
CA ARG A 389 -10.37 26.83 -4.66
C ARG A 389 -10.06 25.35 -4.44
N ALA A 390 -9.95 24.93 -3.19
CA ALA A 390 -9.70 23.52 -2.90
C ALA A 390 -10.82 22.64 -3.44
N ALA A 391 -12.06 23.10 -3.31
CA ALA A 391 -13.18 22.34 -3.87
C ALA A 391 -13.08 22.35 -5.39
N ASP A 392 -13.01 23.55 -5.96
CA ASP A 392 -12.89 23.73 -7.40
C ASP A 392 -11.69 22.95 -7.95
N LEU A 393 -10.58 22.96 -7.24
CA LEU A 393 -9.43 22.17 -7.68
C LEU A 393 -9.71 20.66 -7.56
N ILE A 394 -10.42 20.26 -6.51
CA ILE A 394 -10.78 18.84 -6.32
C ILE A 394 -11.81 18.39 -7.35
N GLU A 395 -12.65 19.32 -7.81
CA GLU A 395 -13.64 18.97 -8.83
C GLU A 395 -13.04 19.07 -10.23
N ALA A 396 -11.96 19.81 -10.36
CA ALA A 396 -11.21 19.82 -11.61
C ALA A 396 -10.54 18.47 -11.83
N GLU A 397 -10.34 17.71 -10.75
CA GLU A 397 -9.73 16.38 -10.82
C GLU A 397 -10.74 15.23 -10.87
N LEU A 398 -11.97 15.46 -10.39
CA LEU A 398 -13.02 14.46 -10.43
C LEU A 398 -13.34 14.10 -11.86
N PRO A 399 -13.13 12.82 -12.24
CA PRO A 399 -13.25 12.33 -13.63
C PRO A 399 -14.64 12.38 -14.26
N ALA A 400 -14.80 11.55 -15.29
CA ALA A 400 -16.04 11.45 -16.06
C ALA A 400 -16.76 10.15 -15.73
N THR B 6 15.44 -53.08 -5.06
CA THR B 6 14.35 -52.86 -4.12
C THR B 6 14.16 -51.37 -3.83
N PRO B 7 13.33 -50.71 -4.66
CA PRO B 7 13.23 -49.24 -4.71
C PRO B 7 12.83 -48.58 -3.38
N ALA B 8 13.40 -47.39 -3.13
CA ALA B 8 12.98 -46.54 -2.02
C ALA B 8 11.47 -46.32 -2.11
N HIS B 9 10.81 -46.19 -0.96
CA HIS B 9 9.36 -45.95 -0.95
C HIS B 9 9.05 -44.53 -0.51
N ILE B 10 8.59 -43.71 -1.45
CA ILE B 10 8.31 -42.31 -1.21
C ILE B 10 6.80 -42.14 -1.19
N ALA B 11 6.26 -41.58 -0.11
CA ALA B 11 4.81 -41.39 -0.01
C ALA B 11 4.39 -39.97 -0.32
N MET B 12 3.64 -39.80 -1.41
CA MET B 12 3.11 -38.52 -1.84
C MET B 12 1.66 -38.39 -1.39
N PHE B 13 1.29 -37.20 -0.91
CA PHE B 13 -0.05 -36.96 -0.39
C PHE B 13 -0.66 -35.69 -1.00
N SER B 14 -1.92 -35.80 -1.40
CA SER B 14 -2.66 -34.62 -1.79
C SER B 14 -4.15 -34.81 -1.63
N ILE B 15 -4.90 -33.84 -2.14
CA ILE B 15 -6.34 -33.84 -2.10
C ILE B 15 -6.78 -33.86 -3.55
N ALA B 16 -8.07 -34.04 -3.80
CA ALA B 16 -8.49 -34.16 -5.18
C ALA B 16 -8.78 -32.80 -5.82
N ALA B 17 -8.05 -31.78 -5.36
CA ALA B 17 -8.05 -30.43 -5.94
C ALA B 17 -7.26 -30.32 -7.23
N HIS B 18 -7.80 -29.71 -8.31
CA HIS B 18 -7.00 -29.65 -9.54
C HIS B 18 -5.70 -28.85 -9.33
N GLY B 19 -5.82 -27.64 -8.78
CA GLY B 19 -4.68 -26.76 -8.61
C GLY B 19 -3.61 -27.26 -7.65
N HIS B 20 -3.88 -28.38 -6.99
CA HIS B 20 -2.94 -28.96 -6.06
C HIS B 20 -2.43 -30.33 -6.50
N VAL B 21 -2.75 -30.70 -7.74
CA VAL B 21 -2.23 -31.94 -8.30
C VAL B 21 -1.46 -31.69 -9.61
N ASN B 22 -2.05 -30.91 -10.52
CA ASN B 22 -1.42 -30.55 -11.80
C ASN B 22 -0.02 -29.89 -11.74
N PRO B 23 0.26 -29.08 -10.71
CA PRO B 23 1.59 -28.46 -10.70
C PRO B 23 2.75 -29.44 -10.47
N SER B 24 2.50 -30.54 -9.77
CA SER B 24 3.58 -31.46 -9.41
C SER B 24 3.46 -32.81 -10.10
N LEU B 25 2.49 -32.95 -10.99
CA LEU B 25 2.26 -34.21 -11.70
C LEU B 25 3.56 -34.74 -12.30
N GLU B 26 4.21 -33.90 -13.09
CA GLU B 26 5.44 -34.27 -13.77
C GLU B 26 6.55 -34.73 -12.84
N VAL B 27 6.63 -34.11 -11.67
CA VAL B 27 7.60 -34.52 -10.68
C VAL B 27 7.33 -35.96 -10.26
N ILE B 28 6.06 -36.29 -10.05
CA ILE B 28 5.70 -37.66 -9.70
C ILE B 28 6.01 -38.65 -10.84
N ARG B 29 5.61 -38.32 -12.07
CA ARG B 29 5.89 -39.22 -13.21
C ARG B 29 7.38 -39.41 -13.41
N GLU B 30 8.17 -38.37 -13.08
CA GLU B 30 9.61 -38.45 -13.22
C GLU B 30 10.21 -39.34 -12.13
N LEU B 31 9.68 -39.25 -10.91
CA LEU B 31 10.14 -40.16 -9.86
C LEU B 31 9.78 -41.60 -10.21
N VAL B 32 8.60 -41.80 -10.79
CA VAL B 32 8.21 -43.13 -11.23
C VAL B 32 9.27 -43.66 -12.21
N ALA B 33 9.53 -42.88 -13.24
CA ALA B 33 10.54 -43.24 -14.25
C ALA B 33 11.88 -43.63 -13.66
N ARG B 34 12.40 -42.81 -12.73
CA ARG B 34 13.69 -43.08 -12.09
C ARG B 34 13.74 -44.37 -11.26
N GLY B 35 12.61 -45.09 -11.19
CA GLY B 35 12.60 -46.40 -10.56
C GLY B 35 12.23 -46.39 -9.10
N HIS B 36 11.58 -45.32 -8.65
CA HIS B 36 11.15 -45.20 -7.28
C HIS B 36 9.86 -45.97 -7.08
N ARG B 37 9.60 -46.43 -5.87
CA ARG B 37 8.30 -47.00 -5.54
C ARG B 37 7.43 -45.89 -4.96
N VAL B 38 6.51 -45.38 -5.78
CA VAL B 38 5.74 -44.17 -5.44
C VAL B 38 4.26 -44.43 -5.25
N THR B 39 3.78 -44.21 -4.03
CA THR B 39 2.36 -44.22 -3.74
C THR B 39 1.87 -42.78 -3.68
N TYR B 40 0.57 -42.57 -3.87
CA TYR B 40 0.00 -41.23 -3.94
C TYR B 40 -1.34 -41.21 -3.27
N ALA B 41 -1.34 -41.00 -1.95
CA ALA B 41 -2.57 -40.90 -1.17
C ALA B 41 -3.46 -39.82 -1.76
N ILE B 42 -4.65 -40.20 -2.22
CA ILE B 42 -5.51 -39.33 -3.01
C ILE B 42 -6.97 -39.76 -2.84
N PRO B 43 -7.92 -38.80 -2.87
CA PRO B 43 -9.31 -39.27 -2.85
C PRO B 43 -9.61 -40.03 -4.15
N PRO B 44 -10.58 -40.95 -4.12
CA PRO B 44 -10.83 -41.84 -5.26
C PRO B 44 -11.21 -41.13 -6.55
N VAL B 45 -11.82 -39.95 -6.45
CA VAL B 45 -12.25 -39.25 -7.66
C VAL B 45 -11.05 -38.91 -8.55
N PHE B 46 -9.90 -38.64 -7.91
CA PHE B 46 -8.66 -38.31 -8.64
C PHE B 46 -7.68 -39.48 -8.77
N ALA B 47 -8.15 -40.72 -8.57
CA ALA B 47 -7.24 -41.86 -8.66
C ALA B 47 -6.73 -42.04 -10.09
N ASP B 48 -7.62 -41.84 -11.05
CA ASP B 48 -7.23 -41.99 -12.45
C ASP B 48 -6.25 -40.91 -12.88
N LYS B 49 -6.53 -39.67 -12.50
CA LYS B 49 -5.68 -38.55 -12.88
C LYS B 49 -4.26 -38.75 -12.38
N VAL B 50 -4.11 -39.31 -11.18
CA VAL B 50 -2.77 -39.48 -10.60
C VAL B 50 -2.07 -40.75 -11.09
N ALA B 51 -2.80 -41.86 -11.19
CA ALA B 51 -2.20 -43.14 -11.57
C ALA B 51 -1.60 -43.06 -12.96
N ALA B 52 -2.14 -42.18 -13.77
CA ALA B 52 -1.63 -41.95 -15.13
C ALA B 52 -0.17 -41.50 -15.14
N THR B 53 0.39 -41.24 -13.96
CA THR B 53 1.82 -40.99 -13.82
C THR B 53 2.61 -42.27 -13.58
N GLY B 54 1.89 -43.36 -13.35
CA GLY B 54 2.52 -44.61 -12.95
C GLY B 54 2.74 -44.73 -11.45
N ALA B 55 2.10 -43.86 -10.67
CA ALA B 55 2.11 -44.02 -9.22
C ALA B 55 0.88 -44.83 -8.82
N ARG B 56 0.92 -45.47 -7.65
CA ARG B 56 -0.23 -46.24 -7.19
C ARG B 56 -1.08 -45.40 -6.23
N PRO B 57 -2.30 -45.03 -6.64
CA PRO B 57 -3.14 -44.22 -5.76
C PRO B 57 -3.68 -44.98 -4.56
N VAL B 58 -3.67 -44.31 -3.41
CA VAL B 58 -4.25 -44.85 -2.20
C VAL B 58 -5.38 -43.96 -1.78
N LEU B 59 -6.58 -44.54 -1.75
CA LEU B 59 -7.83 -43.80 -1.72
C LEU B 59 -8.26 -43.41 -0.32
N TYR B 60 -8.62 -42.15 -0.14
CA TYR B 60 -9.30 -41.79 1.11
C TYR B 60 -10.52 -40.91 0.88
N HIS B 61 -11.46 -40.95 1.83
CA HIS B 61 -12.65 -40.12 1.74
C HIS B 61 -12.32 -38.64 1.91
N SER B 62 -12.77 -37.87 0.93
CA SER B 62 -12.57 -36.45 0.88
C SER B 62 -13.76 -35.74 1.47
N THR B 63 -13.50 -34.90 2.49
CA THR B 63 -14.55 -34.04 3.02
C THR B 63 -14.47 -32.62 2.42
N LEU B 64 -13.45 -32.38 1.60
CA LEU B 64 -13.28 -31.11 0.87
C LEU B 64 -14.28 -30.97 -0.30
N PRO B 65 -14.55 -29.73 -0.74
CA PRO B 65 -15.45 -29.51 -1.90
C PRO B 65 -15.06 -30.32 -3.13
N GLY B 66 -13.76 -30.48 -3.36
CA GLY B 66 -13.32 -31.29 -4.47
C GLY B 66 -12.49 -30.54 -5.50
N PRO B 67 -12.95 -30.57 -6.77
CA PRO B 67 -12.35 -30.00 -7.98
C PRO B 67 -13.06 -29.04 -8.85
N ASP B 68 -14.37 -29.08 -8.85
CA ASP B 68 -15.13 -28.45 -9.95
C ASP B 68 -16.13 -27.36 -9.55
N ALA B 69 -16.00 -26.82 -8.33
CA ALA B 69 -16.99 -25.89 -7.79
C ALA B 69 -17.20 -24.58 -8.57
N ASP B 70 -16.43 -23.55 -8.23
CA ASP B 70 -16.63 -22.21 -8.80
C ASP B 70 -16.44 -21.16 -7.69
N PRO B 71 -15.71 -20.07 -7.98
CA PRO B 71 -15.17 -19.09 -7.02
C PRO B 71 -16.09 -18.64 -5.88
N GLU B 72 -17.41 -18.80 -6.04
CA GLU B 72 -18.34 -18.44 -4.98
C GLU B 72 -18.45 -19.53 -3.94
N ALA B 73 -19.08 -20.64 -4.31
CA ALA B 73 -19.30 -21.78 -3.42
C ALA B 73 -18.01 -22.32 -2.80
N TRP B 74 -16.86 -21.82 -3.28
CA TRP B 74 -15.57 -22.13 -2.66
C TRP B 74 -15.42 -21.45 -1.31
N GLY B 75 -16.21 -20.40 -1.09
CA GLY B 75 -16.25 -19.69 0.17
C GLY B 75 -15.39 -18.45 0.22
N SER B 76 -15.99 -17.32 0.60
CA SER B 76 -15.25 -16.05 0.59
C SER B 76 -14.22 -15.95 1.73
N THR B 77 -14.62 -15.37 2.86
CA THR B 77 -13.71 -15.00 3.97
C THR B 77 -12.68 -16.02 4.46
N LEU B 78 -11.83 -15.58 5.38
CA LEU B 78 -10.71 -16.36 5.88
C LEU B 78 -11.11 -17.71 6.49
N LEU B 79 -12.01 -17.69 7.45
CA LEU B 79 -12.42 -18.93 8.09
C LEU B 79 -13.17 -19.83 7.11
N ASP B 80 -13.91 -19.21 6.20
CA ASP B 80 -14.57 -19.96 5.13
C ASP B 80 -13.53 -20.73 4.33
N ASN B 81 -12.36 -20.14 4.14
CA ASN B 81 -11.36 -20.72 3.25
C ASN B 81 -10.45 -21.74 3.95
N VAL B 82 -10.09 -21.46 5.19
CA VAL B 82 -9.06 -22.27 5.84
C VAL B 82 -9.63 -23.41 6.68
N GLU B 83 -10.78 -23.17 7.30
CA GLU B 83 -11.44 -24.22 8.08
C GLU B 83 -11.74 -25.50 7.27
N PRO B 84 -12.27 -25.37 6.03
CA PRO B 84 -12.68 -26.60 5.35
C PRO B 84 -11.50 -27.36 4.79
N PHE B 85 -10.30 -26.79 4.82
CA PHE B 85 -9.12 -27.62 4.56
C PHE B 85 -8.81 -28.42 5.82
N LEU B 86 -9.24 -27.89 6.98
CA LEU B 86 -8.89 -28.50 8.26
C LEU B 86 -9.62 -29.81 8.50
N ASN B 87 -10.87 -29.71 8.95
CA ASN B 87 -11.69 -30.82 9.43
C ASN B 87 -11.51 -32.09 8.60
N ASP B 88 -11.05 -31.88 7.37
CA ASP B 88 -10.52 -32.92 6.51
C ASP B 88 -9.49 -33.84 7.13
N ALA B 89 -8.39 -33.24 7.59
CA ALA B 89 -7.26 -34.00 8.09
C ALA B 89 -7.64 -34.87 9.27
N ILE B 90 -8.51 -34.33 10.13
CA ILE B 90 -8.84 -35.03 11.36
C ILE B 90 -9.45 -36.40 11.09
N GLN B 91 -10.35 -36.48 10.10
CA GLN B 91 -10.95 -37.74 9.73
C GLN B 91 -10.11 -38.50 8.68
N ALA B 92 -9.31 -37.78 7.91
CA ALA B 92 -8.47 -38.42 6.88
C ALA B 92 -7.28 -39.14 7.51
N LEU B 93 -6.69 -38.50 8.52
CA LEU B 93 -5.53 -39.07 9.21
C LEU B 93 -5.65 -40.57 9.55
N PRO B 94 -6.68 -40.97 10.34
CA PRO B 94 -6.76 -42.38 10.71
C PRO B 94 -6.96 -43.33 9.54
N GLN B 95 -7.57 -42.83 8.46
CA GLN B 95 -7.66 -43.63 7.24
C GLN B 95 -6.27 -43.94 6.69
N LEU B 96 -5.46 -42.90 6.58
CA LEU B 96 -4.14 -42.98 5.99
C LEU B 96 -3.13 -43.69 6.89
N ALA B 97 -3.20 -43.42 8.19
CA ALA B 97 -2.38 -44.16 9.16
C ALA B 97 -2.64 -45.65 8.99
N ASP B 98 -3.92 -46.00 8.84
CA ASP B 98 -4.33 -47.39 8.65
C ASP B 98 -3.75 -47.96 7.37
N ALA B 99 -3.89 -47.19 6.28
CA ALA B 99 -3.47 -47.65 4.95
C ALA B 99 -1.99 -47.96 4.87
N TYR B 100 -1.18 -47.17 5.54
CA TYR B 100 0.27 -47.32 5.41
C TYR B 100 0.90 -48.21 6.49
N ALA B 101 0.11 -48.63 7.47
CA ALA B 101 0.64 -49.34 8.65
C ALA B 101 1.63 -50.49 8.35
N ASP B 102 1.38 -51.20 7.26
CA ASP B 102 2.21 -52.36 6.88
C ASP B 102 3.39 -51.95 5.99
N ASP B 103 3.21 -50.82 5.30
CA ASP B 103 4.11 -50.40 4.22
C ASP B 103 4.52 -48.94 4.45
N ILE B 104 5.22 -48.71 5.57
CA ILE B 104 5.67 -47.38 5.97
C ILE B 104 6.81 -46.85 5.08
N PRO B 105 6.66 -45.61 4.57
CA PRO B 105 7.57 -45.04 3.56
C PRO B 105 8.90 -44.54 4.10
N ASP B 106 9.87 -44.36 3.20
CA ASP B 106 11.16 -43.79 3.58
C ASP B 106 11.20 -42.28 3.40
N LEU B 107 10.23 -41.75 2.67
CA LEU B 107 10.10 -40.30 2.52
C LEU B 107 8.67 -39.91 2.23
N VAL B 108 8.25 -38.77 2.79
CA VAL B 108 6.91 -38.26 2.57
C VAL B 108 6.96 -36.99 1.72
N LEU B 109 6.14 -36.95 0.68
CA LEU B 109 6.06 -35.81 -0.22
C LEU B 109 4.61 -35.32 -0.20
N HIS B 110 4.38 -34.01 -0.15
CA HIS B 110 3.00 -33.54 -0.09
C HIS B 110 2.78 -32.12 -0.58
N ASP B 111 1.63 -31.90 -1.21
CA ASP B 111 1.17 -30.54 -1.49
C ASP B 111 0.79 -29.85 -0.17
N ILE B 112 0.85 -28.52 -0.17
CA ILE B 112 0.62 -27.71 1.02
C ILE B 112 -0.71 -28.00 1.72
N THR B 113 -1.70 -28.44 0.95
CA THR B 113 -3.06 -28.60 1.49
C THR B 113 -3.27 -29.83 2.36
N SER B 114 -2.41 -30.85 2.21
CA SER B 114 -2.58 -32.08 2.98
C SER B 114 -1.95 -32.04 4.37
N TYR B 115 -2.74 -31.65 5.37
CA TYR B 115 -2.30 -31.72 6.76
C TYR B 115 -1.90 -33.13 7.23
N PRO B 116 -2.58 -34.19 6.77
CA PRO B 116 -2.19 -35.52 7.26
C PRO B 116 -0.75 -35.92 6.97
N ALA B 117 -0.19 -35.49 5.84
CA ALA B 117 1.17 -35.88 5.48
C ALA B 117 2.21 -35.43 6.51
N ARG B 118 2.05 -34.20 7.01
CA ARG B 118 2.95 -33.64 8.02
C ARG B 118 2.94 -34.51 9.28
N VAL B 119 1.76 -34.79 9.80
CA VAL B 119 1.63 -35.58 11.03
C VAL B 119 2.27 -36.96 10.90
N LEU B 120 1.94 -37.66 9.83
CA LEU B 120 2.49 -38.99 9.59
C LEU B 120 4.02 -39.02 9.44
N ALA B 121 4.57 -38.05 8.70
CA ALA B 121 6.01 -38.05 8.49
C ALA B 121 6.76 -37.87 9.81
N ARG B 122 6.14 -37.21 10.77
CA ARG B 122 6.73 -37.00 12.10
C ARG B 122 6.74 -38.29 12.91
N ARG B 123 5.61 -39.01 12.87
CA ARG B 123 5.44 -40.23 13.64
C ARG B 123 6.28 -41.38 13.12
N TRP B 124 6.27 -41.57 11.80
CA TRP B 124 6.98 -42.66 11.15
C TRP B 124 8.50 -42.56 11.26
N GLY B 125 8.99 -41.36 11.55
CA GLY B 125 10.41 -41.14 11.72
C GLY B 125 11.12 -40.90 10.40
N VAL B 126 10.40 -40.35 9.44
CA VAL B 126 10.98 -40.08 8.12
C VAL B 126 10.87 -38.61 7.71
N PRO B 127 11.79 -38.15 6.84
CA PRO B 127 11.76 -36.78 6.33
C PRO B 127 10.50 -36.49 5.52
N ALA B 128 10.05 -35.24 5.50
CA ALA B 128 8.93 -34.82 4.66
C ALA B 128 9.35 -33.66 3.75
N VAL B 129 8.77 -33.61 2.56
CA VAL B 129 9.02 -32.51 1.61
C VAL B 129 7.71 -31.90 1.15
N SER B 130 7.54 -30.60 1.41
CA SER B 130 6.34 -29.90 0.98
C SER B 130 6.52 -29.36 -0.42
N LEU B 131 5.49 -29.50 -1.25
CA LEU B 131 5.54 -28.96 -2.60
C LEU B 131 4.51 -27.84 -2.75
N SER B 132 4.97 -26.62 -3.03
CA SER B 132 4.06 -25.47 -3.09
C SER B 132 3.83 -24.96 -4.50
N PRO B 133 2.56 -24.93 -4.92
CA PRO B 133 2.25 -24.46 -6.28
C PRO B 133 2.12 -22.95 -6.35
N ASN B 134 2.43 -22.27 -5.26
CA ASN B 134 2.29 -20.82 -5.18
C ASN B 134 3.33 -20.24 -4.23
N LEU B 135 3.23 -18.94 -3.96
CA LEU B 135 4.20 -18.29 -3.10
C LEU B 135 4.24 -18.94 -1.71
N VAL B 136 5.35 -18.74 -1.02
CA VAL B 136 5.52 -19.25 0.33
C VAL B 136 5.75 -18.11 1.32
N ALA B 137 5.78 -18.44 2.61
CA ALA B 137 5.99 -17.44 3.63
C ALA B 137 7.44 -16.99 3.67
N TRP B 138 7.64 -15.70 3.88
CA TRP B 138 8.97 -15.14 4.07
C TRP B 138 9.17 -14.83 5.55
N LYS B 139 10.40 -14.48 5.92
CA LYS B 139 10.65 -13.98 7.26
C LYS B 139 9.94 -12.66 7.41
N GLY B 140 9.01 -12.60 8.36
CA GLY B 140 8.16 -11.43 8.50
C GLY B 140 6.71 -11.69 8.16
N TYR B 141 6.42 -12.83 7.53
CA TYR B 141 5.09 -13.16 7.03
C TYR B 141 3.99 -13.22 8.10
N GLU B 142 4.25 -13.92 9.20
CA GLU B 142 3.23 -14.08 10.23
C GLU B 142 2.79 -12.74 10.81
N GLU B 143 3.73 -11.81 10.86
CA GLU B 143 3.51 -10.55 11.55
C GLU B 143 3.01 -9.51 10.55
N GLU B 144 3.37 -9.70 9.28
CA GLU B 144 3.01 -8.73 8.24
C GLU B 144 1.75 -9.13 7.49
N VAL B 145 1.44 -10.41 7.51
CA VAL B 145 0.39 -10.95 6.66
C VAL B 145 -0.63 -11.80 7.42
N ALA B 146 -0.14 -12.78 8.18
CA ALA B 146 -1.04 -13.75 8.83
C ALA B 146 -1.74 -13.19 10.07
N GLU B 147 -0.96 -12.80 11.08
CA GLU B 147 -1.52 -12.23 12.30
C GLU B 147 -2.50 -11.10 12.00
N PRO B 148 -2.10 -10.14 11.13
CA PRO B 148 -3.11 -9.15 10.74
C PRO B 148 -4.38 -9.75 10.14
N MET B 149 -4.30 -10.67 9.19
CA MET B 149 -5.54 -11.14 8.58
C MET B 149 -6.30 -12.07 9.55
N TRP B 150 -5.60 -12.55 10.58
CA TRP B 150 -6.26 -13.25 11.67
C TRP B 150 -6.71 -12.31 12.80
N ARG B 151 -6.54 -11.00 12.62
CA ARG B 151 -6.96 -10.03 13.64
C ARG B 151 -8.40 -10.22 14.09
N GLU B 152 -9.35 -10.00 13.17
CA GLU B 152 -10.77 -10.17 13.47
C GLU B 152 -11.21 -11.61 13.81
N PRO B 153 -10.94 -12.58 12.91
CA PRO B 153 -11.59 -13.90 13.09
C PRO B 153 -11.11 -14.61 14.35
N ARG B 154 -9.98 -14.17 14.87
CA ARG B 154 -9.45 -14.68 16.11
C ARG B 154 -10.17 -14.07 17.31
N GLN B 155 -11.18 -13.26 17.05
CA GLN B 155 -11.97 -12.70 18.14
C GLN B 155 -13.28 -13.48 18.23
N THR B 156 -13.60 -14.20 17.15
CA THR B 156 -14.86 -14.94 17.09
C THR B 156 -14.81 -16.26 17.83
N GLU B 157 -15.99 -16.71 18.26
CA GLU B 157 -16.12 -18.04 18.84
C GLU B 157 -15.79 -19.12 17.80
N ARG B 158 -16.16 -18.87 16.55
CA ARG B 158 -15.80 -19.75 15.43
C ARG B 158 -14.28 -19.93 15.39
N GLY B 159 -13.57 -18.82 15.53
CA GLY B 159 -12.11 -18.86 15.47
C GLY B 159 -11.41 -19.48 16.67
N ARG B 160 -11.92 -19.21 17.86
CA ARG B 160 -11.31 -19.75 19.08
C ARG B 160 -11.47 -21.27 19.18
N ALA B 161 -12.63 -21.77 18.77
CA ALA B 161 -12.87 -23.20 18.76
C ALA B 161 -11.94 -23.89 17.75
N TYR B 162 -11.76 -23.25 16.60
CA TYR B 162 -10.91 -23.78 15.52
C TYR B 162 -9.46 -23.95 15.96
N TYR B 163 -8.85 -22.90 16.50
CA TYR B 163 -7.48 -23.03 17.00
C TYR B 163 -7.44 -24.10 18.08
N ALA B 164 -8.44 -24.11 18.96
CA ALA B 164 -8.51 -25.18 19.94
C ALA B 164 -8.70 -26.54 19.25
N ARG B 165 -9.54 -26.56 18.20
CA ARG B 165 -9.81 -27.80 17.45
C ARG B 165 -8.62 -28.24 16.61
N PHE B 166 -7.96 -27.28 15.99
CA PHE B 166 -6.74 -27.56 15.24
C PHE B 166 -5.74 -28.13 16.23
N GLU B 167 -5.67 -27.56 17.42
CA GLU B 167 -4.70 -27.98 18.43
C GLU B 167 -5.05 -29.27 19.16
N ALA B 168 -6.31 -29.41 19.60
CA ALA B 168 -6.76 -30.63 20.31
C ALA B 168 -6.71 -31.86 19.40
N TRP B 169 -6.04 -31.66 18.28
CA TRP B 169 -5.68 -32.67 17.33
C TRP B 169 -4.32 -32.25 16.87
N LEU B 170 -3.26 -32.67 17.57
CA LEU B 170 -1.87 -32.29 17.28
C LEU B 170 -1.15 -32.65 18.56
N LYS B 171 -1.64 -32.11 19.67
CA LYS B 171 -1.15 -32.52 20.97
C LYS B 171 -1.41 -34.01 21.06
N GLU B 172 -2.57 -34.40 20.57
CA GLU B 172 -2.96 -35.79 20.44
C GLU B 172 -1.88 -36.62 19.72
N ASN B 173 -1.36 -36.08 18.63
CA ASN B 173 -0.36 -36.81 17.86
C ASN B 173 1.07 -36.57 18.32
N GLY B 174 1.21 -35.90 19.46
CA GLY B 174 2.51 -35.44 19.91
C GLY B 174 3.02 -34.43 18.91
N ILE B 175 2.44 -33.23 18.94
CA ILE B 175 2.92 -32.08 18.17
C ILE B 175 2.68 -30.81 18.99
N THR B 176 3.75 -30.19 19.49
CA THR B 176 3.63 -29.02 20.37
C THR B 176 3.84 -27.69 19.66
N GLU B 177 4.27 -27.75 18.40
CA GLU B 177 4.39 -26.53 17.63
C GLU B 177 3.01 -25.90 17.43
N HIS B 178 2.97 -24.57 17.47
CA HIS B 178 1.78 -23.78 17.18
C HIS B 178 1.14 -24.23 15.87
N PRO B 179 -0.19 -24.15 15.79
CA PRO B 179 -0.88 -24.54 14.55
C PRO B 179 -0.39 -23.78 13.32
N ASP B 180 -0.13 -22.48 13.45
CA ASP B 180 0.22 -21.68 12.26
C ASP B 180 1.66 -21.91 11.81
N THR B 181 2.47 -22.48 12.70
CA THR B 181 3.80 -22.96 12.32
C THR B 181 3.66 -24.27 11.56
N PHE B 182 2.74 -25.11 12.03
CA PHE B 182 2.51 -26.42 11.44
C PHE B 182 1.99 -26.29 10.02
N ALA B 183 1.04 -25.38 9.80
CA ALA B 183 0.43 -25.28 8.48
C ALA B 183 1.25 -24.45 7.48
N SER B 184 1.88 -23.38 7.96
CA SER B 184 2.47 -22.40 7.05
C SER B 184 4.00 -22.42 6.98
N HIS B 185 4.64 -23.21 7.82
CA HIS B 185 6.10 -23.17 7.91
C HIS B 185 6.77 -24.54 7.89
N PRO B 186 6.80 -25.17 6.70
CA PRO B 186 7.38 -26.51 6.55
C PRO B 186 8.88 -26.51 6.82
N PRO B 187 9.44 -27.66 7.21
CA PRO B 187 10.88 -27.76 7.44
C PRO B 187 11.66 -27.83 6.12
N ARG B 188 11.00 -28.27 5.06
CA ARG B 188 11.63 -28.39 3.75
C ARG B 188 10.56 -28.24 2.66
N SER B 189 10.83 -27.40 1.68
CA SER B 189 9.83 -27.11 0.66
C SER B 189 10.44 -26.83 -0.68
N LEU B 190 9.81 -27.36 -1.74
CA LEU B 190 10.14 -27.00 -3.11
C LEU B 190 9.00 -26.15 -3.66
N VAL B 191 9.35 -25.00 -4.21
CA VAL B 191 8.36 -24.04 -4.68
C VAL B 191 8.27 -24.09 -6.20
N LEU B 192 7.07 -24.33 -6.71
CA LEU B 192 6.84 -24.59 -8.13
C LEU B 192 6.47 -23.32 -8.91
N ILE B 193 6.96 -22.18 -8.42
CA ILE B 193 6.86 -20.94 -9.16
C ILE B 193 8.25 -20.34 -9.22
N PRO B 194 8.53 -19.54 -10.25
CA PRO B 194 9.86 -18.93 -10.31
C PRO B 194 10.03 -17.92 -9.20
N LYS B 195 11.25 -17.75 -8.70
CA LYS B 195 11.48 -16.87 -7.56
C LYS B 195 11.06 -15.43 -7.86
N ALA B 196 11.18 -15.02 -9.12
CA ALA B 196 10.78 -13.67 -9.52
C ALA B 196 9.33 -13.34 -9.17
N LEU B 197 8.48 -14.37 -9.14
CA LEU B 197 7.06 -14.15 -8.84
C LEU B 197 6.73 -14.32 -7.36
N GLN B 198 7.77 -14.51 -6.54
CA GLN B 198 7.59 -14.60 -5.09
C GLN B 198 7.72 -13.23 -4.44
N PRO B 199 6.66 -12.79 -3.74
CA PRO B 199 6.75 -11.52 -3.01
C PRO B 199 7.82 -11.59 -1.92
N HIS B 200 8.55 -10.50 -1.69
CA HIS B 200 9.56 -10.46 -0.62
C HIS B 200 10.55 -11.62 -0.73
N ALA B 201 10.91 -11.95 -1.97
CA ALA B 201 11.75 -13.11 -2.24
C ALA B 201 13.07 -13.12 -1.47
N ASP B 202 13.61 -11.93 -1.21
CA ASP B 202 14.86 -11.84 -0.49
C ASP B 202 14.78 -12.31 0.92
N ARG B 203 13.58 -12.22 1.49
CA ARG B 203 13.38 -12.63 2.88
C ARG B 203 12.95 -14.09 3.02
N VAL B 204 12.82 -14.82 1.91
CA VAL B 204 12.49 -16.24 1.97
C VAL B 204 13.70 -17.05 2.45
N ASP B 205 13.47 -17.92 3.43
CA ASP B 205 14.54 -18.66 4.10
C ASP B 205 15.14 -19.75 3.21
N GLU B 206 16.43 -19.58 2.91
CA GLU B 206 17.17 -20.51 2.08
C GLU B 206 17.37 -21.89 2.70
N ASP B 207 17.32 -21.97 4.02
CA ASP B 207 17.51 -23.27 4.69
C ASP B 207 16.22 -24.08 4.77
N VAL B 208 15.22 -23.66 4.00
CA VAL B 208 13.96 -24.39 3.96
C VAL B 208 13.46 -24.54 2.53
N TYR B 209 13.45 -23.43 1.80
CA TYR B 209 12.79 -23.36 0.50
C TYR B 209 13.75 -23.34 -0.69
N THR B 210 13.49 -24.21 -1.66
CA THR B 210 14.18 -24.15 -2.94
C THR B 210 13.17 -23.87 -4.04
N PHE B 211 13.44 -22.83 -4.84
CA PHE B 211 12.58 -22.48 -5.96
C PHE B 211 12.98 -23.27 -7.19
N VAL B 212 12.08 -24.11 -7.68
CA VAL B 212 12.36 -24.91 -8.86
C VAL B 212 11.56 -24.44 -10.07
N GLY B 213 10.59 -23.56 -9.84
CA GLY B 213 9.76 -23.06 -10.91
C GLY B 213 8.73 -24.07 -11.38
N ALA B 214 8.04 -23.75 -12.47
CA ALA B 214 7.03 -24.65 -13.00
C ALA B 214 7.67 -25.92 -13.51
N CYS B 215 6.90 -27.01 -13.45
CA CYS B 215 7.41 -28.31 -13.82
C CYS B 215 6.45 -28.90 -14.87
N GLN B 216 6.47 -28.34 -16.07
CA GLN B 216 5.47 -28.68 -17.08
C GLN B 216 5.74 -30.01 -17.74
N GLY B 217 4.88 -30.38 -18.68
CA GLY B 217 5.12 -31.53 -19.53
C GLY B 217 6.10 -31.15 -20.63
N ASP B 218 6.09 -31.91 -21.72
CA ASP B 218 6.97 -31.57 -22.84
C ASP B 218 6.16 -30.77 -23.86
N ARG B 219 6.80 -29.79 -24.50
CA ARG B 219 6.07 -28.85 -25.38
C ARG B 219 6.72 -28.59 -26.75
N ALA B 220 7.68 -29.42 -27.12
CA ALA B 220 8.00 -29.62 -28.53
C ALA B 220 7.13 -30.80 -28.96
N GLU B 221 6.62 -31.51 -27.95
CA GLU B 221 5.64 -32.55 -28.17
C GLU B 221 4.31 -31.94 -28.61
N GLU B 222 4.19 -30.62 -28.41
CA GLU B 222 3.03 -29.87 -28.85
C GLU B 222 3.21 -29.24 -30.25
N GLY B 223 4.28 -29.60 -30.94
CA GLY B 223 4.41 -29.23 -32.35
C GLY B 223 5.55 -28.29 -32.72
N GLY B 224 5.17 -27.15 -33.31
CA GLY B 224 6.07 -26.04 -33.62
C GLY B 224 5.26 -24.87 -34.17
N TRP B 225 5.88 -23.71 -34.35
CA TRP B 225 5.22 -22.59 -35.06
C TRP B 225 6.20 -21.78 -35.89
N GLN B 226 5.74 -21.35 -37.06
CA GLN B 226 6.58 -20.67 -38.04
C GLN B 226 6.30 -19.17 -38.17
N ARG B 227 7.20 -18.38 -37.60
CA ARG B 227 7.15 -16.93 -37.74
C ARG B 227 7.12 -16.57 -39.21
N PRO B 228 6.09 -15.82 -39.63
CA PRO B 228 5.84 -15.49 -41.03
C PRO B 228 6.37 -14.13 -41.52
N ALA B 229 7.58 -14.10 -42.08
CA ALA B 229 8.02 -13.04 -43.02
C ALA B 229 8.38 -11.65 -42.50
N GLY B 230 7.47 -11.02 -41.77
CA GLY B 230 7.67 -9.64 -41.30
C GLY B 230 8.01 -9.58 -39.83
N ALA B 231 8.77 -8.57 -39.42
CA ALA B 231 9.40 -8.64 -38.11
C ALA B 231 10.23 -7.47 -37.57
N GLU B 232 11.45 -7.84 -37.16
CA GLU B 232 12.14 -7.16 -36.07
C GLU B 232 11.20 -7.22 -34.84
N LYS B 233 10.09 -7.97 -34.96
CA LYS B 233 8.81 -7.60 -34.31
C LYS B 233 7.58 -8.53 -34.47
N VAL B 234 7.14 -9.14 -33.35
CA VAL B 234 5.98 -10.05 -33.29
C VAL B 234 5.24 -10.03 -31.92
N VAL B 235 3.91 -10.06 -31.92
CA VAL B 235 3.12 -10.05 -30.66
C VAL B 235 2.10 -11.20 -30.54
N LEU B 236 2.08 -11.87 -29.38
CA LEU B 236 1.08 -12.91 -29.12
C LEU B 236 0.04 -12.44 -28.10
N VAL B 237 -1.23 -12.51 -28.48
CA VAL B 237 -2.32 -12.26 -27.54
C VAL B 237 -2.93 -13.58 -27.14
N SER B 238 -2.91 -13.87 -25.85
CA SER B 238 -3.51 -15.09 -25.34
C SER B 238 -3.96 -14.93 -23.90
N LEU B 239 -5.23 -15.17 -23.65
CA LEU B 239 -5.74 -15.04 -22.29
C LEU B 239 -5.86 -16.44 -21.68
N GLY B 240 -5.16 -17.41 -22.26
CA GLY B 240 -5.11 -18.74 -21.67
C GLY B 240 -6.15 -19.73 -22.15
N SER B 241 -6.64 -20.57 -21.25
CA SER B 241 -7.58 -21.63 -21.59
C SER B 241 -9.04 -21.20 -21.49
N ALA B 242 -9.35 -20.24 -20.61
CA ALA B 242 -10.75 -20.04 -20.22
C ALA B 242 -11.29 -18.62 -20.30
N PHE B 243 -10.48 -17.64 -19.96
CA PHE B 243 -10.98 -16.27 -19.85
C PHE B 243 -10.72 -15.55 -21.17
N THR B 244 -11.44 -16.01 -22.19
CA THR B 244 -11.11 -15.72 -23.58
C THR B 244 -12.27 -15.08 -24.36
N LYS B 245 -13.48 -15.09 -23.80
CA LYS B 245 -14.60 -14.45 -24.50
C LYS B 245 -14.54 -12.93 -24.35
N GLN B 246 -13.69 -12.28 -25.14
CA GLN B 246 -13.53 -10.83 -25.06
C GLN B 246 -13.38 -10.19 -26.44
N PRO B 247 -14.47 -10.16 -27.23
CA PRO B 247 -14.44 -9.74 -28.63
C PRO B 247 -13.99 -8.29 -28.87
N ALA B 248 -14.66 -7.34 -28.24
CA ALA B 248 -14.29 -5.94 -28.39
C ALA B 248 -12.80 -5.73 -28.09
N PHE B 249 -12.32 -6.38 -27.04
CA PHE B 249 -10.90 -6.30 -26.69
C PHE B 249 -10.00 -6.87 -27.80
N TYR B 250 -10.46 -7.92 -28.47
CA TYR B 250 -9.68 -8.45 -29.60
C TYR B 250 -9.71 -7.50 -30.78
N ARG B 251 -10.87 -6.91 -31.03
CA ARG B 251 -10.97 -5.87 -32.06
C ARG B 251 -9.96 -4.77 -31.75
N GLU B 252 -9.85 -4.43 -30.46
CA GLU B 252 -8.92 -3.38 -30.04
C GLU B 252 -7.47 -3.80 -30.33
N CYS B 253 -7.14 -5.06 -30.08
CA CYS B 253 -5.80 -5.58 -30.42
C CYS B 253 -5.63 -5.53 -31.92
N VAL B 254 -6.64 -6.04 -32.60
CA VAL B 254 -6.74 -5.94 -34.05
C VAL B 254 -6.69 -4.47 -34.46
N ARG B 255 -7.32 -3.61 -33.68
CA ARG B 255 -7.24 -2.19 -33.93
C ARG B 255 -5.84 -1.70 -33.58
N ALA B 256 -5.34 -2.13 -32.42
CA ALA B 256 -4.00 -1.77 -31.99
C ALA B 256 -2.95 -2.28 -32.96
N PHE B 257 -2.95 -3.60 -33.16
CA PHE B 257 -1.84 -4.22 -33.86
C PHE B 257 -2.12 -4.48 -35.33
N GLY B 258 -3.31 -4.14 -35.79
CA GLY B 258 -3.63 -4.35 -37.19
C GLY B 258 -2.94 -3.31 -38.06
N ASN B 259 -2.32 -3.78 -39.13
CA ASN B 259 -1.67 -2.89 -40.09
C ASN B 259 -0.48 -2.12 -39.48
N LEU B 260 -0.15 -2.38 -38.23
CA LEU B 260 1.02 -1.76 -37.64
C LEU B 260 2.25 -2.50 -38.14
N PRO B 261 3.15 -1.76 -38.80
CA PRO B 261 4.20 -2.25 -39.69
C PRO B 261 5.43 -2.72 -38.93
N GLY B 262 6.16 -3.65 -39.51
CA GLY B 262 7.21 -4.37 -38.82
C GLY B 262 6.56 -5.51 -38.05
N TRP B 263 5.49 -5.16 -37.34
CA TRP B 263 4.79 -6.04 -36.43
C TRP B 263 3.91 -7.08 -37.10
N HIS B 264 3.70 -8.16 -36.36
CA HIS B 264 2.85 -9.28 -36.77
C HIS B 264 2.08 -9.74 -35.53
N LEU B 265 0.76 -9.84 -35.67
CA LEU B 265 -0.10 -10.18 -34.53
C LEU B 265 -0.68 -11.59 -34.58
N VAL B 266 -0.49 -12.33 -33.49
CA VAL B 266 -1.03 -13.69 -33.37
C VAL B 266 -2.07 -13.76 -32.26
N LEU B 267 -3.33 -14.00 -32.64
CA LEU B 267 -4.44 -14.01 -31.70
C LEU B 267 -4.87 -15.43 -31.37
N GLN B 268 -5.06 -15.71 -30.09
CA GLN B 268 -5.47 -17.02 -29.65
C GLN B 268 -6.79 -16.88 -28.90
N ILE B 269 -7.91 -16.93 -29.64
CA ILE B 269 -9.20 -16.46 -29.13
C ILE B 269 -10.10 -17.56 -28.55
N GLY B 270 -9.60 -18.78 -28.50
CA GLY B 270 -10.36 -19.87 -27.93
C GLY B 270 -11.54 -20.30 -28.78
N ARG B 271 -12.56 -20.85 -28.13
CA ARG B 271 -13.69 -21.44 -28.84
C ARG B 271 -15.03 -20.77 -28.51
N LYS B 272 -15.01 -19.82 -27.58
CA LYS B 272 -16.22 -19.07 -27.25
C LYS B 272 -16.32 -17.82 -28.11
N VAL B 273 -15.23 -17.52 -28.81
CA VAL B 273 -15.24 -16.46 -29.78
C VAL B 273 -15.08 -17.12 -31.14
N THR B 274 -15.96 -16.77 -32.08
CA THR B 274 -15.78 -17.24 -33.44
C THR B 274 -14.99 -16.16 -34.19
N PRO B 275 -14.07 -16.58 -35.06
CA PRO B 275 -13.21 -15.69 -35.85
C PRO B 275 -13.96 -14.53 -36.49
N ALA B 276 -15.16 -14.76 -36.98
CA ALA B 276 -15.91 -13.70 -37.62
C ALA B 276 -16.41 -12.62 -36.65
N GLU B 277 -16.54 -12.98 -35.37
CA GLU B 277 -16.97 -12.05 -34.28
C GLU B 277 -16.05 -10.85 -34.16
N LEU B 278 -14.90 -10.94 -34.81
CA LEU B 278 -13.82 -10.00 -34.57
C LEU B 278 -13.66 -9.00 -35.70
N GLY B 279 -14.79 -8.63 -36.31
CA GLY B 279 -14.80 -7.60 -37.34
C GLY B 279 -14.22 -8.02 -38.66
N GLU B 280 -13.50 -7.10 -39.31
CA GLU B 280 -12.83 -7.36 -40.59
C GLU B 280 -11.32 -7.17 -40.39
N LEU B 281 -10.54 -8.17 -40.82
CA LEU B 281 -9.18 -8.38 -40.31
C LEU B 281 -8.04 -7.98 -41.25
N PRO B 282 -7.01 -7.30 -40.71
CA PRO B 282 -5.80 -6.97 -41.47
C PRO B 282 -5.03 -8.21 -41.91
N ASP B 283 -4.25 -8.03 -42.98
CA ASP B 283 -3.56 -9.10 -43.67
C ASP B 283 -2.13 -9.25 -43.21
N ASN B 284 -1.85 -8.86 -41.97
CA ASN B 284 -0.65 -9.32 -41.31
C ASN B 284 -1.17 -10.12 -40.12
N VAL B 285 -2.31 -9.67 -39.59
CA VAL B 285 -2.92 -10.33 -38.44
C VAL B 285 -3.43 -11.72 -38.80
N GLU B 286 -3.14 -12.68 -37.91
CA GLU B 286 -3.67 -14.03 -38.04
C GLU B 286 -4.37 -14.34 -36.71
N VAL B 287 -5.28 -15.31 -36.75
CA VAL B 287 -6.15 -15.61 -35.62
C VAL B 287 -6.34 -17.13 -35.51
N HIS B 288 -6.18 -17.65 -34.29
CA HIS B 288 -6.31 -19.09 -34.02
C HIS B 288 -7.22 -19.32 -32.82
N ASP B 289 -7.83 -20.49 -32.73
CA ASP B 289 -8.60 -20.86 -31.54
C ASP B 289 -7.66 -21.38 -30.44
N TRP B 290 -6.43 -21.71 -30.83
CA TRP B 290 -5.46 -22.32 -29.95
C TRP B 290 -4.12 -22.29 -30.66
N VAL B 291 -3.04 -22.04 -29.92
CA VAL B 291 -1.71 -21.96 -30.52
C VAL B 291 -0.71 -22.75 -29.67
N PRO B 292 0.42 -23.14 -30.27
CA PRO B 292 1.47 -23.75 -29.44
C PRO B 292 2.17 -22.63 -28.69
N GLN B 293 1.67 -22.29 -27.51
CA GLN B 293 2.02 -21.02 -26.87
C GLN B 293 3.50 -20.85 -26.56
N LEU B 294 4.13 -21.86 -25.98
CA LEU B 294 5.54 -21.72 -25.60
C LEU B 294 6.40 -21.64 -26.86
N ALA B 295 6.03 -22.43 -27.87
CA ALA B 295 6.74 -22.41 -29.15
C ALA B 295 6.67 -21.02 -29.76
N ILE B 296 5.53 -20.36 -29.60
CA ILE B 296 5.33 -19.00 -30.10
C ILE B 296 6.04 -17.94 -29.25
N LEU B 297 6.01 -18.08 -27.94
CA LEU B 297 6.71 -17.13 -27.07
C LEU B 297 8.21 -17.14 -27.35
N ARG B 298 8.72 -18.30 -27.75
CA ARG B 298 10.09 -18.44 -28.19
C ARG B 298 10.37 -17.56 -29.41
N GLN B 299 9.32 -17.10 -30.07
CA GLN B 299 9.43 -16.33 -31.31
C GLN B 299 8.59 -15.05 -31.28
N ALA B 300 8.66 -14.31 -30.16
CA ALA B 300 7.91 -13.08 -30.02
C ALA B 300 8.62 -12.08 -29.12
N ASP B 301 8.38 -10.80 -29.39
CA ASP B 301 8.95 -9.73 -28.58
C ASP B 301 7.89 -9.10 -27.67
N LEU B 302 6.67 -9.64 -27.68
CA LEU B 302 5.59 -9.10 -26.84
C LEU B 302 4.46 -10.13 -26.61
N PHE B 303 3.96 -10.16 -25.38
CA PHE B 303 2.98 -11.15 -24.95
C PHE B 303 1.87 -10.44 -24.17
N VAL B 304 0.65 -10.48 -24.68
CA VAL B 304 -0.51 -9.97 -23.94
C VAL B 304 -1.18 -11.14 -23.26
N THR B 305 -1.18 -11.12 -21.93
CA THR B 305 -1.48 -12.30 -21.12
C THR B 305 -2.41 -12.00 -19.94
N HIS B 306 -3.32 -12.92 -19.65
CA HIS B 306 -4.15 -12.75 -18.47
C HIS B 306 -3.35 -12.93 -17.19
N ALA B 307 -2.09 -13.36 -17.33
CA ALA B 307 -1.24 -13.66 -16.19
C ALA B 307 -1.85 -14.71 -15.27
N GLY B 308 -2.30 -15.82 -15.86
CA GLY B 308 -2.49 -17.03 -15.10
C GLY B 308 -1.08 -17.47 -14.68
N ALA B 309 -0.99 -18.36 -13.70
CA ALA B 309 0.32 -18.76 -13.17
C ALA B 309 1.21 -19.37 -14.26
N GLY B 310 0.62 -20.20 -15.11
CA GLY B 310 1.35 -20.82 -16.21
C GLY B 310 1.89 -19.81 -17.21
N GLY B 311 1.03 -18.89 -17.63
CA GLY B 311 1.41 -17.87 -18.59
C GLY B 311 2.40 -16.85 -18.09
N SER B 312 2.25 -16.42 -16.83
CA SER B 312 3.21 -15.53 -16.20
C SER B 312 4.62 -16.06 -16.36
N GLN B 313 4.81 -17.31 -15.98
CA GLN B 313 6.16 -17.87 -15.95
C GLN B 313 6.72 -18.13 -17.36
N GLU B 314 5.84 -18.38 -18.33
CA GLU B 314 6.28 -18.60 -19.70
C GLU B 314 6.80 -17.30 -20.32
N GLY B 315 6.14 -16.20 -20.02
CA GLY B 315 6.58 -14.90 -20.51
C GLY B 315 7.95 -14.52 -19.96
N LEU B 316 8.13 -14.73 -18.65
CA LEU B 316 9.41 -14.46 -18.01
C LEU B 316 10.49 -15.41 -18.52
N ALA B 317 10.14 -16.68 -18.67
CA ALA B 317 11.12 -17.72 -19.02
C ALA B 317 11.64 -17.57 -20.44
N THR B 318 10.89 -16.86 -21.26
CA THR B 318 11.29 -16.58 -22.63
C THR B 318 11.74 -15.13 -22.81
N ALA B 319 11.90 -14.42 -21.69
CA ALA B 319 12.33 -13.02 -21.69
C ALA B 319 11.44 -12.14 -22.57
N THR B 320 10.13 -12.34 -22.47
CA THR B 320 9.19 -11.60 -23.29
C THR B 320 8.44 -10.55 -22.48
N PRO B 321 8.52 -9.28 -22.89
CA PRO B 321 7.78 -8.21 -22.22
C PRO B 321 6.29 -8.53 -22.26
N MET B 322 5.55 -8.13 -21.23
CA MET B 322 4.14 -8.52 -21.16
C MET B 322 3.20 -7.34 -20.94
N ILE B 323 2.05 -7.40 -21.60
CA ILE B 323 0.94 -6.53 -21.25
C ILE B 323 -0.02 -7.42 -20.51
N ALA B 324 -0.23 -7.15 -19.23
CA ALA B 324 -1.11 -7.98 -18.43
C ALA B 324 -2.52 -7.40 -18.38
N VAL B 325 -3.45 -8.17 -18.92
CA VAL B 325 -4.86 -7.79 -18.99
C VAL B 325 -5.60 -8.89 -18.24
N PRO B 326 -5.62 -8.80 -16.90
CA PRO B 326 -6.10 -9.86 -16.01
C PRO B 326 -7.62 -9.97 -15.90
N GLN B 327 -8.11 -11.18 -15.63
CA GLN B 327 -9.52 -11.49 -15.78
C GLN B 327 -10.23 -11.85 -14.49
N ALA B 328 -9.66 -12.81 -13.76
CA ALA B 328 -10.35 -13.33 -12.60
C ALA B 328 -9.38 -14.03 -11.67
N VAL B 329 -9.92 -14.50 -10.54
CA VAL B 329 -9.16 -15.29 -9.58
C VAL B 329 -7.81 -14.64 -9.24
N ASP B 330 -6.74 -15.31 -9.62
CA ASP B 330 -5.38 -14.94 -9.22
C ASP B 330 -4.71 -13.94 -10.17
N GLN B 331 -5.34 -13.67 -11.30
CA GLN B 331 -4.66 -12.98 -12.38
C GLN B 331 -4.34 -11.50 -12.12
N PHE B 332 -5.15 -10.84 -11.30
CA PHE B 332 -4.80 -9.50 -10.88
C PHE B 332 -3.60 -9.60 -9.95
N GLY B 333 -3.60 -10.64 -9.10
CA GLY B 333 -2.50 -10.95 -8.21
C GLY B 333 -1.44 -11.82 -8.85
N ASN B 334 -1.26 -11.64 -10.16
CA ASN B 334 -0.06 -12.07 -10.87
C ASN B 334 0.41 -10.91 -11.71
N ALA B 335 -0.55 -10.17 -12.23
CA ALA B 335 -0.29 -9.02 -13.07
C ALA B 335 0.50 -7.96 -12.29
N ASP B 336 0.17 -7.80 -11.01
CA ASP B 336 0.88 -6.82 -10.19
C ASP B 336 2.33 -7.26 -9.94
N MET B 337 2.57 -8.55 -9.77
CA MET B 337 3.95 -9.04 -9.64
C MET B 337 4.78 -8.70 -10.88
N LEU B 338 4.22 -9.02 -12.06
CA LEU B 338 4.91 -8.75 -13.31
C LEU B 338 5.21 -7.26 -13.50
N GLN B 339 4.22 -6.42 -13.23
CA GLN B 339 4.43 -4.98 -13.39
C GLN B 339 5.45 -4.49 -12.37
N GLY B 340 5.40 -5.06 -11.17
CA GLY B 340 6.34 -4.69 -10.11
C GLY B 340 7.78 -5.05 -10.41
N LEU B 341 7.97 -6.11 -11.20
CA LEU B 341 9.30 -6.51 -11.60
C LEU B 341 9.86 -5.59 -12.67
N GLY B 342 9.02 -4.69 -13.18
CA GLY B 342 9.45 -3.77 -14.22
C GLY B 342 9.58 -4.45 -15.57
N VAL B 343 8.80 -5.51 -15.78
CA VAL B 343 8.87 -6.27 -17.04
C VAL B 343 7.52 -6.35 -17.75
N ALA B 344 6.56 -5.55 -17.29
CA ALA B 344 5.20 -5.63 -17.79
C ALA B 344 4.42 -4.36 -17.48
N ARG B 345 3.37 -4.12 -18.25
CA ARG B 345 2.39 -3.11 -17.91
C ARG B 345 1.05 -3.78 -17.78
N LYS B 346 0.39 -3.56 -16.65
CA LYS B 346 -0.93 -4.09 -16.40
C LYS B 346 -1.96 -3.05 -16.85
N LEU B 347 -2.94 -3.51 -17.63
CA LEU B 347 -4.10 -2.71 -18.00
C LEU B 347 -5.29 -3.51 -17.48
N ALA B 348 -6.35 -2.83 -17.06
CA ALA B 348 -7.50 -3.46 -16.40
C ALA B 348 -8.08 -4.66 -17.15
N THR B 349 -9.22 -4.44 -17.81
CA THR B 349 -9.65 -5.18 -19.00
C THR B 349 -10.40 -4.19 -19.90
N GLU B 350 -10.87 -3.10 -19.30
CA GLU B 350 -11.62 -2.08 -20.02
C GLU B 350 -10.77 -0.84 -20.31
N GLU B 351 -9.50 -0.88 -19.92
CA GLU B 351 -8.55 0.17 -20.29
C GLU B 351 -7.82 -0.16 -21.59
N ALA B 352 -7.75 -1.46 -21.92
CA ALA B 352 -7.00 -1.90 -23.08
C ALA B 352 -7.64 -1.41 -24.39
N THR B 353 -7.72 -0.09 -24.50
CA THR B 353 -8.25 0.54 -25.69
C THR B 353 -7.14 0.48 -26.70
N ALA B 354 -7.54 0.33 -27.95
CA ALA B 354 -6.59 0.16 -29.04
C ALA B 354 -5.45 1.17 -29.00
N ASP B 355 -5.78 2.41 -28.68
CA ASP B 355 -4.78 3.46 -28.66
C ASP B 355 -3.72 3.21 -27.58
N LEU B 356 -4.17 2.76 -26.41
CA LEU B 356 -3.29 2.44 -25.30
C LEU B 356 -2.43 1.23 -25.63
N LEU B 357 -3.04 0.22 -26.25
CA LEU B 357 -2.35 -1.04 -26.55
C LEU B 357 -1.08 -0.86 -27.38
N ARG B 358 -1.17 -0.08 -28.47
CA ARG B 358 -0.04 0.20 -29.36
C ARG B 358 1.03 1.05 -28.68
N GLU B 359 0.59 2.14 -28.06
CA GLU B 359 1.46 3.01 -27.27
C GLU B 359 2.29 2.20 -26.26
N THR B 360 1.60 1.33 -25.54
CA THR B 360 2.27 0.50 -24.53
C THR B 360 3.23 -0.50 -25.20
N ALA B 361 2.78 -1.08 -26.31
CA ALA B 361 3.60 -1.99 -27.11
C ALA B 361 4.80 -1.27 -27.74
N LEU B 362 4.51 -0.16 -28.43
CA LEU B 362 5.54 0.71 -28.98
C LEU B 362 6.29 1.50 -27.91
N ALA B 363 6.54 0.85 -26.78
CA ALA B 363 7.43 1.38 -25.74
C ALA B 363 8.05 0.21 -24.96
N LEU B 364 7.31 -0.87 -24.80
CA LEU B 364 7.83 -2.03 -24.08
C LEU B 364 8.89 -2.78 -24.87
N VAL B 365 8.74 -2.88 -26.19
CA VAL B 365 9.75 -3.61 -26.96
C VAL B 365 11.04 -2.80 -27.09
N ASP B 366 10.95 -1.49 -26.91
CA ASP B 366 12.11 -0.62 -27.06
C ASP B 366 12.94 -0.49 -25.82
N ASP B 367 12.34 -0.85 -24.70
CA ASP B 367 12.91 -0.48 -23.42
C ASP B 367 14.08 -1.37 -23.02
N PRO B 368 15.28 -0.78 -22.94
CA PRO B 368 16.47 -1.60 -22.64
C PRO B 368 16.49 -2.10 -21.20
N GLU B 369 15.95 -1.32 -20.26
CA GLU B 369 15.90 -1.80 -18.87
C GLU B 369 14.95 -3.00 -18.75
N VAL B 370 13.79 -2.90 -19.40
CA VAL B 370 12.87 -4.04 -19.45
C VAL B 370 13.55 -5.30 -19.98
N ALA B 371 14.31 -5.16 -21.06
CA ALA B 371 14.99 -6.31 -21.65
C ALA B 371 16.06 -6.85 -20.73
N ARG B 372 16.83 -5.94 -20.13
CA ARG B 372 17.87 -6.32 -19.17
C ARG B 372 17.29 -7.13 -18.02
N ARG B 373 16.20 -6.63 -17.44
CA ARG B 373 15.53 -7.32 -16.34
C ARG B 373 15.03 -8.68 -16.77
N LEU B 374 14.40 -8.73 -17.95
CA LEU B 374 13.87 -9.97 -18.47
C LEU B 374 14.98 -11.00 -18.73
N ARG B 375 16.12 -10.53 -19.23
CA ARG B 375 17.24 -11.45 -19.48
C ARG B 375 17.77 -12.07 -18.17
N ARG B 376 17.85 -11.26 -17.13
CA ARG B 376 18.28 -11.75 -15.83
C ARG B 376 17.33 -12.83 -15.30
N ILE B 377 16.04 -12.54 -15.34
CA ILE B 377 15.03 -13.48 -14.87
C ILE B 377 15.05 -14.76 -15.71
N GLN B 378 15.17 -14.60 -17.02
CA GLN B 378 15.19 -15.76 -17.92
C GLN B 378 16.38 -16.66 -17.56
N ALA B 379 17.50 -16.03 -17.22
CA ALA B 379 18.70 -16.76 -16.82
C ALA B 379 18.49 -17.51 -15.51
N GLU B 380 17.90 -16.82 -14.52
CA GLU B 380 17.59 -17.42 -13.22
C GLU B 380 16.66 -18.63 -13.35
N MET B 381 15.60 -18.48 -14.14
CA MET B 381 14.65 -19.55 -14.36
C MET B 381 15.22 -20.70 -15.20
N ALA B 382 16.34 -20.45 -15.86
CA ALA B 382 16.98 -21.47 -16.68
C ALA B 382 17.82 -22.43 -15.84
N GLN B 383 18.04 -22.04 -14.58
CA GLN B 383 18.85 -22.83 -13.66
C GLN B 383 18.06 -23.21 -12.41
N GLU B 384 16.82 -22.74 -12.34
CA GLU B 384 15.91 -23.21 -11.29
C GLU B 384 15.61 -24.69 -11.53
N GLY B 385 15.46 -25.06 -12.80
CA GLY B 385 15.51 -26.46 -13.18
C GLY B 385 14.21 -27.17 -13.53
N GLY B 386 13.12 -26.76 -12.89
CA GLY B 386 11.84 -27.40 -13.17
C GLY B 386 11.79 -28.84 -12.68
N THR B 387 11.01 -29.66 -13.39
CA THR B 387 10.75 -31.04 -13.00
C THR B 387 12.01 -31.83 -12.65
N ARG B 388 12.98 -31.78 -13.55
CA ARG B 388 14.22 -32.53 -13.42
C ARG B 388 14.90 -32.24 -12.08
N ARG B 389 15.08 -30.97 -11.78
CA ARG B 389 15.77 -30.60 -10.56
C ARG B 389 14.95 -30.92 -9.31
N ALA B 390 13.63 -30.79 -9.40
CA ALA B 390 12.78 -31.09 -8.24
C ALA B 390 12.97 -32.54 -7.81
N ALA B 391 13.02 -33.44 -8.79
CA ALA B 391 13.20 -34.85 -8.48
C ALA B 391 14.58 -35.10 -7.87
N ASP B 392 15.62 -34.44 -8.37
CA ASP B 392 16.92 -34.55 -7.75
C ASP B 392 16.91 -34.13 -6.28
N LEU B 393 16.27 -33.01 -6.01
CA LEU B 393 16.25 -32.47 -4.66
C LEU B 393 15.40 -33.35 -3.74
N ILE B 394 14.36 -33.95 -4.31
CA ILE B 394 13.57 -34.93 -3.56
C ILE B 394 14.44 -36.15 -3.25
N GLU B 395 15.16 -36.64 -4.24
CA GLU B 395 16.05 -37.76 -4.00
C GLU B 395 17.15 -37.43 -2.98
N ALA B 396 17.54 -36.16 -2.92
CA ALA B 396 18.59 -35.74 -2.00
C ALA B 396 18.13 -35.73 -0.55
N GLU B 397 16.82 -35.84 -0.33
CA GLU B 397 16.28 -35.82 1.03
C GLU B 397 16.14 -37.22 1.64
N LEU B 398 16.04 -38.25 0.78
CA LEU B 398 15.85 -39.64 1.22
C LEU B 398 16.86 -40.12 2.23
N PRO B 399 16.48 -41.11 3.06
CA PRO B 399 17.45 -41.82 3.91
C PRO B 399 18.17 -42.87 3.08
C10 ERY C . 6.07 11.53 4.69
C11 ERY C . 7.04 12.69 4.54
C12 ERY C . 6.60 13.74 3.51
C13 ERY C . 7.36 15.03 3.76
O2 ERY C . 6.63 15.73 4.76
C2 ERY C . 6.35 16.58 7.04
C3 ERY C . 6.66 15.57 8.13
C4 ERY C . 5.50 14.64 8.26
C5 ERY C . 5.79 13.54 9.31
C6 ERY C . 6.25 12.27 8.59
C7 ERY C . 5.07 11.71 7.77
C8 ERY C . 5.43 10.42 7.02
C9 ERY C . 6.42 10.64 5.89
O11 ERY C . 7.50 10.05 5.93
C1 ERY C . 7.32 16.25 5.90
O1 ERY C . 8.43 15.82 6.14
O3 ERY C . 6.93 16.22 9.38
O7 ERY C . 4.60 13.26 10.01
C34 ERY C . 6.08 10.64 3.46
C33 ERY C . 4.17 9.85 6.42
C35 ERY C . 5.12 14.02 3.65
O12 ERY C . 8.32 12.18 4.20
O13 ERY C . 6.82 13.31 2.20
C36 ERY C . 7.36 15.92 2.54
C30 ERY C . 6.47 18.02 7.45
C32 ERY C . 6.75 11.24 9.57
O10 ERY C . 7.29 12.58 7.72
C22 ERY C . 4.64 13.57 11.43
C23 ERY C . 3.23 13.55 12.01
C24 ERY C . 3.33 13.78 13.50
C25 ERY C . 4.23 12.71 14.10
C26 ERY C . 5.60 12.76 13.42
O9 ERY C . 5.43 12.63 12.05
N1 ERY C . 2.01 13.83 14.09
C27 ERY C . 6.51 11.63 13.89
O8 ERY C . 2.47 14.59 11.45
C28 ERY C . 2.11 14.25 15.50
C14 ERY C . 8.34 16.36 9.63
C15 ERY C . 8.52 17.73 10.30
C16 ERY C . 8.44 17.75 11.83
C17 ERY C . 9.13 16.55 12.39
C18 ERY C . 8.58 15.30 11.77
O4 ERY C . 8.85 15.32 10.37
O5 ERY C . 7.08 17.77 12.32
O6 ERY C . 8.88 16.46 13.77
C20 ERY C . 6.07 18.33 11.47
C29 ERY C . 1.33 12.57 14.00
C21 ERY C . 9.32 14.13 12.36
C37 ERY C . 8.15 17.21 2.83
C31 ERY C . 4.25 15.46 8.64
C19 ERY C . 9.18 18.96 12.28
N1 UDP D . -7.07 27.83 19.77
C2 UDP D . -7.94 28.88 20.01
N3 UDP D . -8.04 29.36 21.31
C4 UDP D . -7.29 28.82 22.33
C5 UDP D . -6.45 27.76 22.05
C6 UDP D . -6.72 27.09 20.86
O2 UDP D . -8.61 29.39 19.13
O4 UDP D . -7.37 29.24 23.49
C1' UDP D . -6.82 27.16 18.46
C2' UDP D . -6.48 27.99 17.22
O2' UDP D . -7.45 27.77 16.23
C3' UDP D . -5.23 27.39 16.63
C4' UDP D . -5.02 26.13 17.43
O4' UDP D . -5.66 26.37 18.66
O3' UDP D . -5.50 27.04 15.29
C5' UDP D . -3.53 25.85 17.57
O5' UDP D . -2.97 25.63 16.30
PA UDP D . -1.39 25.30 16.18
O1A UDP D . -1.05 24.88 14.82
O2A UDP D . -0.65 26.49 16.61
O3A UDP D . -1.28 24.06 17.24
PB UDP D . -1.43 22.48 16.94
O1B UDP D . -2.19 22.33 15.68
O2B UDP D . -2.21 21.83 18.02
O3B UDP D . -0.10 21.84 16.87
C10 ERY E . -2.29 -22.67 4.12
C11 ERY E . -1.70 -21.36 3.64
C12 ERY E . -0.20 -21.41 3.33
C13 ERY E . 0.13 -20.08 2.69
O2 ERY E . -0.32 -20.14 1.36
C2 ERY E . -1.74 -19.18 -0.51
C3 ERY E . -3.28 -19.26 -0.52
C4 ERY E . -3.59 -20.71 -0.31
C5 ERY E . -5.07 -20.97 -0.01
C6 ERY E . -5.17 -21.42 1.46
C7 ERY E . -4.56 -22.84 1.67
C8 ERY E . -4.68 -23.36 3.13
C9 ERY E . -3.81 -22.60 4.13
O11 ERY E . -4.34 -21.91 4.99
C1 ERY E . -1.30 -19.17 0.95
O1 ERY E . -1.70 -18.33 1.73
O3 ERY E . -3.88 -18.86 -1.76
O7 ERY E . -5.63 -21.97 -0.89
C34 ERY E . -1.87 -22.93 5.56
C33 ERY E . -4.30 -24.82 3.21
C35 ERY E . 0.09 -22.53 2.37
O12 ERY E . -1.98 -20.30 4.56
O13 ERY E . 0.58 -21.58 4.46
C36 ERY E . 1.62 -19.76 2.72
C30 ERY E . -1.07 -18.01 -1.16
C32 ERY E . -6.60 -21.41 1.91
O10 ERY E . -4.44 -20.50 2.23
C22 ERY E . -6.60 -21.55 -1.87
C23 ERY E . -6.82 -22.75 -2.82
C24 ERY E . -8.08 -22.62 -3.62
C25 ERY E . -9.23 -22.43 -2.66
C26 ERY E . -8.97 -21.13 -1.87
O9 ERY E . -7.75 -21.18 -1.20
N1 ERY E . -8.28 -23.78 -4.49
C27 ERY E . -10.05 -20.98 -0.81
O8 ERY E . -5.72 -22.86 -3.69
C28 ERY E . -8.49 -25.01 -3.70
C14 ERY E . -4.14 -17.47 -2.01
C15 ERY E . -4.28 -17.32 -3.53
C16 ERY E . -5.66 -17.71 -4.06
C17 ERY E . -6.68 -17.00 -3.25
C18 ERY E . -6.54 -17.45 -1.83
O4 ERY E . -5.26 -17.03 -1.33
O5 ERY E . -5.95 -19.12 -3.94
O6 ERY E . -7.94 -17.40 -3.73
C20 ERY E . -5.42 -19.98 -4.95
C29 ERY E . -9.42 -23.58 -5.33
C21 ERY E . -7.62 -16.85 -1.00
C37 ERY E . 1.86 -18.47 1.90
C31 ERY E . -3.14 -21.51 -1.55
C19 ERY E . -5.79 -17.26 -5.49
N1 UDP F . -1.99 -23.02 -23.40
C2 UDP F . -1.49 -23.22 -24.68
N3 UDP F . -2.28 -22.89 -25.76
C4 UDP F . -3.53 -22.35 -25.57
C5 UDP F . -4.01 -22.15 -24.29
C6 UDP F . -3.17 -22.36 -23.20
O2 UDP F . -0.37 -23.70 -24.86
O4 UDP F . -4.21 -22.05 -26.54
C1' UDP F . -1.17 -23.37 -22.24
C2' UDP F . -0.40 -22.14 -21.80
O2' UDP F . 0.86 -22.07 -22.43
C3' UDP F . -0.28 -22.33 -20.30
C4' UDP F . -1.46 -23.22 -19.93
O4' UDP F . -1.95 -23.78 -21.14
O3' UDP F . 0.93 -23.00 -20.01
C5' UDP F . -2.52 -22.41 -19.20
O5' UDP F . -2.12 -22.16 -17.86
PA UDP F . -2.32 -20.76 -17.09
O1A UDP F . -2.10 -20.96 -15.64
O2A UDP F . -1.45 -19.73 -17.64
O3A UDP F . -3.84 -20.28 -17.39
PB UDP F . -5.21 -21.10 -17.15
O1B UDP F . -6.15 -20.13 -16.56
O2B UDP F . -4.97 -22.26 -16.27
O3B UDP F . -5.71 -21.55 -18.47
MG MG G . 14.11 -17.85 -24.96
N ALA A 8 -20.03 12.67 -8.64
CA ALA A 8 -18.88 11.79 -8.59
C ALA A 8 -18.80 11.08 -7.24
N HIS A 9 -18.04 9.99 -7.20
CA HIS A 9 -17.76 9.32 -5.93
C HIS A 9 -16.31 9.57 -5.57
N ILE A 10 -16.11 10.45 -4.59
CA ILE A 10 -14.78 10.77 -4.13
C ILE A 10 -14.55 10.10 -2.78
N ALA A 11 -13.47 9.33 -2.63
CA ALA A 11 -13.20 8.68 -1.35
C ALA A 11 -12.01 9.34 -0.64
N MET A 12 -12.20 9.80 0.59
CA MET A 12 -11.15 10.43 1.38
C MET A 12 -10.50 9.40 2.30
N PHE A 13 -9.19 9.52 2.53
CA PHE A 13 -8.44 8.59 3.37
C PHE A 13 -7.57 9.38 4.34
N SER A 14 -7.65 9.07 5.63
CA SER A 14 -6.66 9.54 6.59
C SER A 14 -6.45 8.59 7.77
N ILE A 15 -5.74 9.09 8.78
CA ILE A 15 -5.48 8.35 10.00
C ILE A 15 -6.14 9.08 11.19
N ALA A 16 -6.15 8.45 12.35
CA ALA A 16 -6.82 9.04 13.52
C ALA A 16 -5.93 10.04 14.23
N ALA A 17 -5.45 11.07 13.53
CA ALA A 17 -4.67 12.12 14.17
C ALA A 17 -5.31 13.45 13.87
N HIS A 18 -5.41 14.31 14.88
CA HIS A 18 -6.07 15.60 14.69
C HIS A 18 -5.43 16.40 13.58
N GLY A 19 -4.10 16.44 13.59
CA GLY A 19 -3.35 17.21 12.63
C GLY A 19 -3.46 16.74 11.19
N HIS A 20 -3.98 15.52 11.02
CA HIS A 20 -4.17 14.97 9.68
C HIS A 20 -5.64 14.79 9.31
N VAL A 21 -6.53 15.39 10.10
CA VAL A 21 -7.96 15.33 9.80
C VAL A 21 -8.61 16.71 9.82
N ASN A 22 -8.37 17.48 10.87
CA ASN A 22 -8.92 18.83 10.94
C ASN A 22 -8.66 19.75 9.73
N PRO A 23 -7.42 19.75 9.18
CA PRO A 23 -7.14 20.71 8.11
C PRO A 23 -8.01 20.63 6.86
N SER A 24 -8.60 19.46 6.57
CA SER A 24 -9.42 19.33 5.38
C SER A 24 -10.88 19.01 5.72
N LEU A 25 -11.24 19.07 6.99
CA LEU A 25 -12.61 18.80 7.42
C LEU A 25 -13.66 19.63 6.67
N GLU A 26 -13.34 20.87 6.37
CA GLU A 26 -14.26 21.73 5.64
C GLU A 26 -14.23 21.48 4.13
N VAL A 27 -13.15 20.87 3.65
CA VAL A 27 -13.03 20.53 2.24
C VAL A 27 -14.04 19.45 1.86
N ILE A 28 -14.12 18.41 2.70
CA ILE A 28 -15.05 17.30 2.48
C ILE A 28 -16.45 17.87 2.38
N ARG A 29 -16.78 18.74 3.32
CA ARG A 29 -18.10 19.36 3.42
C ARG A 29 -18.57 20.00 2.11
N GLU A 30 -17.73 20.83 1.52
CA GLU A 30 -18.09 21.52 0.28
C GLU A 30 -18.27 20.57 -0.90
N LEU A 31 -17.43 19.54 -1.01
CA LEU A 31 -17.66 18.52 -2.03
C LEU A 31 -19.01 17.83 -1.80
N VAL A 32 -19.35 17.59 -0.54
CA VAL A 32 -20.65 17.02 -0.21
C VAL A 32 -21.79 18.00 -0.46
N ALA A 33 -21.68 19.18 0.15
CA ALA A 33 -22.69 20.22 0.04
C ALA A 33 -22.92 20.59 -1.42
N ARG A 34 -21.93 20.30 -2.25
CA ARG A 34 -22.07 20.59 -3.66
C ARG A 34 -22.41 19.34 -4.47
N GLY A 35 -22.82 18.30 -3.75
CA GLY A 35 -23.57 17.22 -4.36
C GLY A 35 -22.86 15.89 -4.53
N HIS A 36 -21.54 15.87 -4.40
CA HIS A 36 -20.79 14.64 -4.60
C HIS A 36 -21.12 13.60 -3.54
N ARG A 37 -20.93 12.33 -3.89
CA ARG A 37 -21.00 11.25 -2.92
C ARG A 37 -19.58 10.99 -2.43
N VAL A 38 -19.30 11.37 -1.20
CA VAL A 38 -17.94 11.30 -0.70
C VAL A 38 -17.86 10.32 0.47
N THR A 39 -16.97 9.34 0.39
CA THR A 39 -16.71 8.48 1.54
C THR A 39 -15.42 8.91 2.22
N TYR A 40 -15.12 8.36 3.39
CA TYR A 40 -13.95 8.79 4.15
C TYR A 40 -13.39 7.62 4.98
N ALA A 41 -12.36 6.98 4.43
CA ALA A 41 -11.68 5.89 5.14
C ALA A 41 -10.95 6.45 6.35
N ILE A 42 -11.31 5.95 7.52
CA ILE A 42 -10.88 6.54 8.76
C ILE A 42 -10.87 5.43 9.79
N PRO A 43 -10.04 5.54 10.83
CA PRO A 43 -10.17 4.62 11.97
C PRO A 43 -11.42 4.93 12.81
N PRO A 44 -11.88 3.96 13.62
CA PRO A 44 -13.14 4.06 14.40
C PRO A 44 -13.37 5.37 15.13
N VAL A 45 -12.40 5.78 15.95
CA VAL A 45 -12.58 6.92 16.84
C VAL A 45 -13.12 8.17 16.13
N PHE A 46 -12.64 8.40 14.91
CA PHE A 46 -12.96 9.63 14.19
C PHE A 46 -14.15 9.47 13.23
N ALA A 47 -14.83 8.32 13.28
CA ALA A 47 -16.04 8.12 12.47
C ALA A 47 -17.02 9.28 12.69
N ASP A 48 -17.25 9.62 13.95
CA ASP A 48 -18.15 10.72 14.32
C ASP A 48 -17.67 12.03 13.72
N LYS A 49 -16.38 12.32 13.96
CA LYS A 49 -15.73 13.51 13.42
C LYS A 49 -15.91 13.70 11.91
N VAL A 50 -15.65 12.66 11.12
CA VAL A 50 -15.71 12.83 9.67
C VAL A 50 -17.15 12.80 9.14
N ALA A 51 -18.06 12.13 9.84
CA ALA A 51 -19.45 12.05 9.41
C ALA A 51 -20.07 13.44 9.35
N ALA A 52 -19.51 14.36 10.13
CA ALA A 52 -20.00 15.74 10.16
C ALA A 52 -19.62 16.51 8.90
N THR A 53 -19.65 15.86 7.75
CA THR A 53 -19.35 16.51 6.49
C THR A 53 -20.38 16.09 5.43
N GLY A 54 -21.16 15.07 5.74
CA GLY A 54 -22.01 14.45 4.74
C GLY A 54 -21.35 13.20 4.20
N ALA A 55 -20.02 13.18 4.22
CA ALA A 55 -19.27 11.99 3.86
C ALA A 55 -19.74 10.80 4.67
N ARG A 56 -19.64 9.59 4.10
CA ARG A 56 -19.84 8.42 4.92
C ARG A 56 -18.52 7.75 5.24
N PRO A 57 -18.28 7.51 6.53
CA PRO A 57 -17.07 6.79 6.92
C PRO A 57 -17.02 5.39 6.32
N VAL A 58 -15.82 4.98 5.96
CA VAL A 58 -15.53 3.62 5.58
C VAL A 58 -14.47 3.11 6.54
N LEU A 59 -14.90 2.49 7.64
CA LEU A 59 -14.00 2.19 8.76
C LEU A 59 -12.91 1.14 8.46
N TYR A 60 -11.70 1.42 8.93
CA TYR A 60 -10.60 0.44 8.91
C TYR A 60 -9.84 0.49 10.25
N HIS A 61 -9.05 -0.55 10.53
CA HIS A 61 -8.29 -0.64 11.78
C HIS A 61 -6.87 -0.10 11.61
N SER A 62 -6.46 0.81 12.50
CA SER A 62 -5.13 1.43 12.44
C SER A 62 -4.22 0.90 13.55
N THR A 63 -2.93 0.82 13.30
CA THR A 63 -1.96 0.41 14.31
C THR A 63 -1.12 1.57 14.84
N LEU A 64 -1.43 2.78 14.37
CA LEU A 64 -0.71 3.97 14.79
C LEU A 64 -1.20 4.42 16.17
N PRO A 65 -0.43 5.30 16.84
CA PRO A 65 -0.92 5.82 18.13
C PRO A 65 -2.25 6.56 17.98
N GLY A 66 -3.23 6.22 18.81
CA GLY A 66 -4.49 6.95 18.85
C GLY A 66 -4.25 8.43 19.10
N PRO A 67 -5.21 9.28 18.74
CA PRO A 67 -5.15 10.75 18.64
C PRO A 67 -4.80 11.54 19.92
N ASP A 68 -4.72 10.85 21.05
CA ASP A 68 -4.48 11.52 22.33
C ASP A 68 -3.09 11.22 22.85
N ALA A 69 -2.34 10.46 22.07
CA ALA A 69 -1.02 10.01 22.47
C ALA A 69 -0.07 11.20 22.63
N ASP A 70 0.99 11.02 23.42
CA ASP A 70 1.93 12.10 23.72
C ASP A 70 3.19 12.06 22.86
N PRO A 71 3.36 13.09 21.98
CA PRO A 71 4.24 13.17 20.81
C PRO A 71 5.29 12.04 20.64
N GLU A 72 5.86 11.57 21.75
CA GLU A 72 6.84 10.49 21.70
C GLU A 72 6.20 9.15 21.40
N ALA A 73 4.87 9.07 21.41
CA ALA A 73 4.21 7.84 21.02
C ALA A 73 4.52 7.56 19.56
N TRP A 74 4.95 8.60 18.85
CA TRP A 74 5.24 8.51 17.42
C TRP A 74 6.73 8.37 17.12
N GLY A 75 7.55 8.32 18.17
CA GLY A 75 8.98 8.15 17.98
C GLY A 75 9.76 9.46 17.92
N SER A 76 11.06 9.37 18.13
CA SER A 76 11.89 10.56 18.17
C SER A 76 13.17 10.41 17.34
N THR A 77 13.23 9.34 16.54
CA THR A 77 14.32 9.15 15.58
C THR A 77 13.72 9.01 14.18
N LEU A 78 14.54 9.22 13.15
CA LEU A 78 14.05 9.16 11.77
C LEU A 78 13.33 7.83 11.48
N LEU A 79 13.99 6.72 11.78
CA LEU A 79 13.38 5.43 11.50
C LEU A 79 12.16 5.13 12.39
N ASP A 80 12.20 5.55 13.66
CA ASP A 80 11.02 5.38 14.51
C ASP A 80 9.87 6.29 14.05
N ASN A 81 10.20 7.40 13.40
CA ASN A 81 9.18 8.28 12.83
C ASN A 81 8.49 7.62 11.64
N VAL A 82 9.27 7.12 10.69
CA VAL A 82 8.67 6.69 9.42
C VAL A 82 8.20 5.23 9.38
N GLU A 83 8.91 4.34 10.06
CA GLU A 83 8.53 2.93 10.03
C GLU A 83 7.06 2.63 10.35
N PRO A 84 6.49 3.29 11.37
CA PRO A 84 5.10 2.96 11.69
C PRO A 84 4.12 3.20 10.54
N PHE A 85 4.42 4.17 9.68
CA PHE A 85 3.51 4.47 8.58
C PHE A 85 3.51 3.35 7.54
N LEU A 86 4.65 2.70 7.38
CA LEU A 86 4.72 1.55 6.48
C LEU A 86 4.08 0.35 7.16
N ASN A 87 4.35 0.17 8.45
CA ASN A 87 3.71 -0.92 9.20
C ASN A 87 2.21 -0.83 9.12
N ASP A 88 1.67 0.34 9.44
CA ASP A 88 0.22 0.52 9.41
C ASP A 88 -0.36 0.25 8.02
N ALA A 89 0.31 0.76 7.00
CA ALA A 89 -0.19 0.63 5.63
C ALA A 89 -0.30 -0.82 5.19
N ILE A 90 0.67 -1.64 5.59
CA ILE A 90 0.67 -3.04 5.19
C ILE A 90 -0.54 -3.80 5.75
N GLN A 91 -0.96 -3.45 6.97
CA GLN A 91 -2.15 -4.09 7.54
C GLN A 91 -3.45 -3.41 7.11
N ALA A 92 -3.39 -2.11 6.82
CA ALA A 92 -4.60 -1.36 6.48
C ALA A 92 -5.06 -1.59 5.05
N LEU A 93 -4.11 -1.75 4.14
CA LEU A 93 -4.42 -1.91 2.73
C LEU A 93 -5.47 -3.01 2.44
N PRO A 94 -5.27 -4.24 2.96
CA PRO A 94 -6.27 -5.30 2.73
C PRO A 94 -7.68 -4.92 3.16
N GLN A 95 -7.83 -4.32 4.34
CA GLN A 95 -9.16 -3.93 4.82
C GLN A 95 -9.82 -2.96 3.86
N LEU A 96 -9.07 -1.94 3.44
CA LEU A 96 -9.63 -0.92 2.55
C LEU A 96 -9.89 -1.47 1.17
N ALA A 97 -9.03 -2.38 0.72
CA ALA A 97 -9.32 -3.13 -0.49
C ALA A 97 -10.61 -3.90 -0.27
N ASP A 98 -10.74 -4.53 0.90
CA ASP A 98 -11.96 -5.29 1.19
C ASP A 98 -13.21 -4.43 1.37
N ALA A 99 -13.10 -3.43 2.22
CA ALA A 99 -14.21 -2.52 2.47
C ALA A 99 -14.69 -1.88 1.16
N TYR A 100 -13.75 -1.46 0.33
CA TYR A 100 -14.06 -0.73 -0.90
C TYR A 100 -14.28 -1.61 -2.13
N ALA A 101 -14.14 -2.92 -1.96
CA ALA A 101 -14.13 -3.87 -3.08
C ALA A 101 -15.26 -3.65 -4.09
N ASP A 102 -16.50 -3.59 -3.62
CA ASP A 102 -17.61 -3.56 -4.55
C ASP A 102 -18.32 -2.20 -4.63
N ASP A 103 -17.68 -1.17 -4.10
CA ASP A 103 -18.11 0.21 -4.34
C ASP A 103 -16.91 1.15 -4.50
N ILE A 104 -16.22 1.02 -5.63
CA ILE A 104 -15.01 1.76 -5.95
C ILE A 104 -15.30 3.21 -6.31
N PRO A 105 -14.56 4.15 -5.70
CA PRO A 105 -14.72 5.59 -5.96
C PRO A 105 -14.24 6.07 -7.32
N ASP A 106 -14.70 7.26 -7.70
CA ASP A 106 -14.25 7.96 -8.89
C ASP A 106 -12.89 8.64 -8.69
N LEU A 107 -12.72 9.26 -7.51
CA LEU A 107 -11.47 9.95 -7.19
C LEU A 107 -11.12 9.62 -5.75
N VAL A 108 -9.83 9.57 -5.46
CA VAL A 108 -9.38 9.33 -4.10
C VAL A 108 -8.65 10.56 -3.56
N LEU A 109 -9.09 11.05 -2.41
CA LEU A 109 -8.43 12.16 -1.74
C LEU A 109 -7.73 11.56 -0.54
N HIS A 110 -6.56 12.08 -0.18
CA HIS A 110 -5.90 11.51 0.98
C HIS A 110 -4.91 12.44 1.64
N ASP A 111 -4.87 12.36 2.95
CA ASP A 111 -3.80 12.98 3.72
C ASP A 111 -2.49 12.29 3.37
N ILE A 112 -1.38 13.03 3.51
CA ILE A 112 -0.06 12.51 3.19
C ILE A 112 0.32 11.22 3.91
N THR A 113 -0.30 10.93 5.05
CA THR A 113 0.12 9.78 5.86
C THR A 113 -0.42 8.44 5.35
N SER A 114 -1.41 8.49 4.46
CA SER A 114 -2.06 7.26 4.03
C SER A 114 -1.42 6.62 2.80
N TYR A 115 -0.49 5.71 3.00
CA TYR A 115 0.06 4.95 1.88
C TYR A 115 -0.98 4.07 1.16
N PRO A 116 -1.93 3.48 1.90
CA PRO A 116 -2.91 2.67 1.15
C PRO A 116 -3.69 3.45 0.09
N ALA A 117 -4.01 4.71 0.35
CA ALA A 117 -4.74 5.51 -0.63
C ALA A 117 -3.98 5.62 -1.93
N ARG A 118 -2.67 5.79 -1.83
CA ARG A 118 -1.79 5.87 -2.98
C ARG A 118 -1.87 4.57 -3.77
N VAL A 119 -1.73 3.46 -3.05
CA VAL A 119 -1.72 2.15 -3.71
C VAL A 119 -3.06 1.87 -4.37
N LEU A 120 -4.15 2.14 -3.65
CA LEU A 120 -5.49 1.85 -4.19
C LEU A 120 -5.84 2.71 -5.41
N ALA A 121 -5.42 3.97 -5.41
CA ALA A 121 -5.64 4.81 -6.58
C ALA A 121 -4.91 4.22 -7.80
N ARG A 122 -3.72 3.69 -7.54
CA ARG A 122 -2.92 3.03 -8.58
C ARG A 122 -3.40 1.60 -8.86
N ARG A 123 -4.26 1.08 -8.00
CA ARG A 123 -4.87 -0.23 -8.24
C ARG A 123 -6.20 -0.07 -8.97
N TRP A 124 -6.87 1.06 -8.74
CA TRP A 124 -8.18 1.31 -9.32
C TRP A 124 -8.09 2.06 -10.65
N GLY A 125 -7.03 2.83 -10.81
CA GLY A 125 -6.89 3.70 -11.96
C GLY A 125 -7.72 4.97 -11.82
N VAL A 126 -8.03 5.34 -10.58
CA VAL A 126 -8.75 6.59 -10.31
C VAL A 126 -7.73 7.68 -9.92
N PRO A 127 -8.07 8.95 -10.18
CA PRO A 127 -7.08 9.98 -9.87
C PRO A 127 -6.87 10.13 -8.36
N ALA A 128 -5.69 10.61 -7.97
CA ALA A 128 -5.41 10.83 -6.56
C ALA A 128 -5.15 12.30 -6.35
N VAL A 129 -5.59 12.83 -5.21
CA VAL A 129 -5.22 14.17 -4.80
C VAL A 129 -4.73 14.09 -3.36
N SER A 130 -3.47 14.45 -3.16
CA SER A 130 -2.86 14.43 -1.85
C SER A 130 -3.19 15.75 -1.18
N LEU A 131 -3.54 15.72 0.10
CA LEU A 131 -3.80 16.95 0.86
C LEU A 131 -2.76 17.06 1.97
N SER A 132 -1.91 18.08 1.88
CA SER A 132 -0.81 18.22 2.83
C SER A 132 -1.04 19.34 3.83
N PRO A 133 -1.05 19.01 5.12
CA PRO A 133 -1.33 20.00 6.17
C PRO A 133 -0.04 20.67 6.61
N ASN A 134 1.02 20.50 5.84
CA ASN A 134 2.31 21.11 6.15
C ASN A 134 3.09 21.34 4.87
N LEU A 135 4.33 21.82 5.01
CA LEU A 135 5.17 22.10 3.85
C LEU A 135 5.36 20.85 2.98
N VAL A 136 5.66 21.08 1.71
CA VAL A 136 5.91 20.00 0.75
C VAL A 136 7.32 20.09 0.18
N ALA A 137 7.70 19.06 -0.58
CA ALA A 137 9.00 19.08 -1.24
C ALA A 137 9.06 20.13 -2.34
N TRP A 138 10.20 20.81 -2.45
CA TRP A 138 10.47 21.69 -3.57
C TRP A 138 11.39 20.95 -4.52
N LYS A 139 11.54 21.45 -5.75
CA LYS A 139 12.51 20.86 -6.66
C LYS A 139 13.92 21.07 -6.09
N GLY A 140 14.60 19.97 -5.78
CA GLY A 140 15.90 20.03 -5.12
C GLY A 140 15.91 19.32 -3.78
N TYR A 141 14.76 19.27 -3.11
CA TYR A 141 14.64 18.66 -1.79
C TYR A 141 15.30 17.28 -1.68
N GLU A 142 15.28 16.52 -2.77
CA GLU A 142 15.92 15.21 -2.77
C GLU A 142 17.39 15.39 -2.52
N GLU A 143 18.06 16.15 -3.38
CA GLU A 143 19.48 16.39 -3.19
C GLU A 143 19.76 17.11 -1.87
N GLU A 144 18.90 18.07 -1.52
CA GLU A 144 19.18 19.00 -0.44
C GLU A 144 18.85 18.53 0.98
N VAL A 145 17.75 17.79 1.14
CA VAL A 145 17.26 17.40 2.47
C VAL A 145 17.17 15.89 2.68
N ALA A 146 16.54 15.19 1.73
CA ALA A 146 16.33 13.75 1.89
C ALA A 146 17.65 12.99 2.00
N GLU A 147 18.55 13.22 1.04
CA GLU A 147 19.84 12.52 1.02
C GLU A 147 20.67 12.67 2.31
N PRO A 148 20.91 13.91 2.78
CA PRO A 148 21.72 14.05 4.01
C PRO A 148 21.03 13.40 5.20
N MET A 149 19.71 13.54 5.25
CA MET A 149 18.96 12.99 6.35
C MET A 149 19.07 11.46 6.34
N TRP A 150 19.10 10.89 5.14
CA TRP A 150 19.03 9.43 5.01
C TRP A 150 20.39 8.71 4.91
N ARG A 151 21.48 9.44 4.66
CA ARG A 151 22.75 8.78 4.33
C ARG A 151 23.16 7.79 5.41
N GLU A 152 23.27 8.26 6.64
CA GLU A 152 23.71 7.39 7.74
C GLU A 152 22.70 6.28 8.10
N PRO A 153 21.42 6.63 8.28
CA PRO A 153 20.47 5.55 8.58
C PRO A 153 20.34 4.53 7.45
N ARG A 154 20.33 4.97 6.19
CA ARG A 154 20.04 4.04 5.11
C ARG A 154 21.06 2.93 4.93
N GLN A 155 22.26 3.10 5.49
CA GLN A 155 23.30 2.08 5.34
C GLN A 155 23.45 1.18 6.58
N THR A 156 22.71 1.48 7.63
CA THR A 156 22.59 0.54 8.76
C THR A 156 21.70 -0.60 8.29
N GLU A 157 21.90 -1.82 8.79
CA GLU A 157 21.06 -2.91 8.31
C GLU A 157 19.57 -2.65 8.51
N ARG A 158 19.20 -2.03 9.63
CA ARG A 158 17.80 -1.69 9.87
C ARG A 158 17.26 -0.71 8.84
N GLY A 159 18.06 0.29 8.48
CA GLY A 159 17.67 1.26 7.46
C GLY A 159 17.59 0.62 6.09
N ARG A 160 18.61 -0.16 5.74
CA ARG A 160 18.62 -0.94 4.50
C ARG A 160 17.39 -1.82 4.47
N ALA A 161 17.13 -2.48 5.59
CA ALA A 161 16.02 -3.42 5.68
C ALA A 161 14.70 -2.70 5.47
N TYR A 162 14.51 -1.58 6.19
CA TYR A 162 13.28 -0.81 6.08
C TYR A 162 12.96 -0.47 4.63
N TYR A 163 13.94 0.07 3.92
CA TYR A 163 13.73 0.40 2.52
C TYR A 163 13.54 -0.83 1.65
N ALA A 164 14.33 -1.87 1.91
CA ALA A 164 14.19 -3.12 1.19
C ALA A 164 12.76 -3.63 1.24
N ARG A 165 12.18 -3.64 2.43
CA ARG A 165 10.82 -4.15 2.60
C ARG A 165 9.76 -3.21 2.02
N PHE A 166 10.04 -1.91 2.07
CA PHE A 166 9.14 -0.90 1.52
C PHE A 166 9.11 -1.10 0.00
N GLU A 167 10.29 -1.26 -0.58
CA GLU A 167 10.39 -1.45 -2.03
C GLU A 167 9.74 -2.76 -2.47
N ALA A 168 9.87 -3.78 -1.63
CA ALA A 168 9.27 -5.09 -1.93
C ALA A 168 7.76 -5.01 -1.84
N TRP A 169 7.26 -4.27 -0.86
CA TRP A 169 5.81 -4.09 -0.70
C TRP A 169 5.19 -3.38 -1.89
N LEU A 170 5.84 -2.32 -2.35
CA LEU A 170 5.35 -1.59 -3.52
C LEU A 170 5.35 -2.52 -4.74
N LYS A 171 6.43 -3.29 -4.90
CA LYS A 171 6.56 -4.18 -6.05
C LYS A 171 5.49 -5.28 -6.09
N GLU A 172 5.17 -5.87 -4.94
CA GLU A 172 4.11 -6.87 -4.91
C GLU A 172 2.75 -6.26 -5.26
N ASN A 173 2.65 -4.94 -5.11
CA ASN A 173 1.45 -4.23 -5.50
C ASN A 173 1.57 -3.54 -6.86
N GLY A 174 2.60 -3.90 -7.61
CA GLY A 174 2.74 -3.46 -8.99
C GLY A 174 3.37 -2.10 -9.19
N ILE A 175 3.96 -1.57 -8.14
CA ILE A 175 4.52 -0.22 -8.16
C ILE A 175 6.04 -0.27 -8.26
N THR A 176 6.60 0.37 -9.28
CA THR A 176 8.03 0.35 -9.51
C THR A 176 8.69 1.67 -9.11
N GLU A 177 7.90 2.61 -8.62
CA GLU A 177 8.48 3.85 -8.10
C GLU A 177 9.35 3.55 -6.88
N HIS A 178 10.46 4.28 -6.73
CA HIS A 178 11.25 4.25 -5.51
C HIS A 178 10.36 4.63 -4.33
N PRO A 179 10.55 4.01 -3.18
CA PRO A 179 9.73 4.36 -2.02
C PRO A 179 9.71 5.86 -1.70
N ASP A 180 10.83 6.57 -1.87
CA ASP A 180 10.83 8.01 -1.59
C ASP A 180 9.98 8.79 -2.59
N THR A 181 9.90 8.28 -3.81
CA THR A 181 9.07 8.91 -4.83
C THR A 181 7.61 8.71 -4.47
N PHE A 182 7.28 7.46 -4.14
CA PHE A 182 5.94 7.06 -3.77
C PHE A 182 5.45 7.86 -2.57
N ALA A 183 6.33 8.05 -1.60
CA ALA A 183 5.91 8.67 -0.34
C ALA A 183 5.96 10.20 -0.34
N SER A 184 7.01 10.77 -0.92
CA SER A 184 7.25 12.21 -0.75
C SER A 184 6.93 13.03 -1.99
N HIS A 185 6.55 12.36 -3.08
CA HIS A 185 6.36 13.07 -4.34
C HIS A 185 5.07 12.72 -5.07
N PRO A 186 3.94 13.24 -4.56
CA PRO A 186 2.63 12.98 -5.16
C PRO A 186 2.55 13.58 -6.55
N PRO A 187 1.78 12.94 -7.45
CA PRO A 187 1.60 13.52 -8.78
C PRO A 187 0.73 14.79 -8.76
N ARG A 188 -0.10 14.94 -7.73
CA ARG A 188 -0.95 16.12 -7.57
C ARG A 188 -1.25 16.36 -6.08
N SER A 189 -1.14 17.59 -5.63
CA SER A 189 -1.26 17.88 -4.20
C SER A 189 -1.84 19.27 -3.97
N LEU A 190 -2.75 19.37 -3.00
CA LEU A 190 -3.20 20.66 -2.49
C LEU A 190 -2.56 20.87 -1.13
N VAL A 191 -2.03 22.06 -0.90
CA VAL A 191 -1.27 22.32 0.31
C VAL A 191 -2.02 23.29 1.20
N LEU A 192 -2.25 22.86 2.43
CA LEU A 192 -3.21 23.49 3.31
C LEU A 192 -2.52 24.47 4.27
N ILE A 193 -1.41 25.02 3.82
CA ILE A 193 -0.76 26.10 4.56
C ILE A 193 -0.52 27.25 3.58
N PRO A 194 -0.36 28.48 4.10
CA PRO A 194 -0.05 29.55 3.15
C PRO A 194 1.34 29.36 2.55
N LYS A 195 1.52 29.76 1.30
CA LYS A 195 2.82 29.58 0.67
C LYS A 195 3.90 30.40 1.39
N ALA A 196 3.46 31.42 2.11
CA ALA A 196 4.36 32.23 2.94
C ALA A 196 5.11 31.41 4.00
N LEU A 197 4.53 30.26 4.37
CA LEU A 197 5.16 29.41 5.38
C LEU A 197 5.79 28.16 4.76
N GLN A 198 6.00 28.19 3.45
CA GLN A 198 6.65 27.08 2.75
C GLN A 198 8.10 27.44 2.46
N PRO A 199 9.05 26.65 2.98
CA PRO A 199 10.44 26.97 2.63
C PRO A 199 10.69 26.78 1.13
N HIS A 200 11.58 27.61 0.57
CA HIS A 200 11.95 27.49 -0.84
C HIS A 200 10.73 27.48 -1.76
N ALA A 201 9.75 28.30 -1.42
CA ALA A 201 8.47 28.32 -2.15
C ALA A 201 8.64 28.55 -3.65
N ASP A 202 9.69 29.29 -4.03
CA ASP A 202 9.90 29.62 -5.42
C ASP A 202 10.29 28.42 -6.26
N ARG A 203 10.79 27.39 -5.58
CA ARG A 203 11.20 26.16 -6.26
C ARG A 203 10.14 25.06 -6.20
N VAL A 204 8.98 25.35 -5.62
CA VAL A 204 7.90 24.36 -5.56
C VAL A 204 7.12 24.29 -6.88
N ASP A 205 6.82 23.07 -7.32
CA ASP A 205 6.23 22.83 -8.62
C ASP A 205 4.72 23.06 -8.61
N GLU A 206 4.25 24.12 -9.26
CA GLU A 206 2.81 24.44 -9.26
C GLU A 206 1.99 23.53 -10.17
N ASP A 207 2.65 22.85 -11.08
CA ASP A 207 1.94 21.89 -11.90
C ASP A 207 1.54 20.67 -11.04
N VAL A 208 2.32 20.43 -9.99
CA VAL A 208 2.01 19.39 -9.01
C VAL A 208 1.25 19.94 -7.81
N TYR A 209 1.77 21.03 -7.24
CA TYR A 209 1.25 21.54 -5.97
C TYR A 209 0.45 22.83 -6.14
N THR A 210 -0.72 22.88 -5.50
CA THR A 210 -1.49 24.12 -5.41
C THR A 210 -1.63 24.50 -3.94
N PHE A 211 -1.17 25.69 -3.59
CA PHE A 211 -1.38 26.19 -2.24
C PHE A 211 -2.76 26.81 -2.08
N VAL A 212 -3.54 26.26 -1.15
CA VAL A 212 -4.86 26.77 -0.84
C VAL A 212 -4.89 27.36 0.56
N GLY A 213 -3.73 27.43 1.18
CA GLY A 213 -3.60 28.02 2.51
C GLY A 213 -4.51 27.34 3.50
N ALA A 214 -4.97 28.07 4.50
CA ALA A 214 -5.91 27.51 5.47
C ALA A 214 -7.31 27.36 4.87
N CYS A 215 -8.26 27.01 5.71
CA CYS A 215 -9.65 26.84 5.34
C CYS A 215 -10.54 27.73 6.19
N GLN A 216 -11.50 27.11 6.85
CA GLN A 216 -12.47 27.81 7.70
C GLN A 216 -12.18 27.68 9.20
N GLY A 217 -13.15 27.17 9.95
CA GLY A 217 -12.97 26.99 11.39
C GLY A 217 -14.20 26.45 12.09
N ASP A 218 -15.37 26.86 11.59
CA ASP A 218 -16.66 26.53 12.18
C ASP A 218 -16.71 26.87 13.66
N ARG A 219 -17.01 28.13 14.00
CA ARG A 219 -17.28 29.18 13.01
C ARG A 219 -16.78 30.59 13.45
N ALA A 220 -15.47 30.78 13.64
CA ALA A 220 -14.45 29.74 13.57
C ALA A 220 -14.11 29.15 14.94
N GLU A 221 -15.06 29.25 15.87
CA GLU A 221 -15.06 28.54 17.17
C GLU A 221 -14.32 29.22 18.34
N GLU A 222 -14.94 30.15 19.07
CA GLU A 222 -16.25 30.78 18.81
C GLU A 222 -16.45 31.91 19.84
N GLY A 223 -17.44 32.76 19.59
CA GLY A 223 -17.72 33.90 20.45
C GLY A 223 -17.05 35.17 19.94
N GLY A 224 -17.59 36.34 20.30
CA GLY A 224 -17.05 37.61 19.84
C GLY A 224 -16.29 38.42 20.88
N TRP A 225 -15.50 39.40 20.43
CA TRP A 225 -14.75 40.29 21.35
C TRP A 225 -14.54 41.74 20.86
N GLN A 226 -15.10 42.71 21.57
CA GLN A 226 -14.88 44.12 21.23
C GLN A 226 -13.67 44.68 21.96
N ARG A 227 -12.84 45.45 21.25
CA ARG A 227 -11.72 46.16 21.88
C ARG A 227 -12.27 46.97 23.04
N PRO A 228 -11.60 46.92 24.20
CA PRO A 228 -11.95 47.81 25.30
C PRO A 228 -11.77 49.20 24.78
N ALA A 229 -12.82 50.01 24.86
CA ALA A 229 -12.88 51.34 24.23
C ALA A 229 -11.52 51.96 23.81
N GLY A 230 -11.01 52.88 24.62
CA GLY A 230 -9.89 53.71 24.18
C GLY A 230 -8.47 53.14 24.06
N ALA A 231 -8.33 51.82 23.89
CA ALA A 231 -7.00 51.25 23.78
C ALA A 231 -6.33 51.66 22.47
N GLU A 232 -5.03 51.90 22.51
CA GLU A 232 -4.31 52.23 21.27
C GLU A 232 -3.80 50.98 20.57
N LYS A 233 -3.10 50.12 21.31
CA LYS A 233 -2.63 48.85 20.77
C LYS A 233 -3.11 47.69 21.66
N VAL A 234 -3.68 46.67 21.03
CA VAL A 234 -4.05 45.45 21.72
C VAL A 234 -3.05 44.36 21.37
N VAL A 235 -2.49 43.71 22.40
CA VAL A 235 -1.58 42.59 22.16
C VAL A 235 -2.16 41.31 22.74
N LEU A 236 -2.17 40.25 21.93
CA LEU A 236 -2.62 38.93 22.38
C LEU A 236 -1.43 38.02 22.62
N VAL A 237 -1.43 37.31 23.75
CA VAL A 237 -0.47 36.24 23.97
C VAL A 237 -1.20 34.88 23.98
N SER A 238 -1.02 34.11 22.90
CA SER A 238 -1.39 32.70 22.80
C SER A 238 -0.12 31.95 22.41
N LEU A 239 0.18 30.83 23.07
CA LEU A 239 1.57 30.38 23.08
C LEU A 239 1.80 28.87 22.90
N GLY A 240 0.81 28.15 22.37
CA GLY A 240 0.90 26.70 22.31
C GLY A 240 0.02 26.04 23.36
N SER A 241 -0.38 24.78 23.13
CA SER A 241 -1.35 24.17 24.04
C SER A 241 -0.88 22.93 24.81
N ALA A 242 -0.36 21.92 24.10
CA ALA A 242 0.19 20.75 24.77
C ALA A 242 1.25 21.18 25.79
N PHE A 243 0.82 21.35 27.04
CA PHE A 243 1.69 21.92 28.07
C PHE A 243 1.85 23.42 27.80
N THR A 244 1.91 24.19 28.88
CA THR A 244 2.14 25.62 28.80
C THR A 244 3.49 26.04 29.38
N LYS A 245 3.59 26.10 30.70
CA LYS A 245 4.81 26.49 31.39
C LYS A 245 5.24 27.94 31.12
N GLN A 246 6.55 28.17 31.14
CA GLN A 246 7.11 29.50 30.94
C GLN A 246 6.46 30.56 31.82
N PRO A 247 6.59 30.42 33.15
CA PRO A 247 5.93 31.36 34.05
C PRO A 247 6.65 32.70 34.03
N ALA A 248 7.98 32.63 33.87
CA ALA A 248 8.81 33.82 33.72
C ALA A 248 8.29 34.64 32.57
N PHE A 249 8.28 34.03 31.38
CA PHE A 249 7.86 34.70 30.17
C PHE A 249 6.43 35.22 30.28
N TYR A 250 5.58 34.51 31.01
CA TYR A 250 4.24 35.03 31.30
C TYR A 250 4.35 36.26 32.16
N ARG A 251 5.08 36.12 33.26
CA ARG A 251 5.39 37.25 34.13
C ARG A 251 6.08 38.39 33.38
N GLU A 252 7.07 38.06 32.55
CA GLU A 252 7.77 39.13 31.81
C GLU A 252 6.85 39.82 30.80
N CYS A 253 5.87 39.08 30.27
CA CYS A 253 4.89 39.67 29.36
C CYS A 253 4.03 40.67 30.12
N VAL A 254 3.56 40.24 31.30
CA VAL A 254 2.84 41.15 32.20
C VAL A 254 3.68 42.38 32.49
N ARG A 255 4.95 42.18 32.82
CA ARG A 255 5.85 43.29 33.06
C ARG A 255 6.12 44.12 31.82
N ALA A 256 6.11 43.47 30.67
CA ALA A 256 6.34 44.17 29.41
C ALA A 256 5.24 45.18 29.10
N PHE A 257 3.99 44.74 29.24
CA PHE A 257 2.86 45.52 28.76
C PHE A 257 2.02 46.06 29.91
N GLY A 258 2.14 45.42 31.06
CA GLY A 258 1.32 45.78 32.20
C GLY A 258 1.61 47.18 32.66
N ASN A 259 0.56 48.01 32.68
CA ASN A 259 0.61 49.42 33.05
C ASN A 259 1.26 50.33 32.00
N LEU A 260 1.42 49.83 30.77
CA LEU A 260 2.05 50.59 29.69
C LEU A 260 0.99 51.39 28.94
N PRO A 261 1.01 52.73 29.08
CA PRO A 261 -0.07 53.57 28.52
C PRO A 261 -0.32 53.31 27.05
N GLY A 262 -1.58 53.16 26.66
CA GLY A 262 -1.93 52.93 25.27
C GLY A 262 -2.19 51.46 24.95
N TRP A 263 -1.62 50.56 25.76
CA TRP A 263 -1.65 49.13 25.45
C TRP A 263 -2.62 48.36 26.32
N HIS A 264 -3.20 47.32 25.73
CA HIS A 264 -4.12 46.44 26.43
C HIS A 264 -3.68 45.02 26.08
N LEU A 265 -3.30 44.27 27.11
CA LEU A 265 -2.79 42.91 26.95
C LEU A 265 -3.85 41.88 27.23
N VAL A 266 -4.12 41.04 26.23
CA VAL A 266 -4.93 39.84 26.42
C VAL A 266 -3.97 38.66 26.56
N LEU A 267 -3.88 38.12 27.77
CA LEU A 267 -2.96 37.05 28.07
C LEU A 267 -3.74 35.75 28.19
N GLN A 268 -3.64 34.90 27.17
CA GLN A 268 -4.44 33.69 27.17
C GLN A 268 -3.61 32.52 27.68
N ILE A 269 -4.00 31.97 28.82
CA ILE A 269 -3.22 30.92 29.46
C ILE A 269 -3.54 29.56 28.91
N GLY A 270 -4.75 29.11 29.17
CA GLY A 270 -5.05 27.69 29.06
C GLY A 270 -5.40 27.14 30.42
N ARG A 271 -5.45 28.02 31.43
CA ARG A 271 -5.75 27.62 32.84
C ARG A 271 -6.67 28.59 33.59
N LYS A 272 -7.02 28.28 34.85
CA LYS A 272 -8.18 28.92 35.54
C LYS A 272 -8.05 29.71 36.87
N VAL A 273 -7.25 29.34 37.88
CA VAL A 273 -6.45 28.11 38.08
C VAL A 273 -5.38 27.80 37.03
N THR A 274 -4.23 28.51 37.05
CA THR A 274 -3.86 29.47 38.10
C THR A 274 -3.25 30.80 37.62
N PRO A 275 -4.11 31.78 37.36
CA PRO A 275 -3.76 33.20 37.39
C PRO A 275 -3.21 33.57 38.76
N ALA A 276 -3.88 33.08 39.80
CA ALA A 276 -3.43 33.28 41.16
C ALA A 276 -2.07 32.61 41.32
N GLU A 277 -1.03 33.29 40.83
CA GLU A 277 0.34 32.81 40.89
C GLU A 277 1.30 33.96 40.69
N LEU A 278 0.77 35.19 40.64
CA LEU A 278 1.61 36.36 40.29
C LEU A 278 1.23 37.77 40.76
N GLY A 279 1.87 38.23 41.85
CA GLY A 279 1.85 39.63 42.25
C GLY A 279 0.51 40.35 42.27
N GLU A 280 0.46 41.53 41.64
CA GLU A 280 -0.83 42.18 41.39
C GLU A 280 -1.02 42.61 39.93
N LEU A 281 -1.76 41.78 39.21
CA LEU A 281 -2.13 41.98 37.80
C LEU A 281 -2.74 43.35 37.45
N PRO A 282 -2.10 44.07 36.53
CA PRO A 282 -2.46 45.44 36.10
C PRO A 282 -3.84 45.50 35.44
N ASP A 283 -4.51 46.65 35.58
CA ASP A 283 -5.87 46.82 35.07
C ASP A 283 -5.93 46.83 33.55
N ASN A 284 -4.78 46.91 32.89
CA ASN A 284 -4.75 46.83 31.43
C ASN A 284 -4.34 45.43 30.96
N VAL A 285 -4.53 44.44 31.82
CA VAL A 285 -4.14 43.05 31.55
C VAL A 285 -5.25 42.07 31.92
N GLU A 286 -5.48 41.07 31.06
CA GLU A 286 -6.47 40.03 31.33
C GLU A 286 -5.87 38.65 31.17
N VAL A 287 -6.39 37.69 31.94
CA VAL A 287 -5.96 36.30 31.87
C VAL A 287 -7.13 35.37 31.61
N HIS A 288 -6.91 34.37 30.75
CA HIS A 288 -7.94 33.42 30.39
C HIS A 288 -7.34 32.06 30.08
N ASP A 289 -8.15 31.02 30.27
CA ASP A 289 -7.81 29.65 29.89
C ASP A 289 -7.99 29.47 28.38
N TRP A 290 -8.74 30.36 27.78
CA TRP A 290 -9.09 30.20 26.38
C TRP A 290 -9.74 31.49 25.91
N VAL A 291 -9.51 31.81 24.64
CA VAL A 291 -10.05 33.03 24.05
C VAL A 291 -10.55 32.72 22.64
N PRO A 292 -11.48 33.54 22.14
CA PRO A 292 -11.76 33.36 20.72
C PRO A 292 -10.61 34.01 19.93
N GLN A 293 -9.59 33.22 19.62
CA GLN A 293 -8.32 33.74 19.12
C GLN A 293 -8.42 34.51 17.81
N LEU A 294 -9.03 33.89 16.81
CA LEU A 294 -9.12 34.51 15.50
C LEU A 294 -9.94 35.79 15.57
N ALA A 295 -11.01 35.76 16.37
CA ALA A 295 -11.85 36.94 16.54
C ALA A 295 -11.05 38.09 17.15
N ILE A 296 -10.25 37.78 18.16
CA ILE A 296 -9.41 38.78 18.81
C ILE A 296 -8.30 39.28 17.90
N LEU A 297 -7.73 38.40 17.08
CA LEU A 297 -6.69 38.80 16.15
C LEU A 297 -7.22 39.80 15.12
N ARG A 298 -8.51 39.71 14.79
CA ARG A 298 -9.11 40.69 13.88
C ARG A 298 -9.11 42.09 14.49
N GLN A 299 -9.03 42.16 15.81
CA GLN A 299 -8.96 43.43 16.51
C GLN A 299 -7.71 43.54 17.39
N ALA A 300 -6.64 42.84 16.99
CA ALA A 300 -5.36 42.92 17.69
C ALA A 300 -4.30 43.60 16.81
N ASP A 301 -3.37 44.27 17.46
CA ASP A 301 -2.32 45.00 16.74
C ASP A 301 -0.97 44.30 16.86
N LEU A 302 -0.88 43.32 17.76
CA LEU A 302 0.33 42.56 17.95
C LEU A 302 0.00 41.17 18.48
N PHE A 303 0.74 40.16 18.03
CA PHE A 303 0.49 38.80 18.47
C PHE A 303 1.81 38.17 18.94
N VAL A 304 1.91 37.88 20.23
CA VAL A 304 3.05 37.13 20.75
C VAL A 304 2.67 35.65 20.67
N THR A 305 3.36 34.91 19.81
CA THR A 305 2.96 33.56 19.41
C THR A 305 4.14 32.59 19.53
N HIS A 306 3.85 31.31 19.75
CA HIS A 306 4.90 30.29 19.72
C HIS A 306 5.17 29.84 18.29
N ALA A 307 4.40 30.38 17.35
CA ALA A 307 4.59 30.11 15.92
C ALA A 307 4.25 28.68 15.53
N GLY A 308 3.25 28.10 16.18
CA GLY A 308 2.61 26.90 15.67
C GLY A 308 1.95 27.17 14.33
N ALA A 309 1.53 26.12 13.64
CA ALA A 309 0.95 26.28 12.30
C ALA A 309 -0.30 27.15 12.30
N GLY A 310 -1.18 26.95 13.27
CA GLY A 310 -2.41 27.70 13.35
C GLY A 310 -2.14 29.16 13.64
N GLY A 311 -1.48 29.42 14.76
CA GLY A 311 -1.15 30.78 15.14
C GLY A 311 -0.41 31.54 14.06
N SER A 312 0.52 30.88 13.40
CA SER A 312 1.30 31.53 12.35
C SER A 312 0.39 31.97 11.19
N GLN A 313 -0.42 31.07 10.66
CA GLN A 313 -1.27 31.49 9.54
C GLN A 313 -2.36 32.45 9.97
N GLU A 314 -2.78 32.35 11.23
CA GLU A 314 -3.82 33.25 11.74
C GLU A 314 -3.29 34.67 11.92
N GLY A 315 -2.05 34.79 12.37
CA GLY A 315 -1.39 36.08 12.44
C GLY A 315 -1.27 36.70 11.05
N LEU A 316 -0.89 35.89 10.07
CA LEU A 316 -0.78 36.40 8.71
C LEU A 316 -2.16 36.75 8.14
N ALA A 317 -3.13 35.86 8.34
CA ALA A 317 -4.47 36.04 7.80
C ALA A 317 -5.14 37.32 8.29
N THR A 318 -4.76 37.75 9.50
CA THR A 318 -5.32 38.94 10.12
C THR A 318 -4.37 40.12 10.07
N ALA A 319 -3.30 39.98 9.28
CA ALA A 319 -2.28 41.02 9.13
C ALA A 319 -1.80 41.56 10.48
N THR A 320 -1.51 40.65 11.40
CA THR A 320 -1.12 41.05 12.75
C THR A 320 0.37 40.79 12.93
N PRO A 321 1.17 41.86 13.13
CA PRO A 321 2.61 41.71 13.36
C PRO A 321 2.85 40.76 14.53
N MET A 322 3.96 40.01 14.49
CA MET A 322 4.16 38.96 15.48
C MET A 322 5.51 39.01 16.18
N ILE A 323 5.50 38.66 17.47
CA ILE A 323 6.72 38.28 18.16
C ILE A 323 6.66 36.77 18.29
N ALA A 324 7.56 36.10 17.61
CA ALA A 324 7.60 34.64 17.60
C ALA A 324 8.60 34.15 18.63
N VAL A 325 8.13 33.38 19.60
CA VAL A 325 8.97 32.84 20.66
C VAL A 325 8.74 31.33 20.71
N PRO A 326 9.30 30.59 19.75
CA PRO A 326 8.96 29.16 19.55
C PRO A 326 9.27 28.24 20.74
N GLN A 327 8.29 27.40 21.10
CA GLN A 327 8.35 26.61 22.32
C GLN A 327 8.91 25.23 22.13
N ALA A 328 8.22 24.46 21.29
CA ALA A 328 8.60 23.08 21.07
C ALA A 328 9.76 23.05 20.11
N VAL A 329 9.59 22.41 18.95
CA VAL A 329 10.75 22.07 18.12
C VAL A 329 10.68 22.52 16.67
N ASP A 330 9.53 22.30 16.06
CA ASP A 330 9.29 22.62 14.65
C ASP A 330 8.80 24.06 14.48
N GLN A 331 8.39 24.68 15.57
CA GLN A 331 7.88 26.04 15.49
C GLN A 331 8.99 27.00 15.08
N PHE A 332 10.25 26.58 15.29
CA PHE A 332 11.39 27.41 14.92
C PHE A 332 11.41 27.62 13.41
N GLY A 333 10.94 26.63 12.67
CA GLY A 333 10.82 26.75 11.22
C GLY A 333 9.91 27.92 10.87
N ASN A 334 8.69 27.89 11.40
CA ASN A 334 7.75 28.98 11.16
C ASN A 334 8.31 30.31 11.68
N ALA A 335 8.96 30.27 12.83
CA ALA A 335 9.51 31.49 13.42
C ALA A 335 10.49 32.21 12.48
N ASP A 336 11.44 31.48 11.93
CA ASP A 336 12.41 32.09 11.03
C ASP A 336 11.76 32.60 9.74
N MET A 337 10.79 31.86 9.23
CA MET A 337 10.10 32.28 8.01
C MET A 337 9.29 33.56 8.25
N LEU A 338 8.63 33.63 9.40
CA LEU A 338 7.87 34.83 9.75
C LEU A 338 8.78 36.05 9.82
N GLN A 339 9.92 35.89 10.50
CA GLN A 339 10.87 37.00 10.60
C GLN A 339 11.45 37.33 9.23
N GLY A 340 11.72 36.30 8.44
CA GLY A 340 12.22 36.50 7.09
C GLY A 340 11.27 37.29 6.20
N LEU A 341 9.98 37.11 6.43
CA LEU A 341 8.94 37.82 5.69
C LEU A 341 8.93 39.31 6.00
N GLY A 342 9.61 39.69 7.08
CA GLY A 342 9.67 41.09 7.49
C GLY A 342 8.43 41.49 8.28
N VAL A 343 7.78 40.53 8.91
CA VAL A 343 6.54 40.83 9.61
C VAL A 343 6.57 40.40 11.07
N ALA A 344 7.75 39.99 11.55
CA ALA A 344 7.87 39.43 12.88
C ALA A 344 9.32 39.48 13.36
N ARG A 345 9.50 39.30 14.65
CA ARG A 345 10.83 39.09 15.23
C ARG A 345 10.80 37.81 16.02
N LYS A 346 11.80 36.96 15.86
CA LYS A 346 11.90 35.74 16.67
C LYS A 346 12.73 36.03 17.92
N LEU A 347 12.24 35.60 19.07
CA LEU A 347 13.02 35.71 20.30
C LEU A 347 13.26 34.35 20.92
N ALA A 348 14.42 34.20 21.57
CA ALA A 348 14.61 33.11 22.50
C ALA A 348 13.98 33.50 23.84
N THR A 349 13.25 32.58 24.45
CA THR A 349 12.88 32.74 25.87
C THR A 349 14.16 32.90 26.69
N GLU A 350 14.69 31.78 27.15
CA GLU A 350 15.92 31.75 27.95
N GLU A 351 15.99 35.63 26.38
CA GLU A 351 16.28 37.05 26.23
C GLU A 351 14.98 37.85 26.17
N ALA A 352 13.86 37.12 26.15
CA ALA A 352 12.54 37.74 26.05
C ALA A 352 12.12 38.37 27.38
N THR A 353 12.88 39.36 27.82
CA THR A 353 12.58 40.13 29.01
C THR A 353 11.48 41.14 28.73
N ALA A 354 11.02 41.80 29.78
CA ALA A 354 10.00 42.83 29.64
C ALA A 354 10.51 43.95 28.75
N ASP A 355 11.78 44.30 28.94
CA ASP A 355 12.39 45.41 28.22
C ASP A 355 12.50 45.13 26.72
N LEU A 356 12.97 43.94 26.37
CA LEU A 356 13.11 43.57 24.97
C LEU A 356 11.75 43.31 24.30
N LEU A 357 10.86 42.66 25.03
CA LEU A 357 9.50 42.44 24.54
C LEU A 357 8.83 43.76 24.22
N ARG A 358 8.91 44.71 25.14
CA ARG A 358 8.30 46.01 24.91
C ARG A 358 8.94 46.75 23.75
N GLU A 359 10.28 46.72 23.71
CA GLU A 359 11.02 47.39 22.66
C GLU A 359 10.64 46.79 21.32
N THR A 360 10.55 45.46 21.28
CA THR A 360 10.23 44.74 20.06
C THR A 360 8.80 45.04 19.63
N ALA A 361 7.89 44.96 20.59
CA ALA A 361 6.48 45.31 20.38
C ALA A 361 6.32 46.68 19.78
N LEU A 362 6.97 47.67 20.38
CA LEU A 362 6.87 49.05 19.92
C LEU A 362 7.40 49.18 18.48
N ALA A 363 8.50 48.51 18.20
CA ALA A 363 9.11 48.59 16.88
C ALA A 363 8.20 48.00 15.81
N LEU A 364 7.53 46.90 16.13
CA LEU A 364 6.71 46.21 15.15
C LEU A 364 5.40 46.94 14.86
N VAL A 365 4.74 47.44 15.90
CA VAL A 365 3.40 48.00 15.70
C VAL A 365 3.43 49.36 15.02
N ASP A 366 4.56 50.02 15.11
CA ASP A 366 4.66 51.33 14.48
C ASP A 366 5.58 51.31 13.25
N ASP A 367 5.62 50.17 12.54
CA ASP A 367 6.51 49.97 11.39
C ASP A 367 5.68 49.82 10.14
N PRO A 368 5.72 50.82 9.27
CA PRO A 368 4.89 50.77 8.07
C PRO A 368 5.42 49.80 7.04
N GLU A 369 6.71 49.52 7.09
CA GLU A 369 7.28 48.56 6.14
C GLU A 369 6.70 47.18 6.52
N VAL A 370 6.66 46.90 7.81
CA VAL A 370 6.03 45.68 8.31
C VAL A 370 4.54 45.58 7.93
N ALA A 371 3.79 46.64 8.17
CA ALA A 371 2.36 46.61 7.87
C ALA A 371 2.10 46.37 6.39
N ARG A 372 2.94 46.98 5.55
CA ARG A 372 2.83 46.85 4.10
C ARG A 372 3.00 45.40 3.68
N ARG A 373 3.96 44.73 4.28
CA ARG A 373 4.27 43.35 3.93
C ARG A 373 3.16 42.42 4.38
N LEU A 374 2.49 42.78 5.49
CA LEU A 374 1.35 42.00 6.00
C LEU A 374 0.11 42.04 5.12
N ARG A 375 -0.33 43.23 4.73
CA ARG A 375 -1.51 43.30 3.88
C ARG A 375 -1.24 42.71 2.49
N ARG A 376 0.02 42.68 2.09
CA ARG A 376 0.38 42.02 0.85
C ARG A 376 0.25 40.50 0.95
N ILE A 377 0.87 39.92 1.98
CA ILE A 377 0.71 38.49 2.23
C ILE A 377 -0.78 38.13 2.37
N GLN A 378 -1.51 38.99 3.07
CA GLN A 378 -2.96 38.87 3.18
C GLN A 378 -3.64 38.78 1.80
N ALA A 379 -3.17 39.59 0.85
CA ALA A 379 -3.72 39.57 -0.50
C ALA A 379 -3.35 38.30 -1.21
N GLU A 380 -2.14 37.81 -0.95
CA GLU A 380 -1.68 36.58 -1.57
C GLU A 380 -2.42 35.37 -0.99
N MET A 381 -2.70 35.42 0.31
CA MET A 381 -3.51 34.36 0.92
C MET A 381 -4.93 34.37 0.36
N ALA A 382 -5.43 35.55 -0.02
CA ALA A 382 -6.74 35.62 -0.66
C ALA A 382 -6.78 34.82 -1.95
N GLN A 383 -5.70 34.89 -2.74
CA GLN A 383 -5.64 34.13 -3.98
C GLN A 383 -5.59 32.61 -3.76
N GLU A 384 -5.15 32.21 -2.56
CA GLU A 384 -5.10 30.81 -2.19
C GLU A 384 -6.49 30.23 -1.86
N GLY A 385 -7.37 31.06 -1.30
CA GLY A 385 -8.80 30.78 -1.26
C GLY A 385 -9.42 29.80 -0.26
N GLY A 386 -8.61 28.99 0.39
CA GLY A 386 -9.14 28.14 1.44
C GLY A 386 -10.22 27.14 1.07
N THR A 387 -11.18 26.97 1.97
CA THR A 387 -12.19 25.91 1.94
C THR A 387 -12.80 25.59 0.58
N ARG A 388 -13.50 26.56 0.01
CA ARG A 388 -14.21 26.30 -1.24
C ARG A 388 -13.30 26.44 -2.47
N ARG A 389 -12.10 27.00 -2.32
CA ARG A 389 -11.16 26.94 -3.43
C ARG A 389 -10.60 25.53 -3.58
N ALA A 390 -10.30 24.89 -2.45
CA ALA A 390 -9.80 23.51 -2.47
C ALA A 390 -10.80 22.59 -3.17
N ALA A 391 -12.08 22.70 -2.81
CA ALA A 391 -13.09 21.89 -3.48
C ALA A 391 -13.19 22.29 -4.95
N ASP A 392 -13.10 23.59 -5.23
CA ASP A 392 -13.07 24.05 -6.61
C ASP A 392 -11.90 23.45 -7.38
N LEU A 393 -10.91 22.89 -6.68
CA LEU A 393 -9.73 22.34 -7.34
C LEU A 393 -9.79 20.84 -7.50
N ILE A 394 -10.34 20.17 -6.51
CA ILE A 394 -10.50 18.73 -6.53
C ILE A 394 -11.37 18.35 -7.73
N GLU A 395 -12.37 19.17 -8.02
CA GLU A 395 -13.32 18.87 -9.10
C GLU A 395 -12.64 18.93 -10.47
N ALA A 396 -11.62 19.79 -10.58
CA ALA A 396 -10.83 19.90 -11.80
C ALA A 396 -10.00 18.66 -12.14
N GLU A 397 -9.77 17.79 -11.15
CA GLU A 397 -8.97 16.57 -11.37
C GLU A 397 -9.84 15.37 -11.71
N LEU A 398 -11.15 15.53 -11.58
CA LEU A 398 -12.10 14.49 -11.94
C LEU A 398 -11.93 14.13 -13.41
N PRO A 399 -12.19 12.86 -13.75
CA PRO A 399 -12.23 12.44 -15.15
C PRO A 399 -13.10 13.37 -16.00
N ALA A 400 -12.72 13.55 -17.26
CA ALA A 400 -13.47 14.34 -18.24
C ALA A 400 -14.99 14.36 -18.02
N THR B 6 14.35 -53.61 -4.53
CA THR B 6 14.69 -52.88 -3.31
C THR B 6 14.45 -51.36 -3.35
N PRO B 7 13.45 -50.90 -4.10
CA PRO B 7 13.45 -49.45 -4.31
C PRO B 7 13.03 -48.62 -3.08
N ALA B 8 13.18 -47.30 -3.18
CA ALA B 8 12.67 -46.41 -2.14
C ALA B 8 11.17 -46.33 -2.30
N HIS B 9 10.48 -46.25 -1.17
CA HIS B 9 9.04 -46.06 -1.15
C HIS B 9 8.78 -44.58 -0.87
N ILE B 10 8.26 -43.89 -1.87
CA ILE B 10 7.96 -42.46 -1.76
C ILE B 10 6.46 -42.31 -1.75
N ALA B 11 5.90 -41.80 -0.65
CA ALA B 11 4.47 -41.56 -0.56
C ALA B 11 4.18 -40.09 -0.69
N MET B 12 3.46 -39.76 -1.75
CA MET B 12 3.00 -38.42 -2.03
C MET B 12 1.58 -38.31 -1.48
N PHE B 13 1.24 -37.15 -0.95
CA PHE B 13 -0.11 -36.89 -0.46
C PHE B 13 -0.69 -35.64 -1.09
N SER B 14 -1.94 -35.73 -1.54
CA SER B 14 -2.68 -34.54 -1.91
C SER B 14 -4.17 -34.72 -1.69
N ILE B 15 -4.91 -33.72 -2.14
CA ILE B 15 -6.36 -33.72 -2.07
C ILE B 15 -6.88 -33.70 -3.49
N ALA B 16 -8.19 -33.90 -3.67
CA ALA B 16 -8.71 -33.92 -5.02
C ALA B 16 -8.73 -32.49 -5.56
N ALA B 17 -7.54 -31.93 -5.73
CA ALA B 17 -7.39 -30.56 -6.24
C ALA B 17 -6.61 -30.48 -7.53
N HIS B 18 -7.21 -29.91 -8.56
CA HIS B 18 -6.54 -29.81 -9.84
C HIS B 18 -5.36 -28.89 -9.65
N GLY B 19 -5.61 -27.78 -8.96
CA GLY B 19 -4.59 -26.76 -8.79
C GLY B 19 -3.56 -27.16 -7.77
N HIS B 20 -3.73 -28.33 -7.18
CA HIS B 20 -2.80 -28.81 -6.19
C HIS B 20 -2.36 -30.25 -6.44
N VAL B 21 -2.76 -30.81 -7.57
CA VAL B 21 -2.22 -32.11 -8.01
C VAL B 21 -1.43 -31.95 -9.30
N ASN B 22 -1.98 -31.16 -10.22
CA ASN B 22 -1.33 -30.91 -11.50
C ASN B 22 0.05 -30.27 -11.47
N PRO B 23 0.26 -29.24 -10.63
CA PRO B 23 1.57 -28.58 -10.70
C PRO B 23 2.77 -29.48 -10.38
N SER B 24 2.52 -30.65 -9.79
CA SER B 24 3.60 -31.56 -9.41
C SER B 24 3.49 -32.91 -10.12
N LEU B 25 2.47 -33.10 -10.94
CA LEU B 25 2.22 -34.40 -11.56
C LEU B 25 3.44 -34.89 -12.33
N GLU B 26 4.10 -33.97 -13.02
CA GLU B 26 5.29 -34.32 -13.79
C GLU B 26 6.49 -34.64 -12.92
N VAL B 27 6.58 -34.02 -11.75
CA VAL B 27 7.59 -34.43 -10.78
C VAL B 27 7.31 -35.87 -10.39
N ILE B 28 6.04 -36.19 -10.12
CA ILE B 28 5.67 -37.56 -9.80
C ILE B 28 5.93 -38.49 -11.00
N ARG B 29 5.55 -38.05 -12.20
CA ARG B 29 5.82 -38.85 -13.41
C ARG B 29 7.30 -39.10 -13.58
N GLU B 30 8.09 -38.04 -13.44
CA GLU B 30 9.54 -38.17 -13.54
C GLU B 30 10.06 -39.14 -12.49
N LEU B 31 9.44 -39.13 -11.31
CA LEU B 31 9.94 -39.88 -10.17
C LEU B 31 9.82 -41.40 -10.29
N VAL B 32 8.70 -41.87 -10.82
CA VAL B 32 8.54 -43.30 -11.02
C VAL B 32 9.47 -43.74 -12.16
N ALA B 33 9.69 -42.83 -13.11
CA ALA B 33 10.65 -43.12 -14.19
C ALA B 33 12.05 -43.45 -13.67
N ARG B 34 12.44 -42.85 -12.56
CA ARG B 34 13.75 -43.12 -11.96
C ARG B 34 13.78 -44.39 -11.11
N GLY B 35 12.65 -45.10 -11.06
CA GLY B 35 12.60 -46.42 -10.47
C GLY B 35 12.17 -46.51 -9.02
N HIS B 36 11.86 -45.37 -8.41
CA HIS B 36 11.39 -45.37 -7.03
C HIS B 36 10.02 -46.00 -6.97
N ARG B 37 9.67 -46.61 -5.85
CA ARG B 37 8.29 -47.09 -5.66
C ARG B 37 7.52 -45.95 -5.03
N VAL B 38 6.56 -45.42 -5.79
CA VAL B 38 5.81 -44.27 -5.34
C VAL B 38 4.35 -44.66 -5.11
N THR B 39 3.78 -44.17 -4.02
CA THR B 39 2.33 -44.25 -3.82
C THR B 39 1.79 -42.84 -3.74
N TYR B 40 0.51 -42.69 -4.02
CA TYR B 40 -0.10 -41.36 -4.04
C TYR B 40 -1.39 -41.43 -3.26
N ALA B 41 -1.35 -40.92 -2.03
CA ALA B 41 -2.55 -40.81 -1.21
C ALA B 41 -3.45 -39.74 -1.82
N ILE B 42 -4.61 -40.14 -2.31
CA ILE B 42 -5.49 -39.25 -3.08
C ILE B 42 -6.95 -39.65 -2.86
N PRO B 43 -7.88 -38.67 -2.90
CA PRO B 43 -9.29 -39.07 -2.88
C PRO B 43 -9.63 -39.96 -4.07
N PRO B 44 -10.83 -40.56 -4.09
CA PRO B 44 -11.27 -41.48 -5.13
C PRO B 44 -11.39 -40.88 -6.52
N VAL B 45 -11.92 -39.66 -6.62
CA VAL B 45 -12.24 -39.12 -7.94
C VAL B 45 -10.98 -38.94 -8.80
N PHE B 46 -9.84 -38.71 -8.14
CA PHE B 46 -8.57 -38.50 -8.85
C PHE B 46 -7.70 -39.76 -8.92
N ALA B 47 -8.31 -40.94 -8.74
CA ALA B 47 -7.55 -42.18 -8.73
C ALA B 47 -6.84 -42.42 -10.05
N ASP B 48 -7.62 -42.39 -11.13
CA ASP B 48 -7.07 -42.54 -12.48
C ASP B 48 -6.09 -41.42 -12.80
N LYS B 49 -6.39 -40.21 -12.33
CA LYS B 49 -5.54 -39.04 -12.61
C LYS B 49 -4.11 -39.20 -12.11
N VAL B 50 -3.95 -39.86 -10.97
CA VAL B 50 -2.60 -40.01 -10.41
C VAL B 50 -1.90 -41.31 -10.83
N ALA B 51 -2.66 -42.38 -11.08
CA ALA B 51 -2.05 -43.67 -11.42
C ALA B 51 -1.45 -43.65 -12.82
N ALA B 52 -1.91 -42.71 -13.65
CA ALA B 52 -1.44 -42.59 -15.01
C ALA B 52 -0.04 -41.98 -15.01
N THR B 53 0.32 -41.38 -13.88
CA THR B 53 1.53 -40.55 -13.79
C THR B 53 2.81 -41.33 -13.95
N GLY B 54 2.97 -42.27 -13.06
CA GLY B 54 4.08 -43.17 -13.03
C GLY B 54 3.62 -44.34 -12.18
N ALA B 55 2.87 -44.03 -11.11
CA ALA B 55 2.53 -44.99 -10.07
C ALA B 55 1.08 -45.47 -9.99
N ARG B 56 0.37 -45.00 -8.96
CA ARG B 56 -0.87 -45.63 -8.50
C ARG B 56 -1.52 -44.82 -7.36
N PRO B 57 -2.75 -45.15 -6.99
CA PRO B 57 -3.45 -44.43 -5.92
C PRO B 57 -3.57 -45.12 -4.56
N VAL B 58 -3.65 -44.32 -3.51
CA VAL B 58 -3.96 -44.78 -2.16
C VAL B 58 -5.15 -43.96 -1.72
N LEU B 59 -6.34 -44.54 -1.82
CA LEU B 59 -7.60 -43.81 -1.71
C LEU B 59 -7.94 -43.45 -0.27
N TYR B 60 -8.45 -42.24 -0.07
CA TYR B 60 -9.05 -41.89 1.21
C TYR B 60 -10.34 -41.08 1.01
N HIS B 61 -11.24 -41.19 1.98
CA HIS B 61 -12.46 -40.40 2.05
C HIS B 61 -12.13 -38.94 2.36
N SER B 62 -12.49 -38.03 1.45
CA SER B 62 -12.28 -36.59 1.62
C SER B 62 -13.61 -35.88 1.89
N THR B 63 -13.67 -35.04 2.92
CA THR B 63 -14.83 -34.17 3.11
C THR B 63 -14.53 -32.75 2.66
N LEU B 64 -13.52 -32.64 1.79
CA LEU B 64 -13.32 -31.45 0.96
C LEU B 64 -14.22 -31.53 -0.27
N PRO B 65 -14.58 -30.39 -0.87
CA PRO B 65 -15.57 -30.27 -1.96
C PRO B 65 -15.38 -31.13 -3.21
N GLY B 66 -14.14 -31.27 -3.67
CA GLY B 66 -13.91 -32.02 -4.91
C GLY B 66 -13.74 -31.15 -6.15
N PRO B 67 -13.15 -31.73 -7.20
CA PRO B 67 -12.52 -30.98 -8.30
C PRO B 67 -13.52 -30.22 -9.19
N ASP B 68 -14.73 -30.72 -9.38
CA ASP B 68 -15.66 -29.96 -10.22
C ASP B 68 -16.61 -29.14 -9.36
N ALA B 69 -16.04 -28.19 -8.63
CA ALA B 69 -16.80 -27.22 -7.84
C ALA B 69 -16.59 -25.78 -8.35
N ASP B 70 -17.55 -24.91 -8.12
CA ASP B 70 -17.40 -23.49 -8.41
C ASP B 70 -16.81 -22.82 -7.16
N PRO B 71 -16.07 -21.70 -7.32
CA PRO B 71 -15.37 -21.04 -6.22
C PRO B 71 -16.15 -20.92 -4.92
N GLU B 72 -17.43 -20.53 -4.97
CA GLU B 72 -18.24 -20.37 -3.77
C GLU B 72 -18.34 -21.62 -2.90
N ALA B 73 -17.86 -22.75 -3.41
CA ALA B 73 -17.79 -23.93 -2.56
C ALA B 73 -16.72 -23.78 -1.47
N TRP B 74 -15.64 -23.05 -1.77
CA TRP B 74 -14.44 -23.05 -0.93
C TRP B 74 -14.34 -21.88 0.06
N GLY B 75 -15.24 -20.92 -0.06
CA GLY B 75 -15.25 -19.84 0.92
C GLY B 75 -15.07 -18.41 0.44
N SER B 76 -15.85 -17.54 1.09
CA SER B 76 -15.64 -16.09 1.05
C SER B 76 -14.75 -15.67 2.22
N THR B 77 -15.12 -16.13 3.42
CA THR B 77 -14.46 -15.77 4.66
C THR B 77 -13.08 -16.46 4.78
N LEU B 78 -12.13 -15.80 5.45
CA LEU B 78 -10.85 -16.43 5.79
C LEU B 78 -11.11 -17.76 6.50
N LEU B 79 -11.99 -17.74 7.52
CA LEU B 79 -12.32 -18.98 8.21
C LEU B 79 -13.02 -19.97 7.28
N ASP B 80 -13.81 -19.47 6.33
CA ASP B 80 -14.46 -20.39 5.40
C ASP B 80 -13.44 -20.92 4.39
N ASN B 81 -12.32 -20.21 4.25
CA ASN B 81 -11.25 -20.70 3.38
C ASN B 81 -10.40 -21.75 4.06
N VAL B 82 -10.10 -21.57 5.34
CA VAL B 82 -9.20 -22.50 6.02
C VAL B 82 -9.86 -23.67 6.74
N GLU B 83 -11.05 -23.44 7.31
CA GLU B 83 -11.67 -24.48 8.14
C GLU B 83 -11.73 -25.89 7.52
N PRO B 84 -12.19 -26.02 6.27
CA PRO B 84 -12.31 -27.35 5.70
C PRO B 84 -11.02 -28.18 5.68
N PHE B 85 -9.86 -27.52 5.59
CA PHE B 85 -8.60 -28.27 5.53
C PHE B 85 -8.31 -28.98 6.85
N LEU B 86 -8.63 -28.34 7.98
CA LEU B 86 -8.41 -28.98 9.27
C LEU B 86 -9.38 -30.15 9.48
N ASN B 87 -10.67 -29.87 9.37
CA ASN B 87 -11.67 -30.88 9.70
C ASN B 87 -11.54 -32.11 8.79
N ASP B 88 -11.17 -31.89 7.54
CA ASP B 88 -10.90 -33.00 6.64
C ASP B 88 -9.69 -33.80 7.10
N ALA B 89 -8.68 -33.09 7.59
CA ALA B 89 -7.46 -33.74 8.04
C ALA B 89 -7.71 -34.62 9.26
N ILE B 90 -8.54 -34.14 10.18
CA ILE B 90 -8.81 -34.92 11.39
C ILE B 90 -9.39 -36.29 11.07
N GLN B 91 -10.28 -36.37 10.08
CA GLN B 91 -10.89 -37.64 9.72
C GLN B 91 -10.11 -38.42 8.66
N ALA B 92 -9.25 -37.73 7.90
CA ALA B 92 -8.40 -38.42 6.92
C ALA B 92 -7.23 -39.12 7.61
N LEU B 93 -6.65 -38.43 8.60
CA LEU B 93 -5.46 -38.91 9.30
C LEU B 93 -5.48 -40.42 9.63
N PRO B 94 -6.43 -40.87 10.46
CA PRO B 94 -6.31 -42.30 10.81
C PRO B 94 -6.58 -43.25 9.63
N GLN B 95 -7.29 -42.80 8.60
CA GLN B 95 -7.47 -43.63 7.40
C GLN B 95 -6.13 -43.95 6.72
N LEU B 96 -5.34 -42.90 6.52
CA LEU B 96 -4.03 -43.00 5.90
C LEU B 96 -3.04 -43.73 6.80
N ALA B 97 -3.22 -43.59 8.11
CA ALA B 97 -2.41 -44.37 9.03
C ALA B 97 -2.66 -45.87 8.80
N ASP B 98 -3.93 -46.22 8.61
CA ASP B 98 -4.30 -47.62 8.38
C ASP B 98 -3.66 -48.17 7.10
N ALA B 99 -3.79 -47.40 6.01
CA ALA B 99 -3.30 -47.83 4.70
C ALA B 99 -1.80 -48.05 4.64
N TYR B 100 -1.06 -47.32 5.46
CA TYR B 100 0.39 -47.35 5.36
C TYR B 100 1.05 -48.11 6.51
N ALA B 101 0.25 -48.50 7.50
CA ALA B 101 0.79 -49.12 8.71
C ALA B 101 1.72 -50.32 8.47
N ASP B 102 1.56 -51.00 7.33
CA ASP B 102 2.38 -52.18 7.00
C ASP B 102 3.23 -51.97 5.73
N ASP B 103 3.20 -50.74 5.21
CA ASP B 103 3.94 -50.36 4.01
C ASP B 103 4.36 -48.90 4.23
N ILE B 104 5.03 -48.67 5.35
CA ILE B 104 5.49 -47.34 5.74
C ILE B 104 6.55 -46.87 4.76
N PRO B 105 6.20 -45.87 3.94
CA PRO B 105 7.09 -45.32 2.90
C PRO B 105 8.35 -44.74 3.50
N ASP B 106 9.38 -44.54 2.67
CA ASP B 106 10.64 -44.00 3.14
C ASP B 106 10.67 -42.48 3.05
N LEU B 107 9.78 -41.93 2.25
CA LEU B 107 9.74 -40.50 2.05
C LEU B 107 8.31 -40.02 1.97
N VAL B 108 8.03 -38.98 2.75
CA VAL B 108 6.75 -38.30 2.66
C VAL B 108 6.90 -37.03 1.83
N LEU B 109 6.24 -37.02 0.68
CA LEU B 109 6.12 -35.85 -0.17
C LEU B 109 4.66 -35.43 -0.02
N HIS B 110 4.35 -34.15 -0.21
CA HIS B 110 2.97 -33.70 -0.10
C HIS B 110 2.74 -32.26 -0.55
N ASP B 111 1.57 -32.03 -1.17
CA ASP B 111 1.11 -30.67 -1.43
C ASP B 111 0.77 -29.93 -0.13
N ILE B 112 0.85 -28.60 -0.15
CA ILE B 112 0.63 -27.78 1.04
C ILE B 112 -0.74 -27.97 1.70
N THR B 113 -1.73 -28.31 0.88
CA THR B 113 -3.11 -28.35 1.38
C THR B 113 -3.43 -29.62 2.15
N SER B 114 -2.47 -30.55 2.22
CA SER B 114 -2.73 -31.84 2.85
C SER B 114 -2.08 -31.98 4.24
N TYR B 115 -2.85 -31.70 5.30
CA TYR B 115 -2.33 -31.78 6.66
C TYR B 115 -1.89 -33.17 7.19
N PRO B 116 -2.61 -34.25 6.81
CA PRO B 116 -2.20 -35.55 7.39
C PRO B 116 -0.77 -36.00 7.03
N ALA B 117 -0.21 -35.48 5.93
CA ALA B 117 1.13 -35.89 5.54
C ALA B 117 2.20 -35.43 6.55
N ARG B 118 2.03 -34.20 7.07
CA ARG B 118 2.97 -33.64 8.03
C ARG B 118 2.99 -34.51 9.30
N VAL B 119 1.82 -34.90 9.76
CA VAL B 119 1.70 -35.69 11.00
C VAL B 119 2.32 -37.07 10.84
N LEU B 120 1.91 -37.78 9.79
CA LEU B 120 2.37 -39.14 9.55
C LEU B 120 3.90 -39.26 9.37
N ALA B 121 4.48 -38.37 8.57
CA ALA B 121 5.93 -38.32 8.44
C ALA B 121 6.56 -38.21 9.82
N ARG B 122 5.97 -37.36 10.66
CA ARG B 122 6.53 -37.09 11.99
C ARG B 122 6.44 -38.33 12.88
N ARG B 123 5.38 -39.13 12.68
CA ARG B 123 5.15 -40.32 13.51
C ARG B 123 5.85 -41.56 12.99
N TRP B 124 6.01 -41.63 11.67
CA TRP B 124 6.70 -42.74 11.05
C TRP B 124 8.18 -42.45 11.10
N GLY B 125 8.48 -41.17 11.33
CA GLY B 125 9.86 -40.74 11.34
C GLY B 125 10.40 -40.90 9.93
N VAL B 126 9.65 -40.40 8.96
CA VAL B 126 10.16 -40.33 7.59
C VAL B 126 10.27 -38.87 7.18
N PRO B 127 11.45 -38.46 6.66
CA PRO B 127 11.67 -37.07 6.22
C PRO B 127 10.52 -36.60 5.35
N ALA B 128 10.17 -35.32 5.43
CA ALA B 128 9.05 -34.79 4.66
C ALA B 128 9.46 -33.62 3.77
N VAL B 129 8.86 -33.54 2.59
CA VAL B 129 9.08 -32.44 1.66
C VAL B 129 7.76 -31.88 1.16
N SER B 130 7.57 -30.58 1.38
CA SER B 130 6.36 -29.90 0.95
C SER B 130 6.51 -29.35 -0.47
N LEU B 131 5.49 -29.52 -1.30
CA LEU B 131 5.49 -28.94 -2.64
C LEU B 131 4.47 -27.81 -2.72
N SER B 132 4.94 -26.59 -2.99
CA SER B 132 4.05 -25.43 -3.02
C SER B 132 3.83 -24.92 -4.45
N PRO B 133 2.57 -24.91 -4.89
CA PRO B 133 2.23 -24.44 -6.25
C PRO B 133 2.09 -22.93 -6.32
N ASN B 134 2.46 -22.25 -5.24
CA ASN B 134 2.32 -20.80 -5.19
C ASN B 134 3.35 -20.24 -4.23
N LEU B 135 3.26 -18.94 -3.95
CA LEU B 135 4.23 -18.28 -3.07
C LEU B 135 4.25 -18.93 -1.69
N VAL B 136 5.36 -18.74 -0.99
CA VAL B 136 5.53 -19.28 0.36
C VAL B 136 5.77 -18.16 1.35
N ALA B 137 5.78 -18.51 2.64
CA ALA B 137 6.00 -17.53 3.67
C ALA B 137 7.45 -17.06 3.68
N TRP B 138 7.64 -15.76 3.85
CA TRP B 138 8.97 -15.19 4.01
C TRP B 138 9.17 -14.87 5.48
N LYS B 139 10.41 -14.58 5.87
CA LYS B 139 10.66 -14.09 7.22
C LYS B 139 10.00 -12.73 7.35
N GLY B 140 9.01 -12.63 8.24
CA GLY B 140 8.23 -11.42 8.36
C GLY B 140 6.76 -11.64 8.03
N TYR B 141 6.48 -12.73 7.31
CA TYR B 141 5.13 -13.06 6.88
C TYR B 141 4.22 -13.19 8.09
N GLU B 142 4.78 -13.64 9.20
CA GLU B 142 3.93 -13.83 10.36
C GLU B 142 3.36 -12.54 10.98
N GLU B 143 3.88 -11.39 10.58
CA GLU B 143 3.41 -10.11 11.14
C GLU B 143 2.65 -9.30 10.08
N GLU B 144 3.04 -9.45 8.82
CA GLU B 144 2.56 -8.54 7.79
C GLU B 144 1.38 -9.09 6.99
N VAL B 145 1.14 -10.40 7.10
CA VAL B 145 0.07 -11.02 6.34
C VAL B 145 -0.84 -11.82 7.26
N ALA B 146 -0.26 -12.66 8.10
CA ALA B 146 -1.06 -13.60 8.89
C ALA B 146 -1.62 -12.98 10.17
N GLU B 147 -0.79 -12.20 10.86
CA GLU B 147 -1.29 -11.40 11.98
C GLU B 147 -2.51 -10.57 11.59
N PRO B 148 -2.41 -9.77 10.50
CA PRO B 148 -3.55 -8.91 10.21
C PRO B 148 -4.75 -9.67 9.63
N MET B 149 -4.51 -10.81 8.96
CA MET B 149 -5.62 -11.61 8.47
C MET B 149 -6.41 -12.23 9.61
N TRP B 150 -5.73 -12.66 10.66
CA TRP B 150 -6.40 -13.36 11.74
C TRP B 150 -6.92 -12.44 12.85
N ARG B 151 -6.44 -11.19 12.87
CA ARG B 151 -6.69 -10.28 14.00
C ARG B 151 -8.15 -10.25 14.48
N GLU B 152 -9.08 -10.08 13.55
CA GLU B 152 -10.51 -10.14 13.89
C GLU B 152 -11.12 -11.55 13.88
N PRO B 153 -11.00 -12.30 12.75
CA PRO B 153 -11.70 -13.59 12.74
C PRO B 153 -11.36 -14.46 13.95
N ARG B 154 -10.17 -14.28 14.51
CA ARG B 154 -9.83 -15.00 15.72
C ARG B 154 -10.43 -14.33 16.98
N GLN B 155 -11.21 -13.28 16.81
CA GLN B 155 -12.00 -12.73 17.93
C GLN B 155 -13.35 -13.39 17.97
N THR B 156 -13.45 -14.59 17.42
CA THR B 156 -14.73 -15.29 17.37
C THR B 156 -14.70 -16.61 18.12
N GLU B 157 -15.85 -17.05 18.63
CA GLU B 157 -15.94 -18.37 19.23
C GLU B 157 -15.61 -19.45 18.22
N ARG B 158 -16.01 -19.24 16.97
CA ARG B 158 -15.63 -20.14 15.89
C ARG B 158 -14.11 -20.17 15.81
N GLY B 159 -13.49 -19.00 15.95
CA GLY B 159 -12.04 -18.91 15.89
C GLY B 159 -11.37 -19.64 17.03
N ARG B 160 -11.86 -19.41 18.25
CA ARG B 160 -11.36 -20.07 19.44
C ARG B 160 -11.57 -21.58 19.37
N ALA B 161 -12.73 -22.01 18.89
CA ALA B 161 -13.02 -23.42 18.75
C ALA B 161 -12.02 -24.04 17.79
N TYR B 162 -11.89 -23.44 16.61
CA TYR B 162 -10.94 -23.88 15.57
C TYR B 162 -9.48 -23.91 16.02
N TYR B 163 -8.97 -22.79 16.54
CA TYR B 163 -7.56 -22.77 16.90
C TYR B 163 -7.24 -23.68 18.07
N ALA B 164 -8.21 -23.87 18.97
CA ALA B 164 -8.01 -24.84 20.04
C ALA B 164 -8.26 -26.25 19.51
N ARG B 165 -9.14 -26.36 18.50
CA ARG B 165 -9.36 -27.63 17.81
C ARG B 165 -8.06 -28.06 17.16
N PHE B 166 -7.39 -27.13 16.50
CA PHE B 166 -6.08 -27.39 15.90
C PHE B 166 -5.09 -27.76 17.00
N GLU B 167 -4.90 -26.86 17.97
CA GLU B 167 -4.00 -27.10 19.10
C GLU B 167 -4.13 -28.49 19.73
N ALA B 168 -5.37 -28.93 19.92
CA ALA B 168 -5.63 -30.24 20.51
C ALA B 168 -5.25 -31.37 19.56
N TRP B 169 -5.56 -31.23 18.28
CA TRP B 169 -5.17 -32.25 17.31
C TRP B 169 -3.67 -32.11 17.23
N LEU B 170 -2.97 -33.24 17.15
CA LEU B 170 -1.50 -33.31 17.17
C LEU B 170 -1.02 -33.55 18.61
N LYS B 171 -1.98 -33.62 19.54
CA LYS B 171 -1.81 -34.13 20.90
C LYS B 171 -2.63 -35.40 20.89
N GLU B 172 -2.62 -36.02 19.72
CA GLU B 172 -3.47 -37.15 19.38
C GLU B 172 -2.57 -37.90 18.40
N ASN B 173 -1.43 -37.25 18.10
CA ASN B 173 -0.31 -37.86 17.40
C ASN B 173 1.10 -37.27 17.82
N GLY B 174 1.13 -36.04 18.36
CA GLY B 174 2.23 -35.61 19.25
C GLY B 174 3.13 -34.39 18.95
N ILE B 175 2.57 -33.17 18.88
CA ILE B 175 3.35 -31.97 18.47
C ILE B 175 2.94 -30.63 19.14
N THR B 176 3.91 -29.83 19.61
CA THR B 176 3.58 -28.60 20.36
C THR B 176 3.91 -27.21 19.75
N GLU B 177 4.41 -27.16 18.51
CA GLU B 177 4.50 -25.89 17.80
C GLU B 177 3.10 -25.29 17.63
N HIS B 178 3.03 -23.99 17.33
CA HIS B 178 1.73 -23.37 17.07
C HIS B 178 1.18 -23.94 15.78
N PRO B 179 -0.16 -24.07 15.71
CA PRO B 179 -0.78 -24.55 14.47
C PRO B 179 -0.37 -23.71 13.25
N ASP B 180 0.07 -22.48 13.47
CA ASP B 180 0.54 -21.65 12.36
C ASP B 180 1.88 -22.13 11.80
N THR B 181 2.74 -22.62 12.68
CA THR B 181 4.05 -23.16 12.27
C THR B 181 3.84 -24.43 11.45
N PHE B 182 3.03 -25.32 12.01
CA PHE B 182 2.69 -26.58 11.37
C PHE B 182 2.05 -26.33 10.01
N ALA B 183 1.15 -25.35 9.96
CA ALA B 183 0.43 -25.04 8.73
C ALA B 183 1.30 -24.36 7.65
N SER B 184 1.95 -23.28 8.04
CA SER B 184 2.50 -22.36 7.06
C SER B 184 4.04 -22.39 6.96
N HIS B 185 4.68 -23.21 7.78
CA HIS B 185 6.14 -23.15 7.89
C HIS B 185 6.79 -24.52 7.89
N PRO B 186 6.82 -25.17 6.71
CA PRO B 186 7.38 -26.52 6.58
C PRO B 186 8.88 -26.51 6.83
N PRO B 187 9.44 -27.65 7.24
CA PRO B 187 10.89 -27.72 7.44
C PRO B 187 11.67 -27.82 6.12
N ARG B 188 10.99 -28.23 5.05
CA ARG B 188 11.64 -28.38 3.74
C ARG B 188 10.58 -28.24 2.66
N SER B 189 10.83 -27.38 1.69
CA SER B 189 9.83 -27.10 0.66
C SER B 189 10.44 -26.83 -0.69
N LEU B 190 9.82 -27.36 -1.74
CA LEU B 190 10.14 -27.00 -3.11
C LEU B 190 9.01 -26.14 -3.66
N VAL B 191 9.37 -24.99 -4.20
CA VAL B 191 8.38 -24.02 -4.68
C VAL B 191 8.30 -24.07 -6.20
N LEU B 192 7.10 -24.31 -6.71
CA LEU B 192 6.89 -24.53 -8.15
C LEU B 192 6.50 -23.26 -8.89
N ILE B 193 7.00 -22.14 -8.41
CA ILE B 193 6.89 -20.88 -9.13
C ILE B 193 8.30 -20.28 -9.21
N PRO B 194 8.57 -19.50 -10.26
CA PRO B 194 9.88 -18.86 -10.31
C PRO B 194 10.01 -17.89 -9.15
N LYS B 195 11.21 -17.74 -8.61
CA LYS B 195 11.41 -16.86 -7.47
C LYS B 195 11.02 -15.42 -7.81
N ALA B 196 11.16 -15.05 -9.08
CA ALA B 196 10.74 -13.72 -9.53
C ALA B 196 9.29 -13.38 -9.16
N LEU B 197 8.44 -14.40 -9.14
CA LEU B 197 7.03 -14.17 -8.85
C LEU B 197 6.70 -14.32 -7.36
N GLN B 198 7.73 -14.48 -6.54
CA GLN B 198 7.54 -14.59 -5.09
C GLN B 198 7.67 -13.21 -4.45
N PRO B 199 6.62 -12.77 -3.74
CA PRO B 199 6.70 -11.51 -3.01
C PRO B 199 7.79 -11.59 -1.94
N HIS B 200 8.49 -10.49 -1.68
CA HIS B 200 9.50 -10.49 -0.61
C HIS B 200 10.52 -11.62 -0.73
N ALA B 201 10.92 -11.92 -1.95
CA ALA B 201 11.80 -13.06 -2.21
C ALA B 201 13.09 -13.07 -1.40
N ASP B 202 13.66 -11.89 -1.18
CA ASP B 202 14.97 -11.84 -0.53
C ASP B 202 14.89 -12.18 0.96
N ARG B 203 13.66 -12.29 1.49
CA ARG B 203 13.46 -12.69 2.87
C ARG B 203 12.96 -14.13 3.02
N VAL B 204 12.82 -14.85 1.91
CA VAL B 204 12.46 -16.26 1.99
C VAL B 204 13.66 -17.10 2.43
N ASP B 205 13.45 -17.91 3.47
CA ASP B 205 14.52 -18.67 4.11
C ASP B 205 15.11 -19.74 3.20
N GLU B 206 16.39 -19.57 2.84
CA GLU B 206 17.04 -20.51 1.96
C GLU B 206 17.31 -21.86 2.62
N ASP B 207 17.36 -21.86 3.94
CA ASP B 207 17.55 -23.09 4.70
C ASP B 207 16.44 -24.08 4.35
N VAL B 208 15.26 -23.56 4.05
CA VAL B 208 14.04 -24.35 3.97
C VAL B 208 13.52 -24.52 2.54
N TYR B 209 13.48 -23.42 1.80
CA TYR B 209 12.79 -23.38 0.51
C TYR B 209 13.75 -23.35 -0.67
N THR B 210 13.46 -24.18 -1.67
CA THR B 210 14.16 -24.08 -2.96
C THR B 210 13.15 -23.81 -4.07
N PHE B 211 13.42 -22.80 -4.88
CA PHE B 211 12.56 -22.46 -5.99
C PHE B 211 12.96 -23.23 -7.24
N VAL B 212 12.08 -24.10 -7.70
CA VAL B 212 12.38 -24.88 -8.90
C VAL B 212 11.57 -24.40 -10.08
N GLY B 213 10.62 -23.52 -9.82
CA GLY B 213 9.78 -22.97 -10.87
C GLY B 213 8.71 -23.93 -11.35
N ALA B 214 7.97 -23.50 -12.37
CA ALA B 214 6.95 -24.34 -12.97
C ALA B 214 7.60 -25.56 -13.60
N CYS B 215 6.93 -26.70 -13.49
CA CYS B 215 7.51 -27.96 -13.94
C CYS B 215 6.54 -28.69 -14.87
N GLN B 216 6.67 -28.44 -16.17
CA GLN B 216 5.72 -29.00 -17.13
C GLN B 216 6.21 -30.31 -17.76
N GLY B 217 5.29 -31.06 -18.37
CA GLY B 217 5.65 -32.26 -19.11
C GLY B 217 6.14 -31.88 -20.49
N ASP B 218 6.73 -32.83 -21.22
CA ASP B 218 7.23 -32.54 -22.56
C ASP B 218 6.15 -31.96 -23.47
N ARG B 219 6.38 -30.75 -23.95
CA ARG B 219 5.40 -30.10 -24.81
C ARG B 219 5.72 -30.27 -26.30
N ALA B 220 6.35 -31.39 -26.65
CA ALA B 220 6.56 -31.78 -28.05
C ALA B 220 5.37 -32.58 -28.56
N GLU B 221 4.30 -32.58 -27.79
CA GLU B 221 3.00 -32.99 -28.30
C GLU B 221 2.38 -31.75 -28.95
N GLU B 222 2.83 -30.57 -28.52
CA GLU B 222 2.37 -29.34 -29.15
C GLU B 222 3.03 -29.25 -30.53
N GLY B 223 4.08 -28.45 -30.65
CA GLY B 223 4.85 -28.47 -31.88
C GLY B 223 5.37 -27.12 -32.35
N GLY B 224 5.25 -26.88 -33.65
CA GLY B 224 5.86 -25.71 -34.26
C GLY B 224 4.91 -24.62 -34.75
N TRP B 225 5.52 -23.59 -35.32
CA TRP B 225 4.82 -22.45 -35.88
C TRP B 225 5.68 -22.02 -37.07
N GLN B 226 5.14 -21.15 -37.93
CA GLN B 226 5.96 -20.52 -38.96
C GLN B 226 5.87 -19.00 -38.84
N ARG B 227 6.85 -18.43 -38.17
CA ARG B 227 6.98 -16.99 -38.03
C ARG B 227 7.33 -16.39 -39.36
N PRO B 228 6.47 -15.50 -39.88
CA PRO B 228 6.66 -14.85 -41.18
C PRO B 228 8.10 -14.42 -41.39
N ALA B 229 8.57 -14.62 -42.62
CA ALA B 229 9.94 -14.38 -43.05
C ALA B 229 10.59 -13.20 -42.33
N GLY B 230 10.22 -12.00 -42.74
CA GLY B 230 10.66 -10.80 -42.05
C GLY B 230 9.54 -10.30 -41.15
N ALA B 231 8.89 -11.23 -40.43
CA ALA B 231 7.80 -10.91 -39.49
C ALA B 231 8.16 -9.77 -38.60
N GLU B 232 9.46 -9.62 -38.35
CA GLU B 232 9.95 -8.55 -37.52
C GLU B 232 9.47 -8.76 -36.09
N LYS B 233 8.52 -7.92 -35.64
CA LYS B 233 8.07 -7.94 -34.25
C LYS B 233 6.85 -8.87 -34.06
N VAL B 234 6.98 -9.88 -33.21
CA VAL B 234 5.89 -10.82 -33.00
C VAL B 234 5.15 -10.59 -31.67
N VAL B 235 3.82 -10.49 -31.73
CA VAL B 235 3.03 -10.36 -30.50
C VAL B 235 1.92 -11.41 -30.39
N LEU B 236 1.90 -12.11 -29.25
CA LEU B 236 0.92 -13.15 -29.00
C LEU B 236 -0.11 -12.68 -27.98
N VAL B 237 -1.38 -12.89 -28.26
CA VAL B 237 -2.43 -12.68 -27.28
C VAL B 237 -3.00 -14.02 -26.86
N SER B 238 -2.83 -14.35 -25.58
CA SER B 238 -3.36 -15.60 -25.07
C SER B 238 -3.95 -15.32 -23.69
N LEU B 239 -5.28 -15.23 -23.64
CA LEU B 239 -5.92 -15.00 -22.38
C LEU B 239 -6.19 -16.35 -21.73
N GLY B 240 -5.35 -17.33 -22.03
CA GLY B 240 -5.42 -18.64 -21.39
C GLY B 240 -6.27 -19.65 -22.12
N SER B 241 -6.73 -20.67 -21.38
CA SER B 241 -7.58 -21.73 -21.90
C SER B 241 -8.89 -21.82 -21.12
N ALA B 242 -8.93 -21.15 -19.96
CA ALA B 242 -10.10 -21.25 -19.09
C ALA B 242 -10.99 -20.01 -19.15
N PHE B 243 -10.38 -18.84 -18.92
CA PHE B 243 -11.13 -17.58 -18.85
C PHE B 243 -11.08 -16.75 -20.14
N THR B 244 -11.74 -17.21 -21.22
CA THR B 244 -11.39 -16.71 -22.56
C THR B 244 -12.40 -15.96 -23.49
N LYS B 245 -13.59 -15.57 -23.05
CA LYS B 245 -14.53 -14.90 -23.98
C LYS B 245 -14.49 -13.35 -24.00
N GLN B 246 -13.61 -12.77 -24.81
CA GLN B 246 -13.44 -11.31 -24.79
C GLN B 246 -13.43 -10.62 -26.15
N PRO B 247 -14.49 -10.81 -26.96
CA PRO B 247 -14.45 -10.35 -28.36
C PRO B 247 -14.22 -8.85 -28.52
N ALA B 248 -14.72 -8.02 -27.60
CA ALA B 248 -14.51 -6.58 -27.74
C ALA B 248 -13.01 -6.29 -27.60
N PHE B 249 -12.41 -6.89 -26.58
CA PHE B 249 -10.98 -6.73 -26.32
C PHE B 249 -10.15 -7.25 -27.49
N TYR B 250 -10.51 -8.42 -28.02
CA TYR B 250 -9.79 -8.94 -29.20
C TYR B 250 -9.91 -7.96 -30.37
N ARG B 251 -11.08 -7.35 -30.55
CA ARG B 251 -11.24 -6.41 -31.65
C ARG B 251 -10.35 -5.20 -31.42
N GLU B 252 -10.13 -4.85 -30.17
CA GLU B 252 -9.23 -3.75 -29.83
C GLU B 252 -7.78 -4.10 -30.21
N CYS B 253 -7.42 -5.37 -30.10
CA CYS B 253 -6.07 -5.81 -30.42
C CYS B 253 -5.77 -5.67 -31.94
N VAL B 254 -6.78 -5.85 -32.78
CA VAL B 254 -6.61 -5.67 -34.23
C VAL B 254 -6.39 -4.22 -34.70
N ARG B 255 -7.17 -3.28 -34.16
CA ARG B 255 -7.10 -1.89 -34.61
C ARG B 255 -5.81 -1.17 -34.21
N ALA B 256 -4.86 -1.92 -33.66
CA ALA B 256 -3.63 -1.36 -33.12
C ALA B 256 -2.38 -2.09 -33.64
N PHE B 257 -2.53 -3.39 -33.89
CA PHE B 257 -1.41 -4.20 -34.33
C PHE B 257 -1.58 -4.56 -35.80
N GLY B 258 -2.83 -4.56 -36.26
CA GLY B 258 -3.15 -4.79 -37.65
C GLY B 258 -2.70 -3.64 -38.54
N ASN B 259 -1.78 -3.94 -39.45
CA ASN B 259 -1.15 -2.96 -40.33
C ASN B 259 -0.19 -2.01 -39.59
N LEU B 260 0.74 -2.59 -38.82
CA LEU B 260 1.77 -1.82 -38.11
C LEU B 260 3.16 -2.22 -38.65
N PRO B 261 3.76 -1.34 -39.48
CA PRO B 261 4.98 -1.46 -40.30
C PRO B 261 6.04 -2.45 -39.82
N GLY B 262 5.65 -3.70 -39.61
CA GLY B 262 6.60 -4.72 -39.22
C GLY B 262 6.11 -5.59 -38.07
N TRP B 263 4.92 -5.31 -37.57
CA TRP B 263 4.43 -6.10 -36.45
C TRP B 263 3.53 -7.22 -36.93
N HIS B 264 3.62 -8.37 -36.24
CA HIS B 264 2.77 -9.51 -36.56
C HIS B 264 2.05 -10.03 -35.32
N LEU B 265 0.71 -10.06 -35.42
CA LEU B 265 -0.17 -10.35 -34.31
C LEU B 265 -0.72 -11.78 -34.38
N VAL B 266 -0.34 -12.61 -33.41
CA VAL B 266 -0.93 -13.94 -33.26
C VAL B 266 -2.03 -13.84 -32.22
N LEU B 267 -3.27 -14.05 -32.65
CA LEU B 267 -4.43 -13.92 -31.77
C LEU B 267 -5.04 -15.27 -31.44
N GLN B 268 -4.92 -15.66 -30.18
CA GLN B 268 -5.46 -16.91 -29.69
C GLN B 268 -6.78 -16.57 -29.02
N ILE B 269 -7.88 -16.78 -29.73
CA ILE B 269 -9.17 -16.27 -29.27
C ILE B 269 -10.09 -17.36 -28.73
N GLY B 270 -9.64 -18.61 -28.81
CA GLY B 270 -10.43 -19.74 -28.36
C GLY B 270 -11.60 -20.01 -29.29
N ARG B 271 -12.64 -20.65 -28.78
CA ARG B 271 -13.84 -20.86 -29.57
C ARG B 271 -15.13 -20.42 -28.88
N LYS B 272 -15.00 -19.53 -27.90
CA LYS B 272 -16.15 -18.83 -27.39
C LYS B 272 -16.24 -17.52 -28.17
N VAL B 273 -15.27 -17.32 -29.06
CA VAL B 273 -15.26 -16.14 -29.92
C VAL B 273 -14.98 -16.55 -31.37
N THR B 274 -15.94 -16.31 -32.25
CA THR B 274 -15.79 -16.67 -33.66
C THR B 274 -14.80 -15.72 -34.34
N PRO B 275 -14.06 -16.21 -35.35
CA PRO B 275 -13.21 -15.33 -36.16
C PRO B 275 -13.99 -14.14 -36.66
N ALA B 276 -15.22 -14.41 -37.10
CA ALA B 276 -16.15 -13.40 -37.60
C ALA B 276 -16.41 -12.25 -36.65
N GLU B 277 -16.22 -12.46 -35.35
CA GLU B 277 -16.53 -11.40 -34.39
C GLU B 277 -15.43 -10.34 -34.24
N LEU B 278 -14.49 -10.31 -35.19
CA LEU B 278 -13.45 -9.28 -35.19
C LEU B 278 -13.70 -8.24 -36.29
N GLY B 279 -14.33 -8.71 -37.36
CA GLY B 279 -14.40 -7.98 -38.62
C GLY B 279 -13.45 -8.81 -39.42
N GLU B 280 -13.42 -8.67 -40.75
CA GLU B 280 -12.37 -9.30 -41.54
C GLU B 280 -11.06 -9.20 -40.78
N LEU B 281 -10.36 -10.32 -40.63
CA LEU B 281 -9.01 -10.26 -40.09
C LEU B 281 -8.15 -9.90 -41.28
N PRO B 282 -7.52 -8.72 -41.25
CA PRO B 282 -6.74 -8.21 -42.39
C PRO B 282 -5.71 -9.20 -42.94
N ASP B 283 -4.44 -9.09 -42.55
CA ASP B 283 -3.37 -9.85 -43.23
C ASP B 283 -2.04 -9.98 -42.47
N ASN B 284 -1.70 -9.00 -41.62
CA ASN B 284 -0.55 -9.19 -40.71
C ASN B 284 -1.08 -9.63 -39.35
N VAL B 285 -2.33 -10.09 -39.37
CA VAL B 285 -2.97 -10.57 -38.15
C VAL B 285 -3.56 -11.95 -38.33
N GLU B 286 -2.93 -12.93 -37.69
CA GLU B 286 -3.36 -14.30 -37.82
C GLU B 286 -4.04 -14.78 -36.53
N VAL B 287 -5.30 -15.18 -36.67
CA VAL B 287 -6.16 -15.53 -35.55
C VAL B 287 -6.35 -17.05 -35.49
N HIS B 288 -6.39 -17.59 -34.27
CA HIS B 288 -6.45 -19.03 -34.04
C HIS B 288 -7.30 -19.34 -32.81
N ASP B 289 -7.81 -20.57 -32.72
CA ASP B 289 -8.56 -20.96 -31.52
C ASP B 289 -7.64 -21.50 -30.41
N TRP B 290 -6.51 -22.07 -30.80
CA TRP B 290 -5.49 -22.59 -29.88
C TRP B 290 -4.16 -22.35 -30.56
N VAL B 291 -3.06 -22.39 -29.80
CA VAL B 291 -1.72 -22.21 -30.35
C VAL B 291 -0.68 -22.99 -29.52
N PRO B 292 0.48 -23.31 -30.12
CA PRO B 292 1.58 -23.84 -29.31
C PRO B 292 2.26 -22.66 -28.64
N GLN B 293 1.67 -22.21 -27.55
CA GLN B 293 2.04 -20.95 -26.90
C GLN B 293 3.51 -20.84 -26.54
N LEU B 294 4.04 -21.88 -25.91
CA LEU B 294 5.42 -21.85 -25.41
C LEU B 294 6.42 -21.88 -26.56
N ALA B 295 6.06 -22.54 -27.65
CA ALA B 295 6.91 -22.56 -28.83
C ALA B 295 6.70 -21.26 -29.60
N ILE B 296 5.58 -20.59 -29.34
CA ILE B 296 5.33 -19.29 -29.95
C ILE B 296 6.03 -18.19 -29.15
N LEU B 297 5.96 -18.29 -27.82
CA LEU B 297 6.63 -17.32 -26.95
C LEU B 297 8.15 -17.33 -27.12
N ARG B 298 8.70 -18.48 -27.50
CA ARG B 298 10.14 -18.59 -27.71
C ARG B 298 10.59 -17.79 -28.93
N GLN B 299 9.64 -17.12 -29.59
CA GLN B 299 9.92 -16.41 -30.83
C GLN B 299 9.10 -15.11 -30.91
N ALA B 300 8.65 -14.63 -29.74
CA ALA B 300 7.80 -13.44 -29.68
C ALA B 300 8.54 -12.20 -29.18
N ASP B 301 8.00 -11.03 -29.49
CA ASP B 301 8.59 -9.78 -29.03
C ASP B 301 7.74 -9.14 -27.92
N LEU B 302 6.46 -9.52 -27.88
CA LEU B 302 5.54 -9.02 -26.87
C LEU B 302 4.47 -10.07 -26.60
N PHE B 303 3.99 -10.13 -25.36
CA PHE B 303 3.02 -11.13 -24.95
C PHE B 303 1.90 -10.41 -24.22
N VAL B 304 0.69 -10.46 -24.77
CA VAL B 304 -0.49 -9.98 -24.08
C VAL B 304 -1.14 -11.15 -23.37
N THR B 305 -1.10 -11.14 -22.03
CA THR B 305 -1.44 -12.29 -21.22
C THR B 305 -2.45 -11.93 -20.13
N HIS B 306 -3.23 -12.91 -19.69
CA HIS B 306 -4.13 -12.68 -18.56
C HIS B 306 -3.42 -12.97 -17.24
N ALA B 307 -2.13 -13.24 -17.31
CA ALA B 307 -1.31 -13.45 -16.12
C ALA B 307 -1.72 -14.64 -15.24
N GLY B 308 -2.32 -15.66 -15.84
CA GLY B 308 -2.40 -16.96 -15.16
C GLY B 308 -0.99 -17.38 -14.79
N ALA B 309 -0.87 -18.31 -13.85
CA ALA B 309 0.45 -18.70 -13.37
C ALA B 309 1.32 -19.24 -14.52
N GLY B 310 0.70 -20.01 -15.42
CA GLY B 310 1.41 -20.58 -16.56
C GLY B 310 1.92 -19.54 -17.53
N GLY B 311 1.03 -18.66 -17.98
CA GLY B 311 1.40 -17.63 -18.93
C GLY B 311 2.42 -16.66 -18.37
N SER B 312 2.26 -16.31 -17.09
CA SER B 312 3.20 -15.41 -16.43
C SER B 312 4.62 -15.96 -16.45
N GLN B 313 4.79 -17.21 -16.01
CA GLN B 313 6.14 -17.75 -15.94
C GLN B 313 6.71 -18.05 -17.34
N GLU B 314 5.82 -18.44 -18.27
CA GLU B 314 6.24 -18.67 -19.65
C GLU B 314 6.79 -17.40 -20.30
N GLY B 315 6.12 -16.28 -20.04
CA GLY B 315 6.58 -15.00 -20.56
C GLY B 315 7.92 -14.61 -19.97
N LEU B 316 8.08 -14.85 -18.67
CA LEU B 316 9.34 -14.59 -17.99
C LEU B 316 10.46 -15.46 -18.55
N ALA B 317 10.18 -16.75 -18.72
CA ALA B 317 11.21 -17.72 -19.06
C ALA B 317 11.73 -17.52 -20.48
N THR B 318 10.92 -16.86 -21.29
CA THR B 318 11.30 -16.55 -22.66
C THR B 318 11.72 -15.08 -22.82
N ALA B 319 11.85 -14.38 -21.69
CA ALA B 319 12.27 -12.99 -21.67
C ALA B 319 11.42 -12.10 -22.58
N THR B 320 10.10 -12.27 -22.48
CA THR B 320 9.18 -11.54 -23.33
C THR B 320 8.43 -10.48 -22.53
N PRO B 321 8.56 -9.21 -22.93
CA PRO B 321 7.82 -8.14 -22.23
C PRO B 321 6.32 -8.42 -22.29
N MET B 322 5.57 -8.01 -21.27
CA MET B 322 4.17 -8.40 -21.18
C MET B 322 3.19 -7.26 -20.95
N ILE B 323 1.99 -7.43 -21.51
CA ILE B 323 0.82 -6.69 -21.06
C ILE B 323 -0.05 -7.68 -20.32
N ALA B 324 -0.24 -7.47 -19.03
CA ALA B 324 -1.08 -8.36 -18.24
C ALA B 324 -2.48 -7.78 -18.14
N VAL B 325 -3.46 -8.56 -18.61
CA VAL B 325 -4.85 -8.13 -18.59
C VAL B 325 -5.62 -9.17 -17.80
N PRO B 326 -5.47 -9.13 -16.47
CA PRO B 326 -6.08 -10.16 -15.64
C PRO B 326 -7.59 -10.23 -15.84
N GLN B 327 -8.08 -11.42 -16.15
CA GLN B 327 -9.50 -11.64 -16.34
C GLN B 327 -10.19 -11.74 -15.00
N ALA B 328 -9.77 -12.76 -14.26
CA ALA B 328 -10.46 -13.14 -13.04
C ALA B 328 -9.50 -13.44 -11.90
N VAL B 329 -10.03 -13.32 -10.69
CA VAL B 329 -9.39 -13.78 -9.46
C VAL B 329 -7.86 -13.62 -9.34
N ASP B 330 -7.16 -14.72 -9.15
CA ASP B 330 -5.73 -14.73 -8.81
C ASP B 330 -4.78 -14.22 -9.89
N GLN B 331 -5.36 -13.70 -10.97
CA GLN B 331 -4.56 -13.17 -12.07
C GLN B 331 -4.15 -11.73 -11.78
N PHE B 332 -4.99 -11.01 -11.03
CA PHE B 332 -4.70 -9.62 -10.71
C PHE B 332 -3.41 -9.51 -9.90
N GLY B 333 -3.20 -10.44 -8.99
CA GLY B 333 -1.99 -10.46 -8.17
C GLY B 333 -0.75 -10.79 -8.96
N ASN B 334 -0.90 -11.71 -9.92
CA ASN B 334 0.21 -12.09 -10.76
C ASN B 334 0.60 -10.93 -11.67
N ALA B 335 -0.43 -10.23 -12.14
CA ALA B 335 -0.25 -9.06 -12.97
C ALA B 335 0.53 -8.01 -12.18
N ASP B 336 0.23 -7.89 -10.89
CA ASP B 336 0.97 -6.95 -10.03
C ASP B 336 2.45 -7.33 -9.96
N MET B 337 2.74 -8.59 -9.68
CA MET B 337 4.13 -9.05 -9.60
C MET B 337 4.89 -8.71 -10.89
N LEU B 338 4.27 -9.00 -12.03
CA LEU B 338 4.91 -8.74 -13.32
C LEU B 338 5.19 -7.25 -13.50
N GLN B 339 4.22 -6.41 -13.20
CA GLN B 339 4.43 -4.97 -13.37
C GLN B 339 5.45 -4.48 -12.34
N GLY B 340 5.41 -5.02 -11.14
CA GLY B 340 6.37 -4.65 -10.10
C GLY B 340 7.80 -5.04 -10.41
N LEU B 341 7.96 -6.09 -11.22
CA LEU B 341 9.30 -6.52 -11.63
C LEU B 341 9.87 -5.59 -12.68
N GLY B 342 9.05 -4.70 -13.21
CA GLY B 342 9.48 -3.75 -14.21
C GLY B 342 9.58 -4.36 -15.59
N VAL B 343 8.82 -5.43 -15.83
CA VAL B 343 8.90 -6.13 -17.12
C VAL B 343 7.55 -6.17 -17.85
N ALA B 344 6.56 -5.47 -17.31
CA ALA B 344 5.21 -5.54 -17.83
C ALA B 344 4.39 -4.30 -17.45
N ARG B 345 3.33 -4.05 -18.23
CA ARG B 345 2.31 -3.08 -17.86
C ARG B 345 1.02 -3.84 -17.66
N LYS B 346 0.39 -3.65 -16.50
CA LYS B 346 -0.89 -4.30 -16.22
C LYS B 346 -2.00 -3.35 -16.65
N LEU B 347 -3.12 -3.91 -17.11
CA LEU B 347 -4.26 -3.11 -17.54
C LEU B 347 -5.61 -3.77 -17.22
N ALA B 348 -6.62 -2.94 -17.01
CA ALA B 348 -7.99 -3.41 -17.00
C ALA B 348 -8.47 -3.64 -18.43
N THR B 349 -9.25 -4.70 -18.65
CA THR B 349 -9.74 -5.05 -19.99
C THR B 349 -10.42 -3.86 -20.66
N GLU B 350 -11.23 -3.14 -19.89
CA GLU B 350 -11.89 -1.93 -20.40
C GLU B 350 -10.87 -0.87 -20.84
N GLU B 351 -9.95 -0.51 -19.93
CA GLU B 351 -8.93 0.52 -20.18
C GLU B 351 -8.15 0.10 -21.40
N ALA B 352 -7.88 -1.20 -21.46
CA ALA B 352 -7.23 -1.82 -22.59
C ALA B 352 -8.14 -1.71 -23.79
N THR B 353 -8.28 -0.51 -24.33
CA THR B 353 -8.91 -0.34 -25.62
C THR B 353 -7.80 -0.37 -26.64
N ALA B 354 -8.13 0.07 -27.85
CA ALA B 354 -7.19 0.09 -28.96
C ALA B 354 -5.94 0.95 -28.72
N ASP B 355 -6.10 2.28 -28.75
CA ASP B 355 -4.96 3.19 -28.83
C ASP B 355 -3.89 3.04 -27.73
N LEU B 356 -4.30 2.47 -26.59
CA LEU B 356 -3.40 2.27 -25.46
C LEU B 356 -2.49 1.05 -25.67
N LEU B 357 -2.91 0.14 -26.54
CA LEU B 357 -2.12 -1.05 -26.79
C LEU B 357 -0.89 -0.74 -27.65
N ARG B 358 -1.08 0.03 -28.71
CA ARG B 358 0.00 0.33 -29.64
C ARG B 358 1.09 1.09 -28.91
N GLU B 359 0.67 2.12 -28.18
CA GLU B 359 1.54 2.95 -27.36
C GLU B 359 2.38 2.16 -26.37
N THR B 360 1.74 1.23 -25.68
CA THR B 360 2.41 0.41 -24.67
C THR B 360 3.30 -0.64 -25.35
N ALA B 361 2.89 -1.07 -26.53
CA ALA B 361 3.65 -2.04 -27.33
C ALA B 361 4.92 -1.44 -27.95
N LEU B 362 4.80 -0.27 -28.57
CA LEU B 362 5.95 0.44 -29.11
C LEU B 362 7.00 0.70 -28.03
N ALA B 363 6.54 1.07 -26.84
CA ALA B 363 7.47 1.41 -25.77
C ALA B 363 8.13 0.17 -25.17
N LEU B 364 7.31 -0.80 -24.79
CA LEU B 364 7.82 -1.99 -24.09
C LEU B 364 8.93 -2.74 -24.85
N VAL B 365 8.85 -2.80 -26.17
CA VAL B 365 9.95 -3.43 -26.92
C VAL B 365 11.10 -2.44 -27.14
N ASP B 366 10.90 -1.21 -26.71
CA ASP B 366 11.88 -0.14 -26.94
C ASP B 366 12.71 0.15 -25.68
N ASP B 367 12.46 -0.59 -24.61
CA ASP B 367 13.02 -0.21 -23.32
C ASP B 367 14.14 -1.15 -22.88
N PRO B 368 15.39 -0.66 -22.89
CA PRO B 368 16.55 -1.49 -22.59
C PRO B 368 16.56 -1.98 -21.15
N GLU B 369 15.92 -1.24 -20.24
CA GLU B 369 15.85 -1.70 -18.86
C GLU B 369 14.91 -2.89 -18.71
N VAL B 370 13.79 -2.86 -19.43
CA VAL B 370 12.88 -3.98 -19.47
C VAL B 370 13.60 -5.23 -19.97
N ALA B 371 14.33 -5.10 -21.07
CA ALA B 371 15.02 -6.24 -21.67
C ALA B 371 16.09 -6.80 -20.74
N ARG B 372 16.86 -5.93 -20.10
CA ARG B 372 17.90 -6.38 -19.19
C ARG B 372 17.31 -7.19 -18.03
N ARG B 373 16.24 -6.68 -17.43
CA ARG B 373 15.58 -7.37 -16.32
C ARG B 373 15.00 -8.72 -16.75
N LEU B 374 14.41 -8.75 -17.95
CA LEU B 374 13.88 -9.99 -18.48
C LEU B 374 14.98 -11.01 -18.76
N ARG B 375 16.11 -10.55 -19.29
CA ARG B 375 17.21 -11.48 -19.55
C ARG B 375 17.79 -12.00 -18.24
N ARG B 376 17.83 -11.15 -17.21
CA ARG B 376 18.29 -11.59 -15.90
C ARG B 376 17.35 -12.68 -15.35
N ILE B 377 16.05 -12.37 -15.33
CA ILE B 377 15.07 -13.32 -14.84
C ILE B 377 15.11 -14.63 -15.64
N GLN B 378 15.22 -14.52 -16.96
CA GLN B 378 15.28 -15.69 -17.83
C GLN B 378 16.41 -16.63 -17.41
N ALA B 379 17.55 -16.05 -17.08
CA ALA B 379 18.71 -16.83 -16.66
C ALA B 379 18.50 -17.53 -15.32
N GLU B 380 17.97 -16.79 -14.34
CA GLU B 380 17.62 -17.36 -13.04
C GLU B 380 16.72 -18.57 -13.19
N MET B 381 15.67 -18.42 -13.98
CA MET B 381 14.74 -19.50 -14.23
C MET B 381 15.42 -20.63 -14.98
N ALA B 382 16.49 -20.31 -15.70
CA ALA B 382 17.24 -21.30 -16.47
C ALA B 382 18.15 -22.17 -15.61
N GLN B 383 18.21 -21.87 -14.31
CA GLN B 383 18.92 -22.77 -13.39
C GLN B 383 18.04 -23.21 -12.22
N GLU B 384 16.81 -22.72 -12.16
CA GLU B 384 15.84 -23.24 -11.18
C GLU B 384 15.64 -24.73 -11.42
N GLY B 385 15.54 -25.12 -12.69
CA GLY B 385 15.69 -26.52 -13.06
C GLY B 385 14.42 -27.32 -13.30
N GLY B 386 13.28 -26.80 -12.87
CA GLY B 386 12.02 -27.46 -13.13
C GLY B 386 11.97 -28.91 -12.69
N THR B 387 11.28 -29.74 -13.48
CA THR B 387 11.03 -31.13 -13.12
C THR B 387 12.30 -31.90 -12.78
N ARG B 388 13.30 -31.81 -13.64
CA ARG B 388 14.58 -32.48 -13.43
C ARG B 388 15.14 -32.21 -12.04
N ARG B 389 15.22 -30.93 -11.70
CA ARG B 389 15.84 -30.57 -10.43
C ARG B 389 14.96 -30.90 -9.24
N ALA B 390 13.64 -30.74 -9.38
CA ALA B 390 12.75 -31.06 -8.27
C ALA B 390 12.92 -32.52 -7.87
N ALA B 391 12.96 -33.40 -8.87
CA ALA B 391 13.19 -34.81 -8.59
C ALA B 391 14.56 -35.06 -7.95
N ASP B 392 15.60 -34.39 -8.44
CA ASP B 392 16.92 -34.51 -7.84
C ASP B 392 16.95 -34.10 -6.36
N LEU B 393 16.24 -33.02 -6.04
CA LEU B 393 16.28 -32.50 -4.67
C LEU B 393 15.48 -33.37 -3.72
N ILE B 394 14.43 -33.97 -4.26
CA ILE B 394 13.65 -34.95 -3.50
C ILE B 394 14.53 -36.17 -3.18
N GLU B 395 15.32 -36.62 -4.14
CA GLU B 395 16.21 -37.74 -3.87
C GLU B 395 17.29 -37.38 -2.83
N ALA B 396 17.70 -36.12 -2.81
CA ALA B 396 18.73 -35.66 -1.89
C ALA B 396 18.31 -35.70 -0.42
N GLU B 397 17.01 -35.70 -0.17
CA GLU B 397 16.53 -35.73 1.22
C GLU B 397 16.27 -37.17 1.68
N LEU B 398 16.62 -38.14 0.83
CA LEU B 398 16.36 -39.55 1.13
C LEU B 398 17.37 -40.12 2.12
N PRO B 399 16.88 -40.85 3.14
CA PRO B 399 17.80 -41.51 4.08
C PRO B 399 18.61 -42.63 3.43
C10 ERY C . 6.22 11.50 4.73
C11 ERY C . 7.14 12.70 4.58
C12 ERY C . 6.66 13.72 3.53
C13 ERY C . 7.41 15.03 3.70
O2 ERY C . 6.76 15.75 4.74
C2 ERY C . 6.51 16.53 7.04
C3 ERY C . 6.75 15.60 8.22
C4 ERY C . 5.58 14.66 8.30
C5 ERY C . 5.82 13.53 9.32
C6 ERY C . 6.31 12.26 8.60
C7 ERY C . 5.17 11.67 7.74
C8 ERY C . 5.63 10.36 7.05
C9 ERY C . 6.61 10.61 5.92
O11 ERY C . 7.70 10.05 5.92
C1 ERY C . 7.46 16.05 5.96
O1 ERY C . 8.40 15.37 6.29
O3 ERY C . 6.99 16.31 9.44
O7 ERY C . 4.61 13.27 10.00
C34 ERY C . 6.29 10.61 3.49
C33 ERY C . 4.43 9.62 6.52
C35 ERY C . 5.19 13.99 3.70
O12 ERY C . 8.45 12.24 4.25
O13 ERY C . 6.85 13.26 2.23
C36 ERY C . 7.24 15.87 2.45
C30 ERY C . 6.73 17.99 7.33
C32 ERY C . 6.79 11.23 9.59
O10 ERY C . 7.37 12.60 7.77
C22 ERY C . 4.62 13.53 11.42
C23 ERY C . 3.19 13.55 11.97
C24 ERY C . 3.23 13.69 13.47
C25 ERY C . 4.09 12.57 14.03
C26 ERY C . 5.49 12.64 13.42
O9 ERY C . 5.37 12.56 12.04
N1 ERY C . 1.87 13.71 14.00
C27 ERY C . 6.35 11.50 13.91
O8 ERY C . 2.48 14.65 11.45
C28 ERY C . 1.90 13.92 15.46
C14 ERY C . 8.40 16.43 9.76
C15 ERY C . 8.65 17.69 10.57
C16 ERY C . 8.21 17.58 12.04
C17 ERY C . 8.69 16.30 12.65
C18 ERY C . 8.35 15.11 11.78
O4 ERY C . 8.85 15.32 10.45
O5 ERY C . 6.78 17.65 12.11
O6 ERY C . 8.10 16.12 13.93
C20 ERY C . 6.18 18.72 11.36
C29 ERY C . 1.15 12.51 13.67
C21 ERY C . 9.06 13.91 12.31
C37 ERY C . 8.50 15.78 1.54
C31 ERY C . 4.32 15.49 8.60
C19 ERY C . 8.81 18.70 12.81
N1 UDP D . -6.32 28.36 20.06
C2 UDP D . -7.39 29.21 20.30
N3 UDP D . -7.56 29.75 21.55
C4 UDP D . -6.68 29.44 22.56
C5 UDP D . -5.62 28.58 22.33
C6 UDP D . -5.35 28.19 21.02
O2 UDP D . -8.19 29.52 19.42
O4 UDP D . -6.88 29.94 23.67
C1' UDP D . -6.14 27.77 18.72
C2' UDP D . -5.36 28.68 17.79
O2' UDP D . -6.24 29.52 17.11
C3' UDP D . -4.71 27.68 16.86
C4' UDP D . -4.43 26.49 17.78
O4' UDP D . -5.40 26.56 18.81
O3' UDP D . -5.66 27.32 15.88
C5' UDP D . -3.03 26.57 18.39
O5' UDP D . -2.23 25.49 17.95
PA UDP D . -0.93 25.73 17.03
O1A UDP D . -1.05 24.98 15.76
O2A UDP D . -0.81 27.18 16.75
O3A UDP D . 0.36 25.25 17.88
PB UDP D . 0.38 23.97 18.87
O1B UDP D . -0.95 23.80 19.49
O2B UDP D . 1.39 24.22 19.92
O3B UDP D . 0.75 22.75 18.13
C10 ERY E . -2.34 -23.03 4.04
C11 ERY E . -1.70 -21.67 3.79
C12 ERY E . -0.19 -21.70 3.54
C13 ERY E . 0.20 -20.36 2.93
O2 ERY E . -0.25 -20.26 1.59
C2 ERY E . -1.77 -19.22 -0.15
C3 ERY E . -3.29 -19.32 -0.25
C4 ERY E . -3.64 -20.79 -0.27
C5 ERY E . -5.09 -21.16 0.11
C6 ERY E . -5.15 -21.57 1.59
C7 ERY E . -4.68 -23.04 1.74
C8 ERY E . -4.80 -23.58 3.19
C9 ERY E . -3.85 -22.90 4.18
O11 ERY E . -4.31 -22.27 5.11
C1 ERY E . -1.34 -19.35 1.31
O1 ERY E . -1.93 -18.76 2.21
O3 ERY E . -3.77 -18.65 -1.43
O7 ERY E . -5.61 -22.22 -0.71
C34 ERY E . -1.86 -23.69 5.32
C33 ERY E . -4.49 -25.06 3.20
C35 ERY E . 0.18 -22.81 2.58
O12 ERY E . -1.96 -20.73 4.84
O13 ERY E . 0.48 -21.89 4.74
C36 ERY E . 1.70 -20.16 2.93
C30 ERY E . -1.15 -17.96 -0.66
C32 ERY E . -6.54 -21.41 2.12
O10 ERY E . -4.30 -20.73 2.33
C22 ERY E . -6.84 -21.97 -1.40
C23 ERY E . -6.96 -22.81 -2.71
C24 ERY E . -8.38 -23.05 -3.19
C25 ERY E . -9.33 -23.32 -2.04
C26 ERY E . -9.15 -22.20 -1.02
O9 ERY E . -7.86 -22.26 -0.52
N1 ERY E . -8.46 -24.11 -4.19
C27 ERY E . -10.11 -22.37 0.12
O8 ERY E . -6.31 -22.08 -3.69
C28 ERY E . -8.55 -25.45 -3.56
C14 ERY E . -4.36 -17.35 -1.25
C15 ERY E . -4.58 -16.64 -2.60
C16 ERY E . -5.88 -17.02 -3.35
C17 ERY E . -7.03 -17.16 -2.41
C18 ERY E . -6.67 -18.03 -1.26
O4 ERY E . -5.54 -17.49 -0.55
O5 ERY E . -5.73 -18.28 -4.02
O6 ERY E . -8.09 -17.78 -3.12
C20 ERY E . -4.78 -18.29 -5.08
C29 ERY E . -9.63 -23.92 -5.01
C21 ERY E . -7.82 -18.07 -0.29
C37 ERY E . 2.03 -18.94 2.07
C31 ERY E . -3.31 -21.38 -1.67
C19 ERY E . -6.18 -15.98 -4.37
N1 UDP F . -2.01 -22.87 -23.86
C2 UDP F . -1.39 -23.06 -25.08
N3 UDP F . -2.03 -22.66 -26.23
C4 UDP F . -3.28 -22.07 -26.15
C5 UDP F . -3.88 -21.88 -24.91
C6 UDP F . -3.09 -22.04 -23.78
O2 UDP F . -0.27 -23.59 -25.16
O4 UDP F . -3.86 -21.71 -27.17
C1' UDP F . -1.35 -23.28 -22.62
C2' UDP F . -0.50 -22.08 -22.21
O2' UDP F . 0.86 -22.23 -22.55
C3' UDP F . -0.68 -21.99 -20.72
C4' UDP F . -1.81 -22.93 -20.37
O4' UDP F . -2.28 -23.49 -21.58
O3' UDP F . 0.50 -22.44 -20.10
C5' UDP F . -2.86 -22.13 -19.59
O5' UDP F . -2.24 -21.69 -18.38
PA UDP F . -2.60 -20.26 -17.72
O1A UDP F . -2.65 -20.40 -16.23
O2A UDP F . -1.62 -19.24 -18.11
O3A UDP F . -4.06 -19.86 -18.29
PB UDP F . -5.45 -20.44 -17.67
O1B UDP F . -5.91 -21.51 -18.59
O2B UDP F . -6.42 -19.33 -17.51
O3B UDP F . -5.22 -21.01 -16.35
MG MG G . 12.82 -15.31 -29.21
N ALA A 8 -18.95 10.56 -8.68
CA ALA A 8 -19.21 11.51 -7.60
C ALA A 8 -18.98 10.86 -6.24
N HIS A 9 -18.53 9.61 -6.27
CA HIS A 9 -18.12 8.91 -5.06
C HIS A 9 -16.65 9.24 -4.81
N ILE A 10 -16.41 10.41 -4.24
CA ILE A 10 -15.05 10.82 -3.89
C ILE A 10 -14.69 10.09 -2.61
N ALA A 11 -13.56 9.39 -2.60
CA ALA A 11 -13.13 8.69 -1.39
C ALA A 11 -11.96 9.38 -0.73
N MET A 12 -12.17 9.86 0.50
CA MET A 12 -11.12 10.48 1.30
C MET A 12 -10.46 9.43 2.19
N PHE A 13 -9.17 9.58 2.48
CA PHE A 13 -8.43 8.64 3.33
C PHE A 13 -7.57 9.39 4.34
N SER A 14 -7.67 9.02 5.62
CA SER A 14 -6.71 9.52 6.59
C SER A 14 -6.50 8.59 7.79
N ILE A 15 -5.79 9.08 8.79
CA ILE A 15 -5.48 8.33 10.00
C ILE A 15 -6.09 9.02 11.22
N ALA A 16 -6.03 8.38 12.37
CA ALA A 16 -6.63 8.94 13.58
C ALA A 16 -5.70 9.91 14.30
N ALA A 17 -5.41 11.02 13.65
CA ALA A 17 -4.60 12.07 14.26
C ALA A 17 -5.25 13.41 13.95
N HIS A 18 -5.37 14.26 14.97
CA HIS A 18 -6.05 15.54 14.77
C HIS A 18 -5.41 16.35 13.66
N GLY A 19 -4.10 16.40 13.64
CA GLY A 19 -3.39 17.21 12.66
C GLY A 19 -3.39 16.68 11.24
N HIS A 20 -4.04 15.54 11.02
CA HIS A 20 -4.18 14.99 9.67
C HIS A 20 -5.63 14.81 9.23
N VAL A 21 -6.56 15.23 10.09
CA VAL A 21 -7.98 15.16 9.78
C VAL A 21 -8.64 16.53 9.92
N ASN A 22 -8.38 17.18 11.04
CA ASN A 22 -8.94 18.51 11.28
C ASN A 22 -8.64 19.53 10.16
N PRO A 23 -7.43 19.51 9.57
CA PRO A 23 -7.17 20.47 8.49
C PRO A 23 -8.09 20.41 7.27
N SER A 24 -8.59 19.23 6.87
CA SER A 24 -9.39 19.16 5.66
C SER A 24 -10.88 18.92 5.88
N LEU A 25 -11.31 18.84 7.14
CA LEU A 25 -12.71 18.53 7.46
C LEU A 25 -13.67 19.48 6.75
N GLU A 26 -13.37 20.78 6.77
CA GLU A 26 -14.27 21.72 6.14
C GLU A 26 -14.34 21.53 4.62
N VAL A 27 -13.25 21.03 4.03
CA VAL A 27 -13.25 20.73 2.60
C VAL A 27 -14.16 19.54 2.29
N ILE A 28 -14.18 18.58 3.20
CA ILE A 28 -15.04 17.41 3.04
C ILE A 28 -16.47 17.91 2.87
N ARG A 29 -16.88 18.79 3.79
CA ARG A 29 -18.24 19.33 3.80
C ARG A 29 -18.66 19.99 2.50
N GLU A 30 -17.81 20.91 2.03
CA GLU A 30 -18.10 21.67 0.82
C GLU A 30 -18.30 20.75 -0.38
N LEU A 31 -17.52 19.67 -0.46
CA LEU A 31 -17.77 18.67 -1.49
C LEU A 31 -19.13 17.99 -1.27
N VAL A 32 -19.45 17.65 -0.02
CA VAL A 32 -20.75 17.06 0.28
C VAL A 32 -21.90 18.04 0.01
N ALA A 33 -21.79 19.25 0.57
CA ALA A 33 -22.78 20.31 0.37
C ALA A 33 -23.06 20.56 -1.12
N ARG A 34 -22.07 20.26 -1.95
CA ARG A 34 -22.19 20.47 -3.39
C ARG A 34 -22.92 19.32 -4.06
N GLY A 35 -23.19 18.27 -3.29
CA GLY A 35 -23.96 17.14 -3.79
C GLY A 35 -23.09 15.94 -4.13
N HIS A 36 -21.87 15.91 -3.60
CA HIS A 36 -21.00 14.78 -3.90
C HIS A 36 -21.21 13.65 -2.91
N ARG A 37 -21.04 12.43 -3.41
CA ARG A 37 -21.08 11.23 -2.58
C ARG A 37 -19.71 11.04 -1.97
N VAL A 38 -19.56 11.25 -0.66
CA VAL A 38 -18.23 11.15 -0.05
C VAL A 38 -18.18 10.10 1.06
N THR A 39 -17.22 9.18 0.95
CA THR A 39 -16.91 8.27 2.04
C THR A 39 -15.51 8.61 2.52
N TYR A 40 -15.27 8.35 3.80
CA TYR A 40 -14.05 8.75 4.47
C TYR A 40 -13.48 7.54 5.20
N ALA A 41 -12.43 6.97 4.62
CA ALA A 41 -11.72 5.87 5.27
C ALA A 41 -11.00 6.42 6.49
N ILE A 42 -11.35 5.90 7.66
CA ILE A 42 -10.91 6.48 8.92
C ILE A 42 -10.97 5.41 10.01
N PRO A 43 -10.07 5.48 11.00
CA PRO A 43 -10.17 4.54 12.13
C PRO A 43 -11.37 4.88 13.03
N PRO A 44 -11.87 3.88 13.80
CA PRO A 44 -13.13 4.02 14.55
C PRO A 44 -13.24 5.26 15.43
N VAL A 45 -12.15 5.66 16.08
CA VAL A 45 -12.26 6.79 17.02
C VAL A 45 -12.75 8.07 16.33
N PHE A 46 -12.33 8.30 15.09
CA PHE A 46 -12.67 9.53 14.40
C PHE A 46 -13.93 9.40 13.55
N ALA A 47 -14.64 8.28 13.69
CA ALA A 47 -15.89 8.05 12.94
C ALA A 47 -16.84 9.25 13.01
N ASP A 48 -17.29 9.57 14.22
CA ASP A 48 -18.19 10.69 14.47
C ASP A 48 -17.63 12.00 13.89
N LYS A 49 -16.33 12.21 14.12
CA LYS A 49 -15.64 13.41 13.65
C LYS A 49 -15.82 13.64 12.15
N VAL A 50 -15.58 12.60 11.34
CA VAL A 50 -15.69 12.79 9.89
C VAL A 50 -17.14 12.76 9.39
N ALA A 51 -18.00 12.01 10.07
CA ALA A 51 -19.39 11.89 9.63
C ALA A 51 -20.09 13.24 9.77
N ALA A 52 -19.62 14.04 10.72
CA ALA A 52 -20.20 15.36 10.99
C ALA A 52 -20.16 16.20 9.73
N THR A 53 -19.20 15.89 8.86
CA THR A 53 -19.08 16.58 7.58
C THR A 53 -20.17 16.14 6.63
N GLY A 54 -20.84 15.04 6.94
CA GLY A 54 -21.79 14.45 6.02
C GLY A 54 -21.16 13.35 5.19
N ALA A 55 -19.86 13.19 5.32
CA ALA A 55 -19.17 12.05 4.72
C ALA A 55 -19.56 10.81 5.50
N ARG A 56 -19.51 9.64 4.87
CA ARG A 56 -19.84 8.42 5.58
C ARG A 56 -18.58 7.63 5.91
N PRO A 57 -18.41 7.29 7.19
CA PRO A 57 -17.17 6.66 7.68
C PRO A 57 -17.03 5.19 7.31
N VAL A 58 -15.96 4.90 6.58
CA VAL A 58 -15.56 3.54 6.25
C VAL A 58 -14.47 3.17 7.25
N LEU A 59 -14.80 2.29 8.19
CA LEU A 59 -13.91 2.03 9.32
C LEU A 59 -12.85 0.97 9.07
N TYR A 60 -11.59 1.36 9.19
CA TYR A 60 -10.50 0.40 9.17
C TYR A 60 -9.68 0.49 10.45
N HIS A 61 -9.01 -0.62 10.80
CA HIS A 61 -8.23 -0.69 12.01
C HIS A 61 -6.83 -0.12 11.79
N SER A 62 -6.46 0.90 12.56
CA SER A 62 -5.14 1.52 12.48
C SER A 62 -4.21 1.01 13.59
N THR A 63 -2.92 0.86 13.26
CA THR A 63 -1.91 0.46 14.24
C THR A 63 -1.06 1.64 14.70
N LEU A 64 -1.47 2.85 14.31
CA LEU A 64 -0.79 4.07 14.72
C LEU A 64 -1.26 4.54 16.10
N PRO A 65 -0.50 5.46 16.74
CA PRO A 65 -0.98 5.97 18.04
C PRO A 65 -2.28 6.74 17.84
N GLY A 66 -3.12 6.78 18.87
CA GLY A 66 -4.41 7.44 18.78
C GLY A 66 -4.30 8.95 18.83
N PRO A 67 -5.38 9.64 18.44
CA PRO A 67 -5.41 11.10 18.32
C PRO A 67 -4.97 11.81 19.61
N ASP A 68 -5.24 11.15 20.74
CA ASP A 68 -4.98 11.71 22.05
C ASP A 68 -3.62 11.31 22.64
N ALA A 69 -2.83 10.49 21.92
CA ALA A 69 -1.56 10.03 22.49
C ALA A 69 -0.55 11.16 22.63
N ASP A 70 0.28 11.10 23.66
CA ASP A 70 1.34 12.09 23.86
C ASP A 70 2.25 12.14 22.64
N PRO A 71 2.53 13.35 22.13
CA PRO A 71 3.25 13.58 20.87
C PRO A 71 4.66 12.96 20.81
N GLU A 72 5.34 12.85 21.95
CA GLU A 72 6.71 12.32 21.96
C GLU A 72 6.74 10.84 21.56
N ALA A 73 5.57 10.23 21.52
CA ALA A 73 5.43 8.79 21.33
C ALA A 73 5.37 8.31 19.89
N TRP A 74 5.22 9.23 18.96
CA TRP A 74 5.31 8.90 17.53
C TRP A 74 6.76 8.63 17.13
N GLY A 75 7.64 8.50 18.13
CA GLY A 75 9.05 8.28 17.89
C GLY A 75 9.86 9.57 17.91
N SER A 76 11.16 9.43 18.12
CA SER A 76 12.04 10.60 18.18
C SER A 76 13.28 10.44 17.29
N THR A 77 13.34 9.34 16.54
CA THR A 77 14.40 9.16 15.55
C THR A 77 13.77 9.03 14.17
N LEU A 78 14.58 9.22 13.14
CA LEU A 78 14.11 9.13 11.75
C LEU A 78 13.35 7.83 11.48
N LEU A 79 13.98 6.69 11.76
CA LEU A 79 13.34 5.41 11.51
C LEU A 79 12.13 5.16 12.41
N ASP A 80 12.21 5.58 13.67
CA ASP A 80 11.06 5.41 14.54
C ASP A 80 9.87 6.26 14.08
N ASN A 81 10.16 7.35 13.38
CA ASN A 81 9.09 8.20 12.86
C ASN A 81 8.43 7.58 11.62
N VAL A 82 9.25 7.10 10.68
CA VAL A 82 8.70 6.68 9.39
C VAL A 82 8.20 5.24 9.33
N GLU A 83 8.88 4.31 9.99
CA GLU A 83 8.48 2.91 9.91
C GLU A 83 7.03 2.60 10.34
N PRO A 84 6.51 3.31 11.35
CA PRO A 84 5.13 2.98 11.68
C PRO A 84 4.12 3.25 10.57
N PHE A 85 4.43 4.18 9.68
CA PHE A 85 3.50 4.46 8.59
C PHE A 85 3.49 3.36 7.54
N LEU A 86 4.64 2.73 7.33
CA LEU A 86 4.70 1.58 6.43
C LEU A 86 4.05 0.39 7.12
N ASN A 87 4.33 0.24 8.41
CA ASN A 87 3.72 -0.84 9.18
C ASN A 87 2.20 -0.78 9.18
N ASP A 88 1.66 0.40 9.43
CA ASP A 88 0.22 0.58 9.42
C ASP A 88 -0.36 0.28 8.04
N ALA A 89 0.31 0.77 7.00
CA ALA A 89 -0.18 0.62 5.62
C ALA A 89 -0.28 -0.84 5.20
N ILE A 90 0.70 -1.64 5.60
CA ILE A 90 0.73 -3.03 5.20
C ILE A 90 -0.50 -3.78 5.73
N GLN A 91 -0.95 -3.44 6.93
CA GLN A 91 -2.12 -4.10 7.50
C GLN A 91 -3.44 -3.40 7.14
N ALA A 92 -3.36 -2.11 6.81
CA ALA A 92 -4.56 -1.36 6.46
C ALA A 92 -5.03 -1.58 5.03
N LEU A 93 -4.08 -1.79 4.14
CA LEU A 93 -4.38 -1.90 2.71
C LEU A 93 -5.40 -3.01 2.40
N PRO A 94 -5.14 -4.26 2.84
CA PRO A 94 -6.14 -5.28 2.52
C PRO A 94 -7.50 -5.01 3.19
N GLN A 95 -7.49 -4.39 4.37
CA GLN A 95 -8.75 -4.04 5.02
C GLN A 95 -9.52 -3.03 4.17
N LEU A 96 -8.79 -2.12 3.52
CA LEU A 96 -9.43 -1.08 2.71
C LEU A 96 -9.81 -1.52 1.30
N ALA A 97 -8.97 -2.33 0.66
CA ALA A 97 -9.27 -2.81 -0.68
C ALA A 97 -10.59 -3.57 -0.67
N ASP A 98 -10.89 -4.23 0.43
CA ASP A 98 -12.13 -4.99 0.53
C ASP A 98 -13.36 -4.13 0.81
N ALA A 99 -13.17 -2.94 1.37
CA ALA A 99 -14.31 -2.11 1.71
C ALA A 99 -14.86 -1.42 0.48
N TYR A 100 -13.97 -1.11 -0.45
CA TYR A 100 -14.33 -0.38 -1.67
C TYR A 100 -14.53 -1.32 -2.85
N ALA A 101 -14.45 -2.62 -2.59
CA ALA A 101 -14.49 -3.67 -3.63
C ALA A 101 -15.52 -3.48 -4.75
N ASP A 102 -16.79 -3.33 -4.38
CA ASP A 102 -17.89 -3.23 -5.34
C ASP A 102 -18.22 -1.80 -5.71
N ASP A 103 -17.61 -0.87 -5.00
CA ASP A 103 -17.93 0.52 -5.17
C ASP A 103 -16.63 1.31 -5.22
N ILE A 104 -15.78 0.95 -6.18
CA ILE A 104 -14.52 1.62 -6.35
C ILE A 104 -14.85 3.08 -6.65
N PRO A 105 -14.37 3.98 -5.79
CA PRO A 105 -14.77 5.39 -5.83
C PRO A 105 -14.31 6.05 -7.12
N ASP A 106 -14.87 7.23 -7.40
CA ASP A 106 -14.48 7.96 -8.60
C ASP A 106 -13.13 8.64 -8.46
N LEU A 107 -12.90 9.22 -7.29
CA LEU A 107 -11.72 10.03 -7.07
C LEU A 107 -11.15 9.62 -5.74
N VAL A 108 -9.84 9.61 -5.61
CA VAL A 108 -9.19 9.35 -4.33
C VAL A 108 -8.67 10.67 -3.73
N LEU A 109 -9.02 10.94 -2.48
CA LEU A 109 -8.46 12.07 -1.75
C LEU A 109 -7.74 11.49 -0.56
N HIS A 110 -6.59 12.04 -0.19
CA HIS A 110 -5.91 11.47 0.97
C HIS A 110 -4.93 12.41 1.63
N ASP A 111 -4.88 12.33 2.95
CA ASP A 111 -3.82 12.97 3.70
C ASP A 111 -2.49 12.28 3.37
N ILE A 112 -1.39 13.02 3.52
CA ILE A 112 -0.07 12.50 3.20
C ILE A 112 0.32 11.20 3.92
N THR A 113 -0.30 10.93 5.06
CA THR A 113 0.13 9.77 5.86
C THR A 113 -0.42 8.44 5.35
N SER A 114 -1.40 8.48 4.47
CA SER A 114 -2.06 7.25 4.04
C SER A 114 -1.41 6.63 2.81
N TYR A 115 -0.49 5.70 3.01
CA TYR A 115 0.06 4.93 1.90
C TYR A 115 -0.99 4.06 1.17
N PRO A 116 -1.93 3.45 1.91
CA PRO A 116 -2.91 2.65 1.15
C PRO A 116 -3.69 3.44 0.10
N ALA A 117 -3.96 4.71 0.36
CA ALA A 117 -4.71 5.51 -0.61
C ALA A 117 -3.95 5.62 -1.93
N ARG A 118 -2.64 5.81 -1.83
CA ARG A 118 -1.79 5.90 -3.02
C ARG A 118 -1.85 4.59 -3.79
N VAL A 119 -1.73 3.48 -3.08
CA VAL A 119 -1.72 2.17 -3.73
C VAL A 119 -3.07 1.90 -4.39
N LEU A 120 -4.15 2.14 -3.66
CA LEU A 120 -5.49 1.85 -4.18
C LEU A 120 -5.86 2.74 -5.37
N ALA A 121 -5.43 3.99 -5.36
CA ALA A 121 -5.67 4.85 -6.52
C ALA A 121 -4.98 4.26 -7.76
N ARG A 122 -3.74 3.79 -7.57
CA ARG A 122 -2.99 3.20 -8.67
C ARG A 122 -3.50 1.80 -9.06
N ARG A 123 -4.17 1.13 -8.12
CA ARG A 123 -4.82 -0.14 -8.44
C ARG A 123 -6.13 0.12 -9.18
N TRP A 124 -7.01 0.89 -8.55
CA TRP A 124 -8.38 1.12 -9.03
C TRP A 124 -8.48 1.87 -10.35
N GLY A 125 -7.40 2.56 -10.71
CA GLY A 125 -7.40 3.38 -11.90
C GLY A 125 -8.26 4.61 -11.73
N VAL A 126 -7.97 5.41 -10.71
CA VAL A 126 -8.60 6.72 -10.54
C VAL A 126 -7.57 7.71 -10.00
N PRO A 127 -7.42 8.86 -10.67
CA PRO A 127 -6.47 9.91 -10.25
C PRO A 127 -6.67 10.27 -8.77
N ALA A 128 -5.60 10.58 -8.07
CA ALA A 128 -5.72 10.85 -6.64
C ALA A 128 -5.21 12.23 -6.32
N VAL A 129 -5.70 12.80 -5.22
CA VAL A 129 -5.25 14.12 -4.78
C VAL A 129 -4.75 14.04 -3.34
N SER A 130 -3.48 14.39 -3.15
CA SER A 130 -2.87 14.40 -1.83
C SER A 130 -3.15 15.75 -1.18
N LEU A 131 -3.57 15.73 0.09
CA LEU A 131 -3.83 16.96 0.84
C LEU A 131 -2.78 17.07 1.95
N SER A 132 -1.93 18.09 1.88
CA SER A 132 -0.82 18.22 2.83
C SER A 132 -1.07 19.33 3.83
N PRO A 133 -1.06 18.99 5.13
CA PRO A 133 -1.33 19.97 6.18
C PRO A 133 -0.05 20.64 6.66
N ASN A 134 1.02 20.51 5.88
CA ASN A 134 2.31 21.11 6.21
C ASN A 134 3.08 21.33 4.93
N LEU A 135 4.32 21.81 5.06
CA LEU A 135 5.13 22.08 3.88
C LEU A 135 5.35 20.84 3.01
N VAL A 136 5.65 21.07 1.74
CA VAL A 136 5.90 19.99 0.79
C VAL A 136 7.30 20.09 0.18
N ALA A 137 7.69 19.07 -0.56
CA ALA A 137 8.98 19.07 -1.25
C ALA A 137 9.04 20.14 -2.33
N TRP A 138 10.19 20.80 -2.44
CA TRP A 138 10.46 21.70 -3.55
C TRP A 138 11.35 20.98 -4.54
N LYS A 139 11.52 21.52 -5.73
CA LYS A 139 12.52 20.98 -6.64
C LYS A 139 13.89 21.19 -5.99
N GLY A 140 14.57 20.10 -5.65
CA GLY A 140 15.85 20.20 -4.98
C GLY A 140 15.87 19.52 -3.63
N TYR A 141 14.69 19.35 -3.03
CA TYR A 141 14.55 18.65 -1.75
C TYR A 141 15.20 17.28 -1.82
N GLU A 142 15.16 16.65 -2.99
CA GLU A 142 15.75 15.33 -3.16
C GLU A 142 17.21 15.33 -2.76
N GLU A 143 17.98 16.25 -3.35
CA GLU A 143 19.41 16.35 -3.08
C GLU A 143 19.72 17.17 -1.82
N GLU A 144 18.87 18.15 -1.52
CA GLU A 144 19.17 19.10 -0.46
C GLU A 144 18.79 18.66 0.96
N VAL A 145 17.73 17.86 1.07
CA VAL A 145 17.25 17.44 2.39
C VAL A 145 17.17 15.92 2.55
N ALA A 146 16.48 15.23 1.65
CA ALA A 146 16.24 13.80 1.84
C ALA A 146 17.54 13.00 1.85
N GLU A 147 18.39 13.24 0.87
CA GLU A 147 19.63 12.47 0.78
C GLU A 147 20.57 12.64 1.99
N PRO A 148 20.78 13.88 2.47
CA PRO A 148 21.65 13.99 3.64
C PRO A 148 21.13 13.26 4.88
N MET A 149 19.92 13.52 5.31
CA MET A 149 19.52 12.98 6.60
C MET A 149 19.31 11.46 6.59
N TRP A 150 19.08 10.89 5.41
CA TRP A 150 19.02 9.43 5.28
C TRP A 150 20.42 8.81 5.20
N ARG A 151 21.44 9.66 5.04
CA ARG A 151 22.81 9.22 4.75
C ARG A 151 23.52 8.50 5.89
N GLU A 152 22.85 8.32 7.03
CA GLU A 152 23.42 7.46 8.06
C GLU A 152 22.50 6.31 8.49
N PRO A 153 21.18 6.57 8.52
CA PRO A 153 20.27 5.43 8.64
C PRO A 153 20.30 4.44 7.48
N ARG A 154 20.39 4.83 6.20
CA ARG A 154 20.25 3.84 5.13
C ARG A 154 21.39 2.83 5.09
N GLN A 155 22.51 3.19 5.72
CA GLN A 155 23.69 2.33 5.72
C GLN A 155 23.73 1.38 6.91
N THR A 156 22.86 1.61 7.89
CA THR A 156 22.64 0.63 8.96
C THR A 156 21.67 -0.45 8.48
N GLU A 157 21.92 -1.69 8.88
CA GLU A 157 21.10 -2.83 8.46
C GLU A 157 19.58 -2.61 8.69
N ARG A 158 19.23 -1.89 9.75
CA ARG A 158 17.82 -1.63 10.04
C ARG A 158 17.17 -0.74 8.97
N GLY A 159 17.88 0.30 8.57
CA GLY A 159 17.41 1.20 7.53
C GLY A 159 17.45 0.53 6.17
N ARG A 160 18.42 -0.36 5.97
CA ARG A 160 18.49 -1.16 4.75
C ARG A 160 17.24 -2.03 4.63
N ALA A 161 16.93 -2.73 5.71
CA ALA A 161 15.77 -3.62 5.74
C ALA A 161 14.49 -2.85 5.50
N TYR A 162 14.39 -1.68 6.12
CA TYR A 162 13.21 -0.83 5.95
C TYR A 162 12.95 -0.52 4.48
N TYR A 163 13.91 0.11 3.81
CA TYR A 163 13.72 0.45 2.40
C TYR A 163 13.60 -0.78 1.50
N ALA A 164 14.26 -1.87 1.89
CA ALA A 164 14.10 -3.12 1.17
C ALA A 164 12.67 -3.65 1.30
N ARG A 165 12.12 -3.59 2.51
CA ARG A 165 10.73 -3.99 2.77
C ARG A 165 9.74 -3.09 2.04
N PHE A 166 10.02 -1.79 2.07
CA PHE A 166 9.13 -0.80 1.48
C PHE A 166 9.09 -1.05 -0.02
N GLU A 167 10.27 -1.20 -0.63
CA GLU A 167 10.36 -1.53 -2.05
C GLU A 167 9.60 -2.82 -2.40
N ALA A 168 9.82 -3.86 -1.59
CA ALA A 168 9.20 -5.15 -1.89
C ALA A 168 7.68 -5.06 -1.83
N TRP A 169 7.17 -4.31 -0.86
CA TRP A 169 5.72 -4.12 -0.71
C TRP A 169 5.13 -3.37 -1.91
N LEU A 170 5.80 -2.32 -2.35
CA LEU A 170 5.35 -1.59 -3.53
C LEU A 170 5.36 -2.51 -4.75
N LYS A 171 6.44 -3.25 -4.92
CA LYS A 171 6.58 -4.17 -6.05
C LYS A 171 5.53 -5.27 -6.01
N GLU A 172 5.25 -5.78 -4.81
CA GLU A 172 4.18 -6.76 -4.60
C GLU A 172 2.87 -6.20 -5.13
N ASN A 173 2.73 -4.89 -5.05
CA ASN A 173 1.51 -4.22 -5.47
C ASN A 173 1.62 -3.56 -6.85
N GLY A 174 2.64 -3.95 -7.61
CA GLY A 174 2.77 -3.50 -8.98
C GLY A 174 3.33 -2.11 -9.18
N ILE A 175 4.00 -1.60 -8.15
CA ILE A 175 4.54 -0.24 -8.17
C ILE A 175 6.06 -0.28 -8.26
N THR A 176 6.62 0.36 -9.28
CA THR A 176 8.05 0.33 -9.51
C THR A 176 8.73 1.60 -9.02
N GLU A 177 7.92 2.57 -8.63
CA GLU A 177 8.41 3.81 -8.04
C GLU A 177 9.35 3.52 -6.87
N HIS A 178 10.40 4.31 -6.71
CA HIS A 178 11.20 4.23 -5.49
C HIS A 178 10.31 4.66 -4.32
N PRO A 179 10.48 4.01 -3.16
CA PRO A 179 9.64 4.36 -2.00
C PRO A 179 9.64 5.85 -1.69
N ASP A 180 10.77 6.53 -1.85
CA ASP A 180 10.80 7.97 -1.56
C ASP A 180 10.04 8.79 -2.60
N THR A 181 9.98 8.30 -3.84
CA THR A 181 9.14 8.95 -4.84
C THR A 181 7.68 8.73 -4.46
N PHE A 182 7.34 7.48 -4.16
CA PHE A 182 6.00 7.08 -3.77
C PHE A 182 5.51 7.87 -2.56
N ALA A 183 6.38 8.03 -1.57
CA ALA A 183 5.98 8.67 -0.32
C ALA A 183 5.97 10.19 -0.38
N SER A 184 7.04 10.79 -0.92
CA SER A 184 7.25 12.23 -0.74
C SER A 184 6.88 13.06 -1.96
N HIS A 185 6.53 12.39 -3.05
CA HIS A 185 6.33 13.07 -4.32
C HIS A 185 5.04 12.70 -5.04
N PRO A 186 3.91 13.23 -4.55
CA PRO A 186 2.61 12.94 -5.15
C PRO A 186 2.52 13.56 -6.54
N PRO A 187 1.77 12.92 -7.44
CA PRO A 187 1.61 13.54 -8.76
C PRO A 187 0.74 14.81 -8.73
N ARG A 188 -0.13 14.92 -7.73
CA ARG A 188 -0.97 16.10 -7.56
C ARG A 188 -1.26 16.36 -6.07
N SER A 189 -1.08 17.60 -5.63
CA SER A 189 -1.24 17.90 -4.21
C SER A 189 -1.83 19.29 -3.99
N LEU A 190 -2.74 19.39 -3.02
CA LEU A 190 -3.20 20.68 -2.50
C LEU A 190 -2.58 20.89 -1.13
N VAL A 191 -2.02 22.07 -0.89
CA VAL A 191 -1.28 22.30 0.34
C VAL A 191 -2.05 23.25 1.24
N LEU A 192 -2.34 22.79 2.46
CA LEU A 192 -3.24 23.49 3.37
C LEU A 192 -2.51 24.45 4.32
N ILE A 193 -1.40 25.00 3.87
CA ILE A 193 -0.75 26.08 4.60
C ILE A 193 -0.56 27.24 3.63
N PRO A 194 -0.39 28.46 4.14
CA PRO A 194 -0.09 29.53 3.19
C PRO A 194 1.31 29.33 2.60
N LYS A 195 1.48 29.72 1.35
CA LYS A 195 2.77 29.56 0.69
C LYS A 195 3.86 30.39 1.38
N ALA A 196 3.44 31.41 2.13
CA ALA A 196 4.37 32.24 2.88
C ALA A 196 5.12 31.44 3.96
N LEU A 197 4.57 30.29 4.35
CA LEU A 197 5.19 29.45 5.36
C LEU A 197 5.81 28.18 4.75
N GLN A 198 6.05 28.23 3.44
CA GLN A 198 6.68 27.10 2.74
C GLN A 198 8.13 27.47 2.43
N PRO A 199 9.09 26.68 2.95
CA PRO A 199 10.50 26.90 2.61
C PRO A 199 10.73 26.77 1.11
N HIS A 200 11.62 27.59 0.56
CA HIS A 200 11.98 27.47 -0.86
C HIS A 200 10.76 27.52 -1.76
N ALA A 201 9.80 28.36 -1.39
CA ALA A 201 8.52 28.42 -2.08
C ALA A 201 8.64 28.62 -3.59
N ASP A 202 9.70 29.29 -4.03
CA ASP A 202 9.84 29.60 -5.44
C ASP A 202 10.43 28.44 -6.23
N ARG A 203 10.80 27.39 -5.53
CA ARG A 203 11.30 26.19 -6.18
C ARG A 203 10.28 25.05 -6.15
N VAL A 204 9.11 25.32 -5.59
CA VAL A 204 8.06 24.30 -5.55
C VAL A 204 7.40 24.19 -6.93
N ASP A 205 7.11 22.96 -7.33
CA ASP A 205 6.58 22.67 -8.65
C ASP A 205 5.07 22.93 -8.72
N GLU A 206 4.68 24.03 -9.37
CA GLU A 206 3.26 24.35 -9.47
C GLU A 206 2.47 23.41 -10.40
N ASP A 207 3.17 22.61 -11.20
CA ASP A 207 2.45 21.61 -12.01
C ASP A 207 1.89 20.52 -11.08
N VAL A 208 2.50 20.37 -9.92
CA VAL A 208 2.10 19.36 -8.95
C VAL A 208 1.32 19.95 -7.79
N TYR A 209 1.87 21.02 -7.20
CA TYR A 209 1.33 21.59 -5.98
C TYR A 209 0.62 22.91 -6.20
N THR A 210 -0.53 23.06 -5.56
CA THR A 210 -1.19 24.36 -5.49
C THR A 210 -1.53 24.63 -4.02
N PHE A 211 -1.16 25.83 -3.55
CA PHE A 211 -1.44 26.21 -2.17
C PHE A 211 -2.82 26.81 -2.01
N VAL A 212 -3.61 26.26 -1.10
CA VAL A 212 -4.94 26.76 -0.80
C VAL A 212 -5.08 27.32 0.61
N GLY A 213 -3.98 27.33 1.36
CA GLY A 213 -3.99 27.89 2.71
C GLY A 213 -4.88 27.15 3.70
N ALA A 214 -5.20 27.80 4.81
CA ALA A 214 -6.02 27.18 5.84
C ALA A 214 -7.50 27.22 5.46
N CYS A 215 -8.19 26.11 5.69
CA CYS A 215 -9.59 25.94 5.29
C CYS A 215 -10.61 26.18 6.40
N GLN A 216 -11.81 26.62 6.00
CA GLN A 216 -12.92 26.77 6.93
C GLN A 216 -12.82 28.07 7.70
N GLY A 217 -13.67 28.23 8.70
CA GLY A 217 -13.63 29.44 9.49
C GLY A 217 -14.61 29.46 10.64
N ASP A 218 -15.57 30.38 10.54
CA ASP A 218 -16.59 30.63 11.54
C ASP A 218 -16.08 30.68 13.00
N ARG A 219 -15.39 31.76 13.38
CA ARG A 219 -15.00 32.86 12.52
C ARG A 219 -13.61 33.40 12.93
N ALA A 220 -12.51 32.63 12.81
CA ALA A 220 -12.44 31.24 12.36
C ALA A 220 -12.36 30.32 13.58
N GLU A 221 -13.51 30.16 14.21
CA GLU A 221 -13.68 29.69 15.56
C GLU A 221 -12.98 30.63 16.55
N GLU A 222 -13.67 31.62 17.14
CA GLU A 222 -15.00 32.22 16.80
C GLU A 222 -15.27 33.17 17.95
N GLY A 223 -15.90 34.32 17.68
CA GLY A 223 -16.30 35.24 18.72
C GLY A 223 -16.45 36.72 18.34
N GLY A 224 -16.71 37.55 19.34
CA GLY A 224 -16.81 38.98 19.11
C GLY A 224 -16.12 39.84 20.16
N TRP A 225 -14.85 39.55 20.43
CA TRP A 225 -14.06 40.31 21.41
C TRP A 225 -14.18 41.82 21.23
N GLN A 226 -14.37 42.52 22.33
CA GLN A 226 -14.51 43.96 22.33
C GLN A 226 -13.19 44.59 22.76
N ARG A 227 -12.55 45.26 21.83
CA ARG A 227 -11.45 46.15 22.17
C ARG A 227 -11.99 47.12 23.22
N PRO A 228 -11.36 47.16 24.41
CA PRO A 228 -11.68 48.22 25.38
C PRO A 228 -11.60 49.55 24.65
N ALA A 229 -12.63 50.41 24.76
CA ALA A 229 -12.80 51.44 23.72
C ALA A 229 -11.64 52.43 23.48
N GLY A 230 -11.03 52.94 24.55
CA GLY A 230 -9.91 53.85 24.36
C GLY A 230 -8.56 53.17 24.26
N ALA A 231 -8.55 51.86 24.04
CA ALA A 231 -7.30 51.13 23.84
C ALA A 231 -6.72 51.35 22.45
N GLU A 232 -5.53 51.95 22.41
CA GLU A 232 -4.84 52.27 21.16
C GLU A 232 -4.27 51.02 20.49
N LYS A 233 -3.58 50.19 21.28
CA LYS A 233 -3.00 48.96 20.76
C LYS A 233 -3.35 47.74 21.63
N VAL A 234 -3.76 46.65 20.99
CA VAL A 234 -4.08 45.41 21.70
C VAL A 234 -3.06 44.33 21.38
N VAL A 235 -2.51 43.68 22.41
CA VAL A 235 -1.59 42.57 22.18
C VAL A 235 -2.17 41.29 22.76
N LEU A 236 -2.19 40.24 21.94
CA LEU A 236 -2.58 38.91 22.39
C LEU A 236 -1.33 38.07 22.60
N VAL A 237 -1.22 37.44 23.76
CA VAL A 237 -0.20 36.42 23.99
C VAL A 237 -0.90 35.08 24.08
N SER A 238 -0.53 34.16 23.21
CA SER A 238 -1.21 32.87 23.13
C SER A 238 -0.29 31.84 22.48
N LEU A 239 0.28 30.97 23.29
CA LEU A 239 1.25 29.98 22.80
C LEU A 239 0.58 28.72 22.27
N GLY A 240 -0.72 28.79 22.01
CA GLY A 240 -1.44 27.64 21.50
C GLY A 240 -1.79 26.63 22.58
N SER A 241 -1.91 25.36 22.19
CA SER A 241 -2.39 24.33 23.13
C SER A 241 -1.35 23.85 24.13
N ALA A 242 -0.20 23.38 23.62
CA ALA A 242 0.78 22.72 24.47
C ALA A 242 2.15 23.37 24.45
N PHE A 243 3.01 22.99 25.39
CA PHE A 243 4.23 23.75 25.62
C PHE A 243 3.75 25.13 26.03
N THR A 244 3.42 25.26 27.31
CA THR A 244 2.86 26.51 27.83
C THR A 244 2.96 26.61 29.36
N LYS A 245 4.06 26.11 29.92
CA LYS A 245 4.36 26.43 31.31
C LYS A 245 5.42 27.54 31.36
N GLN A 246 6.68 27.15 31.55
CA GLN A 246 7.85 28.07 31.70
C GLN A 246 7.54 29.52 32.12
N PRO A 247 7.15 29.68 33.39
CA PRO A 247 6.57 30.86 34.05
C PRO A 247 7.29 32.18 33.78
N ALA A 248 8.62 32.19 33.87
CA ALA A 248 9.41 33.37 33.49
C ALA A 248 9.33 33.68 31.99
N PHE A 249 8.09 33.73 31.51
CA PHE A 249 7.73 34.20 30.18
C PHE A 249 6.61 35.18 30.46
N TYR A 250 5.56 34.67 31.10
CA TYR A 250 4.33 35.43 31.28
C TYR A 250 4.54 36.59 32.22
N ARG A 251 5.23 36.32 33.32
CA ARG A 251 5.67 37.33 34.26
C ARG A 251 6.34 38.46 33.49
N GLU A 252 7.17 38.11 32.52
CA GLU A 252 7.79 39.10 31.66
C GLU A 252 6.76 39.76 30.75
N CYS A 253 5.81 38.99 30.24
CA CYS A 253 4.77 39.56 29.38
C CYS A 253 3.95 40.58 30.15
N VAL A 254 3.81 40.34 31.46
CA VAL A 254 3.10 41.27 32.33
C VAL A 254 3.85 42.59 32.48
N ARG A 255 5.15 42.51 32.76
CA ARG A 255 5.96 43.72 32.99
C ARG A 255 6.26 44.47 31.71
N ALA A 256 6.26 43.76 30.59
CA ALA A 256 6.44 44.39 29.30
C ALA A 256 5.30 45.37 29.01
N PHE A 257 4.07 44.90 29.20
CA PHE A 257 2.90 45.64 28.76
C PHE A 257 2.09 46.28 29.89
N GLY A 258 2.38 45.89 31.12
CA GLY A 258 1.69 46.46 32.27
C GLY A 258 1.86 47.97 32.40
N ASN A 259 0.75 48.69 32.50
CA ASN A 259 0.77 50.15 32.63
C ASN A 259 1.44 50.93 31.49
N LEU A 260 1.61 50.28 30.34
CA LEU A 260 2.16 50.94 29.16
C LEU A 260 1.01 51.69 28.52
N PRO A 261 1.05 53.04 28.56
CA PRO A 261 -0.09 53.80 28.03
C PRO A 261 -0.44 53.43 26.59
N GLY A 262 -1.73 53.26 26.34
CA GLY A 262 -2.18 52.92 25.02
C GLY A 262 -2.37 51.43 24.80
N TRP A 263 -1.71 50.62 25.62
CA TRP A 263 -1.68 49.16 25.39
C TRP A 263 -2.61 48.39 26.30
N HIS A 264 -3.20 47.33 25.74
CA HIS A 264 -3.97 46.39 26.51
C HIS A 264 -3.54 44.98 26.16
N LEU A 265 -3.29 44.17 27.17
CA LEU A 265 -2.75 42.83 27.02
C LEU A 265 -3.79 41.76 27.34
N VAL A 266 -4.00 40.86 26.40
CA VAL A 266 -4.78 39.64 26.62
C VAL A 266 -3.80 38.47 26.71
N LEU A 267 -3.75 37.81 27.86
CA LEU A 267 -2.77 36.74 28.09
C LEU A 267 -3.46 35.39 28.24
N GLN A 268 -3.47 34.63 27.16
CA GLN A 268 -4.07 33.30 27.15
C GLN A 268 -3.08 32.34 27.78
N ILE A 269 -3.47 31.71 28.90
CA ILE A 269 -2.56 30.87 29.69
C ILE A 269 -2.92 29.39 29.61
N GLY A 270 -2.33 28.60 30.51
CA GLY A 270 -2.58 27.17 30.56
C GLY A 270 -3.47 26.65 31.68
N ARG A 271 -3.56 27.39 32.80
CA ARG A 271 -4.47 27.03 33.91
C ARG A 271 -5.19 28.17 34.69
N LYS A 272 -5.71 27.92 35.90
CA LYS A 272 -6.82 28.77 36.42
C LYS A 272 -6.55 30.02 37.33
N VAL A 273 -6.43 29.94 38.66
CA VAL A 273 -5.97 28.80 39.49
C VAL A 273 -4.86 27.93 38.86
N THR A 274 -3.62 28.45 38.90
CA THR A 274 -3.39 29.78 39.42
C THR A 274 -3.53 30.86 38.36
N PRO A 275 -4.20 31.96 38.71
CA PRO A 275 -4.10 33.06 37.76
C PRO A 275 -2.68 33.62 37.90
N ALA A 276 -1.95 33.10 38.88
CA ALA A 276 -0.82 33.80 39.46
C ALA A 276 0.29 32.93 40.06
N GLU A 277 1.01 32.14 39.27
CA GLU A 277 2.35 31.76 39.71
C GLU A 277 2.98 33.14 39.91
N LEU A 278 2.76 33.99 38.91
CA LEU A 278 2.88 35.45 39.05
C LEU A 278 1.64 36.16 38.47
N GLY A 279 0.90 36.88 39.31
CA GLY A 279 -0.27 37.57 38.81
C GLY A 279 -1.21 38.29 39.77
N GLU A 280 -0.73 39.39 40.36
CA GLU A 280 -1.61 40.41 40.91
C GLU A 280 -1.59 41.52 39.87
N LEU A 281 -2.61 41.54 39.00
CA LEU A 281 -2.51 42.15 37.66
C LEU A 281 -2.63 43.67 37.57
N PRO A 282 -1.83 44.30 36.70
CA PRO A 282 -2.05 45.72 36.40
C PRO A 282 -3.40 45.89 35.70
N ASP A 283 -3.95 47.10 35.71
CA ASP A 283 -5.30 47.36 35.21
C ASP A 283 -5.53 47.01 33.73
N ASN A 284 -4.47 47.02 32.93
CA ASN A 284 -4.63 46.84 31.49
C ASN A 284 -4.27 45.44 31.02
N VAL A 285 -4.48 44.46 31.90
CA VAL A 285 -4.20 43.06 31.57
C VAL A 285 -5.49 42.22 31.69
N GLU A 286 -5.58 41.20 30.85
CA GLU A 286 -6.83 40.48 30.65
C GLU A 286 -6.51 38.99 30.56
N VAL A 287 -7.25 38.17 31.30
CA VAL A 287 -6.90 36.76 31.45
C VAL A 287 -8.05 35.82 31.15
N HIS A 288 -7.84 34.96 30.16
CA HIS A 288 -8.81 33.98 29.75
C HIS A 288 -8.13 32.63 29.67
N ASP A 289 -8.86 31.59 30.07
CA ASP A 289 -8.31 30.24 30.20
C ASP A 289 -7.85 29.68 28.87
N TRP A 290 -8.69 29.94 27.89
CA TRP A 290 -8.45 29.68 26.50
C TRP A 290 -8.98 31.00 26.02
N VAL A 291 -8.64 31.40 24.80
CA VAL A 291 -9.29 32.56 24.22
C VAL A 291 -9.83 32.21 22.86
N PRO A 292 -10.88 32.92 22.42
CA PRO A 292 -11.32 32.86 21.03
C PRO A 292 -10.28 33.59 20.20
N GLN A 293 -9.22 32.88 19.83
CA GLN A 293 -8.00 33.50 19.34
C GLN A 293 -8.17 34.29 18.06
N LEU A 294 -8.79 33.67 17.07
CA LEU A 294 -8.99 34.34 15.80
C LEU A 294 -9.86 35.58 16.02
N ALA A 295 -10.86 35.48 16.89
CA ALA A 295 -11.73 36.61 17.16
C ALA A 295 -10.92 37.82 17.60
N ILE A 296 -10.03 37.60 18.57
CA ILE A 296 -9.18 38.64 19.11
C ILE A 296 -8.15 39.16 18.09
N LEU A 297 -7.56 38.27 17.30
CA LEU A 297 -6.56 38.66 16.32
C LEU A 297 -7.11 39.64 15.28
N ARG A 298 -8.41 39.55 15.01
CA ARG A 298 -9.01 40.45 14.06
C ARG A 298 -9.13 41.87 14.62
N GLN A 299 -8.96 41.99 15.93
CA GLN A 299 -8.99 43.28 16.59
C GLN A 299 -7.71 43.55 17.37
N ALA A 300 -6.65 42.82 17.03
CA ALA A 300 -5.35 42.96 17.71
C ALA A 300 -4.31 43.63 16.83
N ASP A 301 -3.34 44.30 17.46
CA ASP A 301 -2.29 45.00 16.74
C ASP A 301 -0.95 44.31 16.87
N LEU A 302 -0.88 43.33 17.78
CA LEU A 302 0.34 42.57 17.97
C LEU A 302 -0.01 41.20 18.49
N PHE A 303 0.75 40.19 18.05
CA PHE A 303 0.48 38.82 18.48
C PHE A 303 1.80 38.19 18.94
N VAL A 304 1.90 37.88 20.24
CA VAL A 304 3.05 37.13 20.75
C VAL A 304 2.66 35.66 20.64
N THR A 305 3.36 34.93 19.78
CA THR A 305 2.95 33.57 19.39
C THR A 305 4.11 32.58 19.52
N HIS A 306 3.78 31.30 19.74
CA HIS A 306 4.81 30.25 19.72
C HIS A 306 5.16 29.82 18.29
N ALA A 307 4.43 30.37 17.32
CA ALA A 307 4.65 30.09 15.90
C ALA A 307 4.29 28.66 15.51
N GLY A 308 3.31 28.07 16.19
CA GLY A 308 2.68 26.86 15.69
C GLY A 308 2.00 27.14 14.36
N ALA A 309 1.59 26.07 13.67
CA ALA A 309 0.99 26.24 12.34
C ALA A 309 -0.24 27.16 12.32
N GLY A 310 -1.16 26.95 13.25
CA GLY A 310 -2.40 27.71 13.27
C GLY A 310 -2.16 29.18 13.58
N GLY A 311 -1.47 29.43 14.70
CA GLY A 311 -1.16 30.79 15.09
C GLY A 311 -0.39 31.54 14.02
N SER A 312 0.56 30.87 13.38
CA SER A 312 1.34 31.51 12.34
C SER A 312 0.43 31.93 11.18
N GLN A 313 -0.44 31.03 10.71
CA GLN A 313 -1.32 31.44 9.61
C GLN A 313 -2.40 32.40 10.08
N GLU A 314 -2.83 32.28 11.32
CA GLU A 314 -3.82 33.20 11.86
C GLU A 314 -3.28 34.62 12.00
N GLY A 315 -2.01 34.76 12.38
CA GLY A 315 -1.38 36.05 12.44
C GLY A 315 -1.30 36.69 11.06
N LEU A 316 -0.87 35.92 10.07
CA LEU A 316 -0.76 36.45 8.71
C LEU A 316 -2.14 36.79 8.15
N ALA A 317 -3.10 35.90 8.37
CA ALA A 317 -4.46 36.07 7.86
C ALA A 317 -5.10 37.38 8.32
N THR A 318 -4.79 37.77 9.54
CA THR A 318 -5.36 38.97 10.15
C THR A 318 -4.42 40.17 10.09
N ALA A 319 -3.32 40.02 9.35
CA ALA A 319 -2.32 41.07 9.18
C ALA A 319 -1.84 41.62 10.52
N THR A 320 -1.52 40.71 11.44
CA THR A 320 -1.10 41.11 12.77
C THR A 320 0.39 40.82 12.94
N PRO A 321 1.20 41.87 13.15
CA PRO A 321 2.64 41.68 13.35
C PRO A 321 2.88 40.74 14.53
N MET A 322 3.96 39.98 14.47
CA MET A 322 4.18 38.95 15.49
C MET A 322 5.53 39.00 16.17
N ILE A 323 5.53 38.69 17.47
CA ILE A 323 6.74 38.31 18.15
C ILE A 323 6.68 36.80 18.27
N ALA A 324 7.58 36.12 17.57
CA ALA A 324 7.57 34.66 17.55
C ALA A 324 8.52 34.14 18.60
N VAL A 325 8.00 33.40 19.56
CA VAL A 325 8.81 32.87 20.65
C VAL A 325 8.67 31.36 20.64
N PRO A 326 9.27 30.70 19.65
CA PRO A 326 9.16 29.25 19.60
C PRO A 326 9.79 28.62 20.81
N GLN A 327 9.23 27.49 21.24
CA GLN A 327 9.58 26.88 22.52
C GLN A 327 10.03 25.45 22.27
N ALA A 328 9.92 25.03 21.01
CA ALA A 328 10.25 23.67 20.66
C ALA A 328 10.69 23.62 19.20
N VAL A 329 11.61 22.69 18.91
CA VAL A 329 12.29 22.62 17.62
C VAL A 329 11.34 22.70 16.44
N ASP A 330 10.14 22.15 16.62
CA ASP A 330 9.15 22.08 15.56
C ASP A 330 8.73 23.43 14.99
N GLN A 331 8.58 24.43 15.86
CA GLN A 331 8.04 25.74 15.46
C GLN A 331 9.17 26.69 15.07
N PHE A 332 10.40 26.19 15.08
CA PHE A 332 11.56 27.04 14.80
C PHE A 332 11.51 27.53 13.37
N GLY A 333 11.12 26.63 12.46
CA GLY A 333 11.01 26.97 11.06
C GLY A 333 10.05 28.12 10.81
N ASN A 334 8.83 28.00 11.33
CA ASN A 334 7.83 29.04 11.14
C ASN A 334 8.31 30.38 11.67
N ALA A 335 8.97 30.36 12.82
CA ALA A 335 9.48 31.59 13.40
C ALA A 335 10.50 32.25 12.49
N ASP A 336 11.43 31.45 11.95
CA ASP A 336 12.40 31.96 11.00
C ASP A 336 11.71 32.52 9.75
N MET A 337 10.71 31.80 9.26
CA MET A 337 10.01 32.25 8.05
C MET A 337 9.24 33.54 8.28
N LEU A 338 8.58 33.64 9.43
CA LEU A 338 7.85 34.85 9.78
C LEU A 338 8.78 36.05 9.83
N GLN A 339 9.92 35.87 10.49
CA GLN A 339 10.88 36.96 10.60
C GLN A 339 11.46 37.29 9.23
N GLY A 340 11.68 36.25 8.41
CA GLY A 340 12.19 36.44 7.07
C GLY A 340 11.28 37.27 6.19
N LEU A 341 9.97 37.13 6.40
CA LEU A 341 8.96 37.87 5.63
C LEU A 341 8.93 39.35 5.99
N GLY A 342 9.60 39.72 7.08
CA GLY A 342 9.63 41.11 7.52
C GLY A 342 8.39 41.53 8.30
N VAL A 343 7.73 40.58 8.94
CA VAL A 343 6.50 40.92 9.67
C VAL A 343 6.52 40.41 11.09
N ALA A 344 7.68 40.00 11.56
CA ALA A 344 7.80 39.40 12.88
C ALA A 344 9.23 39.49 13.37
N ARG A 345 9.39 39.31 14.67
CA ARG A 345 10.70 39.16 15.29
C ARG A 345 10.70 37.86 16.08
N LYS A 346 11.75 37.07 15.92
CA LYS A 346 11.87 35.80 16.62
C LYS A 346 12.74 35.99 17.87
N LEU A 347 12.20 35.62 19.03
CA LEU A 347 12.94 35.73 20.29
C LEU A 347 13.08 34.36 20.94
N ALA A 348 14.23 34.10 21.54
CA ALA A 348 14.41 32.89 22.35
C ALA A 348 13.65 33.02 23.68
N THR A 349 12.96 31.96 24.09
CA THR A 349 12.06 31.95 25.26
C THR A 349 12.55 32.71 26.50
N GLU A 350 13.55 32.14 27.17
CA GLU A 350 13.99 32.63 28.47
N GLU A 351 15.26 34.77 26.59
CA GLU A 351 15.70 36.04 26.00
C GLU A 351 14.62 37.10 26.02
N ALA A 352 13.38 36.68 25.74
CA ALA A 352 12.25 37.60 25.65
C ALA A 352 11.87 38.16 27.01
N THR A 353 12.60 39.17 27.45
CA THR A 353 12.34 39.77 28.75
C THR A 353 11.54 41.06 28.62
N ALA A 354 11.09 41.61 29.75
CA ALA A 354 10.14 42.73 29.75
C ALA A 354 10.61 43.88 28.88
N ASP A 355 11.88 44.25 29.01
CA ASP A 355 12.45 45.35 28.26
C ASP A 355 12.52 45.05 26.77
N LEU A 356 12.95 43.84 26.43
CA LEU A 356 13.10 43.45 25.03
C LEU A 356 11.74 43.26 24.36
N LEU A 357 10.82 42.62 25.08
CA LEU A 357 9.47 42.41 24.56
C LEU A 357 8.84 43.75 24.29
N ARG A 358 8.95 44.65 25.26
CA ARG A 358 8.38 45.98 25.16
C ARG A 358 8.99 46.72 23.96
N GLU A 359 10.31 46.65 23.83
CA GLU A 359 10.98 47.36 22.75
C GLU A 359 10.60 46.76 21.39
N THR A 360 10.54 45.44 21.33
CA THR A 360 10.24 44.75 20.09
C THR A 360 8.81 45.04 19.65
N ALA A 361 7.91 45.00 20.61
CA ALA A 361 6.50 45.35 20.40
C ALA A 361 6.33 46.72 19.77
N LEU A 362 6.96 47.73 20.36
CA LEU A 362 6.82 49.11 19.91
C LEU A 362 7.36 49.30 18.50
N ALA A 363 8.38 48.54 18.16
CA ALA A 363 9.00 48.67 16.82
C ALA A 363 8.11 48.05 15.75
N LEU A 364 7.42 46.97 16.10
CA LEU A 364 6.59 46.27 15.14
C LEU A 364 5.25 46.95 14.84
N VAL A 365 4.57 47.45 15.88
CA VAL A 365 3.15 47.81 15.73
C VAL A 365 2.76 48.71 14.56
N ASP A 366 3.27 49.94 14.57
CA ASP A 366 2.84 50.99 13.66
C ASP A 366 3.63 51.04 12.34
N ASP A 367 4.63 50.17 12.24
CA ASP A 367 5.55 50.18 11.12
C ASP A 367 4.81 50.07 9.80
N PRO A 368 4.89 51.11 8.96
CA PRO A 368 4.23 51.00 7.65
C PRO A 368 4.87 49.89 6.81
N GLU A 369 6.16 49.66 6.99
CA GLU A 369 6.90 48.60 6.30
C GLU A 369 6.32 47.22 6.63
N VAL A 370 6.44 46.83 7.89
CA VAL A 370 5.84 45.60 8.39
C VAL A 370 4.36 45.51 7.96
N ALA A 371 3.64 46.61 8.12
CA ALA A 371 2.23 46.64 7.73
C ALA A 371 2.05 46.41 6.22
N ARG A 372 2.89 47.08 5.43
CA ARG A 372 2.89 46.92 3.98
C ARG A 372 2.91 45.45 3.59
N ARG A 373 3.83 44.71 4.21
CA ARG A 373 4.03 43.31 3.86
C ARG A 373 2.91 42.42 4.36
N LEU A 374 2.30 42.77 5.49
CA LEU A 374 1.17 41.98 5.98
C LEU A 374 -0.04 42.04 5.04
N ARG A 375 -0.43 43.23 4.60
CA ARG A 375 -1.56 43.31 3.67
C ARG A 375 -1.22 42.67 2.32
N ARG A 376 0.04 42.71 1.94
CA ARG A 376 0.44 42.07 0.69
C ARG A 376 0.36 40.54 0.83
N ILE A 377 0.81 40.01 1.97
CA ILE A 377 0.67 38.57 2.23
C ILE A 377 -0.81 38.21 2.36
N GLN A 378 -1.57 39.11 2.97
CA GLN A 378 -3.01 38.98 3.07
C GLN A 378 -3.67 38.80 1.70
N ALA A 379 -3.29 39.61 0.74
CA ALA A 379 -3.88 39.52 -0.60
C ALA A 379 -3.44 38.24 -1.29
N GLU A 380 -2.23 37.79 -0.98
CA GLU A 380 -1.72 36.57 -1.58
C GLU A 380 -2.46 35.37 -1.01
N MET A 381 -2.76 35.42 0.28
CA MET A 381 -3.50 34.34 0.92
C MET A 381 -4.97 34.32 0.44
N ALA A 382 -5.49 35.47 0.08
CA ALA A 382 -6.87 35.52 -0.46
C ALA A 382 -6.97 34.74 -1.77
N GLN A 383 -5.93 34.78 -2.58
CA GLN A 383 -5.92 34.03 -3.83
C GLN A 383 -5.88 32.53 -3.54
N GLU A 384 -5.13 32.13 -2.52
CA GLU A 384 -5.07 30.73 -2.12
C GLU A 384 -6.48 30.23 -1.79
N GLY A 385 -7.31 31.13 -1.28
CA GLY A 385 -8.74 30.92 -1.23
C GLY A 385 -9.35 30.16 -0.06
N GLY A 386 -8.73 29.04 0.31
CA GLY A 386 -9.24 28.21 1.39
C GLY A 386 -10.18 27.13 0.93
N THR A 387 -11.17 26.82 1.78
CA THR A 387 -12.04 25.66 1.60
C THR A 387 -12.67 25.60 0.22
N ARG A 388 -13.00 26.76 -0.33
CA ARG A 388 -13.74 26.82 -1.58
C ARG A 388 -12.86 26.67 -2.81
N ARG A 389 -11.65 27.22 -2.77
CA ARG A 389 -10.72 26.94 -3.85
C ARG A 389 -10.36 25.46 -3.81
N ALA A 390 -10.21 24.91 -2.59
CA ALA A 390 -9.84 23.52 -2.42
C ALA A 390 -10.88 22.58 -3.03
N ALA A 391 -12.14 22.77 -2.67
CA ALA A 391 -13.21 21.94 -3.22
C ALA A 391 -13.30 22.09 -4.73
N ASP A 392 -13.16 23.33 -5.22
CA ASP A 392 -13.19 23.59 -6.66
C ASP A 392 -12.01 22.91 -7.36
N LEU A 393 -10.87 22.83 -6.68
CA LEU A 393 -9.69 22.24 -7.32
C LEU A 393 -9.83 20.72 -7.36
N ILE A 394 -10.49 20.18 -6.34
CA ILE A 394 -10.76 18.75 -6.27
C ILE A 394 -11.74 18.33 -7.36
N GLU A 395 -12.82 19.09 -7.51
CA GLU A 395 -13.80 18.79 -8.57
C GLU A 395 -13.16 18.91 -9.95
N ALA A 396 -12.14 19.75 -10.06
CA ALA A 396 -11.44 19.93 -11.32
C ALA A 396 -10.58 18.72 -11.70
N GLU A 397 -10.44 17.77 -10.76
CA GLU A 397 -9.70 16.54 -11.00
C GLU A 397 -10.60 15.35 -11.41
N LEU A 398 -11.90 15.48 -11.12
CA LEU A 398 -12.83 14.35 -11.00
C LEU A 398 -13.29 13.69 -12.31
N PRO A 399 -12.97 12.39 -12.47
CA PRO A 399 -13.24 11.58 -13.67
C PRO A 399 -14.51 11.97 -14.41
N ALA A 400 -14.31 12.67 -15.52
CA ALA A 400 -15.39 13.00 -16.44
C ALA A 400 -15.54 11.86 -17.46
N THR B 6 14.54 -53.63 -2.93
CA THR B 6 13.75 -52.53 -2.39
C THR B 6 14.20 -51.16 -2.93
N PRO B 7 13.51 -50.67 -3.97
CA PRO B 7 13.54 -49.26 -4.36
C PRO B 7 13.06 -48.41 -3.18
N ALA B 8 13.43 -47.13 -3.16
CA ALA B 8 12.89 -46.22 -2.15
C ALA B 8 11.39 -46.08 -2.38
N HIS B 9 10.61 -46.08 -1.30
CA HIS B 9 9.17 -45.86 -1.43
C HIS B 9 8.81 -44.43 -1.05
N ILE B 10 8.19 -43.73 -1.99
CA ILE B 10 7.77 -42.34 -1.82
C ILE B 10 6.26 -42.27 -2.05
N ALA B 11 5.53 -41.56 -1.20
CA ALA B 11 4.09 -41.43 -1.37
C ALA B 11 3.69 -39.97 -1.53
N MET B 12 2.96 -39.66 -2.59
CA MET B 12 2.57 -38.27 -2.79
C MET B 12 1.17 -38.04 -2.21
N PHE B 13 1.08 -37.20 -1.18
CA PHE B 13 -0.22 -36.89 -0.55
C PHE B 13 -0.80 -35.62 -1.15
N SER B 14 -2.05 -35.68 -1.59
CA SER B 14 -2.77 -34.46 -1.96
C SER B 14 -4.27 -34.63 -1.83
N ILE B 15 -4.99 -33.63 -2.32
CA ILE B 15 -6.45 -33.62 -2.30
C ILE B 15 -6.95 -33.48 -3.75
N ALA B 16 -8.27 -33.60 -3.95
CA ALA B 16 -8.80 -33.56 -5.31
C ALA B 16 -9.07 -32.15 -5.82
N ALA B 17 -8.04 -31.54 -6.40
CA ALA B 17 -8.14 -30.15 -6.81
C ALA B 17 -7.82 -30.01 -8.30
N HIS B 18 -6.55 -29.81 -8.59
CA HIS B 18 -5.97 -29.77 -9.94
C HIS B 18 -4.81 -28.87 -9.63
N GLY B 19 -5.15 -27.70 -9.09
CA GLY B 19 -4.18 -26.73 -8.62
C GLY B 19 -3.31 -27.25 -7.50
N HIS B 20 -3.72 -28.35 -6.89
CA HIS B 20 -2.83 -28.99 -5.94
C HIS B 20 -2.35 -30.33 -6.47
N VAL B 21 -2.64 -30.56 -7.75
CA VAL B 21 -2.23 -31.81 -8.41
C VAL B 21 -1.52 -31.54 -9.74
N ASN B 22 -2.13 -30.72 -10.60
CA ASN B 22 -1.51 -30.31 -11.88
C ASN B 22 -0.12 -29.67 -11.78
N PRO B 23 0.15 -28.93 -10.68
CA PRO B 23 1.48 -28.38 -10.55
C PRO B 23 2.58 -29.40 -10.41
N SER B 24 2.36 -30.51 -9.71
CA SER B 24 3.46 -31.43 -9.42
C SER B 24 3.39 -32.77 -10.16
N LEU B 25 2.38 -32.96 -11.00
CA LEU B 25 2.16 -34.27 -11.61
C LEU B 25 3.32 -34.71 -12.52
N GLU B 26 3.94 -33.74 -13.19
CA GLU B 26 5.13 -34.05 -14.00
C GLU B 26 6.31 -34.47 -13.13
N VAL B 27 6.45 -33.86 -11.95
CA VAL B 27 7.47 -34.29 -11.01
C VAL B 27 7.15 -35.70 -10.59
N ILE B 28 5.86 -35.99 -10.47
CA ILE B 28 5.42 -37.35 -10.19
C ILE B 28 5.74 -38.24 -11.39
N ARG B 29 5.56 -37.73 -12.59
CA ARG B 29 5.88 -38.49 -13.81
C ARG B 29 7.34 -38.90 -13.78
N GLU B 30 8.20 -37.94 -13.48
CA GLU B 30 9.65 -38.14 -13.49
C GLU B 30 10.12 -39.12 -12.41
N LEU B 31 9.49 -39.05 -11.24
CA LEU B 31 9.82 -39.95 -10.16
C LEU B 31 9.48 -41.39 -10.51
N VAL B 32 8.38 -41.60 -11.22
CA VAL B 32 8.01 -42.95 -11.62
C VAL B 32 9.09 -43.48 -12.58
N ALA B 33 9.46 -42.64 -13.53
CA ALA B 33 10.45 -42.99 -14.56
C ALA B 33 11.79 -43.44 -13.98
N ARG B 34 12.18 -42.87 -12.85
CA ARG B 34 13.47 -43.22 -12.24
C ARG B 34 13.44 -44.53 -11.45
N GLY B 35 12.27 -45.15 -11.37
CA GLY B 35 12.14 -46.46 -10.76
C GLY B 35 11.89 -46.47 -9.26
N HIS B 36 11.27 -45.41 -8.75
CA HIS B 36 10.93 -45.36 -7.32
C HIS B 36 9.59 -46.01 -7.09
N ARG B 37 9.42 -46.61 -5.92
CA ARG B 37 8.11 -47.11 -5.54
C ARG B 37 7.30 -45.90 -5.11
N VAL B 38 6.38 -45.46 -5.95
CA VAL B 38 5.58 -44.28 -5.64
C VAL B 38 4.12 -44.64 -5.39
N THR B 39 3.56 -44.19 -4.27
CA THR B 39 2.10 -44.17 -4.13
C THR B 39 1.62 -42.74 -4.03
N TYR B 40 0.37 -42.47 -4.37
CA TYR B 40 -0.15 -41.10 -4.35
C TYR B 40 -1.50 -41.06 -3.65
N ALA B 41 -1.50 -40.82 -2.33
CA ALA B 41 -2.73 -40.70 -1.54
C ALA B 41 -3.61 -39.57 -2.06
N ILE B 42 -4.83 -39.92 -2.46
CA ILE B 42 -5.69 -39.02 -3.22
C ILE B 42 -7.16 -39.41 -2.97
N PRO B 43 -8.10 -38.45 -3.08
CA PRO B 43 -9.51 -38.90 -3.02
C PRO B 43 -9.81 -39.76 -4.25
N PRO B 44 -10.73 -40.73 -4.12
CA PRO B 44 -10.92 -41.76 -5.13
C PRO B 44 -11.21 -41.20 -6.50
N VAL B 45 -11.77 -39.99 -6.58
CA VAL B 45 -12.14 -39.45 -7.88
C VAL B 45 -10.92 -39.19 -8.79
N PHE B 46 -9.82 -38.73 -8.21
CA PHE B 46 -8.62 -38.42 -8.99
C PHE B 46 -7.75 -39.66 -9.20
N ALA B 47 -8.38 -40.83 -9.13
CA ALA B 47 -7.68 -42.10 -9.23
C ALA B 47 -6.88 -42.21 -10.52
N ASP B 48 -7.56 -42.05 -11.65
CA ASP B 48 -6.92 -42.17 -12.97
C ASP B 48 -5.76 -41.18 -13.12
N LYS B 49 -5.92 -40.00 -12.54
CA LYS B 49 -4.95 -38.92 -12.72
C LYS B 49 -3.58 -39.25 -12.12
N VAL B 50 -3.55 -39.73 -10.88
CA VAL B 50 -2.27 -40.10 -10.30
C VAL B 50 -1.79 -41.41 -10.94
N ALA B 51 -2.70 -42.09 -11.63
CA ALA B 51 -2.37 -43.19 -12.51
C ALA B 51 -1.96 -42.66 -13.89
N ALA B 52 -2.41 -41.47 -14.23
CA ALA B 52 -1.82 -40.81 -15.39
C ALA B 52 -0.41 -40.29 -15.06
N THR B 53 0.33 -41.06 -14.25
CA THR B 53 1.75 -40.80 -13.95
C THR B 53 2.57 -42.07 -13.72
N GLY B 54 1.94 -43.12 -13.18
CA GLY B 54 2.61 -44.34 -12.80
C GLY B 54 2.44 -44.87 -11.37
N ALA B 55 2.47 -43.98 -10.36
CA ALA B 55 2.56 -44.36 -8.93
C ALA B 55 1.83 -45.64 -8.40
N ARG B 56 0.92 -45.42 -7.46
CA ARG B 56 -0.16 -46.36 -7.11
C ARG B 56 -1.17 -45.57 -6.30
N PRO B 57 -2.44 -45.55 -6.73
CA PRO B 57 -3.52 -44.82 -6.06
C PRO B 57 -3.72 -45.29 -4.64
N VAL B 58 -4.04 -44.36 -3.74
CA VAL B 58 -4.44 -44.67 -2.39
C VAL B 58 -5.63 -43.78 -2.06
N LEU B 59 -6.79 -44.22 -2.52
CA LEU B 59 -8.07 -43.53 -2.37
C LEU B 59 -8.40 -43.22 -0.92
N TYR B 60 -8.91 -42.03 -0.67
CA TYR B 60 -9.42 -41.73 0.67
C TYR B 60 -10.66 -40.86 0.71
N HIS B 61 -11.48 -41.08 1.73
CA HIS B 61 -12.60 -40.22 2.04
C HIS B 61 -12.09 -38.81 2.32
N SER B 62 -12.40 -37.88 1.40
CA SER B 62 -12.20 -36.47 1.64
C SER B 62 -13.58 -35.80 1.59
N THR B 63 -13.72 -34.67 2.29
CA THR B 63 -15.00 -33.96 2.38
C THR B 63 -14.95 -32.56 1.73
N LEU B 64 -14.01 -32.35 0.81
CA LEU B 64 -13.79 -31.02 0.21
C LEU B 64 -14.56 -30.88 -1.12
N PRO B 65 -14.88 -29.64 -1.53
CA PRO B 65 -15.70 -29.38 -2.73
C PRO B 65 -15.27 -30.12 -4.00
N GLY B 66 -16.24 -30.72 -4.68
CA GLY B 66 -16.05 -31.32 -5.98
C GLY B 66 -15.15 -30.50 -6.89
N PRO B 67 -14.36 -31.18 -7.73
CA PRO B 67 -13.48 -30.48 -8.68
C PRO B 67 -14.19 -29.75 -9.81
N ASP B 68 -15.36 -30.24 -10.23
CA ASP B 68 -16.03 -29.73 -11.42
C ASP B 68 -16.94 -28.55 -11.10
N ALA B 69 -16.67 -27.90 -9.96
CA ALA B 69 -17.62 -27.01 -9.30
C ALA B 69 -17.12 -25.57 -9.07
N ASP B 70 -17.88 -24.82 -8.29
CA ASP B 70 -17.74 -23.36 -8.25
C ASP B 70 -16.86 -22.83 -7.13
N PRO B 71 -16.06 -21.80 -7.44
CA PRO B 71 -15.21 -21.00 -6.55
C PRO B 71 -15.95 -20.36 -5.36
N GLU B 72 -17.10 -20.91 -4.99
CA GLU B 72 -17.84 -20.45 -3.84
C GLU B 72 -18.34 -21.67 -3.05
N ALA B 73 -17.92 -22.85 -3.49
CA ALA B 73 -18.22 -24.06 -2.75
C ALA B 73 -17.51 -24.07 -1.41
N TRP B 74 -16.41 -23.33 -1.34
CA TRP B 74 -15.57 -23.33 -0.15
C TRP B 74 -16.01 -22.15 0.67
N GLY B 75 -15.06 -21.29 0.99
CA GLY B 75 -15.39 -20.04 1.60
C GLY B 75 -15.04 -18.89 0.68
N SER B 76 -14.90 -17.73 1.29
CA SER B 76 -14.31 -16.57 0.64
C SER B 76 -13.73 -15.79 1.81
N THR B 77 -14.22 -16.11 3.00
CA THR B 77 -13.65 -15.62 4.25
C THR B 77 -12.65 -16.61 4.82
N LEU B 78 -11.70 -16.08 5.60
CA LEU B 78 -10.59 -16.84 6.17
C LEU B 78 -11.00 -18.18 6.78
N LEU B 79 -11.88 -18.16 7.77
CA LEU B 79 -12.25 -19.38 8.48
C LEU B 79 -12.91 -20.40 7.58
N ASP B 80 -13.82 -19.93 6.72
CA ASP B 80 -14.44 -20.82 5.76
C ASP B 80 -13.34 -21.36 4.85
N ASN B 81 -12.36 -20.51 4.56
CA ASN B 81 -11.19 -20.93 3.76
C ASN B 81 -10.24 -21.93 4.45
N VAL B 82 -9.85 -21.66 5.70
CA VAL B 82 -8.92 -22.60 6.38
C VAL B 82 -9.57 -23.81 7.07
N GLU B 83 -10.75 -23.65 7.66
CA GLU B 83 -11.37 -24.75 8.41
C GLU B 83 -11.49 -26.12 7.73
N PRO B 84 -11.96 -26.16 6.47
CA PRO B 84 -12.19 -27.45 5.82
C PRO B 84 -10.91 -28.26 5.70
N PHE B 85 -9.79 -27.56 5.57
CA PHE B 85 -8.54 -28.27 5.48
C PHE B 85 -8.21 -28.94 6.81
N LEU B 86 -8.56 -28.27 7.91
CA LEU B 86 -8.33 -28.87 9.22
C LEU B 86 -9.34 -29.99 9.43
N ASN B 87 -10.57 -29.74 8.99
CA ASN B 87 -11.63 -30.68 9.29
C ASN B 87 -11.51 -31.96 8.48
N ASP B 88 -11.43 -31.83 7.15
CA ASP B 88 -11.14 -33.00 6.33
C ASP B 88 -9.86 -33.70 6.77
N ALA B 89 -8.88 -32.93 7.24
CA ALA B 89 -7.66 -33.54 7.74
C ALA B 89 -7.89 -34.40 8.98
N ILE B 90 -8.76 -33.97 9.88
CA ILE B 90 -8.98 -34.73 11.10
C ILE B 90 -9.56 -36.13 10.83
N GLN B 91 -10.46 -36.23 9.86
CA GLN B 91 -11.00 -37.54 9.50
C GLN B 91 -10.08 -38.32 8.56
N ALA B 92 -9.31 -37.61 7.73
CA ALA B 92 -8.37 -38.24 6.81
C ALA B 92 -7.30 -39.05 7.53
N LEU B 93 -6.66 -38.44 8.53
CA LEU B 93 -5.56 -39.04 9.27
C LEU B 93 -5.70 -40.55 9.59
N PRO B 94 -6.79 -40.95 10.28
CA PRO B 94 -6.86 -42.38 10.62
C PRO B 94 -7.06 -43.29 9.41
N GLN B 95 -7.67 -42.77 8.36
CA GLN B 95 -7.82 -43.54 7.13
C GLN B 95 -6.46 -43.85 6.50
N LEU B 96 -5.70 -42.79 6.26
CA LEU B 96 -4.36 -42.91 5.72
C LEU B 96 -3.45 -43.64 6.72
N ALA B 97 -3.90 -43.70 7.97
CA ALA B 97 -3.17 -44.50 8.95
C ALA B 97 -3.23 -45.96 8.51
N ASP B 98 -4.38 -46.34 7.98
CA ASP B 98 -4.66 -47.74 7.68
C ASP B 98 -3.99 -48.22 6.41
N ALA B 99 -4.14 -47.43 5.35
CA ALA B 99 -3.61 -47.79 4.05
C ALA B 99 -2.12 -48.09 4.08
N TYR B 100 -1.42 -47.47 5.02
CA TYR B 100 0.02 -47.48 5.02
C TYR B 100 0.52 -48.24 6.23
N ALA B 101 -0.42 -48.91 6.90
CA ALA B 101 -0.12 -49.78 8.03
C ALA B 101 1.16 -50.60 7.88
N ASP B 102 1.17 -51.52 6.92
CA ASP B 102 2.32 -52.41 6.75
C ASP B 102 3.19 -52.01 5.56
N ASP B 103 2.70 -51.06 4.77
CA ASP B 103 3.46 -50.56 3.63
C ASP B 103 3.63 -49.04 3.71
N ILE B 104 4.25 -48.61 4.79
CA ILE B 104 4.54 -47.21 5.02
C ILE B 104 5.50 -46.74 3.94
N PRO B 105 5.22 -45.56 3.34
CA PRO B 105 6.22 -45.02 2.43
C PRO B 105 7.52 -44.70 3.16
N ASP B 106 8.63 -44.56 2.46
CA ASP B 106 9.90 -44.18 3.08
C ASP B 106 10.17 -42.68 2.94
N LEU B 107 9.47 -42.04 2.00
CA LEU B 107 9.53 -40.58 1.90
C LEU B 107 8.13 -40.06 1.73
N VAL B 108 7.82 -39.03 2.49
CA VAL B 108 6.55 -38.35 2.38
C VAL B 108 6.70 -37.07 1.56
N LEU B 109 5.97 -37.01 0.46
CA LEU B 109 5.90 -35.83 -0.38
C LEU B 109 4.45 -35.34 -0.37
N HIS B 110 4.24 -34.05 -0.23
CA HIS B 110 2.86 -33.57 -0.13
C HIS B 110 2.67 -32.16 -0.62
N ASP B 111 1.51 -31.93 -1.24
CA ASP B 111 1.06 -30.58 -1.50
C ASP B 111 0.76 -29.89 -0.16
N ILE B 112 0.82 -28.56 -0.16
CA ILE B 112 0.66 -27.76 1.05
C ILE B 112 -0.64 -28.03 1.83
N THR B 113 -1.65 -28.56 1.14
CA THR B 113 -2.96 -28.72 1.79
C THR B 113 -3.09 -29.96 2.68
N SER B 114 -2.15 -30.90 2.57
CA SER B 114 -2.24 -32.13 3.34
C SER B 114 -1.61 -32.08 4.73
N TYR B 115 -2.41 -31.68 5.72
CA TYR B 115 -1.98 -31.77 7.11
C TYR B 115 -1.66 -33.22 7.54
N PRO B 116 -2.43 -34.20 7.06
CA PRO B 116 -2.11 -35.54 7.55
C PRO B 116 -0.76 -36.08 7.03
N ALA B 117 -0.23 -35.49 5.97
CA ALA B 117 1.10 -35.87 5.52
C ALA B 117 2.16 -35.40 6.53
N ARG B 118 1.97 -34.21 7.07
CA ARG B 118 2.87 -33.64 8.08
C ARG B 118 2.92 -34.49 9.34
N VAL B 119 1.75 -34.90 9.81
CA VAL B 119 1.65 -35.64 11.07
C VAL B 119 2.25 -37.05 10.93
N LEU B 120 1.91 -37.73 9.85
CA LEU B 120 2.43 -39.08 9.61
C LEU B 120 3.95 -39.12 9.40
N ALA B 121 4.49 -38.17 8.62
CA ALA B 121 5.93 -38.08 8.43
C ALA B 121 6.60 -37.41 9.63
N ARG B 122 5.89 -37.40 10.75
CA ARG B 122 6.44 -36.99 12.02
C ARG B 122 6.42 -38.23 12.92
N ARG B 123 5.24 -38.85 12.92
CA ARG B 123 4.96 -40.07 13.68
C ARG B 123 5.86 -41.23 13.25
N TRP B 124 5.95 -41.42 11.94
CA TRP B 124 6.73 -42.50 11.36
C TRP B 124 8.22 -42.21 11.45
N GLY B 125 8.58 -40.93 11.46
CA GLY B 125 9.96 -40.56 11.59
C GLY B 125 10.65 -40.60 10.25
N VAL B 126 9.88 -40.42 9.18
CA VAL B 126 10.41 -40.33 7.82
C VAL B 126 10.45 -38.86 7.37
N PRO B 127 11.18 -38.59 6.27
CA PRO B 127 11.25 -37.22 5.74
C PRO B 127 9.98 -36.74 5.05
N ALA B 128 9.72 -35.46 5.20
CA ALA B 128 8.64 -34.80 4.49
C ALA B 128 9.17 -33.67 3.62
N VAL B 129 8.71 -33.63 2.37
CA VAL B 129 9.00 -32.51 1.48
C VAL B 129 7.69 -31.89 1.03
N SER B 130 7.51 -30.62 1.35
CA SER B 130 6.31 -29.90 0.96
C SER B 130 6.49 -29.32 -0.45
N LEU B 131 5.50 -29.51 -1.30
CA LEU B 131 5.52 -28.92 -2.65
C LEU B 131 4.50 -27.81 -2.72
N SER B 132 4.97 -26.58 -2.98
CA SER B 132 4.06 -25.43 -3.00
C SER B 132 3.79 -24.95 -4.42
N PRO B 133 2.52 -24.96 -4.84
CA PRO B 133 2.18 -24.50 -6.19
C PRO B 133 2.01 -23.00 -6.26
N ASN B 134 2.51 -22.28 -5.26
CA ASN B 134 2.34 -20.84 -5.18
C ASN B 134 3.35 -20.26 -4.23
N LEU B 135 3.24 -18.98 -3.93
CA LEU B 135 4.21 -18.31 -3.08
C LEU B 135 4.22 -18.93 -1.69
N VAL B 136 5.35 -18.76 -0.99
CA VAL B 136 5.50 -19.28 0.36
C VAL B 136 5.76 -18.15 1.33
N ALA B 137 5.81 -18.48 2.61
CA ALA B 137 6.01 -17.48 3.65
C ALA B 137 7.46 -17.02 3.67
N TRP B 138 7.64 -15.72 3.86
CA TRP B 138 8.97 -15.16 4.05
C TRP B 138 9.18 -14.84 5.52
N LYS B 139 10.43 -14.53 5.88
CA LYS B 139 10.71 -14.01 7.20
C LYS B 139 10.01 -12.66 7.31
N GLY B 140 9.05 -12.55 8.22
CA GLY B 140 8.24 -11.35 8.34
C GLY B 140 6.78 -11.55 7.99
N TYR B 141 6.48 -12.64 7.28
CA TYR B 141 5.13 -12.98 6.86
C TYR B 141 4.20 -13.07 8.06
N GLU B 142 4.74 -13.46 9.19
CA GLU B 142 3.90 -13.59 10.36
C GLU B 142 3.31 -12.29 10.90
N GLU B 143 4.07 -11.21 10.82
CA GLU B 143 3.59 -9.93 11.30
C GLU B 143 2.80 -9.21 10.21
N GLU B 144 3.25 -9.39 8.97
CA GLU B 144 2.78 -8.61 7.84
C GLU B 144 1.51 -9.11 7.17
N VAL B 145 1.25 -10.41 7.23
CA VAL B 145 0.14 -10.97 6.45
C VAL B 145 -0.85 -11.80 7.28
N ALA B 146 -0.33 -12.76 8.04
CA ALA B 146 -1.21 -13.72 8.72
C ALA B 146 -1.94 -13.06 9.88
N GLU B 147 -1.21 -12.22 10.62
CA GLU B 147 -1.79 -11.55 11.77
C GLU B 147 -2.86 -10.52 11.41
N PRO B 148 -2.66 -9.72 10.35
CA PRO B 148 -3.80 -8.90 9.94
C PRO B 148 -5.02 -9.75 9.62
N MET B 149 -4.89 -10.69 8.69
CA MET B 149 -5.97 -11.59 8.32
C MET B 149 -6.72 -12.15 9.51
N TRP B 150 -5.96 -12.58 10.52
CA TRP B 150 -6.54 -13.27 11.67
C TRP B 150 -7.10 -12.34 12.75
N ARG B 151 -6.87 -11.03 12.63
CA ARG B 151 -7.23 -10.11 13.73
C ARG B 151 -8.70 -10.22 14.17
N GLU B 152 -9.64 -10.02 13.26
CA GLU B 152 -11.06 -10.25 13.57
C GLU B 152 -11.44 -11.73 13.79
N PRO B 153 -11.07 -12.62 12.86
CA PRO B 153 -11.57 -13.99 12.97
C PRO B 153 -11.12 -14.70 14.25
N ARG B 154 -9.95 -14.34 14.76
CA ARG B 154 -9.51 -14.92 16.01
C ARG B 154 -10.49 -14.53 17.12
N GLN B 155 -10.97 -13.29 17.07
CA GLN B 155 -11.84 -12.72 18.12
C GLN B 155 -13.09 -13.58 18.32
N THR B 156 -13.50 -14.26 17.26
CA THR B 156 -14.78 -14.97 17.23
C THR B 156 -14.75 -16.30 17.96
N GLU B 157 -15.90 -16.78 18.43
CA GLU B 157 -15.96 -18.10 19.04
C GLU B 157 -15.68 -19.21 18.02
N ARG B 158 -16.08 -18.99 16.77
CA ARG B 158 -15.75 -19.90 15.67
C ARG B 158 -14.23 -20.05 15.61
N GLY B 159 -13.53 -18.94 15.75
CA GLY B 159 -12.08 -18.95 15.75
C GLY B 159 -11.49 -19.75 16.90
N ARG B 160 -11.87 -19.39 18.12
CA ARG B 160 -11.38 -20.08 19.32
C ARG B 160 -11.57 -21.58 19.25
N ALA B 161 -12.76 -22.00 18.84
CA ALA B 161 -13.07 -23.41 18.69
C ALA B 161 -12.06 -24.08 17.75
N TYR B 162 -11.68 -23.37 16.70
CA TYR B 162 -10.75 -23.88 15.69
C TYR B 162 -9.30 -24.00 16.23
N TYR B 163 -8.82 -22.96 16.90
CA TYR B 163 -7.44 -22.94 17.41
C TYR B 163 -7.25 -23.72 18.70
N ALA B 164 -8.33 -24.25 19.26
CA ALA B 164 -8.19 -25.22 20.32
C ALA B 164 -8.22 -26.59 19.67
N ARG B 165 -9.09 -26.73 18.67
CA ARG B 165 -9.29 -27.97 17.92
C ARG B 165 -8.02 -28.37 17.19
N PHE B 166 -7.35 -27.38 16.61
CA PHE B 166 -6.15 -27.65 15.82
C PHE B 166 -5.09 -28.13 16.77
N GLU B 167 -4.85 -27.32 17.80
CA GLU B 167 -4.11 -27.75 18.97
C GLU B 167 -4.57 -29.14 19.39
N ALA B 168 -5.88 -29.30 19.60
CA ALA B 168 -6.48 -30.61 19.91
C ALA B 168 -6.22 -31.71 18.87
N TRP B 169 -5.65 -31.32 17.74
CA TRP B 169 -5.28 -32.29 16.71
C TRP B 169 -3.79 -32.12 16.44
N LEU B 170 -3.09 -31.50 17.39
CA LEU B 170 -1.64 -31.55 17.41
C LEU B 170 -1.08 -32.29 18.65
N LYS B 171 -1.31 -31.77 19.85
CA LYS B 171 -0.71 -32.34 21.08
C LYS B 171 -0.90 -33.85 21.25
N GLU B 172 -2.06 -34.36 20.84
CA GLU B 172 -2.31 -35.78 20.92
C GLU B 172 -1.44 -36.54 19.92
N ASN B 173 -1.07 -35.89 18.84
CA ASN B 173 -0.15 -36.52 17.89
C ASN B 173 1.31 -36.32 18.27
N GLY B 174 1.53 -35.77 19.46
CA GLY B 174 2.86 -35.43 19.94
C GLY B 174 3.39 -34.16 19.30
N ILE B 175 2.51 -33.21 19.01
CA ILE B 175 2.93 -31.93 18.41
C ILE B 175 2.37 -30.73 19.20
N THR B 176 3.27 -29.95 19.82
CA THR B 176 2.91 -28.75 20.58
C THR B 176 3.36 -27.49 19.82
N GLU B 177 3.68 -27.68 18.55
CA GLU B 177 3.91 -26.58 17.63
C GLU B 177 2.55 -25.95 17.38
N HIS B 178 2.49 -24.62 17.36
CA HIS B 178 1.27 -23.91 17.01
C HIS B 178 0.82 -24.34 15.62
N PRO B 179 -0.51 -24.40 15.41
CA PRO B 179 -1.04 -24.68 14.08
C PRO B 179 -0.48 -23.76 13.00
N ASP B 180 -0.12 -22.51 13.32
CA ASP B 180 0.35 -21.61 12.26
C ASP B 180 1.76 -21.94 11.79
N THR B 181 2.63 -22.35 12.72
CA THR B 181 3.96 -22.82 12.34
C THR B 181 3.80 -24.16 11.63
N PHE B 182 2.88 -24.97 12.14
CA PHE B 182 2.64 -26.29 11.58
C PHE B 182 2.04 -26.21 10.17
N ALA B 183 1.10 -25.29 9.95
CA ALA B 183 0.45 -25.21 8.65
C ALA B 183 1.25 -24.40 7.61
N SER B 184 1.89 -23.33 8.06
CA SER B 184 2.45 -22.38 7.11
C SER B 184 3.98 -22.41 7.00
N HIS B 185 4.63 -23.19 7.83
CA HIS B 185 6.10 -23.14 7.90
C HIS B 185 6.73 -24.52 7.90
N PRO B 186 6.76 -25.16 6.71
CA PRO B 186 7.33 -26.50 6.57
C PRO B 186 8.84 -26.51 6.84
N PRO B 187 9.39 -27.65 7.26
CA PRO B 187 10.84 -27.70 7.46
C PRO B 187 11.62 -27.82 6.15
N ARG B 188 10.95 -28.26 5.08
CA ARG B 188 11.59 -28.39 3.77
C ARG B 188 10.56 -28.25 2.68
N SER B 189 10.81 -27.38 1.70
CA SER B 189 9.81 -27.10 0.68
C SER B 189 10.44 -26.83 -0.67
N LEU B 190 9.82 -27.37 -1.72
CA LEU B 190 10.17 -27.00 -3.10
C LEU B 190 9.04 -26.16 -3.65
N VAL B 191 9.40 -24.99 -4.17
CA VAL B 191 8.41 -24.02 -4.63
C VAL B 191 8.31 -24.07 -6.14
N LEU B 192 7.10 -24.30 -6.63
CA LEU B 192 6.87 -24.59 -8.04
C LEU B 192 6.49 -23.34 -8.83
N ILE B 193 6.98 -22.19 -8.38
CA ILE B 193 6.88 -20.94 -9.14
C ILE B 193 8.28 -20.34 -9.20
N PRO B 194 8.57 -19.55 -10.24
CA PRO B 194 9.90 -18.92 -10.27
C PRO B 194 10.03 -17.92 -9.13
N LYS B 195 11.23 -17.76 -8.60
CA LYS B 195 11.45 -16.85 -7.47
C LYS B 195 11.04 -15.43 -7.82
N ALA B 196 11.13 -15.07 -9.09
CA ALA B 196 10.74 -13.72 -9.51
C ALA B 196 9.29 -13.38 -9.15
N LEU B 197 8.43 -14.40 -9.15
CA LEU B 197 7.02 -14.19 -8.84
C LEU B 197 6.69 -14.33 -7.35
N GLN B 198 7.72 -14.50 -6.53
CA GLN B 198 7.55 -14.59 -5.08
C GLN B 198 7.68 -13.22 -4.41
N PRO B 199 6.63 -12.79 -3.71
CA PRO B 199 6.72 -11.52 -2.99
C PRO B 199 7.77 -11.60 -1.89
N HIS B 200 8.49 -10.51 -1.63
CA HIS B 200 9.51 -10.50 -0.59
C HIS B 200 10.47 -11.68 -0.72
N ALA B 201 10.77 -12.04 -1.97
CA ALA B 201 11.62 -13.20 -2.23
C ALA B 201 12.96 -13.08 -1.55
N ASP B 202 13.41 -11.85 -1.38
CA ASP B 202 14.68 -11.58 -0.72
C ASP B 202 14.72 -12.02 0.75
N ARG B 203 13.57 -12.25 1.36
CA ARG B 203 13.53 -12.71 2.75
C ARG B 203 13.04 -14.15 2.94
N VAL B 204 12.80 -14.86 1.85
CA VAL B 204 12.42 -16.27 1.99
C VAL B 204 13.64 -17.07 2.44
N ASP B 205 13.47 -17.95 3.42
CA ASP B 205 14.58 -18.71 3.98
C ASP B 205 15.12 -19.81 3.08
N GLU B 206 16.35 -19.64 2.61
CA GLU B 206 16.96 -20.62 1.73
C GLU B 206 17.24 -21.94 2.46
N ASP B 207 17.31 -21.87 3.79
CA ASP B 207 17.51 -23.07 4.60
C ASP B 207 16.39 -24.08 4.41
N VAL B 208 15.23 -23.60 3.97
CA VAL B 208 14.02 -24.43 3.91
C VAL B 208 13.46 -24.56 2.50
N TYR B 209 13.44 -23.44 1.77
CA TYR B 209 12.76 -23.37 0.47
C TYR B 209 13.72 -23.33 -0.69
N THR B 210 13.46 -24.16 -1.70
CA THR B 210 14.16 -24.06 -2.99
C THR B 210 13.15 -23.81 -4.10
N PHE B 211 13.44 -22.81 -4.94
CA PHE B 211 12.55 -22.42 -6.03
C PHE B 211 12.86 -23.14 -7.32
N VAL B 212 12.07 -24.16 -7.66
CA VAL B 212 12.34 -24.93 -8.85
C VAL B 212 11.51 -24.52 -10.06
N GLY B 213 10.48 -23.71 -9.84
CA GLY B 213 9.59 -23.31 -10.92
C GLY B 213 8.61 -24.39 -11.34
N ALA B 214 8.01 -24.22 -12.52
CA ALA B 214 6.96 -25.12 -13.00
C ALA B 214 7.43 -26.55 -13.26
N CYS B 215 6.64 -27.53 -12.83
CA CYS B 215 6.86 -28.93 -13.22
C CYS B 215 6.21 -29.16 -14.58
N GLN B 216 6.80 -28.62 -15.64
CA GLN B 216 6.29 -28.82 -16.99
C GLN B 216 7.01 -30.00 -17.65
N GLY B 217 6.29 -30.79 -18.44
CA GLY B 217 6.90 -31.96 -19.06
C GLY B 217 6.73 -32.23 -20.55
N ASP B 218 7.47 -31.47 -21.36
CA ASP B 218 7.56 -31.68 -22.82
C ASP B 218 6.32 -31.17 -23.57
N ARG B 219 6.57 -30.27 -24.51
CA ARG B 219 5.47 -29.68 -25.27
C ARG B 219 5.78 -29.84 -26.76
N ALA B 220 6.91 -30.49 -27.04
CA ALA B 220 7.37 -30.76 -28.39
C ALA B 220 6.26 -31.32 -29.27
N GLU B 221 5.35 -32.06 -28.64
CA GLU B 221 4.11 -32.48 -29.30
C GLU B 221 3.43 -31.27 -29.97
N GLU B 222 3.26 -30.18 -29.23
CA GLU B 222 2.67 -28.98 -29.79
C GLU B 222 3.51 -28.47 -30.95
N GLY B 223 2.95 -27.58 -31.76
CA GLY B 223 3.59 -27.21 -33.01
C GLY B 223 4.82 -26.32 -32.92
N GLY B 224 5.47 -26.12 -34.07
CA GLY B 224 6.48 -25.09 -34.22
C GLY B 224 5.86 -23.89 -34.90
N TRP B 225 6.57 -22.76 -34.94
CA TRP B 225 5.96 -21.55 -35.48
C TRP B 225 6.90 -20.77 -36.42
N GLN B 226 6.30 -20.13 -37.44
CA GLN B 226 7.03 -19.40 -38.47
C GLN B 226 6.78 -17.88 -38.49
N ARG B 227 7.87 -17.11 -38.38
CA ARG B 227 7.87 -15.65 -38.37
C ARG B 227 7.95 -15.08 -39.78
N PRO B 228 6.94 -14.29 -40.20
CA PRO B 228 7.04 -13.72 -41.55
C PRO B 228 8.30 -12.85 -41.70
N ALA B 229 8.89 -12.88 -42.88
CA ALA B 229 10.28 -12.46 -43.04
C ALA B 229 10.52 -10.99 -42.71
N GLY B 230 9.45 -10.21 -42.72
CA GLY B 230 9.54 -8.80 -42.34
C GLY B 230 8.86 -8.46 -41.02
N ALA B 231 8.49 -9.48 -40.25
CA ALA B 231 7.73 -9.28 -39.02
C ALA B 231 8.56 -8.79 -37.82
N GLU B 232 9.24 -7.64 -37.96
CA GLU B 232 10.28 -7.21 -37.01
C GLU B 232 9.92 -7.39 -35.54
N LYS B 233 8.64 -7.18 -35.23
CA LYS B 233 8.15 -7.26 -33.86
C LYS B 233 6.89 -8.11 -33.83
N VAL B 234 6.99 -9.24 -33.16
CA VAL B 234 5.90 -10.19 -33.06
C VAL B 234 5.20 -10.04 -31.72
N VAL B 235 3.87 -9.89 -31.77
CA VAL B 235 3.07 -9.84 -30.55
C VAL B 235 2.10 -11.01 -30.50
N LEU B 236 2.10 -11.76 -29.39
CA LEU B 236 1.12 -12.80 -29.17
C LEU B 236 0.06 -12.30 -28.19
N VAL B 237 -1.20 -12.57 -28.49
CA VAL B 237 -2.28 -12.34 -27.52
C VAL B 237 -2.90 -13.67 -27.17
N SER B 238 -2.92 -13.99 -25.88
CA SER B 238 -3.49 -15.24 -25.39
C SER B 238 -4.00 -15.02 -23.98
N LEU B 239 -5.29 -15.25 -23.76
CA LEU B 239 -5.82 -15.12 -22.42
C LEU B 239 -5.95 -16.50 -21.76
N GLY B 240 -5.15 -17.46 -22.22
CA GLY B 240 -5.12 -18.76 -21.58
C GLY B 240 -6.16 -19.73 -22.12
N SER B 241 -6.59 -20.68 -21.30
CA SER B 241 -7.52 -21.72 -21.77
C SER B 241 -8.97 -21.54 -21.30
N ALA B 242 -9.27 -20.46 -20.59
CA ALA B 242 -10.61 -20.33 -19.97
C ALA B 242 -11.31 -18.96 -20.04
N PHE B 243 -10.57 -17.87 -19.81
CA PHE B 243 -11.18 -16.56 -19.67
C PHE B 243 -11.03 -15.76 -20.95
N THR B 244 -11.68 -16.25 -22.01
CA THR B 244 -11.29 -15.93 -23.37
C THR B 244 -12.36 -15.27 -24.23
N LYS B 245 -13.52 -15.00 -23.65
CA LYS B 245 -14.63 -14.44 -24.40
C LYS B 245 -14.53 -12.92 -24.43
N GLN B 246 -13.60 -12.42 -25.23
CA GLN B 246 -13.31 -11.00 -25.20
C GLN B 246 -13.23 -10.33 -26.58
N PRO B 247 -14.31 -10.46 -27.39
CA PRO B 247 -14.22 -10.02 -28.79
C PRO B 247 -13.94 -8.53 -28.94
N ALA B 248 -14.63 -7.67 -28.20
CA ALA B 248 -14.36 -6.23 -28.31
C ALA B 248 -12.91 -5.91 -28.01
N PHE B 249 -12.34 -6.59 -27.01
CA PHE B 249 -10.93 -6.41 -26.69
C PHE B 249 -10.02 -6.94 -27.81
N TYR B 250 -10.36 -8.08 -28.39
CA TYR B 250 -9.57 -8.63 -29.49
C TYR B 250 -9.65 -7.66 -30.68
N ARG B 251 -10.83 -7.11 -30.87
CA ARG B 251 -11.03 -6.08 -31.87
C ARG B 251 -10.11 -4.88 -31.59
N GLU B 252 -9.92 -4.53 -30.34
CA GLU B 252 -8.96 -3.48 -30.00
C GLU B 252 -7.52 -3.90 -30.37
N CYS B 253 -7.16 -5.14 -30.03
CA CYS B 253 -5.82 -5.66 -30.36
C CYS B 253 -5.56 -5.57 -31.87
N VAL B 254 -6.49 -6.10 -32.64
CA VAL B 254 -6.40 -6.02 -34.09
C VAL B 254 -6.34 -4.56 -34.56
N ARG B 255 -7.11 -3.71 -33.89
CA ARG B 255 -7.07 -2.28 -34.19
C ARG B 255 -5.69 -1.71 -33.78
N ALA B 256 -5.15 -2.18 -32.67
CA ALA B 256 -3.86 -1.71 -32.18
C ALA B 256 -2.70 -2.11 -33.08
N PHE B 257 -2.80 -3.28 -33.70
CA PHE B 257 -1.68 -3.83 -34.45
C PHE B 257 -1.95 -4.04 -35.94
N GLY B 258 -3.14 -3.67 -36.39
CA GLY B 258 -3.54 -3.83 -37.79
C GLY B 258 -2.74 -2.94 -38.72
N ASN B 259 -2.02 -3.58 -39.63
CA ASN B 259 -1.13 -2.89 -40.58
C ASN B 259 -0.03 -2.10 -39.91
N LEU B 260 0.47 -2.61 -38.79
CA LEU B 260 1.59 -2.00 -38.08
C LEU B 260 2.88 -2.53 -38.68
N PRO B 261 3.79 -1.61 -39.06
CA PRO B 261 4.93 -1.87 -39.95
C PRO B 261 5.73 -3.14 -39.58
N GLY B 262 6.62 -3.08 -38.59
CA GLY B 262 7.44 -4.25 -38.28
C GLY B 262 6.73 -5.31 -37.45
N TRP B 263 5.40 -5.29 -37.48
CA TRP B 263 4.61 -6.06 -36.52
C TRP B 263 3.72 -7.15 -37.12
N HIS B 264 3.66 -8.26 -36.40
CA HIS B 264 2.78 -9.38 -36.75
C HIS B 264 2.02 -9.79 -35.49
N LEU B 265 0.70 -9.79 -35.60
CA LEU B 265 -0.17 -10.09 -34.47
C LEU B 265 -0.72 -11.51 -34.53
N VAL B 266 -0.50 -12.25 -33.46
CA VAL B 266 -0.99 -13.63 -33.35
C VAL B 266 -2.02 -13.67 -32.23
N LEU B 267 -3.28 -13.90 -32.58
CA LEU B 267 -4.38 -13.78 -31.64
C LEU B 267 -5.00 -15.14 -31.32
N GLN B 268 -4.75 -15.63 -30.13
CA GLN B 268 -5.38 -16.84 -29.65
C GLN B 268 -6.74 -16.43 -29.07
N ILE B 269 -7.79 -16.56 -29.88
CA ILE B 269 -9.05 -15.94 -29.50
C ILE B 269 -10.04 -16.92 -28.90
N GLY B 270 -9.56 -18.15 -28.66
CA GLY B 270 -10.34 -19.14 -27.96
C GLY B 270 -11.16 -20.04 -28.85
N ARG B 271 -11.49 -21.21 -28.32
CA ARG B 271 -12.33 -22.19 -29.02
C ARG B 271 -13.81 -21.90 -28.78
N LYS B 272 -14.11 -20.98 -27.85
CA LYS B 272 -15.47 -20.47 -27.72
C LYS B 272 -15.72 -19.37 -28.77
N VAL B 273 -15.03 -18.23 -28.64
CA VAL B 273 -15.20 -17.07 -29.55
C VAL B 273 -14.98 -17.38 -31.05
N THR B 274 -15.69 -16.67 -31.93
CA THR B 274 -15.63 -16.90 -33.37
C THR B 274 -14.89 -15.82 -34.20
N PRO B 275 -14.15 -16.23 -35.25
CA PRO B 275 -13.30 -15.32 -36.03
C PRO B 275 -14.02 -14.14 -36.71
N ALA B 276 -15.24 -14.35 -37.18
CA ALA B 276 -15.95 -13.27 -37.86
C ALA B 276 -16.25 -12.09 -36.94
N GLU B 277 -16.15 -12.30 -35.64
CA GLU B 277 -16.45 -11.25 -34.66
C GLU B 277 -15.32 -10.21 -34.60
N LEU B 278 -14.20 -10.50 -35.24
CA LEU B 278 -13.05 -9.61 -35.20
C LEU B 278 -12.99 -8.80 -36.49
N GLY B 279 -13.92 -9.09 -37.39
CA GLY B 279 -14.06 -8.34 -38.62
C GLY B 279 -13.03 -8.73 -39.66
N GLU B 280 -13.16 -8.15 -40.85
CA GLU B 280 -12.15 -8.33 -41.89
C GLU B 280 -10.78 -8.00 -41.28
N LEU B 281 -9.97 -9.04 -41.14
CA LEU B 281 -8.68 -8.94 -40.46
C LEU B 281 -7.69 -8.21 -41.36
N PRO B 282 -6.57 -7.73 -40.79
CA PRO B 282 -5.44 -7.24 -41.58
C PRO B 282 -4.52 -8.39 -41.96
N ASP B 283 -3.71 -8.20 -42.99
CA ASP B 283 -2.90 -9.29 -43.48
C ASP B 283 -1.67 -9.57 -42.59
N ASN B 284 -1.37 -8.66 -41.67
CA ASN B 284 -0.36 -8.93 -40.64
C ASN B 284 -0.98 -9.52 -39.37
N VAL B 285 -2.11 -10.21 -39.54
CA VAL B 285 -2.83 -10.79 -38.40
C VAL B 285 -3.31 -12.21 -38.67
N GLU B 286 -3.03 -13.10 -37.73
CA GLU B 286 -3.47 -14.48 -37.80
C GLU B 286 -4.23 -14.84 -36.53
N VAL B 287 -5.27 -15.65 -36.66
CA VAL B 287 -6.13 -16.01 -35.53
C VAL B 287 -6.20 -17.54 -35.38
N HIS B 288 -6.21 -18.01 -34.13
CA HIS B 288 -6.39 -19.44 -33.87
C HIS B 288 -7.22 -19.72 -32.61
N ASP B 289 -7.75 -20.93 -32.52
CA ASP B 289 -8.49 -21.37 -31.35
C ASP B 289 -7.57 -21.76 -30.20
N TRP B 290 -6.51 -22.53 -30.52
CA TRP B 290 -5.49 -22.93 -29.58
C TRP B 290 -4.16 -22.75 -30.29
N VAL B 291 -3.09 -22.52 -29.54
CA VAL B 291 -1.77 -22.37 -30.12
C VAL B 291 -0.73 -23.14 -29.29
N PRO B 292 0.38 -23.54 -29.93
CA PRO B 292 1.49 -24.07 -29.13
C PRO B 292 2.12 -22.88 -28.42
N GLN B 293 1.59 -22.56 -27.25
CA GLN B 293 1.91 -21.30 -26.59
C GLN B 293 3.40 -21.15 -26.31
N LEU B 294 4.01 -22.20 -25.78
CA LEU B 294 5.43 -22.12 -25.43
C LEU B 294 6.32 -21.91 -26.65
N ALA B 295 6.02 -22.65 -27.72
CA ALA B 295 6.81 -22.57 -28.94
C ALA B 295 6.70 -21.19 -29.60
N ILE B 296 5.58 -20.51 -29.39
CA ILE B 296 5.37 -19.17 -29.95
C ILE B 296 6.10 -18.08 -29.15
N LEU B 297 6.09 -18.19 -27.82
CA LEU B 297 6.79 -17.22 -26.98
C LEU B 297 8.29 -17.32 -27.14
N ARG B 298 8.76 -18.47 -27.65
CA ARG B 298 10.17 -18.64 -27.96
C ARG B 298 10.58 -17.82 -29.18
N GLN B 299 9.61 -17.14 -29.78
CA GLN B 299 9.86 -16.29 -30.95
C GLN B 299 8.94 -15.08 -30.93
N ALA B 300 8.83 -14.46 -29.76
CA ALA B 300 7.93 -13.32 -29.60
C ALA B 300 8.68 -12.08 -29.13
N ASP B 301 8.13 -10.92 -29.43
CA ASP B 301 8.72 -9.65 -28.99
C ASP B 301 7.85 -9.01 -27.94
N LEU B 302 6.57 -9.36 -27.94
CA LEU B 302 5.63 -8.77 -26.99
C LEU B 302 4.50 -9.75 -26.72
N PHE B 303 4.13 -9.88 -25.45
CA PHE B 303 3.11 -10.83 -25.05
C PHE B 303 2.00 -10.05 -24.35
N VAL B 304 0.84 -9.95 -24.99
CA VAL B 304 -0.35 -9.42 -24.35
C VAL B 304 -1.05 -10.59 -23.66
N THR B 305 -1.03 -10.59 -22.33
CA THR B 305 -1.42 -11.77 -21.57
C THR B 305 -2.49 -11.46 -20.52
N HIS B 306 -3.25 -12.47 -20.12
CA HIS B 306 -4.22 -12.28 -19.04
C HIS B 306 -3.52 -12.50 -17.72
N ALA B 307 -2.25 -12.87 -17.79
CA ALA B 307 -1.41 -13.10 -16.63
C ALA B 307 -1.88 -14.24 -15.73
N GLY B 308 -2.46 -15.28 -16.34
CA GLY B 308 -2.56 -16.55 -15.65
C GLY B 308 -1.17 -16.97 -15.20
N ALA B 309 -1.07 -17.85 -14.20
CA ALA B 309 0.24 -18.22 -13.67
C ALA B 309 1.14 -18.86 -14.73
N GLY B 310 0.51 -19.58 -15.66
CA GLY B 310 1.24 -20.25 -16.72
C GLY B 310 1.85 -19.28 -17.70
N GLY B 311 1.01 -18.40 -18.24
CA GLY B 311 1.46 -17.36 -19.14
C GLY B 311 2.53 -16.48 -18.51
N SER B 312 2.29 -16.04 -17.27
CA SER B 312 3.23 -15.22 -16.53
C SER B 312 4.62 -15.86 -16.48
N GLN B 313 4.64 -17.12 -16.08
CA GLN B 313 5.90 -17.83 -15.92
C GLN B 313 6.55 -18.15 -17.28
N GLU B 314 5.72 -18.47 -18.28
CA GLU B 314 6.24 -18.71 -19.62
C GLU B 314 6.76 -17.43 -20.27
N GLY B 315 6.11 -16.31 -19.98
CA GLY B 315 6.55 -15.03 -20.50
C GLY B 315 7.90 -14.65 -19.91
N LEU B 316 8.06 -14.90 -18.61
CA LEU B 316 9.35 -14.68 -17.95
C LEU B 316 10.43 -15.57 -18.53
N ALA B 317 10.11 -16.84 -18.76
CA ALA B 317 11.09 -17.83 -19.17
C ALA B 317 11.70 -17.49 -20.51
N THR B 318 10.88 -16.85 -21.35
CA THR B 318 11.28 -16.50 -22.71
C THR B 318 11.72 -15.05 -22.84
N ALA B 319 11.90 -14.37 -21.70
CA ALA B 319 12.31 -12.96 -21.68
C ALA B 319 11.45 -12.07 -22.58
N THR B 320 10.14 -12.29 -22.49
CA THR B 320 9.20 -11.56 -23.34
C THR B 320 8.47 -10.49 -22.53
N PRO B 321 8.56 -9.23 -22.96
CA PRO B 321 7.83 -8.17 -22.26
C PRO B 321 6.33 -8.45 -22.32
N MET B 322 5.60 -8.08 -21.28
CA MET B 322 4.19 -8.46 -21.20
C MET B 322 3.24 -7.30 -20.98
N ILE B 323 2.06 -7.41 -21.59
CA ILE B 323 0.92 -6.62 -21.17
C ILE B 323 0.01 -7.58 -20.44
N ALA B 324 -0.15 -7.37 -19.14
CA ALA B 324 -0.98 -8.25 -18.33
C ALA B 324 -2.39 -7.69 -18.22
N VAL B 325 -3.35 -8.46 -18.69
CA VAL B 325 -4.73 -8.01 -18.82
C VAL B 325 -5.60 -8.97 -18.03
N PRO B 326 -5.56 -8.84 -16.69
CA PRO B 326 -6.24 -9.75 -15.78
C PRO B 326 -7.74 -9.81 -16.05
N GLN B 327 -8.30 -11.02 -16.07
CA GLN B 327 -9.72 -11.22 -16.28
C GLN B 327 -10.42 -11.52 -14.97
N ALA B 328 -9.76 -12.32 -14.13
CA ALA B 328 -10.36 -12.77 -12.87
C ALA B 328 -9.41 -13.61 -12.02
N VAL B 329 -9.97 -14.23 -10.99
CA VAL B 329 -9.39 -15.36 -10.21
C VAL B 329 -7.87 -15.44 -10.00
N ASP B 330 -7.29 -16.64 -10.22
CA ASP B 330 -5.93 -17.01 -9.80
C ASP B 330 -4.92 -15.90 -9.83
N GLN B 331 -4.76 -15.34 -11.02
CA GLN B 331 -3.80 -14.28 -11.28
C GLN B 331 -3.99 -13.13 -10.32
N PHE B 332 -4.92 -12.25 -10.70
CA PHE B 332 -4.98 -10.82 -10.28
C PHE B 332 -3.70 -10.17 -9.73
N GLY B 333 -3.16 -10.70 -8.64
CA GLY B 333 -1.93 -10.16 -8.10
C GLY B 333 -0.76 -10.62 -8.93
N ASN B 334 -1.04 -11.48 -9.91
CA ASN B 334 0.03 -11.93 -10.77
C ASN B 334 0.40 -10.89 -11.79
N ALA B 335 -0.57 -10.14 -12.30
CA ALA B 335 -0.25 -8.96 -13.10
C ALA B 335 0.55 -7.96 -12.26
N ASP B 336 0.15 -7.75 -11.01
CA ASP B 336 0.88 -6.83 -10.13
C ASP B 336 2.36 -7.24 -9.97
N MET B 337 2.60 -8.53 -9.77
CA MET B 337 4.00 -8.99 -9.62
C MET B 337 4.80 -8.70 -10.90
N LEU B 338 4.19 -8.97 -12.06
CA LEU B 338 4.88 -8.72 -13.32
C LEU B 338 5.19 -7.24 -13.51
N GLN B 339 4.22 -6.39 -13.22
CA GLN B 339 4.43 -4.95 -13.37
C GLN B 339 5.44 -4.47 -12.34
N GLY B 340 5.40 -5.05 -11.13
CA GLY B 340 6.34 -4.70 -10.07
C GLY B 340 7.77 -5.06 -10.38
N LEU B 341 7.96 -6.09 -11.20
CA LEU B 341 9.29 -6.50 -11.61
C LEU B 341 9.87 -5.56 -12.66
N GLY B 342 9.03 -4.69 -13.21
CA GLY B 342 9.46 -3.73 -14.22
C GLY B 342 9.57 -4.33 -15.61
N VAL B 343 8.83 -5.40 -15.86
CA VAL B 343 8.91 -6.10 -17.15
C VAL B 343 7.56 -6.18 -17.86
N ALA B 344 6.57 -5.48 -17.31
CA ALA B 344 5.21 -5.54 -17.85
C ALA B 344 4.44 -4.27 -17.52
N ARG B 345 3.40 -4.00 -18.32
CA ARG B 345 2.46 -2.94 -17.99
C ARG B 345 1.12 -3.62 -17.82
N LYS B 346 0.43 -3.31 -16.72
CA LYS B 346 -0.91 -3.84 -16.55
C LYS B 346 -1.96 -2.88 -17.11
N LEU B 347 -2.93 -3.44 -17.83
CA LEU B 347 -4.13 -2.75 -18.27
C LEU B 347 -5.36 -3.61 -17.94
N ALA B 348 -6.34 -3.02 -17.27
CA ALA B 348 -7.61 -3.69 -16.99
C ALA B 348 -8.24 -4.16 -18.31
N THR B 349 -8.77 -5.38 -18.32
CA THR B 349 -9.55 -5.94 -19.44
C THR B 349 -10.15 -4.87 -20.33
N GLU B 350 -10.85 -3.93 -19.70
CA GLU B 350 -11.58 -2.88 -20.40
C GLU B 350 -10.71 -1.63 -20.57
N GLU B 351 -9.50 -1.67 -20.02
CA GLU B 351 -8.53 -0.58 -20.16
C GLU B 351 -7.51 -0.98 -21.22
N ALA B 352 -7.97 -1.70 -22.22
CA ALA B 352 -7.07 -2.10 -23.29
C ALA B 352 -7.65 -1.78 -24.65
N THR B 353 -7.60 -0.49 -25.02
CA THR B 353 -8.07 -0.03 -26.32
C THR B 353 -6.92 0.14 -27.29
N ALA B 354 -7.23 0.15 -28.59
CA ALA B 354 -6.19 0.14 -29.63
C ALA B 354 -5.14 1.21 -29.41
N ASP B 355 -5.56 2.34 -28.87
CA ASP B 355 -4.64 3.42 -28.57
C ASP B 355 -3.82 3.05 -27.35
N LEU B 356 -4.54 2.68 -26.28
CA LEU B 356 -3.96 2.26 -25.00
C LEU B 356 -3.52 0.80 -25.08
N LEU B 357 -3.03 0.38 -26.24
CA LEU B 357 -2.33 -0.89 -26.40
C LEU B 357 -1.11 -0.66 -27.27
N ARG B 358 -1.32 -0.03 -28.42
CA ARG B 358 -0.27 0.22 -29.39
C ARG B 358 0.92 1.00 -28.83
N GLU B 359 0.65 2.11 -28.14
CA GLU B 359 1.74 2.93 -27.63
C GLU B 359 2.43 2.25 -26.44
N THR B 360 1.67 1.49 -25.68
CA THR B 360 2.26 0.68 -24.61
C THR B 360 3.23 -0.28 -25.26
N ALA B 361 2.78 -0.96 -26.31
CA ALA B 361 3.64 -1.86 -27.10
C ALA B 361 4.93 -1.16 -27.51
N LEU B 362 4.83 0.15 -27.76
CA LEU B 362 6.00 0.94 -28.09
C LEU B 362 6.78 1.33 -26.82
N ALA B 363 6.06 1.53 -25.71
CA ALA B 363 6.71 1.71 -24.41
C ALA B 363 6.91 0.38 -23.67
N LEU B 364 7.36 -0.63 -24.41
CA LEU B 364 7.82 -1.89 -23.82
C LEU B 364 8.88 -2.54 -24.68
N VAL B 365 8.57 -2.80 -25.96
CA VAL B 365 9.41 -3.67 -26.77
C VAL B 365 10.80 -3.13 -27.11
N ASP B 366 11.02 -1.83 -26.90
CA ASP B 366 12.32 -1.23 -27.23
C ASP B 366 13.14 -0.88 -25.98
N ASP B 367 12.50 -0.84 -24.82
CA ASP B 367 13.16 -0.27 -23.64
C ASP B 367 14.17 -1.19 -22.96
N PRO B 368 15.46 -0.86 -23.06
CA PRO B 368 16.58 -1.71 -22.64
C PRO B 368 16.52 -2.14 -21.19
N GLU B 369 15.91 -1.36 -20.32
CA GLU B 369 15.81 -1.75 -18.91
C GLU B 369 14.90 -2.96 -18.74
N VAL B 370 13.76 -2.93 -19.42
CA VAL B 370 12.87 -4.08 -19.46
C VAL B 370 13.62 -5.30 -19.98
N ALA B 371 14.36 -5.11 -21.07
CA ALA B 371 15.11 -6.21 -21.68
C ALA B 371 16.15 -6.80 -20.73
N ARG B 372 16.94 -5.93 -20.10
CA ARG B 372 17.96 -6.38 -19.18
C ARG B 372 17.35 -7.21 -18.05
N ARG B 373 16.25 -6.72 -17.47
CA ARG B 373 15.59 -7.43 -16.38
C ARG B 373 15.04 -8.79 -16.80
N LEU B 374 14.44 -8.85 -17.98
CA LEU B 374 13.86 -10.10 -18.47
C LEU B 374 14.92 -11.18 -18.74
N ARG B 375 16.04 -10.80 -19.34
CA ARG B 375 17.04 -11.82 -19.65
C ARG B 375 17.68 -12.36 -18.38
N ARG B 376 17.85 -11.50 -17.37
CA ARG B 376 18.35 -12.02 -16.10
C ARG B 376 17.37 -13.00 -15.47
N ILE B 377 16.09 -12.61 -15.40
CA ILE B 377 15.07 -13.50 -14.87
C ILE B 377 15.05 -14.81 -15.67
N GLN B 378 15.16 -14.69 -16.99
CA GLN B 378 15.20 -15.86 -17.85
C GLN B 378 16.42 -16.72 -17.50
N ALA B 379 17.52 -16.05 -17.17
CA ALA B 379 18.73 -16.76 -16.76
C ALA B 379 18.55 -17.44 -15.39
N GLU B 380 17.90 -16.76 -14.46
CA GLU B 380 17.62 -17.36 -13.15
C GLU B 380 16.70 -18.57 -13.32
N MET B 381 15.64 -18.39 -14.10
CA MET B 381 14.71 -19.47 -14.36
C MET B 381 15.36 -20.69 -14.99
N ALA B 382 16.37 -20.45 -15.83
CA ALA B 382 17.11 -21.55 -16.44
C ALA B 382 17.90 -22.33 -15.39
N GLN B 383 18.12 -21.72 -14.22
CA GLN B 383 18.87 -22.40 -13.18
C GLN B 383 18.01 -22.91 -12.03
N GLU B 384 16.71 -22.61 -12.05
CA GLU B 384 15.79 -23.20 -11.07
C GLU B 384 15.77 -24.71 -11.22
N GLY B 385 15.50 -25.14 -12.44
CA GLY B 385 15.60 -26.54 -12.80
C GLY B 385 14.33 -27.22 -13.29
N GLY B 386 13.19 -26.81 -12.77
CA GLY B 386 11.94 -27.47 -13.13
C GLY B 386 11.94 -28.91 -12.66
N THR B 387 11.27 -29.77 -13.42
CA THR B 387 11.05 -31.17 -13.02
C THR B 387 12.32 -31.96 -12.67
N ARG B 388 13.33 -31.89 -13.53
CA ARG B 388 14.58 -32.62 -13.31
C ARG B 388 15.21 -32.28 -11.94
N ARG B 389 15.31 -30.99 -11.65
CA ARG B 389 15.93 -30.58 -10.41
C ARG B 389 15.04 -30.90 -9.20
N ALA B 390 13.73 -30.69 -9.36
CA ALA B 390 12.81 -31.00 -8.27
C ALA B 390 12.94 -32.47 -7.89
N ALA B 391 12.96 -33.33 -8.89
CA ALA B 391 13.16 -34.76 -8.64
C ALA B 391 14.51 -35.04 -7.99
N ASP B 392 15.57 -34.41 -8.48
CA ASP B 392 16.90 -34.54 -7.88
C ASP B 392 16.90 -34.14 -6.39
N LEU B 393 16.19 -33.05 -6.07
CA LEU B 393 16.22 -32.50 -4.72
C LEU B 393 15.42 -33.37 -3.76
N ILE B 394 14.37 -33.99 -4.28
CA ILE B 394 13.61 -34.95 -3.50
C ILE B 394 14.49 -36.16 -3.19
N GLU B 395 15.28 -36.58 -4.17
CA GLU B 395 16.18 -37.71 -3.93
C GLU B 395 17.25 -37.37 -2.89
N ALA B 396 17.66 -36.11 -2.85
CA ALA B 396 18.71 -35.67 -1.94
C ALA B 396 18.29 -35.74 -0.48
N GLU B 397 16.99 -35.63 -0.21
CA GLU B 397 16.51 -35.64 1.17
C GLU B 397 16.24 -37.05 1.67
N LEU B 398 16.55 -38.04 0.84
CA LEU B 398 16.30 -39.42 1.24
C LEU B 398 17.28 -39.88 2.29
N PRO B 399 16.86 -40.85 3.11
CA PRO B 399 17.77 -41.74 3.84
C PRO B 399 18.27 -42.78 2.87
C10 ERY C . 5.86 11.49 4.84
C11 ERY C . 6.93 12.51 4.51
C12 ERY C . 6.54 13.61 3.52
C13 ERY C . 7.38 14.86 3.76
O2 ERY C . 6.75 15.58 4.80
C2 ERY C . 6.67 16.55 7.04
C3 ERY C . 6.85 15.63 8.25
C4 ERY C . 5.67 14.72 8.32
C5 ERY C . 5.85 13.55 9.33
C6 ERY C . 6.26 12.25 8.61
C7 ERY C . 5.05 11.62 7.89
C8 ERY C . 5.43 10.31 7.17
C9 ERY C . 6.31 10.56 5.96
O11 ERY C . 7.40 9.99 5.87
C1 ERY C . 7.53 15.99 5.93
O1 ERY C . 8.61 15.47 6.18
O3 ERY C . 7.09 16.37 9.45
O7 ERY C . 4.62 13.32 10.03
C34 ERY C . 5.57 10.58 3.64
C33 ERY C . 4.20 9.55 6.74
C35 ERY C . 5.09 13.99 3.67
O12 ERY C . 8.07 11.80 4.02
O13 ERY C . 6.75 13.14 2.23
C36 ERY C . 7.37 15.78 2.55
C30 ERY C . 7.07 17.99 7.24
C32 ERY C . 6.83 11.26 9.59
O10 ERY C . 7.24 12.58 7.67
C22 ERY C . 4.66 13.62 11.42
C23 ERY C . 3.23 13.57 12.02
C24 ERY C . 3.33 13.80 13.50
C25 ERY C . 4.26 12.76 14.09
C26 ERY C . 5.64 12.93 13.43
O9 ERY C . 5.49 12.74 12.07
N1 ERY C . 1.98 13.82 14.07
C27 ERY C . 6.63 11.94 14.00
O8 ERY C . 2.45 14.58 11.49
C28 ERY C . 2.05 14.14 15.51
C14 ERY C . 8.50 16.41 9.79
C15 ERY C . 8.88 17.71 10.52
C16 ERY C . 8.49 17.74 12.01
C17 ERY C . 8.88 16.47 12.70
C18 ERY C . 8.48 15.25 11.92
O4 ERY C . 8.86 15.31 10.53
O5 ERY C . 7.08 17.90 12.14
O6 ERY C . 8.18 16.44 13.93
C20 ERY C . 6.52 18.95 11.36
C29 ERY C . 1.27 12.59 13.87
C21 ERY C . 9.20 14.07 12.51
C37 ERY C . 8.24 17.03 2.82
C31 ERY C . 4.42 15.57 8.65
C19 ERY C . 9.20 18.88 12.68
N1 UDP D . -6.55 28.39 19.95
C2 UDP D . -7.65 29.14 20.35
N3 UDP D . -7.70 29.63 21.62
C4 UDP D . -6.68 29.37 22.52
C5 UDP D . -5.60 28.62 22.11
C6 UDP D . -5.46 28.31 20.76
O2 UDP D . -8.57 29.38 19.56
O4 UDP D . -6.74 29.81 23.66
C1' UDP D . -6.49 27.85 18.58
C2' UDP D . -5.62 28.68 17.68
O2' UDP D . -6.37 29.66 17.00
C3' UDP D . -5.04 27.66 16.71
C4' UDP D . -5.06 26.36 17.51
O4' UDP D . -5.92 26.56 18.62
O3' UDP D . -5.86 27.53 15.58
C5' UDP D . -3.67 26.01 17.98
O5' UDP D . -2.92 25.71 16.83
PA UDP D . -1.35 26.02 16.76
O1A UDP D . -0.78 25.29 15.60
O2A UDP D . -1.13 27.48 16.67
O3A UDP D . -0.80 25.53 18.19
PB UDP D . -0.48 24.04 18.71
O1B UDP D . -0.99 23.04 17.75
O2B UDP D . -1.19 23.87 20.00
O3B UDP D . 0.97 23.92 18.94
C10 ERY E . -2.17 -22.71 4.21
C11 ERY E . -1.66 -21.38 3.71
C12 ERY E . -0.16 -21.34 3.37
C13 ERY E . 0.15 -19.99 2.72
O2 ERY E . -0.22 -20.04 1.35
C2 ERY E . -1.89 -19.82 -0.49
C3 ERY E . -3.41 -19.94 -0.53
C4 ERY E . -3.68 -21.40 -0.27
C5 ERY E . -5.13 -21.63 0.19
C6 ERY E . -5.16 -21.83 1.70
C7 ERY E . -4.60 -23.25 1.98
C8 ERY E . -4.55 -23.65 3.48
C9 ERY E . -3.68 -22.70 4.29
O11 ERY E . -4.22 -21.90 5.07
C1 ERY E . -1.42 -19.39 0.90
O1 ERY E . -1.78 -18.32 1.38
O3 ERY E . -4.01 -19.58 -1.78
O7 ERY E . -5.68 -22.78 -0.47
C34 ERY E . -1.70 -23.02 5.64
C33 ERY E . -3.99 -25.05 3.58
C35 ERY E . 0.19 -22.44 2.40
O12 ERY E . -1.98 -20.34 4.63
O13 ERY E . 0.63 -21.48 4.50
C36 ERY E . 1.64 -19.68 2.77
C30 ERY E . -1.27 -18.91 -1.51
C32 ERY E . -6.56 -21.71 2.20
O10 ERY E . -4.39 -20.83 2.31
C22 ERY E . -6.76 -22.44 -1.35
C23 ERY E . -7.00 -23.55 -2.40
C24 ERY E . -8.19 -23.14 -3.25
C25 ERY E . -9.38 -22.82 -2.35
C26 ERY E . -8.92 -21.71 -1.39
O9 ERY E . -7.89 -22.22 -0.61
N1 ERY E . -8.51 -24.14 -4.27
C27 ERY E . -10.04 -21.23 -0.48
O8 ERY E . -5.86 -23.65 -3.21
C28 ERY E . -8.80 -25.45 -3.68
C14 ERY E . -4.51 -18.24 -1.89
C15 ERY E . -4.82 -17.91 -3.36
C16 ERY E . -6.23 -18.30 -3.82
C17 ERY E . -7.22 -17.81 -2.82
C18 ERY E . -6.91 -18.45 -1.51
O4 ERY E . -5.60 -18.03 -1.06
O5 ERY E . -6.37 -19.74 -3.84
O6 ERY E . -8.50 -18.24 -3.22
C20 ERY E . -5.70 -20.42 -4.90
C29 ERY E . -9.62 -23.69 -5.06
C21 ERY E . -7.93 -18.03 -0.50
C37 ERY E . 1.89 -18.46 1.85
C31 ERY E . -3.35 -22.21 -1.55
C19 ERY E . -6.53 -17.68 -5.14
N1 UDP F . -2.10 -23.04 -23.46
C2 UDP F . -1.59 -23.28 -24.72
N3 UDP F . -2.32 -22.86 -25.83
C4 UDP F . -3.53 -22.23 -25.68
C5 UDP F . -4.02 -22.00 -24.40
C6 UDP F . -3.22 -22.27 -23.31
O2 UDP F . -0.50 -23.85 -24.88
O4 UDP F . -4.17 -21.86 -26.67
C1' UDP F . -1.34 -23.48 -22.28
C2' UDP F . -0.40 -22.39 -21.78
O2' UDP F . 0.90 -22.49 -22.32
C3' UDP F . -0.37 -22.66 -20.29
C4' UDP F . -1.75 -23.22 -20.00
O4' UDP F . -2.25 -23.72 -21.22
O3' UDP F . 0.61 -23.63 -20.00
C5' UDP F . -2.65 -22.11 -19.46
O5' UDP F . -2.35 -21.91 -18.09
PA UDP F . -2.54 -20.48 -17.36
O1A UDP F . -2.26 -20.70 -15.93
O2A UDP F . -1.60 -19.48 -17.91
O3A UDP F . -4.02 -19.88 -17.66
PB UDP F . -5.52 -20.55 -17.54
O1B UDP F . -5.85 -21.17 -18.86
O2B UDP F . -6.44 -19.42 -17.28
O3B UDP F . -5.57 -21.58 -16.47
MG MG G . 14.60 -14.48 -25.39
N ALA A 8 -17.76 12.52 -8.70
CA ALA A 8 -18.91 11.67 -8.43
C ALA A 8 -18.77 10.96 -7.10
N HIS A 9 -18.14 9.79 -7.14
CA HIS A 9 -17.76 9.10 -5.92
C HIS A 9 -16.34 9.50 -5.55
N ILE A 10 -16.22 10.35 -4.54
CA ILE A 10 -14.91 10.79 -4.03
C ILE A 10 -14.64 10.07 -2.72
N ALA A 11 -13.50 9.37 -2.63
CA ALA A 11 -13.16 8.67 -1.39
C ALA A 11 -11.99 9.34 -0.69
N MET A 12 -12.18 9.77 0.55
CA MET A 12 -11.12 10.40 1.34
C MET A 12 -10.46 9.36 2.24
N PHE A 13 -9.18 9.55 2.55
CA PHE A 13 -8.42 8.60 3.36
C PHE A 13 -7.56 9.36 4.35
N SER A 14 -7.65 9.02 5.63
CA SER A 14 -6.67 9.51 6.59
C SER A 14 -6.48 8.59 7.79
N ILE A 15 -5.73 9.07 8.77
CA ILE A 15 -5.45 8.34 10.00
C ILE A 15 -6.09 9.10 11.16
N ALA A 16 -6.12 8.48 12.34
CA ALA A 16 -6.79 9.09 13.49
C ALA A 16 -5.90 10.09 14.22
N ALA A 17 -5.44 11.11 13.52
CA ALA A 17 -4.65 12.15 14.16
C ALA A 17 -5.28 13.48 13.85
N HIS A 18 -5.43 14.32 14.87
CA HIS A 18 -6.06 15.62 14.69
C HIS A 18 -5.41 16.42 13.58
N GLY A 19 -4.08 16.45 13.57
CA GLY A 19 -3.34 17.22 12.60
C GLY A 19 -3.44 16.71 11.17
N HIS A 20 -3.99 15.51 11.01
CA HIS A 20 -4.17 14.94 9.68
C HIS A 20 -5.63 14.78 9.27
N VAL A 21 -6.55 15.23 10.12
CA VAL A 21 -7.97 15.18 9.79
C VAL A 21 -8.61 16.55 9.92
N ASN A 22 -8.39 17.19 11.06
CA ASN A 22 -8.92 18.52 11.29
C ASN A 22 -8.60 19.56 10.19
N PRO A 23 -7.37 19.52 9.61
CA PRO A 23 -7.13 20.50 8.54
C PRO A 23 -8.06 20.37 7.35
N SER A 24 -8.56 19.18 7.05
CA SER A 24 -9.42 19.03 5.87
C SER A 24 -10.90 18.83 6.15
N LEU A 25 -11.31 18.84 7.42
CA LEU A 25 -12.71 18.57 7.78
C LEU A 25 -13.70 19.43 7.02
N GLU A 26 -13.43 20.72 6.95
CA GLU A 26 -14.35 21.64 6.30
C GLU A 26 -14.44 21.41 4.79
N VAL A 27 -13.31 21.04 4.18
CA VAL A 27 -13.27 20.75 2.75
C VAL A 27 -14.14 19.53 2.45
N ILE A 28 -14.10 18.56 3.36
CA ILE A 28 -14.98 17.40 3.25
C ILE A 28 -16.42 17.90 3.39
N ARG A 29 -16.63 18.83 4.31
CA ARG A 29 -17.97 19.39 4.53
C ARG A 29 -18.56 20.07 3.30
N GLU A 30 -17.70 20.75 2.53
CA GLU A 30 -18.16 21.53 1.37
C GLU A 30 -18.35 20.70 0.09
N LEU A 31 -17.45 19.75 -0.18
CA LEU A 31 -17.54 18.92 -1.39
C LEU A 31 -18.84 18.11 -1.46
N VAL A 32 -19.35 17.68 -0.30
CA VAL A 32 -20.65 17.04 -0.22
C VAL A 32 -21.75 18.04 -0.56
N ALA A 33 -21.62 19.25 -0.01
CA ALA A 33 -22.61 20.31 -0.18
C ALA A 33 -22.73 20.64 -1.66
N ARG A 34 -21.65 20.35 -2.38
CA ARG A 34 -21.64 20.43 -3.82
C ARG A 34 -22.07 19.08 -4.36
N GLY A 35 -23.17 18.56 -3.81
CA GLY A 35 -23.82 17.39 -4.37
C GLY A 35 -23.10 16.07 -4.20
N HIS A 36 -21.77 16.09 -4.35
CA HIS A 36 -20.96 14.87 -4.48
C HIS A 36 -21.25 13.83 -3.40
N ARG A 37 -21.08 12.55 -3.75
CA ARG A 37 -21.11 11.48 -2.75
C ARG A 37 -19.69 11.20 -2.31
N VAL A 38 -19.38 11.59 -1.09
CA VAL A 38 -18.00 11.62 -0.63
C VAL A 38 -17.79 10.60 0.47
N THR A 39 -16.95 9.61 0.22
CA THR A 39 -16.67 8.64 1.28
C THR A 39 -15.31 8.93 1.89
N TYR A 40 -15.13 8.52 3.14
CA TYR A 40 -13.95 8.94 3.88
C TYR A 40 -13.43 7.76 4.69
N ALA A 41 -12.40 7.08 4.18
CA ALA A 41 -11.78 6.01 4.92
C ALA A 41 -11.07 6.58 6.14
N ILE A 42 -11.55 6.20 7.32
CA ILE A 42 -11.05 6.75 8.56
C ILE A 42 -11.16 5.66 9.62
N PRO A 43 -10.26 5.66 10.61
CA PRO A 43 -10.38 4.70 11.70
C PRO A 43 -11.58 4.96 12.64
N PRO A 44 -12.02 3.93 13.38
CA PRO A 44 -13.20 3.99 14.26
C PRO A 44 -13.29 5.22 15.14
N VAL A 45 -12.21 5.63 15.81
CA VAL A 45 -12.33 6.71 16.79
C VAL A 45 -12.78 8.04 16.17
N PHE A 46 -12.45 8.24 14.90
CA PHE A 46 -12.85 9.46 14.22
C PHE A 46 -14.17 9.22 13.47
N ALA A 47 -14.79 8.10 13.82
CA ALA A 47 -16.23 7.87 13.79
C ALA A 47 -17.09 8.94 13.14
N ASP A 48 -17.41 9.96 13.93
CA ASP A 48 -18.40 10.96 13.57
C ASP A 48 -17.77 12.23 13.08
N LYS A 49 -16.50 12.39 13.42
CA LYS A 49 -15.73 13.56 13.02
C LYS A 49 -15.85 13.76 11.52
N VAL A 50 -15.54 12.70 10.77
CA VAL A 50 -15.63 12.78 9.34
C VAL A 50 -17.09 12.73 8.90
N ALA A 51 -17.95 12.15 9.73
CA ALA A 51 -19.35 11.99 9.39
C ALA A 51 -20.09 13.30 9.57
N ALA A 52 -19.63 14.12 10.52
CA ALA A 52 -20.24 15.41 10.82
C ALA A 52 -20.34 16.29 9.58
N THR A 53 -19.61 15.87 8.54
CA THR A 53 -19.48 16.62 7.31
C THR A 53 -20.42 16.13 6.21
N GLY A 54 -21.08 15.00 6.45
CA GLY A 54 -21.93 14.42 5.44
C GLY A 54 -21.25 13.34 4.61
N ALA A 55 -19.93 13.24 4.73
CA ALA A 55 -19.21 12.15 4.08
C ALA A 55 -19.50 10.86 4.83
N ARG A 56 -19.69 9.74 4.14
CA ARG A 56 -19.93 8.52 4.90
C ARG A 56 -18.64 7.80 5.25
N PRO A 57 -18.43 7.57 6.55
CA PRO A 57 -17.21 6.87 6.96
C PRO A 57 -17.11 5.47 6.38
N VAL A 58 -15.88 5.03 6.18
CA VAL A 58 -15.59 3.67 5.76
C VAL A 58 -14.48 3.19 6.69
N LEU A 59 -14.83 2.29 7.60
CA LEU A 59 -13.96 1.97 8.73
C LEU A 59 -12.84 0.98 8.43
N TYR A 60 -11.63 1.35 8.84
CA TYR A 60 -10.52 0.39 8.85
C TYR A 60 -9.75 0.46 10.17
N HIS A 61 -9.13 -0.66 10.52
CA HIS A 61 -8.32 -0.72 11.73
C HIS A 61 -6.94 -0.13 11.46
N SER A 62 -6.54 0.86 12.24
CA SER A 62 -5.19 1.43 12.14
C SER A 62 -4.37 0.99 13.34
N THR A 63 -3.05 0.93 13.17
CA THR A 63 -2.16 0.50 14.25
C THR A 63 -1.33 1.67 14.80
N LEU A 64 -1.52 2.84 14.19
CA LEU A 64 -0.86 4.06 14.66
C LEU A 64 -1.43 4.46 16.02
N PRO A 65 -0.68 5.27 16.81
CA PRO A 65 -1.12 5.61 18.17
C PRO A 65 -2.48 6.30 18.22
N GLY A 66 -3.18 6.14 19.35
CA GLY A 66 -4.41 6.87 19.57
C GLY A 66 -4.16 8.36 19.51
N PRO A 67 -5.19 9.14 19.17
CA PRO A 67 -5.10 10.61 19.07
C PRO A 67 -4.50 11.29 20.32
N ASP A 68 -4.93 10.88 21.50
CA ASP A 68 -4.43 11.55 22.71
C ASP A 68 -3.13 10.98 23.26
N ALA A 69 -2.54 10.03 22.55
CA ALA A 69 -1.25 9.50 22.96
C ALA A 69 -0.22 10.62 23.01
N ASP A 70 0.80 10.46 23.85
CA ASP A 70 1.88 11.43 23.98
C ASP A 70 2.47 11.80 22.62
N PRO A 71 3.04 13.01 22.52
CA PRO A 71 3.76 13.40 21.30
C PRO A 71 4.88 12.41 20.95
N GLU A 72 5.51 11.82 21.96
CA GLU A 72 6.61 10.88 21.75
C GLU A 72 6.16 9.47 21.37
N ALA A 73 4.86 9.20 21.42
CA ALA A 73 4.35 7.90 21.03
C ALA A 73 4.69 7.66 19.57
N TRP A 74 4.94 8.76 18.85
CA TRP A 74 5.24 8.73 17.42
C TRP A 74 6.73 8.59 17.10
N GLY A 75 7.58 8.45 18.11
CA GLY A 75 9.00 8.22 17.88
C GLY A 75 9.89 9.44 17.94
N SER A 76 11.18 9.22 18.19
CA SER A 76 12.14 10.29 18.40
C SER A 76 13.35 10.17 17.47
N THR A 77 13.33 9.20 16.56
CA THR A 77 14.38 9.10 15.56
C THR A 77 13.73 9.00 14.18
N LEU A 78 14.52 9.20 13.13
CA LEU A 78 13.99 9.14 11.77
C LEU A 78 13.29 7.81 11.49
N LEU A 79 13.97 6.70 11.74
CA LEU A 79 13.36 5.40 11.47
C LEU A 79 12.16 5.13 12.38
N ASP A 80 12.23 5.56 13.63
CA ASP A 80 11.08 5.38 14.51
C ASP A 80 9.89 6.24 14.09
N ASN A 81 10.18 7.34 13.38
CA ASN A 81 9.11 8.18 12.85
C ASN A 81 8.44 7.60 11.61
N VAL A 82 9.26 7.16 10.64
CA VAL A 82 8.70 6.75 9.36
C VAL A 82 8.23 5.30 9.33
N GLU A 83 8.95 4.42 10.03
CA GLU A 83 8.62 3.01 9.97
C GLU A 83 7.18 2.65 10.33
N PRO A 84 6.58 3.32 11.34
CA PRO A 84 5.20 2.99 11.65
C PRO A 84 4.19 3.24 10.53
N PHE A 85 4.47 4.18 9.65
CA PHE A 85 3.52 4.47 8.57
C PHE A 85 3.49 3.36 7.54
N LEU A 86 4.63 2.71 7.34
CA LEU A 86 4.68 1.55 6.47
C LEU A 86 4.03 0.37 7.15
N ASN A 87 4.29 0.23 8.46
CA ASN A 87 3.65 -0.79 9.27
C ASN A 87 2.14 -0.75 9.17
N ASP A 88 1.57 0.40 9.51
CA ASP A 88 0.13 0.64 9.40
C ASP A 88 -0.37 0.28 8.01
N ALA A 89 0.32 0.77 6.99
CA ALA A 89 -0.09 0.60 5.60
C ALA A 89 -0.18 -0.86 5.18
N ILE A 90 0.79 -1.64 5.62
CA ILE A 90 0.82 -3.06 5.28
C ILE A 90 -0.48 -3.75 5.70
N GLN A 91 -0.89 -3.52 6.93
CA GLN A 91 -2.05 -4.23 7.47
C GLN A 91 -3.36 -3.51 7.17
N ALA A 92 -3.27 -2.21 6.84
CA ALA A 92 -4.47 -1.45 6.53
C ALA A 92 -4.96 -1.68 5.12
N LEU A 93 -4.03 -1.76 4.18
CA LEU A 93 -4.35 -1.84 2.75
C LEU A 93 -5.39 -2.93 2.38
N PRO A 94 -5.19 -4.17 2.86
CA PRO A 94 -6.20 -5.19 2.57
C PRO A 94 -7.59 -4.81 3.07
N GLN A 95 -7.68 -4.31 4.31
CA GLN A 95 -8.99 -3.95 4.87
C GLN A 95 -9.71 -2.97 3.96
N LEU A 96 -8.96 -2.02 3.41
CA LEU A 96 -9.57 -0.99 2.57
C LEU A 96 -9.85 -1.48 1.15
N ALA A 97 -8.97 -2.34 0.63
CA ALA A 97 -9.17 -2.91 -0.70
C ALA A 97 -10.51 -3.65 -0.76
N ASP A 98 -10.77 -4.45 0.27
CA ASP A 98 -12.05 -5.16 0.40
C ASP A 98 -13.19 -4.16 0.36
N ALA A 99 -12.98 -3.00 0.98
CA ALA A 99 -14.05 -2.04 1.21
C ALA A 99 -14.57 -1.45 -0.09
N TYR A 100 -13.69 -1.20 -1.04
CA TYR A 100 -14.13 -0.50 -2.24
C TYR A 100 -14.14 -1.35 -3.51
N ALA A 101 -13.93 -2.66 -3.35
CA ALA A 101 -13.93 -3.61 -4.46
C ALA A 101 -15.30 -4.01 -4.99
N ASP A 102 -16.18 -3.03 -5.14
CA ASP A 102 -17.50 -3.23 -5.74
C ASP A 102 -18.14 -1.86 -5.84
N ASP A 103 -17.54 -0.92 -5.11
CA ASP A 103 -17.98 0.46 -5.08
C ASP A 103 -16.74 1.35 -5.13
N ILE A 104 -15.97 1.20 -6.21
CA ILE A 104 -14.74 1.93 -6.40
C ILE A 104 -15.03 3.40 -6.64
N PRO A 105 -14.28 4.30 -5.99
CA PRO A 105 -14.44 5.73 -6.21
C PRO A 105 -14.00 6.18 -7.60
N ASP A 106 -14.49 7.34 -8.01
CA ASP A 106 -13.98 7.96 -9.22
C ASP A 106 -12.87 8.93 -8.87
N LEU A 107 -12.63 9.08 -7.56
CA LEU A 107 -11.53 9.89 -7.06
C LEU A 107 -11.19 9.55 -5.62
N VAL A 108 -9.90 9.44 -5.36
CA VAL A 108 -9.37 9.22 -4.02
C VAL A 108 -8.72 10.52 -3.50
N LEU A 109 -9.15 10.96 -2.32
CA LEU A 109 -8.48 12.05 -1.64
C LEU A 109 -7.72 11.41 -0.51
N HIS A 110 -6.58 11.99 -0.13
CA HIS A 110 -5.88 11.42 1.02
C HIS A 110 -4.91 12.38 1.67
N ASP A 111 -4.87 12.31 2.99
CA ASP A 111 -3.82 12.97 3.72
C ASP A 111 -2.50 12.28 3.39
N ILE A 112 -1.39 13.02 3.53
CA ILE A 112 -0.06 12.51 3.20
C ILE A 112 0.32 11.23 3.92
N THR A 113 -0.29 10.93 5.06
CA THR A 113 0.14 9.78 5.86
C THR A 113 -0.40 8.44 5.35
N SER A 114 -1.36 8.49 4.44
CA SER A 114 -2.03 7.25 4.02
C SER A 114 -1.42 6.61 2.78
N TYR A 115 -0.48 5.68 2.98
CA TYR A 115 0.07 4.93 1.85
C TYR A 115 -0.97 4.07 1.13
N PRO A 116 -1.92 3.45 1.87
CA PRO A 116 -2.89 2.64 1.12
C PRO A 116 -3.68 3.43 0.08
N ALA A 117 -4.01 4.69 0.37
CA ALA A 117 -4.73 5.49 -0.61
C ALA A 117 -3.96 5.62 -1.92
N ARG A 118 -2.65 5.82 -1.81
CA ARG A 118 -1.80 5.89 -3.00
C ARG A 118 -1.88 4.58 -3.77
N VAL A 119 -1.75 3.48 -3.04
CA VAL A 119 -1.75 2.17 -3.68
C VAL A 119 -3.09 1.93 -4.36
N LEU A 120 -4.17 2.19 -3.64
CA LEU A 120 -5.51 1.92 -4.18
C LEU A 120 -5.87 2.78 -5.40
N ALA A 121 -5.59 4.07 -5.35
CA ALA A 121 -5.83 4.93 -6.50
C ALA A 121 -5.12 4.39 -7.74
N ARG A 122 -3.95 3.79 -7.52
CA ARG A 122 -3.16 3.20 -8.60
C ARG A 122 -3.67 1.82 -9.01
N ARG A 123 -4.23 1.08 -8.06
CA ARG A 123 -4.90 -0.17 -8.39
C ARG A 123 -6.16 0.12 -9.19
N TRP A 124 -7.02 0.95 -8.62
CA TRP A 124 -8.36 1.22 -9.15
C TRP A 124 -8.38 2.02 -10.46
N GLY A 125 -7.23 2.55 -10.86
CA GLY A 125 -7.12 3.32 -12.07
C GLY A 125 -7.79 4.68 -12.03
N VAL A 126 -7.73 5.35 -10.88
CA VAL A 126 -8.33 6.68 -10.74
C VAL A 126 -7.36 7.69 -10.13
N PRO A 127 -7.41 8.94 -10.58
CA PRO A 127 -6.61 10.05 -10.05
C PRO A 127 -6.68 10.18 -8.52
N ALA A 128 -5.58 10.64 -7.94
CA ALA A 128 -5.52 10.85 -6.50
C ALA A 128 -5.29 12.33 -6.24
N VAL A 129 -5.73 12.80 -5.08
CA VAL A 129 -5.42 14.15 -4.66
C VAL A 129 -4.84 14.05 -3.25
N SER A 130 -3.56 14.40 -3.13
CA SER A 130 -2.88 14.42 -1.84
C SER A 130 -3.18 15.75 -1.17
N LEU A 131 -3.53 15.72 0.10
CA LEU A 131 -3.83 16.93 0.86
C LEU A 131 -2.77 17.06 1.98
N SER A 132 -1.94 18.09 1.89
CA SER A 132 -0.83 18.25 2.85
C SER A 132 -1.09 19.36 3.85
N PRO A 133 -1.04 19.04 5.15
CA PRO A 133 -1.31 20.01 6.20
C PRO A 133 -0.03 20.69 6.65
N ASN A 134 1.05 20.50 5.88
CA ASN A 134 2.33 21.10 6.18
C ASN A 134 3.09 21.33 4.89
N LEU A 135 4.32 21.81 5.01
CA LEU A 135 5.14 22.10 3.84
C LEU A 135 5.35 20.85 2.99
N VAL A 136 5.65 21.07 1.72
CA VAL A 136 5.88 19.99 0.78
C VAL A 136 7.29 20.07 0.20
N ALA A 137 7.67 19.07 -0.57
CA ALA A 137 8.95 19.09 -1.26
C ALA A 137 9.01 20.15 -2.35
N TRP A 138 10.14 20.86 -2.42
CA TRP A 138 10.41 21.74 -3.54
C TRP A 138 11.29 20.96 -4.50
N LYS A 139 11.46 21.44 -5.72
CA LYS A 139 12.36 20.75 -6.63
C LYS A 139 13.78 20.98 -6.16
N GLY A 140 14.48 19.88 -5.86
CA GLY A 140 15.79 19.97 -5.23
C GLY A 140 15.78 19.43 -3.81
N TYR A 141 14.60 19.28 -3.25
CA TYR A 141 14.44 18.69 -1.91
C TYR A 141 15.20 17.37 -1.73
N GLU A 142 15.30 16.57 -2.81
CA GLU A 142 15.97 15.25 -2.81
C GLU A 142 17.42 15.52 -2.42
N GLU A 143 18.17 16.15 -3.32
CA GLU A 143 19.62 16.29 -3.12
C GLU A 143 19.89 17.17 -1.92
N GLU A 144 18.98 18.09 -1.63
CA GLU A 144 19.24 19.11 -0.62
C GLU A 144 18.89 18.66 0.80
N VAL A 145 17.87 17.81 0.94
CA VAL A 145 17.43 17.38 2.26
C VAL A 145 17.25 15.85 2.39
N ALA A 146 16.44 15.25 1.52
CA ALA A 146 16.12 13.83 1.64
C ALA A 146 17.35 12.92 1.59
N GLU A 147 18.11 12.98 0.48
CA GLU A 147 19.27 12.12 0.31
C GLU A 147 20.33 12.30 1.41
N PRO A 148 20.67 13.55 1.76
CA PRO A 148 21.63 13.66 2.86
C PRO A 148 21.05 13.20 4.20
N MET A 149 19.79 13.52 4.51
CA MET A 149 19.16 13.13 5.77
C MET A 149 19.20 11.61 5.96
N TRP A 150 19.11 10.89 4.84
CA TRP A 150 19.07 9.43 4.89
C TRP A 150 20.45 8.79 4.72
N ARG A 151 21.45 9.58 4.34
CA ARG A 151 22.64 9.01 3.70
C ARG A 151 23.34 7.93 4.51
N GLU A 152 23.35 8.10 5.83
CA GLU A 152 23.89 7.09 6.72
C GLU A 152 22.84 6.18 7.36
N PRO A 153 21.69 6.75 7.81
CA PRO A 153 20.67 5.84 8.35
C PRO A 153 20.21 4.76 7.36
N ARG A 154 20.01 5.12 6.09
CA ARG A 154 19.58 4.14 5.09
C ARG A 154 20.67 3.07 4.88
N GLN A 155 21.87 3.31 5.38
CA GLN A 155 22.96 2.35 5.27
C GLN A 155 22.96 1.30 6.39
N THR A 156 22.42 1.67 7.55
CA THR A 156 22.38 0.73 8.69
C THR A 156 21.55 -0.50 8.37
N GLU A 157 21.87 -1.62 9.01
CA GLU A 157 21.10 -2.85 8.82
C GLU A 157 19.58 -2.59 8.90
N ARG A 158 19.17 -1.81 9.90
CA ARG A 158 17.75 -1.53 10.05
C ARG A 158 17.23 -0.63 8.91
N GLY A 159 18.04 0.34 8.50
CA GLY A 159 17.67 1.24 7.42
C GLY A 159 17.54 0.54 6.09
N ARG A 160 18.50 -0.31 5.75
CA ARG A 160 18.39 -1.10 4.53
C ARG A 160 17.17 -2.01 4.57
N ALA A 161 16.98 -2.67 5.70
CA ALA A 161 15.84 -3.58 5.86
C ALA A 161 14.54 -2.84 5.63
N TYR A 162 14.45 -1.62 6.15
CA TYR A 162 13.25 -0.81 6.00
C TYR A 162 12.99 -0.48 4.52
N TYR A 163 14.01 0.07 3.84
CA TYR A 163 13.83 0.40 2.43
C TYR A 163 13.67 -0.79 1.49
N ALA A 164 14.34 -1.89 1.80
CA ALA A 164 14.14 -3.11 1.01
C ALA A 164 12.71 -3.61 1.20
N ARG A 165 12.22 -3.54 2.43
CA ARG A 165 10.87 -3.94 2.80
C ARG A 165 9.84 -3.09 2.07
N PHE A 166 10.08 -1.78 2.07
CA PHE A 166 9.17 -0.81 1.48
C PHE A 166 9.11 -1.09 -0.03
N GLU A 167 10.27 -1.22 -0.67
CA GLU A 167 10.31 -1.48 -2.11
C GLU A 167 9.60 -2.79 -2.47
N ALA A 168 9.81 -3.81 -1.64
CA ALA A 168 9.22 -5.13 -1.92
C ALA A 168 7.70 -5.10 -1.78
N TRP A 169 7.20 -4.30 -0.85
CA TRP A 169 5.76 -4.14 -0.68
C TRP A 169 5.16 -3.39 -1.88
N LEU A 170 5.86 -2.36 -2.34
CA LEU A 170 5.42 -1.63 -3.54
C LEU A 170 5.42 -2.55 -4.78
N LYS A 171 6.50 -3.31 -4.95
CA LYS A 171 6.61 -4.23 -6.09
C LYS A 171 5.49 -5.27 -6.04
N GLU A 172 5.16 -5.70 -4.83
CA GLU A 172 4.04 -6.60 -4.54
C GLU A 172 2.73 -6.08 -5.17
N ASN A 173 2.56 -4.75 -5.16
CA ASN A 173 1.36 -4.13 -5.70
C ASN A 173 1.58 -3.42 -7.04
N GLY A 174 2.58 -3.88 -7.78
CA GLY A 174 2.79 -3.42 -9.15
C GLY A 174 3.40 -2.04 -9.30
N ILE A 175 3.96 -1.53 -8.22
CA ILE A 175 4.51 -0.18 -8.22
C ILE A 175 6.03 -0.24 -8.28
N THR A 176 6.61 0.36 -9.31
CA THR A 176 8.05 0.30 -9.51
C THR A 176 8.74 1.56 -9.00
N GLU A 177 7.96 2.54 -8.55
CA GLU A 177 8.57 3.75 -7.98
C GLU A 177 9.44 3.42 -6.78
N HIS A 178 10.55 4.15 -6.65
CA HIS A 178 11.33 4.12 -5.43
C HIS A 178 10.43 4.58 -4.29
N PRO A 179 10.57 3.97 -3.11
CA PRO A 179 9.78 4.36 -1.95
C PRO A 179 9.73 5.87 -1.70
N ASP A 180 10.84 6.57 -1.88
CA ASP A 180 10.88 8.03 -1.65
C ASP A 180 9.96 8.80 -2.60
N THR A 181 9.91 8.36 -3.85
CA THR A 181 9.05 8.99 -4.84
C THR A 181 7.59 8.76 -4.46
N PHE A 182 7.28 7.51 -4.13
CA PHE A 182 5.93 7.09 -3.78
C PHE A 182 5.44 7.86 -2.56
N ALA A 183 6.31 8.01 -1.57
CA ALA A 183 5.92 8.64 -0.30
C ALA A 183 5.96 10.16 -0.34
N SER A 184 7.00 10.73 -0.94
CA SER A 184 7.26 12.17 -0.79
C SER A 184 6.92 13.01 -2.00
N HIS A 185 6.58 12.36 -3.12
CA HIS A 185 6.33 13.07 -4.36
C HIS A 185 5.04 12.71 -5.07
N PRO A 186 3.93 13.23 -4.56
CA PRO A 186 2.62 12.95 -5.15
C PRO A 186 2.52 13.57 -6.53
N PRO A 187 1.70 12.96 -7.40
CA PRO A 187 1.49 13.50 -8.75
C PRO A 187 0.70 14.81 -8.73
N ARG A 188 -0.14 14.97 -7.73
CA ARG A 188 -0.98 16.17 -7.59
C ARG A 188 -1.29 16.39 -6.10
N SER A 189 -1.10 17.61 -5.63
CA SER A 189 -1.26 17.88 -4.20
C SER A 189 -1.84 19.27 -3.98
N LEU A 190 -2.73 19.38 -3.00
CA LEU A 190 -3.19 20.68 -2.50
C LEU A 190 -2.56 20.89 -1.13
N VAL A 191 -2.00 22.07 -0.92
CA VAL A 191 -1.26 22.32 0.32
C VAL A 191 -2.06 23.26 1.21
N LEU A 192 -2.37 22.79 2.42
CA LEU A 192 -3.27 23.49 3.34
C LEU A 192 -2.54 24.45 4.28
N ILE A 193 -1.41 24.99 3.82
CA ILE A 193 -0.77 26.07 4.56
C ILE A 193 -0.57 27.23 3.58
N PRO A 194 -0.40 28.45 4.11
CA PRO A 194 -0.09 29.53 3.16
C PRO A 194 1.31 29.34 2.59
N LYS A 195 1.51 29.71 1.33
CA LYS A 195 2.82 29.51 0.72
C LYS A 195 3.89 30.37 1.39
N ALA A 196 3.46 31.39 2.13
CA ALA A 196 4.36 32.22 2.91
C ALA A 196 5.11 31.40 3.97
N LEU A 197 4.52 30.27 4.37
CA LEU A 197 5.13 29.42 5.37
C LEU A 197 5.74 28.14 4.76
N GLN A 198 6.00 28.19 3.46
CA GLN A 198 6.67 27.08 2.77
C GLN A 198 8.11 27.45 2.47
N PRO A 199 9.07 26.66 2.96
CA PRO A 199 10.48 26.92 2.60
C PRO A 199 10.70 26.77 1.09
N HIS A 200 11.58 27.58 0.52
CA HIS A 200 11.92 27.44 -0.90
C HIS A 200 10.71 27.48 -1.80
N ALA A 201 9.74 28.31 -1.43
CA ALA A 201 8.48 28.39 -2.16
C ALA A 201 8.69 28.63 -3.66
N ASP A 202 9.72 29.37 -4.02
CA ASP A 202 9.97 29.68 -5.43
C ASP A 202 10.35 28.46 -6.27
N ARG A 203 10.81 27.41 -5.60
CA ARG A 203 11.20 26.20 -6.30
C ARG A 203 10.18 25.06 -6.20
N VAL A 204 9.01 25.35 -5.64
CA VAL A 204 7.94 24.33 -5.57
C VAL A 204 7.24 24.22 -6.92
N ASP A 205 6.88 23.00 -7.31
CA ASP A 205 6.31 22.72 -8.63
C ASP A 205 4.81 22.99 -8.69
N GLU A 206 4.43 24.11 -9.31
CA GLU A 206 3.04 24.52 -9.40
C GLU A 206 2.15 23.58 -10.24
N ASP A 207 2.77 22.77 -11.10
CA ASP A 207 2.01 21.76 -11.83
C ASP A 207 1.52 20.68 -10.89
N VAL A 208 2.35 20.36 -9.89
CA VAL A 208 2.02 19.33 -8.92
C VAL A 208 1.23 19.91 -7.74
N TYR A 209 1.75 21.00 -7.18
CA TYR A 209 1.22 21.53 -5.93
C TYR A 209 0.42 22.82 -6.12
N THR A 210 -0.74 22.90 -5.48
CA THR A 210 -1.46 24.17 -5.38
C THR A 210 -1.63 24.53 -3.91
N PHE A 211 -1.20 25.72 -3.53
CA PHE A 211 -1.40 26.20 -2.17
C PHE A 211 -2.78 26.80 -1.98
N VAL A 212 -3.54 26.26 -1.04
CA VAL A 212 -4.87 26.74 -0.73
C VAL A 212 -5.00 27.20 0.73
N GLY A 213 -3.86 27.30 1.41
CA GLY A 213 -3.84 27.85 2.76
C GLY A 213 -4.72 27.13 3.77
N ALA A 214 -4.96 27.76 4.91
CA ALA A 214 -5.89 27.19 5.89
C ALA A 214 -7.29 27.63 5.53
N CYS A 215 -8.24 26.71 5.71
CA CYS A 215 -9.55 26.84 5.09
C CYS A 215 -10.66 26.45 6.04
N GLN A 216 -10.39 26.58 7.34
CA GLN A 216 -11.39 26.40 8.38
C GLN A 216 -11.34 27.63 9.28
N GLY A 217 -12.44 27.91 10.00
CA GLY A 217 -12.50 29.04 10.90
C GLY A 217 -13.50 30.10 10.47
N ASP A 218 -14.79 29.76 10.53
CA ASP A 218 -15.85 30.57 9.91
C ASP A 218 -17.23 29.94 10.09
N ARG A 219 -18.07 30.53 10.95
CA ARG A 219 -17.77 31.78 11.64
C ARG A 219 -18.14 31.76 13.13
N ALA A 220 -17.27 31.23 13.98
CA ALA A 220 -16.03 30.55 13.56
C ALA A 220 -15.79 29.40 14.53
N GLU A 221 -14.99 29.68 15.55
CA GLU A 221 -14.86 28.80 16.74
C GLU A 221 -14.13 29.47 17.92
N GLU A 222 -14.82 30.29 18.74
CA GLU A 222 -16.19 30.77 18.49
C GLU A 222 -16.51 32.03 19.29
N GLY A 223 -16.03 32.10 20.53
CA GLY A 223 -16.29 33.23 21.39
C GLY A 223 -16.08 34.60 20.76
N GLY A 224 -16.58 35.63 21.43
CA GLY A 224 -16.46 36.98 20.91
C GLY A 224 -15.53 37.82 21.76
N TRP A 225 -15.23 39.02 21.30
CA TRP A 225 -14.34 39.92 22.03
C TRP A 225 -14.29 41.32 21.40
N GLN A 226 -14.71 42.32 22.16
CA GLN A 226 -14.55 43.71 21.74
C GLN A 226 -13.33 44.32 22.42
N ARG A 227 -12.57 45.15 21.69
CA ARG A 227 -11.47 45.88 22.33
C ARG A 227 -12.06 46.74 23.43
N PRO A 228 -11.29 46.97 24.50
CA PRO A 228 -11.61 48.04 25.45
C PRO A 228 -11.81 49.36 24.70
N ALA A 229 -12.87 50.07 25.05
CA ALA A 229 -13.37 51.21 24.27
C ALA A 229 -12.31 52.19 23.79
N GLY A 230 -11.24 52.38 24.55
CA GLY A 230 -10.22 53.33 24.14
C GLY A 230 -8.84 52.80 23.79
N ALA A 231 -8.60 51.50 23.99
CA ALA A 231 -7.28 50.94 23.75
C ALA A 231 -6.76 51.19 22.34
N GLU A 232 -5.55 51.76 22.26
CA GLU A 232 -4.89 52.07 21.00
C GLU A 232 -4.16 50.85 20.42
N LYS A 233 -3.48 50.10 21.28
CA LYS A 233 -2.79 48.89 20.85
C LYS A 233 -3.21 47.69 21.69
N VAL A 234 -3.72 46.66 21.03
CA VAL A 234 -4.08 45.42 21.71
C VAL A 234 -3.06 44.34 21.36
N VAL A 235 -2.51 43.69 22.39
CA VAL A 235 -1.61 42.57 22.14
C VAL A 235 -2.18 41.29 22.75
N LEU A 236 -2.20 40.23 21.95
CA LEU A 236 -2.59 38.91 22.40
C LEU A 236 -1.36 38.05 22.61
N VAL A 237 -1.25 37.41 23.76
CA VAL A 237 -0.22 36.40 23.99
C VAL A 237 -0.90 35.04 24.04
N SER A 238 -0.46 34.12 23.19
CA SER A 238 -1.06 32.79 23.10
C SER A 238 -0.04 31.81 22.50
N LEU A 239 0.28 30.75 23.23
CA LEU A 239 1.25 29.78 22.74
C LEU A 239 0.59 28.56 22.10
N GLY A 240 -0.67 28.72 21.71
CA GLY A 240 -1.44 27.59 21.21
C GLY A 240 -2.00 26.79 22.38
N SER A 241 -1.63 25.52 22.50
CA SER A 241 -2.20 24.68 23.55
C SER A 241 -1.45 23.39 23.84
N ALA A 242 -0.29 23.19 23.19
CA ALA A 242 0.44 21.93 23.27
C ALA A 242 1.56 21.89 24.31
N PHE A 243 1.29 22.41 25.49
CA PHE A 243 2.27 22.25 26.57
C PHE A 243 2.67 23.53 27.28
N THR A 244 2.11 23.71 28.47
CA THR A 244 2.41 24.95 29.19
C THR A 244 2.41 24.80 30.72
N LYS A 245 3.62 24.71 31.24
CA LYS A 245 3.86 25.09 32.62
C LYS A 245 3.94 26.59 32.49
N GLN A 246 4.74 27.03 31.51
CA GLN A 246 5.24 28.41 31.33
C GLN A 246 4.66 29.49 32.26
N PRO A 247 5.39 29.84 33.33
CA PRO A 247 4.92 30.95 34.16
C PRO A 247 5.80 32.21 34.07
N ALA A 248 7.11 32.03 34.02
CA ALA A 248 8.02 33.16 33.99
C ALA A 248 7.76 33.98 32.73
N PHE A 249 7.53 33.30 31.62
CA PHE A 249 7.23 33.98 30.35
C PHE A 249 5.94 34.79 30.42
N TYR A 250 4.86 34.20 30.92
CA TYR A 250 3.63 34.98 31.10
C TYR A 250 3.94 36.13 32.06
N ARG A 251 4.64 35.84 33.15
CA ARG A 251 5.10 36.89 34.05
C ARG A 251 5.96 37.93 33.34
N GLU A 252 6.72 37.51 32.35
CA GLU A 252 7.46 38.48 31.54
C GLU A 252 6.50 39.29 30.67
N CYS A 253 5.50 38.63 30.10
CA CYS A 253 4.52 39.32 29.26
C CYS A 253 3.75 40.38 30.03
N VAL A 254 3.25 39.99 31.20
CA VAL A 254 2.41 40.88 32.00
C VAL A 254 3.22 42.10 32.38
N ARG A 255 4.52 41.87 32.57
CA ARG A 255 5.47 42.87 33.01
C ARG A 255 5.81 43.89 31.90
N ALA A 256 6.05 43.41 30.68
CA ALA A 256 6.39 44.28 29.54
C ALA A 256 5.32 45.30 29.17
N PHE A 257 4.06 44.88 29.29
CA PHE A 257 2.95 45.69 28.80
C PHE A 257 2.10 46.23 29.93
N GLY A 258 2.35 45.71 31.13
CA GLY A 258 1.59 46.10 32.30
C GLY A 258 1.77 47.57 32.62
N ASN A 259 0.64 48.29 32.70
CA ASN A 259 0.64 49.73 32.91
C ASN A 259 1.44 50.48 31.86
N LEU A 260 1.55 49.90 30.66
CA LEU A 260 2.18 50.58 29.54
C LEU A 260 1.10 51.39 28.85
N PRO A 261 1.24 52.72 28.86
CA PRO A 261 0.21 53.62 28.34
C PRO A 261 -0.21 53.29 26.91
N GLY A 262 -1.51 53.16 26.68
CA GLY A 262 -2.03 52.92 25.35
C GLY A 262 -2.23 51.44 24.99
N TRP A 263 -1.60 50.56 25.76
CA TRP A 263 -1.60 49.13 25.45
C TRP A 263 -2.57 48.34 26.32
N HIS A 264 -3.21 47.36 25.72
CA HIS A 264 -4.07 46.44 26.43
C HIS A 264 -3.63 45.02 26.09
N LEU A 265 -3.35 44.23 27.12
CA LEU A 265 -2.84 42.88 26.96
C LEU A 265 -3.92 41.85 27.20
N VAL A 266 -4.24 41.07 26.17
CA VAL A 266 -5.07 39.89 26.33
C VAL A 266 -4.12 38.73 26.51
N LEU A 267 -4.13 38.18 27.71
CA LEU A 267 -3.26 37.08 28.04
C LEU A 267 -4.08 35.81 28.14
N GLN A 268 -3.96 34.97 27.13
CA GLN A 268 -4.43 33.61 27.23
C GLN A 268 -3.21 32.87 27.69
N ILE A 269 -3.03 32.73 29.00
CA ILE A 269 -1.96 31.88 29.51
C ILE A 269 -2.25 30.43 29.13
N GLY A 270 -1.74 29.48 29.89
CA GLY A 270 -1.94 28.11 29.50
C GLY A 270 -3.31 27.64 29.94
N ARG A 271 -3.54 27.72 31.25
CA ARG A 271 -4.70 27.14 31.91
C ARG A 271 -5.22 28.07 33.00
N LYS A 272 -5.74 27.46 34.06
CA LYS A 272 -6.78 28.08 34.88
C LYS A 272 -6.42 29.17 35.92
N VAL A 273 -5.65 28.93 37.01
CA VAL A 273 -5.18 27.66 37.60
C VAL A 273 -4.13 26.82 36.83
N THR A 274 -2.87 26.91 37.29
CA THR A 274 -2.58 27.53 38.60
C THR A 274 -1.59 28.76 38.58
N PRO A 275 -2.04 29.98 39.00
CA PRO A 275 -1.52 31.34 38.83
C PRO A 275 -1.42 32.13 40.15
N ALA A 276 -0.88 31.49 41.17
CA ALA A 276 -0.53 32.20 42.37
C ALA A 276 0.58 33.00 41.72
N GLU A 277 1.56 32.29 41.17
CA GLU A 277 2.53 32.84 40.20
C GLU A 277 2.06 34.18 39.61
N LEU A 278 0.91 34.14 38.96
CA LEU A 278 0.18 35.38 38.59
C LEU A 278 -0.62 36.14 39.68
N GLY A 279 0.17 36.81 40.52
CA GLY A 279 -0.39 37.74 41.47
C GLY A 279 -0.97 39.00 40.83
N GLU A 280 -1.16 39.98 41.71
CA GLU A 280 -1.77 41.25 41.28
C GLU A 280 -1.44 41.74 39.84
N LEU A 281 -2.44 41.78 38.94
CA LEU A 281 -2.23 42.24 37.55
C LEU A 281 -2.39 43.74 37.50
N PRO A 282 -1.71 44.42 36.55
CA PRO A 282 -2.07 45.81 36.23
C PRO A 282 -3.49 45.82 35.64
N ASP A 283 -4.11 46.99 35.57
CA ASP A 283 -5.50 47.08 35.15
C ASP A 283 -5.70 46.93 33.65
N ASN A 284 -4.60 46.99 32.90
CA ASN A 284 -4.66 46.88 31.45
C ASN A 284 -4.22 45.50 30.98
N VAL A 285 -4.29 44.53 31.89
CA VAL A 285 -3.93 43.15 31.59
C VAL A 285 -5.04 42.22 32.04
N GLU A 286 -5.50 41.35 31.14
CA GLU A 286 -6.42 40.29 31.52
C GLU A 286 -5.79 38.93 31.29
N VAL A 287 -5.88 38.07 32.29
CA VAL A 287 -5.37 36.69 32.21
C VAL A 287 -6.50 35.73 31.86
N HIS A 288 -6.19 34.68 31.10
CA HIS A 288 -7.17 33.69 30.63
C HIS A 288 -6.58 32.30 30.41
N ASP A 289 -7.40 31.26 30.61
CA ASP A 289 -7.00 29.91 30.21
C ASP A 289 -7.26 29.67 28.71
N TRP A 290 -8.12 30.51 28.13
CA TRP A 290 -8.54 30.37 26.74
C TRP A 290 -9.19 31.67 26.26
N VAL A 291 -8.98 32.00 24.97
CA VAL A 291 -9.70 33.09 24.31
C VAL A 291 -10.14 32.67 22.91
N PRO A 292 -11.09 33.41 22.32
CA PRO A 292 -11.39 33.19 20.91
C PRO A 292 -10.36 33.93 20.04
N GLN A 293 -9.39 33.20 19.52
CA GLN A 293 -8.17 33.79 18.99
C GLN A 293 -8.37 34.58 17.69
N LEU A 294 -9.00 33.96 16.70
CA LEU A 294 -9.22 34.60 15.42
C LEU A 294 -9.99 35.88 15.62
N ALA A 295 -11.08 35.79 16.40
CA ALA A 295 -11.92 36.95 16.63
C ALA A 295 -11.13 38.08 17.27
N ILE A 296 -10.27 37.74 18.23
CA ILE A 296 -9.41 38.73 18.85
C ILE A 296 -8.34 39.23 17.90
N LEU A 297 -7.74 38.33 17.12
CA LEU A 297 -6.69 38.71 16.18
C LEU A 297 -7.24 39.65 15.10
N ARG A 298 -8.52 39.54 14.78
CA ARG A 298 -9.16 40.49 13.86
C ARG A 298 -9.05 41.93 14.37
N GLN A 299 -8.89 42.09 15.68
CA GLN A 299 -8.88 43.41 16.29
C GLN A 299 -7.71 43.54 17.27
N ALA A 300 -6.68 42.73 17.06
CA ALA A 300 -5.41 42.83 17.79
C ALA A 300 -4.33 43.46 16.91
N ASP A 301 -3.39 44.15 17.54
CA ASP A 301 -2.37 44.89 16.79
C ASP A 301 -0.99 44.27 16.92
N LEU A 302 -0.89 43.30 17.81
CA LEU A 302 0.36 42.57 17.98
C LEU A 302 0.02 41.18 18.50
N PHE A 303 0.75 40.17 18.02
CA PHE A 303 0.49 38.81 18.45
C PHE A 303 1.80 38.18 18.93
N VAL A 304 1.88 37.87 20.22
CA VAL A 304 3.03 37.13 20.73
C VAL A 304 2.66 35.66 20.65
N THR A 305 3.37 34.92 19.80
CA THR A 305 2.96 33.56 19.42
C THR A 305 4.12 32.57 19.55
N HIS A 306 3.80 31.29 19.76
CA HIS A 306 4.82 30.24 19.72
C HIS A 306 5.17 29.86 18.28
N ALA A 307 4.38 30.36 17.35
CA ALA A 307 4.57 30.10 15.91
C ALA A 307 4.30 28.66 15.52
N GLY A 308 3.34 28.03 16.19
CA GLY A 308 2.75 26.81 15.66
C GLY A 308 2.09 27.13 14.33
N ALA A 309 1.75 26.11 13.55
CA ALA A 309 1.14 26.33 12.24
C ALA A 309 -0.14 27.18 12.25
N GLY A 310 -1.03 26.92 13.21
CA GLY A 310 -2.30 27.65 13.26
C GLY A 310 -2.09 29.10 13.62
N GLY A 311 -1.41 29.36 14.73
CA GLY A 311 -1.12 30.72 15.16
C GLY A 311 -0.39 31.49 14.07
N SER A 312 0.58 30.86 13.44
CA SER A 312 1.34 31.52 12.39
C SER A 312 0.44 31.95 11.24
N GLN A 313 -0.41 31.07 10.75
CA GLN A 313 -1.24 31.47 9.61
C GLN A 313 -2.37 32.42 10.00
N GLU A 314 -2.82 32.38 11.25
CA GLU A 314 -3.85 33.32 11.71
C GLU A 314 -3.29 34.74 11.86
N GLY A 315 -2.06 34.83 12.34
CA GLY A 315 -1.38 36.10 12.41
C GLY A 315 -1.29 36.71 11.02
N LEU A 316 -0.86 35.91 10.06
CA LEU A 316 -0.76 36.39 8.68
C LEU A 316 -2.15 36.69 8.12
N ALA A 317 -3.12 35.82 8.41
CA ALA A 317 -4.49 35.99 7.90
C ALA A 317 -5.11 37.31 8.33
N THR A 318 -4.79 37.74 9.55
CA THR A 318 -5.34 38.95 10.14
C THR A 318 -4.40 40.15 10.04
N ALA A 319 -3.30 39.99 9.31
CA ALA A 319 -2.30 41.05 9.16
C ALA A 319 -1.84 41.61 10.50
N THR A 320 -1.48 40.70 11.41
CA THR A 320 -1.11 41.09 12.76
C THR A 320 0.38 40.83 12.93
N PRO A 321 1.18 41.90 13.15
CA PRO A 321 2.61 41.73 13.35
C PRO A 321 2.85 40.77 14.52
N MET A 322 3.95 40.02 14.49
CA MET A 322 4.15 38.97 15.48
C MET A 322 5.49 39.02 16.19
N ILE A 323 5.49 38.69 17.47
CA ILE A 323 6.71 38.32 18.17
C ILE A 323 6.69 36.81 18.30
N ALA A 324 7.63 36.16 17.61
CA ALA A 324 7.69 34.71 17.60
C ALA A 324 8.68 34.25 18.65
N VAL A 325 8.19 33.42 19.57
CA VAL A 325 8.99 32.88 20.66
C VAL A 325 8.73 31.36 20.69
N PRO A 326 9.35 30.62 19.75
CA PRO A 326 9.00 29.21 19.52
C PRO A 326 9.28 28.29 20.70
N GLN A 327 8.48 27.23 20.85
CA GLN A 327 8.61 26.37 22.02
C GLN A 327 9.27 25.01 21.76
N ALA A 328 9.28 24.58 20.50
CA ALA A 328 9.90 23.30 20.13
C ALA A 328 10.27 23.23 18.65
N VAL A 329 10.50 22.00 18.19
CA VAL A 329 10.99 21.72 16.84
C VAL A 329 10.15 22.28 15.71
N ASP A 330 8.84 22.02 15.74
CA ASP A 330 7.94 22.46 14.68
C ASP A 330 7.84 23.96 14.57
N GLN A 331 8.48 24.70 15.48
CA GLN A 331 8.18 26.12 15.59
C GLN A 331 9.34 27.08 15.27
N PHE A 332 10.57 26.57 15.24
CA PHE A 332 11.74 27.40 14.94
C PHE A 332 11.67 27.90 13.51
N GLY A 333 11.49 26.96 12.58
CA GLY A 333 11.43 27.28 11.16
C GLY A 333 10.30 28.25 10.81
N ASN A 334 9.13 28.03 11.38
CA ASN A 334 8.02 28.95 11.15
C ASN A 334 8.39 30.33 11.67
N ALA A 335 9.04 30.36 12.83
CA ALA A 335 9.48 31.63 13.38
C ALA A 335 10.50 32.29 12.45
N ASP A 336 11.42 31.49 11.92
CA ASP A 336 12.41 32.00 10.97
C ASP A 336 11.72 32.54 9.71
N MET A 337 10.71 31.82 9.24
CA MET A 337 10.00 32.26 8.04
C MET A 337 9.24 33.56 8.28
N LEU A 338 8.54 33.64 9.40
CA LEU A 338 7.81 34.86 9.75
C LEU A 338 8.76 36.05 9.82
N GLN A 339 9.90 35.84 10.45
CA GLN A 339 10.87 36.92 10.57
C GLN A 339 11.50 37.27 9.23
N GLY A 340 11.75 36.25 8.40
CA GLY A 340 12.31 36.49 7.07
C GLY A 340 11.39 37.31 6.19
N LEU A 341 10.08 37.16 6.42
CA LEU A 341 9.06 37.86 5.66
C LEU A 341 8.98 39.34 6.03
N GLY A 342 9.65 39.71 7.11
CA GLY A 342 9.68 41.10 7.56
C GLY A 342 8.43 41.50 8.30
N VAL A 343 7.74 40.54 8.90
CA VAL A 343 6.49 40.84 9.59
C VAL A 343 6.52 40.40 11.04
N ALA A 344 7.68 39.96 11.51
CA ALA A 344 7.79 39.41 12.85
C ALA A 344 9.20 39.49 13.35
N ARG A 345 9.36 39.28 14.65
CA ARG A 345 10.68 39.16 15.25
C ARG A 345 10.71 37.85 16.03
N LYS A 346 11.78 37.09 15.83
CA LYS A 346 11.99 35.85 16.57
C LYS A 346 12.84 36.18 17.78
N LEU A 347 12.29 35.95 18.98
CA LEU A 347 13.07 36.14 20.20
C LEU A 347 13.37 34.80 20.86
N ALA A 348 14.45 34.77 21.64
CA ALA A 348 14.71 33.64 22.53
C ALA A 348 13.94 33.82 23.83
N THR A 349 13.28 32.77 24.30
CA THR A 349 12.53 32.82 25.56
C THR A 349 13.37 33.41 26.68
N GLU A 350 14.56 32.85 26.87
CA GLU A 350 15.41 33.18 28.02
N GLU A 351 15.67 35.56 26.35
CA GLU A 351 15.77 36.98 26.10
C GLU A 351 14.39 37.57 25.80
N ALA A 352 13.33 36.81 26.05
CA ALA A 352 11.97 37.34 25.85
C ALA A 352 11.45 37.98 27.12
N THR A 353 12.05 39.12 27.45
CA THR A 353 11.88 39.77 28.72
C THR A 353 11.23 41.13 28.55
N ALA A 354 10.51 41.55 29.60
CA ALA A 354 9.82 42.83 29.66
C ALA A 354 10.45 43.91 28.81
N ASP A 355 11.72 44.20 29.05
CA ASP A 355 12.44 45.22 28.32
C ASP A 355 12.52 44.95 26.81
N LEU A 356 12.99 43.78 26.44
CA LEU A 356 13.12 43.47 25.01
C LEU A 356 11.74 43.27 24.34
N LEU A 357 10.82 42.60 25.02
CA LEU A 357 9.47 42.40 24.50
C LEU A 357 8.80 43.71 24.18
N ARG A 358 8.87 44.60 25.19
CA ARG A 358 8.53 46.02 25.18
C ARG A 358 9.04 46.70 23.91
N GLU A 359 10.35 46.62 23.75
CA GLU A 359 11.03 47.35 22.70
C GLU A 359 10.65 46.75 21.37
N THR A 360 10.57 45.43 21.35
CA THR A 360 10.24 44.72 20.12
C THR A 360 8.81 45.04 19.68
N ALA A 361 7.90 45.02 20.63
CA ALA A 361 6.50 45.36 20.39
C ALA A 361 6.34 46.74 19.78
N LEU A 362 6.98 47.74 20.38
CA LEU A 362 6.88 49.12 19.92
C LEU A 362 7.33 49.24 18.47
N ALA A 363 8.44 48.60 18.15
CA ALA A 363 8.98 48.62 16.80
C ALA A 363 7.97 48.08 15.79
N LEU A 364 7.41 46.91 16.09
CA LEU A 364 6.53 46.24 15.14
C LEU A 364 5.21 46.98 14.85
N VAL A 365 4.59 47.56 15.88
CA VAL A 365 3.22 48.05 15.71
C VAL A 365 3.05 49.27 14.81
N ASP A 366 3.98 50.21 14.89
CA ASP A 366 3.82 51.51 14.27
C ASP A 366 4.70 51.69 13.05
N ASP A 367 4.89 50.61 12.29
CA ASP A 367 5.71 50.68 11.09
C ASP A 367 4.88 50.28 9.87
N PRO A 368 4.79 51.20 8.90
CA PRO A 368 4.02 51.02 7.67
C PRO A 368 4.55 49.89 6.79
N GLU A 369 5.85 49.64 6.81
CA GLU A 369 6.44 48.62 5.94
C GLU A 369 6.08 47.22 6.43
N VAL A 370 6.16 47.02 7.74
CA VAL A 370 5.67 45.78 8.35
C VAL A 370 4.20 45.61 7.95
N ALA A 371 3.41 46.66 8.15
CA ALA A 371 1.99 46.62 7.83
C ALA A 371 1.76 46.40 6.33
N ARG A 372 2.55 47.10 5.49
CA ARG A 372 2.46 46.94 4.04
C ARG A 372 2.71 45.49 3.63
N ARG A 373 3.78 44.90 4.17
CA ARG A 373 4.12 43.52 3.84
C ARG A 373 3.03 42.55 4.30
N LEU A 374 2.46 42.81 5.48
CA LEU A 374 1.35 41.98 5.96
C LEU A 374 0.14 42.11 5.05
N ARG A 375 -0.13 43.33 4.58
CA ARG A 375 -1.24 43.54 3.67
C ARG A 375 -1.08 42.74 2.39
N ARG A 376 0.12 42.69 1.84
CA ARG A 376 0.33 41.93 0.62
C ARG A 376 0.22 40.43 0.84
N ILE A 377 0.78 39.94 1.94
CA ILE A 377 0.64 38.52 2.27
C ILE A 377 -0.84 38.17 2.42
N GLN A 378 -1.59 39.04 3.07
CA GLN A 378 -3.03 38.91 3.15
C GLN A 378 -3.67 38.79 1.76
N ALA A 379 -3.20 39.61 0.83
CA ALA A 379 -3.72 39.61 -0.52
C ALA A 379 -3.42 38.28 -1.20
N GLU A 380 -2.21 37.77 -0.98
CA GLU A 380 -1.80 36.52 -1.61
C GLU A 380 -2.58 35.34 -1.03
N MET A 381 -2.80 35.38 0.27
CA MET A 381 -3.57 34.33 0.92
C MET A 381 -5.02 34.28 0.42
N ALA A 382 -5.58 35.43 0.06
CA ALA A 382 -6.94 35.43 -0.49
C ALA A 382 -6.97 34.76 -1.86
N GLN A 383 -5.86 34.81 -2.58
CA GLN A 383 -5.78 34.13 -3.87
C GLN A 383 -5.69 32.61 -3.69
N GLU A 384 -5.04 32.20 -2.61
CA GLU A 384 -4.97 30.78 -2.28
C GLU A 384 -6.38 30.20 -2.09
N GLY A 385 -7.30 31.02 -1.60
CA GLY A 385 -8.73 30.72 -1.69
C GLY A 385 -9.40 29.77 -0.69
N GLY A 386 -8.60 29.01 0.04
CA GLY A 386 -9.16 28.11 1.02
C GLY A 386 -10.12 27.07 0.48
N THR A 387 -11.23 26.89 1.18
CA THR A 387 -12.17 25.81 0.94
C THR A 387 -12.67 25.67 -0.50
N ARG A 388 -13.47 26.62 -0.96
CA ARG A 388 -14.06 26.47 -2.28
C ARG A 388 -13.03 26.46 -3.41
N ARG A 389 -11.86 27.04 -3.17
CA ARG A 389 -10.79 26.89 -4.16
C ARG A 389 -10.30 25.45 -4.16
N ALA A 390 -10.05 24.92 -2.98
CA ALA A 390 -9.65 23.51 -2.85
C ALA A 390 -10.73 22.65 -3.49
N ALA A 391 -11.98 23.09 -3.41
CA ALA A 391 -13.07 22.37 -4.05
C ALA A 391 -13.00 22.40 -5.58
N ASP A 392 -12.81 23.58 -6.17
CA ASP A 392 -12.70 23.70 -7.62
C ASP A 392 -11.55 22.85 -8.15
N LEU A 393 -10.40 22.95 -7.51
CA LEU A 393 -9.24 22.13 -7.87
C LEU A 393 -9.53 20.63 -7.73
N ILE A 394 -10.27 20.26 -6.69
CA ILE A 394 -10.63 18.85 -6.50
C ILE A 394 -11.68 18.42 -7.51
N GLU A 395 -12.78 19.18 -7.58
CA GLU A 395 -13.83 18.92 -8.57
C GLU A 395 -13.21 18.77 -9.93
N ALA A 396 -12.24 19.65 -10.21
CA ALA A 396 -11.54 19.62 -11.49
C ALA A 396 -10.81 18.31 -11.74
N GLU A 397 -10.37 17.64 -10.68
CA GLU A 397 -9.59 16.41 -10.84
C GLU A 397 -10.40 15.15 -11.16
N LEU A 398 -11.68 15.31 -11.49
CA LEU A 398 -12.45 14.15 -11.87
C LEU A 398 -12.08 13.71 -13.29
N PRO A 399 -11.50 12.50 -13.43
CA PRO A 399 -11.11 11.94 -14.74
C PRO A 399 -12.33 11.79 -15.63
N ALA A 400 -12.32 12.43 -16.81
CA ALA A 400 -13.48 12.44 -17.69
C ALA A 400 -13.10 12.75 -19.12
N THR B 6 16.36 -52.82 -4.54
CA THR B 6 14.94 -52.54 -4.33
C THR B 6 14.68 -51.12 -3.85
N PRO B 7 13.93 -50.37 -4.65
CA PRO B 7 13.55 -48.95 -4.52
C PRO B 7 13.23 -48.40 -3.12
N ALA B 8 13.67 -47.17 -2.91
CA ALA B 8 13.23 -46.37 -1.78
C ALA B 8 11.73 -46.22 -1.89
N HIS B 9 11.03 -46.20 -0.77
CA HIS B 9 9.59 -45.96 -0.77
C HIS B 9 9.32 -44.46 -0.56
N ILE B 10 8.57 -43.85 -1.47
CA ILE B 10 8.28 -42.42 -1.38
C ILE B 10 6.77 -42.25 -1.49
N ALA B 11 6.14 -41.69 -0.46
CA ALA B 11 4.68 -41.53 -0.51
C ALA B 11 4.25 -40.08 -0.68
N MET B 12 3.49 -39.82 -1.74
CA MET B 12 2.97 -38.49 -2.06
C MET B 12 1.54 -38.36 -1.55
N PHE B 13 1.16 -37.16 -1.09
CA PHE B 13 -0.18 -36.88 -0.59
C PHE B 13 -0.74 -35.60 -1.21
N SER B 14 -1.98 -35.65 -1.68
CA SER B 14 -2.70 -34.43 -2.06
C SER B 14 -4.20 -34.63 -2.02
N ILE B 15 -4.92 -33.57 -2.32
CA ILE B 15 -6.38 -33.57 -2.26
C ILE B 15 -6.88 -33.59 -3.70
N ALA B 16 -8.16 -33.89 -3.89
CA ALA B 16 -8.71 -33.75 -5.23
C ALA B 16 -8.83 -32.30 -5.68
N ALA B 17 -7.71 -31.64 -5.91
CA ALA B 17 -7.78 -30.30 -6.48
C ALA B 17 -6.87 -30.17 -7.70
N HIS B 18 -7.49 -29.65 -8.75
CA HIS B 18 -6.82 -29.32 -10.02
C HIS B 18 -5.49 -28.63 -9.72
N GLY B 19 -5.62 -27.44 -9.14
CA GLY B 19 -4.48 -26.59 -8.81
C GLY B 19 -3.54 -27.12 -7.75
N HIS B 20 -3.92 -28.23 -7.10
CA HIS B 20 -3.03 -28.83 -6.12
C HIS B 20 -2.50 -30.18 -6.58
N VAL B 21 -2.85 -30.55 -7.80
CA VAL B 21 -2.32 -31.80 -8.36
C VAL B 21 -1.53 -31.53 -9.65
N ASN B 22 -2.08 -30.68 -10.52
CA ASN B 22 -1.40 -30.39 -11.80
C ASN B 22 0.04 -29.87 -11.72
N PRO B 23 0.30 -28.85 -10.88
CA PRO B 23 1.65 -28.28 -10.90
C PRO B 23 2.79 -29.27 -10.56
N SER B 24 2.48 -30.40 -9.94
CA SER B 24 3.52 -31.36 -9.55
C SER B 24 3.42 -32.72 -10.23
N LEU B 25 2.37 -32.93 -11.02
CA LEU B 25 2.13 -34.25 -11.64
C LEU B 25 3.36 -34.77 -12.39
N GLU B 26 4.05 -33.86 -13.07
CA GLU B 26 5.21 -34.27 -13.86
C GLU B 26 6.45 -34.56 -13.00
N VAL B 27 6.51 -33.97 -11.81
CA VAL B 27 7.52 -34.39 -10.84
C VAL B 27 7.26 -35.84 -10.50
N ILE B 28 5.99 -36.17 -10.29
CA ILE B 28 5.64 -37.55 -9.99
C ILE B 28 5.87 -38.40 -11.25
N ARG B 29 5.64 -37.83 -12.44
CA ARG B 29 5.93 -38.54 -13.68
C ARG B 29 7.40 -38.91 -13.77
N GLU B 30 8.27 -37.97 -13.42
CA GLU B 30 9.71 -38.24 -13.41
C GLU B 30 10.11 -39.26 -12.34
N LEU B 31 9.58 -39.12 -11.13
CA LEU B 31 9.96 -40.02 -10.05
C LEU B 31 9.64 -41.48 -10.36
N VAL B 32 8.52 -41.72 -11.03
CA VAL B 32 8.17 -43.09 -11.40
C VAL B 32 9.02 -43.58 -12.59
N ALA B 33 9.26 -42.69 -13.55
CA ALA B 33 10.06 -43.04 -14.72
C ALA B 33 11.53 -43.23 -14.36
N ARG B 34 11.92 -42.75 -13.19
CA ARG B 34 13.22 -43.09 -12.62
C ARG B 34 13.13 -44.41 -11.86
N GLY B 35 11.94 -44.99 -11.80
CA GLY B 35 11.74 -46.30 -11.19
C GLY B 35 11.64 -46.32 -9.67
N HIS B 36 11.19 -45.24 -9.07
CA HIS B 36 11.01 -45.21 -7.63
C HIS B 36 9.72 -45.93 -7.27
N ARG B 37 9.66 -46.51 -6.08
CA ARG B 37 8.39 -47.04 -5.60
C ARG B 37 7.63 -45.92 -4.90
N VAL B 38 6.64 -45.40 -5.63
CA VAL B 38 5.91 -44.21 -5.22
C VAL B 38 4.45 -44.57 -5.03
N THR B 39 3.92 -44.25 -3.86
CA THR B 39 2.49 -44.33 -3.60
C THR B 39 1.95 -42.90 -3.55
N TYR B 40 0.65 -42.75 -3.78
CA TYR B 40 0.02 -41.44 -3.87
C TYR B 40 -1.31 -41.47 -3.15
N ALA B 41 -1.36 -40.83 -1.97
CA ALA B 41 -2.60 -40.72 -1.22
C ALA B 41 -3.50 -39.66 -1.86
N ILE B 42 -4.70 -40.07 -2.25
CA ILE B 42 -5.58 -39.24 -3.04
C ILE B 42 -7.04 -39.68 -2.87
N PRO B 43 -7.99 -38.73 -2.95
CA PRO B 43 -9.38 -39.22 -2.92
C PRO B 43 -9.67 -39.98 -4.21
N PRO B 44 -10.65 -40.89 -4.20
CA PRO B 44 -10.87 -41.78 -5.34
C PRO B 44 -11.23 -41.03 -6.62
N VAL B 45 -11.81 -39.84 -6.49
CA VAL B 45 -12.18 -39.12 -7.71
C VAL B 45 -10.92 -38.75 -8.52
N PHE B 46 -9.77 -38.67 -7.84
CA PHE B 46 -8.48 -38.47 -8.51
C PHE B 46 -7.51 -39.66 -8.45
N ALA B 47 -8.00 -40.89 -8.59
CA ALA B 47 -7.10 -42.05 -8.54
C ALA B 47 -6.42 -42.33 -9.88
N ASP B 48 -7.22 -42.34 -10.95
CA ASP B 48 -6.71 -42.66 -12.28
C ASP B 48 -5.75 -41.56 -12.75
N LYS B 49 -6.06 -40.32 -12.37
CA LYS B 49 -5.20 -39.18 -12.66
C LYS B 49 -3.78 -39.41 -12.12
N VAL B 50 -3.69 -39.90 -10.89
CA VAL B 50 -2.37 -40.16 -10.32
C VAL B 50 -1.82 -41.55 -10.70
N ALA B 51 -2.69 -42.42 -11.19
CA ALA B 51 -2.25 -43.74 -11.63
C ALA B 51 -1.75 -43.62 -13.07
N ALA B 52 -2.07 -42.49 -13.69
CA ALA B 52 -1.60 -42.17 -15.03
C ALA B 52 -0.10 -41.95 -15.03
N THR B 53 0.42 -41.48 -13.88
CA THR B 53 1.85 -41.24 -13.72
C THR B 53 2.67 -42.52 -13.52
N GLY B 54 2.02 -43.58 -13.05
CA GLY B 54 2.70 -44.79 -12.65
C GLY B 54 2.76 -45.05 -11.15
N ALA B 55 2.47 -44.02 -10.36
CA ALA B 55 2.39 -44.19 -8.91
C ALA B 55 1.11 -44.95 -8.60
N ARG B 56 1.12 -45.72 -7.51
CA ARG B 56 -0.06 -46.48 -7.12
C ARG B 56 -0.90 -45.61 -6.20
N PRO B 57 -2.20 -45.50 -6.48
CA PRO B 57 -2.99 -44.62 -5.61
C PRO B 57 -3.18 -45.22 -4.24
N VAL B 58 -3.43 -44.36 -3.26
CA VAL B 58 -3.81 -44.76 -1.92
C VAL B 58 -5.04 -43.92 -1.55
N LEU B 59 -6.14 -44.62 -1.32
CA LEU B 59 -7.49 -44.08 -1.35
C LEU B 59 -8.01 -43.54 -0.01
N TYR B 60 -8.28 -42.25 0.08
CA TYR B 60 -8.97 -41.72 1.26
C TYR B 60 -10.22 -40.89 0.93
N HIS B 61 -11.12 -40.75 1.90
CA HIS B 61 -12.35 -39.99 1.72
C HIS B 61 -12.15 -38.47 1.94
N SER B 62 -12.78 -37.67 1.09
CA SER B 62 -12.65 -36.20 1.16
C SER B 62 -13.98 -35.52 1.46
N THR B 63 -13.92 -34.47 2.28
CA THR B 63 -15.10 -33.71 2.66
C THR B 63 -14.98 -32.32 2.05
N LEU B 64 -13.93 -32.15 1.24
CA LEU B 64 -13.72 -30.93 0.50
C LEU B 64 -14.63 -30.86 -0.71
N PRO B 65 -14.84 -29.64 -1.22
CA PRO B 65 -15.66 -29.51 -2.44
C PRO B 65 -15.10 -30.33 -3.62
N GLY B 66 -15.98 -30.83 -4.49
CA GLY B 66 -15.54 -31.58 -5.66
C GLY B 66 -14.52 -30.85 -6.52
N PRO B 67 -13.73 -31.59 -7.29
CA PRO B 67 -12.84 -31.07 -8.34
C PRO B 67 -13.54 -30.02 -9.24
N ASP B 68 -14.83 -30.27 -9.45
CA ASP B 68 -15.66 -29.52 -10.41
C ASP B 68 -16.42 -28.39 -9.74
N ALA B 69 -16.18 -28.23 -8.45
CA ALA B 69 -16.93 -27.31 -7.63
C ALA B 69 -16.81 -25.86 -8.09
N ASP B 70 -17.73 -25.02 -7.59
CA ASP B 70 -17.96 -23.67 -8.13
C ASP B 70 -17.44 -22.62 -7.16
N PRO B 71 -17.20 -21.41 -7.66
CA PRO B 71 -16.59 -20.38 -6.82
C PRO B 71 -17.51 -19.74 -5.77
N GLU B 72 -17.97 -20.58 -4.84
CA GLU B 72 -18.59 -20.20 -3.58
C GLU B 72 -18.44 -21.40 -2.66
N ALA B 73 -18.07 -22.52 -3.25
CA ALA B 73 -17.91 -23.78 -2.53
C ALA B 73 -16.84 -23.72 -1.44
N TRP B 74 -16.01 -22.67 -1.44
CA TRP B 74 -15.13 -22.39 -0.30
C TRP B 74 -15.46 -21.06 0.38
N GLY B 75 -16.13 -20.17 -0.34
CA GLY B 75 -16.33 -18.81 0.15
C GLY B 75 -15.13 -17.90 -0.11
N SER B 76 -14.97 -16.88 0.73
CA SER B 76 -13.88 -15.94 0.55
C SER B 76 -13.16 -15.61 1.87
N THR B 77 -13.94 -15.45 2.93
CA THR B 77 -13.48 -14.90 4.22
C THR B 77 -12.10 -15.34 4.76
N LEU B 78 -12.11 -16.21 5.78
CA LEU B 78 -10.87 -16.81 6.26
C LEU B 78 -11.14 -18.16 6.90
N LEU B 79 -12.05 -18.19 7.86
CA LEU B 79 -12.36 -19.45 8.51
C LEU B 79 -13.08 -20.40 7.55
N ASP B 80 -13.87 -19.85 6.63
CA ASP B 80 -14.51 -20.66 5.60
C ASP B 80 -13.47 -21.27 4.66
N ASN B 81 -12.45 -20.50 4.33
CA ASN B 81 -11.37 -21.02 3.49
C ASN B 81 -10.53 -22.05 4.23
N VAL B 82 -10.22 -21.79 5.49
CA VAL B 82 -9.26 -22.64 6.22
C VAL B 82 -9.84 -23.83 6.99
N GLU B 83 -10.96 -23.67 7.68
CA GLU B 83 -11.52 -24.77 8.47
C GLU B 83 -11.62 -26.10 7.70
N PRO B 84 -12.06 -26.06 6.43
CA PRO B 84 -12.11 -27.30 5.64
C PRO B 84 -10.74 -27.77 5.17
N PHE B 85 -9.73 -27.73 6.02
CA PHE B 85 -8.52 -28.46 5.73
C PHE B 85 -8.16 -29.15 7.02
N LEU B 86 -8.43 -28.48 8.13
CA LEU B 86 -8.23 -29.12 9.43
C LEU B 86 -9.30 -30.18 9.63
N ASN B 87 -10.54 -29.81 9.35
CA ASN B 87 -11.64 -30.72 9.54
C ASN B 87 -11.40 -31.93 8.64
N ASP B 88 -10.99 -31.66 7.40
CA ASP B 88 -10.63 -32.72 6.48
C ASP B 88 -9.49 -33.57 7.04
N ALA B 89 -8.47 -32.91 7.57
CA ALA B 89 -7.30 -33.62 8.09
C ALA B 89 -7.66 -34.56 9.23
N ILE B 90 -8.59 -34.13 10.08
CA ILE B 90 -8.93 -34.92 11.24
C ILE B 90 -9.54 -36.28 10.89
N GLN B 91 -10.39 -36.32 9.88
CA GLN B 91 -10.97 -37.58 9.44
C GLN B 91 -10.06 -38.29 8.44
N ALA B 92 -9.19 -37.52 7.80
CA ALA B 92 -8.22 -38.06 6.85
C ALA B 92 -6.86 -38.40 7.42
N LEU B 93 -6.64 -38.37 8.72
CA LEU B 93 -5.43 -39.05 9.15
C LEU B 93 -5.57 -40.52 9.64
N PRO B 94 -6.65 -40.87 10.37
CA PRO B 94 -6.70 -42.30 10.68
C PRO B 94 -6.84 -43.22 9.46
N GLN B 95 -7.55 -42.81 8.41
CA GLN B 95 -7.67 -43.65 7.21
C GLN B 95 -6.27 -43.93 6.62
N LEU B 96 -5.46 -42.87 6.53
CA LEU B 96 -4.14 -42.94 5.93
C LEU B 96 -3.12 -43.63 6.82
N ALA B 97 -3.20 -43.35 8.11
CA ALA B 97 -2.38 -44.08 9.07
C ALA B 97 -2.56 -45.58 8.85
N ASP B 98 -3.78 -46.01 8.53
CA ASP B 98 -4.07 -47.45 8.42
C ASP B 98 -3.53 -47.95 7.13
N ALA B 99 -3.72 -47.11 6.11
CA ALA B 99 -3.22 -47.47 4.78
C ALA B 99 -1.81 -48.04 4.89
N TYR B 100 -0.89 -47.16 5.22
CA TYR B 100 0.57 -47.38 5.25
C TYR B 100 1.02 -48.09 6.52
N ALA B 101 0.02 -48.51 7.29
CA ALA B 101 0.28 -49.22 8.53
C ALA B 101 1.13 -50.46 8.28
N ASP B 102 0.89 -51.17 7.16
CA ASP B 102 1.66 -52.41 6.92
C ASP B 102 3.02 -52.24 6.23
N ASP B 103 3.24 -51.08 5.61
CA ASP B 103 4.52 -50.75 5.02
C ASP B 103 4.63 -49.22 4.78
N ILE B 104 5.34 -48.60 5.72
CA ILE B 104 5.51 -47.16 5.82
C ILE B 104 6.52 -46.72 4.77
N PRO B 105 6.43 -45.45 4.36
CA PRO B 105 7.38 -45.01 3.34
C PRO B 105 8.73 -44.57 3.91
N ASP B 106 9.70 -44.32 3.03
CA ASP B 106 11.00 -43.87 3.47
C ASP B 106 11.10 -42.34 3.39
N LEU B 107 10.14 -41.73 2.69
CA LEU B 107 10.07 -40.28 2.52
C LEU B 107 8.63 -39.92 2.16
N VAL B 108 8.14 -38.80 2.68
CA VAL B 108 6.81 -38.32 2.33
C VAL B 108 6.87 -37.02 1.53
N LEU B 109 6.11 -36.95 0.44
CA LEU B 109 5.97 -35.73 -0.36
C LEU B 109 4.51 -35.28 -0.28
N HIS B 110 4.26 -33.98 -0.23
CA HIS B 110 2.87 -33.53 -0.18
C HIS B 110 2.67 -32.12 -0.69
N ASP B 111 1.52 -31.89 -1.31
CA ASP B 111 1.07 -30.53 -1.59
C ASP B 111 0.74 -29.83 -0.26
N ILE B 112 0.79 -28.51 -0.25
CA ILE B 112 0.59 -27.73 0.97
C ILE B 112 -0.77 -27.97 1.64
N THR B 113 -1.75 -28.44 0.88
CA THR B 113 -3.11 -28.57 1.41
C THR B 113 -3.35 -29.81 2.28
N SER B 114 -2.45 -30.79 2.22
CA SER B 114 -2.66 -32.02 2.99
C SER B 114 -1.98 -32.04 4.37
N TYR B 115 -2.73 -31.68 5.41
CA TYR B 115 -2.21 -31.75 6.77
C TYR B 115 -1.87 -33.17 7.27
N PRO B 116 -2.60 -34.21 6.82
CA PRO B 116 -2.22 -35.53 7.33
C PRO B 116 -0.80 -35.95 6.95
N ALA B 117 -0.34 -35.54 5.78
CA ALA B 117 1.01 -35.89 5.35
C ALA B 117 2.07 -35.43 6.36
N ARG B 118 1.90 -34.22 6.88
CA ARG B 118 2.79 -33.69 7.90
C ARG B 118 2.80 -34.56 9.16
N VAL B 119 1.62 -34.92 9.63
CA VAL B 119 1.52 -35.69 10.88
C VAL B 119 2.18 -37.06 10.78
N LEU B 120 1.91 -37.74 9.67
CA LEU B 120 2.43 -39.10 9.47
C LEU B 120 3.95 -39.21 9.36
N ALA B 121 4.57 -38.40 8.49
CA ALA B 121 6.02 -38.41 8.41
C ALA B 121 6.64 -38.15 9.78
N ARG B 122 5.93 -37.38 10.62
CA ARG B 122 6.41 -37.13 11.98
C ARG B 122 6.12 -38.33 12.90
N ARG B 123 5.12 -39.14 12.54
CA ARG B 123 4.73 -40.32 13.32
C ARG B 123 5.56 -41.55 12.92
N TRP B 124 5.98 -41.58 11.66
CA TRP B 124 6.75 -42.69 11.11
C TRP B 124 8.24 -42.40 11.25
N GLY B 125 8.56 -41.12 11.40
CA GLY B 125 9.94 -40.72 11.55
C GLY B 125 10.61 -40.72 10.20
N VAL B 126 9.83 -40.41 9.16
CA VAL B 126 10.37 -40.31 7.82
C VAL B 126 10.32 -38.87 7.32
N PRO B 127 11.12 -38.54 6.28
CA PRO B 127 11.17 -37.19 5.74
C PRO B 127 9.90 -36.73 5.03
N ALA B 128 9.61 -35.44 5.22
CA ALA B 128 8.54 -34.77 4.53
C ALA B 128 9.10 -33.66 3.65
N VAL B 129 8.68 -33.62 2.39
CA VAL B 129 9.00 -32.51 1.51
C VAL B 129 7.70 -31.89 1.04
N SER B 130 7.51 -30.62 1.37
CA SER B 130 6.31 -29.89 0.97
C SER B 130 6.50 -29.34 -0.44
N LEU B 131 5.49 -29.50 -1.29
CA LEU B 131 5.54 -28.93 -2.64
C LEU B 131 4.51 -27.82 -2.76
N SER B 132 4.98 -26.59 -3.01
CA SER B 132 4.07 -25.43 -3.06
C SER B 132 3.83 -24.93 -4.48
N PRO B 133 2.57 -24.90 -4.91
CA PRO B 133 2.25 -24.45 -6.27
C PRO B 133 2.18 -22.92 -6.35
N ASN B 134 2.46 -22.25 -5.24
CA ASN B 134 2.32 -20.81 -5.19
C ASN B 134 3.32 -20.23 -4.20
N LEU B 135 3.24 -18.93 -3.94
CA LEU B 135 4.22 -18.28 -3.08
C LEU B 135 4.25 -18.92 -1.69
N VAL B 136 5.37 -18.73 -1.00
CA VAL B 136 5.53 -19.25 0.36
C VAL B 136 5.79 -18.14 1.35
N ALA B 137 5.79 -18.49 2.63
CA ALA B 137 6.01 -17.51 3.68
C ALA B 137 7.47 -17.06 3.70
N TRP B 138 7.66 -15.75 3.84
CA TRP B 138 8.98 -15.20 4.03
C TRP B 138 9.19 -14.94 5.52
N LYS B 139 10.43 -14.67 5.92
CA LYS B 139 10.70 -14.30 7.29
C LYS B 139 10.10 -12.92 7.51
N GLY B 140 9.12 -12.84 8.41
CA GLY B 140 8.35 -11.62 8.60
C GLY B 140 6.88 -11.84 8.29
N TYR B 141 6.55 -12.98 7.69
CA TYR B 141 5.21 -13.29 7.23
C TYR B 141 4.17 -13.35 8.35
N GLU B 142 4.52 -13.93 9.49
CA GLU B 142 3.53 -14.05 10.58
C GLU B 142 2.99 -12.70 11.05
N GLU B 143 3.74 -11.63 10.84
CA GLU B 143 3.33 -10.31 11.32
C GLU B 143 2.74 -9.44 10.22
N GLU B 144 3.27 -9.57 9.02
CA GLU B 144 2.86 -8.71 7.90
C GLU B 144 1.61 -9.21 7.19
N VAL B 145 1.39 -10.52 7.21
CA VAL B 145 0.27 -11.10 6.48
C VAL B 145 -0.69 -11.83 7.40
N ALA B 146 -0.15 -12.74 8.20
CA ALA B 146 -0.97 -13.65 9.00
C ALA B 146 -1.88 -12.93 9.99
N GLU B 147 -1.29 -12.23 10.94
CA GLU B 147 -2.06 -11.53 11.97
C GLU B 147 -3.12 -10.56 11.42
N PRO B 148 -2.76 -9.71 10.44
CA PRO B 148 -3.77 -8.85 9.82
C PRO B 148 -5.00 -9.61 9.37
N MET B 149 -4.82 -10.67 8.60
CA MET B 149 -5.94 -11.47 8.14
C MET B 149 -6.73 -12.03 9.29
N TRP B 150 -6.01 -12.49 10.32
CA TRP B 150 -6.62 -13.18 11.45
C TRP B 150 -7.16 -12.24 12.52
N ARG B 151 -6.83 -10.95 12.43
CA ARG B 151 -7.15 -9.96 13.48
C ARG B 151 -8.58 -10.04 14.03
N GLU B 152 -9.58 -10.15 13.15
CA GLU B 152 -10.96 -10.32 13.61
C GLU B 152 -11.41 -11.76 13.87
N PRO B 153 -11.13 -12.69 12.95
CA PRO B 153 -11.58 -14.07 13.18
C PRO B 153 -10.98 -14.76 14.40
N ARG B 154 -9.79 -14.34 14.82
CA ARG B 154 -9.13 -14.95 15.96
C ARG B 154 -9.98 -14.79 17.24
N GLN B 155 -10.82 -13.76 17.26
CA GLN B 155 -11.64 -13.44 18.44
C GLN B 155 -13.06 -13.95 18.35
N THR B 156 -13.46 -14.50 17.21
CA THR B 156 -14.79 -15.08 17.12
C THR B 156 -14.77 -16.46 17.76
N GLU B 157 -15.87 -16.85 18.42
CA GLU B 157 -15.97 -18.16 19.04
C GLU B 157 -15.68 -19.29 18.04
N ARG B 158 -16.06 -19.08 16.79
CA ARG B 158 -15.73 -20.02 15.73
C ARG B 158 -14.22 -20.15 15.58
N GLY B 159 -13.54 -19.01 15.61
CA GLY B 159 -12.10 -19.01 15.50
C GLY B 159 -11.43 -19.60 16.74
N ARG B 160 -12.05 -19.37 17.90
CA ARG B 160 -11.52 -19.87 19.17
C ARG B 160 -11.68 -21.37 19.30
N ALA B 161 -12.80 -21.89 18.81
CA ALA B 161 -13.01 -23.33 18.77
C ALA B 161 -11.99 -23.97 17.82
N TYR B 162 -11.88 -23.40 16.63
CA TYR B 162 -10.96 -23.87 15.59
C TYR B 162 -9.50 -23.98 16.05
N TYR B 163 -8.94 -22.92 16.64
CA TYR B 163 -7.59 -23.06 17.18
C TYR B 163 -7.52 -24.12 18.26
N ALA B 164 -8.59 -24.24 19.04
CA ALA B 164 -8.64 -25.38 19.94
C ALA B 164 -8.85 -26.68 19.16
N ARG B 165 -9.68 -26.66 18.10
CA ARG B 165 -9.86 -27.89 17.30
C ARG B 165 -8.69 -28.14 16.35
N PHE B 166 -7.94 -27.09 16.04
CA PHE B 166 -6.68 -27.27 15.33
C PHE B 166 -5.63 -27.70 16.34
N GLU B 167 -5.48 -26.98 17.45
CA GLU B 167 -4.43 -27.35 18.39
C GLU B 167 -4.66 -28.64 19.17
N ALA B 168 -5.90 -28.93 19.56
CA ALA B 168 -6.15 -30.20 20.26
C ALA B 168 -5.72 -31.36 19.37
N TRP B 169 -5.86 -31.18 18.06
CA TRP B 169 -5.46 -32.20 17.12
C TRP B 169 -3.95 -32.41 17.15
N LEU B 170 -3.20 -31.32 17.09
CA LEU B 170 -1.74 -31.42 17.10
C LEU B 170 -1.23 -32.03 18.43
N LYS B 171 -1.75 -31.53 19.55
CA LYS B 171 -1.22 -32.04 20.82
C LYS B 171 -1.51 -33.53 21.00
N GLU B 172 -2.65 -34.02 20.49
CA GLU B 172 -2.95 -35.45 20.54
C GLU B 172 -1.94 -36.25 19.72
N ASN B 173 -1.18 -35.55 18.87
CA ASN B 173 -0.15 -36.19 18.05
C ASN B 173 1.26 -35.80 18.48
N GLY B 174 1.36 -35.30 19.70
CA GLY B 174 2.65 -34.94 20.27
C GLY B 174 3.32 -33.79 19.54
N ILE B 175 2.51 -32.90 18.97
CA ILE B 175 3.06 -31.75 18.26
C ILE B 175 2.81 -30.44 19.03
N THR B 176 3.89 -29.73 19.37
CA THR B 176 3.78 -28.52 20.19
C THR B 176 4.08 -27.23 19.43
N GLU B 177 4.33 -27.36 18.13
CA GLU B 177 4.28 -26.25 17.20
C GLU B 177 2.87 -25.65 17.25
N HIS B 178 2.76 -24.33 17.17
CA HIS B 178 1.45 -23.70 17.01
C HIS B 178 0.88 -24.13 15.66
N PRO B 179 -0.45 -24.10 15.50
CA PRO B 179 -0.99 -24.43 14.18
C PRO B 179 -0.38 -23.60 13.06
N ASP B 180 -0.01 -22.34 13.32
CA ASP B 180 0.62 -21.48 12.31
C ASP B 180 1.85 -22.14 11.70
N THR B 181 2.75 -22.58 12.58
CA THR B 181 4.02 -23.18 12.17
C THR B 181 3.75 -24.44 11.37
N PHE B 182 2.94 -25.30 11.97
CA PHE B 182 2.58 -26.58 11.37
C PHE B 182 1.97 -26.36 9.99
N ALA B 183 1.07 -25.38 9.89
CA ALA B 183 0.39 -25.14 8.63
C ALA B 183 1.24 -24.40 7.59
N SER B 184 1.91 -23.33 8.03
CA SER B 184 2.49 -22.39 7.08
C SER B 184 4.02 -22.40 6.98
N HIS B 185 4.68 -23.19 7.82
CA HIS B 185 6.14 -23.13 7.90
C HIS B 185 6.78 -24.50 7.90
N PRO B 186 6.79 -25.14 6.72
CA PRO B 186 7.37 -26.49 6.57
C PRO B 186 8.86 -26.46 6.83
N PRO B 187 9.41 -27.59 7.29
CA PRO B 187 10.87 -27.67 7.47
C PRO B 187 11.62 -27.79 6.14
N ARG B 188 10.95 -28.25 5.08
CA ARG B 188 11.58 -28.38 3.77
C ARG B 188 10.54 -28.25 2.67
N SER B 189 10.80 -27.39 1.69
CA SER B 189 9.81 -27.10 0.67
C SER B 189 10.45 -26.83 -0.68
N LEU B 190 9.82 -27.37 -1.73
CA LEU B 190 10.15 -26.99 -3.10
C LEU B 190 9.02 -26.12 -3.63
N VAL B 191 9.37 -24.98 -4.21
CA VAL B 191 8.37 -24.02 -4.69
C VAL B 191 8.25 -24.08 -6.21
N LEU B 192 7.02 -24.30 -6.68
CA LEU B 192 6.75 -24.54 -8.10
C LEU B 192 6.42 -23.26 -8.87
N ILE B 193 6.98 -22.14 -8.42
CA ILE B 193 6.92 -20.90 -9.18
C ILE B 193 8.32 -20.35 -9.25
N PRO B 194 8.60 -19.53 -10.29
CA PRO B 194 9.92 -18.90 -10.29
C PRO B 194 10.02 -17.90 -9.15
N LYS B 195 11.22 -17.77 -8.58
CA LYS B 195 11.45 -16.86 -7.46
C LYS B 195 11.08 -15.44 -7.82
N ALA B 196 11.18 -15.10 -9.11
CA ALA B 196 10.80 -13.78 -9.57
C ALA B 196 9.32 -13.46 -9.23
N LEU B 197 8.49 -14.49 -9.19
CA LEU B 197 7.07 -14.31 -8.87
C LEU B 197 6.74 -14.43 -7.38
N GLN B 198 7.76 -14.55 -6.53
CA GLN B 198 7.59 -14.57 -5.08
C GLN B 198 7.73 -13.18 -4.47
N PRO B 199 6.68 -12.67 -3.80
CA PRO B 199 6.82 -11.39 -3.10
C PRO B 199 7.84 -11.53 -1.98
N HIS B 200 8.58 -10.46 -1.70
CA HIS B 200 9.57 -10.49 -0.61
C HIS B 200 10.55 -11.66 -0.74
N ALA B 201 10.88 -11.99 -1.99
CA ALA B 201 11.73 -13.13 -2.26
C ALA B 201 13.06 -13.10 -1.52
N ASP B 202 13.60 -11.89 -1.32
CA ASP B 202 14.88 -11.76 -0.65
C ASP B 202 14.81 -12.06 0.85
N ARG B 203 13.62 -12.32 1.39
CA ARG B 203 13.51 -12.73 2.78
C ARG B 203 13.01 -14.17 2.98
N VAL B 204 12.82 -14.89 1.89
CA VAL B 204 12.46 -16.30 1.99
C VAL B 204 13.66 -17.12 2.45
N ASP B 205 13.43 -17.97 3.46
CA ASP B 205 14.49 -18.75 4.11
C ASP B 205 15.15 -19.77 3.20
N GLU B 206 16.41 -19.53 2.88
CA GLU B 206 17.17 -20.43 2.04
C GLU B 206 17.31 -21.82 2.65
N ASP B 207 17.39 -21.88 3.97
CA ASP B 207 17.52 -23.13 4.72
C ASP B 207 16.42 -24.11 4.30
N VAL B 208 15.25 -23.56 4.01
CA VAL B 208 14.02 -24.35 3.92
C VAL B 208 13.49 -24.51 2.50
N TYR B 209 13.45 -23.39 1.77
CA TYR B 209 12.78 -23.34 0.47
C TYR B 209 13.74 -23.31 -0.70
N THR B 210 13.50 -24.17 -1.69
CA THR B 210 14.19 -24.11 -2.97
C THR B 210 13.18 -23.84 -4.07
N PHE B 211 13.42 -22.80 -4.87
CA PHE B 211 12.55 -22.47 -5.98
C PHE B 211 12.96 -23.24 -7.22
N VAL B 212 12.06 -24.09 -7.70
CA VAL B 212 12.36 -24.88 -8.89
C VAL B 212 11.58 -24.40 -10.11
N GLY B 213 10.49 -23.68 -9.87
CA GLY B 213 9.66 -23.18 -10.96
C GLY B 213 8.60 -24.18 -11.40
N ALA B 214 7.95 -23.89 -12.53
CA ALA B 214 6.89 -24.74 -13.04
C ALA B 214 7.42 -26.06 -13.56
N CYS B 215 6.56 -27.08 -13.52
CA CYS B 215 6.93 -28.43 -13.95
C CYS B 215 6.02 -28.96 -15.06
N GLN B 216 5.80 -28.15 -16.08
CA GLN B 216 5.13 -28.61 -17.29
C GLN B 216 5.89 -29.78 -17.86
N GLY B 217 5.16 -30.81 -18.28
CA GLY B 217 5.75 -31.95 -18.96
C GLY B 217 6.18 -31.53 -20.35
N ASP B 218 6.87 -32.40 -21.06
CA ASP B 218 7.43 -32.00 -22.35
C ASP B 218 6.34 -31.73 -23.38
N ARG B 219 6.51 -30.62 -24.09
CA ARG B 219 5.45 -30.10 -24.96
C ARG B 219 5.80 -30.11 -26.46
N ALA B 220 6.83 -30.87 -26.83
CA ALA B 220 7.29 -30.87 -28.23
C ALA B 220 6.17 -31.20 -29.22
N GLU B 221 5.25 -32.06 -28.79
CA GLU B 221 4.11 -32.48 -29.62
C GLU B 221 3.25 -31.34 -30.16
N GLU B 222 3.20 -30.22 -29.45
CA GLU B 222 2.38 -29.09 -29.88
C GLU B 222 2.93 -28.44 -31.15
N GLY B 223 4.10 -28.92 -31.57
CA GLY B 223 4.71 -28.47 -32.80
C GLY B 223 5.32 -27.10 -32.64
N GLY B 224 5.78 -26.54 -33.75
CA GLY B 224 6.28 -25.18 -33.77
C GLY B 224 5.31 -24.24 -34.46
N TRP B 225 5.59 -22.96 -34.40
CA TRP B 225 4.78 -21.97 -35.09
C TRP B 225 5.41 -21.77 -36.47
N GLN B 226 5.99 -20.59 -36.72
CA GLN B 226 6.67 -20.21 -37.97
C GLN B 226 6.65 -18.69 -38.07
N ARG B 227 7.67 -18.04 -37.53
CA ARG B 227 7.74 -16.58 -37.54
C ARG B 227 7.71 -16.07 -38.97
N PRO B 228 6.70 -15.23 -39.29
CA PRO B 228 6.51 -14.65 -40.62
C PRO B 228 7.79 -14.00 -41.10
N ALA B 229 7.88 -13.79 -42.40
CA ALA B 229 9.14 -13.37 -43.04
C ALA B 229 9.52 -11.90 -42.79
N GLY B 230 8.71 -10.98 -43.28
CA GLY B 230 9.07 -9.58 -43.27
C GLY B 230 9.17 -9.01 -41.86
N ALA B 231 8.57 -9.74 -40.91
CA ALA B 231 8.41 -9.32 -39.53
C ALA B 231 9.66 -8.74 -38.88
N GLU B 232 9.59 -7.47 -38.52
CA GLU B 232 10.53 -6.89 -37.56
C GLU B 232 10.12 -7.38 -36.17
N LYS B 233 8.94 -6.94 -35.72
CA LYS B 233 8.40 -7.33 -34.43
C LYS B 233 7.57 -8.60 -34.52
N VAL B 234 6.91 -8.96 -33.41
CA VAL B 234 5.93 -10.06 -33.30
C VAL B 234 5.21 -9.98 -31.92
N VAL B 235 3.88 -10.07 -31.91
CA VAL B 235 3.12 -10.00 -30.67
C VAL B 235 2.10 -11.14 -30.53
N LEU B 236 2.10 -11.81 -29.38
CA LEU B 236 1.09 -12.84 -29.11
C LEU B 236 0.08 -12.31 -28.11
N VAL B 237 -1.20 -12.39 -28.48
CA VAL B 237 -2.29 -12.09 -27.55
C VAL B 237 -2.96 -13.40 -27.20
N SER B 238 -2.92 -13.78 -25.93
CA SER B 238 -3.59 -14.98 -25.48
C SER B 238 -4.07 -14.81 -24.05
N LEU B 239 -5.31 -15.17 -23.80
CA LEU B 239 -5.86 -15.05 -22.47
C LEU B 239 -5.94 -16.40 -21.76
N GLY B 240 -5.24 -17.41 -22.28
CA GLY B 240 -5.15 -18.67 -21.56
C GLY B 240 -5.95 -19.85 -22.10
N SER B 241 -6.64 -20.54 -21.19
CA SER B 241 -7.34 -21.77 -21.53
C SER B 241 -8.84 -21.68 -21.29
N ALA B 242 -9.26 -20.74 -20.44
CA ALA B 242 -10.67 -20.64 -20.08
C ALA B 242 -11.22 -19.21 -20.03
N PHE B 243 -10.38 -18.25 -19.68
CA PHE B 243 -10.85 -16.88 -19.51
C PHE B 243 -10.66 -16.10 -20.80
N THR B 244 -11.14 -16.71 -21.89
CA THR B 244 -10.79 -16.28 -23.23
C THR B 244 -11.96 -15.76 -24.06
N LYS B 245 -13.18 -15.81 -23.51
CA LYS B 245 -14.34 -15.31 -24.24
C LYS B 245 -14.50 -13.82 -24.00
N GLN B 246 -13.68 -13.04 -24.70
CA GLN B 246 -13.65 -11.58 -24.56
C GLN B 246 -13.53 -10.91 -25.91
N PRO B 247 -14.54 -11.08 -26.78
CA PRO B 247 -14.43 -10.66 -28.19
C PRO B 247 -14.20 -9.17 -28.35
N ALA B 248 -14.79 -8.34 -27.48
CA ALA B 248 -14.58 -6.90 -27.57
C ALA B 248 -13.11 -6.57 -27.36
N PHE B 249 -12.54 -7.19 -26.33
CA PHE B 249 -11.11 -7.05 -26.06
C PHE B 249 -10.27 -7.52 -27.25
N TYR B 250 -10.58 -8.71 -27.77
CA TYR B 250 -9.85 -9.21 -28.94
C TYR B 250 -9.97 -8.25 -30.11
N ARG B 251 -11.14 -7.64 -30.26
CA ARG B 251 -11.34 -6.66 -31.30
C ARG B 251 -10.46 -5.44 -31.06
N GLU B 252 -10.09 -5.21 -29.81
CA GLU B 252 -9.24 -4.06 -29.48
C GLU B 252 -7.76 -4.20 -29.86
N CYS B 253 -7.29 -5.42 -30.12
CA CYS B 253 -5.89 -5.61 -30.52
C CYS B 253 -5.73 -5.54 -32.02
N VAL B 254 -6.70 -6.09 -32.72
CA VAL B 254 -6.67 -6.10 -34.17
C VAL B 254 -6.48 -4.69 -34.74
N ARG B 255 -6.99 -3.69 -34.04
CA ARG B 255 -6.84 -2.31 -34.49
C ARG B 255 -5.53 -1.67 -34.00
N ALA B 256 -4.97 -2.22 -32.93
CA ALA B 256 -3.74 -1.67 -32.39
C ALA B 256 -2.60 -2.31 -33.16
N PHE B 257 -2.72 -3.60 -33.41
CA PHE B 257 -1.61 -4.33 -34.01
C PHE B 257 -1.78 -4.55 -35.50
N GLY B 258 -3.03 -4.68 -35.92
CA GLY B 258 -3.35 -4.82 -37.33
C GLY B 258 -2.96 -3.60 -38.12
N ASN B 259 -2.42 -3.84 -39.31
CA ASN B 259 -1.96 -2.77 -40.16
C ASN B 259 -0.86 -1.94 -39.50
N LEU B 260 0.00 -2.60 -38.74
CA LEU B 260 1.23 -1.94 -38.28
C LEU B 260 2.47 -2.63 -38.85
N PRO B 261 3.16 -1.94 -39.77
CA PRO B 261 4.31 -2.39 -40.56
C PRO B 261 5.32 -3.24 -39.78
N GLY B 262 5.43 -4.52 -40.16
CA GLY B 262 6.37 -5.41 -39.52
C GLY B 262 5.73 -6.36 -38.52
N TRP B 263 5.11 -5.78 -37.48
CA TRP B 263 4.46 -6.56 -36.42
C TRP B 263 3.56 -7.65 -37.00
N HIS B 264 3.35 -8.70 -36.20
CA HIS B 264 2.52 -9.82 -36.59
C HIS B 264 1.74 -10.31 -35.36
N LEU B 265 0.43 -10.08 -35.38
CA LEU B 265 -0.40 -10.46 -34.27
C LEU B 265 -0.88 -11.89 -34.42
N VAL B 266 -0.59 -12.70 -33.41
CA VAL B 266 -1.18 -14.03 -33.29
C VAL B 266 -2.18 -13.95 -32.14
N LEU B 267 -3.38 -14.48 -32.37
CA LEU B 267 -4.47 -14.46 -31.38
C LEU B 267 -4.94 -15.84 -31.01
N GLN B 268 -4.90 -16.16 -29.73
CA GLN B 268 -5.53 -17.35 -29.21
C GLN B 268 -6.89 -16.89 -28.69
N ILE B 269 -7.91 -16.93 -29.53
CA ILE B 269 -9.21 -16.39 -29.15
C ILE B 269 -10.10 -17.47 -28.55
N GLY B 270 -9.57 -18.70 -28.49
CA GLY B 270 -10.34 -19.83 -28.02
C GLY B 270 -11.44 -20.20 -29.01
N ARG B 271 -12.35 -21.08 -28.60
CA ARG B 271 -13.49 -21.48 -29.42
C ARG B 271 -14.83 -20.89 -28.94
N LYS B 272 -14.77 -19.97 -27.97
CA LYS B 272 -15.98 -19.32 -27.48
C LYS B 272 -16.17 -17.98 -28.18
N VAL B 273 -15.20 -17.65 -29.01
CA VAL B 273 -15.34 -16.60 -29.98
C VAL B 273 -14.96 -17.19 -31.33
N THR B 274 -15.87 -17.12 -32.30
CA THR B 274 -15.53 -17.55 -33.64
C THR B 274 -14.74 -16.45 -34.33
N PRO B 275 -13.94 -16.80 -35.34
CA PRO B 275 -13.09 -15.73 -35.87
C PRO B 275 -13.75 -14.48 -36.50
N ALA B 276 -14.88 -14.59 -37.19
CA ALA B 276 -15.52 -13.38 -37.73
C ALA B 276 -16.13 -12.51 -36.63
N GLU B 277 -16.31 -13.07 -35.44
CA GLU B 277 -16.76 -12.30 -34.29
C GLU B 277 -15.71 -11.29 -33.85
N LEU B 278 -14.55 -11.32 -34.53
CA LEU B 278 -13.53 -10.29 -34.44
C LEU B 278 -13.79 -9.16 -35.43
N GLY B 279 -14.06 -9.51 -36.68
CA GLY B 279 -14.25 -8.52 -37.73
C GLY B 279 -13.11 -8.47 -38.72
N GLU B 280 -12.68 -7.26 -39.08
CA GLU B 280 -11.67 -7.07 -40.12
C GLU B 280 -10.32 -7.72 -39.77
N LEU B 281 -9.70 -8.34 -40.75
CA LEU B 281 -8.43 -9.05 -40.51
C LEU B 281 -7.31 -8.66 -41.47
N PRO B 282 -6.40 -7.80 -41.00
CA PRO B 282 -5.30 -7.24 -41.80
C PRO B 282 -4.27 -8.27 -42.24
N ASP B 283 -3.41 -7.88 -43.17
CA ASP B 283 -2.33 -8.72 -43.70
C ASP B 283 -1.45 -9.30 -42.59
N ASN B 284 -1.03 -8.42 -41.70
CA ASN B 284 -0.04 -8.74 -40.67
C ASN B 284 -0.62 -9.39 -39.41
N VAL B 285 -1.84 -9.91 -39.50
CA VAL B 285 -2.50 -10.49 -38.33
C VAL B 285 -3.09 -11.87 -38.63
N GLU B 286 -3.02 -12.77 -37.65
CA GLU B 286 -3.58 -14.10 -37.76
C GLU B 286 -4.26 -14.50 -36.45
N VAL B 287 -5.36 -15.25 -36.56
CA VAL B 287 -6.20 -15.62 -35.41
C VAL B 287 -6.10 -17.14 -35.16
N HIS B 288 -6.58 -17.64 -34.00
CA HIS B 288 -6.50 -19.07 -33.62
C HIS B 288 -7.52 -19.49 -32.56
N ASP B 289 -7.82 -20.78 -32.47
CA ASP B 289 -8.57 -21.36 -31.32
C ASP B 289 -7.71 -22.10 -30.29
N TRP B 290 -6.42 -22.26 -30.60
CA TRP B 290 -5.45 -22.85 -29.69
C TRP B 290 -4.09 -22.71 -30.35
N VAL B 291 -3.04 -22.62 -29.55
CA VAL B 291 -1.68 -22.51 -30.06
C VAL B 291 -0.69 -23.29 -29.19
N PRO B 292 0.45 -23.68 -29.78
CA PRO B 292 1.61 -24.10 -29.00
C PRO B 292 2.25 -22.84 -28.42
N GLN B 293 1.61 -22.29 -27.39
CA GLN B 293 2.01 -20.99 -26.88
C GLN B 293 3.45 -20.97 -26.39
N LEU B 294 3.89 -22.06 -25.78
CA LEU B 294 5.26 -22.13 -25.28
C LEU B 294 6.27 -21.96 -26.41
N ALA B 295 6.00 -22.66 -27.52
CA ALA B 295 6.87 -22.61 -28.69
C ALA B 295 6.73 -21.27 -29.43
N ILE B 296 5.57 -20.64 -29.30
CA ILE B 296 5.36 -19.32 -29.87
C ILE B 296 6.09 -18.25 -29.06
N LEU B 297 6.07 -18.39 -27.73
CA LEU B 297 6.72 -17.41 -26.87
C LEU B 297 8.24 -17.37 -27.02
N ARG B 298 8.87 -18.49 -27.38
CA ARG B 298 10.30 -18.45 -27.62
C ARG B 298 10.62 -17.46 -28.74
N GLN B 299 9.61 -17.14 -29.54
CA GLN B 299 9.81 -16.41 -30.80
C GLN B 299 9.01 -15.09 -30.94
N ALA B 300 8.91 -14.30 -29.86
CA ALA B 300 8.07 -13.10 -29.90
C ALA B 300 8.66 -11.84 -29.22
N ASP B 301 8.25 -10.66 -29.67
CA ASP B 301 8.70 -9.41 -29.05
C ASP B 301 7.76 -8.95 -27.94
N LEU B 302 6.55 -9.51 -27.88
CA LEU B 302 5.55 -9.04 -26.91
C LEU B 302 4.44 -10.06 -26.65
N PHE B 303 4.04 -10.18 -25.39
CA PHE B 303 3.05 -11.15 -24.97
C PHE B 303 1.94 -10.41 -24.25
N VAL B 304 0.79 -10.26 -24.90
CA VAL B 304 -0.39 -9.70 -24.25
C VAL B 304 -1.08 -10.85 -23.52
N THR B 305 -1.02 -10.83 -22.19
CA THR B 305 -1.40 -11.98 -21.39
C THR B 305 -2.44 -11.61 -20.34
N HIS B 306 -3.28 -12.58 -19.97
CA HIS B 306 -4.19 -12.35 -18.85
C HIS B 306 -3.45 -12.65 -17.55
N ALA B 307 -2.17 -12.99 -17.67
CA ALA B 307 -1.32 -13.29 -16.53
C ALA B 307 -1.83 -14.44 -15.65
N GLY B 308 -2.27 -15.53 -16.26
CA GLY B 308 -2.41 -16.76 -15.52
C GLY B 308 -1.04 -17.17 -15.01
N ALA B 309 -0.99 -18.09 -14.06
CA ALA B 309 0.29 -18.46 -13.47
C ALA B 309 1.19 -19.14 -14.53
N GLY B 310 0.57 -19.94 -15.39
CA GLY B 310 1.28 -20.60 -16.48
C GLY B 310 1.88 -19.59 -17.44
N GLY B 311 1.03 -18.72 -17.98
CA GLY B 311 1.46 -17.71 -18.93
C GLY B 311 2.46 -16.72 -18.35
N SER B 312 2.29 -16.36 -17.09
CA SER B 312 3.20 -15.44 -16.44
C SER B 312 4.61 -15.98 -16.45
N GLN B 313 4.78 -17.23 -16.03
CA GLN B 313 6.14 -17.77 -15.93
C GLN B 313 6.73 -18.09 -17.31
N GLU B 314 5.87 -18.42 -18.28
CA GLU B 314 6.35 -18.64 -19.65
C GLU B 314 6.84 -17.35 -20.27
N GLY B 315 6.16 -16.25 -19.97
CA GLY B 315 6.57 -14.95 -20.45
C GLY B 315 7.96 -14.61 -19.91
N LEU B 316 8.16 -14.83 -18.62
CA LEU B 316 9.45 -14.58 -18.00
C LEU B 316 10.53 -15.52 -18.56
N ALA B 317 10.18 -16.78 -18.70
CA ALA B 317 11.15 -17.81 -19.05
C ALA B 317 11.65 -17.63 -20.48
N THR B 318 10.91 -16.86 -21.26
CA THR B 318 11.27 -16.57 -22.64
C THR B 318 11.68 -15.11 -22.80
N ALA B 319 11.86 -14.40 -21.69
CA ALA B 319 12.29 -13.01 -21.67
C ALA B 319 11.42 -12.11 -22.55
N THR B 320 10.11 -12.29 -22.45
CA THR B 320 9.18 -11.55 -23.29
C THR B 320 8.42 -10.51 -22.48
N PRO B 321 8.49 -9.23 -22.88
CA PRO B 321 7.75 -8.19 -22.15
C PRO B 321 6.27 -8.50 -22.22
N MET B 322 5.52 -8.12 -21.18
CA MET B 322 4.12 -8.47 -21.13
C MET B 322 3.20 -7.27 -20.96
N ILE B 323 2.03 -7.34 -21.58
CA ILE B 323 0.93 -6.49 -21.21
C ILE B 323 -0.01 -7.42 -20.48
N ALA B 324 -0.19 -7.20 -19.19
CA ALA B 324 -1.01 -8.10 -18.40
C ALA B 324 -2.41 -7.52 -18.24
N VAL B 325 -3.41 -8.31 -18.56
CA VAL B 325 -4.80 -7.89 -18.45
C VAL B 325 -5.53 -9.01 -17.72
N PRO B 326 -5.37 -9.05 -16.39
CA PRO B 326 -5.88 -10.12 -15.55
C PRO B 326 -7.40 -10.18 -15.60
N GLN B 327 -7.91 -11.30 -16.09
CA GLN B 327 -9.33 -11.43 -16.40
C GLN B 327 -10.22 -11.60 -15.19
N ALA B 328 -9.78 -12.45 -14.27
CA ALA B 328 -10.57 -12.78 -13.10
C ALA B 328 -9.65 -13.49 -12.13
N VAL B 329 -10.23 -14.03 -11.07
CA VAL B 329 -9.50 -14.77 -10.05
C VAL B 329 -8.20 -14.10 -9.63
N ASP B 330 -7.12 -14.87 -9.67
CA ASP B 330 -5.87 -14.53 -9.02
C ASP B 330 -4.84 -14.00 -9.99
N GLN B 331 -5.24 -13.72 -11.22
CA GLN B 331 -4.31 -13.18 -12.17
C GLN B 331 -3.98 -11.73 -11.80
N PHE B 332 -4.78 -11.15 -10.92
CA PHE B 332 -4.55 -9.76 -10.52
C PHE B 332 -3.25 -9.64 -9.72
N GLY B 333 -3.00 -10.57 -8.81
CA GLY B 333 -1.75 -10.60 -8.09
C GLY B 333 -0.57 -10.86 -9.02
N ASN B 334 -0.81 -11.73 -10.00
CA ASN B 334 0.18 -12.04 -11.00
C ASN B 334 0.53 -10.85 -11.87
N ALA B 335 -0.48 -10.08 -12.26
CA ALA B 335 -0.25 -8.88 -13.06
C ALA B 335 0.55 -7.86 -12.22
N ASP B 336 0.10 -7.61 -10.99
CA ASP B 336 0.88 -6.78 -10.07
C ASP B 336 2.30 -7.30 -9.93
N MET B 337 2.42 -8.61 -9.88
CA MET B 337 3.71 -9.24 -9.82
C MET B 337 4.60 -8.81 -10.99
N LEU B 338 4.12 -9.03 -12.21
CA LEU B 338 4.90 -8.73 -13.40
C LEU B 338 5.22 -7.24 -13.54
N GLN B 339 4.25 -6.38 -13.24
CA GLN B 339 4.47 -4.96 -13.40
C GLN B 339 5.47 -4.46 -12.36
N GLY B 340 5.39 -5.02 -11.16
CA GLY B 340 6.33 -4.66 -10.10
C GLY B 340 7.77 -5.04 -10.41
N LEU B 341 7.95 -6.06 -11.24
CA LEU B 341 9.28 -6.47 -11.62
C LEU B 341 9.86 -5.59 -12.72
N GLY B 342 9.04 -4.67 -13.23
CA GLY B 342 9.49 -3.73 -14.23
C GLY B 342 9.59 -4.33 -15.62
N VAL B 343 8.83 -5.39 -15.86
CA VAL B 343 8.88 -6.09 -17.16
C VAL B 343 7.52 -6.19 -17.84
N ALA B 344 6.53 -5.48 -17.31
CA ALA B 344 5.17 -5.56 -17.84
C ALA B 344 4.36 -4.33 -17.46
N ARG B 345 3.25 -4.13 -18.16
CA ARG B 345 2.24 -3.16 -17.76
C ARG B 345 0.92 -3.89 -17.54
N LYS B 346 0.24 -3.54 -16.46
CA LYS B 346 -1.08 -4.08 -16.19
C LYS B 346 -2.15 -3.15 -16.76
N LEU B 347 -3.19 -3.73 -17.37
CA LEU B 347 -4.32 -2.98 -17.90
C LEU B 347 -5.62 -3.67 -17.49
N ALA B 348 -6.59 -2.88 -17.07
CA ALA B 348 -7.97 -3.36 -16.94
C ALA B 348 -8.56 -3.54 -18.34
N THR B 349 -9.47 -4.49 -18.50
CA THR B 349 -10.01 -4.78 -19.84
C THR B 349 -10.61 -3.56 -20.56
N GLU B 350 -11.42 -2.73 -19.89
CA GLU B 350 -12.04 -1.59 -20.60
C GLU B 350 -11.06 -0.45 -20.95
N GLU B 351 -10.12 -0.16 -20.06
CA GLU B 351 -9.08 0.82 -20.39
C GLU B 351 -7.95 0.17 -21.19
N ALA B 352 -8.32 -0.89 -21.92
CA ALA B 352 -7.44 -1.47 -22.91
C ALA B 352 -7.95 -1.06 -24.30
N THR B 353 -7.85 0.22 -24.62
CA THR B 353 -8.22 0.70 -25.95
C THR B 353 -7.18 0.25 -26.96
N ALA B 354 -7.53 0.33 -28.24
CA ALA B 354 -6.54 0.11 -29.27
C ALA B 354 -5.37 1.08 -29.08
N ASP B 355 -5.68 2.36 -28.95
CA ASP B 355 -4.63 3.37 -28.94
C ASP B 355 -3.70 3.23 -27.73
N LEU B 356 -4.21 2.70 -26.63
CA LEU B 356 -3.38 2.48 -25.46
C LEU B 356 -2.57 1.19 -25.58
N LEU B 357 -3.20 0.13 -26.08
CA LEU B 357 -2.50 -1.14 -26.27
C LEU B 357 -1.23 -0.91 -27.07
N ARG B 358 -1.36 -0.19 -28.18
CA ARG B 358 -0.25 0.09 -29.07
C ARG B 358 0.81 0.95 -28.37
N GLU B 359 0.40 2.09 -27.84
CA GLU B 359 1.30 2.96 -27.08
C GLU B 359 2.12 2.14 -26.08
N THR B 360 1.41 1.33 -25.29
CA THR B 360 2.06 0.49 -24.29
C THR B 360 3.03 -0.47 -24.97
N ALA B 361 2.58 -1.06 -26.08
CA ALA B 361 3.38 -2.01 -26.85
C ALA B 361 4.66 -1.42 -27.44
N LEU B 362 4.51 -0.36 -28.21
CA LEU B 362 5.62 0.22 -28.98
C LEU B 362 6.82 0.64 -28.14
N ALA B 363 6.62 0.85 -26.83
CA ALA B 363 7.72 1.26 -25.96
C ALA B 363 8.38 0.08 -25.27
N LEU B 364 7.57 -0.88 -24.84
CA LEU B 364 8.07 -2.07 -24.15
C LEU B 364 9.04 -2.89 -25.00
N VAL B 365 8.82 -2.92 -26.32
CA VAL B 365 9.58 -3.85 -27.18
C VAL B 365 11.08 -3.61 -27.26
N ASP B 366 11.52 -2.37 -27.08
CA ASP B 366 12.95 -2.05 -27.04
C ASP B 366 13.35 -1.16 -25.86
N ASP B 367 12.56 -1.17 -24.79
CA ASP B 367 12.96 -0.56 -23.53
C ASP B 367 14.14 -1.38 -23.02
N PRO B 368 15.33 -0.77 -22.92
CA PRO B 368 16.54 -1.53 -22.58
C PRO B 368 16.51 -2.01 -21.15
N GLU B 369 15.83 -1.27 -20.28
CA GLU B 369 15.73 -1.65 -18.87
C GLU B 369 14.83 -2.88 -18.72
N VAL B 370 13.69 -2.88 -19.40
CA VAL B 370 12.82 -4.07 -19.45
C VAL B 370 13.56 -5.29 -19.98
N ALA B 371 14.31 -5.11 -21.06
CA ALA B 371 15.05 -6.23 -21.66
C ALA B 371 16.11 -6.79 -20.72
N ARG B 372 16.89 -5.91 -20.09
CA ARG B 372 17.95 -6.37 -19.19
C ARG B 372 17.36 -7.16 -18.01
N ARG B 373 16.25 -6.68 -17.47
CA ARG B 373 15.60 -7.38 -16.35
C ARG B 373 15.03 -8.72 -16.78
N LEU B 374 14.38 -8.72 -17.95
CA LEU B 374 13.85 -9.97 -18.49
C LEU B 374 14.97 -10.94 -18.78
N ARG B 375 16.08 -10.43 -19.30
CA ARG B 375 17.23 -11.30 -19.56
C ARG B 375 17.80 -11.83 -18.24
N ARG B 376 17.82 -10.99 -17.21
CA ARG B 376 18.29 -11.45 -15.90
C ARG B 376 17.37 -12.52 -15.31
N ILE B 377 16.06 -12.29 -15.42
CA ILE B 377 15.09 -13.25 -14.91
C ILE B 377 15.14 -14.58 -15.67
N GLN B 378 15.25 -14.52 -16.99
CA GLN B 378 15.28 -15.73 -17.82
C GLN B 378 16.43 -16.66 -17.41
N ALA B 379 17.60 -16.07 -17.20
CA ALA B 379 18.75 -16.83 -16.77
C ALA B 379 18.50 -17.51 -15.42
N GLU B 380 18.02 -16.72 -14.46
CA GLU B 380 17.68 -17.24 -13.12
C GLU B 380 16.77 -18.46 -13.21
N MET B 381 15.72 -18.37 -14.02
CA MET B 381 14.78 -19.47 -14.19
C MET B 381 15.42 -20.68 -14.84
N ALA B 382 16.26 -20.46 -15.85
CA ALA B 382 16.89 -21.57 -16.56
C ALA B 382 17.83 -22.41 -15.67
N GLN B 383 18.01 -21.99 -14.42
CA GLN B 383 18.81 -22.77 -13.48
C GLN B 383 17.96 -23.26 -12.32
N GLU B 384 16.77 -22.67 -12.15
CA GLU B 384 15.83 -23.21 -11.18
C GLU B 384 15.46 -24.63 -11.60
N GLY B 385 15.36 -24.85 -12.91
CA GLY B 385 15.26 -26.18 -13.46
C GLY B 385 13.87 -26.64 -13.86
N GLY B 386 13.00 -26.81 -12.87
CA GLY B 386 11.72 -27.42 -13.14
C GLY B 386 11.76 -28.88 -12.70
N THR B 387 11.08 -29.74 -13.46
CA THR B 387 10.87 -31.13 -13.09
C THR B 387 12.14 -31.88 -12.74
N ARG B 388 13.14 -31.77 -13.61
CA ARG B 388 14.41 -32.45 -13.44
C ARG B 388 15.01 -32.19 -12.05
N ARG B 389 15.22 -30.93 -11.71
CA ARG B 389 15.86 -30.60 -10.44
C ARG B 389 14.98 -30.92 -9.22
N ALA B 390 13.66 -30.75 -9.37
CA ALA B 390 12.77 -31.06 -8.25
C ALA B 390 12.92 -32.53 -7.85
N ALA B 391 12.94 -33.42 -8.83
CA ALA B 391 13.14 -34.82 -8.54
C ALA B 391 14.50 -35.09 -7.89
N ASP B 392 15.54 -34.42 -8.38
CA ASP B 392 16.88 -34.58 -7.81
C ASP B 392 16.92 -34.14 -6.34
N LEU B 393 16.26 -33.03 -6.03
CA LEU B 393 16.27 -32.50 -4.66
C LEU B 393 15.45 -33.38 -3.73
N ILE B 394 14.38 -33.95 -4.28
CA ILE B 394 13.62 -34.92 -3.51
C ILE B 394 14.49 -36.14 -3.19
N GLU B 395 15.22 -36.64 -4.18
CA GLU B 395 16.09 -37.78 -3.94
C GLU B 395 17.16 -37.48 -2.90
N ALA B 396 17.62 -36.23 -2.86
CA ALA B 396 18.62 -35.83 -1.87
C ALA B 396 18.12 -36.04 -0.44
N GLU B 397 16.82 -35.88 -0.25
CA GLU B 397 16.26 -35.99 1.10
C GLU B 397 16.06 -37.44 1.54
N LEU B 398 16.06 -38.35 0.57
CA LEU B 398 15.90 -39.79 0.85
C LEU B 398 16.94 -40.33 1.84
N PRO B 399 16.49 -41.18 2.78
CA PRO B 399 17.38 -41.86 3.72
C PRO B 399 18.37 -42.76 3.00
C10 ERY C . 6.14 11.53 4.66
C11 ERY C . 7.04 12.73 4.53
C12 ERY C . 6.62 13.73 3.44
C13 ERY C . 7.38 15.02 3.68
O2 ERY C . 6.73 15.67 4.75
C2 ERY C . 6.70 16.52 7.06
C3 ERY C . 6.82 15.63 8.28
C4 ERY C . 5.65 14.70 8.31
C5 ERY C . 5.83 13.56 9.34
C6 ERY C . 6.30 12.29 8.60
C7 ERY C . 5.15 11.76 7.72
C8 ERY C . 5.53 10.44 6.99
C9 ERY C . 6.51 10.66 5.86
O11 ERY C . 7.59 10.08 5.88
C1 ERY C . 7.48 15.83 5.95
O1 ERY C . 8.67 15.58 6.03
O3 ERY C . 6.86 16.38 9.50
O7 ERY C . 4.60 13.30 10.00
C34 ERY C . 6.26 10.63 3.42
C33 ERY C . 4.27 9.85 6.42
C35 ERY C . 5.14 13.99 3.51
O12 ERY C . 8.38 12.31 4.28
O13 ERY C . 6.92 13.27 2.16
C36 ERY C . 7.26 15.99 2.52
C30 ERY C . 7.21 17.93 7.14
C32 ERY C . 6.75 11.24 9.57
O10 ERY C . 7.37 12.62 7.76
C22 ERY C . 4.56 13.51 11.44
C23 ERY C . 3.11 13.51 11.95
C24 ERY C . 3.05 13.47 13.46
C25 ERY C . 3.95 12.36 13.99
C26 ERY C . 5.36 12.55 13.43
O9 ERY C . 5.30 12.52 12.04
N1 ERY C . 1.66 13.34 13.92
C27 ERY C . 6.28 11.44 13.88
O8 ERY C . 2.47 14.68 11.55
C28 ERY C . 1.58 13.23 15.38
C14 ERY C . 8.19 16.66 9.97
C15 ERY C . 8.06 17.87 10.92
C16 ERY C . 7.57 17.48 12.31
C17 ERY C . 8.38 16.33 12.83
C18 ERY C . 8.29 15.19 11.87
O4 ERY C . 8.77 15.56 10.57
O5 ERY C . 6.18 17.09 12.29
O6 ERY C . 7.86 15.94 14.09
C20 ERY C . 5.25 18.08 11.83
C29 ERY C . 0.98 12.23 13.31
C21 ERY C . 9.14 14.04 12.35
C37 ERY C . 7.98 17.31 2.91
C31 ERY C . 4.40 15.54 8.64
C19 ERY C . 7.77 18.66 13.19
N1 UDP D . -6.75 28.51 19.74
C2 UDP D . -7.76 29.22 20.35
N3 UDP D . -7.66 29.47 21.70
C4 UDP D . -6.56 29.03 22.42
C5 UDP D . -5.55 28.33 21.77
C6 UDP D . -5.81 27.87 20.49
O2 UDP D . -8.73 29.60 19.68
O4 UDP D . -6.47 29.26 23.63
C1' UDP D . -6.83 28.22 18.31
C2' UDP D . -6.12 29.37 17.61
O2' UDP D . -6.98 30.05 16.72
C3' UDP D . -4.90 28.76 16.95
C4' UDP D . -5.00 27.27 17.21
O4' UDP D . -6.11 27.04 18.06
O3' UDP D . -4.84 29.03 15.57
C5' UDP D . -3.72 26.74 17.85
O5' UDP D . -3.07 25.93 16.90
PA UDP D . -1.52 26.15 16.52
O1A UDP D . -1.19 25.27 15.38
O2A UDP D . -1.27 27.58 16.23
O3A UDP D . -0.71 25.75 17.85
PB UDP D . -0.80 24.34 18.57
O1B UDP D . -1.53 23.41 17.66
O2B UDP D . -1.57 24.48 19.85
O3B UDP D . 0.57 23.89 18.88
C10 ERY E . -2.14 -23.02 4.21
C11 ERY E . -1.60 -21.62 4.00
C12 ERY E . -0.13 -21.56 3.52
C13 ERY E . 0.12 -20.18 2.91
O2 ERY E . -0.24 -20.24 1.54
C2 ERY E . -1.75 -19.43 -0.31
C3 ERY E . -3.27 -19.63 -0.35
C4 ERY E . -3.55 -21.12 -0.26
C5 ERY E . -4.99 -21.46 0.22
C6 ERY E . -5.02 -21.80 1.72
C7 ERY E . -4.42 -23.21 1.97
C8 ERY E . -4.61 -23.70 3.43
C9 ERY E . -3.65 -23.09 4.44
O11 ERY E . -4.12 -22.66 5.49
C1 ERY E . -1.34 -19.38 1.16
O1 ERY E . -1.85 -18.62 1.95
O3 ERY E . -3.86 -19.03 -1.52
O7 ERY E . -5.57 -22.55 -0.53
C34 ERY E . -1.51 -23.70 5.42
C33 ERY E . -4.47 -25.21 3.47
C35 ERY E . 0.15 -22.63 2.50
O12 ERY E . -1.70 -20.81 5.17
O13 ERY E . 0.72 -21.73 4.59
C36 ERY E . 1.58 -19.75 2.98
C30 ERY E . -1.18 -18.20 -0.95
C32 ERY E . -6.42 -21.74 2.22
O10 ERY E . -4.27 -20.88 2.46
C22 ERY E . -6.62 -22.13 -1.42
C23 ERY E . -6.76 -23.11 -2.62
C24 ERY E . -7.98 -22.73 -3.45
C25 ERY E . -9.19 -22.64 -2.55
C26 ERY E . -8.89 -21.59 -1.48
O9 ERY E . -7.80 -22.03 -0.72
N1 ERY E . -8.20 -23.71 -4.50
C27 ERY E . -10.09 -21.42 -0.57
O8 ERY E . -5.62 -23.05 -3.43
C28 ERY E . -8.44 -25.03 -3.90
C14 ERY E . -4.40 -17.71 -1.25
C15 ERY E . -4.05 -16.66 -2.35
C16 ERY E . -5.08 -16.56 -3.50
C17 ERY E . -6.44 -16.37 -2.89
C18 ERY E . -6.76 -17.54 -2.00
O4 ERY E . -5.76 -17.81 -0.99
O5 ERY E . -5.04 -17.78 -4.25
O6 ERY E . -7.44 -16.26 -3.92
C20 ERY E . -3.77 -18.09 -4.81
C29 ERY E . -9.37 -23.34 -5.27
C21 ERY E . -8.01 -17.20 -1.27
C37 ERY E . 1.78 -18.47 2.13
C31 ERY E . -3.23 -21.79 -1.62
C19 ERY E . -4.80 -15.41 -4.41
N1 UDP F . -1.54 -22.84 -23.64
C2 UDP F . -1.02 -23.25 -24.86
N3 UDP F . -1.71 -22.95 -26.01
C4 UDP F . -2.89 -22.26 -25.95
C5 UDP F . -3.41 -21.85 -24.72
C6 UDP F . -2.71 -22.14 -23.56
O2 UDP F . 0.03 -23.87 -24.92
O4 UDP F . -3.49 -21.99 -26.98
C1' UDP F . -0.83 -23.15 -22.41
C2' UDP F . 0.05 -21.96 -22.02
O2' UDP F . 1.35 -22.06 -22.54
C3' UDP F . 0.03 -22.06 -20.50
C4' UDP F . -1.37 -22.59 -20.21
O4' UDP F . -1.79 -23.28 -21.39
O3' UDP F . 1.02 -22.98 -20.09
C5' UDP F . -2.35 -21.43 -19.94
O5' UDP F . -2.81 -21.49 -18.60
PA UDP F . -2.80 -20.20 -17.63
O1A UDP F . -2.56 -20.66 -16.24
O2A UDP F . -1.76 -19.27 -18.08
O3A UDP F . -4.23 -19.41 -17.78
PB UDP F . -5.64 -19.78 -17.05
O1B UDP F . -6.12 -21.08 -17.57
O2B UDP F . -6.64 -18.72 -17.30
O3B UDP F . -5.42 -19.90 -15.60
MG MG G . 13.96 -18.25 -24.22
N ALA A 8 -19.90 11.51 -9.49
CA ALA A 8 -18.63 11.23 -8.85
C ALA A 8 -18.74 10.82 -7.37
N HIS A 9 -18.21 9.65 -7.04
CA HIS A 9 -18.03 9.28 -5.63
C HIS A 9 -16.57 9.54 -5.26
N ILE A 10 -16.38 10.46 -4.32
CA ILE A 10 -15.04 10.84 -3.87
C ILE A 10 -14.68 10.09 -2.59
N ALA A 11 -13.53 9.43 -2.57
CA ALA A 11 -13.09 8.72 -1.37
C ALA A 11 -11.90 9.41 -0.75
N MET A 12 -12.11 9.97 0.45
CA MET A 12 -11.04 10.57 1.23
C MET A 12 -10.40 9.44 2.05
N PHE A 13 -9.13 9.61 2.43
CA PHE A 13 -8.44 8.65 3.30
C PHE A 13 -7.58 9.41 4.30
N SER A 14 -7.67 9.07 5.57
CA SER A 14 -6.69 9.55 6.53
C SER A 14 -6.47 8.58 7.69
N ILE A 15 -5.68 9.05 8.65
CA ILE A 15 -5.46 8.33 9.89
C ILE A 15 -6.18 9.09 10.99
N ALA A 16 -6.29 8.49 12.16
CA ALA A 16 -6.96 9.18 13.27
C ALA A 16 -5.94 9.98 14.05
N ALA A 17 -5.52 11.10 13.48
CA ALA A 17 -4.64 12.03 14.18
C ALA A 17 -5.18 13.41 13.92
N HIS A 18 -5.31 14.22 14.98
CA HIS A 18 -5.95 15.50 14.84
C HIS A 18 -5.35 16.35 13.72
N GLY A 19 -4.02 16.37 13.64
CA GLY A 19 -3.34 17.19 12.65
C GLY A 19 -3.50 16.72 11.21
N HIS A 20 -3.99 15.50 11.03
CA HIS A 20 -4.17 14.96 9.68
C HIS A 20 -5.64 14.79 9.28
N VAL A 21 -6.55 15.30 10.10
CA VAL A 21 -7.97 15.23 9.75
C VAL A 21 -8.63 16.60 9.85
N ASN A 22 -8.41 17.27 10.97
CA ASN A 22 -8.97 18.61 11.14
C ASN A 22 -8.66 19.62 10.02
N PRO A 23 -7.42 19.59 9.46
CA PRO A 23 -7.16 20.57 8.40
C PRO A 23 -8.04 20.47 7.16
N SER A 24 -8.58 19.29 6.83
CA SER A 24 -9.39 19.20 5.62
C SER A 24 -10.88 18.87 5.85
N LEU A 25 -11.33 18.86 7.10
CA LEU A 25 -12.75 18.55 7.38
C LEU A 25 -13.67 19.49 6.62
N GLU A 26 -13.29 20.76 6.55
CA GLU A 26 -14.11 21.75 5.88
C GLU A 26 -14.23 21.49 4.39
N VAL A 27 -13.14 21.01 3.77
CA VAL A 27 -13.16 20.65 2.37
C VAL A 27 -14.15 19.51 2.15
N ILE A 28 -14.15 18.57 3.10
CA ILE A 28 -15.04 17.43 3.01
C ILE A 28 -16.49 17.92 3.12
N ARG A 29 -16.71 18.84 4.05
CA ARG A 29 -18.05 19.40 4.27
C ARG A 29 -18.58 20.11 3.02
N GLU A 30 -17.71 20.87 2.35
CA GLU A 30 -18.13 21.61 1.16
C GLU A 30 -18.40 20.67 -0.01
N LEU A 31 -17.56 19.66 -0.21
CA LEU A 31 -17.84 18.66 -1.25
C LEU A 31 -19.23 18.05 -1.02
N VAL A 32 -19.51 17.65 0.21
CA VAL A 32 -20.82 17.08 0.52
C VAL A 32 -21.95 18.11 0.34
N ALA A 33 -21.72 19.33 0.84
CA ALA A 33 -22.62 20.45 0.58
C ALA A 33 -22.95 20.59 -0.90
N ARG A 34 -21.94 20.45 -1.75
CA ARG A 34 -22.09 20.58 -3.20
C ARG A 34 -22.95 19.48 -3.76
N GLY A 35 -23.05 18.39 -2.99
CA GLY A 35 -23.86 17.26 -3.40
C GLY A 35 -23.15 15.92 -3.37
N HIS A 36 -21.82 15.93 -3.45
CA HIS A 36 -21.04 14.71 -3.66
C HIS A 36 -21.26 13.62 -2.61
N ARG A 37 -21.16 12.36 -3.05
CA ARG A 37 -21.18 11.22 -2.13
C ARG A 37 -19.76 10.99 -1.63
N VAL A 38 -19.54 11.26 -0.35
CA VAL A 38 -18.20 11.17 0.20
C VAL A 38 -18.08 10.07 1.24
N THR A 39 -17.17 9.14 0.99
CA THR A 39 -16.85 8.12 1.97
C THR A 39 -15.45 8.39 2.50
N TYR A 40 -15.32 8.34 3.81
CA TYR A 40 -14.08 8.72 4.50
C TYR A 40 -13.51 7.52 5.23
N ALA A 41 -12.41 6.98 4.71
CA ALA A 41 -11.70 5.90 5.35
C ALA A 41 -10.97 6.42 6.59
N ILE A 42 -11.32 5.90 7.75
CA ILE A 42 -10.85 6.46 9.00
C ILE A 42 -10.90 5.38 10.08
N PRO A 43 -9.98 5.43 11.06
CA PRO A 43 -10.15 4.48 12.17
C PRO A 43 -11.38 4.82 13.02
N PRO A 44 -11.90 3.85 13.79
CA PRO A 44 -13.14 4.08 14.53
C PRO A 44 -13.02 5.03 15.74
N VAL A 45 -11.83 5.43 16.15
CA VAL A 45 -11.80 6.40 17.25
C VAL A 45 -12.20 7.78 16.71
N PHE A 46 -11.88 8.02 15.45
CA PHE A 46 -12.27 9.24 14.77
C PHE A 46 -13.54 9.01 13.97
N ALA A 47 -14.29 7.98 14.33
CA ALA A 47 -15.57 7.75 13.66
C ALA A 47 -16.60 8.88 13.86
N ASP A 48 -16.86 9.28 15.10
CA ASP A 48 -17.80 10.38 15.33
C ASP A 48 -17.29 11.73 14.81
N LYS A 49 -16.01 11.79 14.49
CA LYS A 49 -15.39 13.05 14.09
C LYS A 49 -15.60 13.35 12.61
N VAL A 50 -15.49 12.35 11.75
CA VAL A 50 -15.63 12.56 10.31
C VAL A 50 -17.09 12.63 9.82
N ALA A 51 -17.99 11.89 10.46
CA ALA A 51 -19.38 11.82 9.99
C ALA A 51 -20.05 13.19 10.00
N ALA A 52 -19.57 14.06 10.89
CA ALA A 52 -20.11 15.41 11.03
C ALA A 52 -20.10 16.18 9.72
N THR A 53 -19.14 15.88 8.85
CA THR A 53 -19.04 16.55 7.56
C THR A 53 -20.11 16.06 6.58
N GLY A 54 -20.81 15.00 6.96
CA GLY A 54 -21.77 14.38 6.08
C GLY A 54 -21.15 13.27 5.24
N ALA A 55 -19.82 13.17 5.31
CA ALA A 55 -19.10 12.07 4.67
C ALA A 55 -19.56 10.76 5.27
N ARG A 56 -19.44 9.66 4.51
CA ARG A 56 -19.79 8.34 5.02
C ARG A 56 -18.53 7.62 5.45
N PRO A 57 -18.42 7.29 6.74
CA PRO A 57 -17.17 6.63 7.13
C PRO A 57 -17.02 5.22 6.58
N VAL A 58 -15.80 4.89 6.14
CA VAL A 58 -15.44 3.54 5.71
C VAL A 58 -14.36 3.05 6.67
N LEU A 59 -14.78 2.35 7.72
CA LEU A 59 -13.95 2.06 8.90
C LEU A 59 -12.81 1.05 8.68
N TYR A 60 -11.68 1.27 9.38
CA TYR A 60 -10.54 0.35 9.40
C TYR A 60 -9.74 0.42 10.72
N HIS A 61 -8.98 -0.62 11.02
CA HIS A 61 -8.23 -0.69 12.29
C HIS A 61 -6.80 -0.14 12.17
N SER A 62 -6.27 0.47 13.23
CA SER A 62 -4.96 1.15 13.20
C SER A 62 -3.90 0.60 14.16
N THR A 63 -2.65 0.54 13.70
CA THR A 63 -1.53 0.20 14.58
C THR A 63 -0.75 1.44 15.03
N LEU A 64 -1.03 2.57 14.40
CA LEU A 64 -0.47 3.84 14.82
C LEU A 64 -1.01 4.20 16.21
N PRO A 65 -0.21 4.93 17.01
CA PRO A 65 -0.70 5.44 18.30
C PRO A 65 -1.98 6.24 18.10
N GLY A 66 -2.79 6.40 19.14
CA GLY A 66 -4.07 7.09 19.00
C GLY A 66 -3.94 8.56 18.66
N PRO A 67 -5.06 9.30 18.72
CA PRO A 67 -5.01 10.76 18.51
C PRO A 67 -4.83 11.48 19.83
N ASP A 68 -4.89 10.71 20.92
CA ASP A 68 -4.86 11.24 22.28
C ASP A 68 -3.51 10.98 22.95
N ALA A 69 -2.83 9.90 22.52
CA ALA A 69 -1.44 9.69 22.91
C ALA A 69 -0.66 10.96 22.57
N ASP A 70 0.33 11.32 23.38
CA ASP A 70 1.12 12.52 23.06
C ASP A 70 2.22 12.19 22.05
N PRO A 71 2.66 13.20 21.26
CA PRO A 71 3.68 13.03 20.21
C PRO A 71 4.83 12.07 20.58
N GLU A 72 5.03 11.83 21.87
CA GLU A 72 5.93 10.78 22.34
C GLU A 72 5.91 9.47 21.57
N ALA A 73 4.73 8.85 21.49
CA ALA A 73 4.66 7.48 20.97
C ALA A 73 4.86 7.42 19.46
N TRP A 74 5.04 8.59 18.85
CA TRP A 74 5.28 8.66 17.41
C TRP A 74 6.75 8.52 17.05
N GLY A 75 7.62 8.53 18.07
CA GLY A 75 9.04 8.34 17.86
C GLY A 75 9.93 9.58 17.89
N SER A 76 11.20 9.35 18.22
CA SER A 76 12.18 10.42 18.30
C SER A 76 13.45 10.11 17.49
N THR A 77 13.34 9.22 16.51
CA THR A 77 14.41 9.03 15.54
C THR A 77 13.79 8.96 14.15
N LEU A 78 14.61 9.17 13.13
CA LEU A 78 14.14 9.14 11.75
C LEU A 78 13.37 7.84 11.46
N LEU A 79 13.99 6.70 11.72
CA LEU A 79 13.33 5.43 11.44
C LEU A 79 12.11 5.18 12.35
N ASP A 80 12.18 5.56 13.62
CA ASP A 80 11.02 5.40 14.49
C ASP A 80 9.85 6.26 14.04
N ASN A 81 10.16 7.37 13.38
CA ASN A 81 9.11 8.22 12.85
C ASN A 81 8.44 7.61 11.63
N VAL A 82 9.24 7.11 10.69
CA VAL A 82 8.68 6.67 9.41
C VAL A 82 8.21 5.21 9.39
N GLU A 83 8.93 4.33 10.07
CA GLU A 83 8.54 2.91 10.12
C GLU A 83 7.06 2.64 10.40
N PRO A 84 6.48 3.34 11.39
CA PRO A 84 5.08 3.01 11.71
C PRO A 84 4.10 3.25 10.55
N PHE A 85 4.42 4.18 9.67
CA PHE A 85 3.49 4.46 8.56
C PHE A 85 3.47 3.35 7.52
N LEU A 86 4.63 2.70 7.31
CA LEU A 86 4.68 1.54 6.44
C LEU A 86 4.03 0.37 7.16
N ASN A 87 4.41 0.22 8.43
CA ASN A 87 3.82 -0.75 9.36
C ASN A 87 2.30 -0.77 9.28
N ASP A 88 1.70 0.40 9.47
CA ASP A 88 0.25 0.52 9.45
C ASP A 88 -0.31 0.23 8.06
N ALA A 89 0.37 0.74 7.04
CA ALA A 89 -0.11 0.61 5.65
C ALA A 89 -0.28 -0.84 5.23
N ILE A 90 0.70 -1.66 5.55
CA ILE A 90 0.67 -3.04 5.06
C ILE A 90 -0.49 -3.82 5.69
N GLN A 91 -0.90 -3.44 6.90
CA GLN A 91 -2.00 -4.15 7.54
C GLN A 91 -3.34 -3.46 7.28
N ALA A 92 -3.29 -2.18 6.90
CA ALA A 92 -4.52 -1.43 6.63
C ALA A 92 -5.00 -1.62 5.20
N LEU A 93 -4.06 -1.79 4.27
CA LEU A 93 -4.39 -1.95 2.87
C LEU A 93 -5.44 -3.05 2.59
N PRO A 94 -5.22 -4.28 3.09
CA PRO A 94 -6.20 -5.34 2.79
C PRO A 94 -7.58 -5.05 3.35
N GLN A 95 -7.67 -4.32 4.46
CA GLN A 95 -8.97 -3.97 4.99
C GLN A 95 -9.66 -3.02 4.04
N LEU A 96 -8.96 -1.98 3.63
CA LEU A 96 -9.56 -0.98 2.76
C LEU A 96 -9.78 -1.53 1.36
N ALA A 97 -8.95 -2.48 0.97
CA ALA A 97 -9.19 -3.23 -0.25
C ALA A 97 -10.55 -3.88 -0.16
N ASP A 98 -10.76 -4.66 0.89
CA ASP A 98 -12.03 -5.38 1.05
C ASP A 98 -13.20 -4.49 1.50
N ALA A 99 -12.92 -3.51 2.36
CA ALA A 99 -13.97 -2.60 2.78
C ALA A 99 -14.50 -1.81 1.58
N TYR A 100 -13.63 -1.59 0.60
CA TYR A 100 -14.02 -0.88 -0.62
C TYR A 100 -14.34 -1.79 -1.79
N ALA A 101 -14.13 -3.10 -1.63
CA ALA A 101 -14.27 -4.05 -2.73
C ALA A 101 -15.53 -3.86 -3.58
N ASP A 102 -16.69 -3.78 -2.93
CA ASP A 102 -17.93 -3.73 -3.68
C ASP A 102 -18.34 -2.34 -4.17
N ASP A 103 -17.62 -1.32 -3.75
CA ASP A 103 -17.91 0.03 -4.25
C ASP A 103 -16.68 0.94 -4.36
N ILE A 104 -15.96 0.77 -5.46
CA ILE A 104 -14.80 1.59 -5.78
C ILE A 104 -15.23 3.02 -6.13
N PRO A 105 -14.47 4.02 -5.64
CA PRO A 105 -14.81 5.43 -5.84
C PRO A 105 -14.29 6.05 -7.13
N ASP A 106 -14.67 7.30 -7.39
CA ASP A 106 -14.33 7.98 -8.63
C ASP A 106 -12.99 8.71 -8.65
N LEU A 107 -12.63 9.33 -7.54
CA LEU A 107 -11.33 9.99 -7.41
C LEU A 107 -10.88 9.66 -5.99
N VAL A 108 -9.57 9.62 -5.76
CA VAL A 108 -9.04 9.30 -4.42
C VAL A 108 -8.45 10.54 -3.73
N LEU A 109 -9.01 10.92 -2.58
CA LEU A 109 -8.52 12.04 -1.78
C LEU A 109 -7.74 11.47 -0.61
N HIS A 110 -6.61 12.06 -0.24
CA HIS A 110 -5.91 11.51 0.92
C HIS A 110 -4.92 12.43 1.60
N ASP A 111 -4.87 12.33 2.92
CA ASP A 111 -3.81 12.97 3.69
C ASP A 111 -2.49 12.28 3.38
N ILE A 112 -1.39 13.02 3.53
CA ILE A 112 -0.05 12.51 3.21
C ILE A 112 0.34 11.23 3.93
N THR A 113 -0.28 10.92 5.06
CA THR A 113 0.13 9.75 5.86
C THR A 113 -0.42 8.42 5.36
N SER A 114 -1.39 8.46 4.45
CA SER A 114 -2.04 7.21 4.04
C SER A 114 -1.40 6.60 2.80
N TYR A 115 -0.47 5.68 3.00
CA TYR A 115 0.07 4.92 1.89
C TYR A 115 -1.00 4.04 1.17
N PRO A 116 -1.93 3.43 1.92
CA PRO A 116 -2.93 2.63 1.20
C PRO A 116 -3.74 3.42 0.17
N ALA A 117 -4.01 4.69 0.45
CA ALA A 117 -4.75 5.50 -0.50
C ALA A 117 -4.00 5.61 -1.82
N ARG A 118 -2.69 5.79 -1.74
CA ARG A 118 -1.86 5.86 -2.93
C ARG A 118 -1.95 4.55 -3.69
N VAL A 119 -1.72 3.45 -3.00
CA VAL A 119 -1.71 2.13 -3.63
C VAL A 119 -3.06 1.86 -4.31
N LEU A 120 -4.15 2.13 -3.60
CA LEU A 120 -5.47 1.85 -4.15
C LEU A 120 -5.78 2.71 -5.39
N ALA A 121 -5.40 3.99 -5.34
CA ALA A 121 -5.65 4.87 -6.48
C ALA A 121 -5.04 4.36 -7.79
N ARG A 122 -3.80 3.89 -7.73
CA ARG A 122 -3.11 3.35 -8.89
C ARG A 122 -3.73 2.02 -9.32
N ARG A 123 -3.98 1.14 -8.36
CA ARG A 123 -4.64 -0.13 -8.64
C ARG A 123 -5.94 0.10 -9.41
N TRP A 124 -6.60 1.21 -9.12
CA TRP A 124 -7.89 1.51 -9.73
C TRP A 124 -7.71 2.23 -11.07
N GLY A 125 -6.53 2.81 -11.27
CA GLY A 125 -6.27 3.60 -12.46
C GLY A 125 -7.04 4.90 -12.44
N VAL A 126 -7.14 5.49 -11.26
CA VAL A 126 -7.83 6.75 -11.11
C VAL A 126 -6.87 7.79 -10.54
N PRO A 127 -7.14 9.08 -10.82
CA PRO A 127 -6.43 10.21 -10.19
C PRO A 127 -6.51 10.21 -8.65
N ALA A 128 -5.40 10.58 -8.03
CA ALA A 128 -5.34 10.75 -6.58
C ALA A 128 -5.13 12.23 -6.28
N VAL A 129 -5.67 12.69 -5.17
CA VAL A 129 -5.39 14.05 -4.70
C VAL A 129 -4.82 13.99 -3.29
N SER A 130 -3.56 14.39 -3.16
CA SER A 130 -2.89 14.42 -1.85
C SER A 130 -3.19 15.75 -1.18
N LEU A 131 -3.53 15.72 0.11
CA LEU A 131 -3.78 16.95 0.86
C LEU A 131 -2.71 17.05 1.95
N SER A 132 -1.90 18.09 1.89
CA SER A 132 -0.79 18.25 2.84
C SER A 132 -1.09 19.35 3.85
N PRO A 133 -1.07 19.01 5.15
CA PRO A 133 -1.32 20.00 6.19
C PRO A 133 -0.05 20.69 6.63
N ASN A 134 1.03 20.48 5.88
CA ASN A 134 2.32 21.10 6.17
C ASN A 134 3.09 21.32 4.89
N LEU A 135 4.32 21.78 5.02
CA LEU A 135 5.14 22.08 3.86
C LEU A 135 5.35 20.83 2.99
N VAL A 136 5.66 21.06 1.71
CA VAL A 136 5.90 19.97 0.77
C VAL A 136 7.30 20.07 0.17
N ALA A 137 7.70 19.03 -0.56
CA ALA A 137 8.99 19.06 -1.23
C ALA A 137 9.04 20.12 -2.33
N TRP A 138 10.18 20.81 -2.44
CA TRP A 138 10.42 21.71 -3.55
C TRP A 138 11.33 20.98 -4.53
N LYS A 139 11.50 21.53 -5.74
CA LYS A 139 12.45 20.92 -6.66
C LYS A 139 13.86 21.18 -6.14
N GLY A 140 14.57 20.11 -5.82
CA GLY A 140 15.86 20.18 -5.15
C GLY A 140 15.81 19.47 -3.81
N TYR A 141 14.60 19.22 -3.31
CA TYR A 141 14.42 18.58 -2.01
C TYR A 141 15.17 17.26 -1.91
N GLU A 142 15.21 16.50 -3.01
CA GLU A 142 15.85 15.19 -2.99
C GLU A 142 17.29 15.33 -2.58
N GLU A 143 18.01 16.14 -3.35
CA GLU A 143 19.45 16.26 -3.18
C GLU A 143 19.80 17.14 -1.97
N GLU A 144 18.94 18.09 -1.67
CA GLU A 144 19.24 19.07 -0.63
C GLU A 144 18.89 18.62 0.79
N VAL A 145 17.80 17.86 0.93
CA VAL A 145 17.30 17.48 2.26
C VAL A 145 17.20 15.96 2.48
N ALA A 146 16.52 15.26 1.59
CA ALA A 146 16.31 13.82 1.76
C ALA A 146 17.63 13.06 1.77
N GLU A 147 18.44 13.27 0.74
CA GLU A 147 19.74 12.60 0.68
C GLU A 147 20.56 12.67 1.98
N PRO A 148 20.85 13.89 2.49
CA PRO A 148 21.72 13.95 3.68
C PRO A 148 21.06 13.33 4.89
N MET A 149 19.75 13.48 4.99
CA MET A 149 19.02 12.95 6.12
C MET A 149 19.11 11.43 6.10
N TRP A 150 19.07 10.85 4.91
CA TRP A 150 19.06 9.39 4.78
C TRP A 150 20.43 8.75 4.51
N ARG A 151 21.39 9.54 4.04
CA ARG A 151 22.65 9.02 3.51
C ARG A 151 23.28 7.98 4.42
N GLU A 152 23.22 8.25 5.71
CA GLU A 152 23.83 7.42 6.73
C GLU A 152 22.85 6.35 7.29
N PRO A 153 21.62 6.75 7.70
CA PRO A 153 20.70 5.72 8.19
C PRO A 153 20.36 4.63 7.19
N ARG A 154 20.23 4.98 5.91
CA ARG A 154 19.92 3.97 4.90
C ARG A 154 20.96 2.85 4.87
N GLN A 155 22.12 3.11 5.46
CA GLN A 155 23.23 2.16 5.39
C GLN A 155 23.36 1.23 6.61
N THR A 156 22.79 1.63 7.76
CA THR A 156 22.60 0.67 8.85
C THR A 156 21.76 -0.48 8.31
N GLU A 157 21.91 -1.68 8.87
CA GLU A 157 21.09 -2.80 8.42
C GLU A 157 19.60 -2.51 8.65
N ARG A 158 19.30 -1.67 9.64
CA ARG A 158 17.92 -1.34 9.93
C ARG A 158 17.33 -0.44 8.84
N GLY A 159 18.11 0.56 8.42
CA GLY A 159 17.71 1.43 7.32
C GLY A 159 17.73 0.71 6.00
N ARG A 160 18.73 -0.16 5.82
CA ARG A 160 18.80 -0.97 4.61
C ARG A 160 17.59 -1.90 4.51
N ALA A 161 17.17 -2.47 5.63
CA ALA A 161 16.06 -3.44 5.64
C ALA A 161 14.71 -2.76 5.48
N TYR A 162 14.54 -1.60 6.10
CA TYR A 162 13.30 -0.84 5.99
C TYR A 162 13.00 -0.48 4.53
N TYR A 163 13.99 0.09 3.85
CA TYR A 163 13.77 0.43 2.45
C TYR A 163 13.63 -0.79 1.55
N ALA A 164 14.31 -1.87 1.91
CA ALA A 164 14.17 -3.12 1.20
C ALA A 164 12.73 -3.63 1.27
N ARG A 165 12.15 -3.63 2.47
CA ARG A 165 10.80 -4.16 2.65
C ARG A 165 9.73 -3.20 2.10
N PHE A 166 9.99 -1.89 2.21
CA PHE A 166 9.09 -0.89 1.66
C PHE A 166 9.12 -1.11 0.14
N GLU A 167 10.31 -1.33 -0.39
CA GLU A 167 10.44 -1.59 -1.82
C GLU A 167 9.73 -2.85 -2.29
N ALA A 168 9.85 -3.92 -1.51
CA ALA A 168 9.23 -5.19 -1.89
C ALA A 168 7.72 -5.10 -1.81
N TRP A 169 7.22 -4.28 -0.89
CA TRP A 169 5.78 -4.10 -0.73
C TRP A 169 5.18 -3.36 -1.92
N LEU A 170 5.85 -2.30 -2.36
CA LEU A 170 5.39 -1.57 -3.55
C LEU A 170 5.38 -2.49 -4.77
N LYS A 171 6.46 -3.26 -4.95
CA LYS A 171 6.58 -4.13 -6.10
C LYS A 171 5.54 -5.25 -6.10
N GLU A 172 5.26 -5.78 -4.91
CA GLU A 172 4.19 -6.75 -4.72
C GLU A 172 2.87 -6.17 -5.21
N ASN A 173 2.75 -4.85 -5.12
CA ASN A 173 1.55 -4.16 -5.54
C ASN A 173 1.65 -3.48 -6.91
N GLY A 174 2.63 -3.89 -7.70
CA GLY A 174 2.76 -3.42 -9.07
C GLY A 174 3.38 -2.05 -9.25
N ILE A 175 3.95 -1.53 -8.17
CA ILE A 175 4.51 -0.18 -8.19
C ILE A 175 6.03 -0.25 -8.26
N THR A 176 6.62 0.35 -9.30
CA THR A 176 8.07 0.30 -9.48
C THR A 176 8.76 1.57 -9.03
N GLU A 177 7.97 2.59 -8.65
CA GLU A 177 8.56 3.81 -8.11
C GLU A 177 9.39 3.49 -6.87
N HIS A 178 10.50 4.19 -6.68
CA HIS A 178 11.23 4.05 -5.43
C HIS A 178 10.33 4.54 -4.31
N PRO A 179 10.44 3.92 -3.13
CA PRO A 179 9.66 4.35 -1.97
C PRO A 179 9.68 5.86 -1.71
N ASP A 180 10.81 6.53 -1.90
CA ASP A 180 10.86 7.98 -1.64
C ASP A 180 10.01 8.79 -2.62
N THR A 181 9.94 8.35 -3.86
CA THR A 181 9.08 8.99 -4.85
C THR A 181 7.62 8.75 -4.48
N PHE A 182 7.30 7.50 -4.15
CA PHE A 182 5.97 7.09 -3.79
C PHE A 182 5.46 7.86 -2.58
N ALA A 183 6.32 7.99 -1.57
CA ALA A 183 5.93 8.63 -0.31
C ALA A 183 5.95 10.15 -0.34
N SER A 184 7.00 10.74 -0.92
CA SER A 184 7.25 12.17 -0.77
C SER A 184 6.91 13.01 -2.00
N HIS A 185 6.57 12.35 -3.10
CA HIS A 185 6.38 13.06 -4.35
C HIS A 185 5.09 12.69 -5.07
N PRO A 186 3.96 13.23 -4.58
CA PRO A 186 2.65 12.96 -5.18
C PRO A 186 2.56 13.54 -6.57
N PRO A 187 1.68 12.97 -7.41
CA PRO A 187 1.46 13.54 -8.74
C PRO A 187 0.67 14.84 -8.68
N ARG A 188 -0.19 14.96 -7.67
CA ARG A 188 -1.04 16.14 -7.52
C ARG A 188 -1.34 16.38 -6.04
N SER A 189 -1.15 17.61 -5.59
CA SER A 189 -1.26 17.91 -4.17
C SER A 189 -1.86 19.29 -3.96
N LEU A 190 -2.76 19.41 -2.98
CA LEU A 190 -3.20 20.71 -2.49
C LEU A 190 -2.60 20.91 -1.12
N VAL A 191 -2.03 22.08 -0.88
CA VAL A 191 -1.29 22.31 0.35
C VAL A 191 -2.06 23.27 1.25
N LEU A 192 -2.34 22.81 2.47
CA LEU A 192 -3.23 23.51 3.38
C LEU A 192 -2.51 24.48 4.31
N ILE A 193 -1.38 25.00 3.86
CA ILE A 193 -0.72 26.08 4.57
C ILE A 193 -0.56 27.25 3.62
N PRO A 194 -0.26 28.46 4.15
CA PRO A 194 0.01 29.54 3.20
C PRO A 194 1.38 29.33 2.57
N LYS A 195 1.54 29.73 1.31
CA LYS A 195 2.82 29.57 0.66
C LYS A 195 3.89 30.42 1.35
N ALA A 196 3.46 31.42 2.10
CA ALA A 196 4.36 32.25 2.90
C ALA A 196 5.06 31.46 3.98
N LEU A 197 4.50 30.29 4.33
CA LEU A 197 5.12 29.42 5.32
C LEU A 197 5.73 28.16 4.70
N GLN A 198 6.00 28.21 3.40
CA GLN A 198 6.67 27.10 2.72
C GLN A 198 8.12 27.46 2.44
N PRO A 199 9.07 26.67 2.96
CA PRO A 199 10.47 26.92 2.62
C PRO A 199 10.71 26.77 1.11
N HIS A 200 11.60 27.59 0.56
CA HIS A 200 11.95 27.47 -0.86
C HIS A 200 10.71 27.48 -1.77
N ALA A 201 9.75 28.33 -1.43
CA ALA A 201 8.48 28.38 -2.14
C ALA A 201 8.67 28.59 -3.64
N ASP A 202 9.67 29.41 -4.00
CA ASP A 202 10.01 29.69 -5.38
C ASP A 202 10.25 28.42 -6.18
N ARG A 203 10.83 27.43 -5.53
CA ARG A 203 11.29 26.23 -6.21
C ARG A 203 10.28 25.08 -6.16
N VAL A 204 9.14 25.34 -5.55
CA VAL A 204 8.06 24.35 -5.56
C VAL A 204 7.48 24.30 -6.96
N ASP A 205 7.02 23.12 -7.37
CA ASP A 205 6.53 22.91 -8.72
C ASP A 205 5.03 23.14 -8.75
N GLU A 206 4.57 24.21 -9.40
CA GLU A 206 3.15 24.55 -9.35
C GLU A 206 2.26 23.64 -10.21
N ASP A 207 2.85 22.82 -11.05
CA ASP A 207 2.04 21.85 -11.80
C ASP A 207 1.56 20.72 -10.89
N VAL A 208 2.38 20.35 -9.91
CA VAL A 208 2.02 19.32 -8.96
C VAL A 208 1.26 19.94 -7.78
N TYR A 209 1.83 20.99 -7.22
CA TYR A 209 1.33 21.58 -5.98
C TYR A 209 0.62 22.90 -6.20
N THR A 210 -0.53 23.05 -5.57
CA THR A 210 -1.16 24.37 -5.47
C THR A 210 -1.52 24.65 -4.02
N PHE A 211 -1.14 25.83 -3.54
CA PHE A 211 -1.40 26.21 -2.16
C PHE A 211 -2.78 26.84 -2.01
N VAL A 212 -3.55 26.34 -1.04
CA VAL A 212 -4.89 26.83 -0.76
C VAL A 212 -5.08 27.39 0.67
N GLY A 213 -4.08 27.23 1.53
CA GLY A 213 -4.18 27.70 2.91
C GLY A 213 -5.12 26.85 3.76
N ALA A 214 -5.48 27.34 4.96
CA ALA A 214 -6.47 26.64 5.79
C ALA A 214 -7.84 27.26 5.58
N CYS A 215 -8.87 26.88 6.38
CA CYS A 215 -10.24 27.45 6.22
C CYS A 215 -11.48 26.95 7.04
N GLN A 216 -12.53 27.80 7.13
CA GLN A 216 -13.92 27.37 7.43
C GLN A 216 -14.69 27.92 8.66
N GLY A 217 -15.22 29.15 8.60
CA GLY A 217 -15.77 29.79 9.81
C GLY A 217 -17.20 30.33 9.95
N ASP A 218 -17.85 29.95 11.06
CA ASP A 218 -19.11 30.51 11.59
C ASP A 218 -18.88 30.95 13.06
N ARG A 219 -18.87 32.26 13.39
CA ARG A 219 -19.14 33.34 12.45
C ARG A 219 -18.34 34.59 12.80
N ALA A 220 -17.06 34.63 12.41
CA ALA A 220 -16.35 33.45 11.87
C ALA A 220 -15.94 32.56 13.04
N GLU A 221 -15.80 31.27 12.79
CA GLU A 221 -15.82 30.25 13.86
C GLU A 221 -14.94 30.59 15.05
N GLU A 222 -15.53 31.04 16.18
CA GLU A 222 -16.96 31.00 16.47
C GLU A 222 -17.49 32.15 17.37
N GLY A 223 -16.61 32.73 18.18
CA GLY A 223 -17.03 33.76 19.12
C GLY A 223 -16.77 35.18 18.67
N GLY A 224 -16.69 36.09 19.65
CA GLY A 224 -16.43 37.50 19.43
C GLY A 224 -15.82 38.20 20.65
N TRP A 225 -15.19 39.35 20.42
CA TRP A 225 -14.51 40.11 21.46
C TRP A 225 -14.45 41.60 21.09
N GLN A 226 -14.40 42.49 22.07
CA GLN A 226 -14.29 43.91 21.77
C GLN A 226 -13.12 44.56 22.51
N ARG A 227 -12.39 45.46 21.85
CA ARG A 227 -11.26 46.14 22.49
C ARG A 227 -11.70 47.10 23.58
N PRO A 228 -10.87 47.26 24.63
CA PRO A 228 -11.09 48.30 25.64
C PRO A 228 -11.11 49.67 25.00
N ALA A 229 -12.22 50.39 25.16
CA ALA A 229 -12.36 51.74 24.67
C ALA A 229 -11.16 52.58 25.06
N GLY A 230 -10.62 53.33 24.09
CA GLY A 230 -9.47 54.17 24.36
C GLY A 230 -8.15 53.55 23.94
N ALA A 231 -7.92 52.29 24.33
CA ALA A 231 -6.66 51.59 24.03
C ALA A 231 -6.22 51.73 22.57
N GLU A 232 -4.96 52.09 22.39
CA GLU A 232 -4.41 52.27 21.05
C GLU A 232 -3.88 50.97 20.47
N LYS A 233 -3.33 50.11 21.32
CA LYS A 233 -2.73 48.87 20.87
C LYS A 233 -3.20 47.68 21.71
N VAL A 234 -3.75 46.66 21.06
CA VAL A 234 -4.11 45.43 21.71
C VAL A 234 -3.09 44.34 21.38
N VAL A 235 -2.55 43.68 22.40
CA VAL A 235 -1.62 42.57 22.16
C VAL A 235 -2.20 41.30 22.75
N LEU A 236 -2.22 40.24 21.94
CA LEU A 236 -2.60 38.91 22.40
C LEU A 236 -1.34 38.08 22.61
N VAL A 237 -1.24 37.42 23.75
CA VAL A 237 -0.19 36.43 23.97
C VAL A 237 -0.83 35.05 24.04
N SER A 238 -0.34 34.13 23.21
CA SER A 238 -0.87 32.76 23.21
C SER A 238 0.15 31.80 22.63
N LEU A 239 0.51 30.77 23.38
CA LEU A 239 1.45 29.77 22.89
C LEU A 239 0.73 28.49 22.46
N GLY A 240 -0.51 28.65 21.98
CA GLY A 240 -1.24 27.55 21.38
C GLY A 240 -2.06 26.68 22.34
N SER A 241 -2.21 25.41 21.97
CA SER A 241 -3.09 24.49 22.67
C SER A 241 -2.36 23.39 23.43
N ALA A 242 -1.08 23.62 23.73
CA ALA A 242 -0.31 22.74 24.58
C ALA A 242 1.01 23.40 24.89
N PHE A 243 1.62 23.04 26.01
CA PHE A 243 2.85 23.68 26.40
C PHE A 243 2.55 25.10 26.89
N THR A 244 1.26 25.42 26.93
CA THR A 244 0.81 26.75 27.32
C THR A 244 1.32 27.11 28.72
N LYS A 245 0.87 26.40 29.75
CA LYS A 245 1.49 26.43 31.08
C LYS A 245 2.35 27.67 31.43
N GLN A 246 3.46 27.84 30.69
CA GLN A 246 4.49 28.91 30.84
C GLN A 246 4.22 30.11 31.73
N PRO A 247 4.34 29.91 33.05
CA PRO A 247 4.09 30.97 34.03
C PRO A 247 5.17 32.03 34.00
N ALA A 248 6.43 31.59 34.00
CA ALA A 248 7.53 32.52 33.97
C ALA A 248 7.43 33.40 32.72
N PHE A 249 6.87 32.86 31.64
CA PHE A 249 6.69 33.69 30.45
C PHE A 249 5.49 34.64 30.56
N TYR A 250 4.35 34.12 31.00
CA TYR A 250 3.17 34.97 31.12
C TYR A 250 3.49 36.12 32.09
N ARG A 251 4.11 35.80 33.22
CA ARG A 251 4.64 36.84 34.11
C ARG A 251 5.52 37.85 33.37
N GLU A 252 6.41 37.36 32.50
CA GLU A 252 7.23 38.30 31.73
C GLU A 252 6.42 39.11 30.72
N CYS A 253 5.35 38.54 30.19
CA CYS A 253 4.49 39.31 29.29
C CYS A 253 3.70 40.37 30.05
N VAL A 254 3.16 39.99 31.19
CA VAL A 254 2.40 40.93 32.01
C VAL A 254 3.25 42.14 32.34
N ARG A 255 4.51 41.90 32.63
CA ARG A 255 5.42 42.96 33.04
C ARG A 255 5.93 43.83 31.89
N ALA A 256 5.96 43.29 30.69
CA ALA A 256 6.33 44.09 29.52
C ALA A 256 5.27 45.14 29.18
N PHE A 257 4.00 44.76 29.33
CA PHE A 257 2.90 45.60 28.81
C PHE A 257 2.07 46.30 29.89
N GLY A 258 2.29 45.94 31.15
CA GLY A 258 1.58 46.58 32.24
C GLY A 258 1.80 48.08 32.30
N ASN A 259 0.71 48.84 32.43
CA ASN A 259 0.77 50.31 32.48
C ASN A 259 1.42 51.04 31.31
N LEU A 260 1.70 50.34 30.22
CA LEU A 260 2.25 50.99 29.04
C LEU A 260 1.13 51.75 28.36
N PRO A 261 1.26 53.08 28.26
CA PRO A 261 0.22 53.96 27.70
C PRO A 261 -0.37 53.51 26.37
N GLY A 262 -1.66 53.23 26.38
CA GLY A 262 -2.34 52.91 25.15
C GLY A 262 -2.41 51.42 24.85
N TRP A 263 -1.76 50.60 25.67
CA TRP A 263 -1.71 49.16 25.41
C TRP A 263 -2.63 48.35 26.31
N HIS A 264 -3.21 47.30 25.74
CA HIS A 264 -4.00 46.36 26.51
C HIS A 264 -3.56 44.95 26.15
N LEU A 265 -3.27 44.17 27.19
CA LEU A 265 -2.75 42.81 27.01
C LEU A 265 -3.83 41.77 27.24
N VAL A 266 -3.99 40.86 26.28
CA VAL A 266 -4.80 39.66 26.46
C VAL A 266 -3.86 38.46 26.53
N LEU A 267 -3.98 37.70 27.62
CA LEU A 267 -3.04 36.64 27.93
C LEU A 267 -3.74 35.28 28.09
N GLN A 268 -3.52 34.36 27.15
CA GLN A 268 -3.99 32.98 27.30
C GLN A 268 -3.02 32.19 28.15
N ILE A 269 -3.50 31.58 29.24
CA ILE A 269 -2.60 30.98 30.24
C ILE A 269 -2.55 29.45 30.32
N GLY A 270 -2.52 28.90 31.53
CA GLY A 270 -2.44 27.45 31.70
C GLY A 270 -3.75 26.74 31.39
N ARG A 271 -4.04 25.63 32.07
CA ARG A 271 -5.27 24.90 31.78
C ARG A 271 -6.40 24.90 32.84
N LYS A 272 -6.08 25.12 34.11
CA LYS A 272 -7.11 25.07 35.17
C LYS A 272 -7.17 26.15 36.31
N VAL A 273 -6.09 26.59 36.96
CA VAL A 273 -4.67 26.54 36.55
C VAL A 273 -4.40 27.37 35.27
N THR A 274 -3.88 28.59 35.45
CA THR A 274 -3.33 29.03 36.73
C THR A 274 -3.32 30.55 37.05
N PRO A 275 -4.49 31.18 37.20
CA PRO A 275 -4.51 32.62 37.53
C PRO A 275 -3.76 33.04 38.81
N ALA A 276 -2.64 32.39 39.13
CA ALA A 276 -1.85 32.73 40.32
C ALA A 276 -0.33 32.65 40.11
N GLU A 277 0.09 32.16 38.95
CA GLU A 277 1.50 32.22 38.60
C GLU A 277 1.85 33.69 38.48
N LEU A 278 0.86 34.47 38.08
CA LEU A 278 0.91 35.92 38.13
C LEU A 278 -0.24 36.32 39.05
N GLY A 279 0.07 37.14 40.05
CA GLY A 279 -0.92 37.54 41.04
C GLY A 279 -1.75 38.74 40.64
N GLU A 280 -1.46 39.87 41.28
CA GLU A 280 -2.22 41.09 41.10
C GLU A 280 -1.89 41.69 39.74
N LEU A 281 -2.83 41.53 38.81
CA LEU A 281 -2.67 41.99 37.43
C LEU A 281 -2.77 43.51 37.41
N PRO A 282 -2.01 44.16 36.51
CA PRO A 282 -2.24 45.58 36.23
C PRO A 282 -3.57 45.67 35.50
N ASP A 283 -4.28 46.79 35.63
CA ASP A 283 -5.66 46.86 35.17
C ASP A 283 -5.81 46.85 33.64
N ASN A 284 -4.68 46.96 32.93
CA ASN A 284 -4.71 46.88 31.47
C ASN A 284 -4.28 45.50 30.99
N VAL A 285 -4.34 44.52 31.88
CA VAL A 285 -3.96 43.14 31.56
C VAL A 285 -5.15 42.24 31.86
N GLU A 286 -5.34 41.21 31.03
CA GLU A 286 -6.38 40.25 31.31
C GLU A 286 -5.94 38.84 31.01
N VAL A 287 -6.45 37.91 31.82
CA VAL A 287 -5.96 36.55 31.86
C VAL A 287 -7.13 35.58 31.67
N HIS A 288 -6.91 34.59 30.80
CA HIS A 288 -7.96 33.64 30.43
C HIS A 288 -7.25 32.35 29.99
N ASP A 289 -7.59 31.21 30.60
CA ASP A 289 -6.83 29.97 30.39
C ASP A 289 -6.98 29.36 29.00
N TRP A 290 -7.99 29.86 28.29
CA TRP A 290 -8.24 29.57 26.90
C TRP A 290 -8.90 30.84 26.42
N VAL A 291 -8.65 31.24 25.17
CA VAL A 291 -9.25 32.44 24.60
C VAL A 291 -9.70 32.21 23.17
N PRO A 292 -10.72 32.97 22.70
CA PRO A 292 -11.16 32.86 21.31
C PRO A 292 -10.21 33.65 20.38
N GLN A 293 -9.15 32.97 19.96
CA GLN A 293 -7.97 33.62 19.41
C GLN A 293 -8.18 34.32 18.06
N LEU A 294 -8.83 33.62 17.13
CA LEU A 294 -9.05 34.19 15.81
C LEU A 294 -9.87 35.47 15.89
N ALA A 295 -10.86 35.47 16.78
CA ALA A 295 -11.74 36.63 16.95
C ALA A 295 -10.95 37.84 17.46
N ILE A 296 -10.01 37.58 18.36
CA ILE A 296 -9.17 38.63 18.93
C ILE A 296 -8.16 39.18 17.93
N LEU A 297 -7.53 38.31 17.15
CA LEU A 297 -6.54 38.76 16.17
C LEU A 297 -7.12 39.76 15.19
N ARG A 298 -8.40 39.61 14.84
CA ARG A 298 -9.05 40.58 13.97
C ARG A 298 -9.19 41.93 14.68
N GLN A 299 -9.02 41.93 16.00
CA GLN A 299 -8.98 43.17 16.77
C GLN A 299 -7.71 43.26 17.63
N ALA A 300 -6.59 42.78 17.08
CA ALA A 300 -5.29 42.87 17.74
C ALA A 300 -4.26 43.56 16.86
N ASP A 301 -3.33 44.27 17.49
CA ASP A 301 -2.29 44.98 16.76
C ASP A 301 -0.95 44.27 16.86
N LEU A 302 -0.87 43.32 17.78
CA LEU A 302 0.37 42.56 17.97
C LEU A 302 0.03 41.20 18.49
N PHE A 303 0.76 40.18 18.03
CA PHE A 303 0.49 38.82 18.46
C PHE A 303 1.80 38.20 18.95
N VAL A 304 1.86 37.87 20.23
CA VAL A 304 3.00 37.14 20.76
C VAL A 304 2.63 35.65 20.67
N THR A 305 3.32 34.93 19.80
CA THR A 305 2.96 33.57 19.42
C THR A 305 4.13 32.60 19.54
N HIS A 306 3.83 31.31 19.75
CA HIS A 306 4.87 30.28 19.71
C HIS A 306 5.21 29.85 18.27
N ALA A 307 4.53 30.46 17.30
CA ALA A 307 4.75 30.17 15.88
C ALA A 307 4.40 28.73 15.52
N GLY A 308 3.45 28.15 16.24
CA GLY A 308 2.83 26.91 15.77
C GLY A 308 2.14 27.15 14.44
N ALA A 309 1.78 26.07 13.75
CA ALA A 309 1.17 26.18 12.44
C ALA A 309 -0.09 27.06 12.40
N GLY A 310 -1.00 26.85 13.33
CA GLY A 310 -2.26 27.56 13.34
C GLY A 310 -2.09 29.05 13.64
N GLY A 311 -1.40 29.35 14.73
CA GLY A 311 -1.17 30.74 15.11
C GLY A 311 -0.46 31.54 14.04
N SER A 312 0.54 30.94 13.40
CA SER A 312 1.33 31.64 12.40
C SER A 312 0.44 32.06 11.23
N GLN A 313 -0.37 31.13 10.75
CA GLN A 313 -1.23 31.42 9.61
C GLN A 313 -2.31 32.44 9.97
N GLU A 314 -2.79 32.38 11.21
CA GLU A 314 -3.88 33.25 11.65
C GLU A 314 -3.37 34.67 11.90
N GLY A 315 -2.15 34.78 12.39
CA GLY A 315 -1.51 36.07 12.51
C GLY A 315 -1.36 36.68 11.13
N LEU A 316 -0.95 35.86 10.17
CA LEU A 316 -0.81 36.34 8.80
C LEU A 316 -2.17 36.70 8.21
N ALA A 317 -3.16 35.83 8.41
CA ALA A 317 -4.48 36.04 7.85
C ALA A 317 -5.11 37.36 8.30
N THR A 318 -4.79 37.75 9.52
CA THR A 318 -5.36 38.94 10.14
C THR A 318 -4.42 40.15 10.08
N ALA A 319 -3.33 40.02 9.33
CA ALA A 319 -2.33 41.08 9.17
C ALA A 319 -1.83 41.60 10.52
N THR A 320 -1.53 40.68 11.43
CA THR A 320 -1.10 41.07 12.76
C THR A 320 0.38 40.80 12.90
N PRO A 321 1.19 41.86 13.13
CA PRO A 321 2.63 41.66 13.32
C PRO A 321 2.87 40.75 14.52
N MET A 322 3.95 39.96 14.47
CA MET A 322 4.16 38.95 15.49
C MET A 322 5.51 39.03 16.19
N ILE A 323 5.52 38.69 17.47
CA ILE A 323 6.74 38.36 18.16
C ILE A 323 6.71 36.86 18.30
N ALA A 324 7.62 36.18 17.60
CA ALA A 324 7.65 34.73 17.57
C ALA A 324 8.62 34.25 18.62
N VAL A 325 8.13 33.46 19.57
CA VAL A 325 8.95 32.91 20.63
C VAL A 325 8.78 31.38 20.63
N PRO A 326 9.39 30.70 19.64
CA PRO A 326 9.22 29.26 19.46
C PRO A 326 9.73 28.42 20.63
N GLN A 327 9.13 27.25 20.85
CA GLN A 327 9.32 26.45 22.07
C GLN A 327 9.71 25.01 21.82
N ALA A 328 9.66 24.58 20.56
CA ALA A 328 9.93 23.18 20.22
C ALA A 328 10.52 23.07 18.81
N VAL A 329 10.92 21.86 18.42
CA VAL A 329 11.72 21.64 17.21
C VAL A 329 10.90 21.52 15.93
N ASP A 330 10.04 22.50 15.71
CA ASP A 330 9.17 22.59 14.53
C ASP A 330 8.42 23.92 14.56
N GLN A 331 8.77 24.76 15.52
CA GLN A 331 8.24 26.12 15.57
C GLN A 331 9.34 27.08 15.12
N PHE A 332 10.59 26.61 15.18
CA PHE A 332 11.73 27.47 14.84
C PHE A 332 11.68 27.89 13.36
N GLY A 333 11.31 26.94 12.51
CA GLY A 333 11.20 27.21 11.08
C GLY A 333 10.11 28.23 10.78
N ASN A 334 8.93 28.02 11.33
CA ASN A 334 7.86 29.02 11.20
C ASN A 334 8.37 30.36 11.70
N ALA A 335 9.00 30.35 12.86
CA ALA A 335 9.54 31.58 13.41
C ALA A 335 10.54 32.22 12.45
N ASP A 336 11.47 31.42 11.91
CA ASP A 336 12.43 31.92 10.94
C ASP A 336 11.71 32.43 9.69
N MET A 337 10.68 31.72 9.25
CA MET A 337 9.95 32.15 8.07
C MET A 337 9.25 33.48 8.30
N LEU A 338 8.58 33.60 9.44
CA LEU A 338 7.87 34.83 9.77
C LEU A 338 8.81 36.02 9.81
N GLN A 339 9.96 35.86 10.45
CA GLN A 339 10.90 36.97 10.52
C GLN A 339 11.48 37.27 9.14
N GLY A 340 11.65 36.23 8.34
CA GLY A 340 12.15 36.40 6.98
C GLY A 340 11.19 37.15 6.07
N LEU A 341 9.90 37.09 6.40
CA LEU A 341 8.88 37.81 5.64
C LEU A 341 8.88 39.30 5.98
N GLY A 342 9.53 39.66 7.08
CA GLY A 342 9.59 41.04 7.51
C GLY A 342 8.37 41.46 8.29
N VAL A 343 7.69 40.52 8.92
CA VAL A 343 6.45 40.86 9.63
C VAL A 343 6.49 40.40 11.08
N ALA A 344 7.68 40.00 11.53
CA ALA A 344 7.82 39.43 12.86
C ALA A 344 9.26 39.52 13.32
N ARG A 345 9.45 39.34 14.62
CA ARG A 345 10.77 39.19 15.18
C ARG A 345 10.78 37.92 16.01
N LYS A 346 11.78 37.09 15.78
CA LYS A 346 11.95 35.87 16.55
C LYS A 346 12.70 36.19 17.84
N LEU A 347 12.34 35.50 18.92
CA LEU A 347 13.07 35.58 20.19
C LEU A 347 13.06 34.20 20.83
N ALA A 348 14.19 33.74 21.33
CA ALA A 348 14.17 32.49 22.07
C ALA A 348 13.59 32.76 23.46
N THR A 349 12.86 31.79 24.02
CA THR A 349 12.46 31.93 25.41
C THR A 349 13.71 31.80 26.27
N GLU A 350 14.56 30.84 25.93
CA GLU A 350 15.85 30.68 26.60
N GLU A 351 15.45 34.90 27.04
CA GLU A 351 15.85 36.10 26.31
C GLU A 351 14.70 37.11 26.14
N ALA A 352 13.49 36.62 25.98
CA ALA A 352 12.35 37.52 25.89
C ALA A 352 12.09 38.19 27.24
N THR A 353 12.96 39.15 27.60
CA THR A 353 12.80 39.92 28.83
C THR A 353 11.66 40.90 28.67
N ALA A 354 11.18 41.42 29.80
CA ALA A 354 10.13 42.43 29.76
C ALA A 354 10.55 43.62 28.89
N ASP A 355 11.80 44.06 29.04
CA ASP A 355 12.25 45.22 28.28
C ASP A 355 12.43 44.90 26.80
N LEU A 356 12.97 43.73 26.48
CA LEU A 356 13.15 43.37 25.09
C LEU A 356 11.79 43.21 24.39
N LEU A 357 10.85 42.58 25.09
CA LEU A 357 9.49 42.38 24.58
C LEU A 357 8.85 43.73 24.27
N ARG A 358 8.97 44.66 25.19
CA ARG A 358 8.36 45.97 24.99
C ARG A 358 8.97 46.70 23.81
N GLU A 359 10.30 46.72 23.74
CA GLU A 359 10.94 47.44 22.66
C GLU A 359 10.59 46.81 21.32
N THR A 360 10.57 45.48 21.30
CA THR A 360 10.25 44.75 20.08
C THR A 360 8.81 45.04 19.64
N ALA A 361 7.91 45.00 20.60
CA ALA A 361 6.50 45.34 20.39
C ALA A 361 6.34 46.72 19.79
N LEU A 362 6.99 47.71 20.38
CA LEU A 362 6.88 49.10 19.92
C LEU A 362 7.38 49.23 18.50
N ALA A 363 8.47 48.54 18.20
CA ALA A 363 9.12 48.68 16.90
C ALA A 363 8.39 47.92 15.80
N LEU A 364 7.48 47.02 16.18
CA LEU A 364 6.68 46.29 15.19
C LEU A 364 5.35 46.98 14.86
N VAL A 365 4.61 47.42 15.86
CA VAL A 365 3.30 48.02 15.58
C VAL A 365 3.45 49.37 14.93
N ASP A 366 4.64 49.93 15.02
CA ASP A 366 4.84 51.26 14.48
C ASP A 366 5.60 51.26 13.16
N ASP A 367 6.02 50.07 12.74
CA ASP A 367 6.90 49.91 11.60
C ASP A 367 6.11 49.90 10.30
N PRO A 368 6.34 50.91 9.45
CA PRO A 368 5.51 51.04 8.25
C PRO A 368 5.81 49.95 7.22
N GLU A 369 7.03 49.44 7.18
CA GLU A 369 7.33 48.36 6.25
C GLU A 369 6.50 47.12 6.62
N VAL A 370 6.26 46.95 7.91
CA VAL A 370 5.54 45.78 8.42
C VAL A 370 4.08 45.67 7.94
N ALA A 371 3.34 46.76 8.04
CA ALA A 371 1.92 46.76 7.66
C ALA A 371 1.74 46.41 6.18
N ARG A 372 2.52 47.05 5.32
CA ARG A 372 2.46 46.76 3.88
C ARG A 372 2.68 45.26 3.56
N ARG A 373 3.73 44.66 4.11
CA ARG A 373 4.03 43.26 3.80
C ARG A 373 2.91 42.36 4.25
N LEU A 374 2.39 42.62 5.45
CA LEU A 374 1.23 41.88 5.95
C LEU A 374 0.06 42.07 5.01
N ARG A 375 -0.12 43.30 4.54
CA ARG A 375 -1.18 43.61 3.57
C ARG A 375 -0.99 42.76 2.32
N ARG A 376 0.24 42.67 1.86
CA ARG A 376 0.45 41.92 0.65
C ARG A 376 0.25 40.41 0.87
N ILE A 377 0.84 39.87 1.92
CA ILE A 377 0.66 38.45 2.22
C ILE A 377 -0.83 38.11 2.34
N GLN A 378 -1.58 39.00 2.97
CA GLN A 378 -3.02 38.90 3.07
C GLN A 378 -3.71 38.78 1.70
N ALA A 379 -3.28 39.59 0.75
CA ALA A 379 -3.83 39.55 -0.60
C ALA A 379 -3.42 38.28 -1.32
N GLU A 380 -2.23 37.77 -0.98
CA GLU A 380 -1.72 36.56 -1.61
C GLU A 380 -2.44 35.35 -1.03
N MET A 381 -2.69 35.41 0.28
CA MET A 381 -3.46 34.35 0.92
C MET A 381 -4.91 34.36 0.42
N ALA A 382 -5.42 35.54 0.11
CA ALA A 382 -6.78 35.61 -0.45
C ALA A 382 -6.85 34.85 -1.77
N GLN A 383 -5.81 34.93 -2.57
CA GLN A 383 -5.77 34.21 -3.84
C GLN A 383 -5.74 32.69 -3.62
N GLU A 384 -5.26 32.26 -2.46
CA GLU A 384 -5.19 30.83 -2.15
C GLU A 384 -6.57 30.19 -1.98
N GLY A 385 -7.51 30.91 -1.37
CA GLY A 385 -8.93 30.61 -1.50
C GLY A 385 -9.62 29.60 -0.59
N GLY A 386 -8.88 29.05 0.38
CA GLY A 386 -9.46 28.18 1.40
C GLY A 386 -10.42 27.08 0.97
N THR A 387 -11.48 26.91 1.76
CA THR A 387 -12.28 25.69 1.75
C THR A 387 -12.99 25.37 0.44
N ARG A 388 -13.50 26.39 -0.24
CA ARG A 388 -14.20 26.15 -1.51
C ARG A 388 -13.25 26.11 -2.72
N ARG A 389 -12.15 26.85 -2.68
CA ARG A 389 -11.17 26.79 -3.77
C ARG A 389 -10.55 25.41 -3.93
N ALA A 390 -10.22 24.79 -2.80
CA ALA A 390 -9.71 23.42 -2.83
C ALA A 390 -10.69 22.52 -3.59
N ALA A 391 -11.98 22.67 -3.30
CA ALA A 391 -13.00 21.86 -3.94
C ALA A 391 -12.97 21.99 -5.46
N ASP A 392 -12.79 23.22 -5.95
CA ASP A 392 -12.72 23.43 -7.39
C ASP A 392 -11.47 22.82 -8.05
N LEU A 393 -10.33 22.83 -7.37
CA LEU A 393 -9.16 22.17 -7.90
C LEU A 393 -9.29 20.65 -7.83
N ILE A 394 -10.04 20.17 -6.85
CA ILE A 394 -10.33 18.74 -6.77
C ILE A 394 -11.32 18.43 -7.89
N GLU A 395 -12.36 19.26 -8.01
CA GLU A 395 -13.34 19.08 -9.07
C GLU A 395 -12.68 19.11 -10.45
N ALA A 396 -11.69 19.99 -10.62
CA ALA A 396 -10.93 20.07 -11.86
C ALA A 396 -10.06 18.84 -12.19
N GLU A 397 -9.88 17.94 -11.21
CA GLU A 397 -9.10 16.72 -11.45
C GLU A 397 -10.00 15.49 -11.58
N LEU A 398 -11.31 15.71 -11.61
CA LEU A 398 -12.27 14.63 -11.75
C LEU A 398 -12.14 13.95 -13.10
N PRO A 399 -12.15 12.60 -13.11
CA PRO A 399 -12.08 11.77 -14.32
C PRO A 399 -13.45 11.21 -14.69
N ALA A 400 -14.15 11.92 -15.59
CA ALA A 400 -15.37 11.43 -16.24
C ALA A 400 -15.50 12.08 -17.61
N THR B 6 15.60 -52.87 -5.22
CA THR B 6 15.40 -52.24 -3.92
C THR B 6 15.57 -50.72 -4.03
N PRO B 7 14.50 -50.02 -4.43
CA PRO B 7 14.57 -48.55 -4.52
C PRO B 7 14.20 -47.99 -3.16
N ALA B 8 13.42 -46.92 -3.18
CA ALA B 8 12.84 -46.37 -1.97
C ALA B 8 11.34 -46.31 -2.15
N HIS B 9 10.62 -46.26 -1.03
CA HIS B 9 9.18 -46.05 -1.04
C HIS B 9 8.93 -44.57 -0.77
N ILE B 10 8.40 -43.87 -1.77
CA ILE B 10 8.07 -42.45 -1.63
C ILE B 10 6.55 -42.31 -1.64
N ALA B 11 6.00 -41.67 -0.62
CA ALA B 11 4.54 -41.49 -0.55
C ALA B 11 4.16 -40.02 -0.69
N MET B 12 3.43 -39.73 -1.76
CA MET B 12 2.92 -38.39 -2.06
C MET B 12 1.49 -38.28 -1.56
N PHE B 13 1.08 -37.07 -1.15
CA PHE B 13 -0.29 -36.79 -0.69
C PHE B 13 -0.83 -35.47 -1.28
N SER B 14 -2.09 -35.45 -1.73
CA SER B 14 -2.76 -34.20 -2.11
C SER B 14 -4.28 -34.25 -2.06
N ILE B 15 -4.93 -33.25 -2.67
CA ILE B 15 -6.39 -33.12 -2.66
C ILE B 15 -6.89 -33.15 -4.10
N ALA B 16 -8.19 -32.97 -4.34
CA ALA B 16 -8.73 -33.15 -5.68
C ALA B 16 -8.60 -31.94 -6.61
N ALA B 17 -8.18 -30.82 -6.07
CA ALA B 17 -8.07 -29.61 -6.84
C ALA B 17 -6.93 -29.75 -7.83
N HIS B 18 -7.24 -29.43 -9.06
CA HIS B 18 -6.24 -29.46 -10.13
C HIS B 18 -5.01 -28.63 -9.77
N GLY B 19 -5.24 -27.49 -9.12
CA GLY B 19 -4.16 -26.62 -8.70
C GLY B 19 -3.30 -27.17 -7.58
N HIS B 20 -3.72 -28.29 -7.02
CA HIS B 20 -2.90 -28.95 -6.01
C HIS B 20 -2.42 -30.32 -6.46
N VAL B 21 -2.77 -30.69 -7.69
CA VAL B 21 -2.25 -31.92 -8.27
C VAL B 21 -1.47 -31.67 -9.57
N ASN B 22 -2.03 -30.84 -10.44
CA ASN B 22 -1.39 -30.55 -11.74
C ASN B 22 -0.03 -29.83 -11.71
N PRO B 23 0.19 -28.94 -10.72
CA PRO B 23 1.53 -28.34 -10.63
C PRO B 23 2.68 -29.33 -10.45
N SER B 24 2.42 -30.45 -9.80
CA SER B 24 3.50 -31.39 -9.48
C SER B 24 3.43 -32.70 -10.26
N LEU B 25 2.47 -32.82 -11.17
CA LEU B 25 2.26 -34.12 -11.80
C LEU B 25 3.46 -34.58 -12.62
N GLU B 26 4.13 -33.63 -13.27
CA GLU B 26 5.34 -33.95 -14.04
C GLU B 26 6.50 -34.37 -13.15
N VAL B 27 6.47 -33.98 -11.87
CA VAL B 27 7.48 -34.43 -10.92
C VAL B 27 7.23 -35.87 -10.49
N ILE B 28 5.97 -36.20 -10.21
CA ILE B 28 5.63 -37.55 -9.75
C ILE B 28 5.97 -38.61 -10.81
N ARG B 29 5.60 -38.33 -12.06
CA ARG B 29 5.90 -39.25 -13.15
C ARG B 29 7.40 -39.42 -13.31
N GLU B 30 8.13 -38.30 -13.22
CA GLU B 30 9.58 -38.35 -13.36
C GLU B 30 10.13 -39.28 -12.31
N LEU B 31 9.60 -39.18 -11.08
CA LEU B 31 10.00 -40.09 -10.03
C LEU B 31 9.64 -41.53 -10.36
N VAL B 32 8.50 -41.75 -11.01
CA VAL B 32 8.10 -43.11 -11.37
C VAL B 32 8.88 -43.61 -12.59
N ALA B 33 9.10 -42.71 -13.56
CA ALA B 33 9.86 -43.04 -14.75
C ALA B 33 11.29 -43.42 -14.36
N ARG B 34 11.79 -42.75 -13.34
CA ARG B 34 13.09 -43.08 -12.76
C ARG B 34 13.05 -44.40 -11.98
N GLY B 35 11.86 -44.87 -11.64
CA GLY B 35 11.70 -46.18 -11.04
C GLY B 35 11.52 -46.33 -9.53
N HIS B 36 11.33 -45.24 -8.79
CA HIS B 36 11.10 -45.37 -7.34
C HIS B 36 9.75 -46.04 -7.12
N ARG B 37 9.54 -46.60 -5.95
CA ARG B 37 8.22 -47.12 -5.60
C ARG B 37 7.45 -45.98 -4.98
N VAL B 38 6.52 -45.44 -5.76
CA VAL B 38 5.82 -44.23 -5.39
C VAL B 38 4.34 -44.53 -5.17
N THR B 39 3.84 -44.24 -3.98
CA THR B 39 2.41 -44.29 -3.73
C THR B 39 1.88 -42.87 -3.66
N TYR B 40 0.59 -42.71 -3.91
CA TYR B 40 -0.03 -41.38 -3.94
C TYR B 40 -1.37 -41.45 -3.23
N ALA B 41 -1.39 -41.00 -1.99
CA ALA B 41 -2.64 -40.94 -1.23
C ALA B 41 -3.52 -39.84 -1.77
N ILE B 42 -4.76 -40.18 -2.13
CA ILE B 42 -5.59 -39.29 -2.93
C ILE B 42 -7.07 -39.68 -2.80
N PRO B 43 -8.00 -38.71 -2.90
CA PRO B 43 -9.40 -39.12 -2.91
C PRO B 43 -9.75 -39.77 -4.26
N PRO B 44 -10.63 -40.78 -4.25
CA PRO B 44 -10.86 -41.66 -5.41
C PRO B 44 -11.25 -40.99 -6.74
N VAL B 45 -11.80 -39.78 -6.72
CA VAL B 45 -12.11 -39.15 -8.03
C VAL B 45 -10.84 -38.98 -8.85
N PHE B 46 -9.71 -38.81 -8.15
CA PHE B 46 -8.41 -38.60 -8.78
C PHE B 46 -7.51 -39.84 -8.82
N ALA B 47 -8.05 -41.02 -8.52
CA ALA B 47 -7.20 -42.22 -8.41
C ALA B 47 -6.59 -42.66 -9.75
N ASP B 48 -7.34 -42.49 -10.83
CA ASP B 48 -6.86 -42.82 -12.17
C ASP B 48 -5.85 -41.77 -12.63
N LYS B 49 -6.15 -40.51 -12.34
CA LYS B 49 -5.29 -39.37 -12.69
C LYS B 49 -3.87 -39.52 -12.14
N VAL B 50 -3.76 -39.83 -10.86
CA VAL B 50 -2.43 -39.97 -10.29
C VAL B 50 -1.71 -41.19 -10.87
N ALA B 51 -2.45 -42.30 -11.01
CA ALA B 51 -1.85 -43.56 -11.44
C ALA B 51 -1.42 -43.51 -12.90
N ALA B 52 -1.88 -42.49 -13.62
CA ALA B 52 -1.37 -42.21 -14.96
C ALA B 52 0.15 -41.99 -14.92
N THR B 53 0.62 -41.39 -13.83
CA THR B 53 2.06 -41.21 -13.63
C THR B 53 2.77 -42.53 -13.36
N GLY B 54 2.02 -43.59 -13.12
CA GLY B 54 2.59 -44.88 -12.72
C GLY B 54 2.62 -45.12 -11.22
N ALA B 55 2.43 -44.06 -10.43
CA ALA B 55 2.37 -44.18 -8.98
C ALA B 55 1.11 -44.94 -8.62
N ARG B 56 1.16 -45.75 -7.57
CA ARG B 56 -0.01 -46.51 -7.13
C ARG B 56 -0.83 -45.66 -6.16
N PRO B 57 -2.12 -45.41 -6.49
CA PRO B 57 -2.90 -44.56 -5.58
C PRO B 57 -3.31 -45.25 -4.29
N VAL B 58 -3.34 -44.47 -3.22
CA VAL B 58 -3.77 -44.93 -1.90
C VAL B 58 -5.02 -44.13 -1.54
N LEU B 59 -6.17 -44.81 -1.58
CA LEU B 59 -7.45 -44.12 -1.53
C LEU B 59 -7.85 -43.73 -0.12
N TYR B 60 -8.32 -42.49 0.04
CA TYR B 60 -8.89 -42.07 1.32
C TYR B 60 -10.10 -41.18 1.07
N HIS B 61 -10.99 -41.08 2.05
CA HIS B 61 -12.16 -40.23 1.97
C HIS B 61 -11.81 -38.77 2.26
N SER B 62 -12.34 -37.87 1.44
CA SER B 62 -12.12 -36.45 1.60
C SER B 62 -13.47 -35.73 1.71
N THR B 63 -13.58 -34.83 2.68
CA THR B 63 -14.81 -34.06 2.85
C THR B 63 -14.80 -32.81 1.95
N LEU B 64 -13.61 -32.37 1.54
CA LEU B 64 -13.48 -31.17 0.71
C LEU B 64 -14.31 -31.26 -0.57
N PRO B 65 -14.81 -30.12 -1.06
CA PRO B 65 -15.63 -30.10 -2.27
C PRO B 65 -14.82 -30.58 -3.46
N GLY B 66 -15.46 -31.24 -4.43
CA GLY B 66 -14.72 -31.84 -5.54
C GLY B 66 -13.95 -30.84 -6.39
N PRO B 67 -13.18 -31.35 -7.35
CA PRO B 67 -12.32 -30.55 -8.25
C PRO B 67 -13.12 -29.66 -9.20
N ASP B 68 -14.20 -30.21 -9.75
CA ASP B 68 -15.09 -29.52 -10.69
C ASP B 68 -16.06 -28.60 -9.97
N ALA B 69 -15.91 -28.49 -8.65
CA ALA B 69 -16.87 -27.75 -7.87
C ALA B 69 -16.88 -26.29 -8.25
N ASP B 70 -17.61 -25.50 -7.48
CA ASP B 70 -17.77 -24.12 -7.84
C ASP B 70 -16.92 -23.20 -6.99
N PRO B 71 -16.92 -21.92 -7.37
CA PRO B 71 -16.31 -20.77 -6.71
C PRO B 71 -16.75 -20.65 -5.26
N GLU B 72 -18.05 -20.52 -5.02
CA GLU B 72 -18.62 -20.31 -3.69
C GLU B 72 -18.90 -21.61 -2.95
N ALA B 73 -18.00 -22.57 -3.11
CA ALA B 73 -18.04 -23.79 -2.30
C ALA B 73 -16.91 -23.74 -1.28
N TRP B 74 -16.00 -22.81 -1.48
CA TRP B 74 -14.75 -22.77 -0.72
C TRP B 74 -14.54 -21.45 0.02
N GLY B 75 -15.36 -20.45 -0.28
CA GLY B 75 -15.55 -19.33 0.64
C GLY B 75 -15.03 -17.94 0.38
N SER B 76 -15.57 -17.00 1.14
CA SER B 76 -15.18 -15.59 1.10
C SER B 76 -14.59 -15.09 2.44
N THR B 77 -14.85 -15.79 3.54
CA THR B 77 -14.21 -15.45 4.81
C THR B 77 -12.89 -16.23 4.96
N LEU B 78 -12.01 -15.76 5.85
CA LEU B 78 -10.77 -16.48 6.14
C LEU B 78 -11.13 -17.86 6.69
N LEU B 79 -12.08 -17.88 7.61
CA LEU B 79 -12.49 -19.13 8.20
C LEU B 79 -13.20 -20.00 7.19
N ASP B 80 -13.97 -19.37 6.29
CA ASP B 80 -14.57 -20.11 5.16
C ASP B 80 -13.46 -20.84 4.39
N ASN B 81 -12.26 -20.28 4.38
CA ASN B 81 -11.18 -20.86 3.58
C ASN B 81 -10.37 -21.93 4.29
N VAL B 82 -9.88 -21.62 5.49
CA VAL B 82 -9.00 -22.58 6.16
C VAL B 82 -9.78 -23.65 6.91
N GLU B 83 -11.05 -23.38 7.25
CA GLU B 83 -11.80 -24.44 7.91
C GLU B 83 -11.98 -25.63 6.96
N PRO B 84 -12.13 -25.38 5.66
CA PRO B 84 -12.00 -26.68 5.02
C PRO B 84 -10.52 -27.06 4.73
N PHE B 85 -9.77 -27.43 5.78
CA PHE B 85 -8.52 -28.21 5.69
C PHE B 85 -8.22 -28.94 7.00
N LEU B 86 -8.59 -28.34 8.12
CA LEU B 86 -8.37 -28.96 9.44
C LEU B 86 -9.33 -30.12 9.67
N ASN B 87 -10.60 -29.89 9.36
CA ASN B 87 -11.61 -30.88 9.66
C ASN B 87 -11.46 -32.10 8.76
N ASP B 88 -11.06 -31.85 7.51
CA ASP B 88 -10.77 -32.94 6.59
C ASP B 88 -9.58 -33.75 7.08
N ALA B 89 -8.57 -33.05 7.58
CA ALA B 89 -7.38 -33.71 8.09
C ALA B 89 -7.69 -34.63 9.26
N ILE B 90 -8.54 -34.17 10.17
CA ILE B 90 -8.86 -34.96 11.34
C ILE B 90 -9.49 -36.33 10.99
N GLN B 91 -10.38 -36.36 10.00
CA GLN B 91 -11.03 -37.60 9.60
C GLN B 91 -10.20 -38.40 8.59
N ALA B 92 -9.28 -37.73 7.91
CA ALA B 92 -8.42 -38.40 6.93
C ALA B 92 -7.21 -39.04 7.58
N LEU B 93 -6.71 -38.39 8.64
CA LEU B 93 -5.51 -38.85 9.32
C LEU B 93 -5.53 -40.34 9.68
N PRO B 94 -6.39 -40.75 10.64
CA PRO B 94 -6.26 -42.18 10.90
C PRO B 94 -6.63 -43.04 9.68
N GLN B 95 -7.35 -42.53 8.69
CA GLN B 95 -7.58 -43.23 7.41
C GLN B 95 -6.30 -43.49 6.62
N LEU B 96 -5.35 -42.57 6.72
CA LEU B 96 -4.09 -42.69 6.02
C LEU B 96 -3.10 -43.40 6.91
N ALA B 97 -3.20 -43.15 8.20
CA ALA B 97 -2.65 -44.06 9.19
C ALA B 97 -3.55 -45.31 9.31
N ASP B 98 -4.48 -45.47 8.36
CA ASP B 98 -5.21 -46.72 8.14
C ASP B 98 -4.92 -47.15 6.73
N ALA B 99 -3.65 -47.19 6.37
CA ALA B 99 -3.24 -47.77 5.10
C ALA B 99 -1.75 -48.01 5.01
N TYR B 100 -0.95 -47.22 5.72
CA TYR B 100 0.50 -47.27 5.55
C TYR B 100 1.26 -47.96 6.68
N ALA B 101 0.55 -48.22 7.78
CA ALA B 101 1.13 -48.75 9.01
C ALA B 101 2.11 -49.93 8.87
N ASP B 102 1.90 -50.76 7.85
CA ASP B 102 2.74 -51.94 7.64
C ASP B 102 3.74 -51.76 6.50
N ASP B 103 4.12 -50.52 6.23
CA ASP B 103 4.96 -50.19 5.07
C ASP B 103 5.38 -48.71 5.12
N ILE B 104 5.94 -48.27 6.24
CA ILE B 104 6.36 -46.87 6.39
C ILE B 104 7.35 -46.40 5.31
N PRO B 105 6.94 -45.42 4.50
CA PRO B 105 7.78 -44.94 3.39
C PRO B 105 9.13 -44.44 3.89
N ASP B 106 10.15 -44.41 3.05
CA ASP B 106 11.42 -43.82 3.45
C ASP B 106 11.28 -42.29 3.56
N LEU B 107 10.27 -41.76 2.86
CA LEU B 107 10.07 -40.32 2.80
C LEU B 107 8.66 -39.99 2.29
N VAL B 108 8.15 -38.81 2.65
CA VAL B 108 6.82 -38.38 2.21
C VAL B 108 6.85 -37.05 1.45
N LEU B 109 6.18 -36.99 0.30
CA LEU B 109 5.95 -35.76 -0.45
C LEU B 109 4.52 -35.34 -0.19
N HIS B 110 4.24 -34.05 -0.21
CA HIS B 110 2.86 -33.61 -0.08
C HIS B 110 2.65 -32.19 -0.58
N ASP B 111 1.52 -31.96 -1.23
CA ASP B 111 1.07 -30.60 -1.52
C ASP B 111 0.75 -29.89 -0.19
N ILE B 112 0.77 -28.56 -0.21
CA ILE B 112 0.63 -27.78 1.00
C ILE B 112 -0.68 -28.03 1.77
N THR B 113 -1.71 -28.45 1.04
CA THR B 113 -3.04 -28.60 1.65
C THR B 113 -3.20 -29.86 2.53
N SER B 114 -2.29 -30.83 2.39
CA SER B 114 -2.43 -32.06 3.15
C SER B 114 -1.82 -32.03 4.56
N TYR B 115 -2.61 -31.66 5.56
CA TYR B 115 -2.16 -31.80 6.94
C TYR B 115 -1.81 -33.25 7.35
N PRO B 116 -2.59 -34.24 6.89
CA PRO B 116 -2.25 -35.60 7.36
C PRO B 116 -0.85 -36.05 6.97
N ALA B 117 -0.38 -35.65 5.79
CA ALA B 117 0.95 -36.03 5.36
C ALA B 117 2.03 -35.54 6.33
N ARG B 118 1.77 -34.38 6.94
CA ARG B 118 2.67 -33.76 7.90
C ARG B 118 2.79 -34.57 9.20
N VAL B 119 1.65 -34.91 9.80
CA VAL B 119 1.69 -35.63 11.08
C VAL B 119 2.27 -37.03 10.93
N LEU B 120 1.90 -37.71 9.85
CA LEU B 120 2.39 -39.06 9.61
C LEU B 120 3.89 -39.15 9.39
N ALA B 121 4.42 -38.37 8.46
CA ALA B 121 5.85 -38.40 8.21
C ALA B 121 6.62 -38.19 9.54
N ARG B 122 6.10 -37.34 10.42
CA ARG B 122 6.77 -37.11 11.70
C ARG B 122 6.60 -38.28 12.68
N ARG B 123 5.44 -38.94 12.63
CA ARG B 123 5.16 -40.08 13.48
C ARG B 123 6.02 -41.28 13.05
N TRP B 124 6.19 -41.40 11.74
CA TRP B 124 6.90 -42.51 11.14
C TRP B 124 8.41 -42.33 11.28
N GLY B 125 8.83 -41.08 11.41
CA GLY B 125 10.23 -40.78 11.59
C GLY B 125 10.92 -40.77 10.24
N VAL B 126 10.27 -40.16 9.26
CA VAL B 126 10.87 -39.99 7.94
C VAL B 126 10.84 -38.53 7.55
N PRO B 127 11.78 -38.11 6.69
CA PRO B 127 11.75 -36.74 6.17
C PRO B 127 10.47 -36.46 5.39
N ALA B 128 10.06 -35.20 5.36
CA ALA B 128 8.91 -34.77 4.59
C ALA B 128 9.31 -33.61 3.68
N VAL B 129 8.77 -33.60 2.46
CA VAL B 129 9.00 -32.51 1.52
C VAL B 129 7.70 -31.89 1.04
N SER B 130 7.50 -30.63 1.36
CA SER B 130 6.31 -29.90 0.96
C SER B 130 6.49 -29.36 -0.45
N LEU B 131 5.49 -29.53 -1.31
CA LEU B 131 5.53 -28.94 -2.65
C LEU B 131 4.49 -27.82 -2.75
N SER B 132 4.96 -26.61 -3.00
CA SER B 132 4.05 -25.45 -3.04
C SER B 132 3.83 -24.94 -4.46
N PRO B 133 2.55 -24.94 -4.91
CA PRO B 133 2.23 -24.45 -6.25
C PRO B 133 2.17 -22.93 -6.33
N ASN B 134 2.43 -22.26 -5.23
CA ASN B 134 2.32 -20.81 -5.18
C ASN B 134 3.34 -20.24 -4.21
N LEU B 135 3.26 -18.94 -3.96
CA LEU B 135 4.22 -18.27 -3.10
C LEU B 135 4.26 -18.90 -1.71
N VAL B 136 5.37 -18.72 -1.02
CA VAL B 136 5.53 -19.24 0.33
C VAL B 136 5.79 -18.12 1.33
N ALA B 137 5.82 -18.49 2.60
CA ALA B 137 6.06 -17.51 3.64
C ALA B 137 7.51 -17.05 3.65
N TRP B 138 7.69 -15.74 3.83
CA TRP B 138 9.01 -15.17 4.02
C TRP B 138 9.24 -14.89 5.50
N LYS B 139 10.46 -14.51 5.85
CA LYS B 139 10.73 -14.10 7.22
C LYS B 139 10.00 -12.79 7.46
N GLY B 140 9.07 -12.79 8.40
CA GLY B 140 8.24 -11.62 8.65
C GLY B 140 6.79 -11.79 8.21
N TYR B 141 6.50 -12.90 7.54
CA TYR B 141 5.16 -13.17 7.00
C TYR B 141 4.09 -13.24 8.09
N GLU B 142 4.42 -13.86 9.21
CA GLU B 142 3.44 -14.08 10.26
C GLU B 142 3.00 -12.75 10.87
N GLU B 143 3.93 -11.82 10.93
CA GLU B 143 3.68 -10.54 11.57
C GLU B 143 3.05 -9.60 10.53
N GLU B 144 3.47 -9.74 9.28
CA GLU B 144 3.05 -8.83 8.21
C GLU B 144 1.80 -9.27 7.46
N VAL B 145 1.53 -10.57 7.45
CA VAL B 145 0.41 -11.09 6.66
C VAL B 145 -0.58 -11.87 7.53
N ALA B 146 -0.10 -12.87 8.25
CA ALA B 146 -1.00 -13.81 8.94
C ALA B 146 -1.67 -13.20 10.17
N GLU B 147 -0.94 -12.35 10.90
CA GLU B 147 -1.56 -11.71 12.05
C GLU B 147 -2.64 -10.69 11.65
N PRO B 148 -2.40 -9.85 10.63
CA PRO B 148 -3.50 -9.00 10.15
C PRO B 148 -4.71 -9.80 9.68
N MET B 149 -4.51 -10.87 8.93
CA MET B 149 -5.61 -11.71 8.48
C MET B 149 -6.43 -12.24 9.65
N TRP B 150 -5.72 -12.66 10.69
CA TRP B 150 -6.34 -13.37 11.80
C TRP B 150 -6.88 -12.46 12.91
N ARG B 151 -6.50 -11.18 12.88
CA ARG B 151 -6.87 -10.26 13.96
C ARG B 151 -8.38 -10.23 14.18
N GLU B 152 -9.15 -10.12 13.10
CA GLU B 152 -10.62 -10.20 13.17
C GLU B 152 -11.18 -11.59 13.53
N PRO B 153 -10.83 -12.64 12.77
CA PRO B 153 -11.52 -13.92 13.00
C PRO B 153 -11.22 -14.57 14.33
N ARG B 154 -10.10 -14.19 14.94
CA ARG B 154 -9.87 -14.55 16.34
C ARG B 154 -10.67 -13.61 17.24
N GLN B 155 -11.53 -12.77 16.68
CA GLN B 155 -12.53 -12.08 17.48
C GLN B 155 -13.87 -12.82 17.42
N THR B 156 -13.81 -14.09 16.99
CA THR B 156 -15.03 -14.90 16.99
C THR B 156 -14.85 -16.19 17.77
N GLU B 157 -15.92 -16.71 18.38
CA GLU B 157 -15.78 -18.01 19.04
C GLU B 157 -15.62 -19.16 18.03
N ARG B 158 -16.06 -18.92 16.79
CA ARG B 158 -15.72 -19.87 15.72
C ARG B 158 -14.20 -19.94 15.59
N GLY B 159 -13.56 -18.77 15.59
CA GLY B 159 -12.11 -18.72 15.54
C GLY B 159 -11.43 -19.39 16.72
N ARG B 160 -11.90 -19.10 17.94
CA ARG B 160 -11.41 -19.77 19.14
C ARG B 160 -11.47 -21.29 19.03
N ALA B 161 -12.66 -21.80 18.74
CA ALA B 161 -12.89 -23.24 18.69
C ALA B 161 -12.05 -23.94 17.61
N TYR B 162 -11.78 -23.23 16.51
CA TYR B 162 -10.92 -23.78 15.46
C TYR B 162 -9.48 -23.96 15.92
N TYR B 163 -8.88 -22.92 16.52
CA TYR B 163 -7.53 -23.07 17.05
C TYR B 163 -7.49 -24.11 18.16
N ALA B 164 -8.53 -24.14 19.00
CA ALA B 164 -8.57 -25.12 20.07
C ALA B 164 -8.52 -26.53 19.51
N ARG B 165 -9.35 -26.78 18.50
CA ARG B 165 -9.41 -28.07 17.83
C ARG B 165 -8.06 -28.39 17.19
N PHE B 166 -7.47 -27.39 16.54
CA PHE B 166 -6.21 -27.57 15.83
C PHE B 166 -5.12 -27.87 16.86
N GLU B 167 -5.06 -27.04 17.90
CA GLU B 167 -4.12 -27.27 19.00
C GLU B 167 -4.33 -28.62 19.66
N ALA B 168 -5.60 -28.96 19.90
CA ALA B 168 -5.97 -30.23 20.50
C ALA B 168 -6.24 -31.28 19.44
N TRP B 169 -5.61 -31.10 18.28
CA TRP B 169 -5.45 -32.20 17.35
C TRP B 169 -3.96 -32.47 17.28
N LEU B 170 -3.16 -31.41 17.27
CA LEU B 170 -1.70 -31.57 17.24
C LEU B 170 -1.22 -32.19 18.55
N LYS B 171 -1.83 -31.80 19.66
CA LYS B 171 -1.37 -32.27 20.96
C LYS B 171 -1.48 -33.78 21.06
N GLU B 172 -2.61 -34.34 20.63
CA GLU B 172 -2.77 -35.78 20.70
C GLU B 172 -1.79 -36.47 19.78
N ASN B 173 -1.28 -35.72 18.81
CA ASN B 173 -0.22 -36.25 17.94
C ASN B 173 1.16 -35.85 18.42
N GLY B 174 1.25 -35.36 19.66
CA GLY B 174 2.53 -35.08 20.28
C GLY B 174 3.31 -33.94 19.64
N ILE B 175 2.60 -33.07 18.93
CA ILE B 175 3.22 -31.96 18.20
C ILE B 175 3.10 -30.61 18.95
N THR B 176 4.23 -30.03 19.33
CA THR B 176 4.24 -28.85 20.21
C THR B 176 4.26 -27.48 19.51
N GLU B 177 4.60 -27.45 18.23
CA GLU B 177 4.64 -26.19 17.49
C GLU B 177 3.28 -25.51 17.46
N HIS B 178 3.27 -24.20 17.26
CA HIS B 178 2.04 -23.43 17.15
C HIS B 178 1.36 -23.82 15.84
N PRO B 179 0.03 -23.98 15.85
CA PRO B 179 -0.71 -24.46 14.67
C PRO B 179 -0.28 -23.82 13.35
N ASP B 180 -0.01 -22.53 13.37
CA ASP B 180 0.35 -21.85 12.11
C ASP B 180 1.78 -22.19 11.68
N THR B 181 2.62 -22.56 12.64
CA THR B 181 3.97 -23.03 12.32
C THR B 181 3.87 -24.37 11.61
N PHE B 182 2.92 -25.19 12.06
CA PHE B 182 2.64 -26.49 11.46
C PHE B 182 2.05 -26.31 10.07
N ALA B 183 1.14 -25.35 9.93
CA ALA B 183 0.43 -25.15 8.66
C ALA B 183 1.28 -24.42 7.62
N SER B 184 1.92 -23.34 8.03
CA SER B 184 2.49 -22.40 7.07
C SER B 184 4.01 -22.41 6.98
N HIS B 185 4.66 -23.23 7.80
CA HIS B 185 6.13 -23.16 7.90
C HIS B 185 6.80 -24.53 7.89
N PRO B 186 6.82 -25.16 6.70
CA PRO B 186 7.40 -26.51 6.56
C PRO B 186 8.89 -26.51 6.85
N PRO B 187 9.45 -27.67 7.22
CA PRO B 187 10.90 -27.74 7.44
C PRO B 187 11.66 -27.81 6.11
N ARG B 188 10.99 -28.26 5.06
CA ARG B 188 11.64 -28.38 3.75
C ARG B 188 10.57 -28.23 2.67
N SER B 189 10.83 -27.37 1.70
CA SER B 189 9.83 -27.10 0.67
C SER B 189 10.44 -26.82 -0.68
N LEU B 190 9.83 -27.37 -1.73
CA LEU B 190 10.15 -27.01 -3.11
C LEU B 190 9.03 -26.16 -3.64
N VAL B 191 9.37 -25.00 -4.19
CA VAL B 191 8.38 -24.04 -4.67
C VAL B 191 8.29 -24.09 -6.20
N LEU B 192 7.10 -24.34 -6.70
CA LEU B 192 6.89 -24.58 -8.13
C LEU B 192 6.51 -23.32 -8.89
N ILE B 193 7.02 -22.19 -8.41
CA ILE B 193 6.93 -20.92 -9.13
C ILE B 193 8.33 -20.33 -9.23
N PRO B 194 8.59 -19.51 -10.26
CA PRO B 194 9.90 -18.87 -10.30
C PRO B 194 10.01 -17.86 -9.17
N LYS B 195 11.22 -17.70 -8.63
CA LYS B 195 11.44 -16.82 -7.48
C LYS B 195 11.04 -15.38 -7.81
N ALA B 196 11.17 -15.00 -9.08
CA ALA B 196 10.75 -13.66 -9.52
C ALA B 196 9.29 -13.36 -9.19
N LEU B 197 8.46 -14.39 -9.14
CA LEU B 197 7.03 -14.20 -8.85
C LEU B 197 6.71 -14.34 -7.36
N GLN B 198 7.74 -14.49 -6.54
CA GLN B 198 7.56 -14.57 -5.08
C GLN B 198 7.70 -13.20 -4.43
N PRO B 199 6.65 -12.75 -3.72
CA PRO B 199 6.76 -11.49 -2.98
C PRO B 199 7.84 -11.61 -1.90
N HIS B 200 8.57 -10.53 -1.64
CA HIS B 200 9.58 -10.51 -0.57
C HIS B 200 10.58 -11.65 -0.71
N ALA B 201 10.99 -11.90 -1.95
CA ALA B 201 11.84 -13.06 -2.22
C ALA B 201 13.14 -13.08 -1.42
N ASP B 202 13.71 -11.91 -1.19
CA ASP B 202 15.01 -11.87 -0.51
C ASP B 202 14.87 -12.20 0.99
N ARG B 203 13.63 -12.27 1.48
CA ARG B 203 13.41 -12.68 2.87
C ARG B 203 12.91 -14.12 3.03
N VAL B 204 12.79 -14.83 1.92
CA VAL B 204 12.45 -16.26 2.00
C VAL B 204 13.66 -17.05 2.46
N ASP B 205 13.44 -17.92 3.44
CA ASP B 205 14.51 -18.70 4.03
C ASP B 205 15.03 -19.73 3.06
N GLU B 206 16.16 -19.43 2.42
CA GLU B 206 16.70 -20.31 1.40
C GLU B 206 17.40 -21.50 2.05
N ASP B 207 17.15 -21.68 3.34
CA ASP B 207 17.64 -22.87 4.02
C ASP B 207 16.51 -23.85 4.29
N VAL B 208 15.29 -23.43 3.96
CA VAL B 208 14.11 -24.29 3.98
C VAL B 208 13.53 -24.48 2.57
N TYR B 209 13.46 -23.39 1.81
CA TYR B 209 12.79 -23.37 0.51
C TYR B 209 13.76 -23.34 -0.66
N THR B 210 13.48 -24.17 -1.67
CA THR B 210 14.18 -24.10 -2.96
C THR B 210 13.17 -23.83 -4.06
N PHE B 211 13.41 -22.79 -4.87
CA PHE B 211 12.53 -22.46 -5.99
C PHE B 211 12.95 -23.22 -7.23
N VAL B 212 12.07 -24.07 -7.74
CA VAL B 212 12.40 -24.83 -8.93
C VAL B 212 11.58 -24.39 -10.13
N GLY B 213 10.54 -23.62 -9.88
CA GLY B 213 9.66 -23.16 -10.95
C GLY B 213 8.66 -24.20 -11.41
N ALA B 214 7.95 -23.90 -12.50
CA ALA B 214 6.92 -24.78 -13.02
C ALA B 214 7.54 -26.04 -13.55
N CYS B 215 6.80 -27.14 -13.51
CA CYS B 215 7.44 -28.40 -13.77
C CYS B 215 7.03 -29.03 -15.11
N GLN B 216 6.47 -28.21 -16.00
CA GLN B 216 6.10 -28.66 -17.34
C GLN B 216 7.33 -29.25 -17.99
N GLY B 217 7.17 -30.44 -18.53
CA GLY B 217 8.26 -31.16 -19.14
C GLY B 217 8.60 -30.76 -20.57
N ASP B 218 7.67 -31.00 -21.48
CA ASP B 218 7.97 -30.97 -22.91
C ASP B 218 6.70 -30.82 -23.75
N ARG B 219 6.77 -29.93 -24.73
CA ARG B 219 5.60 -29.59 -25.54
C ARG B 219 5.98 -29.75 -27.00
N ALA B 220 6.85 -30.72 -27.26
CA ALA B 220 7.30 -30.99 -28.62
C ALA B 220 6.10 -31.40 -29.43
N GLU B 221 5.25 -32.22 -28.80
CA GLU B 221 4.04 -32.74 -29.44
C GLU B 221 3.02 -31.65 -29.78
N GLU B 222 3.09 -30.52 -29.08
CA GLU B 222 2.17 -29.42 -29.36
C GLU B 222 2.41 -28.84 -30.77
N GLY B 223 3.50 -29.24 -31.39
CA GLY B 223 3.88 -28.75 -32.71
C GLY B 223 4.73 -27.50 -32.61
N GLY B 224 5.17 -26.99 -33.77
CA GLY B 224 5.86 -25.72 -33.86
C GLY B 224 4.90 -24.58 -34.20
N TRP B 225 5.41 -23.53 -34.85
CA TRP B 225 4.55 -22.45 -35.33
C TRP B 225 5.07 -21.74 -36.57
N GLN B 226 6.34 -21.33 -36.54
CA GLN B 226 7.02 -20.67 -37.67
C GLN B 226 6.62 -19.20 -37.89
N ARG B 227 7.63 -18.35 -37.82
CA ARG B 227 7.48 -16.90 -37.76
C ARG B 227 7.60 -16.26 -39.13
N PRO B 228 6.60 -15.44 -39.50
CA PRO B 228 6.34 -14.83 -40.81
C PRO B 228 7.53 -14.07 -41.37
N ALA B 229 7.63 -14.03 -42.70
CA ALA B 229 8.68 -13.31 -43.41
C ALA B 229 8.56 -11.81 -43.20
N GLY B 230 7.35 -11.27 -43.34
CA GLY B 230 7.12 -9.88 -43.03
C GLY B 230 7.56 -9.50 -41.63
N ALA B 231 7.45 -10.45 -40.69
CA ALA B 231 7.52 -10.14 -39.26
C ALA B 231 8.80 -9.48 -38.74
N GLU B 232 8.75 -8.17 -38.49
CA GLU B 232 9.82 -7.50 -37.76
C GLU B 232 9.73 -7.91 -36.29
N LYS B 233 8.52 -7.81 -35.74
CA LYS B 233 8.22 -8.23 -34.37
C LYS B 233 7.00 -9.14 -34.31
N VAL B 234 6.89 -9.92 -33.25
CA VAL B 234 5.79 -10.86 -33.11
C VAL B 234 5.05 -10.72 -31.76
N VAL B 235 3.76 -10.40 -31.80
CA VAL B 235 2.98 -10.27 -30.56
C VAL B 235 1.95 -11.40 -30.44
N LEU B 236 1.99 -12.11 -29.32
CA LEU B 236 0.98 -13.13 -29.03
C LEU B 236 -0.01 -12.56 -28.04
N VAL B 237 -1.24 -12.32 -28.50
CA VAL B 237 -2.32 -12.02 -27.57
C VAL B 237 -2.92 -13.36 -27.19
N SER B 238 -2.79 -13.70 -25.92
CA SER B 238 -3.24 -15.01 -25.45
C SER B 238 -3.80 -14.90 -24.03
N LEU B 239 -5.11 -15.03 -23.90
CA LEU B 239 -5.71 -14.91 -22.59
C LEU B 239 -5.83 -16.27 -21.91
N GLY B 240 -5.13 -17.26 -22.45
CA GLY B 240 -5.16 -18.60 -21.88
C GLY B 240 -6.13 -19.55 -22.56
N SER B 241 -6.73 -20.43 -21.75
CA SER B 241 -7.65 -21.45 -22.25
C SER B 241 -9.07 -21.32 -21.69
N ALA B 242 -9.28 -20.42 -20.72
CA ALA B 242 -10.58 -20.30 -20.08
C ALA B 242 -11.18 -18.89 -20.02
N PHE B 243 -10.36 -17.91 -19.66
CA PHE B 243 -10.89 -16.56 -19.40
C PHE B 243 -10.99 -15.80 -20.70
N THR B 244 -12.00 -16.20 -21.44
CA THR B 244 -11.97 -16.33 -22.87
C THR B 244 -12.95 -15.40 -23.57
N LYS B 245 -14.04 -15.04 -22.89
CA LYS B 245 -15.06 -14.24 -23.53
C LYS B 245 -14.73 -12.75 -23.46
N GLN B 246 -13.83 -12.35 -24.35
CA GLN B 246 -13.45 -10.96 -24.52
C GLN B 246 -13.49 -10.56 -26.00
N PRO B 247 -14.69 -10.27 -26.51
CA PRO B 247 -14.86 -9.94 -27.94
C PRO B 247 -14.31 -8.57 -28.34
N ALA B 248 -14.77 -7.48 -27.73
CA ALA B 248 -14.33 -6.15 -28.14
C ALA B 248 -12.83 -5.96 -27.92
N PHE B 249 -12.29 -6.62 -26.90
CA PHE B 249 -10.87 -6.51 -26.60
C PHE B 249 -10.04 -7.04 -27.76
N TYR B 250 -10.56 -8.04 -28.46
CA TYR B 250 -9.84 -8.55 -29.62
C TYR B 250 -9.81 -7.57 -30.81
N ARG B 251 -10.90 -6.86 -31.09
CA ARG B 251 -10.84 -5.86 -32.16
C ARG B 251 -9.83 -4.76 -31.85
N GLU B 252 -9.74 -4.38 -30.58
CA GLU B 252 -8.74 -3.39 -30.18
C GLU B 252 -7.35 -3.97 -30.38
N CYS B 253 -7.12 -5.20 -29.92
CA CYS B 253 -5.88 -5.91 -30.22
C CYS B 253 -5.69 -5.90 -31.73
N VAL B 254 -6.74 -6.28 -32.46
CA VAL B 254 -6.71 -6.18 -33.91
C VAL B 254 -6.46 -4.75 -34.41
N ARG B 255 -7.11 -3.76 -33.80
CA ARG B 255 -6.91 -2.38 -34.26
C ARG B 255 -5.57 -1.78 -33.82
N ALA B 256 -5.19 -2.04 -32.57
CA ALA B 256 -3.88 -1.61 -32.11
C ALA B 256 -2.82 -2.35 -32.93
N PHE B 257 -3.03 -3.64 -33.13
CA PHE B 257 -2.09 -4.42 -33.94
C PHE B 257 -2.58 -4.73 -35.36
N GLY B 258 -3.27 -3.79 -35.98
CA GLY B 258 -3.65 -3.96 -37.37
C GLY B 258 -2.98 -2.93 -38.25
N ASN B 259 -2.59 -3.36 -39.44
CA ASN B 259 -1.94 -2.50 -40.44
C ASN B 259 -0.90 -1.57 -39.85
N LEU B 260 -0.11 -2.12 -38.93
CA LEU B 260 1.01 -1.40 -38.31
C LEU B 260 2.34 -1.93 -38.84
N PRO B 261 3.32 -1.03 -38.99
CA PRO B 261 4.62 -1.39 -39.57
C PRO B 261 5.47 -2.26 -38.66
N GLY B 262 5.72 -3.50 -39.07
CA GLY B 262 6.65 -4.39 -38.37
C GLY B 262 6.04 -5.22 -37.26
N TRP B 263 4.72 -5.34 -37.24
CA TRP B 263 4.06 -6.14 -36.23
C TRP B 263 3.38 -7.34 -36.88
N HIS B 264 3.30 -8.44 -36.15
CA HIS B 264 2.54 -9.62 -36.59
C HIS B 264 1.74 -10.22 -35.41
N LEU B 265 0.47 -9.86 -35.36
CA LEU B 265 -0.40 -10.30 -34.27
C LEU B 265 -0.76 -11.77 -34.39
N VAL B 266 -0.24 -12.57 -33.46
CA VAL B 266 -0.71 -13.93 -33.31
C VAL B 266 -1.82 -13.82 -32.29
N LEU B 267 -3.00 -14.31 -32.66
CA LEU B 267 -4.15 -14.21 -31.79
C LEU B 267 -4.77 -15.58 -31.54
N GLN B 268 -4.90 -15.93 -30.27
CA GLN B 268 -5.60 -17.15 -29.89
C GLN B 268 -6.85 -16.70 -29.16
N ILE B 269 -8.02 -17.02 -29.73
CA ILE B 269 -9.27 -16.43 -29.25
C ILE B 269 -10.24 -17.38 -28.55
N GLY B 270 -9.86 -18.66 -28.43
CA GLY B 270 -10.71 -19.63 -27.73
C GLY B 270 -11.95 -20.08 -28.47
N ARG B 271 -12.52 -21.21 -28.05
CA ARG B 271 -13.61 -21.87 -28.78
C ARG B 271 -15.00 -21.47 -28.32
N LYS B 272 -15.09 -20.34 -27.63
CA LYS B 272 -16.38 -19.73 -27.27
C LYS B 272 -16.55 -18.43 -28.06
N VAL B 273 -15.53 -18.08 -28.84
CA VAL B 273 -15.46 -16.81 -29.55
C VAL B 273 -15.16 -17.03 -31.04
N THR B 274 -15.87 -16.35 -31.94
CA THR B 274 -15.77 -16.65 -33.36
C THR B 274 -14.99 -15.63 -34.20
N PRO B 275 -14.16 -16.11 -35.13
CA PRO B 275 -13.29 -15.26 -35.96
C PRO B 275 -13.99 -14.14 -36.73
N ALA B 276 -15.16 -14.40 -37.30
CA ALA B 276 -15.81 -13.40 -38.16
C ALA B 276 -16.11 -12.10 -37.41
N GLU B 277 -16.18 -12.20 -36.08
CA GLU B 277 -16.46 -11.05 -35.24
C GLU B 277 -15.37 -9.96 -35.29
N LEU B 278 -14.13 -10.34 -35.59
CA LEU B 278 -13.03 -9.37 -35.64
C LEU B 278 -12.89 -8.69 -37.00
N GLY B 279 -13.88 -8.88 -37.87
CA GLY B 279 -13.83 -8.32 -39.21
C GLY B 279 -12.80 -9.05 -40.07
N GLU B 280 -12.67 -8.64 -41.33
CA GLU B 280 -11.64 -9.20 -42.21
C GLU B 280 -10.26 -8.84 -41.66
N LEU B 281 -9.45 -9.86 -41.40
CA LEU B 281 -8.19 -9.70 -40.68
C LEU B 281 -7.07 -9.04 -41.50
N PRO B 282 -6.48 -7.94 -40.98
CA PRO B 282 -5.35 -7.28 -41.65
C PRO B 282 -4.26 -8.27 -42.03
N ASP B 283 -3.65 -8.10 -43.20
CA ASP B 283 -2.60 -9.01 -43.66
C ASP B 283 -1.54 -9.47 -42.63
N ASN B 284 -1.41 -8.78 -41.49
CA ASN B 284 -0.42 -9.20 -40.48
C ASN B 284 -0.97 -10.00 -39.28
N VAL B 285 -2.11 -10.66 -39.44
CA VAL B 285 -2.81 -11.28 -38.31
C VAL B 285 -3.10 -12.77 -38.52
N GLU B 286 -3.01 -13.55 -37.46
CA GLU B 286 -3.42 -14.96 -37.49
C GLU B 286 -4.22 -15.36 -36.24
N VAL B 287 -5.40 -15.93 -36.48
CA VAL B 287 -6.30 -16.32 -35.40
C VAL B 287 -6.34 -17.84 -35.21
N HIS B 288 -6.29 -18.28 -33.95
CA HIS B 288 -6.48 -19.68 -33.60
C HIS B 288 -7.43 -19.80 -32.40
N ASP B 289 -7.97 -20.98 -32.17
CA ASP B 289 -8.66 -21.23 -30.89
C ASP B 289 -7.70 -21.83 -29.85
N TRP B 290 -6.58 -22.37 -30.33
CA TRP B 290 -5.55 -22.98 -29.50
C TRP B 290 -4.22 -22.84 -30.21
N VAL B 291 -3.14 -22.65 -29.43
CA VAL B 291 -1.80 -22.58 -30.00
C VAL B 291 -0.75 -23.32 -29.14
N PRO B 292 0.34 -23.78 -29.79
CA PRO B 292 1.55 -24.12 -29.05
C PRO B 292 2.19 -22.83 -28.57
N GLN B 293 1.85 -22.45 -27.35
CA GLN B 293 2.20 -21.12 -26.84
C GLN B 293 3.70 -20.94 -26.63
N LEU B 294 4.38 -22.01 -26.25
CA LEU B 294 5.82 -21.92 -26.03
C LEU B 294 6.59 -21.70 -27.33
N ALA B 295 6.18 -22.39 -28.40
CA ALA B 295 6.83 -22.22 -29.69
C ALA B 295 6.77 -20.76 -30.12
N ILE B 296 5.59 -20.17 -29.94
CA ILE B 296 5.38 -18.77 -30.29
C ILE B 296 6.14 -17.84 -29.36
N LEU B 297 6.00 -18.01 -28.04
CA LEU B 297 6.68 -17.12 -27.10
C LEU B 297 8.19 -17.12 -27.24
N ARG B 298 8.70 -18.05 -28.05
CA ARG B 298 10.13 -18.11 -28.30
C ARG B 298 10.51 -17.54 -29.65
N GLN B 299 9.57 -16.82 -30.23
CA GLN B 299 9.79 -16.04 -31.44
C GLN B 299 9.02 -14.75 -31.20
N ALA B 300 8.46 -14.65 -30.00
CA ALA B 300 7.61 -13.51 -29.64
C ALA B 300 8.43 -12.37 -29.07
N ASP B 301 7.88 -11.17 -29.18
CA ASP B 301 8.56 -9.97 -28.72
C ASP B 301 7.66 -9.14 -27.81
N LEU B 302 6.40 -9.56 -27.71
CA LEU B 302 5.43 -9.03 -26.76
C LEU B 302 4.38 -10.09 -26.51
N PHE B 303 3.90 -10.18 -25.28
CA PHE B 303 2.94 -11.20 -24.89
C PHE B 303 1.82 -10.49 -24.12
N VAL B 304 0.63 -10.48 -24.71
CA VAL B 304 -0.55 -9.96 -24.02
C VAL B 304 -1.22 -11.12 -23.30
N THR B 305 -1.15 -11.11 -21.97
CA THR B 305 -1.44 -12.30 -21.17
C THR B 305 -2.41 -12.02 -20.02
N HIS B 306 -3.29 -12.97 -19.75
CA HIS B 306 -4.22 -12.80 -18.63
C HIS B 306 -3.50 -12.98 -17.30
N ALA B 307 -2.24 -13.44 -17.35
CA ALA B 307 -1.40 -13.58 -16.16
C ALA B 307 -1.81 -14.68 -15.19
N GLY B 308 -2.33 -15.79 -15.73
CA GLY B 308 -2.40 -17.02 -14.97
C GLY B 308 -0.98 -17.42 -14.62
N ALA B 309 -0.82 -18.34 -13.67
CA ALA B 309 0.52 -18.74 -13.24
C ALA B 309 1.35 -19.33 -14.38
N GLY B 310 0.68 -20.11 -15.24
CA GLY B 310 1.35 -20.70 -16.39
C GLY B 310 1.89 -19.66 -17.36
N GLY B 311 1.01 -18.77 -17.82
CA GLY B 311 1.39 -17.75 -18.78
C GLY B 311 2.42 -16.75 -18.24
N SER B 312 2.28 -16.38 -16.97
CA SER B 312 3.22 -15.45 -16.35
C SER B 312 4.63 -15.99 -16.43
N GLN B 313 4.82 -17.25 -16.02
CA GLN B 313 6.15 -17.78 -15.97
C GLN B 313 6.72 -18.06 -17.37
N GLU B 314 5.85 -18.43 -18.31
CA GLU B 314 6.31 -18.66 -19.68
C GLU B 314 6.81 -17.37 -20.34
N GLY B 315 6.14 -16.26 -20.06
CA GLY B 315 6.59 -14.98 -20.57
C GLY B 315 7.94 -14.62 -19.95
N LEU B 316 8.05 -14.85 -18.65
CA LEU B 316 9.31 -14.65 -17.95
C LEU B 316 10.44 -15.52 -18.51
N ALA B 317 10.14 -16.79 -18.70
CA ALA B 317 11.16 -17.78 -19.07
C ALA B 317 11.61 -17.64 -20.52
N THR B 318 10.92 -16.82 -21.28
CA THR B 318 11.29 -16.54 -22.66
C THR B 318 11.70 -15.08 -22.83
N ALA B 319 11.89 -14.38 -21.72
CA ALA B 319 12.31 -12.98 -21.71
C ALA B 319 11.44 -12.10 -22.61
N THR B 320 10.13 -12.29 -22.51
CA THR B 320 9.19 -11.56 -23.35
C THR B 320 8.44 -10.53 -22.53
N PRO B 321 8.54 -9.24 -22.92
CA PRO B 321 7.81 -8.21 -22.16
C PRO B 321 6.33 -8.48 -22.25
N MET B 322 5.57 -8.08 -21.23
CA MET B 322 4.16 -8.42 -21.19
C MET B 322 3.25 -7.22 -20.97
N ILE B 323 2.08 -7.26 -21.60
CA ILE B 323 0.97 -6.43 -21.19
C ILE B 323 0.03 -7.38 -20.49
N ALA B 324 -0.14 -7.21 -19.18
CA ALA B 324 -0.97 -8.12 -18.41
C ALA B 324 -2.38 -7.57 -18.30
N VAL B 325 -3.35 -8.39 -18.71
CA VAL B 325 -4.74 -7.98 -18.77
C VAL B 325 -5.55 -9.00 -17.98
N PRO B 326 -5.52 -8.88 -16.64
CA PRO B 326 -6.11 -9.87 -15.75
C PRO B 326 -7.64 -9.91 -15.88
N GLN B 327 -8.22 -11.11 -15.84
CA GLN B 327 -9.67 -11.27 -15.97
C GLN B 327 -10.32 -11.65 -14.63
N ALA B 328 -9.61 -12.41 -13.80
CA ALA B 328 -10.10 -12.86 -12.49
C ALA B 328 -9.01 -13.54 -11.64
N VAL B 329 -9.43 -14.32 -10.64
CA VAL B 329 -8.56 -15.11 -9.75
C VAL B 329 -7.17 -14.55 -9.41
N ASP B 330 -6.16 -15.37 -9.72
CA ASP B 330 -4.76 -15.04 -9.42
C ASP B 330 -4.15 -14.16 -10.49
N GLN B 331 -5.00 -13.59 -11.35
CA GLN B 331 -4.48 -12.85 -12.48
C GLN B 331 -4.05 -11.44 -12.08
N PHE B 332 -4.79 -10.82 -11.17
CA PHE B 332 -4.35 -9.54 -10.61
C PHE B 332 -3.06 -9.74 -9.82
N GLY B 333 -3.07 -10.73 -8.92
CA GLY B 333 -1.92 -11.02 -8.07
C GLY B 333 -0.61 -11.48 -8.72
N ASN B 334 -0.67 -12.00 -9.93
CA ASN B 334 0.58 -12.28 -10.65
C ASN B 334 0.94 -11.11 -11.57
N ALA B 335 -0.07 -10.39 -12.08
CA ALA B 335 0.16 -9.23 -12.92
C ALA B 335 0.80 -8.10 -12.12
N ASP B 336 0.38 -7.92 -10.87
CA ASP B 336 1.02 -6.92 -10.03
C ASP B 336 2.50 -7.28 -9.85
N MET B 337 2.79 -8.57 -9.64
CA MET B 337 4.18 -9.03 -9.58
C MET B 337 4.92 -8.69 -10.87
N LEU B 338 4.27 -8.96 -12.00
CA LEU B 338 4.90 -8.73 -13.29
C LEU B 338 5.21 -7.25 -13.50
N GLN B 339 4.23 -6.39 -13.25
CA GLN B 339 4.47 -4.96 -13.40
C GLN B 339 5.50 -4.47 -12.37
N GLY B 340 5.41 -5.01 -11.15
CA GLY B 340 6.37 -4.65 -10.11
C GLY B 340 7.80 -5.04 -10.42
N LEU B 341 7.98 -6.06 -11.25
CA LEU B 341 9.31 -6.51 -11.63
C LEU B 341 9.95 -5.58 -12.65
N GLY B 342 9.14 -4.71 -13.26
CA GLY B 342 9.63 -3.76 -14.24
C GLY B 342 9.66 -4.34 -15.64
N VAL B 343 8.86 -5.37 -15.89
CA VAL B 343 8.90 -6.07 -17.17
C VAL B 343 7.54 -6.13 -17.87
N ALA B 344 6.55 -5.49 -17.28
CA ALA B 344 5.19 -5.58 -17.80
C ALA B 344 4.40 -4.32 -17.45
N ARG B 345 3.37 -4.03 -18.24
CA ARG B 345 2.42 -2.99 -17.87
C ARG B 345 1.06 -3.63 -17.78
N LYS B 346 0.42 -3.47 -16.62
CA LYS B 346 -0.93 -3.98 -16.43
C LYS B 346 -1.93 -2.98 -17.03
N LEU B 347 -2.95 -3.51 -17.70
CA LEU B 347 -4.05 -2.68 -18.19
C LEU B 347 -5.38 -3.24 -17.73
N ALA B 348 -6.37 -2.37 -17.54
CA ALA B 348 -7.74 -2.80 -17.37
C ALA B 348 -8.31 -3.25 -18.71
N THR B 349 -8.83 -4.47 -18.72
CA THR B 349 -9.34 -5.13 -19.93
C THR B 349 -10.30 -4.26 -20.70
N GLU B 350 -11.41 -3.95 -20.05
CA GLU B 350 -12.48 -3.20 -20.68
C GLU B 350 -12.05 -1.77 -21.04
N GLU B 351 -10.79 -1.45 -20.74
CA GLU B 351 -10.24 -0.10 -20.81
C GLU B 351 -8.89 -0.14 -21.55
N ALA B 352 -8.50 -1.35 -21.95
CA ALA B 352 -7.33 -1.57 -22.81
C ALA B 352 -7.71 -1.26 -24.25
N THR B 353 -7.53 0.00 -24.64
CA THR B 353 -8.02 0.50 -25.91
C THR B 353 -6.97 0.51 -27.01
N ALA B 354 -7.41 0.57 -28.27
CA ALA B 354 -6.47 0.67 -29.38
C ALA B 354 -5.80 2.04 -29.53
N ASP B 355 -5.77 2.83 -28.46
CA ASP B 355 -4.85 3.95 -28.41
C ASP B 355 -3.73 3.49 -27.50
N LEU B 356 -4.11 3.11 -26.29
CA LEU B 356 -3.15 2.69 -25.28
C LEU B 356 -2.36 1.46 -25.71
N LEU B 357 -3.05 0.38 -26.07
CA LEU B 357 -2.39 -0.87 -26.46
C LEU B 357 -1.23 -0.65 -27.43
N ARG B 358 -1.46 0.13 -28.48
CA ARG B 358 -0.40 0.43 -29.45
C ARG B 358 0.79 1.10 -28.76
N GLU B 359 0.54 2.24 -28.12
CA GLU B 359 1.58 2.97 -27.40
C GLU B 359 2.28 2.15 -26.30
N THR B 360 1.49 1.44 -25.49
CA THR B 360 2.02 0.63 -24.39
C THR B 360 2.93 -0.47 -24.90
N ALA B 361 2.59 -1.03 -26.06
CA ALA B 361 3.37 -2.10 -26.67
C ALA B 361 4.75 -1.65 -27.18
N LEU B 362 4.78 -0.49 -27.84
CA LEU B 362 6.00 0.05 -28.45
C LEU B 362 7.07 0.40 -27.42
N ALA B 363 6.65 1.07 -26.35
CA ALA B 363 7.57 1.49 -25.31
C ALA B 363 8.07 0.30 -24.49
N LEU B 364 7.40 -0.84 -24.64
CA LEU B 364 7.86 -2.04 -23.94
C LEU B 364 8.85 -2.82 -24.80
N VAL B 365 8.59 -2.92 -26.09
CA VAL B 365 9.42 -3.77 -26.94
C VAL B 365 10.81 -3.18 -27.17
N ASP B 366 10.94 -1.87 -27.04
CA ASP B 366 12.19 -1.19 -27.33
C ASP B 366 12.85 -0.66 -26.04
N ASP B 367 12.33 -1.04 -24.88
CA ASP B 367 12.85 -0.53 -23.59
C ASP B 367 14.04 -1.37 -23.11
N PRO B 368 15.24 -0.77 -23.06
CA PRO B 368 16.43 -1.55 -22.71
C PRO B 368 16.44 -2.01 -21.25
N GLU B 369 15.76 -1.27 -20.38
CA GLU B 369 15.68 -1.61 -18.96
C GLU B 369 14.82 -2.86 -18.75
N VAL B 370 13.66 -2.88 -19.40
CA VAL B 370 12.81 -4.07 -19.43
C VAL B 370 13.58 -5.27 -19.95
N ALA B 371 14.34 -5.05 -21.03
CA ALA B 371 15.10 -6.12 -21.65
C ALA B 371 16.13 -6.74 -20.71
N ARG B 372 16.90 -5.91 -20.02
CA ARG B 372 17.90 -6.40 -19.08
C ARG B 372 17.27 -7.20 -17.95
N ARG B 373 16.21 -6.64 -17.35
CA ARG B 373 15.52 -7.31 -16.25
C ARG B 373 14.97 -8.67 -16.69
N LEU B 374 14.40 -8.73 -17.89
CA LEU B 374 13.87 -9.97 -18.42
C LEU B 374 14.98 -10.97 -18.70
N ARG B 375 16.10 -10.49 -19.20
CA ARG B 375 17.21 -11.40 -19.47
C ARG B 375 17.75 -11.99 -18.17
N ARG B 376 17.83 -11.17 -17.12
CA ARG B 376 18.29 -11.68 -15.84
C ARG B 376 17.33 -12.73 -15.28
N ILE B 377 16.04 -12.43 -15.33
CA ILE B 377 15.03 -13.39 -14.89
C ILE B 377 15.09 -14.64 -15.76
N GLN B 378 15.33 -14.46 -17.06
CA GLN B 378 15.47 -15.62 -17.94
C GLN B 378 16.63 -16.48 -17.45
N ALA B 379 17.74 -15.82 -17.11
CA ALA B 379 18.92 -16.51 -16.56
C ALA B 379 18.62 -17.33 -15.30
N GLU B 380 17.94 -16.70 -14.34
CA GLU B 380 17.53 -17.35 -13.09
C GLU B 380 16.64 -18.58 -13.33
N MET B 381 15.63 -18.42 -14.17
CA MET B 381 14.68 -19.50 -14.41
C MET B 381 15.25 -20.62 -15.26
N ALA B 382 16.51 -20.48 -15.65
CA ALA B 382 17.22 -21.57 -16.30
C ALA B 382 17.95 -22.40 -15.26
N GLN B 383 18.29 -21.79 -14.14
CA GLN B 383 19.01 -22.54 -13.12
C GLN B 383 18.09 -23.16 -12.08
N GLU B 384 16.86 -22.64 -11.98
CA GLU B 384 15.87 -23.25 -11.11
C GLU B 384 15.56 -24.69 -11.52
N GLY B 385 15.47 -24.93 -12.83
CA GLY B 385 15.55 -26.29 -13.36
C GLY B 385 14.31 -27.15 -13.41
N GLY B 386 13.26 -26.73 -12.72
CA GLY B 386 12.00 -27.43 -12.79
C GLY B 386 12.00 -28.91 -12.46
N THR B 387 11.40 -29.70 -13.35
CA THR B 387 11.09 -31.09 -13.09
C THR B 387 12.29 -31.95 -12.70
N ARG B 388 13.33 -31.95 -13.52
CA ARG B 388 14.48 -32.78 -13.22
C ARG B 388 15.15 -32.34 -11.92
N ARG B 389 15.22 -31.04 -11.72
CA ARG B 389 15.82 -30.54 -10.50
C ARG B 389 14.94 -30.82 -9.29
N ALA B 390 13.62 -30.70 -9.46
CA ALA B 390 12.71 -31.03 -8.37
C ALA B 390 12.90 -32.49 -7.99
N ALA B 391 12.92 -33.36 -8.99
CA ALA B 391 13.13 -34.78 -8.74
C ALA B 391 14.49 -35.06 -8.09
N ASP B 392 15.55 -34.36 -8.53
CA ASP B 392 16.86 -34.51 -7.91
C ASP B 392 16.86 -34.11 -6.43
N LEU B 393 16.15 -33.02 -6.12
CA LEU B 393 16.15 -32.50 -4.76
C LEU B 393 15.35 -33.40 -3.83
N ILE B 394 14.30 -33.99 -4.38
CA ILE B 394 13.51 -34.98 -3.65
C ILE B 394 14.36 -36.21 -3.33
N GLU B 395 15.07 -36.71 -4.33
CA GLU B 395 15.92 -37.87 -4.12
C GLU B 395 17.00 -37.61 -3.09
N ALA B 396 17.47 -36.37 -3.01
CA ALA B 396 18.52 -36.00 -2.07
C ALA B 396 18.01 -35.87 -0.64
N GLU B 397 16.70 -35.98 -0.46
CA GLU B 397 16.12 -35.98 0.89
C GLU B 397 15.83 -37.40 1.38
N LEU B 398 15.97 -38.38 0.49
CA LEU B 398 15.85 -39.77 0.89
C LEU B 398 16.87 -40.15 1.96
N PRO B 399 16.43 -40.89 3.00
CA PRO B 399 17.36 -41.55 3.89
C PRO B 399 18.06 -42.70 3.15
C10 ERY C . 6.23 11.49 4.66
C11 ERY C . 7.04 12.75 4.58
C12 ERY C . 6.61 13.71 3.46
C13 ERY C . 7.31 15.04 3.67
O2 ERY C . 6.63 15.66 4.76
C2 ERY C . 6.66 16.61 7.05
C3 ERY C . 6.84 15.67 8.25
C4 ERY C . 5.66 14.73 8.30
C5 ERY C . 5.86 13.56 9.30
C6 ERY C . 6.34 12.31 8.56
C7 ERY C . 5.19 11.71 7.71
C8 ERY C . 5.63 10.40 7.00
C9 ERY C . 6.62 10.63 5.87
O11 ERY C . 7.72 10.10 5.90
C1 ERY C . 7.45 16.07 5.85
O1 ERY C . 8.57 16.48 5.61
O3 ERY C . 7.03 16.38 9.47
O7 ERY C . 4.61 13.30 9.95
C34 ERY C . 6.45 10.61 3.43
C33 ERY C . 4.41 9.70 6.45
C35 ERY C . 5.12 13.93 3.51
O12 ERY C . 8.42 12.43 4.44
O13 ERY C . 6.95 13.27 2.19
C36 ERY C . 7.12 15.92 2.44
C30 ERY C . 7.09 18.03 7.28
C32 ERY C . 6.83 11.27 9.52
O10 ERY C . 7.39 12.64 7.71
C22 ERY C . 4.59 13.48 11.38
C23 ERY C . 3.13 13.47 11.90
C24 ERY C . 3.12 13.42 13.41
C25 ERY C . 3.94 12.23 13.86
C26 ERY C . 5.36 12.37 13.33
O9 ERY C . 5.33 12.47 11.94
N1 ERY C . 1.75 13.38 13.93
C27 ERY C . 6.18 11.14 13.68
O8 ERY C . 2.48 14.63 11.47
C28 ERY C . 1.78 13.27 15.40
C14 ERY C . 8.44 16.41 9.86
C15 ERY C . 8.78 17.60 10.77
C16 ERY C . 8.32 17.42 12.23
C17 ERY C . 8.68 16.07 12.77
C18 ERY C . 8.21 15.01 11.81
O4 ERY C . 8.79 15.25 10.51
O5 ERY C . 6.89 17.59 12.28
O6 ERY C . 8.06 15.84 14.03
C20 ERY C . 6.38 18.72 11.57
C29 ERY C . 0.97 12.31 13.39
C21 ERY C . 8.74 13.69 12.28
C37 ERY C . 8.35 16.85 2.27
C31 ERY C . 4.40 15.56 8.63
C19 ERY C . 8.98 18.47 13.07
N1 UDP D . -6.52 28.48 20.08
C2 UDP D . -7.51 29.35 20.48
N3 UDP D . -7.54 29.80 21.78
C4 UDP D . -6.59 29.39 22.70
C5 UDP D . -5.59 28.50 22.28
C6 UDP D . -5.58 28.04 20.97
O2 UDP D . -8.36 29.71 19.67
O4 UDP D . -6.63 29.81 23.85
C1' UDP D . -6.52 28.02 18.67
C2' UDP D . -5.68 28.91 17.77
O2' UDP D . -6.41 30.03 17.29
C3' UDP D . -5.26 27.94 16.68
C4' UDP D . -5.19 26.60 17.39
O4' UDP D . -5.96 26.73 18.57
O3' UDP D . -6.24 27.89 15.66
C5' UDP D . -3.75 26.24 17.78
O5' UDP D . -2.86 26.44 16.69
PA UDP D . -1.24 26.45 16.90
O1A UDP D . -0.58 25.76 15.77
O2A UDP D . -0.74 27.83 17.06
O3A UDP D . -1.02 25.58 18.25
PB UDP D . -0.42 24.08 18.26
O1B UDP D . -0.77 23.39 16.98
O2B UDP D . -0.97 23.31 19.40
O3B UDP D . 1.05 24.17 18.40
C10 ERY E . -2.10 -23.00 4.20
C11 ERY E . -1.57 -21.60 3.95
C12 ERY E . -0.12 -21.56 3.46
C13 ERY E . 0.15 -20.19 2.85
O2 ERY E . -0.24 -20.18 1.48
C2 ERY E . -1.89 -19.67 -0.35
C3 ERY E . -3.42 -19.82 -0.35
C4 ERY E . -3.66 -21.29 -0.20
C5 ERY E . -5.09 -21.64 0.27
C6 ERY E . -5.04 -21.99 1.75
C7 ERY E . -4.42 -23.38 1.91
C8 ERY E . -4.46 -23.90 3.37
C9 ERY E . -3.62 -23.05 4.31
O11 ERY E . -4.19 -22.41 5.19
C1 ERY E . -1.40 -19.42 1.08
O1 ERY E . -1.82 -18.49 1.75
O3 ERY E . -4.09 -19.38 -1.56
O7 ERY E . -5.61 -22.76 -0.46
C34 ERY E . -1.58 -23.53 5.54
C33 ERY E . -3.97 -25.33 3.38
C35 ERY E . 0.12 -22.63 2.42
O12 ERY E . -1.66 -20.78 5.12
O13 ERY E . 0.74 -21.78 4.52
C36 ERY E . 1.63 -19.85 2.90
C30 ERY E . -1.30 -18.60 -1.23
C32 ERY E . -6.42 -21.95 2.34
O10 ERY E . -4.26 -21.04 2.42
C22 ERY E . -6.76 -22.46 -1.28
C23 ERY E . -7.03 -23.56 -2.31
C24 ERY E . -8.17 -23.07 -3.18
C25 ERY E . -9.37 -22.93 -2.28
C26 ERY E . -9.04 -21.93 -1.16
O9 ERY E . -7.87 -22.30 -0.50
N1 ERY E . -8.39 -23.94 -4.34
C27 ERY E . -10.16 -21.83 -0.16
O8 ERY E . -5.90 -23.78 -3.12
C28 ERY E . -8.68 -25.32 -3.95
C14 ERY E . -4.49 -17.99 -1.64
C15 ERY E . -4.76 -17.69 -3.13
C16 ERY E . -6.07 -18.29 -3.65
C17 ERY E . -7.16 -17.79 -2.76
C18 ERY E . -6.88 -18.27 -1.37
O4 ERY E . -5.62 -17.76 -0.88
O5 ERY E . -6.04 -19.73 -3.54
O6 ERY E . -8.40 -18.30 -3.21
C20 ERY E . -5.16 -20.36 -4.48
C29 ERY E . -9.46 -23.43 -5.16
C21 ERY E . -7.99 -17.85 -0.48
C37 ERY E . 1.89 -18.69 1.90
C31 ERY E . -3.33 -22.00 -1.54
C19 ERY E . -6.35 -17.88 -5.06
N1 UDP F . -1.80 -22.41 -23.78
C2 UDP F . -1.45 -22.96 -25.00
N3 UDP F . -2.12 -22.54 -26.13
C4 UDP F . -3.13 -21.60 -26.04
C5 UDP F . -3.47 -21.08 -24.79
C6 UDP F . -2.98 -21.73 -23.65
O2 UDP F . -0.55 -23.79 -25.07
O4 UDP F . -3.72 -21.25 -27.05
C1' UDP F . -1.10 -22.87 -22.58
C2' UDP F . -0.12 -21.84 -22.06
O2' UDP F . 1.18 -22.08 -22.53
C3' UDP F . -0.17 -22.05 -20.56
C4' UDP F . -1.49 -22.75 -20.29
O4' UDP F . -2.04 -23.10 -21.55
O3' UDP F . 0.90 -22.92 -20.19
C5' UDP F . -2.46 -21.85 -19.55
O5' UDP F . -2.15 -21.83 -18.17
PA UDP F . -2.37 -20.47 -17.33
O1A UDP F . -2.11 -20.71 -15.90
O2A UDP F . -1.54 -19.39 -17.88
O3A UDP F . -3.92 -20.04 -17.63
PB UDP F . -5.27 -20.82 -17.17
O1B UDP F . -4.98 -21.70 -16.02
O2B UDP F . -5.76 -21.64 -18.30
O3B UDP F . -6.27 -19.79 -16.85
MG MG G . 15.43 -18.36 -26.07
N ALA A 8 -21.23 11.46 -7.67
CA ALA A 8 -19.75 11.41 -7.69
C ALA A 8 -19.19 10.96 -6.36
N HIS A 9 -18.79 9.69 -6.30
CA HIS A 9 -18.30 9.02 -5.10
C HIS A 9 -16.83 9.31 -4.78
N ILE A 10 -16.61 10.34 -3.96
CA ILE A 10 -15.24 10.75 -3.62
C ILE A 10 -14.79 10.04 -2.35
N ALA A 11 -13.70 9.29 -2.43
CA ALA A 11 -13.21 8.59 -1.26
C ALA A 11 -12.04 9.35 -0.65
N MET A 12 -12.17 9.72 0.61
CA MET A 12 -11.10 10.38 1.35
C MET A 12 -10.46 9.34 2.27
N PHE A 13 -9.15 9.49 2.54
CA PHE A 13 -8.43 8.56 3.40
C PHE A 13 -7.59 9.35 4.40
N SER A 14 -7.65 8.99 5.67
CA SER A 14 -6.69 9.51 6.64
C SER A 14 -6.45 8.56 7.82
N ILE A 15 -5.72 9.05 8.81
CA ILE A 15 -5.43 8.32 10.03
C ILE A 15 -6.07 9.06 11.21
N ALA A 16 -6.12 8.41 12.38
CA ALA A 16 -6.75 9.04 13.55
C ALA A 16 -5.80 9.99 14.25
N ALA A 17 -5.47 11.09 13.59
CA ALA A 17 -4.66 12.14 14.21
C ALA A 17 -5.28 13.48 13.87
N HIS A 18 -5.43 14.35 14.88
CA HIS A 18 -6.09 15.63 14.65
C HIS A 18 -5.38 16.39 13.55
N GLY A 19 -4.05 16.40 13.60
CA GLY A 19 -3.26 17.16 12.64
C GLY A 19 -3.30 16.64 11.22
N HIS A 20 -3.99 15.53 11.01
CA HIS A 20 -4.17 14.97 9.68
C HIS A 20 -5.64 14.78 9.30
N VAL A 21 -6.54 15.22 10.17
CA VAL A 21 -7.97 15.17 9.87
C VAL A 21 -8.63 16.53 10.07
N ASN A 22 -8.39 17.14 11.22
CA ASN A 22 -8.89 18.49 11.47
C ASN A 22 -8.64 19.47 10.29
N PRO A 23 -7.44 19.44 9.67
CA PRO A 23 -7.16 20.33 8.54
C PRO A 23 -8.15 20.31 7.38
N SER A 24 -8.61 19.13 6.96
CA SER A 24 -9.39 19.05 5.73
C SER A 24 -10.91 18.90 5.91
N LEU A 25 -11.40 18.89 7.15
CA LEU A 25 -12.82 18.62 7.41
C LEU A 25 -13.76 19.53 6.62
N GLU A 26 -13.30 20.75 6.33
CA GLU A 26 -14.10 21.69 5.56
C GLU A 26 -14.25 21.37 4.08
N VAL A 27 -13.13 21.02 3.44
CA VAL A 27 -13.14 20.70 2.03
C VAL A 27 -14.12 19.54 1.82
N ILE A 28 -14.08 18.59 2.75
CA ILE A 28 -14.96 17.42 2.69
C ILE A 28 -16.42 17.89 2.78
N ARG A 29 -16.73 18.74 3.75
CA ARG A 29 -18.11 19.24 3.89
C ARG A 29 -18.54 20.04 2.66
N GLU A 30 -17.59 20.76 2.07
CA GLU A 30 -17.87 21.52 0.86
C GLU A 30 -18.30 20.60 -0.26
N LEU A 31 -17.48 19.60 -0.56
CA LEU A 31 -17.87 18.61 -1.57
C LEU A 31 -19.21 17.94 -1.22
N VAL A 32 -19.41 17.59 0.04
CA VAL A 32 -20.68 16.96 0.40
C VAL A 32 -21.87 17.91 0.26
N ALA A 33 -21.67 19.16 0.64
CA ALA A 33 -22.71 20.18 0.46
C ALA A 33 -23.08 20.32 -1.01
N ARG A 34 -22.16 19.90 -1.88
CA ARG A 34 -22.29 20.12 -3.32
C ARG A 34 -22.90 18.95 -4.07
N GLY A 35 -23.30 17.92 -3.35
CA GLY A 35 -23.92 16.77 -3.97
C GLY A 35 -22.94 15.75 -4.52
N HIS A 36 -21.72 15.75 -3.98
CA HIS A 36 -20.78 14.69 -4.33
C HIS A 36 -21.12 13.55 -3.40
N ARG A 37 -20.91 12.30 -3.83
CA ARG A 37 -20.99 11.19 -2.89
C ARG A 37 -19.61 11.08 -2.25
N VAL A 38 -19.50 11.32 -0.95
CA VAL A 38 -18.17 11.33 -0.36
C VAL A 38 -18.04 10.32 0.77
N THR A 39 -17.03 9.45 0.67
CA THR A 39 -16.75 8.49 1.73
C THR A 39 -15.41 8.81 2.37
N TYR A 40 -15.19 8.30 3.57
CA TYR A 40 -14.01 8.70 4.35
C TYR A 40 -13.46 7.54 5.20
N ALA A 41 -12.39 6.94 4.68
CA ALA A 41 -11.68 5.88 5.37
C ALA A 41 -10.94 6.41 6.59
N ILE A 42 -11.32 5.92 7.76
CA ILE A 42 -10.83 6.49 9.01
C ILE A 42 -10.96 5.43 10.10
N PRO A 43 -10.00 5.40 11.04
CA PRO A 43 -10.22 4.45 12.14
C PRO A 43 -11.42 4.87 13.00
N PRO A 44 -12.22 3.89 13.42
CA PRO A 44 -13.53 4.11 14.07
C PRO A 44 -13.54 5.22 15.12
N VAL A 45 -12.43 5.41 15.82
CA VAL A 45 -12.38 6.43 16.88
C VAL A 45 -12.66 7.84 16.35
N PHE A 46 -12.55 8.03 15.03
CA PHE A 46 -12.82 9.31 14.37
C PHE A 46 -13.96 9.15 13.33
N ALA A 47 -14.65 8.00 13.34
CA ALA A 47 -15.72 7.74 12.38
C ALA A 47 -16.83 8.79 12.40
N ASP A 48 -17.35 9.07 13.58
CA ASP A 48 -18.47 9.98 13.72
C ASP A 48 -17.96 11.42 13.77
N LYS A 49 -16.85 11.68 13.09
CA LYS A 49 -16.21 12.99 13.11
C LYS A 49 -16.05 13.50 11.69
N VAL A 50 -15.70 12.60 10.79
CA VAL A 50 -15.62 12.98 9.39
C VAL A 50 -17.03 12.90 8.82
N ALA A 51 -17.89 12.15 9.52
CA ALA A 51 -19.31 12.05 9.16
C ALA A 51 -19.98 13.38 9.45
N ALA A 52 -19.37 14.17 10.33
CA ALA A 52 -19.94 15.46 10.70
C ALA A 52 -19.94 16.37 9.47
N THR A 53 -19.11 16.01 8.50
CA THR A 53 -18.99 16.74 7.25
C THR A 53 -20.05 16.28 6.25
N GLY A 54 -20.74 15.20 6.59
CA GLY A 54 -21.71 14.61 5.68
C GLY A 54 -21.18 13.42 4.88
N ALA A 55 -19.86 13.27 4.82
CA ALA A 55 -19.29 12.11 4.12
C ALA A 55 -19.62 10.81 4.85
N ARG A 56 -19.55 9.68 4.13
CA ARG A 56 -19.82 8.37 4.72
C ARG A 56 -18.55 7.71 5.26
N PRO A 57 -18.48 7.51 6.58
CA PRO A 57 -17.30 6.86 7.15
C PRO A 57 -17.19 5.39 6.76
N VAL A 58 -16.08 5.06 6.11
CA VAL A 58 -15.71 3.68 5.78
C VAL A 58 -14.61 3.27 6.74
N LEU A 59 -14.89 2.28 7.60
CA LEU A 59 -13.99 1.97 8.72
C LEU A 59 -12.86 0.97 8.43
N TYR A 60 -11.63 1.38 8.74
CA TYR A 60 -10.49 0.44 8.83
C TYR A 60 -9.73 0.61 10.14
N HIS A 61 -9.08 -0.46 10.58
CA HIS A 61 -8.38 -0.53 11.88
C HIS A 61 -6.93 -0.01 11.82
N SER A 62 -6.45 0.63 12.90
CA SER A 62 -5.12 1.28 12.91
C SER A 62 -4.10 0.78 13.93
N THR A 63 -2.83 0.75 13.52
CA THR A 63 -1.73 0.38 14.42
C THR A 63 -0.83 1.55 14.83
N LEU A 64 -1.24 2.77 14.49
CA LEU A 64 -0.48 3.97 14.83
C LEU A 64 -0.77 4.39 16.28
N PRO A 65 -0.20 5.52 16.75
CA PRO A 65 -0.68 5.96 18.07
C PRO A 65 -2.12 6.48 18.03
N GLY A 66 -2.77 6.57 19.19
CA GLY A 66 -4.11 7.12 19.25
C GLY A 66 -4.14 8.60 18.93
N PRO A 67 -5.34 9.18 18.84
CA PRO A 67 -5.53 10.62 18.62
C PRO A 67 -5.00 11.47 19.78
N ASP A 68 -5.11 10.93 20.98
CA ASP A 68 -4.79 11.69 22.19
C ASP A 68 -3.43 11.34 22.81
N ALA A 69 -2.64 10.51 22.15
CA ALA A 69 -1.34 10.08 22.70
C ALA A 69 -0.32 11.21 22.69
N ASP A 70 0.76 11.06 23.45
CA ASP A 70 1.85 12.03 23.40
C ASP A 70 2.53 11.97 22.03
N PRO A 71 3.10 13.10 21.59
CA PRO A 71 4.00 13.10 20.44
C PRO A 71 5.08 12.03 20.56
N GLU A 72 5.52 11.74 21.79
CA GLU A 72 6.59 10.75 22.00
C GLU A 72 6.28 9.38 21.42
N ALA A 73 5.01 8.99 21.47
CA ALA A 73 4.59 7.70 20.93
C ALA A 73 4.97 7.60 19.46
N TRP A 74 4.92 8.75 18.78
CA TRP A 74 5.22 8.79 17.35
C TRP A 74 6.71 8.64 17.01
N GLY A 75 7.57 8.67 18.04
CA GLY A 75 8.98 8.42 17.83
C GLY A 75 9.92 9.62 17.86
N SER A 76 11.19 9.34 18.15
CA SER A 76 12.19 10.37 18.32
C SER A 76 13.44 10.15 17.47
N THR A 77 13.37 9.22 16.53
CA THR A 77 14.43 9.06 15.53
C THR A 77 13.79 8.98 14.14
N LEU A 78 14.58 9.20 13.10
CA LEU A 78 14.07 9.17 11.73
C LEU A 78 13.34 7.86 11.44
N LEU A 79 13.99 6.74 11.73
CA LEU A 79 13.36 5.44 11.46
C LEU A 79 12.17 5.13 12.37
N ASP A 80 12.22 5.55 13.63
CA ASP A 80 11.06 5.35 14.50
C ASP A 80 9.88 6.21 14.05
N ASN A 81 10.17 7.31 13.36
CA ASN A 81 9.12 8.17 12.83
C ASN A 81 8.43 7.59 11.60
N VAL A 82 9.23 7.09 10.66
CA VAL A 82 8.67 6.67 9.37
C VAL A 82 8.20 5.22 9.34
N GLU A 83 8.91 4.34 10.04
CA GLU A 83 8.56 2.93 10.01
C GLU A 83 7.11 2.61 10.34
N PRO A 84 6.53 3.27 11.36
CA PRO A 84 5.14 2.93 11.68
C PRO A 84 4.15 3.23 10.54
N PHE A 85 4.47 4.16 9.66
CA PHE A 85 3.54 4.47 8.57
C PHE A 85 3.53 3.36 7.54
N LEU A 86 4.67 2.68 7.39
CA LEU A 86 4.73 1.54 6.50
C LEU A 86 4.05 0.35 7.15
N ASN A 87 4.30 0.18 8.45
CA ASN A 87 3.65 -0.91 9.20
C ASN A 87 2.13 -0.82 9.16
N ASP A 88 1.59 0.36 9.47
CA ASP A 88 0.15 0.59 9.43
C ASP A 88 -0.39 0.28 8.04
N ALA A 89 0.32 0.76 7.03
CA ALA A 89 -0.10 0.60 5.65
C ALA A 89 -0.25 -0.87 5.26
N ILE A 90 0.78 -1.66 5.58
CA ILE A 90 0.77 -3.07 5.21
C ILE A 90 -0.50 -3.76 5.72
N GLN A 91 -0.92 -3.45 6.94
CA GLN A 91 -2.10 -4.12 7.48
C GLN A 91 -3.40 -3.44 7.03
N ALA A 92 -3.37 -2.12 6.87
CA ALA A 92 -4.56 -1.37 6.51
C ALA A 92 -5.02 -1.61 5.07
N LEU A 93 -4.05 -1.76 4.16
CA LEU A 93 -4.34 -1.85 2.74
C LEU A 93 -5.37 -2.94 2.37
N PRO A 94 -5.17 -4.18 2.86
CA PRO A 94 -6.17 -5.20 2.51
C PRO A 94 -7.58 -4.88 3.03
N GLN A 95 -7.69 -4.32 4.24
CA GLN A 95 -8.99 -3.93 4.78
C GLN A 95 -9.68 -2.99 3.79
N LEU A 96 -9.02 -1.88 3.46
CA LEU A 96 -9.63 -0.89 2.58
C LEU A 96 -9.91 -1.43 1.18
N ALA A 97 -9.05 -2.34 0.73
CA ALA A 97 -9.32 -3.05 -0.51
C ALA A 97 -10.59 -3.86 -0.31
N ASP A 98 -10.64 -4.62 0.78
CA ASP A 98 -11.84 -5.42 1.08
C ASP A 98 -13.09 -4.53 1.18
N ALA A 99 -12.91 -3.26 1.51
CA ALA A 99 -14.04 -2.35 1.61
C ALA A 99 -14.53 -1.82 0.25
N TYR A 100 -13.60 -1.35 -0.57
CA TYR A 100 -13.97 -0.56 -1.75
C TYR A 100 -14.16 -1.39 -3.02
N ALA A 101 -14.00 -2.71 -2.90
CA ALA A 101 -14.08 -3.60 -4.06
C ALA A 101 -15.40 -3.49 -4.82
N ASP A 102 -16.51 -3.39 -4.09
CA ASP A 102 -17.83 -3.35 -4.72
C ASP A 102 -18.26 -1.94 -5.11
N ASP A 103 -17.33 -0.98 -5.00
CA ASP A 103 -17.71 0.42 -5.10
C ASP A 103 -16.49 1.31 -5.34
N ILE A 104 -15.75 1.03 -6.40
CA ILE A 104 -14.55 1.80 -6.70
C ILE A 104 -14.88 3.28 -6.87
N PRO A 105 -14.23 4.14 -6.06
CA PRO A 105 -14.50 5.58 -6.13
C PRO A 105 -14.03 6.13 -7.46
N ASP A 106 -14.64 7.24 -7.87
CA ASP A 106 -14.18 7.92 -9.06
C ASP A 106 -12.97 8.79 -8.74
N LEU A 107 -12.84 9.18 -7.47
CA LEU A 107 -11.71 10.01 -7.04
C LEU A 107 -11.21 9.60 -5.65
N VAL A 108 -9.89 9.58 -5.52
CA VAL A 108 -9.21 9.32 -4.25
C VAL A 108 -8.63 10.62 -3.69
N LEU A 109 -9.01 10.97 -2.47
CA LEU A 109 -8.43 12.10 -1.76
C LEU A 109 -7.70 11.51 -0.57
N HIS A 110 -6.51 12.01 -0.25
CA HIS A 110 -5.85 11.45 0.92
C HIS A 110 -4.89 12.41 1.60
N ASP A 111 -4.85 12.30 2.92
CA ASP A 111 -3.81 12.97 3.69
C ASP A 111 -2.48 12.27 3.38
N ILE A 112 -1.39 13.03 3.53
CA ILE A 112 -0.06 12.52 3.20
C ILE A 112 0.33 11.21 3.91
N THR A 113 -0.30 10.93 5.05
CA THR A 113 0.13 9.77 5.85
C THR A 113 -0.42 8.43 5.34
N SER A 114 -1.40 8.48 4.45
CA SER A 114 -2.05 7.24 4.02
C SER A 114 -1.41 6.62 2.78
N TYR A 115 -0.47 5.70 2.98
CA TYR A 115 0.07 4.93 1.86
C TYR A 115 -0.98 4.06 1.14
N PRO A 116 -1.91 3.44 1.89
CA PRO A 116 -2.91 2.65 1.16
C PRO A 116 -3.69 3.43 0.10
N ALA A 117 -4.04 4.68 0.38
CA ALA A 117 -4.78 5.48 -0.59
C ALA A 117 -4.01 5.61 -1.89
N ARG A 118 -2.69 5.80 -1.79
CA ARG A 118 -1.84 5.90 -2.96
C ARG A 118 -1.92 4.60 -3.76
N VAL A 119 -1.70 3.49 -3.08
CA VAL A 119 -1.71 2.19 -3.73
C VAL A 119 -3.05 1.97 -4.42
N LEU A 120 -4.14 2.20 -3.69
CA LEU A 120 -5.46 1.95 -4.24
C LEU A 120 -5.81 2.80 -5.47
N ALA A 121 -5.47 4.09 -5.45
CA ALA A 121 -5.74 4.93 -6.61
C ALA A 121 -4.98 4.45 -7.86
N ARG A 122 -3.81 3.87 -7.65
CA ARG A 122 -3.01 3.35 -8.75
C ARG A 122 -3.62 2.07 -9.32
N ARG A 123 -4.03 1.16 -8.43
CA ARG A 123 -4.66 -0.09 -8.85
C ARG A 123 -5.99 0.17 -9.55
N TRP A 124 -6.81 1.01 -8.94
CA TRP A 124 -8.12 1.32 -9.50
C TRP A 124 -7.97 1.97 -10.88
N GLY A 125 -7.10 2.97 -10.98
CA GLY A 125 -6.96 3.74 -12.20
C GLY A 125 -7.79 4.99 -12.09
N VAL A 126 -7.85 5.52 -10.87
CA VAL A 126 -8.64 6.71 -10.54
C VAL A 126 -7.69 7.82 -10.11
N PRO A 127 -8.15 9.08 -10.17
CA PRO A 127 -7.26 10.17 -9.76
C PRO A 127 -6.98 10.14 -8.27
N ALA A 128 -5.79 10.57 -7.90
CA ALA A 128 -5.42 10.72 -6.49
C ALA A 128 -5.02 12.16 -6.24
N VAL A 129 -5.60 12.79 -5.23
CA VAL A 129 -5.19 14.12 -4.81
C VAL A 129 -4.70 14.06 -3.38
N SER A 130 -3.43 14.42 -3.18
CA SER A 130 -2.83 14.41 -1.84
C SER A 130 -3.13 15.75 -1.19
N LEU A 131 -3.52 15.72 0.09
CA LEU A 131 -3.82 16.93 0.85
C LEU A 131 -2.78 17.06 1.97
N SER A 132 -1.93 18.08 1.88
CA SER A 132 -0.83 18.21 2.84
C SER A 132 -1.09 19.32 3.85
N PRO A 133 -1.04 18.98 5.14
CA PRO A 133 -1.31 19.97 6.19
C PRO A 133 -0.02 20.65 6.66
N ASN A 134 1.04 20.47 5.88
CA ASN A 134 2.33 21.10 6.20
C ASN A 134 3.08 21.34 4.91
N LEU A 135 4.33 21.80 5.03
CA LEU A 135 5.15 22.08 3.86
C LEU A 135 5.34 20.85 2.98
N VAL A 136 5.69 21.08 1.72
CA VAL A 136 5.94 20.01 0.76
C VAL A 136 7.35 20.09 0.17
N ALA A 137 7.72 19.07 -0.61
CA ALA A 137 9.01 19.09 -1.28
C ALA A 137 9.06 20.16 -2.38
N TRP A 138 10.20 20.84 -2.48
CA TRP A 138 10.49 21.73 -3.60
C TRP A 138 11.41 20.97 -4.56
N LYS A 139 11.66 21.51 -5.75
CA LYS A 139 12.63 20.88 -6.65
C LYS A 139 14.01 20.95 -6.03
N GLY A 140 14.69 19.81 -5.92
CA GLY A 140 15.97 19.77 -5.26
C GLY A 140 15.83 19.30 -3.82
N TYR A 141 14.62 18.89 -3.45
CA TYR A 141 14.39 18.37 -2.11
C TYR A 141 15.24 17.14 -1.79
N GLU A 142 15.28 16.17 -2.70
CA GLU A 142 16.10 14.95 -2.35
C GLU A 142 17.51 15.34 -2.27
N GLU A 143 17.94 16.24 -3.15
CA GLU A 143 19.28 16.81 -3.09
C GLU A 143 19.64 17.37 -1.72
N GLU A 144 18.82 18.31 -1.26
CA GLU A 144 19.13 19.19 -0.14
C GLU A 144 18.83 18.63 1.24
N VAL A 145 17.76 17.85 1.32
CA VAL A 145 17.24 17.40 2.61
C VAL A 145 17.17 15.88 2.72
N ALA A 146 16.48 15.24 1.78
CA ALA A 146 16.20 13.81 1.90
C ALA A 146 17.46 12.95 1.99
N GLU A 147 18.38 13.13 1.06
CA GLU A 147 19.61 12.34 1.10
C GLU A 147 20.51 12.58 2.33
N PRO A 148 20.80 13.84 2.69
CA PRO A 148 21.62 14.07 3.89
C PRO A 148 20.99 13.45 5.13
N MET A 149 19.68 13.52 5.20
CA MET A 149 18.96 12.98 6.33
C MET A 149 19.06 11.46 6.31
N TRP A 150 18.98 10.88 5.12
CA TRP A 150 18.99 9.43 4.98
C TRP A 150 20.38 8.82 4.76
N ARG A 151 21.39 9.66 4.52
CA ARG A 151 22.67 9.16 4.02
C ARG A 151 23.33 8.13 4.93
N GLU A 152 23.46 8.47 6.21
CA GLU A 152 23.96 7.49 7.19
C GLU A 152 22.96 6.36 7.47
N PRO A 153 21.72 6.69 7.90
CA PRO A 153 20.80 5.61 8.29
C PRO A 153 20.52 4.59 7.20
N ARG A 154 20.24 5.05 5.98
CA ARG A 154 19.84 4.14 4.91
C ARG A 154 20.85 3.01 4.71
N GLN A 155 22.11 3.27 5.07
CA GLN A 155 23.19 2.30 4.89
C GLN A 155 23.44 1.37 6.09
N THR A 156 22.70 1.57 7.17
CA THR A 156 22.77 0.63 8.30
C THR A 156 21.93 -0.60 8.02
N GLU A 157 22.06 -1.64 8.86
CA GLU A 157 21.15 -2.79 8.87
C GLU A 157 19.69 -2.35 8.77
N ARG A 158 19.22 -1.70 9.83
CA ARG A 158 17.81 -1.36 10.00
C ARG A 158 17.28 -0.48 8.86
N GLY A 159 18.08 0.49 8.43
CA GLY A 159 17.68 1.39 7.36
C GLY A 159 17.64 0.70 6.02
N ARG A 160 18.65 -0.10 5.72
CA ARG A 160 18.71 -0.88 4.47
C ARG A 160 17.51 -1.83 4.40
N ALA A 161 17.21 -2.44 5.54
CA ALA A 161 16.15 -3.43 5.62
C ALA A 161 14.78 -2.76 5.50
N TYR A 162 14.65 -1.57 6.07
CA TYR A 162 13.41 -0.82 5.98
C TYR A 162 13.11 -0.48 4.52
N TYR A 163 14.10 0.03 3.81
CA TYR A 163 13.89 0.38 2.41
C TYR A 163 13.63 -0.82 1.50
N ALA A 164 14.32 -1.92 1.74
CA ALA A 164 14.08 -3.12 0.95
C ALA A 164 12.67 -3.67 1.18
N ARG A 165 12.16 -3.53 2.40
CA ARG A 165 10.82 -3.99 2.74
C ARG A 165 9.78 -3.12 2.04
N PHE A 166 10.03 -1.81 2.08
CA PHE A 166 9.13 -0.83 1.50
C PHE A 166 9.09 -1.09 -0.01
N GLU A 167 10.25 -1.25 -0.63
CA GLU A 167 10.29 -1.48 -2.08
C GLU A 167 9.60 -2.80 -2.46
N ALA A 168 9.80 -3.82 -1.65
CA ALA A 168 9.21 -5.13 -1.93
C ALA A 168 7.68 -5.06 -1.84
N TRP A 169 7.20 -4.31 -0.86
CA TRP A 169 5.75 -4.14 -0.71
C TRP A 169 5.16 -3.40 -1.90
N LEU A 170 5.84 -2.34 -2.34
CA LEU A 170 5.38 -1.62 -3.53
C LEU A 170 5.41 -2.53 -4.75
N LYS A 171 6.49 -3.29 -4.90
CA LYS A 171 6.64 -4.21 -6.02
C LYS A 171 5.56 -5.30 -6.00
N GLU A 172 5.31 -5.87 -4.82
CA GLU A 172 4.25 -6.87 -4.64
C GLU A 172 2.92 -6.30 -5.10
N ASN A 173 2.80 -4.97 -5.00
CA ASN A 173 1.59 -4.28 -5.40
C ASN A 173 1.66 -3.61 -6.77
N GLY A 174 2.67 -3.99 -7.54
CA GLY A 174 2.77 -3.55 -8.93
C GLY A 174 3.29 -2.14 -9.12
N ILE A 175 3.93 -1.60 -8.10
CA ILE A 175 4.39 -0.22 -8.14
C ILE A 175 5.92 -0.16 -8.31
N THR A 176 6.36 0.52 -9.38
CA THR A 176 7.76 0.55 -9.73
C THR A 176 8.50 1.81 -9.25
N GLU A 177 7.79 2.79 -8.73
CA GLU A 177 8.50 3.96 -8.22
C GLU A 177 9.22 3.62 -6.90
N HIS A 178 10.38 4.22 -6.68
CA HIS A 178 11.12 3.99 -5.45
C HIS A 178 10.31 4.50 -4.27
N PRO A 179 10.47 3.88 -3.10
CA PRO A 179 9.72 4.35 -1.92
C PRO A 179 9.73 5.86 -1.70
N ASP A 180 10.86 6.53 -1.92
CA ASP A 180 10.92 7.98 -1.68
C ASP A 180 10.01 8.77 -2.63
N THR A 181 9.92 8.33 -3.88
CA THR A 181 9.07 9.01 -4.85
C THR A 181 7.61 8.74 -4.46
N PHE A 182 7.32 7.49 -4.14
CA PHE A 182 5.97 7.07 -3.75
C PHE A 182 5.48 7.86 -2.55
N ALA A 183 6.35 8.00 -1.54
CA ALA A 183 5.95 8.64 -0.30
C ALA A 183 5.97 10.18 -0.34
N SER A 184 7.02 10.76 -0.92
CA SER A 184 7.23 12.20 -0.75
C SER A 184 6.92 13.04 -1.98
N HIS A 185 6.55 12.38 -3.08
CA HIS A 185 6.36 13.11 -4.34
C HIS A 185 5.08 12.75 -5.07
N PRO A 186 3.95 13.28 -4.56
CA PRO A 186 2.64 12.99 -5.14
C PRO A 186 2.56 13.58 -6.53
N PRO A 187 1.78 12.93 -7.41
CA PRO A 187 1.58 13.49 -8.75
C PRO A 187 0.74 14.79 -8.73
N ARG A 188 -0.11 14.93 -7.72
CA ARG A 188 -0.93 16.13 -7.57
C ARG A 188 -1.23 16.37 -6.08
N SER A 189 -1.08 17.61 -5.65
CA SER A 189 -1.21 17.91 -4.24
C SER A 189 -1.82 19.30 -4.03
N LEU A 190 -2.69 19.42 -3.03
CA LEU A 190 -3.14 20.72 -2.54
C LEU A 190 -2.58 20.91 -1.13
N VAL A 191 -2.04 22.09 -0.88
CA VAL A 191 -1.29 22.33 0.36
C VAL A 191 -2.08 23.28 1.26
N LEU A 192 -2.39 22.81 2.47
CA LEU A 192 -3.29 23.51 3.37
C LEU A 192 -2.57 24.48 4.30
N ILE A 193 -1.45 25.02 3.84
CA ILE A 193 -0.79 26.10 4.57
C ILE A 193 -0.57 27.24 3.60
N PRO A 194 -0.43 28.47 4.11
CA PRO A 194 -0.12 29.54 3.16
C PRO A 194 1.29 29.35 2.60
N LYS A 195 1.49 29.74 1.35
CA LYS A 195 2.78 29.57 0.71
C LYS A 195 3.87 30.42 1.38
N ALA A 196 3.44 31.42 2.15
CA ALA A 196 4.35 32.25 2.93
C ALA A 196 5.10 31.43 3.98
N LEU A 197 4.53 30.28 4.34
CA LEU A 197 5.17 29.42 5.35
C LEU A 197 5.79 28.16 4.74
N GLN A 198 6.02 28.20 3.43
CA GLN A 198 6.68 27.09 2.73
C GLN A 198 8.14 27.45 2.44
N PRO A 199 9.09 26.65 2.95
CA PRO A 199 10.49 26.92 2.60
C PRO A 199 10.71 26.77 1.09
N HIS A 200 11.60 27.59 0.53
CA HIS A 200 11.94 27.47 -0.89
C HIS A 200 10.73 27.47 -1.81
N ALA A 201 9.73 28.25 -1.45
CA ALA A 201 8.44 28.26 -2.16
C ALA A 201 8.56 28.55 -3.65
N ASP A 202 9.56 29.35 -4.03
CA ASP A 202 9.73 29.73 -5.43
C ASP A 202 10.20 28.53 -6.25
N ARG A 203 10.70 27.51 -5.57
CA ARG A 203 11.17 26.31 -6.24
C ARG A 203 10.22 25.13 -6.11
N VAL A 204 9.01 25.38 -5.66
CA VAL A 204 8.00 24.32 -5.60
C VAL A 204 7.30 24.21 -6.95
N ASP A 205 7.02 22.99 -7.38
CA ASP A 205 6.41 22.73 -8.68
C ASP A 205 4.95 23.15 -8.71
N GLU A 206 4.66 24.26 -9.39
CA GLU A 206 3.30 24.81 -9.43
C GLU A 206 2.27 23.95 -10.17
N ASP A 207 2.72 22.97 -10.95
CA ASP A 207 1.74 22.08 -11.58
C ASP A 207 1.28 21.02 -10.60
N VAL A 208 2.23 20.38 -9.92
CA VAL A 208 1.92 19.34 -8.96
C VAL A 208 1.24 19.93 -7.74
N TYR A 209 1.83 20.99 -7.22
CA TYR A 209 1.36 21.60 -5.96
C TYR A 209 0.67 22.92 -6.18
N THR A 210 -0.50 23.06 -5.59
CA THR A 210 -1.15 24.37 -5.50
C THR A 210 -1.52 24.64 -4.05
N PHE A 211 -1.18 25.83 -3.57
CA PHE A 211 -1.44 26.20 -2.18
C PHE A 211 -2.82 26.84 -2.02
N VAL A 212 -3.59 26.30 -1.09
CA VAL A 212 -4.94 26.81 -0.81
C VAL A 212 -5.09 27.48 0.55
N GLY A 213 -4.28 27.07 1.52
CA GLY A 213 -4.32 27.66 2.85
C GLY A 213 -5.16 26.90 3.88
N ALA A 214 -5.43 27.56 5.00
CA ALA A 214 -6.13 26.93 6.12
C ALA A 214 -7.49 27.58 6.37
N CYS A 215 -8.54 26.98 5.82
CA CYS A 215 -9.79 27.72 5.64
C CYS A 215 -11.07 26.94 5.88
N GLN A 216 -12.18 27.69 5.98
CA GLN A 216 -13.54 27.15 6.05
C GLN A 216 -14.10 26.86 7.44
N GLY A 217 -15.43 26.87 7.54
CA GLY A 217 -16.13 26.54 8.77
C GLY A 217 -17.65 26.68 8.67
N ASP A 218 -18.16 27.78 9.24
CA ASP A 218 -19.53 28.34 9.08
C ASP A 218 -20.33 28.68 10.37
N ARG A 219 -20.37 29.94 10.86
CA ARG A 219 -19.48 31.11 10.68
C ARG A 219 -20.18 32.31 11.33
N ALA A 220 -19.54 33.01 12.28
CA ALA A 220 -18.18 32.73 12.72
C ALA A 220 -18.08 32.15 14.13
N GLU A 221 -16.85 32.00 14.62
CA GLU A 221 -16.61 31.27 15.87
C GLU A 221 -15.44 31.76 16.73
N GLU A 222 -15.56 31.60 18.04
CA GLU A 222 -16.85 31.27 18.64
C GLU A 222 -17.10 32.23 19.78
N GLY A 223 -16.13 32.35 20.67
CA GLY A 223 -16.15 33.46 21.58
C GLY A 223 -16.24 34.73 20.75
N GLY A 224 -17.01 35.69 21.24
CA GLY A 224 -16.98 37.02 20.67
C GLY A 224 -16.14 37.87 21.58
N TRP A 225 -15.05 38.40 21.07
CA TRP A 225 -14.23 39.30 21.88
C TRP A 225 -14.39 40.74 21.38
N GLN A 226 -14.31 41.69 22.30
CA GLN A 226 -14.54 43.10 21.97
C GLN A 226 -13.46 44.03 22.53
N ARG A 227 -12.91 44.87 21.66
CA ARG A 227 -11.86 45.80 22.03
C ARG A 227 -12.34 46.78 23.10
N PRO A 228 -11.57 46.92 24.20
CA PRO A 228 -11.88 47.97 25.19
C PRO A 228 -11.93 49.32 24.49
N ALA A 229 -12.76 50.23 24.97
CA ALA A 229 -12.82 51.53 24.32
C ALA A 229 -11.56 52.34 24.65
N GLY A 230 -10.98 52.96 23.63
CA GLY A 230 -9.85 53.84 23.85
C GLY A 230 -8.47 53.21 23.85
N ALA A 231 -8.39 51.88 23.96
CA ALA A 231 -7.09 51.22 23.86
C ALA A 231 -6.50 51.44 22.48
N GLU A 232 -5.25 51.88 22.45
CA GLU A 232 -4.55 52.17 21.19
C GLU A 232 -4.01 50.89 20.55
N LYS A 233 -3.34 50.09 21.37
CA LYS A 233 -2.75 48.83 20.92
C LYS A 233 -3.32 47.68 21.72
N VAL A 234 -3.76 46.64 21.02
CA VAL A 234 -4.13 45.40 21.69
C VAL A 234 -3.08 44.35 21.37
N VAL A 235 -2.55 43.69 22.39
CA VAL A 235 -1.62 42.59 22.17
C VAL A 235 -2.18 41.29 22.77
N LEU A 236 -2.20 40.25 21.94
CA LEU A 236 -2.59 38.93 22.39
C LEU A 236 -1.34 38.07 22.61
N VAL A 237 -1.22 37.47 23.78
CA VAL A 237 -0.18 36.48 24.03
C VAL A 237 -0.85 35.11 24.08
N SER A 238 -0.45 34.22 23.19
CA SER A 238 -1.01 32.88 23.17
C SER A 238 0.04 31.92 22.64
N LEU A 239 0.13 30.75 23.25
CA LEU A 239 1.12 29.77 22.83
C LEU A 239 0.42 28.56 22.24
N GLY A 240 -0.79 28.76 21.70
CA GLY A 240 -1.57 27.67 21.16
C GLY A 240 -2.31 26.89 22.24
N SER A 241 -2.11 25.58 22.30
CA SER A 241 -2.93 24.75 23.20
C SER A 241 -2.22 23.56 23.82
N ALA A 242 -1.32 22.94 23.07
CA ALA A 242 -0.86 21.61 23.44
C ALA A 242 0.49 21.61 24.16
N PHE A 243 0.55 22.24 25.31
CA PHE A 243 1.81 22.35 26.03
C PHE A 243 2.12 23.81 26.30
N THR A 244 1.06 24.57 26.54
CA THR A 244 1.17 25.98 26.86
C THR A 244 1.49 26.16 28.36
N LYS A 245 1.92 25.07 28.98
CA LYS A 245 2.37 25.01 30.39
C LYS A 245 3.38 26.11 30.69
N GLN A 246 2.91 27.33 30.73
CA GLN A 246 3.85 28.38 31.02
C GLN A 246 3.45 29.18 32.26
N PRO A 247 4.36 29.29 33.23
CA PRO A 247 4.16 30.24 34.32
C PRO A 247 5.00 31.52 34.15
N ALA A 248 6.28 31.36 33.87
CA ALA A 248 7.22 32.49 33.85
C ALA A 248 7.13 33.30 32.58
N PHE A 249 6.76 32.66 31.48
CA PHE A 249 6.69 33.37 30.21
C PHE A 249 5.61 34.42 30.37
N TYR A 250 4.41 33.98 30.75
CA TYR A 250 3.33 34.93 30.97
C TYR A 250 3.68 35.91 32.09
N ARG A 251 4.62 35.52 32.97
CA ARG A 251 5.21 36.48 33.91
C ARG A 251 5.77 37.70 33.19
N GLU A 252 6.82 37.50 32.37
CA GLU A 252 7.50 38.65 31.76
C GLU A 252 6.63 39.47 30.82
N CYS A 253 5.61 38.85 30.24
CA CYS A 253 4.73 39.58 29.32
C CYS A 253 3.95 40.65 30.08
N VAL A 254 3.57 40.32 31.30
CA VAL A 254 2.89 41.28 32.16
C VAL A 254 3.76 42.50 32.40
N ARG A 255 5.03 42.28 32.72
CA ARG A 255 5.94 43.37 33.01
C ARG A 255 6.25 44.26 31.80
N ALA A 256 6.18 43.70 30.60
CA ALA A 256 6.43 44.49 29.40
C ALA A 256 5.27 45.41 29.06
N PHE A 257 4.05 44.89 29.16
CA PHE A 257 2.86 45.59 28.70
C PHE A 257 2.02 46.14 29.85
N GLY A 258 2.16 45.52 31.01
CA GLY A 258 1.35 45.89 32.17
C GLY A 258 1.64 47.30 32.61
N ASN A 259 0.62 48.16 32.53
CA ASN A 259 0.68 49.57 32.89
C ASN A 259 1.45 50.46 31.89
N LEU A 260 1.54 50.00 30.64
CA LEU A 260 2.21 50.75 29.56
C LEU A 260 1.13 51.52 28.78
N PRO A 261 1.24 52.86 28.72
CA PRO A 261 0.16 53.69 28.19
C PRO A 261 -0.30 53.26 26.81
N GLY A 262 -1.61 53.19 26.61
CA GLY A 262 -2.15 52.91 25.30
C GLY A 262 -2.29 51.43 24.97
N TRP A 263 -1.65 50.58 25.76
CA TRP A 263 -1.62 49.14 25.48
C TRP A 263 -2.60 48.35 26.33
N HIS A 264 -3.22 47.35 25.73
CA HIS A 264 -4.06 46.43 26.47
C HIS A 264 -3.60 45.01 26.13
N LEU A 265 -3.32 44.23 27.17
CA LEU A 265 -2.82 42.86 27.00
C LEU A 265 -3.89 41.82 27.29
N VAL A 266 -4.20 41.00 26.28
CA VAL A 266 -4.99 39.79 26.46
C VAL A 266 -4.01 38.64 26.60
N LEU A 267 -4.09 37.92 27.71
CA LEU A 267 -3.10 36.93 28.08
C LEU A 267 -3.70 35.53 28.27
N GLN A 268 -3.23 34.56 27.48
CA GLN A 268 -3.65 33.15 27.64
C GLN A 268 -2.64 32.42 28.50
N ILE A 269 -3.09 31.43 29.26
CA ILE A 269 -2.19 30.71 30.16
C ILE A 269 -2.51 29.21 30.23
N GLY A 270 -3.49 28.78 29.43
CA GLY A 270 -4.16 27.49 29.57
C GLY A 270 -3.51 26.26 30.18
N ARG A 271 -2.90 26.43 31.34
CA ARG A 271 -2.29 25.32 32.07
C ARG A 271 -3.40 24.76 32.95
N LYS A 272 -4.20 25.70 33.47
CA LYS A 272 -5.52 25.47 34.06
C LYS A 272 -6.12 26.71 34.78
N VAL A 273 -5.52 27.32 35.82
CA VAL A 273 -4.08 27.41 36.23
C VAL A 273 -3.20 28.32 35.37
N THR A 274 -2.58 29.34 35.97
CA THR A 274 -2.81 29.72 37.35
C THR A 274 -2.77 31.25 37.54
N PRO A 275 -3.87 31.92 37.22
CA PRO A 275 -4.03 33.38 37.28
C PRO A 275 -3.85 33.93 38.68
N ALA A 276 -3.79 33.04 39.68
CA ALA A 276 -3.61 33.56 41.06
C ALA A 276 -2.21 33.38 41.52
N GLU A 277 -1.34 32.92 40.63
CA GLU A 277 0.09 32.83 40.93
C GLU A 277 0.92 33.69 39.97
N LEU A 278 0.25 34.36 39.04
CA LEU A 278 0.96 35.33 38.20
C LEU A 278 1.18 36.61 38.98
N GLY A 279 0.86 36.60 40.27
CA GLY A 279 0.83 37.82 41.06
C GLY A 279 -0.37 38.65 40.67
N GLU A 280 -0.66 39.71 41.43
CA GLU A 280 -1.89 40.49 41.28
C GLU A 280 -1.85 41.50 40.13
N LEU A 281 -2.49 41.13 39.02
CA LEU A 281 -2.37 41.79 37.71
C LEU A 281 -2.82 43.25 37.56
N PRO A 282 -2.12 44.01 36.69
CA PRO A 282 -2.47 45.41 36.36
C PRO A 282 -3.82 45.48 35.64
N ASP A 283 -4.44 46.65 35.64
CA ASP A 283 -5.81 46.78 35.15
C ASP A 283 -5.88 46.77 33.62
N ASN A 284 -4.73 46.89 32.96
CA ASN A 284 -4.69 46.77 31.49
C ASN A 284 -4.21 45.40 31.04
N VAL A 285 -4.15 44.45 31.97
CA VAL A 285 -3.80 43.07 31.67
C VAL A 285 -5.00 42.19 32.01
N GLU A 286 -5.55 41.56 30.98
CA GLU A 286 -6.89 40.97 31.05
C GLU A 286 -6.91 39.50 30.65
N VAL A 287 -7.34 38.65 31.59
CA VAL A 287 -7.00 37.23 31.54
C VAL A 287 -8.12 36.25 31.22
N HIS A 288 -7.81 35.31 30.32
CA HIS A 288 -8.63 34.15 30.06
C HIS A 288 -7.67 32.97 29.99
N ASP A 289 -8.20 31.75 29.99
CA ASP A 289 -7.37 30.62 29.58
C ASP A 289 -7.79 30.08 28.22
N TRP A 290 -8.94 30.53 27.74
CA TRP A 290 -9.35 30.22 26.39
C TRP A 290 -10.01 31.43 25.78
N VAL A 291 -9.66 31.70 24.53
CA VAL A 291 -10.18 32.84 23.81
C VAL A 291 -10.60 32.45 22.39
N PRO A 292 -11.57 33.19 21.86
CA PRO A 292 -11.67 33.08 20.41
C PRO A 292 -10.43 33.75 19.84
N GLN A 293 -9.32 33.00 19.78
CA GLN A 293 -8.02 33.58 19.41
C GLN A 293 -8.17 34.19 18.05
N LEU A 294 -8.96 33.54 17.19
CA LEU A 294 -9.20 34.11 15.88
C LEU A 294 -9.96 35.42 16.00
N ALA A 295 -10.90 35.50 16.94
CA ALA A 295 -11.68 36.73 17.10
C ALA A 295 -10.89 37.86 17.76
N ILE A 296 -9.93 37.50 18.60
CA ILE A 296 -9.06 38.51 19.19
C ILE A 296 -8.09 39.06 18.15
N LEU A 297 -7.50 38.19 17.35
CA LEU A 297 -6.54 38.63 16.34
C LEU A 297 -7.13 39.60 15.33
N ARG A 298 -8.40 39.44 14.96
CA ARG A 298 -8.99 40.40 14.03
C ARG A 298 -9.11 41.80 14.65
N GLN A 299 -8.94 41.87 15.97
CA GLN A 299 -9.03 43.12 16.72
C GLN A 299 -7.75 43.42 17.49
N ALA A 300 -6.64 42.82 17.05
CA ALA A 300 -5.36 42.99 17.73
C ALA A 300 -4.33 43.67 16.85
N ASP A 301 -3.34 44.31 17.49
CA ASP A 301 -2.30 45.01 16.77
C ASP A 301 -0.96 44.29 16.87
N LEU A 302 -0.90 43.31 17.75
CA LEU A 302 0.33 42.55 17.96
C LEU A 302 -0.02 41.17 18.49
N PHE A 303 0.74 40.16 18.05
CA PHE A 303 0.49 38.79 18.47
C PHE A 303 1.81 38.18 18.94
N VAL A 304 1.90 37.86 20.23
CA VAL A 304 3.06 37.13 20.74
C VAL A 304 2.69 35.65 20.67
N THR A 305 3.39 34.90 19.82
CA THR A 305 2.97 33.55 19.42
C THR A 305 4.11 32.53 19.51
N HIS A 306 3.76 31.26 19.74
CA HIS A 306 4.74 30.18 19.70
C HIS A 306 5.14 29.84 18.26
N ALA A 307 4.37 30.37 17.30
CA ALA A 307 4.59 30.16 15.88
C ALA A 307 4.32 28.72 15.45
N GLY A 308 3.30 28.11 16.05
CA GLY A 308 2.75 26.88 15.50
C GLY A 308 2.01 27.18 14.21
N ALA A 309 1.65 26.14 13.46
CA ALA A 309 1.01 26.31 12.16
C ALA A 309 -0.26 27.17 12.20
N GLY A 310 -1.08 26.96 13.23
CA GLY A 310 -2.34 27.66 13.33
C GLY A 310 -2.14 29.12 13.66
N GLY A 311 -1.42 29.39 14.75
CA GLY A 311 -1.12 30.77 15.14
C GLY A 311 -0.42 31.55 14.05
N SER A 312 0.59 30.93 13.42
CA SER A 312 1.36 31.61 12.38
C SER A 312 0.44 31.99 11.24
N GLN A 313 -0.39 31.03 10.84
CA GLN A 313 -1.34 31.24 9.75
C GLN A 313 -2.36 32.31 10.13
N GLU A 314 -2.83 32.28 11.38
CA GLU A 314 -3.82 33.25 11.84
C GLU A 314 -3.25 34.66 11.90
N GLY A 315 -2.01 34.78 12.36
CA GLY A 315 -1.33 36.06 12.41
C GLY A 315 -1.25 36.71 11.04
N LEU A 316 -0.85 35.92 10.04
CA LEU A 316 -0.77 36.44 8.68
C LEU A 316 -2.16 36.75 8.13
N ALA A 317 -3.11 35.86 8.40
CA ALA A 317 -4.48 36.01 7.89
C ALA A 317 -5.14 37.31 8.36
N THR A 318 -4.74 37.76 9.54
CA THR A 318 -5.32 38.95 10.15
C THR A 318 -4.37 40.15 10.05
N ALA A 319 -3.29 40.00 9.29
CA ALA A 319 -2.29 41.06 9.13
C ALA A 319 -1.80 41.61 10.47
N THR A 320 -1.49 40.70 11.39
CA THR A 320 -1.09 41.11 12.73
C THR A 320 0.40 40.81 12.91
N PRO A 321 1.21 41.86 13.14
CA PRO A 321 2.65 41.66 13.33
C PRO A 321 2.88 40.74 14.53
N MET A 322 3.96 39.95 14.49
CA MET A 322 4.14 38.93 15.51
C MET A 322 5.51 39.00 16.20
N ILE A 323 5.52 38.66 17.48
CA ILE A 323 6.76 38.30 18.16
C ILE A 323 6.69 36.79 18.31
N ALA A 324 7.58 36.10 17.60
CA ALA A 324 7.58 34.64 17.59
C ALA A 324 8.57 34.14 18.63
N VAL A 325 8.08 33.40 19.61
CA VAL A 325 8.91 32.86 20.67
C VAL A 325 8.72 31.34 20.69
N PRO A 326 9.38 30.64 19.75
CA PRO A 326 9.14 29.21 19.63
C PRO A 326 9.66 28.42 20.82
N GLN A 327 8.98 27.33 21.16
CA GLN A 327 9.46 26.48 22.24
C GLN A 327 9.13 25.00 22.11
N ALA A 328 8.46 24.59 21.04
CA ALA A 328 8.20 23.17 20.89
C ALA A 328 9.24 22.53 19.99
N VAL A 329 10.40 23.17 19.87
CA VAL A 329 11.53 22.64 19.09
C VAL A 329 11.24 22.40 17.61
N ASP A 330 9.96 22.39 17.26
CA ASP A 330 9.50 22.08 15.91
C ASP A 330 9.04 23.32 15.17
N GLN A 331 8.73 24.38 15.93
CA GLN A 331 8.14 25.62 15.41
C GLN A 331 9.21 26.61 15.00
N PHE A 332 10.45 26.18 15.11
CA PHE A 332 11.60 27.03 14.83
C PHE A 332 11.52 27.50 13.38
N GLY A 333 11.22 26.58 12.47
CA GLY A 333 11.08 26.91 11.06
C GLY A 333 10.08 28.03 10.79
N ASN A 334 8.88 27.92 11.36
CA ASN A 334 7.87 28.95 11.14
C ASN A 334 8.33 30.30 11.69
N ALA A 335 8.99 30.28 12.85
CA ALA A 335 9.48 31.53 13.42
C ALA A 335 10.51 32.19 12.50
N ASP A 336 11.40 31.38 11.95
CA ASP A 336 12.40 31.88 11.02
C ASP A 336 11.73 32.44 9.76
N MET A 337 10.68 31.77 9.29
CA MET A 337 10.00 32.23 8.09
C MET A 337 9.21 33.51 8.32
N LEU A 338 8.55 33.60 9.48
CA LEU A 338 7.81 34.81 9.82
C LEU A 338 8.74 36.02 9.83
N GLN A 339 9.89 35.89 10.49
CA GLN A 339 10.82 37.00 10.49
C GLN A 339 11.32 37.28 9.08
N GLY A 340 11.56 36.23 8.31
CA GLY A 340 12.05 36.36 6.95
C GLY A 340 11.09 37.04 5.99
N LEU A 341 9.82 37.13 6.38
CA LEU A 341 8.83 37.85 5.59
C LEU A 341 8.79 39.32 5.98
N GLY A 342 9.53 39.67 7.03
CA GLY A 342 9.59 41.04 7.51
C GLY A 342 8.31 41.46 8.20
N VAL A 343 7.73 40.54 8.96
CA VAL A 343 6.47 40.85 9.64
C VAL A 343 6.51 40.39 11.09
N ALA A 344 7.69 40.01 11.54
CA ALA A 344 7.84 39.44 12.87
C ALA A 344 9.29 39.52 13.32
N ARG A 345 9.49 39.40 14.63
CA ARG A 345 10.83 39.27 15.18
C ARG A 345 10.84 38.00 16.02
N LYS A 346 11.90 37.20 15.89
CA LYS A 346 11.99 35.92 16.56
C LYS A 346 12.81 36.02 17.86
N LEU A 347 12.25 35.51 18.96
CA LEU A 347 12.98 35.49 20.23
C LEU A 347 13.11 34.08 20.82
N ALA A 348 14.26 33.81 21.42
CA ALA A 348 14.50 32.53 22.07
C ALA A 348 13.79 32.46 23.43
N THR A 349 13.91 31.31 24.07
CA THR A 349 13.54 31.20 25.46
C THR A 349 14.44 31.94 26.36
N GLU A 350 15.49 31.25 26.75
CA GLU A 350 16.53 31.87 27.54
N GLU A 351 15.52 34.94 26.30
CA GLU A 351 15.94 36.32 26.08
C GLU A 351 14.73 37.27 26.08
N ALA A 352 13.55 36.69 26.20
CA ALA A 352 12.29 37.44 26.17
C ALA A 352 11.89 37.99 27.54
N THR A 353 12.70 38.91 28.04
CA THR A 353 12.37 39.68 29.23
C THR A 353 11.51 40.88 28.86
N ALA A 354 10.95 41.51 29.87
CA ALA A 354 10.00 42.60 29.68
C ALA A 354 10.55 43.74 28.81
N ASP A 355 11.81 44.09 29.05
CA ASP A 355 12.41 45.19 28.33
C ASP A 355 12.51 44.88 26.83
N LEU A 356 13.03 43.70 26.47
CA LEU A 356 13.13 43.33 25.06
C LEU A 356 11.75 43.18 24.41
N LEU A 357 10.80 42.64 25.17
CA LEU A 357 9.45 42.48 24.64
C LEU A 357 8.86 43.84 24.32
N ARG A 358 8.99 44.78 25.25
CA ARG A 358 8.39 46.10 25.05
C ARG A 358 8.99 46.77 23.83
N GLU A 359 10.31 46.77 23.74
CA GLU A 359 10.96 47.48 22.67
C GLU A 359 10.58 46.85 21.34
N THR A 360 10.53 45.53 21.31
CA THR A 360 10.22 44.82 20.06
C THR A 360 8.79 45.11 19.62
N ALA A 361 7.88 45.05 20.59
CA ALA A 361 6.48 45.40 20.36
C ALA A 361 6.31 46.77 19.73
N LEU A 362 6.94 47.77 20.34
CA LEU A 362 6.83 49.15 19.88
C LEU A 362 7.41 49.31 18.49
N ALA A 363 8.47 48.57 18.20
CA ALA A 363 9.10 48.61 16.89
C ALA A 363 8.16 48.06 15.83
N LEU A 364 7.53 46.92 16.14
CA LEU A 364 6.70 46.24 15.16
C LEU A 364 5.40 46.98 14.87
N VAL A 365 4.72 47.46 15.90
CA VAL A 365 3.43 48.10 15.69
C VAL A 365 3.58 49.47 15.01
N ASP A 366 4.78 50.05 15.09
CA ASP A 366 5.03 51.30 14.39
C ASP A 366 5.94 51.15 13.17
N ASP A 367 5.73 50.09 12.40
CA ASP A 367 6.48 49.90 11.18
C ASP A 367 5.53 49.88 9.97
N PRO A 368 5.67 50.86 9.06
CA PRO A 368 4.83 50.97 7.87
C PRO A 368 5.14 49.86 6.86
N GLU A 369 6.38 49.40 6.86
CA GLU A 369 6.80 48.39 5.89
C GLU A 369 6.41 47.00 6.36
N VAL A 370 6.58 46.74 7.66
CA VAL A 370 6.03 45.54 8.27
C VAL A 370 4.54 45.44 7.94
N ALA A 371 3.83 46.55 8.07
CA ALA A 371 2.39 46.57 7.85
C ALA A 371 2.03 46.40 6.36
N ARG A 372 2.72 47.13 5.49
CA ARG A 372 2.47 47.00 4.06
C ARG A 372 2.69 45.55 3.59
N ARG A 373 3.69 44.89 4.16
CA ARG A 373 3.96 43.49 3.80
C ARG A 373 2.92 42.52 4.29
N LEU A 374 2.37 42.78 5.48
CA LEU A 374 1.27 41.97 5.98
C LEU A 374 0.09 42.05 5.03
N ARG A 375 -0.17 43.25 4.52
CA ARG A 375 -1.28 43.41 3.58
C ARG A 375 -1.05 42.63 2.29
N ARG A 376 0.17 42.68 1.77
CA ARG A 376 0.45 41.95 0.55
C ARG A 376 0.32 40.44 0.80
N ILE A 377 0.81 39.97 1.94
CA ILE A 377 0.63 38.55 2.27
C ILE A 377 -0.85 38.18 2.42
N GLN A 378 -1.64 39.06 3.03
CA GLN A 378 -3.10 38.89 3.07
C GLN A 378 -3.67 38.71 1.67
N ALA A 379 -3.27 39.60 0.76
CA ALA A 379 -3.77 39.58 -0.61
C ALA A 379 -3.44 38.26 -1.29
N GLU A 380 -2.25 37.74 -0.98
CA GLU A 380 -1.83 36.49 -1.59
C GLU A 380 -2.59 35.32 -1.02
N MET A 381 -2.81 35.34 0.29
CA MET A 381 -3.59 34.29 0.92
C MET A 381 -5.02 34.28 0.40
N ALA A 382 -5.60 35.46 0.17
CA ALA A 382 -6.96 35.51 -0.36
C ALA A 382 -7.06 34.78 -1.70
N GLN A 383 -5.99 34.80 -2.47
CA GLN A 383 -5.97 34.09 -3.74
C GLN A 383 -5.91 32.57 -3.52
N GLU A 384 -5.13 32.16 -2.52
CA GLU A 384 -5.02 30.75 -2.17
C GLU A 384 -6.40 30.14 -1.95
N GLY A 385 -7.32 30.95 -1.41
CA GLY A 385 -8.72 30.63 -1.46
C GLY A 385 -9.27 29.80 -0.31
N GLY A 386 -8.62 28.67 -0.04
CA GLY A 386 -9.01 27.84 1.07
C GLY A 386 -10.09 26.82 0.79
N THR A 387 -11.17 26.85 1.57
CA THR A 387 -12.13 25.75 1.53
C THR A 387 -12.82 25.57 0.20
N ARG A 388 -13.46 26.62 -0.28
CA ARG A 388 -14.10 26.57 -1.59
C ARG A 388 -13.11 26.31 -2.71
N ARG A 389 -11.97 27.00 -2.70
CA ARG A 389 -10.98 26.81 -3.76
C ARG A 389 -10.49 25.37 -3.74
N ALA A 390 -10.28 24.82 -2.54
CA ALA A 390 -9.87 23.43 -2.40
C ALA A 390 -10.85 22.51 -3.14
N ALA A 391 -12.14 22.67 -2.86
CA ALA A 391 -13.15 21.82 -3.48
C ALA A 391 -13.18 21.98 -5.00
N ASP A 392 -13.08 23.23 -5.46
CA ASP A 392 -13.11 23.48 -6.89
C ASP A 392 -11.87 22.91 -7.59
N LEU A 393 -10.75 22.86 -6.88
CA LEU A 393 -9.55 22.29 -7.47
C LEU A 393 -9.67 20.78 -7.53
N ILE A 394 -10.38 20.23 -6.56
CA ILE A 394 -10.62 18.79 -6.49
C ILE A 394 -11.63 18.35 -7.55
N GLU A 395 -12.67 19.16 -7.73
CA GLU A 395 -13.68 18.86 -8.74
C GLU A 395 -13.05 18.79 -10.11
N ALA A 396 -12.15 19.72 -10.37
CA ALA A 396 -11.41 19.74 -11.61
C ALA A 396 -10.56 18.48 -11.79
N GLU A 397 -10.40 17.71 -10.72
CA GLU A 397 -9.63 16.47 -10.77
C GLU A 397 -10.47 15.23 -11.09
N LEU A 398 -11.79 15.36 -11.07
CA LEU A 398 -12.67 14.21 -11.32
C LEU A 398 -12.46 13.62 -12.72
N PRO A 399 -12.76 12.32 -12.85
CA PRO A 399 -12.81 11.62 -14.14
C PRO A 399 -13.73 12.31 -15.15
N ALA A 400 -13.41 12.18 -16.44
CA ALA A 400 -14.23 12.73 -17.52
C ALA A 400 -15.31 11.74 -17.93
N THR B 6 15.84 -53.34 -2.36
CA THR B 6 14.54 -52.72 -2.60
C THR B 6 14.66 -51.21 -2.83
N PRO B 7 13.92 -50.68 -3.82
CA PRO B 7 13.85 -49.25 -4.12
C PRO B 7 13.15 -48.41 -3.03
N ALA B 8 13.31 -47.09 -3.14
CA ALA B 8 12.58 -46.16 -2.28
C ALA B 8 11.08 -46.23 -2.49
N HIS B 9 10.34 -46.04 -1.40
CA HIS B 9 8.88 -45.95 -1.44
C HIS B 9 8.51 -44.52 -1.06
N ILE B 10 8.25 -43.70 -2.07
CA ILE B 10 7.79 -42.32 -1.86
C ILE B 10 6.26 -42.28 -1.99
N ALA B 11 5.58 -41.55 -1.12
CA ALA B 11 4.13 -41.43 -1.19
C ALA B 11 3.69 -39.97 -1.42
N MET B 12 3.02 -39.70 -2.53
CA MET B 12 2.61 -38.32 -2.82
C MET B 12 1.18 -38.00 -2.34
N PHE B 13 1.10 -37.31 -1.19
CA PHE B 13 -0.18 -36.99 -0.57
C PHE B 13 -0.75 -35.68 -1.10
N SER B 14 -2.01 -35.72 -1.51
CA SER B 14 -2.71 -34.48 -1.83
C SER B 14 -4.21 -34.61 -1.63
N ILE B 15 -4.94 -33.71 -2.28
CA ILE B 15 -6.39 -33.64 -2.20
C ILE B 15 -6.89 -33.61 -3.64
N ALA B 16 -8.20 -33.74 -3.85
CA ALA B 16 -8.73 -33.76 -5.21
C ALA B 16 -9.08 -32.36 -5.73
N ALA B 17 -8.04 -31.62 -6.05
CA ALA B 17 -8.17 -30.29 -6.60
C ALA B 17 -7.08 -30.15 -7.64
N HIS B 18 -7.46 -29.72 -8.84
CA HIS B 18 -6.50 -29.67 -9.93
C HIS B 18 -5.28 -28.82 -9.58
N GLY B 19 -5.51 -27.68 -8.95
CA GLY B 19 -4.46 -26.73 -8.64
C GLY B 19 -3.47 -27.22 -7.60
N HIS B 20 -3.82 -28.33 -6.95
CA HIS B 20 -2.89 -28.96 -6.04
C HIS B 20 -2.46 -30.27 -6.64
N VAL B 21 -2.78 -30.43 -7.92
CA VAL B 21 -2.44 -31.63 -8.66
C VAL B 21 -1.61 -31.35 -9.92
N ASN B 22 -2.14 -30.51 -10.81
CA ASN B 22 -1.43 -30.20 -12.06
C ASN B 22 -0.02 -29.60 -11.93
N PRO B 23 0.25 -28.85 -10.85
CA PRO B 23 1.63 -28.42 -10.62
C PRO B 23 2.68 -29.52 -10.40
N SER B 24 2.38 -30.59 -9.66
CA SER B 24 3.43 -31.54 -9.27
C SER B 24 3.38 -32.89 -9.99
N LEU B 25 2.38 -33.06 -10.87
CA LEU B 25 2.16 -34.34 -11.55
C LEU B 25 3.43 -34.85 -12.26
N GLU B 26 4.14 -33.96 -12.92
CA GLU B 26 5.33 -34.39 -13.66
C GLU B 26 6.57 -34.69 -12.81
N VAL B 27 6.61 -34.18 -11.58
CA VAL B 27 7.66 -34.59 -10.66
C VAL B 27 7.41 -36.02 -10.20
N ILE B 28 6.14 -36.36 -10.01
CA ILE B 28 5.78 -37.70 -9.58
C ILE B 28 6.03 -38.70 -10.71
N ARG B 29 5.61 -38.33 -11.92
CA ARG B 29 5.81 -39.16 -13.11
C ARG B 29 7.31 -39.39 -13.33
N GLU B 30 8.11 -38.38 -13.00
CA GLU B 30 9.56 -38.51 -13.15
C GLU B 30 10.16 -39.46 -12.12
N LEU B 31 9.79 -39.31 -10.84
CA LEU B 31 10.28 -40.22 -9.81
C LEU B 31 9.95 -41.67 -10.16
N VAL B 32 8.77 -41.86 -10.75
CA VAL B 32 8.30 -43.18 -11.16
C VAL B 32 9.09 -43.70 -12.37
N ALA B 33 9.17 -42.89 -13.43
CA ALA B 33 9.92 -43.27 -14.62
C ALA B 33 11.34 -43.62 -14.23
N ARG B 34 11.87 -42.85 -13.27
CA ARG B 34 13.18 -43.12 -12.69
C ARG B 34 13.22 -44.40 -11.87
N GLY B 35 12.07 -45.03 -11.65
CA GLY B 35 12.06 -46.33 -11.03
C GLY B 35 11.51 -46.47 -9.62
N HIS B 36 11.42 -45.37 -8.86
CA HIS B 36 10.86 -45.44 -7.52
C HIS B 36 9.42 -45.91 -7.63
N ARG B 37 8.95 -46.62 -6.61
CA ARG B 37 7.55 -47.01 -6.56
C ARG B 37 6.84 -45.97 -5.70
N VAL B 38 6.10 -45.12 -6.37
CA VAL B 38 5.52 -43.99 -5.68
C VAL B 38 4.05 -44.24 -5.43
N THR B 39 3.63 -44.20 -4.16
CA THR B 39 2.19 -44.18 -3.90
C THR B 39 1.69 -42.75 -3.87
N TYR B 40 0.40 -42.58 -4.09
CA TYR B 40 -0.18 -41.25 -4.20
C TYR B 40 -1.47 -41.27 -3.41
N ALA B 41 -1.38 -41.00 -2.11
CA ALA B 41 -2.56 -40.94 -1.25
C ALA B 41 -3.47 -39.82 -1.76
N ILE B 42 -4.67 -40.19 -2.20
CA ILE B 42 -5.53 -39.30 -2.98
C ILE B 42 -6.99 -39.72 -2.77
N PRO B 43 -7.94 -38.78 -2.91
CA PRO B 43 -9.32 -39.28 -2.88
C PRO B 43 -9.58 -40.10 -4.13
N PRO B 44 -10.49 -41.09 -4.07
CA PRO B 44 -10.60 -42.08 -5.16
C PRO B 44 -10.96 -41.45 -6.49
N VAL B 45 -11.62 -40.29 -6.46
CA VAL B 45 -12.03 -39.64 -7.71
C VAL B 45 -10.83 -39.29 -8.58
N PHE B 46 -9.72 -38.94 -7.93
CA PHE B 46 -8.50 -38.58 -8.64
C PHE B 46 -7.45 -39.69 -8.74
N ALA B 47 -7.82 -40.92 -8.38
CA ALA B 47 -6.84 -42.00 -8.32
C ALA B 47 -6.27 -42.34 -9.70
N ASP B 48 -7.09 -42.12 -10.73
CA ASP B 48 -6.72 -42.53 -12.08
C ASP B 48 -5.91 -41.48 -12.82
N LYS B 49 -6.21 -40.21 -12.57
CA LYS B 49 -5.44 -39.13 -13.19
C LYS B 49 -4.08 -39.05 -12.51
N VAL B 50 -3.99 -39.57 -11.29
CA VAL B 50 -2.68 -39.81 -10.68
C VAL B 50 -2.17 -41.24 -11.01
N ALA B 51 -3.06 -42.12 -11.45
CA ALA B 51 -2.63 -43.42 -11.96
C ALA B 51 -1.87 -43.22 -13.27
N ALA B 52 -2.09 -42.08 -13.91
CA ALA B 52 -1.45 -41.78 -15.19
C ALA B 52 0.07 -41.65 -15.10
N THR B 53 0.58 -41.41 -13.89
CA THR B 53 2.03 -41.24 -13.74
C THR B 53 2.71 -42.54 -13.32
N GLY B 54 1.96 -43.63 -13.27
CA GLY B 54 2.49 -44.88 -12.78
C GLY B 54 2.84 -44.78 -11.31
N ALA B 55 2.10 -43.93 -10.60
CA ALA B 55 2.10 -43.95 -9.15
C ALA B 55 0.95 -44.85 -8.74
N ARG B 56 1.08 -45.58 -7.63
CA ARG B 56 -0.04 -46.39 -7.14
C ARG B 56 -0.93 -45.54 -6.23
N PRO B 57 -2.20 -45.35 -6.60
CA PRO B 57 -2.97 -44.57 -5.64
C PRO B 57 -3.25 -45.34 -4.35
N VAL B 58 -3.39 -44.58 -3.28
CA VAL B 58 -3.80 -45.10 -1.99
C VAL B 58 -4.98 -44.26 -1.55
N LEU B 59 -6.18 -44.87 -1.62
CA LEU B 59 -7.45 -44.13 -1.55
C LEU B 59 -7.83 -43.61 -0.16
N TYR B 60 -8.72 -42.62 -0.11
CA TYR B 60 -9.29 -42.10 1.15
C TYR B 60 -10.49 -41.19 0.82
N HIS B 61 -11.45 -41.06 1.76
CA HIS B 61 -12.63 -40.20 1.56
C HIS B 61 -12.40 -38.71 1.95
N SER B 62 -12.54 -37.79 0.97
CA SER B 62 -12.48 -36.32 1.14
C SER B 62 -13.58 -35.52 0.40
N THR B 63 -13.69 -34.21 0.71
CA THR B 63 -14.95 -33.45 0.61
C THR B 63 -15.01 -31.91 0.32
N LEU B 64 -14.18 -31.34 -0.54
CA LEU B 64 -14.24 -29.87 -0.72
C LEU B 64 -15.09 -29.52 -1.93
N PRO B 65 -15.16 -28.21 -2.30
CA PRO B 65 -15.62 -28.02 -3.67
C PRO B 65 -14.62 -28.70 -4.58
N GLY B 66 -15.09 -29.33 -5.67
CA GLY B 66 -14.17 -30.04 -6.52
C GLY B 66 -13.64 -29.21 -7.68
N PRO B 67 -13.39 -29.88 -8.81
CA PRO B 67 -12.99 -29.30 -10.09
C PRO B 67 -14.17 -28.61 -10.78
N ASP B 68 -15.36 -29.17 -10.61
CA ASP B 68 -16.55 -28.54 -11.13
C ASP B 68 -17.10 -27.72 -9.96
N ALA B 69 -16.48 -26.57 -9.77
CA ALA B 69 -16.78 -25.71 -8.63
C ALA B 69 -16.66 -24.24 -9.01
N ASP B 70 -17.62 -23.45 -8.57
CA ASP B 70 -17.61 -22.02 -8.85
C ASP B 70 -16.94 -21.28 -7.68
N PRO B 71 -16.30 -20.15 -7.98
CA PRO B 71 -15.63 -19.29 -6.98
C PRO B 71 -16.53 -18.79 -5.86
N GLU B 72 -17.84 -18.72 -6.09
CA GLU B 72 -18.76 -18.32 -5.04
C GLU B 72 -18.69 -19.34 -3.90
N ALA B 73 -19.15 -20.56 -4.17
CA ALA B 73 -19.13 -21.66 -3.21
C ALA B 73 -17.79 -22.38 -3.13
N TRP B 74 -16.78 -21.71 -2.58
CA TRP B 74 -15.57 -22.40 -2.04
C TRP B 74 -15.30 -21.72 -0.75
N GLY B 75 -15.23 -20.38 -0.80
CA GLY B 75 -15.06 -19.55 0.39
C GLY B 75 -15.32 -18.10 0.05
N SER B 76 -15.04 -17.20 1.00
CA SER B 76 -15.29 -15.79 0.80
C SER B 76 -14.60 -15.00 1.91
N THR B 77 -14.37 -15.68 3.02
CA THR B 77 -13.73 -15.12 4.19
C THR B 77 -12.56 -16.03 4.55
N LEU B 78 -11.72 -15.57 5.47
CA LEU B 78 -10.62 -16.40 5.95
C LEU B 78 -11.09 -17.74 6.51
N LEU B 79 -12.03 -17.70 7.45
CA LEU B 79 -12.46 -18.93 8.10
C LEU B 79 -13.14 -19.91 7.17
N ASP B 80 -13.95 -19.40 6.24
CA ASP B 80 -14.57 -20.25 5.21
C ASP B 80 -13.48 -21.01 4.46
N ASN B 81 -12.35 -20.32 4.23
CA ASN B 81 -11.24 -20.90 3.46
C ASN B 81 -10.46 -21.97 4.23
N VAL B 82 -10.09 -21.70 5.47
CA VAL B 82 -9.12 -22.57 6.18
C VAL B 82 -9.74 -23.74 6.92
N GLU B 83 -10.90 -23.54 7.54
CA GLU B 83 -11.52 -24.59 8.31
C GLU B 83 -11.74 -25.91 7.54
N PRO B 84 -12.21 -25.84 6.28
CA PRO B 84 -12.48 -27.13 5.65
C PRO B 84 -11.20 -27.84 5.23
N PHE B 85 -10.10 -27.12 5.08
CA PHE B 85 -8.85 -27.82 4.89
C PHE B 85 -8.54 -28.52 6.19
N LEU B 86 -9.03 -27.98 7.29
CA LEU B 86 -8.83 -28.63 8.57
C LEU B 86 -9.64 -29.92 8.65
N ASN B 87 -10.78 -29.84 9.33
CA ASN B 87 -11.54 -31.02 9.76
C ASN B 87 -11.41 -32.31 8.93
N ASP B 88 -11.10 -32.18 7.63
CA ASP B 88 -10.80 -33.35 6.81
C ASP B 88 -9.53 -34.02 7.32
N ALA B 89 -8.52 -33.20 7.61
CA ALA B 89 -7.27 -33.74 8.12
C ALA B 89 -7.52 -34.57 9.38
N ILE B 90 -8.43 -34.13 10.23
CA ILE B 90 -8.73 -34.87 11.44
C ILE B 90 -9.32 -36.27 11.18
N GLN B 91 -10.20 -36.39 10.20
CA GLN B 91 -10.62 -37.72 9.78
C GLN B 91 -9.61 -38.36 8.82
N ALA B 92 -9.13 -37.61 7.82
CA ALA B 92 -8.19 -38.16 6.82
C ALA B 92 -7.01 -38.88 7.45
N LEU B 93 -6.59 -38.39 8.61
CA LEU B 93 -5.45 -38.98 9.32
C LEU B 93 -5.55 -40.51 9.57
N PRO B 94 -6.42 -40.97 10.50
CA PRO B 94 -6.35 -42.42 10.76
C PRO B 94 -6.76 -43.32 9.57
N GLN B 95 -7.42 -42.78 8.56
CA GLN B 95 -7.61 -43.52 7.30
C GLN B 95 -6.27 -43.86 6.64
N LEU B 96 -5.41 -42.85 6.59
CA LEU B 96 -4.09 -42.96 5.96
C LEU B 96 -3.12 -43.75 6.82
N ALA B 97 -3.15 -43.49 8.12
CA ALA B 97 -2.25 -44.15 9.07
C ALA B 97 -2.25 -45.67 8.92
N ASP B 98 -3.43 -46.26 8.88
CA ASP B 98 -3.43 -47.69 8.84
C ASP B 98 -3.39 -48.24 7.36
N ALA B 99 -3.66 -47.37 6.37
CA ALA B 99 -3.40 -47.74 4.98
C ALA B 99 -1.90 -47.94 4.82
N TYR B 100 -1.14 -47.17 5.57
CA TYR B 100 0.31 -47.28 5.50
C TYR B 100 0.87 -47.99 6.73
N ALA B 101 0.01 -48.74 7.43
CA ALA B 101 0.44 -49.45 8.62
C ALA B 101 1.65 -50.39 8.44
N ASP B 102 1.56 -51.32 7.49
CA ASP B 102 2.56 -52.37 7.31
C ASP B 102 3.60 -52.08 6.22
N ASP B 103 3.47 -50.91 5.62
CA ASP B 103 4.32 -50.49 4.51
C ASP B 103 4.53 -49.00 4.71
N ILE B 104 5.24 -48.67 5.80
CA ILE B 104 5.53 -47.28 6.15
C ILE B 104 6.68 -46.76 5.28
N PRO B 105 6.45 -45.62 4.61
CA PRO B 105 7.33 -45.22 3.50
C PRO B 105 8.69 -44.64 3.86
N ASP B 106 9.55 -44.62 2.84
CA ASP B 106 10.90 -44.10 2.96
C ASP B 106 10.84 -42.59 3.08
N LEU B 107 9.95 -41.98 2.30
CA LEU B 107 9.87 -40.53 2.23
C LEU B 107 8.45 -40.04 2.04
N VAL B 108 8.10 -38.97 2.77
CA VAL B 108 6.82 -38.32 2.61
C VAL B 108 6.95 -37.05 1.76
N LEU B 109 6.14 -37.00 0.71
CA LEU B 109 6.10 -35.88 -0.21
C LEU B 109 4.63 -35.41 -0.24
N HIS B 110 4.39 -34.09 -0.21
CA HIS B 110 3.01 -33.64 -0.11
C HIS B 110 2.76 -32.21 -0.58
N ASP B 111 1.59 -32.00 -1.17
CA ASP B 111 1.11 -30.65 -1.43
C ASP B 111 0.79 -29.94 -0.11
N ILE B 112 0.86 -28.61 -0.10
CA ILE B 112 0.67 -27.81 1.10
C ILE B 112 -0.64 -28.09 1.86
N THR B 113 -1.68 -28.51 1.14
CA THR B 113 -2.99 -28.71 1.76
C THR B 113 -3.12 -29.96 2.63
N SER B 114 -2.14 -30.86 2.53
CA SER B 114 -2.21 -32.11 3.29
C SER B 114 -1.60 -32.05 4.70
N TYR B 115 -2.42 -31.68 5.68
CA TYR B 115 -2.00 -31.77 7.07
C TYR B 115 -1.65 -33.21 7.50
N PRO B 116 -2.42 -34.22 7.05
CA PRO B 116 -2.08 -35.56 7.54
C PRO B 116 -0.69 -36.03 7.10
N ALA B 117 -0.23 -35.55 5.95
CA ALA B 117 1.10 -35.92 5.49
C ALA B 117 2.17 -35.42 6.46
N ARG B 118 1.98 -34.21 6.99
CA ARG B 118 2.89 -33.67 7.99
C ARG B 118 2.83 -34.49 9.27
N VAL B 119 1.62 -34.85 9.67
CA VAL B 119 1.41 -35.57 10.92
C VAL B 119 2.00 -36.99 10.84
N LEU B 120 1.88 -37.61 9.67
CA LEU B 120 2.39 -38.97 9.49
C LEU B 120 3.92 -39.05 9.33
N ALA B 121 4.52 -38.11 8.61
CA ALA B 121 5.97 -38.12 8.46
C ALA B 121 6.64 -37.97 9.81
N ARG B 122 6.00 -37.22 10.72
CA ARG B 122 6.58 -37.01 12.05
C ARG B 122 6.21 -38.13 13.04
N ARG B 123 5.19 -38.94 12.68
CA ARG B 123 4.82 -40.11 13.49
C ARG B 123 5.66 -41.31 13.08
N TRP B 124 6.07 -41.30 11.82
CA TRP B 124 6.86 -42.38 11.25
C TRP B 124 8.34 -42.13 11.41
N GLY B 125 8.70 -40.86 11.60
CA GLY B 125 10.10 -40.51 11.79
C GLY B 125 10.86 -40.53 10.48
N VAL B 126 10.12 -40.41 9.38
CA VAL B 126 10.76 -40.19 8.07
C VAL B 126 10.65 -38.71 7.70
N PRO B 127 11.69 -38.18 7.02
CA PRO B 127 11.68 -36.77 6.60
C PRO B 127 10.55 -36.46 5.62
N ALA B 128 10.14 -35.20 5.57
CA ALA B 128 9.05 -34.77 4.69
C ALA B 128 9.46 -33.59 3.78
N VAL B 129 8.84 -33.53 2.61
CA VAL B 129 9.06 -32.42 1.68
C VAL B 129 7.73 -31.86 1.19
N SER B 130 7.53 -30.58 1.41
CA SER B 130 6.32 -29.89 1.00
C SER B 130 6.52 -29.35 -0.41
N LEU B 131 5.51 -29.49 -1.25
CA LEU B 131 5.57 -28.95 -2.61
C LEU B 131 4.54 -27.84 -2.75
N SER B 132 5.02 -26.61 -2.96
CA SER B 132 4.11 -25.46 -3.02
C SER B 132 3.86 -24.98 -4.44
N PRO B 133 2.59 -24.94 -4.86
CA PRO B 133 2.29 -24.49 -6.22
C PRO B 133 2.24 -22.97 -6.32
N ASN B 134 2.43 -22.29 -5.19
CA ASN B 134 2.29 -20.85 -5.15
C ASN B 134 3.33 -20.28 -4.20
N LEU B 135 3.21 -18.98 -3.92
CA LEU B 135 4.20 -18.32 -3.07
C LEU B 135 4.24 -18.94 -1.69
N VAL B 136 5.35 -18.74 -1.00
CA VAL B 136 5.53 -19.26 0.35
C VAL B 136 5.77 -18.13 1.33
N ALA B 137 5.78 -18.47 2.62
CA ALA B 137 6.01 -17.47 3.66
C ALA B 137 7.46 -17.03 3.66
N TRP B 138 7.66 -15.72 3.77
CA TRP B 138 8.99 -15.18 3.97
C TRP B 138 9.19 -14.94 5.46
N LYS B 139 10.44 -14.83 5.89
CA LYS B 139 10.68 -14.58 7.29
C LYS B 139 10.24 -13.17 7.62
N GLY B 140 9.16 -13.09 8.40
CA GLY B 140 8.45 -11.84 8.62
C GLY B 140 6.98 -11.94 8.25
N TYR B 141 6.60 -13.06 7.64
CA TYR B 141 5.24 -13.28 7.18
C TYR B 141 4.23 -13.36 8.32
N GLU B 142 4.65 -13.90 9.45
CA GLU B 142 3.74 -14.14 10.58
C GLU B 142 3.15 -12.84 11.17
N GLU B 143 3.94 -11.77 11.20
CA GLU B 143 3.46 -10.52 11.75
C GLU B 143 2.95 -9.59 10.64
N GLU B 144 3.50 -9.76 9.44
CA GLU B 144 3.14 -8.89 8.31
C GLU B 144 1.86 -9.31 7.59
N VAL B 145 1.60 -10.60 7.49
CA VAL B 145 0.45 -11.10 6.73
C VAL B 145 -0.50 -11.92 7.61
N ALA B 146 0.05 -12.94 8.27
CA ALA B 146 -0.77 -13.89 9.03
C ALA B 146 -1.57 -13.22 10.14
N GLU B 147 -0.87 -12.49 11.02
CA GLU B 147 -1.57 -11.87 12.14
C GLU B 147 -2.62 -10.81 11.73
N PRO B 148 -2.31 -9.95 10.73
CA PRO B 148 -3.35 -9.05 10.23
C PRO B 148 -4.58 -9.78 9.69
N MET B 149 -4.36 -10.77 8.83
CA MET B 149 -5.46 -11.55 8.30
C MET B 149 -6.35 -12.12 9.39
N TRP B 150 -5.74 -12.51 10.51
CA TRP B 150 -6.46 -13.18 11.59
C TRP B 150 -7.07 -12.27 12.65
N ARG B 151 -6.88 -10.95 12.53
CA ARG B 151 -7.24 -10.08 13.66
C ARG B 151 -8.72 -10.04 14.05
N GLU B 152 -9.64 -9.97 13.09
CA GLU B 152 -11.05 -10.13 13.45
C GLU B 152 -11.47 -11.59 13.68
N PRO B 153 -11.05 -12.53 12.81
CA PRO B 153 -11.58 -13.89 13.00
C PRO B 153 -11.09 -14.62 14.24
N ARG B 154 -9.84 -14.40 14.65
CA ARG B 154 -9.29 -15.13 15.81
C ARG B 154 -10.10 -14.83 17.08
N GLN B 155 -10.77 -13.68 17.07
CA GLN B 155 -11.53 -13.17 18.22
C GLN B 155 -12.96 -13.71 18.25
N THR B 156 -13.34 -14.51 17.26
CA THR B 156 -14.70 -15.05 17.21
C THR B 156 -14.80 -16.40 17.94
N GLU B 157 -16.03 -16.80 18.28
CA GLU B 157 -16.25 -18.12 18.87
C GLU B 157 -15.75 -19.20 17.92
N ARG B 158 -16.15 -19.10 16.66
CA ARG B 158 -15.71 -20.00 15.61
C ARG B 158 -14.18 -20.08 15.62
N GLY B 159 -13.54 -18.91 15.65
CA GLY B 159 -12.09 -18.85 15.62
C GLY B 159 -11.39 -19.50 16.78
N ARG B 160 -11.85 -19.22 18.00
CA ARG B 160 -11.27 -19.80 19.20
C ARG B 160 -11.42 -21.33 19.19
N ALA B 161 -12.57 -21.81 18.76
CA ALA B 161 -12.81 -23.25 18.67
C ALA B 161 -12.01 -23.88 17.51
N TYR B 162 -11.72 -23.09 16.48
CA TYR B 162 -10.91 -23.57 15.36
C TYR B 162 -9.45 -23.77 15.79
N TYR B 163 -8.91 -22.84 16.56
CA TYR B 163 -7.54 -23.05 17.03
C TYR B 163 -7.41 -23.86 18.31
N ALA B 164 -8.54 -24.15 18.94
CA ALA B 164 -8.55 -25.11 20.04
C ALA B 164 -8.49 -26.53 19.48
N ARG B 165 -9.29 -26.78 18.46
CA ARG B 165 -9.38 -28.10 17.84
C ARG B 165 -8.05 -28.48 17.19
N PHE B 166 -7.36 -27.49 16.64
CA PHE B 166 -6.10 -27.72 15.93
C PHE B 166 -5.06 -28.16 16.96
N GLU B 167 -4.99 -27.39 18.04
CA GLU B 167 -4.10 -27.63 19.18
C GLU B 167 -4.20 -29.05 19.74
N ALA B 168 -5.41 -29.47 20.08
CA ALA B 168 -5.63 -30.77 20.70
C ALA B 168 -5.29 -31.91 19.75
N TRP B 169 -5.67 -31.75 18.48
CA TRP B 169 -5.33 -32.72 17.45
C TRP B 169 -3.81 -32.92 17.38
N LEU B 170 -3.07 -31.82 17.47
CA LEU B 170 -1.61 -31.91 17.31
C LEU B 170 -0.96 -32.44 18.59
N LYS B 171 -1.34 -31.86 19.73
CA LYS B 171 -0.86 -32.37 20.99
C LYS B 171 -1.16 -33.87 21.14
N GLU B 172 -2.32 -34.30 20.64
CA GLU B 172 -2.63 -35.73 20.51
C GLU B 172 -1.53 -36.46 19.75
N ASN B 173 -1.04 -35.84 18.70
CA ASN B 173 0.02 -36.44 17.88
C ASN B 173 1.36 -35.87 18.26
N GLY B 174 1.74 -35.98 19.54
CA GLY B 174 3.01 -35.51 20.06
C GLY B 174 3.67 -34.25 19.46
N ILE B 175 2.96 -33.54 18.61
CA ILE B 175 3.50 -32.36 17.95
C ILE B 175 3.07 -31.15 18.75
N THR B 176 4.02 -30.45 19.35
CA THR B 176 3.69 -29.30 20.17
C THR B 176 3.58 -27.99 19.37
N GLU B 177 4.17 -27.96 18.17
CA GLU B 177 4.15 -26.75 17.33
C GLU B 177 2.75 -26.13 17.23
N HIS B 178 2.69 -24.80 17.21
CA HIS B 178 1.40 -24.12 17.04
C HIS B 178 0.89 -24.41 15.64
N PRO B 179 -0.43 -24.48 15.48
CA PRO B 179 -1.06 -24.56 14.17
C PRO B 179 -0.37 -23.71 13.11
N ASP B 180 -0.07 -22.46 13.43
CA ASP B 180 0.48 -21.52 12.44
C ASP B 180 1.83 -21.93 11.88
N THR B 181 2.63 -22.61 12.70
CA THR B 181 3.93 -23.12 12.26
C THR B 181 3.76 -24.41 11.48
N PHE B 182 2.91 -25.29 12.01
CA PHE B 182 2.57 -26.56 11.38
C PHE B 182 1.98 -26.33 10.01
N ALA B 183 1.09 -25.34 9.90
CA ALA B 183 0.40 -25.10 8.64
C ALA B 183 1.26 -24.38 7.60
N SER B 184 1.91 -23.31 8.01
CA SER B 184 2.47 -22.38 7.04
C SER B 184 4.00 -22.40 6.95
N HIS B 185 4.65 -23.21 7.77
CA HIS B 185 6.11 -23.14 7.89
C HIS B 185 6.77 -24.52 7.89
N PRO B 186 6.80 -25.16 6.72
CA PRO B 186 7.38 -26.51 6.56
C PRO B 186 8.87 -26.51 6.83
N PRO B 187 9.43 -27.65 7.20
CA PRO B 187 10.88 -27.72 7.43
C PRO B 187 11.66 -27.80 6.11
N ARG B 188 11.01 -28.24 5.04
CA ARG B 188 11.66 -28.37 3.73
C ARG B 188 10.60 -28.24 2.65
N SER B 189 10.85 -27.37 1.67
CA SER B 189 9.84 -27.09 0.67
C SER B 189 10.45 -26.81 -0.70
N LEU B 190 9.83 -27.37 -1.74
CA LEU B 190 10.15 -26.99 -3.12
C LEU B 190 9.01 -26.14 -3.66
N VAL B 191 9.36 -24.98 -4.18
CA VAL B 191 8.37 -24.02 -4.66
C VAL B 191 8.27 -24.09 -6.18
N LEU B 192 7.07 -24.36 -6.67
CA LEU B 192 6.85 -24.61 -8.10
C LEU B 192 6.47 -23.34 -8.86
N ILE B 193 6.96 -22.20 -8.37
CA ILE B 193 6.86 -20.95 -9.11
C ILE B 193 8.27 -20.38 -9.21
N PRO B 194 8.51 -19.56 -10.24
CA PRO B 194 9.83 -18.92 -10.30
C PRO B 194 9.97 -17.93 -9.16
N LYS B 195 11.18 -17.83 -8.63
CA LYS B 195 11.48 -16.94 -7.50
C LYS B 195 11.08 -15.50 -7.82
N ALA B 196 11.16 -15.12 -9.09
CA ALA B 196 10.76 -13.78 -9.53
C ALA B 196 9.32 -13.42 -9.15
N LEU B 197 8.43 -14.41 -9.18
CA LEU B 197 7.02 -14.17 -8.87
C LEU B 197 6.69 -14.31 -7.38
N GLN B 198 7.73 -14.51 -6.57
CA GLN B 198 7.56 -14.58 -5.11
C GLN B 198 7.72 -13.19 -4.49
N PRO B 199 6.66 -12.68 -3.85
CA PRO B 199 6.80 -11.41 -3.14
C PRO B 199 7.80 -11.55 -2.00
N HIS B 200 8.53 -10.48 -1.69
CA HIS B 200 9.50 -10.51 -0.60
C HIS B 200 10.48 -11.68 -0.70
N ALA B 201 10.89 -11.99 -1.92
CA ALA B 201 11.75 -13.15 -2.17
C ALA B 201 13.07 -13.14 -1.40
N ASP B 202 13.61 -11.95 -1.16
CA ASP B 202 14.88 -11.82 -0.48
C ASP B 202 14.86 -12.31 0.95
N ARG B 203 13.66 -12.29 1.54
CA ARG B 203 13.52 -12.73 2.92
C ARG B 203 12.96 -14.14 3.03
N VAL B 204 12.83 -14.84 1.91
CA VAL B 204 12.48 -16.26 1.98
C VAL B 204 13.73 -17.04 2.39
N ASP B 205 13.54 -18.03 3.26
CA ASP B 205 14.63 -18.77 3.87
C ASP B 205 15.12 -19.93 2.99
N GLU B 206 16.27 -19.79 2.33
CA GLU B 206 16.64 -20.77 1.30
C GLU B 206 17.01 -22.18 1.80
N ASP B 207 17.29 -22.31 3.09
CA ASP B 207 17.57 -23.64 3.67
C ASP B 207 16.29 -24.47 3.71
N VAL B 208 15.16 -23.79 3.94
CA VAL B 208 13.88 -24.47 3.92
C VAL B 208 13.39 -24.60 2.48
N TYR B 209 13.40 -23.48 1.76
CA TYR B 209 12.76 -23.37 0.45
C TYR B 209 13.73 -23.33 -0.71
N THR B 210 13.47 -24.15 -1.72
CA THR B 210 14.17 -24.08 -2.99
C THR B 210 13.16 -23.81 -4.11
N PHE B 211 13.41 -22.79 -4.91
CA PHE B 211 12.53 -22.47 -6.03
C PHE B 211 12.95 -23.27 -7.25
N VAL B 212 12.02 -24.06 -7.77
CA VAL B 212 12.31 -24.85 -8.95
C VAL B 212 11.39 -24.48 -10.10
N GLY B 213 10.29 -23.80 -9.77
CA GLY B 213 9.35 -23.33 -10.78
C GLY B 213 8.47 -24.41 -11.40
N ALA B 214 7.93 -24.09 -12.57
CA ALA B 214 6.98 -24.94 -13.27
C ALA B 214 7.57 -26.29 -13.68
N CYS B 215 7.02 -27.37 -13.14
CA CYS B 215 7.33 -28.71 -13.69
C CYS B 215 6.28 -29.18 -14.65
N GLN B 216 6.40 -28.74 -15.88
CA GLN B 216 5.43 -29.07 -16.90
C GLN B 216 5.78 -30.38 -17.60
N GLY B 217 4.86 -30.95 -18.37
CA GLY B 217 5.15 -32.13 -19.18
C GLY B 217 5.86 -31.61 -20.39
N ASP B 218 6.81 -32.40 -20.88
CA ASP B 218 7.52 -32.02 -22.10
C ASP B 218 6.49 -31.70 -23.17
N ARG B 219 6.53 -30.47 -23.65
CA ARG B 219 5.53 -29.98 -24.58
C ARG B 219 6.06 -29.87 -26.01
N ALA B 220 7.20 -30.48 -26.28
CA ALA B 220 7.79 -30.45 -27.63
C ALA B 220 6.83 -30.90 -28.73
N GLU B 221 5.81 -31.68 -28.38
CA GLU B 221 4.89 -32.25 -29.37
C GLU B 221 3.85 -31.27 -29.93
N GLU B 222 3.92 -30.00 -29.55
CA GLU B 222 2.88 -29.05 -29.98
C GLU B 222 3.27 -28.32 -31.26
N GLY B 223 4.37 -28.74 -31.87
CA GLY B 223 4.84 -28.13 -33.10
C GLY B 223 5.55 -26.82 -32.90
N GLY B 224 5.51 -25.97 -33.93
CA GLY B 224 6.18 -24.69 -33.90
C GLY B 224 5.50 -23.63 -34.75
N TRP B 225 6.18 -22.51 -34.98
CA TRP B 225 5.57 -21.39 -35.69
C TRP B 225 6.58 -20.70 -36.61
N GLN B 226 6.06 -20.15 -37.71
CA GLN B 226 6.87 -19.51 -38.75
C GLN B 226 6.71 -17.98 -38.77
N ARG B 227 7.80 -17.27 -38.46
CA ARG B 227 7.84 -15.81 -38.47
C ARG B 227 7.95 -15.31 -39.92
N PRO B 228 6.97 -14.49 -40.36
CA PRO B 228 6.71 -14.17 -41.77
C PRO B 228 7.91 -13.73 -42.62
N ALA B 229 8.97 -14.55 -42.64
CA ALA B 229 10.17 -14.27 -43.42
C ALA B 229 10.83 -12.94 -43.06
N GLY B 230 10.04 -11.86 -43.04
CA GLY B 230 10.56 -10.54 -42.75
C GLY B 230 9.63 -9.71 -41.88
N ALA B 231 8.92 -10.38 -40.97
CA ALA B 231 8.14 -9.67 -39.97
C ALA B 231 9.06 -9.38 -38.80
N GLU B 232 9.22 -8.11 -38.47
CA GLU B 232 10.04 -7.79 -37.31
C GLU B 232 9.30 -8.19 -36.05
N LYS B 233 8.35 -7.36 -35.63
CA LYS B 233 7.72 -7.52 -34.33
C LYS B 233 6.52 -8.50 -34.33
N VAL B 234 6.61 -9.50 -33.46
CA VAL B 234 5.52 -10.44 -33.25
C VAL B 234 4.94 -10.28 -31.85
N VAL B 235 3.62 -10.10 -31.78
CA VAL B 235 2.92 -10.11 -30.50
C VAL B 235 1.95 -11.28 -30.46
N LEU B 236 1.96 -12.02 -29.34
CA LEU B 236 0.96 -13.05 -29.10
C LEU B 236 -0.07 -12.51 -28.14
N VAL B 237 -1.34 -12.74 -28.43
CA VAL B 237 -2.40 -12.50 -27.45
C VAL B 237 -2.94 -13.82 -26.99
N SER B 238 -2.82 -14.09 -25.69
CA SER B 238 -3.37 -15.31 -25.13
C SER B 238 -3.96 -15.01 -23.77
N LEU B 239 -5.28 -15.02 -23.70
CA LEU B 239 -5.94 -14.83 -22.42
C LEU B 239 -6.10 -16.22 -21.81
N GLY B 240 -5.35 -17.18 -22.35
CA GLY B 240 -5.33 -18.52 -21.80
C GLY B 240 -6.23 -19.46 -22.59
N SER B 241 -6.80 -20.43 -21.89
CA SER B 241 -7.79 -21.31 -22.50
C SER B 241 -8.96 -21.58 -21.54
N ALA B 242 -8.91 -20.96 -20.37
CA ALA B 242 -10.06 -21.01 -19.46
C ALA B 242 -10.82 -19.68 -19.48
N PHE B 243 -10.16 -18.61 -19.06
CA PHE B 243 -10.83 -17.32 -18.98
C PHE B 243 -10.73 -16.55 -20.29
N THR B 244 -11.17 -17.20 -21.37
CA THR B 244 -10.86 -16.74 -22.72
C THR B 244 -12.01 -16.12 -23.54
N LYS B 245 -13.24 -16.15 -23.03
CA LYS B 245 -14.36 -15.59 -23.79
C LYS B 245 -14.47 -14.10 -23.62
N GLN B 246 -13.63 -13.35 -24.33
CA GLN B 246 -13.63 -11.91 -24.23
C GLN B 246 -13.72 -11.26 -25.61
N PRO B 247 -14.88 -11.42 -26.28
CA PRO B 247 -15.06 -10.98 -27.67
C PRO B 247 -14.59 -9.55 -27.90
N ALA B 248 -14.99 -8.65 -27.00
CA ALA B 248 -14.74 -7.24 -27.21
C ALA B 248 -13.26 -6.89 -27.15
N PHE B 249 -12.55 -7.44 -26.17
CA PHE B 249 -11.14 -7.14 -26.04
C PHE B 249 -10.33 -7.46 -27.29
N TYR B 250 -10.63 -8.59 -27.93
CA TYR B 250 -9.84 -9.00 -29.10
C TYR B 250 -9.92 -8.01 -30.29
N ARG B 251 -11.05 -7.34 -30.50
CA ARG B 251 -11.14 -6.41 -31.62
C ARG B 251 -10.18 -5.21 -31.48
N GLU B 252 -9.94 -4.77 -30.26
CA GLU B 252 -9.08 -3.61 -30.05
C GLU B 252 -7.59 -3.87 -30.34
N CYS B 253 -7.18 -5.13 -30.41
CA CYS B 253 -5.79 -5.45 -30.74
C CYS B 253 -5.57 -5.45 -32.25
N VAL B 254 -6.57 -5.89 -33.00
CA VAL B 254 -6.51 -5.84 -34.45
C VAL B 254 -6.33 -4.41 -34.92
N ARG B 255 -7.01 -3.48 -34.26
CA ARG B 255 -6.85 -2.07 -34.54
C ARG B 255 -5.48 -1.56 -34.06
N ALA B 256 -4.89 -2.26 -33.11
CA ALA B 256 -3.61 -1.85 -32.53
C ALA B 256 -2.42 -2.35 -33.34
N PHE B 257 -2.50 -3.56 -33.85
CA PHE B 257 -1.35 -4.16 -34.51
C PHE B 257 -1.59 -4.38 -36.01
N GLY B 258 -2.86 -4.43 -36.39
CA GLY B 258 -3.23 -4.54 -37.80
C GLY B 258 -2.68 -3.38 -38.60
N ASN B 259 -1.86 -3.71 -39.59
CA ASN B 259 -1.19 -2.76 -40.48
C ASN B 259 -0.18 -1.85 -39.81
N LEU B 260 0.24 -2.20 -38.60
CA LEU B 260 1.27 -1.43 -37.90
C LEU B 260 2.65 -1.79 -38.45
N PRO B 261 3.43 -0.76 -38.84
CA PRO B 261 4.76 -0.87 -39.46
C PRO B 261 5.62 -1.98 -38.87
N GLY B 262 5.63 -3.13 -39.55
CA GLY B 262 6.48 -4.23 -39.14
C GLY B 262 6.04 -4.98 -37.90
N TRP B 263 4.75 -5.01 -37.64
CA TRP B 263 4.23 -5.83 -36.54
C TRP B 263 3.47 -7.03 -37.08
N HIS B 264 3.20 -8.01 -36.23
CA HIS B 264 2.42 -9.19 -36.60
C HIS B 264 1.78 -9.86 -35.37
N LEU B 265 0.48 -10.14 -35.48
CA LEU B 265 -0.33 -10.55 -34.34
C LEU B 265 -0.84 -11.99 -34.42
N VAL B 266 -0.48 -12.81 -33.44
CA VAL B 266 -1.15 -14.08 -33.24
C VAL B 266 -2.08 -13.90 -32.07
N LEU B 267 -3.33 -14.34 -32.19
CA LEU B 267 -4.19 -14.44 -31.02
C LEU B 267 -5.04 -15.69 -31.02
N GLN B 268 -4.95 -16.43 -29.92
CA GLN B 268 -5.85 -17.55 -29.67
C GLN B 268 -7.09 -16.98 -28.99
N ILE B 269 -8.25 -17.48 -29.37
CA ILE B 269 -9.52 -16.96 -28.86
C ILE B 269 -10.44 -18.05 -28.30
N GLY B 270 -9.93 -19.27 -28.16
CA GLY B 270 -10.76 -20.38 -27.70
C GLY B 270 -11.93 -20.69 -28.65
N ARG B 271 -12.92 -21.45 -28.18
CA ARG B 271 -14.09 -21.75 -29.00
C ARG B 271 -15.30 -20.95 -28.60
N LYS B 272 -15.09 -19.94 -27.78
CA LYS B 272 -16.18 -19.13 -27.29
C LYS B 272 -16.43 -17.93 -28.18
N VAL B 273 -15.38 -17.50 -28.87
CA VAL B 273 -15.46 -16.42 -29.83
C VAL B 273 -15.20 -17.05 -31.19
N THR B 274 -15.89 -16.59 -32.23
CA THR B 274 -15.57 -16.97 -33.60
C THR B 274 -14.55 -16.00 -34.17
N PRO B 275 -13.85 -16.40 -35.24
CA PRO B 275 -13.04 -15.42 -35.96
C PRO B 275 -13.88 -14.28 -36.53
N ALA B 276 -15.05 -14.59 -37.08
CA ALA B 276 -15.87 -13.56 -37.70
C ALA B 276 -16.35 -12.54 -36.67
N GLU B 277 -16.27 -12.92 -35.40
CA GLU B 277 -16.55 -12.02 -34.29
C GLU B 277 -15.47 -10.94 -34.18
N LEU B 278 -14.36 -11.14 -34.89
CA LEU B 278 -13.23 -10.20 -34.86
C LEU B 278 -13.22 -9.24 -36.05
N GLY B 279 -13.94 -9.59 -37.12
CA GLY B 279 -13.94 -8.76 -38.30
C GLY B 279 -12.77 -9.01 -39.23
N GLU B 280 -12.46 -7.99 -40.03
CA GLU B 280 -11.44 -8.00 -41.09
C GLU B 280 -10.15 -8.78 -40.86
N LEU B 281 -9.46 -9.05 -41.96
CA LEU B 281 -8.17 -9.71 -41.93
C LEU B 281 -7.05 -8.93 -42.58
N PRO B 282 -6.40 -8.04 -41.82
CA PRO B 282 -5.12 -7.54 -42.31
C PRO B 282 -4.08 -8.67 -42.40
N ASP B 283 -3.16 -8.52 -43.36
CA ASP B 283 -2.04 -9.42 -43.60
C ASP B 283 -1.37 -9.95 -42.35
N ASN B 284 -1.11 -9.03 -41.41
CA ASN B 284 -0.23 -9.31 -40.29
C ASN B 284 -0.92 -9.86 -39.05
N VAL B 285 -2.02 -10.58 -39.25
CA VAL B 285 -2.82 -11.10 -38.12
C VAL B 285 -3.22 -12.57 -38.31
N GLU B 286 -3.27 -13.33 -37.22
CA GLU B 286 -3.73 -14.72 -37.32
C GLU B 286 -4.55 -15.16 -36.11
N VAL B 287 -5.49 -16.06 -36.37
CA VAL B 287 -6.46 -16.44 -35.35
C VAL B 287 -6.57 -17.96 -35.16
N HIS B 288 -6.54 -18.39 -33.91
CA HIS B 288 -6.60 -19.81 -33.57
C HIS B 288 -7.54 -20.07 -32.38
N ASP B 289 -7.94 -21.32 -32.20
CA ASP B 289 -8.65 -21.70 -30.99
C ASP B 289 -7.70 -22.27 -29.92
N TRP B 290 -6.48 -22.59 -30.33
CA TRP B 290 -5.42 -23.04 -29.44
C TRP B 290 -4.12 -22.94 -30.22
N VAL B 291 -3.05 -22.54 -29.57
CA VAL B 291 -1.74 -22.46 -30.21
C VAL B 291 -0.67 -23.14 -29.37
N PRO B 292 0.43 -23.59 -30.00
CA PRO B 292 1.56 -24.03 -29.18
C PRO B 292 2.19 -22.82 -28.53
N GLN B 293 1.72 -22.50 -27.33
CA GLN B 293 2.03 -21.20 -26.74
C GLN B 293 3.50 -21.04 -26.39
N LEU B 294 4.15 -22.12 -25.95
CA LEU B 294 5.55 -22.02 -25.60
C LEU B 294 6.41 -21.75 -26.84
N ALA B 295 6.16 -22.52 -27.89
CA ALA B 295 6.92 -22.40 -29.13
C ALA B 295 6.80 -21.01 -29.76
N ILE B 296 5.67 -20.34 -29.52
CA ILE B 296 5.45 -18.99 -30.04
C ILE B 296 6.16 -17.93 -29.20
N LEU B 297 6.10 -18.04 -27.88
CA LEU B 297 6.73 -17.04 -27.02
C LEU B 297 8.22 -16.92 -27.27
N ARG B 298 8.85 -18.05 -27.57
CA ARG B 298 10.25 -18.04 -27.99
C ARG B 298 10.46 -17.16 -29.22
N GLN B 299 9.41 -17.01 -30.02
CA GLN B 299 9.43 -16.20 -31.25
C GLN B 299 8.92 -14.79 -31.00
N ALA B 300 8.58 -14.51 -29.75
CA ALA B 300 7.81 -13.30 -29.47
C ALA B 300 8.65 -12.10 -29.08
N ASP B 301 8.10 -10.92 -29.37
CA ASP B 301 8.66 -9.65 -28.92
C ASP B 301 7.77 -9.10 -27.82
N LEU B 302 6.50 -9.51 -27.82
CA LEU B 302 5.53 -9.01 -26.86
C LEU B 302 4.44 -10.06 -26.60
N PHE B 303 3.97 -10.13 -25.37
CA PHE B 303 3.00 -11.15 -24.97
C PHE B 303 1.88 -10.49 -24.17
N VAL B 304 0.68 -10.43 -24.75
CA VAL B 304 -0.50 -9.92 -24.04
C VAL B 304 -1.18 -11.11 -23.37
N THR B 305 -1.14 -11.13 -22.04
CA THR B 305 -1.50 -12.31 -21.26
C THR B 305 -2.48 -11.99 -20.16
N HIS B 306 -3.25 -13.00 -19.72
CA HIS B 306 -4.13 -12.79 -18.57
C HIS B 306 -3.40 -13.00 -17.25
N ALA B 307 -2.09 -13.24 -17.32
CA ALA B 307 -1.26 -13.42 -16.14
C ALA B 307 -1.69 -14.58 -15.26
N GLY B 308 -2.30 -15.59 -15.87
CA GLY B 308 -2.43 -16.88 -15.22
C GLY B 308 -1.01 -17.32 -14.87
N ALA B 309 -0.89 -18.22 -13.90
CA ALA B 309 0.42 -18.63 -13.41
C ALA B 309 1.28 -19.16 -14.55
N GLY B 310 0.67 -19.99 -15.40
CA GLY B 310 1.37 -20.57 -16.54
C GLY B 310 1.91 -19.55 -17.52
N GLY B 311 1.03 -18.66 -17.99
CA GLY B 311 1.43 -17.62 -18.91
C GLY B 311 2.47 -16.68 -18.33
N SER B 312 2.32 -16.34 -17.06
CA SER B 312 3.29 -15.49 -16.37
C SER B 312 4.68 -16.10 -16.38
N GLN B 313 4.80 -17.38 -16.00
CA GLN B 313 6.13 -18.01 -15.99
C GLN B 313 6.68 -18.19 -17.41
N GLU B 314 5.80 -18.48 -18.36
CA GLU B 314 6.24 -18.68 -19.73
C GLU B 314 6.77 -17.39 -20.34
N GLY B 315 6.11 -16.28 -20.05
CA GLY B 315 6.56 -14.99 -20.54
C GLY B 315 7.91 -14.67 -19.94
N LEU B 316 8.06 -14.96 -18.65
CA LEU B 316 9.32 -14.75 -17.96
C LEU B 316 10.44 -15.61 -18.53
N ALA B 317 10.18 -16.89 -18.70
CA ALA B 317 11.21 -17.84 -19.09
C ALA B 317 11.74 -17.54 -20.50
N THR B 318 10.89 -16.91 -21.30
CA THR B 318 11.25 -16.58 -22.67
C THR B 318 11.71 -15.12 -22.83
N ALA B 319 11.90 -14.43 -21.71
CA ALA B 319 12.33 -13.02 -21.69
C ALA B 319 11.45 -12.14 -22.57
N THR B 320 10.14 -12.33 -22.43
CA THR B 320 9.18 -11.64 -23.27
C THR B 320 8.46 -10.53 -22.51
N PRO B 321 8.60 -9.28 -23.00
CA PRO B 321 7.88 -8.16 -22.39
C PRO B 321 6.38 -8.41 -22.44
N MET B 322 5.65 -8.00 -21.41
CA MET B 322 4.24 -8.31 -21.33
C MET B 322 3.33 -7.11 -21.12
N ILE B 323 2.17 -7.13 -21.78
CA ILE B 323 1.07 -6.27 -21.38
C ILE B 323 0.09 -7.19 -20.69
N ALA B 324 -0.10 -7.00 -19.39
CA ALA B 324 -0.97 -7.89 -18.64
C ALA B 324 -2.35 -7.26 -18.51
N VAL B 325 -3.34 -7.87 -19.19
CA VAL B 325 -4.73 -7.48 -19.06
C VAL B 325 -5.46 -8.62 -18.34
N PRO B 326 -5.35 -8.67 -17.00
CA PRO B 326 -5.93 -9.81 -16.27
C PRO B 326 -7.46 -9.80 -16.28
N GLN B 327 -8.07 -10.97 -16.09
CA GLN B 327 -9.49 -11.15 -16.34
C GLN B 327 -10.32 -11.36 -15.09
N ALA B 328 -9.92 -12.34 -14.29
CA ALA B 328 -10.62 -12.67 -13.05
C ALA B 328 -9.65 -12.88 -11.89
N VAL B 329 -10.21 -13.11 -10.69
CA VAL B 329 -9.49 -13.40 -9.45
C VAL B 329 -7.98 -13.16 -9.33
N ASP B 330 -7.25 -14.25 -9.20
CA ASP B 330 -5.84 -14.23 -8.79
C ASP B 330 -4.94 -13.73 -9.90
N GLN B 331 -5.50 -13.60 -11.09
CA GLN B 331 -4.72 -13.09 -12.22
C GLN B 331 -4.28 -11.66 -11.95
N PHE B 332 -4.96 -11.00 -11.02
CA PHE B 332 -4.62 -9.62 -10.69
C PHE B 332 -3.30 -9.54 -9.91
N GLY B 333 -3.07 -10.46 -8.98
CA GLY B 333 -1.84 -10.50 -8.21
C GLY B 333 -0.59 -10.82 -9.04
N ASN B 334 -0.69 -11.83 -9.88
CA ASN B 334 0.40 -12.17 -10.77
C ASN B 334 0.69 -11.00 -11.68
N ALA B 335 -0.36 -10.34 -12.13
CA ALA B 335 -0.22 -9.14 -12.95
C ALA B 335 0.55 -8.07 -12.18
N ASP B 336 0.20 -7.86 -10.90
CA ASP B 336 0.93 -6.91 -10.07
C ASP B 336 2.42 -7.28 -9.98
N MET B 337 2.71 -8.56 -9.72
CA MET B 337 4.09 -9.01 -9.62
C MET B 337 4.86 -8.69 -10.90
N LEU B 338 4.24 -8.94 -12.05
CA LEU B 338 4.91 -8.70 -13.33
C LEU B 338 5.22 -7.23 -13.54
N GLN B 339 4.26 -6.37 -13.26
CA GLN B 339 4.50 -4.94 -13.43
C GLN B 339 5.52 -4.46 -12.39
N GLY B 340 5.45 -5.01 -11.18
CA GLY B 340 6.38 -4.63 -10.13
C GLY B 340 7.82 -5.00 -10.44
N LEU B 341 7.98 -6.04 -11.26
CA LEU B 341 9.31 -6.47 -11.67
C LEU B 341 9.90 -5.55 -12.72
N GLY B 342 9.06 -4.67 -13.28
CA GLY B 342 9.50 -3.71 -14.27
C GLY B 342 9.63 -4.32 -15.66
N VAL B 343 8.87 -5.39 -15.91
CA VAL B 343 8.94 -6.07 -17.22
C VAL B 343 7.57 -6.18 -17.89
N ALA B 344 6.58 -5.51 -17.33
CA ALA B 344 5.23 -5.57 -17.85
C ALA B 344 4.44 -4.32 -17.48
N ARG B 345 3.42 -4.01 -18.27
CA ARG B 345 2.49 -2.98 -17.83
C ARG B 345 1.09 -3.58 -17.81
N LYS B 346 0.39 -3.30 -16.72
CA LYS B 346 -0.96 -3.78 -16.50
C LYS B 346 -1.91 -2.77 -17.11
N LEU B 347 -2.92 -3.24 -17.84
CA LEU B 347 -4.00 -2.40 -18.32
C LEU B 347 -5.31 -3.11 -18.00
N ALA B 348 -6.36 -2.35 -17.71
CA ALA B 348 -7.67 -2.97 -17.55
C ALA B 348 -8.27 -3.23 -18.94
N THR B 349 -9.04 -4.30 -19.06
CA THR B 349 -9.58 -4.72 -20.35
C THR B 349 -10.27 -3.58 -21.11
N GLU B 350 -11.12 -2.85 -20.42
CA GLU B 350 -11.87 -1.73 -21.00
C GLU B 350 -10.94 -0.51 -21.18
N GLU B 351 -9.88 -0.49 -20.36
CA GLU B 351 -8.79 0.49 -20.41
C GLU B 351 -7.92 0.24 -21.64
N ALA B 352 -7.92 -1.01 -22.10
CA ALA B 352 -7.06 -1.44 -23.20
C ALA B 352 -7.78 -1.40 -24.54
N THR B 353 -8.57 -0.34 -24.73
CA THR B 353 -9.35 -0.22 -25.95
C THR B 353 -8.45 0.23 -27.12
N ALA B 354 -8.59 1.47 -27.58
CA ALA B 354 -7.81 1.90 -28.76
C ALA B 354 -6.33 2.07 -28.47
N ASP B 355 -5.72 2.91 -29.29
CA ASP B 355 -4.51 3.63 -28.95
C ASP B 355 -4.25 3.66 -27.45
N LEU B 356 -3.56 2.61 -27.00
CA LEU B 356 -2.93 2.51 -25.68
C LEU B 356 -2.20 1.18 -25.68
N LEU B 357 -2.79 0.18 -26.33
CA LEU B 357 -2.09 -1.08 -26.55
C LEU B 357 -0.85 -0.83 -27.40
N ARG B 358 -1.04 -0.10 -28.49
CA ARG B 358 0.01 0.17 -29.47
C ARG B 358 1.18 0.95 -28.86
N GLU B 359 0.85 2.02 -28.15
CA GLU B 359 1.84 2.89 -27.54
C GLU B 359 2.57 2.17 -26.41
N THR B 360 1.83 1.43 -25.61
CA THR B 360 2.44 0.58 -24.57
C THR B 360 3.36 -0.43 -25.24
N ALA B 361 2.90 -1.01 -26.35
CA ALA B 361 3.70 -1.97 -27.13
C ALA B 361 4.99 -1.36 -27.68
N LEU B 362 4.85 -0.27 -28.45
CA LEU B 362 5.99 0.43 -29.03
C LEU B 362 7.06 0.73 -27.99
N ALA B 363 6.62 1.33 -26.89
CA ALA B 363 7.54 1.64 -25.78
C ALA B 363 8.17 0.38 -25.22
N LEU B 364 7.34 -0.52 -24.70
CA LEU B 364 7.80 -1.69 -23.94
C LEU B 364 8.82 -2.55 -24.65
N VAL B 365 8.49 -3.03 -25.84
CA VAL B 365 9.37 -3.93 -26.57
C VAL B 365 10.73 -3.26 -26.83
N ASP B 366 10.74 -1.93 -26.79
CA ASP B 366 11.94 -1.15 -27.07
C ASP B 366 12.80 -0.88 -25.83
N ASP B 367 12.27 -1.16 -24.64
CA ASP B 367 12.92 -0.69 -23.40
C ASP B 367 14.13 -1.53 -23.00
N PRO B 368 15.35 -0.97 -23.12
CA PRO B 368 16.54 -1.80 -22.86
C PRO B 368 16.54 -2.25 -21.40
N GLU B 369 15.97 -1.41 -20.55
CA GLU B 369 15.80 -1.71 -19.14
C GLU B 369 14.90 -2.93 -18.93
N VAL B 370 13.72 -2.91 -19.53
CA VAL B 370 12.83 -4.07 -19.51
C VAL B 370 13.55 -5.32 -20.00
N ALA B 371 14.31 -5.18 -21.07
CA ALA B 371 15.02 -6.32 -21.66
C ALA B 371 16.10 -6.88 -20.73
N ARG B 372 16.84 -5.99 -20.05
CA ARG B 372 17.90 -6.45 -19.14
C ARG B 372 17.34 -7.33 -18.02
N ARG B 373 16.26 -6.91 -17.38
CA ARG B 373 15.72 -7.73 -16.28
C ARG B 373 15.13 -9.01 -16.80
N LEU B 374 14.43 -8.93 -17.93
CA LEU B 374 13.86 -10.12 -18.53
C LEU B 374 14.91 -11.19 -18.79
N ARG B 375 16.05 -10.82 -19.36
CA ARG B 375 17.05 -11.86 -19.63
C ARG B 375 17.71 -12.34 -18.33
N ARG B 376 17.87 -11.45 -17.37
CA ARG B 376 18.35 -11.83 -16.04
C ARG B 376 17.38 -12.82 -15.35
N ILE B 377 16.10 -12.48 -15.36
CA ILE B 377 15.08 -13.38 -14.81
C ILE B 377 15.08 -14.70 -15.57
N GLN B 378 15.17 -14.62 -16.89
CA GLN B 378 15.21 -15.79 -17.74
C GLN B 378 16.41 -16.70 -17.40
N ALA B 379 17.56 -16.08 -17.17
CA ALA B 379 18.75 -16.83 -16.77
C ALA B 379 18.63 -17.50 -15.39
N GLU B 380 17.88 -16.86 -14.48
CA GLU B 380 17.60 -17.46 -13.18
C GLU B 380 16.72 -18.70 -13.34
N MET B 381 15.61 -18.53 -14.06
CA MET B 381 14.65 -19.60 -14.27
C MET B 381 15.24 -20.76 -15.06
N ALA B 382 16.32 -20.49 -15.78
CA ALA B 382 17.06 -21.57 -16.44
C ALA B 382 17.87 -22.35 -15.40
N GLN B 383 18.21 -21.69 -14.31
CA GLN B 383 19.01 -22.34 -13.28
C GLN B 383 18.16 -22.98 -12.18
N GLU B 384 16.91 -22.53 -12.08
CA GLU B 384 16.00 -23.09 -11.07
C GLU B 384 15.72 -24.59 -11.30
N GLY B 385 15.63 -25.00 -12.56
CA GLY B 385 15.76 -26.41 -12.90
C GLY B 385 14.53 -27.23 -13.26
N GLY B 386 13.37 -26.82 -12.78
CA GLY B 386 12.12 -27.49 -13.17
C GLY B 386 11.96 -28.93 -12.69
N THR B 387 11.18 -29.70 -13.45
CA THR B 387 10.82 -31.08 -13.10
C THR B 387 12.00 -31.94 -12.64
N ARG B 388 13.04 -31.99 -13.46
CA ARG B 388 14.18 -32.88 -13.19
C ARG B 388 14.93 -32.43 -11.94
N ARG B 389 15.01 -31.12 -11.75
CA ARG B 389 15.71 -30.62 -10.57
C ARG B 389 14.90 -30.87 -9.30
N ALA B 390 13.58 -30.74 -9.40
CA ALA B 390 12.73 -31.04 -8.26
C ALA B 390 12.92 -32.49 -7.87
N ALA B 391 12.94 -33.38 -8.86
CA ALA B 391 13.14 -34.80 -8.60
C ALA B 391 14.51 -35.06 -7.96
N ASP B 392 15.57 -34.44 -8.49
CA ASP B 392 16.90 -34.52 -7.88
C ASP B 392 16.87 -34.12 -6.39
N LEU B 393 16.16 -33.05 -6.07
CA LEU B 393 16.18 -32.52 -4.71
C LEU B 393 15.35 -33.40 -3.78
N ILE B 394 14.30 -34.00 -4.34
CA ILE B 394 13.50 -34.98 -3.60
C ILE B 394 14.33 -36.22 -3.33
N GLU B 395 15.06 -36.68 -4.34
CA GLU B 395 15.90 -37.85 -4.15
C GLU B 395 16.97 -37.60 -3.09
N ALA B 396 17.47 -36.36 -3.02
CA ALA B 396 18.46 -35.99 -2.03
C ALA B 396 17.85 -36.01 -0.63
N GLU B 397 16.53 -36.08 -0.56
CA GLU B 397 15.81 -36.20 0.71
C GLU B 397 15.53 -37.65 1.09
N LEU B 398 15.73 -38.56 0.14
CA LEU B 398 15.54 -39.99 0.43
C LEU B 398 16.55 -40.44 1.47
N PRO B 399 16.06 -40.93 2.63
CA PRO B 399 16.96 -41.29 3.73
C PRO B 399 17.66 -42.62 3.50
C10 ERY C . 5.96 11.48 4.81
C11 ERY C . 6.94 12.60 4.58
C12 ERY C . 6.51 13.63 3.52
C13 ERY C . 7.30 14.92 3.71
O2 ERY C . 6.68 15.67 4.75
C2 ERY C . 6.62 16.57 7.04
C3 ERY C . 6.84 15.67 8.26
C4 ERY C . 5.63 14.77 8.37
C5 ERY C . 5.81 13.59 9.37
C6 ERY C . 6.23 12.31 8.63
C7 ERY C . 5.01 11.72 7.89
C8 ERY C . 5.38 10.40 7.17
C9 ERY C . 6.33 10.62 6.02
O11 ERY C . 7.42 10.07 6.04
C1 ERY C . 7.46 16.05 5.88
O1 ERY C . 8.59 15.59 6.05
O3 ERY C . 7.05 16.45 9.44
O7 ERY C . 4.56 13.33 10.02
C34 ERY C . 5.91 10.52 3.62
C33 ERY C . 4.13 9.73 6.63
C35 ERY C . 5.04 13.93 3.65
O12 ERY C . 8.21 12.05 4.23
O13 ERY C . 6.75 13.17 2.24
C36 ERY C . 7.22 15.79 2.47
C30 ERY C . 6.94 18.02 7.25
C32 ERY C . 6.77 11.28 9.58
O10 ERY C . 7.23 12.63 7.71
C22 ERY C . 4.54 13.51 11.45
C23 ERY C . 3.09 13.46 11.97
C24 ERY C . 3.07 13.39 13.47
C25 ERY C . 3.96 12.26 13.94
C26 ERY C . 5.37 12.52 13.42
O9 ERY C . 5.31 12.53 12.03
N1 ERY C . 1.70 13.29 13.98
C27 ERY C . 6.32 11.42 13.84
O8 ERY C . 2.42 14.62 11.57
C28 ERY C . 1.70 13.06 15.43
C14 ERY C . 8.44 16.59 9.81
C15 ERY C . 8.66 17.94 10.52
C16 ERY C . 8.03 17.96 11.92
C17 ERY C . 8.58 16.81 12.72
C18 ERY C . 8.27 15.54 11.99
O4 ERY C . 8.81 15.56 10.65
O5 ERY C . 6.63 17.71 11.83
O6 ERY C . 7.85 16.79 13.94
C20 ERY C . 5.82 18.81 11.39
C29 ERY C . 0.92 12.29 13.32
C21 ERY C . 8.91 14.42 12.74
C37 ERY C . 8.30 16.89 2.55
C31 ERY C . 4.41 15.65 8.74
C19 ERY C . 8.33 19.24 12.63
N1 UDP D . -6.70 28.61 19.90
C2 UDP D . -7.78 29.41 20.24
N3 UDP D . -7.83 29.99 21.49
C4 UDP D . -6.80 29.79 22.40
C5 UDP D . -5.73 28.97 22.05
C6 UDP D . -5.73 28.34 20.82
O2 UDP D . -8.70 29.60 19.44
O4 UDP D . -6.83 30.30 23.52
C1' UDP D . -6.63 27.97 18.58
C2' UDP D . -5.75 28.81 17.68
O2' UDP D . -6.50 29.81 17.05
C3' UDP D . -5.20 27.79 16.70
C4' UDP D . -5.16 26.51 17.52
O4' UDP D . -6.00 26.71 18.65
O3' UDP D . -6.06 27.64 15.60
C5' UDP D . -3.73 26.30 17.98
O5' UDP D . -2.93 25.95 16.88
PA UDP D . -1.34 26.25 16.91
O1A UDP D . -0.67 25.60 15.77
O2A UDP D . -1.19 27.72 16.93
O3A UDP D . -0.82 25.62 18.30
PB UDP D . -1.29 24.20 18.88
O1B UDP D . -1.98 23.47 17.81
O2B UDP D . -2.23 24.47 19.99
O3B UDP D . -0.13 23.46 19.40
C10 ERY E . -2.31 -22.80 4.08
C11 ERY E . -1.68 -21.48 3.68
C12 ERY E . -0.18 -21.53 3.40
C13 ERY E . 0.18 -20.17 2.80
O2 ERY E . -0.23 -20.17 1.44
C2 ERY E . -1.74 -19.31 -0.38
C3 ERY E . -3.27 -19.47 -0.44
C4 ERY E . -3.58 -20.94 -0.34
C5 ERY E . -5.06 -21.21 0.00
C6 ERY E . -5.18 -21.55 1.50
C7 ERY E . -4.64 -22.98 1.74
C8 ERY E . -4.74 -23.46 3.21
C9 ERY E . -3.83 -22.66 4.14
O11 ERY E . -4.31 -21.89 4.96
C1 ERY E . -1.31 -19.29 1.09
O1 ERY E . -1.76 -18.47 1.88
O3 ERY E . -3.77 -18.97 -1.69
O7 ERY E . -5.59 -22.28 -0.79
C34 ERY E . -1.87 -23.23 5.47
C33 ERY E . -4.32 -24.91 3.29
C35 ERY E . 0.15 -22.65 2.46
O12 ERY E . -1.97 -20.44 4.62
O13 ERY E . 0.55 -21.71 4.57
C36 ERY E . 1.68 -19.88 2.86
C30 ERY E . -1.20 -18.08 -1.03
C32 ERY E . -6.59 -21.44 1.96
O10 ERY E . -4.41 -20.61 2.22
C22 ERY E . -6.69 -21.96 -1.66
C23 ERY E . -6.90 -23.11 -2.67
C24 ERY E . -8.17 -22.89 -3.45
C25 ERY E . -9.32 -22.72 -2.49
C26 ERY E . -8.99 -21.55 -1.55
O9 ERY E . -7.81 -21.82 -0.89
N1 ERY E . -8.39 -23.99 -4.39
C27 ERY E . -10.08 -21.32 -0.52
O8 ERY E . -5.80 -23.17 -3.56
C28 ERY E . -8.49 -25.27 -3.71
C14 ERY E . -4.49 -17.73 -1.60
C15 ERY E . -4.98 -17.36 -3.01
C16 ERY E . -6.35 -17.97 -3.40
C17 ERY E . -7.30 -17.72 -2.28
C18 ERY E . -6.77 -18.39 -1.07
O4 ERY E . -5.51 -17.83 -0.66
O5 ERY E . -6.23 -19.40 -3.58
O6 ERY E . -8.56 -18.27 -2.65
C20 ERY E . -5.33 -19.81 -4.62
C29 ERY E . -9.59 -23.76 -5.16
C21 ERY E . -7.74 -18.21 0.06
C37 ERY E . 1.97 -18.62 2.01
C31 ERY E . -3.22 -21.65 -1.68
C19 ERY E . -6.90 -17.32 -4.62
N1 UDP F . -2.09 -22.76 -23.50
C2 UDP F . -1.62 -23.09 -24.75
N3 UDP F . -2.28 -22.63 -25.87
C4 UDP F . -3.41 -21.85 -25.75
C5 UDP F . -3.87 -21.52 -24.48
C6 UDP F . -3.24 -22.02 -23.35
O2 UDP F . -0.62 -23.80 -24.86
O4 UDP F . -3.97 -21.44 -26.76
C1' UDP F . -1.37 -23.26 -22.31
C2' UDP F . -0.43 -22.20 -21.76
O2' UDP F . 0.85 -22.28 -22.34
C3' UDP F . -0.39 -22.54 -20.29
C4' UDP F . -1.73 -23.18 -20.02
O4' UDP F . -2.27 -23.58 -21.27
O3' UDP F . 0.65 -23.45 -20.01
C5' UDP F . -2.68 -22.20 -19.33
O5' UDP F . -2.13 -21.82 -18.09
PA UDP F . -2.31 -20.33 -17.48
O1A UDP F . -2.00 -20.42 -16.04
O2A UDP F . -1.49 -19.33 -18.20
O3A UDP F . -3.84 -19.90 -17.76
PB UDP F . -5.17 -20.64 -17.21
O1B UDP F . -4.78 -21.58 -16.13
O2B UDP F . -5.76 -21.43 -18.32
O3B UDP F . -6.15 -19.62 -16.78
MG MG G . 11.67 -14.91 -27.45
#